data_9E1C
#
_entry.id   9E1C
#
_cell.length_a   1.00
_cell.length_b   1.00
_cell.length_c   1.00
_cell.angle_alpha   90.00
_cell.angle_beta   90.00
_cell.angle_gamma   90.00
#
_symmetry.space_group_name_H-M   'P 1'
#
loop_
_entity.id
_entity.type
_entity.pdbx_description
1 polymer 'Ryanodine receptor 1'
2 polymer 'Peptidyl-prolyl cis-trans isomerase FKBP1A'
3 non-polymer "ADENOSINE-5'-TRIPHOSPHATE"
4 non-polymer 'CALCIUM ION'
5 non-polymer 'ZINC ION'
6 non-polymer 3-ISOBUTYL-1-METHYLXANTHINE
#
loop_
_entity_poly.entity_id
_entity_poly.type
_entity_poly.pdbx_seq_one_letter_code
_entity_poly.pdbx_strand_id
1 'polypeptide(L)'
;MGDGGEGEDEVQFLRTDDEVVLQCSATVLKEQLKLCLAAEGFGNRLCFLEPTSNAQNVPPDLAICCFTLEQSLSVRALQE
MLANTVEAGVESSQGGGHRTLLYGHAILLRHAHSRMYLSCLTTSRSMTDKLAFDVGLQEDATGEACWWTMHPASKQRSEG
EKVRVGDDLILVSVSSERYLHLSTASGELQVDASFMQTLWNMNPICSCCEEGYVTGGHVLRLFHGHMDECLTISAADSDD
QRRLVYYEGGAVCTHARSLWRLEPLRISWSGSHLRWGQPLRIRHVTTGRYLALTEDQGLVVVDACKAHTKATSFCFRVSK
EKLDTAPKRDVEGMGPPEIKYGESLCFVQHVASGLWLTYAAPDPKALRLGVLKKKAILHQEGHMDDALFLTRCQQEESQA
ARMIHSTAGLYNQFIKGLDSFSGKPRGSGPPAGPALPIEAVILSLQDLIGYFEPPSEELQHEEKQSKLRSLRNRQSLFQE
EGMLSLVLNCIDRLNVYTTAAHFAEYAGEEAAESWKEIVNLLYELLASLIRGNRANCALFSTNLDWVVSKLDRLEASSGI
LEVLYCVLIESPEVLNIIQENHIKSIISLLDKHGRNHKVLDVLCSLCVCNGVAVRSNQDLITENLLPGRELLLQTNLINY
VTSIRPNIFVGRAEGSTQYGKWYFEVMVDEVVPFLTAQATHLRVGWALTEGYSPYPGGGEGWGGNGVGDDLYSYGFDGLH
LWTGHVARPVTSPGQHLLAPEDVVSCCLDLSVPSISFRINGCPVQGVFEAFNLDGLFFPVVSFSAGVKVRFLLGGRHGEF
KFLPPPGYAPCHEAVLPRERLRLEPIKEYRREGPRGPHLVGPSRCLSHTDFVPCPVDTVQIVLPPHLERIREKLAENIHE
LWALTRIEQGWTYGPVRDDNKRLHPCLVNFHSLPEPERNYNLQMSGETLKTLLALGCHVGMADEKAEDNLKKTKLPKTYM
MSNGYKPAPLDLSHVRLTPAQTTLVDRLAENGHNVWARDRVAQGWSYSAVQDIPARRNPRLVPYRLLDEATKRSNRDSLC
QAVRTLLGYGYNIEPPDQEPSQVENQSRWDRVRIFRAEKSYTVQSGRWYFEFEAVTTGEMRVGWARPELRPDVELGADEL
AYVFNGHRGQRWHLGSEPFGRPWQSGDVVGCMIDLTENTIIFTLNGEVLMSDSGSETAFREIEIGDGFLPVCSLGPGQVG
HLNLGQDVSSLRFFAICGLQEGFEPFAINMQRPVTTWFSKSLPQFEPVPPEHPHYEVARMDGTVDTPPCLRLAHRTWGSQ
NSLVEMLFLRLSLPVQFHQHFRCTAGATPLAPPGLQPPAEDEARAAEPDPDYENLRRSAGGWGEAEGGKEGTAKEGTPGG
TPQPGVEAQPVRAENEKDATTEKNKKRGFLFKAKKAAMMTQPPATPALPRLPHDVVPADNRDDPEIILNTTTYYYSVRVF
AGQEPSCVWVGWVTPDYHQHDMNFDLSKVRAVTVTMGDEQGNVHSSLKCSNCYMVWGGDFVSPGQQGRISHTDLVIGCLV
DLATGLMTFTANGKESNTFFQVEPNTKLFPAVFVLPTHQNVIQFELGKQKNIMPLSAAMFLSERKNPAPQCPPRLEVQML
MPVSWSRMPNHFLQVETRRAGERLGWAVQCQDPLTMMALHIPEENRCMDILELSERLDLQRFHSHTLRLYRAVCALGNNR
VAHALCSHVDQAQLLHALEDAHLPGPLRAGYYDLLISIHLESACRSRRSMLSEYIVPLTPETRAITLFPPGRKGGNARRH
GLPGVGVTTSLRPPHHFSPPCFVAALPAAGVAEAPARLSPAIPLEALRDKALRMLGEAVRDGGQHARDPVGGSVEFQFVP
VLKLVSTLLVMGIFGDEDVKQILKMIEPEVFTEEEEEEEEEEEEEEEEEEDEEEKEEDEEEEEKEDAEKEEEEAPEGEKE
DLEEGLLQMKLPESVKLQMCNLLEYFCDQELQHRVESLAAFAERYVDKLQANQRSRYALLMRAFTMSAAETARRTREFRS
PPQEQINMLLHFKDEADEEDCPLPEDIRQDLQDFHQDLLAHCGIQLEGEEEEPEEETSLSSRLRSLLETVRLVKKKEEKP
EEELPAEEKKPQSLQELVSHMVVRWAQEDYVQSPELVRAMFSLLHRQYDGLGELLRALPRAYTISPSSVEDTMSLLECLG
QIRSLLIVQMGPQEENLMIQSIGNIMNNKVFYQHPNLMRALGMHETVMEVMVNVLGGGETKEIRFPKMVTSCCRFLCYFC
RISRQNQRSMFDHLSYLLENSGIGLGMQGSTPLDVAAASVIDNNELALALQEQDLEKVVSYLAGCGLQSCPMLLAKGYPD
IGWNPCGGERYLDFLRFAVFVNGESVEENANVVVRLLIRKPECFGPALRGEGGSGLLAAIEEAIRISEDPARDGPGVRRD
RRREHFGEEPPEENRVHLGHAIMSFYAALIDLLGRCAPEMHLIQAGKGEALRIRAILRSLVPLDDLVGIISLPLQIPTLG
KDGALVQPKMSASFVPDHKASMVLFLDRVYGIENQDFLLHVLDVGFLPDMRAAASLDTATFSTTEMALALNRYLCLAVLP
LITKCAPLFAGTEHRAIMVDSMLHTVYRLSRGRSLTKAQRDVIEDCLMALCRYIRPSMLQHLLRRLVFDVPILNEFAKMP
LKLLTNHYERCWKYYCLPTGWANFGVTSEEELHLTRKLFWGIFDSLAHKKYDQELYRMAMPCLCAIAGALPPDYVDASYS
SKAEKKATVDAEGNFDPRPVETLNVIIPEKLDSFINKFAEYTHEKWAFDKIQNNWSYGENVDEELKTHPMLRPYKTFSEK
DKEIYRWPIKESLKAMIAWEWTIEKAREGEEERTEKKKTRKISQTAQTYDPREGYNPQPPDLSGVTLSRELQAMAEQLAE
NYHNTWGRKKKQELEAKGGGTHPLLVPYDTLTAKEKARDREKAQELLKFLQMNGYAVTRGLKDMELDTSSIEKRFAFGFL
QQLLRWMDISQEFIAHLEAVVSSGRVEKSPHEQEIKFFAKILLPLINQYFTNHCLYFLSTPAKVLGSGGHASNKEKEMIT
SLFCKLAALVRHRVSLFGTDAPAVVNCLHILARSLDARTVMKSGPEIVKAGLRSFFESASEDIEKMVENLRLGKVSQART
QVKGVGQNLTYTTVALLPVLTTLFQHIAQHQFGDDVILDDVQVSCYRTLCSIYSLGTTKNTYVEKLRPALGECLARLAAA
MPVAFLEPQLNEYNACSVYTTKSPRERAILGLPNSVEEMCPDIPVLDRLMADIGGLAESGARYTEMPHVIEITLPMLCSY
LPRWWERGPEAPPPALPAGAPPPCTAVTSDHLNSLLGNILRIIVNNLGIDEATWMKRLAVFAQPIVSRARPELLHSHFIP
TIGRLRKRAGKVVAEEEQLRLEAKAEAEEGELLVRDEFSVLCRDLYALYPLLIRYVDNNRAHWLTEPNANAEELFRMVGE
IFIYWSKSHNFKREEQNFVVQNEINNMSFLTADSKSKMAKAGDAQSGGSDQERTKKKRRGDRYSVQTSLIVATLKKMLPI
GLNMCAPTDQDLIMLAKTRYALKDTDEEVREFLQNNLHLQGKVEGSPSLRWQMALYRGLPGREEDADDPEKIVRRVQEVS
AVLYHLEQTEHPYKSKKAVWHKLLSKQRRRAVVACFRMTPLYNLPTHRACNMFLESYKAAWILTEDHSFEDRMIDDLSKA
GEQEEEEEEVEEKKPDPLHQLVLHFSRTALTEKSKLDEDYLYMAYADIMAKSCHLEEGGENGEAEEEEVEVSFEEKEMEK
QRLLYQQSRLHTRGAAEMVLQMISACKGETGAMVSSTLKLGISILNGGNAEVQQKMLDYLKDKKEVGFFQSIQALMQTCS
VLDLNAFERQNKAEGLGMVNEDGTVINRQNGEKVMADDEFTQDLFRFLQLLCEGHNNDFQNYLRTQTGNTTTINIIICTV
DYLLRLQESISDFYWYYSGKDVIEEQGKRNFSKAMSVAKQVFNSLTEYIQGPCTGNQQSLAHSRLWDAVVGFLHVFAHMM
MKLAQDSSQIELLKELLDLQKDMVVMLLSLLEGNVVNGMIARQMVDMLVESSSNVEMILKFFDMFLKLKDIVGSEAFQDY
VTDPRGLISKKDFQKAMDSQKQFTGPEIQFLLSCSEADENEMINFEEFANRFQEPARDIGFNVAVLLTNLSEHVPHDPRL
RNFLELAESILEYFRPYLGRIEIMGASRRIERIYFEISETNRAQWEMPQVKESKRQFIFDVVNEGGEAEKMELFVSFCED
TIFEMQIAAQISEPEGEPEADEDEGMGEAAAEGAEEGAAGAEGAAGTVAAGATARLAAAAARALRGLSYRSLRRRVRRLR
RLTAREAATALAALLWAVVARAGAAGAGAAAGALRLLWGSLFGGGLVEGAKKVTVTELLAGMPDPTSDEVHGEQPAGPGG
DADGAGEGEGEGDAAEGDGDEEVAGHEAGPGGAEGVVAVADGGPFRPEGAGGLGDMGDTTPAEPPTPEGSPILKRKLGVD
GEEEELVPEPEPEPEPEPEKADEENGEKEEVPEAPPEPPKKAPPSPPAKKEEAGGAGMEFWGELEVQRVKFLNYLSRNFY
TLRFLALFLAFAINFILLFYKVSDSPPGEDDMEGSAAGDLAGAGSGGGSGWGSGAGEEAEGDEDENMVYYFLEESTGYME
PALWCLSLLHTLVAFLCIIGYNCLKVPLVIFKREKELARKLEFDGLYITEQPGDDDVKGQWDRLVLNTPSFPSNYWDKFV
KRKVLDKHGDIFGRERIAELLGMDLASLEITAHNERKPDPPPGLLTWLMSIDVKYQIWKFGVIFTDNSFLYLGWYMVMSL
LGHYNNFFFAAHLLDIAMGVKTLRTILSSVTHNGKQLVMTVGLLAVVVYLYTVVAFNFFRKFYNKSEDEDEPDMKCDDMM
TCYLFHMYVGVRAGGGIGDEIEDPAGDEYELYRVVFDITFFFFVIVILLAIIQGLIIDAFGELRDQQEQVKEDMETKCFI
CGIGSDYFDTTPHGFETHTLEEHNLANYMFFLMYLINKDETEHTGQESYVWKMYQERCWDFFPAGDCFRKQYEDQLS
;
A,B,D,C
2 'polypeptide(L)'
;MGVQVETISPGDGRTFPKRGQTCVVHYTGMLEDGKKFDSSRDRNKPFKFMLGKQEVIRGWEEGVAQMSVGQRAKLTISPD
YAYGATGHPGIIPPHATLVFDVELLKLE
;
E,H,G,F
#
# COMPACT_ATOMS: atom_id res chain seq x y z
N GLU A 10 9.19 -16.17 19.94
CA GLU A 10 8.75 -17.18 20.91
C GLU A 10 9.46 -18.50 20.65
N VAL A 11 9.58 -19.31 21.69
CA VAL A 11 10.17 -20.65 21.58
C VAL A 11 9.17 -21.65 22.15
N GLN A 12 8.91 -22.71 21.38
CA GLN A 12 7.93 -23.71 21.80
C GLN A 12 8.39 -24.43 23.06
N PHE A 13 7.45 -24.59 24.00
CA PHE A 13 7.68 -25.32 25.23
C PHE A 13 6.79 -26.54 25.27
N LEU A 14 7.37 -27.69 25.57
CA LEU A 14 6.58 -28.91 25.75
C LEU A 14 5.71 -28.77 27.00
N ARG A 15 4.45 -29.14 26.87
CA ARG A 15 3.49 -29.05 27.96
C ARG A 15 2.60 -30.28 27.97
N THR A 16 1.93 -30.49 29.09
CA THR A 16 1.16 -31.71 29.29
C THR A 16 0.01 -31.80 28.29
N ASP A 17 -0.39 -33.05 28.01
CA ASP A 17 -1.43 -33.41 27.07
C ASP A 17 -0.92 -33.30 25.63
N ASP A 18 0.32 -32.87 25.42
CA ASP A 18 0.92 -32.90 24.10
C ASP A 18 1.44 -34.30 23.80
N GLU A 19 1.37 -34.66 22.52
CA GLU A 19 1.81 -35.97 22.06
C GLU A 19 3.21 -35.85 21.49
N VAL A 20 4.08 -36.80 21.83
CA VAL A 20 5.49 -36.71 21.47
C VAL A 20 5.99 -38.08 21.02
N VAL A 21 7.14 -38.05 20.35
CA VAL A 21 7.91 -39.25 20.05
C VAL A 21 9.30 -39.07 20.63
N LEU A 22 9.83 -40.14 21.23
CA LEU A 22 11.17 -40.13 21.78
C LEU A 22 12.13 -40.66 20.71
N GLN A 23 13.13 -39.84 20.38
CA GLN A 23 14.00 -40.08 19.24
C GLN A 23 15.45 -40.15 19.69
N CYS A 24 16.18 -41.13 19.17
CA CYS A 24 17.58 -41.30 19.48
C CYS A 24 18.38 -41.39 18.18
N SER A 25 19.68 -41.13 18.29
CA SER A 25 20.57 -41.10 17.13
C SER A 25 21.67 -42.15 17.30
N ALA A 26 21.88 -42.96 16.25
CA ALA A 26 22.93 -43.97 16.25
C ALA A 26 23.74 -43.86 14.97
N THR A 27 25.05 -43.97 15.09
CA THR A 27 25.95 -43.93 13.95
C THR A 27 26.25 -45.35 13.52
N VAL A 28 25.81 -45.70 12.31
CA VAL A 28 25.99 -47.05 11.75
C VAL A 28 26.60 -46.92 10.37
N LEU A 29 27.73 -47.59 10.16
CA LEU A 29 28.45 -47.54 8.89
C LEU A 29 28.76 -46.10 8.50
N LYS A 30 28.93 -45.24 9.51
CA LYS A 30 29.28 -43.84 9.31
C LYS A 30 28.16 -43.06 8.62
N GLU A 31 26.92 -43.53 8.77
CA GLU A 31 25.74 -42.77 8.40
C GLU A 31 24.84 -42.65 9.62
N GLN A 32 24.45 -41.43 9.96
CA GLN A 32 23.59 -41.22 11.11
C GLN A 32 22.21 -41.79 10.83
N LEU A 33 21.61 -42.40 11.85
CA LEU A 33 20.30 -43.02 11.76
C LEU A 33 19.48 -42.59 12.95
N LYS A 34 18.30 -42.04 12.69
CA LYS A 34 17.41 -41.57 13.74
C LYS A 34 16.30 -42.59 13.96
N LEU A 35 16.03 -42.89 15.22
CA LEU A 35 15.13 -43.97 15.61
C LEU A 35 14.11 -43.41 16.59
N CYS A 36 12.92 -44.00 16.58
CA CYS A 36 11.86 -43.60 17.50
C CYS A 36 11.46 -44.80 18.36
N LEU A 37 11.23 -44.54 19.64
CA LEU A 37 10.77 -45.57 20.54
C LEU A 37 9.37 -46.02 20.13
N ALA A 38 9.12 -47.33 20.17
CA ALA A 38 7.88 -47.89 19.66
C ALA A 38 7.47 -49.07 20.51
N ALA A 39 6.16 -49.26 20.68
CA ALA A 39 5.62 -50.42 21.37
C ALA A 39 4.23 -50.71 20.84
N GLU A 40 3.96 -52.00 20.58
CA GLU A 40 2.61 -52.39 20.17
C GLU A 40 1.67 -52.43 21.37
N GLY A 41 2.16 -52.91 22.51
CA GLY A 41 1.34 -53.03 23.70
C GLY A 41 0.62 -54.37 23.76
N PHE A 42 -0.34 -54.56 22.88
CA PHE A 42 -1.04 -55.84 22.81
C PHE A 42 -0.15 -56.89 22.15
N GLY A 43 0.01 -58.02 22.80
CA GLY A 43 0.85 -59.08 22.28
C GLY A 43 2.29 -58.98 22.74
N ASN A 44 2.89 -57.81 22.56
CA ASN A 44 4.24 -57.53 23.03
C ASN A 44 4.24 -56.20 23.77
N ARG A 45 4.70 -56.22 25.01
CA ARG A 45 4.80 -55.01 25.82
C ARG A 45 6.11 -54.29 25.63
N LEU A 46 7.13 -54.98 25.14
CA LEU A 46 8.47 -54.41 25.12
C LEU A 46 8.60 -53.33 24.06
N CYS A 47 9.47 -52.38 24.34
CA CYS A 47 9.75 -51.31 23.40
C CYS A 47 10.89 -51.70 22.46
N PHE A 48 10.81 -51.20 21.24
CA PHE A 48 11.83 -51.39 20.23
C PHE A 48 12.01 -50.06 19.51
N LEU A 49 12.78 -50.08 18.43
CA LEU A 49 13.20 -48.86 17.75
C LEU A 49 12.81 -48.91 16.28
N GLU A 50 12.08 -47.88 15.83
CA GLU A 50 11.65 -47.79 14.45
C GLU A 50 12.45 -46.69 13.76
N PRO A 51 13.23 -47.00 12.71
CA PRO A 51 14.01 -45.94 12.04
C PRO A 51 13.11 -45.00 11.26
N THR A 52 13.44 -43.71 11.28
CA THR A 52 12.68 -42.68 10.61
C THR A 52 13.45 -41.98 9.49
N SER A 53 14.68 -42.41 9.21
CA SER A 53 15.53 -41.70 8.26
C SER A 53 15.14 -42.03 6.82
N ASN A 54 14.92 -43.32 6.53
CA ASN A 54 14.62 -43.72 5.16
C ASN A 54 13.19 -43.35 4.76
N ALA A 55 12.49 -42.60 5.63
CA ALA A 55 11.08 -42.28 5.44
C ALA A 55 10.72 -41.96 3.99
N GLN A 56 11.56 -41.16 3.32
CA GLN A 56 11.27 -40.80 1.94
C GLN A 56 11.09 -42.03 1.07
N ASN A 57 11.79 -43.12 1.41
CA ASN A 57 11.72 -44.35 0.62
C ASN A 57 10.89 -45.43 1.30
N VAL A 58 10.70 -45.34 2.61
CA VAL A 58 9.90 -46.33 3.33
C VAL A 58 9.17 -45.65 4.49
N PRO A 59 7.84 -45.54 4.45
CA PRO A 59 7.13 -44.87 5.55
C PRO A 59 7.35 -45.59 6.86
N PRO A 60 7.54 -44.85 7.95
CA PRO A 60 7.64 -45.50 9.27
C PRO A 60 6.29 -45.62 9.96
N ASP A 61 6.27 -46.44 11.01
CA ASP A 61 5.06 -46.70 11.79
C ASP A 61 5.08 -45.81 13.03
N LEU A 62 4.49 -44.61 12.89
CA LEU A 62 4.56 -43.61 13.93
C LEU A 62 3.47 -43.82 14.98
N ALA A 63 2.35 -44.42 14.59
CA ALA A 63 1.20 -44.51 15.49
C ALA A 63 1.59 -45.18 16.80
N ILE A 64 2.34 -46.29 16.72
CA ILE A 64 2.82 -46.97 17.92
C ILE A 64 4.07 -46.34 18.49
N CYS A 65 4.63 -45.32 17.84
CA CYS A 65 5.77 -44.57 18.35
C CYS A 65 5.34 -43.32 19.09
N CYS A 66 4.07 -42.95 19.02
CA CYS A 66 3.59 -41.71 19.62
C CYS A 66 3.20 -41.94 21.07
N PHE A 67 3.60 -41.02 21.94
CA PHE A 67 3.23 -41.04 23.35
C PHE A 67 2.63 -39.69 23.74
N THR A 68 1.71 -39.73 24.70
CA THR A 68 1.10 -38.53 25.25
C THR A 68 1.54 -38.34 26.69
N LEU A 69 1.88 -37.10 27.03
CA LEU A 69 2.23 -36.74 28.40
C LEU A 69 0.97 -36.44 29.20
N GLU A 70 0.75 -37.18 30.30
CA GLU A 70 -0.33 -36.84 31.22
C GLU A 70 0.11 -35.81 32.26
N GLN A 71 1.09 -36.16 33.08
CA GLN A 71 1.46 -35.37 34.24
C GLN A 71 2.95 -35.14 34.24
N SER A 72 3.36 -33.98 34.75
CA SER A 72 4.77 -33.66 34.98
C SER A 72 4.85 -33.03 36.36
N LEU A 73 5.34 -33.81 37.33
CA LEU A 73 5.31 -33.41 38.73
C LEU A 73 6.72 -33.43 39.30
N SER A 74 6.87 -32.71 40.41
CA SER A 74 8.09 -32.78 41.18
C SER A 74 8.17 -34.10 41.95
N VAL A 75 9.38 -34.44 42.39
CA VAL A 75 9.59 -35.70 43.11
C VAL A 75 8.74 -35.74 44.36
N ARG A 76 8.64 -34.61 45.06
CA ARG A 76 7.89 -34.57 46.31
C ARG A 76 6.40 -34.78 46.05
N ALA A 77 5.87 -34.12 45.03
CA ALA A 77 4.46 -34.31 44.68
C ALA A 77 4.21 -35.76 44.29
N LEU A 78 5.13 -36.36 43.54
CA LEU A 78 4.99 -37.76 43.17
C LEU A 78 4.98 -38.65 44.42
N GLN A 79 5.85 -38.36 45.38
CA GLN A 79 5.90 -39.14 46.61
C GLN A 79 4.58 -39.06 47.36
N GLU A 80 4.04 -37.85 47.50
CA GLU A 80 2.75 -37.70 48.17
C GLU A 80 1.65 -38.42 47.41
N MET A 81 1.67 -38.33 46.08
CA MET A 81 0.66 -39.01 45.27
C MET A 81 0.70 -40.52 45.52
N LEU A 82 1.89 -41.10 45.47
CA LEU A 82 2.02 -42.55 45.71
C LEU A 82 1.59 -42.90 47.13
N ALA A 83 1.94 -42.05 48.10
CA ALA A 83 1.53 -42.31 49.47
C ALA A 83 0.01 -42.31 49.59
N ASN A 84 -0.66 -41.45 48.84
CA ASN A 84 -2.11 -41.38 48.86
C ASN A 84 -2.71 -42.24 47.76
N HIS A 98 -3.27 -27.20 31.42
CA HIS A 98 -1.99 -27.64 30.85
C HIS A 98 -0.83 -27.10 31.65
N ARG A 99 0.19 -27.95 31.86
CA ARG A 99 1.31 -27.63 32.72
C ARG A 99 2.59 -27.78 31.92
N THR A 100 3.43 -26.75 31.95
CA THR A 100 4.67 -26.76 31.17
C THR A 100 5.69 -27.68 31.81
N LEU A 101 6.51 -28.31 30.99
CA LEU A 101 7.51 -29.23 31.49
C LEU A 101 8.73 -28.48 32.00
N LEU A 102 9.33 -29.00 33.06
CA LEU A 102 10.51 -28.43 33.69
C LEU A 102 11.51 -29.54 33.98
N TYR A 103 12.79 -29.23 33.80
CA TYR A 103 13.85 -30.19 34.10
C TYR A 103 13.83 -30.54 35.57
N GLY A 104 14.01 -31.83 35.86
CA GLY A 104 13.95 -32.35 37.20
C GLY A 104 12.60 -32.92 37.60
N HIS A 105 11.55 -32.66 36.82
CA HIS A 105 10.24 -33.21 37.16
C HIS A 105 10.09 -34.64 36.65
N ALA A 106 9.04 -35.27 37.13
CA ALA A 106 8.72 -36.66 36.79
C ALA A 106 7.48 -36.67 35.90
N ILE A 107 7.56 -37.37 34.78
CA ILE A 107 6.52 -37.34 33.75
C ILE A 107 5.93 -38.72 33.59
N LEU A 108 4.66 -38.74 33.16
CA LEU A 108 3.94 -39.97 32.88
C LEU A 108 3.56 -40.00 31.41
N LEU A 109 3.89 -41.11 30.74
CA LEU A 109 3.80 -41.22 29.29
C LEU A 109 2.89 -42.39 28.92
N ARG A 110 1.87 -42.09 28.13
CA ARG A 110 0.90 -43.07 27.67
C ARG A 110 1.17 -43.41 26.21
N HIS A 111 1.15 -44.69 25.90
CA HIS A 111 1.05 -45.12 24.51
C HIS A 111 -0.34 -44.78 23.98
N ALA A 112 -0.39 -43.98 22.92
CA ALA A 112 -1.67 -43.48 22.43
C ALA A 112 -2.56 -44.62 21.95
N HIS A 113 -1.98 -45.58 21.23
CA HIS A 113 -2.78 -46.67 20.66
C HIS A 113 -3.29 -47.61 21.74
N SER A 114 -2.41 -48.10 22.60
CA SER A 114 -2.74 -49.12 23.58
C SER A 114 -3.19 -48.54 24.91
N ARG A 115 -2.98 -47.25 25.14
CA ARG A 115 -3.36 -46.62 26.40
C ARG A 115 -2.73 -47.33 27.59
N MET A 116 -1.48 -47.78 27.42
CA MET A 116 -0.66 -48.30 28.49
C MET A 116 0.38 -47.26 28.85
N TYR A 117 1.14 -47.51 29.91
CA TYR A 117 2.11 -46.55 30.39
C TYR A 117 3.53 -47.07 30.20
N LEU A 118 4.41 -46.19 29.71
CA LEU A 118 5.81 -46.55 29.58
C LEU A 118 6.41 -46.79 30.95
N SER A 119 7.18 -47.86 31.09
CA SER A 119 7.64 -48.30 32.40
C SER A 119 8.98 -49.00 32.27
N CYS A 120 9.69 -49.04 33.39
CA CYS A 120 10.91 -49.84 33.54
C CYS A 120 10.54 -51.16 34.21
N LEU A 121 10.74 -52.26 33.50
CA LEU A 121 10.31 -53.57 33.96
C LEU A 121 11.40 -54.25 34.78
N THR A 122 10.97 -55.17 35.65
CA THR A 122 11.90 -55.94 36.45
C THR A 122 12.62 -57.02 35.65
N THR A 123 12.10 -57.36 34.47
CA THR A 123 12.70 -58.41 33.65
C THR A 123 13.93 -57.90 32.92
N SER A 124 14.86 -58.81 32.66
CA SER A 124 16.03 -58.53 31.86
C SER A 124 16.28 -59.69 30.91
N ARG A 125 16.48 -59.37 29.63
CA ARG A 125 16.89 -60.37 28.66
C ARG A 125 18.33 -60.15 28.21
N SER A 126 18.84 -58.93 28.36
CA SER A 126 20.09 -58.56 27.71
C SER A 126 21.21 -59.50 28.15
N MET A 127 21.67 -60.32 27.22
CA MET A 127 22.81 -61.19 27.49
C MET A 127 24.06 -60.35 27.77
N THR A 128 24.17 -59.21 27.11
CA THR A 128 25.33 -58.34 27.24
C THR A 128 25.40 -57.70 28.62
N ASP A 129 24.36 -56.92 28.96
CA ASP A 129 24.34 -56.17 30.21
C ASP A 129 23.59 -56.96 31.27
N LYS A 130 24.26 -57.27 32.38
CA LYS A 130 23.62 -58.00 33.46
C LYS A 130 22.67 -57.10 34.25
N LEU A 131 23.10 -55.87 34.52
CA LEU A 131 22.36 -54.96 35.40
C LEU A 131 21.19 -54.29 34.72
N ALA A 132 21.07 -54.40 33.40
CA ALA A 132 20.04 -53.68 32.68
C ALA A 132 18.67 -54.30 32.91
N PHE A 133 17.65 -53.49 32.67
CA PHE A 133 16.26 -53.91 32.74
C PHE A 133 15.59 -53.71 31.38
N ASP A 134 14.50 -54.41 31.18
CA ASP A 134 13.71 -54.23 29.96
C ASP A 134 12.80 -53.01 30.11
N VAL A 135 12.64 -52.28 29.01
CA VAL A 135 11.74 -51.14 28.95
C VAL A 135 10.53 -51.54 28.12
N GLY A 136 9.34 -51.28 28.65
CA GLY A 136 8.13 -51.69 27.99
C GLY A 136 6.94 -50.95 28.53
N LEU A 137 5.75 -51.47 28.22
CA LEU A 137 4.51 -50.82 28.57
C LEU A 137 3.86 -51.48 29.77
N GLN A 138 3.10 -50.68 30.51
CA GLN A 138 2.42 -51.12 31.73
C GLN A 138 0.95 -50.75 31.65
N GLU A 139 0.08 -51.67 32.08
CA GLU A 139 -1.35 -51.46 31.93
C GLU A 139 -1.83 -50.25 32.71
N ASP A 140 -1.37 -50.11 33.95
CA ASP A 140 -1.83 -49.05 34.83
C ASP A 140 -0.68 -48.10 35.15
N ALA A 141 -1.05 -46.91 35.62
CA ALA A 141 -0.09 -45.89 36.02
C ALA A 141 0.31 -46.02 37.49
N THR A 142 -0.17 -47.06 38.17
CA THR A 142 0.14 -47.23 39.58
C THR A 142 1.60 -47.61 39.75
N GLY A 143 2.25 -46.98 40.74
CA GLY A 143 3.62 -47.30 41.07
C GLY A 143 4.63 -46.33 40.48
N GLU A 144 5.90 -46.60 40.79
CA GLU A 144 6.99 -45.71 40.41
C GLU A 144 7.56 -46.04 39.04
N ALA A 145 7.39 -47.29 38.59
CA ALA A 145 8.03 -47.73 37.35
C ALA A 145 7.62 -46.85 36.17
N CYS A 146 6.36 -46.43 36.14
CA CYS A 146 5.87 -45.69 34.97
C CYS A 146 6.41 -44.27 34.92
N TRP A 147 6.91 -43.76 36.04
CA TRP A 147 7.36 -42.38 36.10
C TRP A 147 8.82 -42.25 35.70
N TRP A 148 9.15 -41.16 35.02
CA TRP A 148 10.49 -40.87 34.55
C TRP A 148 10.84 -39.42 34.83
N THR A 149 12.11 -39.18 35.12
CA THR A 149 12.62 -37.85 35.40
C THR A 149 13.50 -37.38 34.25
N MET A 150 13.31 -36.12 33.84
CA MET A 150 14.08 -35.52 32.76
C MET A 150 15.24 -34.75 33.37
N HIS A 151 16.39 -34.82 32.74
CA HIS A 151 17.55 -34.04 33.13
C HIS A 151 18.24 -33.48 31.90
N PRO A 152 18.83 -32.29 32.01
CA PRO A 152 19.48 -31.69 30.84
C PRO A 152 20.69 -32.50 30.39
N ALA A 153 20.90 -32.53 29.08
CA ALA A 153 22.03 -33.25 28.52
C ALA A 153 23.32 -32.45 28.60
N SER A 154 23.21 -31.13 28.48
CA SER A 154 24.36 -30.25 28.36
C SER A 154 24.44 -29.32 29.58
N LYS A 155 25.42 -28.42 29.55
CA LYS A 155 25.64 -27.51 30.66
C LYS A 155 24.73 -26.27 30.59
N GLN A 156 24.34 -25.81 29.40
CA GLN A 156 23.63 -24.53 29.36
C GLN A 156 22.23 -24.69 29.92
N ARG A 157 21.65 -25.87 29.79
CA ARG A 157 20.41 -26.20 30.47
C ARG A 157 20.71 -26.56 31.92
N SER A 158 19.79 -26.20 32.81
CA SER A 158 19.92 -26.48 34.22
C SER A 158 18.55 -26.84 34.78
N GLU A 159 18.55 -27.48 35.95
CA GLU A 159 17.31 -27.96 36.55
C GLU A 159 16.40 -26.78 36.88
N GLY A 160 15.09 -27.04 36.79
CA GLY A 160 14.10 -26.02 36.98
C GLY A 160 13.76 -25.23 35.73
N GLU A 161 14.52 -25.38 34.67
CA GLU A 161 14.28 -24.67 33.43
C GLU A 161 13.27 -25.41 32.56
N LYS A 162 12.53 -24.64 31.76
CA LYS A 162 11.49 -25.20 30.92
C LYS A 162 12.10 -26.00 29.79
N VAL A 163 11.56 -27.20 29.56
CA VAL A 163 12.03 -28.04 28.46
C VAL A 163 11.55 -27.44 27.15
N ARG A 164 12.47 -27.34 26.19
CA ARG A 164 12.20 -26.70 24.90
C ARG A 164 12.30 -27.72 23.78
N VAL A 165 11.41 -27.59 22.80
CA VAL A 165 11.41 -28.50 21.66
C VAL A 165 12.79 -28.53 21.04
N GLY A 166 13.26 -29.73 20.70
CA GLY A 166 14.57 -29.92 20.16
C GLY A 166 15.64 -30.17 21.20
N ASP A 167 15.30 -30.13 22.48
CA ASP A 167 16.29 -30.27 23.55
C ASP A 167 16.67 -31.73 23.74
N ASP A 168 17.96 -31.99 23.92
CA ASP A 168 18.41 -33.34 24.23
C ASP A 168 18.25 -33.60 25.72
N LEU A 169 17.66 -34.74 26.05
CA LEU A 169 17.22 -35.02 27.41
C LEU A 169 17.81 -36.33 27.89
N ILE A 170 17.83 -36.49 29.20
CA ILE A 170 18.24 -37.73 29.84
C ILE A 170 17.09 -38.19 30.73
N LEU A 171 16.66 -39.43 30.55
CA LEU A 171 15.48 -39.95 31.23
C LEU A 171 15.91 -41.01 32.23
N VAL A 172 15.48 -40.85 33.48
CA VAL A 172 15.86 -41.74 34.56
C VAL A 172 14.61 -42.33 35.19
N SER A 173 14.62 -43.64 35.43
CA SER A 173 13.50 -44.31 36.07
C SER A 173 13.57 -44.11 37.59
N VAL A 174 12.42 -43.80 38.19
CA VAL A 174 12.36 -43.61 39.63
C VAL A 174 12.64 -44.92 40.35
N SER A 175 11.99 -46.00 39.93
CA SER A 175 12.10 -47.26 40.63
C SER A 175 13.51 -47.83 40.60
N SER A 176 14.17 -47.75 39.44
CA SER A 176 15.43 -48.43 39.21
C SER A 176 16.63 -47.51 39.15
N GLU A 177 16.42 -46.22 38.94
CA GLU A 177 17.52 -45.25 38.82
C GLU A 177 18.48 -45.65 37.70
N ARG A 178 17.93 -46.18 36.62
CA ARG A 178 18.66 -46.42 35.38
C ARG A 178 18.38 -45.28 34.41
N TYR A 179 19.08 -45.31 33.28
CA TYR A 179 18.86 -44.38 32.19
C TYR A 179 18.17 -45.10 31.03
N LEU A 180 17.26 -44.40 30.36
CA LEU A 180 16.78 -44.89 29.08
C LEU A 180 17.95 -44.89 28.10
N HIS A 181 18.31 -46.09 27.64
CA HIS A 181 19.60 -46.30 27.01
C HIS A 181 19.43 -47.04 25.69
N LEU A 182 20.29 -46.70 24.74
CA LEU A 182 20.36 -47.38 23.45
C LEU A 182 21.50 -48.38 23.50
N SER A 183 21.18 -49.66 23.33
CA SER A 183 22.17 -50.73 23.41
C SER A 183 22.59 -51.13 22.00
N THR A 184 23.84 -50.84 21.65
CA THR A 184 24.45 -51.34 20.43
C THR A 184 25.37 -52.52 20.72
N ALA A 185 25.34 -53.05 21.94
CA ALA A 185 26.26 -54.12 22.31
C ALA A 185 26.14 -55.29 21.35
N SER A 186 24.94 -55.80 21.15
CA SER A 186 24.69 -56.73 20.05
C SER A 186 24.65 -55.97 18.74
N GLY A 187 24.95 -56.67 17.65
CA GLY A 187 24.93 -56.02 16.35
C GLY A 187 23.60 -55.37 16.03
N GLU A 188 22.52 -55.88 16.64
CA GLU A 188 21.21 -55.30 16.46
C GLU A 188 20.89 -54.32 17.59
N LEU A 189 20.28 -53.20 17.23
CA LEU A 189 19.97 -52.17 18.21
C LEU A 189 18.87 -52.62 19.15
N GLN A 190 18.93 -52.14 20.39
CA GLN A 190 17.94 -52.46 21.40
C GLN A 190 17.77 -51.28 22.34
N VAL A 191 16.70 -51.33 23.13
CA VAL A 191 16.40 -50.30 24.11
C VAL A 191 16.37 -50.96 25.49
N ASP A 192 17.00 -50.30 26.46
CA ASP A 192 17.17 -50.89 27.78
C ASP A 192 17.26 -49.79 28.83
N ALA A 193 17.09 -50.20 30.08
CA ALA A 193 17.34 -49.33 31.23
C ALA A 193 18.71 -49.67 31.78
N SER A 194 19.65 -48.74 31.67
CA SER A 194 21.04 -49.00 32.01
C SER A 194 21.62 -47.80 32.75
N PHE A 195 22.69 -48.05 33.49
CA PHE A 195 23.38 -46.97 34.19
C PHE A 195 24.13 -46.08 33.22
N MET A 196 24.40 -46.60 32.01
CA MET A 196 24.89 -45.76 30.94
C MET A 196 23.74 -44.96 30.34
N GLN A 197 24.02 -43.71 29.98
CA GLN A 197 22.98 -42.78 29.57
C GLN A 197 22.99 -42.61 28.06
N THR A 198 21.80 -42.38 27.50
CA THR A 198 21.63 -42.07 26.09
C THR A 198 20.80 -40.82 25.96
N LEU A 199 21.19 -39.96 25.02
CA LEU A 199 20.48 -38.71 24.80
C LEU A 199 19.24 -38.94 23.95
N TRP A 200 18.13 -38.34 24.37
CA TRP A 200 16.85 -38.50 23.69
C TRP A 200 16.28 -37.13 23.36
N ASN A 201 15.52 -37.09 22.27
CA ASN A 201 14.81 -35.89 21.83
C ASN A 201 13.31 -36.14 21.91
N MET A 202 12.59 -35.20 22.52
CA MET A 202 11.14 -35.29 22.65
C MET A 202 10.52 -34.45 21.54
N ASN A 203 10.25 -35.10 20.40
CA ASN A 203 9.79 -34.36 19.24
C ASN A 203 8.27 -34.33 19.22
N PRO A 204 7.65 -33.14 19.16
CA PRO A 204 6.19 -33.07 19.24
C PRO A 204 5.50 -33.56 17.99
N ILE A 205 4.24 -33.97 18.17
CA ILE A 205 3.34 -34.32 17.09
C ILE A 205 2.13 -33.40 17.08
N CYS A 206 1.48 -33.23 18.24
CA CYS A 206 0.31 -32.40 18.38
C CYS A 206 0.33 -31.72 19.75
N SER A 207 -0.22 -30.51 19.80
CA SER A 207 -0.35 -29.80 21.07
C SER A 207 -1.81 -29.60 21.44
N CYS A 208 -2.56 -28.96 20.55
CA CYS A 208 -3.97 -28.67 20.78
C CYS A 208 -4.68 -28.52 19.43
N CYS A 209 -5.79 -29.21 19.27
CA CYS A 209 -6.55 -29.23 18.03
C CYS A 209 -7.92 -28.60 18.25
N GLU A 210 -8.31 -27.73 17.32
CA GLU A 210 -9.63 -27.13 17.37
C GLU A 210 -10.69 -28.14 16.94
N GLU A 211 -11.94 -27.83 17.27
CA GLU A 211 -13.05 -28.73 16.93
C GLU A 211 -13.12 -28.92 15.42
N GLY A 212 -13.46 -30.13 15.00
CA GLY A 212 -13.31 -30.47 13.60
C GLY A 212 -11.87 -30.30 13.19
N TYR A 213 -11.65 -29.60 12.07
CA TYR A 213 -10.29 -29.17 11.75
C TYR A 213 -9.32 -30.33 11.72
N VAL A 214 -9.50 -31.21 10.72
CA VAL A 214 -8.73 -32.45 10.62
C VAL A 214 -7.25 -32.19 10.91
N THR A 215 -6.65 -33.12 11.66
CA THR A 215 -5.22 -33.13 11.92
C THR A 215 -4.62 -34.42 11.38
N GLY A 216 -3.33 -34.37 11.06
CA GLY A 216 -2.66 -35.56 10.54
C GLY A 216 -2.49 -36.61 11.60
N GLY A 217 -2.27 -37.84 11.16
CA GLY A 217 -2.08 -38.97 12.04
C GLY A 217 -3.35 -39.56 12.60
N HIS A 218 -4.49 -39.36 11.94
CA HIS A 218 -5.79 -39.79 12.44
C HIS A 218 -6.42 -40.79 11.49
N VAL A 219 -7.02 -41.83 12.07
CA VAL A 219 -7.81 -42.78 11.29
C VAL A 219 -9.15 -42.16 10.97
N LEU A 220 -9.56 -42.25 9.71
CA LEU A 220 -10.82 -41.66 9.26
C LEU A 220 -11.34 -42.42 8.06
N ARG A 221 -12.51 -42.00 7.59
CA ARG A 221 -13.12 -42.58 6.41
C ARG A 221 -13.38 -41.48 5.38
N LEU A 222 -13.36 -41.87 4.11
CA LEU A 222 -13.58 -40.94 3.00
C LEU A 222 -14.89 -41.30 2.32
N PHE A 223 -15.84 -40.36 2.35
CA PHE A 223 -17.16 -40.57 1.78
C PHE A 223 -17.32 -39.70 0.54
N HIS A 224 -17.92 -40.27 -0.50
CA HIS A 224 -17.97 -39.59 -1.79
C HIS A 224 -18.85 -38.35 -1.74
N GLY A 225 -20.09 -38.49 -1.28
CA GLY A 225 -21.03 -37.40 -1.23
C GLY A 225 -21.77 -37.35 0.09
N HIS A 226 -23.10 -37.46 0.04
CA HIS A 226 -23.92 -37.47 1.24
C HIS A 226 -23.84 -38.83 1.94
N MET A 227 -22.59 -39.24 2.21
CA MET A 227 -22.31 -40.30 3.18
C MET A 227 -22.92 -41.64 2.81
N ASP A 228 -23.25 -41.84 1.53
CA ASP A 228 -23.87 -43.11 1.14
C ASP A 228 -22.82 -44.20 0.96
N GLU A 229 -21.71 -43.88 0.31
CA GLU A 229 -20.66 -44.86 0.05
C GLU A 229 -19.31 -44.25 0.37
N CYS A 230 -18.34 -45.10 0.68
CA CYS A 230 -17.03 -44.70 1.16
C CYS A 230 -15.94 -45.42 0.39
N LEU A 231 -14.74 -44.83 0.41
CA LEU A 231 -13.58 -45.47 -0.19
C LEU A 231 -13.14 -46.65 0.67
N THR A 232 -12.80 -47.76 0.02
CA THR A 232 -12.41 -48.97 0.74
C THR A 232 -11.62 -49.86 -0.21
N ILE A 233 -11.19 -51.00 0.33
CA ILE A 233 -10.58 -52.06 -0.44
C ILE A 233 -11.43 -53.31 -0.29
N SER A 234 -11.05 -54.36 -1.00
CA SER A 234 -11.84 -55.58 -0.98
C SER A 234 -11.82 -56.23 0.39
N ALA A 235 -12.84 -57.03 0.66
CA ALA A 235 -12.90 -57.80 1.88
C ALA A 235 -11.79 -58.85 1.90
N ALA A 236 -11.73 -59.59 3.01
CA ALA A 236 -10.72 -60.63 3.14
C ALA A 236 -10.89 -61.67 2.05
N ASP A 237 -9.91 -62.58 1.96
CA ASP A 237 -9.92 -63.73 1.06
C ASP A 237 -10.53 -63.40 -0.30
N SER A 238 -10.26 -62.19 -0.79
CA SER A 238 -10.74 -61.78 -2.10
C SER A 238 -9.68 -62.05 -3.16
N ASP A 239 -10.12 -62.13 -4.41
CA ASP A 239 -9.21 -62.44 -5.51
C ASP A 239 -8.23 -61.31 -5.77
N ASP A 240 -8.68 -60.06 -5.61
CA ASP A 240 -7.81 -58.92 -5.88
C ASP A 240 -6.62 -58.85 -4.94
N GLN A 241 -6.53 -59.75 -3.95
CA GLN A 241 -5.47 -59.74 -2.95
C GLN A 241 -5.53 -58.50 -2.08
N ARG A 242 -6.69 -57.84 -2.03
CA ARG A 242 -6.87 -56.62 -1.24
C ARG A 242 -5.87 -55.55 -1.69
N ARG A 243 -5.55 -55.57 -2.99
CA ARG A 243 -4.60 -54.62 -3.57
C ARG A 243 -5.30 -53.60 -4.47
N LEU A 244 -6.62 -53.60 -4.50
CA LEU A 244 -7.40 -52.68 -5.33
C LEU A 244 -8.29 -51.82 -4.44
N VAL A 245 -8.66 -50.67 -4.96
CA VAL A 245 -9.39 -49.64 -4.21
C VAL A 245 -10.75 -49.44 -4.85
N TYR A 246 -11.80 -49.39 -4.03
CA TYR A 246 -13.15 -49.24 -4.53
C TYR A 246 -13.90 -48.21 -3.69
N TYR A 247 -14.84 -47.55 -4.36
CA TYR A 247 -15.90 -46.77 -3.73
C TYR A 247 -17.07 -47.71 -3.51
N GLU A 248 -17.40 -47.96 -2.25
CA GLU A 248 -18.42 -48.94 -1.90
C GLU A 248 -19.28 -48.40 -0.77
N GLY A 249 -20.56 -48.78 -0.79
CA GLY A 249 -21.50 -48.34 0.21
C GLY A 249 -22.19 -49.51 0.87
N GLY A 250 -22.71 -49.24 2.07
CA GLY A 250 -23.38 -50.26 2.85
C GLY A 250 -22.74 -50.47 4.20
N ALA A 251 -22.61 -51.73 4.62
CA ALA A 251 -21.98 -52.02 5.90
C ALA A 251 -20.47 -51.83 5.85
N VAL A 252 -19.90 -51.72 4.65
CA VAL A 252 -18.48 -51.48 4.51
C VAL A 252 -18.14 -50.18 5.21
N CYS A 253 -19.11 -49.25 5.23
CA CYS A 253 -18.91 -48.00 5.95
C CYS A 253 -18.56 -48.26 7.41
N THR A 254 -19.39 -49.02 8.10
CA THR A 254 -19.14 -49.37 9.50
C THR A 254 -18.00 -50.36 9.67
N HIS A 255 -17.57 -51.01 8.59
CA HIS A 255 -16.51 -51.99 8.67
C HIS A 255 -15.14 -51.32 8.77
N ALA A 256 -14.14 -52.13 9.12
CA ALA A 256 -12.80 -51.60 9.37
C ALA A 256 -12.04 -51.34 8.08
N ARG A 257 -12.32 -52.12 7.03
CA ARG A 257 -11.53 -52.00 5.81
C ARG A 257 -11.66 -50.60 5.21
N SER A 258 -12.70 -49.87 5.56
CA SER A 258 -12.91 -48.51 5.10
C SER A 258 -12.12 -47.49 5.88
N LEU A 259 -11.20 -47.90 6.74
CA LEU A 259 -10.51 -46.99 7.65
C LEU A 259 -9.13 -46.68 7.10
N TRP A 260 -8.81 -45.38 7.05
CA TRP A 260 -7.55 -44.90 6.50
C TRP A 260 -6.90 -43.93 7.47
N ARG A 261 -5.57 -43.93 7.48
CA ARG A 261 -4.78 -43.04 8.32
C ARG A 261 -3.99 -42.09 7.44
N LEU A 262 -4.00 -40.81 7.79
CA LEU A 262 -3.27 -39.80 7.06
C LEU A 262 -1.90 -39.60 7.71
N GLU A 263 -0.85 -39.73 6.91
CA GLU A 263 0.52 -39.65 7.41
C GLU A 263 1.27 -38.54 6.67
N PRO A 264 1.41 -37.36 7.25
CA PRO A 264 2.23 -36.33 6.60
C PRO A 264 3.68 -36.77 6.48
N LEU A 265 4.33 -36.29 5.44
CA LEU A 265 5.71 -36.69 5.14
C LEU A 265 6.70 -36.24 6.21
N ARG A 266 6.30 -35.31 7.07
CA ARG A 266 7.13 -34.87 8.19
C ARG A 266 6.80 -35.68 9.44
N ILE A 267 7.85 -36.04 10.18
CA ILE A 267 7.65 -36.73 11.45
C ILE A 267 7.26 -35.73 12.53
N SER A 268 8.01 -34.65 12.64
CA SER A 268 7.70 -33.62 13.62
C SER A 268 6.46 -32.84 13.20
N TRP A 269 5.57 -32.61 14.16
CA TRP A 269 4.34 -31.87 13.92
C TRP A 269 3.49 -32.54 12.83
N SER A 270 3.50 -33.88 12.82
CA SER A 270 2.63 -34.63 11.93
C SER A 270 1.18 -34.57 12.38
N GLY A 271 0.93 -34.23 13.64
CA GLY A 271 -0.40 -34.04 14.16
C GLY A 271 -0.97 -32.66 13.93
N SER A 272 -0.27 -31.82 13.16
CA SER A 272 -0.73 -30.48 12.87
C SER A 272 -2.01 -30.53 12.03
N HIS A 273 -2.73 -29.41 12.01
CA HIS A 273 -3.90 -29.29 11.16
C HIS A 273 -3.51 -29.52 9.71
N LEU A 274 -4.31 -30.31 9.00
CA LEU A 274 -4.06 -30.56 7.60
C LEU A 274 -4.31 -29.29 6.78
N ARG A 275 -3.52 -29.13 5.72
CA ARG A 275 -3.54 -27.92 4.91
C ARG A 275 -3.68 -28.29 3.45
N TRP A 276 -4.36 -27.43 2.69
CA TRP A 276 -4.54 -27.67 1.27
C TRP A 276 -3.20 -27.74 0.57
N GLY A 277 -3.04 -28.75 -0.28
CA GLY A 277 -1.79 -28.97 -0.97
C GLY A 277 -0.73 -29.66 -0.15
N GLN A 278 -1.03 -30.00 1.10
CA GLN A 278 -0.03 -30.61 1.96
C GLN A 278 0.21 -32.06 1.51
N PRO A 279 1.43 -32.41 1.09
CA PRO A 279 1.67 -33.80 0.67
C PRO A 279 1.56 -34.75 1.84
N LEU A 280 1.09 -35.96 1.55
CA LEU A 280 0.89 -36.93 2.61
C LEU A 280 0.67 -38.31 2.01
N ARG A 281 0.76 -39.31 2.86
CA ARG A 281 0.52 -40.70 2.51
C ARG A 281 -0.79 -41.14 3.14
N ILE A 282 -1.44 -42.12 2.53
CA ILE A 282 -2.69 -42.66 3.04
C ILE A 282 -2.49 -44.15 3.29
N ARG A 283 -2.64 -44.56 4.54
CA ARG A 283 -2.33 -45.91 4.97
C ARG A 283 -3.61 -46.66 5.29
N HIS A 284 -3.65 -47.93 4.91
CA HIS A 284 -4.78 -48.79 5.23
C HIS A 284 -4.46 -49.54 6.53
N VAL A 285 -5.29 -49.32 7.55
CA VAL A 285 -4.94 -49.74 8.91
C VAL A 285 -4.87 -51.26 9.01
N THR A 286 -5.91 -51.94 8.53
CA THR A 286 -5.99 -53.39 8.72
C THR A 286 -4.96 -54.15 7.90
N THR A 287 -4.36 -53.51 6.90
CA THR A 287 -3.38 -54.16 6.04
C THR A 287 -1.99 -53.54 6.11
N GLY A 288 -1.87 -52.31 6.60
CA GLY A 288 -0.59 -51.63 6.63
C GLY A 288 -0.10 -51.18 5.27
N ARG A 289 -0.95 -51.23 4.26
CA ARG A 289 -0.56 -50.87 2.91
C ARG A 289 -0.93 -49.42 2.62
N TYR A 290 -0.22 -48.85 1.65
CA TYR A 290 -0.27 -47.42 1.35
C TYR A 290 -0.82 -47.20 -0.03
N LEU A 291 -1.74 -46.23 -0.15
CA LEU A 291 -2.27 -45.86 -1.45
C LEU A 291 -1.14 -45.39 -2.35
N ALA A 292 -1.10 -45.92 -3.57
CA ALA A 292 0.00 -45.66 -4.48
C ALA A 292 -0.49 -45.69 -5.92
N LEU A 293 0.24 -44.99 -6.77
CA LEU A 293 0.06 -45.04 -8.21
C LEU A 293 1.19 -45.86 -8.80
N THR A 294 0.84 -46.88 -9.58
CA THR A 294 1.81 -47.78 -10.19
C THR A 294 1.67 -47.69 -11.71
N GLU A 295 2.80 -47.54 -12.40
CA GLU A 295 2.77 -47.45 -13.85
C GLU A 295 2.05 -48.64 -14.47
N ASP A 296 2.17 -49.83 -13.86
CA ASP A 296 1.62 -51.03 -14.47
C ASP A 296 0.16 -51.23 -14.08
N GLN A 297 -0.14 -51.28 -12.78
CA GLN A 297 -1.51 -51.49 -12.30
C GLN A 297 -2.20 -50.21 -11.84
N GLY A 298 -1.59 -49.05 -12.06
CA GLY A 298 -2.28 -47.81 -11.69
C GLY A 298 -2.51 -47.72 -10.19
N LEU A 299 -3.69 -47.25 -9.81
CA LEU A 299 -4.00 -47.03 -8.41
C LEU A 299 -4.16 -48.36 -7.67
N VAL A 300 -3.31 -48.58 -6.67
CA VAL A 300 -3.37 -49.78 -5.84
C VAL A 300 -2.94 -49.42 -4.43
N VAL A 301 -2.88 -50.41 -3.54
CA VAL A 301 -2.24 -50.27 -2.23
C VAL A 301 -1.00 -51.16 -2.24
N VAL A 302 0.15 -50.58 -1.92
CA VAL A 302 1.42 -51.28 -1.98
C VAL A 302 2.04 -51.30 -0.60
N ASP A 303 3.05 -52.15 -0.43
CA ASP A 303 3.73 -52.26 0.84
C ASP A 303 4.66 -51.08 1.06
N ALA A 304 5.02 -50.86 2.33
CA ALA A 304 5.90 -49.75 2.67
C ALA A 304 7.23 -49.85 1.94
N CYS A 305 7.76 -51.07 1.79
CA CYS A 305 9.02 -51.25 1.08
C CYS A 305 8.95 -50.68 -0.33
N LYS A 306 7.80 -50.77 -0.98
CA LYS A 306 7.60 -50.24 -2.32
C LYS A 306 7.05 -48.82 -2.32
N ALA A 307 6.68 -48.28 -1.16
CA ALA A 307 6.19 -46.92 -1.05
C ALA A 307 7.39 -45.98 -0.98
N HIS A 308 7.66 -45.26 -2.06
CA HIS A 308 8.86 -44.45 -2.21
C HIS A 308 8.54 -42.97 -2.46
N THR A 309 7.38 -42.52 -1.99
CA THR A 309 7.05 -41.10 -1.88
C THR A 309 6.75 -40.46 -3.23
N LYS A 310 7.00 -41.18 -4.33
CA LYS A 310 6.56 -40.69 -5.63
C LYS A 310 5.22 -41.30 -5.99
N ALA A 311 5.01 -42.57 -5.63
CA ALA A 311 3.75 -43.23 -5.88
C ALA A 311 2.73 -42.93 -4.80
N THR A 312 3.20 -42.66 -3.57
CA THR A 312 2.35 -42.66 -2.38
C THR A 312 2.07 -41.26 -1.86
N SER A 313 2.47 -40.23 -2.58
CA SER A 313 2.32 -38.85 -2.13
C SER A 313 1.05 -38.27 -2.74
N PHE A 314 0.14 -37.83 -1.87
CA PHE A 314 -1.14 -37.25 -2.28
C PHE A 314 -1.36 -35.94 -1.55
N CYS A 315 -2.23 -35.11 -2.13
CA CYS A 315 -2.63 -33.85 -1.52
C CYS A 315 -4.13 -33.65 -1.67
N PHE A 316 -4.69 -32.89 -0.75
CA PHE A 316 -6.09 -32.49 -0.81
C PHE A 316 -6.18 -31.08 -1.38
N ARG A 317 -7.04 -30.91 -2.38
CA ARG A 317 -7.27 -29.63 -3.02
C ARG A 317 -8.74 -29.27 -2.88
N VAL A 318 -9.02 -28.00 -2.60
CA VAL A 318 -10.41 -27.57 -2.48
C VAL A 318 -11.06 -27.45 -3.85
N SER A 319 -10.27 -27.18 -4.89
CA SER A 319 -10.77 -27.05 -6.24
C SER A 319 -9.78 -27.69 -7.20
N LYS A 320 -10.27 -28.07 -8.38
CA LYS A 320 -9.48 -28.82 -9.34
C LYS A 320 -8.56 -27.94 -10.19
N GLU A 321 -8.63 -26.62 -10.04
CA GLU A 321 -7.83 -25.74 -10.87
C GLU A 321 -6.35 -25.93 -10.60
N LYS A 322 -5.54 -25.88 -11.66
CA LYS A 322 -4.09 -26.07 -11.56
C LYS A 322 -3.42 -24.73 -11.23
N LEU A 323 -3.59 -24.33 -9.97
CA LEU A 323 -2.95 -23.11 -9.48
C LEU A 323 -1.47 -23.38 -9.21
N ASP A 324 -1.19 -24.28 -8.27
CA ASP A 324 0.17 -24.65 -7.87
C ASP A 324 1.12 -23.45 -7.98
N THR A 325 0.67 -22.32 -7.43
CA THR A 325 1.42 -21.08 -7.61
C THR A 325 2.71 -21.09 -6.80
N ALA A 326 2.67 -21.61 -5.58
CA ALA A 326 3.84 -21.58 -4.71
C ALA A 326 3.81 -22.77 -3.75
N PRO A 327 4.92 -23.50 -3.59
CA PRO A 327 4.96 -24.54 -2.56
C PRO A 327 5.01 -23.92 -1.18
N LYS A 328 4.11 -24.37 -0.31
CA LYS A 328 4.00 -23.81 1.03
C LYS A 328 5.23 -24.15 1.86
N ARG A 329 5.60 -23.23 2.74
CA ARG A 329 6.72 -23.47 3.65
C ARG A 329 6.27 -24.34 4.83
N ASP A 330 7.16 -25.25 5.22
CA ASP A 330 6.89 -26.08 6.39
C ASP A 330 6.71 -25.19 7.62
N VAL A 331 5.75 -25.56 8.47
CA VAL A 331 5.33 -24.70 9.57
C VAL A 331 5.55 -25.48 10.85
N GLU A 332 6.24 -24.87 11.80
CA GLU A 332 6.34 -25.45 13.13
C GLU A 332 5.13 -25.07 13.97
N GLY A 333 4.49 -26.07 14.58
CA GLY A 333 3.25 -25.88 15.31
C GLY A 333 2.08 -26.47 14.57
N MET A 334 0.91 -26.34 15.19
CA MET A 334 -0.30 -26.93 14.63
C MET A 334 -0.73 -26.22 13.35
N GLY A 335 -0.58 -24.91 13.30
CA GLY A 335 -0.82 -24.16 12.08
C GLY A 335 -2.28 -23.83 11.83
N PRO A 336 -2.56 -23.28 10.66
CA PRO A 336 -3.92 -22.82 10.38
C PRO A 336 -4.90 -23.99 10.29
N PRO A 337 -6.11 -23.86 10.87
CA PRO A 337 -7.18 -24.88 10.73
C PRO A 337 -8.03 -24.77 9.46
N GLU A 338 -7.55 -25.40 8.39
CA GLU A 338 -8.17 -25.23 7.08
C GLU A 338 -9.31 -26.22 6.80
N ILE A 339 -9.09 -27.51 7.06
CA ILE A 339 -9.99 -28.55 6.60
C ILE A 339 -10.84 -29.07 7.76
N LYS A 340 -12.15 -29.11 7.56
CA LYS A 340 -13.11 -29.54 8.57
C LYS A 340 -13.49 -31.01 8.39
N TYR A 341 -14.02 -31.60 9.46
CA TYR A 341 -14.59 -32.94 9.39
C TYR A 341 -16.04 -32.88 8.93
N GLY A 342 -16.33 -33.44 7.76
CA GLY A 342 -17.69 -33.58 7.30
C GLY A 342 -18.27 -32.37 6.60
N GLU A 343 -17.52 -31.29 6.46
CA GLU A 343 -18.01 -30.10 5.75
C GLU A 343 -17.16 -29.82 4.53
N SER A 344 -15.84 -29.84 4.69
CA SER A 344 -14.95 -29.54 3.58
C SER A 344 -15.05 -30.62 2.51
N LEU A 345 -15.08 -30.18 1.26
CA LEU A 345 -15.07 -31.06 0.11
C LEU A 345 -13.68 -31.07 -0.49
N CYS A 346 -13.09 -32.24 -0.59
CA CYS A 346 -11.68 -32.39 -0.93
C CYS A 346 -11.52 -33.25 -2.16
N PHE A 347 -10.62 -32.84 -3.05
CA PHE A 347 -10.22 -33.62 -4.20
C PHE A 347 -8.81 -34.14 -3.97
N VAL A 348 -8.63 -35.43 -4.10
CA VAL A 348 -7.32 -36.05 -3.89
C VAL A 348 -6.55 -36.03 -5.18
N GLN A 349 -5.30 -35.57 -5.10
CA GLN A 349 -4.44 -35.46 -6.25
C GLN A 349 -3.11 -36.14 -5.98
N HIS A 350 -2.65 -36.95 -6.93
CA HIS A 350 -1.31 -37.49 -6.88
C HIS A 350 -0.32 -36.41 -7.30
N VAL A 351 0.59 -36.06 -6.39
CA VAL A 351 1.40 -34.84 -6.57
C VAL A 351 2.24 -34.94 -7.83
N ALA A 352 2.95 -36.06 -7.99
CA ALA A 352 3.88 -36.17 -9.12
C ALA A 352 3.15 -36.12 -10.45
N SER A 353 2.12 -36.96 -10.63
CA SER A 353 1.38 -36.99 -11.88
C SER A 353 0.40 -35.82 -11.98
N GLY A 354 -0.17 -35.40 -10.86
CA GLY A 354 -1.24 -34.43 -10.86
C GLY A 354 -2.61 -35.02 -11.14
N LEU A 355 -2.71 -36.35 -11.24
CA LEU A 355 -3.97 -36.99 -11.54
C LEU A 355 -4.94 -36.87 -10.38
N TRP A 356 -6.23 -36.97 -10.69
CA TRP A 356 -7.29 -36.84 -9.71
C TRP A 356 -7.93 -38.19 -9.42
N LEU A 357 -8.28 -38.38 -8.15
CA LEU A 357 -8.93 -39.62 -7.73
C LEU A 357 -10.38 -39.59 -8.19
N THR A 358 -10.79 -40.64 -8.91
CA THR A 358 -12.12 -40.70 -9.48
C THR A 358 -12.53 -42.14 -9.67
N TYR A 359 -13.78 -42.33 -10.06
CA TYR A 359 -14.30 -43.67 -10.32
C TYR A 359 -14.15 -44.04 -11.79
N ALA A 360 -14.37 -45.31 -12.09
CA ALA A 360 -14.08 -45.81 -13.43
C ALA A 360 -15.31 -45.72 -14.34
N ALA A 361 -16.42 -45.19 -13.83
CA ALA A 361 -17.64 -45.13 -14.61
C ALA A 361 -18.02 -46.54 -15.04
N PRO A 362 -18.49 -47.38 -14.11
CA PRO A 362 -18.66 -48.80 -14.40
C PRO A 362 -19.20 -49.07 -15.80
N ASP A 363 -18.54 -49.99 -16.51
CA ASP A 363 -18.97 -50.33 -17.84
C ASP A 363 -20.37 -50.96 -17.79
N PRO A 364 -21.13 -50.86 -18.87
CA PRO A 364 -22.48 -51.43 -18.87
C PRO A 364 -22.43 -52.92 -18.54
N LYS A 365 -23.59 -53.46 -18.16
CA LYS A 365 -23.80 -54.81 -17.64
C LYS A 365 -23.35 -54.92 -16.18
N ALA A 366 -22.67 -53.90 -15.64
CA ALA A 366 -22.43 -53.88 -14.20
C ALA A 366 -23.73 -53.73 -13.43
N LEU A 367 -24.65 -52.89 -13.93
CA LEU A 367 -25.98 -52.81 -13.35
C LEU A 367 -26.68 -54.17 -13.43
N ARG A 368 -26.46 -54.91 -14.53
CA ARG A 368 -27.02 -56.25 -14.63
C ARG A 368 -26.46 -57.17 -13.56
N LEU A 369 -25.15 -57.07 -13.31
CA LEU A 369 -24.56 -57.79 -12.19
C LEU A 369 -25.09 -57.31 -10.84
N GLY A 370 -25.62 -56.09 -10.78
CA GLY A 370 -26.07 -55.53 -9.53
C GLY A 370 -24.90 -55.20 -8.62
N VAL A 371 -23.71 -55.10 -9.21
CA VAL A 371 -22.52 -54.75 -8.43
C VAL A 371 -22.54 -53.24 -8.16
N LEU A 372 -22.54 -52.89 -6.89
CA LEU A 372 -22.67 -51.49 -6.46
C LEU A 372 -21.33 -50.81 -6.23
N LYS A 373 -20.21 -51.53 -6.35
CA LYS A 373 -18.90 -51.00 -6.01
C LYS A 373 -18.21 -50.49 -7.27
N LYS A 374 -17.60 -49.32 -7.16
CA LYS A 374 -17.01 -48.62 -8.29
C LYS A 374 -15.50 -48.57 -8.11
N LYS A 375 -14.76 -49.16 -9.04
CA LYS A 375 -13.31 -49.15 -8.92
C LYS A 375 -12.80 -47.71 -8.93
N ALA A 376 -11.77 -47.45 -8.12
CA ALA A 376 -11.18 -46.13 -8.01
C ALA A 376 -9.95 -46.04 -8.91
N ILE A 377 -9.87 -44.95 -9.67
CA ILE A 377 -8.80 -44.75 -10.64
C ILE A 377 -8.24 -43.35 -10.48
N LEU A 378 -7.11 -43.11 -11.13
CA LEU A 378 -6.52 -41.79 -11.24
C LEU A 378 -6.61 -41.33 -12.68
N HIS A 379 -7.25 -40.18 -12.90
CA HIS A 379 -7.53 -39.69 -14.24
C HIS A 379 -7.21 -38.20 -14.31
N GLN A 380 -6.90 -37.73 -15.52
CA GLN A 380 -6.41 -36.36 -15.67
C GLN A 380 -7.49 -35.35 -15.32
N GLU A 381 -8.73 -35.61 -15.75
CA GLU A 381 -9.84 -34.68 -15.54
C GLU A 381 -10.75 -35.13 -14.41
N GLY A 382 -11.17 -36.39 -14.42
CA GLY A 382 -12.05 -36.91 -13.40
C GLY A 382 -13.48 -36.44 -13.61
N HIS A 383 -14.22 -36.41 -12.50
CA HIS A 383 -15.61 -36.01 -12.50
C HIS A 383 -15.84 -34.95 -11.43
N MET A 384 -16.96 -34.24 -11.58
CA MET A 384 -17.30 -33.15 -10.68
C MET A 384 -17.51 -33.67 -9.25
N ASP A 385 -18.17 -34.82 -9.13
CA ASP A 385 -18.55 -35.39 -7.85
C ASP A 385 -17.38 -36.05 -7.13
N ASP A 386 -16.18 -35.92 -7.67
CA ASP A 386 -15.01 -36.60 -7.13
C ASP A 386 -14.66 -36.13 -5.73
N ALA A 387 -15.25 -35.04 -5.26
CA ALA A 387 -14.94 -34.51 -3.95
C ALA A 387 -15.29 -35.52 -2.87
N LEU A 388 -14.60 -35.42 -1.73
CA LEU A 388 -14.75 -36.37 -0.63
C LEU A 388 -14.89 -35.63 0.69
N PHE A 389 -15.92 -36.01 1.45
CA PHE A 389 -16.00 -35.66 2.85
C PHE A 389 -15.10 -36.59 3.66
N LEU A 390 -14.52 -36.05 4.73
CA LEU A 390 -13.71 -36.82 5.65
C LEU A 390 -14.46 -36.97 6.97
N THR A 391 -14.69 -38.22 7.38
CA THR A 391 -15.48 -38.51 8.56
C THR A 391 -14.62 -39.15 9.63
N ARG A 392 -14.82 -38.70 10.86
CA ARG A 392 -14.04 -39.17 12.00
C ARG A 392 -14.47 -40.57 12.41
N CYS A 393 -13.53 -41.30 12.98
CA CYS A 393 -13.78 -42.65 13.48
C CYS A 393 -13.62 -42.69 14.99
N GLN A 394 -14.26 -43.66 15.61
CA GLN A 394 -14.13 -43.82 17.05
C GLN A 394 -12.76 -44.40 17.41
N GLN A 395 -12.26 -43.97 18.57
CA GLN A 395 -11.03 -44.55 19.11
C GLN A 395 -11.14 -46.06 19.18
N GLU A 396 -12.32 -46.57 19.53
CA GLU A 396 -12.55 -48.00 19.54
C GLU A 396 -12.23 -48.62 18.18
N GLU A 397 -12.79 -48.05 17.11
CA GLU A 397 -12.59 -48.62 15.78
C GLU A 397 -11.13 -48.53 15.35
N SER A 398 -10.48 -47.40 15.60
CA SER A 398 -9.08 -47.27 15.21
C SER A 398 -8.21 -48.29 15.94
N GLN A 399 -8.38 -48.38 17.26
CA GLN A 399 -7.65 -49.36 18.04
C GLN A 399 -7.90 -50.77 17.52
N ALA A 400 -9.17 -51.10 17.26
CA ALA A 400 -9.51 -52.45 16.82
C ALA A 400 -8.86 -52.77 15.49
N ALA A 401 -8.84 -51.81 14.56
CA ALA A 401 -8.21 -52.05 13.27
C ALA A 401 -6.72 -52.32 13.42
N ARG A 402 -6.04 -51.50 14.23
CA ARG A 402 -4.61 -51.73 14.44
C ARG A 402 -4.35 -53.09 15.07
N MET A 403 -5.16 -53.44 16.07
CA MET A 403 -4.99 -54.71 16.76
C MET A 403 -5.26 -55.88 15.83
N ILE A 404 -6.25 -55.76 14.94
CA ILE A 404 -6.49 -56.78 13.94
C ILE A 404 -5.29 -56.95 13.03
N HIS A 405 -4.71 -55.84 12.59
CA HIS A 405 -3.52 -55.92 11.73
C HIS A 405 -2.41 -56.70 12.40
N SER A 406 -2.06 -56.31 13.63
CA SER A 406 -0.95 -56.96 14.32
C SER A 406 -1.27 -58.42 14.63
N THR A 407 -2.50 -58.70 15.06
CA THR A 407 -2.89 -60.07 15.38
C THR A 407 -2.82 -60.96 14.14
N ALA A 408 -3.28 -60.44 13.00
CA ALA A 408 -3.21 -61.21 11.77
C ALA A 408 -1.77 -61.53 11.42
N GLY A 409 -0.88 -60.54 11.51
CA GLY A 409 0.51 -60.82 11.22
C GLY A 409 1.09 -61.90 12.12
N LEU A 410 0.85 -61.77 13.43
CA LEU A 410 1.41 -62.72 14.39
C LEU A 410 0.90 -64.13 14.14
N TYR A 411 -0.42 -64.27 14.01
CA TYR A 411 -1.00 -65.60 13.88
C TYR A 411 -0.65 -66.23 12.53
N ASN A 412 -0.53 -65.43 11.47
CA ASN A 412 -0.09 -65.97 10.20
C ASN A 412 1.34 -66.46 10.28
N GLN A 413 2.23 -65.74 10.99
CA GLN A 413 3.58 -66.24 11.18
C GLN A 413 3.58 -67.56 11.95
N PHE A 414 2.77 -67.64 13.01
CA PHE A 414 2.63 -68.88 13.77
C PHE A 414 2.19 -70.03 12.87
N ILE A 415 1.17 -69.80 12.06
CA ILE A 415 0.65 -70.83 11.16
C ILE A 415 1.72 -71.25 10.16
N LYS A 416 2.46 -70.28 9.64
CA LYS A 416 3.50 -70.58 8.67
C LYS A 416 4.56 -71.48 9.27
N GLY A 417 4.95 -71.21 10.51
CA GLY A 417 5.88 -72.10 11.18
C GLY A 417 5.31 -73.50 11.32
N LEU A 418 4.06 -73.59 11.80
CA LEU A 418 3.43 -74.91 11.95
C LEU A 418 3.42 -75.67 10.63
N ASP A 419 3.08 -75.00 9.54
CA ASP A 419 3.11 -75.64 8.24
C ASP A 419 4.52 -76.02 7.83
N SER A 420 5.53 -75.23 8.25
CA SER A 420 6.91 -75.54 7.91
C SER A 420 7.36 -76.86 8.52
N PHE A 421 7.12 -77.06 9.81
CA PHE A 421 7.29 -78.39 10.39
C PHE A 421 5.99 -79.17 10.55
N SER A 422 5.10 -79.16 9.56
CA SER A 422 3.97 -80.07 9.61
C SER A 422 4.41 -81.52 9.51
N GLY A 423 4.94 -81.94 8.36
CA GLY A 423 5.24 -83.33 8.08
C GLY A 423 6.69 -83.72 8.19
N LYS A 424 7.50 -82.94 8.90
CA LYS A 424 8.94 -83.19 8.99
C LYS A 424 9.32 -83.48 10.43
N PRO A 425 9.36 -84.75 10.84
CA PRO A 425 9.78 -85.04 12.22
C PRO A 425 11.20 -84.59 12.47
N ARG A 426 11.43 -84.09 13.68
CA ARG A 426 12.76 -83.64 14.08
C ARG A 426 13.67 -84.78 14.50
N GLY A 427 13.14 -85.99 14.65
CA GLY A 427 13.95 -87.10 15.10
C GLY A 427 14.60 -86.79 16.44
N SER A 428 15.84 -87.23 16.60
CA SER A 428 16.64 -86.88 17.77
C SER A 428 17.52 -85.67 17.43
N GLY A 429 16.83 -84.61 17.00
CA GLY A 429 17.49 -83.39 16.61
C GLY A 429 16.60 -82.18 16.82
N PRO A 430 16.97 -81.04 16.23
CA PRO A 430 16.15 -79.85 16.36
C PRO A 430 15.02 -79.83 15.34
N PRO A 431 13.98 -79.04 15.59
CA PRO A 431 12.87 -78.97 14.62
C PRO A 431 13.30 -78.39 13.27
N ALA A 432 14.48 -77.77 13.24
CA ALA A 432 15.04 -77.28 11.98
C ALA A 432 14.15 -76.22 11.36
N GLY A 433 13.95 -75.11 12.05
CA GLY A 433 13.15 -74.02 11.55
C GLY A 433 13.18 -72.82 12.48
N PRO A 434 12.63 -71.70 12.02
CA PRO A 434 12.61 -70.49 12.86
C PRO A 434 11.78 -70.71 14.12
N ALA A 435 12.22 -70.07 15.21
CA ALA A 435 11.53 -70.19 16.47
C ALA A 435 10.11 -69.66 16.36
N LEU A 436 9.16 -70.41 16.90
CA LEU A 436 7.77 -70.01 16.85
C LEU A 436 7.48 -68.96 17.91
N PRO A 437 6.57 -68.01 17.66
CA PRO A 437 6.29 -66.97 18.65
C PRO A 437 5.28 -67.39 19.71
N ILE A 438 5.66 -68.37 20.54
CA ILE A 438 4.73 -68.90 21.53
C ILE A 438 4.34 -67.82 22.55
N GLU A 439 5.33 -67.12 23.09
CA GLU A 439 5.04 -66.15 24.15
C GLU A 439 4.17 -65.01 23.61
N ALA A 440 4.48 -64.51 22.42
CA ALA A 440 3.69 -63.44 21.83
C ALA A 440 2.27 -63.92 21.53
N VAL A 441 2.13 -65.15 21.03
CA VAL A 441 0.80 -65.69 20.75
C VAL A 441 -0.01 -65.79 22.03
N ILE A 442 0.61 -66.29 23.09
CA ILE A 442 -0.09 -66.44 24.37
C ILE A 442 -0.53 -65.10 24.89
N LEU A 443 0.36 -64.10 24.87
CA LEU A 443 0.02 -62.79 25.40
C LEU A 443 -1.06 -62.13 24.57
N SER A 444 -1.00 -62.28 23.23
CA SER A 444 -2.03 -61.73 22.37
C SER A 444 -3.38 -62.37 22.68
N LEU A 445 -3.38 -63.70 22.87
CA LEU A 445 -4.63 -64.41 23.16
C LEU A 445 -5.22 -63.93 24.48
N GLN A 446 -4.38 -63.80 25.51
CA GLN A 446 -4.85 -63.33 26.81
C GLN A 446 -5.39 -61.91 26.70
N ASP A 447 -4.66 -61.04 26.01
CA ASP A 447 -5.08 -59.65 25.87
C ASP A 447 -6.40 -59.56 25.13
N LEU A 448 -6.59 -60.38 24.09
CA LEU A 448 -7.83 -60.32 23.33
C LEU A 448 -8.99 -60.91 24.12
N ILE A 449 -8.74 -61.93 24.93
CA ILE A 449 -9.80 -62.44 25.81
C ILE A 449 -10.24 -61.35 26.78
N GLY A 450 -9.27 -60.64 27.38
CA GLY A 450 -9.63 -59.52 28.24
C GLY A 450 -10.33 -58.42 27.48
N TYR A 451 -9.94 -58.21 26.22
CA TYR A 451 -10.56 -57.19 25.38
C TYR A 451 -12.02 -57.53 25.10
N PHE A 452 -12.32 -58.82 24.93
CA PHE A 452 -13.66 -59.28 24.62
C PHE A 452 -14.42 -59.74 25.86
N GLU A 453 -13.86 -59.52 27.05
CA GLU A 453 -14.55 -59.94 28.27
C GLU A 453 -15.92 -59.29 28.35
N PRO A 454 -16.96 -60.05 28.70
CA PRO A 454 -18.30 -59.45 28.83
C PRO A 454 -18.44 -58.68 30.14
N PRO A 455 -19.32 -57.68 30.18
CA PRO A 455 -19.44 -56.86 31.38
C PRO A 455 -19.99 -57.64 32.57
N SER A 456 -19.63 -57.19 33.76
CA SER A 456 -20.12 -57.81 34.98
C SER A 456 -21.59 -57.44 35.19
N GLU A 457 -22.33 -58.37 35.82
CA GLU A 457 -23.76 -58.15 36.03
C GLU A 457 -24.01 -57.04 37.05
N GLU A 458 -23.07 -56.85 37.98
CA GLU A 458 -23.24 -55.81 38.99
C GLU A 458 -23.42 -54.43 38.36
N LEU A 459 -22.88 -54.24 37.15
CA LEU A 459 -22.96 -52.94 36.49
C LEU A 459 -24.40 -52.48 36.36
N GLN A 460 -24.56 -51.17 36.23
CA GLN A 460 -25.86 -50.60 35.95
C GLN A 460 -26.30 -50.93 34.52
N HIS A 461 -27.61 -50.85 34.31
CA HIS A 461 -28.18 -51.31 33.04
C HIS A 461 -27.66 -50.49 31.88
N GLU A 462 -27.59 -49.17 32.02
CA GLU A 462 -27.19 -48.31 30.91
C GLU A 462 -25.75 -48.59 30.49
N GLU A 463 -24.82 -48.55 31.44
CA GLU A 463 -23.43 -48.82 31.13
C GLU A 463 -23.23 -50.23 30.61
N LYS A 464 -23.94 -51.20 31.17
CA LYS A 464 -23.84 -52.57 30.67
C LYS A 464 -24.29 -52.66 29.22
N GLN A 465 -25.39 -51.99 28.88
CA GLN A 465 -25.84 -51.98 27.49
C GLN A 465 -24.82 -51.33 26.57
N SER A 466 -24.21 -50.23 27.02
CA SER A 466 -23.19 -49.58 26.21
C SER A 466 -22.00 -50.51 25.97
N LYS A 467 -21.55 -51.21 27.02
CA LYS A 467 -20.47 -52.17 26.87
C LYS A 467 -20.86 -53.27 25.91
N LEU A 468 -22.11 -53.74 25.98
CA LEU A 468 -22.56 -54.79 25.08
C LEU A 468 -22.54 -54.31 23.63
N ARG A 469 -22.99 -53.07 23.39
CA ARG A 469 -22.88 -52.50 22.05
C ARG A 469 -21.43 -52.50 21.58
N SER A 470 -20.52 -52.00 22.42
CA SER A 470 -19.11 -51.96 22.05
C SER A 470 -18.59 -53.35 21.71
N LEU A 471 -18.94 -54.34 22.54
CA LEU A 471 -18.43 -55.69 22.34
C LEU A 471 -18.98 -56.31 21.07
N ARG A 472 -20.28 -56.13 20.80
CA ARG A 472 -20.85 -56.69 19.58
C ARG A 472 -20.21 -56.06 18.35
N ASN A 473 -20.02 -54.74 18.39
CA ASN A 473 -19.36 -54.07 17.27
C ASN A 473 -17.96 -54.63 17.06
N ARG A 474 -17.18 -54.75 18.13
CA ARG A 474 -15.81 -55.24 18.00
C ARG A 474 -15.77 -56.67 17.48
N GLN A 475 -16.68 -57.52 17.98
CA GLN A 475 -16.79 -58.88 17.47
C GLN A 475 -17.06 -58.87 15.96
N SER A 476 -18.02 -58.04 15.53
CA SER A 476 -18.38 -58.01 14.12
C SER A 476 -17.21 -57.54 13.26
N LEU A 477 -16.48 -56.53 13.73
CA LEU A 477 -15.33 -56.04 12.98
C LEU A 477 -14.26 -57.12 12.83
N PHE A 478 -13.94 -57.80 13.94
CA PHE A 478 -12.94 -58.87 13.87
C PHE A 478 -13.40 -59.97 12.91
N GLN A 479 -14.68 -60.35 12.99
CA GLN A 479 -15.21 -61.36 12.09
C GLN A 479 -15.08 -60.94 10.63
N GLU A 480 -15.49 -59.71 10.32
CA GLU A 480 -15.44 -59.24 8.94
C GLU A 480 -14.02 -59.09 8.43
N GLU A 481 -13.03 -58.92 9.30
CA GLU A 481 -11.64 -58.93 8.89
C GLU A 481 -11.01 -60.31 8.96
N GLY A 482 -11.77 -61.32 9.40
CA GLY A 482 -11.34 -62.69 9.22
C GLY A 482 -10.54 -63.29 10.36
N MET A 483 -10.58 -62.69 11.55
CA MET A 483 -9.85 -63.25 12.68
C MET A 483 -10.42 -64.60 13.10
N LEU A 484 -11.73 -64.77 12.96
CA LEU A 484 -12.37 -66.03 13.34
C LEU A 484 -11.83 -67.19 12.52
N SER A 485 -11.74 -67.02 11.20
CA SER A 485 -11.19 -68.06 10.34
C SER A 485 -9.72 -68.33 10.68
N LEU A 486 -8.97 -67.27 11.02
CA LEU A 486 -7.58 -67.46 11.40
C LEU A 486 -7.46 -68.32 12.66
N VAL A 487 -8.31 -68.05 13.65
CA VAL A 487 -8.32 -68.86 14.87
C VAL A 487 -8.67 -70.30 14.53
N LEU A 488 -9.66 -70.49 13.65
CA LEU A 488 -10.02 -71.85 13.25
C LEU A 488 -8.86 -72.56 12.58
N ASN A 489 -8.13 -71.86 11.71
CA ASN A 489 -6.98 -72.46 11.05
C ASN A 489 -5.90 -72.85 12.05
N CYS A 490 -5.61 -71.96 13.00
CA CYS A 490 -4.60 -72.27 14.02
C CYS A 490 -5.01 -73.51 14.82
N ILE A 491 -6.29 -73.58 15.22
CA ILE A 491 -6.77 -74.73 15.98
C ILE A 491 -6.67 -75.99 15.15
N ASP A 492 -7.03 -75.89 13.86
CA ASP A 492 -6.98 -77.06 12.98
C ASP A 492 -5.56 -77.61 12.90
N ARG A 493 -4.58 -76.71 12.73
CA ARG A 493 -3.20 -77.17 12.60
C ARG A 493 -2.67 -77.70 13.92
N LEU A 494 -3.11 -77.15 15.05
CA LEU A 494 -2.66 -77.68 16.34
C LEU A 494 -3.37 -78.97 16.73
N ASN A 495 -4.52 -79.27 16.11
CA ASN A 495 -5.30 -80.44 16.49
C ASN A 495 -4.72 -81.74 15.93
N VAL A 496 -4.08 -81.70 14.77
CA VAL A 496 -3.53 -82.93 14.19
C VAL A 496 -2.64 -83.64 15.20
N TYR A 497 -2.00 -82.89 16.08
CA TYR A 497 -1.17 -83.47 17.12
C TYR A 497 -2.02 -83.78 18.34
N THR A 498 -2.13 -85.07 18.68
CA THR A 498 -3.01 -85.48 19.76
C THR A 498 -2.54 -84.93 21.11
N THR A 499 -1.22 -84.86 21.31
CA THR A 499 -0.66 -84.55 22.61
C THR A 499 0.59 -83.71 22.45
N ALA A 500 1.09 -83.21 23.58
CA ALA A 500 2.27 -82.36 23.58
C ALA A 500 3.50 -83.14 23.10
N ALA A 501 3.57 -84.44 23.42
CA ALA A 501 4.69 -85.25 22.95
C ALA A 501 4.65 -85.40 21.43
N HIS A 502 3.45 -85.65 20.89
CA HIS A 502 3.29 -85.74 19.45
C HIS A 502 3.67 -84.42 18.79
N PHE A 503 3.33 -83.31 19.44
CA PHE A 503 3.74 -81.99 18.94
C PHE A 503 5.25 -81.85 18.99
N ALA A 504 5.87 -82.31 20.08
CA ALA A 504 7.31 -82.16 20.27
C ALA A 504 8.08 -82.92 19.20
N GLU A 505 7.59 -84.11 18.83
CA GLU A 505 8.25 -84.89 17.79
C GLU A 505 8.50 -84.06 16.54
N TYR A 506 7.76 -82.98 16.34
CA TYR A 506 7.88 -82.15 15.16
C TYR A 506 8.38 -80.74 15.49
N ALA A 507 8.18 -80.29 16.72
CA ALA A 507 8.45 -78.91 17.11
C ALA A 507 9.45 -78.78 18.24
N GLY A 508 9.54 -79.76 19.13
CA GLY A 508 10.39 -79.65 20.30
C GLY A 508 9.59 -79.48 21.59
N GLU A 509 10.23 -79.89 22.69
CA GLU A 509 9.59 -79.83 23.99
C GLU A 509 9.27 -78.39 24.38
N GLU A 510 10.13 -77.45 23.99
CA GLU A 510 9.95 -76.05 24.41
C GLU A 510 8.61 -75.50 23.95
N ALA A 511 8.11 -75.97 22.80
CA ALA A 511 6.78 -75.57 22.34
C ALA A 511 5.72 -76.57 22.79
N ALA A 512 6.14 -77.81 23.02
CA ALA A 512 5.20 -78.82 23.50
C ALA A 512 4.60 -78.42 24.85
N GLU A 513 5.37 -77.74 25.69
CA GLU A 513 4.80 -77.31 26.97
C GLU A 513 3.63 -76.36 26.78
N SER A 514 3.75 -75.42 25.84
CA SER A 514 2.74 -74.40 25.64
C SER A 514 1.62 -74.82 24.69
N TRP A 515 1.77 -75.98 24.03
CA TRP A 515 0.72 -76.51 23.17
C TRP A 515 -0.67 -76.42 23.83
N LYS A 516 -0.81 -77.04 25.00
CA LYS A 516 -2.13 -77.15 25.65
C LYS A 516 -2.67 -75.78 26.05
N GLU A 517 -1.81 -74.95 26.64
CA GLU A 517 -2.23 -73.61 27.02
C GLU A 517 -2.74 -72.85 25.79
N ILE A 518 -2.04 -73.00 24.67
CA ILE A 518 -2.41 -72.28 23.46
C ILE A 518 -3.76 -72.75 22.94
N VAL A 519 -4.00 -74.07 22.92
CA VAL A 519 -5.27 -74.55 22.41
C VAL A 519 -6.42 -74.10 23.30
N ASN A 520 -6.24 -74.17 24.63
CA ASN A 520 -7.28 -73.67 25.52
C ASN A 520 -7.54 -72.19 25.31
N LEU A 521 -6.48 -71.39 25.15
CA LEU A 521 -6.64 -69.98 24.92
C LEU A 521 -7.38 -69.71 23.61
N LEU A 522 -7.06 -70.46 22.56
CA LEU A 522 -7.74 -70.28 21.28
C LEU A 522 -9.23 -70.57 21.40
N TYR A 523 -9.58 -71.66 22.09
CA TYR A 523 -11.00 -71.97 22.25
C TYR A 523 -11.70 -70.89 23.08
N GLU A 524 -11.05 -70.40 24.14
CA GLU A 524 -11.64 -69.33 24.93
C GLU A 524 -11.85 -68.07 24.11
N LEU A 525 -10.87 -67.73 23.26
CA LEU A 525 -11.02 -66.57 22.40
C LEU A 525 -12.15 -66.74 21.41
N LEU A 526 -12.29 -67.95 20.85
CA LEU A 526 -13.40 -68.23 19.95
C LEU A 526 -14.73 -68.02 20.64
N ALA A 527 -14.84 -68.53 21.87
CA ALA A 527 -16.06 -68.34 22.65
C ALA A 527 -16.32 -66.86 22.89
N SER A 528 -15.26 -66.11 23.23
CA SER A 528 -15.43 -64.68 23.47
C SER A 528 -15.91 -63.96 22.22
N LEU A 529 -15.35 -64.30 21.05
CA LEU A 529 -15.76 -63.66 19.81
C LEU A 529 -17.21 -63.95 19.47
N ILE A 530 -17.67 -65.18 19.64
CA ILE A 530 -19.02 -65.53 19.20
C ILE A 530 -20.08 -65.35 20.27
N ARG A 531 -19.70 -65.14 21.53
CA ARG A 531 -20.68 -65.08 22.60
C ARG A 531 -21.58 -63.87 22.43
N GLY A 532 -22.89 -64.12 22.36
CA GLY A 532 -23.87 -63.07 22.21
C GLY A 532 -24.03 -62.54 20.80
N ASN A 533 -23.31 -63.09 19.82
CA ASN A 533 -23.36 -62.62 18.44
C ASN A 533 -24.03 -63.68 17.57
N ARG A 534 -25.28 -63.41 17.20
CA ARG A 534 -26.06 -64.40 16.47
C ARG A 534 -25.43 -64.71 15.11
N ALA A 535 -24.96 -63.68 14.40
CA ALA A 535 -24.37 -63.91 13.08
C ALA A 535 -23.12 -64.78 13.17
N ASN A 536 -22.23 -64.44 14.11
CA ASN A 536 -20.99 -65.19 14.26
C ASN A 536 -21.28 -66.64 14.68
N CYS A 537 -22.28 -66.83 15.54
CA CYS A 537 -22.66 -68.18 15.92
C CYS A 537 -23.32 -68.93 14.76
N ALA A 538 -24.03 -68.20 13.89
CA ALA A 538 -24.69 -68.83 12.75
C ALA A 538 -23.69 -69.30 11.71
N LEU A 539 -22.54 -68.62 11.62
CA LEU A 539 -21.51 -69.04 10.67
C LEU A 539 -21.18 -70.52 10.80
N PHE A 540 -21.42 -71.13 11.96
CA PHE A 540 -21.07 -72.52 12.21
C PHE A 540 -22.12 -73.50 11.68
N SER A 541 -23.21 -73.01 11.10
CA SER A 541 -24.19 -73.92 10.53
C SER A 541 -23.58 -74.76 9.41
N THR A 542 -22.77 -74.13 8.56
CA THR A 542 -22.11 -74.88 7.50
C THR A 542 -21.15 -75.92 8.08
N ASN A 543 -20.42 -75.55 9.13
CA ASN A 543 -19.43 -76.42 9.75
C ASN A 543 -19.69 -76.50 11.25
N LEU A 544 -20.64 -77.36 11.62
CA LEU A 544 -20.84 -77.70 13.02
C LEU A 544 -20.04 -78.94 13.41
N ASP A 545 -19.83 -79.86 12.46
CA ASP A 545 -19.06 -81.06 12.76
C ASP A 545 -17.65 -80.69 13.21
N TRP A 546 -17.19 -79.49 12.85
CA TRP A 546 -15.90 -78.99 13.27
C TRP A 546 -15.79 -78.97 14.79
N VAL A 547 -16.93 -78.84 15.46
CA VAL A 547 -16.96 -78.77 16.93
C VAL A 547 -17.27 -80.13 17.54
N VAL A 548 -18.25 -80.84 16.98
CA VAL A 548 -18.65 -82.13 17.51
C VAL A 548 -17.49 -83.12 17.39
N SER A 549 -16.76 -83.08 16.28
CA SER A 549 -15.61 -83.95 16.11
C SER A 549 -14.55 -83.72 17.18
N LYS A 550 -14.45 -82.50 17.71
CA LYS A 550 -13.44 -82.15 18.69
C LYS A 550 -13.94 -82.28 20.12
N LEU A 551 -15.24 -82.42 20.32
CA LEU A 551 -15.77 -82.51 21.68
C LEU A 551 -15.04 -83.55 22.52
N ASP A 552 -14.65 -84.68 21.91
CA ASP A 552 -14.04 -85.76 22.68
C ASP A 552 -12.65 -85.42 23.17
N ARG A 553 -11.92 -84.54 22.48
CA ARG A 553 -10.54 -84.27 22.85
C ARG A 553 -10.45 -83.77 24.29
N LEU A 554 -9.44 -84.25 25.01
CA LEU A 554 -9.34 -84.04 26.44
C LEU A 554 -8.69 -82.72 26.81
N GLU A 555 -7.86 -82.15 25.93
CA GLU A 555 -7.06 -80.99 26.31
C GLU A 555 -7.93 -79.74 26.49
N ALA A 556 -8.98 -79.60 25.70
CA ALA A 556 -9.79 -78.38 25.69
C ALA A 556 -11.28 -78.73 25.68
N SER A 557 -11.64 -79.76 26.44
CA SER A 557 -13.02 -80.23 26.46
C SER A 557 -13.98 -79.12 26.88
N SER A 558 -13.66 -78.44 27.98
CA SER A 558 -14.55 -77.40 28.50
C SER A 558 -14.66 -76.24 27.52
N GLY A 559 -13.54 -75.86 26.89
CA GLY A 559 -13.60 -74.77 25.93
C GLY A 559 -14.46 -75.10 24.71
N ILE A 560 -14.29 -76.31 24.18
CA ILE A 560 -15.10 -76.71 23.03
C ILE A 560 -16.58 -76.76 23.43
N LEU A 561 -16.87 -77.27 24.63
CA LEU A 561 -18.25 -77.32 25.09
C LEU A 561 -18.85 -75.94 25.24
N GLU A 562 -18.07 -74.98 25.76
CA GLU A 562 -18.56 -73.61 25.88
C GLU A 562 -18.82 -73.01 24.51
N VAL A 563 -17.93 -73.27 23.56
CA VAL A 563 -18.16 -72.81 22.19
C VAL A 563 -19.50 -73.33 21.68
N LEU A 564 -19.74 -74.62 21.85
CA LEU A 564 -20.99 -75.22 21.39
C LEU A 564 -22.19 -74.60 22.09
N TYR A 565 -22.07 -74.39 23.41
CA TYR A 565 -23.16 -73.79 24.17
C TYR A 565 -23.52 -72.42 23.63
N CYS A 566 -22.50 -71.58 23.40
CA CYS A 566 -22.77 -70.24 22.87
C CYS A 566 -23.45 -70.33 21.51
N VAL A 567 -22.91 -71.18 20.62
CA VAL A 567 -23.48 -71.31 19.28
C VAL A 567 -24.94 -71.69 19.37
N LEU A 568 -25.27 -72.67 20.20
CA LEU A 568 -26.62 -73.19 20.25
C LEU A 568 -27.59 -72.20 20.88
N ILE A 569 -27.15 -71.50 21.93
CA ILE A 569 -28.01 -70.48 22.53
C ILE A 569 -28.34 -69.40 21.51
N GLU A 570 -27.37 -69.04 20.67
CA GLU A 570 -27.58 -67.88 19.81
C GLU A 570 -28.32 -68.23 18.52
N SER A 571 -27.97 -69.36 17.88
CA SER A 571 -28.38 -69.59 16.50
C SER A 571 -29.40 -70.71 16.40
N PRO A 572 -30.61 -70.45 15.86
CA PRO A 572 -31.53 -71.56 15.54
C PRO A 572 -31.16 -72.34 14.29
N GLU A 573 -30.44 -71.72 13.35
CA GLU A 573 -30.06 -72.42 12.13
C GLU A 573 -29.30 -73.70 12.46
N VAL A 574 -28.35 -73.60 13.39
CA VAL A 574 -27.61 -74.78 13.82
C VAL A 574 -28.57 -75.83 14.34
N LEU A 575 -29.59 -75.42 15.10
CA LEU A 575 -30.56 -76.36 15.65
C LEU A 575 -31.35 -77.06 14.56
N ASN A 576 -31.76 -76.34 13.52
CA ASN A 576 -32.48 -76.96 12.42
C ASN A 576 -31.59 -77.87 11.59
N ILE A 577 -30.27 -77.68 11.63
CA ILE A 577 -29.38 -78.61 10.93
C ILE A 577 -28.85 -79.72 11.81
N ILE A 578 -29.16 -79.73 13.11
CA ILE A 578 -28.64 -80.78 14.00
C ILE A 578 -29.03 -82.15 13.45
N GLN A 579 -28.25 -83.16 13.85
CA GLN A 579 -28.48 -84.53 13.41
C GLN A 579 -28.28 -85.52 14.56
N GLU A 580 -28.76 -86.74 14.31
CA GLU A 580 -28.63 -87.81 15.28
C GLU A 580 -27.18 -88.07 15.65
N ASN A 581 -26.29 -87.97 14.67
CA ASN A 581 -24.86 -88.16 14.96
C ASN A 581 -24.39 -87.14 15.99
N HIS A 582 -24.79 -85.88 15.82
CA HIS A 582 -24.40 -84.84 16.75
C HIS A 582 -24.94 -85.13 18.15
N ILE A 583 -26.22 -85.48 18.23
CA ILE A 583 -26.84 -85.71 19.54
C ILE A 583 -26.18 -86.90 20.22
N LYS A 584 -25.90 -87.96 19.46
CA LYS A 584 -25.24 -89.14 20.01
C LYS A 584 -23.84 -88.82 20.47
N SER A 585 -23.11 -87.98 19.73
CA SER A 585 -21.78 -87.57 20.17
C SER A 585 -21.85 -86.81 21.50
N ILE A 586 -22.83 -85.91 21.63
CA ILE A 586 -22.96 -85.15 22.87
C ILE A 586 -23.32 -86.08 24.02
N ILE A 587 -24.15 -87.10 23.76
CA ILE A 587 -24.52 -88.05 24.81
C ILE A 587 -23.32 -88.92 25.18
N SER A 588 -22.53 -89.32 24.19
CA SER A 588 -21.29 -90.04 24.46
C SER A 588 -20.35 -89.18 25.30
N LEU A 589 -20.44 -87.85 25.15
CA LEU A 589 -19.66 -86.97 26.00
C LEU A 589 -20.06 -87.14 27.46
N LEU A 590 -21.36 -87.22 27.74
CA LEU A 590 -21.82 -87.53 29.08
C LEU A 590 -21.28 -88.88 29.54
N ASP A 591 -21.37 -89.88 28.69
CA ASP A 591 -20.96 -91.24 29.04
C ASP A 591 -19.48 -91.31 29.39
N LYS A 592 -18.65 -90.58 28.64
CA LYS A 592 -17.20 -90.75 28.75
C LYS A 592 -16.59 -89.78 29.75
N HIS A 593 -17.08 -88.54 29.79
CA HIS A 593 -16.47 -87.51 30.61
C HIS A 593 -17.12 -87.35 31.97
N GLY A 594 -18.33 -87.84 32.16
CA GLY A 594 -18.99 -87.81 33.45
C GLY A 594 -20.27 -86.99 33.43
N ARG A 595 -20.89 -86.92 34.60
CA ARG A 595 -22.18 -86.25 34.78
C ARG A 595 -21.93 -84.76 34.97
N ASN A 596 -21.93 -84.01 33.87
CA ASN A 596 -21.78 -82.57 33.88
C ASN A 596 -23.08 -81.93 33.42
N HIS A 597 -23.59 -80.98 34.23
CA HIS A 597 -24.86 -80.35 33.91
C HIS A 597 -24.76 -79.45 32.69
N LYS A 598 -23.54 -79.09 32.28
CA LYS A 598 -23.38 -78.27 31.08
C LYS A 598 -23.85 -79.00 29.84
N VAL A 599 -23.59 -80.30 29.75
CA VAL A 599 -24.10 -81.08 28.62
C VAL A 599 -25.62 -81.09 28.63
N LEU A 600 -26.23 -81.20 29.81
CA LEU A 600 -27.67 -81.14 29.90
C LEU A 600 -28.19 -79.79 29.45
N ASP A 601 -27.49 -78.72 29.79
CA ASP A 601 -27.87 -77.39 29.33
C ASP A 601 -27.79 -77.30 27.80
N VAL A 602 -26.73 -77.88 27.22
CA VAL A 602 -26.60 -77.91 25.76
C VAL A 602 -27.78 -78.65 25.14
N LEU A 603 -28.12 -79.81 25.70
CA LEU A 603 -29.23 -80.59 25.15
C LEU A 603 -30.54 -79.85 25.30
N CYS A 604 -30.72 -79.13 26.42
CA CYS A 604 -31.91 -78.31 26.59
C CYS A 604 -31.98 -77.22 25.54
N SER A 605 -30.84 -76.56 25.27
CA SER A 605 -30.81 -75.54 24.24
C SER A 605 -31.12 -76.12 22.87
N LEU A 606 -30.74 -77.39 22.64
CA LEU A 606 -31.07 -78.01 21.36
C LEU A 606 -32.57 -78.07 21.12
N CYS A 607 -33.36 -78.14 22.20
CA CYS A 607 -34.80 -78.35 22.04
C CYS A 607 -35.52 -77.08 21.63
N VAL A 608 -35.27 -75.98 22.36
CA VAL A 608 -36.02 -74.74 22.18
C VAL A 608 -35.04 -73.59 21.98
N CYS A 609 -35.34 -72.72 21.01
CA CYS A 609 -34.62 -71.48 20.80
C CYS A 609 -35.61 -70.36 20.54
N ASN A 610 -35.52 -69.29 21.32
CA ASN A 610 -36.34 -68.09 21.11
C ASN A 610 -37.83 -68.43 21.05
N GLY A 611 -38.26 -69.34 21.93
CA GLY A 611 -39.66 -69.71 22.00
C GLY A 611 -40.12 -70.68 20.95
N VAL A 612 -39.21 -71.30 20.20
CA VAL A 612 -39.55 -72.26 19.16
C VAL A 612 -38.89 -73.59 19.48
N ALA A 613 -39.68 -74.66 19.39
CA ALA A 613 -39.22 -76.00 19.71
C ALA A 613 -38.88 -76.76 18.43
N VAL A 614 -37.94 -77.69 18.54
CA VAL A 614 -37.54 -78.55 17.44
C VAL A 614 -37.89 -79.99 17.81
N ARG A 615 -38.97 -80.49 17.20
CA ARG A 615 -39.49 -81.80 17.55
C ARG A 615 -38.48 -82.90 17.23
N SER A 616 -37.77 -82.77 16.11
CA SER A 616 -36.79 -83.79 15.73
C SER A 616 -35.72 -83.92 16.80
N ASN A 617 -35.16 -82.79 17.25
CA ASN A 617 -34.14 -82.83 18.30
C ASN A 617 -34.72 -83.38 19.59
N GLN A 618 -35.92 -82.93 19.96
CA GLN A 618 -36.56 -83.44 21.16
C GLN A 618 -36.66 -84.95 21.13
N ASP A 619 -37.20 -85.50 20.04
CA ASP A 619 -37.45 -86.93 19.96
C ASP A 619 -36.14 -87.71 19.88
N LEU A 620 -35.15 -87.18 19.17
CA LEU A 620 -33.85 -87.87 19.10
C LEU A 620 -33.21 -87.95 20.48
N ILE A 621 -33.20 -86.82 21.21
CA ILE A 621 -32.67 -86.83 22.56
C ILE A 621 -33.40 -87.85 23.41
N THR A 622 -34.73 -87.83 23.38
CA THR A 622 -35.49 -88.78 24.17
C THR A 622 -35.12 -90.22 23.82
N GLU A 623 -35.20 -90.56 22.53
CA GLU A 623 -35.00 -91.94 22.10
C GLU A 623 -33.61 -92.45 22.43
N ASN A 624 -32.59 -91.60 22.32
CA ASN A 624 -31.21 -92.07 22.50
C ASN A 624 -30.78 -92.04 23.96
N LEU A 625 -31.33 -91.11 24.74
CA LEU A 625 -30.89 -90.96 26.13
C LEU A 625 -31.75 -91.76 27.09
N LEU A 626 -33.06 -91.50 27.09
CA LEU A 626 -33.90 -91.97 28.20
C LEU A 626 -34.00 -93.49 28.30
N PRO A 627 -34.33 -94.23 27.24
CA PRO A 627 -34.73 -95.64 27.43
C PRO A 627 -33.67 -96.50 28.09
N GLY A 628 -32.40 -96.27 27.80
CA GLY A 628 -31.35 -97.09 28.38
C GLY A 628 -31.36 -97.03 29.90
N ARG A 629 -31.52 -95.84 30.46
CA ARG A 629 -31.69 -95.57 31.88
C ARG A 629 -30.40 -95.80 32.66
N GLU A 630 -29.24 -95.76 32.02
CA GLU A 630 -27.97 -95.94 32.73
C GLU A 630 -27.37 -94.60 33.15
N LEU A 631 -27.51 -93.59 32.30
CA LEU A 631 -26.76 -92.35 32.49
C LEU A 631 -27.44 -91.44 33.52
N LEU A 632 -28.66 -91.01 33.25
CA LEU A 632 -29.37 -90.15 34.17
C LEU A 632 -29.79 -90.93 35.42
N LEU A 633 -29.87 -90.20 36.53
CA LEU A 633 -30.31 -90.80 37.78
C LEU A 633 -31.79 -91.14 37.71
N GLN A 634 -32.16 -92.25 38.32
CA GLN A 634 -33.52 -92.78 38.25
C GLN A 634 -34.20 -92.66 39.60
N THR A 635 -35.51 -92.42 39.55
CA THR A 635 -36.32 -92.22 40.75
C THR A 635 -37.53 -93.14 40.73
N ASN A 636 -37.86 -93.68 41.90
CA ASN A 636 -39.06 -94.48 42.09
C ASN A 636 -39.36 -94.52 43.57
N LEU A 637 -40.61 -94.84 43.89
CA LEU A 637 -41.04 -94.91 45.28
C LEU A 637 -40.94 -96.35 45.78
N ILE A 638 -40.34 -96.51 46.96
CA ILE A 638 -40.07 -97.83 47.53
C ILE A 638 -40.51 -97.83 48.99
N ASN A 639 -40.99 -98.99 49.43
CA ASN A 639 -41.36 -99.16 50.82
C ASN A 639 -40.11 -99.34 51.70
N TYR A 640 -40.25 -98.95 52.96
CA TYR A 640 -39.24 -99.29 53.95
C TYR A 640 -39.39 -100.75 54.36
N VAL A 641 -38.26 -101.38 54.64
CA VAL A 641 -38.22 -102.80 55.01
C VAL A 641 -37.37 -102.94 56.26
N THR A 642 -37.86 -103.73 57.21
CA THR A 642 -37.18 -103.94 58.48
C THR A 642 -37.01 -105.43 58.73
N SER A 643 -35.99 -105.76 59.51
CA SER A 643 -35.63 -107.15 59.79
C SER A 643 -35.73 -107.38 61.29
N ILE A 644 -36.30 -108.53 61.66
CA ILE A 644 -36.47 -108.90 63.06
C ILE A 644 -35.90 -110.29 63.26
N ARG A 645 -35.16 -110.47 64.35
CA ARG A 645 -34.52 -111.72 64.68
C ARG A 645 -34.80 -112.09 66.12
N PRO A 646 -34.82 -113.38 66.43
CA PRO A 646 -34.65 -113.81 67.82
C PRO A 646 -33.20 -113.66 68.25
N ASN A 647 -32.99 -113.64 69.56
CA ASN A 647 -31.63 -113.61 70.12
C ASN A 647 -31.10 -115.04 70.26
N ILE A 648 -31.10 -115.75 69.14
CA ILE A 648 -30.44 -117.04 69.00
C ILE A 648 -29.29 -116.87 68.02
N PHE A 649 -28.10 -117.29 68.45
CA PHE A 649 -26.88 -117.15 67.67
C PHE A 649 -26.16 -118.49 67.64
N VAL A 650 -26.03 -119.07 66.46
CA VAL A 650 -25.41 -120.38 66.31
C VAL A 650 -24.27 -120.28 65.31
N GLY A 651 -23.27 -121.12 65.50
CA GLY A 651 -22.09 -121.10 64.66
C GLY A 651 -21.31 -122.39 64.80
N ARG A 652 -20.20 -122.46 64.06
CA ARG A 652 -19.33 -123.63 64.08
C ARG A 652 -17.89 -123.14 64.19
N ALA A 653 -17.15 -123.70 65.14
CA ALA A 653 -15.73 -123.44 65.29
C ALA A 653 -15.07 -124.66 65.91
N GLU A 654 -13.77 -124.80 65.66
CA GLU A 654 -13.01 -125.91 66.23
C GLU A 654 -12.98 -125.79 67.74
N GLY A 655 -13.41 -126.85 68.42
CA GLY A 655 -13.48 -126.85 69.86
C GLY A 655 -14.71 -126.18 70.44
N SER A 656 -15.63 -125.71 69.60
CA SER A 656 -16.81 -125.04 70.09
C SER A 656 -17.71 -126.00 70.85
N THR A 657 -18.43 -125.46 71.83
CA THR A 657 -19.34 -126.21 72.69
C THR A 657 -20.75 -126.19 72.15
N GLN A 658 -20.92 -126.02 70.84
CA GLN A 658 -22.16 -125.53 70.28
C GLN A 658 -22.63 -126.46 69.17
N TYR A 659 -23.93 -126.72 69.14
CA TYR A 659 -24.48 -127.76 68.27
C TYR A 659 -24.70 -127.22 66.87
N GLY A 660 -24.49 -128.07 65.86
CA GLY A 660 -24.47 -127.61 64.49
C GLY A 660 -25.86 -127.46 63.88
N LYS A 661 -26.73 -128.44 64.11
CA LYS A 661 -28.00 -128.54 63.40
C LYS A 661 -29.09 -127.82 64.18
N TRP A 662 -29.88 -127.01 63.48
CA TRP A 662 -30.90 -126.19 64.12
C TRP A 662 -32.13 -126.08 63.23
N TYR A 663 -33.27 -125.86 63.88
CA TYR A 663 -34.58 -125.88 63.24
C TYR A 663 -35.44 -124.78 63.83
N PHE A 664 -36.18 -124.06 62.97
CA PHE A 664 -37.19 -123.13 63.47
C PHE A 664 -38.29 -123.00 62.42
N GLU A 665 -39.40 -122.39 62.83
CA GLU A 665 -40.57 -122.25 61.97
C GLU A 665 -41.10 -120.83 62.03
N VAL A 666 -41.77 -120.42 60.96
CA VAL A 666 -42.42 -119.13 60.88
C VAL A 666 -43.81 -119.34 60.30
N MET A 667 -44.83 -118.89 61.02
CA MET A 667 -46.22 -119.03 60.61
C MET A 667 -46.80 -117.68 60.25
N VAL A 668 -47.40 -117.59 59.07
CA VAL A 668 -47.95 -116.34 58.57
C VAL A 668 -49.42 -116.25 58.98
N ASP A 669 -49.81 -115.13 59.57
CA ASP A 669 -51.17 -114.92 60.03
C ASP A 669 -51.96 -113.95 59.16
N GLU A 670 -51.32 -112.92 58.62
CA GLU A 670 -52.01 -111.89 57.85
C GLU A 670 -51.00 -111.20 56.95
N VAL A 671 -51.32 -111.10 55.66
CA VAL A 671 -50.42 -110.51 54.68
C VAL A 671 -51.26 -109.69 53.70
N VAL A 672 -50.92 -108.42 53.54
CA VAL A 672 -51.54 -107.55 52.55
C VAL A 672 -50.63 -107.50 51.33
N PRO A 673 -51.01 -108.10 50.20
CA PRO A 673 -50.08 -108.12 49.05
C PRO A 673 -49.69 -106.73 48.58
N PHE A 674 -50.65 -105.81 48.39
CA PHE A 674 -50.37 -104.48 47.91
C PHE A 674 -51.08 -103.48 48.84
N LEU A 675 -50.41 -103.14 49.94
CA LEU A 675 -50.83 -102.00 50.74
C LEU A 675 -50.44 -100.70 50.07
N THR A 676 -49.36 -100.73 49.29
CA THR A 676 -48.93 -99.64 48.43
C THR A 676 -48.82 -100.17 47.00
N ALA A 677 -48.32 -99.33 46.10
CA ALA A 677 -48.11 -99.78 44.73
C ALA A 677 -47.05 -100.87 44.68
N GLN A 678 -45.97 -100.73 45.46
CA GLN A 678 -44.96 -101.76 45.55
C GLN A 678 -45.46 -102.93 46.38
N ALA A 679 -45.14 -104.13 45.93
CA ALA A 679 -45.64 -105.34 46.57
C ALA A 679 -45.08 -105.48 47.98
N THR A 680 -45.88 -106.10 48.85
CA THR A 680 -45.43 -106.33 50.22
C THR A 680 -44.25 -107.29 50.23
N HIS A 681 -43.33 -107.04 51.15
CA HIS A 681 -42.08 -107.78 51.26
C HIS A 681 -42.16 -108.70 52.47
N LEU A 682 -41.89 -109.98 52.25
CA LEU A 682 -41.83 -110.96 53.33
C LEU A 682 -40.81 -112.03 52.96
N ARG A 683 -39.81 -112.22 53.83
CA ARG A 683 -38.77 -113.23 53.60
C ARG A 683 -38.35 -113.81 54.93
N VAL A 684 -38.03 -115.10 54.91
CA VAL A 684 -37.65 -115.85 56.11
C VAL A 684 -36.32 -116.53 55.83
N GLY A 685 -35.45 -116.59 56.84
CA GLY A 685 -34.23 -117.36 56.67
C GLY A 685 -33.22 -117.09 57.75
N TRP A 686 -31.95 -117.21 57.37
CA TRP A 686 -30.82 -117.06 58.27
C TRP A 686 -29.96 -115.89 57.82
N ALA A 687 -29.20 -115.34 58.77
CA ALA A 687 -28.32 -114.22 58.49
C ALA A 687 -27.08 -114.34 59.38
N LEU A 688 -26.03 -113.64 58.97
CA LEU A 688 -24.74 -113.69 59.65
C LEU A 688 -24.51 -112.38 60.39
N THR A 689 -24.02 -112.49 61.62
CA THR A 689 -23.85 -111.30 62.45
C THR A 689 -22.88 -110.30 61.84
N GLU A 690 -21.79 -110.78 61.26
CA GLU A 690 -20.71 -109.91 60.77
C GLU A 690 -20.95 -109.63 59.30
N GLY A 691 -21.86 -108.70 59.03
CA GLY A 691 -22.08 -108.22 57.68
C GLY A 691 -23.52 -107.98 57.32
N TYR A 692 -24.45 -108.56 58.06
CA TYR A 692 -25.88 -108.34 57.82
C TYR A 692 -26.28 -107.08 58.58
N SER A 693 -26.20 -105.94 57.90
CA SER A 693 -26.51 -104.64 58.50
C SER A 693 -27.46 -103.89 57.59
N PRO A 694 -28.70 -104.39 57.45
CA PRO A 694 -29.68 -103.71 56.59
C PRO A 694 -30.12 -102.40 57.22
N TYR A 695 -29.64 -101.33 56.69
CA TYR A 695 -29.99 -100.03 57.24
C TYR A 695 -31.26 -99.49 56.57
N PRO A 696 -32.11 -98.79 57.30
CA PRO A 696 -33.39 -98.36 56.72
C PRO A 696 -33.19 -97.49 55.48
N GLY A 697 -34.09 -97.66 54.52
CA GLY A 697 -34.12 -96.81 53.35
C GLY A 697 -33.17 -97.25 52.25
N GLY A 698 -32.18 -96.42 51.96
CA GLY A 698 -31.31 -96.67 50.83
C GLY A 698 -30.39 -97.86 51.06
N GLY A 699 -29.92 -98.43 49.96
CA GLY A 699 -29.02 -99.57 50.02
C GLY A 699 -28.63 -100.07 48.65
N GLU A 700 -28.54 -101.39 48.51
CA GLU A 700 -28.16 -101.98 47.23
C GLU A 700 -29.37 -102.05 46.30
N GLY A 701 -29.10 -101.94 45.00
CA GLY A 701 -30.17 -101.98 44.03
C GLY A 701 -31.13 -100.81 44.24
N TRP A 702 -32.42 -101.13 44.37
CA TRP A 702 -33.46 -100.14 44.57
C TRP A 702 -33.92 -100.07 46.02
N GLY A 703 -33.11 -100.57 46.95
CA GLY A 703 -33.47 -100.53 48.35
C GLY A 703 -34.33 -101.72 48.75
N GLY A 704 -35.05 -101.54 49.85
CA GLY A 704 -35.82 -102.64 50.41
C GLY A 704 -34.93 -103.79 50.83
N ASN A 705 -33.76 -103.48 51.39
CA ASN A 705 -32.80 -104.52 51.74
C ASN A 705 -33.36 -105.42 52.83
N GLY A 706 -33.24 -106.72 52.61
CA GLY A 706 -33.71 -107.70 53.57
C GLY A 706 -32.92 -108.98 53.42
N VAL A 707 -33.54 -110.08 53.84
CA VAL A 707 -32.92 -111.39 53.77
C VAL A 707 -32.64 -111.70 52.30
N GLY A 708 -31.38 -112.02 51.99
CA GLY A 708 -30.99 -112.39 50.65
C GLY A 708 -30.57 -111.25 49.75
N ASP A 709 -30.56 -110.02 50.25
CA ASP A 709 -30.09 -108.87 49.50
C ASP A 709 -28.62 -108.59 49.74
N ASP A 710 -27.94 -109.48 50.46
CA ASP A 710 -26.50 -109.41 50.65
C ASP A 710 -25.95 -110.83 50.65
N LEU A 711 -24.63 -110.94 50.65
CA LEU A 711 -23.99 -112.26 50.66
C LEU A 711 -23.81 -112.74 52.09
N TYR A 712 -24.55 -112.13 53.03
CA TYR A 712 -24.54 -112.55 54.42
C TYR A 712 -25.89 -113.14 54.84
N SER A 713 -26.87 -113.17 53.95
CA SER A 713 -28.22 -113.59 54.30
C SER A 713 -28.73 -114.57 53.25
N TYR A 714 -29.66 -115.41 53.68
CA TYR A 714 -30.20 -116.49 52.86
C TYR A 714 -31.68 -116.61 53.17
N GLY A 715 -32.53 -116.39 52.17
CA GLY A 715 -33.95 -116.22 52.41
C GLY A 715 -34.81 -117.02 51.45
N PHE A 716 -36.11 -117.01 51.75
CA PHE A 716 -37.12 -117.72 50.99
C PHE A 716 -38.42 -116.93 51.05
N ASP A 717 -38.96 -116.58 49.88
CA ASP A 717 -40.20 -115.82 49.80
C ASP A 717 -41.39 -116.65 49.35
N GLY A 718 -41.21 -117.94 49.11
CA GLY A 718 -42.28 -118.79 48.65
C GLY A 718 -42.05 -119.32 47.25
N LEU A 719 -41.50 -118.47 46.38
CA LEU A 719 -41.20 -118.85 45.01
C LEU A 719 -39.71 -118.80 44.69
N HIS A 720 -38.92 -118.07 45.47
CA HIS A 720 -37.52 -117.84 45.15
C HIS A 720 -36.65 -118.08 46.39
N LEU A 721 -35.38 -118.35 46.13
CA LEU A 721 -34.35 -118.32 47.15
C LEU A 721 -33.48 -117.10 46.89
N TRP A 722 -33.30 -116.28 47.92
CA TRP A 722 -32.66 -114.97 47.77
C TRP A 722 -31.25 -115.01 48.34
N THR A 723 -30.28 -114.56 47.55
CA THR A 723 -28.92 -114.38 48.01
C THR A 723 -28.20 -113.45 47.04
N GLY A 724 -27.40 -112.55 47.59
CA GLY A 724 -26.71 -111.58 46.76
C GLY A 724 -27.64 -110.68 45.99
N HIS A 725 -28.81 -110.38 46.55
CA HIS A 725 -29.81 -109.53 45.89
C HIS A 725 -30.27 -110.14 44.57
N VAL A 726 -30.26 -111.47 44.50
CA VAL A 726 -30.69 -112.22 43.33
C VAL A 726 -31.76 -113.20 43.76
N ALA A 727 -32.88 -113.22 43.03
CA ALA A 727 -33.95 -114.17 43.29
C ALA A 727 -33.83 -115.33 42.31
N ARG A 728 -33.75 -116.54 42.83
CA ARG A 728 -33.64 -117.74 42.01
C ARG A 728 -34.87 -118.60 42.20
N PRO A 729 -35.68 -118.83 41.17
CA PRO A 729 -36.91 -119.61 41.38
C PRO A 729 -36.61 -121.00 41.90
N VAL A 730 -37.46 -121.46 42.82
CA VAL A 730 -37.34 -122.78 43.44
C VAL A 730 -38.70 -123.46 43.36
N THR A 731 -38.70 -124.76 43.12
CA THR A 731 -39.92 -125.51 42.88
C THR A 731 -40.40 -126.15 44.18
N SER A 732 -41.66 -125.92 44.51
CA SER A 732 -42.34 -126.55 45.63
C SER A 732 -43.74 -126.92 45.18
N PRO A 733 -44.38 -127.90 45.84
CA PRO A 733 -45.80 -128.17 45.53
C PRO A 733 -46.66 -126.98 45.91
N GLY A 734 -47.56 -126.60 45.00
CA GLY A 734 -48.44 -125.48 45.24
C GLY A 734 -47.70 -124.17 45.40
N GLN A 735 -46.76 -123.92 44.49
CA GLN A 735 -45.98 -122.69 44.47
C GLN A 735 -46.89 -121.48 44.66
N HIS A 736 -46.52 -120.62 45.61
CA HIS A 736 -47.20 -119.34 45.76
C HIS A 736 -46.40 -118.47 46.72
N LEU A 737 -46.49 -117.17 46.50
CA LEU A 737 -45.86 -116.21 47.40
C LEU A 737 -46.49 -116.34 48.79
N LEU A 738 -45.66 -116.14 49.81
CA LEU A 738 -46.07 -116.42 51.18
C LEU A 738 -47.44 -115.79 51.47
N ALA A 739 -48.37 -116.61 51.93
CA ALA A 739 -49.74 -116.21 52.20
C ALA A 739 -50.10 -116.55 53.64
N PRO A 740 -51.26 -116.12 54.12
CA PRO A 740 -51.70 -116.53 55.46
C PRO A 740 -51.91 -118.04 55.54
N GLU A 741 -51.81 -118.56 56.77
CA GLU A 741 -51.90 -119.99 57.03
C GLU A 741 -50.81 -120.77 56.32
N ASP A 742 -49.64 -120.16 56.17
CA ASP A 742 -48.47 -120.83 55.60
C ASP A 742 -47.39 -120.93 56.67
N VAL A 743 -46.77 -122.11 56.73
CA VAL A 743 -45.71 -122.40 57.69
C VAL A 743 -44.43 -122.68 56.92
N VAL A 744 -43.38 -121.95 57.26
CA VAL A 744 -42.06 -122.12 56.66
C VAL A 744 -41.15 -122.73 57.72
N SER A 745 -40.61 -123.90 57.40
CA SER A 745 -39.68 -124.60 58.28
C SER A 745 -38.28 -124.42 57.74
N CYS A 746 -37.40 -123.83 58.54
CA CYS A 746 -36.04 -123.53 58.14
C CYS A 746 -35.10 -124.42 58.94
N CYS A 747 -34.21 -125.12 58.23
CA CYS A 747 -33.24 -126.02 58.83
C CYS A 747 -31.84 -125.57 58.43
N LEU A 748 -30.93 -125.54 59.40
CA LEU A 748 -29.55 -125.17 59.16
C LEU A 748 -28.63 -126.28 59.68
N ASP A 749 -27.81 -126.82 58.79
CA ASP A 749 -26.78 -127.79 59.15
C ASP A 749 -25.43 -127.15 58.89
N LEU A 750 -24.68 -126.87 59.96
CA LEU A 750 -23.43 -126.14 59.85
C LEU A 750 -22.27 -127.02 59.43
N SER A 751 -22.45 -128.35 59.40
CA SER A 751 -21.35 -129.23 59.03
C SER A 751 -21.09 -129.20 57.53
N VAL A 752 -22.15 -129.17 56.72
CA VAL A 752 -22.02 -129.29 55.27
C VAL A 752 -21.21 -128.12 54.72
N PRO A 753 -21.61 -126.86 54.96
CA PRO A 753 -22.84 -126.29 55.51
C PRO A 753 -23.99 -126.22 54.49
N SER A 754 -25.22 -126.19 54.99
CA SER A 754 -26.40 -126.17 54.13
C SER A 754 -27.57 -125.54 54.88
N ILE A 755 -28.44 -124.89 54.12
CA ILE A 755 -29.69 -124.33 54.62
C ILE A 755 -30.81 -124.86 53.75
N SER A 756 -31.85 -125.40 54.38
CA SER A 756 -32.95 -126.04 53.68
C SER A 756 -34.28 -125.51 54.20
N PHE A 757 -35.31 -125.67 53.36
CA PHE A 757 -36.63 -125.14 53.66
C PHE A 757 -37.68 -126.21 53.39
N ARG A 758 -38.80 -126.08 54.11
CA ARG A 758 -40.02 -126.81 53.78
C ARG A 758 -41.20 -125.87 53.92
N ILE A 759 -42.11 -125.93 52.96
CA ILE A 759 -43.31 -125.09 52.93
C ILE A 759 -44.51 -125.97 53.26
N ASN A 760 -45.18 -125.65 54.37
CA ASN A 760 -46.37 -126.39 54.80
C ASN A 760 -46.12 -127.89 54.82
N GLY A 761 -44.92 -128.29 55.26
CA GLY A 761 -44.55 -129.68 55.32
C GLY A 761 -44.06 -130.27 54.03
N CYS A 762 -43.98 -129.48 52.96
CA CYS A 762 -43.54 -129.98 51.66
C CYS A 762 -42.13 -129.49 51.36
N PRO A 763 -41.28 -130.34 50.79
CA PRO A 763 -39.89 -129.93 50.56
C PRO A 763 -39.78 -128.77 49.58
N VAL A 764 -38.77 -127.95 49.78
CA VAL A 764 -38.41 -126.88 48.84
C VAL A 764 -37.21 -127.37 48.04
N GLN A 765 -37.38 -127.47 46.73
CA GLN A 765 -36.40 -128.10 45.85
C GLN A 765 -35.25 -127.14 45.55
N GLY A 766 -34.60 -126.69 46.61
CA GLY A 766 -33.44 -125.83 46.50
C GLY A 766 -32.76 -125.68 47.83
N VAL A 767 -31.44 -125.49 47.79
CA VAL A 767 -30.66 -125.39 49.02
C VAL A 767 -29.51 -124.40 48.82
N PHE A 768 -29.22 -123.65 49.87
CA PHE A 768 -27.98 -122.91 50.00
C PHE A 768 -26.94 -123.83 50.61
N GLU A 769 -25.70 -123.73 50.14
CA GLU A 769 -24.62 -124.54 50.66
C GLU A 769 -23.30 -123.84 50.42
N ALA A 770 -22.24 -124.40 51.02
CA ALA A 770 -20.88 -123.94 50.78
C ALA A 770 -20.74 -122.44 51.02
N PHE A 771 -21.39 -121.94 52.08
CA PHE A 771 -21.27 -120.54 52.41
C PHE A 771 -20.27 -120.33 53.54
N ASN A 772 -19.92 -119.07 53.76
CA ASN A 772 -18.90 -118.71 54.73
C ASN A 772 -19.40 -118.94 56.16
N LEU A 773 -18.47 -119.26 57.04
CA LEU A 773 -18.74 -119.56 58.43
C LEU A 773 -17.98 -118.63 59.38
N ASP A 774 -17.77 -117.38 58.96
CA ASP A 774 -16.90 -116.48 59.72
C ASP A 774 -17.59 -115.91 60.95
N GLY A 775 -18.86 -116.23 61.18
CA GLY A 775 -19.58 -115.65 62.30
C GLY A 775 -20.72 -116.50 62.82
N LEU A 776 -21.63 -115.87 63.54
CA LEU A 776 -22.79 -116.55 64.12
C LEU A 776 -24.02 -116.35 63.25
N PHE A 777 -24.87 -117.37 63.23
CA PHE A 777 -26.10 -117.37 62.46
C PHE A 777 -27.29 -117.18 63.39
N PHE A 778 -28.23 -116.34 62.96
CA PHE A 778 -29.47 -116.14 63.71
C PHE A 778 -30.66 -116.20 62.77
N PRO A 779 -31.80 -116.72 63.24
CA PRO A 779 -33.02 -116.64 62.43
C PRO A 779 -33.42 -115.19 62.21
N VAL A 780 -34.02 -114.92 61.06
CA VAL A 780 -34.40 -113.56 60.70
C VAL A 780 -35.59 -113.60 59.75
N VAL A 781 -36.47 -112.61 59.90
CA VAL A 781 -37.53 -112.34 58.94
C VAL A 781 -37.43 -110.88 58.54
N SER A 782 -37.41 -110.63 57.24
CA SER A 782 -37.45 -109.29 56.70
C SER A 782 -38.83 -109.02 56.15
N PHE A 783 -39.36 -107.84 56.43
CA PHE A 783 -40.74 -107.57 56.09
C PHE A 783 -40.93 -106.08 55.83
N SER A 784 -41.90 -105.77 54.98
CA SER A 784 -42.42 -104.43 54.85
C SER A 784 -43.72 -104.33 55.68
N ALA A 785 -44.43 -103.22 55.55
CA ALA A 785 -45.70 -103.06 56.22
C ALA A 785 -46.76 -103.95 55.59
N GLY A 786 -47.68 -104.44 56.41
CA GLY A 786 -48.72 -105.32 55.98
C GLY A 786 -48.54 -106.78 56.35
N VAL A 787 -47.87 -107.06 57.47
CA VAL A 787 -47.48 -108.43 57.82
C VAL A 787 -47.78 -108.70 59.28
N LYS A 788 -48.27 -109.90 59.56
CA LYS A 788 -48.28 -110.48 60.90
C LYS A 788 -47.72 -111.89 60.81
N VAL A 789 -46.68 -112.17 61.60
CA VAL A 789 -46.00 -113.45 61.56
C VAL A 789 -45.72 -113.91 62.97
N ARG A 790 -45.42 -115.20 63.11
CA ARG A 790 -45.12 -115.79 64.40
C ARG A 790 -43.93 -116.73 64.28
N PHE A 791 -42.87 -116.40 65.01
CA PHE A 791 -41.73 -117.28 65.20
C PHE A 791 -42.14 -118.43 66.12
N LEU A 792 -41.87 -119.65 65.68
CA LEU A 792 -42.01 -120.85 66.49
C LEU A 792 -40.64 -121.48 66.65
N LEU A 793 -40.15 -121.52 67.89
CA LEU A 793 -38.80 -121.96 68.17
C LEU A 793 -38.74 -123.27 68.95
N GLY A 794 -39.87 -123.83 69.35
CA GLY A 794 -39.91 -125.11 70.01
C GLY A 794 -40.16 -124.98 71.50
N GLY A 795 -40.56 -126.09 72.10
CA GLY A 795 -40.85 -126.09 73.53
C GLY A 795 -41.89 -125.05 73.86
N ARG A 796 -41.57 -124.18 74.82
CA ARG A 796 -42.48 -123.11 75.20
C ARG A 796 -42.53 -122.03 74.14
N HIS A 797 -41.37 -121.65 73.62
CA HIS A 797 -41.26 -120.49 72.73
C HIS A 797 -41.68 -120.91 71.33
N GLY A 798 -42.97 -121.20 71.21
CA GLY A 798 -43.54 -121.72 69.98
C GLY A 798 -43.67 -123.23 69.99
N GLU A 799 -44.65 -123.72 69.25
CA GLU A 799 -44.92 -125.14 69.13
C GLU A 799 -44.86 -125.52 67.65
N PHE A 800 -44.01 -126.48 67.32
CA PHE A 800 -43.81 -126.83 65.92
C PHE A 800 -45.06 -127.50 65.35
N LYS A 801 -45.41 -127.10 64.13
CA LYS A 801 -46.51 -127.73 63.43
C LYS A 801 -46.08 -128.97 62.67
N PHE A 802 -44.81 -129.01 62.26
CA PHE A 802 -44.22 -130.17 61.62
C PHE A 802 -42.99 -130.61 62.41
N LEU A 803 -42.84 -131.92 62.53
CA LEU A 803 -41.80 -132.47 63.39
C LEU A 803 -40.43 -132.05 62.86
N PRO A 804 -39.52 -131.59 63.73
CA PRO A 804 -38.17 -131.30 63.28
C PRO A 804 -37.54 -132.54 62.69
N PRO A 805 -36.73 -132.39 61.64
CA PRO A 805 -36.08 -133.56 61.06
C PRO A 805 -35.03 -134.12 62.01
N PRO A 806 -34.61 -135.37 61.82
CA PRO A 806 -33.73 -136.00 62.80
C PRO A 806 -32.44 -135.21 62.98
N GLY A 807 -32.02 -135.09 64.24
CA GLY A 807 -30.77 -134.44 64.58
C GLY A 807 -30.79 -132.94 64.56
N TYR A 808 -31.94 -132.33 64.26
CA TYR A 808 -32.05 -130.88 64.18
C TYR A 808 -32.69 -130.36 65.45
N ALA A 809 -31.95 -129.54 66.20
CA ALA A 809 -32.42 -129.06 67.48
C ALA A 809 -33.34 -127.86 67.31
N PRO A 810 -34.36 -127.73 68.16
CA PRO A 810 -35.12 -126.47 68.19
C PRO A 810 -34.22 -125.31 68.58
N CYS A 811 -34.45 -124.16 67.94
CA CYS A 811 -33.62 -122.99 68.20
C CYS A 811 -33.81 -122.42 69.59
N HIS A 812 -34.86 -122.83 70.32
CA HIS A 812 -35.06 -122.32 71.66
C HIS A 812 -34.03 -122.87 72.64
N GLU A 813 -33.34 -123.95 72.28
CA GLU A 813 -32.32 -124.55 73.12
C GLU A 813 -31.02 -123.76 73.11
N ALA A 814 -30.90 -122.75 72.26
CA ALA A 814 -29.67 -122.00 72.11
C ALA A 814 -29.63 -120.72 72.94
N VAL A 815 -30.72 -120.36 73.61
CA VAL A 815 -30.71 -119.17 74.43
C VAL A 815 -29.69 -119.34 75.55
N LEU A 816 -28.83 -118.35 75.71
CA LEU A 816 -27.72 -118.47 76.63
C LEU A 816 -28.16 -118.29 78.08
N PRO A 817 -27.37 -118.80 79.03
CA PRO A 817 -27.80 -118.76 80.43
C PRO A 817 -28.06 -117.34 80.94
N ARG A 818 -27.26 -116.37 80.51
CA ARG A 818 -27.34 -115.01 81.04
C ARG A 818 -28.46 -114.20 80.41
N GLU A 819 -29.04 -114.67 79.32
CA GLU A 819 -30.03 -113.92 78.56
C GLU A 819 -31.38 -114.64 78.57
N ARG A 820 -32.40 -113.90 78.18
CA ARG A 820 -33.73 -114.45 77.98
C ARG A 820 -34.11 -114.28 76.52
N LEU A 821 -35.04 -115.11 76.07
CA LEU A 821 -35.45 -115.05 74.67
C LEU A 821 -36.26 -113.79 74.40
N ARG A 822 -35.95 -113.14 73.28
CA ARG A 822 -36.63 -111.92 72.90
C ARG A 822 -36.49 -111.71 71.40
N LEU A 823 -37.30 -110.79 70.88
CA LEU A 823 -37.24 -110.38 69.48
C LEU A 823 -36.70 -108.96 69.43
N GLU A 824 -35.71 -108.75 68.58
CA GLU A 824 -34.96 -107.51 68.55
C GLU A 824 -34.69 -107.09 67.11
N PRO A 825 -34.55 -105.79 66.86
CA PRO A 825 -34.01 -105.35 65.57
C PRO A 825 -32.53 -105.68 65.46
N ILE A 826 -31.98 -105.40 64.29
CA ILE A 826 -30.60 -105.72 63.97
C ILE A 826 -29.84 -104.43 63.70
N LYS A 827 -28.83 -104.16 64.54
CA LYS A 827 -27.97 -103.00 64.37
C LYS A 827 -28.79 -101.72 64.25
N GLU A 828 -29.54 -101.39 65.29
CA GLU A 828 -30.36 -100.19 65.31
C GLU A 828 -29.57 -99.00 65.85
N TYR A 829 -29.65 -97.88 65.15
CA TYR A 829 -29.08 -96.62 65.61
C TYR A 829 -30.12 -95.70 66.21
N ARG A 830 -31.31 -96.21 66.49
CA ARG A 830 -32.44 -95.39 66.89
C ARG A 830 -33.52 -96.29 67.49
N ARG A 831 -34.07 -95.85 68.61
CA ARG A 831 -35.28 -96.47 69.15
C ARG A 831 -36.16 -95.40 69.76
N GLU A 832 -37.36 -95.78 70.15
CA GLU A 832 -38.25 -94.88 70.86
C GLU A 832 -38.07 -95.05 72.36
N GLY A 833 -38.36 -93.99 73.12
CA GLY A 833 -38.37 -94.07 74.55
C GLY A 833 -39.46 -93.19 75.14
N PRO A 834 -39.42 -93.00 76.46
CA PRO A 834 -40.51 -92.24 77.09
C PRO A 834 -40.59 -90.80 76.63
N ARG A 835 -39.49 -90.04 76.74
CA ARG A 835 -39.52 -88.63 76.39
C ARG A 835 -39.38 -88.41 74.89
N GLY A 836 -38.60 -89.25 74.21
CA GLY A 836 -38.37 -89.09 72.79
C GLY A 836 -37.57 -90.22 72.21
N PRO A 837 -37.08 -90.04 70.98
CA PRO A 837 -36.18 -91.05 70.41
C PRO A 837 -34.83 -91.08 71.12
N HIS A 838 -34.33 -92.29 71.35
CA HIS A 838 -33.00 -92.51 71.88
C HIS A 838 -32.07 -92.92 70.74
N LEU A 839 -30.95 -92.22 70.64
CA LEU A 839 -29.87 -92.60 69.75
C LEU A 839 -29.07 -93.73 70.39
N VAL A 840 -28.74 -94.74 69.58
CA VAL A 840 -28.15 -95.99 70.04
C VAL A 840 -26.81 -96.17 69.36
N GLY A 841 -25.81 -96.56 70.15
CA GLY A 841 -24.50 -96.83 69.60
C GLY A 841 -24.39 -98.25 69.08
N PRO A 842 -23.22 -98.56 68.54
CA PRO A 842 -22.98 -99.92 68.02
C PRO A 842 -23.15 -100.96 69.12
N SER A 843 -23.66 -102.12 68.73
CA SER A 843 -23.83 -103.22 69.66
C SER A 843 -22.55 -104.03 69.76
N ARG A 844 -22.32 -104.59 70.94
CA ARG A 844 -21.22 -105.53 71.17
C ARG A 844 -21.75 -106.94 70.97
N CYS A 845 -21.19 -107.65 70.00
CA CYS A 845 -21.72 -108.93 69.57
C CYS A 845 -20.70 -110.03 69.79
N LEU A 846 -21.21 -111.26 69.90
CA LEU A 846 -20.39 -112.42 70.15
C LEU A 846 -19.73 -112.90 68.87
N SER A 847 -18.78 -113.82 69.03
CA SER A 847 -18.11 -114.47 67.91
C SER A 847 -18.16 -115.98 68.10
N HIS A 848 -18.12 -116.69 66.98
CA HIS A 848 -18.10 -118.15 67.02
C HIS A 848 -16.91 -118.67 67.82
N THR A 849 -15.84 -117.87 67.92
CA THR A 849 -14.68 -118.29 68.71
C THR A 849 -14.91 -118.14 70.20
N ASP A 850 -15.83 -117.26 70.61
CA ASP A 850 -16.06 -117.04 72.03
C ASP A 850 -16.50 -118.33 72.72
N PHE A 851 -17.24 -119.18 72.02
CA PHE A 851 -17.73 -120.42 72.62
C PHE A 851 -16.62 -121.43 72.79
N VAL A 852 -15.54 -121.31 72.01
CA VAL A 852 -14.40 -122.20 72.15
C VAL A 852 -13.73 -121.91 73.49
N PRO A 853 -13.61 -122.88 74.39
CA PRO A 853 -12.85 -122.66 75.61
C PRO A 853 -11.35 -122.67 75.33
N CYS A 854 -10.64 -121.75 75.97
CA CYS A 854 -9.21 -121.54 75.73
C CYS A 854 -8.48 -121.53 77.06
N PRO A 855 -8.38 -122.68 77.72
CA PRO A 855 -7.57 -122.75 78.96
C PRO A 855 -6.08 -122.60 78.65
N VAL A 856 -5.35 -122.11 79.66
CA VAL A 856 -3.92 -121.90 79.48
C VAL A 856 -3.21 -123.26 79.39
N ASP A 857 -2.18 -123.30 78.56
CA ASP A 857 -1.45 -124.55 78.36
C ASP A 857 -0.69 -124.92 79.63
N THR A 858 -0.74 -126.22 79.98
CA THR A 858 0.01 -126.73 81.12
C THR A 858 0.69 -128.05 80.78
N VAL A 859 0.75 -128.42 79.50
CA VAL A 859 1.26 -129.74 79.13
C VAL A 859 2.76 -129.83 79.38
N GLN A 860 3.52 -128.83 78.93
CA GLN A 860 4.99 -128.86 79.03
C GLN A 860 5.42 -128.15 80.29
N ILE A 861 5.36 -128.86 81.41
CA ILE A 861 5.83 -128.37 82.70
C ILE A 861 6.42 -129.54 83.48
N VAL A 862 6.85 -129.26 84.71
CA VAL A 862 7.32 -130.29 85.64
C VAL A 862 6.78 -129.93 87.02
N LEU A 863 6.34 -130.94 87.77
CA LEU A 863 5.72 -130.74 89.06
C LEU A 863 6.66 -131.20 90.17
N PRO A 864 6.88 -130.41 91.22
CA PRO A 864 7.73 -130.86 92.33
C PRO A 864 7.12 -132.04 93.05
N PRO A 865 7.96 -132.87 93.69
CA PRO A 865 7.43 -134.06 94.37
C PRO A 865 6.36 -133.76 95.40
N HIS A 866 6.48 -132.63 96.10
CA HIS A 866 5.45 -132.27 97.06
C HIS A 866 4.12 -132.00 96.38
N LEU A 867 4.14 -131.38 95.20
CA LEU A 867 2.91 -131.18 94.45
C LEU A 867 2.34 -132.51 93.95
N GLU A 868 3.20 -133.40 93.44
CA GLU A 868 2.67 -134.69 93.01
C GLU A 868 2.03 -135.44 94.17
N ARG A 869 2.66 -135.44 95.35
CA ARG A 869 2.09 -136.17 96.48
C ARG A 869 0.80 -135.52 96.94
N ILE A 870 0.73 -134.18 96.94
CA ILE A 870 -0.47 -133.51 97.44
C ILE A 870 -1.61 -133.65 96.44
N ARG A 871 -1.28 -133.98 95.19
CA ARG A 871 -2.30 -134.19 94.17
C ARG A 871 -3.44 -135.09 94.64
N GLU A 872 -3.11 -136.30 95.11
CA GLU A 872 -4.16 -137.28 95.43
C GLU A 872 -4.94 -136.86 96.66
N LYS A 873 -4.26 -136.34 97.68
CA LYS A 873 -4.98 -135.90 98.88
C LYS A 873 -5.93 -134.76 98.55
N LEU A 874 -5.48 -133.80 97.73
CA LEU A 874 -6.37 -132.73 97.29
C LEU A 874 -7.54 -133.27 96.49
N ALA A 875 -7.28 -134.26 95.63
CA ALA A 875 -8.37 -134.89 94.89
C ALA A 875 -9.43 -135.45 95.82
N GLU A 876 -9.05 -136.41 96.67
CA GLU A 876 -10.02 -137.01 97.58
C GLU A 876 -10.69 -135.95 98.45
N ASN A 877 -9.96 -134.89 98.79
CA ASN A 877 -10.55 -133.83 99.61
C ASN A 877 -11.64 -133.10 98.85
N ILE A 878 -11.40 -132.80 97.56
CA ILE A 878 -12.44 -132.14 96.78
C ILE A 878 -13.62 -133.09 96.55
N HIS A 879 -13.35 -134.40 96.46
CA HIS A 879 -14.45 -135.36 96.47
C HIS A 879 -15.31 -135.19 97.71
N GLU A 880 -14.68 -135.16 98.89
CA GLU A 880 -15.48 -135.09 100.10
C GLU A 880 -16.17 -133.74 100.23
N LEU A 881 -15.56 -132.66 99.73
CA LEU A 881 -16.24 -131.36 99.72
C LEU A 881 -17.45 -131.38 98.79
N TRP A 882 -17.30 -132.01 97.62
CA TRP A 882 -18.45 -132.23 96.75
C TRP A 882 -19.55 -132.97 97.48
N ALA A 883 -19.16 -134.03 98.21
CA ALA A 883 -20.13 -134.80 98.97
C ALA A 883 -20.81 -133.94 100.04
N LEU A 884 -20.05 -133.10 100.73
CA LEU A 884 -20.62 -132.23 101.76
C LEU A 884 -21.63 -131.26 101.18
N THR A 885 -21.22 -130.52 100.14
CA THR A 885 -22.13 -129.60 99.47
C THR A 885 -23.38 -130.33 99.00
N ARG A 886 -23.20 -131.52 98.41
CA ARG A 886 -24.32 -132.28 97.89
C ARG A 886 -25.26 -132.65 99.02
N ILE A 887 -24.70 -132.93 100.20
CA ILE A 887 -25.50 -133.13 101.40
C ILE A 887 -26.35 -131.90 101.67
N GLU A 888 -25.68 -130.76 101.84
CA GLU A 888 -26.41 -129.55 102.24
C GLU A 888 -27.53 -129.26 101.26
N GLN A 889 -27.35 -129.63 99.98
CA GLN A 889 -28.49 -129.65 99.07
C GLN A 889 -29.51 -130.72 99.50
N GLY A 890 -29.05 -131.89 99.91
CA GLY A 890 -29.92 -132.87 100.52
C GLY A 890 -29.81 -134.31 100.05
N TRP A 891 -28.81 -134.63 99.22
CA TRP A 891 -28.65 -136.01 98.79
C TRP A 891 -28.14 -136.86 99.94
N THR A 892 -28.69 -138.06 100.05
CA THR A 892 -28.24 -139.05 101.02
C THR A 892 -27.55 -140.19 100.28
N TYR A 893 -27.07 -141.19 101.02
CA TYR A 893 -26.41 -142.34 100.43
C TYR A 893 -27.36 -143.04 99.46
N GLY A 894 -26.87 -143.26 98.25
CA GLY A 894 -27.61 -143.99 97.25
C GLY A 894 -26.73 -144.97 96.52
N PRO A 895 -27.30 -146.07 96.06
CA PRO A 895 -26.52 -146.97 95.18
C PRO A 895 -26.41 -146.44 93.75
N VAL A 896 -27.26 -145.49 93.36
CA VAL A 896 -27.29 -144.96 92.01
C VAL A 896 -27.20 -143.44 92.09
N ARG A 897 -26.49 -142.83 91.15
CA ARG A 897 -26.40 -141.38 91.05
C ARG A 897 -27.39 -140.87 90.01
N ASP A 898 -28.33 -140.05 90.46
CA ASP A 898 -29.20 -139.30 89.57
C ASP A 898 -29.66 -138.05 90.32
N ASP A 899 -30.07 -137.03 89.57
CA ASP A 899 -30.52 -135.77 90.14
C ASP A 899 -31.93 -135.87 90.73
N ASN A 900 -32.80 -136.62 90.07
CA ASN A 900 -34.13 -136.88 90.62
C ASN A 900 -34.07 -137.89 91.76
N LYS A 901 -33.11 -138.82 91.70
CA LYS A 901 -33.08 -139.90 92.67
C LYS A 901 -32.87 -139.38 94.08
N ARG A 902 -32.30 -138.17 94.24
CA ARG A 902 -32.14 -137.55 95.55
C ARG A 902 -31.11 -138.30 96.39
N LEU A 903 -30.02 -138.72 95.75
CA LEU A 903 -29.07 -139.66 96.34
C LEU A 903 -27.66 -139.42 95.83
N HIS A 904 -26.68 -139.70 96.68
CA HIS A 904 -25.26 -139.52 96.33
C HIS A 904 -24.45 -140.73 96.81
N PRO A 905 -24.07 -141.64 95.92
CA PRO A 905 -23.32 -142.84 96.37
C PRO A 905 -21.99 -142.55 97.03
N CYS A 906 -21.11 -141.76 96.39
CA CYS A 906 -19.73 -141.54 96.79
C CYS A 906 -19.58 -141.23 98.26
N LEU A 907 -20.65 -140.80 98.91
CA LEU A 907 -20.60 -140.27 100.26
C LEU A 907 -20.85 -141.40 101.25
N VAL A 908 -19.81 -142.18 101.50
CA VAL A 908 -19.77 -143.19 102.56
C VAL A 908 -18.53 -142.94 103.38
N ASN A 909 -17.40 -142.74 102.68
CA ASN A 909 -16.10 -142.43 103.23
C ASN A 909 -15.26 -141.86 102.10
N PHE A 910 -14.36 -140.94 102.44
CA PHE A 910 -13.55 -140.22 101.46
C PHE A 910 -12.51 -141.14 100.81
N HIS A 911 -12.38 -142.37 101.34
CA HIS A 911 -11.58 -143.38 100.64
C HIS A 911 -12.47 -144.28 99.79
N SER A 912 -13.72 -144.49 100.22
CA SER A 912 -14.57 -145.48 99.57
C SER A 912 -15.11 -144.97 98.24
N LEU A 913 -14.79 -143.73 97.90
CA LEU A 913 -15.27 -143.17 96.65
C LEU A 913 -14.87 -144.07 95.48
N PRO A 914 -15.77 -144.33 94.52
CA PRO A 914 -15.41 -145.22 93.41
C PRO A 914 -14.26 -144.63 92.60
N GLU A 915 -13.45 -145.53 92.06
CA GLU A 915 -12.30 -145.10 91.27
C GLU A 915 -12.66 -144.25 90.07
N PRO A 916 -13.71 -144.56 89.29
CA PRO A 916 -13.98 -143.73 88.10
C PRO A 916 -14.13 -142.26 88.40
N GLU A 917 -14.77 -141.90 89.52
CA GLU A 917 -14.77 -140.50 89.94
C GLU A 917 -13.35 -140.02 90.16
N ARG A 918 -12.52 -140.83 90.81
CA ARG A 918 -11.11 -140.50 90.93
C ARG A 918 -10.45 -140.43 89.55
N ASN A 919 -10.82 -141.35 88.64
CA ASN A 919 -10.23 -141.33 87.31
C ASN A 919 -10.53 -140.01 86.60
N TYR A 920 -11.68 -139.41 86.87
CA TYR A 920 -11.97 -138.09 86.30
C TYR A 920 -11.22 -136.98 87.03
N ASN A 921 -11.21 -137.02 88.37
CA ASN A 921 -10.89 -135.82 89.13
C ASN A 921 -9.43 -135.78 89.61
N LEU A 922 -8.67 -136.85 89.45
CA LEU A 922 -7.24 -136.78 89.77
C LEU A 922 -6.53 -135.87 88.78
N GLN A 923 -6.90 -135.93 87.51
CA GLN A 923 -6.32 -135.04 86.52
C GLN A 923 -6.76 -133.61 86.79
N MET A 924 -7.99 -133.45 87.26
CA MET A 924 -8.52 -132.14 87.61
C MET A 924 -7.69 -131.52 88.74
N SER A 925 -7.43 -132.33 89.78
CA SER A 925 -6.62 -131.90 90.91
C SER A 925 -5.20 -131.55 90.47
N GLY A 926 -4.58 -132.42 89.67
CA GLY A 926 -3.25 -132.12 89.16
C GLY A 926 -3.24 -130.85 88.33
N GLU A 927 -4.29 -130.65 87.53
CA GLU A 927 -4.39 -129.46 86.69
C GLU A 927 -4.42 -128.20 87.53
N THR A 928 -5.08 -128.26 88.67
CA THR A 928 -5.01 -127.11 89.58
C THR A 928 -3.57 -126.67 89.78
N LEU A 929 -2.71 -127.59 90.24
CA LEU A 929 -1.33 -127.26 90.55
C LEU A 929 -0.57 -126.87 89.29
N LYS A 930 -0.81 -127.59 88.20
CA LYS A 930 -0.12 -127.27 86.95
C LYS A 930 -0.42 -125.85 86.50
N THR A 931 -1.68 -125.43 86.64
CA THR A 931 -2.03 -124.05 86.30
C THR A 931 -1.43 -123.07 87.29
N LEU A 932 -1.41 -123.41 88.58
CA LEU A 932 -0.72 -122.55 89.54
C LEU A 932 0.71 -122.29 89.09
N LEU A 933 1.35 -123.31 88.53
CA LEU A 933 2.69 -123.14 88.00
C LEU A 933 2.68 -122.29 86.73
N ALA A 934 1.76 -122.58 85.81
CA ALA A 934 1.75 -121.92 84.50
C ALA A 934 1.54 -120.43 84.63
N LEU A 935 0.62 -120.02 85.51
CA LEU A 935 0.25 -118.63 85.68
C LEU A 935 1.38 -117.81 86.30
N GLY A 936 2.42 -118.46 86.81
CA GLY A 936 3.54 -117.75 87.40
C GLY A 936 3.49 -117.60 88.91
N CYS A 937 2.49 -118.18 89.56
CA CYS A 937 2.44 -118.14 91.01
C CYS A 937 3.61 -118.91 91.59
N HIS A 938 4.20 -118.36 92.64
CA HIS A 938 5.37 -118.96 93.28
C HIS A 938 4.91 -119.86 94.42
N VAL A 939 5.28 -121.14 94.34
CA VAL A 939 4.77 -122.15 95.25
C VAL A 939 5.95 -122.74 96.01
N GLY A 940 5.85 -122.75 97.34
CA GLY A 940 6.81 -123.42 98.19
C GLY A 940 6.15 -124.10 99.37
N MET A 941 6.98 -124.63 100.26
CA MET A 941 6.54 -125.16 101.56
C MET A 941 6.77 -124.06 102.60
N ALA A 942 5.73 -123.76 103.38
CA ALA A 942 5.85 -122.83 104.48
C ALA A 942 6.03 -123.54 105.81
N ASP A 943 5.24 -124.57 106.07
CA ASP A 943 5.30 -125.31 107.34
C ASP A 943 5.02 -126.79 107.10
N GLU A 944 6.10 -127.58 107.06
CA GLU A 944 5.97 -129.02 106.93
C GLU A 944 5.16 -129.61 108.07
N LYS A 945 5.21 -128.97 109.24
CA LYS A 945 4.43 -129.46 110.37
C LYS A 945 2.94 -129.41 110.09
N ALA A 946 2.46 -128.34 109.46
CA ALA A 946 1.05 -128.26 109.10
C ALA A 946 0.75 -129.12 107.89
N GLU A 947 1.69 -129.24 106.96
CA GLU A 947 1.49 -130.15 105.84
C GLU A 947 1.26 -131.58 106.33
N ASP A 948 1.98 -131.97 107.39
CA ASP A 948 1.79 -133.30 107.97
C ASP A 948 0.51 -133.38 108.81
N ASN A 949 0.42 -132.54 109.85
CA ASN A 949 -0.72 -132.50 110.76
C ASN A 949 -1.65 -131.35 110.42
N LEU A 950 -2.96 -131.61 110.42
CA LEU A 950 -3.94 -130.60 110.08
C LEU A 950 -5.11 -130.63 111.04
N LYS A 951 -5.64 -129.46 111.38
CA LYS A 951 -6.88 -129.41 112.14
C LYS A 951 -8.04 -129.78 111.25
N LYS A 952 -8.89 -130.68 111.73
CA LYS A 952 -9.97 -131.24 110.95
C LYS A 952 -11.31 -130.82 111.53
N THR A 953 -12.08 -130.06 110.74
CA THR A 953 -13.44 -129.72 111.14
C THR A 953 -14.36 -130.90 110.87
N LYS A 954 -15.04 -131.34 111.93
CA LYS A 954 -15.99 -132.44 111.85
C LYS A 954 -17.38 -131.84 111.76
N LEU A 955 -18.18 -132.36 110.83
CA LEU A 955 -19.55 -131.90 110.71
C LEU A 955 -20.30 -132.16 112.02
N PRO A 956 -21.29 -131.36 112.36
CA PRO A 956 -22.06 -131.63 113.58
C PRO A 956 -22.67 -133.03 113.62
N LYS A 957 -22.48 -133.71 114.75
CA LYS A 957 -23.13 -134.99 114.99
C LYS A 957 -24.64 -134.82 115.00
N THR A 958 -25.13 -133.60 115.28
CA THR A 958 -26.54 -133.32 115.11
C THR A 958 -26.98 -133.65 113.69
N TYR A 959 -26.26 -133.16 112.70
CA TYR A 959 -26.56 -133.60 111.34
C TYR A 959 -26.32 -135.09 111.22
N MET A 960 -27.22 -135.77 110.51
CA MET A 960 -27.25 -137.21 110.42
C MET A 960 -26.95 -137.69 109.01
N MET A 961 -26.37 -138.88 108.92
CA MET A 961 -26.12 -139.53 107.64
C MET A 961 -26.54 -140.99 107.70
N SER A 962 -27.02 -141.49 106.56
CA SER A 962 -27.38 -142.90 106.47
C SER A 962 -26.22 -143.79 106.90
N ASN A 963 -25.02 -143.49 106.41
CA ASN A 963 -23.85 -144.28 106.74
C ASN A 963 -23.48 -144.18 108.21
N GLY A 964 -23.75 -143.04 108.85
CA GLY A 964 -23.29 -142.77 110.19
C GLY A 964 -21.91 -142.20 110.30
N TYR A 965 -21.16 -142.18 109.20
CA TYR A 965 -19.88 -141.47 109.11
C TYR A 965 -20.00 -140.38 108.07
N LYS A 966 -19.59 -139.16 108.42
CA LYS A 966 -19.55 -137.95 107.62
C LYS A 966 -18.12 -137.50 107.41
N PRO A 967 -17.65 -137.40 106.17
CA PRO A 967 -16.26 -136.98 105.93
C PRO A 967 -16.00 -135.61 106.53
N ALA A 968 -14.93 -135.51 107.31
CA ALA A 968 -14.58 -134.28 108.02
C ALA A 968 -13.48 -133.54 107.27
N PRO A 969 -13.76 -132.38 106.70
CA PRO A 969 -12.72 -131.63 105.97
C PRO A 969 -11.87 -130.78 106.91
N LEU A 970 -10.86 -130.15 106.31
CA LEU A 970 -9.98 -129.27 107.07
C LEU A 970 -10.71 -128.04 107.56
N ASP A 971 -10.26 -127.50 108.69
CA ASP A 971 -10.82 -126.27 109.23
C ASP A 971 -10.49 -125.10 108.31
N LEU A 972 -11.52 -124.32 107.96
CA LEU A 972 -11.32 -123.14 107.13
C LEU A 972 -10.95 -121.93 107.98
N SER A 973 -11.30 -121.96 109.27
CA SER A 973 -11.17 -120.77 110.11
C SER A 973 -9.71 -120.35 110.27
N HIS A 974 -8.80 -121.32 110.40
CA HIS A 974 -7.39 -121.00 110.62
C HIS A 974 -6.70 -120.54 109.34
N VAL A 975 -7.46 -120.31 108.27
CA VAL A 975 -6.91 -119.93 106.98
C VAL A 975 -7.53 -118.60 106.56
N ARG A 976 -6.69 -117.63 106.20
CA ARG A 976 -7.12 -116.36 105.68
C ARG A 976 -6.47 -116.11 104.32
N LEU A 977 -7.26 -115.60 103.38
CA LEU A 977 -6.83 -115.38 102.01
C LEU A 977 -6.83 -113.90 101.70
N THR A 978 -5.77 -113.44 101.04
CA THR A 978 -5.69 -112.04 100.62
C THR A 978 -6.61 -111.80 99.42
N PRO A 979 -6.91 -110.53 99.11
CA PRO A 979 -7.73 -110.26 97.91
C PRO A 979 -7.10 -110.80 96.64
N ALA A 980 -5.77 -110.79 96.54
CA ALA A 980 -5.11 -111.38 95.38
C ALA A 980 -5.47 -112.84 95.23
N GLN A 981 -5.64 -113.53 96.36
CA GLN A 981 -6.09 -114.92 96.31
C GLN A 981 -7.43 -115.01 95.63
N THR A 982 -8.31 -114.02 95.84
CA THR A 982 -9.63 -114.05 95.21
C THR A 982 -9.54 -113.92 93.70
N THR A 983 -8.64 -113.05 93.21
CA THR A 983 -8.42 -112.94 91.77
C THR A 983 -7.88 -114.25 91.22
N LEU A 984 -6.93 -114.86 91.94
CA LEU A 984 -6.45 -116.18 91.56
C LEU A 984 -7.59 -117.19 91.51
N VAL A 985 -8.53 -117.10 92.45
CA VAL A 985 -9.66 -118.02 92.46
C VAL A 985 -10.52 -117.83 91.21
N ASP A 986 -10.85 -116.58 90.91
CA ASP A 986 -11.61 -116.30 89.69
C ASP A 986 -10.92 -116.89 88.48
N ARG A 987 -9.61 -116.66 88.38
CA ARG A 987 -8.82 -117.12 87.23
C ARG A 987 -8.80 -118.65 87.12
N LEU A 988 -8.50 -119.34 88.21
CA LEU A 988 -8.45 -120.79 88.19
C LEU A 988 -9.84 -121.38 87.95
N ALA A 989 -10.90 -120.69 88.37
CA ALA A 989 -12.25 -121.16 88.07
C ALA A 989 -12.53 -121.05 86.57
N GLU A 990 -12.20 -119.89 85.98
CA GLU A 990 -12.20 -119.78 84.52
C GLU A 990 -11.59 -121.03 83.90
N ASN A 991 -10.34 -121.33 84.28
CA ASN A 991 -9.60 -122.38 83.61
C ASN A 991 -10.21 -123.75 83.86
N GLY A 992 -10.63 -124.03 85.09
CA GLY A 992 -11.21 -125.32 85.41
C GLY A 992 -12.47 -125.58 84.62
N HIS A 993 -13.35 -124.59 84.58
CA HIS A 993 -14.56 -124.72 83.80
C HIS A 993 -14.25 -124.94 82.34
N ASN A 994 -13.28 -124.19 81.81
CA ASN A 994 -12.95 -124.33 80.40
C ASN A 994 -12.37 -125.71 80.09
N VAL A 995 -11.52 -126.23 80.97
CA VAL A 995 -10.94 -127.55 80.77
C VAL A 995 -12.05 -128.60 80.78
N TRP A 996 -12.96 -128.54 81.76
CA TRP A 996 -14.09 -129.44 81.81
C TRP A 996 -14.93 -129.35 80.55
N ALA A 997 -15.21 -128.12 80.13
CA ALA A 997 -16.02 -127.93 78.94
C ALA A 997 -15.36 -128.63 77.77
N ARG A 998 -14.04 -128.43 77.69
CA ARG A 998 -13.39 -128.62 76.43
C ARG A 998 -13.35 -130.14 76.28
N ASP A 999 -13.09 -130.79 77.45
CA ASP A 999 -13.03 -132.28 77.59
C ASP A 999 -14.35 -132.91 77.21
N ARG A 1000 -15.46 -132.37 77.75
CA ARG A 1000 -16.78 -132.89 77.36
C ARG A 1000 -17.00 -132.73 75.86
N VAL A 1001 -16.45 -131.64 75.29
CA VAL A 1001 -16.58 -131.41 73.87
C VAL A 1001 -15.87 -132.52 73.09
N ALA A 1002 -14.64 -132.85 73.49
CA ALA A 1002 -13.93 -133.95 72.87
C ALA A 1002 -14.71 -135.24 73.01
N GLN A 1003 -15.33 -135.45 74.17
CA GLN A 1003 -16.24 -136.59 74.33
C GLN A 1003 -17.46 -136.48 73.43
N GLY A 1004 -17.77 -135.29 72.93
CA GLY A 1004 -18.89 -135.08 72.05
C GLY A 1004 -20.02 -134.24 72.62
N TRP A 1005 -19.84 -133.66 73.80
CA TRP A 1005 -20.90 -132.89 74.43
C TRP A 1005 -21.09 -131.53 73.76
N SER A 1006 -22.28 -130.97 73.93
CA SER A 1006 -22.62 -129.67 73.38
C SER A 1006 -23.50 -128.91 74.36
N TYR A 1007 -23.69 -127.63 74.07
CA TYR A 1007 -24.52 -126.78 74.91
C TYR A 1007 -25.99 -126.92 74.55
N SER A 1008 -26.85 -126.73 75.55
CA SER A 1008 -28.30 -126.75 75.34
C SER A 1008 -28.96 -126.20 76.59
N ALA A 1009 -29.87 -125.25 76.42
CA ALA A 1009 -30.60 -124.70 77.56
C ALA A 1009 -31.33 -125.81 78.31
N VAL A 1010 -31.66 -126.89 77.62
CA VAL A 1010 -32.35 -128.03 78.21
C VAL A 1010 -31.36 -129.18 78.32
N GLN A 1011 -31.30 -129.80 79.49
CA GLN A 1011 -30.34 -130.86 79.77
C GLN A 1011 -30.85 -132.19 79.24
N ASP A 1012 -30.07 -132.83 78.39
CA ASP A 1012 -30.29 -134.21 77.98
C ASP A 1012 -28.94 -134.92 77.95
N ILE A 1013 -28.75 -135.85 78.88
CA ILE A 1013 -27.48 -136.55 79.03
C ILE A 1013 -27.31 -137.58 77.92
N PRO A 1014 -28.35 -138.34 77.58
CA PRO A 1014 -28.19 -139.29 76.46
C PRO A 1014 -27.78 -138.63 75.16
N ALA A 1015 -28.26 -137.41 74.91
CA ALA A 1015 -27.87 -136.63 73.75
C ALA A 1015 -26.58 -135.86 73.98
N ARG A 1016 -25.99 -135.95 75.18
CA ARG A 1016 -24.79 -135.20 75.52
C ARG A 1016 -25.00 -133.71 75.31
N ARG A 1017 -26.09 -133.20 75.86
CA ARG A 1017 -26.40 -131.78 75.86
C ARG A 1017 -26.45 -131.30 77.30
N ASN A 1018 -25.76 -130.20 77.58
CA ASN A 1018 -25.66 -129.69 78.95
C ASN A 1018 -26.02 -128.21 78.98
N PRO A 1019 -26.70 -127.72 80.01
CA PRO A 1019 -26.96 -126.29 80.12
C PRO A 1019 -25.80 -125.48 80.67
N ARG A 1020 -24.66 -126.12 80.92
CA ARG A 1020 -23.49 -125.45 81.47
C ARG A 1020 -22.28 -125.55 80.55
N LEU A 1021 -22.37 -126.30 79.46
CA LEU A 1021 -21.22 -126.53 78.61
C LEU A 1021 -20.93 -125.30 77.76
N VAL A 1022 -20.64 -124.19 78.43
CA VAL A 1022 -20.25 -122.95 77.78
C VAL A 1022 -19.07 -122.37 78.55
N PRO A 1023 -18.12 -121.75 77.84
CA PRO A 1023 -16.97 -121.20 78.54
C PRO A 1023 -17.39 -120.23 79.65
N TYR A 1024 -16.54 -120.18 80.68
CA TYR A 1024 -16.93 -119.60 81.95
C TYR A 1024 -17.51 -118.21 81.80
N ARG A 1025 -16.93 -117.40 80.91
CA ARG A 1025 -17.36 -116.00 80.78
C ARG A 1025 -18.84 -115.90 80.46
N LEU A 1026 -19.32 -116.72 79.53
CA LEU A 1026 -20.75 -116.71 79.20
C LEU A 1026 -21.60 -117.38 80.25
N LEU A 1027 -20.98 -118.02 81.24
CA LEU A 1027 -21.72 -118.80 82.22
C LEU A 1027 -22.61 -117.88 83.06
N ASP A 1028 -23.56 -118.49 83.76
CA ASP A 1028 -24.44 -117.75 84.64
C ASP A 1028 -23.76 -117.48 85.98
N GLU A 1029 -24.20 -116.39 86.64
CA GLU A 1029 -23.56 -115.98 87.88
C GLU A 1029 -23.71 -117.03 88.97
N ALA A 1030 -24.81 -117.79 88.97
CA ALA A 1030 -25.02 -118.82 89.99
C ALA A 1030 -24.00 -119.94 89.88
N THR A 1031 -23.92 -120.57 88.70
CA THR A 1031 -22.91 -121.61 88.53
C THR A 1031 -21.56 -121.04 88.78
N LYS A 1032 -21.28 -119.92 88.12
CA LYS A 1032 -20.01 -119.27 88.36
C LYS A 1032 -19.72 -119.24 89.88
N ARG A 1033 -20.65 -118.74 90.70
CA ARG A 1033 -20.40 -118.53 92.13
C ARG A 1033 -20.12 -119.84 92.83
N SER A 1034 -20.89 -120.87 92.49
CA SER A 1034 -20.62 -122.19 93.07
C SER A 1034 -19.18 -122.59 92.77
N ASN A 1035 -18.72 -122.31 91.55
CA ASN A 1035 -17.38 -122.73 91.15
C ASN A 1035 -16.30 -121.94 91.90
N ARG A 1036 -16.47 -120.59 92.04
CA ARG A 1036 -15.54 -119.87 92.91
C ARG A 1036 -15.51 -120.42 94.31
N ASP A 1037 -16.66 -120.66 94.90
CA ASP A 1037 -16.66 -121.08 96.30
C ASP A 1037 -15.95 -122.42 96.45
N SER A 1038 -16.23 -123.37 95.57
CA SER A 1038 -15.55 -124.66 95.64
C SER A 1038 -14.04 -124.47 95.52
N LEU A 1039 -13.63 -123.65 94.55
CA LEU A 1039 -12.20 -123.47 94.31
C LEU A 1039 -11.52 -122.76 95.46
N CYS A 1040 -12.20 -121.77 96.06
CA CYS A 1040 -11.59 -121.03 97.15
C CYS A 1040 -11.46 -121.90 98.39
N GLN A 1041 -12.45 -122.76 98.64
CA GLN A 1041 -12.28 -123.75 99.71
C GLN A 1041 -11.12 -124.68 99.41
N ALA A 1042 -10.96 -125.09 98.15
CA ALA A 1042 -9.82 -125.93 97.80
C ALA A 1042 -8.50 -125.21 98.04
N VAL A 1043 -8.43 -123.92 97.68
CA VAL A 1043 -7.20 -123.16 97.87
C VAL A 1043 -6.90 -122.98 99.36
N ARG A 1044 -7.93 -122.73 100.16
CA ARG A 1044 -7.74 -122.63 101.60
C ARG A 1044 -7.32 -123.97 102.18
N THR A 1045 -7.80 -125.07 101.59
CA THR A 1045 -7.33 -126.38 102.00
C THR A 1045 -5.84 -126.56 101.70
N LEU A 1046 -5.40 -126.10 100.53
CA LEU A 1046 -3.98 -126.15 100.21
C LEU A 1046 -3.17 -125.30 101.18
N LEU A 1047 -3.67 -124.10 101.49
CA LEU A 1047 -2.97 -123.24 102.44
C LEU A 1047 -2.95 -123.84 103.84
N GLY A 1048 -3.99 -124.59 104.21
CA GLY A 1048 -3.96 -125.32 105.46
C GLY A 1048 -2.90 -126.43 105.43
N TYR A 1049 -2.80 -127.14 104.31
CA TYR A 1049 -1.64 -127.98 104.08
C TYR A 1049 -0.35 -127.17 104.20
N GLY A 1050 -0.42 -125.86 104.04
CA GLY A 1050 0.73 -125.02 104.29
C GLY A 1050 1.60 -124.78 103.09
N TYR A 1051 1.23 -125.29 101.92
CA TYR A 1051 1.97 -124.97 100.72
C TYR A 1051 1.74 -123.51 100.36
N ASN A 1052 2.74 -122.68 100.64
CA ASN A 1052 2.58 -121.25 100.42
C ASN A 1052 2.54 -120.94 98.93
N ILE A 1053 1.63 -120.03 98.55
CA ILE A 1053 1.44 -119.62 97.17
C ILE A 1053 1.44 -118.10 97.13
N GLU A 1054 2.30 -117.54 96.29
CA GLU A 1054 2.44 -116.10 96.11
C GLU A 1054 1.96 -115.73 94.72
N PRO A 1055 0.92 -114.90 94.60
CA PRO A 1055 0.39 -114.58 93.27
C PRO A 1055 1.29 -113.63 92.53
N PRO A 1056 1.40 -113.76 91.21
CA PRO A 1056 2.21 -112.82 90.43
C PRO A 1056 1.47 -111.50 90.20
N ASP A 1057 2.21 -110.54 89.66
CA ASP A 1057 1.63 -109.24 89.39
C ASP A 1057 0.63 -109.31 88.25
N GLN A 1058 -0.42 -108.50 88.33
CA GLN A 1058 -1.44 -108.48 87.30
C GLN A 1058 -0.90 -107.87 86.02
N GLU A 1059 -1.45 -108.31 84.88
CA GLU A 1059 -1.00 -107.88 83.58
C GLU A 1059 -2.16 -107.32 82.78
N PRO A 1060 -1.98 -106.24 82.01
CA PRO A 1060 -3.08 -105.67 81.24
C PRO A 1060 -3.26 -106.36 79.90
N SER A 1061 -4.48 -106.25 79.37
CA SER A 1061 -4.82 -106.86 78.10
C SER A 1061 -5.88 -106.01 77.40
N GLN A 1062 -5.95 -106.14 76.08
CA GLN A 1062 -6.91 -105.41 75.26
C GLN A 1062 -7.83 -106.38 74.55
N VAL A 1063 -9.13 -106.08 74.57
CA VAL A 1063 -10.12 -107.03 74.05
C VAL A 1063 -10.11 -107.03 72.52
N GLU A 1064 -10.11 -105.86 71.90
CA GLU A 1064 -10.22 -105.76 70.44
C GLU A 1064 -11.48 -106.46 69.95
N ASN A 1065 -12.62 -106.15 70.57
CA ASN A 1065 -13.87 -106.82 70.21
C ASN A 1065 -14.37 -106.38 68.84
N GLN A 1066 -14.38 -105.08 68.57
CA GLN A 1066 -14.89 -104.52 67.34
C GLN A 1066 -13.76 -103.90 66.53
N SER A 1067 -14.09 -103.51 65.30
CA SER A 1067 -13.18 -102.70 64.49
C SER A 1067 -13.36 -101.21 64.82
N ARG A 1068 -12.24 -100.48 64.77
CA ARG A 1068 -12.23 -99.09 65.21
C ARG A 1068 -13.31 -98.28 64.50
N TRP A 1069 -13.54 -98.60 63.23
CA TRP A 1069 -14.55 -97.86 62.48
C TRP A 1069 -15.95 -98.20 62.98
N ASP A 1070 -16.17 -99.48 63.29
CA ASP A 1070 -17.46 -99.97 63.77
C ASP A 1070 -17.71 -99.64 65.24
N ARG A 1071 -16.71 -99.19 65.98
CA ARG A 1071 -16.88 -98.92 67.41
C ARG A 1071 -17.73 -97.69 67.71
N VAL A 1072 -17.55 -96.59 66.96
CA VAL A 1072 -18.15 -95.31 67.32
C VAL A 1072 -19.10 -94.87 66.20
N ARG A 1073 -20.27 -94.37 66.60
CA ARG A 1073 -21.22 -93.75 65.69
C ARG A 1073 -21.39 -92.29 66.05
N ILE A 1074 -21.40 -91.43 65.04
CA ILE A 1074 -21.54 -89.99 65.21
C ILE A 1074 -22.86 -89.56 64.61
N PHE A 1075 -23.64 -88.78 65.36
CA PHE A 1075 -24.86 -88.16 64.89
C PHE A 1075 -24.67 -86.65 64.89
N ARG A 1076 -25.08 -85.99 63.81
CA ARG A 1076 -24.99 -84.54 63.73
C ARG A 1076 -26.26 -83.99 63.09
N ALA A 1077 -26.48 -82.69 63.30
CA ALA A 1077 -27.55 -82.03 62.57
C ALA A 1077 -27.14 -81.81 61.11
N GLU A 1078 -28.15 -81.66 60.25
CA GLU A 1078 -27.90 -81.39 58.84
C GLU A 1078 -27.24 -80.03 58.66
N LYS A 1079 -26.45 -79.91 57.59
CA LYS A 1079 -25.67 -78.70 57.37
C LYS A 1079 -26.57 -77.49 57.15
N SER A 1080 -27.79 -77.71 56.67
CA SER A 1080 -28.73 -76.62 56.43
C SER A 1080 -28.95 -75.82 57.71
N TYR A 1081 -28.84 -76.49 58.85
CA TYR A 1081 -29.09 -75.89 60.16
C TYR A 1081 -27.87 -75.21 60.73
N THR A 1082 -26.81 -75.05 59.94
CA THR A 1082 -25.58 -74.46 60.43
C THR A 1082 -25.83 -73.01 60.83
N VAL A 1083 -25.31 -72.62 62.00
CA VAL A 1083 -25.49 -71.29 62.56
C VAL A 1083 -24.14 -70.60 62.63
N GLN A 1084 -24.09 -69.34 62.16
CA GLN A 1084 -22.88 -68.53 62.24
C GLN A 1084 -23.07 -67.33 63.17
N SER A 1085 -24.15 -67.29 63.94
CA SER A 1085 -24.39 -66.17 64.83
C SER A 1085 -25.43 -66.57 65.87
N GLY A 1086 -25.37 -65.94 67.03
CA GLY A 1086 -26.40 -66.06 68.03
C GLY A 1086 -25.93 -66.83 69.25
N ARG A 1087 -26.89 -67.08 70.14
CA ARG A 1087 -26.66 -67.76 71.40
C ARG A 1087 -27.62 -68.93 71.48
N TRP A 1088 -27.07 -70.15 71.37
CA TRP A 1088 -27.87 -71.34 71.13
C TRP A 1088 -27.65 -72.35 72.25
N TYR A 1089 -28.71 -73.12 72.53
CA TYR A 1089 -28.76 -74.08 73.62
C TYR A 1089 -29.33 -75.40 73.10
N PHE A 1090 -28.79 -76.51 73.59
CA PHE A 1090 -29.40 -77.81 73.37
C PHE A 1090 -28.96 -78.77 74.46
N GLU A 1091 -29.69 -79.88 74.60
CA GLU A 1091 -29.53 -80.79 75.73
C GLU A 1091 -29.25 -82.20 75.24
N PHE A 1092 -28.52 -82.95 76.06
CA PHE A 1092 -28.16 -84.34 75.77
C PHE A 1092 -28.22 -85.14 77.07
N GLU A 1093 -29.22 -85.99 77.19
CA GLU A 1093 -29.36 -86.88 78.34
C GLU A 1093 -28.61 -88.18 78.07
N ALA A 1094 -27.85 -88.62 79.06
CA ALA A 1094 -27.05 -89.84 78.94
C ALA A 1094 -27.76 -90.97 79.67
N VAL A 1095 -28.38 -91.88 78.92
CA VAL A 1095 -29.03 -93.02 79.56
C VAL A 1095 -28.00 -94.00 80.11
N THR A 1096 -26.84 -94.08 79.47
CA THR A 1096 -25.71 -94.85 79.94
C THR A 1096 -24.63 -93.91 80.50
N THR A 1097 -23.67 -94.49 81.19
CA THR A 1097 -22.58 -93.75 81.79
C THR A 1097 -21.26 -93.96 81.06
N GLY A 1098 -21.29 -94.52 79.85
CA GLY A 1098 -20.09 -94.88 79.15
C GLY A 1098 -19.61 -93.80 78.19
N GLU A 1099 -18.80 -94.23 77.22
CA GLU A 1099 -18.17 -93.33 76.28
C GLU A 1099 -19.20 -92.66 75.37
N MET A 1100 -19.45 -91.37 75.62
CA MET A 1100 -20.22 -90.55 74.71
C MET A 1100 -19.67 -89.14 74.77
N ARG A 1101 -19.74 -88.44 73.66
CA ARG A 1101 -19.23 -87.08 73.55
C ARG A 1101 -20.31 -86.21 72.96
N VAL A 1102 -20.46 -85.00 73.49
CA VAL A 1102 -21.51 -84.11 73.03
C VAL A 1102 -20.93 -82.72 72.84
N GLY A 1103 -21.34 -82.06 71.76
CA GLY A 1103 -20.87 -80.69 71.55
C GLY A 1103 -21.19 -80.13 70.18
N TRP A 1104 -20.25 -79.34 69.66
CA TRP A 1104 -20.46 -78.57 68.43
C TRP A 1104 -19.42 -79.00 67.41
N ALA A 1105 -19.85 -79.11 66.16
CA ALA A 1105 -19.00 -79.60 65.09
C ALA A 1105 -19.12 -78.70 63.87
N ARG A 1106 -18.06 -78.66 63.09
CA ARG A 1106 -18.08 -77.92 61.85
C ARG A 1106 -18.73 -78.74 60.76
N PRO A 1107 -19.33 -78.09 59.75
CA PRO A 1107 -20.09 -78.84 58.74
C PRO A 1107 -19.27 -79.86 57.98
N GLU A 1108 -17.95 -79.66 57.84
CA GLU A 1108 -17.09 -80.59 57.13
C GLU A 1108 -16.46 -81.62 58.05
N LEU A 1109 -17.09 -81.89 59.20
CA LEU A 1109 -16.61 -82.91 60.12
C LEU A 1109 -16.53 -84.25 59.42
N ARG A 1110 -15.41 -84.95 59.59
CA ARG A 1110 -15.25 -86.26 59.00
C ARG A 1110 -15.84 -87.33 59.93
N PRO A 1111 -16.69 -88.22 59.42
CA PRO A 1111 -17.24 -89.26 60.28
C PRO A 1111 -16.17 -90.20 60.80
N ASP A 1112 -15.11 -90.37 60.01
CA ASP A 1112 -14.04 -91.31 60.32
C ASP A 1112 -13.30 -90.93 61.60
N VAL A 1113 -12.95 -89.67 61.78
CA VAL A 1113 -12.16 -89.26 62.93
C VAL A 1113 -13.01 -89.25 64.19
N GLU A 1114 -12.39 -89.58 65.32
CA GLU A 1114 -13.06 -89.48 66.60
C GLU A 1114 -13.35 -88.03 66.94
N LEU A 1115 -14.49 -87.79 67.57
CA LEU A 1115 -14.92 -86.42 67.86
C LEU A 1115 -13.92 -85.71 68.76
N GLY A 1116 -13.43 -84.56 68.31
CA GLY A 1116 -12.57 -83.71 69.10
C GLY A 1116 -11.09 -83.93 68.85
N ALA A 1117 -10.72 -85.07 68.26
CA ALA A 1117 -9.31 -85.31 67.94
C ALA A 1117 -8.80 -84.26 66.96
N ASP A 1118 -9.65 -83.83 66.04
CA ASP A 1118 -9.28 -82.82 65.04
C ASP A 1118 -9.79 -81.45 65.47
N GLU A 1119 -9.54 -80.46 64.62
CA GLU A 1119 -9.96 -79.08 64.84
C GLU A 1119 -11.42 -78.85 64.50
N LEU A 1120 -12.14 -79.88 64.04
CA LEU A 1120 -13.50 -79.71 63.54
C LEU A 1120 -14.56 -79.94 64.60
N ALA A 1121 -14.21 -80.15 65.86
CA ALA A 1121 -15.21 -80.41 66.88
C ALA A 1121 -14.73 -79.92 68.24
N TYR A 1122 -15.66 -79.33 68.98
CA TYR A 1122 -15.47 -78.96 70.38
C TYR A 1122 -16.50 -79.73 71.18
N VAL A 1123 -16.05 -80.70 71.97
CA VAL A 1123 -16.97 -81.62 72.63
C VAL A 1123 -16.56 -81.84 74.08
N PHE A 1124 -17.52 -82.38 74.84
CA PHE A 1124 -17.32 -82.79 76.22
C PHE A 1124 -17.57 -84.29 76.31
N ASN A 1125 -16.67 -84.99 76.99
CA ASN A 1125 -16.81 -86.42 77.28
C ASN A 1125 -16.94 -86.59 78.79
N GLY A 1126 -18.13 -87.00 79.23
CA GLY A 1126 -18.40 -87.20 80.64
C GLY A 1126 -18.12 -88.60 81.14
N HIS A 1127 -17.52 -89.46 80.33
CA HIS A 1127 -17.07 -90.75 80.83
C HIS A 1127 -15.82 -90.57 81.70
N ARG A 1128 -14.98 -89.59 81.36
CA ARG A 1128 -13.74 -89.28 82.06
C ARG A 1128 -13.70 -87.85 82.59
N GLY A 1129 -14.61 -86.99 82.15
CA GLY A 1129 -14.51 -85.57 82.46
C GLY A 1129 -13.44 -84.88 81.63
N GLN A 1130 -13.66 -84.81 80.32
CA GLN A 1130 -12.68 -84.26 79.38
C GLN A 1130 -13.37 -83.29 78.44
N ARG A 1131 -12.58 -82.33 77.95
CA ARG A 1131 -12.98 -81.48 76.84
C ARG A 1131 -12.05 -81.76 75.67
N TRP A 1132 -12.61 -81.98 74.49
CA TRP A 1132 -11.85 -82.36 73.32
C TRP A 1132 -11.94 -81.28 72.26
N HIS A 1133 -10.77 -80.79 71.86
CA HIS A 1133 -10.57 -80.03 70.63
C HIS A 1133 -9.09 -80.08 70.32
N LEU A 1134 -8.73 -80.76 69.23
CA LEU A 1134 -7.32 -80.96 68.88
C LEU A 1134 -6.58 -81.66 70.02
N GLY A 1135 -7.27 -82.56 70.70
CA GLY A 1135 -6.75 -83.28 71.83
C GLY A 1135 -7.65 -83.13 73.04
N SER A 1136 -7.27 -83.84 74.11
CA SER A 1136 -8.08 -83.93 75.31
C SER A 1136 -7.47 -83.10 76.43
N GLU A 1137 -8.33 -82.46 77.23
CA GLU A 1137 -7.93 -81.75 78.42
C GLU A 1137 -8.97 -82.05 79.49
N PRO A 1138 -8.57 -82.22 80.75
CA PRO A 1138 -9.57 -82.47 81.80
C PRO A 1138 -10.54 -81.30 81.91
N PHE A 1139 -11.80 -81.63 82.19
CA PHE A 1139 -12.84 -80.61 82.27
C PHE A 1139 -14.07 -81.21 82.92
N GLY A 1140 -14.61 -80.50 83.91
CA GLY A 1140 -15.85 -80.90 84.50
C GLY A 1140 -15.74 -82.24 85.21
N ARG A 1141 -16.91 -82.85 85.37
CA ARG A 1141 -16.98 -84.13 86.05
C ARG A 1141 -17.77 -85.15 85.25
N PRO A 1142 -17.52 -86.44 85.45
CA PRO A 1142 -18.28 -87.46 84.73
C PRO A 1142 -19.77 -87.40 85.07
N TRP A 1143 -20.60 -87.73 84.09
CA TRP A 1143 -22.02 -87.88 84.36
C TRP A 1143 -22.33 -89.20 85.04
N GLN A 1144 -23.53 -89.28 85.59
CA GLN A 1144 -24.16 -90.51 86.03
C GLN A 1144 -25.32 -90.81 85.09
N SER A 1145 -25.95 -91.96 85.31
CA SER A 1145 -27.11 -92.32 84.50
C SER A 1145 -28.22 -91.29 84.68
N GLY A 1146 -28.80 -90.85 83.57
CA GLY A 1146 -29.86 -89.88 83.58
C GLY A 1146 -29.42 -88.43 83.60
N ASP A 1147 -28.12 -88.17 83.69
CA ASP A 1147 -27.63 -86.80 83.72
C ASP A 1147 -27.80 -86.13 82.36
N VAL A 1148 -28.10 -84.84 82.40
CA VAL A 1148 -28.36 -84.04 81.21
C VAL A 1148 -27.23 -83.04 81.06
N VAL A 1149 -26.60 -83.04 79.89
CA VAL A 1149 -25.55 -82.09 79.53
C VAL A 1149 -26.16 -81.01 78.67
N GLY A 1150 -26.08 -79.76 79.12
CA GLY A 1150 -26.54 -78.62 78.34
C GLY A 1150 -25.36 -77.98 77.64
N CYS A 1151 -25.40 -78.00 76.32
CA CYS A 1151 -24.38 -77.41 75.47
C CYS A 1151 -24.88 -76.07 74.97
N MET A 1152 -24.08 -75.02 75.20
CA MET A 1152 -24.44 -73.65 74.85
C MET A 1152 -23.30 -73.07 74.04
N ILE A 1153 -23.65 -72.31 73.00
CA ILE A 1153 -22.67 -71.67 72.15
C ILE A 1153 -23.05 -70.20 71.98
N ASP A 1154 -22.10 -69.31 72.26
CA ASP A 1154 -22.27 -67.88 72.10
C ASP A 1154 -21.33 -67.42 71.00
N LEU A 1155 -21.90 -66.99 69.87
CA LEU A 1155 -21.10 -66.52 68.75
C LEU A 1155 -20.92 -65.01 68.75
N THR A 1156 -21.42 -64.32 69.76
CA THR A 1156 -21.08 -62.92 69.99
C THR A 1156 -19.87 -62.75 70.89
N GLU A 1157 -19.76 -63.58 71.93
CA GLU A 1157 -18.56 -63.66 72.76
C GLU A 1157 -17.61 -64.77 72.31
N ASN A 1158 -18.00 -65.57 71.32
CA ASN A 1158 -17.15 -66.63 70.79
C ASN A 1158 -16.71 -67.59 71.89
N THR A 1159 -17.69 -68.24 72.51
CA THR A 1159 -17.46 -69.14 73.63
C THR A 1159 -18.37 -70.36 73.54
N ILE A 1160 -17.91 -71.45 74.16
CA ILE A 1160 -18.66 -72.69 74.30
C ILE A 1160 -18.75 -72.99 75.79
N ILE A 1161 -19.96 -73.34 76.25
CA ILE A 1161 -20.22 -73.60 77.65
C ILE A 1161 -20.93 -74.93 77.77
N PHE A 1162 -20.55 -75.70 78.79
CA PHE A 1162 -21.21 -76.94 79.13
C PHE A 1162 -21.72 -76.89 80.56
N THR A 1163 -22.93 -77.39 80.76
CA THR A 1163 -23.53 -77.52 82.08
C THR A 1163 -23.95 -78.96 82.29
N LEU A 1164 -23.93 -79.40 83.54
CA LEU A 1164 -24.40 -80.72 83.90
C LEU A 1164 -25.50 -80.58 84.94
N ASN A 1165 -26.74 -80.81 84.51
CA ASN A 1165 -27.90 -80.68 85.39
C ASN A 1165 -27.97 -79.29 86.01
N GLY A 1166 -27.79 -78.27 85.18
CA GLY A 1166 -27.93 -76.89 85.60
C GLY A 1166 -26.70 -76.27 86.23
N GLU A 1167 -25.58 -76.97 86.27
CA GLU A 1167 -24.35 -76.46 86.88
C GLU A 1167 -23.29 -76.33 85.81
N VAL A 1168 -22.73 -75.13 85.69
CA VAL A 1168 -21.73 -74.86 84.65
C VAL A 1168 -20.45 -75.62 85.00
N LEU A 1169 -20.03 -76.50 84.11
CA LEU A 1169 -18.80 -77.24 84.31
C LEU A 1169 -17.60 -76.31 84.18
N MET A 1170 -16.60 -76.55 85.01
CA MET A 1170 -15.40 -75.74 85.04
C MET A 1170 -14.17 -76.62 84.86
N SER A 1171 -13.14 -76.03 84.26
CA SER A 1171 -11.87 -76.70 84.09
C SER A 1171 -11.18 -76.83 85.45
N ASP A 1172 -9.92 -77.28 85.42
CA ASP A 1172 -9.10 -77.31 86.64
C ASP A 1172 -8.60 -75.90 86.94
N SER A 1173 -9.56 -74.98 86.98
CA SER A 1173 -9.31 -73.55 87.15
C SER A 1173 -10.65 -72.86 87.38
N GLY A 1174 -10.66 -71.53 87.34
CA GLY A 1174 -11.89 -70.78 87.52
C GLY A 1174 -12.67 -70.61 86.23
N SER A 1175 -12.24 -71.29 85.17
CA SER A 1175 -12.83 -71.10 83.86
C SER A 1175 -14.26 -71.62 83.83
N GLU A 1176 -15.20 -70.76 83.47
CA GLU A 1176 -16.58 -71.15 83.21
C GLU A 1176 -16.81 -71.55 81.76
N THR A 1177 -15.79 -71.40 80.90
CA THR A 1177 -15.90 -71.71 79.49
C THR A 1177 -15.01 -72.90 79.17
N ALA A 1178 -15.58 -73.90 78.49
CA ALA A 1178 -14.76 -74.99 78.00
C ALA A 1178 -13.81 -74.52 76.91
N PHE A 1179 -14.29 -73.64 76.03
CA PHE A 1179 -13.51 -73.16 74.89
C PHE A 1179 -13.73 -71.68 74.70
N ARG A 1180 -12.70 -71.00 74.21
CA ARG A 1180 -12.72 -69.56 74.00
C ARG A 1180 -12.11 -69.23 72.65
N GLU A 1181 -12.31 -67.98 72.23
CA GLU A 1181 -11.67 -67.44 71.03
C GLU A 1181 -11.99 -68.28 69.80
N ILE A 1182 -13.20 -68.83 69.75
CA ILE A 1182 -13.60 -69.65 68.62
C ILE A 1182 -13.76 -68.77 67.38
N GLU A 1183 -13.37 -69.31 66.24
CA GLU A 1183 -13.58 -68.65 64.95
C GLU A 1183 -14.86 -69.21 64.33
N ILE A 1184 -15.76 -68.30 63.96
CA ILE A 1184 -17.06 -68.73 63.43
C ILE A 1184 -16.88 -69.56 62.17
N GLY A 1185 -16.11 -69.05 61.21
CA GLY A 1185 -15.88 -69.79 59.99
C GLY A 1185 -17.18 -70.16 59.30
N ASP A 1186 -17.27 -71.40 58.84
CA ASP A 1186 -18.48 -71.86 58.18
C ASP A 1186 -19.67 -71.87 59.13
N GLY A 1187 -19.46 -72.29 60.37
CA GLY A 1187 -20.49 -72.31 61.37
C GLY A 1187 -20.35 -73.53 62.25
N PHE A 1188 -21.42 -73.85 62.97
CA PHE A 1188 -21.42 -74.95 63.92
C PHE A 1188 -22.76 -75.68 63.88
N LEU A 1189 -22.71 -76.94 64.31
CA LEU A 1189 -23.85 -77.83 64.30
C LEU A 1189 -23.83 -78.66 65.57
N PRO A 1190 -24.98 -78.98 66.15
CA PRO A 1190 -24.98 -79.94 67.26
C PRO A 1190 -24.54 -81.32 66.79
N VAL A 1191 -23.73 -81.97 67.61
CA VAL A 1191 -23.14 -83.26 67.29
C VAL A 1191 -22.99 -84.07 68.57
N CYS A 1192 -23.08 -85.39 68.42
CA CYS A 1192 -22.87 -86.32 69.52
C CYS A 1192 -22.23 -87.59 68.95
N SER A 1193 -21.53 -88.31 69.81
CA SER A 1193 -20.90 -89.57 69.46
C SER A 1193 -21.20 -90.57 70.57
N LEU A 1194 -21.65 -91.75 70.18
CA LEU A 1194 -22.00 -92.83 71.10
C LEU A 1194 -21.05 -93.99 70.84
N GLY A 1195 -20.40 -94.49 71.89
CA GLY A 1195 -19.64 -95.70 71.78
C GLY A 1195 -20.52 -96.92 71.87
N PRO A 1196 -19.89 -98.09 71.83
CA PRO A 1196 -20.66 -99.33 71.91
C PRO A 1196 -21.44 -99.43 73.21
N GLY A 1197 -22.67 -99.94 73.11
CA GLY A 1197 -23.50 -100.11 74.29
C GLY A 1197 -23.97 -98.82 74.92
N GLN A 1198 -24.09 -97.75 74.14
CA GLN A 1198 -24.41 -96.42 74.67
C GLN A 1198 -25.75 -95.96 74.15
N VAL A 1199 -26.46 -95.18 74.96
CA VAL A 1199 -27.77 -94.65 74.62
C VAL A 1199 -27.84 -93.20 75.07
N GLY A 1200 -28.24 -92.32 74.15
CA GLY A 1200 -28.38 -90.91 74.46
C GLY A 1200 -29.72 -90.40 73.97
N HIS A 1201 -30.08 -89.22 74.47
CA HIS A 1201 -31.30 -88.54 74.07
C HIS A 1201 -30.95 -87.08 73.79
N LEU A 1202 -31.03 -86.69 72.52
CA LEU A 1202 -30.65 -85.36 72.08
C LEU A 1202 -31.90 -84.51 71.89
N ASN A 1203 -32.04 -83.47 72.71
CA ASN A 1203 -33.15 -82.54 72.61
C ASN A 1203 -32.62 -81.21 72.08
N LEU A 1204 -33.03 -80.87 70.86
CA LEU A 1204 -32.62 -79.63 70.22
C LEU A 1204 -33.57 -78.48 70.54
N GLY A 1205 -34.57 -78.71 71.38
CA GLY A 1205 -35.43 -77.64 71.84
C GLY A 1205 -36.56 -77.28 70.90
N GLN A 1206 -37.02 -78.22 70.08
CA GLN A 1206 -38.21 -77.95 69.27
C GLN A 1206 -39.41 -77.69 70.18
N ASP A 1207 -39.54 -78.45 71.26
CA ASP A 1207 -40.50 -78.19 72.31
C ASP A 1207 -39.75 -77.73 73.55
N VAL A 1208 -39.87 -76.44 73.88
CA VAL A 1208 -39.07 -75.88 74.96
C VAL A 1208 -39.47 -76.49 76.30
N SER A 1209 -40.73 -76.89 76.46
CA SER A 1209 -41.16 -77.45 77.74
C SER A 1209 -40.40 -78.74 78.07
N SER A 1210 -39.91 -79.44 77.05
CA SER A 1210 -39.16 -80.67 77.25
C SER A 1210 -37.76 -80.43 77.78
N LEU A 1211 -37.28 -79.20 77.81
CA LEU A 1211 -35.94 -78.88 78.27
C LEU A 1211 -35.97 -78.74 79.79
N ARG A 1212 -35.15 -79.53 80.47
CA ARG A 1212 -35.30 -79.68 81.92
C ARG A 1212 -34.49 -78.63 82.67
N PHE A 1213 -33.36 -78.19 82.12
CA PHE A 1213 -32.45 -77.29 82.82
C PHE A 1213 -32.23 -75.98 82.08
N PHE A 1214 -32.99 -75.74 81.00
CA PHE A 1214 -32.83 -74.50 80.24
C PHE A 1214 -33.14 -73.28 81.09
N ALA A 1215 -34.21 -73.35 81.89
CA ALA A 1215 -34.56 -72.22 82.75
C ALA A 1215 -33.49 -71.98 83.81
N ILE A 1216 -32.96 -73.06 84.40
CA ILE A 1216 -31.92 -72.90 85.41
C ILE A 1216 -30.68 -72.25 84.81
N CYS A 1217 -30.31 -72.66 83.60
CA CYS A 1217 -29.17 -72.04 82.92
C CYS A 1217 -29.46 -71.94 81.43
N GLY A 1218 -29.38 -70.72 80.90
CA GLY A 1218 -29.53 -70.49 79.48
C GLY A 1218 -30.60 -69.47 79.14
N LEU A 1219 -31.69 -69.46 79.91
CA LEU A 1219 -32.79 -68.55 79.62
C LEU A 1219 -32.42 -67.11 79.97
N GLN A 1220 -32.12 -66.85 81.24
CA GLN A 1220 -31.79 -65.49 81.64
C GLN A 1220 -30.50 -65.03 80.99
N GLU A 1221 -29.59 -65.97 80.72
CA GLU A 1221 -28.39 -65.66 79.96
C GLU A 1221 -28.70 -65.32 78.52
N GLY A 1222 -29.92 -65.58 78.07
CA GLY A 1222 -30.36 -65.20 76.73
C GLY A 1222 -30.30 -66.30 75.70
N PHE A 1223 -29.62 -67.41 75.99
CA PHE A 1223 -29.48 -68.47 75.00
C PHE A 1223 -30.85 -68.96 74.56
N GLU A 1224 -30.97 -69.24 73.26
CA GLU A 1224 -32.20 -69.74 72.68
C GLU A 1224 -32.03 -71.20 72.28
N PRO A 1225 -33.10 -72.00 72.35
CA PRO A 1225 -33.00 -73.38 71.85
C PRO A 1225 -32.67 -73.42 70.36
N PHE A 1226 -31.91 -74.44 69.98
CA PHE A 1226 -31.42 -74.54 68.60
C PHE A 1226 -32.57 -74.65 67.61
N ALA A 1227 -33.72 -75.16 68.04
CA ALA A 1227 -34.87 -75.38 67.18
C ALA A 1227 -36.13 -74.74 67.75
N ILE A 1228 -36.02 -73.50 68.24
CA ILE A 1228 -37.11 -72.89 68.99
C ILE A 1228 -38.36 -72.76 68.11
N ASN A 1229 -38.20 -72.32 66.87
CA ASN A 1229 -39.33 -72.03 66.00
C ASN A 1229 -39.18 -72.79 64.68
N MET A 1230 -38.89 -74.08 64.80
CA MET A 1230 -38.85 -74.99 63.66
C MET A 1230 -40.09 -75.87 63.67
N GLN A 1231 -40.81 -75.89 62.55
CA GLN A 1231 -42.04 -76.66 62.46
CA GLN A 1231 -42.04 -76.66 62.49
C GLN A 1231 -41.76 -78.16 62.53
N ARG A 1232 -40.72 -78.61 61.84
CA ARG A 1232 -40.39 -80.01 61.76
C ARG A 1232 -39.12 -80.33 62.53
N PRO A 1233 -38.98 -81.55 63.06
CA PRO A 1233 -37.76 -81.90 63.79
C PRO A 1233 -36.53 -81.76 62.91
N VAL A 1234 -35.43 -81.36 63.54
CA VAL A 1234 -34.18 -81.17 62.81
C VAL A 1234 -33.76 -82.47 62.17
N THR A 1235 -33.41 -82.41 60.89
CA THR A 1235 -32.92 -83.60 60.19
C THR A 1235 -31.51 -83.92 60.66
N THR A 1236 -31.25 -85.21 60.85
CA THR A 1236 -29.98 -85.69 61.37
C THR A 1236 -29.29 -86.58 60.36
N TRP A 1237 -27.96 -86.62 60.46
CA TRP A 1237 -27.13 -87.54 59.71
C TRP A 1237 -26.28 -88.33 60.67
N PHE A 1238 -25.99 -89.57 60.30
CA PHE A 1238 -25.22 -90.47 61.15
C PHE A 1238 -24.10 -91.12 60.36
N SER A 1239 -23.06 -91.50 61.08
CA SER A 1239 -21.93 -92.19 60.46
C SER A 1239 -22.28 -93.66 60.24
N LYS A 1240 -22.38 -94.04 58.97
CA LYS A 1240 -22.68 -95.39 58.56
C LYS A 1240 -21.38 -96.10 58.26
N SER A 1241 -21.15 -97.22 58.93
CA SER A 1241 -19.88 -97.94 58.83
C SER A 1241 -19.82 -98.88 57.64
N LEU A 1242 -20.84 -98.87 56.79
CA LEU A 1242 -20.78 -99.67 55.57
C LEU A 1242 -19.71 -99.10 54.64
N PRO A 1243 -18.67 -99.87 54.31
CA PRO A 1243 -17.64 -99.34 53.41
C PRO A 1243 -18.16 -99.17 52.00
N GLN A 1244 -17.82 -98.03 51.39
CA GLN A 1244 -18.18 -97.74 50.02
C GLN A 1244 -16.96 -97.20 49.29
N PHE A 1245 -16.96 -97.38 47.97
CA PHE A 1245 -15.86 -96.94 47.12
C PHE A 1245 -16.03 -95.47 46.80
N GLU A 1246 -14.98 -94.69 46.99
CA GLU A 1246 -14.99 -93.26 46.74
C GLU A 1246 -13.76 -92.89 45.93
N PRO A 1247 -13.85 -91.83 45.12
CA PRO A 1247 -12.68 -91.43 44.34
C PRO A 1247 -11.50 -91.08 45.25
N VAL A 1248 -10.30 -91.44 44.79
CA VAL A 1248 -9.11 -91.12 45.57
C VAL A 1248 -8.96 -89.60 45.62
N PRO A 1249 -8.89 -88.99 46.79
CA PRO A 1249 -8.77 -87.52 46.85
C PRO A 1249 -7.49 -87.06 46.16
N PRO A 1250 -7.56 -85.97 45.39
CA PRO A 1250 -6.32 -85.46 44.77
C PRO A 1250 -5.27 -85.08 45.79
N GLU A 1251 -5.70 -84.61 46.97
CA GLU A 1251 -4.80 -84.13 48.01
C GLU A 1251 -4.53 -85.17 49.08
N HIS A 1252 -4.80 -86.43 48.81
CA HIS A 1252 -4.59 -87.47 49.80
C HIS A 1252 -3.12 -87.48 50.23
N PRO A 1253 -2.82 -87.41 51.53
CA PRO A 1253 -1.41 -87.30 51.94
C PRO A 1253 -0.55 -88.47 51.52
N HIS A 1254 -1.09 -89.69 51.49
CA HIS A 1254 -0.28 -90.89 51.32
C HIS A 1254 -0.37 -91.50 49.93
N TYR A 1255 -1.50 -91.38 49.26
CA TYR A 1255 -1.73 -92.09 48.00
C TYR A 1255 -1.90 -91.11 46.86
N GLU A 1256 -1.21 -91.38 45.76
CA GLU A 1256 -1.27 -90.55 44.55
C GLU A 1256 -1.61 -91.43 43.36
N VAL A 1257 -2.52 -90.96 42.52
CA VAL A 1257 -2.91 -91.66 41.30
C VAL A 1257 -2.52 -90.78 40.12
N ALA A 1258 -1.76 -91.35 39.19
CA ALA A 1258 -1.28 -90.63 38.01
C ALA A 1258 -1.91 -91.25 36.77
N ARG A 1259 -2.55 -90.41 35.95
CA ARG A 1259 -3.10 -90.84 34.68
C ARG A 1259 -2.01 -90.70 33.62
N MET A 1260 -1.49 -91.83 33.17
CA MET A 1260 -0.39 -91.86 32.22
C MET A 1260 -0.94 -92.01 30.80
N ASP A 1261 -0.58 -91.07 29.93
CA ASP A 1261 -1.04 -91.11 28.56
C ASP A 1261 -0.39 -92.27 27.81
N GLY A 1262 -1.15 -92.88 26.91
CA GLY A 1262 -0.66 -94.02 26.18
C GLY A 1262 0.31 -93.61 25.09
N THR A 1263 1.39 -94.39 24.95
CA THR A 1263 2.38 -94.22 23.90
C THR A 1263 2.14 -95.27 22.82
N VAL A 1264 3.02 -95.28 21.80
CA VAL A 1264 2.93 -96.32 20.78
C VAL A 1264 3.32 -97.67 21.36
N ASP A 1265 4.31 -97.69 22.27
CA ASP A 1265 4.75 -98.94 22.86
C ASP A 1265 3.93 -99.30 24.10
N THR A 1266 3.35 -98.32 24.76
CA THR A 1266 2.65 -98.56 26.02
C THR A 1266 1.21 -98.09 25.94
N PRO A 1267 0.30 -98.74 26.67
CA PRO A 1267 -1.11 -98.33 26.65
C PRO A 1267 -1.37 -97.25 27.68
N PRO A 1268 -2.57 -96.67 27.67
CA PRO A 1268 -2.95 -95.76 28.76
C PRO A 1268 -2.95 -96.50 30.10
N CYS A 1269 -2.61 -95.76 31.16
CA CYS A 1269 -2.41 -96.37 32.46
C CYS A 1269 -2.83 -95.41 33.56
N LEU A 1270 -3.18 -96.01 34.70
CA LEU A 1270 -3.44 -95.30 35.94
C LEU A 1270 -2.52 -95.91 36.99
N ARG A 1271 -1.52 -95.14 37.42
CA ARG A 1271 -0.45 -95.63 38.27
C ARG A 1271 -0.65 -95.14 39.69
N LEU A 1272 -0.45 -96.03 40.65
CA LEU A 1272 -0.56 -95.66 42.07
C LEU A 1272 0.84 -95.54 42.67
N ALA A 1273 1.01 -94.51 43.49
CA ALA A 1273 2.28 -94.26 44.17
C ALA A 1273 2.01 -93.95 45.63
N HIS A 1274 2.96 -94.28 46.49
CA HIS A 1274 2.86 -94.01 47.92
C HIS A 1274 3.60 -92.71 48.21
N ARG A 1275 2.86 -91.68 48.58
CA ARG A 1275 3.43 -90.35 48.76
C ARG A 1275 4.40 -90.31 49.93
N THR A 1276 4.07 -90.99 51.03
CA THR A 1276 4.78 -90.86 52.29
C THR A 1276 5.66 -92.08 52.60
N TRP A 1277 6.05 -92.85 51.58
CA TRP A 1277 6.81 -94.06 51.84
C TRP A 1277 8.17 -93.74 52.44
N GLY A 1278 8.66 -94.66 53.27
CA GLY A 1278 9.97 -94.53 53.88
C GLY A 1278 10.09 -93.30 54.75
N SER A 1279 9.04 -93.02 55.52
CA SER A 1279 9.02 -91.85 56.38
C SER A 1279 8.13 -92.15 57.58
N GLN A 1280 8.54 -91.67 58.74
CA GLN A 1280 7.67 -91.70 59.91
C GLN A 1280 6.45 -90.82 59.66
N ASN A 1281 5.30 -91.27 60.17
CA ASN A 1281 3.93 -90.82 59.90
C ASN A 1281 3.35 -91.52 58.67
N SER A 1282 4.10 -92.38 57.99
CA SER A 1282 3.57 -93.04 56.81
C SER A 1282 2.43 -93.98 57.19
N LEU A 1283 1.51 -94.16 56.25
CA LEU A 1283 0.35 -95.05 56.43
C LEU A 1283 0.56 -96.29 55.57
N VAL A 1284 0.70 -97.45 56.21
CA VAL A 1284 0.84 -98.72 55.53
C VAL A 1284 -0.28 -99.62 56.02
N GLU A 1285 -1.28 -99.82 55.16
CA GLU A 1285 -2.41 -100.68 55.49
C GLU A 1285 -3.05 -101.12 54.18
N MET A 1286 -3.89 -102.14 54.27
CA MET A 1286 -4.51 -102.70 53.08
C MET A 1286 -5.29 -101.63 52.33
N LEU A 1287 -5.13 -101.63 51.01
CA LEU A 1287 -5.76 -100.68 50.12
C LEU A 1287 -6.62 -101.44 49.12
N PHE A 1288 -7.93 -101.15 49.14
CA PHE A 1288 -8.89 -101.75 48.23
C PHE A 1288 -9.27 -100.73 47.18
N LEU A 1289 -8.97 -101.02 45.92
CA LEU A 1289 -9.18 -100.08 44.83
C LEU A 1289 -10.00 -100.75 43.75
N ARG A 1290 -10.83 -99.96 43.09
CA ARG A 1290 -11.50 -100.41 41.89
C ARG A 1290 -11.51 -99.27 40.87
N LEU A 1291 -11.96 -99.59 39.66
CA LEU A 1291 -12.20 -98.57 38.67
C LEU A 1291 -13.66 -98.14 38.71
N SER A 1292 -13.89 -96.87 38.35
CA SER A 1292 -15.19 -96.26 38.57
C SER A 1292 -16.29 -96.88 37.71
N LEU A 1293 -15.95 -97.51 36.59
CA LEU A 1293 -16.97 -97.98 35.68
C LEU A 1293 -16.95 -99.49 35.54
N PRO A 1294 -18.11 -100.13 35.39
CA PRO A 1294 -18.13 -101.59 35.25
C PRO A 1294 -18.16 -102.05 33.80
N VAL A 1295 -17.99 -103.36 33.61
CA VAL A 1295 -18.34 -104.05 32.39
C VAL A 1295 -19.52 -104.96 32.71
N GLN A 1296 -20.53 -104.95 31.83
CA GLN A 1296 -21.76 -105.67 32.06
C GLN A 1296 -21.89 -106.81 31.06
N PHE A 1297 -22.18 -108.00 31.57
CA PHE A 1297 -22.28 -109.18 30.74
C PHE A 1297 -23.62 -109.18 29.98
N HIS A 1298 -23.64 -109.90 28.87
CA HIS A 1298 -24.83 -109.92 28.03
C HIS A 1298 -26.01 -110.53 28.78
N GLN A 1299 -27.21 -110.09 28.39
CA GLN A 1299 -28.42 -110.67 28.98
C GLN A 1299 -28.55 -112.14 28.64
N HIS A 1300 -28.27 -112.50 27.39
CA HIS A 1300 -28.39 -113.87 26.90
C HIS A 1300 -27.02 -114.36 26.47
N PHE A 1301 -26.59 -115.48 27.02
CA PHE A 1301 -25.30 -116.06 26.70
C PHE A 1301 -25.43 -116.95 25.48
N ARG A 1302 -24.41 -116.91 24.63
CA ARG A 1302 -24.45 -117.65 23.38
C ARG A 1302 -24.55 -119.15 23.64
N CYS A 1303 -25.45 -119.81 22.91
CA CYS A 1303 -25.58 -121.25 23.01
C CYS A 1303 -24.35 -121.92 22.41
N THR A 1304 -23.88 -122.98 23.05
CA THR A 1304 -22.63 -123.60 22.64
C THR A 1304 -22.82 -124.34 21.32
N ASP A 1419 4.53 -108.98 13.27
CA ASP A 1419 3.27 -109.69 13.43
C ASP A 1419 2.46 -109.01 14.55
N ASN A 1420 1.54 -109.71 15.19
CA ASN A 1420 0.75 -109.15 16.28
C ASN A 1420 -0.23 -108.09 15.78
N ARG A 1421 -0.87 -108.37 14.65
CA ARG A 1421 -1.90 -107.51 14.09
C ARG A 1421 -3.25 -108.19 14.24
N ASP A 1422 -4.23 -107.46 14.75
CA ASP A 1422 -5.56 -108.02 14.94
C ASP A 1422 -6.22 -108.26 13.59
N ASP A 1423 -6.83 -109.43 13.44
CA ASP A 1423 -7.66 -109.66 12.28
C ASP A 1423 -8.94 -108.82 12.40
N PRO A 1424 -9.27 -108.03 11.37
CA PRO A 1424 -10.43 -107.14 11.52
C PRO A 1424 -11.72 -107.87 11.88
N GLU A 1425 -12.05 -108.93 11.15
CA GLU A 1425 -13.32 -109.61 11.41
C GLU A 1425 -13.36 -110.17 12.82
N ILE A 1426 -12.28 -110.83 13.24
CA ILE A 1426 -12.25 -111.41 14.57
C ILE A 1426 -12.38 -110.34 15.64
N ILE A 1427 -11.58 -109.27 15.54
CA ILE A 1427 -11.58 -108.28 16.60
C ILE A 1427 -12.87 -107.47 16.62
N LEU A 1428 -13.55 -107.34 15.48
CA LEU A 1428 -14.83 -106.64 15.44
C LEU A 1428 -16.00 -107.51 15.86
N ASN A 1429 -15.88 -108.83 15.76
CA ASN A 1429 -16.96 -109.73 16.16
C ASN A 1429 -16.71 -110.41 17.51
N THR A 1430 -15.58 -110.15 18.15
CA THR A 1430 -15.27 -110.81 19.41
C THR A 1430 -16.03 -110.17 20.57
N THR A 1431 -16.28 -110.98 21.61
CA THR A 1431 -16.91 -110.52 22.84
C THR A 1431 -15.94 -110.59 24.02
N THR A 1432 -14.64 -110.64 23.76
CA THR A 1432 -13.63 -110.81 24.78
C THR A 1432 -12.91 -109.50 25.03
N TYR A 1433 -12.71 -109.18 26.31
CA TYR A 1433 -12.12 -107.92 26.73
C TYR A 1433 -11.04 -108.19 27.75
N TYR A 1434 -10.11 -107.25 27.85
CA TYR A 1434 -8.84 -107.45 28.55
C TYR A 1434 -8.45 -106.20 29.30
N TYR A 1435 -7.84 -106.39 30.47
CA TYR A 1435 -7.03 -105.33 31.07
C TYR A 1435 -5.88 -106.01 31.78
N SER A 1436 -4.95 -105.20 32.30
CA SER A 1436 -3.83 -105.78 33.03
C SER A 1436 -3.45 -104.88 34.20
N VAL A 1437 -2.72 -105.47 35.14
CA VAL A 1437 -2.19 -104.76 36.30
C VAL A 1437 -0.70 -105.08 36.37
N ARG A 1438 0.11 -104.04 36.34
CA ARG A 1438 1.55 -104.18 36.48
C ARG A 1438 1.95 -103.86 37.91
N VAL A 1439 2.47 -104.86 38.61
CA VAL A 1439 2.99 -104.73 39.96
C VAL A 1439 4.46 -104.40 39.83
N PHE A 1440 4.85 -103.23 40.32
CA PHE A 1440 6.20 -102.75 40.10
C PHE A 1440 7.20 -103.53 40.95
N ALA A 1441 8.45 -103.58 40.46
CA ALA A 1441 9.52 -104.21 41.22
C ALA A 1441 9.67 -103.51 42.57
N GLY A 1442 9.84 -104.31 43.61
CA GLY A 1442 9.84 -103.81 44.97
C GLY A 1442 8.52 -103.93 45.69
N GLN A 1443 7.43 -104.16 44.96
CA GLN A 1443 6.11 -104.39 45.55
C GLN A 1443 5.89 -105.90 45.58
N GLU A 1444 5.68 -106.44 46.78
CA GLU A 1444 5.56 -107.87 46.94
C GLU A 1444 4.27 -108.37 46.30
N PRO A 1445 4.32 -109.26 45.31
CA PRO A 1445 3.08 -109.81 44.75
C PRO A 1445 2.23 -110.54 45.77
N SER A 1446 2.87 -111.17 46.77
CA SER A 1446 2.12 -111.86 47.82
C SER A 1446 1.17 -110.91 48.52
N CYS A 1447 1.48 -109.62 48.51
CA CYS A 1447 0.62 -108.61 49.10
C CYS A 1447 -0.40 -108.05 48.12
N VAL A 1448 -0.47 -108.59 46.91
CA VAL A 1448 -1.32 -108.05 45.85
C VAL A 1448 -2.34 -109.09 45.44
N TRP A 1449 -3.58 -108.63 45.23
CA TRP A 1449 -4.64 -109.43 44.64
C TRP A 1449 -5.22 -108.67 43.46
N VAL A 1450 -5.51 -109.37 42.37
CA VAL A 1450 -5.97 -108.75 41.14
C VAL A 1450 -7.20 -109.50 40.64
N GLY A 1451 -8.17 -108.75 40.11
CA GLY A 1451 -9.38 -109.34 39.57
C GLY A 1451 -10.52 -108.36 39.44
N TRP A 1452 -11.71 -108.78 39.86
CA TRP A 1452 -12.92 -107.98 39.74
C TRP A 1452 -13.72 -108.02 41.03
N VAL A 1453 -14.58 -107.02 41.20
CA VAL A 1453 -15.52 -106.98 42.31
C VAL A 1453 -16.88 -106.59 41.78
N THR A 1454 -17.92 -107.22 42.32
CA THR A 1454 -19.29 -106.81 42.06
C THR A 1454 -19.60 -105.54 42.85
N PRO A 1455 -20.66 -104.82 42.46
CA PRO A 1455 -20.99 -103.57 43.15
C PRO A 1455 -21.48 -103.75 44.58
N ASP A 1456 -21.47 -104.99 45.09
CA ASP A 1456 -21.91 -105.26 46.45
C ASP A 1456 -20.74 -105.67 47.35
N TYR A 1457 -19.52 -105.34 46.95
CA TYR A 1457 -18.36 -105.60 47.78
C TYR A 1457 -18.22 -104.48 48.79
N HIS A 1458 -18.38 -104.81 50.08
CA HIS A 1458 -18.28 -103.85 51.16
C HIS A 1458 -17.37 -104.34 52.28
N GLN A 1459 -16.44 -105.23 51.96
CA GLN A 1459 -15.63 -105.91 52.96
C GLN A 1459 -14.28 -105.21 53.06
N HIS A 1460 -14.07 -104.51 54.18
CA HIS A 1460 -12.86 -103.73 54.43
C HIS A 1460 -12.05 -104.47 55.48
N ASP A 1461 -11.22 -105.41 55.04
CA ASP A 1461 -10.51 -106.33 55.93
C ASP A 1461 -9.02 -106.05 55.87
N MET A 1462 -8.47 -105.58 56.99
CA MET A 1462 -7.02 -105.39 57.09
C MET A 1462 -6.30 -106.72 56.89
N ASN A 1463 -6.81 -107.78 57.48
CA ASN A 1463 -6.20 -109.11 57.40
C ASN A 1463 -6.82 -109.90 56.24
N PHE A 1464 -6.67 -109.34 55.05
CA PHE A 1464 -7.36 -109.86 53.88
C PHE A 1464 -6.70 -111.13 53.36
N ASP A 1465 -7.54 -112.05 52.89
CA ASP A 1465 -7.11 -113.25 52.20
C ASP A 1465 -8.27 -113.74 51.35
N LEU A 1466 -7.95 -114.46 50.27
CA LEU A 1466 -9.00 -114.95 49.39
C LEU A 1466 -9.97 -115.88 50.11
N SER A 1467 -9.58 -116.44 51.24
CA SER A 1467 -10.50 -117.24 52.05
C SER A 1467 -11.61 -116.37 52.64
N LYS A 1468 -11.39 -115.07 52.76
CA LYS A 1468 -12.38 -114.17 53.33
C LYS A 1468 -13.45 -113.77 52.32
N VAL A 1469 -13.28 -114.14 51.05
CA VAL A 1469 -14.26 -113.75 50.04
C VAL A 1469 -15.58 -114.43 50.32
N ARG A 1470 -16.66 -113.65 50.29
CA ARG A 1470 -17.98 -114.23 50.45
C ARG A 1470 -18.27 -115.17 49.29
N ALA A 1471 -18.87 -116.32 49.61
CA ALA A 1471 -19.20 -117.30 48.59
C ALA A 1471 -20.44 -118.05 49.03
N VAL A 1472 -21.23 -118.49 48.05
CA VAL A 1472 -22.41 -119.29 48.33
C VAL A 1472 -22.69 -120.13 47.09
N THR A 1473 -23.37 -121.26 47.30
CA THR A 1473 -23.78 -122.13 46.21
C THR A 1473 -25.27 -122.41 46.33
N VAL A 1474 -26.00 -122.12 45.27
CA VAL A 1474 -27.43 -122.38 45.19
C VAL A 1474 -27.61 -123.62 44.34
N THR A 1475 -28.18 -124.67 44.92
CA THR A 1475 -28.37 -125.94 44.23
C THR A 1475 -29.86 -126.24 44.13
N MET A 1476 -30.34 -126.42 42.90
CA MET A 1476 -31.71 -126.78 42.62
C MET A 1476 -31.75 -128.17 41.98
N GLY A 1477 -32.63 -129.02 42.48
CA GLY A 1477 -32.78 -130.37 41.96
C GLY A 1477 -34.24 -130.75 41.89
N ASP A 1478 -34.47 -131.94 41.33
CA ASP A 1478 -35.82 -132.48 41.30
C ASP A 1478 -36.31 -132.74 42.72
N GLU A 1479 -37.54 -133.23 42.83
CA GLU A 1479 -38.10 -133.55 44.13
C GLU A 1479 -37.14 -134.44 44.92
N GLN A 1480 -36.58 -135.45 44.28
CA GLN A 1480 -35.55 -136.29 44.86
C GLN A 1480 -34.22 -136.06 44.14
N GLY A 1481 -33.21 -135.61 44.89
CA GLY A 1481 -31.88 -135.39 44.33
C GLY A 1481 -31.94 -134.75 42.97
N ASN A 1482 -31.36 -135.41 41.97
CA ASN A 1482 -31.46 -134.94 40.59
C ASN A 1482 -31.13 -133.45 40.49
N VAL A 1483 -29.89 -133.08 40.82
CA VAL A 1483 -29.53 -131.67 40.79
C VAL A 1483 -29.61 -131.16 39.37
N HIS A 1484 -30.58 -130.28 39.11
CA HIS A 1484 -30.64 -129.60 37.81
C HIS A 1484 -29.54 -128.57 37.68
N SER A 1485 -29.30 -127.78 38.74
CA SER A 1485 -28.42 -126.64 38.64
C SER A 1485 -27.65 -126.45 39.94
N SER A 1486 -26.43 -125.95 39.81
CA SER A 1486 -25.59 -125.57 40.94
C SER A 1486 -24.81 -124.33 40.54
N LEU A 1487 -25.12 -123.20 41.18
CA LEU A 1487 -24.57 -121.91 40.82
C LEU A 1487 -23.75 -121.37 41.99
N LYS A 1488 -22.53 -120.90 41.69
CA LYS A 1488 -21.67 -120.29 42.69
C LYS A 1488 -21.75 -118.77 42.55
N CYS A 1489 -22.00 -118.10 43.68
CA CYS A 1489 -22.13 -116.65 43.73
C CYS A 1489 -21.09 -116.09 44.68
N SER A 1490 -20.44 -115.01 44.24
CA SER A 1490 -19.39 -114.36 45.01
C SER A 1490 -19.29 -112.91 44.54
N ASN A 1491 -18.98 -112.02 45.48
CA ASN A 1491 -18.83 -110.61 45.13
C ASN A 1491 -17.45 -110.32 44.61
N CYS A 1492 -16.48 -111.20 44.88
CA CYS A 1492 -15.09 -110.96 44.56
C CYS A 1492 -14.55 -112.12 43.73
N TYR A 1493 -13.89 -111.78 42.62
CA TYR A 1493 -13.23 -112.74 41.76
C TYR A 1493 -11.82 -112.24 41.52
N MET A 1494 -10.83 -112.97 42.04
CA MET A 1494 -9.46 -112.47 42.03
C MET A 1494 -8.47 -113.62 42.00
N VAL A 1495 -7.21 -113.24 41.77
CA VAL A 1495 -6.08 -114.15 41.78
C VAL A 1495 -5.00 -113.56 42.68
N TRP A 1496 -4.25 -114.43 43.34
CA TRP A 1496 -3.20 -114.01 44.24
C TRP A 1496 -1.84 -114.03 43.53
N GLY A 1497 -1.08 -112.95 43.69
CA GLY A 1497 0.22 -112.86 43.05
C GLY A 1497 1.20 -113.88 43.60
N GLY A 1498 0.93 -114.38 44.81
CA GLY A 1498 1.75 -115.45 45.35
C GLY A 1498 1.60 -116.74 44.57
N ASP A 1499 0.47 -116.89 43.87
CA ASP A 1499 0.27 -118.05 43.01
C ASP A 1499 1.08 -117.97 41.72
N PHE A 1500 1.50 -116.76 41.32
CA PHE A 1500 2.25 -116.56 40.10
C PHE A 1500 3.73 -116.32 40.33
N VAL A 1501 4.13 -115.93 41.54
CA VAL A 1501 5.55 -115.76 41.82
C VAL A 1501 6.21 -117.14 41.74
N SER A 1502 7.22 -117.27 40.89
CA SER A 1502 7.97 -118.51 40.84
C SER A 1502 8.67 -118.70 42.19
N PRO A 1503 8.94 -119.95 42.59
CA PRO A 1503 9.52 -120.14 43.92
C PRO A 1503 10.93 -119.57 43.98
N GLY A 1504 11.02 -118.39 44.60
CA GLY A 1504 12.26 -117.65 44.69
C GLY A 1504 12.40 -116.97 46.03
N GLN A 1505 11.82 -117.57 47.08
CA GLN A 1505 11.91 -116.97 48.41
C GLN A 1505 13.32 -116.49 48.71
N GLN A 1506 14.31 -117.22 48.24
CA GLN A 1506 15.69 -116.74 48.30
C GLN A 1506 15.87 -115.58 47.33
N GLY A 1507 16.28 -114.43 47.86
CA GLY A 1507 16.26 -113.23 47.06
C GLY A 1507 14.83 -112.88 46.66
N ARG A 1508 13.93 -112.93 47.65
CA ARG A 1508 12.50 -112.77 47.35
C ARG A 1508 12.23 -111.49 46.57
N ILE A 1509 12.94 -110.41 46.91
CA ILE A 1509 12.78 -109.16 46.17
C ILE A 1509 13.22 -109.38 44.72
N SER A 1510 12.39 -108.96 43.78
CA SER A 1510 12.61 -109.20 42.36
C SER A 1510 12.73 -107.89 41.62
N HIS A 1511 13.81 -107.75 40.85
CA HIS A 1511 13.97 -106.57 40.00
C HIS A 1511 12.90 -106.50 38.93
N THR A 1512 12.27 -107.62 38.59
CA THR A 1512 11.29 -107.65 37.52
C THR A 1512 9.95 -107.13 37.99
N ASP A 1513 9.06 -106.86 37.03
CA ASP A 1513 7.71 -106.40 37.28
C ASP A 1513 6.73 -107.49 36.87
N LEU A 1514 5.66 -107.64 37.64
CA LEU A 1514 4.69 -108.72 37.40
C LEU A 1514 3.44 -108.17 36.73
N VAL A 1515 3.14 -108.63 35.53
CA VAL A 1515 2.03 -108.12 34.74
C VAL A 1515 0.93 -109.19 34.71
N ILE A 1516 -0.09 -109.02 35.54
CA ILE A 1516 -1.22 -109.94 35.60
C ILE A 1516 -2.30 -109.44 34.66
N GLY A 1517 -2.75 -110.31 33.76
CA GLY A 1517 -3.77 -109.96 32.79
C GLY A 1517 -5.09 -110.60 33.15
N CYS A 1518 -6.18 -109.87 32.94
CA CYS A 1518 -7.53 -110.33 33.25
C CYS A 1518 -8.36 -110.25 31.98
N LEU A 1519 -9.00 -111.36 31.61
CA LEU A 1519 -9.79 -111.49 30.40
C LEU A 1519 -11.21 -111.91 30.76
N VAL A 1520 -12.19 -111.35 30.07
CA VAL A 1520 -13.60 -111.70 30.28
C VAL A 1520 -14.28 -111.82 28.93
N ASP A 1521 -15.07 -112.88 28.76
CA ASP A 1521 -15.94 -113.03 27.60
C ASP A 1521 -17.34 -112.65 28.03
N LEU A 1522 -17.83 -111.51 27.54
CA LEU A 1522 -19.11 -110.98 27.99
C LEU A 1522 -20.31 -111.70 27.38
N ALA A 1523 -20.08 -112.79 26.64
CA ALA A 1523 -21.17 -113.59 26.08
C ALA A 1523 -21.25 -115.00 26.66
N THR A 1524 -20.17 -115.51 27.26
CA THR A 1524 -20.19 -116.80 27.93
C THR A 1524 -20.09 -116.68 29.44
N GLY A 1525 -19.85 -115.48 29.97
CA GLY A 1525 -19.66 -115.31 31.39
C GLY A 1525 -18.40 -115.98 31.91
N LEU A 1526 -17.34 -115.98 31.11
CA LEU A 1526 -16.10 -116.68 31.47
C LEU A 1526 -15.01 -115.66 31.77
N MET A 1527 -14.29 -115.89 32.86
CA MET A 1527 -13.24 -114.99 33.32
C MET A 1527 -11.96 -115.80 33.50
N THR A 1528 -10.87 -115.34 32.91
CA THR A 1528 -9.59 -116.02 32.95
C THR A 1528 -8.47 -115.04 33.23
N PHE A 1529 -7.31 -115.58 33.58
CA PHE A 1529 -6.18 -114.78 34.02
C PHE A 1529 -4.88 -115.28 33.39
N THR A 1530 -3.94 -114.36 33.23
CA THR A 1530 -2.61 -114.63 32.72
C THR A 1530 -1.58 -114.06 33.68
N ALA A 1531 -0.44 -114.74 33.81
CA ALA A 1531 0.58 -114.32 34.76
C ALA A 1531 1.61 -113.40 34.14
N ASN A 1532 2.32 -113.87 33.12
CA ASN A 1532 3.22 -113.03 32.32
C ASN A 1532 3.09 -113.45 30.85
N GLY A 1533 1.85 -113.60 30.39
CA GLY A 1533 1.57 -114.25 29.13
C GLY A 1533 1.33 -115.74 29.25
N LYS A 1534 1.43 -116.28 30.46
CA LYS A 1534 1.17 -117.69 30.73
C LYS A 1534 -0.20 -117.82 31.38
N GLU A 1535 -1.02 -118.71 30.84
CA GLU A 1535 -2.40 -118.85 31.31
C GLU A 1535 -2.41 -119.43 32.72
N SER A 1536 -3.15 -118.79 33.61
CA SER A 1536 -3.36 -119.31 34.95
C SER A 1536 -4.48 -120.34 34.95
N ASN A 1537 -4.45 -121.22 35.95
CA ASN A 1537 -5.48 -122.24 36.07
C ASN A 1537 -6.80 -121.68 36.57
N THR A 1538 -6.75 -120.60 37.34
CA THR A 1538 -7.97 -120.04 37.92
C THR A 1538 -8.89 -119.53 36.82
N PHE A 1539 -10.17 -119.89 36.92
CA PHE A 1539 -11.19 -119.43 36.00
C PHE A 1539 -12.49 -119.26 36.78
N PHE A 1540 -13.33 -118.35 36.31
CA PHE A 1540 -14.61 -118.07 36.94
C PHE A 1540 -15.73 -118.08 35.92
N GLN A 1541 -16.91 -118.48 36.37
CA GLN A 1541 -18.12 -118.46 35.56
C GLN A 1541 -19.17 -117.64 36.28
N VAL A 1542 -19.71 -116.64 35.59
CA VAL A 1542 -20.66 -115.70 36.17
C VAL A 1542 -21.91 -115.66 35.29
N GLU A 1543 -23.03 -115.29 35.90
CA GLU A 1543 -24.31 -115.27 35.22
C GLU A 1543 -24.44 -114.03 34.34
N PRO A 1544 -25.35 -114.05 33.36
CA PRO A 1544 -25.54 -112.88 32.51
C PRO A 1544 -26.08 -111.68 33.27
N ASN A 1545 -25.89 -110.50 32.69
CA ASN A 1545 -26.29 -109.20 33.23
C ASN A 1545 -25.47 -108.83 34.46
N THR A 1546 -24.41 -109.57 34.76
CA THR A 1546 -23.56 -109.25 35.89
C THR A 1546 -22.69 -108.05 35.57
N LYS A 1547 -22.51 -107.17 36.56
CA LYS A 1547 -21.62 -106.02 36.45
C LYS A 1547 -20.35 -106.32 37.24
N LEU A 1548 -19.20 -106.02 36.65
CA LEU A 1548 -17.92 -106.23 37.31
C LEU A 1548 -17.01 -105.03 37.12
N PHE A 1549 -16.39 -104.60 38.21
CA PHE A 1549 -15.43 -103.51 38.20
C PHE A 1549 -14.03 -104.08 38.27
N PRO A 1550 -13.08 -103.61 37.45
CA PRO A 1550 -11.68 -103.95 37.68
C PRO A 1550 -11.29 -103.54 39.10
N ALA A 1551 -10.57 -104.42 39.79
CA ALA A 1551 -10.26 -104.22 41.19
C ALA A 1551 -8.88 -104.74 41.51
N VAL A 1552 -8.20 -104.04 42.42
CA VAL A 1552 -6.89 -104.45 42.92
C VAL A 1552 -6.89 -104.22 44.44
N PHE A 1553 -6.51 -105.25 45.19
CA PHE A 1553 -6.31 -105.15 46.63
C PHE A 1553 -4.82 -105.34 46.90
N VAL A 1554 -4.22 -104.40 47.61
CA VAL A 1554 -2.76 -104.37 47.72
C VAL A 1554 -2.35 -103.84 49.10
N LEU A 1555 -1.27 -104.41 49.63
CA LEU A 1555 -0.59 -103.87 50.80
C LEU A 1555 0.73 -103.28 50.36
N PRO A 1556 0.91 -101.96 50.33
CA PRO A 1556 2.13 -101.39 49.75
C PRO A 1556 3.37 -101.81 50.52
N THR A 1557 4.41 -102.17 49.77
CA THR A 1557 5.75 -102.38 50.30
C THR A 1557 6.77 -101.50 49.58
N HIS A 1558 6.31 -100.57 48.74
CA HIS A 1558 7.18 -99.80 47.87
C HIS A 1558 6.47 -98.49 47.56
N GLN A 1559 7.24 -97.50 47.12
CA GLN A 1559 6.65 -96.21 46.77
C GLN A 1559 5.93 -96.28 45.43
N ASN A 1560 6.26 -97.27 44.60
CA ASN A 1560 5.57 -97.51 43.33
C ASN A 1560 4.94 -98.90 43.42
N VAL A 1561 3.61 -98.93 43.46
CA VAL A 1561 2.91 -100.16 43.81
C VAL A 1561 2.41 -100.87 42.55
N ILE A 1562 1.42 -100.27 41.89
CA ILE A 1562 0.70 -100.93 40.80
C ILE A 1562 0.37 -99.93 39.71
N GLN A 1563 -0.04 -100.48 38.57
CA GLN A 1563 -0.40 -99.70 37.39
C GLN A 1563 -1.54 -100.43 36.69
N PHE A 1564 -2.74 -99.86 36.74
CA PHE A 1564 -3.81 -100.31 35.86
C PHE A 1564 -3.44 -99.98 34.43
N GLU A 1565 -3.25 -101.02 33.61
CA GLU A 1565 -2.90 -100.85 32.21
C GLU A 1565 -4.13 -101.20 31.39
N LEU A 1566 -4.71 -100.19 30.74
CA LEU A 1566 -5.94 -100.34 29.98
C LEU A 1566 -5.60 -100.55 28.51
N GLY A 1567 -5.08 -101.73 28.23
CA GLY A 1567 -4.63 -102.07 26.89
C GLY A 1567 -5.35 -103.27 26.33
N LYS A 1568 -4.76 -103.89 25.30
CA LYS A 1568 -5.36 -105.01 24.62
C LYS A 1568 -4.31 -106.05 24.29
N GLN A 1569 -4.76 -107.28 24.12
CA GLN A 1569 -3.97 -108.33 23.50
C GLN A 1569 -4.43 -108.52 22.06
N LYS A 1570 -3.75 -109.40 21.35
CA LYS A 1570 -4.07 -109.61 19.94
C LYS A 1570 -5.43 -110.27 19.80
N ASN A 1571 -6.33 -109.61 19.07
CA ASN A 1571 -7.70 -110.05 18.84
C ASN A 1571 -8.56 -109.97 20.10
N ILE A 1572 -8.21 -109.12 21.06
CA ILE A 1572 -9.00 -108.88 22.26
C ILE A 1572 -9.21 -107.38 22.39
N MET A 1573 -10.43 -106.98 22.70
CA MET A 1573 -10.74 -105.56 22.85
C MET A 1573 -10.36 -105.07 24.24
N PRO A 1574 -10.13 -103.77 24.39
CA PRO A 1574 -9.86 -103.20 25.71
C PRO A 1574 -11.15 -102.92 26.47
N LEU A 1575 -11.00 -102.49 27.72
CA LEU A 1575 -12.15 -102.24 28.57
C LEU A 1575 -12.96 -101.04 28.09
N SER A 1576 -12.34 -100.11 27.35
CA SER A 1576 -13.06 -98.94 26.90
C SER A 1576 -14.22 -99.32 25.99
N ALA A 1577 -14.00 -100.30 25.11
CA ALA A 1577 -15.06 -100.72 24.19
C ALA A 1577 -16.26 -101.26 24.95
N ALA A 1578 -16.02 -102.05 26.00
CA ALA A 1578 -17.12 -102.60 26.78
C ALA A 1578 -17.79 -101.53 27.64
N MET A 1579 -16.99 -100.62 28.22
CA MET A 1579 -17.57 -99.61 29.11
C MET A 1579 -18.41 -98.61 28.35
N PHE A 1580 -17.99 -98.22 27.14
CA PHE A 1580 -18.59 -97.11 26.43
C PHE A 1580 -19.19 -97.59 25.12
N LEU A 1581 -20.45 -97.26 24.89
CA LEU A 1581 -21.16 -97.73 23.71
C LEU A 1581 -20.52 -97.20 22.43
N SER A 1582 -20.14 -95.91 22.43
CA SER A 1582 -19.57 -95.32 21.23
C SER A 1582 -18.28 -96.02 20.82
N GLU A 1583 -17.59 -96.66 21.76
CA GLU A 1583 -16.33 -97.33 21.50
C GLU A 1583 -16.48 -98.84 21.40
N ARG A 1584 -17.71 -99.34 21.29
CA ARG A 1584 -17.94 -100.77 21.23
C ARG A 1584 -17.13 -101.43 20.12
N LYS A 1585 -16.87 -100.69 19.05
CA LYS A 1585 -16.20 -101.22 17.86
C LYS A 1585 -14.86 -100.56 17.62
N ASN A 1586 -14.29 -99.91 18.65
CA ASN A 1586 -13.01 -99.23 18.51
C ASN A 1586 -11.95 -99.94 19.32
N PRO A 1587 -11.04 -100.70 18.69
CA PRO A 1587 -10.00 -101.39 19.47
C PRO A 1587 -9.01 -100.47 20.13
N ALA A 1588 -8.91 -99.21 19.70
CA ALA A 1588 -7.89 -98.33 20.23
C ALA A 1588 -8.11 -98.12 21.73
N PRO A 1589 -7.15 -98.50 22.57
CA PRO A 1589 -7.32 -98.29 24.02
C PRO A 1589 -7.34 -96.81 24.36
N GLN A 1590 -8.15 -96.45 25.35
CA GLN A 1590 -8.24 -95.08 25.81
C GLN A 1590 -8.95 -95.04 27.15
N CYS A 1591 -8.57 -94.06 27.98
CA CYS A 1591 -9.07 -93.91 29.34
C CYS A 1591 -9.72 -92.55 29.49
N PRO A 1592 -11.04 -92.43 29.32
CA PRO A 1592 -11.69 -91.13 29.46
C PRO A 1592 -11.73 -90.66 30.90
N PRO A 1593 -12.06 -89.39 31.14
CA PRO A 1593 -12.03 -88.87 32.51
C PRO A 1593 -12.94 -89.61 33.48
N ARG A 1594 -14.09 -90.10 33.03
CA ARG A 1594 -15.00 -90.77 33.95
C ARG A 1594 -14.34 -91.98 34.59
N LEU A 1595 -13.51 -92.69 33.83
CA LEU A 1595 -12.76 -93.81 34.39
C LEU A 1595 -11.71 -93.28 35.35
N GLU A 1596 -11.82 -93.69 36.62
CA GLU A 1596 -10.92 -93.19 37.65
C GLU A 1596 -10.80 -94.22 38.76
N VAL A 1597 -9.77 -94.07 39.57
CA VAL A 1597 -9.52 -95.01 40.65
C VAL A 1597 -10.35 -94.61 41.87
N GLN A 1598 -11.03 -95.59 42.46
CA GLN A 1598 -11.84 -95.40 43.64
C GLN A 1598 -11.29 -96.28 44.75
N MET A 1599 -11.27 -95.74 45.96
CA MET A 1599 -10.71 -96.42 47.11
C MET A 1599 -11.80 -96.66 48.14
N LEU A 1600 -11.71 -97.82 48.80
CA LEU A 1600 -12.72 -98.18 49.79
C LEU A 1600 -12.58 -97.30 51.04
N MET A 1601 -13.68 -96.65 51.42
CA MET A 1601 -13.72 -95.84 52.63
C MET A 1601 -14.69 -96.46 53.63
N PRO A 1602 -14.23 -96.83 54.82
CA PRO A 1602 -15.11 -97.62 55.72
C PRO A 1602 -16.40 -96.92 56.10
N VAL A 1603 -16.38 -95.60 56.28
CA VAL A 1603 -17.50 -94.89 56.89
C VAL A 1603 -17.93 -93.75 55.98
N SER A 1604 -19.23 -93.41 56.05
CA SER A 1604 -19.80 -92.34 55.25
C SER A 1604 -21.01 -91.76 55.96
N TRP A 1605 -21.30 -90.49 55.70
CA TRP A 1605 -22.49 -89.88 56.27
C TRP A 1605 -23.75 -90.40 55.57
N SER A 1606 -24.79 -90.65 56.34
CA SER A 1606 -26.07 -91.10 55.81
C SER A 1606 -27.21 -90.40 56.54
N ARG A 1607 -28.20 -89.97 55.78
CA ARG A 1607 -29.33 -89.25 56.35
C ARG A 1607 -30.24 -90.20 57.14
N MET A 1608 -30.61 -89.78 58.34
CA MET A 1608 -31.52 -90.55 59.18
C MET A 1608 -32.97 -90.28 58.78
N PRO A 1609 -33.76 -91.31 58.49
CA PRO A 1609 -35.15 -91.07 58.11
C PRO A 1609 -35.93 -90.30 59.17
N ASN A 1610 -36.84 -89.45 58.71
CA ASN A 1610 -37.67 -88.67 59.63
C ASN A 1610 -38.65 -89.54 60.38
N HIS A 1611 -39.16 -90.61 59.75
CA HIS A 1611 -40.08 -91.53 60.38
C HIS A 1611 -39.59 -92.95 60.19
N PHE A 1612 -39.97 -93.82 61.12
CA PHE A 1612 -39.48 -95.19 61.16
C PHE A 1612 -40.66 -96.14 61.29
N LEU A 1613 -40.52 -97.32 60.68
CA LEU A 1613 -41.57 -98.31 60.73
C LEU A 1613 -41.87 -98.71 62.17
N GLN A 1614 -43.16 -98.76 62.50
CA GLN A 1614 -43.59 -99.14 63.84
C GLN A 1614 -43.87 -100.64 63.86
N VAL A 1615 -43.09 -101.36 64.66
CA VAL A 1615 -43.13 -102.82 64.69
C VAL A 1615 -43.53 -103.24 66.10
N GLU A 1616 -44.51 -104.15 66.17
CA GLU A 1616 -44.97 -104.69 67.45
C GLU A 1616 -44.45 -106.10 67.62
N THR A 1617 -43.72 -106.33 68.70
CA THR A 1617 -43.19 -107.64 69.05
C THR A 1617 -43.79 -108.06 70.39
N ARG A 1618 -44.23 -109.31 70.46
CA ARG A 1618 -44.81 -109.81 71.70
C ARG A 1618 -44.66 -111.32 71.75
N ARG A 1619 -45.02 -111.89 72.89
CA ARG A 1619 -45.14 -113.34 73.04
C ARG A 1619 -46.63 -113.68 73.10
N ALA A 1620 -47.18 -114.14 71.98
CA ALA A 1620 -48.61 -114.44 71.95
C ALA A 1620 -48.96 -115.51 72.97
N GLY A 1621 -48.09 -116.50 73.14
CA GLY A 1621 -48.33 -117.57 74.07
C GLY A 1621 -47.29 -118.66 73.88
N GLU A 1622 -47.41 -119.68 74.73
CA GLU A 1622 -46.47 -120.79 74.68
C GLU A 1622 -46.61 -121.57 73.37
N ARG A 1623 -47.84 -121.82 72.95
CA ARG A 1623 -48.05 -122.57 71.71
C ARG A 1623 -47.96 -121.65 70.50
N LEU A 1624 -48.53 -120.44 70.61
CA LEU A 1624 -48.57 -119.55 69.46
C LEU A 1624 -47.21 -118.99 69.11
N GLY A 1625 -46.31 -118.87 70.08
CA GLY A 1625 -44.97 -118.40 69.82
C GLY A 1625 -44.86 -116.89 69.94
N TRP A 1626 -43.86 -116.35 69.24
CA TRP A 1626 -43.57 -114.92 69.31
C TRP A 1626 -44.11 -114.20 68.08
N ALA A 1627 -44.86 -113.14 68.29
CA ALA A 1627 -45.59 -112.47 67.23
C ALA A 1627 -44.93 -111.15 66.85
N VAL A 1628 -44.82 -110.93 65.54
CA VAL A 1628 -44.28 -109.70 64.96
C VAL A 1628 -45.34 -109.13 64.02
N GLN A 1629 -45.58 -107.82 64.14
CA GLN A 1629 -46.63 -107.19 63.35
C GLN A 1629 -46.15 -105.82 62.86
N CYS A 1630 -46.40 -105.54 61.58
CA CYS A 1630 -46.21 -104.21 61.00
C CYS A 1630 -47.40 -103.95 60.09
N GLN A 1631 -48.12 -102.85 60.36
CA GLN A 1631 -49.38 -102.57 59.68
C GLN A 1631 -49.41 -101.22 58.98
N ASP A 1632 -48.55 -100.28 59.37
CA ASP A 1632 -48.60 -98.93 58.81
C ASP A 1632 -47.53 -98.77 57.73
N PRO A 1633 -47.89 -98.29 56.54
CA PRO A 1633 -46.91 -98.21 55.46
C PRO A 1633 -46.03 -96.97 55.56
N LEU A 1634 -44.81 -97.09 55.05
CA LEU A 1634 -43.89 -95.98 54.88
C LEU A 1634 -43.23 -96.10 53.52
N THR A 1635 -43.00 -94.96 52.88
CA THR A 1635 -42.43 -94.93 51.54
C THR A 1635 -41.31 -93.90 51.48
N MET A 1636 -40.34 -94.15 50.61
CA MET A 1636 -39.23 -93.24 50.40
C MET A 1636 -39.02 -93.05 48.90
N MET A 1637 -38.64 -91.83 48.53
CA MET A 1637 -38.23 -91.52 47.17
C MET A 1637 -36.76 -91.88 47.02
N ALA A 1638 -36.47 -92.82 46.12
CA ALA A 1638 -35.14 -93.40 45.98
C ALA A 1638 -34.45 -92.88 44.73
N LEU A 1639 -33.23 -92.42 44.90
CA LEU A 1639 -32.36 -92.00 43.80
C LEU A 1639 -31.38 -93.13 43.53
N HIS A 1640 -31.42 -93.68 42.32
CA HIS A 1640 -30.70 -94.89 41.96
C HIS A 1640 -29.55 -94.55 41.02
N ILE A 1641 -28.34 -94.93 41.42
CA ILE A 1641 -27.17 -94.79 40.55
C ILE A 1641 -27.05 -96.09 39.76
N PRO A 1642 -27.24 -96.06 38.43
CA PRO A 1642 -27.27 -97.32 37.68
C PRO A 1642 -25.94 -98.06 37.67
N GLU A 1643 -24.83 -97.36 37.40
CA GLU A 1643 -23.56 -98.05 37.24
C GLU A 1643 -23.13 -98.74 38.53
N GLU A 1644 -23.53 -98.20 39.68
CA GLU A 1644 -23.21 -98.79 40.97
C GLU A 1644 -24.34 -99.66 41.51
N ASN A 1645 -25.51 -99.61 40.91
CA ASN A 1645 -26.66 -100.41 41.35
C ASN A 1645 -26.93 -100.24 42.83
N ARG A 1646 -26.98 -98.99 43.28
CA ARG A 1646 -27.36 -98.66 44.64
C ARG A 1646 -28.32 -97.48 44.65
N CYS A 1647 -28.94 -97.26 45.80
CA CYS A 1647 -29.95 -96.23 45.96
C CYS A 1647 -29.69 -95.42 47.22
N MET A 1648 -30.19 -94.19 47.20
CA MET A 1648 -30.19 -93.33 48.37
C MET A 1648 -31.58 -92.73 48.51
N ASP A 1649 -31.80 -92.06 49.63
CA ASP A 1649 -32.93 -91.15 49.72
C ASP A 1649 -32.62 -89.90 48.91
N ILE A 1650 -33.58 -89.48 48.07
CA ILE A 1650 -33.40 -88.28 47.28
C ILE A 1650 -33.13 -87.07 48.17
N LEU A 1651 -33.46 -87.16 49.45
CA LEU A 1651 -33.27 -86.08 50.39
C LEU A 1651 -31.81 -85.85 50.77
N GLU A 1652 -30.92 -86.81 50.47
CA GLU A 1652 -29.50 -86.59 50.70
C GLU A 1652 -28.92 -85.57 49.75
N LEU A 1653 -29.66 -85.18 48.73
CA LEU A 1653 -29.20 -84.14 47.80
C LEU A 1653 -29.19 -82.78 48.44
N SER A 1654 -29.72 -82.68 49.66
CA SER A 1654 -29.56 -81.45 50.44
C SER A 1654 -28.10 -81.20 50.78
N GLU A 1655 -27.32 -82.26 50.94
CA GLU A 1655 -25.89 -82.15 51.21
C GLU A 1655 -25.04 -82.56 50.02
N ARG A 1656 -25.55 -83.44 49.16
CA ARG A 1656 -24.86 -83.85 47.93
C ARG A 1656 -25.29 -82.90 46.83
N LEU A 1657 -24.49 -81.85 46.65
CA LEU A 1657 -24.92 -80.69 45.86
C LEU A 1657 -24.69 -80.91 44.37
N ASP A 1658 -23.58 -81.55 43.99
CA ASP A 1658 -23.35 -81.83 42.58
C ASP A 1658 -24.47 -82.70 42.02
N LEU A 1659 -24.88 -83.72 42.78
CA LEU A 1659 -26.01 -84.53 42.37
C LEU A 1659 -27.29 -83.71 42.30
N GLN A 1660 -27.48 -82.78 43.24
CA GLN A 1660 -28.64 -81.90 43.20
C GLN A 1660 -28.68 -81.10 41.91
N ARG A 1661 -27.56 -80.47 41.55
CA ARG A 1661 -27.54 -79.69 40.32
C ARG A 1661 -27.77 -80.57 39.10
N PHE A 1662 -27.12 -81.74 39.06
CA PHE A 1662 -27.29 -82.60 37.90
C PHE A 1662 -28.74 -83.03 37.75
N HIS A 1663 -29.40 -83.39 38.85
CA HIS A 1663 -30.77 -83.86 38.76
C HIS A 1663 -31.73 -82.72 38.44
N SER A 1664 -31.48 -81.52 38.98
CA SER A 1664 -32.32 -80.38 38.64
C SER A 1664 -32.21 -80.05 37.17
N HIS A 1665 -31.00 -80.07 36.61
CA HIS A 1665 -30.83 -79.85 35.18
C HIS A 1665 -31.40 -81.01 34.36
N THR A 1666 -31.41 -82.22 34.91
CA THR A 1666 -32.11 -83.32 34.26
C THR A 1666 -33.61 -83.04 34.18
N LEU A 1667 -34.18 -82.50 35.25
CA LEU A 1667 -35.59 -82.09 35.21
C LEU A 1667 -35.80 -80.98 34.18
N ARG A 1668 -34.87 -80.04 34.10
CA ARG A 1668 -34.93 -79.03 33.05
C ARG A 1668 -34.98 -79.68 31.67
N LEU A 1669 -34.14 -80.69 31.45
CA LEU A 1669 -34.13 -81.38 30.17
C LEU A 1669 -35.45 -82.10 29.92
N TYR A 1670 -36.01 -82.72 30.96
CA TYR A 1670 -37.31 -83.36 30.82
C TYR A 1670 -38.37 -82.36 30.39
N ARG A 1671 -38.36 -81.17 31.00
CA ARG A 1671 -39.31 -80.15 30.59
C ARG A 1671 -39.05 -79.68 29.17
N ALA A 1672 -37.79 -79.54 28.79
CA ALA A 1672 -37.44 -79.06 27.46
C ALA A 1672 -37.91 -80.02 26.37
N VAL A 1673 -37.69 -81.32 26.57
CA VAL A 1673 -38.02 -82.28 25.52
C VAL A 1673 -39.53 -82.33 25.30
N CYS A 1674 -40.32 -82.12 26.34
CA CYS A 1674 -41.77 -82.09 26.24
C CYS A 1674 -42.31 -80.68 26.01
N ALA A 1675 -41.43 -79.70 25.89
CA ALA A 1675 -41.86 -78.31 25.76
C ALA A 1675 -42.68 -78.09 24.49
N LEU A 1676 -43.74 -77.30 24.65
CA LEU A 1676 -44.44 -76.71 23.51
C LEU A 1676 -45.09 -77.77 22.62
N GLY A 1677 -45.85 -78.66 23.24
CA GLY A 1677 -46.78 -79.53 22.52
C GLY A 1677 -46.31 -80.93 22.24
N ASN A 1678 -45.14 -81.34 22.72
CA ASN A 1678 -44.67 -82.70 22.48
C ASN A 1678 -45.33 -83.65 23.50
N ASN A 1679 -46.62 -83.86 23.27
CA ASN A 1679 -47.42 -84.70 24.16
C ASN A 1679 -46.96 -86.15 24.12
N ARG A 1680 -46.40 -86.58 22.98
CA ARG A 1680 -45.81 -87.90 22.88
C ARG A 1680 -44.63 -88.04 23.84
N VAL A 1681 -43.75 -87.04 23.87
CA VAL A 1681 -42.63 -87.06 24.80
C VAL A 1681 -43.14 -86.96 26.24
N ALA A 1682 -44.23 -86.23 26.44
CA ALA A 1682 -44.83 -86.20 27.78
C ALA A 1682 -45.28 -87.58 28.23
N HIS A 1683 -45.94 -88.31 27.33
CA HIS A 1683 -46.33 -89.68 27.63
C HIS A 1683 -45.11 -90.54 27.95
N ALA A 1684 -44.05 -90.39 27.16
CA ALA A 1684 -42.84 -91.16 27.42
C ALA A 1684 -42.25 -90.84 28.79
N LEU A 1685 -42.22 -89.54 29.14
CA LEU A 1685 -41.69 -89.14 30.44
C LEU A 1685 -42.52 -89.72 31.57
N CYS A 1686 -43.83 -89.80 31.38
CA CYS A 1686 -44.69 -90.36 32.42
C CYS A 1686 -44.20 -91.73 32.87
N SER A 1687 -43.41 -92.42 32.05
CA SER A 1687 -42.84 -93.69 32.46
C SER A 1687 -41.68 -93.49 33.45
N HIS A 1688 -40.80 -92.52 33.17
CA HIS A 1688 -39.63 -92.31 34.02
C HIS A 1688 -40.00 -91.61 35.32
N VAL A 1689 -40.90 -90.62 35.24
CA VAL A 1689 -41.36 -89.87 36.40
C VAL A 1689 -42.85 -90.12 36.49
N ASP A 1690 -43.28 -90.94 37.45
CA ASP A 1690 -44.67 -91.35 37.49
C ASP A 1690 -45.51 -90.38 38.32
N GLN A 1691 -46.82 -90.58 38.20
CA GLN A 1691 -47.78 -89.73 38.90
C GLN A 1691 -47.57 -89.79 40.41
N ALA A 1692 -47.30 -90.98 40.93
CA ALA A 1692 -47.06 -91.12 42.36
C ALA A 1692 -45.83 -90.33 42.79
N GLN A 1693 -44.75 -90.43 42.02
CA GLN A 1693 -43.54 -89.66 42.31
C GLN A 1693 -43.86 -88.17 42.35
N LEU A 1694 -44.56 -87.68 41.32
CA LEU A 1694 -44.83 -86.25 41.24
C LEU A 1694 -45.67 -85.79 42.42
N LEU A 1695 -46.75 -86.52 42.70
CA LEU A 1695 -47.65 -86.13 43.78
C LEU A 1695 -46.95 -86.17 45.13
N HIS A 1696 -46.11 -87.19 45.35
CA HIS A 1696 -45.35 -87.27 46.59
C HIS A 1696 -44.37 -86.10 46.71
N ALA A 1697 -43.72 -85.74 45.60
CA ALA A 1697 -42.80 -84.60 45.62
C ALA A 1697 -43.53 -83.31 45.94
N LEU A 1698 -44.78 -83.18 45.48
CA LEU A 1698 -45.53 -81.97 45.76
C LEU A 1698 -45.65 -81.74 47.26
N GLU A 1699 -45.89 -82.81 48.02
CA GLU A 1699 -46.11 -82.73 49.46
C GLU A 1699 -44.83 -82.86 50.27
N ASP A 1700 -43.74 -83.31 49.68
CA ASP A 1700 -42.52 -83.55 50.44
C ASP A 1700 -41.95 -82.21 50.91
N ALA A 1701 -41.96 -82.01 52.23
CA ALA A 1701 -41.44 -80.77 52.80
C ALA A 1701 -39.92 -80.73 52.85
N HIS A 1702 -39.28 -81.89 52.84
CA HIS A 1702 -37.85 -81.96 53.09
C HIS A 1702 -37.01 -81.87 51.82
N LEU A 1703 -37.63 -81.75 50.65
CA LEU A 1703 -36.85 -81.64 49.43
C LEU A 1703 -36.14 -80.29 49.36
N PRO A 1704 -35.02 -80.20 48.64
CA PRO A 1704 -34.48 -78.89 48.29
C PRO A 1704 -35.43 -78.14 47.37
N GLY A 1705 -35.37 -76.81 47.46
CA GLY A 1705 -36.20 -75.95 46.67
C GLY A 1705 -36.06 -76.17 45.18
N PRO A 1706 -34.83 -76.33 44.69
CA PRO A 1706 -34.66 -76.60 43.25
C PRO A 1706 -35.42 -77.83 42.79
N LEU A 1707 -35.33 -78.93 43.55
CA LEU A 1707 -36.02 -80.16 43.14
C LEU A 1707 -37.53 -80.00 43.28
N ARG A 1708 -37.97 -79.34 44.35
CA ARG A 1708 -39.40 -79.09 44.52
C ARG A 1708 -39.96 -78.32 43.33
N ALA A 1709 -39.31 -77.21 42.98
CA ALA A 1709 -39.77 -76.41 41.84
C ALA A 1709 -39.67 -77.19 40.54
N GLY A 1710 -38.59 -77.95 40.36
CA GLY A 1710 -38.45 -78.74 39.15
C GLY A 1710 -39.56 -79.75 38.98
N TYR A 1711 -39.96 -80.40 40.07
CA TYR A 1711 -41.01 -81.40 39.99
C TYR A 1711 -42.37 -80.75 39.77
N TYR A 1712 -42.63 -79.63 40.43
CA TYR A 1712 -43.85 -78.89 40.16
C TYR A 1712 -43.95 -78.51 38.69
N ASP A 1713 -42.89 -77.90 38.16
CA ASP A 1713 -42.88 -77.48 36.77
C ASP A 1713 -42.92 -78.66 35.81
N LEU A 1714 -42.33 -79.79 36.19
CA LEU A 1714 -42.42 -80.99 35.36
C LEU A 1714 -43.84 -81.50 35.28
N LEU A 1715 -44.54 -81.53 36.43
CA LEU A 1715 -45.95 -81.89 36.40
C LEU A 1715 -46.72 -80.96 35.48
N ILE A 1716 -46.50 -79.65 35.62
CA ILE A 1716 -47.22 -78.69 34.79
C ILE A 1716 -46.92 -78.90 33.31
N SER A 1717 -45.64 -79.13 32.98
CA SER A 1717 -45.24 -79.31 31.60
C SER A 1717 -45.85 -80.57 31.01
N ILE A 1718 -45.75 -81.69 31.73
CA ILE A 1718 -46.24 -82.96 31.23
C ILE A 1718 -47.75 -82.92 31.06
N HIS A 1719 -48.46 -82.31 32.01
CA HIS A 1719 -49.91 -82.49 32.11
C HIS A 1719 -50.72 -81.26 31.77
N LEU A 1720 -50.20 -80.05 32.04
CA LEU A 1720 -51.03 -78.86 32.07
C LEU A 1720 -50.64 -77.79 31.07
N GLU A 1721 -49.39 -77.77 30.60
CA GLU A 1721 -48.91 -76.62 29.83
C GLU A 1721 -49.67 -76.45 28.52
N SER A 1722 -49.84 -77.53 27.75
CA SER A 1722 -50.51 -77.41 26.47
C SER A 1722 -51.96 -76.97 26.65
N ALA A 1723 -52.67 -77.57 27.61
CA ALA A 1723 -54.05 -77.21 27.84
C ALA A 1723 -54.19 -75.76 28.27
N CYS A 1724 -53.32 -75.32 29.18
CA CYS A 1724 -53.38 -73.95 29.66
C CYS A 1724 -53.10 -72.96 28.54
N ARG A 1725 -52.11 -73.27 27.69
CA ARG A 1725 -51.81 -72.39 26.57
C ARG A 1725 -52.97 -72.32 25.59
N SER A 1726 -53.56 -73.47 25.25
CA SER A 1726 -54.69 -73.47 24.34
C SER A 1726 -55.86 -72.67 24.90
N ARG A 1727 -56.13 -72.82 26.20
CA ARG A 1727 -57.24 -72.09 26.81
C ARG A 1727 -56.95 -70.60 26.88
N ARG A 1728 -55.70 -70.24 27.20
CA ARG A 1728 -55.32 -68.83 27.26
C ARG A 1728 -55.49 -68.17 25.90
N SER A 1729 -55.20 -68.92 24.83
CA SER A 1729 -55.39 -68.37 23.49
C SER A 1729 -56.84 -67.94 23.28
N MET A 1730 -57.79 -68.75 23.76
CA MET A 1730 -59.21 -68.44 23.60
C MET A 1730 -59.70 -67.37 24.57
N LEU A 1731 -59.09 -67.27 25.76
CA LEU A 1731 -59.64 -66.39 26.79
C LEU A 1731 -59.79 -64.96 26.29
N SER A 1732 -58.94 -64.54 25.35
CA SER A 1732 -59.02 -63.18 24.85
C SER A 1732 -60.32 -62.93 24.10
N GLU A 1733 -60.93 -63.97 23.57
CA GLU A 1733 -62.14 -63.83 22.77
C GLU A 1733 -63.38 -64.11 23.59
N TYR A 1734 -64.51 -63.54 23.15
CA TYR A 1734 -65.80 -63.63 23.85
C TYR A 1734 -66.88 -63.99 22.84
N ILE A 1735 -67.04 -65.29 22.59
CA ILE A 1735 -68.13 -65.76 21.73
C ILE A 1735 -69.28 -66.16 22.63
N VAL A 1736 -70.35 -65.38 22.61
CA VAL A 1736 -71.47 -65.52 23.53
C VAL A 1736 -72.63 -66.16 22.78
N PRO A 1737 -73.10 -67.34 23.18
CA PRO A 1737 -74.37 -67.84 22.63
C PRO A 1737 -75.56 -67.15 23.27
N LEU A 1738 -76.62 -66.97 22.47
CA LEU A 1738 -77.84 -66.35 22.95
C LEU A 1738 -78.68 -67.42 23.62
N THR A 1739 -78.59 -67.52 24.93
CA THR A 1739 -79.20 -68.60 25.69
C THR A 1739 -79.90 -68.04 26.91
N PRO A 1740 -80.84 -68.81 27.50
CA PRO A 1740 -81.46 -68.39 28.75
C PRO A 1740 -80.43 -68.09 29.83
N GLU A 1741 -79.36 -68.89 29.86
CA GLU A 1741 -78.27 -68.61 30.79
C GLU A 1741 -77.72 -67.21 30.59
N THR A 1742 -77.44 -66.85 29.34
CA THR A 1742 -76.94 -65.51 29.04
C THR A 1742 -77.95 -64.45 29.48
N ARG A 1743 -79.22 -64.67 29.14
CA ARG A 1743 -80.27 -63.73 29.54
CA ARG A 1743 -80.27 -63.73 29.54
C ARG A 1743 -80.22 -63.49 31.04
N ALA A 1744 -80.08 -64.56 31.82
CA ALA A 1744 -80.07 -64.42 33.27
C ALA A 1744 -78.89 -63.60 33.75
N ILE A 1745 -77.80 -63.55 32.98
CA ILE A 1745 -76.60 -62.87 33.44
C ILE A 1745 -76.92 -61.40 33.66
N THR A 1746 -76.47 -60.88 34.80
CA THR A 1746 -76.60 -59.47 35.13
C THR A 1746 -75.27 -58.98 35.69
N LEU A 1747 -74.98 -57.70 35.46
CA LEU A 1747 -73.75 -57.12 35.97
C LEU A 1747 -73.67 -57.28 37.48
N PHE A 1748 -74.77 -57.00 38.15
CA PHE A 1748 -74.86 -57.09 39.58
C PHE A 1748 -75.83 -58.20 39.97
N PRO A 1749 -75.39 -59.17 40.78
CA PRO A 1749 -76.32 -60.16 41.35
C PRO A 1749 -77.53 -59.48 41.94
N PRO A 1750 -78.61 -60.22 42.20
CA PRO A 1750 -79.79 -59.60 42.81
C PRO A 1750 -79.71 -59.58 44.33
N GLY A 1751 -80.50 -58.69 44.94
CA GLY A 1751 -80.45 -58.50 46.38
C GLY A 1751 -81.21 -57.25 46.78
N ARG A 1752 -80.93 -56.79 48.01
CA ARG A 1752 -81.66 -55.64 48.55
C ARG A 1752 -81.11 -54.32 48.02
N LYS A 1753 -79.79 -54.19 47.95
CA LYS A 1753 -79.20 -52.93 47.47
C LYS A 1753 -79.45 -52.76 45.98
N GLY A 1754 -79.56 -51.50 45.56
CA GLY A 1754 -79.70 -51.21 44.15
C GLY A 1754 -78.43 -51.56 43.39
N GLY A 1755 -78.60 -52.16 42.22
CA GLY A 1755 -77.49 -52.70 41.46
C GLY A 1755 -76.39 -51.69 41.19
N ASN A 1756 -76.76 -50.50 40.74
CA ASN A 1756 -75.80 -49.46 40.44
C ASN A 1756 -74.96 -49.09 41.66
N ALA A 1757 -75.62 -48.92 42.81
CA ALA A 1757 -74.94 -48.57 44.05
C ALA A 1757 -74.41 -49.79 44.79
N ARG A 1758 -74.61 -50.98 44.24
CA ARG A 1758 -74.39 -52.21 44.96
C ARG A 1758 -72.91 -52.59 45.02
N ARG A 1759 -72.59 -53.50 45.94
CA ARG A 1759 -71.26 -54.05 46.04
C ARG A 1759 -71.08 -55.14 45.00
N HIS A 1760 -69.93 -55.14 44.33
CA HIS A 1760 -69.66 -56.08 43.26
C HIS A 1760 -69.79 -57.52 43.75
N GLY A 1761 -70.19 -58.41 42.83
CA GLY A 1761 -70.11 -59.82 43.09
C GLY A 1761 -68.67 -60.31 43.08
N LEU A 1762 -68.47 -61.50 43.64
CA LEU A 1762 -67.13 -62.03 43.78
C LEU A 1762 -66.56 -62.41 42.41
N PRO A 1763 -65.36 -61.95 42.08
CA PRO A 1763 -64.78 -62.29 40.77
C PRO A 1763 -64.55 -63.79 40.63
N GLY A 1764 -64.70 -64.29 39.41
CA GLY A 1764 -64.50 -65.69 39.12
C GLY A 1764 -65.64 -66.59 39.58
N VAL A 1765 -66.69 -66.01 40.13
CA VAL A 1765 -67.83 -66.77 40.66
C VAL A 1765 -69.07 -66.35 39.90
N GLY A 1766 -69.77 -67.32 39.33
CA GLY A 1766 -71.01 -67.08 38.65
C GLY A 1766 -71.10 -67.87 37.37
N VAL A 1767 -71.96 -67.39 36.47
CA VAL A 1767 -72.27 -68.07 35.21
C VAL A 1767 -71.46 -67.43 34.10
N THR A 1768 -70.78 -68.26 33.31
CA THR A 1768 -70.08 -67.83 32.12
C THR A 1768 -70.57 -68.65 30.94
N THR A 1769 -71.04 -67.97 29.90
CA THR A 1769 -71.55 -68.63 28.71
C THR A 1769 -70.59 -68.54 27.52
N SER A 1770 -69.50 -67.80 27.65
CA SER A 1770 -68.56 -67.66 26.54
C SER A 1770 -67.98 -69.02 26.16
N LEU A 1771 -67.78 -69.22 24.86
CA LEU A 1771 -67.37 -70.52 24.36
C LEU A 1771 -65.87 -70.73 24.56
N ARG A 1772 -65.51 -71.79 25.28
CA ARG A 1772 -64.13 -72.23 25.40
C ARG A 1772 -64.09 -73.73 25.13
N PRO A 1773 -63.30 -74.19 24.17
CA PRO A 1773 -63.31 -75.60 23.81
C PRO A 1773 -62.82 -76.46 24.97
N PRO A 1774 -63.32 -77.69 25.10
CA PRO A 1774 -62.93 -78.52 26.24
C PRO A 1774 -61.50 -78.99 26.16
N HIS A 1775 -60.96 -79.39 27.30
CA HIS A 1775 -59.66 -80.05 27.35
C HIS A 1775 -59.82 -81.52 26.96
N HIS A 1776 -58.77 -82.06 26.34
CA HIS A 1776 -58.74 -83.46 25.91
C HIS A 1776 -57.46 -84.10 26.39
N PHE A 1777 -57.56 -85.25 27.04
CA PHE A 1777 -56.43 -85.95 27.62
C PHE A 1777 -56.48 -87.41 27.23
N SER A 1778 -55.31 -88.04 27.20
CA SER A 1778 -55.19 -89.45 26.90
C SER A 1778 -54.50 -90.17 28.07
N PRO A 1779 -55.03 -91.30 28.53
CA PRO A 1779 -54.39 -92.02 29.64
C PRO A 1779 -53.00 -92.49 29.25
N PRO A 1780 -52.06 -92.51 30.20
CA PRO A 1780 -50.74 -93.09 29.90
C PRO A 1780 -50.79 -94.61 29.97
N CYS A 1781 -50.45 -95.27 28.87
CA CYS A 1781 -50.39 -96.72 28.81
C CYS A 1781 -49.24 -97.12 27.90
N PHE A 1782 -48.50 -98.14 28.32
CA PHE A 1782 -47.32 -98.60 27.60
C PHE A 1782 -47.39 -100.08 27.25
N VAL A 1783 -48.55 -100.71 27.41
CA VAL A 1783 -48.80 -102.05 26.93
C VAL A 1783 -49.76 -102.05 25.75
N ALA A 1784 -50.14 -100.88 25.25
CA ALA A 1784 -51.11 -100.79 24.17
C ALA A 1784 -50.52 -101.28 22.86
N ALA A 1785 -51.40 -101.73 21.97
CA ALA A 1785 -50.96 -102.21 20.66
C ALA A 1785 -50.36 -101.06 19.86
N LEU A 1786 -49.22 -101.32 19.22
CA LEU A 1786 -48.53 -100.28 18.48
C LEU A 1786 -49.26 -100.01 17.17
N PRO A 1787 -49.63 -98.75 16.89
CA PRO A 1787 -50.34 -98.47 15.65
C PRO A 1787 -49.54 -98.88 14.43
N ALA A 1788 -50.23 -99.48 13.45
CA ALA A 1788 -49.60 -99.80 12.18
C ALA A 1788 -49.30 -98.54 11.38
N ALA A 1789 -50.00 -97.45 11.68
CA ALA A 1789 -49.86 -96.22 10.91
C ALA A 1789 -48.44 -95.69 11.01
N GLY A 1790 -47.99 -95.03 9.95
CA GLY A 1790 -46.65 -94.50 9.91
C GLY A 1790 -46.49 -93.23 10.72
N VAL A 1791 -45.23 -92.82 10.87
CA VAL A 1791 -44.93 -91.63 11.66
C VAL A 1791 -45.23 -90.37 10.84
N ALA A 1792 -45.72 -89.35 11.55
CA ALA A 1792 -46.11 -88.07 10.96
C ALA A 1792 -47.46 -88.17 10.26
N GLU A 1793 -48.02 -89.38 10.17
CA GLU A 1793 -49.36 -89.54 9.61
C GLU A 1793 -50.36 -89.90 10.70
N ALA A 1794 -49.89 -90.50 11.80
CA ALA A 1794 -50.77 -90.84 12.90
C ALA A 1794 -51.30 -89.57 13.54
N PRO A 1795 -52.50 -89.61 14.13
CA PRO A 1795 -53.05 -88.39 14.74
C PRO A 1795 -52.19 -87.91 15.90
N ALA A 1796 -52.20 -86.60 16.11
CA ALA A 1796 -51.47 -86.01 17.22
C ALA A 1796 -51.99 -86.55 18.54
N ARG A 1797 -51.06 -86.87 19.45
CA ARG A 1797 -51.44 -87.41 20.75
C ARG A 1797 -51.85 -86.29 21.69
N LEU A 1798 -52.75 -86.63 22.61
CA LEU A 1798 -53.21 -85.71 23.63
C LEU A 1798 -52.25 -85.72 24.82
N SER A 1799 -52.39 -84.70 25.65
CA SER A 1799 -51.56 -84.61 26.84
C SER A 1799 -51.93 -85.74 27.81
N PRO A 1800 -50.96 -86.25 28.57
CA PRO A 1800 -51.28 -87.31 29.54
C PRO A 1800 -52.29 -86.84 30.57
N ALA A 1801 -53.14 -87.77 31.01
CA ALA A 1801 -54.20 -87.47 31.96
C ALA A 1801 -53.72 -87.63 33.40
N ILE A 1802 -54.23 -86.76 34.27
CA ILE A 1802 -53.97 -86.86 35.70
C ILE A 1802 -55.25 -86.44 36.42
N PRO A 1803 -55.53 -86.96 37.62
CA PRO A 1803 -56.80 -86.59 38.29
C PRO A 1803 -56.84 -85.14 38.73
N LEU A 1804 -57.64 -84.37 37.98
CA LEU A 1804 -57.59 -82.92 38.09
C LEU A 1804 -58.27 -82.44 39.36
N GLU A 1805 -59.39 -83.05 39.74
CA GLU A 1805 -60.08 -82.63 40.96
C GLU A 1805 -59.24 -82.91 42.20
N ALA A 1806 -58.58 -84.08 42.25
CA ALA A 1806 -57.70 -84.38 43.37
C ALA A 1806 -56.51 -83.44 43.41
N LEU A 1807 -55.91 -83.18 42.24
CA LEU A 1807 -54.81 -82.22 42.19
C LEU A 1807 -55.26 -80.85 42.66
N ARG A 1808 -56.46 -80.44 42.26
CA ARG A 1808 -57.03 -79.15 42.66
C ARG A 1808 -57.20 -79.06 44.18
N ASP A 1809 -57.78 -80.11 44.78
CA ASP A 1809 -57.95 -80.12 46.23
C ASP A 1809 -56.60 -80.08 46.94
N LYS A 1810 -55.63 -80.86 46.46
CA LYS A 1810 -54.31 -80.86 47.08
C LYS A 1810 -53.65 -79.49 46.98
N ALA A 1811 -53.80 -78.82 45.83
CA ALA A 1811 -53.20 -77.51 45.67
C ALA A 1811 -53.82 -76.52 46.64
N LEU A 1812 -55.15 -76.52 46.77
CA LEU A 1812 -55.80 -75.65 47.74
C LEU A 1812 -55.29 -75.93 49.15
N ARG A 1813 -55.19 -77.21 49.51
CA ARG A 1813 -54.80 -77.59 50.86
C ARG A 1813 -53.37 -77.15 51.16
N MET A 1814 -52.44 -77.39 50.23
CA MET A 1814 -51.06 -76.96 50.43
C MET A 1814 -50.95 -75.44 50.51
N LEU A 1815 -51.72 -74.73 49.67
CA LEU A 1815 -51.68 -73.27 49.73
C LEU A 1815 -52.15 -72.76 51.09
N GLY A 1816 -53.24 -73.33 51.61
CA GLY A 1816 -53.71 -72.91 52.92
C GLY A 1816 -52.70 -73.22 54.02
N GLU A 1817 -52.08 -74.40 53.95
CA GLU A 1817 -51.05 -74.75 54.93
C GLU A 1817 -49.89 -73.76 54.87
N ALA A 1818 -49.47 -73.41 53.66
CA ALA A 1818 -48.38 -72.45 53.50
C ALA A 1818 -48.77 -71.10 54.09
N VAL A 1819 -49.99 -70.65 53.83
CA VAL A 1819 -50.44 -69.38 54.40
C VAL A 1819 -50.35 -69.42 55.92
N ARG A 1820 -50.89 -70.48 56.52
CA ARG A 1820 -50.91 -70.55 57.98
C ARG A 1820 -49.50 -70.58 58.56
N ASP A 1821 -48.60 -71.39 57.98
CA ASP A 1821 -47.26 -71.51 58.54
C ASP A 1821 -46.46 -70.22 58.34
N GLY A 1822 -46.60 -69.59 57.17
CA GLY A 1822 -46.01 -68.27 57.00
C GLY A 1822 -46.56 -67.28 58.00
N GLY A 1823 -47.79 -67.49 58.45
CA GLY A 1823 -48.31 -66.71 59.56
C GLY A 1823 -47.49 -66.90 60.81
N GLN A 1824 -47.01 -68.11 61.06
CA GLN A 1824 -46.22 -68.39 62.24
C GLN A 1824 -44.73 -68.05 62.07
N HIS A 1825 -44.26 -67.78 60.86
CA HIS A 1825 -42.84 -67.46 60.64
C HIS A 1825 -41.92 -68.54 61.19
N ALA A 1826 -42.00 -69.71 60.59
CA ALA A 1826 -41.10 -70.77 60.94
C ALA A 1826 -39.70 -70.50 60.41
N ARG A 1827 -38.70 -71.10 61.06
CA ARG A 1827 -37.32 -70.95 60.64
C ARG A 1827 -36.90 -72.03 59.64
N ASP A 1828 -37.80 -72.95 59.30
CA ASP A 1828 -37.49 -74.04 58.38
C ASP A 1828 -38.54 -74.09 57.27
N PRO A 1829 -38.53 -73.14 56.35
CA PRO A 1829 -39.52 -73.18 55.26
C PRO A 1829 -39.29 -74.36 54.33
N VAL A 1830 -40.37 -74.80 53.69
CA VAL A 1830 -40.26 -75.83 52.67
C VAL A 1830 -39.40 -75.31 51.53
N GLY A 1831 -38.39 -76.09 51.16
CA GLY A 1831 -37.44 -75.66 50.15
C GLY A 1831 -36.38 -74.72 50.65
N GLY A 1832 -36.39 -74.39 51.94
CA GLY A 1832 -35.39 -73.49 52.49
C GLY A 1832 -35.70 -72.01 52.30
N SER A 1833 -36.85 -71.67 51.74
CA SER A 1833 -37.18 -70.27 51.49
C SER A 1833 -38.68 -70.11 51.32
N VAL A 1834 -39.16 -68.91 51.65
CA VAL A 1834 -40.54 -68.56 51.35
C VAL A 1834 -40.79 -68.63 49.86
N GLU A 1835 -39.80 -68.22 49.06
CA GLU A 1835 -39.92 -68.33 47.60
C GLU A 1835 -40.18 -69.77 47.18
N PHE A 1836 -39.34 -70.71 47.62
CA PHE A 1836 -39.47 -72.09 47.18
C PHE A 1836 -40.70 -72.72 47.78
N GLN A 1837 -41.17 -72.18 48.90
CA GLN A 1837 -42.40 -72.67 49.51
C GLN A 1837 -43.63 -72.27 48.71
N PHE A 1838 -43.67 -71.02 48.25
CA PHE A 1838 -44.92 -70.46 47.72
C PHE A 1838 -45.00 -70.54 46.21
N VAL A 1839 -43.91 -70.18 45.51
CA VAL A 1839 -44.00 -69.99 44.06
C VAL A 1839 -44.55 -71.22 43.35
N PRO A 1840 -44.07 -72.44 43.61
CA PRO A 1840 -44.62 -73.60 42.87
C PRO A 1840 -46.11 -73.78 43.05
N VAL A 1841 -46.60 -73.68 44.29
CA VAL A 1841 -48.03 -73.87 44.54
C VAL A 1841 -48.83 -72.80 43.81
N LEU A 1842 -48.36 -71.56 43.84
CA LEU A 1842 -49.09 -70.48 43.17
C LEU A 1842 -49.11 -70.68 41.67
N LYS A 1843 -48.01 -71.14 41.08
CA LYS A 1843 -47.99 -71.42 39.66
C LYS A 1843 -49.00 -72.51 39.31
N LEU A 1844 -49.03 -73.58 40.11
CA LEU A 1844 -49.99 -74.65 39.88
C LEU A 1844 -51.42 -74.12 39.96
N VAL A 1845 -51.69 -73.30 40.98
CA VAL A 1845 -53.04 -72.78 41.19
C VAL A 1845 -53.45 -71.89 40.02
N SER A 1846 -52.53 -71.04 39.56
CA SER A 1846 -52.83 -70.16 38.44
C SER A 1846 -53.11 -70.97 37.18
N THR A 1847 -52.30 -72.00 36.94
CA THR A 1847 -52.54 -72.87 35.79
C THR A 1847 -53.93 -73.49 35.87
N LEU A 1848 -54.29 -73.98 37.05
CA LEU A 1848 -55.59 -74.66 37.19
C LEU A 1848 -56.75 -73.68 37.05
N LEU A 1849 -56.60 -72.45 37.57
CA LEU A 1849 -57.63 -71.44 37.34
C LEU A 1849 -57.81 -71.16 35.86
N VAL A 1850 -56.71 -70.88 35.16
CA VAL A 1850 -56.81 -70.58 33.73
C VAL A 1850 -57.45 -71.76 33.00
N MET A 1851 -57.12 -72.98 33.42
CA MET A 1851 -57.68 -74.16 32.79
C MET A 1851 -59.16 -74.33 33.14
N GLY A 1852 -59.60 -73.72 34.24
CA GLY A 1852 -60.99 -73.76 34.64
C GLY A 1852 -61.36 -74.89 35.59
N ILE A 1853 -60.38 -75.55 36.20
CA ILE A 1853 -60.67 -76.69 37.07
C ILE A 1853 -61.39 -76.23 38.32
N PHE A 1854 -60.98 -75.10 38.88
CA PHE A 1854 -61.54 -74.63 40.15
C PHE A 1854 -63.02 -74.32 40.01
N GLY A 1855 -63.80 -74.71 41.01
CA GLY A 1855 -65.20 -74.36 41.11
C GLY A 1855 -65.40 -73.06 41.88
N ASP A 1856 -66.68 -72.73 42.09
CA ASP A 1856 -67.03 -71.48 42.75
C ASP A 1856 -66.54 -71.46 44.20
N GLU A 1857 -66.80 -72.54 44.94
CA GLU A 1857 -66.39 -72.60 46.33
C GLU A 1857 -64.87 -72.56 46.46
N ASP A 1858 -64.18 -73.27 45.58
CA ASP A 1858 -62.73 -73.28 45.60
C ASP A 1858 -62.18 -71.89 45.29
N VAL A 1859 -62.80 -71.19 44.34
CA VAL A 1859 -62.42 -69.80 44.05
C VAL A 1859 -62.63 -68.94 45.28
N LYS A 1860 -63.72 -69.18 46.02
CA LYS A 1860 -63.97 -68.43 47.24
C LYS A 1860 -62.88 -68.68 48.28
N GLN A 1861 -62.47 -69.94 48.44
CA GLN A 1861 -61.38 -70.23 49.37
C GLN A 1861 -60.10 -69.52 48.96
N ILE A 1862 -59.80 -69.56 47.66
CA ILE A 1862 -58.61 -68.86 47.16
C ILE A 1862 -58.69 -67.37 47.45
N LEU A 1863 -59.88 -66.79 47.24
CA LEU A 1863 -60.06 -65.36 47.50
C LEU A 1863 -59.87 -65.04 48.97
N LYS A 1864 -60.39 -65.91 49.85
CA LYS A 1864 -60.19 -65.71 51.29
C LYS A 1864 -58.71 -65.77 51.65
N MET A 1865 -57.98 -66.71 51.04
CA MET A 1865 -56.53 -66.75 51.25
C MET A 1865 -55.90 -65.43 50.81
N ILE A 1866 -56.34 -64.89 49.66
CA ILE A 1866 -55.75 -63.67 49.14
C ILE A 1866 -56.01 -62.51 50.10
N GLU A 1867 -57.28 -62.27 50.43
CA GLU A 1867 -57.66 -61.20 51.35
C GLU A 1867 -59.06 -61.51 51.88
N PRO A 1868 -59.16 -62.17 53.04
CA PRO A 1868 -60.50 -62.60 53.50
C PRO A 1868 -61.47 -61.45 53.74
N GLU A 1869 -60.98 -60.32 54.25
CA GLU A 1869 -61.89 -59.24 54.61
C GLU A 1869 -62.62 -58.71 53.38
N VAL A 1870 -61.91 -58.53 52.27
CA VAL A 1870 -62.54 -57.99 51.07
C VAL A 1870 -63.50 -59.00 50.47
N PHE A 1871 -63.13 -60.27 50.46
CA PHE A 1871 -63.87 -61.30 49.74
C PHE A 1871 -64.73 -62.17 50.64
N THR A 1872 -64.92 -61.77 51.89
CA THR A 1872 -65.95 -62.39 52.71
C THR A 1872 -67.32 -62.09 52.12
N GLU A 1873 -68.17 -63.11 52.08
CA GLU A 1873 -69.49 -63.00 51.47
C GLU A 1873 -70.56 -62.92 52.55
N GLU A 1874 -71.44 -61.94 52.43
CA GLU A 1874 -72.57 -61.82 53.34
C GLU A 1874 -73.68 -60.99 52.70
N LEU A 1922 -56.54 -63.49 64.08
CA LEU A 1922 -57.46 -63.77 62.99
C LEU A 1922 -56.70 -64.26 61.75
N GLU A 1923 -57.45 -64.59 60.70
CA GLU A 1923 -56.83 -65.03 59.47
C GLU A 1923 -56.05 -63.89 58.82
N GLU A 1924 -54.86 -64.20 58.32
CA GLU A 1924 -54.00 -63.24 57.65
C GLU A 1924 -53.88 -63.60 56.18
N GLY A 1925 -53.84 -62.58 55.32
CA GLY A 1925 -53.80 -62.82 53.89
C GLY A 1925 -52.41 -62.71 53.31
N LEU A 1926 -52.24 -63.40 52.17
CA LEU A 1926 -50.97 -63.36 51.46
C LEU A 1926 -50.51 -61.93 51.24
N LEU A 1927 -51.44 -61.03 50.93
CA LEU A 1927 -51.08 -59.65 50.66
C LEU A 1927 -50.50 -58.99 51.91
N GLN A 1928 -50.93 -59.45 53.08
CA GLN A 1928 -50.38 -58.97 54.35
C GLN A 1928 -49.15 -59.74 54.80
N MET A 1929 -48.83 -60.86 54.15
CA MET A 1929 -47.76 -61.71 54.67
C MET A 1929 -46.37 -61.13 54.37
N LYS A 1930 -46.30 -59.98 53.69
CA LYS A 1930 -44.99 -59.35 53.49
C LYS A 1930 -44.09 -60.32 52.74
N LEU A 1931 -44.38 -60.54 51.47
CA LEU A 1931 -43.77 -61.60 50.67
C LEU A 1931 -42.73 -61.03 49.72
N PRO A 1932 -41.78 -61.85 49.28
CA PRO A 1932 -40.78 -61.38 48.32
C PRO A 1932 -41.37 -61.18 46.92
N GLU A 1933 -40.49 -60.78 46.00
CA GLU A 1933 -40.93 -60.24 44.72
C GLU A 1933 -41.52 -61.32 43.81
N SER A 1934 -40.88 -62.49 43.72
CA SER A 1934 -41.40 -63.54 42.85
C SER A 1934 -42.80 -63.98 43.28
N VAL A 1935 -42.99 -64.17 44.57
CA VAL A 1935 -44.32 -64.48 45.09
C VAL A 1935 -45.30 -63.38 44.73
N LYS A 1936 -44.84 -62.13 44.80
CA LYS A 1936 -45.66 -61.01 44.36
C LYS A 1936 -46.02 -61.13 42.89
N LEU A 1937 -45.09 -61.62 42.07
CA LEU A 1937 -45.37 -61.82 40.66
C LEU A 1937 -46.48 -62.85 40.46
N GLN A 1938 -46.42 -63.96 41.19
CA GLN A 1938 -47.49 -64.95 41.09
C GLN A 1938 -48.83 -64.37 41.57
N MET A 1939 -48.80 -63.59 42.65
CA MET A 1939 -50.01 -62.94 43.12
C MET A 1939 -50.58 -62.02 42.05
N CYS A 1940 -49.70 -61.30 41.35
CA CYS A 1940 -50.13 -60.41 40.28
C CYS A 1940 -50.78 -61.19 39.15
N ASN A 1941 -50.22 -62.36 38.81
CA ASN A 1941 -50.84 -63.18 37.77
C ASN A 1941 -52.23 -63.65 38.19
N LEU A 1942 -52.38 -64.07 39.45
CA LEU A 1942 -53.70 -64.47 39.94
C LEU A 1942 -54.69 -63.31 39.84
N LEU A 1943 -54.28 -62.13 40.29
CA LEU A 1943 -55.12 -60.96 40.20
C LEU A 1943 -55.46 -60.61 38.77
N GLU A 1944 -54.54 -60.82 37.84
CA GLU A 1944 -54.82 -60.62 36.43
C GLU A 1944 -55.91 -61.57 35.96
N TYR A 1945 -55.85 -62.84 36.38
CA TYR A 1945 -56.92 -63.77 36.04
C TYR A 1945 -58.26 -63.25 36.53
N PHE A 1946 -58.32 -62.80 37.78
CA PHE A 1946 -59.60 -62.37 38.34
C PHE A 1946 -60.11 -61.10 37.66
N CYS A 1947 -59.22 -60.17 37.34
CA CYS A 1947 -59.62 -58.98 36.60
C CYS A 1947 -60.14 -59.33 35.22
N ASP A 1948 -59.50 -60.30 34.55
CA ASP A 1948 -60.00 -60.79 33.27
C ASP A 1948 -61.39 -61.39 33.41
N GLN A 1949 -61.64 -62.13 34.49
CA GLN A 1949 -62.98 -62.64 34.72
C GLN A 1949 -64.00 -61.53 34.92
N GLU A 1950 -63.65 -60.46 35.63
CA GLU A 1950 -64.56 -59.33 35.76
C GLU A 1950 -64.86 -58.71 34.39
N LEU A 1951 -63.83 -58.53 33.56
CA LEU A 1951 -64.04 -58.02 32.21
C LEU A 1951 -64.98 -58.93 31.41
N GLN A 1952 -64.75 -60.24 31.50
CA GLN A 1952 -65.58 -61.19 30.77
C GLN A 1952 -67.02 -61.13 31.24
N HIS A 1953 -67.24 -60.96 32.55
CA HIS A 1953 -68.58 -60.80 33.07
C HIS A 1953 -69.23 -59.54 32.50
N ARG A 1954 -68.49 -58.44 32.42
CA ARG A 1954 -69.04 -57.23 31.82
C ARG A 1954 -69.48 -57.48 30.39
N VAL A 1955 -68.62 -58.14 29.62
CA VAL A 1955 -68.93 -58.41 28.21
C VAL A 1955 -70.20 -59.25 28.10
N GLU A 1956 -70.28 -60.31 28.89
CA GLU A 1956 -71.45 -61.19 28.84
C GLU A 1956 -72.72 -60.49 29.28
N SER A 1957 -72.64 -59.64 30.30
CA SER A 1957 -73.81 -58.87 30.72
C SER A 1957 -74.27 -57.93 29.62
N LEU A 1958 -73.34 -57.27 28.94
CA LEU A 1958 -73.70 -56.42 27.81
C LEU A 1958 -74.40 -57.23 26.72
N ALA A 1959 -73.88 -58.42 26.42
CA ALA A 1959 -74.51 -59.26 25.40
C ALA A 1959 -75.92 -59.66 25.80
N ALA A 1960 -76.12 -60.03 27.06
CA ALA A 1960 -77.45 -60.40 27.53
C ALA A 1960 -78.41 -59.23 27.43
N PHE A 1961 -77.96 -58.04 27.84
CA PHE A 1961 -78.80 -56.86 27.73
C PHE A 1961 -79.13 -56.60 26.26
N ALA A 1962 -78.16 -56.82 25.37
CA ALA A 1962 -78.43 -56.61 23.95
C ALA A 1962 -79.54 -57.55 23.47
N GLU A 1963 -79.47 -58.82 23.86
CA GLU A 1963 -80.57 -59.73 23.55
C GLU A 1963 -81.90 -59.15 23.99
N ARG A 1964 -82.02 -58.88 25.29
CA ARG A 1964 -83.30 -58.46 25.85
C ARG A 1964 -83.79 -57.18 25.21
N TYR A 1965 -82.88 -56.25 24.93
CA TYR A 1965 -83.26 -54.92 24.48
C TYR A 1965 -83.58 -54.93 22.99
N VAL A 1966 -82.87 -55.76 22.21
CA VAL A 1966 -83.18 -55.91 20.80
C VAL A 1966 -84.56 -56.52 20.62
N ASP A 1967 -84.93 -57.45 21.51
CA ASP A 1967 -86.30 -57.96 21.43
C ASP A 1967 -87.31 -56.82 21.48
N LYS A 1968 -87.17 -55.94 22.48
CA LYS A 1968 -88.11 -54.84 22.66
C LYS A 1968 -88.07 -53.87 21.49
N LEU A 1969 -86.86 -53.54 21.01
CA LEU A 1969 -86.75 -52.62 19.89
C LEU A 1969 -87.39 -53.19 18.63
N GLN A 1970 -87.20 -54.48 18.39
CA GLN A 1970 -87.79 -55.12 17.22
C GLN A 1970 -89.31 -55.08 17.31
N ALA A 1971 -89.86 -55.39 18.49
CA ALA A 1971 -91.31 -55.32 18.65
C ALA A 1971 -91.81 -53.90 18.44
N ASN A 1972 -91.08 -52.92 18.98
CA ASN A 1972 -91.50 -51.52 18.83
C ASN A 1972 -91.47 -51.09 17.36
N GLN A 1973 -90.42 -51.48 16.64
CA GLN A 1973 -90.33 -51.16 15.22
C GLN A 1973 -91.48 -51.80 14.45
N ARG A 1974 -91.79 -53.06 14.77
CA ARG A 1974 -92.90 -53.72 14.09
C ARG A 1974 -94.20 -52.97 14.34
N SER A 1975 -94.48 -52.64 15.61
CA SER A 1975 -95.71 -51.92 15.93
C SER A 1975 -95.74 -50.56 15.25
N ARG A 1976 -94.62 -49.86 15.22
CA ARG A 1976 -94.58 -48.51 14.63
C ARG A 1976 -94.74 -48.55 13.11
N TYR A 1977 -94.06 -49.47 12.43
CA TYR A 1977 -94.32 -49.66 11.01
C TYR A 1977 -95.79 -49.95 10.79
N ALA A 1978 -96.30 -50.89 11.57
CA ALA A 1978 -97.69 -51.22 11.50
C ALA A 1978 -98.54 -49.94 11.60
N LEU A 1979 -98.36 -49.16 12.67
CA LEU A 1979 -99.25 -48.02 12.91
C LEU A 1979 -99.09 -46.96 11.83
N LEU A 1980 -97.91 -46.87 11.25
CA LEU A 1980 -97.69 -45.99 10.12
C LEU A 1980 -98.54 -46.42 8.93
N MET A 1981 -98.61 -47.73 8.67
CA MET A 1981 -99.45 -48.21 7.59
C MET A 1981 -100.93 -47.84 7.82
N ARG A 1982 -101.42 -47.96 9.06
CA ARG A 1982 -102.78 -47.46 9.34
C ARG A 1982 -102.91 -45.96 9.14
N ALA A 1983 -101.81 -45.23 9.22
CA ALA A 1983 -101.90 -43.78 9.31
C ALA A 1983 -101.25 -43.05 8.13
N PHE A 1984 -100.97 -43.74 7.03
CA PHE A 1984 -100.33 -43.07 5.90
C PHE A 1984 -101.26 -42.03 5.28
N THR A 1985 -102.56 -42.17 5.50
CA THR A 1985 -103.53 -41.36 4.77
C THR A 1985 -103.38 -39.87 5.09
N MET A 1986 -103.17 -39.54 6.37
CA MET A 1986 -103.25 -38.15 6.79
C MET A 1986 -102.15 -37.30 6.16
N SER A 1987 -100.90 -37.75 6.22
CA SER A 1987 -99.76 -36.95 5.77
C SER A 1987 -98.89 -37.77 4.83
N ALA A 1988 -98.41 -37.11 3.77
CA ALA A 1988 -97.54 -37.78 2.81
C ALA A 1988 -96.06 -37.48 3.07
N ALA A 1989 -95.70 -36.20 3.14
CA ALA A 1989 -94.30 -35.84 3.34
C ALA A 1989 -93.75 -36.39 4.66
N GLU A 1990 -94.49 -36.17 5.75
CA GLU A 1990 -94.00 -36.60 7.06
C GLU A 1990 -94.06 -38.12 7.18
N THR A 1991 -95.03 -38.74 6.49
CA THR A 1991 -94.98 -40.18 6.26
C THR A 1991 -93.67 -40.58 5.60
N ALA A 1992 -93.25 -39.85 4.57
CA ALA A 1992 -91.98 -40.12 3.91
C ALA A 1992 -90.86 -40.05 4.93
N ARG A 1993 -90.88 -39.03 5.78
CA ARG A 1993 -89.79 -38.87 6.71
C ARG A 1993 -89.73 -40.04 7.67
N ARG A 1994 -90.88 -40.58 8.12
CA ARG A 1994 -90.66 -41.66 9.10
C ARG A 1994 -90.15 -42.86 8.32
N THR A 1995 -90.73 -43.08 7.14
CA THR A 1995 -90.39 -44.24 6.33
C THR A 1995 -88.92 -44.22 5.97
N ARG A 1996 -88.27 -43.04 6.09
CA ARG A 1996 -86.83 -43.00 5.93
C ARG A 1996 -86.15 -43.99 6.88
N GLU A 1997 -86.73 -44.17 8.08
CA GLU A 1997 -86.18 -45.12 9.04
C GLU A 1997 -86.18 -46.53 8.47
N PHE A 1998 -87.32 -46.98 7.94
CA PHE A 1998 -87.40 -48.32 7.39
C PHE A 1998 -86.64 -48.45 6.07
N ARG A 1999 -86.47 -47.35 5.33
CA ARG A 1999 -85.54 -47.38 4.20
C ARG A 1999 -84.10 -47.30 4.68
N SER A 2000 -83.83 -47.09 5.93
CA SER A 2000 -82.43 -47.06 6.32
C SER A 2000 -81.92 -48.49 6.48
N PRO A 2001 -80.63 -48.73 6.27
CA PRO A 2001 -80.07 -50.04 6.58
C PRO A 2001 -80.24 -50.36 8.07
N PRO A 2002 -80.17 -51.65 8.42
CA PRO A 2002 -80.42 -51.99 9.84
C PRO A 2002 -79.46 -51.35 10.81
N GLN A 2003 -78.17 -51.24 10.46
CA GLN A 2003 -77.20 -50.64 11.38
C GLN A 2003 -77.53 -49.18 11.63
N GLU A 2004 -77.92 -48.46 10.58
CA GLU A 2004 -78.32 -47.07 10.73
C GLU A 2004 -79.63 -46.95 11.50
N GLN A 2005 -80.54 -47.91 11.34
CA GLN A 2005 -81.74 -47.94 12.17
C GLN A 2005 -81.36 -48.05 13.64
N ILE A 2006 -80.41 -48.94 13.94
CA ILE A 2006 -79.91 -49.08 15.31
C ILE A 2006 -79.35 -47.76 15.81
N ASN A 2007 -78.50 -47.14 15.00
CA ASN A 2007 -77.86 -45.89 15.40
C ASN A 2007 -78.91 -44.81 15.69
N MET A 2008 -79.90 -44.70 14.82
CA MET A 2008 -80.98 -43.73 15.03
C MET A 2008 -81.73 -44.01 16.31
N LEU A 2009 -82.09 -45.27 16.56
CA LEU A 2009 -82.84 -45.60 17.76
C LEU A 2009 -82.05 -45.31 19.02
N LEU A 2010 -80.73 -45.56 18.99
CA LEU A 2010 -79.89 -45.38 20.16
C LEU A 2010 -79.40 -43.96 20.34
N HIS A 2011 -79.57 -43.10 19.34
CA HIS A 2011 -79.14 -41.70 19.44
C HIS A 2011 -80.16 -40.90 20.27
N PHE A 2012 -80.12 -41.13 21.59
CA PHE A 2012 -80.88 -40.30 22.52
C PHE A 2012 -80.10 -40.00 23.80
N LYS A 2013 -78.77 -40.14 23.78
CA LYS A 2013 -77.99 -39.93 24.99
C LYS A 2013 -78.03 -38.47 25.44
N ASP A 2014 -77.75 -37.55 24.54
CA ASP A 2014 -77.61 -36.14 24.89
C ASP A 2014 -78.90 -35.52 25.40
N GLU A 2015 -80.06 -36.12 25.11
CA GLU A 2015 -81.37 -35.63 25.50
C GLU A 2015 -81.75 -34.42 24.67
N ALA A 2016 -80.82 -33.91 23.85
CA ALA A 2016 -81.17 -32.89 22.87
C ALA A 2016 -81.71 -33.53 21.60
N ASP A 2017 -81.31 -34.77 21.31
CA ASP A 2017 -81.86 -35.55 20.22
C ASP A 2017 -82.95 -36.50 20.69
N GLU A 2018 -83.36 -36.38 21.96
CA GLU A 2018 -84.45 -37.19 22.48
C GLU A 2018 -85.69 -37.08 21.60
N GLU A 2019 -86.06 -35.86 21.23
CA GLU A 2019 -87.30 -35.66 20.50
C GLU A 2019 -87.24 -36.32 19.12
N ASP A 2020 -86.09 -36.23 18.44
CA ASP A 2020 -85.97 -36.85 17.12
C ASP A 2020 -85.89 -38.36 17.24
N CYS A 2021 -85.40 -38.87 18.37
CA CYS A 2021 -85.36 -40.31 18.56
C CYS A 2021 -86.78 -40.85 18.72
N PRO A 2022 -87.18 -41.85 17.92
CA PRO A 2022 -88.57 -42.32 17.98
C PRO A 2022 -88.91 -43.09 19.24
N LEU A 2023 -87.93 -43.71 19.89
CA LEU A 2023 -88.23 -44.67 20.94
C LEU A 2023 -88.95 -44.01 22.11
N PRO A 2024 -89.75 -44.77 22.85
CA PRO A 2024 -90.41 -44.22 24.04
C PRO A 2024 -89.50 -44.20 25.26
N GLU A 2025 -90.00 -43.49 26.28
CA GLU A 2025 -89.18 -43.17 27.45
C GLU A 2025 -88.83 -44.43 28.24
N ASP A 2026 -89.74 -45.40 28.30
CA ASP A 2026 -89.45 -46.62 29.05
C ASP A 2026 -88.28 -47.39 28.44
N ILE A 2027 -88.31 -47.57 27.12
CA ILE A 2027 -87.24 -48.27 26.44
C ILE A 2027 -85.94 -47.50 26.56
N ARG A 2028 -86.02 -46.17 26.48
CA ARG A 2028 -84.83 -45.35 26.69
C ARG A 2028 -84.28 -45.54 28.10
N GLN A 2029 -85.17 -45.59 29.10
CA GLN A 2029 -84.75 -45.65 30.49
C GLN A 2029 -84.09 -46.98 30.81
N ASP A 2030 -84.56 -48.06 30.17
CA ASP A 2030 -83.88 -49.34 30.35
C ASP A 2030 -82.41 -49.22 30.01
N LEU A 2031 -82.10 -48.64 28.84
CA LEU A 2031 -80.71 -48.48 28.42
C LEU A 2031 -79.97 -47.54 29.36
N GLN A 2032 -80.60 -46.45 29.77
CA GLN A 2032 -79.92 -45.51 30.67
C GLN A 2032 -79.56 -46.20 31.99
N ASP A 2033 -80.49 -46.98 32.55
CA ASP A 2033 -80.22 -47.70 33.78
C ASP A 2033 -79.07 -48.68 33.60
N PHE A 2034 -79.07 -49.43 32.49
CA PHE A 2034 -77.98 -50.37 32.27
C PHE A 2034 -76.65 -49.64 32.12
N HIS A 2035 -76.67 -48.50 31.46
CA HIS A 2035 -75.43 -47.73 31.27
C HIS A 2035 -74.88 -47.26 32.61
N GLN A 2036 -75.76 -46.78 33.50
CA GLN A 2036 -75.31 -46.38 34.83
C GLN A 2036 -74.75 -47.57 35.58
N ASP A 2037 -75.43 -48.72 35.51
CA ASP A 2037 -74.93 -49.91 36.20
C ASP A 2037 -73.56 -50.31 35.67
N LEU A 2038 -73.38 -50.22 34.35
CA LEU A 2038 -72.09 -50.55 33.76
C LEU A 2038 -70.99 -49.60 34.24
N LEU A 2039 -71.29 -48.31 34.26
CA LEU A 2039 -70.30 -47.35 34.74
C LEU A 2039 -69.93 -47.63 36.20
N ALA A 2040 -70.93 -47.94 37.03
CA ALA A 2040 -70.64 -48.26 38.43
C ALA A 2040 -69.79 -49.52 38.53
N HIS A 2041 -70.14 -50.56 37.79
CA HIS A 2041 -69.39 -51.81 37.85
C HIS A 2041 -67.96 -51.60 37.40
N CYS A 2042 -67.75 -50.75 36.39
CA CYS A 2042 -66.40 -50.40 35.97
C CYS A 2042 -65.73 -49.42 36.91
N GLY A 2043 -66.47 -48.86 37.86
CA GLY A 2043 -65.90 -48.01 38.89
C GLY A 2043 -65.91 -46.54 38.56
N ILE A 2044 -66.44 -46.14 37.41
CA ILE A 2044 -66.51 -44.72 37.09
C ILE A 2044 -67.35 -43.98 38.11
N GLN A 2045 -68.49 -44.56 38.49
CA GLN A 2045 -69.30 -43.92 39.52
C GLN A 2045 -68.51 -43.81 40.81
N LEU A 2046 -68.57 -42.64 41.41
CA LEU A 2046 -67.72 -42.24 42.51
C LEU A 2046 -68.34 -42.03 43.90
N GLU A 2088 -63.49 -44.82 52.59
CA GLU A 2088 -63.07 -45.65 53.70
C GLU A 2088 -61.68 -46.23 53.49
N LYS A 2089 -61.02 -46.59 54.59
CA LYS A 2089 -59.69 -47.18 54.50
C LYS A 2089 -59.75 -48.58 53.90
N LYS A 2090 -60.75 -49.37 54.29
CA LYS A 2090 -60.86 -50.74 53.81
C LYS A 2090 -61.36 -50.74 52.35
N PRO A 2091 -60.67 -51.44 51.44
CA PRO A 2091 -61.02 -51.29 50.02
C PRO A 2091 -62.48 -51.60 49.68
N GLN A 2092 -62.96 -52.78 50.05
CA GLN A 2092 -64.32 -53.22 49.74
C GLN A 2092 -64.49 -53.52 48.26
N SER A 2093 -63.41 -53.54 47.49
CA SER A 2093 -63.50 -53.91 46.08
C SER A 2093 -62.14 -54.35 45.56
N LEU A 2094 -62.18 -55.16 44.50
CA LEU A 2094 -60.97 -55.66 43.88
C LEU A 2094 -60.13 -54.52 43.31
N GLN A 2095 -60.77 -53.54 42.69
CA GLN A 2095 -60.04 -52.42 42.09
C GLN A 2095 -59.26 -51.67 43.15
N GLU A 2096 -59.93 -51.28 44.23
CA GLU A 2096 -59.25 -50.54 45.30
C GLU A 2096 -58.16 -51.40 45.93
N LEU A 2097 -58.45 -52.68 46.15
CA LEU A 2097 -57.45 -53.57 46.73
C LEU A 2097 -56.19 -53.60 45.87
N VAL A 2098 -56.35 -53.79 44.56
CA VAL A 2098 -55.20 -53.91 43.67
C VAL A 2098 -54.43 -52.60 43.61
N SER A 2099 -55.13 -51.48 43.44
CA SER A 2099 -54.47 -50.19 43.36
C SER A 2099 -53.67 -49.91 44.63
N HIS A 2100 -54.31 -50.08 45.79
CA HIS A 2100 -53.63 -49.80 47.05
CA HIS A 2100 -53.63 -49.80 47.05
C HIS A 2100 -52.45 -50.74 47.26
N MET A 2101 -52.61 -52.03 46.89
CA MET A 2101 -51.52 -52.97 47.06
C MET A 2101 -50.33 -52.58 46.22
N VAL A 2102 -50.55 -52.24 44.95
CA VAL A 2102 -49.44 -51.88 44.06
C VAL A 2102 -48.74 -50.63 44.58
N VAL A 2103 -49.53 -49.62 44.95
CA VAL A 2103 -48.94 -48.37 45.44
C VAL A 2103 -48.17 -48.63 46.73
N ARG A 2104 -48.72 -49.46 47.62
CA ARG A 2104 -48.05 -49.75 48.89
C ARG A 2104 -46.74 -50.49 48.65
N TRP A 2105 -46.74 -51.46 47.72
CA TRP A 2105 -45.51 -52.16 47.40
C TRP A 2105 -44.45 -51.20 46.92
N ALA A 2106 -44.80 -50.35 45.93
CA ALA A 2106 -43.83 -49.44 45.38
C ALA A 2106 -43.33 -48.45 46.42
N GLN A 2107 -44.24 -47.98 47.29
CA GLN A 2107 -43.85 -47.09 48.38
C GLN A 2107 -42.91 -47.78 49.34
N GLU A 2108 -43.19 -49.05 49.66
CA GLU A 2108 -42.41 -49.78 50.65
C GLU A 2108 -41.01 -50.04 50.16
N ASP A 2109 -40.86 -50.45 48.90
CA ASP A 2109 -39.54 -50.85 48.41
C ASP A 2109 -39.37 -50.43 46.97
N TYR A 2110 -38.10 -50.29 46.57
CA TYR A 2110 -37.74 -50.03 45.18
C TYR A 2110 -37.63 -51.38 44.47
N VAL A 2111 -38.67 -51.74 43.72
CA VAL A 2111 -38.72 -53.05 43.08
C VAL A 2111 -37.55 -53.18 42.12
N GLN A 2112 -36.88 -54.34 42.17
CA GLN A 2112 -35.75 -54.63 41.31
C GLN A 2112 -36.10 -55.55 40.15
N SER A 2113 -37.37 -55.93 40.00
CA SER A 2113 -37.78 -56.86 38.96
C SER A 2113 -38.59 -56.13 37.89
N PRO A 2114 -38.04 -55.92 36.70
CA PRO A 2114 -38.82 -55.23 35.65
C PRO A 2114 -40.09 -55.96 35.27
N GLU A 2115 -40.07 -57.30 35.30
CA GLU A 2115 -41.28 -58.06 34.98
C GLU A 2115 -42.38 -57.77 35.99
N LEU A 2116 -42.03 -57.79 37.27
CA LEU A 2116 -42.99 -57.45 38.31
C LEU A 2116 -43.49 -56.03 38.16
N VAL A 2117 -42.59 -55.10 37.83
CA VAL A 2117 -42.99 -53.71 37.63
C VAL A 2117 -44.01 -53.60 36.51
N ARG A 2118 -43.72 -54.24 35.38
CA ARG A 2118 -44.64 -54.26 34.25
C ARG A 2118 -46.00 -54.79 34.68
N ALA A 2119 -46.01 -55.93 35.38
CA ALA A 2119 -47.28 -56.56 35.74
C ALA A 2119 -48.10 -55.69 36.69
N MET A 2120 -47.46 -55.16 37.73
CA MET A 2120 -48.18 -54.36 38.71
C MET A 2120 -48.74 -53.09 38.08
N PHE A 2121 -47.96 -52.45 37.21
CA PHE A 2121 -48.46 -51.22 36.61
C PHE A 2121 -49.53 -51.52 35.57
N SER A 2122 -49.47 -52.68 34.92
CA SER A 2122 -50.57 -53.10 34.06
C SER A 2122 -51.86 -53.27 34.87
N LEU A 2123 -51.76 -53.91 36.03
CA LEU A 2123 -52.94 -54.06 36.88
C LEU A 2123 -53.48 -52.69 37.29
N LEU A 2124 -52.59 -51.77 37.67
CA LEU A 2124 -53.03 -50.44 38.07
C LEU A 2124 -53.75 -49.75 36.93
N HIS A 2125 -53.20 -49.86 35.71
CA HIS A 2125 -53.86 -49.28 34.55
C HIS A 2125 -55.25 -49.87 34.35
N ARG A 2126 -55.38 -51.18 34.49
CA ARG A 2126 -56.68 -51.80 34.30
C ARG A 2126 -57.69 -51.33 35.33
N GLN A 2127 -57.27 -51.23 36.60
CA GLN A 2127 -58.21 -50.78 37.63
C GLN A 2127 -58.62 -49.34 37.39
N TYR A 2128 -57.70 -48.48 36.96
CA TYR A 2128 -58.05 -47.09 36.72
C TYR A 2128 -58.87 -46.88 35.46
N ASP A 2129 -58.69 -47.73 34.44
CA ASP A 2129 -59.42 -47.60 33.17
C ASP A 2129 -60.04 -48.96 32.86
N GLY A 2130 -61.24 -49.18 33.38
CA GLY A 2130 -61.99 -50.40 33.09
C GLY A 2130 -62.83 -50.26 31.85
N LEU A 2131 -63.35 -49.04 31.64
CA LEU A 2131 -64.16 -48.78 30.45
C LEU A 2131 -63.34 -48.95 29.18
N GLY A 2132 -62.11 -48.46 29.17
CA GLY A 2132 -61.26 -48.64 27.99
C GLY A 2132 -60.93 -50.09 27.74
N GLU A 2133 -60.75 -50.86 28.82
CA GLU A 2133 -60.48 -52.29 28.67
C GLU A 2133 -61.64 -52.99 27.97
N LEU A 2134 -62.87 -52.70 28.41
CA LEU A 2134 -64.05 -53.25 27.75
C LEU A 2134 -64.16 -52.76 26.32
N LEU A 2135 -63.84 -51.48 26.11
CA LEU A 2135 -63.95 -50.88 24.79
C LEU A 2135 -63.01 -51.57 23.81
N ARG A 2136 -61.84 -51.98 24.28
CA ARG A 2136 -60.89 -52.70 23.42
C ARG A 2136 -61.21 -54.18 23.33
N ALA A 2137 -61.90 -54.73 24.33
CA ALA A 2137 -62.22 -56.15 24.33
C ALA A 2137 -63.40 -56.47 23.41
N LEU A 2138 -64.40 -55.60 23.37
CA LEU A 2138 -65.62 -55.89 22.62
C LEU A 2138 -65.35 -56.29 21.17
N PRO A 2139 -64.44 -55.64 20.42
CA PRO A 2139 -64.16 -56.10 19.05
C PRO A 2139 -63.94 -57.60 18.94
N ARG A 2140 -63.61 -58.24 20.05
CA ARG A 2140 -63.45 -59.69 20.11
C ARG A 2140 -64.71 -60.38 20.64
N ALA A 2141 -65.83 -59.67 20.65
CA ALA A 2141 -67.10 -60.20 21.14
C ALA A 2141 -68.04 -60.44 19.97
N TYR A 2142 -68.67 -61.61 19.95
CA TYR A 2142 -69.58 -62.00 18.87
C TYR A 2142 -70.70 -62.85 19.45
N THR A 2143 -71.93 -62.46 19.14
CA THR A 2143 -73.12 -63.19 19.57
C THR A 2143 -73.52 -64.19 18.50
N ILE A 2144 -73.78 -65.42 18.91
CA ILE A 2144 -74.19 -66.47 17.98
C ILE A 2144 -75.43 -67.15 18.53
N SER A 2145 -76.20 -67.75 17.61
CA SER A 2145 -77.31 -68.59 18.01
C SER A 2145 -76.77 -69.87 18.66
N PRO A 2146 -77.50 -70.46 19.59
CA PRO A 2146 -77.03 -71.70 20.22
C PRO A 2146 -76.87 -72.83 19.22
N SER A 2147 -77.58 -72.74 18.10
CA SER A 2147 -77.57 -73.78 17.09
C SER A 2147 -76.24 -73.87 16.33
N SER A 2148 -75.41 -72.83 16.38
CA SER A 2148 -74.10 -72.84 15.76
C SER A 2148 -72.99 -73.22 16.73
N VAL A 2149 -73.34 -73.63 17.95
CA VAL A 2149 -72.36 -73.81 19.02
C VAL A 2149 -71.39 -74.92 18.67
N GLU A 2150 -71.90 -76.08 18.23
CA GLU A 2150 -71.02 -77.22 17.98
C GLU A 2150 -70.06 -76.95 16.83
N ASP A 2151 -70.55 -76.35 15.74
CA ASP A 2151 -69.68 -76.01 14.63
C ASP A 2151 -68.64 -74.97 15.05
N THR A 2152 -69.07 -74.00 15.85
CA THR A 2152 -68.13 -72.99 16.35
C THR A 2152 -67.04 -73.63 17.19
N MET A 2153 -67.41 -74.61 18.02
CA MET A 2153 -66.43 -75.27 18.87
C MET A 2153 -65.45 -76.10 18.05
N SER A 2154 -65.94 -76.80 17.03
CA SER A 2154 -65.03 -77.52 16.14
C SER A 2154 -64.05 -76.56 15.47
N LEU A 2155 -64.57 -75.44 14.98
CA LEU A 2155 -63.71 -74.43 14.36
C LEU A 2155 -62.69 -73.91 15.35
N LEU A 2156 -63.09 -73.71 16.60
CA LEU A 2156 -62.18 -73.23 17.63
C LEU A 2156 -61.07 -74.23 17.92
N GLU A 2157 -61.41 -75.52 17.95
CA GLU A 2157 -60.37 -76.53 18.14
C GLU A 2157 -59.37 -76.52 16.99
N CYS A 2158 -59.88 -76.41 15.75
CA CYS A 2158 -58.98 -76.34 14.60
C CYS A 2158 -58.07 -75.12 14.69
N LEU A 2159 -58.64 -73.97 15.06
CA LEU A 2159 -57.86 -72.75 15.20
C LEU A 2159 -56.83 -72.88 16.32
N GLY A 2160 -57.17 -73.58 17.40
CA GLY A 2160 -56.19 -73.82 18.45
C GLY A 2160 -55.03 -74.66 17.96
N GLN A 2161 -55.31 -75.71 17.19
CA GLN A 2161 -54.24 -76.48 16.58
C GLN A 2161 -53.33 -75.58 15.75
N ILE A 2162 -53.93 -74.76 14.89
CA ILE A 2162 -53.14 -73.91 14.01
C ILE A 2162 -52.30 -72.94 14.83
N ARG A 2163 -52.89 -72.33 15.85
CA ARG A 2163 -52.15 -71.40 16.70
C ARG A 2163 -50.98 -72.09 17.38
N SER A 2164 -51.20 -73.33 17.85
CA SER A 2164 -50.12 -74.10 18.44
C SER A 2164 -49.00 -74.33 17.44
N LEU A 2165 -49.34 -74.50 16.17
CA LEU A 2165 -48.30 -74.76 15.18
C LEU A 2165 -47.36 -73.58 14.94
N LEU A 2166 -47.70 -72.39 15.44
CA LEU A 2166 -46.81 -71.24 15.24
C LEU A 2166 -45.49 -71.42 15.97
N ILE A 2167 -45.55 -71.88 17.22
CA ILE A 2167 -44.35 -71.88 18.06
C ILE A 2167 -43.35 -72.91 17.58
N VAL A 2168 -43.81 -74.10 17.20
CA VAL A 2168 -42.89 -75.17 16.82
C VAL A 2168 -42.47 -75.00 15.36
N GLN A 2169 -41.31 -75.56 15.03
CA GLN A 2169 -40.85 -75.59 13.65
C GLN A 2169 -41.70 -76.55 12.84
N MET A 2170 -41.85 -76.24 11.55
CA MET A 2170 -42.68 -77.07 10.67
C MET A 2170 -42.02 -78.42 10.41
N GLY A 2171 -42.86 -79.44 10.32
CA GLY A 2171 -42.44 -80.76 9.93
C GLY A 2171 -43.57 -81.46 9.18
N PRO A 2172 -43.35 -82.71 8.78
CA PRO A 2172 -44.42 -83.42 8.05
C PRO A 2172 -45.69 -83.57 8.88
N GLN A 2173 -45.56 -83.98 10.14
CA GLN A 2173 -46.73 -84.16 11.00
C GLN A 2173 -47.48 -82.85 11.18
N GLU A 2174 -46.74 -81.76 11.43
CA GLU A 2174 -47.37 -80.46 11.61
C GLU A 2174 -48.05 -80.01 10.33
N GLU A 2175 -47.43 -80.28 9.18
CA GLU A 2175 -48.04 -79.96 7.90
C GLU A 2175 -49.36 -80.69 7.73
N ASN A 2176 -49.38 -81.99 8.04
CA ASN A 2176 -50.61 -82.76 7.90
C ASN A 2176 -51.70 -82.21 8.82
N LEU A 2177 -51.35 -81.91 10.07
CA LEU A 2177 -52.32 -81.35 10.99
C LEU A 2177 -52.86 -80.02 10.47
N MET A 2178 -51.97 -79.17 9.95
CA MET A 2178 -52.38 -77.88 9.41
C MET A 2178 -53.36 -78.06 8.26
N ILE A 2179 -53.00 -78.90 7.30
CA ILE A 2179 -53.85 -79.11 6.12
C ILE A 2179 -55.21 -79.64 6.55
N GLN A 2180 -55.23 -80.61 7.46
CA GLN A 2180 -56.49 -81.21 7.89
C GLN A 2180 -57.36 -80.20 8.64
N SER A 2181 -56.75 -79.38 9.50
CA SER A 2181 -57.51 -78.36 10.21
C SER A 2181 -58.09 -77.35 9.22
N ILE A 2182 -57.31 -76.95 8.23
CA ILE A 2182 -57.80 -76.02 7.22
C ILE A 2182 -58.99 -76.64 6.48
N GLY A 2183 -58.86 -77.91 6.10
CA GLY A 2183 -59.95 -78.56 5.40
C GLY A 2183 -61.22 -78.63 6.23
N ASN A 2184 -61.09 -78.96 7.51
CA ASN A 2184 -62.27 -79.00 8.37
C ASN A 2184 -62.90 -77.62 8.51
N ILE A 2185 -62.07 -76.59 8.66
CA ILE A 2185 -62.58 -75.22 8.78
C ILE A 2185 -63.34 -74.84 7.52
N MET A 2186 -62.77 -75.15 6.36
CA MET A 2186 -63.40 -74.81 5.10
C MET A 2186 -64.68 -75.61 4.86
N ASN A 2187 -64.75 -76.83 5.37
CA ASN A 2187 -66.00 -77.58 5.32
C ASN A 2187 -67.04 -76.99 6.26
N ASN A 2188 -66.60 -76.37 7.36
CA ASN A 2188 -67.52 -75.76 8.29
C ASN A 2188 -68.31 -74.65 7.61
N LYS A 2189 -69.62 -74.60 7.91
CA LYS A 2189 -70.48 -73.55 7.38
C LYS A 2189 -70.30 -72.24 8.11
N VAL A 2190 -69.91 -72.28 9.38
CA VAL A 2190 -69.73 -71.06 10.16
C VAL A 2190 -68.68 -70.17 9.53
N PHE A 2191 -67.65 -70.79 8.95
CA PHE A 2191 -66.56 -70.03 8.33
C PHE A 2191 -67.11 -69.07 7.29
N TYR A 2192 -68.08 -69.53 6.49
CA TYR A 2192 -68.66 -68.67 5.45
C TYR A 2192 -69.72 -67.75 6.02
N GLN A 2193 -70.48 -68.20 7.02
CA GLN A 2193 -71.57 -67.40 7.55
C GLN A 2193 -71.08 -66.24 8.40
N HIS A 2194 -69.97 -66.41 9.12
CA HIS A 2194 -69.51 -65.45 10.11
C HIS A 2194 -68.07 -65.06 9.81
N PRO A 2195 -67.84 -64.36 8.70
CA PRO A 2195 -66.47 -63.93 8.37
C PRO A 2195 -65.92 -62.87 9.30
N ASN A 2196 -66.77 -61.98 9.84
CA ASN A 2196 -66.29 -61.02 10.83
C ASN A 2196 -65.76 -61.72 12.07
N LEU A 2197 -66.38 -62.83 12.46
CA LEU A 2197 -65.89 -63.60 13.60
C LEU A 2197 -64.49 -64.12 13.32
N MET A 2198 -64.25 -64.64 12.11
CA MET A 2198 -62.92 -65.14 11.77
C MET A 2198 -61.90 -64.00 11.76
N ARG A 2199 -62.28 -62.85 11.20
CA ARG A 2199 -61.37 -61.71 11.18
C ARG A 2199 -61.02 -61.26 12.59
N ALA A 2200 -62.01 -61.25 13.49
CA ALA A 2200 -61.71 -60.97 14.89
C ALA A 2200 -60.76 -62.01 15.48
N LEU A 2201 -60.98 -63.27 15.16
CA LEU A 2201 -60.15 -64.37 15.64
C LEU A 2201 -58.73 -64.33 15.09
N GLY A 2202 -58.50 -63.63 13.98
CA GLY A 2202 -57.17 -63.57 13.41
C GLY A 2202 -56.74 -64.85 12.73
N MET A 2203 -57.68 -65.57 12.13
CA MET A 2203 -57.36 -66.84 11.49
C MET A 2203 -56.41 -66.63 10.32
N HIS A 2204 -56.75 -65.69 9.43
CA HIS A 2204 -55.93 -65.44 8.26
C HIS A 2204 -54.51 -65.01 8.64
N GLU A 2205 -54.40 -64.18 9.68
CA GLU A 2205 -53.08 -63.71 10.11
C GLU A 2205 -52.23 -64.87 10.60
N THR A 2206 -52.81 -65.78 11.38
CA THR A 2206 -52.07 -66.94 11.86
C THR A 2206 -51.64 -67.82 10.69
N VAL A 2207 -52.54 -68.02 9.72
CA VAL A 2207 -52.18 -68.82 8.54
C VAL A 2207 -51.00 -68.18 7.81
N MET A 2208 -51.05 -66.86 7.64
CA MET A 2208 -49.96 -66.16 6.96
C MET A 2208 -48.66 -66.30 7.74
N GLU A 2209 -48.73 -66.21 9.06
CA GLU A 2209 -47.54 -66.34 9.88
C GLU A 2209 -46.92 -67.73 9.72
N VAL A 2210 -47.75 -68.77 9.68
CA VAL A 2210 -47.22 -70.11 9.46
C VAL A 2210 -46.59 -70.19 8.07
N MET A 2211 -47.29 -69.68 7.05
CA MET A 2211 -46.78 -69.80 5.69
C MET A 2211 -45.40 -69.16 5.61
N VAL A 2212 -45.28 -67.95 6.15
CA VAL A 2212 -44.05 -67.17 6.03
C VAL A 2212 -42.93 -67.80 6.85
N ASN A 2213 -43.25 -68.30 8.06
CA ASN A 2213 -42.23 -68.97 8.84
C ASN A 2213 -41.65 -70.14 8.07
N VAL A 2214 -42.48 -70.81 7.27
CA VAL A 2214 -41.96 -71.86 6.39
C VAL A 2214 -41.16 -71.27 5.24
N LEU A 2215 -41.68 -70.20 4.63
CA LEU A 2215 -41.04 -69.64 3.44
C LEU A 2215 -39.62 -69.17 3.75
N GLY A 2216 -39.47 -68.32 4.77
CA GLY A 2216 -38.18 -67.69 5.01
C GLY A 2216 -37.08 -68.69 5.31
N GLY A 2217 -37.39 -69.73 6.08
CA GLY A 2217 -36.37 -70.68 6.50
C GLY A 2217 -35.81 -71.45 5.33
N GLY A 2218 -34.50 -71.31 5.11
CA GLY A 2218 -33.83 -71.99 4.01
C GLY A 2218 -34.46 -71.66 2.68
N GLU A 2219 -34.99 -70.45 2.56
CA GLU A 2219 -35.68 -70.05 1.34
C GLU A 2219 -34.76 -70.19 0.12
N THR A 2220 -33.56 -69.62 0.20
CA THR A 2220 -32.69 -69.59 -0.98
C THR A 2220 -32.34 -70.99 -1.45
N LYS A 2221 -32.07 -71.91 -0.52
CA LYS A 2221 -31.69 -73.26 -0.91
C LYS A 2221 -32.84 -73.98 -1.60
N GLU A 2222 -34.02 -73.99 -0.97
CA GLU A 2222 -35.16 -74.73 -1.48
C GLU A 2222 -36.35 -74.43 -0.58
N ILE A 2223 -37.56 -74.66 -1.12
CA ILE A 2223 -38.79 -74.41 -0.39
C ILE A 2223 -39.41 -75.76 -0.04
N ARG A 2224 -39.56 -76.01 1.26
CA ARG A 2224 -40.11 -77.26 1.75
C ARG A 2224 -41.61 -77.13 2.02
N PHE A 2225 -42.25 -78.26 2.28
CA PHE A 2225 -43.67 -78.33 2.63
C PHE A 2225 -44.49 -77.46 1.68
N PRO A 2226 -44.32 -77.65 0.37
CA PRO A 2226 -45.14 -76.88 -0.58
C PRO A 2226 -46.63 -77.17 -0.49
N LYS A 2227 -47.04 -78.37 -0.13
CA LYS A 2227 -48.47 -78.63 -0.01
C LYS A 2227 -49.11 -77.69 1.00
N MET A 2228 -48.38 -77.36 2.07
CA MET A 2228 -48.91 -76.46 3.09
C MET A 2228 -49.15 -75.07 2.54
N VAL A 2229 -48.23 -74.55 1.72
CA VAL A 2229 -48.40 -73.23 1.11
C VAL A 2229 -49.56 -73.24 0.11
N THR A 2230 -49.69 -74.34 -0.64
CA THR A 2230 -50.81 -74.46 -1.56
C THR A 2230 -52.12 -74.40 -0.80
N SER A 2231 -52.19 -75.11 0.33
CA SER A 2231 -53.35 -74.96 1.21
C SER A 2231 -53.46 -73.52 1.72
N CYS A 2232 -52.32 -72.84 1.86
CA CYS A 2232 -52.32 -71.51 2.47
C CYS A 2232 -53.06 -70.51 1.62
N CYS A 2233 -52.84 -70.48 0.29
CA CYS A 2233 -54.00 -70.01 -0.47
C CYS A 2233 -55.26 -70.77 -0.19
N ARG A 2234 -55.41 -71.99 -0.65
CA ARG A 2234 -56.78 -72.47 -0.84
C ARG A 2234 -57.67 -71.85 0.24
N PHE A 2235 -57.19 -71.89 1.49
CA PHE A 2235 -57.85 -71.18 2.58
C PHE A 2235 -57.88 -69.66 2.37
N LEU A 2236 -56.71 -68.99 2.44
CA LEU A 2236 -56.67 -67.52 2.49
C LEU A 2236 -57.16 -66.88 1.20
N CYS A 2237 -57.30 -67.68 0.17
CA CYS A 2237 -57.24 -67.23 -1.20
C CYS A 2237 -58.58 -67.61 -1.84
N TYR A 2238 -59.40 -68.37 -1.06
CA TYR A 2238 -60.86 -68.27 -1.06
C TYR A 2238 -61.38 -67.25 -0.04
N PHE A 2239 -60.62 -67.06 1.04
CA PHE A 2239 -61.00 -66.16 2.13
C PHE A 2239 -61.31 -64.76 1.61
N CYS A 2240 -60.45 -64.26 0.72
CA CYS A 2240 -60.69 -62.94 0.14
C CYS A 2240 -61.96 -62.91 -0.70
N ARG A 2241 -62.36 -64.05 -1.27
CA ARG A 2241 -63.60 -64.13 -2.03
C ARG A 2241 -64.83 -64.17 -1.16
N ILE A 2242 -64.72 -64.70 0.06
CA ILE A 2242 -65.91 -64.80 0.90
C ILE A 2242 -66.54 -63.43 1.12
N SER A 2243 -65.72 -62.41 1.41
CA SER A 2243 -66.24 -61.10 1.76
C SER A 2243 -65.22 -60.03 1.39
N ARG A 2244 -65.73 -58.84 1.03
CA ARG A 2244 -64.88 -57.70 0.74
C ARG A 2244 -64.02 -57.30 1.94
N GLN A 2245 -64.59 -57.32 3.13
CA GLN A 2245 -63.84 -56.95 4.33
C GLN A 2245 -62.64 -57.85 4.53
N ASN A 2246 -62.81 -59.16 4.32
CA ASN A 2246 -61.68 -60.08 4.35
C ASN A 2246 -60.65 -59.72 3.28
N GLN A 2247 -61.14 -59.38 2.09
CA GLN A 2247 -60.26 -59.01 0.99
C GLN A 2247 -59.46 -57.76 1.35
N ARG A 2248 -60.10 -56.78 1.98
CA ARG A 2248 -59.41 -55.59 2.44
C ARG A 2248 -58.38 -55.93 3.52
N SER A 2249 -58.74 -56.80 4.45
CA SER A 2249 -57.81 -57.20 5.49
C SER A 2249 -56.54 -57.79 4.90
N MET A 2250 -56.70 -58.61 3.86
CA MET A 2250 -55.52 -59.21 3.21
C MET A 2250 -54.77 -58.18 2.36
N PHE A 2251 -55.50 -57.27 1.74
CA PHE A 2251 -54.87 -56.16 1.01
C PHE A 2251 -53.94 -55.39 1.93
N ASP A 2252 -54.35 -55.21 3.18
CA ASP A 2252 -53.50 -54.51 4.14
C ASP A 2252 -52.17 -55.22 4.34
N HIS A 2253 -52.16 -56.55 4.21
CA HIS A 2253 -50.93 -57.31 4.39
C HIS A 2253 -50.19 -57.53 3.08
N LEU A 2254 -50.79 -57.07 1.97
CA LEU A 2254 -50.23 -57.25 0.64
C LEU A 2254 -48.71 -57.20 0.55
N SER A 2255 -48.09 -56.11 1.03
CA SER A 2255 -46.65 -55.94 0.87
C SER A 2255 -45.89 -57.13 1.42
N TYR A 2256 -46.30 -57.61 2.60
CA TYR A 2256 -45.68 -58.77 3.21
C TYR A 2256 -45.75 -59.97 2.27
N LEU A 2257 -46.92 -60.19 1.68
CA LEU A 2257 -47.07 -61.27 0.70
C LEU A 2257 -46.12 -61.06 -0.49
N LEU A 2258 -46.00 -59.82 -0.96
CA LEU A 2258 -45.15 -59.58 -2.12
C LEU A 2258 -43.69 -59.81 -1.80
N GLU A 2259 -43.22 -59.39 -0.62
CA GLU A 2259 -41.82 -59.59 -0.28
C GLU A 2259 -41.54 -61.06 0.00
N ASN A 2260 -42.57 -61.84 0.37
CA ASN A 2260 -42.40 -63.28 0.49
C ASN A 2260 -42.64 -64.01 -0.83
N SER A 2261 -43.13 -63.32 -1.85
CA SER A 2261 -43.45 -63.99 -3.12
C SER A 2261 -42.20 -64.50 -3.83
N GLY A 2262 -41.06 -63.82 -3.67
CA GLY A 2262 -39.92 -64.12 -4.50
C GLY A 2262 -39.54 -65.59 -4.52
N ILE A 2263 -39.47 -66.21 -3.35
CA ILE A 2263 -39.14 -67.63 -3.30
C ILE A 2263 -40.31 -68.48 -3.82
N GLY A 2264 -41.54 -68.08 -3.47
CA GLY A 2264 -42.68 -68.94 -3.77
C GLY A 2264 -42.87 -69.15 -5.26
N LEU A 2265 -42.21 -68.32 -6.07
CA LEU A 2265 -42.41 -68.36 -7.50
C LEU A 2265 -42.08 -69.74 -8.08
N GLY A 2266 -40.94 -70.32 -7.67
CA GLY A 2266 -40.53 -71.61 -8.21
C GLY A 2266 -41.54 -72.70 -7.92
N MET A 2267 -42.10 -72.67 -6.72
CA MET A 2267 -43.20 -73.56 -6.36
C MET A 2267 -44.36 -73.44 -7.32
N GLN A 2268 -44.94 -74.59 -7.67
CA GLN A 2268 -46.11 -74.60 -8.55
CA GLN A 2268 -46.11 -74.60 -8.55
C GLN A 2268 -47.39 -74.72 -7.73
N GLY A 2269 -48.45 -74.09 -8.24
CA GLY A 2269 -49.74 -74.13 -7.56
C GLY A 2269 -50.17 -72.77 -7.07
N SER A 2270 -50.92 -72.77 -5.97
CA SER A 2270 -51.43 -71.53 -5.40
C SER A 2270 -50.35 -70.88 -4.53
N THR A 2271 -50.15 -69.59 -4.71
CA THR A 2271 -48.99 -68.90 -4.17
C THR A 2271 -49.39 -67.59 -3.51
N PRO A 2272 -48.48 -67.00 -2.72
CA PRO A 2272 -48.76 -65.67 -2.14
C PRO A 2272 -49.07 -64.62 -3.19
N LEU A 2273 -48.46 -64.72 -4.37
CA LEU A 2273 -48.83 -63.83 -5.46
C LEU A 2273 -50.30 -64.00 -5.84
N ASP A 2274 -50.81 -65.23 -5.81
CA ASP A 2274 -52.23 -65.47 -6.01
C ASP A 2274 -53.06 -64.92 -4.85
N VAL A 2275 -52.54 -64.97 -3.62
CA VAL A 2275 -53.24 -64.33 -2.51
C VAL A 2275 -53.36 -62.83 -2.76
N ALA A 2276 -52.29 -62.21 -3.23
CA ALA A 2276 -52.32 -60.80 -3.57
C ALA A 2276 -53.32 -60.50 -4.66
N ALA A 2277 -53.33 -61.35 -5.71
CA ALA A 2277 -54.30 -61.18 -6.78
C ALA A 2277 -55.73 -61.28 -6.26
N ALA A 2278 -55.98 -62.21 -5.34
CA ALA A 2278 -57.30 -62.31 -4.74
C ALA A 2278 -57.63 -61.07 -3.91
N SER A 2279 -56.63 -60.51 -3.24
CA SER A 2279 -56.86 -59.28 -2.47
C SER A 2279 -57.26 -58.13 -3.38
N VAL A 2280 -56.65 -58.04 -4.55
CA VAL A 2280 -56.86 -56.88 -5.44
C VAL A 2280 -57.98 -57.10 -6.45
N ILE A 2281 -58.43 -58.33 -6.64
CA ILE A 2281 -59.25 -58.66 -7.81
C ILE A 2281 -60.63 -58.02 -7.67
N ASP A 2282 -61.08 -57.38 -8.74
CA ASP A 2282 -62.46 -56.91 -8.90
C ASP A 2282 -62.88 -55.92 -7.83
N ASN A 2283 -61.94 -55.22 -7.21
CA ASN A 2283 -62.26 -54.18 -6.24
C ASN A 2283 -61.58 -52.87 -6.66
N ASN A 2284 -62.38 -51.93 -7.16
CA ASN A 2284 -61.85 -50.66 -7.60
C ASN A 2284 -61.22 -49.88 -6.45
N GLU A 2285 -61.85 -49.91 -5.27
CA GLU A 2285 -61.29 -49.23 -4.12
C GLU A 2285 -59.88 -49.73 -3.82
N LEU A 2286 -59.73 -51.04 -3.70
CA LEU A 2286 -58.43 -51.62 -3.37
C LEU A 2286 -57.42 -51.35 -4.48
N ALA A 2287 -57.84 -51.47 -5.74
CA ALA A 2287 -56.92 -51.21 -6.84
C ALA A 2287 -56.43 -49.77 -6.81
N LEU A 2288 -57.33 -48.82 -6.56
CA LEU A 2288 -56.95 -47.41 -6.50
C LEU A 2288 -56.12 -47.10 -5.27
N ALA A 2289 -56.29 -47.86 -4.18
CA ALA A 2289 -55.45 -47.72 -3.00
C ALA A 2289 -54.13 -48.46 -3.13
N LEU A 2290 -53.96 -49.24 -4.20
CA LEU A 2290 -52.72 -49.98 -4.40
C LEU A 2290 -51.54 -49.01 -4.54
N GLN A 2291 -50.37 -49.45 -4.10
CA GLN A 2291 -49.21 -48.58 -3.99
C GLN A 2291 -48.19 -48.80 -5.10
N GLU A 2292 -47.68 -47.66 -5.60
CA GLU A 2292 -46.62 -47.70 -6.60
C GLU A 2292 -45.38 -48.41 -6.07
N GLN A 2293 -45.18 -48.42 -4.75
CA GLN A 2293 -44.05 -49.17 -4.21
C GLN A 2293 -44.21 -50.66 -4.45
N ASP A 2294 -45.41 -51.19 -4.20
CA ASP A 2294 -45.66 -52.60 -4.51
C ASP A 2294 -45.51 -52.87 -6.00
N LEU A 2295 -46.01 -51.94 -6.84
CA LEU A 2295 -45.84 -52.13 -8.27
C LEU A 2295 -44.36 -52.15 -8.66
N GLU A 2296 -43.56 -51.26 -8.09
CA GLU A 2296 -42.13 -51.25 -8.41
C GLU A 2296 -41.48 -52.54 -7.97
N LYS A 2297 -41.88 -53.07 -6.80
CA LYS A 2297 -41.30 -54.32 -6.35
C LYS A 2297 -41.61 -55.46 -7.32
N VAL A 2298 -42.86 -55.52 -7.79
CA VAL A 2298 -43.23 -56.54 -8.77
C VAL A 2298 -42.40 -56.37 -10.04
N VAL A 2299 -42.24 -55.13 -10.49
CA VAL A 2299 -41.53 -54.88 -11.73
C VAL A 2299 -40.05 -55.23 -11.59
N SER A 2300 -39.48 -54.98 -10.41
CA SER A 2300 -38.09 -55.37 -10.17
C SER A 2300 -37.93 -56.89 -10.20
N TYR A 2301 -38.87 -57.60 -9.56
CA TYR A 2301 -38.84 -59.05 -9.65
C TYR A 2301 -38.89 -59.51 -11.10
N LEU A 2302 -39.78 -58.91 -11.88
CA LEU A 2302 -39.94 -59.30 -13.28
C LEU A 2302 -38.70 -58.98 -14.10
N ALA A 2303 -38.05 -57.86 -13.82
CA ALA A 2303 -36.80 -57.54 -14.49
C ALA A 2303 -35.72 -58.57 -14.16
N GLY A 2304 -35.62 -58.97 -12.89
CA GLY A 2304 -34.71 -60.03 -12.54
C GLY A 2304 -35.02 -61.32 -13.29
N CYS A 2305 -36.30 -61.64 -13.43
CA CYS A 2305 -36.69 -62.80 -14.22
C CYS A 2305 -36.27 -62.67 -15.68
N GLY A 2306 -36.45 -61.50 -16.28
CA GLY A 2306 -36.10 -61.28 -17.67
C GLY A 2306 -34.61 -61.23 -17.90
N LEU A 2307 -33.84 -61.05 -16.82
CA LEU A 2307 -32.39 -60.99 -16.93
C LEU A 2307 -31.69 -62.30 -16.58
N GLN A 2308 -32.28 -63.13 -15.73
CA GLN A 2308 -31.63 -64.35 -15.26
C GLN A 2308 -32.58 -65.53 -15.35
N SER A 2309 -32.01 -66.71 -15.57
CA SER A 2309 -32.78 -67.92 -15.71
C SER A 2309 -33.13 -68.51 -14.35
N CYS A 2310 -33.89 -69.61 -14.38
CA CYS A 2310 -34.33 -70.23 -13.15
C CYS A 2310 -33.33 -71.28 -12.69
N PRO A 2311 -32.70 -71.10 -11.52
CA PRO A 2311 -31.70 -72.09 -11.09
C PRO A 2311 -32.28 -73.48 -10.91
N MET A 2312 -33.55 -73.57 -10.51
CA MET A 2312 -34.18 -74.88 -10.35
C MET A 2312 -34.23 -75.63 -11.68
N LEU A 2313 -34.64 -74.95 -12.74
CA LEU A 2313 -34.65 -75.56 -14.07
C LEU A 2313 -33.23 -75.92 -14.50
N LEU A 2314 -32.28 -75.02 -14.25
CA LEU A 2314 -30.89 -75.30 -14.61
C LEU A 2314 -30.40 -76.57 -13.91
N ALA A 2315 -30.72 -76.72 -12.62
CA ALA A 2315 -30.35 -77.92 -11.89
C ALA A 2315 -31.05 -79.15 -12.46
N LYS A 2316 -32.31 -79.00 -12.85
CA LYS A 2316 -33.03 -80.08 -13.53
C LYS A 2316 -32.42 -80.41 -14.88
N GLY A 2317 -31.55 -79.56 -15.40
CA GLY A 2317 -30.85 -79.85 -16.63
C GLY A 2317 -31.43 -79.20 -17.86
N TYR A 2318 -32.32 -78.25 -17.69
CA TYR A 2318 -32.92 -77.58 -18.83
C TYR A 2318 -31.86 -76.79 -19.60
N PRO A 2319 -32.05 -76.57 -20.89
CA PRO A 2319 -31.14 -75.69 -21.62
C PRO A 2319 -31.13 -74.30 -20.99
N ASP A 2320 -29.93 -73.72 -20.91
CA ASP A 2320 -29.73 -72.45 -20.21
C ASP A 2320 -30.01 -71.30 -21.15
N ILE A 2321 -31.12 -70.60 -20.93
CA ILE A 2321 -31.39 -69.33 -21.57
C ILE A 2321 -31.19 -68.25 -20.51
N GLY A 2322 -31.32 -67.00 -20.94
CA GLY A 2322 -30.96 -65.89 -20.07
C GLY A 2322 -32.08 -65.37 -19.18
N TRP A 2323 -33.25 -65.98 -19.13
CA TRP A 2323 -34.37 -65.34 -18.46
C TRP A 2323 -35.42 -66.37 -18.09
N ASN A 2324 -36.34 -65.97 -17.19
CA ASN A 2324 -37.31 -66.89 -16.59
C ASN A 2324 -38.73 -66.57 -17.05
N PRO A 2325 -39.17 -67.14 -18.17
CA PRO A 2325 -40.54 -66.84 -18.63
C PRO A 2325 -41.58 -67.23 -17.62
N CYS A 2326 -41.32 -68.32 -16.91
CA CYS A 2326 -42.30 -68.89 -15.99
C CYS A 2326 -42.68 -67.88 -14.91
N GLY A 2327 -41.70 -67.20 -14.33
CA GLY A 2327 -42.00 -66.20 -13.31
C GLY A 2327 -42.41 -64.87 -13.88
N GLY A 2328 -41.86 -64.51 -15.04
CA GLY A 2328 -42.34 -63.31 -15.67
C GLY A 2328 -43.84 -63.36 -15.90
N GLU A 2329 -44.35 -64.54 -16.28
CA GLU A 2329 -45.78 -64.70 -16.53
C GLU A 2329 -46.61 -64.45 -15.27
N ARG A 2330 -46.22 -65.02 -14.13
CA ARG A 2330 -46.97 -64.81 -12.90
C ARG A 2330 -46.98 -63.35 -12.51
N TYR A 2331 -45.81 -62.71 -12.52
CA TYR A 2331 -45.80 -61.29 -12.17
C TYR A 2331 -46.68 -60.49 -13.11
N LEU A 2332 -46.66 -60.84 -14.39
CA LEU A 2332 -47.47 -60.13 -15.38
C LEU A 2332 -48.96 -60.29 -15.12
N ASP A 2333 -49.42 -61.50 -14.79
CA ASP A 2333 -50.85 -61.65 -14.55
C ASP A 2333 -51.28 -60.98 -13.25
N PHE A 2334 -50.39 -60.96 -12.25
CA PHE A 2334 -50.69 -60.13 -11.09
C PHE A 2334 -50.92 -58.68 -11.49
N LEU A 2335 -50.00 -58.13 -12.29
CA LEU A 2335 -50.18 -56.75 -12.73
C LEU A 2335 -51.44 -56.57 -13.55
N ARG A 2336 -51.80 -57.59 -14.33
CA ARG A 2336 -53.06 -57.54 -15.08
C ARG A 2336 -54.25 -57.41 -14.16
N PHE A 2337 -54.31 -58.23 -13.11
CA PHE A 2337 -55.38 -58.11 -12.13
C PHE A 2337 -55.36 -56.76 -11.44
N ALA A 2338 -54.17 -56.19 -11.26
CA ALA A 2338 -54.07 -54.88 -10.62
C ALA A 2338 -54.66 -53.78 -11.50
N VAL A 2339 -54.36 -53.82 -12.80
CA VAL A 2339 -54.71 -52.70 -13.68
C VAL A 2339 -56.08 -52.83 -14.34
N PHE A 2340 -56.65 -54.03 -14.39
CA PHE A 2340 -57.90 -54.25 -15.12
C PHE A 2340 -58.96 -54.76 -14.16
N VAL A 2341 -60.03 -53.99 -13.99
CA VAL A 2341 -61.10 -54.31 -13.05
C VAL A 2341 -62.43 -54.18 -13.77
N ASN A 2342 -63.26 -55.22 -13.65
CA ASN A 2342 -64.66 -55.18 -14.08
C ASN A 2342 -64.78 -54.67 -15.52
N GLY A 2343 -63.90 -55.15 -16.38
CA GLY A 2343 -64.00 -54.84 -17.80
C GLY A 2343 -63.41 -53.51 -18.20
N GLU A 2344 -62.83 -52.75 -17.27
CA GLU A 2344 -62.33 -51.42 -17.56
C GLU A 2344 -60.95 -51.23 -16.95
N SER A 2345 -60.13 -50.45 -17.63
CA SER A 2345 -58.78 -50.19 -17.16
C SER A 2345 -58.77 -49.14 -16.06
N VAL A 2346 -57.84 -49.28 -15.13
CA VAL A 2346 -57.58 -48.28 -14.10
C VAL A 2346 -56.35 -47.50 -14.54
N GLU A 2347 -56.56 -46.26 -15.01
CA GLU A 2347 -55.48 -45.51 -15.62
C GLU A 2347 -54.38 -45.21 -14.61
N GLU A 2348 -54.75 -44.96 -13.35
CA GLU A 2348 -53.76 -44.60 -12.34
C GLU A 2348 -52.69 -45.69 -12.23
N ASN A 2349 -53.10 -46.95 -12.21
CA ASN A 2349 -52.14 -48.05 -12.13
C ASN A 2349 -51.55 -48.38 -13.50
N ALA A 2350 -52.34 -48.23 -14.56
CA ALA A 2350 -51.87 -48.60 -15.89
C ALA A 2350 -50.69 -47.74 -16.32
N ASN A 2351 -50.80 -46.41 -16.13
CA ASN A 2351 -49.72 -45.52 -16.51
C ASN A 2351 -48.47 -45.81 -15.71
N VAL A 2352 -48.62 -46.08 -14.41
CA VAL A 2352 -47.48 -46.40 -13.57
C VAL A 2352 -46.80 -47.67 -14.07
N VAL A 2353 -47.60 -48.67 -14.40
CA VAL A 2353 -47.03 -49.92 -14.90
C VAL A 2353 -46.25 -49.68 -16.18
N VAL A 2354 -46.84 -48.91 -17.10
CA VAL A 2354 -46.17 -48.63 -18.37
C VAL A 2354 -44.84 -47.94 -18.13
N ARG A 2355 -44.84 -46.93 -17.27
CA ARG A 2355 -43.64 -46.14 -17.04
C ARG A 2355 -42.56 -46.99 -16.38
N LEU A 2356 -42.93 -47.76 -15.36
CA LEU A 2356 -41.96 -48.62 -14.70
C LEU A 2356 -41.39 -49.64 -15.69
N LEU A 2357 -42.24 -50.18 -16.55
CA LEU A 2357 -41.82 -51.22 -17.48
C LEU A 2357 -40.87 -50.67 -18.52
N ILE A 2358 -41.13 -49.47 -19.03
CA ILE A 2358 -40.20 -48.86 -19.98
C ILE A 2358 -38.89 -48.50 -19.29
N ARG A 2359 -38.96 -48.05 -18.03
CA ARG A 2359 -37.73 -47.72 -17.31
C ARG A 2359 -36.87 -48.95 -17.11
N LYS A 2360 -37.50 -50.10 -16.84
CA LYS A 2360 -36.81 -51.38 -16.83
C LYS A 2360 -37.27 -52.18 -18.05
N PRO A 2361 -36.72 -51.94 -19.23
CA PRO A 2361 -37.22 -52.60 -20.45
C PRO A 2361 -36.82 -54.06 -20.57
N GLU A 2362 -35.89 -54.54 -19.75
CA GLU A 2362 -35.55 -55.97 -19.77
C GLU A 2362 -36.75 -56.82 -19.38
N CYS A 2363 -37.74 -56.24 -18.71
CA CYS A 2363 -38.99 -56.95 -18.44
C CYS A 2363 -39.72 -57.31 -19.71
N PHE A 2364 -39.57 -56.52 -20.78
CA PHE A 2364 -40.25 -56.81 -22.03
C PHE A 2364 -39.77 -58.13 -22.62
N GLY A 2365 -38.53 -58.52 -22.35
CA GLY A 2365 -37.97 -59.74 -22.86
C GLY A 2365 -36.68 -59.48 -23.61
N PRO A 2366 -35.94 -60.54 -23.92
CA PRO A 2366 -34.80 -60.37 -24.83
C PRO A 2366 -35.24 -59.84 -26.19
N ALA A 2367 -36.46 -60.18 -26.60
CA ALA A 2367 -37.12 -59.52 -27.71
C ALA A 2367 -37.73 -58.21 -27.19
N LEU A 2368 -38.19 -57.36 -28.11
CA LEU A 2368 -38.73 -56.07 -27.73
C LEU A 2368 -37.68 -55.25 -27.00
N ARG A 2369 -36.41 -55.66 -27.12
CA ARG A 2369 -35.35 -54.96 -26.42
CA ARG A 2369 -35.34 -54.97 -26.43
C ARG A 2369 -35.01 -53.63 -27.07
N GLY A 2370 -35.02 -53.58 -28.40
CA GLY A 2370 -34.54 -52.42 -29.12
C GLY A 2370 -33.28 -52.77 -29.87
N GLU A 2371 -32.13 -52.32 -29.37
CA GLU A 2371 -30.86 -52.69 -29.98
C GLU A 2371 -30.66 -54.20 -29.93
N GLY A 2372 -30.29 -54.77 -31.08
CA GLY A 2372 -29.99 -56.19 -31.13
C GLY A 2372 -31.12 -57.06 -30.65
N GLY A 2373 -32.36 -56.68 -30.93
CA GLY A 2373 -33.51 -57.38 -30.42
C GLY A 2373 -34.46 -57.87 -31.51
N SER A 2374 -34.66 -59.18 -31.58
CA SER A 2374 -35.61 -59.74 -32.52
C SER A 2374 -37.02 -59.33 -32.13
N GLY A 2375 -37.91 -59.32 -33.12
CA GLY A 2375 -39.28 -58.95 -32.90
C GLY A 2375 -40.08 -60.04 -32.22
N LEU A 2376 -41.28 -59.66 -31.81
CA LEU A 2376 -42.19 -60.60 -31.16
C LEU A 2376 -42.51 -61.77 -32.07
N LEU A 2377 -42.78 -61.51 -33.34
CA LEU A 2377 -43.14 -62.58 -34.26
C LEU A 2377 -41.99 -63.57 -34.44
N ALA A 2378 -40.77 -63.06 -34.60
CA ALA A 2378 -39.61 -63.94 -34.68
C ALA A 2378 -39.42 -64.72 -33.40
N ALA A 2379 -39.69 -64.09 -32.24
CA ALA A 2379 -39.60 -64.82 -30.98
C ALA A 2379 -40.57 -65.98 -30.95
N ILE A 2380 -41.81 -65.75 -31.39
CA ILE A 2380 -42.80 -66.82 -31.41
C ILE A 2380 -42.38 -67.94 -32.35
N GLU A 2381 -41.87 -67.58 -33.52
CA GLU A 2381 -41.45 -68.59 -34.48
C GLU A 2381 -40.30 -69.43 -33.91
N GLU A 2382 -39.32 -68.77 -33.29
CA GLU A 2382 -38.21 -69.50 -32.68
C GLU A 2382 -38.69 -70.38 -31.54
N ALA A 2383 -39.69 -69.91 -30.79
CA ALA A 2383 -40.27 -70.73 -29.72
C ALA A 2383 -40.92 -71.98 -30.29
N ILE A 2384 -41.61 -71.85 -31.43
CA ILE A 2384 -42.23 -73.01 -32.06
C ILE A 2384 -41.15 -74.00 -32.50
N ARG A 2385 -40.09 -73.49 -33.12
CA ARG A 2385 -38.99 -74.37 -33.52
C ARG A 2385 -38.39 -75.06 -32.30
N ILE A 2386 -38.27 -74.33 -31.19
CA ILE A 2386 -37.78 -74.94 -29.95
C ILE A 2386 -38.68 -76.07 -29.51
N SER A 2387 -39.99 -75.80 -29.48
CA SER A 2387 -40.94 -76.83 -29.08
C SER A 2387 -40.80 -78.08 -29.93
N GLU A 2388 -40.58 -77.89 -31.24
CA GLU A 2388 -40.34 -79.04 -32.11
C GLU A 2388 -39.05 -79.75 -31.73
N ASP A 2389 -37.99 -78.98 -31.45
CA ASP A 2389 -36.67 -79.56 -31.21
C ASP A 2389 -36.46 -79.80 -29.72
N PRO A 2390 -36.37 -81.05 -29.27
CA PRO A 2390 -35.89 -81.30 -27.91
C PRO A 2390 -34.38 -81.12 -27.82
N ALA A 2391 -33.90 -81.03 -26.59
CA ALA A 2391 -32.54 -80.63 -26.21
C ALA A 2391 -32.41 -79.12 -26.32
N ARG A 2392 -33.42 -78.43 -26.86
CA ARG A 2392 -33.52 -76.99 -26.78
C ARG A 2392 -34.84 -76.53 -26.16
N ASP A 2393 -35.82 -77.43 -26.03
CA ASP A 2393 -37.04 -77.17 -25.29
C ASP A 2393 -36.99 -77.73 -23.88
N GLY A 2394 -36.17 -78.75 -23.65
CA GLY A 2394 -36.08 -79.39 -22.36
C GLY A 2394 -34.80 -80.16 -22.17
N PRO A 2395 -34.61 -80.73 -20.98
CA PRO A 2395 -33.35 -81.45 -20.71
C PRO A 2395 -33.07 -82.56 -21.70
N GLY A 2396 -34.08 -83.32 -22.10
CA GLY A 2396 -33.90 -84.37 -23.08
C GLY A 2396 -32.84 -85.39 -22.68
N VAL A 2397 -32.84 -85.81 -21.41
CA VAL A 2397 -31.92 -86.82 -20.88
C VAL A 2397 -31.35 -87.74 -21.96
N PRO A 2410 -42.03 -87.34 -17.71
CA PRO A 2410 -42.13 -86.68 -16.41
C PRO A 2410 -43.17 -87.32 -15.50
N PRO A 2411 -42.79 -87.69 -14.27
CA PRO A 2411 -43.80 -88.20 -13.34
C PRO A 2411 -44.86 -87.16 -12.99
N GLU A 2412 -44.44 -85.93 -12.69
CA GLU A 2412 -45.38 -84.88 -12.35
C GLU A 2412 -46.27 -84.49 -13.53
N GLU A 2413 -45.79 -84.67 -14.76
CA GLU A 2413 -46.47 -84.30 -15.99
C GLU A 2413 -46.63 -82.79 -16.14
N ASN A 2414 -46.12 -82.00 -15.20
CA ASN A 2414 -46.08 -80.55 -15.31
C ASN A 2414 -44.74 -80.07 -15.86
N ARG A 2415 -43.93 -80.98 -16.39
CA ARG A 2415 -42.59 -80.64 -16.85
C ARG A 2415 -42.63 -79.45 -17.79
N VAL A 2416 -41.77 -78.46 -17.52
CA VAL A 2416 -41.85 -77.19 -18.21
C VAL A 2416 -41.38 -77.34 -19.66
N HIS A 2417 -42.09 -76.69 -20.57
CA HIS A 2417 -41.71 -76.63 -21.98
C HIS A 2417 -41.36 -75.19 -22.32
N LEU A 2418 -40.09 -74.98 -22.72
CA LEU A 2418 -39.58 -73.62 -22.84
C LEU A 2418 -40.29 -72.83 -23.93
N GLY A 2419 -40.63 -73.47 -25.04
CA GLY A 2419 -41.35 -72.77 -26.09
C GLY A 2419 -42.70 -72.25 -25.61
N HIS A 2420 -43.46 -73.11 -24.93
CA HIS A 2420 -44.74 -72.68 -24.39
C HIS A 2420 -44.54 -71.60 -23.34
N ALA A 2421 -43.50 -71.72 -22.52
CA ALA A 2421 -43.22 -70.70 -21.51
C ALA A 2421 -42.98 -69.35 -22.15
N ILE A 2422 -42.18 -69.32 -23.22
CA ILE A 2422 -41.87 -68.05 -23.89
C ILE A 2422 -43.12 -67.47 -24.52
N MET A 2423 -43.88 -68.30 -25.25
CA MET A 2423 -45.09 -67.82 -25.88
C MET A 2423 -46.08 -67.28 -24.86
N SER A 2424 -46.23 -67.96 -23.72
CA SER A 2424 -47.13 -67.50 -22.67
C SER A 2424 -46.65 -66.23 -22.01
N PHE A 2425 -45.34 -66.09 -21.77
CA PHE A 2425 -44.81 -64.83 -21.26
C PHE A 2425 -45.18 -63.68 -22.19
N TYR A 2426 -44.90 -63.84 -23.49
CA TYR A 2426 -45.18 -62.76 -24.42
C TYR A 2426 -46.68 -62.48 -24.53
N ALA A 2427 -47.50 -63.53 -24.53
CA ALA A 2427 -48.94 -63.33 -24.58
C ALA A 2427 -49.44 -62.58 -23.34
N ALA A 2428 -48.92 -62.93 -22.17
CA ALA A 2428 -49.30 -62.22 -20.95
C ALA A 2428 -48.88 -60.76 -21.01
N LEU A 2429 -47.67 -60.50 -21.52
CA LEU A 2429 -47.21 -59.13 -21.67
C LEU A 2429 -48.15 -58.33 -22.58
N ILE A 2430 -48.49 -58.91 -23.73
CA ILE A 2430 -49.37 -58.22 -24.68
C ILE A 2430 -50.74 -57.99 -24.06
N ASP A 2431 -51.27 -59.00 -23.36
CA ASP A 2431 -52.56 -58.84 -22.71
C ASP A 2431 -52.52 -57.71 -21.69
N LEU A 2432 -51.46 -57.66 -20.88
CA LEU A 2432 -51.36 -56.62 -19.87
C LEU A 2432 -51.27 -55.24 -20.50
N LEU A 2433 -50.50 -55.12 -21.59
CA LEU A 2433 -50.41 -53.83 -22.27
C LEU A 2433 -51.75 -53.42 -22.85
N GLY A 2434 -52.46 -54.35 -23.50
CA GLY A 2434 -53.78 -54.03 -24.01
C GLY A 2434 -54.73 -53.61 -22.91
N ARG A 2435 -54.64 -54.26 -21.75
CA ARG A 2435 -55.51 -53.91 -20.63
C ARG A 2435 -55.15 -52.53 -20.07
N CYS A 2436 -53.86 -52.20 -20.05
CA CYS A 2436 -53.43 -50.86 -19.66
C CYS A 2436 -53.88 -49.83 -20.68
N ALA A 2437 -54.19 -50.26 -21.89
CA ALA A 2437 -54.56 -49.32 -22.94
C ALA A 2437 -55.76 -48.47 -22.50
N PRO A 2438 -55.80 -47.20 -22.89
CA PRO A 2438 -56.93 -46.35 -22.48
C PRO A 2438 -58.26 -46.84 -23.03
N GLU A 2439 -59.33 -46.54 -22.29
CA GLU A 2439 -60.67 -46.70 -22.83
C GLU A 2439 -60.96 -45.61 -23.84
N MET A 2440 -61.82 -45.92 -24.82
CA MET A 2440 -62.00 -45.03 -25.95
C MET A 2440 -62.54 -43.67 -25.54
N HIS A 2441 -63.51 -43.64 -24.62
CA HIS A 2441 -64.19 -42.38 -24.30
C HIS A 2441 -63.18 -41.30 -23.93
N LEU A 2442 -62.09 -41.69 -23.26
CA LEU A 2442 -61.01 -40.75 -23.03
C LEU A 2442 -60.38 -40.28 -24.33
N ILE A 2443 -60.21 -41.19 -25.28
CA ILE A 2443 -59.59 -40.84 -26.56
C ILE A 2443 -60.45 -39.82 -27.29
N GLN A 2444 -61.76 -40.04 -27.33
CA GLN A 2444 -62.65 -39.05 -27.91
C GLN A 2444 -62.59 -37.73 -27.14
N ALA A 2445 -62.49 -37.80 -25.81
CA ALA A 2445 -62.31 -36.60 -25.02
C ALA A 2445 -60.97 -35.92 -25.34
N GLY A 2446 -60.04 -36.64 -25.96
CA GLY A 2446 -58.76 -36.05 -26.31
C GLY A 2446 -57.84 -35.83 -25.13
N LYS A 2447 -57.81 -36.77 -24.20
CA LYS A 2447 -56.94 -36.63 -23.04
C LYS A 2447 -55.50 -36.96 -23.40
N GLY A 2448 -54.60 -36.01 -23.12
CA GLY A 2448 -53.23 -36.14 -23.56
C GLY A 2448 -52.53 -37.35 -22.97
N GLU A 2449 -52.77 -37.63 -21.70
CA GLU A 2449 -52.15 -38.79 -21.07
C GLU A 2449 -52.58 -40.08 -21.77
N ALA A 2450 -53.87 -40.20 -22.07
CA ALA A 2450 -54.36 -41.39 -22.76
C ALA A 2450 -53.72 -41.53 -24.13
N LEU A 2451 -53.66 -40.43 -24.88
CA LEU A 2451 -53.07 -40.49 -26.21
C LEU A 2451 -51.60 -40.88 -26.13
N ARG A 2452 -50.87 -40.31 -25.15
CA ARG A 2452 -49.45 -40.63 -25.00
C ARG A 2452 -49.26 -42.10 -24.66
N ILE A 2453 -50.07 -42.64 -23.76
CA ILE A 2453 -49.96 -44.05 -23.40
C ILE A 2453 -50.22 -44.92 -24.63
N ARG A 2454 -51.26 -44.60 -25.38
CA ARG A 2454 -51.58 -45.40 -26.56
C ARG A 2454 -50.46 -45.36 -27.58
N ALA A 2455 -49.88 -44.18 -27.80
CA ALA A 2455 -48.78 -44.07 -28.75
C ALA A 2455 -47.59 -44.90 -28.28
N ILE A 2456 -47.30 -44.88 -26.98
CA ILE A 2456 -46.21 -45.69 -26.45
C ILE A 2456 -46.47 -47.17 -26.72
N LEU A 2457 -47.69 -47.62 -26.47
CA LEU A 2457 -48.03 -49.03 -26.67
C LEU A 2457 -47.89 -49.42 -28.13
N ARG A 2458 -48.36 -48.56 -29.03
CA ARG A 2458 -48.25 -48.84 -30.46
C ARG A 2458 -46.79 -48.90 -30.88
N SER A 2459 -45.96 -47.98 -30.38
CA SER A 2459 -44.54 -48.01 -30.69
C SER A 2459 -43.92 -49.32 -30.21
N LEU A 2460 -44.29 -49.78 -29.02
CA LEU A 2460 -43.76 -51.03 -28.51
C LEU A 2460 -44.14 -52.21 -29.40
N VAL A 2461 -45.41 -52.32 -29.74
CA VAL A 2461 -45.94 -53.50 -30.44
C VAL A 2461 -46.44 -53.06 -31.82
N PRO A 2462 -45.75 -53.40 -32.90
CA PRO A 2462 -46.29 -53.10 -34.23
C PRO A 2462 -47.41 -54.04 -34.62
N LEU A 2463 -48.25 -53.56 -35.53
CA LEU A 2463 -49.47 -54.28 -35.89
C LEU A 2463 -49.17 -55.50 -36.75
N ASP A 2464 -48.22 -55.37 -37.67
CA ASP A 2464 -47.86 -56.46 -38.56
C ASP A 2464 -47.50 -57.72 -37.78
N ASP A 2465 -46.80 -57.55 -36.66
CA ASP A 2465 -46.42 -58.70 -35.85
C ASP A 2465 -47.65 -59.35 -35.22
N LEU A 2466 -48.59 -58.55 -34.74
CA LEU A 2466 -49.84 -59.08 -34.21
C LEU A 2466 -50.56 -59.91 -35.26
N VAL A 2467 -50.64 -59.37 -36.48
CA VAL A 2467 -51.34 -60.07 -37.55
C VAL A 2467 -50.60 -61.36 -37.91
N GLY A 2468 -49.27 -61.31 -37.92
CA GLY A 2468 -48.51 -62.52 -38.21
C GLY A 2468 -48.76 -63.61 -37.18
N ILE A 2469 -48.78 -63.25 -35.90
CA ILE A 2469 -49.04 -64.23 -34.86
C ILE A 2469 -50.45 -64.79 -35.00
N ILE A 2470 -51.43 -63.92 -35.27
CA ILE A 2470 -52.80 -64.39 -35.45
C ILE A 2470 -52.88 -65.31 -36.66
N SER A 2471 -52.07 -65.07 -37.68
CA SER A 2471 -52.05 -65.90 -38.87
C SER A 2471 -51.26 -67.19 -38.67
N LEU A 2472 -50.45 -67.26 -37.63
CA LEU A 2472 -49.63 -68.44 -37.41
C LEU A 2472 -50.52 -69.67 -37.31
N PRO A 2473 -50.20 -70.75 -38.02
CA PRO A 2473 -51.05 -71.95 -37.97
C PRO A 2473 -50.98 -72.61 -36.61
N LEU A 2474 -52.07 -73.29 -36.26
CA LEU A 2474 -52.17 -74.06 -35.02
C LEU A 2474 -52.40 -75.51 -35.41
N GLN A 2475 -51.61 -76.41 -34.81
CA GLN A 2475 -51.74 -77.82 -35.18
C GLN A 2475 -53.15 -78.29 -34.84
N ILE A 2476 -53.68 -79.17 -35.67
CA ILE A 2476 -55.08 -79.60 -35.59
C ILE A 2476 -55.09 -81.11 -35.34
N PRO A 2477 -55.91 -81.62 -34.44
CA PRO A 2477 -55.98 -83.08 -34.26
C PRO A 2477 -56.32 -83.77 -35.57
N THR A 2478 -55.67 -84.90 -35.81
CA THR A 2478 -55.91 -85.70 -37.00
C THR A 2478 -56.09 -87.16 -36.58
N LEU A 2479 -56.78 -87.91 -37.43
CA LEU A 2479 -56.98 -89.33 -37.22
C LEU A 2479 -56.19 -90.09 -38.27
N GLY A 2480 -55.23 -90.91 -37.82
CA GLY A 2480 -54.32 -91.56 -38.74
C GLY A 2480 -53.81 -92.88 -38.22
N LYS A 2481 -53.26 -93.67 -39.15
CA LYS A 2481 -52.47 -94.85 -38.83
C LYS A 2481 -53.20 -95.80 -37.89
N ASP A 2482 -54.27 -96.44 -38.39
CA ASP A 2482 -55.18 -97.38 -37.71
C ASP A 2482 -56.31 -96.68 -36.98
N GLY A 2483 -56.52 -95.39 -37.20
CA GLY A 2483 -57.51 -94.66 -36.43
C GLY A 2483 -57.04 -94.22 -35.08
N ALA A 2484 -55.74 -93.97 -34.92
CA ALA A 2484 -55.25 -93.34 -33.70
C ALA A 2484 -55.30 -91.83 -33.85
N LEU A 2485 -55.66 -91.15 -32.76
CA LEU A 2485 -55.67 -89.70 -32.75
C LEU A 2485 -54.27 -89.15 -32.54
N VAL A 2486 -53.75 -88.44 -33.53
CA VAL A 2486 -52.58 -87.59 -33.35
C VAL A 2486 -53.10 -86.24 -32.89
N GLN A 2487 -52.69 -85.85 -31.68
CA GLN A 2487 -53.32 -84.74 -30.97
C GLN A 2487 -52.27 -83.84 -30.35
N PRO A 2488 -52.43 -82.52 -30.44
CA PRO A 2488 -51.41 -81.62 -29.90
C PRO A 2488 -51.35 -81.66 -28.37
N LYS A 2489 -50.19 -81.32 -27.86
CA LYS A 2489 -49.98 -81.21 -26.41
C LYS A 2489 -49.99 -79.73 -26.03
N MET A 2490 -50.95 -79.36 -25.18
CA MET A 2490 -51.11 -77.95 -24.80
C MET A 2490 -49.86 -77.41 -24.12
N SER A 2491 -49.31 -78.16 -23.18
CA SER A 2491 -48.22 -77.65 -22.35
C SER A 2491 -46.95 -77.36 -23.13
N ALA A 2492 -46.85 -77.86 -24.36
CA ALA A 2492 -45.62 -77.74 -25.16
C ALA A 2492 -45.87 -77.14 -26.53
N SER A 2493 -47.03 -76.55 -26.77
CA SER A 2493 -47.41 -76.15 -28.12
C SER A 2493 -48.04 -74.75 -28.12
N PHE A 2494 -48.06 -74.15 -29.30
CA PHE A 2494 -48.73 -72.88 -29.52
C PHE A 2494 -50.23 -73.07 -29.40
N VAL A 2495 -50.91 -72.15 -28.73
CA VAL A 2495 -52.31 -72.33 -28.36
C VAL A 2495 -53.09 -71.07 -28.69
N PRO A 2496 -54.42 -71.18 -28.80
CA PRO A 2496 -55.23 -70.00 -29.15
C PRO A 2496 -55.23 -68.88 -28.12
N ASP A 2497 -54.89 -69.15 -26.86
CA ASP A 2497 -54.85 -68.07 -25.87
C ASP A 2497 -53.75 -67.06 -26.21
N HIS A 2498 -52.63 -67.56 -26.73
CA HIS A 2498 -51.58 -66.68 -27.22
C HIS A 2498 -52.13 -65.72 -28.26
N LYS A 2499 -53.01 -66.22 -29.12
CA LYS A 2499 -53.65 -65.38 -30.13
C LYS A 2499 -54.65 -64.42 -29.50
N ALA A 2500 -55.38 -64.88 -28.48
CA ALA A 2500 -56.39 -64.06 -27.84
C ALA A 2500 -55.78 -62.82 -27.22
N SER A 2501 -54.60 -62.97 -26.60
CA SER A 2501 -53.93 -61.81 -26.05
C SER A 2501 -53.65 -60.78 -27.13
N MET A 2502 -53.17 -61.23 -28.29
CA MET A 2502 -52.86 -60.31 -29.38
C MET A 2502 -54.12 -59.63 -29.88
N VAL A 2503 -55.22 -60.39 -29.95
CA VAL A 2503 -56.49 -59.82 -30.40
C VAL A 2503 -56.94 -58.73 -29.45
N LEU A 2504 -56.82 -58.97 -28.14
CA LEU A 2504 -57.20 -57.95 -27.17
C LEU A 2504 -56.35 -56.71 -27.34
N PHE A 2505 -55.04 -56.89 -27.50
CA PHE A 2505 -54.16 -55.74 -27.73
C PHE A 2505 -54.60 -54.96 -28.95
N LEU A 2506 -54.83 -55.65 -30.06
CA LEU A 2506 -55.24 -54.99 -31.30
C LEU A 2506 -56.51 -54.19 -31.09
N ASP A 2507 -57.52 -54.82 -30.48
CA ASP A 2507 -58.80 -54.15 -30.30
C ASP A 2507 -58.67 -52.92 -29.42
N ARG A 2508 -57.94 -53.04 -28.31
CA ARG A 2508 -57.93 -51.96 -27.33
C ARG A 2508 -57.01 -50.82 -27.75
N VAL A 2509 -55.93 -51.13 -28.47
CA VAL A 2509 -54.92 -50.13 -28.80
C VAL A 2509 -55.10 -49.61 -30.22
N TYR A 2510 -54.94 -50.49 -31.21
CA TYR A 2510 -54.99 -50.05 -32.60
C TYR A 2510 -56.42 -49.85 -33.06
N GLY A 2511 -57.28 -50.82 -32.78
CA GLY A 2511 -58.65 -50.77 -33.24
C GLY A 2511 -58.77 -51.12 -34.72
N ILE A 2512 -59.97 -51.55 -35.09
CA ILE A 2512 -60.28 -51.86 -36.48
C ILE A 2512 -61.31 -50.87 -36.99
N GLU A 2513 -60.85 -49.88 -37.77
CA GLU A 2513 -61.70 -48.82 -38.27
C GLU A 2513 -61.87 -48.86 -39.77
N ASN A 2514 -61.14 -49.73 -40.48
CA ASN A 2514 -61.17 -49.75 -41.94
C ASN A 2514 -61.50 -51.14 -42.47
N GLN A 2515 -62.38 -51.14 -43.47
CA GLN A 2515 -62.87 -52.39 -44.04
C GLN A 2515 -61.74 -53.22 -44.62
N ASP A 2516 -60.79 -52.57 -45.29
CA ASP A 2516 -59.69 -53.32 -45.91
C ASP A 2516 -58.90 -54.09 -44.87
N PHE A 2517 -58.57 -53.46 -43.75
CA PHE A 2517 -57.83 -54.16 -42.70
C PHE A 2517 -58.68 -55.27 -42.09
N LEU A 2518 -59.98 -55.00 -41.87
CA LEU A 2518 -60.85 -56.04 -41.34
C LEU A 2518 -60.82 -57.27 -42.23
N LEU A 2519 -60.98 -57.06 -43.54
CA LEU A 2519 -61.00 -58.17 -44.47
C LEU A 2519 -59.64 -58.87 -44.52
N HIS A 2520 -58.56 -58.09 -44.40
CA HIS A 2520 -57.23 -58.68 -44.39
C HIS A 2520 -57.07 -59.62 -43.21
N VAL A 2521 -57.47 -59.19 -42.01
CA VAL A 2521 -57.39 -60.05 -40.84
C VAL A 2521 -58.24 -61.30 -41.05
N LEU A 2522 -59.45 -61.13 -41.59
CA LEU A 2522 -60.32 -62.28 -41.81
C LEU A 2522 -59.66 -63.29 -42.74
N ASP A 2523 -59.08 -62.82 -43.84
CA ASP A 2523 -58.54 -63.76 -44.82
C ASP A 2523 -57.24 -64.39 -44.35
N VAL A 2524 -56.51 -63.71 -43.46
CA VAL A 2524 -55.24 -64.26 -43.00
C VAL A 2524 -55.41 -65.16 -41.78
N GLY A 2525 -55.91 -64.64 -40.66
CA GLY A 2525 -55.85 -65.37 -39.41
C GLY A 2525 -57.15 -65.94 -38.86
N PHE A 2526 -58.23 -65.15 -38.90
CA PHE A 2526 -59.45 -65.52 -38.17
C PHE A 2526 -60.19 -66.63 -38.89
N LEU A 2527 -60.57 -66.39 -40.14
CA LEU A 2527 -61.42 -67.29 -40.89
C LEU A 2527 -60.81 -68.69 -40.97
N PRO A 2528 -59.50 -68.83 -41.21
CA PRO A 2528 -58.90 -70.18 -41.19
C PRO A 2528 -59.16 -70.91 -39.89
N ASP A 2529 -59.00 -70.22 -38.77
CA ASP A 2529 -59.21 -70.86 -37.47
C ASP A 2529 -60.67 -71.23 -37.27
N MET A 2530 -61.60 -70.38 -37.72
CA MET A 2530 -63.01 -70.74 -37.63
C MET A 2530 -63.31 -71.97 -38.48
N ARG A 2531 -62.74 -72.03 -39.67
CA ARG A 2531 -62.92 -73.21 -40.52
C ARG A 2531 -62.37 -74.45 -39.82
N ALA A 2532 -61.22 -74.32 -39.17
CA ALA A 2532 -60.64 -75.47 -38.47
C ALA A 2532 -61.51 -75.93 -37.31
N ALA A 2533 -62.04 -74.97 -36.53
CA ALA A 2533 -62.90 -75.33 -35.41
C ALA A 2533 -64.13 -76.07 -35.91
N ALA A 2534 -64.74 -75.55 -36.97
CA ALA A 2534 -65.93 -76.17 -37.50
C ALA A 2534 -65.63 -77.56 -38.08
N SER A 2535 -64.47 -77.71 -38.73
CA SER A 2535 -64.03 -79.03 -39.17
C SER A 2535 -63.86 -79.99 -38.00
N LEU A 2536 -63.36 -79.49 -36.88
CA LEU A 2536 -63.19 -80.30 -35.68
C LEU A 2536 -64.51 -80.54 -34.96
N ASP A 2537 -65.57 -79.87 -35.38
CA ASP A 2537 -66.88 -80.12 -34.80
C ASP A 2537 -67.42 -81.47 -35.25
N THR A 2538 -66.70 -82.54 -34.90
CA THR A 2538 -67.11 -83.91 -35.17
C THR A 2538 -67.08 -84.69 -33.87
N ALA A 2539 -67.82 -85.80 -33.83
CA ALA A 2539 -67.93 -86.61 -32.62
C ALA A 2539 -66.55 -86.93 -32.06
N THR A 2540 -65.64 -87.38 -32.93
CA THR A 2540 -64.30 -87.72 -32.48
C THR A 2540 -63.54 -86.50 -32.00
N PHE A 2541 -63.64 -85.38 -32.72
CA PHE A 2541 -62.80 -84.23 -32.50
C PHE A 2541 -63.47 -83.13 -31.69
N SER A 2542 -64.77 -83.24 -31.42
CA SER A 2542 -65.48 -82.12 -30.80
C SER A 2542 -64.93 -81.81 -29.41
N THR A 2543 -64.64 -82.85 -28.63
CA THR A 2543 -64.21 -82.69 -27.24
C THR A 2543 -62.71 -82.54 -27.10
N THR A 2544 -61.96 -82.54 -28.21
CA THR A 2544 -60.53 -82.38 -28.13
C THR A 2544 -60.17 -81.04 -27.50
N GLU A 2545 -59.09 -81.05 -26.72
CA GLU A 2545 -58.67 -79.84 -26.02
C GLU A 2545 -58.40 -78.71 -27.01
N MET A 2546 -57.86 -79.03 -28.19
CA MET A 2546 -57.64 -78.00 -29.20
C MET A 2546 -58.96 -77.41 -29.69
N ALA A 2547 -59.96 -78.25 -29.93
CA ALA A 2547 -61.25 -77.73 -30.37
C ALA A 2547 -61.87 -76.85 -29.30
N LEU A 2548 -61.79 -77.27 -28.04
CA LEU A 2548 -62.31 -76.45 -26.95
C LEU A 2548 -61.58 -75.12 -26.87
N ALA A 2549 -60.25 -75.15 -26.99
CA ALA A 2549 -59.47 -73.92 -26.94
C ALA A 2549 -59.83 -72.99 -28.11
N LEU A 2550 -60.02 -73.55 -29.29
CA LEU A 2550 -60.42 -72.75 -30.43
C LEU A 2550 -61.78 -72.10 -30.20
N ASN A 2551 -62.73 -72.86 -29.67
CA ASN A 2551 -64.05 -72.30 -29.42
C ASN A 2551 -63.96 -71.17 -28.40
N ARG A 2552 -63.19 -71.37 -27.33
CA ARG A 2552 -63.00 -70.30 -26.35
C ARG A 2552 -62.36 -69.08 -26.99
N TYR A 2553 -61.27 -69.28 -27.74
CA TYR A 2553 -60.60 -68.17 -28.40
C TYR A 2553 -61.57 -67.39 -29.27
N LEU A 2554 -62.30 -68.10 -30.13
CA LEU A 2554 -63.28 -67.46 -31.00
C LEU A 2554 -64.28 -66.65 -30.19
N CYS A 2555 -65.07 -67.32 -29.35
CA CYS A 2555 -66.15 -66.65 -28.64
C CYS A 2555 -65.64 -65.48 -27.81
N LEU A 2556 -64.48 -65.63 -27.18
CA LEU A 2556 -64.01 -64.60 -26.26
C LEU A 2556 -63.44 -63.38 -27.00
N ALA A 2557 -62.69 -63.61 -28.09
CA ALA A 2557 -61.97 -62.52 -28.74
C ALA A 2557 -62.50 -62.20 -30.12
N VAL A 2558 -62.63 -63.21 -31.00
CA VAL A 2558 -62.84 -62.93 -32.42
C VAL A 2558 -64.29 -62.49 -32.65
N LEU A 2559 -65.24 -63.37 -32.35
CA LEU A 2559 -66.62 -63.12 -32.73
C LEU A 2559 -67.16 -61.81 -32.17
N PRO A 2560 -66.90 -61.44 -30.92
CA PRO A 2560 -67.32 -60.10 -30.48
C PRO A 2560 -66.74 -58.99 -31.33
N LEU A 2561 -65.49 -59.15 -31.76
CA LEU A 2561 -64.84 -58.14 -32.59
C LEU A 2561 -65.53 -58.01 -33.93
N ILE A 2562 -65.87 -59.14 -34.56
CA ILE A 2562 -66.58 -59.10 -35.83
C ILE A 2562 -67.95 -58.49 -35.65
N THR A 2563 -68.64 -58.82 -34.55
CA THR A 2563 -69.93 -58.22 -34.26
C THR A 2563 -69.82 -56.70 -34.17
N LYS A 2564 -68.79 -56.22 -33.46
CA LYS A 2564 -68.60 -54.79 -33.30
C LYS A 2564 -68.26 -54.12 -34.63
N CYS A 2565 -67.45 -54.78 -35.45
CA CYS A 2565 -67.03 -54.24 -36.74
C CYS A 2565 -67.98 -54.62 -37.86
N ALA A 2566 -69.17 -55.12 -37.53
CA ALA A 2566 -70.10 -55.58 -38.56
C ALA A 2566 -70.46 -54.51 -39.57
N PRO A 2567 -70.75 -53.25 -39.18
CA PRO A 2567 -71.16 -52.25 -40.17
C PRO A 2567 -70.19 -52.14 -41.34
N LEU A 2568 -68.91 -52.38 -41.08
CA LEU A 2568 -67.89 -52.29 -42.12
C LEU A 2568 -68.10 -53.32 -43.23
N PHE A 2569 -68.93 -54.32 -43.00
CA PHE A 2569 -69.20 -55.35 -44.00
C PHE A 2569 -70.23 -54.89 -45.04
N ALA A 2570 -70.72 -53.67 -44.93
CA ALA A 2570 -71.85 -53.24 -45.75
C ALA A 2570 -71.50 -53.29 -47.24
N GLY A 2571 -70.35 -52.76 -47.62
CA GLY A 2571 -69.98 -52.61 -49.01
C GLY A 2571 -69.09 -53.70 -49.58
N THR A 2572 -69.03 -54.87 -48.96
CA THR A 2572 -68.13 -55.94 -49.41
C THR A 2572 -68.78 -56.77 -50.52
N GLU A 2573 -69.11 -56.08 -51.61
CA GLU A 2573 -69.59 -56.76 -52.81
C GLU A 2573 -68.43 -57.30 -53.65
N HIS A 2574 -67.19 -56.94 -53.32
CA HIS A 2574 -66.05 -57.39 -54.10
C HIS A 2574 -65.37 -58.59 -53.43
N ARG A 2575 -65.63 -58.81 -52.15
CA ARG A 2575 -65.16 -60.00 -51.44
C ARG A 2575 -66.31 -60.91 -51.03
N ALA A 2576 -67.29 -61.07 -51.91
CA ALA A 2576 -68.46 -61.89 -51.63
C ALA A 2576 -68.09 -63.31 -51.26
N ILE A 2577 -67.05 -63.84 -51.89
CA ILE A 2577 -66.64 -65.20 -51.62
C ILE A 2577 -66.24 -65.35 -50.16
N MET A 2578 -65.41 -64.43 -49.68
CA MET A 2578 -64.96 -64.49 -48.30
C MET A 2578 -66.11 -64.24 -47.34
N VAL A 2579 -66.98 -63.29 -47.67
CA VAL A 2579 -68.11 -63.01 -46.78
C VAL A 2579 -69.02 -64.23 -46.66
N ASP A 2580 -69.32 -64.88 -47.78
CA ASP A 2580 -70.18 -66.06 -47.76
C ASP A 2580 -69.51 -67.19 -47.01
N SER A 2581 -68.20 -67.38 -47.20
CA SER A 2581 -67.49 -68.41 -46.47
C SER A 2581 -67.56 -68.16 -44.96
N MET A 2582 -67.38 -66.90 -44.56
CA MET A 2582 -67.44 -66.57 -43.13
C MET A 2582 -68.84 -66.80 -42.57
N LEU A 2583 -69.87 -66.42 -43.33
CA LEU A 2583 -71.24 -66.65 -42.89
C LEU A 2583 -71.51 -68.14 -42.72
N HIS A 2584 -71.07 -68.95 -43.68
CA HIS A 2584 -71.24 -70.39 -43.57
CA HIS A 2584 -71.24 -70.39 -43.57
C HIS A 2584 -70.49 -70.95 -42.37
N THR A 2585 -69.26 -70.48 -42.15
CA THR A 2585 -68.48 -70.98 -41.01
C THR A 2585 -69.18 -70.67 -39.70
N VAL A 2586 -69.68 -69.44 -39.55
CA VAL A 2586 -70.35 -69.06 -38.32
C VAL A 2586 -71.64 -69.85 -38.11
N TYR A 2587 -72.41 -70.07 -39.17
CA TYR A 2587 -73.63 -70.88 -39.03
C TYR A 2587 -73.30 -72.32 -38.66
N ARG A 2588 -72.30 -72.90 -39.31
CA ARG A 2588 -71.92 -74.28 -39.02
C ARG A 2588 -71.42 -74.41 -37.59
N LEU A 2589 -70.68 -73.41 -37.10
CA LEU A 2589 -70.25 -73.41 -35.71
C LEU A 2589 -71.44 -73.28 -34.77
N SER A 2590 -72.44 -72.47 -35.15
CA SER A 2590 -73.65 -72.37 -34.36
C SER A 2590 -74.29 -73.75 -34.21
N ARG A 2591 -74.33 -74.51 -35.29
CA ARG A 2591 -74.77 -75.91 -35.24
C ARG A 2591 -73.60 -76.79 -34.81
N GLY A 2592 -73.18 -76.61 -33.55
CA GLY A 2592 -72.03 -77.31 -33.04
C GLY A 2592 -72.27 -78.01 -31.72
N ARG A 2593 -71.87 -79.29 -31.64
CA ARG A 2593 -71.90 -80.03 -30.40
C ARG A 2593 -70.73 -79.61 -29.52
N SER A 2594 -70.79 -80.01 -28.24
CA SER A 2594 -69.80 -79.64 -27.24
C SER A 2594 -69.73 -78.13 -27.05
N LEU A 2595 -70.79 -77.42 -27.43
CA LEU A 2595 -70.81 -75.97 -27.48
C LEU A 2595 -71.76 -75.45 -26.40
N THR A 2596 -71.25 -74.59 -25.53
CA THR A 2596 -72.05 -74.11 -24.41
C THR A 2596 -73.07 -73.07 -24.89
N LYS A 2597 -74.01 -72.77 -24.00
CA LYS A 2597 -75.07 -71.82 -24.33
C LYS A 2597 -74.51 -70.43 -24.59
N ALA A 2598 -73.56 -69.99 -23.77
CA ALA A 2598 -72.98 -68.67 -23.96
C ALA A 2598 -72.26 -68.57 -25.29
N GLN A 2599 -71.47 -69.60 -25.62
CA GLN A 2599 -70.77 -69.62 -26.89
C GLN A 2599 -71.76 -69.60 -28.06
N ARG A 2600 -72.83 -70.39 -27.95
CA ARG A 2600 -73.84 -70.42 -28.99
C ARG A 2600 -74.49 -69.06 -29.15
N ASP A 2601 -74.80 -68.39 -28.03
CA ASP A 2601 -75.42 -67.07 -28.10
C ASP A 2601 -74.49 -66.07 -28.76
N VAL A 2602 -73.19 -66.15 -28.45
CA VAL A 2602 -72.22 -65.26 -29.08
C VAL A 2602 -72.21 -65.46 -30.58
N ILE A 2603 -72.17 -66.73 -31.01
CA ILE A 2603 -72.17 -67.04 -32.44
C ILE A 2603 -73.44 -66.51 -33.10
N GLU A 2604 -74.58 -66.71 -32.44
CA GLU A 2604 -75.85 -66.27 -33.01
C GLU A 2604 -75.88 -64.76 -33.15
N ASP A 2605 -75.40 -64.04 -32.13
CA ASP A 2605 -75.36 -62.58 -32.22
C ASP A 2605 -74.46 -62.11 -33.35
N CYS A 2606 -73.30 -62.75 -33.51
CA CYS A 2606 -72.41 -62.38 -34.61
C CYS A 2606 -73.09 -62.58 -35.95
N LEU A 2607 -73.75 -63.73 -36.13
CA LEU A 2607 -74.42 -64.00 -37.40
C LEU A 2607 -75.52 -62.99 -37.68
N MET A 2608 -76.35 -62.71 -36.67
CA MET A 2608 -77.34 -61.66 -36.83
C MET A 2608 -76.73 -60.35 -37.26
N ALA A 2609 -75.73 -59.88 -36.51
CA ALA A 2609 -75.18 -58.55 -36.78
C ALA A 2609 -74.60 -58.48 -38.18
N LEU A 2610 -73.92 -59.54 -38.60
CA LEU A 2610 -73.40 -59.57 -39.97
C LEU A 2610 -74.53 -59.50 -40.98
N CYS A 2611 -75.60 -60.27 -40.75
CA CYS A 2611 -76.70 -60.31 -41.70
C CYS A 2611 -77.34 -58.94 -41.86
N ARG A 2612 -77.46 -58.20 -40.75
CA ARG A 2612 -78.05 -56.87 -40.80
CA ARG A 2612 -78.06 -56.87 -40.81
C ARG A 2612 -77.35 -55.96 -41.81
N TYR A 2613 -76.03 -55.86 -41.68
CA TYR A 2613 -75.29 -54.89 -42.48
C TYR A 2613 -74.96 -55.43 -43.86
N ILE A 2614 -74.96 -56.76 -44.02
CA ILE A 2614 -74.66 -57.33 -45.32
C ILE A 2614 -75.83 -57.10 -46.27
N ARG A 2615 -75.52 -56.91 -47.54
CA ARG A 2615 -76.55 -56.68 -48.56
C ARG A 2615 -77.40 -57.92 -48.77
N PRO A 2616 -78.67 -57.75 -49.14
CA PRO A 2616 -79.53 -58.94 -49.35
C PRO A 2616 -79.03 -59.88 -50.41
N SER A 2617 -78.47 -59.36 -51.51
CA SER A 2617 -77.97 -60.22 -52.58
C SER A 2617 -76.89 -61.15 -52.05
N MET A 2618 -76.20 -60.72 -51.00
CA MET A 2618 -75.04 -61.45 -50.50
C MET A 2618 -75.46 -62.72 -49.78
N LEU A 2619 -76.64 -62.68 -49.15
CA LEU A 2619 -77.05 -63.74 -48.24
C LEU A 2619 -77.66 -64.93 -48.98
N GLN A 2620 -77.87 -64.81 -50.29
CA GLN A 2620 -78.55 -65.82 -51.09
C GLN A 2620 -78.15 -67.25 -50.73
N HIS A 2621 -76.84 -67.50 -50.62
CA HIS A 2621 -76.37 -68.85 -50.34
C HIS A 2621 -76.79 -69.31 -48.94
N LEU A 2622 -76.67 -68.42 -47.97
CA LEU A 2622 -77.10 -68.74 -46.61
C LEU A 2622 -78.60 -69.04 -46.58
N LEU A 2623 -79.38 -68.25 -47.32
CA LEU A 2623 -80.81 -68.51 -47.42
C LEU A 2623 -81.06 -69.89 -48.03
N ARG A 2624 -80.27 -70.26 -49.04
CA ARG A 2624 -80.40 -71.60 -49.60
C ARG A 2624 -80.18 -72.66 -48.54
N ARG A 2625 -79.12 -72.52 -47.75
CA ARG A 2625 -78.82 -73.53 -46.75
C ARG A 2625 -79.92 -73.60 -45.69
N LEU A 2626 -80.42 -72.43 -45.28
CA LEU A 2626 -81.50 -72.39 -44.31
C LEU A 2626 -82.77 -73.02 -44.85
N VAL A 2627 -82.99 -72.93 -46.17
CA VAL A 2627 -84.16 -73.54 -46.77
C VAL A 2627 -84.16 -75.05 -46.55
N PHE A 2628 -82.98 -75.66 -46.43
CA PHE A 2628 -82.88 -77.08 -46.12
C PHE A 2628 -82.81 -77.35 -44.62
N ASP A 2629 -82.32 -76.41 -43.82
CA ASP A 2629 -82.24 -76.58 -42.37
C ASP A 2629 -83.57 -76.37 -41.65
N VAL A 2630 -84.11 -75.16 -41.73
CA VAL A 2630 -85.19 -74.70 -40.85
C VAL A 2630 -86.41 -75.62 -40.90
N PRO A 2631 -86.86 -76.08 -42.07
CA PRO A 2631 -88.13 -76.82 -42.12
C PRO A 2631 -88.16 -78.05 -41.22
N ILE A 2632 -87.01 -78.56 -40.79
CA ILE A 2632 -87.01 -79.67 -39.83
C ILE A 2632 -87.67 -79.25 -38.53
N LEU A 2633 -87.60 -77.97 -38.19
CA LEU A 2633 -88.24 -77.43 -36.98
C LEU A 2633 -87.68 -78.06 -35.71
N ASN A 2634 -86.39 -78.39 -35.71
CA ASN A 2634 -85.74 -78.86 -34.51
C ASN A 2634 -85.24 -77.68 -33.67
N GLU A 2635 -84.55 -78.00 -32.58
CA GLU A 2635 -84.07 -77.00 -31.64
C GLU A 2635 -83.18 -75.97 -32.34
N PHE A 2636 -82.44 -76.39 -33.36
CA PHE A 2636 -81.59 -75.47 -34.11
C PHE A 2636 -82.40 -74.49 -34.95
N ALA A 2637 -83.70 -74.68 -35.10
CA ALA A 2637 -84.49 -73.85 -35.99
C ALA A 2637 -84.92 -72.55 -35.35
N LYS A 2638 -84.60 -72.33 -34.07
CA LYS A 2638 -85.02 -71.09 -33.43
C LYS A 2638 -84.27 -69.90 -34.01
N MET A 2639 -82.96 -69.84 -33.80
CA MET A 2639 -82.21 -68.66 -34.25
C MET A 2639 -82.38 -68.39 -35.73
N PRO A 2640 -82.28 -69.36 -36.63
CA PRO A 2640 -82.47 -69.05 -38.06
C PRO A 2640 -83.81 -68.41 -38.35
N LEU A 2641 -84.86 -68.81 -37.62
CA LEU A 2641 -86.17 -68.20 -37.83
C LEU A 2641 -86.14 -66.71 -37.51
N LYS A 2642 -85.52 -66.33 -36.40
CA LYS A 2642 -85.40 -64.92 -36.04
C LYS A 2642 -84.53 -64.17 -37.05
N LEU A 2643 -83.44 -64.81 -37.48
CA LEU A 2643 -82.60 -64.23 -38.53
C LEU A 2643 -83.44 -63.89 -39.76
N LEU A 2644 -84.20 -64.87 -40.25
CA LEU A 2644 -85.02 -64.66 -41.44
C LEU A 2644 -86.08 -63.61 -41.19
N THR A 2645 -86.70 -63.63 -40.02
CA THR A 2645 -87.72 -62.65 -39.68
C THR A 2645 -87.15 -61.24 -39.84
N ASN A 2646 -86.02 -60.97 -39.19
CA ASN A 2646 -85.45 -59.63 -39.23
C ASN A 2646 -84.99 -59.28 -40.64
N HIS A 2647 -84.35 -60.23 -41.32
CA HIS A 2647 -83.84 -59.98 -42.66
C HIS A 2647 -84.97 -59.57 -43.60
N TYR A 2648 -86.05 -60.35 -43.62
CA TYR A 2648 -87.17 -60.04 -44.50
C TYR A 2648 -87.91 -58.79 -44.07
N GLU A 2649 -88.02 -58.54 -42.75
CA GLU A 2649 -88.66 -57.31 -42.30
C GLU A 2649 -87.94 -56.09 -42.84
N ARG A 2650 -86.60 -56.10 -42.79
CA ARG A 2650 -85.87 -54.93 -43.23
C ARG A 2650 -85.72 -54.87 -44.76
N CYS A 2651 -85.65 -56.02 -45.42
CA CYS A 2651 -85.40 -56.08 -46.85
C CYS A 2651 -86.65 -56.46 -47.66
N TRP A 2652 -87.84 -56.22 -47.12
CA TRP A 2652 -89.05 -56.61 -47.83
C TRP A 2652 -89.21 -55.84 -49.13
N LYS A 2653 -88.69 -54.61 -49.18
CA LYS A 2653 -88.74 -53.84 -50.42
C LYS A 2653 -87.90 -54.50 -51.50
N TYR A 2654 -86.76 -55.05 -51.14
CA TYR A 2654 -85.89 -55.77 -52.05
C TYR A 2654 -86.65 -56.84 -52.82
N TYR A 2655 -87.47 -57.62 -52.10
CA TYR A 2655 -88.17 -58.74 -52.72
C TYR A 2655 -89.50 -58.32 -53.31
N CYS A 2656 -90.31 -57.60 -52.53
CA CYS A 2656 -91.68 -57.31 -52.94
C CYS A 2656 -91.72 -56.33 -54.10
N LEU A 2657 -91.19 -55.13 -53.90
CA LEU A 2657 -91.37 -54.08 -54.87
C LEU A 2657 -90.62 -54.41 -56.16
N PRO A 2658 -91.15 -54.04 -57.34
CA PRO A 2658 -90.47 -54.36 -58.60
C PRO A 2658 -89.23 -53.52 -58.79
N THR A 2659 -89.33 -52.24 -58.43
CA THR A 2659 -88.15 -51.36 -58.47
C THR A 2659 -87.12 -51.77 -57.43
N GLY A 2660 -87.56 -52.29 -56.30
CA GLY A 2660 -86.69 -52.83 -55.29
C GLY A 2660 -86.40 -51.83 -54.19
N TRP A 2661 -85.34 -52.10 -53.45
CA TRP A 2661 -84.87 -51.25 -52.38
C TRP A 2661 -83.76 -50.35 -52.90
N ALA A 2662 -83.81 -49.08 -52.52
CA ALA A 2662 -82.85 -48.12 -53.02
C ALA A 2662 -81.42 -48.59 -52.75
N ASN A 2663 -80.59 -48.56 -53.79
CA ASN A 2663 -79.17 -48.83 -53.68
C ASN A 2663 -78.87 -50.30 -53.45
N PHE A 2664 -79.92 -51.13 -53.35
CA PHE A 2664 -79.72 -52.56 -53.13
C PHE A 2664 -80.23 -53.40 -54.30
N GLY A 2665 -80.92 -52.79 -55.26
CA GLY A 2665 -81.43 -53.53 -56.39
C GLY A 2665 -82.68 -54.31 -56.05
N VAL A 2666 -82.94 -55.33 -56.85
CA VAL A 2666 -84.13 -56.15 -56.73
C VAL A 2666 -83.74 -57.62 -56.64
N THR A 2667 -84.71 -58.45 -56.30
CA THR A 2667 -84.49 -59.88 -56.18
C THR A 2667 -84.26 -60.52 -57.55
N SER A 2668 -83.49 -61.61 -57.54
CA SER A 2668 -83.14 -62.28 -58.79
C SER A 2668 -84.32 -63.03 -59.39
N GLU A 2669 -85.05 -63.78 -58.55
CA GLU A 2669 -86.07 -64.75 -58.94
C GLU A 2669 -85.79 -66.09 -58.25
N GLU A 2670 -84.53 -66.53 -58.32
CA GLU A 2670 -84.13 -67.70 -57.55
C GLU A 2670 -84.28 -67.43 -56.05
N GLU A 2671 -83.97 -66.21 -55.62
CA GLU A 2671 -84.18 -65.83 -54.23
C GLU A 2671 -85.65 -65.95 -53.86
N LEU A 2672 -86.54 -65.51 -54.76
CA LEU A 2672 -87.96 -65.61 -54.51
C LEU A 2672 -88.42 -67.06 -54.46
N HIS A 2673 -87.85 -67.89 -55.33
CA HIS A 2673 -88.13 -69.33 -55.30
C HIS A 2673 -87.74 -69.93 -53.95
N LEU A 2674 -86.56 -69.58 -53.46
CA LEU A 2674 -86.13 -70.05 -52.14
C LEU A 2674 -87.06 -69.55 -51.04
N THR A 2675 -87.49 -68.29 -51.14
CA THR A 2675 -88.39 -67.73 -50.15
C THR A 2675 -89.72 -68.48 -50.13
N ARG A 2676 -90.27 -68.79 -51.31
CA ARG A 2676 -91.50 -69.56 -51.38
C ARG A 2676 -91.31 -70.94 -50.77
N LYS A 2677 -90.20 -71.61 -51.10
CA LYS A 2677 -89.96 -72.93 -50.55
C LYS A 2677 -89.87 -72.88 -49.04
N LEU A 2678 -89.15 -71.90 -48.50
CA LEU A 2678 -89.02 -71.78 -47.06
C LEU A 2678 -90.37 -71.54 -46.41
N PHE A 2679 -91.16 -70.62 -46.96
CA PHE A 2679 -92.51 -70.38 -46.46
C PHE A 2679 -93.28 -71.69 -46.36
N TRP A 2680 -93.37 -72.42 -47.47
CA TRP A 2680 -94.26 -73.56 -47.52
C TRP A 2680 -93.72 -74.73 -46.69
N GLY A 2681 -92.41 -74.90 -46.65
CA GLY A 2681 -91.83 -75.92 -45.80
C GLY A 2681 -92.14 -75.67 -44.33
N ILE A 2682 -91.94 -74.43 -43.88
CA ILE A 2682 -92.25 -74.10 -42.49
C ILE A 2682 -93.74 -74.30 -42.23
N PHE A 2683 -94.58 -73.85 -43.16
CA PHE A 2683 -96.02 -73.96 -42.98
C PHE A 2683 -96.45 -75.41 -42.80
N ASP A 2684 -96.03 -76.28 -43.73
CA ASP A 2684 -96.40 -77.68 -43.67
C ASP A 2684 -95.83 -78.35 -42.42
N SER A 2685 -94.55 -78.09 -42.11
CA SER A 2685 -93.95 -78.72 -40.94
C SER A 2685 -94.68 -78.32 -39.68
N LEU A 2686 -94.97 -77.03 -39.52
CA LEU A 2686 -95.68 -76.58 -38.32
C LEU A 2686 -97.08 -77.15 -38.25
N ALA A 2687 -97.76 -77.27 -39.41
CA ALA A 2687 -99.09 -77.88 -39.39
C ALA A 2687 -99.04 -79.31 -38.89
N HIS A 2688 -98.03 -80.07 -39.34
CA HIS A 2688 -97.96 -81.48 -38.94
C HIS A 2688 -97.48 -81.63 -37.51
N LYS A 2689 -96.58 -80.75 -37.05
CA LYS A 2689 -96.01 -80.89 -35.72
C LYS A 2689 -97.05 -80.57 -34.65
N LYS A 2690 -96.81 -81.10 -33.46
CA LYS A 2690 -97.65 -80.83 -32.31
C LYS A 2690 -97.34 -79.46 -31.72
N TYR A 2691 -98.30 -78.91 -30.98
CA TYR A 2691 -98.15 -77.59 -30.41
C TYR A 2691 -96.91 -77.53 -29.53
N ASP A 2692 -96.11 -76.49 -29.72
CA ASP A 2692 -94.95 -76.21 -28.87
C ASP A 2692 -94.90 -74.70 -28.71
N GLN A 2693 -95.31 -74.21 -27.55
CA GLN A 2693 -95.51 -72.77 -27.36
C GLN A 2693 -94.26 -72.00 -27.76
N GLU A 2694 -93.08 -72.57 -27.49
CA GLU A 2694 -91.83 -71.94 -27.91
C GLU A 2694 -91.75 -71.80 -29.43
N LEU A 2695 -91.98 -72.89 -30.16
CA LEU A 2695 -91.84 -72.85 -31.62
C LEU A 2695 -92.92 -71.96 -32.23
N TYR A 2696 -94.15 -72.07 -31.74
CA TYR A 2696 -95.22 -71.23 -32.25
C TYR A 2696 -94.95 -69.76 -31.94
N ARG A 2697 -94.28 -69.47 -30.83
CA ARG A 2697 -93.94 -68.09 -30.54
C ARG A 2697 -92.80 -67.60 -31.42
N MET A 2698 -91.86 -68.49 -31.76
CA MET A 2698 -90.77 -68.09 -32.63
C MET A 2698 -91.27 -67.86 -34.04
N ALA A 2699 -92.31 -68.58 -34.45
CA ALA A 2699 -93.04 -68.29 -35.68
C ALA A 2699 -94.30 -67.46 -35.41
N MET A 2700 -94.32 -66.74 -34.29
CA MET A 2700 -95.27 -65.66 -34.07
C MET A 2700 -94.78 -64.41 -34.79
N PRO A 2701 -93.47 -64.12 -34.77
CA PRO A 2701 -92.92 -63.28 -35.84
C PRO A 2701 -93.17 -63.92 -37.19
N CYS A 2702 -93.37 -65.24 -37.19
CA CYS A 2702 -94.15 -65.97 -38.18
C CYS A 2702 -93.58 -65.89 -39.58
N LEU A 2703 -94.27 -66.57 -40.50
CA LEU A 2703 -94.02 -66.50 -41.92
C LEU A 2703 -94.43 -65.15 -42.49
N CYS A 2704 -94.77 -64.20 -41.61
CA CYS A 2704 -95.41 -62.96 -42.04
C CYS A 2704 -94.42 -62.08 -42.79
N ALA A 2705 -93.18 -61.99 -42.29
CA ALA A 2705 -92.14 -61.26 -42.99
C ALA A 2705 -91.87 -61.88 -44.35
N ILE A 2706 -91.81 -63.22 -44.40
CA ILE A 2706 -91.57 -63.91 -45.66
C ILE A 2706 -92.67 -63.58 -46.65
N ALA A 2707 -93.92 -63.64 -46.20
CA ALA A 2707 -95.05 -63.39 -47.09
C ALA A 2707 -95.07 -61.94 -47.55
N GLY A 2708 -94.82 -61.00 -46.63
CA GLY A 2708 -94.78 -59.60 -47.02
C GLY A 2708 -93.70 -59.32 -48.04
N ALA A 2709 -92.53 -59.94 -47.87
CA ALA A 2709 -91.46 -59.79 -48.85
C ALA A 2709 -91.87 -60.38 -50.19
N LEU A 2710 -92.49 -61.56 -50.18
CA LEU A 2710 -92.92 -62.18 -51.42
C LEU A 2710 -94.05 -61.37 -52.05
N PRO A 2711 -93.96 -61.07 -53.35
CA PRO A 2711 -95.10 -60.46 -54.04
C PRO A 2711 -96.26 -61.44 -54.10
N PRO A 2712 -97.50 -60.97 -53.97
CA PRO A 2712 -98.64 -61.87 -54.17
C PRO A 2712 -98.73 -62.42 -55.58
N ASP A 2713 -98.19 -61.72 -56.56
CA ASP A 2713 -98.26 -62.12 -57.96
C ASP A 2713 -97.07 -62.95 -58.41
N TYR A 2714 -96.11 -63.22 -57.53
CA TYR A 2714 -94.96 -64.02 -57.90
C TYR A 2714 -95.39 -65.36 -58.47
N VAL A 2715 -94.91 -65.69 -59.65
CA VAL A 2715 -95.17 -66.96 -60.31
C VAL A 2715 -93.82 -67.65 -60.52
N ASP A 2716 -93.68 -68.84 -59.94
CA ASP A 2716 -92.41 -69.56 -60.00
C ASP A 2716 -92.27 -70.27 -61.34
N ALA A 2717 -91.09 -70.14 -61.95
CA ALA A 2717 -90.86 -70.77 -63.24
C ALA A 2717 -91.11 -72.27 -63.19
N SER A 2718 -90.68 -72.91 -62.10
CA SER A 2718 -90.87 -74.34 -61.90
C SER A 2718 -91.93 -74.56 -60.84
N TYR A 2719 -92.96 -75.34 -61.18
CA TYR A 2719 -94.05 -75.69 -60.27
C TYR A 2719 -94.20 -77.20 -60.28
N SER A 2720 -93.66 -77.86 -59.25
CA SER A 2720 -93.76 -79.31 -59.16
C SER A 2720 -93.77 -79.75 -57.71
N SER A 2721 -93.57 -81.05 -57.49
CA SER A 2721 -93.52 -81.62 -56.15
C SER A 2721 -92.11 -82.09 -55.84
N LYS A 2722 -91.57 -81.62 -54.71
CA LYS A 2722 -90.17 -81.86 -54.35
C LYS A 2722 -89.88 -83.35 -54.24
N ALA A 2723 -90.77 -84.11 -53.59
CA ALA A 2723 -90.62 -85.55 -53.34
C ALA A 2723 -89.25 -85.88 -52.78
N GLU A 2724 -88.76 -85.03 -51.89
CA GLU A 2724 -87.43 -85.05 -51.28
C GLU A 2724 -87.57 -85.05 -49.76
N LYS A 2725 -86.55 -85.61 -49.10
CA LYS A 2725 -86.53 -85.76 -47.65
C LYS A 2725 -86.17 -84.44 -46.98
N ASN A 2734 -77.69 -88.00 -43.59
CA ASN A 2734 -78.48 -86.78 -43.51
C ASN A 2734 -79.26 -86.49 -44.80
N PHE A 2735 -78.56 -86.02 -45.83
CA PHE A 2735 -79.16 -85.72 -47.12
C PHE A 2735 -78.60 -86.68 -48.15
N ASP A 2736 -79.45 -87.57 -48.66
CA ASP A 2736 -79.04 -88.59 -49.60
C ASP A 2736 -79.68 -88.38 -50.97
N PRO A 2737 -78.91 -88.05 -52.01
CA PRO A 2737 -79.49 -88.04 -53.36
C PRO A 2737 -79.48 -89.45 -53.95
N ARG A 2738 -80.67 -90.03 -54.15
CA ARG A 2738 -80.79 -91.41 -54.59
C ARG A 2738 -81.58 -91.45 -55.89
N PRO A 2739 -80.99 -91.92 -56.99
CA PRO A 2739 -81.78 -92.23 -58.19
C PRO A 2739 -82.33 -93.64 -58.10
N VAL A 2740 -83.03 -94.05 -59.17
CA VAL A 2740 -83.51 -95.41 -59.32
C VAL A 2740 -82.85 -96.00 -60.56
N GLU A 2741 -82.32 -97.22 -60.42
CA GLU A 2741 -81.46 -97.81 -61.43
C GLU A 2741 -81.80 -99.27 -61.62
N THR A 2742 -81.96 -99.67 -62.88
CA THR A 2742 -82.30 -101.03 -63.25
C THR A 2742 -81.09 -101.87 -63.65
N LEU A 2743 -79.88 -101.45 -63.25
CA LEU A 2743 -78.67 -102.17 -63.67
C LEU A 2743 -78.72 -103.63 -63.24
N ASN A 2744 -79.29 -103.91 -62.07
CA ASN A 2744 -79.39 -105.30 -61.63
C ASN A 2744 -80.13 -106.16 -62.65
N VAL A 2745 -81.15 -105.58 -63.29
CA VAL A 2745 -81.90 -106.29 -64.33
C VAL A 2745 -81.12 -106.21 -65.63
N ILE A 2746 -81.43 -107.09 -66.58
CA ILE A 2746 -80.83 -107.04 -67.89
C ILE A 2746 -81.16 -105.69 -68.53
N ILE A 2747 -80.36 -105.28 -69.50
CA ILE A 2747 -80.58 -104.04 -70.23
C ILE A 2747 -80.99 -104.42 -71.65
N PRO A 2748 -81.98 -103.76 -72.25
CA PRO A 2748 -82.39 -104.12 -73.62
C PRO A 2748 -81.24 -103.95 -74.61
N GLU A 2749 -81.19 -104.84 -75.59
CA GLU A 2749 -80.20 -104.71 -76.66
C GLU A 2749 -80.54 -103.53 -77.56
N LYS A 2750 -81.83 -103.27 -77.79
CA LYS A 2750 -82.20 -102.05 -78.50
C LYS A 2750 -81.70 -100.83 -77.74
N LEU A 2751 -81.76 -100.89 -76.42
CA LEU A 2751 -81.27 -99.78 -75.61
C LEU A 2751 -79.76 -99.66 -75.69
N ASP A 2752 -79.06 -100.79 -75.74
CA ASP A 2752 -77.61 -100.76 -75.94
C ASP A 2752 -77.28 -100.11 -77.28
N SER A 2753 -78.05 -100.43 -78.32
CA SER A 2753 -77.90 -99.77 -79.61
C SER A 2753 -78.12 -98.27 -79.47
N PHE A 2754 -79.15 -97.87 -78.71
CA PHE A 2754 -79.37 -96.45 -78.48
C PHE A 2754 -78.18 -95.79 -77.81
N ILE A 2755 -77.62 -96.43 -76.77
CA ILE A 2755 -76.47 -95.91 -76.06
C ILE A 2755 -75.29 -95.75 -77.02
N ASN A 2756 -75.10 -96.72 -77.90
CA ASN A 2756 -74.00 -96.63 -78.85
C ASN A 2756 -74.22 -95.48 -79.82
N LYS A 2757 -75.44 -95.31 -80.32
CA LYS A 2757 -75.71 -94.19 -81.20
C LYS A 2757 -75.47 -92.86 -80.50
N PHE A 2758 -75.93 -92.74 -79.25
CA PHE A 2758 -75.79 -91.55 -78.42
C PHE A 2758 -74.33 -91.24 -78.14
N ALA A 2759 -73.53 -92.28 -77.88
CA ALA A 2759 -72.11 -92.06 -77.63
C ALA A 2759 -71.40 -91.63 -78.91
N GLU A 2760 -71.77 -92.22 -80.05
CA GLU A 2760 -71.16 -91.80 -81.31
C GLU A 2760 -71.50 -90.35 -81.63
N TYR A 2761 -72.77 -89.96 -81.43
CA TYR A 2761 -73.22 -88.60 -81.67
C TYR A 2761 -72.65 -87.65 -80.62
N THR A 2762 -72.32 -88.16 -79.43
CA THR A 2762 -71.62 -87.35 -78.44
C THR A 2762 -70.19 -87.09 -78.89
N HIS A 2763 -69.53 -88.10 -79.46
CA HIS A 2763 -68.21 -87.88 -80.06
C HIS A 2763 -68.32 -86.91 -81.25
N GLU A 2764 -69.46 -86.92 -81.94
CA GLU A 2764 -69.73 -85.97 -83.02
C GLU A 2764 -69.81 -84.54 -82.49
N LYS A 2765 -70.61 -84.31 -81.45
CA LYS A 2765 -70.57 -83.02 -80.76
C LYS A 2765 -69.19 -82.72 -80.18
N TRP A 2766 -68.40 -83.76 -79.89
CA TRP A 2766 -67.07 -83.56 -79.34
C TRP A 2766 -66.13 -82.98 -80.41
N ALA A 2767 -66.19 -83.54 -81.63
CA ALA A 2767 -65.45 -82.95 -82.74
C ALA A 2767 -65.98 -81.57 -83.08
N PHE A 2768 -67.30 -81.39 -82.99
CA PHE A 2768 -67.89 -80.06 -83.14
C PHE A 2768 -67.29 -79.08 -82.12
N ASP A 2769 -67.12 -79.54 -80.88
CA ASP A 2769 -66.57 -78.70 -79.82
C ASP A 2769 -65.11 -78.36 -80.12
N LYS A 2770 -64.37 -79.33 -80.65
CA LYS A 2770 -63.00 -79.03 -81.07
C LYS A 2770 -62.96 -78.05 -82.23
N ILE A 2771 -63.96 -78.09 -83.11
CA ILE A 2771 -64.06 -77.16 -84.23
C ILE A 2771 -64.34 -75.75 -83.72
N GLN A 2772 -65.15 -75.62 -82.65
CA GLN A 2772 -65.39 -74.33 -82.01
C GLN A 2772 -64.17 -73.82 -81.25
N ASN A 2773 -63.51 -74.70 -80.47
CA ASN A 2773 -62.33 -74.32 -79.70
C ASN A 2773 -61.13 -74.10 -80.58
N ASN A 2774 -61.17 -74.59 -81.82
CA ASN A 2774 -60.22 -74.27 -82.88
C ASN A 2774 -58.86 -74.90 -82.66
N TRP A 2775 -58.81 -75.98 -81.90
CA TRP A 2775 -57.62 -76.78 -81.63
C TRP A 2775 -57.83 -78.17 -82.19
N SER A 2776 -56.88 -78.60 -83.01
CA SER A 2776 -56.98 -79.92 -83.63
C SER A 2776 -56.58 -81.03 -82.69
N TYR A 2777 -57.07 -82.24 -82.98
CA TYR A 2777 -56.57 -83.42 -82.28
C TYR A 2777 -55.06 -83.47 -82.35
N GLY A 2778 -54.43 -83.77 -81.22
CA GLY A 2778 -52.98 -83.84 -81.16
C GLY A 2778 -52.50 -85.23 -80.81
N GLU A 2779 -51.87 -85.91 -81.77
CA GLU A 2779 -51.32 -87.24 -81.48
C GLU A 2779 -50.08 -87.14 -80.62
N ASN A 2780 -49.43 -85.98 -80.61
CA ASN A 2780 -48.30 -85.74 -79.73
C ASN A 2780 -48.75 -85.07 -78.45
N VAL A 2781 -48.10 -85.43 -77.34
CA VAL A 2781 -48.41 -84.85 -76.04
C VAL A 2781 -47.83 -83.46 -75.93
N ASP A 2782 -48.62 -82.52 -75.42
CA ASP A 2782 -48.22 -81.14 -75.25
C ASP A 2782 -48.97 -80.56 -74.06
N GLU A 2783 -48.23 -79.89 -73.17
CA GLU A 2783 -48.70 -79.59 -71.82
C GLU A 2783 -49.94 -78.70 -71.81
N GLU A 2784 -49.96 -77.64 -72.62
CA GLU A 2784 -51.06 -76.70 -72.50
C GLU A 2784 -52.34 -77.23 -73.14
N LEU A 2785 -52.21 -77.97 -74.26
CA LEU A 2785 -53.34 -78.75 -74.73
C LEU A 2785 -53.52 -80.02 -73.92
N LYS A 2786 -52.46 -80.46 -73.23
CA LYS A 2786 -52.51 -81.63 -72.35
C LYS A 2786 -53.15 -82.82 -73.05
N THR A 2787 -53.11 -82.84 -74.39
CA THR A 2787 -53.72 -83.88 -75.19
C THR A 2787 -52.89 -85.15 -75.08
N HIS A 2788 -53.36 -86.07 -74.26
CA HIS A 2788 -52.72 -87.36 -74.15
C HIS A 2788 -52.65 -87.99 -75.54
N PRO A 2789 -51.52 -88.62 -75.91
CA PRO A 2789 -51.42 -89.15 -77.29
C PRO A 2789 -52.58 -90.07 -77.68
N MET A 2790 -53.40 -90.48 -76.72
CA MET A 2790 -54.54 -91.32 -77.02
C MET A 2790 -55.48 -90.65 -78.02
N LEU A 2791 -55.34 -89.34 -78.20
CA LEU A 2791 -56.16 -88.66 -79.18
C LEU A 2791 -55.94 -89.30 -80.54
N ARG A 2792 -56.95 -90.02 -81.00
CA ARG A 2792 -56.89 -90.82 -82.20
C ARG A 2792 -58.30 -90.98 -82.73
N PRO A 2793 -58.54 -90.68 -84.01
CA PRO A 2793 -59.90 -90.82 -84.55
C PRO A 2793 -60.55 -92.13 -84.15
N TYR A 2794 -61.88 -92.14 -84.15
CA TYR A 2794 -62.63 -93.29 -83.66
C TYR A 2794 -62.14 -94.59 -84.26
N LYS A 2795 -61.47 -94.54 -85.41
CA LYS A 2795 -60.94 -95.69 -86.11
C LYS A 2795 -59.94 -96.47 -85.26
N THR A 2796 -59.40 -95.88 -84.19
CA THR A 2796 -58.36 -96.53 -83.41
C THR A 2796 -58.46 -96.35 -81.90
N PHE A 2797 -59.52 -95.73 -81.37
CA PHE A 2797 -59.58 -95.50 -79.93
C PHE A 2797 -59.48 -96.81 -79.17
N SER A 2798 -58.77 -96.79 -78.05
CA SER A 2798 -58.74 -97.96 -77.17
C SER A 2798 -60.08 -98.12 -76.47
N GLU A 2799 -60.45 -99.37 -76.20
CA GLU A 2799 -61.77 -99.64 -75.63
C GLU A 2799 -61.94 -98.98 -74.27
N LYS A 2800 -60.94 -99.04 -73.40
CA LYS A 2800 -61.13 -98.59 -72.02
C LYS A 2800 -61.75 -97.21 -71.98
N ASP A 2801 -61.21 -96.26 -72.74
CA ASP A 2801 -61.76 -94.90 -72.75
C ASP A 2801 -63.20 -94.90 -73.25
N LYS A 2802 -63.47 -95.65 -74.32
CA LYS A 2802 -64.82 -95.70 -74.87
C LYS A 2802 -65.83 -96.19 -73.85
N GLU A 2803 -65.57 -97.34 -73.22
CA GLU A 2803 -66.55 -97.88 -72.28
C GLU A 2803 -66.59 -97.11 -70.96
N ILE A 2804 -65.54 -96.38 -70.58
CA ILE A 2804 -65.66 -95.58 -69.37
C ILE A 2804 -66.43 -94.30 -69.67
N TYR A 2805 -66.38 -93.80 -70.92
CA TYR A 2805 -67.30 -92.75 -71.33
C TYR A 2805 -68.73 -93.30 -71.43
N ARG A 2806 -68.86 -94.57 -71.83
CA ARG A 2806 -70.16 -95.18 -72.06
C ARG A 2806 -70.90 -95.44 -70.75
N TRP A 2807 -70.20 -95.98 -69.75
CA TRP A 2807 -70.87 -96.42 -68.53
C TRP A 2807 -71.75 -95.34 -67.93
N PRO A 2808 -71.31 -94.07 -67.80
CA PRO A 2808 -72.25 -93.04 -67.37
C PRO A 2808 -73.46 -92.93 -68.29
N ILE A 2809 -73.28 -93.12 -69.60
CA ILE A 2809 -74.40 -93.08 -70.53
C ILE A 2809 -75.37 -94.23 -70.23
N LYS A 2810 -74.83 -95.43 -70.04
CA LYS A 2810 -75.69 -96.55 -69.64
C LYS A 2810 -76.49 -96.20 -68.39
N GLU A 2811 -75.79 -95.74 -67.34
CA GLU A 2811 -76.46 -95.43 -66.09
C GLU A 2811 -77.57 -94.40 -66.32
N SER A 2812 -77.28 -93.37 -67.11
CA SER A 2812 -78.25 -92.30 -67.32
C SER A 2812 -79.48 -92.80 -68.04
N LEU A 2813 -79.30 -93.54 -69.14
CA LEU A 2813 -80.46 -94.05 -69.87
C LEU A 2813 -81.26 -95.05 -69.04
N LYS A 2814 -80.56 -95.94 -68.33
CA LYS A 2814 -81.24 -96.90 -67.47
C LYS A 2814 -82.09 -96.20 -66.43
N ALA A 2815 -81.54 -95.16 -65.78
CA ALA A 2815 -82.28 -94.39 -64.78
C ALA A 2815 -83.45 -93.66 -65.43
N MET A 2816 -83.24 -93.10 -66.62
CA MET A 2816 -84.30 -92.38 -67.31
C MET A 2816 -85.50 -93.29 -67.53
N ILE A 2817 -85.25 -94.51 -68.00
CA ILE A 2817 -86.34 -95.47 -68.21
C ILE A 2817 -86.89 -95.95 -66.87
N ALA A 2818 -86.02 -96.10 -65.88
CA ALA A 2818 -86.44 -96.61 -64.58
C ALA A 2818 -87.43 -95.66 -63.93
N TRP A 2819 -87.30 -94.37 -64.21
CA TRP A 2819 -88.23 -93.39 -63.63
C TRP A 2819 -89.53 -93.34 -64.42
N GLU A 2820 -90.13 -94.50 -64.67
CA GLU A 2820 -91.44 -94.74 -65.31
C GLU A 2820 -91.70 -93.86 -66.52
N TRP A 2821 -90.63 -93.51 -67.25
CA TRP A 2821 -90.76 -92.75 -68.49
C TRP A 2821 -90.68 -93.71 -69.66
N THR A 2822 -91.78 -93.82 -70.40
CA THR A 2822 -91.83 -94.75 -71.52
C THR A 2822 -91.10 -94.19 -72.73
N ILE A 2823 -90.21 -95.02 -73.29
CA ILE A 2823 -89.47 -94.69 -74.49
C ILE A 2823 -90.00 -95.58 -75.61
N GLU A 2824 -90.44 -94.96 -76.70
CA GLU A 2824 -91.08 -95.66 -77.81
C GLU A 2824 -90.54 -95.07 -79.11
N LYS A 2825 -89.79 -95.87 -79.86
CA LYS A 2825 -89.24 -95.46 -81.14
C LYS A 2825 -90.35 -95.58 -82.17
N ALA A 2826 -90.77 -94.44 -82.72
CA ALA A 2826 -92.02 -94.32 -83.47
C ALA A 2826 -92.09 -95.32 -84.61
N ARG A 2827 -91.00 -95.51 -85.35
CA ARG A 2827 -90.93 -96.35 -86.54
C ARG A 2827 -89.67 -97.22 -86.51
N GLU A 2828 -89.81 -98.42 -87.08
CA GLU A 2828 -88.71 -99.37 -87.12
C GLU A 2828 -87.71 -98.98 -88.21
N GLY A 2829 -86.43 -99.18 -87.92
CA GLY A 2829 -85.35 -98.71 -88.77
C GLY A 2829 -84.63 -99.87 -89.44
N GLU A 2830 -84.07 -99.59 -90.61
CA GLU A 2830 -83.39 -100.53 -91.51
C GLU A 2830 -81.99 -100.06 -91.91
N TYR A 2855 -69.86 -84.17 -92.11
CA TYR A 2855 -70.80 -85.07 -91.47
C TYR A 2855 -71.37 -84.58 -90.14
N ASN A 2856 -71.30 -83.26 -89.93
CA ASN A 2856 -71.62 -82.51 -88.72
C ASN A 2856 -72.87 -83.05 -88.02
N PRO A 2857 -72.96 -82.98 -86.69
CA PRO A 2857 -74.10 -83.62 -86.02
C PRO A 2857 -75.40 -83.08 -86.59
N GLN A 2858 -76.13 -83.97 -87.25
CA GLN A 2858 -77.34 -83.57 -87.99
C GLN A 2858 -78.31 -82.75 -87.15
N PRO A 2859 -78.49 -83.03 -85.86
CA PRO A 2859 -79.35 -82.17 -85.02
C PRO A 2859 -78.59 -81.11 -84.22
N PRO A 2860 -78.18 -80.00 -84.83
CA PRO A 2860 -77.55 -78.95 -84.01
C PRO A 2860 -78.47 -78.55 -82.86
N ASP A 2861 -77.89 -78.49 -81.67
CA ASP A 2861 -78.63 -78.05 -80.49
C ASP A 2861 -78.95 -76.57 -80.63
N LEU A 2862 -80.22 -76.27 -80.90
CA LEU A 2862 -80.67 -74.92 -81.24
C LEU A 2862 -81.56 -74.38 -80.13
N SER A 2863 -81.00 -73.47 -79.33
CA SER A 2863 -81.75 -72.84 -78.25
C SER A 2863 -82.92 -72.03 -78.80
N GLY A 2864 -82.87 -71.67 -80.07
CA GLY A 2864 -83.97 -70.94 -80.68
C GLY A 2864 -85.28 -71.70 -80.60
N VAL A 2865 -85.22 -73.03 -80.69
CA VAL A 2865 -86.43 -73.84 -80.64
C VAL A 2865 -87.09 -73.68 -79.28
N THR A 2866 -88.25 -73.04 -79.25
CA THR A 2866 -89.06 -73.06 -78.04
C THR A 2866 -89.49 -74.49 -77.72
N LEU A 2867 -89.46 -74.83 -76.44
CA LEU A 2867 -89.86 -76.13 -75.91
C LEU A 2867 -91.13 -75.99 -75.10
N SER A 2868 -92.04 -76.94 -75.28
CA SER A 2868 -93.28 -76.92 -74.53
C SER A 2868 -92.97 -76.97 -73.04
N ARG A 2869 -93.90 -76.42 -72.25
CA ARG A 2869 -93.67 -76.28 -70.81
C ARG A 2869 -93.50 -77.64 -70.12
N GLU A 2870 -94.36 -78.60 -70.55
CA GLU A 2870 -94.29 -80.00 -70.11
CA GLU A 2870 -94.28 -80.00 -70.10
C GLU A 2870 -92.88 -80.54 -70.34
N LEU A 2871 -92.38 -80.32 -71.55
CA LEU A 2871 -91.13 -80.87 -72.06
C LEU A 2871 -89.94 -80.23 -71.36
N GLN A 2872 -90.04 -78.95 -71.08
CA GLN A 2872 -89.06 -78.35 -70.18
C GLN A 2872 -89.09 -79.04 -68.83
N ALA A 2873 -90.27 -79.12 -68.21
CA ALA A 2873 -90.36 -79.73 -66.88
C ALA A 2873 -89.66 -81.09 -66.84
N MET A 2874 -89.92 -81.95 -67.84
CA MET A 2874 -89.18 -83.21 -67.88
C MET A 2874 -87.69 -82.96 -68.06
N ALA A 2875 -87.30 -81.93 -68.81
CA ALA A 2875 -85.88 -81.67 -69.03
C ALA A 2875 -85.18 -81.28 -67.73
N GLU A 2876 -85.78 -80.37 -66.95
CA GLU A 2876 -85.19 -80.03 -65.66
C GLU A 2876 -85.29 -81.19 -64.68
N GLN A 2877 -86.29 -82.06 -64.81
CA GLN A 2877 -86.34 -83.21 -63.90
C GLN A 2877 -85.25 -84.22 -64.26
N LEU A 2878 -85.00 -84.45 -65.55
CA LEU A 2878 -83.95 -85.36 -65.96
C LEU A 2878 -82.59 -84.77 -65.66
N ALA A 2879 -82.48 -83.43 -65.68
CA ALA A 2879 -81.25 -82.78 -65.25
C ALA A 2879 -81.09 -82.93 -63.74
N GLU A 2880 -82.20 -82.90 -63.00
CA GLU A 2880 -82.16 -83.20 -61.57
C GLU A 2880 -81.78 -84.65 -61.34
N ASN A 2881 -82.13 -85.54 -62.26
CA ASN A 2881 -81.72 -86.94 -62.14
C ASN A 2881 -80.24 -87.09 -62.45
N TYR A 2882 -79.74 -86.34 -63.43
CA TYR A 2882 -78.30 -86.31 -63.68
C TYR A 2882 -77.57 -85.76 -62.45
N HIS A 2883 -78.15 -84.77 -61.79
CA HIS A 2883 -77.51 -84.20 -60.61
C HIS A 2883 -77.67 -85.13 -59.41
N ASN A 2884 -78.72 -85.96 -59.40
CA ASN A 2884 -78.85 -86.97 -58.37
C ASN A 2884 -77.81 -88.07 -58.57
N THR A 2885 -77.50 -88.41 -59.82
CA THR A 2885 -76.41 -89.35 -60.06
C THR A 2885 -75.06 -88.71 -59.71
N TRP A 2886 -74.93 -87.41 -59.99
CA TRP A 2886 -73.74 -86.67 -59.60
C TRP A 2886 -73.55 -86.74 -58.09
N GLY A 2887 -74.59 -86.39 -57.33
CA GLY A 2887 -74.53 -86.47 -55.89
C GLY A 2887 -74.42 -87.90 -55.40
N ARG A 2888 -74.91 -88.86 -56.20
CA ARG A 2888 -74.82 -90.26 -55.83
C ARG A 2888 -73.38 -90.73 -55.84
N LYS A 2889 -72.64 -90.42 -56.91
CA LYS A 2889 -71.23 -90.81 -56.94
C LYS A 2889 -70.42 -89.98 -55.96
N LYS A 2890 -70.73 -88.69 -55.82
CA LYS A 2890 -70.05 -87.88 -54.82
C LYS A 2890 -70.28 -88.44 -53.42
N LYS A 2891 -71.48 -88.96 -53.14
CA LYS A 2891 -71.77 -89.51 -51.81
C LYS A 2891 -71.11 -90.87 -51.63
N GLN A 2892 -71.14 -91.71 -52.66
CA GLN A 2892 -70.38 -92.95 -52.60
C GLN A 2892 -68.92 -92.69 -52.27
N GLU A 2893 -68.37 -91.59 -52.80
CA GLU A 2893 -67.01 -91.20 -52.45
C GLU A 2893 -66.91 -90.68 -51.02
N LEU A 2894 -67.83 -89.78 -50.64
CA LEU A 2894 -67.75 -89.10 -49.35
C LEU A 2894 -67.89 -90.07 -48.19
N GLU A 2895 -68.90 -90.94 -48.24
CA GLU A 2895 -69.14 -91.90 -47.17
C GLU A 2895 -67.85 -92.60 -46.76
N ALA A 2896 -66.91 -92.77 -47.68
CA ALA A 2896 -65.58 -93.22 -47.30
C ALA A 2896 -64.86 -92.14 -46.47
N LYS A 2897 -64.97 -90.87 -46.89
CA LYS A 2897 -64.36 -89.80 -46.11
C LYS A 2897 -65.10 -89.56 -44.81
N GLY A 2898 -66.43 -89.47 -44.86
CA GLY A 2898 -67.22 -89.25 -43.67
C GLY A 2898 -67.30 -87.82 -43.19
N GLY A 2899 -66.74 -86.87 -43.94
CA GLY A 2899 -66.77 -85.48 -43.54
C GLY A 2899 -66.42 -84.58 -44.70
N GLY A 2900 -66.62 -83.28 -44.50
CA GLY A 2900 -66.42 -82.32 -45.58
C GLY A 2900 -67.43 -82.45 -46.70
N THR A 2901 -68.71 -82.56 -46.37
CA THR A 2901 -69.73 -82.67 -47.40
C THR A 2901 -69.57 -81.56 -48.43
N HIS A 2902 -69.49 -81.95 -49.69
CA HIS A 2902 -69.23 -81.01 -50.77
C HIS A 2902 -70.33 -79.95 -50.74
N PRO A 2903 -69.99 -78.67 -50.60
CA PRO A 2903 -71.02 -77.66 -50.30
C PRO A 2903 -72.16 -77.59 -51.31
N LEU A 2904 -71.86 -77.78 -52.59
CA LEU A 2904 -72.86 -77.60 -53.62
C LEU A 2904 -73.89 -78.72 -53.63
N LEU A 2905 -73.68 -79.80 -52.87
CA LEU A 2905 -74.64 -80.88 -52.88
C LEU A 2905 -75.93 -80.40 -52.22
N VAL A 2906 -76.88 -79.99 -53.06
CA VAL A 2906 -78.13 -79.37 -52.61
C VAL A 2906 -79.19 -79.64 -53.67
N PRO A 2907 -80.45 -79.29 -53.43
CA PRO A 2907 -81.47 -79.51 -54.45
C PRO A 2907 -81.12 -78.84 -55.77
N TYR A 2908 -81.42 -79.55 -56.87
CA TYR A 2908 -81.12 -79.04 -58.20
C TYR A 2908 -81.86 -77.74 -58.47
N ASP A 2909 -83.08 -77.61 -57.94
CA ASP A 2909 -83.83 -76.37 -58.11
C ASP A 2909 -83.25 -75.25 -57.27
N THR A 2910 -82.85 -75.55 -56.03
CA THR A 2910 -82.32 -74.51 -55.16
C THR A 2910 -81.00 -73.97 -55.66
N LEU A 2911 -80.12 -74.85 -56.16
CA LEU A 2911 -78.78 -74.41 -56.50
C LEU A 2911 -78.81 -73.41 -57.67
N THR A 2912 -77.64 -72.84 -57.95
CA THR A 2912 -77.54 -71.75 -58.91
C THR A 2912 -77.88 -72.21 -60.32
N ALA A 2913 -78.41 -71.28 -61.11
CA ALA A 2913 -78.81 -71.59 -62.47
C ALA A 2913 -77.62 -71.98 -63.34
N LYS A 2914 -76.49 -71.28 -63.18
CA LYS A 2914 -75.33 -71.53 -64.04
C LYS A 2914 -74.84 -72.97 -63.89
N GLU A 2915 -74.73 -73.45 -62.66
CA GLU A 2915 -74.43 -74.86 -62.43
C GLU A 2915 -75.58 -75.74 -62.92
N LYS A 2916 -76.81 -75.27 -62.72
CA LYS A 2916 -77.98 -75.96 -63.27
C LYS A 2916 -77.95 -75.96 -64.79
N ALA A 2917 -77.22 -75.01 -65.39
CA ALA A 2917 -77.28 -74.80 -66.83
C ALA A 2917 -76.73 -76.00 -67.60
N ARG A 2918 -75.58 -76.52 -67.18
CA ARG A 2918 -74.96 -77.62 -67.90
C ARG A 2918 -75.88 -78.84 -67.91
N ASP A 2919 -76.42 -79.20 -66.75
CA ASP A 2919 -77.25 -80.39 -66.67
C ASP A 2919 -78.55 -80.21 -67.44
N ARG A 2920 -79.19 -79.03 -67.35
CA ARG A 2920 -80.43 -78.85 -68.10
C ARG A 2920 -80.15 -78.79 -69.60
N GLU A 2921 -79.00 -78.25 -70.00
CA GLU A 2921 -78.61 -78.27 -71.40
C GLU A 2921 -78.46 -79.70 -71.90
N LYS A 2922 -77.78 -80.54 -71.14
CA LYS A 2922 -77.63 -81.95 -71.53
C LYS A 2922 -78.99 -82.63 -71.62
N ALA A 2923 -79.86 -82.39 -70.64
CA ALA A 2923 -81.18 -83.03 -70.65
C ALA A 2923 -81.99 -82.59 -71.85
N GLN A 2924 -82.04 -81.28 -72.12
CA GLN A 2924 -82.79 -80.79 -73.28
C GLN A 2924 -82.21 -81.33 -74.58
N GLU A 2925 -80.88 -81.40 -74.69
CA GLU A 2925 -80.28 -81.99 -75.87
C GLU A 2925 -80.71 -83.43 -76.07
N LEU A 2926 -80.62 -84.24 -75.01
CA LEU A 2926 -80.99 -85.65 -75.13
C LEU A 2926 -82.45 -85.78 -75.52
N LEU A 2927 -83.32 -85.01 -74.87
CA LEU A 2927 -84.73 -85.06 -75.24
C LEU A 2927 -84.91 -84.72 -76.71
N LYS A 2928 -84.41 -83.56 -77.14
CA LYS A 2928 -84.55 -83.13 -78.52
C LYS A 2928 -84.08 -84.20 -79.49
N PHE A 2929 -82.96 -84.86 -79.19
CA PHE A 2929 -82.50 -85.97 -80.01
C PHE A 2929 -83.55 -87.06 -80.07
N LEU A 2930 -84.12 -87.42 -78.91
CA LEU A 2930 -85.17 -88.44 -78.89
C LEU A 2930 -86.34 -88.07 -79.80
N GLN A 2931 -86.85 -86.84 -79.68
CA GLN A 2931 -88.03 -86.48 -80.48
C GLN A 2931 -87.69 -86.44 -81.97
N MET A 2932 -86.57 -85.82 -82.32
CA MET A 2932 -86.16 -85.78 -83.72
C MET A 2932 -86.10 -87.17 -84.31
N ASN A 2933 -85.38 -88.08 -83.65
CA ASN A 2933 -85.28 -89.45 -84.13
C ASN A 2933 -86.63 -90.16 -84.14
N GLY A 2934 -87.54 -89.76 -83.26
CA GLY A 2934 -88.80 -90.47 -83.10
C GLY A 2934 -88.85 -91.34 -81.86
N TYR A 2935 -87.79 -91.35 -81.05
CA TYR A 2935 -87.74 -92.14 -79.82
C TYR A 2935 -88.50 -91.36 -78.76
N ALA A 2936 -89.81 -91.22 -78.98
CA ALA A 2936 -90.62 -90.41 -78.08
C ALA A 2936 -90.51 -90.92 -76.65
N VAL A 2937 -90.10 -90.05 -75.74
CA VAL A 2937 -90.07 -90.32 -74.31
C VAL A 2937 -91.21 -89.55 -73.69
N THR A 2938 -92.14 -90.27 -73.05
CA THR A 2938 -93.36 -89.68 -72.52
C THR A 2938 -93.59 -90.15 -71.09
N ARG A 2939 -94.26 -89.31 -70.31
CA ARG A 2939 -94.59 -89.62 -68.92
C ARG A 2939 -93.29 -89.88 -68.17
N LEU A 2946 -99.73 -79.62 -62.58
CA LEU A 2946 -99.63 -79.91 -64.02
C LEU A 2946 -99.72 -78.76 -65.01
N ASP A 2947 -99.35 -77.56 -64.57
CA ASP A 2947 -99.40 -76.23 -65.22
C ASP A 2947 -100.79 -75.61 -65.26
N THR A 2948 -101.40 -75.68 -64.11
CA THR A 2948 -102.13 -74.56 -63.55
C THR A 2948 -101.61 -73.27 -64.17
N SER A 2949 -102.53 -72.44 -64.67
CA SER A 2949 -102.13 -71.20 -65.34
C SER A 2949 -101.41 -70.28 -64.35
N SER A 2950 -100.94 -69.14 -64.87
CA SER A 2950 -100.18 -68.22 -64.04
C SER A 2950 -100.95 -67.82 -62.78
N ILE A 2951 -102.26 -67.61 -62.91
CA ILE A 2951 -103.07 -67.21 -61.76
C ILE A 2951 -102.99 -68.27 -60.67
N GLU A 2952 -103.16 -69.54 -61.05
CA GLU A 2952 -103.04 -70.61 -60.07
C GLU A 2952 -101.61 -70.70 -59.53
N LYS A 2953 -100.63 -70.40 -60.38
CA LYS A 2953 -99.23 -70.50 -59.97
C LYS A 2953 -98.87 -69.41 -58.96
N ARG A 2954 -99.63 -68.33 -58.94
CA ARG A 2954 -99.33 -67.23 -58.02
C ARG A 2954 -99.27 -67.73 -56.57
N PHE A 2955 -98.56 -66.97 -55.75
CA PHE A 2955 -98.39 -67.33 -54.34
C PHE A 2955 -99.68 -67.12 -53.56
N ALA A 2956 -100.33 -65.96 -53.76
CA ALA A 2956 -101.55 -65.67 -53.03
C ALA A 2956 -102.62 -66.72 -53.33
N PHE A 2957 -102.63 -67.24 -54.54
CA PHE A 2957 -103.62 -68.27 -54.89
C PHE A 2957 -103.49 -69.48 -54.00
N GLY A 2958 -102.28 -70.04 -53.90
CA GLY A 2958 -102.09 -71.21 -53.05
C GLY A 2958 -102.28 -70.90 -51.59
N PHE A 2959 -101.85 -69.72 -51.15
CA PHE A 2959 -102.03 -69.32 -49.76
C PHE A 2959 -103.52 -69.32 -49.40
N LEU A 2960 -104.34 -68.68 -50.24
CA LEU A 2960 -105.77 -68.63 -50.00
C LEU A 2960 -106.41 -70.00 -50.12
N GLN A 2961 -105.91 -70.84 -51.05
CA GLN A 2961 -106.42 -72.20 -51.14
C GLN A 2961 -106.22 -72.95 -49.83
N GLN A 2962 -105.02 -72.89 -49.27
CA GLN A 2962 -104.75 -73.54 -48.00
C GLN A 2962 -105.60 -72.95 -46.89
N LEU A 2963 -105.77 -71.63 -46.89
CA LEU A 2963 -106.59 -71.00 -45.86
C LEU A 2963 -108.03 -71.49 -45.93
N LEU A 2964 -108.58 -71.62 -47.14
CA LEU A 2964 -109.94 -72.11 -47.30
C LEU A 2964 -110.05 -73.58 -46.86
N ARG A 2965 -109.04 -74.38 -47.20
CA ARG A 2965 -109.03 -75.77 -46.74
C ARG A 2965 -109.04 -75.82 -45.21
N TRP A 2966 -108.25 -74.96 -44.57
CA TRP A 2966 -108.21 -74.93 -43.12
C TRP A 2966 -109.51 -74.41 -42.53
N MET A 2967 -110.21 -73.53 -43.26
CA MET A 2967 -111.55 -73.12 -42.83
C MET A 2967 -112.52 -74.28 -42.87
N ASP A 2968 -112.42 -75.13 -43.89
CA ASP A 2968 -113.24 -76.34 -43.91
C ASP A 2968 -112.92 -77.23 -42.70
N ILE A 2969 -111.64 -77.42 -42.43
CA ILE A 2969 -111.24 -78.18 -41.25
C ILE A 2969 -111.81 -77.55 -39.98
N SER A 2970 -111.82 -76.21 -39.93
CA SER A 2970 -112.35 -75.51 -38.76
C SER A 2970 -113.83 -75.78 -38.59
N GLN A 2971 -114.59 -75.72 -39.69
CA GLN A 2971 -115.98 -76.13 -39.64
C GLN A 2971 -116.08 -77.50 -39.01
N GLU A 2972 -115.26 -78.44 -39.49
CA GLU A 2972 -115.37 -79.82 -39.05
C GLU A 2972 -115.14 -79.95 -37.55
N PHE A 2973 -114.01 -79.45 -37.04
CA PHE A 2973 -113.70 -79.76 -35.64
C PHE A 2973 -114.45 -78.86 -34.68
N ILE A 2974 -114.93 -77.68 -35.13
CA ILE A 2974 -115.85 -76.95 -34.27
C ILE A 2974 -117.18 -77.69 -34.17
N ALA A 2975 -117.66 -78.25 -35.28
CA ALA A 2975 -118.89 -79.03 -35.20
C ALA A 2975 -118.71 -80.22 -34.24
N HIS A 2976 -117.58 -80.91 -34.35
CA HIS A 2976 -117.28 -81.97 -33.40
C HIS A 2976 -117.24 -81.43 -31.97
N LEU A 2977 -116.75 -80.19 -31.81
CA LEU A 2977 -116.68 -79.59 -30.48
C LEU A 2977 -118.07 -79.35 -29.91
N GLU A 2978 -118.99 -78.84 -30.72
CA GLU A 2978 -120.36 -78.69 -30.24
C GLU A 2978 -120.96 -80.04 -29.89
N ALA A 2979 -120.70 -81.05 -30.72
CA ALA A 2979 -121.23 -82.38 -30.43
C ALA A 2979 -120.72 -82.90 -29.09
N VAL A 2980 -119.42 -82.74 -28.83
CA VAL A 2980 -118.83 -83.30 -27.62
C VAL A 2980 -119.25 -82.50 -26.39
N VAL A 2981 -119.27 -81.16 -26.50
CA VAL A 2981 -119.65 -80.34 -25.36
C VAL A 2981 -121.11 -80.53 -25.02
N SER A 2982 -121.95 -80.77 -26.03
CA SER A 2982 -123.36 -81.03 -25.76
C SER A 2982 -123.55 -82.29 -24.92
N SER A 2983 -122.79 -83.34 -25.24
CA SER A 2983 -122.92 -84.61 -24.53
C SER A 2983 -121.61 -85.37 -24.64
N GLY A 2984 -121.33 -86.18 -23.61
CA GLY A 2984 -120.12 -86.98 -23.59
C GLY A 2984 -118.86 -86.16 -23.72
N ARG A 2985 -118.66 -85.22 -22.80
CA ARG A 2985 -117.49 -84.34 -22.87
C ARG A 2985 -116.20 -85.14 -22.75
N VAL A 2986 -115.26 -84.85 -23.64
CA VAL A 2986 -113.93 -85.46 -23.62
C VAL A 2986 -112.90 -84.34 -23.52
N GLU A 2987 -111.93 -84.51 -22.61
CA GLU A 2987 -110.87 -83.52 -22.47
C GLU A 2987 -109.76 -83.73 -23.49
N LYS A 2988 -109.79 -84.83 -24.25
CA LYS A 2988 -108.70 -85.13 -25.18
C LYS A 2988 -108.60 -84.06 -26.27
N SER A 2989 -109.73 -83.70 -26.89
CA SER A 2989 -109.73 -82.75 -27.98
C SER A 2989 -108.72 -83.18 -29.04
N PRO A 2990 -109.03 -84.21 -29.84
CA PRO A 2990 -108.04 -84.71 -30.80
C PRO A 2990 -107.55 -83.65 -31.77
N HIS A 2991 -108.42 -82.69 -32.13
CA HIS A 2991 -108.04 -81.66 -33.09
C HIS A 2991 -107.28 -80.52 -32.40
N GLU A 2992 -106.87 -80.73 -31.15
CA GLU A 2992 -106.11 -79.74 -30.40
C GLU A 2992 -105.04 -79.09 -31.26
N GLN A 2993 -104.26 -79.91 -31.96
CA GLN A 2993 -103.20 -79.36 -32.81
C GLN A 2993 -103.79 -78.43 -33.87
N GLU A 2994 -104.90 -78.85 -34.48
CA GLU A 2994 -105.52 -78.03 -35.51
C GLU A 2994 -106.04 -76.72 -34.93
N ILE A 2995 -106.66 -76.78 -33.76
CA ILE A 2995 -107.17 -75.56 -33.13
C ILE A 2995 -106.02 -74.60 -32.86
N LYS A 2996 -104.94 -75.13 -32.27
CA LYS A 2996 -103.81 -74.28 -31.92
C LYS A 2996 -103.17 -73.68 -33.16
N PHE A 2997 -102.94 -74.50 -34.19
CA PHE A 2997 -102.36 -73.98 -35.42
C PHE A 2997 -103.23 -72.87 -35.99
N PHE A 2998 -104.52 -73.18 -36.20
CA PHE A 2998 -105.44 -72.18 -36.72
C PHE A 2998 -105.31 -70.88 -35.94
N ALA A 2999 -105.66 -70.90 -34.66
CA ALA A 2999 -105.76 -69.66 -33.90
C ALA A 2999 -104.43 -68.95 -33.81
N LYS A 3000 -103.35 -69.67 -33.49
CA LYS A 3000 -102.08 -69.03 -33.18
C LYS A 3000 -101.37 -68.53 -34.43
N ILE A 3001 -101.35 -69.31 -35.51
CA ILE A 3001 -100.57 -69.00 -36.71
C ILE A 3001 -101.43 -68.32 -37.76
N LEU A 3002 -102.54 -68.94 -38.15
CA LEU A 3002 -103.24 -68.51 -39.35
C LEU A 3002 -103.85 -67.12 -39.17
N LEU A 3003 -104.48 -66.89 -38.02
CA LEU A 3003 -105.16 -65.62 -37.81
C LEU A 3003 -104.19 -64.44 -37.83
N PRO A 3004 -103.10 -64.42 -37.06
CA PRO A 3004 -102.14 -63.31 -37.21
C PRO A 3004 -101.57 -63.22 -38.61
N LEU A 3005 -101.30 -64.37 -39.24
CA LEU A 3005 -100.76 -64.37 -40.58
C LEU A 3005 -101.76 -63.78 -41.57
N ILE A 3006 -103.03 -64.17 -41.44
CA ILE A 3006 -104.08 -63.58 -42.27
C ILE A 3006 -104.11 -62.07 -42.07
N ASN A 3007 -104.13 -61.65 -40.81
CA ASN A 3007 -104.20 -60.22 -40.50
C ASN A 3007 -103.06 -59.47 -41.17
N GLN A 3008 -101.83 -59.92 -40.95
CA GLN A 3008 -100.67 -59.22 -41.49
C GLN A 3008 -100.68 -59.24 -43.01
N TYR A 3009 -100.98 -60.40 -43.62
CA TYR A 3009 -100.92 -60.50 -45.07
C TYR A 3009 -101.93 -59.58 -45.73
N PHE A 3010 -103.17 -59.58 -45.24
CA PHE A 3010 -104.20 -58.77 -45.87
C PHE A 3010 -104.25 -57.35 -45.34
N THR A 3011 -103.41 -57.01 -44.36
CA THR A 3011 -103.13 -55.63 -44.02
C THR A 3011 -102.01 -55.04 -44.88
N ASN A 3012 -101.08 -55.90 -45.33
CA ASN A 3012 -99.97 -55.44 -46.16
C ASN A 3012 -100.36 -55.40 -47.63
N HIS A 3013 -101.03 -56.45 -48.12
CA HIS A 3013 -101.33 -56.63 -49.54
C HIS A 3013 -102.79 -56.31 -49.84
N CYS A 3014 -103.38 -55.40 -49.08
CA CYS A 3014 -104.79 -55.06 -49.28
C CYS A 3014 -105.01 -54.48 -50.67
N LEU A 3015 -104.10 -53.62 -51.13
CA LEU A 3015 -104.29 -52.93 -52.40
C LEU A 3015 -104.28 -53.91 -53.57
N TYR A 3016 -103.45 -54.94 -53.51
CA TYR A 3016 -103.36 -55.90 -54.60
C TYR A 3016 -104.72 -56.55 -54.86
N PHE A 3017 -105.56 -56.63 -53.83
CA PHE A 3017 -106.86 -57.28 -53.99
C PHE A 3017 -107.93 -56.29 -54.39
N LEU A 3018 -107.80 -55.05 -53.97
CA LEU A 3018 -108.76 -54.01 -54.35
C LEU A 3018 -108.42 -53.40 -55.71
N SER A 3019 -107.17 -53.50 -56.14
CA SER A 3019 -106.74 -52.87 -57.37
C SER A 3019 -107.41 -53.53 -58.57
N THR A 3020 -107.67 -52.73 -59.60
CA THR A 3020 -108.22 -53.20 -60.85
C THR A 3020 -107.38 -52.66 -62.00
N PRO A 3021 -107.40 -53.34 -63.16
CA PRO A 3021 -106.63 -52.83 -64.30
C PRO A 3021 -106.98 -51.39 -64.66
N ALA A 3022 -108.26 -51.04 -64.58
CA ALA A 3022 -108.68 -49.67 -64.85
C ALA A 3022 -108.14 -48.71 -63.79
N LYS A 3023 -108.15 -49.13 -62.53
CA LYS A 3023 -107.83 -48.28 -61.39
C LYS A 3023 -106.92 -49.04 -60.45
N VAL A 3024 -105.68 -48.57 -60.30
CA VAL A 3024 -104.65 -49.29 -59.55
C VAL A 3024 -104.21 -48.48 -58.33
N LEU A 3025 -104.59 -48.95 -57.14
CA LEU A 3025 -104.04 -48.38 -55.91
C LEU A 3025 -102.58 -48.77 -55.70
N GLY A 3026 -102.26 -50.04 -55.86
CA GLY A 3026 -100.95 -50.52 -55.49
C GLY A 3026 -99.86 -50.03 -56.44
N SER A 3027 -98.63 -50.05 -55.96
CA SER A 3027 -97.49 -49.69 -56.80
C SER A 3027 -97.42 -50.60 -58.02
N GLY A 3028 -97.66 -51.89 -57.83
CA GLY A 3028 -97.65 -52.83 -58.94
C GLY A 3028 -98.51 -54.05 -58.71
N GLY A 3029 -99.38 -54.35 -59.66
CA GLY A 3029 -100.14 -55.58 -59.65
C GLY A 3029 -101.54 -55.41 -59.11
N HIS A 3030 -102.46 -56.23 -59.60
CA HIS A 3030 -103.83 -56.27 -59.15
C HIS A 3030 -104.29 -57.72 -59.10
N ALA A 3031 -105.12 -58.05 -58.11
CA ALA A 3031 -105.53 -59.43 -57.92
C ALA A 3031 -106.44 -59.89 -59.04
N SER A 3032 -106.40 -61.19 -59.31
CA SER A 3032 -107.30 -61.81 -60.26
C SER A 3032 -108.70 -61.93 -59.65
N ASN A 3033 -109.70 -61.94 -60.53
CA ASN A 3033 -111.08 -62.08 -60.08
C ASN A 3033 -111.25 -63.32 -59.22
N LYS A 3034 -110.53 -64.39 -59.56
CA LYS A 3034 -110.64 -65.63 -58.79
C LYS A 3034 -110.09 -65.45 -57.38
N GLU A 3035 -108.96 -64.75 -57.25
CA GLU A 3035 -108.42 -64.48 -55.92
C GLU A 3035 -109.38 -63.61 -55.12
N LYS A 3036 -110.03 -62.65 -55.76
CA LYS A 3036 -111.03 -61.84 -55.08
C LYS A 3036 -112.18 -62.72 -54.60
N GLU A 3037 -112.62 -63.65 -55.44
CA GLU A 3037 -113.66 -64.59 -55.02
C GLU A 3037 -113.21 -65.39 -53.82
N MET A 3038 -111.95 -65.83 -53.82
CA MET A 3038 -111.44 -66.64 -52.71
C MET A 3038 -111.42 -65.84 -51.41
N ILE A 3039 -110.97 -64.58 -51.47
CA ILE A 3039 -110.94 -63.77 -50.26
C ILE A 3039 -112.36 -63.54 -49.75
N THR A 3040 -113.30 -63.27 -50.66
CA THR A 3040 -114.69 -63.09 -50.26
C THR A 3040 -115.24 -64.35 -49.59
N SER A 3041 -114.97 -65.51 -50.18
CA SER A 3041 -115.46 -66.76 -49.62
C SER A 3041 -114.85 -67.02 -48.25
N LEU A 3042 -113.55 -66.72 -48.10
CA LEU A 3042 -112.90 -66.88 -46.80
C LEU A 3042 -113.55 -66.00 -45.75
N PHE A 3043 -113.84 -64.74 -46.11
CA PHE A 3043 -114.48 -63.83 -45.17
C PHE A 3043 -115.84 -64.37 -44.74
N CYS A 3044 -116.66 -64.77 -45.70
CA CYS A 3044 -117.98 -65.30 -45.36
C CYS A 3044 -117.88 -66.57 -44.53
N LYS A 3045 -116.94 -67.45 -44.86
CA LYS A 3045 -116.75 -68.68 -44.10
C LYS A 3045 -116.35 -68.40 -42.67
N LEU A 3046 -115.42 -67.46 -42.46
CA LEU A 3046 -115.01 -67.11 -41.11
C LEU A 3046 -116.17 -66.51 -40.33
N ALA A 3047 -116.96 -65.64 -40.96
CA ALA A 3047 -118.12 -65.07 -40.27
C ALA A 3047 -119.10 -66.17 -39.87
N ALA A 3048 -119.38 -67.11 -40.77
CA ALA A 3048 -120.26 -68.22 -40.43
C ALA A 3048 -119.68 -69.06 -39.31
N LEU A 3049 -118.37 -69.30 -39.36
CA LEU A 3049 -117.72 -70.14 -38.37
C LEU A 3049 -117.84 -69.53 -36.98
N VAL A 3050 -117.60 -68.23 -36.88
CA VAL A 3050 -117.69 -67.54 -35.59
C VAL A 3050 -119.13 -67.23 -35.20
N ARG A 3051 -120.07 -67.35 -36.14
CA ARG A 3051 -121.45 -67.06 -35.82
C ARG A 3051 -121.91 -67.88 -34.63
N HIS A 3052 -122.32 -67.18 -33.59
CA HIS A 3052 -122.87 -67.75 -32.36
C HIS A 3052 -121.93 -68.75 -31.70
N ARG A 3053 -120.61 -68.56 -31.85
CA ARG A 3053 -119.59 -69.42 -31.26
C ARG A 3053 -118.43 -68.63 -30.69
N VAL A 3054 -118.66 -67.35 -30.34
CA VAL A 3054 -117.63 -66.46 -29.84
C VAL A 3054 -117.02 -67.06 -28.57
N SER A 3055 -117.87 -67.58 -27.70
CA SER A 3055 -117.38 -68.19 -26.46
C SER A 3055 -116.54 -69.42 -26.76
N LEU A 3056 -117.02 -70.28 -27.66
CA LEU A 3056 -116.23 -71.44 -28.04
C LEU A 3056 -114.87 -71.04 -28.52
N PHE A 3057 -114.77 -69.94 -29.27
CA PHE A 3057 -113.43 -69.58 -29.69
C PHE A 3057 -112.66 -68.94 -28.52
N GLY A 3058 -113.36 -68.36 -27.57
CA GLY A 3058 -112.69 -67.80 -26.42
C GLY A 3058 -111.79 -66.64 -26.76
N THR A 3059 -110.54 -66.72 -26.29
CA THR A 3059 -109.62 -65.58 -26.39
C THR A 3059 -109.19 -65.32 -27.81
N ASP A 3060 -109.44 -66.27 -28.72
CA ASP A 3060 -109.11 -66.05 -30.12
C ASP A 3060 -110.17 -65.22 -30.85
N ALA A 3061 -111.31 -64.97 -30.21
CA ALA A 3061 -112.38 -64.22 -30.84
C ALA A 3061 -111.94 -62.82 -31.27
N PRO A 3062 -111.21 -62.06 -30.45
CA PRO A 3062 -110.74 -60.75 -30.92
C PRO A 3062 -109.89 -60.86 -32.18
N ALA A 3063 -109.05 -61.89 -32.25
CA ALA A 3063 -108.26 -62.12 -33.45
C ALA A 3063 -109.15 -62.40 -34.64
N VAL A 3064 -110.20 -63.21 -34.43
CA VAL A 3064 -111.13 -63.50 -35.52
C VAL A 3064 -111.79 -62.22 -36.01
N VAL A 3065 -112.22 -61.37 -35.08
CA VAL A 3065 -112.92 -60.14 -35.46
C VAL A 3065 -111.98 -59.21 -36.21
N ASN A 3066 -110.73 -59.09 -35.76
CA ASN A 3066 -109.77 -58.24 -36.44
C ASN A 3066 -109.48 -58.77 -37.84
N CYS A 3067 -109.31 -60.08 -37.97
CA CYS A 3067 -109.12 -60.66 -39.30
C CYS A 3067 -110.31 -60.37 -40.19
N LEU A 3068 -111.52 -60.43 -39.64
CA LEU A 3068 -112.71 -60.11 -40.42
C LEU A 3068 -112.71 -58.65 -40.85
N HIS A 3069 -112.34 -57.74 -39.95
CA HIS A 3069 -112.20 -56.34 -40.33
C HIS A 3069 -111.28 -56.19 -41.54
N ILE A 3070 -110.09 -56.78 -41.45
CA ILE A 3070 -109.10 -56.65 -42.50
C ILE A 3070 -109.62 -57.23 -43.81
N LEU A 3071 -110.23 -58.42 -43.72
CA LEU A 3071 -110.76 -59.05 -44.92
C LEU A 3071 -111.84 -58.19 -45.56
N ALA A 3072 -112.73 -57.63 -44.75
CA ALA A 3072 -113.76 -56.73 -45.25
C ALA A 3072 -113.13 -55.56 -46.00
N ARG A 3073 -112.11 -54.95 -45.41
CA ARG A 3073 -111.44 -53.83 -46.08
C ARG A 3073 -110.74 -54.30 -47.36
N SER A 3074 -110.44 -55.59 -47.45
CA SER A 3074 -109.75 -56.10 -48.63
C SER A 3074 -110.71 -56.43 -49.77
N LEU A 3075 -111.96 -56.80 -49.45
CA LEU A 3075 -112.86 -57.34 -50.45
C LEU A 3075 -113.13 -56.34 -51.59
N ASP A 3076 -113.29 -56.88 -52.81
CA ASP A 3076 -113.81 -56.12 -53.94
C ASP A 3076 -115.18 -56.69 -54.28
N ALA A 3077 -116.18 -56.21 -53.55
CA ALA A 3077 -117.53 -56.73 -53.72
C ALA A 3077 -118.09 -56.39 -55.08
N ARG A 3078 -117.74 -55.22 -55.62
CA ARG A 3078 -118.25 -54.84 -56.94
C ARG A 3078 -117.88 -55.89 -57.98
N THR A 3079 -116.59 -56.21 -58.09
CA THR A 3079 -116.15 -57.21 -59.06
C THR A 3079 -116.74 -58.58 -58.73
N VAL A 3080 -116.69 -58.97 -57.46
CA VAL A 3080 -117.14 -60.32 -57.11
C VAL A 3080 -118.61 -60.49 -57.48
N MET A 3081 -119.43 -59.47 -57.22
CA MET A 3081 -120.86 -59.59 -57.46
C MET A 3081 -121.19 -59.52 -58.93
N LYS A 3082 -120.55 -58.62 -59.69
CA LYS A 3082 -120.88 -58.58 -61.11
C LYS A 3082 -120.43 -59.86 -61.82
N SER A 3083 -119.16 -60.25 -61.63
CA SER A 3083 -118.60 -61.41 -62.30
C SER A 3083 -118.00 -62.34 -61.23
N GLY A 3084 -118.85 -63.19 -60.67
CA GLY A 3084 -118.43 -64.13 -59.67
C GLY A 3084 -119.39 -65.29 -59.57
N PRO A 3085 -118.89 -66.44 -59.09
CA PRO A 3085 -119.77 -67.61 -58.99
C PRO A 3085 -120.92 -67.39 -58.02
N GLU A 3086 -122.05 -68.01 -58.36
CA GLU A 3086 -123.24 -67.90 -57.53
C GLU A 3086 -122.95 -68.37 -56.12
N ILE A 3087 -121.96 -69.24 -55.95
CA ILE A 3087 -121.60 -69.71 -54.61
C ILE A 3087 -121.07 -68.57 -53.76
N VAL A 3088 -120.11 -67.81 -54.30
CA VAL A 3088 -119.55 -66.68 -53.57
C VAL A 3088 -120.62 -65.62 -53.32
N LYS A 3089 -121.39 -65.31 -54.36
CA LYS A 3089 -122.43 -64.29 -54.20
C LYS A 3089 -123.46 -64.71 -53.17
N ALA A 3090 -123.86 -65.98 -53.17
CA ALA A 3090 -124.81 -66.50 -52.20
C ALA A 3090 -124.23 -66.47 -50.80
N GLY A 3091 -122.94 -66.78 -50.67
CA GLY A 3091 -122.32 -66.71 -49.36
C GLY A 3091 -122.38 -65.31 -48.77
N LEU A 3092 -122.06 -64.31 -49.60
CA LEU A 3092 -122.09 -62.93 -49.11
C LEU A 3092 -123.53 -62.50 -48.78
N ARG A 3093 -124.49 -62.87 -49.64
CA ARG A 3093 -125.89 -62.58 -49.34
C ARG A 3093 -126.34 -63.24 -48.05
N SER A 3094 -125.93 -64.49 -47.83
CA SER A 3094 -126.29 -65.20 -46.61
C SER A 3094 -125.67 -64.53 -45.40
N PHE A 3095 -124.45 -64.03 -45.53
CA PHE A 3095 -123.87 -63.23 -44.46
C PHE A 3095 -124.78 -62.06 -44.11
N PHE A 3096 -125.23 -61.33 -45.13
CA PHE A 3096 -126.08 -60.17 -44.88
C PHE A 3096 -127.41 -60.59 -44.22
N GLU A 3097 -128.03 -61.66 -44.74
CA GLU A 3097 -129.29 -62.12 -44.18
C GLU A 3097 -129.13 -62.55 -42.72
N SER A 3098 -128.05 -63.28 -42.43
CA SER A 3098 -127.82 -63.72 -41.05
C SER A 3098 -127.58 -62.54 -40.13
N ALA A 3099 -126.81 -61.55 -40.59
CA ALA A 3099 -126.61 -60.35 -39.79
C ALA A 3099 -127.95 -59.68 -39.48
N SER A 3100 -128.77 -59.51 -40.51
CA SER A 3100 -130.12 -58.99 -40.29
C SER A 3100 -130.84 -59.79 -39.21
N GLU A 3101 -131.04 -61.09 -39.45
CA GLU A 3101 -131.81 -61.92 -38.54
C GLU A 3101 -131.32 -61.78 -37.10
N ASP A 3102 -130.01 -61.83 -36.90
CA ASP A 3102 -129.46 -61.66 -35.56
C ASP A 3102 -129.85 -60.30 -34.99
N ILE A 3103 -129.81 -59.26 -35.84
CA ILE A 3103 -130.20 -57.94 -35.36
C ILE A 3103 -131.68 -57.94 -34.94
N GLU A 3104 -132.56 -58.50 -35.76
CA GLU A 3104 -133.98 -58.49 -35.40
C GLU A 3104 -134.21 -59.25 -34.09
N LYS A 3105 -133.50 -60.36 -33.90
CA LYS A 3105 -133.68 -61.11 -32.65
C LYS A 3105 -133.18 -60.32 -31.46
N MET A 3106 -132.00 -59.70 -31.58
CA MET A 3106 -131.48 -58.87 -30.49
C MET A 3106 -132.44 -57.74 -30.17
N VAL A 3107 -132.95 -57.09 -31.21
CA VAL A 3107 -133.78 -55.91 -31.03
C VAL A 3107 -135.09 -56.30 -30.35
N GLU A 3108 -135.71 -57.43 -30.71
CA GLU A 3108 -136.91 -57.86 -30.01
C GLU A 3108 -136.62 -58.28 -28.58
N ASN A 3109 -135.47 -58.93 -28.34
CA ASN A 3109 -135.12 -59.24 -26.96
C ASN A 3109 -135.05 -57.98 -26.11
N LEU A 3110 -134.47 -56.91 -26.65
CA LEU A 3110 -134.42 -55.65 -25.92
C LEU A 3110 -135.82 -55.06 -25.73
N ARG A 3111 -136.69 -55.27 -26.71
CA ARG A 3111 -138.13 -55.04 -26.59
C ARG A 3111 -138.74 -55.85 -25.48
N LEU A 3112 -137.98 -56.81 -24.96
CA LEU A 3112 -138.27 -57.40 -23.67
C LEU A 3112 -139.42 -58.38 -23.83
N GLY A 3113 -139.74 -58.71 -25.08
CA GLY A 3113 -140.51 -59.91 -25.35
C GLY A 3113 -139.85 -61.15 -24.78
N LYS A 3114 -138.54 -61.09 -24.57
CA LYS A 3114 -137.79 -62.08 -23.84
C LYS A 3114 -137.35 -61.46 -22.52
N VAL A 3115 -136.86 -62.30 -21.59
CA VAL A 3115 -136.56 -61.83 -20.24
C VAL A 3115 -135.60 -60.64 -20.29
N SER A 3116 -134.51 -60.77 -21.04
CA SER A 3116 -133.41 -59.80 -21.19
C SER A 3116 -133.44 -58.68 -20.16
N LYS A 3123 -127.54 -68.68 -22.12
CA LYS A 3123 -128.80 -68.58 -22.86
C LYS A 3123 -128.58 -68.20 -24.32
N GLY A 3124 -129.53 -68.57 -25.16
CA GLY A 3124 -129.40 -68.26 -26.58
C GLY A 3124 -129.46 -66.77 -26.86
N VAL A 3125 -130.38 -66.06 -26.20
CA VAL A 3125 -130.50 -64.63 -26.43
C VAL A 3125 -129.25 -63.90 -25.95
N GLY A 3126 -128.75 -64.25 -24.77
CA GLY A 3126 -127.53 -63.63 -24.29
C GLY A 3126 -126.34 -63.94 -25.17
N GLN A 3127 -126.27 -65.17 -25.67
CA GLN A 3127 -125.16 -65.56 -26.53
C GLN A 3127 -125.23 -64.81 -27.85
N ASN A 3128 -126.42 -64.65 -28.42
CA ASN A 3128 -126.58 -63.85 -29.63
C ASN A 3128 -126.22 -62.39 -29.36
N LEU A 3129 -126.61 -61.88 -28.19
CA LEU A 3129 -126.31 -60.50 -27.84
C LEU A 3129 -124.81 -60.26 -27.81
N THR A 3130 -124.07 -61.15 -27.13
CA THR A 3130 -122.62 -60.99 -27.07
C THR A 3130 -122.00 -61.16 -28.45
N TYR A 3131 -122.49 -62.13 -29.23
CA TYR A 3131 -122.00 -62.28 -30.59
C TYR A 3131 -122.16 -60.99 -31.38
N THR A 3132 -123.37 -60.44 -31.38
CA THR A 3132 -123.60 -59.18 -32.08
C THR A 3132 -122.63 -58.12 -31.61
N THR A 3133 -122.73 -57.75 -30.32
CA THR A 3133 -121.96 -56.61 -29.81
C THR A 3133 -120.47 -56.77 -30.07
N VAL A 3134 -119.95 -58.00 -29.98
CA VAL A 3134 -118.50 -58.17 -30.07
C VAL A 3134 -118.04 -58.24 -31.52
N ALA A 3135 -118.70 -59.05 -32.34
CA ALA A 3135 -118.20 -59.36 -33.68
C ALA A 3135 -119.00 -58.68 -34.78
N LEU A 3136 -120.33 -58.72 -34.71
CA LEU A 3136 -121.14 -58.46 -35.89
C LEU A 3136 -121.19 -56.97 -36.22
N LEU A 3137 -121.73 -56.16 -35.30
CA LEU A 3137 -121.83 -54.73 -35.57
C LEU A 3137 -120.49 -54.12 -35.97
N PRO A 3138 -119.38 -54.42 -35.30
CA PRO A 3138 -118.09 -53.89 -35.78
C PRO A 3138 -117.76 -54.30 -37.20
N VAL A 3139 -117.83 -55.60 -37.51
CA VAL A 3139 -117.44 -56.07 -38.83
C VAL A 3139 -118.37 -55.50 -39.89
N LEU A 3140 -119.68 -55.50 -39.62
CA LEU A 3140 -120.64 -55.01 -40.61
C LEU A 3140 -120.49 -53.50 -40.81
N THR A 3141 -120.24 -52.77 -39.72
CA THR A 3141 -119.96 -51.34 -39.84
C THR A 3141 -118.72 -51.09 -40.68
N THR A 3142 -117.67 -51.88 -40.46
CA THR A 3142 -116.45 -51.75 -41.23
C THR A 3142 -116.72 -52.02 -42.71
N LEU A 3143 -117.50 -53.06 -43.00
CA LEU A 3143 -117.81 -53.38 -44.39
C LEU A 3143 -118.62 -52.28 -45.05
N PHE A 3144 -119.59 -51.71 -44.33
CA PHE A 3144 -120.37 -50.61 -44.89
C PHE A 3144 -119.48 -49.41 -45.17
N GLN A 3145 -118.57 -49.09 -44.23
CA GLN A 3145 -117.66 -47.98 -44.43
C GLN A 3145 -116.78 -48.20 -45.64
N HIS A 3146 -116.25 -49.41 -45.80
CA HIS A 3146 -115.38 -49.73 -46.92
C HIS A 3146 -116.14 -49.63 -48.24
N ILE A 3147 -117.37 -50.14 -48.26
CA ILE A 3147 -118.21 -50.06 -49.45
C ILE A 3147 -118.47 -48.60 -49.82
N ALA A 3148 -118.84 -47.79 -48.83
CA ALA A 3148 -119.12 -46.38 -49.11
C ALA A 3148 -117.87 -45.66 -49.60
N GLN A 3149 -116.72 -45.97 -48.99
CA GLN A 3149 -115.48 -45.33 -49.39
C GLN A 3149 -115.14 -45.63 -50.85
N HIS A 3150 -115.27 -46.89 -51.25
CA HIS A 3150 -114.97 -47.28 -52.61
C HIS A 3150 -116.17 -47.19 -53.55
N GLN A 3151 -117.26 -46.58 -53.08
CA GLN A 3151 -118.43 -46.30 -53.93
C GLN A 3151 -118.97 -47.59 -54.56
N PHE A 3152 -118.97 -48.67 -53.79
CA PHE A 3152 -119.41 -49.97 -54.26
C PHE A 3152 -120.90 -50.22 -54.03
N GLY A 3153 -121.59 -49.37 -53.27
CA GLY A 3153 -122.96 -49.67 -52.89
C GLY A 3153 -123.87 -49.88 -54.08
N ASP A 3154 -123.76 -49.00 -55.09
CA ASP A 3154 -124.65 -49.05 -56.23
C ASP A 3154 -124.48 -50.32 -57.05
N ASP A 3155 -123.41 -51.07 -56.80
CA ASP A 3155 -123.17 -52.33 -57.50
C ASP A 3155 -123.39 -53.54 -56.59
N VAL A 3156 -123.23 -53.36 -55.28
CA VAL A 3156 -123.37 -54.47 -54.35
C VAL A 3156 -124.81 -54.62 -53.89
N ILE A 3157 -125.36 -53.57 -53.27
CA ILE A 3157 -126.64 -53.71 -52.58
C ILE A 3157 -127.78 -53.46 -53.55
N LEU A 3158 -128.20 -54.50 -54.27
CA LEU A 3158 -129.21 -54.33 -55.32
C LEU A 3158 -130.52 -55.06 -55.04
N ASP A 3159 -130.48 -56.39 -54.88
CA ASP A 3159 -131.70 -57.17 -54.95
C ASP A 3159 -132.19 -57.69 -53.59
N ASP A 3160 -131.36 -58.48 -52.90
CA ASP A 3160 -131.75 -59.01 -51.60
C ASP A 3160 -130.94 -58.36 -50.50
N VAL A 3161 -129.75 -57.86 -50.84
CA VAL A 3161 -128.96 -57.11 -49.88
C VAL A 3161 -129.70 -55.83 -49.49
N GLN A 3162 -130.44 -55.23 -50.44
CA GLN A 3162 -131.29 -54.10 -50.09
C GLN A 3162 -132.34 -54.51 -49.06
N VAL A 3163 -132.93 -55.69 -49.23
CA VAL A 3163 -133.93 -56.15 -48.27
C VAL A 3163 -133.31 -56.31 -46.89
N SER A 3164 -132.15 -56.95 -46.82
CA SER A 3164 -131.49 -57.17 -45.54
C SER A 3164 -131.11 -55.85 -44.89
N CYS A 3165 -130.55 -54.92 -45.67
CA CYS A 3165 -130.17 -53.62 -45.15
C CYS A 3165 -131.38 -52.82 -44.69
N TYR A 3166 -132.48 -52.87 -45.46
CA TYR A 3166 -133.73 -52.27 -44.99
C TYR A 3166 -134.12 -52.83 -43.64
N ARG A 3167 -134.14 -54.15 -43.50
CA ARG A 3167 -134.59 -54.75 -42.26
C ARG A 3167 -133.72 -54.29 -41.09
N THR A 3168 -132.40 -54.32 -41.28
CA THR A 3168 -131.49 -53.86 -40.24
C THR A 3168 -131.74 -52.39 -39.88
N LEU A 3169 -131.78 -51.53 -40.90
CA LEU A 3169 -132.05 -50.11 -40.70
C LEU A 3169 -133.32 -49.88 -39.90
N CYS A 3170 -134.40 -50.54 -40.29
CA CYS A 3170 -135.71 -50.22 -39.73
C CYS A 3170 -135.83 -50.77 -38.31
N SER A 3171 -135.23 -51.94 -38.04
CA SER A 3171 -135.18 -52.41 -36.66
C SER A 3171 -134.38 -51.45 -35.78
N ILE A 3172 -133.20 -51.03 -36.27
CA ILE A 3172 -132.35 -50.16 -35.46
C ILE A 3172 -133.08 -48.85 -35.16
N TYR A 3173 -133.79 -48.30 -36.15
CA TYR A 3173 -134.58 -47.11 -35.88
C TYR A 3173 -135.70 -47.41 -34.89
N SER A 3174 -136.32 -48.58 -35.01
CA SER A 3174 -137.36 -48.94 -34.05
C SER A 3174 -136.84 -48.87 -32.62
N LEU A 3175 -135.53 -49.11 -32.42
CA LEU A 3175 -135.01 -49.11 -31.05
C LEU A 3175 -135.38 -47.84 -30.30
N GLY A 3176 -135.49 -46.71 -31.01
CA GLY A 3176 -135.80 -45.44 -30.37
C GLY A 3176 -136.91 -45.52 -29.33
N THR A 3177 -137.97 -46.28 -29.63
CA THR A 3177 -139.09 -46.38 -28.70
C THR A 3177 -138.69 -47.07 -27.40
N THR A 3178 -137.87 -48.11 -27.50
CA THR A 3178 -137.51 -48.89 -26.31
C THR A 3178 -136.61 -48.08 -25.39
N LYS A 3179 -136.98 -48.02 -24.12
CA LYS A 3179 -136.19 -47.38 -23.07
C LYS A 3179 -135.74 -48.46 -22.10
N ASN A 3180 -134.42 -48.68 -22.02
CA ASN A 3180 -133.87 -49.71 -21.14
C ASN A 3180 -132.42 -49.39 -20.85
N THR A 3181 -131.90 -50.03 -19.80
CA THR A 3181 -130.48 -49.88 -19.47
C THR A 3181 -129.60 -50.48 -20.57
N TYR A 3182 -130.01 -51.64 -21.10
CA TYR A 3182 -129.18 -52.31 -22.11
C TYR A 3182 -129.07 -51.49 -23.38
N VAL A 3183 -130.16 -50.83 -23.78
CA VAL A 3183 -130.14 -50.07 -25.03
C VAL A 3183 -129.12 -48.94 -24.94
N GLU A 3184 -129.09 -48.25 -23.81
CA GLU A 3184 -128.25 -47.06 -23.66
C GLU A 3184 -126.82 -47.34 -24.10
N LYS A 3185 -126.23 -48.44 -23.62
CA LYS A 3185 -124.85 -48.75 -23.97
C LYS A 3185 -124.71 -49.16 -25.44
N LEU A 3186 -125.79 -49.63 -26.05
CA LEU A 3186 -125.72 -50.16 -27.41
C LEU A 3186 -125.98 -49.11 -28.48
N ARG A 3187 -126.68 -48.02 -28.14
CA ARG A 3187 -127.07 -47.06 -29.16
C ARG A 3187 -125.87 -46.46 -29.90
N PRO A 3188 -124.74 -46.16 -29.28
CA PRO A 3188 -123.58 -45.68 -30.06
C PRO A 3188 -123.22 -46.56 -31.25
N ALA A 3189 -122.97 -47.85 -31.00
CA ALA A 3189 -122.57 -48.76 -32.07
C ALA A 3189 -123.67 -48.89 -33.11
N LEU A 3190 -124.93 -48.96 -32.67
CA LEU A 3190 -126.05 -49.05 -33.59
C LEU A 3190 -126.09 -47.83 -34.50
N GLY A 3191 -125.92 -46.64 -33.95
CA GLY A 3191 -125.93 -45.44 -34.76
C GLY A 3191 -124.76 -45.39 -35.73
N GLU A 3192 -123.59 -45.87 -35.30
CA GLU A 3192 -122.44 -45.90 -36.20
C GLU A 3192 -122.69 -46.85 -37.39
N CYS A 3193 -123.17 -48.06 -37.09
CA CYS A 3193 -123.50 -49.00 -38.16
C CYS A 3193 -124.56 -48.40 -39.09
N LEU A 3194 -125.55 -47.73 -38.50
CA LEU A 3194 -126.61 -47.11 -39.28
C LEU A 3194 -126.06 -46.01 -40.18
N ALA A 3195 -125.12 -45.22 -39.67
CA ALA A 3195 -124.50 -44.17 -40.47
C ALA A 3195 -123.77 -44.77 -41.66
N ARG A 3196 -122.99 -45.82 -41.43
CA ARG A 3196 -122.26 -46.44 -42.54
C ARG A 3196 -123.21 -47.07 -43.54
N LEU A 3197 -124.32 -47.62 -43.06
CA LEU A 3197 -125.34 -48.14 -43.97
C LEU A 3197 -125.95 -47.04 -44.81
N ALA A 3198 -126.25 -45.90 -44.20
CA ALA A 3198 -126.83 -44.79 -44.92
C ALA A 3198 -125.88 -44.26 -45.99
N ALA A 3199 -124.58 -44.17 -45.66
CA ALA A 3199 -123.61 -43.72 -46.65
C ALA A 3199 -123.52 -44.68 -47.83
N ALA A 3200 -123.67 -45.98 -47.58
CA ALA A 3200 -123.48 -46.97 -48.63
C ALA A 3200 -124.77 -47.30 -49.35
N MET A 3201 -125.88 -47.36 -48.61
CA MET A 3201 -127.12 -47.87 -49.15
C MET A 3201 -127.58 -47.03 -50.35
N PRO A 3202 -127.78 -47.65 -51.53
CA PRO A 3202 -127.96 -46.86 -52.74
C PRO A 3202 -129.33 -46.23 -52.92
N VAL A 3203 -130.35 -46.70 -52.23
CA VAL A 3203 -131.67 -46.10 -52.36
C VAL A 3203 -131.77 -44.94 -51.38
N ALA A 3204 -132.75 -44.07 -51.62
CA ALA A 3204 -133.05 -42.95 -50.72
C ALA A 3204 -134.32 -43.31 -49.95
N PHE A 3205 -134.13 -44.03 -48.84
CA PHE A 3205 -135.27 -44.55 -48.10
C PHE A 3205 -136.04 -43.44 -47.40
N LEU A 3206 -135.40 -42.29 -47.18
CA LEU A 3206 -136.10 -41.17 -46.57
C LEU A 3206 -136.91 -40.39 -47.60
N GLU A 3207 -136.63 -40.59 -48.89
CA GLU A 3207 -137.37 -39.92 -49.95
C GLU A 3207 -137.89 -40.98 -50.93
N PRO A 3208 -138.90 -41.76 -50.52
CA PRO A 3208 -139.34 -42.88 -51.37
C PRO A 3208 -140.17 -42.45 -52.56
N GLN A 3209 -140.92 -41.36 -52.44
CA GLN A 3209 -141.83 -40.94 -53.51
C GLN A 3209 -141.10 -40.81 -54.83
N LEU A 3210 -139.81 -40.48 -54.80
CA LEU A 3210 -138.99 -40.33 -55.99
C LEU A 3210 -138.14 -41.56 -56.29
N ASN A 3211 -138.45 -42.70 -55.65
CA ASN A 3211 -137.68 -43.91 -55.90
C ASN A 3211 -137.88 -44.39 -57.33
N GLU A 3212 -138.98 -43.99 -57.98
CA GLU A 3212 -139.21 -44.40 -59.36
C GLU A 3212 -138.07 -43.98 -60.27
N TYR A 3213 -137.38 -42.89 -59.94
CA TYR A 3213 -136.28 -42.41 -60.75
C TYR A 3213 -134.96 -43.11 -60.43
N ASN A 3214 -134.87 -43.78 -59.28
CA ASN A 3214 -133.66 -44.50 -58.93
C ASN A 3214 -133.64 -45.85 -59.63
N ALA A 3215 -132.52 -46.17 -60.26
CA ALA A 3215 -132.34 -47.43 -60.99
C ALA A 3215 -131.77 -48.52 -60.11
N CYS A 3216 -130.97 -48.16 -59.09
CA CYS A 3216 -130.41 -49.13 -58.17
C CYS A 3216 -131.41 -49.45 -57.06
N SER A 3217 -132.62 -49.82 -57.49
CA SER A 3217 -133.71 -50.16 -56.59
C SER A 3217 -134.35 -51.46 -57.05
N VAL A 3218 -134.71 -52.30 -56.08
CA VAL A 3218 -135.35 -53.56 -56.41
C VAL A 3218 -136.67 -53.33 -57.12
N TYR A 3219 -137.40 -52.28 -56.72
CA TYR A 3219 -138.71 -52.03 -57.30
C TYR A 3219 -138.62 -51.72 -58.79
N THR A 3220 -137.55 -51.03 -59.21
CA THR A 3220 -137.36 -50.76 -60.63
C THR A 3220 -136.76 -51.96 -61.35
N THR A 3221 -135.75 -52.59 -60.74
CA THR A 3221 -135.06 -53.68 -61.42
C THR A 3221 -135.97 -54.88 -61.65
N LYS A 3222 -136.83 -55.19 -60.68
CA LYS A 3222 -137.59 -56.43 -60.67
C LYS A 3222 -139.01 -56.20 -61.15
N SER A 3223 -139.58 -57.24 -61.78
CA SER A 3223 -140.95 -57.19 -62.21
C SER A 3223 -141.90 -57.30 -61.02
N PRO A 3224 -143.12 -56.78 -61.13
CA PRO A 3224 -144.08 -56.91 -60.01
C PRO A 3224 -144.42 -58.35 -59.72
N ARG A 3225 -144.25 -59.23 -60.70
CA ARG A 3225 -144.48 -60.65 -60.51
C ARG A 3225 -143.40 -61.25 -59.62
N GLU A 3226 -142.18 -60.74 -59.73
CA GLU A 3226 -141.22 -60.81 -58.64
C GLU A 3226 -141.61 -59.78 -57.59
N ARG A 3227 -141.00 -59.89 -56.40
CA ARG A 3227 -141.39 -59.09 -55.24
C ARG A 3227 -142.70 -59.60 -54.65
N ALA A 3228 -143.35 -60.54 -55.34
CA ALA A 3228 -144.50 -61.23 -54.79
C ALA A 3228 -144.12 -62.62 -54.30
N ILE A 3229 -143.19 -63.26 -55.01
CA ILE A 3229 -142.68 -64.56 -54.57
C ILE A 3229 -141.98 -64.41 -53.22
N LEU A 3230 -141.19 -63.35 -53.07
CA LEU A 3230 -140.60 -62.97 -51.80
C LEU A 3230 -141.46 -61.83 -51.24
N GLY A 3231 -142.22 -62.13 -50.19
CA GLY A 3231 -143.23 -61.21 -49.71
C GLY A 3231 -142.74 -59.79 -49.53
N LEU A 3232 -143.24 -58.90 -50.37
CA LEU A 3232 -142.89 -57.48 -50.26
C LEU A 3232 -144.17 -56.66 -50.31
N PRO A 3233 -144.14 -55.45 -49.72
CA PRO A 3233 -145.40 -54.69 -49.58
C PRO A 3233 -146.03 -54.31 -50.90
N ASN A 3234 -145.29 -54.33 -51.99
CA ASN A 3234 -145.67 -53.83 -53.31
C ASN A 3234 -145.51 -52.32 -53.38
N SER A 3235 -145.04 -51.68 -52.31
CA SER A 3235 -144.78 -50.25 -52.31
C SER A 3235 -143.50 -49.99 -51.52
N VAL A 3236 -142.66 -49.09 -52.04
CA VAL A 3236 -141.42 -48.75 -51.35
C VAL A 3236 -141.70 -48.10 -50.01
N GLU A 3237 -142.79 -47.33 -49.91
CA GLU A 3237 -143.12 -46.64 -48.67
C GLU A 3237 -143.34 -47.64 -47.54
N GLU A 3238 -143.98 -48.77 -47.85
CA GLU A 3238 -144.34 -49.73 -46.82
C GLU A 3238 -143.16 -50.58 -46.40
N MET A 3239 -142.01 -50.46 -47.08
CA MET A 3239 -140.87 -51.30 -46.75
C MET A 3239 -140.56 -51.23 -45.26
N CYS A 3240 -140.48 -50.03 -44.70
CA CYS A 3240 -140.67 -49.80 -43.27
C CYS A 3240 -141.17 -48.37 -43.09
N PRO A 3241 -142.48 -48.20 -42.87
CA PRO A 3241 -143.02 -46.84 -42.78
C PRO A 3241 -142.62 -46.11 -41.51
N ASP A 3242 -142.23 -46.84 -40.46
CA ASP A 3242 -141.97 -46.21 -39.17
C ASP A 3242 -140.94 -45.10 -39.30
N ILE A 3243 -139.91 -45.31 -40.11
CA ILE A 3243 -138.91 -44.25 -40.30
C ILE A 3243 -139.57 -43.06 -40.98
N PRO A 3244 -139.49 -41.85 -40.42
CA PRO A 3244 -140.13 -40.70 -41.06
C PRO A 3244 -139.35 -40.22 -42.27
N VAL A 3245 -139.99 -39.32 -43.02
CA VAL A 3245 -139.33 -38.71 -44.16
C VAL A 3245 -138.36 -37.64 -43.68
N LEU A 3246 -137.51 -37.19 -44.61
CA LEU A 3246 -136.49 -36.20 -44.28
C LEU A 3246 -137.12 -34.92 -43.76
N ASP A 3247 -138.19 -34.46 -44.40
CA ASP A 3247 -138.84 -33.23 -43.97
C ASP A 3247 -139.28 -33.31 -42.51
N ARG A 3248 -140.01 -34.37 -42.17
CA ARG A 3248 -140.53 -34.53 -40.82
C ARG A 3248 -139.38 -34.66 -39.82
N LEU A 3249 -138.37 -35.44 -40.17
CA LEU A 3249 -137.25 -35.68 -39.25
C LEU A 3249 -136.50 -34.38 -38.98
N MET A 3250 -136.24 -33.60 -40.04
CA MET A 3250 -135.49 -32.36 -39.90
C MET A 3250 -136.30 -31.39 -39.07
N ALA A 3251 -137.62 -31.37 -39.29
CA ALA A 3251 -138.50 -30.50 -38.51
C ALA A 3251 -138.47 -30.88 -37.03
N ASP A 3252 -138.49 -32.18 -36.72
CA ASP A 3252 -138.43 -32.61 -35.33
C ASP A 3252 -137.12 -32.17 -34.70
N ILE A 3253 -136.01 -32.32 -35.43
CA ILE A 3253 -134.71 -31.90 -34.90
C ILE A 3253 -134.73 -30.40 -34.60
N GLY A 3254 -135.23 -29.60 -35.54
CA GLY A 3254 -135.30 -28.16 -35.30
C GLY A 3254 -136.18 -27.80 -34.12
N GLY A 3255 -137.32 -28.50 -33.99
CA GLY A 3255 -138.20 -28.24 -32.87
C GLY A 3255 -137.56 -28.54 -31.55
N LEU A 3256 -136.86 -29.68 -31.46
CA LEU A 3256 -136.15 -30.00 -30.22
C LEU A 3256 -135.09 -28.95 -29.92
N ALA A 3257 -134.31 -28.55 -30.94
CA ALA A 3257 -133.25 -27.58 -30.71
C ALA A 3257 -133.81 -26.25 -30.21
N GLU A 3258 -134.87 -25.76 -30.83
CA GLU A 3258 -135.44 -24.49 -30.40
C GLU A 3258 -136.12 -24.63 -29.04
N SER A 3259 -136.65 -25.81 -28.72
CA SER A 3259 -137.23 -26.03 -27.41
C SER A 3259 -136.17 -26.03 -26.32
N GLY A 3260 -134.96 -26.48 -26.65
CA GLY A 3260 -133.92 -26.61 -25.66
C GLY A 3260 -133.85 -27.98 -25.02
N ALA A 3261 -134.33 -29.01 -25.71
CA ALA A 3261 -134.35 -30.34 -25.14
C ALA A 3261 -132.95 -30.80 -24.78
N ARG A 3262 -132.82 -31.41 -23.61
CA ARG A 3262 -131.55 -31.98 -23.19
C ARG A 3262 -131.35 -33.35 -23.83
N TYR A 3263 -130.18 -33.94 -23.58
CA TYR A 3263 -129.87 -35.25 -24.16
C TYR A 3263 -130.88 -36.29 -23.72
N THR A 3264 -131.40 -36.17 -22.50
CA THR A 3264 -132.31 -37.18 -21.96
C THR A 3264 -133.63 -37.21 -22.71
N GLU A 3265 -134.09 -36.05 -23.20
CA GLU A 3265 -135.36 -35.99 -23.91
C GLU A 3265 -135.24 -36.59 -25.31
N MET A 3266 -134.09 -36.43 -25.94
CA MET A 3266 -133.87 -36.81 -27.32
C MET A 3266 -132.56 -37.57 -27.46
N PRO A 3267 -132.39 -38.65 -26.67
CA PRO A 3267 -131.17 -39.46 -26.78
C PRO A 3267 -131.14 -40.31 -28.03
N HIS A 3268 -132.29 -40.85 -28.45
CA HIS A 3268 -132.34 -41.62 -29.69
C HIS A 3268 -131.78 -40.82 -30.84
N VAL A 3269 -132.21 -39.56 -30.96
CA VAL A 3269 -131.73 -38.70 -32.03
C VAL A 3269 -130.21 -38.64 -32.02
N ILE A 3270 -129.64 -38.09 -30.94
CA ILE A 3270 -128.20 -37.79 -30.91
C ILE A 3270 -127.38 -39.01 -31.26
N GLU A 3271 -127.76 -40.17 -30.74
CA GLU A 3271 -126.91 -41.36 -30.86
C GLU A 3271 -127.17 -42.16 -32.12
N ILE A 3272 -128.34 -42.04 -32.74
CA ILE A 3272 -128.71 -42.92 -33.84
C ILE A 3272 -129.08 -42.12 -35.07
N THR A 3273 -130.00 -41.17 -34.92
CA THR A 3273 -130.59 -40.50 -36.07
C THR A 3273 -129.59 -39.57 -36.75
N LEU A 3274 -129.07 -38.60 -35.99
CA LEU A 3274 -128.22 -37.57 -36.58
C LEU A 3274 -127.02 -38.16 -37.30
N PRO A 3275 -126.32 -39.15 -36.76
CA PRO A 3275 -125.23 -39.77 -37.53
C PRO A 3275 -125.70 -40.31 -38.87
N MET A 3276 -126.92 -40.86 -38.90
CA MET A 3276 -127.45 -41.39 -40.14
C MET A 3276 -127.67 -40.29 -41.16
N LEU A 3277 -128.21 -39.15 -40.74
CA LEU A 3277 -128.38 -38.01 -41.63
C LEU A 3277 -127.03 -37.48 -42.10
N CYS A 3278 -126.04 -37.42 -41.21
CA CYS A 3278 -124.73 -36.90 -41.56
C CYS A 3278 -124.10 -37.72 -42.68
N SER A 3279 -124.53 -38.98 -42.82
CA SER A 3279 -124.05 -39.84 -43.89
C SER A 3279 -125.00 -39.87 -45.09
N TYR A 3280 -126.27 -39.57 -44.86
CA TYR A 3280 -127.26 -39.58 -45.93
C TYR A 3280 -127.18 -38.32 -46.78
N LEU A 3281 -127.22 -37.15 -46.14
CA LEU A 3281 -127.37 -35.87 -46.82
C LEU A 3281 -126.26 -35.60 -47.83
N PRO A 3282 -124.99 -35.85 -47.49
CA PRO A 3282 -123.91 -35.59 -48.47
C PRO A 3282 -124.00 -36.46 -49.71
N ARG A 3283 -124.17 -37.77 -49.47
CA ARG A 3283 -124.21 -38.73 -50.56
C ARG A 3283 -125.31 -38.38 -51.55
N TRP A 3284 -126.43 -37.87 -51.07
CA TRP A 3284 -127.55 -37.51 -51.92
C TRP A 3284 -127.51 -36.07 -52.40
N TRP A 3285 -126.74 -35.21 -51.74
CA TRP A 3285 -126.44 -33.90 -52.30
C TRP A 3285 -125.59 -34.06 -53.54
N GLU A 3286 -124.71 -35.06 -53.55
CA GLU A 3286 -123.90 -35.32 -54.73
C GLU A 3286 -124.77 -35.71 -55.92
N ARG A 3287 -125.83 -36.49 -55.69
CA ARG A 3287 -126.67 -37.00 -56.77
C ARG A 3287 -127.87 -36.11 -57.05
N GLY A 3288 -128.16 -35.12 -56.21
CA GLY A 3288 -129.30 -34.27 -56.39
C GLY A 3288 -128.93 -32.96 -57.04
N PRO A 3289 -129.88 -32.03 -57.11
CA PRO A 3289 -129.56 -30.69 -57.60
C PRO A 3289 -128.61 -29.98 -56.66
N GLU A 3290 -127.89 -28.99 -57.22
CA GLU A 3290 -126.70 -28.35 -56.68
C GLU A 3290 -125.47 -29.22 -56.94
N ALA A 3291 -125.64 -30.41 -57.50
CA ALA A 3291 -124.50 -31.24 -57.84
C ALA A 3291 -123.83 -30.70 -59.11
N PRO A 3292 -122.54 -30.98 -59.31
CA PRO A 3292 -121.90 -30.61 -60.56
C PRO A 3292 -122.53 -31.35 -61.72
N PRO A 3293 -123.30 -30.67 -62.57
CA PRO A 3293 -124.01 -31.35 -63.64
C PRO A 3293 -123.18 -31.45 -64.90
N PRO A 3294 -122.84 -32.66 -65.36
CA PRO A 3294 -122.45 -32.81 -66.76
C PRO A 3294 -123.68 -32.74 -67.64
N ALA A 3295 -123.49 -32.34 -68.89
CA ALA A 3295 -124.63 -32.01 -69.75
C ALA A 3295 -125.68 -33.11 -69.79
N LEU A 3296 -125.32 -34.27 -70.35
CA LEU A 3296 -126.29 -35.37 -70.49
C LEU A 3296 -126.72 -35.95 -69.15
N PRO A 3297 -125.83 -36.28 -68.23
CA PRO A 3297 -126.29 -36.80 -66.93
C PRO A 3297 -127.28 -35.89 -66.24
N ALA A 3298 -127.06 -34.57 -66.32
CA ALA A 3298 -127.98 -33.62 -65.72
C ALA A 3298 -129.30 -33.60 -66.47
N GLY A 3299 -129.24 -33.56 -67.81
CA GLY A 3299 -130.46 -33.64 -68.60
C GLY A 3299 -130.70 -35.03 -69.14
N ALA A 3300 -131.54 -35.80 -68.45
CA ALA A 3300 -131.98 -37.11 -68.91
C ALA A 3300 -132.79 -37.78 -67.80
N PRO A 3301 -132.20 -38.27 -66.71
CA PRO A 3301 -133.01 -38.80 -65.63
C PRO A 3301 -133.26 -37.75 -64.56
N PRO A 3302 -134.47 -37.66 -64.03
CA PRO A 3302 -134.71 -36.75 -62.90
C PRO A 3302 -133.94 -37.20 -61.67
N PRO A 3303 -133.48 -36.28 -60.82
CA PRO A 3303 -132.80 -36.70 -59.60
C PRO A 3303 -133.78 -37.29 -58.60
N CYS A 3304 -133.43 -38.46 -58.07
CA CYS A 3304 -134.27 -39.12 -57.07
C CYS A 3304 -134.36 -38.28 -55.80
N THR A 3305 -133.23 -37.74 -55.34
CA THR A 3305 -133.21 -36.98 -54.11
C THR A 3305 -133.49 -35.50 -54.38
N ALA A 3306 -133.76 -34.77 -53.30
CA ALA A 3306 -133.98 -33.33 -53.35
C ALA A 3306 -133.04 -32.57 -52.42
N VAL A 3307 -131.94 -33.20 -52.01
CA VAL A 3307 -131.07 -32.60 -51.00
C VAL A 3307 -130.32 -31.41 -51.59
N THR A 3308 -130.26 -30.33 -50.82
CA THR A 3308 -129.52 -29.13 -51.17
C THR A 3308 -128.64 -28.73 -50.00
N SER A 3309 -127.86 -27.67 -50.19
CA SER A 3309 -126.97 -27.21 -49.12
C SER A 3309 -127.77 -26.64 -47.96
N ASP A 3310 -129.02 -26.21 -48.22
CA ASP A 3310 -129.84 -25.65 -47.15
C ASP A 3310 -130.15 -26.70 -46.10
N HIS A 3311 -130.46 -27.93 -46.53
CA HIS A 3311 -130.67 -29.02 -45.59
C HIS A 3311 -129.49 -29.17 -44.64
N LEU A 3312 -128.29 -29.24 -45.21
CA LEU A 3312 -127.09 -29.47 -44.41
C LEU A 3312 -126.82 -28.29 -43.47
N ASN A 3313 -127.02 -27.07 -43.96
CA ASN A 3313 -126.81 -25.89 -43.12
C ASN A 3313 -127.80 -25.88 -41.96
N SER A 3314 -129.06 -26.20 -42.22
CA SER A 3314 -130.05 -26.26 -41.16
C SER A 3314 -129.70 -27.32 -40.14
N LEU A 3315 -129.27 -28.49 -40.60
CA LEU A 3315 -128.88 -29.56 -39.68
C LEU A 3315 -127.71 -29.13 -38.82
N LEU A 3316 -126.72 -28.47 -39.42
CA LEU A 3316 -125.56 -28.02 -38.67
C LEU A 3316 -125.96 -26.99 -37.61
N GLY A 3317 -126.82 -26.04 -38.00
CA GLY A 3317 -127.28 -25.06 -37.03
C GLY A 3317 -128.03 -25.69 -35.88
N ASN A 3318 -128.90 -26.66 -36.19
CA ASN A 3318 -129.63 -27.35 -35.13
C ASN A 3318 -128.70 -28.13 -34.22
N ILE A 3319 -127.67 -28.75 -34.78
CA ILE A 3319 -126.70 -29.49 -33.99
C ILE A 3319 -125.98 -28.54 -33.03
N LEU A 3320 -125.55 -27.39 -33.55
CA LEU A 3320 -124.89 -26.41 -32.71
C LEU A 3320 -125.82 -25.93 -31.60
N ARG A 3321 -127.08 -25.72 -31.93
CA ARG A 3321 -128.06 -25.32 -30.93
C ARG A 3321 -128.21 -26.38 -29.85
N ILE A 3322 -128.22 -27.67 -30.25
CA ILE A 3322 -128.30 -28.75 -29.29
C ILE A 3322 -127.09 -28.73 -28.35
N ILE A 3323 -125.90 -28.55 -28.93
CA ILE A 3323 -124.70 -28.55 -28.10
C ILE A 3323 -124.74 -27.40 -27.10
N VAL A 3324 -125.13 -26.21 -27.54
CA VAL A 3324 -125.16 -25.08 -26.63
C VAL A 3324 -126.21 -25.30 -25.54
N ASN A 3325 -127.34 -25.92 -25.90
CA ASN A 3325 -128.34 -26.25 -24.88
C ASN A 3325 -127.80 -27.24 -23.86
N ASN A 3326 -126.99 -28.19 -24.31
CA ASN A 3326 -126.36 -29.17 -23.43
C ASN A 3326 -124.90 -28.82 -23.13
N LEU A 3327 -124.60 -27.52 -23.04
CA LEU A 3327 -123.21 -27.08 -22.99
C LEU A 3327 -122.59 -27.31 -21.60
N GLY A 3328 -123.29 -26.91 -20.55
CA GLY A 3328 -122.67 -26.90 -19.23
C GLY A 3328 -122.71 -28.24 -18.53
N ILE A 3329 -123.58 -29.15 -18.97
CA ILE A 3329 -123.81 -30.42 -18.28
C ILE A 3329 -122.50 -31.15 -18.02
N ASP A 3330 -122.44 -31.86 -16.89
CA ASP A 3330 -121.22 -32.57 -16.51
C ASP A 3330 -120.92 -33.73 -17.43
N GLU A 3331 -121.95 -34.48 -17.84
CA GLU A 3331 -121.79 -35.70 -18.62
C GLU A 3331 -122.39 -35.49 -20.00
N ALA A 3332 -121.51 -35.35 -21.00
CA ALA A 3332 -121.93 -35.18 -22.38
C ALA A 3332 -121.05 -36.03 -23.30
N THR A 3333 -120.90 -37.31 -22.94
CA THR A 3333 -120.04 -38.21 -23.69
C THR A 3333 -120.42 -38.29 -25.17
N TRP A 3334 -121.66 -37.90 -25.52
CA TRP A 3334 -122.12 -38.01 -26.90
C TRP A 3334 -121.48 -36.96 -27.81
N MET A 3335 -120.91 -35.90 -27.24
CA MET A 3335 -120.42 -34.79 -28.04
C MET A 3335 -119.30 -35.21 -28.99
N LYS A 3336 -118.37 -36.04 -28.50
CA LYS A 3336 -117.24 -36.43 -29.32
C LYS A 3336 -117.71 -37.13 -30.59
N ARG A 3337 -118.73 -37.98 -30.46
CA ARG A 3337 -119.25 -38.71 -31.61
C ARG A 3337 -120.05 -37.79 -32.51
N LEU A 3338 -120.85 -36.91 -31.90
CA LEU A 3338 -121.65 -35.99 -32.70
C LEU A 3338 -120.76 -35.12 -33.57
N ALA A 3339 -119.61 -34.71 -33.04
CA ALA A 3339 -118.68 -33.87 -33.81
C ALA A 3339 -118.12 -34.64 -35.01
N VAL A 3340 -117.67 -35.87 -34.79
CA VAL A 3340 -117.07 -36.64 -35.89
C VAL A 3340 -118.11 -36.90 -36.96
N PHE A 3341 -119.37 -37.10 -36.57
CA PHE A 3341 -120.40 -37.33 -37.57
C PHE A 3341 -120.77 -36.04 -38.28
N ALA A 3342 -120.76 -34.90 -37.57
CA ALA A 3342 -121.22 -33.65 -38.16
C ALA A 3342 -120.16 -32.99 -39.03
N GLN A 3343 -118.90 -33.38 -38.87
CA GLN A 3343 -117.83 -32.72 -39.61
C GLN A 3343 -118.09 -32.69 -41.12
N PRO A 3344 -118.45 -33.81 -41.75
CA PRO A 3344 -118.60 -33.82 -43.21
C PRO A 3344 -119.52 -32.74 -43.77
N ILE A 3345 -120.65 -32.47 -43.10
CA ILE A 3345 -121.66 -31.58 -43.66
C ILE A 3345 -121.31 -30.11 -43.47
N VAL A 3346 -120.18 -29.80 -42.84
CA VAL A 3346 -119.82 -28.41 -42.59
C VAL A 3346 -119.30 -27.72 -43.84
N SER A 3347 -118.87 -28.49 -44.85
CA SER A 3347 -118.34 -27.88 -46.07
C SER A 3347 -119.41 -27.06 -46.78
N ARG A 3348 -120.63 -27.57 -46.81
CA ARG A 3348 -121.73 -26.86 -47.48
C ARG A 3348 -122.18 -25.66 -46.66
N ALA A 3349 -121.67 -25.51 -45.44
CA ALA A 3349 -122.12 -24.46 -44.53
C ALA A 3349 -122.05 -23.08 -45.17
N ARG A 3350 -123.08 -22.26 -44.97
CA ARG A 3350 -123.14 -20.94 -45.57
C ARG A 3350 -122.44 -19.92 -44.69
N PRO A 3351 -122.07 -18.76 -45.25
CA PRO A 3351 -121.38 -17.74 -44.46
C PRO A 3351 -122.20 -17.26 -43.26
N GLU A 3352 -123.51 -17.14 -43.41
CA GLU A 3352 -124.34 -16.58 -42.35
C GLU A 3352 -124.26 -17.40 -41.07
N LEU A 3353 -123.87 -18.67 -41.17
CA LEU A 3353 -123.79 -19.52 -40.00
C LEU A 3353 -122.85 -18.92 -38.96
N LEU A 3354 -121.76 -18.27 -39.41
CA LEU A 3354 -120.85 -17.61 -38.49
C LEU A 3354 -121.61 -16.73 -37.51
N HIS A 3355 -122.23 -15.68 -38.02
CA HIS A 3355 -122.94 -14.74 -37.15
C HIS A 3355 -124.08 -15.42 -36.41
N SER A 3356 -124.82 -16.28 -37.10
CA SER A 3356 -126.02 -16.86 -36.49
C SER A 3356 -125.68 -17.70 -35.26
N HIS A 3357 -124.67 -18.56 -35.38
CA HIS A 3357 -124.42 -19.58 -34.36
C HIS A 3357 -123.03 -19.47 -33.75
N PHE A 3358 -121.98 -19.32 -34.56
CA PHE A 3358 -120.63 -19.58 -34.07
C PHE A 3358 -120.18 -18.51 -33.08
N ILE A 3359 -120.45 -17.24 -33.39
CA ILE A 3359 -119.99 -16.16 -32.51
C ILE A 3359 -120.58 -16.30 -31.11
N PRO A 3360 -121.90 -16.44 -30.93
CA PRO A 3360 -122.43 -16.60 -29.56
C PRO A 3360 -121.86 -17.79 -28.81
N THR A 3361 -121.67 -18.92 -29.50
CA THR A 3361 -121.17 -20.12 -28.82
C THR A 3361 -119.78 -19.85 -28.24
N ILE A 3362 -118.87 -19.37 -29.09
CA ILE A 3362 -117.51 -19.13 -28.65
C ILE A 3362 -117.48 -18.01 -27.62
N GLY A 3363 -118.39 -17.04 -27.73
CA GLY A 3363 -118.45 -15.98 -26.73
C GLY A 3363 -118.83 -16.50 -25.36
N ARG A 3364 -119.88 -17.33 -25.29
CA ARG A 3364 -120.27 -17.93 -24.02
C ARG A 3364 -119.14 -18.77 -23.45
N LEU A 3365 -118.49 -19.56 -24.31
CA LEU A 3365 -117.45 -20.46 -23.84
C LEU A 3365 -116.23 -19.68 -23.34
N ARG A 3366 -115.87 -18.62 -24.07
CA ARG A 3366 -114.81 -17.72 -23.65
C ARG A 3366 -115.13 -17.07 -22.31
N LYS A 3367 -116.38 -16.64 -22.12
CA LYS A 3367 -116.77 -16.03 -20.86
C LYS A 3367 -116.65 -17.01 -19.71
N ARG A 3368 -117.07 -18.25 -19.93
CA ARG A 3368 -116.92 -19.28 -18.91
C ARG A 3368 -115.46 -19.51 -18.56
N ALA A 3369 -114.60 -19.57 -19.59
CA ALA A 3369 -113.17 -19.72 -19.33
C ALA A 3369 -112.62 -18.57 -18.51
N GLY A 3370 -113.06 -17.34 -18.83
CA GLY A 3370 -112.62 -16.19 -18.06
C GLY A 3370 -113.02 -16.28 -16.60
N LYS A 3371 -114.27 -16.68 -16.34
CA LYS A 3371 -114.72 -16.84 -14.96
C LYS A 3371 -113.91 -17.90 -14.24
N VAL A 3372 -113.64 -19.02 -14.90
CA VAL A 3372 -112.93 -20.10 -14.23
C VAL A 3372 -111.50 -19.69 -13.92
N VAL A 3373 -110.84 -18.98 -14.84
CA VAL A 3373 -109.49 -18.53 -14.57
C VAL A 3373 -109.48 -17.46 -13.48
N ALA A 3374 -110.54 -16.64 -13.40
CA ALA A 3374 -110.64 -15.70 -12.28
C ALA A 3374 -110.73 -16.44 -10.95
N GLU A 3375 -111.51 -17.52 -10.91
CA GLU A 3375 -111.58 -18.33 -9.69
C GLU A 3375 -110.22 -18.94 -9.37
N GLU A 3376 -109.50 -19.38 -10.40
CA GLU A 3376 -108.15 -19.91 -10.20
C GLU A 3376 -107.23 -18.84 -9.59
N GLU A 3377 -107.29 -17.63 -10.11
CA GLU A 3377 -106.47 -16.54 -9.60
C GLU A 3377 -106.82 -16.26 -8.14
N GLN A 3378 -108.11 -16.28 -7.80
CA GLN A 3378 -108.51 -16.07 -6.42
C GLN A 3378 -108.00 -17.18 -5.51
N LEU A 3379 -108.10 -18.43 -5.96
CA LEU A 3379 -107.62 -19.55 -5.17
C LEU A 3379 -106.11 -19.51 -4.98
N ARG A 3380 -105.37 -18.95 -5.93
CA ARG A 3380 -103.94 -18.73 -5.75
C ARG A 3380 -103.66 -17.54 -4.85
N LEU A 3381 -104.49 -16.50 -4.93
CA LEU A 3381 -104.39 -15.34 -4.05
C LEU A 3381 -104.48 -15.79 -2.60
N GLU A 3382 -105.40 -16.70 -2.31
CA GLU A 3382 -105.56 -17.24 -0.96
C GLU A 3382 -105.04 -18.67 -0.95
N ALA A 3383 -103.91 -18.89 -0.27
CA ALA A 3383 -103.17 -20.15 -0.34
C ALA A 3383 -103.15 -20.81 1.04
N LYS A 3384 -104.04 -21.78 1.23
CA LYS A 3384 -104.15 -22.52 2.48
C LYS A 3384 -104.26 -24.00 2.12
N ALA A 3385 -104.50 -24.82 3.16
CA ALA A 3385 -104.98 -26.18 2.90
C ALA A 3385 -106.32 -26.13 2.17
N GLU A 3386 -107.09 -25.07 2.41
CA GLU A 3386 -108.31 -24.86 1.64
C GLU A 3386 -108.02 -24.75 0.15
N ALA A 3387 -106.84 -24.24 -0.21
CA ALA A 3387 -106.51 -24.07 -1.62
C ALA A 3387 -106.54 -25.40 -2.35
N GLU A 3388 -106.24 -26.50 -1.66
CA GLU A 3388 -106.47 -27.81 -2.24
C GLU A 3388 -107.94 -27.99 -2.59
N GLU A 3389 -108.84 -27.50 -1.72
CA GLU A 3389 -110.24 -27.43 -2.04
C GLU A 3389 -110.50 -26.26 -2.98
N GLY A 3390 -111.55 -26.40 -3.80
CA GLY A 3390 -111.81 -25.46 -4.87
C GLY A 3390 -110.96 -25.69 -6.10
N GLU A 3391 -109.74 -26.18 -5.92
CA GLU A 3391 -108.93 -26.59 -7.06
C GLU A 3391 -109.55 -27.77 -7.78
N LEU A 3392 -110.07 -28.74 -7.03
CA LEU A 3392 -110.84 -29.81 -7.64
C LEU A 3392 -112.01 -29.24 -8.45
N LEU A 3393 -112.69 -28.24 -7.89
CA LEU A 3393 -113.83 -27.64 -8.57
C LEU A 3393 -113.42 -26.99 -9.89
N VAL A 3394 -112.35 -26.20 -9.86
CA VAL A 3394 -111.92 -25.50 -11.08
C VAL A 3394 -111.41 -26.50 -12.11
N ARG A 3395 -110.77 -27.58 -11.66
CA ARG A 3395 -110.36 -28.61 -12.61
C ARG A 3395 -111.57 -29.30 -13.23
N ASP A 3396 -112.64 -29.52 -12.46
CA ASP A 3396 -113.86 -30.06 -13.04
C ASP A 3396 -114.43 -29.11 -14.09
N GLU A 3397 -114.44 -27.81 -13.78
CA GLU A 3397 -114.91 -26.82 -14.75
C GLU A 3397 -114.06 -26.85 -16.01
N PHE A 3398 -112.73 -26.92 -15.86
CA PHE A 3398 -111.86 -27.04 -17.02
C PHE A 3398 -112.15 -28.30 -17.83
N SER A 3399 -112.40 -29.43 -17.16
CA SER A 3399 -112.66 -30.66 -17.89
C SER A 3399 -113.92 -30.54 -18.73
N VAL A 3400 -115.02 -30.07 -18.13
CA VAL A 3400 -116.26 -29.93 -18.88
C VAL A 3400 -116.10 -28.89 -19.98
N LEU A 3401 -115.38 -27.80 -19.69
CA LEU A 3401 -115.16 -26.76 -20.68
C LEU A 3401 -114.39 -27.29 -21.87
N CYS A 3402 -113.28 -28.00 -21.62
CA CYS A 3402 -112.50 -28.60 -22.69
C CYS A 3402 -113.29 -29.63 -23.46
N ARG A 3403 -114.20 -30.34 -22.82
CA ARG A 3403 -115.08 -31.24 -23.55
C ARG A 3403 -115.92 -30.46 -24.55
N ASP A 3404 -116.54 -29.37 -24.09
CA ASP A 3404 -117.32 -28.53 -24.99
C ASP A 3404 -116.46 -27.99 -26.13
N LEU A 3405 -115.23 -27.56 -25.81
CA LEU A 3405 -114.34 -27.03 -26.84
C LEU A 3405 -114.00 -28.09 -27.87
N TYR A 3406 -113.61 -29.28 -27.43
CA TYR A 3406 -113.23 -30.31 -28.38
C TYR A 3406 -114.43 -30.84 -29.14
N ALA A 3407 -115.64 -30.55 -28.66
CA ALA A 3407 -116.83 -30.80 -29.45
C ALA A 3407 -117.02 -29.74 -30.54
N LEU A 3408 -116.88 -28.47 -30.17
CA LEU A 3408 -117.27 -27.39 -31.09
C LEU A 3408 -116.18 -27.06 -32.09
N TYR A 3409 -114.94 -26.90 -31.63
CA TYR A 3409 -113.84 -26.48 -32.50
C TYR A 3409 -113.71 -27.33 -33.75
N PRO A 3410 -113.71 -28.67 -33.69
CA PRO A 3410 -113.44 -29.43 -34.92
C PRO A 3410 -114.34 -29.05 -36.08
N LEU A 3411 -115.56 -28.61 -35.79
CA LEU A 3411 -116.44 -28.12 -36.85
C LEU A 3411 -115.99 -26.74 -37.32
N LEU A 3412 -115.59 -25.87 -36.40
CA LEU A 3412 -115.17 -24.52 -36.75
C LEU A 3412 -113.94 -24.55 -37.65
N ILE A 3413 -112.99 -25.45 -37.35
CA ILE A 3413 -111.78 -25.55 -38.16
C ILE A 3413 -112.14 -25.76 -39.62
N ARG A 3414 -113.09 -26.65 -39.89
CA ARG A 3414 -113.51 -26.91 -41.26
C ARG A 3414 -114.19 -25.70 -41.88
N TYR A 3415 -115.01 -25.00 -41.09
CA TYR A 3415 -115.66 -23.79 -41.58
C TYR A 3415 -114.64 -22.72 -41.93
N VAL A 3416 -113.60 -22.58 -41.10
CA VAL A 3416 -112.55 -21.61 -41.38
C VAL A 3416 -111.80 -21.98 -42.66
N ASP A 3417 -111.42 -23.26 -42.78
CA ASP A 3417 -110.67 -23.70 -43.95
C ASP A 3417 -111.44 -23.49 -45.24
N ASN A 3418 -112.76 -23.37 -45.17
CA ASN A 3418 -113.61 -23.18 -46.33
C ASN A 3418 -114.07 -21.75 -46.50
N ASN A 3419 -113.71 -20.85 -45.59
CA ASN A 3419 -114.09 -19.45 -45.67
C ASN A 3419 -112.93 -18.51 -45.37
N ARG A 3420 -111.74 -19.05 -45.10
CA ARG A 3420 -110.58 -18.20 -44.85
C ARG A 3420 -110.24 -17.35 -46.07
N ALA A 3421 -110.32 -17.94 -47.26
CA ALA A 3421 -109.97 -17.20 -48.47
C ALA A 3421 -110.86 -15.98 -48.63
N HIS A 3422 -112.17 -16.12 -48.42
CA HIS A 3422 -113.06 -14.98 -48.54
CA HIS A 3422 -113.04 -14.96 -48.56
C HIS A 3422 -112.85 -14.00 -47.40
N TRP A 3423 -112.69 -14.51 -46.17
CA TRP A 3423 -112.48 -13.62 -45.04
C TRP A 3423 -111.23 -12.78 -45.22
N LEU A 3424 -110.25 -13.30 -45.95
CA LEU A 3424 -109.01 -12.57 -46.21
C LEU A 3424 -109.12 -11.65 -47.41
N THR A 3425 -109.83 -12.07 -48.46
CA THR A 3425 -110.03 -11.22 -49.62
C THR A 3425 -110.92 -10.04 -49.27
N GLU A 3426 -112.15 -10.30 -48.85
CA GLU A 3426 -113.03 -9.27 -48.34
C GLU A 3426 -113.01 -9.36 -46.81
N PRO A 3427 -112.41 -8.39 -46.11
CA PRO A 3427 -112.29 -8.52 -44.66
C PRO A 3427 -113.65 -8.62 -43.99
N ASN A 3428 -113.72 -9.41 -42.93
CA ASN A 3428 -114.96 -9.69 -42.22
C ASN A 3428 -114.79 -9.36 -40.74
N ALA A 3429 -115.60 -8.41 -40.26
CA ALA A 3429 -115.54 -8.01 -38.86
C ALA A 3429 -115.90 -9.17 -37.94
N ASN A 3430 -116.87 -9.98 -38.34
CA ASN A 3430 -117.23 -11.15 -37.55
C ASN A 3430 -116.06 -12.13 -37.46
N ALA A 3431 -115.34 -12.31 -38.57
CA ALA A 3431 -114.14 -13.15 -38.54
C ALA A 3431 -113.10 -12.58 -37.60
N GLU A 3432 -112.92 -11.26 -37.61
CA GLU A 3432 -111.97 -10.64 -36.69
C GLU A 3432 -112.38 -10.85 -35.24
N GLU A 3433 -113.68 -10.71 -34.94
CA GLU A 3433 -114.17 -10.93 -33.58
C GLU A 3433 -113.93 -12.37 -33.16
N LEU A 3434 -114.20 -13.32 -34.06
CA LEU A 3434 -113.92 -14.72 -33.77
C LEU A 3434 -112.43 -14.95 -33.51
N PHE A 3435 -111.57 -14.26 -34.26
CA PHE A 3435 -110.14 -14.31 -33.98
C PHE A 3435 -109.84 -13.82 -32.57
N ARG A 3436 -110.47 -12.72 -32.17
CA ARG A 3436 -110.26 -12.21 -30.82
C ARG A 3436 -110.69 -13.23 -29.78
N MET A 3437 -111.82 -13.90 -30.03
CA MET A 3437 -112.32 -14.91 -29.09
C MET A 3437 -111.32 -16.04 -28.94
N VAL A 3438 -110.89 -16.61 -30.06
CA VAL A 3438 -109.96 -17.73 -30.01
C VAL A 3438 -108.64 -17.29 -29.39
N GLY A 3439 -108.23 -16.05 -29.65
CA GLY A 3439 -107.00 -15.55 -29.04
C GLY A 3439 -107.11 -15.44 -27.54
N GLU A 3440 -108.23 -14.95 -27.03
CA GLU A 3440 -108.43 -14.89 -25.59
C GLU A 3440 -108.41 -16.27 -24.98
N ILE A 3441 -109.08 -17.22 -25.64
CA ILE A 3441 -109.13 -18.60 -25.11
C ILE A 3441 -107.73 -19.20 -25.10
N PHE A 3442 -106.96 -19.00 -26.17
CA PHE A 3442 -105.60 -19.52 -26.23
C PHE A 3442 -104.72 -18.87 -25.19
N ILE A 3443 -104.92 -17.58 -24.93
CA ILE A 3443 -104.14 -16.89 -23.91
C ILE A 3443 -104.43 -17.49 -22.54
N TYR A 3444 -105.71 -17.72 -22.23
CA TYR A 3444 -106.05 -18.38 -20.99
C TYR A 3444 -105.43 -19.76 -20.91
N TRP A 3445 -105.44 -20.49 -22.02
CA TRP A 3445 -104.84 -21.82 -22.08
C TRP A 3445 -103.35 -21.76 -21.76
N SER A 3446 -102.63 -20.83 -22.38
CA SER A 3446 -101.20 -20.73 -22.14
C SER A 3446 -100.90 -20.31 -20.71
N LYS A 3447 -101.74 -19.43 -20.15
CA LYS A 3447 -101.50 -18.93 -18.81
C LYS A 3447 -101.80 -19.95 -17.73
N SER A 3448 -102.84 -20.76 -17.91
CA SER A 3448 -103.33 -21.65 -16.87
C SER A 3448 -102.64 -23.01 -16.96
N HIS A 3449 -102.08 -23.47 -15.84
CA HIS A 3449 -101.52 -24.82 -15.78
C HIS A 3449 -102.62 -25.86 -15.77
N ASN A 3450 -103.67 -25.63 -14.99
CA ASN A 3450 -104.73 -26.62 -14.82
C ASN A 3450 -105.49 -26.84 -16.11
N PHE A 3451 -105.75 -25.75 -16.85
CA PHE A 3451 -106.50 -25.85 -18.09
C PHE A 3451 -105.81 -26.79 -19.08
N LYS A 3452 -104.50 -26.61 -19.25
CA LYS A 3452 -103.74 -27.45 -20.18
C LYS A 3452 -103.78 -28.92 -19.76
N ARG A 3453 -103.54 -29.19 -18.48
CA ARG A 3453 -103.45 -30.57 -18.02
C ARG A 3453 -104.81 -31.27 -18.14
N GLU A 3454 -105.89 -30.56 -17.84
CA GLU A 3454 -107.22 -31.14 -18.01
C GLU A 3454 -107.53 -31.37 -19.48
N GLU A 3455 -107.07 -30.47 -20.36
CA GLU A 3455 -107.23 -30.72 -21.78
C GLU A 3455 -106.55 -32.02 -22.18
N GLN A 3456 -105.29 -32.19 -21.76
CA GLN A 3456 -104.54 -33.42 -22.04
C GLN A 3456 -105.27 -34.65 -21.49
N ASN A 3457 -105.76 -34.55 -20.25
CA ASN A 3457 -106.44 -35.67 -19.61
C ASN A 3457 -107.69 -36.06 -20.38
N PHE A 3458 -108.52 -35.06 -20.71
CA PHE A 3458 -109.69 -35.30 -21.55
C PHE A 3458 -109.30 -36.06 -22.81
N VAL A 3459 -108.29 -35.55 -23.51
CA VAL A 3459 -107.92 -36.13 -24.80
C VAL A 3459 -107.49 -37.57 -24.63
N VAL A 3460 -106.64 -37.83 -23.65
CA VAL A 3460 -106.06 -39.16 -23.52
C VAL A 3460 -107.11 -40.17 -23.05
N GLN A 3461 -107.94 -39.80 -22.08
CA GLN A 3461 -108.98 -40.73 -21.62
C GLN A 3461 -110.02 -40.99 -22.69
N ASN A 3462 -110.40 -39.96 -23.44
CA ASN A 3462 -111.45 -40.08 -24.45
C ASN A 3462 -110.91 -40.54 -25.80
N GLU A 3463 -109.60 -40.75 -25.93
CA GLU A 3463 -109.01 -41.29 -27.15
C GLU A 3463 -109.34 -40.42 -28.36
N ILE A 3464 -109.31 -39.10 -28.17
CA ILE A 3464 -109.54 -38.17 -29.26
C ILE A 3464 -108.31 -38.15 -30.16
N ASN A 3465 -108.53 -38.27 -31.46
CA ASN A 3465 -107.42 -38.36 -32.40
C ASN A 3465 -106.75 -37.00 -32.59
N ASN A 3466 -107.54 -36.00 -32.95
CA ASN A 3466 -107.13 -34.63 -33.25
C ASN A 3466 -106.37 -34.53 -34.56
N MET A 3467 -105.68 -35.60 -34.94
CA MET A 3467 -104.90 -35.58 -36.16
C MET A 3467 -105.88 -35.95 -37.27
N SER A 3468 -106.91 -36.72 -36.88
CA SER A 3468 -108.02 -36.97 -37.78
C SER A 3468 -108.77 -35.68 -38.11
N PHE A 3469 -109.14 -34.92 -37.07
CA PHE A 3469 -109.84 -33.66 -37.30
C PHE A 3469 -109.01 -32.74 -38.19
N LEU A 3470 -107.70 -32.67 -37.96
CA LEU A 3470 -106.89 -31.72 -38.72
C LEU A 3470 -106.64 -32.20 -40.15
N THR A 3471 -106.49 -33.50 -40.38
CA THR A 3471 -106.12 -34.03 -41.69
C THR A 3471 -107.28 -34.70 -42.40
N ALA A 3472 -108.52 -34.46 -41.96
CA ALA A 3472 -109.65 -35.24 -42.48
C ALA A 3472 -109.90 -34.96 -43.96
N ASP A 3473 -109.62 -33.74 -44.42
CA ASP A 3473 -109.90 -33.41 -45.81
C ASP A 3473 -109.24 -34.38 -46.77
N SER A 3474 -107.92 -34.57 -46.62
CA SER A 3474 -107.23 -35.58 -47.43
C SER A 3474 -107.76 -36.98 -47.13
N LYS A 3475 -108.01 -37.28 -45.87
CA LYS A 3475 -108.52 -38.60 -45.50
C LYS A 3475 -109.93 -38.81 -46.04
N SER A 3476 -110.83 -37.86 -45.76
CA SER A 3476 -112.18 -37.93 -46.32
C SER A 3476 -112.15 -38.13 -47.82
N LYS A 3477 -111.19 -37.50 -48.49
CA LYS A 3477 -111.13 -37.62 -49.94
C LYS A 3477 -110.47 -38.93 -50.36
N MET A 3478 -109.77 -39.60 -49.43
CA MET A 3478 -109.31 -40.98 -49.56
C MET A 3478 -108.32 -41.20 -50.70
N ALA A 3479 -107.98 -40.14 -51.43
CA ALA A 3479 -107.22 -40.27 -52.67
C ALA A 3479 -106.33 -41.50 -52.88
N ARG A 3498 -97.09 -43.64 -27.72
CA ARG A 3498 -96.53 -42.76 -26.71
C ARG A 3498 -97.55 -41.69 -26.35
N ARG A 3499 -97.52 -41.22 -25.11
CA ARG A 3499 -98.43 -40.15 -24.70
C ARG A 3499 -98.25 -38.91 -25.57
N GLY A 3500 -97.00 -38.66 -26.00
CA GLY A 3500 -96.77 -37.54 -26.90
C GLY A 3500 -97.43 -37.70 -28.25
N ASP A 3501 -97.43 -38.94 -28.77
CA ASP A 3501 -98.14 -39.18 -30.02
C ASP A 3501 -99.65 -39.07 -29.83
N ARG A 3502 -100.15 -39.56 -28.69
CA ARG A 3502 -101.59 -39.48 -28.43
C ARG A 3502 -102.05 -38.03 -28.31
N TYR A 3503 -101.35 -37.24 -27.50
CA TYR A 3503 -101.62 -35.82 -27.33
C TYR A 3503 -100.35 -35.06 -27.69
N SER A 3504 -100.49 -33.94 -28.37
CA SER A 3504 -99.38 -33.01 -28.53
C SER A 3504 -99.91 -31.59 -28.56
N VAL A 3505 -99.07 -30.64 -28.12
CA VAL A 3505 -99.51 -29.25 -28.07
C VAL A 3505 -99.88 -28.76 -29.47
N GLN A 3506 -99.05 -29.07 -30.47
CA GLN A 3506 -99.33 -28.63 -31.82
C GLN A 3506 -100.62 -29.26 -32.34
N THR A 3507 -100.88 -30.52 -31.96
CA THR A 3507 -102.12 -31.17 -32.36
C THR A 3507 -103.32 -30.57 -31.65
N SER A 3508 -103.10 -29.86 -30.55
CA SER A 3508 -104.21 -29.35 -29.77
C SER A 3508 -105.09 -28.42 -30.61
N LEU A 3509 -106.41 -28.61 -30.49
CA LEU A 3509 -107.34 -27.80 -31.25
C LEU A 3509 -107.26 -26.34 -30.85
N ILE A 3510 -106.98 -26.07 -29.57
CA ILE A 3510 -106.91 -24.69 -29.10
C ILE A 3510 -105.86 -23.92 -29.87
N VAL A 3511 -104.67 -24.51 -30.05
CA VAL A 3511 -103.62 -23.85 -30.79
C VAL A 3511 -103.92 -23.88 -32.29
N ALA A 3512 -104.48 -24.99 -32.78
CA ALA A 3512 -104.65 -25.14 -34.23
C ALA A 3512 -105.65 -24.13 -34.78
N THR A 3513 -106.79 -23.96 -34.10
CA THR A 3513 -107.78 -22.99 -34.56
C THR A 3513 -107.20 -21.58 -34.59
N LEU A 3514 -106.44 -21.23 -33.55
CA LEU A 3514 -105.83 -19.91 -33.50
C LEU A 3514 -104.82 -19.73 -34.62
N LYS A 3515 -103.99 -20.73 -34.88
CA LYS A 3515 -103.04 -20.62 -35.98
C LYS A 3515 -103.77 -20.43 -37.29
N LYS A 3516 -104.87 -21.16 -37.48
CA LYS A 3516 -105.61 -21.07 -38.72
C LYS A 3516 -106.23 -19.69 -38.91
N MET A 3517 -106.73 -19.08 -37.84
CA MET A 3517 -107.35 -17.77 -37.94
C MET A 3517 -106.39 -16.60 -37.74
N LEU A 3518 -105.12 -16.89 -37.44
CA LEU A 3518 -104.13 -15.82 -37.26
C LEU A 3518 -104.01 -14.95 -38.51
N PRO A 3519 -103.99 -15.51 -39.73
CA PRO A 3519 -103.95 -14.66 -40.93
C PRO A 3519 -104.98 -13.54 -40.89
N ILE A 3520 -106.15 -13.81 -40.32
CA ILE A 3520 -107.17 -12.76 -40.20
C ILE A 3520 -106.65 -11.62 -39.35
N GLY A 3521 -106.02 -11.95 -38.22
CA GLY A 3521 -105.53 -10.92 -37.32
C GLY A 3521 -104.35 -10.15 -37.89
N LEU A 3522 -103.53 -10.83 -38.68
CA LEU A 3522 -102.41 -10.14 -39.34
C LEU A 3522 -102.93 -9.26 -40.47
N ASN A 3523 -103.99 -9.69 -41.16
CA ASN A 3523 -104.62 -8.84 -42.16
C ASN A 3523 -105.23 -7.61 -41.51
N MET A 3524 -105.79 -7.78 -40.31
CA MET A 3524 -106.19 -6.60 -39.54
C MET A 3524 -105.05 -5.60 -39.45
N CYS A 3525 -103.89 -6.07 -39.02
CA CYS A 3525 -102.74 -5.19 -38.84
C CYS A 3525 -102.19 -4.75 -40.19
N ALA A 3526 -101.98 -3.44 -40.35
CA ALA A 3526 -101.27 -2.96 -41.51
C ALA A 3526 -99.78 -3.24 -41.38
N PRO A 3527 -99.06 -3.30 -42.50
CA PRO A 3527 -97.61 -3.59 -42.41
C PRO A 3527 -96.84 -2.64 -41.52
N THR A 3528 -97.21 -1.36 -41.51
CA THR A 3528 -96.45 -0.38 -40.73
C THR A 3528 -96.46 -0.72 -39.24
N ASP A 3529 -97.53 -1.39 -38.78
CA ASP A 3529 -97.72 -1.65 -37.37
C ASP A 3529 -96.79 -2.74 -36.83
N GLN A 3530 -95.94 -3.28 -37.70
CA GLN A 3530 -95.06 -4.38 -37.29
C GLN A 3530 -94.10 -3.97 -36.19
N ASP A 3531 -93.52 -2.78 -36.28
CA ASP A 3531 -92.63 -2.29 -35.22
C ASP A 3531 -93.34 -2.20 -33.89
N LEU A 3532 -94.55 -1.62 -33.88
CA LEU A 3532 -95.34 -1.54 -32.68
C LEU A 3532 -95.65 -2.93 -32.14
N ILE A 3533 -95.90 -3.88 -33.05
CA ILE A 3533 -96.14 -5.26 -32.63
C ILE A 3533 -94.94 -5.82 -31.91
N MET A 3534 -93.75 -5.59 -32.47
CA MET A 3534 -92.53 -6.10 -31.84
C MET A 3534 -92.35 -5.50 -30.45
N LEU A 3535 -92.56 -4.20 -30.32
CA LEU A 3535 -92.45 -3.56 -29.01
C LEU A 3535 -93.46 -4.15 -28.03
N ALA A 3536 -94.70 -4.35 -28.47
CA ALA A 3536 -95.71 -4.91 -27.59
C ALA A 3536 -95.36 -6.34 -27.18
N LYS A 3537 -94.74 -7.10 -28.08
CA LYS A 3537 -94.25 -8.42 -27.71
C LYS A 3537 -93.20 -8.33 -26.62
N THR A 3538 -92.27 -7.37 -26.76
CA THR A 3538 -91.27 -7.20 -25.71
C THR A 3538 -91.93 -6.85 -24.38
N ARG A 3539 -92.93 -5.96 -24.42
CA ARG A 3539 -93.61 -5.58 -23.17
C ARG A 3539 -94.33 -6.76 -22.55
N TYR A 3540 -95.01 -7.58 -23.37
CA TYR A 3540 -95.67 -8.76 -22.83
C TYR A 3540 -94.66 -9.74 -22.25
N ALA A 3541 -93.46 -9.82 -22.84
CA ALA A 3541 -92.40 -10.61 -22.23
C ALA A 3541 -91.95 -9.98 -20.91
N LEU A 3542 -92.10 -8.67 -20.78
CA LEU A 3542 -91.90 -8.02 -19.48
C LEU A 3542 -93.11 -8.24 -18.58
N LYS A 3543 -94.16 -8.86 -19.10
CA LYS A 3543 -95.35 -9.24 -18.34
C LYS A 3543 -96.20 -8.02 -17.99
N ASP A 3544 -96.19 -7.01 -18.86
CA ASP A 3544 -97.09 -5.89 -18.71
C ASP A 3544 -98.52 -6.30 -19.06
N THR A 3545 -99.48 -5.51 -18.58
CA THR A 3545 -100.88 -5.81 -18.80
C THR A 3545 -101.35 -5.26 -20.14
N ASP A 3546 -102.59 -5.61 -20.49
CA ASP A 3546 -103.17 -5.14 -21.73
C ASP A 3546 -103.26 -3.61 -21.76
N GLU A 3547 -103.78 -3.01 -20.70
CA GLU A 3547 -103.86 -1.55 -20.65
C GLU A 3547 -102.47 -0.93 -20.65
N GLU A 3548 -101.50 -1.59 -20.01
CA GLU A 3548 -100.14 -1.08 -19.99
C GLU A 3548 -99.57 -1.03 -21.40
N VAL A 3549 -99.71 -2.11 -22.16
CA VAL A 3549 -99.20 -2.12 -23.53
C VAL A 3549 -99.97 -1.12 -24.38
N ARG A 3550 -101.27 -0.96 -24.12
CA ARG A 3550 -102.06 0.01 -24.88
C ARG A 3550 -101.53 1.42 -24.67
N GLU A 3551 -101.31 1.83 -23.42
CA GLU A 3551 -100.80 3.17 -23.18
C GLU A 3551 -99.37 3.32 -23.68
N PHE A 3552 -98.57 2.25 -23.58
CA PHE A 3552 -97.20 2.30 -24.08
C PHE A 3552 -97.20 2.57 -25.58
N LEU A 3553 -98.01 1.83 -26.34
CA LEU A 3553 -98.11 2.08 -27.78
C LEU A 3553 -98.78 3.41 -28.08
N GLN A 3554 -99.68 3.89 -27.22
CA GLN A 3554 -100.25 5.21 -27.40
C GLN A 3554 -99.19 6.30 -27.33
N ASN A 3555 -98.26 6.17 -26.37
CA ASN A 3555 -97.18 7.14 -26.23
C ASN A 3555 -96.08 6.96 -27.26
N ASN A 3556 -95.89 5.74 -27.79
CA ASN A 3556 -94.91 5.47 -28.83
C ASN A 3556 -95.55 5.35 -30.21
N LEU A 3557 -96.74 5.93 -30.39
CA LEU A 3557 -97.46 5.79 -31.65
C LEU A 3557 -96.71 6.44 -32.81
N HIS A 3558 -96.06 7.58 -32.56
CA HIS A 3558 -95.32 8.25 -33.62
C HIS A 3558 -94.34 7.30 -34.30
N LEU A 3559 -93.87 6.29 -33.56
CA LEU A 3559 -92.84 5.39 -34.04
C LEU A 3559 -93.32 4.45 -35.14
N GLN A 3560 -94.57 4.56 -35.56
CA GLN A 3560 -95.11 3.69 -36.60
C GLN A 3560 -94.13 3.57 -37.76
N GLY A 3561 -94.11 2.39 -38.38
CA GLY A 3561 -93.17 2.15 -39.46
C GLY A 3561 -93.46 3.04 -40.65
N LYS A 3562 -92.41 3.34 -41.42
CA LYS A 3562 -92.49 4.23 -42.56
C LYS A 3562 -92.10 3.47 -43.83
N VAL A 3563 -92.93 3.59 -44.86
CA VAL A 3563 -92.67 2.92 -46.13
C VAL A 3563 -91.48 3.55 -46.83
N GLU A 3564 -91.29 4.85 -46.67
CA GLU A 3564 -90.28 5.58 -47.42
C GLU A 3564 -88.90 4.97 -47.22
N GLY A 3565 -88.70 4.31 -46.07
CA GLY A 3565 -87.42 3.72 -45.77
C GLY A 3565 -87.15 2.40 -46.49
N SER A 3566 -88.20 1.59 -46.67
CA SER A 3566 -88.04 0.27 -47.26
C SER A 3566 -89.00 0.07 -48.43
N PRO A 3567 -88.59 -0.65 -49.47
CA PRO A 3567 -89.51 -0.87 -50.59
C PRO A 3567 -90.55 -1.94 -50.33
N SER A 3568 -90.23 -2.94 -49.50
CA SER A 3568 -91.19 -3.99 -49.19
C SER A 3568 -92.50 -3.41 -48.68
N LEU A 3569 -92.40 -2.49 -47.73
CA LEU A 3569 -93.60 -1.85 -47.20
C LEU A 3569 -94.40 -1.17 -48.30
N ARG A 3570 -93.74 -0.73 -49.37
CA ARG A 3570 -94.47 -0.03 -50.44
C ARG A 3570 -95.50 -0.95 -51.06
N TRP A 3571 -95.08 -2.14 -51.51
CA TRP A 3571 -96.01 -3.06 -52.15
C TRP A 3571 -96.96 -3.69 -51.12
N GLN A 3572 -96.49 -3.93 -49.91
CA GLN A 3572 -97.39 -4.41 -48.87
C GLN A 3572 -98.53 -3.42 -48.64
N MET A 3573 -98.20 -2.13 -48.56
CA MET A 3573 -99.21 -1.12 -48.30
C MET A 3573 -100.09 -0.92 -49.53
N ALA A 3574 -99.53 -1.11 -50.72
CA ALA A 3574 -100.34 -1.10 -51.93
C ALA A 3574 -101.40 -2.18 -51.88
N LEU A 3575 -101.03 -3.38 -51.42
CA LEU A 3575 -102.02 -4.44 -51.25
C LEU A 3575 -103.05 -4.05 -50.19
N TYR A 3576 -102.59 -3.45 -49.09
CA TYR A 3576 -103.51 -2.98 -48.07
C TYR A 3576 -104.56 -2.05 -48.68
N ARG A 3577 -104.13 -1.13 -49.55
CA ARG A 3577 -105.09 -0.34 -50.33
C ARG A 3577 -106.00 -1.26 -51.14
N GLY A 3578 -105.40 -2.22 -51.85
CA GLY A 3578 -106.17 -3.05 -52.75
C GLY A 3578 -107.33 -3.75 -52.06
N LEU A 3579 -107.18 -4.02 -50.77
CA LEU A 3579 -108.27 -4.61 -50.00
C LEU A 3579 -109.48 -3.68 -50.05
N PRO A 3580 -110.66 -4.16 -50.46
CA PRO A 3580 -111.81 -3.26 -50.55
C PRO A 3580 -112.21 -2.62 -49.23
N GLY A 3581 -112.30 -3.41 -48.17
CA GLY A 3581 -112.78 -2.88 -46.91
C GLY A 3581 -111.89 -1.80 -46.33
N ARG A 3582 -110.58 -1.89 -46.57
CA ARG A 3582 -109.65 -0.95 -45.96
C ARG A 3582 -109.83 0.45 -46.53
N GLU A 3583 -109.82 1.44 -45.62
CA GLU A 3583 -109.69 2.84 -45.96
C GLU A 3583 -108.68 3.49 -45.04
N GLU A 3584 -107.77 4.28 -45.63
CA GLU A 3584 -106.79 5.01 -44.82
C GLU A 3584 -107.45 5.88 -43.75
N ASP A 3585 -108.54 6.58 -44.09
CA ASP A 3585 -109.17 7.46 -43.12
C ASP A 3585 -109.82 6.67 -41.97
N ALA A 3586 -110.10 5.39 -42.19
CA ALA A 3586 -110.66 4.58 -41.12
C ALA A 3586 -109.66 4.34 -39.98
N ASP A 3587 -108.37 4.23 -40.29
CA ASP A 3587 -107.39 3.93 -39.26
C ASP A 3587 -107.35 5.03 -38.21
N ASP A 3588 -107.36 4.62 -36.95
CA ASP A 3588 -107.33 5.54 -35.83
C ASP A 3588 -106.41 5.00 -34.75
N PRO A 3589 -105.85 5.88 -33.91
CA PRO A 3589 -104.87 5.42 -32.91
C PRO A 3589 -105.38 4.35 -31.99
N GLU A 3590 -106.63 4.47 -31.52
CA GLU A 3590 -107.18 3.46 -30.63
C GLU A 3590 -107.30 2.12 -31.34
N LYS A 3591 -107.74 2.14 -32.60
CA LYS A 3591 -107.82 0.90 -33.36
C LYS A 3591 -106.45 0.26 -33.50
N ILE A 3592 -105.44 1.07 -33.81
CA ILE A 3592 -104.10 0.53 -34.03
C ILE A 3592 -103.56 -0.07 -32.74
N VAL A 3593 -103.73 0.62 -31.60
CA VAL A 3593 -103.18 0.12 -30.35
C VAL A 3593 -103.91 -1.16 -29.93
N ARG A 3594 -105.24 -1.19 -30.04
CA ARG A 3594 -105.99 -2.40 -29.70
C ARG A 3594 -105.55 -3.56 -30.58
N ARG A 3595 -105.45 -3.32 -31.88
CA ARG A 3595 -105.12 -4.34 -32.85
C ARG A 3595 -103.74 -4.93 -32.59
N VAL A 3596 -102.75 -4.03 -32.36
CA VAL A 3596 -101.41 -4.46 -32.04
C VAL A 3596 -101.40 -5.23 -30.73
N GLN A 3597 -102.15 -4.76 -29.73
CA GLN A 3597 -102.25 -5.48 -28.47
C GLN A 3597 -102.69 -6.92 -28.68
N GLU A 3598 -103.80 -7.11 -29.39
CA GLU A 3598 -104.33 -8.45 -29.58
C GLU A 3598 -103.33 -9.33 -30.31
N VAL A 3599 -102.85 -8.86 -31.47
CA VAL A 3599 -101.99 -9.70 -32.29
C VAL A 3599 -100.67 -10.00 -31.57
N SER A 3600 -100.12 -9.01 -30.86
CA SER A 3600 -98.86 -9.20 -30.16
C SER A 3600 -99.00 -10.21 -29.04
N ALA A 3601 -100.08 -10.11 -28.26
CA ALA A 3601 -100.30 -11.08 -27.19
C ALA A 3601 -100.39 -12.48 -27.77
N VAL A 3602 -101.18 -12.64 -28.83
CA VAL A 3602 -101.35 -13.96 -29.42
C VAL A 3602 -100.01 -14.51 -29.90
N LEU A 3603 -99.24 -13.69 -30.62
CA LEU A 3603 -97.99 -14.17 -31.19
C LEU A 3603 -96.98 -14.51 -30.11
N TYR A 3604 -96.90 -13.70 -29.04
CA TYR A 3604 -95.95 -13.97 -27.97
C TYR A 3604 -96.28 -15.27 -27.25
N HIS A 3605 -97.54 -15.45 -26.87
CA HIS A 3605 -97.92 -16.68 -26.20
C HIS A 3605 -97.74 -17.88 -27.13
N LEU A 3606 -97.97 -17.68 -28.43
CA LEU A 3606 -97.73 -18.75 -29.39
C LEU A 3606 -96.25 -19.08 -29.51
N GLU A 3607 -95.38 -18.09 -29.42
CA GLU A 3607 -93.95 -18.36 -29.41
C GLU A 3607 -93.59 -19.22 -28.21
N GLN A 3608 -94.10 -18.84 -27.04
CA GLN A 3608 -93.86 -19.65 -25.85
C GLN A 3608 -94.32 -21.09 -26.07
N THR A 3609 -95.52 -21.26 -26.64
CA THR A 3609 -96.02 -22.59 -26.89
C THR A 3609 -95.15 -23.36 -27.89
N GLU A 3610 -94.68 -22.68 -28.94
CA GLU A 3610 -93.88 -23.35 -29.96
C GLU A 3610 -92.57 -23.85 -29.39
N HIS A 3611 -91.87 -23.02 -28.64
CA HIS A 3611 -90.55 -23.36 -28.11
C HIS A 3611 -90.58 -23.15 -26.59
N PRO A 3612 -91.29 -24.01 -25.87
CA PRO A 3612 -91.36 -23.83 -24.41
C PRO A 3612 -90.07 -24.14 -23.69
N TYR A 3613 -89.27 -25.07 -24.22
CA TYR A 3613 -88.11 -25.61 -23.51
C TYR A 3613 -88.57 -26.38 -22.28
N LYS A 3614 -89.86 -26.70 -22.22
CA LYS A 3614 -90.39 -27.47 -21.11
C LYS A 3614 -89.72 -28.84 -21.00
N SER A 3615 -89.15 -29.34 -22.08
CA SER A 3615 -88.50 -30.64 -22.04
C SER A 3615 -87.51 -30.73 -20.88
N LYS A 3616 -87.20 -31.96 -20.48
CA LYS A 3616 -86.27 -32.32 -19.40
C LYS A 3616 -86.64 -31.65 -18.09
N LYS A 3617 -87.81 -31.02 -17.98
CA LYS A 3617 -88.22 -30.42 -16.71
C LYS A 3617 -88.35 -31.50 -15.64
N ALA A 3618 -88.78 -32.69 -16.03
CA ALA A 3618 -88.81 -33.87 -15.17
C ALA A 3618 -88.19 -35.00 -15.99
N VAL A 3619 -86.86 -35.12 -15.91
CA VAL A 3619 -86.14 -36.05 -16.77
C VAL A 3619 -86.64 -37.46 -16.54
N TRP A 3620 -86.85 -38.19 -17.65
CA TRP A 3620 -87.35 -39.56 -17.61
C TRP A 3620 -86.41 -40.48 -18.40
N HIS A 3621 -85.27 -39.94 -18.82
CA HIS A 3621 -84.20 -40.78 -19.32
C HIS A 3621 -83.81 -41.82 -18.29
N LYS A 3622 -83.79 -41.42 -17.02
CA LYS A 3622 -83.59 -42.32 -15.89
C LYS A 3622 -82.26 -43.07 -15.99
N LEU A 3623 -81.28 -42.42 -16.64
CA LEU A 3623 -79.94 -42.96 -16.80
C LEU A 3623 -79.30 -43.25 -15.45
N LEU A 3624 -79.43 -42.33 -14.51
CA LEU A 3624 -78.90 -42.55 -13.17
C LEU A 3624 -79.50 -43.79 -12.53
N SER A 3625 -80.82 -44.02 -12.73
CA SER A 3625 -81.54 -45.16 -12.20
C SER A 3625 -81.21 -46.45 -12.93
N LYS A 3626 -80.85 -46.37 -14.22
CA LYS A 3626 -80.33 -47.54 -14.91
C LYS A 3626 -78.97 -47.93 -14.35
N GLN A 3627 -78.16 -46.94 -13.98
CA GLN A 3627 -76.89 -47.15 -13.29
C GLN A 3627 -77.07 -47.81 -11.94
N ARG A 3628 -77.87 -47.19 -11.06
CA ARG A 3628 -78.13 -47.69 -9.71
C ARG A 3628 -79.36 -48.58 -9.63
N ARG A 3629 -79.71 -49.26 -10.73
CA ARG A 3629 -80.93 -50.06 -10.78
C ARG A 3629 -81.01 -51.06 -9.62
N ARG A 3630 -79.89 -51.68 -9.26
CA ARG A 3630 -79.91 -52.56 -8.10
C ARG A 3630 -80.12 -51.79 -6.81
N ALA A 3631 -79.67 -50.53 -6.75
CA ALA A 3631 -79.74 -49.77 -5.52
C ALA A 3631 -81.13 -49.20 -5.27
N VAL A 3632 -81.82 -48.79 -6.34
CA VAL A 3632 -83.17 -48.29 -6.15
C VAL A 3632 -84.05 -49.39 -5.56
N VAL A 3633 -83.95 -50.61 -6.09
CA VAL A 3633 -84.67 -51.73 -5.49
C VAL A 3633 -84.13 -52.01 -4.10
N ALA A 3634 -82.80 -52.04 -3.96
CA ALA A 3634 -82.19 -52.51 -2.73
C ALA A 3634 -82.56 -51.64 -1.55
N CYS A 3635 -82.70 -50.33 -1.76
CA CYS A 3635 -83.04 -49.47 -0.65
C CYS A 3635 -84.41 -49.82 -0.07
N PHE A 3636 -85.37 -50.13 -0.94
CA PHE A 3636 -86.67 -50.60 -0.48
C PHE A 3636 -86.55 -51.98 0.15
N ARG A 3637 -85.72 -52.85 -0.44
CA ARG A 3637 -85.62 -54.22 0.03
C ARG A 3637 -84.89 -54.30 1.37
N MET A 3638 -84.20 -53.23 1.75
CA MET A 3638 -83.43 -53.25 2.99
C MET A 3638 -84.28 -53.76 4.14
N THR A 3639 -83.88 -54.88 4.69
CA THR A 3639 -84.74 -55.54 5.63
C THR A 3639 -84.92 -54.71 6.89
N PRO A 3640 -86.14 -54.62 7.42
CA PRO A 3640 -86.33 -53.95 8.71
C PRO A 3640 -85.68 -54.75 9.83
N LEU A 3641 -85.46 -54.06 10.95
CA LEU A 3641 -84.73 -54.67 12.06
C LEU A 3641 -85.45 -55.90 12.60
N TYR A 3642 -86.79 -55.85 12.70
CA TYR A 3642 -87.50 -56.94 13.36
C TYR A 3642 -87.35 -58.26 12.61
N ASN A 3643 -86.97 -58.20 11.34
CA ASN A 3643 -86.85 -59.42 10.53
C ASN A 3643 -85.49 -60.09 10.65
N LEU A 3644 -84.52 -59.43 11.27
CA LEU A 3644 -83.20 -60.01 11.40
C LEU A 3644 -83.16 -61.06 12.51
N PRO A 3645 -82.24 -62.01 12.44
CA PRO A 3645 -81.98 -62.87 13.61
C PRO A 3645 -81.44 -62.04 14.76
N THR A 3646 -81.72 -62.50 15.98
CA THR A 3646 -81.40 -61.71 17.16
C THR A 3646 -79.90 -61.47 17.28
N HIS A 3647 -79.07 -62.42 16.85
CA HIS A 3647 -77.64 -62.31 17.09
C HIS A 3647 -77.00 -61.24 16.21
N ARG A 3648 -77.37 -61.17 14.93
CA ARG A 3648 -76.85 -60.10 14.09
C ARG A 3648 -77.27 -58.74 14.62
N ALA A 3649 -78.54 -58.60 14.99
CA ALA A 3649 -79.03 -57.34 15.53
C ALA A 3649 -78.30 -56.99 16.82
N CYS A 3650 -77.98 -57.99 17.63
CA CYS A 3650 -77.27 -57.75 18.88
C CYS A 3650 -75.86 -57.24 18.61
N ASN A 3651 -75.17 -57.82 17.62
CA ASN A 3651 -73.84 -57.33 17.27
C ASN A 3651 -73.90 -55.89 16.75
N MET A 3652 -74.89 -55.60 15.91
CA MET A 3652 -75.10 -54.23 15.46
C MET A 3652 -75.32 -53.30 16.64
N PHE A 3653 -76.15 -53.73 17.59
CA PHE A 3653 -76.40 -52.94 18.79
C PHE A 3653 -75.12 -52.72 19.57
N LEU A 3654 -74.28 -53.74 19.68
CA LEU A 3654 -73.03 -53.60 20.40
C LEU A 3654 -72.15 -52.54 19.76
N GLU A 3655 -72.01 -52.59 18.44
CA GLU A 3655 -71.17 -51.59 17.77
C GLU A 3655 -71.75 -50.18 17.96
N SER A 3656 -73.07 -50.04 17.78
CA SER A 3656 -73.69 -48.72 17.90
C SER A 3656 -73.57 -48.18 19.31
N TYR A 3657 -73.78 -49.04 20.31
CA TYR A 3657 -73.68 -48.61 21.71
C TYR A 3657 -72.25 -48.23 22.06
N LYS A 3658 -71.28 -49.04 21.61
CA LYS A 3658 -69.88 -48.67 21.72
C LYS A 3658 -69.65 -47.24 21.21
N ALA A 3659 -70.06 -46.98 19.97
CA ALA A 3659 -69.74 -45.70 19.37
C ALA A 3659 -70.45 -44.56 20.08
N ALA A 3660 -71.74 -44.72 20.38
CA ALA A 3660 -72.55 -43.59 20.83
C ALA A 3660 -72.37 -43.31 22.33
N TRP A 3661 -72.23 -44.37 23.14
CA TRP A 3661 -72.29 -44.23 24.59
C TRP A 3661 -70.93 -44.44 25.25
N ILE A 3662 -70.30 -45.59 25.03
CA ILE A 3662 -69.07 -45.90 25.74
C ILE A 3662 -67.95 -44.97 25.29
N LEU A 3663 -67.78 -44.81 23.99
CA LEU A 3663 -66.71 -43.97 23.49
C LEU A 3663 -66.92 -42.50 23.86
N THR A 3664 -68.16 -42.02 23.71
CA THR A 3664 -68.44 -40.62 23.99
C THR A 3664 -68.24 -40.28 25.46
N GLU A 3665 -68.31 -41.28 26.34
CA GLU A 3665 -68.25 -41.02 27.77
C GLU A 3665 -66.89 -40.48 28.15
N ASP A 3666 -66.89 -39.42 28.96
CA ASP A 3666 -65.67 -38.73 29.38
C ASP A 3666 -65.45 -38.98 30.86
N HIS A 3667 -64.41 -39.73 31.18
CA HIS A 3667 -63.96 -39.96 32.55
C HIS A 3667 -62.49 -39.62 32.64
N SER A 3668 -62.12 -38.79 33.60
CA SER A 3668 -60.75 -38.33 33.77
C SER A 3668 -60.16 -38.99 35.01
N PHE A 3669 -59.17 -39.85 34.80
CA PHE A 3669 -58.44 -40.52 35.87
C PHE A 3669 -56.96 -40.18 35.85
N GLU A 3670 -56.51 -39.43 34.84
CA GLU A 3670 -55.07 -39.22 34.64
C GLU A 3670 -54.46 -38.48 35.82
N ASP A 3671 -55.05 -37.35 36.20
CA ASP A 3671 -54.48 -36.54 37.29
C ASP A 3671 -54.53 -37.29 38.61
N ARG A 3672 -55.64 -37.99 38.88
CA ARG A 3672 -55.74 -38.76 40.11
C ARG A 3672 -54.68 -39.85 40.16
N MET A 3673 -54.50 -40.56 39.05
CA MET A 3673 -53.43 -41.56 38.96
C MET A 3673 -52.07 -40.93 39.25
N ILE A 3674 -51.80 -39.80 38.60
CA ILE A 3674 -50.47 -39.19 38.71
C ILE A 3674 -50.22 -38.75 40.15
N ASP A 3675 -51.22 -38.18 40.80
CA ASP A 3675 -51.07 -37.78 42.19
C ASP A 3675 -50.84 -39.00 43.09
N ASP A 3676 -51.69 -40.03 42.95
CA ASP A 3676 -51.56 -41.21 43.79
C ASP A 3676 -50.21 -41.88 43.62
N LEU A 3677 -49.63 -41.79 42.42
CA LEU A 3677 -48.32 -42.38 42.18
C LEU A 3677 -47.18 -41.47 42.60
N SER A 3678 -47.41 -40.16 42.62
CA SER A 3678 -46.40 -39.22 43.08
C SER A 3678 -46.23 -39.30 44.59
N LYS A 3679 -47.34 -39.47 45.31
CA LYS A 3679 -47.26 -39.47 46.77
C LYS A 3679 -46.40 -40.63 47.27
N ALA A 3680 -45.57 -40.35 48.26
CA ALA A 3680 -44.73 -41.33 48.91
C ALA A 3680 -45.15 -41.44 50.37
N GLY A 3681 -45.16 -42.67 50.89
CA GLY A 3681 -45.72 -42.94 52.20
C GLY A 3681 -44.69 -43.51 53.15
N GLU A 3682 -44.99 -43.39 54.45
CA GLU A 3682 -44.25 -44.00 55.55
C GLU A 3682 -42.78 -43.57 55.59
N GLN A 3683 -42.37 -42.66 54.69
CA GLN A 3683 -41.02 -42.12 54.79
C GLN A 3683 -40.89 -41.21 56.01
N GLU A 3684 -41.99 -40.60 56.45
CA GLU A 3684 -41.96 -39.81 57.68
C GLU A 3684 -41.64 -40.67 58.89
N GLU A 3685 -42.19 -41.89 58.95
CA GLU A 3685 -41.87 -42.77 60.06
C GLU A 3685 -40.49 -43.41 59.90
N GLU A 3686 -40.09 -43.67 58.65
CA GLU A 3686 -38.74 -44.18 58.43
C GLU A 3686 -37.70 -43.17 58.89
N GLU A 3687 -37.66 -41.99 58.27
CA GLU A 3687 -36.80 -40.88 58.66
C GLU A 3687 -35.35 -41.11 58.25
N GLU A 3688 -35.03 -42.32 57.79
CA GLU A 3688 -33.74 -42.54 57.12
C GLU A 3688 -33.95 -42.77 55.64
N GLU A 3689 -35.16 -43.19 55.24
CA GLU A 3689 -35.38 -43.49 53.84
C GLU A 3689 -35.33 -42.22 53.02
N VAL A 3690 -35.66 -41.08 53.64
CA VAL A 3690 -35.37 -39.80 53.00
C VAL A 3690 -33.92 -39.76 52.56
N GLU A 3691 -32.99 -39.83 53.51
CA GLU A 3691 -31.58 -39.77 53.16
C GLU A 3691 -31.21 -40.87 52.17
N GLU A 3692 -31.99 -41.96 52.14
CA GLU A 3692 -31.74 -43.02 51.18
C GLU A 3692 -32.16 -42.63 49.76
N LYS A 3693 -33.21 -41.82 49.62
CA LYS A 3693 -33.76 -41.44 48.32
C LYS A 3693 -34.28 -42.65 47.54
N LYS A 3694 -35.28 -43.32 48.10
CA LYS A 3694 -35.96 -44.37 47.35
C LYS A 3694 -36.87 -43.75 46.30
N PRO A 3695 -36.83 -44.24 45.05
CA PRO A 3695 -37.78 -43.73 44.05
C PRO A 3695 -39.23 -44.01 44.43
N ASP A 3696 -40.07 -43.01 44.20
CA ASP A 3696 -41.51 -43.19 44.34
C ASP A 3696 -42.05 -43.94 43.11
N PRO A 3697 -43.28 -44.42 43.18
CA PRO A 3697 -43.80 -45.28 42.09
C PRO A 3697 -43.69 -44.67 40.71
N LEU A 3698 -43.99 -43.38 40.57
CA LEU A 3698 -43.90 -42.73 39.27
C LEU A 3698 -42.46 -42.71 38.77
N HIS A 3699 -41.51 -42.41 39.65
CA HIS A 3699 -40.11 -42.45 39.28
C HIS A 3699 -39.71 -43.85 38.85
N GLN A 3700 -40.21 -44.87 39.54
CA GLN A 3700 -39.89 -46.25 39.18
C GLN A 3700 -40.45 -46.59 37.80
N LEU A 3701 -41.67 -46.14 37.50
CA LEU A 3701 -42.25 -46.41 36.19
C LEU A 3701 -41.43 -45.74 35.08
N VAL A 3702 -41.04 -44.49 35.30
CA VAL A 3702 -40.20 -43.80 34.32
C VAL A 3702 -38.88 -44.54 34.15
N LEU A 3703 -38.31 -45.03 35.26
CA LEU A 3703 -37.07 -45.79 35.18
C LEU A 3703 -37.25 -47.08 34.40
N HIS A 3704 -38.38 -47.75 34.60
CA HIS A 3704 -38.66 -48.98 33.86
C HIS A 3704 -38.69 -48.71 32.36
N PHE A 3705 -39.38 -47.65 31.96
CA PHE A 3705 -39.48 -47.36 30.52
C PHE A 3705 -38.14 -46.88 29.97
N SER A 3706 -37.36 -46.16 30.77
CA SER A 3706 -36.02 -45.78 30.34
C SER A 3706 -35.13 -47.01 30.18
N ARG A 3707 -35.28 -47.98 31.09
CA ARG A 3707 -34.60 -49.27 30.94
C ARG A 3707 -34.94 -49.91 29.61
N THR A 3708 -36.24 -49.98 29.31
CA THR A 3708 -36.67 -50.58 28.04
C THR A 3708 -36.05 -49.84 26.87
N ALA A 3709 -36.01 -48.51 26.93
CA ALA A 3709 -35.40 -47.73 25.86
C ALA A 3709 -33.92 -48.05 25.72
N LEU A 3710 -33.19 -48.05 26.84
CA LEU A 3710 -31.74 -48.21 26.80
C LEU A 3710 -31.31 -49.64 26.47
N THR A 3711 -32.22 -50.60 26.59
CA THR A 3711 -31.89 -51.97 26.24
C THR A 3711 -31.42 -52.05 24.80
N GLU A 3712 -30.31 -52.74 24.57
CA GLU A 3712 -29.72 -52.85 23.25
C GLU A 3712 -30.47 -53.89 22.44
N LYS A 3713 -31.09 -53.45 21.34
CA LYS A 3713 -31.72 -54.38 20.41
C LYS A 3713 -32.01 -53.65 19.11
N SER A 3714 -32.36 -54.43 18.09
CA SER A 3714 -32.47 -53.89 16.74
C SER A 3714 -33.64 -52.92 16.62
N LYS A 3715 -34.78 -53.24 17.22
CA LYS A 3715 -36.01 -52.50 17.01
C LYS A 3715 -36.65 -52.14 18.33
N LEU A 3716 -37.41 -51.05 18.31
CA LEU A 3716 -38.24 -50.65 19.45
C LEU A 3716 -39.58 -51.36 19.36
N ASP A 3717 -39.81 -52.33 20.24
CA ASP A 3717 -41.06 -53.07 20.22
C ASP A 3717 -42.21 -52.18 20.68
N GLU A 3718 -43.37 -52.39 20.07
CA GLU A 3718 -44.56 -51.61 20.41
C GLU A 3718 -45.04 -52.01 21.81
N ASP A 3719 -45.32 -51.00 22.66
CA ASP A 3719 -45.71 -51.24 24.04
C ASP A 3719 -46.93 -50.39 24.36
N TYR A 3720 -48.10 -51.04 24.37
CA TYR A 3720 -49.34 -50.34 24.68
C TYR A 3720 -49.32 -49.76 26.09
N LEU A 3721 -48.67 -50.46 27.03
CA LEU A 3721 -48.53 -49.93 28.38
C LEU A 3721 -47.77 -48.61 28.36
N TYR A 3722 -46.64 -48.58 27.65
CA TYR A 3722 -45.85 -47.36 27.55
C TYR A 3722 -46.68 -46.23 26.95
N MET A 3723 -47.39 -46.51 25.86
CA MET A 3723 -48.13 -45.44 25.20
C MET A 3723 -49.29 -44.95 26.08
N ALA A 3724 -49.97 -45.86 26.77
CA ALA A 3724 -51.05 -45.47 27.66
C ALA A 3724 -50.53 -44.56 28.78
N TYR A 3725 -49.42 -44.96 29.40
CA TYR A 3725 -48.89 -44.15 30.50
C TYR A 3725 -48.35 -42.83 29.99
N ALA A 3726 -47.76 -42.80 28.80
CA ALA A 3726 -47.31 -41.55 28.21
C ALA A 3726 -48.49 -40.62 27.96
N ASP A 3727 -49.60 -41.16 27.46
CA ASP A 3727 -50.80 -40.35 27.28
C ASP A 3727 -51.29 -39.80 28.61
N ILE A 3728 -51.27 -40.64 29.65
CA ILE A 3728 -51.71 -40.19 30.97
C ILE A 3728 -50.87 -39.01 31.45
N MET A 3729 -49.55 -39.15 31.37
CA MET A 3729 -48.67 -38.06 31.80
C MET A 3729 -48.88 -36.82 30.95
N ALA A 3730 -49.07 -36.99 29.64
CA ALA A 3730 -49.29 -35.83 28.78
C ALA A 3730 -50.56 -35.09 29.17
N LYS A 3731 -51.64 -35.83 29.46
CA LYS A 3731 -52.86 -35.19 29.93
C LYS A 3731 -52.63 -34.47 31.24
N SER A 3732 -51.86 -35.08 32.14
CA SER A 3732 -51.66 -34.51 33.47
C SER A 3732 -51.09 -33.10 33.41
N CYS A 3733 -50.30 -32.80 32.38
CA CYS A 3733 -49.59 -31.52 32.36
C CYS A 3733 -50.53 -30.35 32.07
N HIS A 3734 -51.23 -30.38 30.94
CA HIS A 3734 -52.12 -29.26 30.64
C HIS A 3734 -53.38 -29.33 31.49
N LEU A 3735 -53.96 -30.52 31.65
CA LEU A 3735 -55.15 -30.69 32.50
C LEU A 3735 -56.20 -29.62 32.20
N GLU A 3736 -56.48 -29.42 30.92
CA GLU A 3736 -57.45 -28.41 30.51
C GLU A 3736 -58.14 -28.82 29.21
N VAL A 3749 -64.35 -12.70 26.83
CA VAL A 3749 -63.47 -13.85 27.00
C VAL A 3749 -62.03 -13.44 27.31
N GLU A 3750 -61.88 -12.54 28.27
CA GLU A 3750 -60.57 -12.01 28.67
C GLU A 3750 -60.24 -12.49 30.07
N VAL A 3751 -58.98 -12.83 30.29
CA VAL A 3751 -58.53 -13.46 31.53
C VAL A 3751 -57.53 -12.55 32.22
N SER A 3752 -57.56 -12.56 33.55
CA SER A 3752 -56.73 -11.67 34.34
C SER A 3752 -55.26 -12.10 34.31
N PHE A 3753 -54.37 -11.10 34.35
CA PHE A 3753 -52.94 -11.35 34.38
C PHE A 3753 -52.56 -12.33 35.49
N GLU A 3754 -53.16 -12.16 36.67
CA GLU A 3754 -52.88 -13.05 37.78
C GLU A 3754 -53.33 -14.47 37.48
N GLU A 3755 -54.53 -14.63 36.92
CA GLU A 3755 -54.99 -15.96 36.54
C GLU A 3755 -54.01 -16.58 35.56
N LYS A 3756 -53.41 -15.75 34.69
CA LYS A 3756 -52.64 -16.26 33.58
C LYS A 3756 -51.29 -16.77 34.12
N GLU A 3757 -50.71 -16.01 35.06
CA GLU A 3757 -49.53 -16.45 35.79
C GLU A 3757 -49.82 -17.69 36.62
N MET A 3758 -51.01 -17.73 37.23
CA MET A 3758 -51.44 -18.92 37.97
C MET A 3758 -51.47 -20.17 37.12
N GLU A 3759 -52.04 -20.06 35.92
CA GLU A 3759 -52.05 -21.19 34.99
C GLU A 3759 -50.63 -21.61 34.64
N LYS A 3760 -49.75 -20.63 34.41
CA LYS A 3760 -48.36 -20.96 34.13
C LYS A 3760 -47.74 -21.73 35.29
N GLN A 3761 -47.98 -21.28 36.52
CA GLN A 3761 -47.40 -21.94 37.69
C GLN A 3761 -47.93 -23.35 37.86
N ARG A 3762 -49.24 -23.54 37.68
CA ARG A 3762 -49.81 -24.88 37.77
C ARG A 3762 -49.21 -25.80 36.71
N LEU A 3763 -49.08 -25.30 35.48
CA LEU A 3763 -48.48 -26.10 34.42
C LEU A 3763 -47.04 -26.46 34.74
N LEU A 3764 -46.29 -25.52 35.31
CA LEU A 3764 -44.91 -25.81 35.68
C LEU A 3764 -44.84 -26.86 36.77
N TYR A 3765 -45.75 -26.79 37.75
CA TYR A 3765 -45.81 -27.83 38.77
C TYR A 3765 -46.08 -29.20 38.14
N GLN A 3766 -47.06 -29.26 37.25
CA GLN A 3766 -47.45 -30.53 36.66
C GLN A 3766 -46.37 -31.06 35.74
N GLN A 3767 -45.54 -30.17 35.19
CA GLN A 3767 -44.38 -30.59 34.41
C GLN A 3767 -43.25 -31.07 35.31
N SER A 3768 -43.09 -30.43 36.47
CA SER A 3768 -42.07 -30.83 37.42
C SER A 3768 -42.32 -32.24 37.94
N ARG A 3769 -43.59 -32.53 38.26
CA ARG A 3769 -43.94 -33.88 38.69
C ARG A 3769 -43.31 -34.94 37.79
N LEU A 3770 -43.12 -34.61 36.52
CA LEU A 3770 -42.59 -35.56 35.55
C LEU A 3770 -41.08 -35.43 35.37
N HIS A 3771 -40.58 -34.21 35.12
CA HIS A 3771 -39.18 -34.10 34.71
C HIS A 3771 -38.25 -34.22 35.90
N THR A 3772 -38.78 -34.10 37.12
CA THR A 3772 -37.98 -34.44 38.29
C THR A 3772 -37.76 -35.94 38.37
N ARG A 3773 -38.63 -36.72 37.73
CA ARG A 3773 -38.58 -38.17 37.89
C ARG A 3773 -37.94 -38.85 36.68
N GLY A 3774 -37.72 -38.11 35.60
CA GLY A 3774 -36.91 -38.60 34.50
C GLY A 3774 -37.61 -38.64 33.15
N ALA A 3775 -38.74 -37.95 33.04
CA ALA A 3775 -39.53 -38.01 31.82
C ALA A 3775 -38.78 -37.46 30.62
N ALA A 3776 -38.01 -36.38 30.79
CA ALA A 3776 -37.27 -35.81 29.67
C ALA A 3776 -36.26 -36.81 29.12
N GLU A 3777 -35.49 -37.43 30.01
CA GLU A 3777 -34.50 -38.41 29.58
C GLU A 3777 -35.18 -39.61 28.94
N MET A 3778 -36.32 -40.04 29.48
CA MET A 3778 -37.06 -41.13 28.86
C MET A 3778 -37.51 -40.76 27.45
N VAL A 3779 -37.97 -39.53 27.28
CA VAL A 3779 -38.41 -39.05 25.96
C VAL A 3779 -37.25 -39.15 24.98
N LEU A 3780 -36.10 -38.61 25.36
CA LEU A 3780 -34.94 -38.64 24.48
C LEU A 3780 -34.53 -40.07 24.16
N GLN A 3781 -34.53 -40.94 25.18
CA GLN A 3781 -34.11 -42.31 24.99
C GLN A 3781 -35.02 -43.04 24.02
N MET A 3782 -36.34 -42.85 24.15
CA MET A 3782 -37.26 -43.51 23.25
C MET A 3782 -37.17 -42.95 21.83
N ILE A 3783 -36.94 -41.65 21.69
CA ILE A 3783 -36.75 -41.08 20.36
C ILE A 3783 -35.51 -41.68 19.71
N SER A 3784 -34.43 -41.85 20.48
CA SER A 3784 -33.24 -42.50 19.93
C SER A 3784 -33.52 -43.96 19.59
N ALA A 3785 -34.31 -44.64 20.42
CA ALA A 3785 -34.56 -46.06 20.22
C ALA A 3785 -35.41 -46.31 18.98
N CYS A 3786 -36.35 -45.41 18.67
CA CYS A 3786 -37.21 -45.63 17.53
C CYS A 3786 -36.40 -45.76 16.23
N LYS A 3787 -35.17 -45.23 16.21
CA LYS A 3787 -34.23 -45.46 15.12
C LYS A 3787 -34.77 -44.92 13.80
N GLY A 3788 -35.63 -43.90 13.88
CA GLY A 3788 -36.13 -43.26 12.68
C GLY A 3788 -37.30 -43.96 12.03
N GLU A 3789 -37.99 -44.83 12.74
CA GLU A 3789 -39.16 -45.54 12.21
C GLU A 3789 -40.42 -44.93 12.84
N THR A 3790 -41.32 -44.46 11.98
CA THR A 3790 -42.53 -43.80 12.45
C THR A 3790 -43.47 -44.82 13.10
N GLY A 3791 -44.19 -44.36 14.11
CA GLY A 3791 -45.12 -45.24 14.80
C GLY A 3791 -45.76 -44.55 15.98
N ALA A 3792 -46.70 -45.29 16.59
CA ALA A 3792 -47.46 -44.76 17.72
C ALA A 3792 -46.56 -44.54 18.93
N MET A 3793 -45.52 -45.36 19.08
CA MET A 3793 -44.58 -45.17 20.19
C MET A 3793 -43.94 -43.80 20.11
N VAL A 3794 -43.37 -43.45 18.95
CA VAL A 3794 -42.71 -42.17 18.79
C VAL A 3794 -43.74 -41.04 18.86
N SER A 3795 -44.95 -41.28 18.35
CA SER A 3795 -45.98 -40.24 18.45
C SER A 3795 -46.28 -39.92 19.90
N SER A 3796 -46.47 -40.95 20.74
CA SER A 3796 -46.74 -40.74 22.15
C SER A 3796 -45.56 -40.06 22.84
N THR A 3797 -44.33 -40.47 22.49
CA THR A 3797 -43.15 -39.86 23.09
C THR A 3797 -43.08 -38.38 22.75
N LEU A 3798 -43.36 -38.03 21.49
CA LEU A 3798 -43.33 -36.63 21.08
C LEU A 3798 -44.42 -35.83 21.78
N LYS A 3799 -45.62 -36.41 21.93
CA LYS A 3799 -46.69 -35.71 22.64
C LYS A 3799 -46.29 -35.46 24.09
N LEU A 3800 -45.67 -36.45 24.72
CA LEU A 3800 -45.19 -36.28 26.08
C LEU A 3800 -44.14 -35.17 26.16
N GLY A 3801 -43.21 -35.15 25.21
CA GLY A 3801 -42.20 -34.10 25.21
C GLY A 3801 -42.82 -32.72 25.06
N ILE A 3802 -43.79 -32.59 24.15
CA ILE A 3802 -44.48 -31.32 23.97
C ILE A 3802 -45.19 -30.92 25.26
N SER A 3803 -45.82 -31.89 25.93
CA SER A 3803 -46.53 -31.59 27.16
C SER A 3803 -45.59 -31.05 28.21
N ILE A 3804 -44.41 -31.67 28.37
CA ILE A 3804 -43.49 -31.23 29.41
C ILE A 3804 -42.78 -29.94 29.00
N LEU A 3805 -42.70 -29.66 27.70
CA LEU A 3805 -41.96 -28.50 27.22
C LEU A 3805 -42.82 -27.28 26.95
N ASN A 3806 -44.15 -27.40 27.02
CA ASN A 3806 -45.00 -26.26 26.69
C ASN A 3806 -44.68 -25.08 27.59
N GLY A 3807 -44.76 -23.88 27.03
CA GLY A 3807 -44.36 -22.68 27.71
C GLY A 3807 -42.87 -22.40 27.69
N GLY A 3808 -42.09 -23.22 26.98
CA GLY A 3808 -40.65 -23.04 26.95
C GLY A 3808 -40.01 -23.35 28.29
N ASN A 3809 -40.26 -24.54 28.82
CA ASN A 3809 -39.74 -24.90 30.13
C ASN A 3809 -38.22 -25.01 30.09
N ALA A 3810 -37.56 -24.00 30.65
CA ALA A 3810 -36.11 -23.94 30.62
C ALA A 3810 -35.46 -25.08 31.41
N GLU A 3811 -36.12 -25.56 32.46
CA GLU A 3811 -35.56 -26.66 33.24
C GLU A 3811 -35.52 -27.94 32.41
N VAL A 3812 -36.63 -28.27 31.75
CA VAL A 3812 -36.65 -29.43 30.88
C VAL A 3812 -35.66 -29.27 29.75
N GLN A 3813 -35.61 -28.06 29.17
CA GLN A 3813 -34.60 -27.77 28.16
C GLN A 3813 -33.20 -28.13 28.66
N GLN A 3814 -32.80 -27.53 29.78
CA GLN A 3814 -31.45 -27.74 30.30
C GLN A 3814 -31.18 -29.22 30.56
N LYS A 3815 -32.16 -29.93 31.14
CA LYS A 3815 -31.96 -31.34 31.43
C LYS A 3815 -31.74 -32.13 30.14
N MET A 3816 -32.57 -31.88 29.13
CA MET A 3816 -32.43 -32.58 27.86
C MET A 3816 -31.04 -32.37 27.29
N LEU A 3817 -30.57 -31.12 27.31
CA LEU A 3817 -29.29 -30.79 26.69
C LEU A 3817 -28.14 -31.41 27.44
N ASP A 3818 -28.19 -31.35 28.77
CA ASP A 3818 -27.14 -31.94 29.58
C ASP A 3818 -27.06 -33.44 29.33
N TYR A 3819 -28.22 -34.10 29.27
CA TYR A 3819 -28.23 -35.53 28.97
C TYR A 3819 -27.61 -35.81 27.61
N LEU A 3820 -28.04 -35.07 26.59
CA LEU A 3820 -27.54 -35.29 25.25
C LEU A 3820 -26.04 -35.07 25.17
N LYS A 3821 -25.55 -34.01 25.82
CA LYS A 3821 -24.14 -33.66 25.72
C LYS A 3821 -23.25 -34.59 26.54
N ASP A 3822 -23.75 -35.13 27.65
CA ASP A 3822 -22.94 -36.10 28.38
C ASP A 3822 -22.94 -37.45 27.69
N LYS A 3823 -24.06 -37.85 27.10
CA LYS A 3823 -24.10 -39.16 26.43
C LYS A 3823 -23.40 -39.14 25.09
N LYS A 3824 -23.40 -38.02 24.38
CA LYS A 3824 -22.72 -37.89 23.09
C LYS A 3824 -23.13 -39.01 22.15
N GLU A 3825 -24.44 -39.11 21.93
CA GLU A 3825 -25.03 -40.12 21.07
C GLU A 3825 -25.62 -39.47 19.83
N VAL A 3826 -25.37 -40.10 18.68
CA VAL A 3826 -25.88 -39.58 17.40
C VAL A 3826 -27.24 -40.15 17.04
N GLY A 3827 -27.70 -41.19 17.73
CA GLY A 3827 -28.94 -41.84 17.36
C GLY A 3827 -30.15 -40.92 17.47
N PHE A 3828 -30.13 -40.02 18.45
CA PHE A 3828 -31.25 -39.10 18.62
C PHE A 3828 -31.48 -38.28 17.36
N PHE A 3829 -30.44 -37.58 16.91
CA PHE A 3829 -30.60 -36.71 15.73
C PHE A 3829 -30.72 -37.52 14.47
N GLN A 3830 -30.13 -38.72 14.44
CA GLN A 3830 -30.35 -39.61 13.30
C GLN A 3830 -31.82 -39.96 13.17
N SER A 3831 -32.47 -40.31 14.27
CA SER A 3831 -33.89 -40.63 14.26
C SER A 3831 -34.71 -39.41 13.87
N ILE A 3832 -34.35 -38.23 14.39
CA ILE A 3832 -35.05 -37.01 14.02
C ILE A 3832 -34.99 -36.79 12.51
N GLN A 3833 -33.79 -36.94 11.94
CA GLN A 3833 -33.60 -36.73 10.51
C GLN A 3833 -34.42 -37.73 9.70
N ALA A 3834 -34.38 -39.00 10.09
CA ALA A 3834 -35.11 -40.03 9.36
C ALA A 3834 -36.61 -39.77 9.42
N LEU A 3835 -37.11 -39.37 10.59
CA LEU A 3835 -38.52 -39.06 10.73
C LEU A 3835 -38.91 -37.87 9.85
N MET A 3836 -38.06 -36.85 9.81
CA MET A 3836 -38.29 -35.73 8.90
C MET A 3836 -38.40 -36.21 7.46
N GLN A 3837 -37.49 -37.08 7.05
CA GLN A 3837 -37.53 -37.59 5.68
C GLN A 3837 -38.81 -38.36 5.41
N THR A 3838 -39.27 -39.13 6.40
CA THR A 3838 -40.50 -39.90 6.23
C THR A 3838 -41.71 -38.98 6.17
N CYS A 3839 -41.66 -37.83 6.84
CA CYS A 3839 -42.81 -36.94 6.88
C CYS A 3839 -43.29 -36.63 5.46
N SER A 3840 -44.61 -36.69 5.29
CA SER A 3840 -45.22 -36.70 3.97
C SER A 3840 -45.57 -35.29 3.50
N VAL A 3841 -45.85 -35.19 2.20
CA VAL A 3841 -46.34 -33.97 1.57
C VAL A 3841 -47.53 -34.34 0.70
N LEU A 3842 -48.17 -33.31 0.13
CA LEU A 3842 -49.33 -33.53 -0.72
C LEU A 3842 -48.98 -34.41 -1.90
N ASP A 3843 -49.87 -35.36 -2.22
CA ASP A 3843 -49.71 -36.23 -3.38
C ASP A 3843 -50.95 -36.11 -4.26
N LEU A 3844 -50.78 -35.52 -5.44
CA LEU A 3844 -51.91 -35.32 -6.34
C LEU A 3844 -52.43 -36.65 -6.87
N ASN A 3845 -51.54 -37.62 -7.06
CA ASN A 3845 -51.98 -38.95 -7.48
C ASN A 3845 -52.92 -39.55 -6.45
N ALA A 3846 -52.55 -39.47 -5.18
CA ALA A 3846 -53.42 -39.96 -4.11
C ALA A 3846 -54.72 -39.18 -4.07
N PHE A 3847 -54.66 -37.86 -4.26
CA PHE A 3847 -55.87 -37.06 -4.25
C PHE A 3847 -56.82 -37.49 -5.37
N GLU A 3848 -56.30 -37.69 -6.57
CA GLU A 3848 -57.11 -38.12 -7.70
C GLU A 3848 -57.70 -39.49 -7.46
N ARG A 3849 -56.89 -40.41 -6.90
CA ARG A 3849 -57.38 -41.75 -6.61
C ARG A 3849 -58.53 -41.70 -5.60
N GLN A 3850 -58.38 -40.88 -4.55
CA GLN A 3850 -59.44 -40.74 -3.57
C GLN A 3850 -60.70 -40.14 -4.19
N ASN A 3851 -60.53 -39.13 -5.05
CA ASN A 3851 -61.68 -38.52 -5.71
C ASN A 3851 -62.42 -39.54 -6.55
N LYS A 3852 -61.69 -40.34 -7.32
CA LYS A 3852 -62.32 -41.34 -8.16
C LYS A 3852 -63.00 -42.42 -7.32
N ALA A 3853 -62.36 -42.82 -6.22
CA ALA A 3853 -62.95 -43.81 -5.33
C ALA A 3853 -64.30 -43.32 -4.80
N GLU A 3854 -64.31 -42.10 -4.25
CA GLU A 3854 -65.55 -41.56 -3.70
C GLU A 3854 -66.59 -41.31 -4.78
N GLY A 3855 -66.15 -40.98 -6.00
CA GLY A 3855 -67.09 -40.85 -7.09
C GLY A 3855 -67.75 -42.17 -7.46
N LEU A 3856 -66.96 -43.24 -7.50
CA LEU A 3856 -67.54 -44.57 -7.72
C LEU A 3856 -68.54 -44.89 -6.62
N GLY A 3857 -68.13 -44.72 -5.37
CA GLY A 3857 -69.07 -44.78 -4.26
C GLY A 3857 -69.91 -46.05 -4.22
N MET A 3858 -69.29 -47.20 -4.34
CA MET A 3858 -70.02 -48.44 -4.14
C MET A 3858 -70.51 -48.58 -2.72
N VAL A 3859 -71.65 -49.26 -2.59
CA VAL A 3859 -72.22 -49.55 -1.29
C VAL A 3859 -71.48 -50.72 -0.67
N ASN A 3860 -71.10 -50.58 0.59
CA ASN A 3860 -70.38 -51.63 1.27
C ASN A 3860 -71.28 -52.86 1.42
N GLU A 3861 -70.69 -54.06 1.28
CA GLU A 3861 -71.49 -55.26 1.28
C GLU A 3861 -72.31 -55.41 2.56
N ASP A 3862 -71.75 -55.02 3.70
CA ASP A 3862 -72.51 -54.99 4.95
C ASP A 3862 -73.45 -53.79 4.96
N GLY A 3863 -74.74 -54.06 5.09
CA GLY A 3863 -75.71 -52.98 5.03
C GLY A 3863 -75.57 -52.19 3.75
N THR A 3864 -75.43 -50.87 3.88
CA THR A 3864 -75.20 -49.99 2.74
C THR A 3864 -74.43 -48.77 3.25
N VAL A 3865 -73.15 -48.67 2.88
CA VAL A 3865 -72.30 -47.57 3.31
C VAL A 3865 -71.70 -46.89 2.09
N ILE A 3866 -72.32 -45.81 1.64
CA ILE A 3866 -71.81 -45.08 0.48
C ILE A 3866 -70.61 -44.24 0.90
N ASN A 3867 -69.64 -44.12 -0.01
CA ASN A 3867 -68.46 -43.29 0.23
C ASN A 3867 -67.77 -43.67 1.54
N ARG A 3868 -67.71 -44.97 1.82
CA ARG A 3868 -66.96 -45.43 2.98
C ARG A 3868 -65.55 -44.87 2.95
N GLN A 3869 -65.15 -44.24 4.06
CA GLN A 3869 -63.89 -43.51 4.13
C GLN A 3869 -62.82 -44.40 4.75
N ASN A 3870 -61.66 -44.44 4.12
CA ASN A 3870 -60.49 -45.04 4.70
C ASN A 3870 -59.62 -43.96 5.34
N GLY A 3871 -58.43 -44.35 5.81
CA GLY A 3871 -57.48 -43.36 6.27
C GLY A 3871 -57.14 -42.39 5.15
N GLU A 3872 -57.07 -41.11 5.50
CA GLU A 3872 -56.81 -40.08 4.50
C GLU A 3872 -55.47 -40.32 3.83
N LYS A 3873 -55.50 -40.68 2.54
CA LYS A 3873 -54.27 -40.96 1.81
C LYS A 3873 -53.39 -39.72 1.74
N VAL A 3874 -53.98 -38.54 1.76
CA VAL A 3874 -53.24 -37.30 1.65
C VAL A 3874 -52.87 -36.80 3.04
N MET A 3875 -51.57 -36.65 3.29
CA MET A 3875 -51.06 -36.21 4.59
C MET A 3875 -51.75 -36.95 5.74
N ALA A 3876 -51.57 -38.27 5.77
CA ALA A 3876 -52.07 -39.04 6.91
C ALA A 3876 -51.31 -38.70 8.17
N ASP A 3877 -50.04 -38.34 8.05
CA ASP A 3877 -49.17 -38.07 9.20
C ASP A 3877 -49.03 -36.57 9.49
N ASP A 3878 -50.06 -35.79 9.21
CA ASP A 3878 -49.98 -34.35 9.47
C ASP A 3878 -49.80 -34.07 10.95
N GLU A 3879 -50.54 -34.79 11.80
CA GLU A 3879 -50.40 -34.59 13.24
C GLU A 3879 -48.99 -34.95 13.70
N PHE A 3880 -48.42 -36.02 13.16
CA PHE A 3880 -47.06 -36.40 13.53
C PHE A 3880 -46.05 -35.35 13.10
N THR A 3881 -46.20 -34.83 11.88
CA THR A 3881 -45.27 -33.80 11.40
C THR A 3881 -45.35 -32.57 12.28
N GLN A 3882 -46.57 -32.11 12.57
CA GLN A 3882 -46.73 -30.95 13.43
C GLN A 3882 -46.17 -31.19 14.82
N ASP A 3883 -46.38 -32.38 15.38
CA ASP A 3883 -45.86 -32.66 16.71
C ASP A 3883 -44.33 -32.68 16.71
N LEU A 3884 -43.73 -33.29 15.68
CA LEU A 3884 -42.28 -33.30 15.57
C LEU A 3884 -41.72 -31.89 15.54
N PHE A 3885 -42.26 -31.04 14.67
CA PHE A 3885 -41.75 -29.69 14.55
C PHE A 3885 -42.09 -28.83 15.75
N ARG A 3886 -43.22 -29.08 16.41
CA ARG A 3886 -43.55 -28.39 17.66
C ARG A 3886 -42.55 -28.76 18.75
N PHE A 3887 -42.17 -30.03 18.82
CA PHE A 3887 -41.15 -30.45 19.77
C PHE A 3887 -39.82 -29.75 19.50
N LEU A 3888 -39.40 -29.72 18.23
CA LEU A 3888 -38.15 -29.05 17.90
C LEU A 3888 -38.23 -27.57 18.21
N GLN A 3889 -39.37 -26.94 17.94
CA GLN A 3889 -39.58 -25.54 18.28
C GLN A 3889 -39.50 -25.30 19.78
N LEU A 3890 -40.15 -26.16 20.56
CA LEU A 3890 -40.18 -25.98 22.00
C LEU A 3890 -38.82 -26.20 22.61
N LEU A 3891 -37.97 -27.00 21.96
CA LEU A 3891 -36.60 -27.07 22.44
C LEU A 3891 -36.00 -25.67 22.49
N CYS A 3892 -36.14 -24.90 21.42
CA CYS A 3892 -35.51 -23.59 21.31
C CYS A 3892 -36.38 -22.46 21.87
N GLU A 3893 -37.60 -22.77 22.33
CA GLU A 3893 -38.49 -21.73 22.82
C GLU A 3893 -37.85 -20.97 23.98
N GLY A 3894 -38.08 -19.66 23.99
CA GLY A 3894 -37.44 -18.77 24.93
C GLY A 3894 -36.10 -18.24 24.49
N HIS A 3895 -35.72 -18.46 23.23
CA HIS A 3895 -34.44 -18.01 22.70
C HIS A 3895 -33.28 -18.66 23.45
N ASN A 3896 -33.29 -19.99 23.44
CA ASN A 3896 -32.25 -20.78 24.10
C ASN A 3896 -31.12 -21.00 23.10
N ASN A 3897 -30.09 -20.16 23.17
CA ASN A 3897 -29.01 -20.20 22.19
C ASN A 3897 -28.29 -21.54 22.23
N ASP A 3898 -28.25 -22.18 23.40
CA ASP A 3898 -27.54 -23.46 23.50
C ASP A 3898 -28.16 -24.49 22.57
N PHE A 3899 -29.47 -24.69 22.63
CA PHE A 3899 -30.17 -25.52 21.65
C PHE A 3899 -30.04 -24.97 20.24
N GLN A 3900 -30.23 -23.67 20.08
CA GLN A 3900 -30.23 -23.12 18.74
C GLN A 3900 -28.93 -23.47 18.03
N ASN A 3901 -27.84 -23.62 18.79
CA ASN A 3901 -26.56 -23.97 18.19
C ASN A 3901 -26.34 -25.48 18.18
N TYR A 3902 -26.84 -26.19 19.20
CA TYR A 3902 -26.65 -27.64 19.24
C TYR A 3902 -27.39 -28.32 18.09
N LEU A 3903 -28.57 -27.81 17.75
CA LEU A 3903 -29.30 -28.33 16.59
C LEU A 3903 -28.49 -28.18 15.32
N ARG A 3904 -27.79 -27.05 15.18
CA ARG A 3904 -26.96 -26.83 14.00
C ARG A 3904 -25.75 -27.75 14.01
N THR A 3905 -25.07 -27.87 15.16
CA THR A 3905 -23.85 -28.65 15.25
C THR A 3905 -23.72 -29.23 16.65
N GLN A 3906 -23.24 -30.47 16.72
CA GLN A 3906 -22.98 -31.16 17.99
C GLN A 3906 -21.47 -31.37 18.06
N THR A 3907 -20.80 -30.50 18.81
CA THR A 3907 -19.34 -30.46 18.77
C THR A 3907 -18.73 -31.75 19.33
N GLY A 3908 -19.23 -32.23 20.46
CA GLY A 3908 -18.63 -33.39 21.09
C GLY A 3908 -18.77 -34.65 20.26
N ASN A 3909 -19.89 -34.79 19.56
CA ASN A 3909 -20.17 -36.02 18.82
C ASN A 3909 -19.22 -36.17 17.64
N THR A 3910 -19.00 -37.43 17.25
CA THR A 3910 -18.18 -37.72 16.08
C THR A 3910 -18.80 -37.12 14.82
N THR A 3911 -20.13 -37.15 14.72
CA THR A 3911 -20.84 -36.62 13.56
C THR A 3911 -21.96 -35.72 14.03
N THR A 3912 -22.35 -34.80 13.15
CA THR A 3912 -23.36 -33.80 13.47
C THR A 3912 -24.36 -33.70 12.32
N ILE A 3913 -25.59 -33.33 12.67
CA ILE A 3913 -26.69 -33.19 11.73
C ILE A 3913 -27.30 -31.81 11.91
N ASN A 3914 -27.57 -31.12 10.80
CA ASN A 3914 -28.12 -29.77 10.84
C ASN A 3914 -29.63 -29.86 10.68
N ILE A 3915 -30.33 -29.92 11.82
CA ILE A 3915 -31.79 -29.98 11.81
C ILE A 3915 -32.36 -28.74 11.13
N ILE A 3916 -31.64 -27.62 11.19
CA ILE A 3916 -32.08 -26.42 10.51
C ILE A 3916 -32.24 -26.68 9.02
N ILE A 3917 -31.21 -27.26 8.41
CA ILE A 3917 -31.23 -27.55 6.99
C ILE A 3917 -32.24 -28.64 6.66
N CYS A 3918 -32.39 -29.64 7.54
CA CYS A 3918 -33.40 -30.66 7.30
C CYS A 3918 -34.80 -30.04 7.27
N THR A 3919 -35.06 -29.11 8.18
CA THR A 3919 -36.34 -28.38 8.18
C THR A 3919 -36.52 -27.61 6.89
N VAL A 3920 -35.47 -26.93 6.43
CA VAL A 3920 -35.57 -26.20 5.18
C VAL A 3920 -35.90 -27.14 4.02
N ASP A 3921 -35.28 -28.32 4.01
CA ASP A 3921 -35.55 -29.28 2.94
C ASP A 3921 -37.01 -29.73 2.96
N TYR A 3922 -37.54 -30.02 4.15
CA TYR A 3922 -38.94 -30.41 4.23
C TYR A 3922 -39.84 -29.28 3.75
N LEU A 3923 -39.52 -28.04 4.11
CA LEU A 3923 -40.32 -26.91 3.67
C LEU A 3923 -40.30 -26.79 2.15
N LEU A 3924 -39.14 -27.02 1.53
CA LEU A 3924 -39.05 -26.96 0.08
C LEU A 3924 -39.92 -28.03 -0.57
N ARG A 3925 -39.85 -29.26 -0.05
CA ARG A 3925 -40.72 -30.30 -0.57
C ARG A 3925 -42.19 -29.92 -0.43
N LEU A 3926 -42.55 -29.34 0.71
CA LEU A 3926 -43.93 -28.96 0.96
C LEU A 3926 -44.40 -27.90 -0.02
N GLN A 3927 -43.55 -26.89 -0.29
CA GLN A 3927 -43.98 -25.82 -1.18
C GLN A 3927 -44.07 -26.32 -2.62
N GLU A 3928 -43.19 -27.26 -2.99
CA GLU A 3928 -43.33 -27.89 -4.29
C GLU A 3928 -44.68 -28.59 -4.41
N SER A 3929 -45.05 -29.34 -3.37
CA SER A 3929 -46.34 -30.02 -3.39
C SER A 3929 -47.49 -29.01 -3.50
N ILE A 3930 -47.40 -27.93 -2.74
CA ILE A 3930 -48.48 -26.93 -2.75
C ILE A 3930 -48.59 -26.27 -4.11
N SER A 3931 -47.46 -25.95 -4.74
CA SER A 3931 -47.49 -25.35 -6.06
C SER A 3931 -48.07 -26.30 -7.10
N ASP A 3932 -47.72 -27.58 -7.01
CA ASP A 3932 -48.30 -28.55 -7.93
C ASP A 3932 -49.81 -28.66 -7.75
N PHE A 3933 -50.27 -28.67 -6.49
CA PHE A 3933 -51.69 -28.80 -6.24
C PHE A 3933 -52.43 -27.55 -6.71
N TYR A 3934 -51.82 -26.37 -6.50
CA TYR A 3934 -52.26 -25.15 -7.16
C TYR A 3934 -52.47 -25.38 -8.65
N TRP A 3935 -51.39 -25.71 -9.36
CA TRP A 3935 -51.49 -25.87 -10.81
C TRP A 3935 -52.60 -26.83 -11.19
N TYR A 3936 -52.83 -27.85 -10.35
CA TYR A 3936 -53.94 -28.75 -10.59
C TYR A 3936 -55.28 -28.01 -10.54
N TYR A 3937 -55.45 -27.13 -9.56
CA TYR A 3937 -56.71 -26.42 -9.40
C TYR A 3937 -56.78 -25.07 -10.12
N SER A 3938 -55.74 -24.70 -10.88
CA SER A 3938 -55.67 -23.35 -11.42
C SER A 3938 -56.79 -23.09 -12.43
N GLY A 3939 -57.02 -24.04 -13.34
CA GLY A 3939 -58.03 -23.83 -14.36
C GLY A 3939 -59.44 -23.80 -13.81
N LYS A 3940 -59.70 -24.65 -12.82
CA LYS A 3940 -61.06 -24.78 -12.30
C LYS A 3940 -61.46 -23.54 -11.52
N ASP A 3941 -62.67 -23.04 -11.78
CA ASP A 3941 -63.10 -21.78 -11.20
C ASP A 3941 -63.17 -21.85 -9.67
N VAL A 3942 -63.72 -22.94 -9.14
CA VAL A 3942 -63.96 -23.08 -7.71
C VAL A 3942 -63.29 -24.37 -7.22
N ILE A 3943 -62.55 -24.25 -6.13
CA ILE A 3943 -61.97 -25.42 -5.48
C ILE A 3943 -63.05 -26.14 -4.68
N GLU A 3944 -63.01 -27.46 -4.71
CA GLU A 3944 -64.00 -28.26 -4.01
C GLU A 3944 -63.56 -28.51 -2.57
N GLU A 3945 -64.44 -29.21 -1.83
CA GLU A 3945 -64.30 -29.29 -0.38
C GLU A 3945 -63.04 -30.03 0.04
N GLN A 3946 -62.76 -31.17 -0.59
CA GLN A 3946 -61.57 -31.94 -0.21
C GLN A 3946 -60.30 -31.15 -0.52
N GLY A 3947 -60.30 -30.41 -1.64
CA GLY A 3947 -59.17 -29.56 -1.94
C GLY A 3947 -58.96 -28.50 -0.88
N LYS A 3948 -60.05 -27.86 -0.46
CA LYS A 3948 -59.96 -26.91 0.66
C LYS A 3948 -59.33 -27.56 1.88
N ARG A 3949 -59.79 -28.76 2.21
CA ARG A 3949 -59.30 -29.46 3.39
C ARG A 3949 -57.80 -29.74 3.31
N ASN A 3950 -57.35 -30.21 2.15
CA ASN A 3950 -55.94 -30.59 2.00
C ASN A 3950 -55.04 -29.36 2.01
N PHE A 3951 -55.50 -28.29 1.37
CA PHE A 3951 -54.86 -26.98 1.49
C PHE A 3951 -54.75 -26.54 2.94
N SER A 3952 -55.81 -26.71 3.72
CA SER A 3952 -55.76 -26.34 5.12
C SER A 3952 -54.72 -27.16 5.88
N LYS A 3953 -54.69 -28.47 5.62
CA LYS A 3953 -53.70 -29.33 6.27
C LYS A 3953 -52.28 -28.89 5.92
N ALA A 3954 -52.02 -28.69 4.63
CA ALA A 3954 -50.69 -28.30 4.19
C ALA A 3954 -50.29 -26.96 4.79
N MET A 3955 -51.22 -26.01 4.85
CA MET A 3955 -50.90 -24.70 5.38
C MET A 3955 -50.66 -24.76 6.88
N SER A 3956 -51.38 -25.62 7.61
CA SER A 3956 -51.10 -25.80 9.02
C SER A 3956 -49.69 -26.35 9.24
N VAL A 3957 -49.32 -27.37 8.45
CA VAL A 3957 -47.98 -27.93 8.56
C VAL A 3957 -46.94 -26.86 8.25
N ALA A 3958 -47.18 -26.08 7.19
CA ALA A 3958 -46.23 -25.04 6.80
C ALA A 3958 -46.12 -23.96 7.88
N LYS A 3959 -47.24 -23.62 8.52
CA LYS A 3959 -47.21 -22.64 9.59
C LYS A 3959 -46.37 -23.14 10.76
N GLN A 3960 -46.55 -24.40 11.14
CA GLN A 3960 -45.75 -24.94 12.23
C GLN A 3960 -44.27 -24.97 11.86
N VAL A 3961 -43.97 -25.32 10.62
CA VAL A 3961 -42.57 -25.33 10.17
C VAL A 3961 -41.99 -23.93 10.21
N PHE A 3962 -42.76 -22.93 9.76
CA PHE A 3962 -42.30 -21.56 9.78
C PHE A 3962 -42.02 -21.10 11.21
N ASN A 3963 -42.91 -21.47 12.14
CA ASN A 3963 -42.69 -21.10 13.54
C ASN A 3963 -41.44 -21.77 14.10
N SER A 3964 -41.22 -23.04 13.74
CA SER A 3964 -40.01 -23.72 14.18
C SER A 3964 -38.76 -23.02 13.65
N LEU A 3965 -38.76 -22.66 12.37
CA LEU A 3965 -37.61 -21.97 11.79
C LEU A 3965 -37.40 -20.62 12.43
N THR A 3966 -38.49 -19.88 12.69
CA THR A 3966 -38.41 -18.61 13.39
C THR A 3966 -37.80 -18.78 14.77
N GLU A 3967 -38.22 -19.83 15.48
CA GLU A 3967 -37.72 -20.05 16.82
C GLU A 3967 -36.26 -20.46 16.83
N TYR A 3968 -35.81 -21.15 15.78
CA TYR A 3968 -34.40 -21.50 15.67
C TYR A 3968 -33.49 -20.29 15.69
N ILE A 3969 -33.94 -19.14 15.17
CA ILE A 3969 -33.05 -18.02 14.90
C ILE A 3969 -33.33 -16.87 15.84
N GLN A 3970 -34.55 -16.79 16.39
CA GLN A 3970 -34.89 -15.68 17.26
C GLN A 3970 -33.95 -15.64 18.47
N GLY A 3971 -33.61 -14.44 18.90
CA GLY A 3971 -32.80 -14.24 20.08
C GLY A 3971 -31.72 -13.19 19.95
N PRO A 3972 -31.05 -13.10 18.78
CA PRO A 3972 -30.94 -14.00 17.63
C PRO A 3972 -29.84 -15.05 17.77
N CYS A 3973 -29.91 -16.11 16.96
CA CYS A 3973 -28.83 -17.08 16.81
C CYS A 3973 -28.15 -16.82 15.47
N THR A 3974 -26.99 -16.17 15.52
CA THR A 3974 -26.35 -15.69 14.29
C THR A 3974 -25.91 -16.85 13.40
N GLY A 3975 -25.41 -17.93 13.99
CA GLY A 3975 -25.01 -19.07 13.18
C GLY A 3975 -26.16 -19.65 12.40
N ASN A 3976 -27.32 -19.79 13.05
CA ASN A 3976 -28.51 -20.30 12.37
C ASN A 3976 -28.98 -19.32 11.30
N GLN A 3977 -28.91 -18.01 11.61
CA GLN A 3977 -29.21 -17.02 10.60
C GLN A 3977 -28.36 -17.20 9.35
N GLN A 3978 -27.06 -17.34 9.52
CA GLN A 3978 -26.15 -17.51 8.38
C GLN A 3978 -26.44 -18.81 7.63
N SER A 3979 -26.68 -19.90 8.37
CA SER A 3979 -27.00 -21.16 7.72
C SER A 3979 -28.24 -21.03 6.84
N LEU A 3980 -29.31 -20.44 7.37
CA LEU A 3980 -30.51 -20.25 6.55
C LEU A 3980 -30.24 -19.33 5.38
N ALA A 3981 -29.49 -18.24 5.60
CA ALA A 3981 -29.20 -17.32 4.51
C ALA A 3981 -28.48 -18.01 3.38
N HIS A 3982 -27.62 -18.98 3.71
CA HIS A 3982 -26.92 -19.77 2.70
C HIS A 3982 -27.67 -21.04 2.33
N SER A 3983 -28.89 -21.23 2.83
CA SER A 3983 -29.71 -22.38 2.49
C SER A 3983 -30.62 -22.04 1.30
N ARG A 3984 -31.60 -22.90 1.02
CA ARG A 3984 -32.54 -22.75 -0.09
C ARG A 3984 -33.88 -22.16 0.37
N LEU A 3985 -33.92 -21.64 1.60
CA LEU A 3985 -35.12 -21.00 2.11
C LEU A 3985 -35.59 -19.91 1.17
N TRP A 3986 -34.66 -19.28 0.44
CA TRP A 3986 -35.03 -18.24 -0.52
C TRP A 3986 -35.88 -18.82 -1.64
N ASP A 3987 -35.47 -19.98 -2.18
CA ASP A 3987 -36.26 -20.64 -3.20
C ASP A 3987 -37.64 -21.01 -2.67
N ALA A 3988 -37.66 -21.53 -1.43
CA ALA A 3988 -38.96 -21.86 -0.82
C ALA A 3988 -39.85 -20.62 -0.74
N VAL A 3989 -39.27 -19.49 -0.35
CA VAL A 3989 -40.05 -18.27 -0.19
C VAL A 3989 -40.56 -17.78 -1.55
N VAL A 3990 -39.74 -17.90 -2.58
CA VAL A 3990 -40.18 -17.49 -3.92
C VAL A 3990 -41.40 -18.30 -4.34
N GLY A 3991 -41.31 -19.63 -4.19
CA GLY A 3991 -42.45 -20.46 -4.55
C GLY A 3991 -43.69 -20.14 -3.74
N PHE A 3992 -43.50 -19.95 -2.43
CA PHE A 3992 -44.63 -19.63 -1.57
C PHE A 3992 -45.26 -18.30 -1.97
N LEU A 3993 -44.43 -17.33 -2.37
CA LEU A 3993 -44.97 -16.04 -2.80
C LEU A 3993 -45.81 -16.18 -4.06
N HIS A 3994 -45.31 -16.95 -5.02
CA HIS A 3994 -46.09 -17.21 -6.22
C HIS A 3994 -47.46 -17.80 -5.86
N VAL A 3995 -47.46 -18.86 -5.04
CA VAL A 3995 -48.72 -19.51 -4.68
C VAL A 3995 -49.61 -18.54 -3.91
N PHE A 3996 -49.03 -17.79 -2.97
CA PHE A 3996 -49.81 -16.85 -2.19
C PHE A 3996 -50.53 -15.87 -3.09
N ALA A 3997 -49.80 -15.25 -4.02
CA ALA A 3997 -50.43 -14.25 -4.89
C ALA A 3997 -51.55 -14.86 -5.72
N HIS A 3998 -51.28 -15.99 -6.37
CA HIS A 3998 -52.29 -16.52 -7.29
C HIS A 3998 -53.52 -17.05 -6.54
N MET A 3999 -53.32 -17.74 -5.43
CA MET A 3999 -54.45 -18.15 -4.61
C MET A 3999 -55.19 -16.96 -4.02
N MET A 4000 -54.48 -15.92 -3.61
CA MET A 4000 -55.17 -14.74 -3.13
C MET A 4000 -56.16 -14.23 -4.18
N MET A 4001 -55.66 -14.04 -5.40
CA MET A 4001 -56.53 -13.55 -6.47
C MET A 4001 -57.67 -14.52 -6.76
N LYS A 4002 -57.37 -15.82 -6.81
CA LYS A 4002 -58.38 -16.80 -7.19
C LYS A 4002 -59.46 -16.94 -6.12
N LEU A 4003 -59.06 -16.98 -4.85
CA LEU A 4003 -60.00 -17.18 -3.76
C LEU A 4003 -60.80 -15.92 -3.46
N ALA A 4004 -60.29 -14.74 -3.81
CA ALA A 4004 -61.09 -13.53 -3.60
C ALA A 4004 -62.39 -13.58 -4.38
N GLN A 4005 -62.45 -14.39 -5.45
CA GLN A 4005 -63.58 -14.32 -6.37
C GLN A 4005 -64.83 -14.94 -5.77
N ASP A 4006 -64.69 -15.97 -4.95
CA ASP A 4006 -65.82 -16.69 -4.37
C ASP A 4006 -65.77 -16.59 -2.85
N SER A 4007 -66.94 -16.31 -2.24
CA SER A 4007 -67.00 -16.16 -0.79
C SER A 4007 -66.94 -17.50 -0.07
N SER A 4008 -67.26 -18.60 -0.78
CA SER A 4008 -67.15 -19.92 -0.17
C SER A 4008 -65.72 -20.26 0.21
N GLN A 4009 -64.75 -19.51 -0.31
CA GLN A 4009 -63.33 -19.77 -0.12
C GLN A 4009 -62.70 -18.82 0.89
N ILE A 4010 -63.53 -18.10 1.65
CA ILE A 4010 -63.04 -17.01 2.49
C ILE A 4010 -62.19 -17.53 3.64
N GLU A 4011 -62.63 -18.63 4.28
CA GLU A 4011 -61.87 -19.17 5.39
C GLU A 4011 -60.50 -19.64 4.95
N LEU A 4012 -60.42 -20.31 3.80
CA LEU A 4012 -59.14 -20.74 3.27
C LEU A 4012 -58.27 -19.55 2.93
N LEU A 4013 -58.87 -18.49 2.40
CA LEU A 4013 -58.12 -17.26 2.14
C LEU A 4013 -57.53 -16.70 3.42
N LYS A 4014 -58.32 -16.69 4.49
CA LYS A 4014 -57.86 -16.20 5.78
C LYS A 4014 -56.67 -17.02 6.29
N GLU A 4015 -56.79 -18.35 6.19
CA GLU A 4015 -55.69 -19.21 6.60
C GLU A 4015 -54.44 -18.93 5.78
N LEU A 4016 -54.61 -18.76 4.46
CA LEU A 4016 -53.48 -18.46 3.59
C LEU A 4016 -52.79 -17.17 4.02
N LEU A 4017 -53.59 -16.13 4.30
CA LEU A 4017 -53.03 -14.85 4.71
C LEU A 4017 -52.27 -14.97 6.01
N ASP A 4018 -52.81 -15.71 6.97
CA ASP A 4018 -52.10 -15.92 8.23
C ASP A 4018 -50.77 -16.65 7.98
N LEU A 4019 -50.77 -17.60 7.06
CA LEU A 4019 -49.53 -18.30 6.74
C LEU A 4019 -48.49 -17.35 6.13
N GLN A 4020 -48.94 -16.46 5.25
CA GLN A 4020 -48.02 -15.45 4.71
C GLN A 4020 -47.47 -14.59 5.82
N LYS A 4021 -48.31 -14.25 6.79
CA LYS A 4021 -47.85 -13.43 7.92
C LYS A 4021 -46.76 -14.17 8.69
N ASP A 4022 -46.95 -15.47 8.90
CA ASP A 4022 -45.93 -16.26 9.59
C ASP A 4022 -44.62 -16.29 8.80
N MET A 4023 -44.71 -16.44 7.48
CA MET A 4023 -43.51 -16.37 6.65
C MET A 4023 -42.81 -15.03 6.78
N VAL A 4024 -43.57 -13.94 6.77
CA VAL A 4024 -42.98 -12.62 6.93
C VAL A 4024 -42.33 -12.47 8.29
N VAL A 4025 -42.94 -13.06 9.33
CA VAL A 4025 -42.33 -13.05 10.66
C VAL A 4025 -41.00 -13.78 10.64
N MET A 4026 -40.93 -14.91 9.94
CA MET A 4026 -39.66 -15.62 9.81
C MET A 4026 -38.61 -14.73 9.15
N LEU A 4027 -38.99 -14.02 8.08
CA LEU A 4027 -38.05 -13.11 7.44
C LEU A 4027 -37.59 -12.01 8.38
N LEU A 4028 -38.52 -11.42 9.13
CA LEU A 4028 -38.18 -10.38 10.08
C LEU A 4028 -37.23 -10.89 11.16
N SER A 4029 -37.42 -12.13 11.60
CA SER A 4029 -36.48 -12.75 12.53
C SER A 4029 -35.11 -12.93 11.90
N LEU A 4030 -35.07 -13.33 10.63
CA LEU A 4030 -33.79 -13.39 9.92
C LEU A 4030 -33.10 -12.03 9.93
N LEU A 4031 -33.87 -10.95 9.93
CA LEU A 4031 -33.30 -9.61 9.96
C LEU A 4031 -33.00 -9.10 11.37
N GLU A 4032 -33.05 -9.95 12.39
CA GLU A 4032 -32.70 -9.50 13.73
C GLU A 4032 -31.19 -9.28 13.82
N GLY A 4033 -30.80 -8.13 14.34
CA GLY A 4033 -29.40 -7.77 14.43
C GLY A 4033 -28.79 -7.30 13.12
N ASN A 4034 -29.59 -7.14 12.08
CA ASN A 4034 -29.07 -6.73 10.79
C ASN A 4034 -28.51 -5.32 10.85
N VAL A 4035 -27.38 -5.12 10.20
CA VAL A 4035 -26.75 -3.81 10.11
C VAL A 4035 -27.06 -3.20 8.75
N VAL A 4036 -26.81 -1.90 8.61
CA VAL A 4036 -27.03 -1.24 7.33
C VAL A 4036 -26.22 -1.93 6.24
N ASN A 4037 -26.87 -2.15 5.10
CA ASN A 4037 -26.26 -2.83 3.96
C ASN A 4037 -25.77 -4.23 4.34
N GLY A 4038 -26.50 -4.89 5.23
CA GLY A 4038 -26.13 -6.23 5.62
C GLY A 4038 -26.40 -7.26 4.53
N MET A 4039 -25.63 -8.34 4.58
CA MET A 4039 -25.70 -9.35 3.54
C MET A 4039 -27.07 -10.01 3.51
N ILE A 4040 -27.66 -10.26 4.67
CA ILE A 4040 -28.97 -10.92 4.72
C ILE A 4040 -30.04 -10.02 4.14
N ALA A 4041 -29.98 -8.72 4.46
CA ALA A 4041 -30.94 -7.79 3.89
C ALA A 4041 -30.79 -7.69 2.38
N ARG A 4042 -29.55 -7.65 1.89
CA ARG A 4042 -29.34 -7.59 0.45
C ARG A 4042 -29.83 -8.87 -0.22
N GLN A 4043 -29.64 -10.01 0.44
CA GLN A 4043 -30.19 -11.27 -0.05
C GLN A 4043 -31.71 -11.22 -0.13
N MET A 4044 -32.35 -10.67 0.90
CA MET A 4044 -33.80 -10.50 0.87
C MET A 4044 -34.23 -9.64 -0.31
N VAL A 4045 -33.53 -8.53 -0.54
CA VAL A 4045 -33.88 -7.66 -1.65
C VAL A 4045 -33.74 -8.39 -2.98
N ASP A 4046 -32.67 -9.16 -3.13
CA ASP A 4046 -32.47 -9.91 -4.37
C ASP A 4046 -33.57 -10.94 -4.56
N MET A 4047 -33.97 -11.64 -3.49
CA MET A 4047 -35.05 -12.60 -3.59
C MET A 4047 -36.36 -11.91 -3.99
N LEU A 4048 -36.64 -10.77 -3.39
CA LEU A 4048 -37.84 -10.02 -3.74
C LEU A 4048 -37.80 -9.59 -5.20
N VAL A 4049 -36.63 -9.20 -5.69
CA VAL A 4049 -36.49 -8.85 -7.10
C VAL A 4049 -36.78 -10.05 -7.98
N GLU A 4050 -36.27 -11.22 -7.59
CA GLU A 4050 -36.57 -12.45 -8.32
C GLU A 4050 -38.06 -12.73 -8.34
N SER A 4051 -38.75 -12.42 -7.24
CA SER A 4051 -40.18 -12.67 -7.10
C SER A 4051 -41.02 -11.42 -7.37
N SER A 4052 -40.47 -10.45 -8.10
CA SER A 4052 -41.10 -9.15 -8.25
C SER A 4052 -42.59 -9.26 -8.62
N SER A 4053 -42.91 -9.99 -9.68
CA SER A 4053 -44.26 -9.99 -10.21
C SER A 4053 -45.28 -10.36 -9.13
N ASN A 4054 -45.02 -11.41 -8.38
CA ASN A 4054 -45.97 -11.86 -7.35
C ASN A 4054 -46.05 -10.86 -6.21
N VAL A 4055 -44.92 -10.24 -5.85
CA VAL A 4055 -44.93 -9.18 -4.86
C VAL A 4055 -45.82 -8.03 -5.34
N GLU A 4056 -45.69 -7.67 -6.61
CA GLU A 4056 -46.54 -6.62 -7.18
C GLU A 4056 -48.01 -7.02 -7.11
N MET A 4057 -48.31 -8.29 -7.41
CA MET A 4057 -49.68 -8.76 -7.35
C MET A 4057 -50.24 -8.61 -5.93
N ILE A 4058 -49.44 -8.99 -4.93
CA ILE A 4058 -49.89 -8.93 -3.54
C ILE A 4058 -50.14 -7.48 -3.13
N LEU A 4059 -49.20 -6.60 -3.47
CA LEU A 4059 -49.35 -5.19 -3.10
C LEU A 4059 -50.56 -4.58 -3.79
N LYS A 4060 -50.78 -4.96 -5.05
CA LYS A 4060 -51.95 -4.46 -5.78
C LYS A 4060 -53.25 -4.95 -5.16
N PHE A 4061 -53.30 -6.21 -4.74
CA PHE A 4061 -54.47 -6.69 -4.03
C PHE A 4061 -54.78 -5.82 -2.82
N PHE A 4062 -53.76 -5.61 -1.96
CA PHE A 4062 -53.99 -4.83 -0.75
C PHE A 4062 -54.43 -3.41 -1.10
N ASP A 4063 -53.75 -2.76 -2.04
CA ASP A 4063 -54.04 -1.35 -2.31
C ASP A 4063 -55.40 -1.19 -2.99
N MET A 4064 -55.75 -2.13 -3.87
CA MET A 4064 -57.06 -2.08 -4.51
C MET A 4064 -58.17 -2.16 -3.48
N PHE A 4065 -58.08 -3.10 -2.53
CA PHE A 4065 -59.16 -3.19 -1.56
C PHE A 4065 -59.14 -2.01 -0.60
N LEU A 4066 -57.95 -1.51 -0.26
CA LEU A 4066 -57.86 -0.31 0.57
C LEU A 4066 -58.55 0.88 -0.10
N LYS A 4067 -58.36 1.03 -1.41
CA LYS A 4067 -58.98 2.15 -2.13
C LYS A 4067 -60.47 1.93 -2.29
N LEU A 4068 -60.90 0.67 -2.48
CA LEU A 4068 -62.32 0.39 -2.58
C LEU A 4068 -63.04 0.79 -1.30
N LYS A 4069 -62.41 0.52 -0.16
CA LYS A 4069 -63.05 0.88 1.12
C LYS A 4069 -63.35 2.38 1.18
N ASP A 4070 -62.43 3.22 0.72
CA ASP A 4070 -62.66 4.66 0.77
C ASP A 4070 -63.61 5.12 -0.34
N ILE A 4071 -63.53 4.48 -1.51
CA ILE A 4071 -64.41 4.88 -2.61
C ILE A 4071 -65.86 4.65 -2.25
N VAL A 4072 -66.18 3.48 -1.68
CA VAL A 4072 -67.57 3.19 -1.35
C VAL A 4072 -68.11 4.18 -0.32
N GLY A 4073 -67.25 4.75 0.51
CA GLY A 4073 -67.67 5.77 1.45
C GLY A 4073 -67.77 7.12 0.77
N SER A 4074 -67.04 7.29 -0.32
CA SER A 4074 -67.12 8.53 -1.09
C SER A 4074 -68.55 8.79 -1.53
N GLU A 4075 -69.00 10.03 -1.31
CA GLU A 4075 -70.37 10.38 -1.68
C GLU A 4075 -70.58 10.33 -3.18
N ALA A 4076 -69.55 10.68 -3.96
CA ALA A 4076 -69.67 10.58 -5.41
C ALA A 4076 -70.10 9.18 -5.82
N PHE A 4077 -69.59 8.16 -5.14
CA PHE A 4077 -70.09 6.81 -5.33
C PHE A 4077 -71.56 6.72 -4.95
N GLN A 4078 -71.94 7.37 -3.85
CA GLN A 4078 -73.32 7.34 -3.40
C GLN A 4078 -74.27 8.01 -4.39
N ASP A 4079 -73.76 8.92 -5.22
CA ASP A 4079 -74.60 9.50 -6.27
C ASP A 4079 -75.07 8.43 -7.23
N TYR A 4080 -74.18 7.50 -7.58
CA TYR A 4080 -74.54 6.42 -8.49
C TYR A 4080 -75.56 5.48 -7.85
N VAL A 4081 -75.61 5.44 -6.52
CA VAL A 4081 -76.55 4.57 -5.82
C VAL A 4081 -77.94 5.16 -5.97
N THR A 4082 -78.85 4.37 -6.56
CA THR A 4082 -80.22 4.82 -6.82
C THR A 4082 -81.25 3.84 -6.28
N ASP A 4083 -80.84 2.91 -5.42
CA ASP A 4083 -81.72 1.89 -4.89
C ASP A 4083 -81.93 2.09 -3.40
N PRO A 4084 -83.18 2.08 -2.91
CA PRO A 4084 -83.39 2.28 -1.48
C PRO A 4084 -82.69 1.25 -0.60
N ARG A 4085 -82.57 0.01 -1.09
CA ARG A 4085 -81.96 -1.05 -0.31
C ARG A 4085 -80.45 -0.88 -0.18
N GLY A 4086 -79.85 0.08 -0.88
CA GLY A 4086 -78.43 0.32 -0.77
C GLY A 4086 -77.58 -0.55 -1.68
N LEU A 4087 -78.18 -1.29 -2.60
CA LEU A 4087 -77.43 -2.10 -3.54
C LEU A 4087 -77.08 -1.28 -4.77
N ILE A 4088 -76.00 -1.69 -5.45
CA ILE A 4088 -75.54 -1.04 -6.67
C ILE A 4088 -75.31 -2.10 -7.72
N SER A 4089 -75.78 -1.84 -8.93
CA SER A 4089 -75.70 -2.82 -10.01
C SER A 4089 -74.28 -2.88 -10.56
N LYS A 4090 -74.00 -3.93 -11.31
CA LYS A 4090 -72.64 -4.11 -11.84
C LYS A 4090 -72.27 -3.02 -12.83
N LYS A 4091 -73.20 -2.65 -13.72
CA LYS A 4091 -72.90 -1.59 -14.68
C LYS A 4091 -72.68 -0.26 -13.99
N ASP A 4092 -73.55 0.07 -13.03
CA ASP A 4092 -73.42 1.34 -12.32
C ASP A 4092 -72.14 1.36 -11.48
N PHE A 4093 -71.78 0.21 -10.91
CA PHE A 4093 -70.52 0.08 -10.19
C PHE A 4093 -69.33 0.31 -11.11
N GLN A 4094 -69.39 -0.27 -12.32
CA GLN A 4094 -68.33 -0.07 -13.30
C GLN A 4094 -68.20 1.40 -13.67
N LYS A 4095 -69.32 2.07 -13.85
CA LYS A 4095 -69.30 3.49 -14.16
C LYS A 4095 -68.73 4.31 -13.00
N ALA A 4096 -69.09 3.94 -11.77
CA ALA A 4096 -68.50 4.62 -10.61
C ALA A 4096 -66.98 4.45 -10.59
N MET A 4097 -66.51 3.23 -10.85
CA MET A 4097 -65.08 2.99 -10.88
C MET A 4097 -64.40 3.85 -11.95
N ASP A 4098 -64.95 3.86 -13.17
CA ASP A 4098 -64.28 4.61 -14.24
C ASP A 4098 -64.36 6.11 -13.97
N SER A 4099 -65.37 6.55 -13.24
CA SER A 4099 -65.46 7.96 -12.85
C SER A 4099 -64.37 8.31 -11.85
N GLN A 4100 -64.18 7.47 -10.83
CA GLN A 4100 -63.11 7.74 -9.87
C GLN A 4100 -61.74 7.63 -10.52
N LYS A 4101 -61.60 6.81 -11.56
CA LYS A 4101 -60.44 6.72 -12.43
C LYS A 4101 -59.23 6.09 -11.76
N GLN A 4102 -59.32 5.71 -10.48
CA GLN A 4102 -58.17 5.10 -9.82
C GLN A 4102 -57.88 3.72 -10.41
N PHE A 4103 -58.91 2.98 -10.77
CA PHE A 4103 -58.79 1.59 -11.17
C PHE A 4103 -58.75 1.45 -12.68
N THR A 4104 -58.10 0.38 -13.14
CA THR A 4104 -58.08 0.02 -14.55
C THR A 4104 -59.28 -0.88 -14.86
N GLY A 4105 -59.45 -1.18 -16.15
CA GLY A 4105 -60.51 -2.05 -16.58
C GLY A 4105 -60.36 -3.46 -16.03
N PRO A 4106 -59.16 -4.03 -16.14
CA PRO A 4106 -58.92 -5.34 -15.53
C PRO A 4106 -59.17 -5.36 -14.03
N GLU A 4107 -58.77 -4.29 -13.34
CA GLU A 4107 -58.99 -4.20 -11.90
C GLU A 4107 -60.48 -4.14 -11.60
N ILE A 4108 -61.24 -3.40 -12.40
CA ILE A 4108 -62.68 -3.29 -12.18
C ILE A 4108 -63.35 -4.64 -12.44
N GLN A 4109 -62.89 -5.37 -13.46
CA GLN A 4109 -63.42 -6.69 -13.71
C GLN A 4109 -63.11 -7.66 -12.57
N PHE A 4110 -61.89 -7.57 -12.01
CA PHE A 4110 -61.55 -8.40 -10.88
C PHE A 4110 -62.44 -8.10 -9.68
N LEU A 4111 -62.67 -6.80 -9.41
CA LEU A 4111 -63.55 -6.43 -8.32
C LEU A 4111 -64.98 -6.91 -8.58
N LEU A 4112 -65.43 -6.85 -9.82
CA LEU A 4112 -66.76 -7.36 -10.16
C LEU A 4112 -66.83 -8.86 -9.90
N SER A 4113 -65.79 -9.59 -10.27
CA SER A 4113 -65.76 -11.03 -10.00
C SER A 4113 -65.81 -11.31 -8.50
N CYS A 4114 -65.02 -10.59 -7.72
CA CYS A 4114 -65.04 -10.77 -6.27
C CYS A 4114 -66.34 -10.32 -5.65
N SER A 4115 -67.09 -9.45 -6.33
CA SER A 4115 -68.40 -9.04 -5.84
C SER A 4115 -69.37 -10.22 -5.89
N GLU A 4116 -70.09 -10.43 -4.80
CA GLU A 4116 -71.08 -11.49 -4.72
C GLU A 4116 -72.38 -10.94 -5.28
N ALA A 4117 -72.43 -10.81 -6.61
CA ALA A 4117 -73.56 -10.22 -7.29
C ALA A 4117 -74.69 -11.23 -7.41
N ASP A 4118 -75.89 -10.82 -7.02
CA ASP A 4118 -77.06 -11.69 -7.07
C ASP A 4118 -77.49 -11.90 -8.52
N GLU A 4119 -78.56 -12.67 -8.70
CA GLU A 4119 -79.12 -12.84 -10.04
C GLU A 4119 -79.55 -11.53 -10.65
N ASN A 4120 -79.98 -10.57 -9.81
CA ASN A 4120 -80.35 -9.25 -10.29
C ASN A 4120 -79.15 -8.37 -10.58
N GLU A 4121 -77.93 -8.87 -10.38
CA GLU A 4121 -76.68 -8.17 -10.61
C GLU A 4121 -76.47 -7.07 -9.56
N MET A 4122 -77.14 -7.17 -8.42
CA MET A 4122 -77.09 -6.14 -7.39
C MET A 4122 -76.06 -6.55 -6.34
N ILE A 4123 -75.33 -5.58 -5.80
CA ILE A 4123 -74.22 -5.85 -4.90
C ILE A 4123 -74.41 -5.09 -3.59
N ASN A 4124 -73.96 -5.70 -2.49
CA ASN A 4124 -73.83 -5.01 -1.21
C ASN A 4124 -72.40 -4.51 -1.09
N PHE A 4125 -72.16 -3.26 -1.53
CA PHE A 4125 -70.80 -2.75 -1.54
C PHE A 4125 -70.24 -2.65 -0.13
N GLU A 4126 -71.10 -2.44 0.87
CA GLU A 4126 -70.62 -2.35 2.24
C GLU A 4126 -69.90 -3.63 2.65
N GLU A 4127 -70.59 -4.77 2.56
CA GLU A 4127 -69.97 -6.04 2.94
C GLU A 4127 -68.84 -6.40 1.98
N PHE A 4128 -68.99 -6.05 0.70
CA PHE A 4128 -67.91 -6.30 -0.25
C PHE A 4128 -66.62 -5.62 0.20
N ALA A 4129 -66.71 -4.35 0.59
CA ALA A 4129 -65.54 -3.63 1.07
C ALA A 4129 -65.02 -4.21 2.38
N ASN A 4130 -65.93 -4.51 3.31
CA ASN A 4130 -65.54 -4.98 4.64
C ASN A 4130 -65.01 -6.41 4.64
N ARG A 4131 -65.21 -7.15 3.55
CA ARG A 4131 -64.86 -8.58 3.56
C ARG A 4131 -63.37 -8.79 3.80
N PHE A 4132 -62.52 -8.13 3.03
CA PHE A 4132 -61.09 -8.42 3.03
C PHE A 4132 -60.27 -7.49 3.91
N GLN A 4133 -60.90 -6.57 4.65
CA GLN A 4133 -60.14 -5.63 5.45
C GLN A 4133 -59.50 -6.32 6.65
N GLU A 4134 -60.31 -6.88 7.54
CA GLU A 4134 -59.75 -7.52 8.73
C GLU A 4134 -58.84 -8.69 8.41
N PRO A 4135 -59.19 -9.62 7.50
CA PRO A 4135 -58.29 -10.75 7.23
C PRO A 4135 -56.89 -10.33 6.80
N ALA A 4136 -56.79 -9.27 6.00
CA ALA A 4136 -55.53 -8.90 5.37
C ALA A 4136 -54.77 -7.82 6.14
N ARG A 4137 -55.27 -7.40 7.29
CA ARG A 4137 -54.63 -6.28 7.98
C ARG A 4137 -53.28 -6.68 8.56
N ASP A 4138 -53.21 -7.82 9.24
CA ASP A 4138 -51.97 -8.22 9.88
C ASP A 4138 -50.86 -8.45 8.86
N ILE A 4139 -51.18 -9.15 7.77
CA ILE A 4139 -50.21 -9.35 6.70
C ILE A 4139 -49.82 -8.01 6.08
N GLY A 4140 -50.78 -7.11 5.91
CA GLY A 4140 -50.45 -5.79 5.41
C GLY A 4140 -49.48 -5.05 6.32
N PHE A 4141 -49.75 -5.09 7.62
CA PHE A 4141 -48.86 -4.44 8.58
C PHE A 4141 -47.46 -5.05 8.52
N ASN A 4142 -47.37 -6.37 8.45
CA ASN A 4142 -46.06 -7.01 8.45
C ASN A 4142 -45.32 -6.76 7.15
N VAL A 4143 -46.03 -6.69 6.03
CA VAL A 4143 -45.40 -6.31 4.77
C VAL A 4143 -44.85 -4.90 4.85
N ALA A 4144 -45.64 -3.98 5.44
CA ALA A 4144 -45.16 -2.61 5.61
C ALA A 4144 -43.93 -2.57 6.50
N VAL A 4145 -43.92 -3.36 7.57
CA VAL A 4145 -42.77 -3.40 8.47
C VAL A 4145 -41.56 -3.93 7.74
N LEU A 4146 -41.73 -5.00 6.97
CA LEU A 4146 -40.62 -5.58 6.21
C LEU A 4146 -40.04 -4.55 5.25
N LEU A 4147 -40.91 -3.85 4.51
CA LEU A 4147 -40.44 -2.87 3.55
C LEU A 4147 -39.74 -1.71 4.25
N THR A 4148 -40.29 -1.25 5.37
CA THR A 4148 -39.67 -0.15 6.11
C THR A 4148 -38.30 -0.54 6.61
N ASN A 4149 -38.19 -1.71 7.23
CA ASN A 4149 -36.90 -2.20 7.71
C ASN A 4149 -35.90 -2.30 6.58
N LEU A 4150 -36.30 -2.91 5.47
CA LEU A 4150 -35.39 -3.11 4.36
C LEU A 4150 -34.95 -1.77 3.77
N SER A 4151 -35.88 -0.81 3.65
CA SER A 4151 -35.53 0.50 3.12
C SER A 4151 -34.55 1.22 4.05
N GLU A 4152 -34.78 1.14 5.35
CA GLU A 4152 -33.94 1.85 6.30
C GLU A 4152 -32.58 1.19 6.50
N HIS A 4153 -32.44 -0.09 6.16
CA HIS A 4153 -31.15 -0.77 6.29
C HIS A 4153 -30.43 -0.98 4.97
N VAL A 4154 -31.11 -0.77 3.84
CA VAL A 4154 -30.48 -0.72 2.52
C VAL A 4154 -30.96 0.57 1.88
N PRO A 4155 -30.52 1.73 2.37
CA PRO A 4155 -31.14 3.00 1.96
C PRO A 4155 -31.00 3.30 0.48
N HIS A 4156 -30.00 2.74 -0.19
CA HIS A 4156 -29.69 3.09 -1.58
C HIS A 4156 -29.82 1.84 -2.45
N ASP A 4157 -31.03 1.58 -2.94
CA ASP A 4157 -31.29 0.46 -3.85
C ASP A 4157 -32.51 0.80 -4.71
N PRO A 4158 -32.33 1.08 -6.01
CA PRO A 4158 -33.50 1.43 -6.85
C PRO A 4158 -34.52 0.32 -6.97
N ARG A 4159 -34.13 -0.92 -6.71
CA ARG A 4159 -35.08 -2.02 -6.82
C ARG A 4159 -36.08 -1.99 -5.67
N LEU A 4160 -35.72 -1.33 -4.57
CA LEU A 4160 -36.60 -1.26 -3.41
C LEU A 4160 -37.60 -0.11 -3.51
N ARG A 4161 -37.23 1.00 -4.16
CA ARG A 4161 -38.15 2.12 -4.26
C ARG A 4161 -39.35 1.80 -5.15
N ASN A 4162 -39.17 0.91 -6.14
CA ASN A 4162 -40.31 0.48 -6.93
C ASN A 4162 -41.36 -0.19 -6.04
N PHE A 4163 -40.91 -1.14 -5.22
CA PHE A 4163 -41.82 -1.82 -4.30
C PHE A 4163 -42.42 -0.84 -3.30
N LEU A 4164 -41.62 0.12 -2.82
CA LEU A 4164 -42.13 1.08 -1.86
C LEU A 4164 -43.22 1.95 -2.48
N GLU A 4165 -43.00 2.42 -3.71
CA GLU A 4165 -44.02 3.21 -4.39
C GLU A 4165 -45.30 2.39 -4.58
N LEU A 4166 -45.15 1.12 -4.96
CA LEU A 4166 -46.33 0.27 -5.10
C LEU A 4166 -47.02 0.06 -3.76
N ALA A 4167 -46.25 0.07 -2.66
CA ALA A 4167 -46.82 -0.17 -1.35
C ALA A 4167 -47.29 1.12 -0.69
N GLU A 4168 -47.17 2.25 -1.38
CA GLU A 4168 -47.54 3.56 -0.85
C GLU A 4168 -48.81 3.52 -0.01
N SER A 4169 -49.91 3.00 -0.56
CA SER A 4169 -51.18 3.03 0.15
C SER A 4169 -51.10 2.25 1.45
N ILE A 4170 -50.45 1.09 1.43
CA ILE A 4170 -50.30 0.29 2.64
C ILE A 4170 -49.54 1.07 3.70
N LEU A 4171 -48.44 1.72 3.30
CA LEU A 4171 -47.61 2.45 4.24
C LEU A 4171 -48.37 3.64 4.82
N GLU A 4172 -49.09 4.38 3.98
CA GLU A 4172 -49.88 5.50 4.47
C GLU A 4172 -50.96 5.02 5.43
N TYR A 4173 -51.61 3.91 5.10
CA TYR A 4173 -52.67 3.38 5.97
C TYR A 4173 -52.12 2.98 7.33
N PHE A 4174 -50.96 2.31 7.36
CA PHE A 4174 -50.41 1.77 8.59
C PHE A 4174 -49.44 2.71 9.29
N ARG A 4175 -49.24 3.91 8.75
CA ARG A 4175 -48.31 4.87 9.34
C ARG A 4175 -48.64 5.20 10.80
N PRO A 4176 -49.88 5.56 11.14
CA PRO A 4176 -50.18 5.82 12.56
C PRO A 4176 -49.99 4.60 13.45
N TYR A 4177 -50.03 3.41 12.87
CA TYR A 4177 -49.95 2.17 13.64
C TYR A 4177 -48.57 1.53 13.63
N LEU A 4178 -47.63 2.06 12.85
CA LEU A 4178 -46.29 1.50 12.79
C LEU A 4178 -45.40 2.23 13.79
N GLY A 4179 -45.11 1.59 14.91
CA GLY A 4179 -44.30 2.16 15.95
C GLY A 4179 -42.83 1.83 15.74
N ARG A 4180 -41.98 2.80 16.05
CA ARG A 4180 -40.56 2.76 15.71
C ARG A 4180 -39.76 3.32 16.86
N ILE A 4181 -38.89 2.50 17.46
CA ILE A 4181 -38.02 2.96 18.53
C ILE A 4181 -36.60 2.50 18.26
N GLU A 4182 -35.68 2.94 19.11
CA GLU A 4182 -34.29 2.53 19.09
C GLU A 4182 -33.85 2.10 20.48
N ILE A 4183 -33.06 1.04 20.55
CA ILE A 4183 -32.55 0.53 21.82
C ILE A 4183 -31.07 0.23 21.68
N MET A 4184 -30.39 0.12 22.82
CA MET A 4184 -29.07 -0.49 22.88
C MET A 4184 -29.24 -1.98 23.13
N GLY A 4185 -28.92 -2.80 22.13
CA GLY A 4185 -29.13 -4.22 22.19
C GLY A 4185 -27.97 -4.96 22.83
N ALA A 4186 -28.11 -6.28 22.89
CA ALA A 4186 -27.07 -7.12 23.44
C ALA A 4186 -25.79 -7.04 22.62
N SER A 4187 -25.91 -6.78 21.32
CA SER A 4187 -24.77 -6.66 20.43
C SER A 4187 -23.94 -5.41 20.69
N ARG A 4188 -24.26 -4.64 21.72
CA ARG A 4188 -23.56 -3.38 22.00
C ARG A 4188 -23.70 -2.40 20.85
N ARG A 4189 -24.83 -2.48 20.16
CA ARG A 4189 -25.11 -1.62 19.02
C ARG A 4189 -26.56 -1.15 19.08
N ILE A 4190 -26.79 0.06 18.57
CA ILE A 4190 -28.15 0.58 18.48
C ILE A 4190 -28.93 -0.21 17.44
N GLU A 4191 -30.16 -0.58 17.80
CA GLU A 4191 -31.04 -1.35 16.95
C GLU A 4191 -32.40 -0.68 16.89
N ARG A 4192 -32.94 -0.57 15.68
CA ARG A 4192 -34.29 -0.06 15.50
C ARG A 4192 -35.29 -1.19 15.62
N ILE A 4193 -36.39 -0.91 16.30
CA ILE A 4193 -37.45 -1.88 16.57
C ILE A 4193 -38.74 -1.35 15.98
N TYR A 4194 -39.42 -2.20 15.22
CA TYR A 4194 -40.72 -1.90 14.62
C TYR A 4194 -41.78 -2.77 15.29
N PHE A 4195 -42.90 -2.15 15.64
CA PHE A 4195 -43.97 -2.84 16.34
C PHE A 4195 -45.31 -2.22 15.96
N GLU A 4196 -46.38 -2.79 16.49
CA GLU A 4196 -47.73 -2.36 16.16
C GLU A 4196 -48.32 -1.52 17.31
N ILE A 4197 -49.06 -0.49 16.93
CA ILE A 4197 -49.75 0.39 17.88
C ILE A 4197 -51.25 0.26 17.63
N SER A 4198 -52.01 0.09 18.71
CA SER A 4198 -53.44 -0.06 18.59
C SER A 4198 -54.14 1.30 18.58
N GLU A 4199 -55.25 1.36 17.83
CA GLU A 4199 -56.04 2.58 17.74
C GLU A 4199 -56.48 3.05 19.12
N THR A 4200 -56.93 2.11 19.97
CA THR A 4200 -57.40 2.48 21.30
C THR A 4200 -56.28 3.11 22.11
N ASN A 4201 -55.09 2.53 22.06
CA ASN A 4201 -53.95 3.08 22.79
C ASN A 4201 -53.61 4.48 22.30
N ARG A 4202 -53.59 4.67 20.98
CA ARG A 4202 -53.30 5.99 20.43
C ARG A 4202 -54.35 7.01 20.86
N ALA A 4203 -55.62 6.64 20.79
CA ALA A 4203 -56.68 7.56 21.21
C ALA A 4203 -56.55 7.92 22.68
N GLN A 4204 -56.33 6.92 23.53
CA GLN A 4204 -56.19 7.16 24.96
C GLN A 4204 -55.01 8.08 25.23
N TRP A 4205 -53.91 7.91 24.51
CA TRP A 4205 -52.77 8.81 24.64
C TRP A 4205 -53.14 10.22 24.19
N GLU A 4206 -53.92 10.36 23.13
CA GLU A 4206 -54.29 11.68 22.63
C GLU A 4206 -55.38 12.33 23.47
N MET A 4207 -55.96 11.62 24.43
CA MET A 4207 -56.92 12.25 25.32
C MET A 4207 -56.26 13.42 26.05
N PRO A 4208 -56.98 14.52 26.28
CA PRO A 4208 -56.34 15.73 26.85
C PRO A 4208 -55.73 15.54 28.22
N GLN A 4209 -56.32 14.70 29.08
CA GLN A 4209 -55.78 14.56 30.44
C GLN A 4209 -54.40 13.94 30.40
N VAL A 4210 -54.19 12.95 29.54
CA VAL A 4210 -52.86 12.39 29.36
C VAL A 4210 -51.90 13.45 28.86
N LYS A 4211 -52.36 14.35 28.00
CA LYS A 4211 -51.49 15.41 27.51
C LYS A 4211 -51.08 16.35 28.63
N GLU A 4212 -52.01 16.72 29.50
CA GLU A 4212 -51.66 17.56 30.64
C GLU A 4212 -50.68 16.86 31.57
N SER A 4213 -50.91 15.57 31.84
CA SER A 4213 -50.01 14.81 32.68
C SER A 4213 -48.61 14.77 32.05
N LYS A 4214 -48.56 14.58 30.73
CA LYS A 4214 -47.28 14.57 30.03
C LYS A 4214 -46.56 15.90 30.17
N ARG A 4215 -47.28 17.01 29.98
CA ARG A 4215 -46.65 18.32 30.09
C ARG A 4215 -46.11 18.54 31.49
N GLN A 4216 -46.90 18.17 32.50
CA GLN A 4216 -46.46 18.35 33.88
C GLN A 4216 -45.22 17.51 34.18
N PHE A 4217 -45.23 16.26 33.71
CA PHE A 4217 -44.08 15.38 33.91
C PHE A 4217 -42.83 15.94 33.25
N ILE A 4218 -42.98 16.44 32.02
CA ILE A 4218 -41.85 17.02 31.31
C ILE A 4218 -41.30 18.21 32.07
N PHE A 4219 -42.18 19.10 32.50
CA PHE A 4219 -41.74 20.27 33.26
C PHE A 4219 -40.96 19.84 34.49
N ASP A 4220 -41.52 18.89 35.26
CA ASP A 4220 -40.89 18.46 36.50
C ASP A 4220 -39.51 17.86 36.24
N VAL A 4221 -39.42 16.92 35.30
CA VAL A 4221 -38.15 16.24 35.07
C VAL A 4221 -37.11 17.16 34.46
N VAL A 4222 -37.53 18.17 33.70
CA VAL A 4222 -36.56 19.05 33.05
C VAL A 4222 -36.08 20.12 33.99
N ASN A 4223 -36.89 20.48 34.98
CA ASN A 4223 -36.57 21.58 35.88
C ASN A 4223 -35.93 21.12 37.19
N GLU A 4224 -36.41 20.01 37.74
CA GLU A 4224 -35.91 19.49 39.01
C GLU A 4224 -35.73 17.97 38.93
N GLY A 4225 -35.21 17.50 37.81
CA GLY A 4225 -35.04 16.07 37.58
C GLY A 4225 -33.60 15.71 37.35
N GLY A 4226 -33.19 14.58 37.93
CA GLY A 4226 -31.83 14.10 37.74
C GLY A 4226 -31.69 13.25 36.49
N GLU A 4227 -30.54 13.39 35.83
CA GLU A 4227 -30.27 12.63 34.61
C GLU A 4227 -30.25 11.14 34.89
N ALA A 4228 -29.66 10.74 36.02
CA ALA A 4228 -29.54 9.32 36.33
C ALA A 4228 -30.92 8.68 36.49
N GLU A 4229 -31.85 9.36 37.15
CA GLU A 4229 -33.17 8.84 37.43
C GLU A 4229 -34.22 9.27 36.41
N LYS A 4230 -33.80 9.94 35.33
CA LYS A 4230 -34.75 10.38 34.31
C LYS A 4230 -35.54 9.20 33.74
N MET A 4231 -34.85 8.12 33.36
CA MET A 4231 -35.55 7.01 32.74
C MET A 4231 -36.47 6.30 33.72
N GLU A 4232 -36.05 6.18 34.99
CA GLU A 4232 -36.94 5.61 36.00
C GLU A 4232 -38.19 6.46 36.14
N LEU A 4233 -38.02 7.78 36.16
CA LEU A 4233 -39.18 8.67 36.22
C LEU A 4233 -40.08 8.50 35.01
N PHE A 4234 -39.48 8.36 33.83
CA PHE A 4234 -40.27 8.18 32.61
C PHE A 4234 -41.08 6.90 32.66
N VAL A 4235 -40.46 5.81 33.13
CA VAL A 4235 -41.18 4.54 33.23
C VAL A 4235 -42.28 4.62 34.27
N SER A 4236 -42.03 5.32 35.38
CA SER A 4236 -43.09 5.51 36.37
C SER A 4236 -44.25 6.30 35.78
N PHE A 4237 -43.94 7.34 34.99
CA PHE A 4237 -44.98 8.09 34.30
C PHE A 4237 -45.77 7.20 33.37
N CYS A 4238 -45.08 6.32 32.63
CA CYS A 4238 -45.78 5.42 31.71
C CYS A 4238 -46.70 4.49 32.46
N GLU A 4239 -46.24 3.93 33.58
CA GLU A 4239 -47.06 3.04 34.39
C GLU A 4239 -48.31 3.76 34.89
N ASP A 4240 -48.12 4.95 35.46
CA ASP A 4240 -49.26 5.71 35.99
C ASP A 4240 -50.24 6.05 34.89
N THR A 4241 -49.73 6.41 33.71
CA THR A 4241 -50.61 6.75 32.60
C THR A 4241 -51.39 5.54 32.11
N ILE A 4242 -50.75 4.36 32.11
CA ILE A 4242 -51.48 3.14 31.76
C ILE A 4242 -52.61 2.90 32.73
N PHE A 4243 -52.33 3.04 34.02
CA PHE A 4243 -53.38 2.86 35.02
C PHE A 4243 -54.51 3.87 34.81
N GLU A 4244 -54.16 5.11 34.50
CA GLU A 4244 -55.18 6.13 34.24
C GLU A 4244 -56.00 5.80 33.01
N MET A 4245 -55.37 5.24 31.98
CA MET A 4245 -56.12 4.78 30.81
C MET A 4245 -57.12 3.71 31.20
N GLN A 4246 -56.70 2.76 32.04
CA GLN A 4246 -57.63 1.73 32.50
C GLN A 4246 -58.82 2.36 33.22
N ILE A 4247 -58.55 3.32 34.11
CA ILE A 4247 -59.64 3.95 34.84
C ILE A 4247 -60.57 4.69 33.90
N ALA A 4248 -60.02 5.42 32.93
CA ALA A 4248 -60.85 6.15 31.98
C ALA A 4248 -61.71 5.21 31.15
N ALA A 4249 -61.13 4.11 30.70
CA ALA A 4249 -61.91 3.12 29.94
C ALA A 4249 -63.03 2.57 30.79
N GLN A 4250 -62.75 2.25 32.05
CA GLN A 4250 -63.78 1.71 32.92
C GLN A 4250 -64.93 2.69 33.11
N ILE A 4251 -64.61 3.96 33.36
CA ILE A 4251 -65.69 4.93 33.60
C ILE A 4251 -66.36 5.35 32.31
N SER A 4252 -65.75 5.07 31.16
CA SER A 4252 -66.35 5.44 29.89
C SER A 4252 -67.63 4.65 29.66
N GLU A 4253 -68.58 5.28 28.95
CA GLU A 4253 -69.86 4.64 28.64
C GLU A 4253 -69.89 4.27 27.16
N PRO A 4254 -70.56 3.18 26.77
CA PRO A 4254 -70.64 2.79 25.36
C PRO A 4254 -71.33 3.84 24.50
N PHE A 4540 -83.24 -7.74 42.09
CA PHE A 4540 -83.13 -6.33 41.76
C PHE A 4540 -81.85 -5.73 42.34
N TRP A 4541 -81.19 -6.49 43.21
CA TRP A 4541 -79.93 -6.02 43.79
C TRP A 4541 -78.90 -5.75 42.70
N GLY A 4542 -78.87 -6.60 41.68
CA GLY A 4542 -77.96 -6.37 40.57
C GLY A 4542 -78.31 -5.11 39.80
N GLU A 4543 -79.61 -4.83 39.67
CA GLU A 4543 -80.02 -3.59 39.02
C GLU A 4543 -79.57 -2.38 39.84
N LEU A 4544 -79.70 -2.46 41.16
CA LEU A 4544 -79.19 -1.41 42.02
C LEU A 4544 -77.69 -1.24 41.84
N GLU A 4545 -76.95 -2.35 41.77
CA GLU A 4545 -75.51 -2.28 41.62
C GLU A 4545 -75.10 -1.63 40.31
N VAL A 4546 -75.76 -2.01 39.21
CA VAL A 4546 -75.41 -1.46 37.90
C VAL A 4546 -75.77 0.02 37.85
N GLN A 4547 -76.90 0.40 38.46
CA GLN A 4547 -77.23 1.82 38.55
C GLN A 4547 -76.18 2.57 39.36
N ARG A 4548 -75.70 1.95 40.45
CA ARG A 4548 -74.67 2.58 41.26
C ARG A 4548 -73.41 2.84 40.47
N VAL A 4549 -72.95 1.83 39.72
CA VAL A 4549 -71.71 2.01 38.96
C VAL A 4549 -71.92 3.01 37.84
N LYS A 4550 -73.09 2.99 37.20
CA LYS A 4550 -73.39 4.01 36.19
C LYS A 4550 -73.32 5.42 36.78
N PHE A 4551 -73.95 5.62 37.93
CA PHE A 4551 -73.98 6.94 38.54
C PHE A 4551 -72.58 7.38 38.95
N LEU A 4552 -71.81 6.49 39.56
CA LEU A 4552 -70.46 6.82 39.97
C LEU A 4552 -69.58 7.16 38.78
N ASN A 4553 -69.73 6.40 37.68
CA ASN A 4553 -68.94 6.65 36.49
C ASN A 4553 -69.34 7.96 35.82
N TYR A 4554 -70.63 8.30 35.84
CA TYR A 4554 -71.05 9.59 35.34
C TYR A 4554 -70.43 10.72 36.16
N LEU A 4555 -70.40 10.56 37.48
CA LEU A 4555 -69.75 11.54 38.35
C LEU A 4555 -68.27 11.66 38.01
N SER A 4556 -67.60 10.52 37.84
CA SER A 4556 -66.17 10.55 37.53
C SER A 4556 -65.92 11.25 36.20
N ARG A 4557 -66.75 10.96 35.20
CA ARG A 4557 -66.58 11.58 33.89
C ARG A 4557 -66.81 13.08 33.96
N ASN A 4558 -67.80 13.52 34.74
CA ASN A 4558 -68.20 14.91 34.78
C ASN A 4558 -67.70 15.62 36.04
N PHE A 4559 -66.62 15.11 36.64
CA PHE A 4559 -66.10 15.69 37.88
C PHE A 4559 -65.83 17.19 37.74
N TYR A 4560 -65.10 17.58 36.70
CA TYR A 4560 -64.70 18.98 36.55
C TYR A 4560 -65.90 19.88 36.30
N THR A 4561 -66.87 19.40 35.52
CA THR A 4561 -68.08 20.17 35.29
C THR A 4561 -68.78 20.48 36.61
N LEU A 4562 -68.82 19.50 37.51
CA LEU A 4562 -69.42 19.71 38.82
C LEU A 4562 -68.68 20.78 39.60
N ARG A 4563 -67.35 20.81 39.52
CA ARG A 4563 -66.57 21.83 40.20
C ARG A 4563 -66.88 23.22 39.67
N PHE A 4564 -66.94 23.36 38.34
CA PHE A 4564 -67.31 24.63 37.73
C PHE A 4564 -68.71 25.05 38.17
N LEU A 4565 -69.65 24.09 38.20
CA LEU A 4565 -71.01 24.38 38.61
C LEU A 4565 -71.06 24.85 40.06
N ALA A 4566 -70.29 24.20 40.94
CA ALA A 4566 -70.24 24.62 42.33
C ALA A 4566 -69.71 26.04 42.45
N LEU A 4567 -68.68 26.37 41.70
CA LEU A 4567 -68.16 27.73 41.72
C LEU A 4567 -69.23 28.72 41.25
N PHE A 4568 -69.97 28.36 40.20
CA PHE A 4568 -71.03 29.23 39.71
C PHE A 4568 -72.10 29.46 40.77
N LEU A 4569 -72.50 28.39 41.46
CA LEU A 4569 -73.49 28.52 42.52
C LEU A 4569 -72.98 29.39 43.66
N ALA A 4570 -71.69 29.23 44.01
CA ALA A 4570 -71.12 30.08 45.04
C ALA A 4570 -71.18 31.55 44.65
N PHE A 4571 -70.87 31.84 43.38
CA PHE A 4571 -70.93 33.21 42.91
C PHE A 4571 -72.36 33.73 42.96
N ALA A 4572 -73.34 32.91 42.57
CA ALA A 4572 -74.74 33.33 42.61
C ALA A 4572 -75.16 33.63 44.06
N ILE A 4573 -74.81 32.74 44.98
CA ILE A 4573 -75.18 32.92 46.38
C ILE A 4573 -74.58 34.20 46.93
N ASN A 4574 -73.30 34.45 46.64
CA ASN A 4574 -72.64 35.63 47.16
C ASN A 4574 -73.10 36.91 46.48
N PHE A 4575 -73.58 36.81 45.24
CA PHE A 4575 -74.25 37.94 44.60
C PHE A 4575 -75.56 38.25 45.33
N ILE A 4576 -76.30 37.22 45.71
CA ILE A 4576 -77.54 37.42 46.45
C ILE A 4576 -77.26 38.02 47.82
N LEU A 4577 -76.21 37.53 48.50
CA LEU A 4577 -75.93 37.96 49.87
C LEU A 4577 -75.64 39.45 49.96
N LEU A 4578 -75.29 40.10 48.84
CA LEU A 4578 -75.05 41.53 48.87
C LEU A 4578 -76.31 42.29 49.24
N PHE A 4579 -77.47 41.66 49.13
CA PHE A 4579 -78.73 42.38 49.35
C PHE A 4579 -79.17 42.33 50.80
N TYR A 4580 -78.50 41.56 51.65
CA TYR A 4580 -78.85 41.55 53.06
C TYR A 4580 -78.71 42.93 53.67
N LYS A 4581 -79.54 43.22 54.67
CA LYS A 4581 -79.47 44.45 55.43
C LYS A 4581 -79.88 44.14 56.86
N VAL A 4582 -79.42 44.99 57.78
CA VAL A 4582 -79.63 44.78 59.20
C VAL A 4582 -80.50 45.92 59.74
N SER A 4583 -81.52 45.55 60.52
CA SER A 4583 -82.38 46.55 61.15
C SER A 4583 -82.64 46.16 62.59
N ASP A 4584 -82.87 47.18 63.43
CA ASP A 4584 -83.30 46.92 64.79
C ASP A 4584 -84.67 46.24 64.82
N SER A 4585 -85.59 46.71 63.99
CA SER A 4585 -86.93 46.15 63.95
C SER A 4585 -86.97 44.90 63.06
N PRO A 4586 -87.91 43.99 63.32
CA PRO A 4586 -88.17 42.92 62.35
C PRO A 4586 -88.72 43.49 61.07
N PRO A 4587 -88.52 42.83 59.92
CA PRO A 4587 -89.06 43.35 58.66
C PRO A 4587 -90.57 43.58 58.72
N ASN A 4626 -83.56 44.08 72.37
CA ASN A 4626 -82.48 44.74 71.65
C ASN A 4626 -81.72 43.72 70.80
N MET A 4627 -82.31 43.35 69.67
CA MET A 4627 -81.75 42.34 68.78
C MET A 4627 -81.81 42.86 67.34
N VAL A 4628 -80.72 42.68 66.61
CA VAL A 4628 -80.69 43.05 65.20
C VAL A 4628 -81.24 41.90 64.36
N TYR A 4629 -81.80 42.25 63.21
CA TYR A 4629 -82.34 41.28 62.27
C TYR A 4629 -81.69 41.48 60.92
N TYR A 4630 -81.18 40.39 60.35
CA TYR A 4630 -80.64 40.38 59.00
C TYR A 4630 -81.71 39.85 58.06
N PHE A 4631 -82.00 40.60 57.01
CA PHE A 4631 -83.02 40.20 56.06
C PHE A 4631 -82.66 40.69 54.67
N LEU A 4632 -83.18 40.00 53.66
CA LEU A 4632 -82.97 40.40 52.28
C LEU A 4632 -83.73 41.70 51.99
N GLU A 4633 -83.27 42.42 50.96
CA GLU A 4633 -83.91 43.65 50.50
C GLU A 4633 -84.11 43.56 49.00
N GLU A 4634 -85.23 42.96 48.59
CA GLU A 4634 -85.64 42.94 47.18
C GLU A 4634 -87.13 43.19 47.08
N SER A 4635 -87.54 43.66 45.91
CA SER A 4635 -88.96 43.91 45.65
C SER A 4635 -89.72 42.63 45.33
N THR A 4636 -89.11 41.73 44.56
CA THR A 4636 -89.84 40.57 44.06
C THR A 4636 -90.26 39.64 45.18
N GLY A 4637 -89.34 39.35 46.10
CA GLY A 4637 -89.55 38.33 47.11
C GLY A 4637 -89.18 36.93 46.70
N TYR A 4638 -88.74 36.74 45.45
CA TYR A 4638 -88.39 35.42 44.95
C TYR A 4638 -86.95 35.03 45.28
N MET A 4639 -86.15 35.96 45.82
CA MET A 4639 -84.72 35.70 45.96
C MET A 4639 -84.43 34.75 47.13
N GLU A 4640 -85.15 34.90 48.24
CA GLU A 4640 -84.89 34.04 49.40
C GLU A 4640 -85.08 32.57 49.07
N PRO A 4641 -86.19 32.13 48.47
CA PRO A 4641 -86.28 30.71 48.06
C PRO A 4641 -85.18 30.31 47.10
N ALA A 4642 -84.78 31.21 46.20
CA ALA A 4642 -83.68 30.92 45.30
C ALA A 4642 -82.39 30.70 46.07
N LEU A 4643 -82.15 31.51 47.11
CA LEU A 4643 -80.98 31.32 47.96
C LEU A 4643 -81.02 29.94 48.62
N TRP A 4644 -82.18 29.57 49.17
CA TRP A 4644 -82.31 28.27 49.81
C TRP A 4644 -82.00 27.13 48.83
N CYS A 4645 -82.61 27.18 47.65
CA CYS A 4645 -82.42 26.13 46.66
C CYS A 4645 -80.97 26.07 46.21
N LEU A 4646 -80.35 27.22 45.94
CA LEU A 4646 -78.96 27.24 45.51
C LEU A 4646 -78.04 26.68 46.59
N SER A 4647 -78.32 26.99 47.86
CA SER A 4647 -77.51 26.45 48.94
C SER A 4647 -77.60 24.92 48.99
N LEU A 4648 -78.82 24.39 48.94
CA LEU A 4648 -78.98 22.93 48.98
C LEU A 4648 -78.26 22.29 47.80
N LEU A 4649 -78.44 22.85 46.60
CA LEU A 4649 -77.84 22.27 45.41
C LEU A 4649 -76.32 22.37 45.46
N HIS A 4650 -75.79 23.46 46.01
CA HIS A 4650 -74.34 23.60 46.16
C HIS A 4650 -73.79 22.53 47.08
N THR A 4651 -74.46 22.27 48.20
CA THR A 4651 -74.01 21.20 49.09
C THR A 4651 -74.05 19.85 48.38
N LEU A 4652 -75.13 19.59 47.64
CA LEU A 4652 -75.24 18.35 46.88
C LEU A 4652 -74.07 18.21 45.91
N VAL A 4653 -73.75 19.29 45.20
CA VAL A 4653 -72.67 19.24 44.22
C VAL A 4653 -71.33 19.01 44.90
N ALA A 4654 -71.15 19.58 46.08
CA ALA A 4654 -69.92 19.31 46.83
C ALA A 4654 -69.80 17.83 47.15
N PHE A 4655 -70.91 17.20 47.56
CA PHE A 4655 -70.88 15.77 47.84
C PHE A 4655 -70.54 14.99 46.59
N LEU A 4656 -71.16 15.36 45.49
CA LEU A 4656 -70.91 14.67 44.23
C LEU A 4656 -69.45 14.83 43.81
N CYS A 4657 -68.86 15.99 44.08
CA CYS A 4657 -67.45 16.19 43.79
C CYS A 4657 -66.55 15.32 44.67
N ILE A 4658 -66.89 15.19 45.95
CA ILE A 4658 -66.14 14.27 46.80
C ILE A 4658 -66.18 12.86 46.20
N ILE A 4659 -67.36 12.39 45.83
CA ILE A 4659 -67.47 11.03 45.30
C ILE A 4659 -66.73 10.91 43.98
N GLY A 4660 -66.85 11.92 43.12
CA GLY A 4660 -66.15 11.88 41.85
C GLY A 4660 -64.65 11.81 42.02
N TYR A 4661 -64.11 12.59 42.95
CA TYR A 4661 -62.68 12.50 43.24
C TYR A 4661 -62.32 11.12 43.75
N ASN A 4662 -63.10 10.59 44.71
CA ASN A 4662 -62.78 9.29 45.27
C ASN A 4662 -62.80 8.20 44.21
N CYS A 4663 -63.64 8.37 43.18
CA CYS A 4663 -63.75 7.35 42.15
C CYS A 4663 -62.71 7.53 41.04
N LEU A 4664 -62.30 8.77 40.78
CA LEU A 4664 -61.46 9.05 39.62
C LEU A 4664 -59.97 9.11 39.99
N LYS A 4665 -59.64 9.87 41.03
CA LYS A 4665 -58.26 10.25 41.29
C LYS A 4665 -57.58 9.38 42.34
N VAL A 4666 -58.30 8.95 43.38
CA VAL A 4666 -57.75 8.17 44.47
C VAL A 4666 -57.05 6.91 43.98
N PRO A 4667 -57.61 6.19 43.01
CA PRO A 4667 -56.95 4.94 42.59
C PRO A 4667 -55.50 5.16 42.17
N LEU A 4668 -55.20 6.28 41.52
CA LEU A 4668 -53.81 6.57 41.17
C LEU A 4668 -52.95 6.75 42.41
N VAL A 4669 -53.48 7.45 43.42
CA VAL A 4669 -52.74 7.64 44.66
C VAL A 4669 -52.37 6.29 45.26
N ILE A 4670 -53.37 5.41 45.36
CA ILE A 4670 -53.14 4.10 45.97
C ILE A 4670 -52.19 3.28 45.11
N PHE A 4671 -52.35 3.34 43.79
CA PHE A 4671 -51.47 2.60 42.89
C PHE A 4671 -50.01 3.02 43.11
N LYS A 4672 -49.76 4.32 43.16
CA LYS A 4672 -48.40 4.82 43.31
C LYS A 4672 -47.83 4.46 44.67
N ARG A 4673 -48.63 4.61 45.73
CA ARG A 4673 -48.16 4.30 47.08
C ARG A 4673 -47.83 2.82 47.20
N GLU A 4674 -48.70 1.95 46.70
CA GLU A 4674 -48.45 0.51 46.70
C GLU A 4674 -47.20 0.17 45.90
N LYS A 4675 -47.06 0.80 44.73
CA LYS A 4675 -45.93 0.51 43.85
C LYS A 4675 -44.61 0.87 44.51
N GLU A 4676 -44.52 2.09 45.06
CA GLU A 4676 -43.26 2.49 45.70
C GLU A 4676 -42.96 1.59 46.90
N LEU A 4677 -43.99 1.24 47.67
CA LEU A 4677 -43.76 0.32 48.79
C LEU A 4677 -43.22 -1.02 48.30
N ALA A 4678 -43.82 -1.57 47.25
CA ALA A 4678 -43.38 -2.87 46.74
C ALA A 4678 -41.95 -2.81 46.23
N ARG A 4679 -41.61 -1.76 45.49
CA ARG A 4679 -40.26 -1.65 44.95
C ARG A 4679 -39.25 -1.45 46.06
N LYS A 4680 -39.59 -0.70 47.10
CA LYS A 4680 -38.71 -0.58 48.25
C LYS A 4680 -38.48 -1.93 48.90
N LEU A 4681 -39.56 -2.69 49.11
CA LEU A 4681 -39.44 -4.01 49.73
C LEU A 4681 -38.52 -4.90 48.91
N GLU A 4682 -38.77 -5.00 47.61
CA GLU A 4682 -38.06 -5.98 46.79
C GLU A 4682 -36.61 -5.56 46.55
N PHE A 4683 -36.40 -4.29 46.22
CA PHE A 4683 -35.07 -3.84 45.78
C PHE A 4683 -34.28 -3.14 46.86
N ASP A 4684 -34.93 -2.64 47.91
CA ASP A 4684 -34.25 -1.96 48.99
C ASP A 4684 -34.32 -2.70 50.31
N GLY A 4685 -35.29 -3.58 50.50
CA GLY A 4685 -35.42 -4.29 51.77
C GLY A 4685 -35.70 -3.37 52.93
N LEU A 4686 -36.63 -2.42 52.76
CA LEU A 4686 -36.88 -1.38 53.74
C LEU A 4686 -37.18 -1.94 55.12
N TYR A 4687 -38.29 -2.67 55.23
CA TYR A 4687 -38.70 -3.23 56.51
C TYR A 4687 -38.03 -4.56 56.80
N ILE A 4688 -37.16 -5.03 55.92
CA ILE A 4688 -36.38 -6.24 56.14
C ILE A 4688 -35.01 -5.92 56.71
N THR A 4689 -34.31 -4.93 56.14
CA THR A 4689 -32.95 -4.62 56.54
C THR A 4689 -32.82 -3.21 57.10
N GLU A 4690 -33.27 -2.18 56.37
CA GLU A 4690 -32.97 -0.81 56.75
C GLU A 4690 -33.85 -0.33 57.89
N GLN A 4691 -35.17 -0.41 57.70
CA GLN A 4691 -36.19 0.10 58.60
C GLN A 4691 -36.32 1.60 58.39
N PRO A 4692 -37.55 2.15 58.40
CA PRO A 4692 -37.70 3.60 58.21
C PRO A 4692 -37.04 4.38 59.33
N GLY A 4693 -36.70 5.64 59.04
CA GLY A 4693 -35.93 6.44 59.98
C GLY A 4693 -36.69 6.78 61.24
N ASP A 4694 -38.00 6.52 61.25
CA ASP A 4694 -38.95 6.88 62.30
C ASP A 4694 -39.35 8.35 62.21
N ASP A 4695 -38.72 9.13 61.33
CA ASP A 4695 -39.21 10.45 60.97
C ASP A 4695 -40.08 10.40 59.72
N ASP A 4696 -40.29 9.22 59.15
CA ASP A 4696 -41.04 9.05 57.91
C ASP A 4696 -42.41 8.48 58.25
N VAL A 4697 -43.39 9.37 58.44
CA VAL A 4697 -44.72 8.96 58.82
C VAL A 4697 -45.31 8.01 57.79
N LYS A 4698 -45.01 8.24 56.51
CA LYS A 4698 -45.48 7.34 55.47
C LYS A 4698 -44.86 5.96 55.62
N GLY A 4699 -43.57 5.91 55.97
CA GLY A 4699 -42.93 4.63 56.23
C GLY A 4699 -43.51 3.89 57.41
N GLN A 4700 -43.91 4.61 58.45
CA GLN A 4700 -44.57 3.94 59.57
C GLN A 4700 -45.99 3.50 59.22
N TRP A 4701 -46.72 4.33 58.48
CA TRP A 4701 -48.09 4.02 58.10
C TRP A 4701 -48.14 2.82 57.18
N ASP A 4702 -47.16 2.68 56.30
CA ASP A 4702 -47.13 1.58 55.35
C ASP A 4702 -46.90 0.22 56.01
N ARG A 4703 -46.51 0.20 57.29
CA ARG A 4703 -46.36 -1.07 57.98
C ARG A 4703 -47.67 -1.85 58.02
N LEU A 4704 -48.78 -1.12 58.17
CA LEU A 4704 -50.06 -1.77 58.43
C LEU A 4704 -50.45 -2.72 57.32
N VAL A 4705 -50.24 -2.29 56.07
CA VAL A 4705 -50.84 -2.98 54.94
C VAL A 4705 -49.99 -4.16 54.48
N LEU A 4706 -48.76 -4.28 54.99
CA LEU A 4706 -47.88 -5.37 54.57
C LEU A 4706 -48.50 -6.74 54.80
N ASN A 4707 -49.02 -6.97 56.01
CA ASN A 4707 -49.61 -8.27 56.34
C ASN A 4707 -51.03 -8.43 55.82
N THR A 4708 -51.59 -7.40 55.21
CA THR A 4708 -52.96 -7.46 54.73
C THR A 4708 -53.05 -8.27 53.43
N PRO A 4709 -54.08 -9.12 53.29
CA PRO A 4709 -54.22 -9.86 52.03
C PRO A 4709 -54.39 -8.95 50.82
N SER A 4710 -55.04 -7.80 50.99
CA SER A 4710 -55.41 -6.97 49.85
C SER A 4710 -54.33 -5.94 49.50
N PHE A 4711 -53.13 -6.06 50.05
CA PHE A 4711 -52.06 -5.09 49.83
C PHE A 4711 -51.96 -4.62 48.38
N PRO A 4712 -51.67 -5.49 47.40
CA PRO A 4712 -51.63 -4.95 46.02
C PRO A 4712 -52.99 -5.01 45.33
N SER A 4713 -53.92 -4.22 45.84
CA SER A 4713 -55.27 -4.20 45.26
C SER A 4713 -55.28 -3.46 43.93
N ASN A 4714 -54.77 -2.23 43.91
CA ASN A 4714 -54.73 -1.42 42.70
C ASN A 4714 -53.44 -1.62 41.91
N TYR A 4715 -52.32 -1.84 42.59
CA TYR A 4715 -51.07 -2.06 41.90
C TYR A 4715 -51.02 -3.49 41.36
N TRP A 4716 -50.56 -3.62 40.12
CA TRP A 4716 -50.77 -4.85 39.37
C TRP A 4716 -50.07 -6.05 40.00
N ASP A 4717 -48.83 -5.87 40.45
CA ASP A 4717 -48.00 -7.00 40.85
C ASP A 4717 -48.59 -7.63 42.12
N LYS A 4718 -49.22 -8.78 41.96
CA LYS A 4718 -49.79 -9.54 43.07
C LYS A 4718 -48.82 -10.49 43.72
N PHE A 4719 -47.65 -10.70 43.11
CA PHE A 4719 -46.69 -11.71 43.55
C PHE A 4719 -45.48 -11.09 44.25
N VAL A 4720 -45.58 -9.81 44.63
CA VAL A 4720 -44.39 -9.14 45.16
C VAL A 4720 -44.01 -9.76 46.50
N LYS A 4721 -45.01 -10.16 47.28
CA LYS A 4721 -44.72 -10.80 48.57
C LYS A 4721 -43.86 -12.04 48.37
N ARG A 4722 -44.24 -12.87 47.40
CA ARG A 4722 -43.46 -14.04 47.03
C ARG A 4722 -42.07 -13.67 46.55
N LYS A 4723 -41.98 -12.63 45.72
CA LYS A 4723 -40.68 -12.20 45.25
C LYS A 4723 -39.79 -11.79 46.41
N VAL A 4724 -40.35 -11.02 47.35
CA VAL A 4724 -39.60 -10.57 48.52
C VAL A 4724 -39.17 -11.76 49.34
N LEU A 4725 -40.05 -12.74 49.50
CA LEU A 4725 -39.68 -13.95 50.23
C LEU A 4725 -38.51 -14.65 49.55
N ASP A 4726 -38.64 -14.93 48.26
CA ASP A 4726 -37.57 -15.62 47.54
C ASP A 4726 -36.26 -14.86 47.65
N LYS A 4727 -36.33 -13.53 47.68
CA LYS A 4727 -35.13 -12.73 47.63
C LYS A 4727 -34.45 -12.60 48.99
N HIS A 4728 -35.23 -12.47 50.06
CA HIS A 4728 -34.69 -12.12 51.37
C HIS A 4728 -34.85 -13.20 52.43
N GLY A 4729 -35.51 -14.33 52.13
CA GLY A 4729 -35.82 -15.29 53.17
C GLY A 4729 -34.61 -16.01 53.70
N ASP A 4730 -33.70 -16.41 52.81
CA ASP A 4730 -32.53 -17.17 53.25
C ASP A 4730 -31.75 -16.39 54.31
N ILE A 4731 -31.76 -15.07 54.21
CA ILE A 4731 -30.99 -14.24 55.13
C ILE A 4731 -31.83 -13.85 56.34
N PHE A 4732 -33.07 -13.43 56.12
CA PHE A 4732 -33.86 -12.76 57.14
C PHE A 4732 -34.82 -13.68 57.88
N GLY A 4733 -34.99 -14.92 57.42
CA GLY A 4733 -35.94 -15.83 58.01
C GLY A 4733 -37.25 -15.90 57.25
N ARG A 4734 -37.53 -17.06 56.64
CA ARG A 4734 -38.74 -17.21 55.85
C ARG A 4734 -39.99 -17.01 56.72
N GLU A 4735 -40.00 -17.61 57.90
CA GLU A 4735 -41.14 -17.45 58.79
C GLU A 4735 -41.32 -15.98 59.18
N ARG A 4736 -40.22 -15.26 59.37
CA ARG A 4736 -40.30 -13.85 59.72
C ARG A 4736 -40.94 -13.05 58.58
N ILE A 4737 -40.49 -13.31 57.35
CA ILE A 4737 -41.05 -12.63 56.19
C ILE A 4737 -42.54 -12.94 56.06
N ALA A 4738 -42.91 -14.21 56.25
CA ALA A 4738 -44.30 -14.61 56.12
C ALA A 4738 -45.16 -13.94 57.19
N GLU A 4739 -44.65 -13.86 58.42
CA GLU A 4739 -45.38 -13.18 59.48
C GLU A 4739 -45.56 -11.70 59.14
N LEU A 4740 -44.50 -11.07 58.62
CA LEU A 4740 -44.58 -9.65 58.29
C LEU A 4740 -45.59 -9.40 57.16
N LEU A 4741 -45.61 -10.28 56.15
CA LEU A 4741 -46.41 -10.07 54.96
C LEU A 4741 -47.71 -10.88 54.96
N GLY A 4742 -48.09 -11.44 56.10
CA GLY A 4742 -49.36 -12.15 56.17
C GLY A 4742 -49.44 -13.33 55.24
N MET A 4743 -48.37 -14.11 55.16
CA MET A 4743 -48.27 -15.24 54.24
C MET A 4743 -48.33 -16.56 55.01
N ASP A 4744 -49.02 -17.54 54.44
CA ASP A 4744 -49.06 -18.89 54.97
C ASP A 4744 -48.20 -19.77 54.07
N LEU A 4745 -47.04 -20.17 54.59
CA LEU A 4745 -46.09 -20.92 53.78
C LEU A 4745 -46.69 -22.24 53.30
N ALA A 4746 -47.42 -22.92 54.17
CA ALA A 4746 -48.05 -24.18 53.79
C ALA A 4746 -49.07 -23.97 52.67
N SER A 4747 -49.87 -22.91 52.78
CA SER A 4747 -50.84 -22.61 51.73
C SER A 4747 -50.17 -22.27 50.42
N LEU A 4748 -49.01 -21.61 50.49
CA LEU A 4748 -48.28 -21.24 49.29
C LEU A 4748 -48.03 -22.42 48.38
N GLU A 4749 -47.34 -23.44 48.88
CA GLU A 4749 -46.97 -24.57 48.05
C GLU A 4749 -48.20 -25.33 47.54
N ILE A 4750 -49.23 -25.50 48.37
CA ILE A 4750 -50.40 -26.25 47.93
C ILE A 4750 -51.13 -25.50 46.81
N THR A 4751 -51.17 -24.16 46.88
CA THR A 4751 -51.84 -23.41 45.82
C THR A 4751 -51.23 -23.74 44.46
N ALA A 4752 -49.90 -23.83 44.39
CA ALA A 4752 -49.25 -24.24 43.15
C ALA A 4752 -49.49 -25.72 42.86
N HIS A 4753 -49.49 -26.57 43.89
CA HIS A 4753 -49.69 -28.00 43.68
C HIS A 4753 -50.99 -28.26 42.95
N ASN A 4754 -52.08 -27.65 43.40
CA ASN A 4754 -53.38 -27.90 42.79
C ASN A 4754 -54.33 -26.76 43.09
N GLU A 4755 -55.26 -26.52 42.17
CA GLU A 4755 -56.18 -25.41 42.28
C GLU A 4755 -57.16 -25.63 43.42
N ARG A 4756 -57.41 -24.58 44.20
CA ARG A 4756 -58.49 -24.54 45.17
C ARG A 4756 -59.43 -23.40 44.80
N LYS A 4757 -60.71 -23.71 44.66
CA LYS A 4757 -61.73 -22.71 44.33
C LYS A 4757 -62.89 -22.86 45.30
N PRO A 4758 -62.78 -22.31 46.52
CA PRO A 4758 -63.89 -22.43 47.47
C PRO A 4758 -64.89 -21.29 47.32
N ASP A 4759 -65.70 -21.35 46.27
CA ASP A 4759 -66.63 -20.27 45.96
C ASP A 4759 -67.66 -20.14 47.07
N PRO A 4760 -67.76 -19.00 47.75
CA PRO A 4760 -68.81 -18.81 48.74
C PRO A 4760 -70.00 -18.09 48.12
N PRO A 4761 -71.22 -18.42 48.53
CA PRO A 4761 -72.39 -17.70 48.01
C PRO A 4761 -72.33 -16.23 48.40
N PRO A 4762 -72.79 -15.33 47.53
CA PRO A 4762 -72.73 -13.90 47.87
C PRO A 4762 -73.76 -13.54 48.91
N GLY A 4763 -73.31 -12.88 49.97
CA GLY A 4763 -74.19 -12.37 51.00
C GLY A 4763 -73.62 -11.10 51.59
N LEU A 4764 -74.50 -10.30 52.18
CA LEU A 4764 -74.06 -9.06 52.82
C LEU A 4764 -73.13 -9.37 53.99
N LEU A 4765 -73.49 -10.37 54.81
CA LEU A 4765 -72.61 -10.76 55.89
C LEU A 4765 -71.26 -11.24 55.37
N THR A 4766 -71.27 -12.06 54.32
CA THR A 4766 -70.02 -12.58 53.77
C THR A 4766 -69.16 -11.44 53.26
N TRP A 4767 -69.78 -10.45 52.63
CA TRP A 4767 -69.07 -9.24 52.20
C TRP A 4767 -68.43 -8.55 53.40
N LEU A 4768 -69.20 -8.36 54.47
CA LEU A 4768 -68.68 -7.69 55.67
C LEU A 4768 -67.48 -8.43 56.22
N MET A 4769 -67.57 -9.75 56.34
CA MET A 4769 -66.42 -10.53 56.80
C MET A 4769 -65.25 -10.40 55.84
N SER A 4770 -65.52 -10.30 54.54
CA SER A 4770 -64.44 -10.16 53.57
C SER A 4770 -63.75 -8.80 53.67
N ILE A 4771 -64.41 -7.80 54.25
CA ILE A 4771 -63.79 -6.48 54.38
C ILE A 4771 -62.47 -6.61 55.11
N ASP A 4772 -61.45 -5.91 54.62
CA ASP A 4772 -60.13 -5.87 55.25
C ASP A 4772 -59.96 -4.54 55.97
N VAL A 4773 -60.22 -4.55 57.28
CA VAL A 4773 -60.26 -3.31 58.06
C VAL A 4773 -58.91 -2.61 58.05
N LYS A 4774 -57.82 -3.38 58.14
CA LYS A 4774 -56.50 -2.78 58.21
C LYS A 4774 -56.15 -2.07 56.91
N TYR A 4775 -56.43 -2.71 55.77
CA TYR A 4775 -56.21 -2.06 54.47
C TYR A 4775 -57.08 -0.82 54.36
N GLN A 4776 -58.33 -0.90 54.81
CA GLN A 4776 -59.21 0.26 54.73
C GLN A 4776 -58.66 1.41 55.58
N ILE A 4777 -58.13 1.10 56.76
CA ILE A 4777 -57.61 2.14 57.64
C ILE A 4777 -56.39 2.81 57.01
N TRP A 4778 -55.47 2.00 56.51
CA TRP A 4778 -54.28 2.54 55.83
C TRP A 4778 -54.70 3.41 54.66
N LYS A 4779 -55.63 2.90 53.85
CA LYS A 4779 -56.11 3.65 52.70
C LYS A 4779 -56.74 4.96 53.15
N PHE A 4780 -57.45 4.95 54.29
CA PHE A 4780 -58.20 6.15 54.57
C PHE A 4780 -57.25 7.19 55.11
N GLY A 4781 -56.21 6.74 55.81
CA GLY A 4781 -55.13 7.65 56.17
C GLY A 4781 -54.50 8.30 54.96
N VAL A 4782 -54.19 7.49 53.94
CA VAL A 4782 -53.63 8.05 52.70
C VAL A 4782 -54.56 9.13 52.14
N ILE A 4783 -55.85 8.80 52.06
CA ILE A 4783 -56.81 9.72 51.45
C ILE A 4783 -56.88 11.02 52.24
N PHE A 4784 -57.03 10.91 53.56
CA PHE A 4784 -57.14 12.12 54.39
C PHE A 4784 -55.86 12.94 54.31
N THR A 4785 -54.72 12.29 54.08
CA THR A 4785 -53.48 13.04 53.89
C THR A 4785 -53.45 13.72 52.52
N ASP A 4786 -54.14 13.16 51.53
CA ASP A 4786 -54.16 13.77 50.21
C ASP A 4786 -54.73 15.18 50.30
N ASN A 4787 -54.05 16.14 49.66
CA ASN A 4787 -54.40 17.54 49.85
C ASN A 4787 -55.69 17.90 49.14
N SER A 4788 -55.89 17.42 47.91
CA SER A 4788 -57.08 17.77 47.16
C SER A 4788 -58.34 17.26 47.85
N PHE A 4789 -58.29 16.03 48.36
CA PHE A 4789 -59.42 15.49 49.09
C PHE A 4789 -59.73 16.36 50.31
N LEU A 4790 -58.69 16.81 51.00
CA LEU A 4790 -58.88 17.68 52.16
C LEU A 4790 -59.53 19.00 51.75
N TYR A 4791 -59.08 19.57 50.64
CA TYR A 4791 -59.67 20.81 50.15
C TYR A 4791 -61.15 20.63 49.87
N LEU A 4792 -61.50 19.54 49.20
CA LEU A 4792 -62.90 19.29 48.87
C LEU A 4792 -63.74 19.05 50.14
N GLY A 4793 -63.19 18.30 51.10
CA GLY A 4793 -63.91 18.09 52.35
C GLY A 4793 -64.14 19.40 53.09
N TRP A 4794 -63.14 20.27 53.10
CA TRP A 4794 -63.32 21.60 53.69
C TRP A 4794 -64.38 22.39 52.93
N TYR A 4795 -64.35 22.33 51.60
CA TYR A 4795 -65.38 22.97 50.79
C TYR A 4795 -66.78 22.54 51.24
N MET A 4796 -66.97 21.23 51.35
CA MET A 4796 -68.24 20.67 51.79
C MET A 4796 -68.61 21.09 53.20
N VAL A 4797 -67.65 21.07 54.13
CA VAL A 4797 -67.94 21.47 55.50
C VAL A 4797 -68.37 22.93 55.53
N MET A 4798 -67.73 23.77 54.73
CA MET A 4798 -68.10 25.18 54.69
C MET A 4798 -69.48 25.36 54.09
N SER A 4799 -69.86 24.52 53.13
CA SER A 4799 -71.23 24.58 52.61
C SER A 4799 -72.25 24.22 53.69
N LEU A 4800 -71.98 23.14 54.43
CA LEU A 4800 -72.88 22.78 55.52
C LEU A 4800 -72.97 23.90 56.55
N LEU A 4801 -71.85 24.53 56.87
CA LEU A 4801 -71.88 25.67 57.78
C LEU A 4801 -72.64 26.83 57.18
N GLY A 4802 -72.57 27.00 55.86
CA GLY A 4802 -73.36 28.03 55.21
C GLY A 4802 -74.83 27.82 55.43
N HIS A 4803 -75.27 26.56 55.46
CA HIS A 4803 -76.67 26.31 55.79
C HIS A 4803 -77.03 26.82 57.18
N TYR A 4804 -76.10 26.74 58.12
CA TYR A 4804 -76.33 27.29 59.46
C TYR A 4804 -76.32 28.81 59.42
N ASN A 4805 -75.32 29.39 58.77
CA ASN A 4805 -75.22 30.84 58.55
C ASN A 4805 -74.75 31.06 57.12
N ASN A 4806 -75.61 31.66 56.30
CA ASN A 4806 -75.39 31.68 54.86
C ASN A 4806 -74.12 32.42 54.46
N PHE A 4807 -73.56 33.24 55.36
CA PHE A 4807 -72.37 34.00 55.00
C PHE A 4807 -71.11 33.14 54.92
N PHE A 4808 -71.18 31.89 55.39
CA PHE A 4808 -70.06 30.96 55.23
C PHE A 4808 -69.90 30.50 53.79
N PHE A 4809 -70.86 30.79 52.92
CA PHE A 4809 -70.77 30.45 51.52
C PHE A 4809 -69.77 31.33 50.76
N ALA A 4810 -69.24 32.36 51.41
CA ALA A 4810 -68.27 33.24 50.77
C ALA A 4810 -66.91 32.56 50.62
N ALA A 4811 -66.55 31.67 51.54
CA ALA A 4811 -65.28 30.97 51.45
C ALA A 4811 -65.18 30.14 50.18
N HIS A 4812 -66.31 29.75 49.58
CA HIS A 4812 -66.27 28.94 48.38
C HIS A 4812 -65.84 29.75 47.17
N LEU A 4813 -65.77 31.08 47.32
CA LEU A 4813 -65.27 31.92 46.25
C LEU A 4813 -63.75 31.87 46.13
N LEU A 4814 -63.06 31.38 47.17
CA LEU A 4814 -61.62 31.21 47.09
C LEU A 4814 -61.22 30.12 46.12
N ASP A 4815 -62.20 29.30 45.68
CA ASP A 4815 -61.92 28.23 44.74
C ASP A 4815 -61.57 28.73 43.35
N ILE A 4816 -61.72 30.03 43.09
CA ILE A 4816 -61.34 30.58 41.79
C ILE A 4816 -59.86 30.36 41.55
N ALA A 4817 -59.06 30.33 42.62
CA ALA A 4817 -57.63 30.08 42.48
C ALA A 4817 -57.38 28.70 41.88
N MET A 4818 -58.00 27.67 42.46
CA MET A 4818 -57.84 26.32 41.94
C MET A 4818 -58.47 26.18 40.57
N GLY A 4819 -59.59 26.86 40.32
CA GLY A 4819 -60.25 26.74 39.04
C GLY A 4819 -59.47 27.36 37.90
N VAL A 4820 -58.90 28.53 38.13
CA VAL A 4820 -58.23 29.30 37.09
C VAL A 4820 -56.73 29.07 37.18
N LYS A 4821 -56.12 28.75 36.05
CA LYS A 4821 -54.67 28.58 35.99
C LYS A 4821 -53.94 29.89 36.23
N THR A 4822 -54.47 30.99 35.69
CA THR A 4822 -53.77 32.27 35.78
C THR A 4822 -53.63 32.71 37.23
N LEU A 4823 -54.72 32.68 37.99
CA LEU A 4823 -54.65 33.03 39.40
C LEU A 4823 -53.76 32.06 40.16
N ARG A 4824 -53.78 30.79 39.77
CA ARG A 4824 -52.90 29.83 40.44
C ARG A 4824 -51.43 30.19 40.23
N THR A 4825 -51.07 30.61 39.02
CA THR A 4825 -49.70 31.04 38.76
C THR A 4825 -49.36 32.30 39.55
N ILE A 4826 -50.28 33.27 39.56
CA ILE A 4826 -50.04 34.52 40.29
C ILE A 4826 -49.81 34.22 41.77
N LEU A 4827 -50.64 33.34 42.35
CA LEU A 4827 -50.48 32.97 43.74
C LEU A 4827 -49.20 32.18 43.97
N SER A 4828 -48.82 31.35 42.99
CA SER A 4828 -47.58 30.59 43.12
C SER A 4828 -46.37 31.52 43.14
N SER A 4829 -46.45 32.65 42.43
CA SER A 4829 -45.38 33.63 42.52
C SER A 4829 -45.19 34.09 43.95
N VAL A 4830 -46.28 34.34 44.67
CA VAL A 4830 -46.20 34.72 46.07
C VAL A 4830 -45.67 33.58 46.92
N THR A 4831 -46.21 32.37 46.71
CA THR A 4831 -45.86 31.24 47.55
C THR A 4831 -44.38 30.87 47.40
N HIS A 4832 -43.83 31.08 46.21
CA HIS A 4832 -42.45 30.72 45.90
C HIS A 4832 -41.48 31.20 46.97
N ASN A 4833 -41.57 32.47 47.34
CA ASN A 4833 -40.72 33.06 48.38
C ASN A 4833 -41.51 33.35 49.66
N GLY A 4834 -42.49 32.50 49.98
CA GLY A 4834 -43.34 32.75 51.13
C GLY A 4834 -42.60 32.69 52.45
N LYS A 4835 -41.69 31.72 52.59
CA LYS A 4835 -40.91 31.63 53.83
C LYS A 4835 -40.05 32.88 54.00
N GLN A 4836 -39.45 33.35 52.91
CA GLN A 4836 -38.65 34.57 52.96
C GLN A 4836 -39.52 35.75 53.36
N LEU A 4837 -40.74 35.85 52.83
CA LEU A 4837 -41.64 36.94 53.20
C LEU A 4837 -42.01 36.87 54.67
N VAL A 4838 -42.29 35.67 55.17
CA VAL A 4838 -42.63 35.52 56.58
C VAL A 4838 -41.49 35.98 57.45
N MET A 4839 -40.27 35.65 57.08
CA MET A 4839 -39.15 36.04 57.92
C MET A 4839 -38.86 37.53 57.79
N THR A 4840 -39.14 38.11 56.63
CA THR A 4840 -39.07 39.55 56.50
C THR A 4840 -40.05 40.22 57.46
N VAL A 4841 -41.25 39.65 57.60
CA VAL A 4841 -42.23 40.19 58.53
C VAL A 4841 -41.71 40.08 59.96
N GLY A 4842 -41.12 38.93 60.30
CA GLY A 4842 -40.55 38.79 61.64
C GLY A 4842 -39.46 39.81 61.93
N LEU A 4843 -38.58 40.04 60.94
CA LEU A 4843 -37.54 41.05 61.09
C LEU A 4843 -38.15 42.43 61.28
N LEU A 4844 -39.21 42.73 60.52
CA LEU A 4844 -39.91 43.99 60.68
C LEU A 4844 -40.43 44.14 62.10
N ALA A 4845 -41.01 43.07 62.64
CA ALA A 4845 -41.49 43.10 64.01
C ALA A 4845 -40.36 43.36 65.00
N VAL A 4846 -39.20 42.75 64.78
CA VAL A 4846 -38.06 42.98 65.66
C VAL A 4846 -37.62 44.43 65.62
N VAL A 4847 -37.52 45.00 64.42
CA VAL A 4847 -37.11 46.39 64.28
C VAL A 4847 -38.09 47.30 64.99
N VAL A 4848 -39.38 47.06 64.80
CA VAL A 4848 -40.39 47.89 65.45
C VAL A 4848 -40.31 47.71 66.96
N TYR A 4849 -39.98 46.51 67.44
CA TYR A 4849 -39.82 46.31 68.87
C TYR A 4849 -38.67 47.15 69.42
N LEU A 4850 -37.56 47.21 68.69
CA LEU A 4850 -36.44 48.04 69.12
C LEU A 4850 -36.83 49.51 69.15
N TYR A 4851 -37.54 49.97 68.12
CA TYR A 4851 -38.01 51.35 68.11
C TYR A 4851 -38.96 51.62 69.28
N THR A 4852 -39.81 50.65 69.59
CA THR A 4852 -40.72 50.75 70.72
C THR A 4852 -39.96 50.85 72.03
N VAL A 4853 -38.89 50.07 72.18
CA VAL A 4853 -38.07 50.15 73.39
C VAL A 4853 -37.48 51.54 73.52
N VAL A 4854 -36.94 52.08 72.43
CA VAL A 4854 -36.36 53.41 72.47
C VAL A 4854 -37.40 54.44 72.86
N ALA A 4855 -38.60 54.35 72.27
CA ALA A 4855 -39.65 55.32 72.57
C ALA A 4855 -40.09 55.21 74.02
N PHE A 4856 -40.24 53.98 74.54
CA PHE A 4856 -40.63 53.78 75.92
C PHE A 4856 -39.60 54.35 76.88
N ASN A 4857 -38.31 54.21 76.55
CA ASN A 4857 -37.26 54.84 77.36
C ASN A 4857 -37.26 56.37 77.29
N PHE A 4858 -37.31 56.94 76.08
CA PHE A 4858 -36.94 58.34 75.92
C PHE A 4858 -38.05 59.23 75.37
N PHE A 4859 -39.08 58.67 74.74
CA PHE A 4859 -40.00 59.49 73.96
C PHE A 4859 -41.46 59.25 74.33
N ARG A 4860 -41.74 58.97 75.60
CA ARG A 4860 -43.12 58.71 76.01
C ARG A 4860 -43.98 59.97 75.89
N LYS A 4861 -43.41 61.13 76.20
CA LYS A 4861 -44.17 62.38 76.21
C LYS A 4861 -44.88 62.63 74.89
N PHE A 4862 -44.29 62.18 73.79
CA PHE A 4862 -44.80 62.48 72.45
C PHE A 4862 -45.94 61.57 72.02
N TYR A 4863 -46.32 60.59 72.84
CA TYR A 4863 -47.24 59.55 72.41
C TYR A 4863 -48.62 59.73 73.04
N ASN A 4864 -49.07 60.97 73.18
CA ASN A 4864 -50.42 61.27 73.62
C ASN A 4864 -51.29 61.50 72.40
N LYS A 4865 -52.38 60.74 72.30
CA LYS A 4865 -53.32 60.86 71.19
C LYS A 4865 -54.67 61.41 71.65
N SER A 4866 -54.68 62.17 72.73
CA SER A 4866 -55.89 62.80 73.25
C SER A 4866 -55.79 64.30 73.10
N GLU A 4867 -56.78 64.90 72.43
CA GLU A 4867 -56.82 66.35 72.31
C GLU A 4867 -57.21 67.00 73.64
N ASP A 4868 -58.03 66.32 74.44
CA ASP A 4868 -58.47 66.86 75.72
C ASP A 4868 -57.37 66.72 76.76
N GLU A 4869 -56.90 67.85 77.28
CA GLU A 4869 -55.84 67.81 78.29
C GLU A 4869 -56.29 67.06 79.54
N ASP A 4870 -57.60 67.08 79.82
CA ASP A 4870 -58.10 66.48 81.05
C ASP A 4870 -57.97 64.97 81.03
N GLU A 4871 -58.22 64.33 79.89
CA GLU A 4871 -58.12 62.88 79.73
C GLU A 4871 -57.06 62.57 78.69
N PRO A 4872 -55.80 62.36 79.10
CA PRO A 4872 -54.77 61.95 78.14
C PRO A 4872 -54.91 60.49 77.76
N ASP A 4873 -54.54 60.19 76.51
CA ASP A 4873 -54.49 58.82 75.99
C ASP A 4873 -53.06 58.59 75.53
N MET A 4874 -52.25 57.99 76.41
CA MET A 4874 -50.82 57.83 76.18
C MET A 4874 -50.60 56.41 75.67
N LYS A 4875 -49.98 56.29 74.50
CA LYS A 4875 -49.82 55.01 73.82
C LYS A 4875 -48.46 54.37 74.05
N CYS A 4876 -47.62 54.95 74.91
CA CYS A 4876 -46.32 54.35 75.17
C CYS A 4876 -45.97 54.35 76.66
N ASP A 4877 -46.95 54.51 77.56
CA ASP A 4877 -46.68 54.32 78.98
C ASP A 4877 -46.54 52.85 79.32
N ASP A 4878 -47.05 51.96 78.46
CA ASP A 4878 -46.85 50.52 78.58
C ASP A 4878 -46.19 50.02 77.31
N MET A 4879 -45.23 49.11 77.48
CA MET A 4879 -44.46 48.63 76.33
C MET A 4879 -45.33 47.90 75.34
N MET A 4880 -46.29 47.10 75.82
CA MET A 4880 -47.17 46.36 74.92
C MET A 4880 -48.03 47.32 74.11
N THR A 4881 -48.58 48.33 74.76
CA THR A 4881 -49.38 49.33 74.04
C THR A 4881 -48.52 50.08 73.03
N CYS A 4882 -47.29 50.41 73.42
CA CYS A 4882 -46.39 51.12 72.50
C CYS A 4882 -46.08 50.27 71.28
N TYR A 4883 -45.84 48.98 71.49
CA TYR A 4883 -45.54 48.07 70.38
C TYR A 4883 -46.74 47.93 69.46
N LEU A 4884 -47.93 47.75 70.05
CA LEU A 4884 -49.14 47.66 69.24
C LEU A 4884 -49.35 48.94 68.45
N PHE A 4885 -49.17 50.09 69.10
CA PHE A 4885 -49.29 51.38 68.42
C PHE A 4885 -48.35 51.46 67.23
N HIS A 4886 -47.07 51.17 67.45
CA HIS A 4886 -46.12 51.22 66.35
C HIS A 4886 -46.57 50.29 65.22
N MET A 4887 -46.64 48.99 65.49
CA MET A 4887 -46.91 48.03 64.43
C MET A 4887 -48.23 48.32 63.72
N TYR A 4888 -49.18 48.97 64.39
CA TYR A 4888 -50.49 49.22 63.81
C TYR A 4888 -50.52 50.49 62.99
N VAL A 4889 -50.07 51.61 63.54
CA VAL A 4889 -50.24 52.89 62.87
C VAL A 4889 -49.00 53.26 62.08
N GLY A 4890 -47.81 53.10 62.66
CA GLY A 4890 -46.62 53.60 62.01
C GLY A 4890 -46.30 52.87 60.72
N VAL A 4891 -46.42 51.55 60.73
CA VAL A 4891 -46.19 50.77 59.53
C VAL A 4891 -47.19 51.16 58.45
N ARG A 4892 -48.45 51.39 58.84
CA ARG A 4892 -49.49 51.72 57.88
C ARG A 4892 -49.31 53.15 57.35
N ALA A 4893 -48.63 54.00 58.11
CA ALA A 4893 -48.45 55.38 57.72
C ALA A 4893 -47.38 55.50 56.63
N GLY A 4894 -47.53 56.51 55.77
CA GLY A 4894 -46.57 56.71 54.72
C GLY A 4894 -45.24 57.24 55.22
N GLY A 4895 -45.29 58.26 56.09
CA GLY A 4895 -44.11 58.83 56.69
C GLY A 4895 -43.68 58.16 57.98
N GLY A 4896 -44.36 57.09 58.38
CA GLY A 4896 -44.01 56.39 59.59
C GLY A 4896 -44.71 56.94 60.81
N ILE A 4897 -44.15 56.60 61.97
CA ILE A 4897 -44.76 56.95 63.25
C ILE A 4897 -44.74 58.46 63.46
N GLY A 4898 -43.70 59.12 62.95
CA GLY A 4898 -43.62 60.56 63.09
C GLY A 4898 -44.83 61.27 62.53
N ASP A 4899 -45.49 60.68 61.54
CA ASP A 4899 -46.73 61.23 61.03
C ASP A 4899 -47.83 61.22 62.08
N GLU A 4900 -47.79 60.24 62.99
CA GLU A 4900 -48.87 60.01 63.94
C GLU A 4900 -48.56 60.50 65.36
N ILE A 4901 -47.33 60.93 65.64
CA ILE A 4901 -46.97 61.38 66.97
C ILE A 4901 -46.61 62.87 66.96
N GLU A 4902 -46.56 63.45 68.15
CA GLU A 4902 -46.56 64.90 68.33
C GLU A 4902 -45.23 65.53 67.93
N ASP A 4903 -45.32 66.68 67.26
CA ASP A 4903 -44.13 67.30 66.69
C ASP A 4903 -43.09 67.60 67.77
N PRO A 4904 -41.81 67.41 67.49
CA PRO A 4904 -40.77 67.70 68.50
C PRO A 4904 -40.15 69.09 68.43
N ALA A 4905 -40.66 69.99 67.59
CA ALA A 4905 -40.04 71.29 67.42
C ALA A 4905 -39.94 72.02 68.76
N GLY A 4906 -38.78 72.64 68.99
CA GLY A 4906 -38.55 73.33 70.25
C GLY A 4906 -38.47 72.39 71.43
N ASP A 4907 -37.85 71.22 71.24
CA ASP A 4907 -37.67 70.25 72.31
C ASP A 4907 -36.20 69.84 72.36
N GLU A 4908 -35.75 69.49 73.57
CA GLU A 4908 -34.35 69.14 73.77
C GLU A 4908 -33.95 67.87 73.03
N TYR A 4909 -34.92 67.02 72.67
CA TYR A 4909 -34.66 65.78 71.96
C TYR A 4909 -35.09 65.84 70.50
N GLU A 4910 -35.20 67.04 69.93
CA GLU A 4910 -35.73 67.19 68.59
C GLU A 4910 -34.92 66.42 67.57
N LEU A 4911 -33.59 66.53 67.63
CA LEU A 4911 -32.74 65.88 66.64
C LEU A 4911 -32.74 64.36 66.84
N TYR A 4912 -32.73 63.92 68.10
CA TYR A 4912 -32.86 62.49 68.36
C TYR A 4912 -34.13 61.94 67.73
N ARG A 4913 -35.24 62.68 67.86
CA ARG A 4913 -36.49 62.18 67.32
C ARG A 4913 -36.55 62.27 65.80
N VAL A 4914 -35.93 63.28 65.20
CA VAL A 4914 -35.93 63.33 63.74
C VAL A 4914 -35.14 62.15 63.19
N VAL A 4915 -34.00 61.84 63.81
CA VAL A 4915 -33.28 60.63 63.43
C VAL A 4915 -34.16 59.40 63.60
N PHE A 4916 -34.82 59.32 64.76
CA PHE A 4916 -35.72 58.19 65.04
C PHE A 4916 -36.75 58.02 63.93
N ASP A 4917 -37.46 59.10 63.60
CA ASP A 4917 -38.54 59.02 62.62
C ASP A 4917 -38.01 58.71 61.23
N ILE A 4918 -36.92 59.37 60.81
CA ILE A 4918 -36.42 59.17 59.45
C ILE A 4918 -35.87 57.76 59.30
N THR A 4919 -35.19 57.24 60.33
CA THR A 4919 -34.68 55.88 60.24
C THR A 4919 -35.82 54.86 60.22
N PHE A 4920 -36.84 55.07 61.05
CA PHE A 4920 -38.03 54.23 60.98
C PHE A 4920 -38.59 54.24 59.56
N PHE A 4921 -38.74 55.44 58.99
CA PHE A 4921 -39.30 55.59 57.65
C PHE A 4921 -38.48 54.82 56.62
N PHE A 4922 -37.17 55.04 56.58
CA PHE A 4922 -36.38 54.38 55.54
C PHE A 4922 -36.35 52.88 55.75
N PHE A 4923 -35.88 52.44 56.92
CA PHE A 4923 -35.74 51.00 57.13
C PHE A 4923 -37.08 50.29 56.96
N VAL A 4924 -38.07 50.64 57.77
CA VAL A 4924 -39.33 49.92 57.79
C VAL A 4924 -40.12 50.16 56.51
N ILE A 4925 -40.47 51.41 56.25
CA ILE A 4925 -41.44 51.70 55.19
C ILE A 4925 -40.84 51.45 53.82
N VAL A 4926 -39.61 51.89 53.60
CA VAL A 4926 -39.01 51.83 52.26
C VAL A 4926 -38.41 50.46 52.00
N ILE A 4927 -37.47 50.03 52.84
CA ILE A 4927 -36.60 48.91 52.48
C ILE A 4927 -37.35 47.58 52.57
N LEU A 4928 -37.91 47.27 53.75
CA LEU A 4928 -38.52 45.96 53.94
C LEU A 4928 -39.68 45.75 52.97
N LEU A 4929 -40.54 46.76 52.83
CA LEU A 4929 -41.60 46.67 51.84
C LEU A 4929 -41.01 46.49 50.45
N ALA A 4930 -40.00 47.29 50.11
CA ALA A 4930 -39.30 47.10 48.86
C ALA A 4930 -38.81 45.66 48.71
N ILE A 4931 -38.36 45.05 49.80
CA ILE A 4931 -37.93 43.67 49.76
C ILE A 4931 -39.09 42.76 49.37
N ILE A 4932 -40.29 43.08 49.86
CA ILE A 4932 -41.45 42.24 49.54
C ILE A 4932 -41.78 42.30 48.04
N GLN A 4933 -41.89 43.51 47.49
CA GLN A 4933 -42.06 43.68 46.05
C GLN A 4933 -40.97 42.98 45.27
N GLY A 4934 -39.72 43.10 45.71
CA GLY A 4934 -38.63 42.48 45.00
C GLY A 4934 -38.73 40.96 45.02
N LEU A 4935 -39.19 40.41 46.14
CA LEU A 4935 -39.41 38.97 46.23
C LEU A 4935 -40.47 38.53 45.23
N ILE A 4936 -41.57 39.27 45.15
CA ILE A 4936 -42.64 38.92 44.20
C ILE A 4936 -42.13 39.00 42.77
N ILE A 4937 -41.39 40.07 42.46
CA ILE A 4937 -40.88 40.27 41.10
C ILE A 4937 -39.91 39.15 40.73
N ASP A 4938 -39.02 38.80 41.66
CA ASP A 4938 -38.08 37.72 41.43
C ASP A 4938 -38.80 36.40 41.24
N ALA A 4939 -39.91 36.19 41.95
CA ALA A 4939 -40.69 34.98 41.75
C ALA A 4939 -41.27 34.94 40.34
N PHE A 4940 -41.81 36.06 39.87
CA PHE A 4940 -42.27 36.11 38.48
C PHE A 4940 -41.16 35.71 37.52
N GLY A 4941 -40.00 36.35 37.66
CA GLY A 4941 -38.89 36.06 36.76
C GLY A 4941 -38.46 34.60 36.84
N GLU A 4942 -38.47 34.04 38.05
CA GLU A 4942 -38.03 32.66 38.22
C GLU A 4942 -38.99 31.69 37.56
N LEU A 4943 -40.29 31.91 37.72
CA LEU A 4943 -41.24 31.04 37.03
C LEU A 4943 -41.09 31.17 35.52
N ARG A 4944 -40.92 32.40 35.03
CA ARG A 4944 -40.80 32.61 33.60
C ARG A 4944 -39.58 31.91 33.04
N ASP A 4945 -38.43 32.03 33.70
CA ASP A 4945 -37.22 31.43 33.13
C ASP A 4945 -37.26 29.91 33.29
N GLN A 4946 -38.01 29.41 34.28
CA GLN A 4946 -38.25 27.97 34.32
C GLN A 4946 -39.00 27.50 33.09
N GLN A 4947 -40.11 28.15 32.75
CA GLN A 4947 -40.87 27.74 31.57
C GLN A 4947 -40.02 27.87 30.31
N GLU A 4948 -39.29 28.98 30.19
CA GLU A 4948 -38.43 29.18 29.03
C GLU A 4948 -37.39 28.08 28.94
N GLN A 4949 -36.79 27.71 30.07
CA GLN A 4949 -35.74 26.69 30.05
C GLN A 4949 -36.31 25.35 29.62
N VAL A 4950 -37.50 24.98 30.12
CA VAL A 4950 -38.11 23.73 29.71
C VAL A 4950 -38.36 23.73 28.20
N LYS A 4951 -39.00 24.79 27.70
CA LYS A 4951 -39.25 24.90 26.27
C LYS A 4951 -37.95 24.72 25.50
N GLU A 4952 -36.90 25.41 25.94
CA GLU A 4952 -35.68 25.52 25.14
C GLU A 4952 -34.88 24.24 25.19
N ASP A 4953 -34.89 23.54 26.33
CA ASP A 4953 -34.31 22.20 26.36
C ASP A 4953 -35.05 21.25 25.44
N MET A 4954 -36.39 21.27 25.48
CA MET A 4954 -37.13 20.32 24.66
C MET A 4954 -36.92 20.61 23.18
N GLU A 4955 -36.74 21.89 22.82
CA GLU A 4955 -36.52 22.23 21.42
C GLU A 4955 -35.08 22.00 20.99
N THR A 4956 -34.13 21.87 21.92
CA THR A 4956 -32.73 21.73 21.56
C THR A 4956 -32.15 20.33 21.78
N LYS A 4957 -32.83 19.48 22.54
CA LYS A 4957 -32.29 18.17 22.89
C LYS A 4957 -33.37 17.11 22.72
N CYS A 4958 -32.93 15.88 22.48
CA CYS A 4958 -33.85 14.75 22.51
C CYS A 4958 -34.04 14.32 23.96
N PHE A 4959 -35.30 14.22 24.37
CA PHE A 4959 -35.59 13.84 25.75
C PHE A 4959 -35.02 12.47 26.09
N ILE A 4960 -34.76 11.65 25.07
CA ILE A 4960 -34.28 10.29 25.28
C ILE A 4960 -32.75 10.23 25.26
N CYS A 4961 -32.15 10.55 24.11
CA CYS A 4961 -30.70 10.36 23.99
C CYS A 4961 -29.93 11.53 24.54
N GLY A 4962 -30.53 12.73 24.57
CA GLY A 4962 -29.85 13.91 25.02
C GLY A 4962 -28.99 14.59 23.98
N ILE A 4963 -28.92 14.04 22.77
CA ILE A 4963 -28.14 14.67 21.71
C ILE A 4963 -28.82 15.96 21.27
N GLY A 4964 -28.01 16.93 20.85
CA GLY A 4964 -28.51 18.23 20.52
C GLY A 4964 -29.14 18.30 19.14
N SER A 4965 -29.92 19.37 18.92
CA SER A 4965 -30.60 19.54 17.65
C SER A 4965 -29.63 19.81 16.51
N ASP A 4966 -28.42 20.29 16.81
CA ASP A 4966 -27.48 20.65 15.76
C ASP A 4966 -27.03 19.44 14.97
N TYR A 4967 -26.65 18.36 15.66
CA TYR A 4967 -26.24 17.14 14.97
C TYR A 4967 -27.32 16.67 14.01
N PHE A 4968 -28.57 16.61 14.48
CA PHE A 4968 -29.65 16.12 13.66
C PHE A 4968 -29.94 17.07 12.50
N ASP A 4969 -29.92 18.38 12.76
CA ASP A 4969 -30.18 19.37 11.73
C ASP A 4969 -29.06 19.45 10.71
N THR A 4970 -27.91 18.84 10.98
CA THR A 4970 -26.95 18.59 9.91
C THR A 4970 -27.67 18.01 8.69
N THR A 4971 -28.55 17.04 8.91
CA THR A 4971 -29.53 16.63 7.93
C THR A 4971 -30.78 17.49 8.07
N PRO A 4972 -31.39 17.92 6.96
CA PRO A 4972 -32.59 18.77 7.06
C PRO A 4972 -33.70 18.09 7.85
N HIS A 4973 -34.36 18.86 8.70
CA HIS A 4973 -35.52 18.39 9.46
C HIS A 4973 -35.14 17.23 10.37
N GLY A 4974 -33.84 17.09 10.64
CA GLY A 4974 -33.36 15.91 11.33
C GLY A 4974 -33.90 15.79 12.74
N PHE A 4975 -33.94 16.90 13.48
CA PHE A 4975 -34.35 16.81 14.88
C PHE A 4975 -35.80 16.40 15.02
N GLU A 4976 -36.69 16.97 14.19
CA GLU A 4976 -38.10 16.60 14.32
C GLU A 4976 -38.36 15.21 13.75
N THR A 4977 -37.63 14.82 12.70
CA THR A 4977 -37.71 13.41 12.28
C THR A 4977 -37.28 12.49 13.41
N HIS A 4978 -36.22 12.86 14.11
CA HIS A 4978 -35.73 12.08 15.24
C HIS A 4978 -36.78 11.96 16.34
N THR A 4979 -37.43 13.07 16.67
CA THR A 4979 -38.35 13.10 17.79
C THR A 4979 -39.73 12.56 17.45
N LEU A 4980 -40.05 12.43 16.16
CA LEU A 4980 -41.33 11.87 15.72
C LEU A 4980 -41.23 10.41 15.34
N GLU A 4981 -40.07 9.97 14.84
CA GLU A 4981 -39.90 8.62 14.32
C GLU A 4981 -38.90 7.81 15.13
N GLU A 4982 -37.70 8.34 15.35
CA GLU A 4982 -36.64 7.54 15.94
C GLU A 4982 -36.80 7.42 17.45
N HIS A 4983 -36.93 8.55 18.14
CA HIS A 4983 -36.93 8.57 19.60
C HIS A 4983 -38.16 9.29 20.14
N ASN A 4984 -39.34 8.95 19.63
CA ASN A 4984 -40.56 9.44 20.22
C ASN A 4984 -40.88 8.69 21.51
N LEU A 4985 -41.05 9.44 22.59
CA LEU A 4985 -41.33 8.84 23.89
C LEU A 4985 -42.71 8.20 23.93
N ALA A 4986 -43.67 8.77 23.18
CA ALA A 4986 -44.97 8.13 23.06
C ALA A 4986 -44.83 6.73 22.48
N ASN A 4987 -43.91 6.56 21.53
CA ASN A 4987 -43.68 5.25 20.95
C ASN A 4987 -43.03 4.32 21.97
N TYR A 4988 -42.18 4.86 22.85
CA TYR A 4988 -41.61 4.02 23.90
C TYR A 4988 -42.67 3.52 24.85
N MET A 4989 -43.64 4.36 25.19
CA MET A 4989 -44.76 3.89 26.00
C MET A 4989 -45.62 2.88 25.24
N PHE A 4990 -45.89 3.17 23.97
CA PHE A 4990 -46.65 2.24 23.14
C PHE A 4990 -45.99 0.87 23.13
N PHE A 4991 -44.66 0.86 23.09
CA PHE A 4991 -43.92 -0.40 23.07
C PHE A 4991 -44.13 -1.18 24.35
N LEU A 4992 -44.14 -0.49 25.50
CA LEU A 4992 -44.37 -1.18 26.77
C LEU A 4992 -45.78 -1.75 26.83
N MET A 4993 -46.77 -0.99 26.36
CA MET A 4993 -48.13 -1.53 26.33
C MET A 4993 -48.20 -2.76 25.43
N TYR A 4994 -47.57 -2.69 24.27
CA TYR A 4994 -47.57 -3.80 23.33
C TYR A 4994 -46.88 -5.02 23.93
N LEU A 4995 -45.77 -4.81 24.64
CA LEU A 4995 -45.08 -5.89 25.32
C LEU A 4995 -45.98 -6.55 26.35
N ILE A 4996 -46.67 -5.73 27.16
CA ILE A 4996 -47.51 -6.26 28.21
C ILE A 4996 -48.65 -7.09 27.61
N ASN A 4997 -49.28 -6.56 26.57
CA ASN A 4997 -50.44 -7.25 25.99
C ASN A 4997 -50.03 -8.46 25.17
N LYS A 4998 -48.78 -8.52 24.72
CA LYS A 4998 -48.31 -9.65 23.93
C LYS A 4998 -47.90 -10.81 24.82
N ASP A 4999 -48.14 -12.02 24.34
CA ASP A 4999 -47.72 -13.22 25.06
C ASP A 4999 -46.21 -13.36 25.01
N GLU A 5000 -45.65 -13.97 26.06
CA GLU A 5000 -44.20 -14.06 26.16
C GLU A 5000 -43.61 -15.04 25.16
N THR A 5001 -44.36 -16.09 24.80
CA THR A 5001 -43.86 -17.04 23.82
C THR A 5001 -43.67 -16.40 22.46
N GLU A 5002 -44.42 -15.32 22.18
CA GLU A 5002 -44.40 -14.72 20.86
C GLU A 5002 -43.39 -13.56 20.78
N HIS A 5003 -42.86 -13.11 21.92
CA HIS A 5003 -41.82 -12.08 21.94
C HIS A 5003 -40.62 -12.47 21.08
N THR A 5004 -40.10 -11.49 20.34
CA THR A 5004 -38.88 -11.67 19.60
C THR A 5004 -37.69 -11.59 20.57
N GLY A 5005 -36.48 -11.73 20.03
CA GLY A 5005 -35.31 -11.56 20.87
C GLY A 5005 -35.23 -10.17 21.45
N GLN A 5006 -35.51 -9.16 20.62
CA GLN A 5006 -35.47 -7.77 21.08
C GLN A 5006 -36.53 -7.51 22.15
N GLU A 5007 -37.76 -7.96 21.89
CA GLU A 5007 -38.83 -7.76 22.86
C GLU A 5007 -38.54 -8.49 24.16
N SER A 5008 -38.00 -9.70 24.08
CA SER A 5008 -37.63 -10.43 25.29
C SER A 5008 -36.54 -9.72 26.06
N TYR A 5009 -35.53 -9.21 25.35
CA TYR A 5009 -34.47 -8.44 25.98
C TYR A 5009 -35.04 -7.28 26.77
N VAL A 5010 -35.87 -6.46 26.12
CA VAL A 5010 -36.42 -5.28 26.79
C VAL A 5010 -37.38 -5.69 27.90
N TRP A 5011 -38.14 -6.76 27.73
CA TRP A 5011 -39.07 -7.21 28.75
C TRP A 5011 -38.32 -7.67 30.00
N LYS A 5012 -37.25 -8.43 29.81
CA LYS A 5012 -36.42 -8.85 30.93
C LYS A 5012 -35.79 -7.66 31.63
N MET A 5013 -35.32 -6.68 30.86
CA MET A 5013 -34.73 -5.49 31.48
C MET A 5013 -35.77 -4.66 32.21
N TYR A 5014 -37.01 -4.63 31.72
CA TYR A 5014 -38.10 -4.00 32.47
C TYR A 5014 -38.34 -4.72 33.78
N GLN A 5015 -38.38 -6.06 33.75
CA GLN A 5015 -38.59 -6.82 34.97
C GLN A 5015 -37.48 -6.57 35.97
N GLU A 5016 -36.23 -6.51 35.49
CA GLU A 5016 -35.10 -6.27 36.37
C GLU A 5016 -34.96 -4.79 36.71
N ARG A 5017 -35.76 -3.93 36.08
CA ARG A 5017 -35.71 -2.49 36.29
C ARG A 5017 -34.35 -1.93 35.90
N CYS A 5018 -33.82 -2.41 34.77
CA CYS A 5018 -32.61 -1.88 34.17
C CYS A 5018 -33.00 -1.05 32.95
N TRP A 5019 -32.47 0.17 32.88
CA TRP A 5019 -32.83 1.13 31.83
C TRP A 5019 -31.71 1.31 30.82
N ASP A 5020 -30.83 0.31 30.69
CA ASP A 5020 -29.70 0.44 29.79
C ASP A 5020 -30.14 0.36 28.33
N PHE A 5021 -31.32 -0.20 28.06
CA PHE A 5021 -31.75 -0.34 26.67
C PHE A 5021 -32.12 1.01 26.08
N PHE A 5022 -32.50 1.96 26.91
CA PHE A 5022 -32.76 3.31 26.45
C PHE A 5022 -31.46 3.90 25.87
N PRO A 5023 -31.46 4.37 24.62
CA PRO A 5023 -30.22 4.90 24.05
C PRO A 5023 -29.82 6.21 24.73
N ALA A 5024 -28.55 6.32 25.07
CA ALA A 5024 -28.01 7.51 25.73
C ALA A 5024 -26.71 7.90 25.03
N GLY A 5025 -26.66 9.13 24.52
CA GLY A 5025 -25.50 9.61 23.81
C GLY A 5025 -25.23 8.91 22.49
N ASP A 5026 -26.16 8.10 22.00
CA ASP A 5026 -25.98 7.34 20.77
C ASP A 5026 -27.29 7.29 20.02
N CYS A 5027 -27.20 7.07 18.71
CA CYS A 5027 -28.38 6.95 17.87
C CYS A 5027 -28.05 6.06 16.69
N PHE A 5028 -29.11 5.57 16.03
CA PHE A 5028 -28.93 4.76 14.84
C PHE A 5028 -28.14 5.52 13.77
N ARG A 5029 -28.49 6.80 13.57
CA ARG A 5029 -27.80 7.63 12.58
C ARG A 5029 -26.32 7.76 12.91
N LYS A 5030 -26.01 8.10 14.16
CA LYS A 5030 -24.61 8.30 14.55
C LYS A 5030 -23.83 7.00 14.46
N GLN A 5031 -24.46 5.89 14.84
CA GLN A 5031 -23.79 4.59 14.77
C GLN A 5031 -23.47 4.21 13.33
N TYR A 5032 -24.41 4.44 12.41
CA TYR A 5032 -24.22 4.10 11.00
C TYR A 5032 -23.96 5.35 10.15
N GLU A 5033 -23.25 6.32 10.72
CA GLU A 5033 -23.09 7.61 10.05
C GLU A 5033 -22.40 7.46 8.71
N ASP A 5034 -21.26 6.77 8.68
CA ASP A 5034 -20.51 6.66 7.43
C ASP A 5034 -21.28 5.88 6.37
N GLN A 5035 -21.91 4.78 6.76
CA GLN A 5035 -22.68 3.99 5.80
C GLN A 5035 -23.88 4.77 5.30
N LEU A 5036 -24.57 5.48 6.20
CA LEU A 5036 -25.75 6.24 5.79
C LEU A 5036 -25.37 7.37 4.84
N SER A 5037 -24.18 7.93 4.99
CA SER A 5037 -23.74 9.05 4.16
C SER A 5037 -22.77 8.61 3.08
N GLY B 2 -43.13 -115.27 22.35
CA GLY B 2 -43.72 -116.26 23.29
C GLY B 2 -44.18 -115.67 24.59
N VAL B 3 -45.35 -116.10 25.05
CA VAL B 3 -45.89 -115.77 26.36
C VAL B 3 -45.52 -116.88 27.31
N GLN B 4 -45.05 -116.52 28.50
CA GLN B 4 -44.65 -117.51 29.49
C GLN B 4 -45.19 -117.05 30.84
N VAL B 5 -46.10 -117.84 31.41
CA VAL B 5 -46.91 -117.45 32.56
C VAL B 5 -46.49 -118.30 33.75
N GLU B 6 -46.17 -117.65 34.87
CA GLU B 6 -45.91 -118.35 36.13
C GLU B 6 -46.75 -117.75 37.25
N THR B 7 -47.42 -118.62 37.99
CA THR B 7 -48.37 -118.19 39.01
C THR B 7 -47.62 -117.70 40.25
N ILE B 8 -47.76 -116.41 40.55
CA ILE B 8 -47.31 -115.90 41.85
C ILE B 8 -48.28 -116.30 42.93
N SER B 9 -49.58 -116.06 42.70
CA SER B 9 -50.64 -116.43 43.61
C SER B 9 -51.76 -117.06 42.81
N PRO B 10 -52.47 -118.04 43.38
CA PRO B 10 -53.54 -118.70 42.63
C PRO B 10 -54.83 -117.89 42.64
N GLY B 11 -55.65 -118.15 41.62
CA GLY B 11 -56.99 -117.63 41.56
C GLY B 11 -58.02 -118.69 41.91
N ASP B 12 -59.23 -118.51 41.36
CA ASP B 12 -60.28 -119.50 41.59
C ASP B 12 -60.01 -120.80 40.84
N GLY B 13 -59.41 -120.72 39.64
CA GLY B 13 -59.07 -121.88 38.86
C GLY B 13 -60.17 -122.36 37.93
N ARG B 14 -61.34 -121.73 37.94
CA ARG B 14 -62.43 -122.06 37.02
C ARG B 14 -62.78 -120.96 36.03
N THR B 15 -62.77 -119.70 36.44
CA THR B 15 -63.28 -118.61 35.63
C THR B 15 -62.13 -118.05 34.82
N PHE B 16 -62.24 -118.17 33.50
CA PHE B 16 -61.19 -117.74 32.60
C PHE B 16 -61.75 -116.77 31.58
N PRO B 17 -60.95 -115.80 31.13
CA PRO B 17 -61.48 -114.80 30.19
C PRO B 17 -61.95 -115.44 28.89
N LYS B 18 -63.00 -114.88 28.32
CA LYS B 18 -63.53 -115.28 27.03
C LYS B 18 -63.53 -114.09 26.09
N ARG B 19 -63.51 -114.37 24.79
CA ARG B 19 -63.50 -113.31 23.81
C ARG B 19 -64.74 -112.42 23.96
N GLY B 20 -64.53 -111.11 23.79
CA GLY B 20 -65.60 -110.17 23.97
C GLY B 20 -65.92 -109.88 25.41
N GLN B 21 -65.05 -110.27 26.33
CA GLN B 21 -65.25 -110.10 27.76
C GLN B 21 -64.17 -109.17 28.28
N THR B 22 -64.56 -108.10 28.95
CA THR B 22 -63.60 -107.11 29.40
C THR B 22 -62.85 -107.62 30.63
N CYS B 23 -61.54 -107.54 30.58
CA CYS B 23 -60.67 -107.98 31.66
C CYS B 23 -60.15 -106.75 32.39
N VAL B 24 -60.24 -106.78 33.73
CA VAL B 24 -59.75 -105.72 34.59
C VAL B 24 -58.52 -106.23 35.33
N VAL B 25 -57.41 -105.50 35.22
CA VAL B 25 -56.13 -105.95 35.74
C VAL B 25 -55.46 -104.83 36.52
N HIS B 26 -54.58 -105.22 37.44
CA HIS B 26 -53.48 -104.36 37.91
C HIS B 26 -52.17 -104.97 37.44
N TYR B 27 -51.33 -104.14 36.84
CA TYR B 27 -50.11 -104.64 36.25
C TYR B 27 -48.93 -103.74 36.61
N THR B 28 -47.76 -104.34 36.64
CA THR B 28 -46.50 -103.64 36.80
C THR B 28 -45.54 -104.17 35.75
N GLY B 29 -44.93 -103.27 34.99
CA GLY B 29 -44.10 -103.67 33.86
C GLY B 29 -42.62 -103.43 34.09
N MET B 30 -41.82 -104.46 33.83
CA MET B 30 -40.38 -104.37 33.95
C MET B 30 -39.73 -104.96 32.71
N LEU B 31 -38.58 -104.39 32.34
CA LEU B 31 -37.74 -105.03 31.34
C LEU B 31 -36.99 -106.21 31.98
N GLU B 32 -36.45 -107.06 31.12
CA GLU B 32 -35.82 -108.29 31.61
C GLU B 32 -34.68 -107.97 32.58
N ASP B 33 -33.97 -106.86 32.36
CA ASP B 33 -32.90 -106.47 33.27
C ASP B 33 -33.44 -106.08 34.64
N GLY B 34 -34.74 -105.79 34.74
CA GLY B 34 -35.36 -105.43 36.00
C GLY B 34 -35.81 -103.99 36.11
N LYS B 35 -35.70 -103.22 35.04
CA LYS B 35 -36.11 -101.82 35.08
C LYS B 35 -37.61 -101.70 34.82
N LYS B 36 -38.28 -100.90 35.65
CA LYS B 36 -39.71 -100.72 35.59
C LYS B 36 -40.05 -99.54 34.69
N PHE B 37 -40.98 -99.74 33.77
CA PHE B 37 -41.40 -98.69 32.86
C PHE B 37 -42.89 -98.34 32.98
N ASP B 38 -43.69 -99.19 33.63
CA ASP B 38 -45.11 -98.92 33.76
C ASP B 38 -45.67 -99.64 34.98
N SER B 39 -46.69 -99.05 35.57
CA SER B 39 -47.40 -99.65 36.69
C SER B 39 -48.76 -98.97 36.82
N SER B 40 -49.82 -99.77 36.82
CA SER B 40 -51.16 -99.22 37.02
C SER B 40 -51.40 -98.76 38.45
N ARG B 41 -50.66 -99.32 39.41
CA ARG B 41 -50.88 -98.98 40.81
C ARG B 41 -50.40 -97.58 41.14
N ASP B 42 -49.31 -97.16 40.51
CA ASP B 42 -48.88 -95.75 40.61
C ASP B 42 -49.98 -94.79 40.19
N ARG B 43 -50.67 -95.10 39.10
CA ARG B 43 -51.84 -94.32 38.70
C ARG B 43 -53.05 -94.59 39.59
N ASN B 44 -53.01 -95.67 40.35
CA ASN B 44 -54.09 -96.08 41.24
C ASN B 44 -55.39 -96.39 40.52
N LYS B 45 -55.31 -96.79 39.25
CA LYS B 45 -56.47 -97.05 38.43
C LYS B 45 -56.30 -98.38 37.72
N PRO B 46 -57.22 -99.33 37.88
CA PRO B 46 -57.11 -100.60 37.15
C PRO B 46 -57.19 -100.37 35.65
N PHE B 47 -56.49 -101.21 34.90
CA PHE B 47 -56.47 -101.15 33.45
C PHE B 47 -57.45 -102.18 32.89
N LYS B 48 -58.33 -101.73 32.00
CA LYS B 48 -59.39 -102.55 31.44
C LYS B 48 -59.15 -102.71 29.94
N PHE B 49 -59.29 -103.94 29.44
CA PHE B 49 -59.10 -104.18 28.02
C PHE B 49 -59.97 -105.36 27.57
N MET B 50 -60.40 -105.31 26.31
CA MET B 50 -61.22 -106.37 25.73
C MET B 50 -60.36 -107.33 24.93
N LEU B 51 -60.73 -108.59 25.04
CA LEU B 51 -60.00 -109.70 24.43
C LEU B 51 -60.34 -109.82 22.96
N GLY B 52 -59.34 -110.14 22.12
CA GLY B 52 -59.55 -110.31 20.70
C GLY B 52 -59.62 -109.00 19.94
N LYS B 53 -59.67 -107.87 20.68
CA LYS B 53 -59.83 -106.56 20.06
C LYS B 53 -58.52 -106.03 19.51
N GLN B 54 -57.44 -106.46 20.10
CA GLN B 54 -56.10 -106.05 19.76
C GLN B 54 -55.77 -104.69 20.36
N GLU B 55 -56.43 -104.30 21.46
CA GLU B 55 -55.94 -103.08 22.13
C GLU B 55 -54.54 -103.30 22.66
N VAL B 56 -54.33 -104.43 23.33
CA VAL B 56 -53.05 -104.70 23.97
C VAL B 56 -52.22 -105.64 23.11
N ILE B 57 -50.95 -105.78 23.47
CA ILE B 57 -50.05 -106.58 22.67
C ILE B 57 -50.45 -108.05 22.70
N ARG B 58 -49.86 -108.79 21.76
CA ARG B 58 -50.16 -110.20 21.60
C ARG B 58 -49.90 -110.95 22.91
N GLY B 59 -48.82 -110.59 23.60
CA GLY B 59 -48.47 -111.29 24.81
C GLY B 59 -49.52 -111.16 25.88
N TRP B 60 -50.00 -109.92 26.12
CA TRP B 60 -51.09 -109.74 27.06
C TRP B 60 -52.31 -110.53 26.68
N GLU B 61 -52.73 -110.43 25.42
CA GLU B 61 -53.89 -111.20 24.99
C GLU B 61 -53.76 -112.64 25.44
N GLU B 62 -52.72 -113.33 24.97
CA GLU B 62 -52.64 -114.77 25.22
C GLU B 62 -52.42 -115.07 26.70
N GLY B 63 -51.56 -114.32 27.38
CA GLY B 63 -51.26 -114.63 28.76
C GLY B 63 -52.45 -114.45 29.68
N VAL B 64 -53.17 -113.33 29.54
CA VAL B 64 -54.37 -113.14 30.34
C VAL B 64 -55.42 -114.18 29.95
N ALA B 65 -55.40 -114.66 28.71
CA ALA B 65 -56.33 -115.72 28.34
C ALA B 65 -56.14 -116.95 29.22
N GLN B 66 -54.92 -117.20 29.70
CA GLN B 66 -54.63 -118.37 30.52
C GLN B 66 -54.92 -118.15 32.00
N MET B 67 -55.17 -116.91 32.42
CA MET B 67 -55.24 -116.60 33.84
C MET B 67 -56.66 -116.82 34.36
N SER B 68 -56.79 -116.70 35.69
CA SER B 68 -58.05 -116.90 36.38
C SER B 68 -58.34 -115.71 37.28
N VAL B 69 -59.63 -115.52 37.60
CA VAL B 69 -60.03 -114.37 38.40
C VAL B 69 -59.37 -114.45 39.77
N GLY B 70 -58.78 -113.34 40.21
CA GLY B 70 -58.04 -113.27 41.43
C GLY B 70 -56.62 -113.80 41.32
N GLN B 71 -56.24 -114.30 40.15
CA GLN B 71 -54.91 -114.86 39.96
C GLN B 71 -53.89 -113.77 39.76
N ARG B 72 -52.72 -113.97 40.36
CA ARG B 72 -51.55 -113.12 40.16
C ARG B 72 -50.50 -113.94 39.44
N ALA B 73 -49.90 -113.37 38.41
CA ALA B 73 -48.99 -114.11 37.57
C ALA B 73 -47.88 -113.20 37.06
N LYS B 74 -46.79 -113.83 36.66
CA LYS B 74 -45.67 -113.18 35.98
C LYS B 74 -45.68 -113.62 34.53
N LEU B 75 -45.73 -112.64 33.64
CA LEU B 75 -45.79 -112.86 32.20
C LEU B 75 -44.49 -112.40 31.58
N THR B 76 -43.80 -113.33 30.91
CA THR B 76 -42.59 -113.04 30.17
C THR B 76 -42.93 -113.09 28.68
N ILE B 77 -42.69 -111.99 27.99
CA ILE B 77 -43.11 -111.82 26.61
C ILE B 77 -41.87 -111.48 25.77
N SER B 78 -41.67 -112.24 24.70
CA SER B 78 -40.56 -111.97 23.79
C SER B 78 -40.87 -110.74 22.96
N PRO B 79 -39.86 -110.12 22.36
CA PRO B 79 -40.10 -108.91 21.55
C PRO B 79 -41.13 -109.14 20.45
N ASP B 80 -41.12 -110.33 19.86
CA ASP B 80 -41.98 -110.59 18.71
C ASP B 80 -43.46 -110.58 19.11
N TYR B 81 -43.78 -110.99 20.34
CA TYR B 81 -45.13 -110.73 20.85
C TYR B 81 -45.26 -109.29 21.35
N ALA B 82 -44.15 -108.68 21.75
CA ALA B 82 -44.16 -107.31 22.25
C ALA B 82 -43.92 -106.32 21.11
N TYR B 83 -43.61 -105.07 21.46
CA TYR B 83 -43.46 -104.00 20.49
C TYR B 83 -42.41 -104.32 19.43
N GLY B 84 -41.43 -105.14 19.77
CA GLY B 84 -40.51 -105.64 18.76
C GLY B 84 -39.40 -104.67 18.40
N ALA B 85 -38.98 -104.78 17.14
CA ALA B 85 -37.77 -104.08 16.68
C ALA B 85 -37.90 -102.56 16.78
N THR B 86 -39.02 -101.99 16.34
CA THR B 86 -39.16 -100.54 16.44
C THR B 86 -39.20 -100.10 17.89
N GLY B 87 -39.83 -100.90 18.74
CA GLY B 87 -39.89 -100.58 20.15
C GLY B 87 -40.89 -99.47 20.44
N HIS B 88 -40.92 -99.07 21.71
CA HIS B 88 -41.72 -97.93 22.13
C HIS B 88 -40.77 -96.77 22.40
N PRO B 89 -40.69 -95.77 21.52
CA PRO B 89 -39.63 -94.76 21.66
C PRO B 89 -39.65 -94.10 23.02
N GLY B 90 -38.46 -93.92 23.60
CA GLY B 90 -38.33 -93.34 24.92
C GLY B 90 -38.56 -94.33 26.03
N ILE B 91 -39.59 -95.16 25.92
CA ILE B 91 -39.93 -96.09 26.99
C ILE B 91 -39.17 -97.40 26.84
N ILE B 92 -39.39 -98.10 25.74
CA ILE B 92 -38.95 -99.49 25.58
C ILE B 92 -37.93 -99.54 24.45
N PRO B 93 -36.76 -100.15 24.67
CA PRO B 93 -35.77 -100.25 23.58
C PRO B 93 -36.17 -101.29 22.56
N PRO B 94 -35.50 -101.33 21.42
CA PRO B 94 -35.71 -102.42 20.47
C PRO B 94 -35.32 -103.77 21.03
N HIS B 95 -36.00 -104.81 20.57
CA HIS B 95 -35.66 -106.20 20.91
C HIS B 95 -35.57 -106.38 22.42
N ALA B 96 -36.64 -106.04 23.12
CA ALA B 96 -36.70 -106.06 24.57
C ALA B 96 -37.70 -107.11 25.03
N THR B 97 -37.22 -108.08 25.82
CA THR B 97 -38.12 -108.98 26.51
C THR B 97 -38.78 -108.25 27.67
N LEU B 98 -40.06 -108.53 27.89
CA LEU B 98 -40.85 -107.80 28.87
C LEU B 98 -41.32 -108.73 29.98
N VAL B 99 -41.22 -108.26 31.22
CA VAL B 99 -41.70 -108.97 32.39
C VAL B 99 -42.83 -108.15 33.01
N PHE B 100 -43.95 -108.81 33.30
CA PHE B 100 -45.12 -108.14 33.84
C PHE B 100 -45.65 -108.91 35.03
N ASP B 101 -46.09 -108.18 36.05
CA ASP B 101 -46.75 -108.76 37.22
C ASP B 101 -48.21 -108.33 37.16
N VAL B 102 -49.09 -109.29 36.92
CA VAL B 102 -50.49 -109.00 36.59
C VAL B 102 -51.39 -109.70 37.60
N GLU B 103 -52.34 -108.94 38.14
CA GLU B 103 -53.41 -109.46 38.98
C GLU B 103 -54.71 -109.25 38.25
N LEU B 104 -55.42 -110.36 37.99
CA LEU B 104 -56.69 -110.32 37.24
C LEU B 104 -57.82 -110.16 38.24
N LEU B 105 -58.25 -108.91 38.41
CA LEU B 105 -59.22 -108.61 39.48
C LEU B 105 -60.57 -109.21 39.18
N LYS B 106 -61.10 -108.97 37.99
CA LYS B 106 -62.46 -109.37 37.69
C LYS B 106 -62.64 -109.36 36.18
N LEU B 107 -63.80 -109.86 35.77
CA LEU B 107 -64.23 -109.84 34.37
C LEU B 107 -65.54 -109.06 34.29
N GLU B 108 -65.65 -108.21 33.28
CA GLU B 108 -66.87 -107.42 33.07
C GLU B 108 -67.12 -107.18 31.59
N GLY C 2 98.24 -35.22 69.07
CA GLY C 2 99.27 -34.90 70.11
C GLY C 2 99.03 -33.59 70.82
N VAL C 3 99.24 -33.61 72.13
CA VAL C 3 99.20 -32.41 72.97
C VAL C 3 100.63 -31.93 73.13
N GLN C 4 100.83 -30.63 73.00
CA GLN C 4 102.16 -30.04 73.10
C GLN C 4 102.04 -28.77 73.94
N VAL C 5 102.66 -28.78 75.11
CA VAL C 5 102.47 -27.77 76.14
C VAL C 5 103.74 -26.95 76.27
N GLU C 6 103.62 -25.62 76.19
CA GLU C 6 104.74 -24.72 76.47
C GLU C 6 104.32 -23.66 77.48
N THR C 7 105.15 -23.48 78.50
CA THR C 7 104.82 -22.60 79.62
C THR C 7 105.01 -21.14 79.21
N ILE C 8 103.91 -20.39 79.18
CA ILE C 8 104.01 -18.94 79.05
C ILE C 8 104.45 -18.33 80.38
N SER C 9 103.78 -18.72 81.46
CA SER C 9 104.11 -18.27 82.80
C SER C 9 104.08 -19.48 83.73
N PRO C 10 104.95 -19.52 84.74
CA PRO C 10 104.97 -20.67 85.64
C PRO C 10 103.88 -20.62 86.69
N GLY C 11 103.54 -21.79 87.20
CA GLY C 11 102.66 -21.93 88.33
C GLY C 11 103.43 -22.26 89.60
N ASP C 12 102.74 -22.92 90.53
CA ASP C 12 103.39 -23.34 91.76
C ASP C 12 104.39 -24.47 91.53
N GLY C 13 104.10 -25.37 90.58
CA GLY C 13 104.98 -26.47 90.26
C GLY C 13 104.80 -27.73 91.08
N ARG C 14 103.89 -27.71 92.07
CA ARG C 14 103.57 -28.89 92.85
C ARG C 14 102.16 -29.41 92.67
N THR C 15 101.16 -28.55 92.55
CA THR C 15 99.76 -28.96 92.57
C THR C 15 99.33 -29.21 91.15
N PHE C 16 98.97 -30.47 90.87
CA PHE C 16 98.59 -30.88 89.53
C PHE C 16 97.22 -31.53 89.56
N PRO C 17 96.44 -31.37 88.50
CA PRO C 17 95.09 -31.93 88.50
C PRO C 17 95.09 -33.44 88.67
N LYS C 18 94.08 -33.95 89.38
CA LYS C 18 93.88 -35.38 89.55
C LYS C 18 92.49 -35.74 89.03
N ARG C 19 92.32 -37.01 88.68
CA ARG C 19 91.04 -37.48 88.16
C ARG C 19 89.93 -37.25 89.18
N GLY C 20 88.77 -36.83 88.70
CA GLY C 20 87.66 -36.53 89.58
C GLY C 20 87.78 -35.19 90.26
N GLN C 21 88.69 -34.34 89.80
CA GLN C 21 88.95 -33.04 90.39
C GLN C 21 88.60 -31.98 89.37
N THR C 22 87.75 -31.04 89.74
CA THR C 22 87.29 -30.04 88.79
C THR C 22 88.36 -28.99 88.57
N CYS C 23 88.66 -28.72 87.30
CA CYS C 23 89.66 -27.73 86.90
C CYS C 23 88.95 -26.49 86.42
N VAL C 24 89.40 -25.33 86.92
CA VAL C 24 88.86 -24.03 86.52
C VAL C 24 89.93 -23.32 85.69
N VAL C 25 89.55 -22.88 84.49
CA VAL C 25 90.50 -22.33 83.54
C VAL C 25 89.95 -21.04 82.93
N HIS C 26 90.86 -20.19 82.47
CA HIS C 26 90.56 -19.20 81.43
C HIS C 26 91.32 -19.58 80.18
N TYR C 27 90.63 -19.61 79.05
CA TYR C 27 91.24 -20.07 77.82
C TYR C 27 90.88 -19.15 76.67
N THR C 28 91.78 -19.11 75.70
CA THR C 28 91.57 -18.42 74.43
C THR C 28 91.98 -19.37 73.32
N GLY C 29 91.09 -19.57 72.35
CA GLY C 29 91.33 -20.55 71.31
C GLY C 29 91.61 -19.94 69.95
N MET C 30 92.68 -20.41 69.32
CA MET C 30 93.07 -19.96 68.00
C MET C 30 93.38 -21.15 67.12
N LEU C 31 93.07 -21.02 65.83
CA LEU C 31 93.56 -21.99 64.86
C LEU C 31 95.03 -21.73 64.59
N GLU C 32 95.69 -22.72 63.97
CA GLU C 32 97.13 -22.63 63.78
C GLU C 32 97.50 -21.41 62.94
N ASP C 33 96.63 -21.01 62.00
CA ASP C 33 96.89 -19.81 61.21
C ASP C 33 96.83 -18.55 62.06
N GLY C 34 96.23 -18.62 63.24
CA GLY C 34 96.15 -17.48 64.13
C GLY C 34 94.77 -16.90 64.31
N LYS C 35 93.74 -17.54 63.75
CA LYS C 35 92.38 -17.03 63.88
C LYS C 35 91.75 -17.53 65.16
N LYS C 36 91.11 -16.61 65.89
CA LYS C 36 90.52 -16.91 67.19
C LYS C 36 89.06 -17.31 66.99
N PHE C 37 88.67 -18.42 67.62
CA PHE C 37 87.30 -18.90 67.55
C PHE C 37 86.60 -18.98 68.90
N ASP C 38 87.34 -18.89 70.00
CA ASP C 38 86.73 -18.98 71.32
C ASP C 38 87.61 -18.29 72.34
N SER C 39 86.99 -17.74 73.37
CA SER C 39 87.69 -17.13 74.50
C SER C 39 86.73 -17.03 75.66
N SER C 40 87.13 -17.57 76.81
CA SER C 40 86.31 -17.48 78.01
C SER C 40 86.31 -16.06 78.59
N ARG C 41 87.33 -15.26 78.29
CA ARG C 41 87.43 -13.93 78.87
C ARG C 41 86.42 -12.98 78.26
N ASP C 42 86.15 -13.14 76.96
CA ASP C 42 85.04 -12.40 76.34
C ASP C 42 83.72 -12.64 77.04
N ARG C 43 83.43 -13.87 77.42
CA ARG C 43 82.26 -14.17 78.23
C ARG C 43 82.44 -13.74 79.69
N ASN C 44 83.68 -13.48 80.09
CA ASN C 44 84.03 -13.06 81.44
C ASN C 44 83.70 -14.13 82.50
N LYS C 45 83.66 -15.40 82.10
CA LYS C 45 83.29 -16.47 83.00
C LYS C 45 84.30 -17.61 82.87
N PRO C 46 84.95 -18.03 83.96
CA PRO C 46 85.87 -19.17 83.87
C PRO C 46 85.14 -20.43 83.44
N PHE C 47 85.87 -21.28 82.72
CA PHE C 47 85.34 -22.55 82.25
C PHE C 47 85.79 -23.67 83.18
N LYS C 48 84.84 -24.47 83.64
CA LYS C 48 85.08 -25.53 84.62
C LYS C 48 84.80 -26.87 83.97
N PHE C 49 85.70 -27.82 84.18
CA PHE C 49 85.51 -29.16 83.61
C PHE C 49 86.16 -30.21 84.51
N MET C 50 85.58 -31.41 84.52
CA MET C 50 86.10 -32.52 85.31
C MET C 50 86.94 -33.43 84.45
N LEU C 51 88.02 -33.91 85.05
CA LEU C 51 89.02 -34.73 84.40
C LEU C 51 88.55 -36.18 84.29
N GLY C 52 88.86 -36.84 83.16
CA GLY C 52 88.48 -38.21 82.97
C GLY C 52 87.03 -38.39 82.54
N LYS C 53 86.25 -37.30 82.60
CA LYS C 53 84.82 -37.36 82.31
C LYS C 53 84.54 -37.37 80.82
N GLN C 54 85.43 -36.79 80.07
CA GLN C 54 85.34 -36.63 78.64
C GLN C 54 84.41 -35.49 78.27
N GLU C 55 84.23 -34.50 79.14
CA GLU C 55 83.51 -33.32 78.66
C GLU C 55 84.27 -32.63 77.56
N VAL C 56 85.58 -32.43 77.77
CA VAL C 56 86.39 -31.69 76.83
C VAL C 56 87.19 -32.66 75.97
N ILE C 57 87.81 -32.11 74.93
CA ILE C 57 88.52 -32.96 73.99
C ILE C 57 89.75 -33.60 74.65
N ARG C 58 90.26 -34.61 73.95
CA ARG C 58 91.40 -35.38 74.45
C ARG C 58 92.58 -34.45 74.76
N GLY C 59 92.80 -33.46 73.88
CA GLY C 59 93.92 -32.58 74.05
C GLY C 59 93.85 -31.79 75.34
N TRP C 60 92.68 -31.20 75.63
CA TRP C 60 92.51 -30.50 76.90
C TRP C 60 92.75 -31.43 78.07
N GLU C 61 92.11 -32.61 78.06
CA GLU C 61 92.33 -33.54 79.16
C GLU C 61 93.82 -33.67 79.45
N GLU C 62 94.58 -34.15 78.46
CA GLU C 62 95.97 -34.48 78.73
C GLU C 62 96.79 -33.22 79.04
N GLY C 63 96.59 -32.13 78.30
CA GLY C 63 97.42 -30.96 78.50
C GLY C 63 97.21 -30.33 79.86
N VAL C 64 95.94 -30.16 80.28
CA VAL C 64 95.69 -29.63 81.61
C VAL C 64 96.19 -30.60 82.67
N ALA C 65 96.22 -31.90 82.36
CA ALA C 65 96.79 -32.85 83.31
C ALA C 65 98.24 -32.51 83.64
N GLN C 66 98.98 -31.92 82.69
CA GLN C 66 100.38 -31.59 82.90
C GLN C 66 100.58 -30.25 83.58
N MET C 67 99.54 -29.43 83.70
CA MET C 67 99.70 -28.06 84.16
C MET C 67 99.65 -27.96 85.67
N SER C 68 99.95 -26.77 86.18
CA SER C 68 99.99 -26.50 87.60
C SER C 68 99.14 -25.28 87.92
N VAL C 69 98.71 -25.19 89.18
CA VAL C 69 97.82 -24.11 89.59
C VAL C 69 98.53 -22.78 89.40
N GLY C 70 97.83 -21.83 88.78
CA GLY C 70 98.40 -20.54 88.45
C GLY C 70 99.25 -20.56 87.20
N GLN C 71 99.42 -21.71 86.57
CA GLN C 71 100.25 -21.83 85.39
C GLN C 71 99.50 -21.36 84.15
N ARG C 72 100.21 -20.65 83.29
CA ARG C 72 99.73 -20.25 81.97
C ARG C 72 100.53 -20.99 80.92
N ALA C 73 99.85 -21.56 79.94
CA ALA C 73 100.50 -22.42 78.97
C ALA C 73 99.84 -22.27 77.62
N LYS C 74 100.59 -22.64 76.60
CA LYS C 74 100.11 -22.75 75.23
C LYS C 74 100.03 -24.23 74.88
N LEU C 75 98.84 -24.65 74.45
CA LEU C 75 98.55 -26.03 74.12
C LEU C 75 98.31 -26.13 72.62
N THR C 76 99.12 -26.95 71.96
CA THR C 76 98.97 -27.24 70.54
C THR C 76 98.43 -28.66 70.42
N ILE C 77 97.27 -28.79 69.77
CA ILE C 77 96.55 -30.05 69.70
C ILE C 77 96.33 -30.40 68.24
N SER C 78 96.73 -31.61 67.86
CA SER C 78 96.49 -32.08 66.50
C SER C 78 95.02 -32.41 66.30
N PRO C 79 94.56 -32.48 65.05
CA PRO C 79 93.15 -32.78 64.80
C PRO C 79 92.69 -34.07 65.47
N ASP C 80 93.57 -35.06 65.50
CA ASP C 80 93.18 -36.37 66.02
C ASP C 80 92.86 -36.33 67.51
N TYR C 81 93.54 -35.46 68.26
CA TYR C 81 93.08 -35.19 69.63
C TYR C 81 91.92 -34.20 69.62
N ALA C 82 91.82 -33.36 68.59
CA ALA C 82 90.76 -32.38 68.49
C ALA C 82 89.56 -32.95 67.75
N TYR C 83 88.64 -32.07 67.33
CA TYR C 83 87.41 -32.50 66.69
C TYR C 83 87.65 -33.35 65.44
N GLY C 84 88.78 -33.16 64.78
CA GLY C 84 89.17 -34.05 63.72
C GLY C 84 88.49 -33.76 62.38
N ALA C 85 88.30 -34.84 61.62
CA ALA C 85 87.87 -34.72 60.23
C ALA C 85 86.51 -34.06 60.09
N THR C 86 85.53 -34.46 60.89
CA THR C 86 84.22 -33.83 60.78
C THR C 86 84.28 -32.37 61.18
N GLY C 87 85.10 -32.05 62.18
CA GLY C 87 85.26 -30.69 62.62
C GLY C 87 84.07 -30.20 63.41
N HIS C 88 84.12 -28.91 63.75
CA HIS C 88 83.01 -28.26 64.41
C HIS C 88 82.33 -27.35 63.39
N PRO C 89 81.16 -27.71 62.86
CA PRO C 89 80.61 -26.98 61.72
C PRO C 89 80.44 -25.49 62.03
N GLY C 90 80.83 -24.66 61.07
CA GLY C 90 80.77 -23.22 61.24
C GLY C 90 81.97 -22.67 61.97
N ILE C 91 82.37 -23.32 63.05
CA ILE C 91 83.45 -22.80 63.89
C ILE C 91 84.81 -23.29 63.37
N ILE C 92 85.01 -24.60 63.37
CA ILE C 92 86.32 -25.21 63.19
C ILE C 92 86.31 -26.01 61.89
N PRO C 93 87.26 -25.81 60.98
CA PRO C 93 87.29 -26.61 59.75
C PRO C 93 87.78 -28.02 60.01
N PRO C 94 87.62 -28.92 59.04
CA PRO C 94 88.23 -30.25 59.14
C PRO C 94 89.74 -30.18 59.21
N HIS C 95 90.33 -31.16 59.90
CA HIS C 95 91.78 -31.33 59.96
C HIS C 95 92.47 -30.03 60.36
N ALA C 96 92.07 -29.50 61.51
CA ALA C 96 92.57 -28.23 62.01
C ALA C 96 93.37 -28.44 63.28
N THR C 97 94.63 -28.02 63.27
CA THR C 97 95.42 -27.96 64.49
C THR C 97 94.96 -26.76 65.32
N LEU C 98 94.90 -26.95 66.63
CA LEU C 98 94.34 -25.95 67.53
C LEU C 98 95.40 -25.43 68.48
N VAL C 99 95.41 -24.12 68.68
CA VAL C 99 96.29 -23.45 69.63
C VAL C 99 95.44 -22.83 70.71
N PHE C 100 95.80 -23.06 71.96
CA PHE C 100 95.04 -22.56 73.10
C PHE C 100 95.97 -21.90 74.10
N ASP C 101 95.52 -20.80 74.69
CA ASP C 101 96.24 -20.13 75.77
C ASP C 101 95.41 -20.32 77.03
N VAL C 102 95.93 -21.10 77.97
CA VAL C 102 95.16 -21.57 79.11
C VAL C 102 95.85 -21.15 80.40
N GLU C 103 95.08 -20.57 81.30
CA GLU C 103 95.51 -20.24 82.65
C GLU C 103 94.70 -21.09 83.62
N LEU C 104 95.40 -21.92 84.41
CA LEU C 104 94.77 -22.84 85.34
C LEU C 104 94.61 -22.12 86.67
N LEU C 105 93.42 -21.56 86.90
CA LEU C 105 93.23 -20.69 88.06
C LEU C 105 93.27 -21.49 89.35
N LYS C 106 92.51 -22.57 89.43
CA LYS C 106 92.38 -23.29 90.68
C LYS C 106 91.82 -24.66 90.40
N LEU C 107 91.80 -25.49 91.45
CA LEU C 107 91.19 -26.81 91.42
C LEU C 107 90.09 -26.86 92.47
N GLU C 108 88.95 -27.44 92.10
CA GLU C 108 87.83 -27.57 93.02
C GLU C 108 87.05 -28.86 92.76
N GLY D 2 83.11 68.57 -63.43
CA GLY D 2 83.47 69.82 -64.14
C GLY D 2 82.47 70.95 -63.94
N VAL D 3 83.00 72.15 -63.72
CA VAL D 3 82.20 73.37 -63.67
C VAL D 3 82.24 74.02 -65.04
N GLN D 4 81.09 74.46 -65.53
CA GLN D 4 81.01 75.08 -66.84
C GLN D 4 80.11 76.30 -66.72
N VAL D 5 80.69 77.48 -66.94
CA VAL D 5 80.06 78.76 -66.63
C VAL D 5 79.76 79.48 -67.93
N GLU D 6 78.52 79.91 -68.10
CA GLU D 6 78.14 80.77 -69.23
C GLU D 6 77.40 82.01 -68.75
N THR D 7 77.83 83.16 -69.22
CA THR D 7 77.32 84.44 -68.76
C THR D 7 75.94 84.70 -69.33
N ILE D 8 74.93 84.75 -68.47
CA ILE D 8 73.62 85.24 -68.88
C ILE D 8 73.64 86.76 -69.00
N SER D 9 74.15 87.43 -67.97
CA SER D 9 74.30 88.88 -67.94
C SER D 9 75.68 89.20 -67.40
N PRO D 10 76.30 90.27 -67.88
CA PRO D 10 77.65 90.61 -67.41
C PRO D 10 77.62 91.34 -66.08
N GLY D 11 78.74 91.24 -65.36
CA GLY D 11 78.99 92.01 -64.17
C GLY D 11 79.92 93.17 -64.42
N ASP D 12 80.63 93.58 -63.37
CA ASP D 12 81.62 94.65 -63.51
C ASP D 12 82.84 94.19 -64.29
N GLY D 13 83.24 92.93 -64.13
CA GLY D 13 84.38 92.38 -64.85
C GLY D 13 85.72 92.57 -64.17
N ARG D 14 85.76 93.26 -63.02
CA ARG D 14 86.99 93.42 -62.25
C ARG D 14 86.97 92.75 -60.89
N THR D 15 85.85 92.78 -60.18
CA THR D 15 85.82 92.35 -58.79
C THR D 15 85.44 90.88 -58.77
N PHE D 16 86.35 90.04 -58.28
CA PHE D 16 86.16 88.61 -58.27
C PHE D 16 86.34 88.08 -56.85
N PRO D 17 85.61 87.04 -56.48
CA PRO D 17 85.72 86.53 -55.11
C PRO D 17 87.13 86.06 -54.77
N LYS D 18 87.51 86.28 -53.51
CA LYS D 18 88.77 85.81 -52.99
C LYS D 18 88.52 84.90 -51.79
N ARG D 19 89.49 84.04 -51.50
CA ARG D 19 89.35 83.12 -50.37
C ARG D 19 89.15 83.90 -49.08
N GLY D 20 88.27 83.38 -48.22
CA GLY D 20 87.97 84.05 -46.98
C GLY D 20 87.03 85.23 -47.14
N GLN D 21 86.39 85.35 -48.30
CA GLN D 21 85.50 86.46 -48.61
C GLN D 21 84.10 85.90 -48.81
N THR D 22 83.13 86.43 -48.07
CA THR D 22 81.78 85.89 -48.14
C THR D 22 81.09 86.35 -49.42
N CYS D 23 80.52 85.39 -50.14
CA CYS D 23 79.81 85.64 -51.38
C CYS D 23 78.31 85.56 -51.12
N VAL D 24 77.58 86.57 -51.61
CA VAL D 24 76.13 86.62 -51.48
C VAL D 24 75.53 86.40 -52.87
N VAL D 25 74.63 85.44 -52.98
CA VAL D 25 74.10 85.00 -54.26
C VAL D 25 72.58 84.86 -54.19
N HIS D 26 71.93 85.00 -55.35
CA HIS D 26 70.62 84.40 -55.58
C HIS D 26 70.77 83.30 -56.61
N TYR D 27 70.20 82.13 -56.30
CA TYR D 27 70.40 80.98 -57.17
C TYR D 27 69.08 80.25 -57.37
N THR D 28 68.99 79.59 -58.52
CA THR D 28 67.90 78.70 -58.84
C THR D 28 68.49 77.40 -59.39
N GLY D 29 68.07 76.28 -58.82
CA GLY D 29 68.68 75.01 -59.17
C GLY D 29 67.76 74.11 -59.97
N MET D 30 68.29 73.59 -61.07
CA MET D 30 67.55 72.67 -61.93
C MET D 30 68.42 71.47 -62.26
N LEU D 31 67.80 70.31 -62.41
CA LEU D 31 68.48 69.17 -62.97
C LEU D 31 68.59 69.33 -64.48
N GLU D 32 69.47 68.53 -65.08
CA GLU D 32 69.75 68.69 -66.51
C GLU D 32 68.49 68.52 -67.34
N ASP D 33 67.56 67.67 -66.90
CA ASP D 33 66.31 67.50 -67.62
C ASP D 33 65.44 68.76 -67.55
N GLY D 34 65.73 69.65 -66.62
CA GLY D 34 64.98 70.88 -66.48
C GLY D 34 64.11 70.99 -65.25
N LYS D 35 64.18 70.00 -64.35
CA LYS D 35 63.36 70.03 -63.14
C LYS D 35 64.05 70.85 -62.06
N LYS D 36 63.28 71.72 -61.42
CA LYS D 36 63.81 72.64 -60.40
C LYS D 36 63.66 72.00 -59.03
N PHE D 37 64.74 72.02 -58.26
CA PHE D 37 64.74 71.47 -56.91
C PHE D 37 65.05 72.50 -55.83
N ASP D 38 65.55 73.67 -56.19
CA ASP D 38 65.90 74.68 -55.20
C ASP D 38 65.89 76.06 -55.84
N SER D 39 65.56 77.07 -55.04
CA SER D 39 65.59 78.46 -55.47
C SER D 39 65.60 79.34 -54.23
N SER D 40 66.60 80.22 -54.15
CA SER D 40 66.66 81.16 -53.03
C SER D 40 65.59 82.24 -53.11
N ARG D 41 65.08 82.52 -54.32
CA ARG D 41 64.12 83.59 -54.49
C ARG D 41 62.75 83.21 -53.93
N ASP D 42 62.39 81.94 -54.05
CA ASP D 42 61.19 81.45 -53.36
C ASP D 42 61.24 81.70 -51.85
N ARG D 43 62.39 81.47 -51.23
CA ARG D 43 62.57 81.83 -49.84
C ARG D 43 62.72 83.34 -49.64
N ASN D 44 63.00 84.07 -50.72
CA ASN D 44 63.19 85.51 -50.70
C ASN D 44 64.39 85.95 -49.87
N LYS D 45 65.38 85.08 -49.70
CA LYS D 45 66.53 85.36 -48.87
C LYS D 45 67.80 85.00 -49.63
N PRO D 46 68.73 85.94 -49.81
CA PRO D 46 70.00 85.59 -50.47
C PRO D 46 70.76 84.55 -49.68
N PHE D 47 71.50 83.72 -50.40
CA PHE D 47 72.33 82.67 -49.81
C PHE D 47 73.77 83.15 -49.73
N LYS D 48 74.36 83.04 -48.54
CA LYS D 48 75.70 83.53 -48.27
C LYS D 48 76.60 82.35 -47.94
N PHE D 49 77.80 82.34 -48.53
CA PHE D 49 78.74 81.27 -48.26
C PHE D 49 80.17 81.77 -48.38
N MET D 50 81.08 81.18 -47.61
CA MET D 50 82.49 81.53 -47.63
C MET D 50 83.26 80.57 -48.51
N LEU D 51 84.21 81.15 -49.22
CA LEU D 51 85.04 80.46 -50.20
C LEU D 51 86.14 79.68 -49.51
N GLY D 52 86.45 78.47 -50.02
CA GLY D 52 87.50 77.66 -49.45
C GLY D 52 87.09 76.91 -48.21
N LYS D 53 85.89 77.23 -47.68
CA LYS D 53 85.43 76.64 -46.42
C LYS D 53 84.85 75.26 -46.62
N GLN D 54 84.35 75.01 -47.80
CA GLN D 54 83.71 73.79 -48.19
C GLN D 54 82.29 73.70 -47.66
N GLU D 55 81.64 74.85 -47.42
CA GLU D 55 80.21 74.75 -47.11
C GLU D 55 79.45 74.21 -48.32
N VAL D 56 79.74 74.75 -49.49
CA VAL D 56 79.01 74.39 -50.69
C VAL D 56 79.83 73.40 -51.52
N ILE D 57 79.17 72.82 -52.52
CA ILE D 57 79.82 71.80 -53.31
C ILE D 57 80.98 72.38 -54.12
N ARG D 58 81.81 71.47 -54.62
CA ARG D 58 83.00 71.84 -55.37
C ARG D 58 82.64 72.74 -56.55
N GLY D 59 81.52 72.41 -57.21
CA GLY D 59 81.12 73.15 -58.39
C GLY D 59 80.82 74.60 -58.08
N TRP D 60 80.04 74.85 -57.01
CA TRP D 60 79.79 76.22 -56.60
C TRP D 60 81.08 76.95 -56.26
N GLU D 61 81.94 76.32 -55.46
CA GLU D 61 83.21 76.97 -55.14
C GLU D 61 83.87 77.49 -56.40
N GLU D 62 84.19 76.58 -57.33
CA GLU D 62 84.99 76.98 -58.47
C GLU D 62 84.22 77.95 -59.38
N GLY D 63 82.94 77.67 -59.64
CA GLY D 63 82.20 78.51 -60.57
C GLY D 63 82.02 79.93 -60.08
N VAL D 64 81.64 80.10 -58.82
CA VAL D 64 81.53 81.44 -58.27
C VAL D 64 82.91 82.10 -58.21
N ALA D 65 83.98 81.30 -58.08
CA ALA D 65 85.30 81.90 -58.13
C ALA D 65 85.54 82.63 -59.44
N GLN D 66 84.93 82.18 -60.54
CA GLN D 66 85.12 82.79 -61.84
C GLN D 66 84.21 83.99 -62.08
N MET D 67 83.21 84.20 -61.24
CA MET D 67 82.18 85.19 -61.52
C MET D 67 82.59 86.57 -61.02
N SER D 68 81.78 87.56 -61.37
CA SER D 68 82.03 88.95 -61.01
C SER D 68 80.79 89.54 -60.37
N VAL D 69 81.00 90.61 -59.59
CA VAL D 69 79.91 91.22 -58.85
C VAL D 69 78.86 91.74 -59.83
N GLY D 70 77.60 91.42 -59.56
CA GLY D 70 76.50 91.77 -60.44
C GLY D 70 76.35 90.83 -61.62
N GLN D 71 77.23 89.84 -61.74
CA GLN D 71 77.18 88.92 -62.86
C GLN D 71 76.13 87.85 -62.64
N ARG D 72 75.41 87.52 -63.71
CA ARG D 72 74.47 86.41 -63.74
C ARG D 72 75.03 85.34 -64.68
N ALA D 73 75.01 84.10 -64.23
CA ALA D 73 75.64 83.02 -64.97
C ALA D 73 74.86 81.74 -64.80
N LYS D 74 75.08 80.84 -65.75
CA LYS D 74 74.58 79.47 -65.70
C LYS D 74 75.75 78.54 -65.45
N LEU D 75 75.63 77.75 -64.38
CA LEU D 75 76.67 76.84 -63.95
C LEU D 75 76.19 75.40 -64.17
N THR D 76 76.94 74.66 -64.98
CA THR D 76 76.69 73.25 -65.20
C THR D 76 77.75 72.45 -64.47
N ILE D 77 77.30 71.58 -63.57
CA ILE D 77 78.19 70.86 -62.67
C ILE D 77 77.95 69.36 -62.85
N SER D 78 79.02 68.62 -63.10
CA SER D 78 78.92 67.19 -63.22
C SER D 78 78.70 66.55 -61.84
N PRO D 79 78.22 65.31 -61.79
CA PRO D 79 77.98 64.67 -60.49
C PRO D 79 79.21 64.65 -59.61
N ASP D 80 80.38 64.47 -60.22
CA ASP D 80 81.60 64.31 -59.44
C ASP D 80 81.97 65.58 -58.70
N TYR D 81 81.65 66.76 -59.26
CA TYR D 81 81.72 67.98 -58.47
C TYR D 81 80.49 68.13 -57.58
N ALA D 82 79.38 67.53 -57.97
CA ALA D 82 78.14 67.62 -57.20
C ALA D 82 78.03 66.46 -56.21
N TYR D 83 76.85 66.25 -55.65
CA TYR D 83 76.64 65.24 -54.62
C TYR D 83 77.06 63.86 -55.07
N GLY D 84 77.00 63.57 -56.36
CA GLY D 84 77.57 62.35 -56.88
C GLY D 84 76.66 61.14 -56.72
N ALA D 85 77.31 59.98 -56.57
CA ALA D 85 76.61 58.70 -56.63
C ALA D 85 75.56 58.56 -55.53
N THR D 86 75.90 58.90 -54.29
CA THR D 86 74.91 58.78 -53.23
C THR D 86 73.75 59.74 -53.45
N GLY D 87 74.05 60.92 -53.96
CA GLY D 87 73.01 61.90 -54.24
C GLY D 87 72.49 62.55 -52.99
N HIS D 88 71.47 63.38 -53.18
CA HIS D 88 70.77 64.00 -52.06
C HIS D 88 69.42 63.31 -51.92
N PRO D 89 69.22 62.45 -50.92
CA PRO D 89 68.01 61.62 -50.91
C PRO D 89 66.75 62.45 -50.95
N GLY D 90 65.79 62.01 -51.77
CA GLY D 90 64.55 62.73 -51.95
C GLY D 90 64.64 63.86 -52.94
N ILE D 91 65.72 64.65 -52.86
CA ILE D 91 65.85 65.83 -53.71
C ILE D 91 66.53 65.47 -55.03
N ILE D 92 67.76 64.98 -54.97
CA ILE D 92 68.63 64.84 -56.13
C ILE D 92 68.91 63.36 -56.36
N PRO D 93 68.72 62.83 -57.57
CA PRO D 93 69.03 61.42 -57.81
C PRO D 93 70.51 61.18 -57.91
N PRO D 94 70.95 59.92 -57.88
CA PRO D 94 72.35 59.61 -58.16
C PRO D 94 72.77 60.02 -59.57
N HIS D 95 74.04 60.37 -59.71
CA HIS D 95 74.66 60.65 -61.01
C HIS D 95 73.83 61.68 -61.77
N ALA D 96 73.63 62.85 -61.16
CA ALA D 96 72.80 63.90 -61.72
C ALA D 96 73.66 65.12 -62.02
N THR D 97 73.66 65.54 -63.28
CA THR D 97 74.24 66.82 -63.64
C THR D 97 73.31 67.94 -63.19
N LEU D 98 73.90 69.01 -62.69
CA LEU D 98 73.14 70.10 -62.09
C LEU D 98 73.32 71.38 -62.89
N VAL D 99 72.21 72.10 -63.09
CA VAL D 99 72.19 73.39 -63.75
C VAL D 99 71.73 74.42 -62.74
N PHE D 100 72.48 75.53 -62.64
CA PHE D 100 72.18 76.58 -61.68
C PHE D 100 72.21 77.94 -62.36
N ASP D 101 71.28 78.81 -61.98
CA ASP D 101 71.25 80.18 -62.44
C ASP D 101 71.59 81.06 -61.24
N VAL D 102 72.76 81.69 -61.29
CA VAL D 102 73.35 82.36 -60.12
C VAL D 102 73.60 83.82 -60.44
N GLU D 103 73.14 84.69 -59.55
CA GLU D 103 73.44 86.12 -59.61
C GLU D 103 74.28 86.46 -58.39
N LEU D 104 75.48 86.98 -58.64
CA LEU D 104 76.44 87.31 -57.57
C LEU D 104 76.18 88.75 -57.15
N LEU D 105 75.41 88.92 -56.08
CA LEU D 105 74.97 90.26 -55.71
C LEU D 105 76.11 91.11 -55.21
N LYS D 106 76.89 90.57 -54.27
CA LYS D 106 77.91 91.37 -53.62
C LYS D 106 78.88 90.45 -52.90
N LEU D 107 79.96 91.05 -52.41
CA LEU D 107 80.93 90.36 -51.59
C LEU D 107 81.01 91.04 -50.23
N GLU D 108 81.07 90.24 -49.18
CA GLU D 108 81.15 90.77 -47.82
C GLU D 108 81.99 89.84 -46.93
N GLY E 2 -58.07 -11.40 -110.08
CA GLY E 2 -59.32 -11.44 -110.87
C GLY E 2 -60.56 -11.05 -110.10
N VAL E 3 -61.41 -10.25 -110.73
CA VAL E 3 -62.72 -9.88 -110.21
C VAL E 3 -63.74 -10.84 -110.81
N GLN E 4 -64.63 -11.34 -109.97
CA GLN E 4 -65.64 -12.28 -110.42
C GLN E 4 -66.98 -11.89 -109.78
N VAL E 5 -67.93 -11.48 -110.62
CA VAL E 5 -69.16 -10.82 -110.19
C VAL E 5 -70.33 -11.77 -110.45
N GLU E 6 -71.14 -12.01 -109.42
CA GLU E 6 -72.38 -12.75 -109.59
C GLU E 6 -73.56 -11.99 -108.99
N THR E 7 -74.63 -11.86 -109.76
CA THR E 7 -75.76 -11.04 -109.38
C THR E 7 -76.60 -11.75 -108.32
N ILE E 8 -76.66 -11.18 -107.12
CA ILE E 8 -77.62 -11.64 -106.13
C ILE E 8 -79.01 -11.13 -106.48
N SER E 9 -79.11 -9.83 -106.76
CA SER E 9 -80.36 -9.20 -107.16
C SER E 9 -80.07 -8.28 -108.33
N PRO E 10 -81.00 -8.14 -109.27
CA PRO E 10 -80.75 -7.29 -110.44
C PRO E 10 -80.96 -5.82 -110.13
N GLY E 11 -80.31 -4.99 -110.93
CA GLY E 11 -80.54 -3.55 -110.93
C GLY E 11 -81.39 -3.12 -112.11
N ASP E 12 -81.19 -1.86 -112.51
CA ASP E 12 -81.91 -1.34 -113.68
C ASP E 12 -81.40 -1.96 -114.97
N GLY E 13 -80.09 -2.24 -115.06
CA GLY E 13 -79.51 -2.84 -116.24
C GLY E 13 -79.05 -1.87 -117.31
N ARG E 14 -79.27 -0.57 -117.12
CA ARG E 14 -78.80 0.46 -118.05
C ARG E 14 -77.76 1.38 -117.48
N THR E 15 -77.87 1.80 -116.23
CA THR E 15 -77.04 2.84 -115.66
C THR E 15 -75.82 2.19 -115.03
N PHE E 16 -74.65 2.50 -115.57
CA PHE E 16 -73.42 1.89 -115.12
C PHE E 16 -72.41 2.98 -114.74
N PRO E 17 -71.57 2.73 -113.75
CA PRO E 17 -70.63 3.77 -113.32
C PRO E 17 -69.68 4.19 -114.43
N LYS E 18 -69.34 5.48 -114.44
CA LYS E 18 -68.37 6.03 -115.36
C LYS E 18 -67.25 6.68 -114.58
N ARG E 19 -66.10 6.80 -115.22
CA ARG E 19 -64.95 7.40 -114.56
C ARG E 19 -65.26 8.83 -114.13
N GLY E 20 -64.77 9.20 -112.94
CA GLY E 20 -65.05 10.50 -112.39
C GLY E 20 -66.44 10.63 -111.80
N GLN E 21 -67.13 9.51 -111.59
CA GLN E 21 -68.49 9.49 -111.07
C GLN E 21 -68.45 8.77 -109.73
N THR E 22 -68.98 9.43 -108.70
CA THR E 22 -68.91 8.86 -107.35
C THR E 22 -69.94 7.76 -107.20
N CYS E 23 -69.49 6.60 -106.71
CA CYS E 23 -70.35 5.45 -106.49
C CYS E 23 -70.62 5.33 -105.00
N VAL E 24 -71.90 5.14 -104.66
CA VAL E 24 -72.35 4.95 -103.28
C VAL E 24 -72.79 3.50 -103.12
N VAL E 25 -72.21 2.82 -102.13
CA VAL E 25 -72.42 1.39 -101.96
C VAL E 25 -72.71 1.07 -100.49
N HIS E 26 -73.41 -0.05 -100.27
CA HIS E 26 -73.34 -0.78 -99.01
C HIS E 26 -72.65 -2.10 -99.26
N TYR E 27 -71.67 -2.43 -98.42
CA TYR E 27 -70.86 -3.62 -98.65
C TYR E 27 -70.67 -4.37 -97.35
N THR E 28 -70.49 -5.68 -97.50
CA THR E 28 -70.12 -6.56 -96.41
C THR E 28 -68.97 -7.44 -96.89
N GLY E 29 -67.89 -7.47 -96.11
CA GLY E 29 -66.69 -8.16 -96.53
C GLY E 29 -66.42 -9.43 -95.77
N MET E 30 -66.15 -10.52 -96.50
CA MET E 30 -65.84 -11.81 -95.91
C MET E 30 -64.61 -12.38 -96.61
N LEU E 31 -63.82 -13.12 -95.83
CA LEU E 31 -62.77 -13.93 -96.43
C LEU E 31 -63.39 -15.18 -97.04
N GLU E 32 -62.61 -15.86 -97.89
CA GLU E 32 -63.14 -16.99 -98.62
C GLU E 32 -63.64 -18.08 -97.68
N ASP E 33 -63.01 -18.23 -96.52
CA ASP E 33 -63.46 -19.21 -95.54
C ASP E 33 -64.81 -18.84 -94.96
N GLY E 34 -65.23 -17.58 -95.10
CA GLY E 34 -66.50 -17.12 -94.60
C GLY E 34 -66.45 -16.18 -93.42
N LYS E 35 -65.25 -15.76 -93.02
CA LYS E 35 -65.12 -14.85 -91.89
C LYS E 35 -65.29 -13.41 -92.35
N LYS E 36 -66.08 -12.66 -91.60
CA LYS E 36 -66.41 -11.27 -91.95
C LYS E 36 -65.42 -10.34 -91.25
N PHE E 37 -64.87 -9.40 -92.03
CA PHE E 37 -63.93 -8.43 -91.50
C PHE E 37 -64.41 -6.99 -91.63
N ASP E 38 -65.42 -6.73 -92.46
CA ASP E 38 -65.89 -5.37 -92.65
C ASP E 38 -67.34 -5.38 -93.11
N SER E 39 -68.07 -4.35 -92.73
CA SER E 39 -69.45 -4.16 -93.17
C SER E 39 -69.82 -2.70 -92.96
N SER E 40 -70.31 -2.06 -94.03
CA SER E 40 -70.76 -0.67 -93.92
C SER E 40 -72.07 -0.55 -93.15
N ARG E 41 -72.86 -1.62 -93.11
CA ARG E 41 -74.17 -1.55 -92.46
C ARG E 41 -74.04 -1.50 -90.96
N ASP E 42 -73.05 -2.20 -90.41
CA ASP E 42 -72.74 -2.04 -88.98
C ASP E 42 -72.45 -0.59 -88.61
N ARG E 43 -71.70 0.12 -89.44
CA ARG E 43 -71.51 1.55 -89.24
C ARG E 43 -72.74 2.36 -89.61
N ASN E 44 -73.67 1.75 -90.33
CA ASN E 44 -74.90 2.39 -90.78
C ASN E 44 -74.66 3.57 -91.72
N LYS E 45 -73.54 3.58 -92.42
CA LYS E 45 -73.18 4.68 -93.29
C LYS E 45 -72.73 4.14 -94.65
N PRO E 46 -73.36 4.56 -95.75
CA PRO E 46 -72.90 4.11 -97.06
C PRO E 46 -71.47 4.56 -97.33
N PHE E 47 -70.75 3.74 -98.09
CA PHE E 47 -69.37 4.03 -98.47
C PHE E 47 -69.34 4.60 -99.88
N LYS E 48 -68.68 5.75 -100.02
CA LYS E 48 -68.63 6.48 -101.28
C LYS E 48 -67.20 6.49 -101.80
N PHE E 49 -67.04 6.23 -103.09
CA PHE E 49 -65.70 6.24 -103.68
C PHE E 49 -65.77 6.64 -105.16
N MET E 50 -64.72 7.29 -105.64
CA MET E 50 -64.63 7.72 -107.02
C MET E 50 -63.83 6.72 -107.84
N LEU E 51 -64.31 6.53 -109.05
CA LEU E 51 -63.76 5.56 -109.99
C LEU E 51 -62.50 6.10 -110.66
N GLY E 52 -61.50 5.23 -110.87
CA GLY E 52 -60.28 5.63 -111.53
C GLY E 52 -59.32 6.36 -110.60
N LYS E 53 -59.79 6.70 -109.38
CA LYS E 53 -58.98 7.48 -108.45
C LYS E 53 -57.98 6.62 -107.71
N GLN E 54 -58.30 5.36 -107.56
CA GLN E 54 -57.51 4.38 -106.86
C GLN E 54 -57.69 4.51 -105.36
N GLU E 55 -58.83 5.04 -104.89
CA GLU E 55 -59.06 4.97 -103.44
C GLU E 55 -59.18 3.52 -103.01
N VAL E 56 -59.98 2.75 -103.75
CA VAL E 56 -60.27 1.38 -103.37
C VAL E 56 -59.42 0.43 -104.21
N ILE E 57 -59.42 -0.84 -103.81
CA ILE E 57 -58.57 -1.82 -104.46
C ILE E 57 -59.02 -2.04 -105.90
N ARG E 58 -58.12 -2.68 -106.66
CA ARG E 58 -58.36 -2.94 -108.08
C ARG E 58 -59.66 -3.71 -108.27
N GLY E 59 -59.91 -4.68 -107.38
CA GLY E 59 -61.09 -5.50 -107.52
C GLY E 59 -62.37 -4.71 -107.42
N TRP E 60 -62.47 -3.85 -106.40
CA TRP E 60 -63.64 -2.97 -106.31
C TRP E 60 -63.79 -2.11 -107.54
N GLU E 61 -62.72 -1.44 -107.97
CA GLU E 61 -62.82 -0.63 -109.17
C GLU E 61 -63.50 -1.41 -110.28
N GLU E 62 -62.89 -2.52 -110.70
CA GLU E 62 -63.41 -3.21 -111.87
C GLU E 62 -64.80 -3.80 -111.63
N GLY E 63 -65.02 -4.42 -110.46
CA GLY E 63 -66.29 -5.07 -110.23
C GLY E 63 -67.45 -4.11 -110.18
N VAL E 64 -67.30 -3.00 -109.46
CA VAL E 64 -68.36 -1.99 -109.45
C VAL E 64 -68.52 -1.38 -110.83
N ALA E 65 -67.45 -1.35 -111.63
CA ALA E 65 -67.60 -0.86 -113.00
C ALA E 65 -68.62 -1.69 -113.77
N GLN E 66 -68.76 -2.98 -113.46
CA GLN E 66 -69.69 -3.85 -114.16
C GLN E 66 -71.11 -3.79 -113.61
N MET E 67 -71.32 -3.16 -112.46
CA MET E 67 -72.60 -3.23 -111.77
C MET E 67 -73.55 -2.16 -112.26
N SER E 68 -74.80 -2.24 -111.81
CA SER E 68 -75.85 -1.32 -112.19
C SER E 68 -76.53 -0.77 -110.95
N VAL E 69 -77.17 0.40 -111.11
CA VAL E 69 -77.80 1.06 -109.97
C VAL E 69 -78.89 0.16 -109.41
N GLY E 70 -78.90 0.01 -108.09
CA GLY E 70 -79.81 -0.88 -107.42
C GLY E 70 -79.40 -2.33 -107.46
N GLN E 71 -78.30 -2.65 -108.13
CA GLN E 71 -77.87 -4.03 -108.26
C GLN E 71 -77.14 -4.49 -107.01
N ARG E 72 -77.42 -5.72 -106.62
CA ARG E 72 -76.70 -6.40 -105.54
C ARG E 72 -75.89 -7.54 -106.14
N ALA E 73 -74.64 -7.64 -105.75
CA ALA E 73 -73.74 -8.60 -106.36
C ALA E 73 -72.76 -9.14 -105.33
N LYS E 74 -72.19 -10.30 -105.66
CA LYS E 74 -71.11 -10.91 -104.92
C LYS E 74 -69.85 -10.79 -105.76
N LEU E 75 -68.82 -10.19 -105.17
CA LEU E 75 -67.55 -9.95 -105.82
C LEU E 75 -66.49 -10.82 -105.17
N THR E 76 -65.86 -11.67 -105.98
CA THR E 76 -64.75 -12.50 -105.54
C THR E 76 -63.47 -11.94 -106.15
N ILE E 77 -62.52 -11.58 -105.28
CA ILE E 77 -61.31 -10.88 -105.68
C ILE E 77 -60.11 -11.69 -105.24
N SER E 78 -59.21 -11.97 -106.18
CA SER E 78 -57.99 -12.69 -105.85
C SER E 78 -57.04 -11.75 -105.10
N PRO E 79 -56.05 -12.31 -104.38
CA PRO E 79 -55.12 -11.47 -103.63
C PRO E 79 -54.44 -10.42 -104.50
N ASP E 80 -54.13 -10.78 -105.75
CA ASP E 80 -53.37 -9.89 -106.61
C ASP E 80 -54.16 -8.62 -106.96
N TYR E 81 -55.49 -8.74 -107.07
CA TYR E 81 -56.31 -7.52 -107.12
C TYR E 81 -56.52 -6.94 -105.72
N ALA E 82 -56.43 -7.77 -104.69
CA ALA E 82 -56.61 -7.32 -103.32
C ALA E 82 -55.28 -6.92 -102.69
N TYR E 83 -55.26 -6.77 -101.37
CA TYR E 83 -54.08 -6.30 -100.66
C TYR E 83 -52.85 -7.17 -100.93
N GLY E 84 -53.05 -8.44 -101.22
CA GLY E 84 -51.96 -9.27 -101.68
C GLY E 84 -51.08 -9.81 -100.56
N ALA E 85 -49.81 -10.00 -100.89
CA ALA E 85 -48.89 -10.72 -100.02
C ALA E 85 -48.70 -10.02 -98.67
N THR E 86 -48.50 -8.71 -98.66
CA THR E 86 -48.32 -8.02 -97.38
C THR E 86 -49.60 -8.09 -96.56
N GLY E 87 -50.75 -8.00 -97.22
CA GLY E 87 -52.03 -8.10 -96.54
C GLY E 87 -52.35 -6.82 -95.78
N HIS E 88 -53.45 -6.88 -95.04
CA HIS E 88 -53.84 -5.79 -94.17
C HIS E 88 -53.58 -6.24 -92.73
N PRO E 89 -52.54 -5.75 -92.07
CA PRO E 89 -52.14 -6.32 -90.79
C PRO E 89 -53.29 -6.30 -89.78
N GLY E 90 -53.43 -7.41 -89.06
CA GLY E 90 -54.50 -7.56 -88.10
C GLY E 90 -55.82 -7.97 -88.72
N ILE E 91 -56.18 -7.35 -89.85
CA ILE E 91 -57.47 -7.60 -90.46
C ILE E 91 -57.39 -8.77 -91.42
N ILE E 92 -56.57 -8.64 -92.46
CA ILE E 92 -56.58 -9.55 -93.60
C ILE E 92 -55.24 -10.29 -93.65
N PRO E 93 -55.23 -11.61 -93.76
CA PRO E 93 -53.96 -12.33 -93.85
C PRO E 93 -53.34 -12.18 -95.23
N PRO E 94 -52.07 -12.58 -95.38
CA PRO E 94 -51.46 -12.64 -96.71
C PRO E 94 -52.18 -13.64 -97.62
N HIS E 95 -52.16 -13.34 -98.92
CA HIS E 95 -52.67 -14.25 -99.94
C HIS E 95 -54.09 -14.71 -99.61
N ALA E 96 -54.98 -13.73 -99.45
CA ALA E 96 -56.35 -13.99 -99.06
C ALA E 96 -57.30 -13.58 -100.18
N THR E 97 -58.10 -14.54 -100.65
CA THR E 97 -59.19 -14.22 -101.55
C THR E 97 -60.32 -13.57 -100.76
N LEU E 98 -60.95 -12.56 -101.36
CA LEU E 98 -61.94 -11.76 -100.67
C LEU E 98 -63.31 -11.92 -101.33
N VAL E 99 -64.33 -12.05 -100.49
CA VAL E 99 -65.72 -12.12 -100.93
C VAL E 99 -66.45 -10.91 -100.39
N PHE E 100 -67.18 -10.22 -101.26
CA PHE E 100 -67.89 -9.01 -100.88
C PHE E 100 -69.33 -9.06 -101.38
N ASP E 101 -70.25 -8.58 -100.57
CA ASP E 101 -71.65 -8.45 -100.94
C ASP E 101 -71.94 -6.95 -101.06
N VAL E 102 -72.17 -6.48 -102.28
CA VAL E 102 -72.20 -5.05 -102.58
C VAL E 102 -73.55 -4.70 -103.19
N GLU E 103 -74.17 -3.65 -102.67
CA GLU E 103 -75.39 -3.06 -103.22
C GLU E 103 -75.04 -1.66 -103.70
N LEU E 104 -75.22 -1.42 -104.98
CA LEU E 104 -74.89 -0.13 -105.60
C LEU E 104 -76.11 0.77 -105.51
N LEU E 105 -76.15 1.63 -104.50
CA LEU E 105 -77.36 2.39 -104.22
C LEU E 105 -77.61 3.44 -105.29
N LYS E 106 -76.58 4.22 -105.61
CA LYS E 106 -76.78 5.35 -106.50
C LYS E 106 -75.43 5.82 -107.01
N LEU E 107 -75.48 6.73 -107.97
CA LEU E 107 -74.31 7.40 -108.50
C LEU E 107 -74.45 8.90 -108.27
N GLU E 108 -73.36 9.53 -107.85
CA GLU E 108 -73.35 10.97 -107.60
C GLU E 108 -72.00 11.57 -107.92
N GLU F 10 -19.35 -18.46 -5.17
CA GLU F 10 -20.60 -18.64 -5.91
C GLU F 10 -20.43 -19.75 -6.94
N VAL F 11 -21.54 -20.38 -7.30
CA VAL F 11 -21.56 -21.43 -8.33
C VAL F 11 -22.59 -21.04 -9.38
N GLN F 12 -22.19 -21.09 -10.64
CA GLN F 12 -23.07 -20.68 -11.73
C GLN F 12 -24.27 -21.61 -11.82
N PHE F 13 -25.45 -21.02 -11.99
CA PHE F 13 -26.70 -21.75 -12.19
C PHE F 13 -27.25 -21.43 -13.56
N LEU F 14 -27.62 -22.48 -14.30
CA LEU F 14 -28.28 -22.29 -15.58
C LEU F 14 -29.66 -21.70 -15.36
N ARG F 15 -29.98 -20.68 -16.15
CA ARG F 15 -31.27 -20.00 -16.05
C ARG F 15 -31.79 -19.68 -17.44
N THR F 16 -33.09 -19.38 -17.50
CA THR F 16 -33.76 -19.21 -18.78
C THR F 16 -33.19 -18.03 -19.55
N ASP F 17 -33.31 -18.11 -20.87
CA ASP F 17 -32.80 -17.14 -21.84
C ASP F 17 -31.30 -17.29 -22.02
N ASP F 18 -30.65 -18.19 -21.30
CA ASP F 18 -29.25 -18.49 -21.53
C ASP F 18 -29.11 -19.45 -22.70
N GLU F 19 -28.02 -19.30 -23.43
CA GLU F 19 -27.74 -20.12 -24.60
C GLU F 19 -26.78 -21.22 -24.21
N VAL F 20 -27.05 -22.45 -24.66
CA VAL F 20 -26.28 -23.61 -24.23
C VAL F 20 -26.01 -24.53 -25.42
N VAL F 21 -25.05 -25.41 -25.23
CA VAL F 21 -24.80 -26.53 -26.14
C VAL F 21 -24.90 -27.82 -25.33
N LEU F 22 -25.53 -28.83 -25.93
CA LEU F 22 -25.64 -30.14 -25.31
C LEU F 22 -24.48 -31.00 -25.78
N GLN F 23 -23.71 -31.51 -24.83
CA GLN F 23 -22.43 -32.17 -25.12
C GLN F 23 -22.45 -33.57 -24.55
N CYS F 24 -21.97 -34.53 -25.34
CA CYS F 24 -21.88 -35.92 -24.94
C CYS F 24 -20.46 -36.42 -25.17
N SER F 25 -20.11 -37.50 -24.47
CA SER F 25 -18.78 -38.07 -24.51
C SER F 25 -18.84 -39.50 -25.02
N ALA F 26 -17.98 -39.81 -25.99
CA ALA F 26 -17.88 -41.16 -26.55
C ALA F 26 -16.43 -41.60 -26.58
N THR F 27 -16.19 -42.85 -26.22
CA THR F 27 -14.85 -43.42 -26.23
C THR F 27 -14.66 -44.18 -27.54
N VAL F 28 -13.73 -43.70 -28.37
CA VAL F 28 -13.46 -44.28 -29.67
C VAL F 28 -11.96 -44.52 -29.79
N LEU F 29 -11.58 -45.76 -30.08
CA LEU F 29 -10.17 -46.14 -30.19
C LEU F 29 -9.41 -45.78 -28.92
N LYS F 30 -10.11 -45.78 -27.79
CA LYS F 30 -9.53 -45.49 -26.48
C LYS F 30 -9.05 -44.05 -26.39
N GLU F 31 -9.65 -43.15 -27.16
CA GLU F 31 -9.49 -41.72 -26.98
C GLU F 31 -10.86 -41.09 -26.81
N GLN F 32 -11.03 -40.32 -25.74
CA GLN F 32 -12.30 -39.68 -25.48
C GLN F 32 -12.57 -38.62 -26.53
N LEU F 33 -13.83 -38.52 -26.95
CA LEU F 33 -14.26 -37.58 -27.96
C LEU F 33 -15.52 -36.89 -27.48
N LYS F 34 -15.50 -35.57 -27.46
CA LYS F 34 -16.64 -34.78 -27.02
C LYS F 34 -17.38 -34.23 -28.22
N LEU F 35 -18.71 -34.35 -28.19
CA LEU F 35 -19.56 -34.03 -29.32
C LEU F 35 -20.65 -33.09 -28.87
N CYS F 36 -21.13 -32.25 -29.77
CA CYS F 36 -22.21 -31.32 -29.51
C CYS F 36 -23.38 -31.60 -30.43
N LEU F 37 -24.58 -31.54 -29.87
CA LEU F 37 -25.79 -31.71 -30.68
C LEU F 37 -25.91 -30.55 -31.66
N ALA F 38 -26.30 -30.86 -32.90
CA ALA F 38 -26.32 -29.87 -33.96
C ALA F 38 -27.48 -30.13 -34.90
N ALA F 39 -28.06 -29.06 -35.44
CA ALA F 39 -29.11 -29.18 -36.44
C ALA F 39 -29.08 -27.94 -37.33
N GLU F 40 -29.20 -28.16 -38.64
CA GLU F 40 -29.29 -27.03 -39.56
C GLU F 40 -30.69 -26.43 -39.54
N GLY F 41 -31.72 -27.27 -39.44
CA GLY F 41 -33.09 -26.82 -39.47
C GLY F 41 -33.64 -26.72 -40.86
N PHE F 42 -33.15 -25.76 -41.64
CA PHE F 42 -33.56 -25.63 -43.03
C PHE F 42 -32.91 -26.71 -43.87
N GLY F 43 -33.72 -27.44 -44.62
CA GLY F 43 -33.22 -28.52 -45.46
C GLY F 43 -33.21 -29.85 -44.74
N ASN F 44 -32.60 -29.89 -43.56
CA ASN F 44 -32.58 -31.09 -42.72
C ASN F 44 -33.00 -30.69 -41.31
N ARG F 45 -34.02 -31.36 -40.79
CA ARG F 45 -34.48 -31.11 -39.43
C ARG F 45 -33.78 -31.97 -38.40
N LEU F 46 -33.16 -33.07 -38.84
CA LEU F 46 -32.63 -34.04 -37.89
C LEU F 46 -31.37 -33.52 -37.22
N CYS F 47 -31.16 -33.98 -35.99
CA CYS F 47 -29.98 -33.61 -35.23
C CYS F 47 -28.86 -34.62 -35.49
N PHE F 48 -27.63 -34.11 -35.46
CA PHE F 48 -26.43 -34.91 -35.60
C PHE F 48 -25.42 -34.41 -34.58
N LEU F 49 -24.19 -34.90 -34.67
CA LEU F 49 -23.19 -34.67 -33.66
C LEU F 49 -21.94 -34.06 -34.30
N GLU F 50 -21.51 -32.92 -33.75
CA GLU F 50 -20.32 -32.23 -34.24
C GLU F 50 -19.21 -32.38 -33.22
N PRO F 51 -18.08 -32.99 -33.56
CA PRO F 51 -17.00 -33.15 -32.56
C PRO F 51 -16.32 -31.81 -32.27
N THR F 52 -15.97 -31.61 -30.99
CA THR F 52 -15.35 -30.37 -30.54
C THR F 52 -13.93 -30.59 -30.01
N SER F 53 -13.41 -31.81 -30.07
CA SER F 53 -12.12 -32.10 -29.45
C SER F 53 -10.95 -31.62 -30.32
N ASN F 54 -11.03 -31.88 -31.63
CA ASN F 54 -9.93 -31.50 -32.51
C ASN F 54 -9.90 -30.00 -32.78
N ALA F 55 -10.74 -29.24 -32.08
CA ALA F 55 -10.91 -27.81 -32.31
C ALA F 55 -9.60 -27.09 -32.59
N GLN F 56 -8.56 -27.38 -31.81
CA GLN F 56 -7.27 -26.72 -32.02
C GLN F 56 -6.78 -26.90 -33.44
N ASN F 57 -7.12 -28.01 -34.08
CA ASN F 57 -6.68 -28.29 -35.43
C ASN F 57 -7.78 -28.12 -36.47
N VAL F 58 -9.05 -28.15 -36.05
CA VAL F 58 -10.17 -27.96 -36.97
C VAL F 58 -11.31 -27.26 -36.25
N PRO F 59 -11.64 -26.02 -36.60
CA PRO F 59 -12.72 -25.32 -35.90
C PRO F 59 -14.05 -26.04 -36.07
N PRO F 60 -14.86 -26.13 -35.00
CA PRO F 60 -16.18 -26.72 -35.14
C PRO F 60 -17.25 -25.70 -35.48
N ASP F 61 -18.41 -26.21 -35.89
CA ASP F 61 -19.55 -25.37 -36.27
C ASP F 61 -20.51 -25.27 -35.09
N LEU F 62 -20.27 -24.25 -34.26
CA LEU F 62 -21.02 -24.10 -33.02
C LEU F 62 -22.36 -23.40 -33.25
N ALA F 63 -22.45 -22.56 -34.27
CA ALA F 63 -23.64 -21.74 -34.46
C ALA F 63 -24.90 -22.60 -34.52
N ILE F 64 -24.84 -23.71 -35.28
CA ILE F 64 -25.96 -24.63 -35.36
C ILE F 64 -25.99 -25.61 -34.20
N CYS F 65 -25.00 -25.57 -33.31
CA CYS F 65 -24.98 -26.40 -32.12
C CYS F 65 -25.53 -25.67 -30.90
N CYS F 66 -25.76 -24.37 -31.02
CA CYS F 66 -26.20 -23.54 -29.90
C CYS F 66 -27.72 -23.57 -29.78
N PHE F 67 -28.21 -23.72 -28.54
CA PHE F 67 -29.63 -23.67 -28.25
C PHE F 67 -29.88 -22.67 -27.13
N THR F 68 -31.05 -22.04 -27.17
CA THR F 68 -31.49 -21.11 -26.14
C THR F 68 -32.65 -21.70 -25.37
N LEU F 69 -32.60 -21.58 -24.04
CA LEU F 69 -33.70 -22.01 -23.19
C LEU F 69 -34.76 -20.91 -23.10
N GLU F 70 -35.99 -21.21 -23.47
CA GLU F 70 -37.11 -20.29 -23.24
C GLU F 70 -37.72 -20.47 -21.86
N GLN F 71 -38.27 -21.64 -21.59
CA GLN F 71 -39.08 -21.88 -20.41
C GLN F 71 -38.58 -23.13 -19.71
N SER F 72 -38.69 -23.13 -18.39
CA SER F 72 -38.43 -24.30 -17.57
C SER F 72 -39.55 -24.40 -16.55
N LEU F 73 -40.48 -25.32 -16.77
CA LEU F 73 -41.70 -25.40 -15.99
C LEU F 73 -41.83 -26.78 -15.37
N SER F 74 -42.67 -26.84 -14.34
CA SER F 74 -43.04 -28.12 -13.75
C SER F 74 -44.01 -28.86 -14.67
N VAL F 75 -44.15 -30.16 -14.43
CA VAL F 75 -45.02 -30.98 -15.27
C VAL F 75 -46.46 -30.47 -15.19
N ARG F 76 -46.89 -30.07 -14.00
CA ARG F 76 -48.26 -29.62 -13.83
C ARG F 76 -48.51 -28.31 -14.59
N ALA F 77 -47.56 -27.38 -14.49
CA ALA F 77 -47.69 -26.13 -15.24
C ALA F 77 -47.71 -26.40 -16.73
N LEU F 78 -46.88 -27.33 -17.19
CA LEU F 78 -46.88 -27.70 -18.61
C LEU F 78 -48.23 -28.27 -19.01
N GLN F 79 -48.81 -29.12 -18.17
CA GLN F 79 -50.11 -29.72 -18.46
C GLN F 79 -51.17 -28.64 -18.60
N GLU F 80 -51.20 -27.70 -17.65
CA GLU F 80 -52.17 -26.62 -17.74
C GLU F 80 -51.94 -25.76 -18.98
N MET F 81 -50.68 -25.49 -19.31
CA MET F 81 -50.36 -24.71 -20.50
C MET F 81 -50.91 -25.39 -21.75
N LEU F 82 -50.65 -26.69 -21.90
CA LEU F 82 -51.14 -27.41 -23.06
C LEU F 82 -52.67 -27.44 -23.09
N ALA F 83 -53.28 -27.61 -21.92
CA ALA F 83 -54.74 -27.60 -21.85
C ALA F 83 -55.29 -26.26 -22.31
N ASN F 84 -54.61 -25.17 -22.00
CA ASN F 84 -55.03 -23.84 -22.41
C ASN F 84 -54.36 -23.44 -23.72
N HIS F 98 -36.07 -13.85 -15.56
CA HIS F 98 -35.26 -15.05 -15.70
C HIS F 98 -35.55 -16.04 -14.59
N ARG F 99 -35.63 -17.32 -14.95
CA ARG F 99 -36.04 -18.37 -14.02
C ARG F 99 -34.94 -19.43 -13.99
N THR F 100 -34.50 -19.78 -12.79
CA THR F 100 -33.42 -20.74 -12.63
C THR F 100 -33.92 -22.15 -12.90
N LEU F 101 -33.04 -22.98 -13.45
CA LEU F 101 -33.42 -24.34 -13.79
C LEU F 101 -33.38 -25.23 -12.55
N LEU F 102 -34.31 -26.18 -12.50
CA LEU F 102 -34.41 -27.13 -11.41
C LEU F 102 -34.64 -28.53 -11.97
N TYR F 103 -34.02 -29.52 -11.32
CA TYR F 103 -34.20 -30.90 -11.74
C TYR F 103 -35.66 -31.31 -11.61
N GLY F 104 -36.14 -32.03 -12.60
CA GLY F 104 -37.52 -32.44 -12.67
C GLY F 104 -38.41 -31.54 -13.50
N HIS F 105 -37.94 -30.34 -13.86
CA HIS F 105 -38.75 -29.45 -14.67
C HIS F 105 -38.63 -29.79 -16.15
N ALA F 106 -39.53 -29.19 -16.93
CA ALA F 106 -39.60 -29.39 -18.36
C ALA F 106 -39.14 -28.12 -19.06
N ILE F 107 -38.22 -28.26 -20.01
CA ILE F 107 -37.57 -27.12 -20.64
C ILE F 107 -37.88 -27.09 -22.12
N LEU F 108 -37.86 -25.89 -22.69
CA LEU F 108 -38.07 -25.68 -24.11
C LEU F 108 -36.82 -25.07 -24.73
N LEU F 109 -36.34 -25.69 -25.80
CA LEU F 109 -35.04 -25.38 -26.39
C LEU F 109 -35.21 -24.96 -27.84
N ARG F 110 -34.70 -23.77 -28.16
CA ARG F 110 -34.77 -23.19 -29.49
C ARG F 110 -33.40 -23.31 -30.16
N HIS F 111 -33.40 -23.74 -31.41
CA HIS F 111 -32.23 -23.56 -32.26
C HIS F 111 -32.06 -22.08 -32.57
N ALA F 112 -30.91 -21.51 -32.20
CA ALA F 112 -30.74 -20.07 -32.34
C ALA F 112 -30.78 -19.63 -33.79
N HIS F 113 -30.16 -20.41 -34.68
CA HIS F 113 -30.10 -20.00 -36.08
C HIS F 113 -31.45 -20.13 -36.77
N SER F 114 -32.10 -21.29 -36.63
CA SER F 114 -33.33 -21.57 -37.36
C SER F 114 -34.58 -21.19 -36.58
N ARG F 115 -34.45 -20.91 -35.28
CA ARG F 115 -35.60 -20.56 -34.46
C ARG F 115 -36.68 -21.63 -34.52
N MET F 116 -36.25 -22.89 -34.55
CA MET F 116 -37.12 -24.05 -34.42
C MET F 116 -36.92 -24.63 -33.03
N TYR F 117 -37.75 -25.61 -32.68
CA TYR F 117 -37.70 -26.19 -31.35
C TYR F 117 -37.22 -27.63 -31.40
N LEU F 118 -36.32 -27.98 -30.48
CA LEU F 118 -35.87 -29.36 -30.38
C LEU F 118 -37.02 -30.25 -29.97
N SER F 119 -37.15 -31.40 -30.64
CA SER F 119 -38.33 -32.23 -30.47
C SER F 119 -37.98 -33.70 -30.68
N CYS F 120 -38.82 -34.57 -30.13
CA CYS F 120 -38.77 -35.99 -30.40
C CYS F 120 -39.78 -36.31 -31.49
N LEU F 121 -39.31 -36.81 -32.63
CA LEU F 121 -40.14 -37.02 -33.79
C LEU F 121 -40.74 -38.43 -33.78
N THR F 122 -41.86 -38.57 -34.48
CA THR F 122 -42.51 -39.87 -34.61
C THR F 122 -41.79 -40.79 -35.57
N THR F 123 -40.91 -40.24 -36.42
CA THR F 123 -40.21 -41.03 -37.41
C THR F 123 -39.05 -41.79 -36.78
N SER F 124 -38.73 -42.95 -37.36
CA SER F 124 -37.58 -43.73 -36.97
C SER F 124 -36.87 -44.24 -38.22
N ARG F 125 -35.56 -44.06 -38.27
CA ARG F 125 -34.74 -44.63 -39.32
C ARG F 125 -33.86 -45.75 -38.79
N SER F 126 -33.58 -45.76 -37.49
CA SER F 126 -32.54 -46.61 -36.95
C SER F 126 -32.82 -48.07 -37.28
N MET F 127 -31.99 -48.63 -38.15
CA MET F 127 -32.10 -50.05 -38.46
C MET F 127 -31.82 -50.89 -37.22
N THR F 128 -30.92 -50.41 -36.36
CA THR F 128 -30.52 -51.14 -35.17
C THR F 128 -31.64 -51.19 -34.14
N ASP F 129 -32.10 -50.03 -33.69
CA ASP F 129 -33.10 -49.94 -32.64
C ASP F 129 -34.49 -49.78 -33.26
N LYS F 130 -35.38 -50.72 -32.97
CA LYS F 130 -36.75 -50.63 -33.49
C LYS F 130 -37.55 -49.58 -32.76
N LEU F 131 -37.42 -49.52 -31.44
CA LEU F 131 -38.26 -48.67 -30.60
C LEU F 131 -37.82 -47.22 -30.61
N ALA F 132 -36.65 -46.91 -31.15
CA ALA F 132 -36.12 -45.56 -31.06
C ALA F 132 -36.87 -44.62 -32.00
N PHE F 133 -36.78 -43.33 -31.70
CA PHE F 133 -37.33 -42.27 -32.52
C PHE F 133 -36.22 -41.33 -32.96
N ASP F 134 -36.50 -40.58 -34.03
CA ASP F 134 -35.56 -39.58 -34.49
C ASP F 134 -35.71 -38.30 -33.67
N VAL F 135 -34.57 -37.66 -33.40
CA VAL F 135 -34.53 -36.39 -32.70
C VAL F 135 -34.20 -35.30 -33.72
N GLY F 136 -34.98 -34.24 -33.71
CA GLY F 136 -34.81 -33.19 -34.69
C GLY F 136 -35.50 -31.92 -34.25
N LEU F 137 -35.67 -31.02 -35.21
CA LEU F 137 -36.22 -29.70 -34.94
C LEU F 137 -37.68 -29.61 -35.36
N GLN F 138 -38.43 -28.75 -34.67
CA GLN F 138 -39.84 -28.55 -34.91
C GLN F 138 -40.11 -27.07 -35.10
N GLU F 139 -40.97 -26.74 -36.07
CA GLU F 139 -41.20 -25.34 -36.40
C GLU F 139 -41.81 -24.57 -35.23
N ASP F 140 -42.81 -25.16 -34.57
CA ASP F 140 -43.54 -24.50 -33.50
C ASP F 140 -43.29 -25.21 -32.18
N ALA F 141 -43.57 -24.49 -31.10
CA ALA F 141 -43.45 -25.02 -29.75
C ALA F 141 -44.73 -25.71 -29.28
N THR F 142 -45.73 -25.82 -30.15
CA THR F 142 -46.98 -26.44 -29.75
C THR F 142 -46.80 -27.94 -29.55
N GLY F 143 -47.39 -28.45 -28.48
CA GLY F 143 -47.38 -29.87 -28.21
C GLY F 143 -46.32 -30.28 -27.20
N GLU F 144 -46.30 -31.57 -26.91
CA GLU F 144 -45.43 -32.13 -25.89
C GLU F 144 -44.06 -32.51 -26.42
N ALA F 145 -43.96 -32.79 -27.72
CA ALA F 145 -42.70 -33.29 -28.29
C ALA F 145 -41.54 -32.35 -28.00
N CYS F 146 -41.78 -31.04 -28.05
CA CYS F 146 -40.69 -30.09 -27.93
C CYS F 146 -40.17 -30.01 -26.50
N TRP F 147 -40.96 -30.46 -25.53
CA TRP F 147 -40.58 -30.32 -24.13
C TRP F 147 -39.76 -31.51 -23.65
N TRP F 148 -38.79 -31.23 -22.78
CA TRP F 148 -37.91 -32.24 -22.23
C TRP F 148 -37.75 -32.02 -20.74
N THR F 149 -37.59 -33.11 -20.01
CA THR F 149 -37.42 -33.09 -18.57
C THR F 149 -35.99 -33.48 -18.22
N MET F 150 -35.40 -32.73 -17.29
CA MET F 150 -34.03 -32.98 -16.83
C MET F 150 -34.10 -33.83 -15.57
N HIS F 151 -33.18 -34.77 -15.44
CA HIS F 151 -33.05 -35.57 -14.26
C HIS F 151 -31.57 -35.74 -13.89
N PRO F 152 -31.24 -35.81 -12.61
CA PRO F 152 -29.84 -35.94 -12.22
C PRO F 152 -29.24 -37.26 -12.69
N ALA F 153 -27.96 -37.21 -13.05
CA ALA F 153 -27.27 -38.41 -13.50
C ALA F 153 -26.79 -39.26 -12.32
N SER F 154 -26.43 -38.61 -11.22
CA SER F 154 -25.80 -39.28 -10.09
C SER F 154 -26.70 -39.21 -8.86
N LYS F 155 -26.20 -39.72 -7.75
CA LYS F 155 -26.97 -39.75 -6.52
C LYS F 155 -26.91 -38.44 -5.73
N GLN F 156 -25.82 -37.69 -5.82
CA GLN F 156 -25.70 -36.54 -4.93
C GLN F 156 -26.67 -35.43 -5.36
N ARG F 157 -26.96 -35.36 -6.65
CA ARG F 157 -28.04 -34.51 -7.15
C ARG F 157 -29.38 -35.20 -6.91
N SER F 158 -30.40 -34.39 -6.62
CA SER F 158 -31.74 -34.89 -6.39
C SER F 158 -32.74 -33.92 -6.99
N GLU F 159 -33.97 -34.40 -7.19
CA GLU F 159 -34.99 -33.59 -7.84
C GLU F 159 -35.31 -32.36 -7.00
N GLY F 160 -35.66 -31.28 -7.69
CA GLY F 160 -35.91 -30.01 -7.05
C GLY F 160 -34.68 -29.16 -6.84
N GLU F 161 -33.49 -29.70 -7.06
CA GLU F 161 -32.25 -28.96 -6.88
C GLU F 161 -31.91 -28.19 -8.14
N LYS F 162 -31.21 -27.07 -7.94
CA LYS F 162 -30.86 -26.20 -9.05
C LYS F 162 -29.79 -26.84 -9.92
N VAL F 163 -29.99 -26.79 -11.24
CA VAL F 163 -29.02 -27.35 -12.16
C VAL F 163 -27.80 -26.44 -12.21
N ARG F 164 -26.61 -27.03 -12.11
CA ARG F 164 -25.37 -26.29 -12.02
C ARG F 164 -24.51 -26.57 -13.25
N VAL F 165 -23.82 -25.53 -13.73
CA VAL F 165 -22.96 -25.68 -14.89
C VAL F 165 -21.98 -26.82 -14.65
N GLY F 166 -21.79 -27.64 -15.68
CA GLY F 166 -20.94 -28.81 -15.58
C GLY F 166 -21.65 -30.06 -15.12
N ASP F 167 -22.94 -29.98 -14.80
CA ASP F 167 -23.68 -31.12 -14.27
C ASP F 167 -24.06 -32.08 -15.39
N ASP F 168 -23.90 -33.37 -15.15
CA ASP F 168 -24.35 -34.39 -16.10
C ASP F 168 -25.84 -34.62 -15.92
N LEU F 169 -26.57 -34.61 -17.03
CA LEU F 169 -28.01 -34.58 -16.99
C LEU F 169 -28.57 -35.72 -17.83
N ILE F 170 -29.82 -36.06 -17.56
CA ILE F 170 -30.57 -37.05 -18.32
C ILE F 170 -31.83 -36.37 -18.83
N LEU F 171 -32.06 -36.44 -20.14
CA LEU F 171 -33.15 -35.72 -20.79
C LEU F 171 -34.18 -36.72 -21.28
N VAL F 172 -35.44 -36.50 -20.89
CA VAL F 172 -36.53 -37.41 -21.23
C VAL F 172 -37.62 -36.63 -21.97
N SER F 173 -38.12 -37.22 -23.06
CA SER F 173 -39.18 -36.60 -23.82
C SER F 173 -40.53 -36.86 -23.16
N VAL F 174 -41.36 -35.83 -23.08
CA VAL F 174 -42.68 -35.97 -22.48
C VAL F 174 -43.56 -36.87 -23.32
N SER F 175 -43.57 -36.65 -24.64
CA SER F 175 -44.48 -37.38 -25.52
C SER F 175 -44.15 -38.86 -25.56
N SER F 176 -42.86 -39.20 -25.64
CA SER F 176 -42.44 -40.57 -25.90
C SER F 176 -41.82 -41.27 -24.69
N GLU F 177 -41.42 -40.53 -23.66
CA GLU F 177 -40.77 -41.10 -22.49
C GLU F 177 -39.53 -41.90 -22.87
N ARG F 178 -38.80 -41.42 -23.86
CA ARG F 178 -37.48 -41.93 -24.21
C ARG F 178 -36.41 -41.05 -23.59
N TYR F 179 -35.16 -41.48 -23.75
CA TYR F 179 -34.01 -40.70 -23.32
C TYR F 179 -33.29 -40.15 -24.55
N LEU F 180 -32.79 -38.93 -24.44
CA LEU F 180 -31.84 -38.45 -25.42
C LEU F 180 -30.58 -39.31 -25.35
N HIS F 181 -30.30 -40.02 -26.44
CA HIS F 181 -29.38 -41.15 -26.40
C HIS F 181 -28.37 -41.05 -27.52
N LEU F 182 -27.15 -41.50 -27.23
CA LEU F 182 -26.08 -41.58 -28.21
C LEU F 182 -26.01 -43.02 -28.71
N SER F 183 -26.22 -43.21 -30.00
CA SER F 183 -26.23 -44.53 -30.61
C SER F 183 -24.89 -44.80 -31.27
N THR F 184 -24.13 -45.74 -30.70
CA THR F 184 -22.93 -46.27 -31.32
C THR F 184 -23.17 -47.60 -31.99
N ALA F 185 -24.44 -48.03 -32.08
CA ALA F 185 -24.74 -49.35 -32.63
C ALA F 185 -24.13 -49.53 -34.00
N SER F 186 -24.41 -48.60 -34.93
CA SER F 186 -23.66 -48.55 -36.16
C SER F 186 -22.28 -47.96 -35.90
N GLY F 187 -21.33 -48.31 -36.76
CA GLY F 187 -19.98 -47.79 -36.60
C GLY F 187 -19.95 -46.27 -36.56
N GLU F 188 -20.93 -45.63 -37.18
CA GLU F 188 -21.03 -44.17 -37.17
C GLU F 188 -21.96 -43.73 -36.05
N LEU F 189 -21.56 -42.65 -35.35
CA LEU F 189 -22.34 -42.15 -34.23
C LEU F 189 -23.64 -41.53 -34.71
N GLN F 190 -24.67 -41.61 -33.87
CA GLN F 190 -25.97 -41.04 -34.19
C GLN F 190 -26.64 -40.61 -32.88
N VAL F 191 -27.70 -39.82 -33.03
CA VAL F 191 -28.49 -39.31 -31.92
C VAL F 191 -29.91 -39.83 -32.09
N ASP F 192 -30.49 -40.30 -30.99
CA ASP F 192 -31.80 -40.94 -31.05
C ASP F 192 -32.52 -40.77 -29.72
N ALA F 193 -33.82 -41.04 -29.74
CA ALA F 193 -34.63 -41.12 -28.54
C ALA F 193 -34.82 -42.60 -28.22
N SER F 194 -34.23 -43.04 -27.10
CA SER F 194 -34.20 -44.46 -26.76
C SER F 194 -34.46 -44.64 -25.28
N PHE F 195 -34.89 -45.85 -24.92
CA PHE F 195 -35.12 -46.17 -23.53
C PHE F 195 -33.80 -46.31 -22.79
N MET F 196 -32.71 -46.51 -23.52
CA MET F 196 -31.38 -46.42 -22.94
C MET F 196 -30.99 -44.96 -22.81
N GLN F 197 -30.31 -44.64 -21.71
CA GLN F 197 -30.02 -43.27 -21.34
C GLN F 197 -28.58 -42.91 -21.67
N THR F 198 -28.35 -41.65 -22.02
CA THR F 198 -27.02 -41.10 -22.25
C THR F 198 -26.87 -39.83 -21.43
N LEU F 199 -25.70 -39.66 -20.83
CA LEU F 199 -25.43 -38.48 -20.02
C LEU F 199 -25.06 -37.30 -20.91
N TRP F 200 -25.64 -36.15 -20.60
CA TRP F 200 -25.42 -34.94 -21.37
C TRP F 200 -24.98 -33.82 -20.45
N ASN F 201 -24.18 -32.90 -21.00
CA ASN F 201 -23.72 -31.72 -20.30
C ASN F 201 -24.28 -30.48 -21.00
N MET F 202 -24.86 -29.58 -20.21
CA MET F 202 -25.42 -28.33 -20.72
C MET F 202 -24.39 -27.24 -20.53
N ASN F 203 -23.54 -27.04 -21.55
CA ASN F 203 -22.44 -26.11 -21.41
C ASN F 203 -22.85 -24.72 -21.89
N PRO F 204 -22.73 -23.69 -21.05
CA PRO F 204 -23.22 -22.37 -21.44
C PRO F 204 -22.36 -21.70 -22.50
N ILE F 205 -22.99 -20.77 -23.22
CA ILE F 205 -22.32 -19.90 -24.16
C ILE F 205 -22.47 -18.44 -23.75
N CYS F 206 -23.70 -18.02 -23.45
CA CYS F 206 -23.99 -16.66 -23.05
C CYS F 206 -25.11 -16.67 -22.02
N SER F 207 -25.07 -15.70 -21.10
CA SER F 207 -26.13 -15.54 -20.12
C SER F 207 -26.86 -14.22 -20.31
N CYS F 208 -26.12 -13.11 -20.27
CA CYS F 208 -26.67 -11.78 -20.40
C CYS F 208 -25.59 -10.84 -20.91
N CYS F 209 -25.92 -10.08 -21.96
CA CYS F 209 -24.99 -9.17 -22.60
C CYS F 209 -25.45 -7.74 -22.43
N GLU F 210 -24.52 -6.86 -22.08
CA GLU F 210 -24.83 -5.44 -21.96
C GLU F 210 -24.95 -4.81 -23.35
N GLU F 211 -25.56 -3.63 -23.39
CA GLU F 211 -25.75 -2.94 -24.65
C GLU F 211 -24.41 -2.66 -25.31
N GLY F 212 -24.38 -2.75 -26.63
CA GLY F 212 -23.10 -2.76 -27.33
C GLY F 212 -22.27 -3.91 -26.82
N TYR F 213 -21.02 -3.62 -26.47
CA TYR F 213 -20.21 -4.60 -25.74
C TYR F 213 -20.15 -5.94 -26.46
N VAL F 214 -19.48 -5.93 -27.61
CA VAL F 214 -19.42 -7.10 -28.50
C VAL F 214 -19.20 -8.38 -27.70
N THR F 215 -19.92 -9.42 -28.08
CA THR F 215 -19.74 -10.77 -27.54
C THR F 215 -19.35 -11.71 -28.66
N GLY F 216 -18.66 -12.79 -28.29
CA GLY F 216 -18.24 -13.76 -29.28
C GLY F 216 -19.40 -14.55 -29.83
N GLY F 217 -19.18 -15.14 -31.01
CA GLY F 217 -20.20 -15.92 -31.66
C GLY F 217 -21.22 -15.13 -32.46
N HIS F 218 -20.90 -13.90 -32.84
CA HIS F 218 -21.84 -13.01 -33.50
C HIS F 218 -21.35 -12.65 -34.90
N VAL F 219 -22.28 -12.64 -35.85
CA VAL F 219 -21.99 -12.18 -37.19
C VAL F 219 -21.96 -10.65 -37.19
N LEU F 220 -20.92 -10.08 -37.79
CA LEU F 220 -20.75 -8.64 -37.81
C LEU F 220 -19.95 -8.24 -39.04
N ARG F 221 -19.76 -6.94 -39.19
CA ARG F 221 -18.96 -6.39 -40.29
C ARG F 221 -17.85 -5.53 -39.71
N LEU F 222 -16.74 -5.45 -40.44
CA LEU F 222 -15.57 -4.69 -40.03
C LEU F 222 -15.40 -3.52 -40.99
N PHE F 223 -15.50 -2.31 -40.46
CA PHE F 223 -15.40 -1.09 -41.25
C PHE F 223 -14.10 -0.38 -40.92
N HIS F 224 -13.43 0.14 -41.94
CA HIS F 224 -12.10 0.71 -41.76
C HIS F 224 -12.14 1.98 -40.93
N GLY F 225 -12.96 2.93 -41.33
CA GLY F 225 -13.04 4.21 -40.64
C GLY F 225 -14.48 4.64 -40.44
N HIS F 226 -14.84 5.81 -40.99
CA HIS F 226 -16.21 6.31 -40.90
C HIS F 226 -17.13 5.56 -41.86
N MET F 227 -17.10 4.23 -41.74
CA MET F 227 -18.14 3.37 -42.28
C MET F 227 -18.27 3.46 -43.80
N ASP F 228 -17.22 3.92 -44.49
CA ASP F 228 -17.32 4.04 -45.94
C ASP F 228 -17.07 2.70 -46.62
N GLU F 229 -16.07 1.94 -46.16
CA GLU F 229 -15.73 0.67 -46.77
C GLU F 229 -15.49 -0.37 -45.69
N CYS F 230 -15.69 -1.63 -46.05
CA CYS F 230 -15.66 -2.73 -45.10
C CYS F 230 -14.79 -3.86 -45.61
N LEU F 231 -14.34 -4.70 -44.70
CA LEU F 231 -13.57 -5.89 -45.06
C LEU F 231 -14.50 -6.91 -45.69
N THR F 232 -14.03 -7.53 -46.78
CA THR F 232 -14.84 -8.50 -47.50
C THR F 232 -13.92 -9.39 -48.33
N ILE F 233 -14.55 -10.33 -49.03
CA ILE F 233 -13.88 -11.17 -50.01
C ILE F 233 -14.54 -10.92 -51.36
N SER F 234 -14.00 -11.55 -52.40
CA SER F 234 -14.49 -11.32 -53.74
C SER F 234 -15.91 -11.87 -53.89
N ALA F 235 -16.63 -11.31 -54.86
CA ALA F 235 -17.96 -11.80 -55.18
C ALA F 235 -17.88 -13.22 -55.74
N ALA F 236 -19.04 -13.78 -56.04
CA ALA F 236 -19.10 -15.12 -56.59
C ALA F 236 -18.36 -15.18 -57.91
N ASP F 237 -18.19 -16.41 -58.43
CA ASP F 237 -17.60 -16.69 -59.74
C ASP F 237 -16.44 -15.75 -60.07
N SER F 238 -15.64 -15.42 -59.05
CA SER F 238 -14.48 -14.58 -59.25
C SER F 238 -13.23 -15.44 -59.46
N ASP F 239 -12.21 -14.83 -60.07
CA ASP F 239 -11.00 -15.57 -60.39
C ASP F 239 -10.22 -15.94 -59.13
N ASP F 240 -10.23 -15.08 -58.13
CA ASP F 240 -9.48 -15.35 -56.90
C ASP F 240 -10.00 -16.57 -56.16
N GLN F 241 -11.08 -17.19 -56.61
CA GLN F 241 -11.70 -18.32 -55.95
C GLN F 241 -12.26 -17.94 -54.59
N ARG F 242 -12.51 -16.65 -54.38
CA ARG F 242 -13.02 -16.15 -53.10
C ARG F 242 -12.10 -16.54 -51.96
N ARG F 243 -10.79 -16.59 -52.27
CA ARG F 243 -9.77 -16.95 -51.30
C ARG F 243 -8.91 -15.75 -50.90
N LEU F 244 -9.27 -14.55 -51.35
CA LEU F 244 -8.54 -13.33 -51.04
C LEU F 244 -9.43 -12.37 -50.28
N VAL F 245 -8.81 -11.47 -49.53
CA VAL F 245 -9.50 -10.55 -48.65
C VAL F 245 -9.25 -9.13 -49.10
N TYR F 246 -10.32 -8.32 -49.14
CA TYR F 246 -10.22 -6.95 -49.62
C TYR F 246 -10.99 -6.02 -48.69
N TYR F 247 -10.51 -4.79 -48.62
CA TYR F 247 -11.22 -3.65 -48.08
C TYR F 247 -11.98 -3.01 -49.24
N GLU F 248 -13.31 -3.06 -49.18
CA GLU F 248 -14.15 -2.60 -50.28
C GLU F 248 -15.34 -1.83 -49.73
N GLY F 249 -15.76 -0.83 -50.50
CA GLY F 249 -16.87 0.01 -50.10
C GLY F 249 -17.95 0.03 -51.17
N GLY F 250 -19.15 0.38 -50.74
CA GLY F 250 -20.30 0.42 -51.63
C GLY F 250 -21.41 -0.49 -51.18
N ALA F 251 -22.04 -1.19 -52.13
CA ALA F 251 -23.11 -2.11 -51.78
C ALA F 251 -22.58 -3.38 -51.13
N VAL F 252 -21.27 -3.62 -51.22
CA VAL F 252 -20.67 -4.78 -50.57
C VAL F 252 -20.95 -4.69 -49.09
N CYS F 253 -21.06 -3.46 -48.58
CA CYS F 253 -21.39 -3.28 -47.17
C CYS F 253 -22.71 -3.97 -46.83
N THR F 254 -23.76 -3.66 -47.57
CA THR F 254 -25.07 -4.28 -47.36
C THR F 254 -25.10 -5.74 -47.83
N HIS F 255 -24.11 -6.18 -48.59
CA HIS F 255 -24.08 -7.54 -49.09
C HIS F 255 -23.64 -8.52 -48.01
N ALA F 256 -23.85 -9.81 -48.28
CA ALA F 256 -23.58 -10.84 -47.29
C ALA F 256 -22.09 -11.17 -47.21
N ARG F 257 -21.37 -11.05 -48.33
CA ARG F 257 -19.96 -11.46 -48.34
C ARG F 257 -19.15 -10.69 -47.31
N SER F 258 -19.62 -9.52 -46.91
CA SER F 258 -18.96 -8.70 -45.90
C SER F 258 -19.23 -9.16 -44.49
N LEU F 259 -19.86 -10.30 -44.29
CA LEU F 259 -20.30 -10.73 -42.97
C LEU F 259 -19.32 -11.75 -42.40
N TRP F 260 -18.90 -11.50 -41.15
CA TRP F 260 -17.92 -12.34 -40.49
C TRP F 260 -18.43 -12.71 -39.10
N ARG F 261 -18.05 -13.91 -38.65
CA ARG F 261 -18.41 -14.42 -37.35
C ARG F 261 -17.14 -14.60 -36.50
N LEU F 262 -17.21 -14.13 -35.27
CA LEU F 262 -16.08 -14.25 -34.34
C LEU F 262 -16.25 -15.53 -33.52
N GLU F 263 -15.22 -16.36 -33.53
CA GLU F 263 -15.26 -17.66 -32.86
C GLU F 263 -14.12 -17.75 -31.85
N PRO F 264 -14.37 -17.51 -30.56
CA PRO F 264 -13.30 -17.71 -29.58
C PRO F 264 -12.87 -19.16 -29.53
N LEU F 265 -11.59 -19.37 -29.20
CA LEU F 265 -11.00 -20.70 -29.19
C LEU F 265 -11.61 -21.61 -28.14
N ARG F 266 -12.33 -21.05 -27.17
CA ARG F 266 -13.04 -21.83 -26.16
C ARG F 266 -14.46 -22.10 -26.61
N ILE F 267 -14.93 -23.31 -26.35
CA ILE F 267 -16.32 -23.65 -26.64
C ILE F 267 -17.22 -23.12 -25.55
N SER F 268 -16.88 -23.38 -24.29
CA SER F 268 -17.66 -22.87 -23.18
C SER F 268 -17.46 -21.37 -23.02
N TRP F 269 -18.56 -20.66 -22.81
CA TRP F 269 -18.54 -19.21 -22.64
C TRP F 269 -17.92 -18.52 -23.86
N SER F 270 -18.20 -19.06 -25.04
CA SER F 270 -17.78 -18.41 -26.28
C SER F 270 -18.61 -17.17 -26.57
N GLY F 271 -19.78 -17.04 -25.95
CA GLY F 271 -20.62 -15.87 -26.06
C GLY F 271 -20.28 -14.77 -25.09
N SER F 272 -19.18 -14.92 -24.35
CA SER F 272 -18.75 -13.90 -23.40
C SER F 272 -18.36 -12.62 -24.13
N HIS F 273 -18.31 -11.54 -23.37
CA HIS F 273 -17.83 -10.28 -23.91
C HIS F 273 -16.41 -10.44 -24.44
N LEU F 274 -16.16 -9.90 -25.62
CA LEU F 274 -14.82 -9.95 -26.20
C LEU F 274 -13.87 -9.08 -25.41
N ARG F 275 -12.61 -9.52 -25.33
CA ARG F 275 -11.60 -8.87 -24.51
C ARG F 275 -10.36 -8.62 -25.33
N TRP F 276 -9.67 -7.51 -25.03
CA TRP F 276 -8.45 -7.18 -25.74
C TRP F 276 -7.42 -8.29 -25.58
N GLY F 277 -6.81 -8.67 -26.69
CA GLY F 277 -5.84 -9.74 -26.69
C GLY F 277 -6.45 -11.12 -26.70
N GLN F 278 -7.77 -11.23 -26.71
CA GLN F 278 -8.41 -12.53 -26.67
C GLN F 278 -8.24 -13.24 -28.02
N PRO F 279 -7.57 -14.39 -28.06
CA PRO F 279 -7.39 -15.08 -29.34
C PRO F 279 -8.72 -15.58 -29.86
N LEU F 280 -8.86 -15.58 -31.19
CA LEU F 280 -10.11 -16.00 -31.80
C LEU F 280 -9.90 -16.23 -33.28
N ARG F 281 -10.89 -16.88 -33.88
CA ARG F 281 -10.94 -17.15 -35.30
C ARG F 281 -12.00 -16.27 -35.93
N ILE F 282 -11.83 -15.97 -37.21
CA ILE F 282 -12.79 -15.15 -37.96
C ILE F 282 -13.28 -15.98 -39.13
N ARG F 283 -14.57 -16.24 -39.15
CA ARG F 283 -15.19 -17.14 -40.13
C ARG F 283 -16.02 -16.34 -41.12
N HIS F 284 -15.95 -16.74 -42.39
CA HIS F 284 -16.77 -16.14 -43.43
C HIS F 284 -18.04 -16.97 -43.58
N VAL F 285 -19.19 -16.33 -43.35
CA VAL F 285 -20.43 -17.06 -43.18
C VAL F 285 -20.85 -17.75 -44.48
N THR F 286 -20.85 -17.01 -45.59
CA THR F 286 -21.36 -17.54 -46.85
C THR F 286 -20.46 -18.61 -47.44
N THR F 287 -19.21 -18.71 -46.97
CA THR F 287 -18.26 -19.68 -47.50
C THR F 287 -17.79 -20.69 -46.46
N GLY F 288 -17.95 -20.41 -45.17
CA GLY F 288 -17.46 -21.29 -44.15
C GLY F 288 -15.95 -21.30 -44.00
N ARG F 289 -15.25 -20.36 -44.63
CA ARG F 289 -13.81 -20.30 -44.61
C ARG F 289 -13.34 -19.34 -43.52
N TYR F 290 -12.10 -19.57 -43.08
CA TYR F 290 -11.53 -18.91 -41.92
C TYR F 290 -10.35 -18.04 -42.34
N LEU F 291 -10.31 -16.82 -41.81
CA LEU F 291 -9.17 -15.95 -42.05
C LEU F 291 -7.90 -16.61 -41.54
N ALA F 292 -6.86 -16.62 -42.38
CA ALA F 292 -5.65 -17.34 -42.07
C ALA F 292 -4.46 -16.63 -42.70
N LEU F 293 -3.29 -16.85 -42.09
CA LEU F 293 -2.02 -16.43 -42.64
C LEU F 293 -1.31 -17.66 -43.19
N THR F 294 -0.91 -17.61 -44.46
CA THR F 294 -0.24 -18.71 -45.12
C THR F 294 1.14 -18.27 -45.56
N GLU F 295 2.14 -19.09 -45.27
CA GLU F 295 3.51 -18.76 -45.65
C GLU F 295 3.62 -18.46 -47.14
N ASP F 296 2.84 -19.17 -47.96
CA ASP F 296 2.98 -19.04 -49.41
C ASP F 296 2.15 -17.88 -49.95
N GLN F 297 0.85 -17.87 -49.69
CA GLN F 297 -0.05 -16.82 -50.19
C GLN F 297 -0.40 -15.78 -49.13
N GLY F 298 0.23 -15.82 -47.95
CA GLY F 298 -0.06 -14.78 -46.97
C GLY F 298 -1.50 -14.83 -46.51
N LEU F 299 -2.10 -13.64 -46.35
CA LEU F 299 -3.45 -13.55 -45.83
C LEU F 299 -4.46 -14.07 -46.83
N VAL F 300 -5.20 -15.11 -46.44
CA VAL F 300 -6.25 -15.69 -47.27
C VAL F 300 -7.36 -16.21 -46.37
N VAL F 301 -8.38 -16.82 -46.96
CA VAL F 301 -9.38 -17.59 -46.22
C VAL F 301 -9.21 -19.05 -46.61
N VAL F 302 -9.04 -19.91 -45.61
CA VAL F 302 -8.77 -21.32 -45.83
C VAL F 302 -9.88 -22.15 -45.22
N ASP F 303 -9.92 -23.42 -45.59
CA ASP F 303 -10.93 -24.32 -45.07
C ASP F 303 -10.60 -24.72 -43.63
N ALA F 304 -11.63 -25.21 -42.93
CA ALA F 304 -11.46 -25.61 -41.55
C ALA F 304 -10.41 -26.72 -41.42
N CYS F 305 -10.38 -27.64 -42.38
CA CYS F 305 -9.39 -28.71 -42.34
C CYS F 305 -7.97 -28.16 -42.29
N LYS F 306 -7.73 -27.03 -42.95
CA LYS F 306 -6.42 -26.39 -42.97
C LYS F 306 -6.26 -25.33 -41.88
N ALA F 307 -7.34 -25.00 -41.17
CA ALA F 307 -7.29 -24.04 -40.08
C ALA F 307 -6.81 -24.76 -38.83
N HIS F 308 -5.56 -24.50 -38.43
CA HIS F 308 -4.90 -25.23 -37.35
C HIS F 308 -4.45 -24.30 -36.22
N THR F 309 -5.13 -23.17 -36.06
CA THR F 309 -5.01 -22.34 -34.86
C THR F 309 -3.71 -21.56 -34.80
N LYS F 310 -2.76 -21.86 -35.70
CA LYS F 310 -1.59 -21.02 -35.82
C LYS F 310 -1.77 -19.99 -36.93
N ALA F 311 -2.44 -20.39 -38.01
CA ALA F 311 -2.72 -19.47 -39.10
C ALA F 311 -3.97 -18.63 -38.82
N THR F 312 -4.91 -19.18 -38.06
CA THR F 312 -6.26 -18.64 -37.96
C THR F 312 -6.53 -17.94 -36.64
N SER F 313 -5.52 -17.75 -35.82
CA SER F 313 -5.68 -17.15 -34.50
C SER F 313 -5.37 -15.66 -34.59
N PHE F 314 -6.35 -14.82 -34.23
CA PHE F 314 -6.22 -13.38 -34.26
C PHE F 314 -6.67 -12.79 -32.94
N CYS F 315 -6.21 -11.57 -32.67
CA CYS F 315 -6.62 -10.83 -31.49
C CYS F 315 -6.88 -9.37 -31.86
N PHE F 316 -7.74 -8.74 -31.08
CA PHE F 316 -8.01 -7.31 -31.20
C PHE F 316 -7.20 -6.56 -30.15
N ARG F 317 -6.48 -5.54 -30.59
CA ARG F 317 -5.68 -4.69 -29.73
C ARG F 317 -6.16 -3.25 -29.85
N VAL F 318 -6.22 -2.56 -28.73
CA VAL F 318 -6.65 -1.16 -28.76
C VAL F 318 -5.53 -0.27 -29.30
N SER F 319 -4.29 -0.67 -29.11
CA SER F 319 -3.14 0.09 -29.59
C SER F 319 -2.09 -0.88 -30.12
N LYS F 320 -1.22 -0.36 -30.99
CA LYS F 320 -0.25 -1.20 -31.69
C LYS F 320 0.99 -1.50 -30.87
N GLU F 321 1.12 -0.94 -29.68
CA GLU F 321 2.32 -1.15 -28.88
C GLU F 321 2.46 -2.61 -28.47
N LYS F 322 3.69 -3.12 -28.48
CA LYS F 322 3.98 -4.50 -28.15
C LYS F 322 4.16 -4.64 -26.63
N LEU F 323 3.02 -4.57 -25.94
CA LEU F 323 3.01 -4.75 -24.49
C LEU F 323 3.13 -6.23 -24.15
N ASP F 324 2.15 -7.02 -24.57
CA ASP F 324 2.10 -8.47 -24.33
C ASP F 324 2.74 -8.82 -23.00
N THR F 325 2.34 -8.08 -21.96
CA THR F 325 2.98 -8.22 -20.66
C THR F 325 2.61 -9.53 -19.99
N ALA F 326 1.35 -9.93 -20.08
CA ALA F 326 0.88 -11.13 -19.41
C ALA F 326 -0.27 -11.76 -20.17
N PRO F 327 -0.25 -13.08 -20.41
CA PRO F 327 -1.43 -13.72 -21.00
C PRO F 327 -2.58 -13.79 -20.00
N LYS F 328 -3.74 -13.33 -20.44
CA LYS F 328 -4.89 -13.26 -19.56
C LYS F 328 -5.38 -14.65 -19.20
N ARG F 329 -5.90 -14.78 -17.98
CA ARG F 329 -6.47 -16.05 -17.54
C ARG F 329 -7.88 -16.23 -18.10
N ASP F 330 -8.19 -17.45 -18.50
CA ASP F 330 -9.54 -17.78 -18.96
C ASP F 330 -10.53 -17.49 -17.85
N VAL F 331 -11.69 -16.93 -18.22
CA VAL F 331 -12.65 -16.42 -17.27
C VAL F 331 -13.96 -17.18 -17.48
N GLU F 332 -14.51 -17.73 -16.42
CA GLU F 332 -15.84 -18.31 -16.50
C GLU F 332 -16.90 -17.22 -16.30
N GLY F 333 -17.86 -17.17 -17.20
CA GLY F 333 -18.86 -16.11 -17.22
C GLY F 333 -18.64 -15.16 -18.38
N MET F 334 -19.54 -14.17 -18.45
CA MET F 334 -19.49 -13.22 -19.55
C MET F 334 -18.28 -12.30 -19.45
N GLY F 335 -17.90 -11.90 -18.24
CA GLY F 335 -16.68 -11.16 -18.04
C GLY F 335 -16.81 -9.68 -18.30
N PRO F 336 -15.68 -8.97 -18.27
CA PRO F 336 -15.71 -7.53 -18.40
C PRO F 336 -16.16 -7.10 -19.79
N PRO F 337 -17.03 -6.07 -19.90
CA PRO F 337 -17.44 -5.49 -21.20
C PRO F 337 -16.48 -4.45 -21.77
N GLU F 338 -15.47 -4.92 -22.51
CA GLU F 338 -14.39 -4.05 -22.97
C GLU F 338 -14.69 -3.37 -24.31
N ILE F 339 -15.14 -4.13 -25.31
CA ILE F 339 -15.20 -3.65 -26.69
C ILE F 339 -16.64 -3.32 -27.06
N LYS F 340 -16.85 -2.11 -27.61
CA LYS F 340 -18.17 -1.63 -27.99
C LYS F 340 -18.42 -1.83 -29.47
N TYR F 341 -19.69 -1.78 -29.85
CA TYR F 341 -20.08 -1.80 -31.25
C TYR F 341 -20.07 -0.38 -31.82
N GLY F 342 -19.19 -0.13 -32.77
CA GLY F 342 -19.19 1.12 -33.50
C GLY F 342 -18.45 2.26 -32.83
N GLU F 343 -17.86 2.05 -31.65
CA GLU F 343 -17.10 3.09 -30.98
C GLU F 343 -15.64 2.67 -30.83
N SER F 344 -15.42 1.44 -30.35
CA SER F 344 -14.06 0.97 -30.14
C SER F 344 -13.32 0.84 -31.46
N LEU F 345 -12.06 1.29 -31.47
CA LEU F 345 -11.18 1.14 -32.62
C LEU F 345 -10.22 0.00 -32.35
N CYS F 346 -10.20 -0.99 -33.23
CA CYS F 346 -9.51 -2.23 -32.99
C CYS F 346 -8.50 -2.48 -34.10
N PHE F 347 -7.32 -2.96 -33.70
CA PHE F 347 -6.29 -3.42 -34.63
C PHE F 347 -6.22 -4.93 -34.55
N VAL F 348 -6.31 -5.58 -35.68
CA VAL F 348 -6.28 -7.04 -35.74
C VAL F 348 -4.83 -7.49 -35.87
N GLN F 349 -4.44 -8.44 -35.02
CA GLN F 349 -3.09 -8.95 -35.00
C GLN F 349 -3.11 -10.46 -35.07
N HIS F 350 -2.26 -11.02 -35.94
CA HIS F 350 -2.03 -12.46 -35.95
C HIS F 350 -1.12 -12.82 -34.79
N VAL F 351 -1.62 -13.67 -33.90
CA VAL F 351 -0.96 -13.88 -32.61
C VAL F 351 0.45 -14.44 -32.81
N ALA F 352 0.57 -15.49 -33.63
CA ALA F 352 1.87 -16.16 -33.77
C ALA F 352 2.91 -15.22 -34.37
N SER F 353 2.58 -14.61 -35.52
CA SER F 353 3.52 -13.71 -36.17
C SER F 353 3.58 -12.36 -35.49
N GLY F 354 2.46 -11.89 -34.96
CA GLY F 354 2.36 -10.54 -34.45
C GLY F 354 2.09 -9.49 -35.52
N LEU F 355 1.87 -9.91 -36.75
CA LEU F 355 1.65 -8.97 -37.84
C LEU F 355 0.30 -8.27 -37.69
N TRP F 356 0.20 -7.10 -38.31
CA TRP F 356 -1.00 -6.28 -38.23
C TRP F 356 -1.75 -6.31 -39.55
N LEU F 357 -3.08 -6.31 -39.46
CA LEU F 357 -3.92 -6.29 -40.64
C LEU F 357 -3.92 -4.90 -41.24
N THR F 358 -3.59 -4.81 -42.53
CA THR F 358 -3.46 -3.53 -43.19
C THR F 358 -3.72 -3.71 -44.68
N TYR F 359 -3.75 -2.58 -45.39
CA TYR F 359 -3.96 -2.61 -46.82
C TYR F 359 -2.62 -2.62 -47.56
N ALA F 360 -2.68 -2.86 -48.87
CA ALA F 360 -1.46 -3.05 -49.63
C ALA F 360 -0.95 -1.76 -50.23
N ALA F 361 -1.64 -0.65 -49.97
CA ALA F 361 -1.25 0.63 -50.56
C ALA F 361 -1.27 0.48 -52.08
N PRO F 362 -2.45 0.39 -52.69
CA PRO F 362 -2.53 0.03 -54.11
C PRO F 362 -1.45 0.68 -54.96
N ASP F 363 -0.79 -0.13 -55.77
CA ASP F 363 0.25 0.36 -56.65
C ASP F 363 -0.34 1.35 -57.64
N PRO F 364 0.47 2.28 -58.14
CA PRO F 364 -0.06 3.26 -59.10
C PRO F 364 -0.67 2.56 -60.31
N LYS F 365 -1.48 3.32 -61.05
CA LYS F 365 -2.31 2.86 -62.16
C LYS F 365 -3.56 2.15 -61.66
N ALA F 366 -3.66 1.84 -60.37
CA ALA F 366 -4.92 1.36 -59.82
C ALA F 366 -5.98 2.44 -59.88
N LEU F 367 -5.60 3.69 -59.59
CA LEU F 367 -6.52 4.81 -59.79
C LEU F 367 -6.94 4.90 -61.24
N ARG F 368 -6.02 4.64 -62.17
CA ARG F 368 -6.37 4.62 -63.59
C ARG F 368 -7.40 3.54 -63.88
N LEU F 369 -7.23 2.36 -63.29
CA LEU F 369 -8.26 1.32 -63.39
C LEU F 369 -9.56 1.74 -62.71
N GLY F 370 -9.51 2.69 -61.79
CA GLY F 370 -10.70 3.08 -61.05
C GLY F 370 -11.12 1.99 -60.08
N VAL F 371 -10.21 1.08 -59.78
CA VAL F 371 -10.50 0.00 -58.84
C VAL F 371 -10.44 0.57 -57.42
N LEU F 372 -11.55 0.46 -56.70
CA LEU F 372 -11.68 1.06 -55.38
C LEU F 372 -11.36 0.08 -54.25
N LYS F 373 -11.08 -1.18 -54.56
CA LYS F 373 -10.90 -2.21 -53.55
C LYS F 373 -9.41 -2.39 -53.26
N LYS F 374 -9.07 -2.49 -51.99
CA LYS F 374 -7.70 -2.52 -51.50
C LYS F 374 -7.41 -3.90 -50.91
N LYS F 375 -6.46 -4.62 -51.48
CA LYS F 375 -6.15 -5.94 -50.96
C LYS F 375 -5.68 -5.83 -49.51
N ALA F 376 -6.07 -6.80 -48.69
CA ALA F 376 -5.73 -6.83 -47.28
C ALA F 376 -4.51 -7.71 -47.07
N ILE F 377 -3.54 -7.22 -46.30
CA ILE F 377 -2.28 -7.91 -46.08
C ILE F 377 -1.97 -7.87 -44.59
N LEU F 378 -0.98 -8.68 -44.21
CA LEU F 378 -0.42 -8.66 -42.86
C LEU F 378 1.00 -8.12 -42.94
N HIS F 379 1.27 -7.05 -42.18
CA HIS F 379 2.53 -6.34 -42.25
C HIS F 379 3.01 -6.03 -40.84
N GLN F 380 4.33 -5.89 -40.70
CA GLN F 380 4.91 -5.75 -39.37
C GLN F 380 4.49 -4.45 -38.71
N GLU F 381 4.47 -3.36 -39.49
CA GLU F 381 4.15 -2.03 -38.96
C GLU F 381 2.73 -1.61 -39.31
N GLY F 382 2.35 -1.74 -40.57
CA GLY F 382 1.03 -1.34 -41.01
C GLY F 382 0.91 0.16 -41.13
N HIS F 383 -0.33 0.63 -41.00
CA HIS F 383 -0.66 2.04 -41.12
C HIS F 383 -1.49 2.47 -39.91
N MET F 384 -1.53 3.78 -39.69
CA MET F 384 -2.24 4.34 -38.56
C MET F 384 -3.73 4.06 -38.65
N ASP F 385 -4.29 4.17 -39.85
CA ASP F 385 -5.71 4.05 -40.08
C ASP F 385 -6.18 2.60 -40.07
N ASP F 386 -5.30 1.67 -39.72
CA ASP F 386 -5.62 0.25 -39.77
C ASP F 386 -6.72 -0.15 -38.81
N ALA F 387 -7.08 0.74 -37.89
CA ALA F 387 -8.11 0.41 -36.90
C ALA F 387 -9.44 0.12 -37.59
N LEU F 388 -10.27 -0.66 -36.91
CA LEU F 388 -11.54 -1.12 -37.46
C LEU F 388 -12.65 -0.95 -36.44
N PHE F 389 -13.74 -0.33 -36.89
CA PHE F 389 -15.00 -0.38 -36.17
C PHE F 389 -15.69 -1.71 -36.45
N LEU F 390 -16.40 -2.22 -35.45
CA LEU F 390 -17.19 -3.43 -35.57
C LEU F 390 -18.67 -3.07 -35.55
N THR F 391 -19.38 -3.43 -36.60
CA THR F 391 -20.78 -3.06 -36.77
C THR F 391 -21.67 -4.29 -36.72
N ARG F 392 -22.77 -4.17 -35.99
CA ARG F 392 -23.70 -5.27 -35.81
C ARG F 392 -24.51 -5.52 -37.07
N CYS F 393 -24.93 -6.77 -37.25
CA CYS F 393 -25.75 -7.17 -38.37
C CYS F 393 -27.12 -7.62 -37.87
N GLN F 394 -28.10 -7.55 -38.76
CA GLN F 394 -29.44 -8.01 -38.43
C GLN F 394 -29.50 -9.53 -38.38
N GLN F 395 -30.34 -10.04 -37.47
CA GLN F 395 -30.61 -11.46 -37.41
C GLN F 395 -31.03 -11.99 -38.77
N GLU F 396 -31.81 -11.19 -39.51
CA GLU F 396 -32.20 -11.56 -40.87
C GLU F 396 -30.97 -11.84 -41.72
N GLU F 397 -30.01 -10.90 -41.73
CA GLU F 397 -28.84 -11.06 -42.58
C GLU F 397 -28.00 -12.25 -42.17
N SER F 398 -27.79 -12.43 -40.85
CA SER F 398 -26.99 -13.56 -40.39
C SER F 398 -27.64 -14.88 -40.80
N GLN F 399 -28.93 -15.01 -40.52
CA GLN F 399 -29.66 -16.21 -40.91
C GLN F 399 -29.55 -16.44 -42.42
N ALA F 400 -29.75 -15.40 -43.20
CA ALA F 400 -29.73 -15.54 -44.66
C ALA F 400 -28.36 -16.00 -45.14
N ALA F 401 -27.29 -15.45 -44.57
CA ALA F 401 -25.96 -15.87 -44.98
C ALA F 401 -25.72 -17.35 -44.68
N ARG F 402 -26.10 -17.79 -43.48
CA ARG F 402 -25.92 -19.20 -43.13
C ARG F 402 -26.73 -20.10 -44.06
N MET F 403 -27.97 -19.71 -44.33
CA MET F 403 -28.84 -20.48 -45.21
C MET F 403 -28.30 -20.53 -46.62
N ILE F 404 -27.73 -19.43 -47.11
CA ILE F 404 -27.09 -19.43 -48.43
C ILE F 404 -25.94 -20.42 -48.45
N HIS F 405 -25.11 -20.41 -47.41
CA HIS F 405 -23.98 -21.33 -47.35
C HIS F 405 -24.46 -22.78 -47.46
N SER F 406 -25.41 -23.17 -46.62
CA SER F 406 -25.88 -24.56 -46.63
C SER F 406 -26.56 -24.90 -47.95
N THR F 407 -27.39 -24.00 -48.46
CA THR F 407 -28.10 -24.25 -49.71
C THR F 407 -27.11 -24.43 -50.87
N ALA F 408 -26.08 -23.60 -50.91
CA ALA F 408 -25.07 -23.74 -51.96
C ALA F 408 -24.40 -25.10 -51.88
N GLY F 409 -24.01 -25.51 -50.67
CA GLY F 409 -23.39 -26.82 -50.55
C GLY F 409 -24.29 -27.93 -51.04
N LEU F 410 -25.55 -27.92 -50.59
CA LEU F 410 -26.48 -28.98 -50.95
C LEU F 410 -26.70 -29.03 -52.46
N TYR F 411 -27.00 -27.88 -53.07
CA TYR F 411 -27.33 -27.86 -54.48
C TYR F 411 -26.12 -28.17 -55.35
N ASN F 412 -24.92 -27.76 -54.92
CA ASN F 412 -23.72 -28.14 -55.65
C ASN F 412 -23.49 -29.64 -55.59
N GLN F 413 -23.73 -30.27 -54.44
CA GLN F 413 -23.62 -31.72 -54.38
C GLN F 413 -24.62 -32.40 -55.32
N PHE F 414 -25.85 -31.89 -55.32
CA PHE F 414 -26.87 -32.41 -56.24
C PHE F 414 -26.42 -32.31 -57.69
N ILE F 415 -25.90 -31.14 -58.07
CA ILE F 415 -25.45 -30.92 -59.44
C ILE F 415 -24.29 -31.84 -59.77
N LYS F 416 -23.38 -32.03 -58.81
CA LYS F 416 -22.23 -32.89 -59.04
C LYS F 416 -22.68 -34.33 -59.31
N GLY F 417 -23.65 -34.81 -58.55
CA GLY F 417 -24.21 -36.12 -58.84
C GLY F 417 -24.81 -36.20 -60.23
N LEU F 418 -25.64 -35.20 -60.58
CA LEU F 418 -26.24 -35.19 -61.91
C LEU F 418 -25.19 -35.24 -63.00
N ASP F 419 -24.12 -34.45 -62.86
CA ASP F 419 -23.04 -34.48 -63.82
C ASP F 419 -22.32 -35.83 -63.82
N SER F 420 -22.26 -36.49 -62.65
CA SER F 420 -21.60 -37.80 -62.58
C SER F 420 -22.32 -38.84 -63.42
N PHE F 421 -23.63 -38.95 -63.26
CA PHE F 421 -24.42 -39.74 -64.22
C PHE F 421 -25.11 -38.91 -65.30
N SER F 422 -24.45 -37.94 -65.89
CA SER F 422 -25.02 -37.29 -67.05
C SER F 422 -25.11 -38.24 -68.25
N GLY F 423 -23.98 -38.67 -68.80
CA GLY F 423 -23.93 -39.44 -70.02
C GLY F 423 -23.69 -40.91 -69.85
N LYS F 424 -23.94 -41.47 -68.67
CA LYS F 424 -23.66 -42.87 -68.39
C LYS F 424 -24.95 -43.60 -68.08
N PRO F 425 -25.61 -44.22 -69.06
CA PRO F 425 -26.83 -44.97 -68.76
C PRO F 425 -26.55 -46.12 -67.82
N ARG F 426 -27.50 -46.36 -66.92
CA ARG F 426 -27.39 -47.44 -65.95
C ARG F 426 -27.76 -48.79 -66.54
N GLY F 427 -28.32 -48.83 -67.74
CA GLY F 427 -28.74 -50.09 -68.32
C GLY F 427 -29.72 -50.80 -67.41
N SER F 428 -29.61 -52.12 -67.35
CA SER F 428 -30.38 -52.92 -66.41
C SER F 428 -29.55 -53.16 -65.14
N GLY F 429 -29.13 -52.03 -64.56
CA GLY F 429 -28.30 -52.06 -63.37
C GLY F 429 -28.50 -50.82 -62.53
N PRO F 430 -27.60 -50.59 -61.57
CA PRO F 430 -27.71 -49.40 -60.74
C PRO F 430 -27.08 -48.20 -61.41
N PRO F 431 -27.43 -46.99 -60.98
CA PRO F 431 -26.85 -45.79 -61.58
C PRO F 431 -25.35 -45.68 -61.34
N ALA F 432 -24.83 -46.49 -60.41
CA ALA F 432 -23.40 -46.56 -60.17
C ALA F 432 -22.84 -45.22 -59.72
N GLY F 433 -23.31 -44.72 -58.58
CA GLY F 433 -22.83 -43.48 -58.03
C GLY F 433 -23.44 -43.21 -56.66
N PRO F 434 -22.93 -42.18 -55.99
CA PRO F 434 -23.46 -41.84 -54.66
C PRO F 434 -24.92 -41.41 -54.73
N ALA F 435 -25.66 -41.77 -53.68
CA ALA F 435 -27.07 -41.43 -53.63
C ALA F 435 -27.27 -39.92 -53.66
N LEU F 436 -28.22 -39.47 -54.47
CA LEU F 436 -28.48 -38.05 -54.60
C LEU F 436 -29.34 -37.58 -53.41
N PRO F 437 -29.16 -36.33 -52.96
CA PRO F 437 -29.94 -35.85 -51.81
C PRO F 437 -31.32 -35.32 -52.19
N ILE F 438 -32.19 -36.20 -52.68
CA ILE F 438 -33.51 -35.77 -53.15
C ILE F 438 -34.32 -35.19 -52.02
N GLU F 439 -34.40 -35.90 -50.89
CA GLU F 439 -35.25 -35.44 -49.79
C GLU F 439 -34.76 -34.12 -49.22
N ALA F 440 -33.45 -33.96 -49.05
CA ALA F 440 -32.91 -32.71 -48.54
C ALA F 440 -33.16 -31.58 -49.53
N VAL F 441 -32.99 -31.85 -50.83
CA VAL F 441 -33.23 -30.82 -51.83
C VAL F 441 -34.68 -30.37 -51.79
N ILE F 442 -35.60 -31.34 -51.71
CA ILE F 442 -37.01 -31.01 -51.68
C ILE F 442 -37.34 -30.17 -50.46
N LEU F 443 -36.85 -30.58 -49.30
CA LEU F 443 -37.16 -29.85 -48.07
C LEU F 443 -36.56 -28.45 -48.10
N SER F 444 -35.33 -28.33 -48.61
CA SER F 444 -34.71 -27.01 -48.75
C SER F 444 -35.53 -26.11 -49.67
N LEU F 445 -36.00 -26.67 -50.78
CA LEU F 445 -36.79 -25.89 -51.74
C LEU F 445 -38.09 -25.42 -51.10
N GLN F 446 -38.77 -26.32 -50.39
CA GLN F 446 -40.01 -25.96 -49.72
C GLN F 446 -39.77 -24.89 -48.67
N ASP F 447 -38.72 -25.06 -47.87
CA ASP F 447 -38.42 -24.10 -46.81
C ASP F 447 -38.09 -22.73 -47.39
N LEU F 448 -37.36 -22.71 -48.51
CA LEU F 448 -37.00 -21.43 -49.11
C LEU F 448 -38.20 -20.76 -49.77
N ILE F 449 -39.11 -21.55 -50.35
CA ILE F 449 -40.34 -20.97 -50.87
C ILE F 449 -41.14 -20.33 -49.75
N GLY F 450 -41.26 -21.03 -48.61
CA GLY F 450 -41.93 -20.43 -47.47
C GLY F 450 -41.19 -19.20 -46.95
N TYR F 451 -39.86 -19.23 -47.02
CA TYR F 451 -39.04 -18.11 -46.58
C TYR F 451 -39.28 -16.89 -47.45
N PHE F 452 -39.48 -17.10 -48.75
CA PHE F 452 -39.68 -16.02 -49.70
C PHE F 452 -41.16 -15.76 -49.98
N GLU F 453 -42.06 -16.39 -49.24
CA GLU F 453 -43.48 -16.18 -49.45
C GLU F 453 -43.82 -14.71 -49.31
N PRO F 454 -44.62 -14.13 -50.21
CA PRO F 454 -45.00 -12.73 -50.09
C PRO F 454 -46.09 -12.55 -49.04
N PRO F 455 -46.17 -11.36 -48.43
CA PRO F 455 -47.15 -11.16 -47.36
C PRO F 455 -48.58 -11.20 -47.87
N SER F 456 -49.50 -11.56 -46.97
CA SER F 456 -50.92 -11.60 -47.31
C SER F 456 -51.47 -10.18 -47.41
N GLU F 457 -52.46 -9.99 -48.29
CA GLU F 457 -53.03 -8.67 -48.49
C GLU F 457 -53.81 -8.21 -47.28
N GLU F 458 -54.36 -9.14 -46.50
CA GLU F 458 -55.13 -8.77 -45.32
C GLU F 458 -54.29 -7.93 -44.36
N LEU F 459 -52.97 -8.10 -44.37
CA LEU F 459 -52.10 -7.40 -43.45
C LEU F 459 -52.30 -5.90 -43.55
N GLN F 460 -51.93 -5.21 -42.47
CA GLN F 460 -51.94 -3.76 -42.49
C GLN F 460 -50.81 -3.23 -43.36
N HIS F 461 -50.97 -1.98 -43.80
CA HIS F 461 -50.06 -1.41 -44.78
C HIS F 461 -48.64 -1.33 -44.25
N GLU F 462 -48.47 -0.89 -43.00
CA GLU F 462 -47.14 -0.70 -42.44
C GLU F 462 -46.39 -2.02 -42.35
N GLU F 463 -46.99 -3.02 -41.72
CA GLU F 463 -46.36 -4.33 -41.58
C GLU F 463 -46.11 -4.96 -42.94
N LYS F 464 -47.05 -4.82 -43.87
CA LYS F 464 -46.85 -5.37 -45.21
C LYS F 464 -45.65 -4.72 -45.89
N GLN F 465 -45.50 -3.40 -45.76
CA GLN F 465 -44.35 -2.72 -46.34
C GLN F 465 -43.05 -3.20 -45.70
N SER F 466 -43.06 -3.40 -44.38
CA SER F 466 -41.86 -3.91 -43.72
C SER F 466 -41.50 -5.30 -44.22
N LYS F 467 -42.50 -6.18 -44.38
CA LYS F 467 -42.24 -7.51 -44.91
C LYS F 467 -41.70 -7.41 -46.33
N LEU F 468 -42.22 -6.49 -47.13
CA LEU F 468 -41.74 -6.34 -48.49
C LEU F 468 -40.29 -5.88 -48.52
N ARG F 469 -39.93 -4.94 -47.63
CA ARG F 469 -38.53 -4.56 -47.51
C ARG F 469 -37.66 -5.77 -47.18
N SER F 470 -38.08 -6.54 -46.17
CA SER F 470 -37.31 -7.72 -45.78
C SER F 470 -37.14 -8.68 -46.96
N LEU F 471 -38.23 -8.92 -47.68
CA LEU F 471 -38.19 -9.87 -48.79
C LEU F 471 -37.30 -9.38 -49.92
N ARG F 472 -37.39 -8.10 -50.27
CA ARG F 472 -36.53 -7.58 -51.33
C ARG F 472 -35.07 -7.67 -50.94
N ASN F 473 -34.76 -7.33 -49.69
CA ASN F 473 -33.38 -7.44 -49.22
C ASN F 473 -32.89 -8.88 -49.33
N ARG F 474 -33.70 -9.83 -48.84
CA ARG F 474 -33.28 -11.22 -48.86
C ARG F 474 -33.08 -11.73 -50.30
N GLN F 475 -34.00 -11.36 -51.19
CA GLN F 475 -33.84 -11.69 -52.61
C GLN F 475 -32.53 -11.17 -53.14
N SER F 476 -32.22 -9.90 -52.86
CA SER F 476 -31.00 -9.30 -53.39
C SER F 476 -29.76 -10.00 -52.85
N LEU F 477 -29.77 -10.33 -51.56
CA LEU F 477 -28.63 -11.03 -50.98
C LEU F 477 -28.41 -12.39 -51.63
N PHE F 478 -29.49 -13.16 -51.80
CA PHE F 478 -29.35 -14.46 -52.44
C PHE F 478 -28.85 -14.31 -53.86
N GLN F 479 -29.37 -13.33 -54.60
CA GLN F 479 -28.91 -13.09 -55.96
C GLN F 479 -27.42 -12.76 -55.98
N GLU F 480 -26.99 -11.84 -55.12
CA GLU F 480 -25.59 -11.43 -55.11
C GLU F 480 -24.66 -12.56 -54.67
N GLU F 481 -25.15 -13.53 -53.92
CA GLU F 481 -24.36 -14.71 -53.60
C GLU F 481 -24.54 -15.84 -54.60
N GLY F 482 -25.39 -15.65 -55.61
CA GLY F 482 -25.39 -16.55 -56.75
C GLY F 482 -26.36 -17.72 -56.67
N MET F 483 -27.34 -17.67 -55.77
CA MET F 483 -28.30 -18.76 -55.68
C MET F 483 -29.15 -18.86 -56.95
N LEU F 484 -29.44 -17.73 -57.57
CA LEU F 484 -30.25 -17.73 -58.79
C LEU F 484 -29.58 -18.53 -59.91
N SER F 485 -28.29 -18.29 -60.12
CA SER F 485 -27.56 -19.04 -61.14
C SER F 485 -27.49 -20.51 -60.79
N LEU F 486 -27.36 -20.84 -59.50
CA LEU F 486 -27.36 -22.24 -59.07
C LEU F 486 -28.66 -22.92 -59.41
N VAL F 487 -29.79 -22.24 -59.15
CA VAL F 487 -31.09 -22.78 -59.50
C VAL F 487 -31.20 -22.99 -61.01
N LEU F 488 -30.71 -22.01 -61.77
CA LEU F 488 -30.74 -22.14 -63.23
C LEU F 488 -29.92 -23.35 -63.69
N ASN F 489 -28.75 -23.55 -63.09
CA ASN F 489 -27.93 -24.71 -63.45
C ASN F 489 -28.63 -26.02 -63.13
N CYS F 490 -29.24 -26.11 -61.95
CA CYS F 490 -29.96 -27.32 -61.58
C CYS F 490 -31.08 -27.59 -62.57
N ILE F 491 -31.85 -26.56 -62.93
CA ILE F 491 -32.95 -26.73 -63.87
C ILE F 491 -32.41 -27.16 -65.22
N ASP F 492 -31.30 -26.56 -65.65
CA ASP F 492 -30.72 -26.90 -66.95
C ASP F 492 -30.34 -28.37 -67.00
N ARG F 493 -29.71 -28.86 -65.93
CA ARG F 493 -29.28 -30.26 -65.92
C ARG F 493 -30.47 -31.21 -65.80
N LEU F 494 -31.53 -30.80 -65.11
CA LEU F 494 -32.71 -31.65 -65.04
C LEU F 494 -33.56 -31.61 -66.29
N ASN F 495 -33.39 -30.59 -67.14
CA ASN F 495 -34.22 -30.43 -68.32
C ASN F 495 -33.81 -31.36 -69.46
N VAL F 496 -32.53 -31.69 -69.58
CA VAL F 496 -32.09 -32.56 -70.67
C VAL F 496 -32.93 -33.83 -70.70
N TYR F 497 -33.41 -34.27 -69.54
CA TYR F 497 -34.25 -35.46 -69.46
C TYR F 497 -35.71 -35.04 -69.64
N THR F 498 -36.33 -35.53 -70.72
CA THR F 498 -37.69 -35.10 -71.04
C THR F 498 -38.68 -35.56 -69.98
N THR F 499 -38.47 -36.75 -69.42
CA THR F 499 -39.45 -37.38 -68.55
C THR F 499 -38.76 -38.14 -67.44
N ALA F 500 -39.56 -38.59 -66.48
CA ALA F 500 -39.02 -39.32 -65.34
C ALA F 500 -38.39 -40.65 -65.77
N ALA F 501 -38.95 -41.29 -66.80
CA ALA F 501 -38.36 -42.53 -67.30
C ALA F 501 -36.99 -42.26 -67.93
N HIS F 502 -36.89 -41.19 -68.72
CA HIS F 502 -35.61 -40.80 -69.29
C HIS F 502 -34.60 -40.49 -68.19
N PHE F 503 -35.07 -39.86 -67.11
CA PHE F 503 -34.20 -39.61 -65.96
C PHE F 503 -33.77 -40.93 -65.31
N ALA F 504 -34.70 -41.87 -65.18
CA ALA F 504 -34.43 -43.14 -64.51
C ALA F 504 -33.36 -43.92 -65.27
N GLU F 505 -33.42 -43.89 -66.60
CA GLU F 505 -32.43 -44.59 -67.41
C GLU F 505 -31.01 -44.26 -66.98
N TYR F 506 -30.82 -43.12 -66.31
CA TYR F 506 -29.50 -42.67 -65.90
C TYR F 506 -29.34 -42.63 -64.38
N ALA F 507 -30.46 -42.51 -63.66
CA ALA F 507 -30.45 -42.26 -62.22
C ALA F 507 -31.18 -43.32 -61.42
N GLY F 508 -32.19 -43.96 -61.98
CA GLY F 508 -33.01 -44.90 -61.25
C GLY F 508 -34.40 -44.36 -60.96
N GLU F 509 -35.33 -45.31 -60.77
CA GLU F 509 -36.72 -44.97 -60.52
C GLU F 509 -36.87 -44.16 -59.23
N GLU F 510 -36.06 -44.49 -58.22
CA GLU F 510 -36.19 -43.86 -56.92
C GLU F 510 -36.04 -42.35 -57.02
N ALA F 511 -35.21 -41.87 -57.95
CA ALA F 511 -35.09 -40.43 -58.17
C ALA F 511 -36.03 -39.97 -59.28
N ALA F 512 -36.40 -40.87 -60.17
CA ALA F 512 -37.34 -40.52 -61.23
C ALA F 512 -38.67 -40.08 -60.66
N GLU F 513 -39.09 -40.66 -59.53
CA GLU F 513 -40.36 -40.22 -58.94
C GLU F 513 -40.31 -38.76 -58.54
N SER F 514 -39.20 -38.31 -57.95
CA SER F 514 -39.09 -36.95 -57.44
C SER F 514 -38.62 -35.95 -58.48
N TRP F 515 -38.22 -36.41 -59.67
CA TRP F 515 -37.85 -35.51 -60.76
C TRP F 515 -38.84 -34.36 -60.92
N LYS F 516 -40.11 -34.70 -61.17
CA LYS F 516 -41.12 -33.70 -61.50
C LYS F 516 -41.36 -32.74 -60.35
N GLU F 517 -41.48 -33.28 -59.13
CA GLU F 517 -41.66 -32.45 -57.95
C GLU F 517 -40.51 -31.46 -57.83
N ILE F 518 -39.28 -31.93 -58.08
CA ILE F 518 -38.11 -31.08 -57.93
C ILE F 518 -38.13 -29.95 -58.96
N VAL F 519 -38.46 -30.26 -60.21
CA VAL F 519 -38.46 -29.22 -61.23
C VAL F 519 -39.54 -28.18 -60.93
N ASN F 520 -40.72 -28.62 -60.52
CA ASN F 520 -41.76 -27.65 -60.14
C ASN F 520 -41.32 -26.79 -58.97
N LEU F 521 -40.69 -27.40 -57.97
CA LEU F 521 -40.20 -26.64 -56.83
C LEU F 521 -39.15 -25.62 -57.23
N LEU F 522 -38.24 -26.00 -58.13
CA LEU F 522 -37.21 -25.09 -58.58
C LEU F 522 -37.81 -23.89 -59.30
N TYR F 523 -38.80 -24.13 -60.17
CA TYR F 523 -39.44 -23.02 -60.86
C TYR F 523 -40.17 -22.11 -59.88
N GLU F 524 -40.86 -22.71 -58.90
CA GLU F 524 -41.56 -21.91 -57.90
C GLU F 524 -40.57 -21.06 -57.10
N LEU F 525 -39.42 -21.63 -56.73
CA LEU F 525 -38.41 -20.88 -56.01
C LEU F 525 -37.86 -19.75 -56.85
N LEU F 526 -37.64 -19.99 -58.14
CA LEU F 526 -37.18 -18.94 -59.04
C LEU F 526 -38.17 -17.79 -59.08
N ALA F 527 -39.46 -18.13 -59.20
CA ALA F 527 -40.50 -17.11 -59.19
C ALA F 527 -40.49 -16.34 -57.88
N SER F 528 -40.33 -17.04 -56.76
CA SER F 528 -40.29 -16.37 -55.46
C SER F 528 -39.12 -15.41 -55.36
N LEU F 529 -37.94 -15.83 -55.85
CA LEU F 529 -36.76 -14.97 -55.79
C LEU F 529 -36.92 -13.72 -56.63
N ILE F 530 -37.49 -13.83 -57.83
CA ILE F 530 -37.55 -12.68 -58.73
C ILE F 530 -38.82 -11.86 -58.59
N ARG F 531 -39.84 -12.36 -57.88
CA ARG F 531 -41.11 -11.66 -57.82
C ARG F 531 -40.95 -10.33 -57.09
N GLY F 532 -41.33 -9.24 -57.77
CA GLY F 532 -41.24 -7.92 -57.21
C GLY F 532 -39.86 -7.30 -57.23
N ASN F 533 -38.86 -7.97 -57.78
CA ASN F 533 -37.49 -7.48 -57.80
C ASN F 533 -37.10 -7.14 -59.24
N ARG F 534 -37.05 -5.84 -59.53
CA ARG F 534 -36.81 -5.39 -60.89
C ARG F 534 -35.44 -5.82 -61.38
N ALA F 535 -34.42 -5.70 -60.53
CA ALA F 535 -33.06 -6.08 -60.95
C ALA F 535 -32.97 -7.56 -61.29
N ASN F 536 -33.50 -8.40 -60.40
CA ASN F 536 -33.46 -9.84 -60.61
C ASN F 536 -34.24 -10.23 -61.86
N CYS F 537 -35.37 -9.57 -62.10
CA CYS F 537 -36.12 -9.85 -63.31
C CYS F 537 -35.40 -9.33 -64.55
N ALA F 538 -34.64 -8.25 -64.41
CA ALA F 538 -33.91 -7.68 -65.54
C ALA F 538 -32.75 -8.57 -65.94
N LEU F 539 -32.19 -9.31 -64.99
CA LEU F 539 -31.09 -10.22 -65.32
C LEU F 539 -31.43 -11.14 -66.49
N PHE F 540 -32.72 -11.38 -66.75
CA PHE F 540 -33.14 -12.29 -67.80
C PHE F 540 -33.17 -11.65 -69.18
N SER F 541 -32.84 -10.37 -69.30
CA SER F 541 -32.79 -9.73 -70.60
C SER F 541 -31.76 -10.41 -71.49
N THR F 542 -30.59 -10.72 -70.93
CA THR F 542 -29.57 -11.42 -71.71
C THR F 542 -30.05 -12.80 -72.14
N ASN F 543 -30.73 -13.51 -71.24
CA ASN F 543 -31.20 -14.86 -71.50
C ASN F 543 -32.70 -14.94 -71.19
N LEU F 544 -33.52 -14.50 -72.15
CA LEU F 544 -34.95 -14.73 -72.09
C LEU F 544 -35.35 -16.01 -72.82
N ASP F 545 -34.60 -16.38 -73.86
CA ASP F 545 -34.89 -17.62 -74.57
C ASP F 545 -34.83 -18.82 -73.64
N TRP F 546 -34.11 -18.68 -72.53
CA TRP F 546 -34.01 -19.73 -71.52
C TRP F 546 -35.39 -20.10 -71.00
N VAL F 547 -36.32 -19.16 -71.05
CA VAL F 547 -37.68 -19.37 -70.55
C VAL F 547 -38.64 -19.75 -71.68
N VAL F 548 -38.55 -19.05 -72.80
CA VAL F 548 -39.44 -19.32 -73.92
C VAL F 548 -39.21 -20.71 -74.46
N SER F 549 -37.95 -21.14 -74.52
CA SER F 549 -37.64 -22.50 -74.98
C SER F 549 -38.27 -23.56 -74.09
N LYS F 550 -38.48 -23.26 -72.81
CA LYS F 550 -39.02 -24.22 -71.86
C LYS F 550 -40.53 -24.10 -71.70
N LEU F 551 -41.13 -23.01 -72.18
CA LEU F 551 -42.57 -22.84 -72.02
C LEU F 551 -43.35 -24.07 -72.44
N ASP F 552 -42.92 -24.75 -73.50
CA ASP F 552 -43.69 -25.87 -74.04
C ASP F 552 -43.67 -27.08 -73.12
N ARG F 553 -42.63 -27.25 -72.31
CA ARG F 553 -42.51 -28.45 -71.50
C ARG F 553 -43.72 -28.59 -70.58
N LEU F 554 -44.19 -29.84 -70.45
CA LEU F 554 -45.46 -30.12 -69.78
C LEU F 554 -45.33 -30.24 -68.28
N GLU F 555 -44.14 -30.58 -67.77
CA GLU F 555 -44.01 -30.91 -66.36
C GLU F 555 -44.16 -29.68 -65.47
N ALA F 556 -43.69 -28.53 -65.93
CA ALA F 556 -43.66 -27.31 -65.11
C ALA F 556 -44.16 -26.12 -65.92
N SER F 557 -45.21 -26.35 -66.72
CA SER F 557 -45.72 -25.29 -67.60
C SER F 557 -46.15 -24.08 -66.79
N SER F 558 -46.95 -24.30 -65.74
CA SER F 558 -47.46 -23.18 -64.95
C SER F 558 -46.32 -22.44 -64.26
N GLY F 559 -45.34 -23.16 -63.74
CA GLY F 559 -44.22 -22.50 -63.09
C GLY F 559 -43.42 -21.64 -64.04
N ILE F 560 -43.12 -22.16 -65.23
CA ILE F 560 -42.39 -21.37 -66.21
C ILE F 560 -43.20 -20.15 -66.60
N LEU F 561 -44.51 -20.31 -66.79
CA LEU F 561 -45.36 -19.20 -67.16
C LEU F 561 -45.37 -18.12 -66.07
N GLU F 562 -45.43 -18.54 -64.80
CA GLU F 562 -45.38 -17.58 -63.71
C GLU F 562 -44.05 -16.85 -63.67
N VAL F 563 -42.96 -17.57 -63.92
CA VAL F 563 -41.64 -16.92 -64.00
C VAL F 563 -41.67 -15.83 -65.06
N LEU F 564 -42.19 -16.16 -66.24
CA LEU F 564 -42.25 -15.19 -67.33
C LEU F 564 -43.12 -14.00 -66.96
N TYR F 565 -44.26 -14.27 -66.32
CA TYR F 565 -45.17 -13.20 -65.92
C TYR F 565 -44.47 -12.22 -64.98
N CYS F 566 -43.79 -12.76 -63.97
CA CYS F 566 -43.08 -11.89 -63.03
C CYS F 566 -42.03 -11.06 -63.75
N VAL F 567 -41.23 -11.71 -64.60
CA VAL F 567 -40.17 -11.00 -65.32
C VAL F 567 -40.77 -9.85 -66.12
N LEU F 568 -41.85 -10.11 -66.84
CA LEU F 568 -42.40 -9.11 -67.74
C LEU F 568 -43.07 -7.97 -66.99
N ILE F 569 -43.76 -8.27 -65.89
CA ILE F 569 -44.35 -7.21 -65.08
C ILE F 569 -43.26 -6.30 -64.54
N GLU F 570 -42.12 -6.87 -64.16
CA GLU F 570 -41.13 -6.05 -63.46
C GLU F 570 -40.22 -5.29 -64.42
N SER F 571 -39.76 -5.93 -65.50
CA SER F 571 -38.64 -5.39 -66.28
C SER F 571 -39.08 -4.89 -67.65
N PRO F 572 -38.89 -3.61 -67.98
CA PRO F 572 -39.11 -3.16 -69.37
C PRO F 572 -38.00 -3.57 -70.33
N GLU F 573 -36.77 -3.78 -69.84
CA GLU F 573 -35.67 -4.18 -70.70
C GLU F 573 -36.03 -5.43 -71.49
N VAL F 574 -36.61 -6.42 -70.80
CA VAL F 574 -37.05 -7.63 -71.48
C VAL F 574 -38.04 -7.29 -72.58
N LEU F 575 -38.95 -6.36 -72.31
CA LEU F 575 -39.95 -5.97 -73.29
C LEU F 575 -39.32 -5.33 -74.52
N ASN F 576 -38.32 -4.48 -74.33
CA ASN F 576 -37.64 -3.87 -75.47
C ASN F 576 -36.80 -4.87 -76.24
N ILE F 577 -36.40 -5.99 -75.62
CA ILE F 577 -35.70 -7.02 -76.37
C ILE F 577 -36.60 -8.13 -76.91
N ILE F 578 -37.90 -8.10 -76.61
CA ILE F 578 -38.80 -9.13 -77.11
C ILE F 578 -38.71 -9.23 -78.63
N GLN F 579 -39.06 -10.40 -79.16
CA GLN F 579 -39.02 -10.67 -80.59
C GLN F 579 -40.23 -11.46 -81.04
N GLU F 580 -40.41 -11.47 -82.37
CA GLU F 580 -41.52 -12.19 -82.98
C GLU F 580 -41.49 -13.67 -82.62
N ASN F 581 -40.30 -14.25 -82.54
CA ASN F 581 -40.18 -15.65 -82.15
C ASN F 581 -40.78 -15.87 -80.76
N HIS F 582 -40.48 -14.97 -79.82
CA HIS F 582 -41.00 -15.09 -78.47
C HIS F 582 -42.52 -14.98 -78.48
N ILE F 583 -43.04 -13.98 -79.19
CA ILE F 583 -44.49 -13.77 -79.19
C ILE F 583 -45.19 -14.97 -79.83
N LYS F 584 -44.63 -15.49 -80.92
CA LYS F 584 -45.21 -16.65 -81.57
C LYS F 584 -45.16 -17.89 -80.68
N SER F 585 -44.08 -18.05 -79.92
CA SER F 585 -44.02 -19.17 -78.99
C SER F 585 -45.10 -19.04 -77.92
N ILE F 586 -45.31 -17.85 -77.40
CA ILE F 586 -46.35 -17.66 -76.39
C ILE F 586 -47.72 -17.93 -76.97
N ILE F 587 -47.94 -17.54 -78.23
CA ILE F 587 -49.23 -17.79 -78.88
C ILE F 587 -49.42 -19.28 -79.14
N SER F 588 -48.34 -19.96 -79.55
CA SER F 588 -48.40 -21.41 -79.68
C SER F 588 -48.71 -22.07 -78.36
N LEU F 589 -48.31 -21.43 -77.25
CA LEU F 589 -48.69 -21.95 -75.94
C LEU F 589 -50.21 -21.93 -75.77
N LEU F 590 -50.86 -20.85 -76.19
CA LEU F 590 -52.32 -20.81 -76.20
C LEU F 590 -52.88 -21.92 -77.07
N ASP F 591 -52.32 -22.08 -78.27
CA ASP F 591 -52.82 -23.06 -79.23
C ASP F 591 -52.73 -24.47 -78.70
N LYS F 592 -51.63 -24.79 -78.01
CA LYS F 592 -51.35 -26.18 -77.65
C LYS F 592 -51.90 -26.53 -76.27
N HIS F 593 -51.81 -25.61 -75.32
CA HIS F 593 -52.16 -25.89 -73.94
C HIS F 593 -53.59 -25.51 -73.59
N GLY F 594 -54.23 -24.65 -74.37
CA GLY F 594 -55.62 -24.29 -74.16
C GLY F 594 -55.79 -22.81 -73.86
N ARG F 595 -57.05 -22.45 -73.64
CA ARG F 595 -57.45 -21.06 -73.42
C ARG F 595 -57.24 -20.72 -71.94
N ASN F 596 -56.05 -20.21 -71.62
CA ASN F 596 -55.71 -19.78 -70.27
C ASN F 596 -55.53 -18.27 -70.27
N HIS F 597 -56.22 -17.60 -69.36
CA HIS F 597 -56.16 -16.13 -69.30
C HIS F 597 -54.79 -15.64 -68.84
N LYS F 598 -53.98 -16.51 -68.27
CA LYS F 598 -52.64 -16.10 -67.84
C LYS F 598 -51.78 -15.72 -69.04
N VAL F 599 -51.89 -16.46 -70.14
CA VAL F 599 -51.16 -16.10 -71.34
C VAL F 599 -51.61 -14.75 -71.87
N LEU F 600 -52.92 -14.48 -71.79
CA LEU F 600 -53.41 -13.16 -72.18
C LEU F 600 -52.84 -12.07 -71.29
N ASP F 601 -52.73 -12.34 -70.00
CA ASP F 601 -52.13 -11.38 -69.09
C ASP F 601 -50.66 -11.13 -69.45
N VAL F 602 -49.94 -12.20 -69.80
CA VAL F 602 -48.55 -12.05 -70.23
C VAL F 602 -48.47 -11.17 -71.48
N LEU F 603 -49.34 -11.44 -72.46
CA LEU F 603 -49.33 -10.65 -73.68
C LEU F 603 -49.69 -9.20 -73.41
N CYS F 604 -50.63 -8.96 -72.49
CA CYS F 604 -50.96 -7.60 -72.09
C CYS F 604 -49.76 -6.91 -71.46
N SER F 605 -49.04 -7.62 -70.59
CA SER F 605 -47.84 -7.05 -69.98
C SER F 605 -46.78 -6.74 -71.03
N LEU F 606 -46.73 -7.53 -72.10
CA LEU F 606 -45.77 -7.25 -73.16
C LEU F 606 -46.01 -5.88 -73.79
N CYS F 607 -47.25 -5.40 -73.77
CA CYS F 607 -47.58 -4.17 -74.50
C CYS F 607 -47.13 -2.94 -73.71
N VAL F 608 -47.48 -2.87 -72.43
CA VAL F 608 -47.28 -1.67 -71.63
C VAL F 608 -46.56 -2.04 -70.34
N CYS F 609 -45.55 -1.25 -69.97
CA CYS F 609 -44.88 -1.36 -68.68
C CYS F 609 -44.70 0.04 -68.11
N ASN F 610 -45.16 0.23 -66.87
CA ASN F 610 -44.96 1.47 -66.14
C ASN F 610 -45.41 2.68 -66.96
N GLY F 611 -46.54 2.55 -67.64
CA GLY F 611 -47.10 3.64 -68.40
C GLY F 611 -46.46 3.87 -69.76
N VAL F 612 -45.64 2.94 -70.23
CA VAL F 612 -44.96 3.07 -71.52
C VAL F 612 -45.35 1.89 -72.40
N ALA F 613 -45.73 2.19 -73.63
CA ALA F 613 -46.19 1.18 -74.59
C ALA F 613 -45.06 0.81 -75.54
N VAL F 614 -45.10 -0.43 -76.03
CA VAL F 614 -44.13 -0.92 -77.01
C VAL F 614 -44.90 -1.24 -78.28
N ARG F 615 -44.75 -0.37 -79.27
CA ARG F 615 -45.50 -0.49 -80.51
C ARG F 615 -45.15 -1.77 -81.26
N SER F 616 -43.87 -2.14 -81.24
CA SER F 616 -43.45 -3.35 -81.95
C SER F 616 -44.17 -4.58 -81.38
N ASN F 617 -44.17 -4.71 -80.06
CA ASN F 617 -44.85 -5.83 -79.42
C ASN F 617 -46.35 -5.79 -79.70
N GLN F 618 -46.94 -4.59 -79.59
CA GLN F 618 -48.37 -4.45 -79.88
C GLN F 618 -48.70 -4.96 -81.27
N ASP F 619 -47.96 -4.48 -82.27
CA ASP F 619 -48.24 -4.83 -83.66
C ASP F 619 -47.97 -6.29 -83.94
N LEU F 620 -46.90 -6.84 -83.37
CA LEU F 620 -46.61 -8.25 -83.57
C LEU F 620 -47.72 -9.12 -83.00
N ILE F 621 -48.15 -8.83 -81.78
CA ILE F 621 -49.26 -9.56 -81.18
C ILE F 621 -50.49 -9.47 -82.08
N THR F 622 -50.84 -8.26 -82.50
CA THR F 622 -52.01 -8.11 -83.36
C THR F 622 -51.88 -8.95 -84.62
N GLU F 623 -50.79 -8.78 -85.35
CA GLU F 623 -50.61 -9.42 -86.65
C GLU F 623 -50.63 -10.93 -86.55
N ASN F 624 -50.03 -11.49 -85.48
CA ASN F 624 -49.91 -12.95 -85.39
C ASN F 624 -51.14 -13.59 -84.77
N LEU F 625 -51.84 -12.88 -83.87
CA LEU F 625 -52.95 -13.48 -83.17
C LEU F 625 -54.28 -13.21 -83.88
N LEU F 626 -54.61 -11.92 -84.08
CA LEU F 626 -55.98 -11.57 -84.43
C LEU F 626 -56.43 -12.11 -85.78
N PRO F 627 -55.69 -11.90 -86.88
CA PRO F 627 -56.31 -12.15 -88.21
C PRO F 627 -56.80 -13.57 -88.42
N GLY F 628 -56.09 -14.57 -87.88
CA GLY F 628 -56.51 -15.94 -88.09
C GLY F 628 -57.91 -16.20 -87.56
N ARG F 629 -58.22 -15.68 -86.38
CA ARG F 629 -59.54 -15.69 -85.75
C ARG F 629 -59.94 -17.08 -85.30
N GLU F 630 -58.99 -18.00 -85.08
CA GLU F 630 -59.33 -19.33 -84.60
C GLU F 630 -59.24 -19.42 -83.08
N LEU F 631 -58.28 -18.73 -82.48
CA LEU F 631 -57.98 -18.94 -81.07
C LEU F 631 -58.95 -18.17 -80.17
N LEU F 632 -58.94 -16.85 -80.28
CA LEU F 632 -59.84 -16.04 -79.46
C LEU F 632 -61.28 -16.21 -79.90
N LEU F 633 -62.19 -16.06 -78.93
CA LEU F 633 -63.61 -16.15 -79.22
C LEU F 633 -64.05 -14.94 -80.03
N GLN F 634 -64.96 -15.17 -80.97
CA GLN F 634 -65.42 -14.15 -81.90
C GLN F 634 -66.84 -13.73 -81.60
N THR F 635 -67.13 -12.45 -81.84
CA THR F 635 -68.44 -11.89 -81.56
C THR F 635 -68.97 -11.15 -82.79
N ASN F 636 -70.27 -11.30 -83.02
CA ASN F 636 -70.97 -10.57 -84.06
C ASN F 636 -72.45 -10.61 -83.74
N LEU F 637 -73.19 -9.68 -84.34
CA LEU F 637 -74.62 -9.58 -84.12
C LEU F 637 -75.37 -10.34 -85.20
N ILE F 638 -76.32 -11.16 -84.78
CA ILE F 638 -77.05 -12.04 -85.69
C ILE F 638 -78.55 -11.91 -85.40
N ASN F 639 -79.36 -12.04 -86.45
CA ASN F 639 -80.79 -12.04 -86.29
C ASN F 639 -81.28 -13.39 -85.77
N TYR F 640 -82.41 -13.35 -85.07
CA TYR F 640 -83.11 -14.58 -84.74
C TYR F 640 -83.86 -15.10 -85.95
N VAL F 641 -83.92 -16.43 -86.07
CA VAL F 641 -84.55 -17.09 -87.19
C VAL F 641 -85.50 -18.15 -86.66
N THR F 642 -86.71 -18.21 -87.22
CA THR F 642 -87.72 -19.15 -86.80
C THR F 642 -88.23 -19.93 -87.99
N SER F 643 -88.73 -21.14 -87.71
CA SER F 643 -89.19 -22.06 -88.73
C SER F 643 -90.66 -22.34 -88.51
N ILE F 644 -91.43 -22.37 -89.60
CA ILE F 644 -92.86 -22.63 -89.55
C ILE F 644 -93.18 -23.73 -90.55
N ARG F 645 -94.02 -24.67 -90.12
CA ARG F 645 -94.41 -25.80 -90.93
C ARG F 645 -95.91 -25.98 -90.90
N PRO F 646 -96.49 -26.53 -91.97
CA PRO F 646 -97.82 -27.12 -91.87
C PRO F 646 -97.76 -28.44 -91.12
N ASN F 647 -98.92 -28.86 -90.62
CA ASN F 647 -99.03 -30.18 -89.97
C ASN F 647 -99.32 -31.26 -91.01
N ILE F 648 -98.43 -31.32 -92.00
CA ILE F 648 -98.38 -32.40 -92.98
C ILE F 648 -97.10 -33.20 -92.76
N PHE F 649 -97.24 -34.51 -92.61
CA PHE F 649 -96.12 -35.39 -92.31
C PHE F 649 -96.18 -36.57 -93.27
N VAL F 650 -95.17 -36.69 -94.12
CA VAL F 650 -95.12 -37.74 -95.14
C VAL F 650 -93.83 -38.54 -94.97
N GLY F 651 -93.90 -39.81 -95.34
CA GLY F 651 -92.78 -40.69 -95.19
C GLY F 651 -92.95 -41.94 -96.03
N ARG F 652 -91.96 -42.82 -95.96
CA ARG F 652 -91.97 -44.07 -96.70
C ARG F 652 -91.55 -45.18 -95.76
N ALA F 653 -92.34 -46.25 -95.72
CA ALA F 653 -92.01 -47.46 -94.98
C ALA F 653 -92.66 -48.65 -95.66
N GLU F 654 -92.06 -49.82 -95.42
CA GLU F 654 -92.61 -51.05 -95.98
C GLU F 654 -93.99 -51.32 -95.40
N GLY F 655 -94.98 -51.49 -96.28
CA GLY F 655 -96.34 -51.70 -95.85
C GLY F 655 -97.09 -50.45 -95.47
N SER F 656 -96.48 -49.27 -95.64
CA SER F 656 -97.14 -48.03 -95.27
C SER F 656 -98.32 -47.76 -96.19
N THR F 657 -99.32 -47.08 -95.63
CA THR F 657 -100.55 -46.73 -96.34
C THR F 657 -100.46 -45.34 -96.97
N GLN F 658 -99.25 -44.88 -97.27
CA GLN F 658 -98.99 -43.46 -97.42
C GLN F 658 -98.28 -43.20 -98.75
N TYR F 659 -98.70 -42.13 -99.42
CA TYR F 659 -98.28 -41.89 -100.79
C TYR F 659 -96.91 -41.21 -100.82
N GLY F 660 -96.10 -41.54 -101.82
CA GLY F 660 -94.72 -41.11 -101.83
C GLY F 660 -94.52 -39.70 -102.34
N LYS F 661 -95.20 -39.35 -103.43
CA LYS F 661 -94.93 -38.12 -104.16
C LYS F 661 -95.82 -37.00 -103.64
N TRP F 662 -95.22 -35.84 -103.39
CA TRP F 662 -95.94 -34.71 -102.80
C TRP F 662 -95.46 -33.40 -103.39
N TYR F 663 -96.34 -32.40 -103.36
CA TYR F 663 -96.14 -31.12 -104.01
C TYR F 663 -96.71 -30.02 -103.14
N PHE F 664 -95.96 -28.92 -103.01
CA PHE F 664 -96.52 -27.73 -102.37
C PHE F 664 -95.84 -26.49 -102.93
N GLU F 665 -96.41 -25.33 -102.63
CA GLU F 665 -95.91 -24.07 -103.15
C GLU F 665 -95.83 -23.04 -102.03
N VAL F 666 -94.94 -22.07 -102.23
CA VAL F 666 -94.78 -20.94 -101.33
C VAL F 666 -94.69 -19.68 -102.15
N MET F 667 -95.56 -18.72 -101.86
CA MET F 667 -95.61 -17.46 -102.59
C MET F 667 -95.16 -16.33 -101.67
N VAL F 668 -94.21 -15.52 -102.16
CA VAL F 668 -93.64 -14.43 -101.38
C VAL F 668 -94.43 -13.16 -101.66
N ASP F 669 -94.85 -12.47 -100.60
CA ASP F 669 -95.63 -11.25 -100.72
C ASP F 669 -94.85 -10.00 -100.39
N GLU F 670 -93.93 -10.07 -99.42
CA GLU F 670 -93.20 -8.89 -98.98
C GLU F 670 -91.92 -9.35 -98.31
N VAL F 671 -90.79 -8.77 -98.72
CA VAL F 671 -89.49 -9.15 -98.21
C VAL F 671 -88.64 -7.89 -98.06
N VAL F 672 -88.12 -7.67 -96.86
CA VAL F 672 -87.19 -6.57 -96.61
C VAL F 672 -85.78 -7.15 -96.63
N PRO F 673 -84.96 -6.83 -97.63
CA PRO F 673 -83.62 -7.44 -97.71
C PRO F 673 -82.77 -7.16 -96.48
N PHE F 674 -82.68 -5.90 -96.05
CA PHE F 674 -81.86 -5.51 -94.91
C PHE F 674 -82.72 -4.65 -93.96
N LEU F 675 -83.48 -5.33 -93.10
CA LEU F 675 -84.10 -4.66 -91.98
C LEU F 675 -83.07 -4.36 -90.90
N THR F 676 -82.04 -5.19 -90.81
CA THR F 676 -80.88 -4.98 -89.95
C THR F 676 -79.64 -5.02 -90.84
N ALA F 677 -78.46 -4.96 -90.20
CA ALA F 677 -77.22 -5.08 -90.96
C ALA F 677 -77.10 -6.45 -91.60
N GLN F 678 -77.48 -7.50 -90.87
CA GLN F 678 -77.49 -8.84 -91.43
C GLN F 678 -78.67 -9.01 -92.38
N ALA F 679 -78.41 -9.71 -93.48
CA ALA F 679 -79.41 -9.85 -94.53
C ALA F 679 -80.59 -10.67 -94.04
N THR F 680 -81.77 -10.37 -94.58
CA THR F 680 -82.96 -11.12 -94.22
C THR F 680 -82.84 -12.57 -94.68
N HIS F 681 -83.38 -13.47 -93.86
CA HIS F 681 -83.27 -14.90 -94.08
C HIS F 681 -84.61 -15.43 -94.55
N LEU F 682 -84.61 -16.15 -95.67
CA LEU F 682 -85.81 -16.80 -96.19
C LEU F 682 -85.39 -18.07 -96.92
N ARG F 683 -85.95 -19.20 -96.50
CA ARG F 683 -85.65 -20.49 -97.10
C ARG F 683 -86.90 -21.35 -97.08
N VAL F 684 -87.07 -22.14 -98.13
CA VAL F 684 -88.22 -23.02 -98.30
C VAL F 684 -87.72 -24.43 -98.55
N GLY F 685 -88.42 -25.42 -98.01
CA GLY F 685 -88.07 -26.79 -98.34
C GLY F 685 -88.73 -27.81 -97.43
N TRP F 686 -88.02 -28.91 -97.24
CA TRP F 686 -88.51 -30.04 -96.45
C TRP F 686 -87.58 -30.26 -95.26
N ALA F 687 -88.12 -30.90 -94.22
CA ALA F 687 -87.37 -31.19 -93.03
C ALA F 687 -87.86 -32.52 -92.45
N LEU F 688 -87.02 -33.11 -91.60
CA LEU F 688 -87.29 -34.41 -91.01
C LEU F 688 -87.63 -34.24 -89.54
N THR F 689 -88.65 -34.96 -89.09
CA THR F 689 -89.13 -34.78 -87.71
C THR F 689 -88.04 -35.14 -86.69
N GLU F 690 -87.30 -36.21 -86.94
CA GLU F 690 -86.34 -36.73 -85.96
C GLU F 690 -84.97 -36.13 -86.24
N GLY F 691 -84.79 -34.89 -85.80
CA GLY F 691 -83.49 -34.25 -85.86
C GLY F 691 -83.52 -32.78 -86.24
N TYR F 692 -84.61 -32.33 -86.83
CA TYR F 692 -84.76 -30.91 -87.18
C TYR F 692 -85.31 -30.20 -85.95
N SER F 693 -84.42 -29.67 -85.12
CA SER F 693 -84.78 -29.00 -83.88
C SER F 693 -84.05 -27.67 -83.82
N PRO F 694 -84.39 -26.74 -84.70
CA PRO F 694 -83.73 -25.43 -84.69
C PRO F 694 -84.16 -24.63 -83.48
N TYR F 695 -83.30 -24.52 -82.53
CA TYR F 695 -83.64 -23.80 -81.32
C TYR F 695 -83.26 -22.33 -81.47
N PRO F 696 -84.04 -21.41 -80.89
CA PRO F 696 -83.78 -19.98 -81.11
C PRO F 696 -82.39 -19.58 -80.65
N GLY F 697 -81.79 -18.66 -81.40
CA GLY F 697 -80.52 -18.07 -81.02
C GLY F 697 -79.31 -18.88 -81.44
N GLY F 698 -78.57 -19.39 -80.46
CA GLY F 698 -77.32 -20.05 -80.75
C GLY F 698 -77.53 -21.40 -81.43
N GLY F 699 -76.49 -21.84 -82.13
CA GLY F 699 -76.52 -23.11 -82.81
C GLY F 699 -75.24 -23.40 -83.56
N GLU F 700 -75.36 -23.99 -84.75
CA GLU F 700 -74.20 -24.32 -85.56
C GLU F 700 -73.69 -23.09 -86.30
N GLY F 701 -72.38 -23.05 -86.51
CA GLY F 701 -71.81 -21.91 -87.21
C GLY F 701 -72.02 -20.63 -86.42
N TRP F 702 -72.59 -19.62 -87.09
CA TRP F 702 -72.87 -18.33 -86.49
C TRP F 702 -74.34 -18.17 -86.13
N GLY F 703 -75.08 -19.26 -86.02
CA GLY F 703 -76.48 -19.20 -85.68
C GLY F 703 -77.35 -18.97 -86.89
N GLY F 704 -78.56 -18.46 -86.63
CA GLY F 704 -79.53 -18.31 -87.68
C GLY F 704 -79.92 -19.66 -88.28
N ASN F 705 -80.03 -20.69 -87.45
CA ASN F 705 -80.29 -22.02 -87.95
C ASN F 705 -81.66 -22.09 -88.60
N GLY F 706 -81.70 -22.67 -89.80
CA GLY F 706 -82.95 -22.82 -90.53
C GLY F 706 -82.85 -24.01 -91.45
N VAL F 707 -83.67 -23.97 -92.49
CA VAL F 707 -83.70 -25.05 -93.48
C VAL F 707 -82.33 -25.14 -94.13
N GLY F 708 -81.73 -26.33 -94.08
CA GLY F 708 -80.45 -26.58 -94.71
C GLY F 708 -79.25 -26.33 -93.83
N ASP F 709 -79.45 -25.94 -92.58
CA ASP F 709 -78.35 -25.76 -91.63
C ASP F 709 -78.07 -27.02 -90.83
N ASP F 710 -78.75 -28.12 -91.15
CA ASP F 710 -78.49 -29.43 -90.57
C ASP F 710 -78.65 -30.48 -91.65
N LEU F 711 -78.27 -31.71 -91.32
CA LEU F 711 -78.38 -32.81 -92.27
C LEU F 711 -79.77 -33.43 -92.19
N TYR F 712 -80.72 -32.70 -91.61
CA TYR F 712 -82.11 -33.14 -91.55
C TYR F 712 -83.02 -32.25 -92.38
N SER F 713 -82.49 -31.21 -93.03
CA SER F 713 -83.29 -30.24 -93.73
C SER F 713 -82.68 -29.96 -95.09
N TYR F 714 -83.54 -29.56 -96.03
CA TYR F 714 -83.15 -29.34 -97.41
C TYR F 714 -83.92 -28.12 -97.92
N GLY F 715 -83.17 -27.08 -98.31
CA GLY F 715 -83.78 -25.78 -98.55
C GLY F 715 -83.31 -25.15 -99.84
N PHE F 716 -83.96 -24.04 -100.17
CA PHE F 716 -83.70 -23.27 -101.38
C PHE F 716 -83.97 -21.81 -101.09
N ASP F 717 -82.97 -20.96 -101.31
CA ASP F 717 -83.09 -19.53 -101.07
C ASP F 717 -83.20 -18.71 -102.35
N GLY F 718 -83.20 -19.34 -103.51
CA GLY F 718 -83.27 -18.62 -104.76
C GLY F 718 -82.01 -18.77 -105.59
N LEU F 719 -80.85 -18.77 -104.92
CA LEU F 719 -79.57 -18.94 -105.59
C LEU F 719 -78.83 -20.18 -105.14
N HIS F 720 -79.17 -20.74 -104.00
CA HIS F 720 -78.41 -21.85 -103.42
C HIS F 720 -79.36 -22.95 -102.97
N LEU F 721 -78.81 -24.16 -102.88
CA LEU F 721 -79.44 -25.28 -102.19
C LEU F 721 -78.69 -25.52 -100.89
N TRP F 722 -79.41 -25.55 -99.78
CA TRP F 722 -78.81 -25.57 -98.46
C TRP F 722 -78.94 -26.95 -97.84
N THR F 723 -77.82 -27.49 -97.36
CA THR F 723 -77.81 -28.74 -96.62
C THR F 723 -76.50 -28.83 -95.86
N GLY F 724 -76.57 -29.29 -94.61
CA GLY F 724 -75.39 -29.36 -93.78
C GLY F 724 -74.76 -28.02 -93.52
N HIS F 725 -75.55 -26.95 -93.47
CA HIS F 725 -75.06 -25.60 -93.24
C HIS F 725 -74.09 -25.19 -94.35
N VAL F 726 -74.30 -25.71 -95.55
CA VAL F 726 -73.50 -25.39 -96.73
C VAL F 726 -74.43 -24.91 -97.82
N ALA F 727 -74.09 -23.77 -98.44
CA ALA F 727 -74.84 -23.24 -99.56
C ALA F 727 -74.14 -23.62 -100.85
N ARG F 728 -74.86 -24.29 -101.74
CA ARG F 728 -74.32 -24.70 -103.02
C ARG F 728 -75.06 -23.98 -104.14
N PRO F 729 -74.39 -23.13 -104.94
CA PRO F 729 -75.09 -22.38 -105.97
C PRO F 729 -75.80 -23.32 -106.95
N VAL F 730 -77.00 -22.91 -107.36
CA VAL F 730 -77.82 -23.65 -108.30
C VAL F 730 -78.30 -22.69 -109.37
N THR F 731 -78.35 -23.17 -110.61
CA THR F 731 -78.66 -22.32 -111.76
C THR F 731 -80.14 -22.40 -112.10
N SER F 732 -80.77 -21.23 -112.19
CA SER F 732 -82.15 -21.09 -112.64
C SER F 732 -82.21 -19.90 -113.58
N PRO F 733 -83.22 -19.84 -114.45
CA PRO F 733 -83.40 -18.62 -115.25
C PRO F 733 -83.77 -17.44 -114.37
N GLY F 734 -83.09 -16.31 -114.60
CA GLY F 734 -83.33 -15.11 -113.82
C GLY F 734 -82.98 -15.29 -112.36
N GLN F 735 -81.81 -15.86 -112.12
CA GLN F 735 -81.30 -16.07 -110.76
C GLN F 735 -81.48 -14.81 -109.92
N HIS F 736 -82.07 -14.98 -108.74
CA HIS F 736 -82.14 -13.88 -107.78
C HIS F 736 -82.61 -14.43 -106.45
N LEU F 737 -82.14 -13.79 -105.37
CA LEU F 737 -82.59 -14.15 -104.04
C LEU F 737 -84.10 -13.90 -103.92
N LEU F 738 -84.77 -14.75 -103.16
CA LEU F 738 -86.22 -14.74 -103.11
C LEU F 738 -86.75 -13.33 -102.93
N ALA F 739 -87.64 -12.92 -103.83
CA ALA F 739 -88.20 -11.58 -103.83
C ALA F 739 -89.72 -11.66 -103.81
N PRO F 740 -90.41 -10.53 -103.66
CA PRO F 740 -91.88 -10.56 -103.75
C PRO F 740 -92.34 -10.98 -105.14
N GLU F 741 -93.56 -11.51 -105.20
CA GLU F 741 -94.15 -12.05 -106.42
C GLU F 741 -93.35 -13.22 -106.97
N ASP F 742 -92.72 -14.00 -106.09
CA ASP F 742 -92.00 -15.19 -106.47
C ASP F 742 -92.69 -16.41 -105.89
N VAL F 743 -92.82 -17.45 -106.71
CA VAL F 743 -93.48 -18.70 -106.31
C VAL F 743 -92.44 -19.81 -106.38
N VAL F 744 -92.29 -20.53 -105.27
CA VAL F 744 -91.39 -21.67 -105.17
C VAL F 744 -92.22 -22.92 -105.10
N SER F 745 -92.04 -23.82 -106.05
CA SER F 745 -92.73 -25.10 -106.10
C SER F 745 -91.78 -26.18 -105.65
N CYS F 746 -92.13 -26.88 -104.58
CA CYS F 746 -91.30 -27.91 -103.99
C CYS F 746 -91.96 -29.26 -104.21
N CYS F 747 -91.20 -30.20 -104.76
CA CYS F 747 -91.66 -31.55 -105.07
C CYS F 747 -90.79 -32.55 -104.33
N LEU F 748 -91.42 -33.54 -103.70
CA LEU F 748 -90.71 -34.59 -102.98
C LEU F 748 -91.16 -35.94 -103.50
N ASP F 749 -90.21 -36.73 -104.00
CA ASP F 749 -90.44 -38.11 -104.41
C ASP F 749 -89.69 -39.02 -103.46
N LEU F 750 -90.40 -39.77 -102.64
CA LEU F 750 -89.77 -40.59 -101.62
C LEU F 750 -89.23 -41.91 -102.15
N SER F 751 -89.54 -42.27 -103.39
CA SER F 751 -89.06 -43.54 -103.93
C SER F 751 -87.58 -43.47 -104.28
N VAL F 752 -87.13 -42.36 -104.86
CA VAL F 752 -85.77 -42.25 -105.37
C VAL F 752 -84.77 -42.40 -104.23
N PRO F 753 -84.83 -41.58 -103.16
CA PRO F 753 -85.58 -40.35 -102.90
C PRO F 753 -84.96 -39.11 -103.54
N SER F 754 -85.77 -38.09 -103.75
CA SER F 754 -85.32 -36.85 -104.40
C SER F 754 -86.22 -35.70 -103.99
N ILE F 755 -85.63 -34.51 -103.93
CA ILE F 755 -86.35 -33.26 -103.69
C ILE F 755 -85.97 -32.30 -104.80
N SER F 756 -86.98 -31.70 -105.43
CA SER F 756 -86.78 -30.84 -106.57
C SER F 756 -87.55 -29.54 -106.40
N PHE F 757 -87.10 -28.51 -107.13
CA PHE F 757 -87.65 -27.18 -107.01
C PHE F 757 -87.94 -26.61 -108.39
N ARG F 758 -88.90 -25.69 -108.42
CA ARG F 758 -89.11 -24.83 -109.58
C ARG F 758 -89.38 -23.42 -109.09
N ILE F 759 -88.76 -22.44 -109.74
CA ILE F 759 -88.92 -21.03 -109.39
C ILE F 759 -89.76 -20.36 -110.47
N ASN F 760 -90.92 -19.84 -110.07
CA ASN F 760 -91.83 -19.14 -110.98
C ASN F 760 -92.10 -19.98 -112.23
N GLY F 761 -92.25 -21.29 -112.06
CA GLY F 761 -92.50 -22.19 -113.15
C GLY F 761 -91.26 -22.62 -113.93
N CYS F 762 -90.08 -22.17 -113.52
CA CYS F 762 -88.85 -22.52 -114.22
C CYS F 762 -88.05 -23.54 -113.41
N PRO F 763 -87.45 -24.54 -114.07
CA PRO F 763 -86.74 -25.57 -113.31
C PRO F 763 -85.55 -25.02 -112.55
N VAL F 764 -85.26 -25.64 -111.41
CA VAL F 764 -84.06 -25.35 -110.63
C VAL F 764 -83.07 -26.48 -110.92
N GLN F 765 -81.92 -26.11 -111.48
CA GLN F 765 -80.95 -27.08 -111.99
C GLN F 765 -80.11 -27.67 -110.84
N GLY F 766 -80.83 -28.28 -109.91
CA GLY F 766 -80.19 -28.96 -108.79
C GLY F 766 -81.20 -29.76 -108.01
N VAL F 767 -80.74 -30.86 -107.42
CA VAL F 767 -81.63 -31.76 -106.69
C VAL F 767 -80.90 -32.34 -105.50
N PHE F 768 -81.63 -32.51 -104.40
CA PHE F 768 -81.23 -33.35 -103.29
C PHE F 768 -81.70 -34.77 -103.58
N GLU F 769 -80.87 -35.75 -103.22
CA GLU F 769 -81.22 -37.15 -103.43
C GLU F 769 -80.45 -38.01 -102.44
N ALA F 770 -80.81 -39.29 -102.40
CA ALA F 770 -80.09 -40.28 -101.62
C ALA F 770 -79.96 -39.85 -100.17
N PHE F 771 -81.03 -39.28 -99.60
CA PHE F 771 -81.00 -38.88 -98.21
C PHE F 771 -81.71 -39.91 -97.34
N ASN F 772 -81.54 -39.76 -96.04
CA ASN F 772 -82.07 -40.72 -95.08
C ASN F 772 -83.59 -40.63 -95.01
N LEU F 773 -84.22 -41.78 -94.71
CA LEU F 773 -85.66 -41.90 -94.63
C LEU F 773 -86.12 -42.40 -93.27
N ASP F 774 -85.40 -42.02 -92.21
CA ASP F 774 -85.66 -42.57 -90.88
C ASP F 774 -86.89 -41.96 -90.22
N GLY F 775 -87.53 -40.98 -90.85
CA GLY F 775 -88.67 -40.33 -90.23
C GLY F 775 -89.67 -39.75 -91.20
N LEU F 776 -90.47 -38.80 -90.72
CA LEU F 776 -91.49 -38.15 -91.53
C LEU F 776 -91.00 -36.80 -92.03
N PHE F 777 -91.45 -36.45 -93.23
CA PHE F 777 -91.09 -35.19 -93.87
C PHE F 777 -92.26 -34.22 -93.81
N PHE F 778 -91.96 -32.96 -93.51
CA PHE F 778 -92.97 -31.92 -93.50
C PHE F 778 -92.47 -30.69 -94.23
N PRO F 779 -93.34 -29.97 -94.94
CA PRO F 779 -92.94 -28.69 -95.51
C PRO F 779 -92.53 -27.70 -94.42
N VAL F 780 -91.58 -26.85 -94.74
CA VAL F 780 -91.06 -25.89 -93.76
C VAL F 780 -90.53 -24.66 -94.48
N VAL F 781 -90.72 -23.51 -93.85
CA VAL F 781 -90.08 -22.27 -94.26
C VAL F 781 -89.36 -21.70 -93.04
N SER F 782 -88.08 -21.38 -93.23
CA SER F 782 -87.31 -20.70 -92.20
C SER F 782 -87.14 -19.24 -92.60
N PHE F 783 -87.30 -18.34 -91.63
CA PHE F 783 -87.33 -16.93 -91.95
C PHE F 783 -86.84 -16.13 -90.76
N SER F 784 -86.25 -14.97 -91.07
CA SER F 784 -85.99 -13.94 -90.09
C SER F 784 -87.11 -12.91 -90.17
N ALA F 785 -86.96 -11.80 -89.46
CA ALA F 785 -87.94 -10.73 -89.53
C ALA F 785 -87.84 -10.00 -90.87
N GLY F 786 -88.98 -9.53 -91.34
CA GLY F 786 -89.08 -8.86 -92.62
C GLY F 786 -89.69 -9.68 -93.74
N VAL F 787 -90.59 -10.61 -93.43
CA VAL F 787 -91.09 -11.57 -94.40
C VAL F 787 -92.61 -11.68 -94.28
N LYS F 788 -93.27 -11.77 -95.43
CA LYS F 788 -94.64 -12.25 -95.54
C LYS F 788 -94.69 -13.30 -96.64
N VAL F 789 -95.19 -14.49 -96.30
CA VAL F 789 -95.23 -15.60 -97.23
C VAL F 789 -96.57 -16.31 -97.11
N ARG F 790 -96.88 -17.11 -98.12
CA ARG F 790 -98.13 -17.87 -98.14
C ARG F 790 -97.87 -19.28 -98.63
N PHE F 791 -98.17 -20.25 -97.75
CA PHE F 791 -98.20 -21.65 -98.11
C PHE F 791 -99.42 -21.91 -98.98
N LEU F 792 -99.20 -22.57 -100.11
CA LEU F 792 -100.26 -23.07 -100.99
C LEU F 792 -100.14 -24.58 -101.05
N LEU F 793 -101.16 -25.27 -100.54
CA LEU F 793 -101.12 -26.71 -100.39
C LEU F 793 -102.11 -27.43 -101.29
N GLY F 794 -102.93 -26.72 -102.04
CA GLY F 794 -103.83 -27.32 -103.00
C GLY F 794 -105.27 -27.33 -102.49
N GLY F 795 -106.18 -27.52 -103.44
CA GLY F 795 -107.59 -27.53 -103.09
C GLY F 795 -107.99 -26.25 -102.40
N ARG F 796 -108.61 -26.37 -101.22
CA ARG F 796 -108.99 -25.21 -100.45
C ARG F 796 -107.78 -24.53 -99.83
N HIS F 797 -106.88 -25.31 -99.27
CA HIS F 797 -105.77 -24.77 -98.48
C HIS F 797 -104.67 -24.30 -99.43
N GLY F 798 -105.00 -23.25 -100.14
CA GLY F 798 -104.13 -22.70 -101.18
C GLY F 798 -104.51 -23.19 -102.56
N GLU F 799 -104.21 -22.36 -103.56
CA GLU F 799 -104.48 -22.67 -104.95
C GLU F 799 -103.18 -22.58 -105.73
N PHE F 800 -102.82 -23.68 -106.40
CA PHE F 800 -101.53 -23.73 -107.08
C PHE F 800 -101.51 -22.77 -108.26
N LYS F 801 -100.40 -22.06 -108.41
CA LYS F 801 -100.20 -21.19 -109.55
C LYS F 801 -99.62 -21.93 -110.74
N PHE F 802 -98.89 -23.01 -110.49
CA PHE F 802 -98.36 -23.88 -111.53
C PHE F 802 -98.84 -25.30 -111.28
N LEU F 803 -99.20 -25.98 -112.35
CA LEU F 803 -99.79 -27.30 -112.23
C LEU F 803 -98.82 -28.27 -111.56
N PRO F 804 -99.27 -29.06 -110.60
CA PRO F 804 -98.40 -30.07 -110.02
C PRO F 804 -97.92 -31.03 -111.10
N PRO F 805 -96.67 -31.50 -111.02
CA PRO F 805 -96.19 -32.43 -112.03
C PRO F 805 -96.90 -33.77 -111.88
N PRO F 806 -96.87 -34.60 -112.92
CA PRO F 806 -97.65 -35.84 -112.89
C PRO F 806 -97.29 -36.72 -111.70
N GLY F 807 -98.30 -37.28 -111.06
CA GLY F 807 -98.12 -38.22 -109.98
C GLY F 807 -97.78 -37.58 -108.65
N TYR F 808 -97.70 -36.26 -108.56
CA TYR F 808 -97.35 -35.56 -107.34
C TYR F 808 -98.61 -35.02 -106.70
N ALA F 809 -98.90 -35.51 -105.49
CA ALA F 809 -100.14 -35.14 -104.83
C ALA F 809 -99.99 -33.80 -104.10
N PRO F 810 -101.04 -32.99 -104.07
CA PRO F 810 -101.03 -31.82 -103.20
C PRO F 810 -100.88 -32.23 -101.74
N CYS F 811 -100.11 -31.44 -100.98
CA CYS F 811 -99.85 -31.78 -99.59
C CYS F 811 -101.08 -31.64 -98.71
N HIS F 812 -102.15 -31.01 -99.20
CA HIS F 812 -103.36 -30.87 -98.39
C HIS F 812 -104.08 -32.21 -98.24
N GLU F 813 -103.77 -33.18 -99.08
CA GLU F 813 -104.39 -34.50 -99.01
C GLU F 813 -103.84 -35.35 -97.89
N ALA F 814 -102.79 -34.89 -97.21
CA ALA F 814 -102.12 -35.67 -96.18
C ALA F 814 -102.61 -35.36 -94.78
N VAL F 815 -103.47 -34.35 -94.61
CA VAL F 815 -103.98 -34.03 -93.28
C VAL F 815 -104.77 -35.23 -92.76
N LEU F 816 -104.45 -35.64 -91.53
CA LEU F 816 -105.00 -36.87 -90.99
C LEU F 816 -106.45 -36.67 -90.53
N PRO F 817 -107.21 -37.76 -90.43
CA PRO F 817 -108.63 -37.63 -90.09
C PRO F 817 -108.88 -36.94 -88.77
N ARG F 818 -108.04 -37.18 -87.76
CA ARG F 818 -108.26 -36.66 -86.42
C ARG F 818 -107.83 -35.22 -86.25
N GLU F 819 -107.08 -34.67 -87.21
CA GLU F 819 -106.50 -33.34 -87.10
C GLU F 819 -107.06 -32.43 -88.18
N ARG F 820 -106.83 -31.14 -87.99
CA ARG F 820 -107.16 -30.12 -88.98
C ARG F 820 -105.88 -29.44 -89.41
N LEU F 821 -105.90 -28.84 -90.59
CA LEU F 821 -104.70 -28.20 -91.11
C LEU F 821 -104.42 -26.92 -90.35
N ARG F 822 -103.15 -26.72 -90.01
CA ARG F 822 -102.73 -25.54 -89.26
C ARG F 822 -101.25 -25.30 -89.49
N LEU F 823 -100.80 -24.12 -89.10
CA LEU F 823 -99.39 -23.74 -89.14
C LEU F 823 -98.87 -23.66 -87.71
N GLU F 824 -97.74 -24.29 -87.46
CA GLU F 824 -97.23 -24.46 -86.11
C GLU F 824 -95.74 -24.26 -86.10
N PRO F 825 -95.17 -23.84 -84.98
CA PRO F 825 -93.72 -23.89 -84.81
C PRO F 825 -93.25 -25.33 -84.65
N ILE F 826 -91.93 -25.49 -84.58
CA ILE F 826 -91.30 -26.80 -84.50
C ILE F 826 -90.57 -26.91 -83.18
N LYS F 827 -90.99 -27.86 -82.35
CA LYS F 827 -90.32 -28.14 -81.08
C LYS F 827 -90.17 -26.87 -80.25
N GLU F 828 -91.29 -26.27 -79.88
CA GLU F 828 -91.29 -25.06 -79.08
C GLU F 828 -91.31 -25.40 -77.59
N TYR F 829 -90.44 -24.75 -76.84
CA TYR F 829 -90.43 -24.85 -75.39
C TYR F 829 -91.09 -23.66 -74.72
N ARG F 830 -91.81 -22.84 -75.48
CA ARG F 830 -92.34 -21.58 -75.00
C ARG F 830 -93.40 -21.09 -75.96
N ARG F 831 -94.53 -20.63 -75.42
CA ARG F 831 -95.50 -19.89 -76.20
C ARG F 831 -96.10 -18.80 -75.34
N GLU F 832 -96.90 -17.94 -75.97
CA GLU F 832 -97.63 -16.91 -75.23
C GLU F 832 -99.00 -17.44 -74.86
N GLY F 833 -99.58 -16.89 -73.78
CA GLY F 833 -100.94 -17.18 -73.41
C GLY F 833 -101.60 -15.97 -72.80
N PRO F 834 -102.78 -16.17 -72.21
CA PRO F 834 -103.53 -15.02 -71.69
C PRO F 834 -102.81 -14.28 -70.58
N ARG F 835 -102.43 -14.98 -69.51
CA ARG F 835 -101.80 -14.34 -68.36
C ARG F 835 -100.31 -14.08 -68.59
N GLY F 836 -99.63 -14.99 -69.29
CA GLY F 836 -98.21 -14.86 -69.51
C GLY F 836 -97.68 -15.93 -70.44
N PRO F 837 -96.36 -16.07 -70.49
CA PRO F 837 -95.78 -17.16 -71.28
C PRO F 837 -96.05 -18.51 -70.64
N HIS F 838 -96.38 -19.49 -71.47
CA HIS F 838 -96.52 -20.88 -71.07
C HIS F 838 -95.29 -21.66 -71.48
N LEU F 839 -94.71 -22.37 -70.51
CA LEU F 839 -93.65 -23.32 -70.78
C LEU F 839 -94.26 -24.61 -71.32
N VAL F 840 -93.62 -25.15 -72.36
CA VAL F 840 -94.15 -26.25 -73.14
C VAL F 840 -93.16 -27.42 -73.07
N GLY F 841 -93.68 -28.61 -72.84
CA GLY F 841 -92.85 -29.79 -72.82
C GLY F 841 -92.64 -30.35 -74.20
N PRO F 842 -91.86 -31.44 -74.26
CA PRO F 842 -91.61 -32.09 -75.55
C PRO F 842 -92.90 -32.56 -76.20
N SER F 843 -92.93 -32.49 -77.53
CA SER F 843 -94.09 -32.96 -78.27
C SER F 843 -93.98 -34.46 -78.54
N ARG F 844 -95.13 -35.11 -78.60
CA ARG F 844 -95.23 -36.50 -79.00
C ARG F 844 -95.51 -36.55 -80.50
N CYS F 845 -94.59 -37.15 -81.24
CA CYS F 845 -94.62 -37.10 -82.70
C CYS F 845 -94.77 -38.51 -83.28
N LEU F 846 -95.28 -38.55 -84.50
CA LEU F 846 -95.52 -39.80 -85.18
C LEU F 846 -94.23 -40.34 -85.80
N SER F 847 -94.31 -41.59 -86.25
CA SER F 847 -93.20 -42.23 -86.95
C SER F 847 -93.72 -42.83 -88.25
N HIS F 848 -92.82 -42.94 -89.23
CA HIS F 848 -93.17 -43.54 -90.50
C HIS F 848 -93.67 -44.97 -90.32
N THR F 849 -93.30 -45.64 -89.23
CA THR F 849 -93.77 -46.98 -88.98
C THR F 849 -95.20 -47.01 -88.45
N ASP F 850 -95.66 -45.90 -87.85
CA ASP F 850 -97.00 -45.88 -87.29
C ASP F 850 -98.05 -46.14 -88.37
N PHE F 851 -97.79 -45.68 -89.59
CA PHE F 851 -98.76 -45.84 -90.67
C PHE F 851 -98.81 -47.28 -91.15
N VAL F 852 -97.75 -48.05 -90.92
CA VAL F 852 -97.74 -49.45 -91.30
C VAL F 852 -98.73 -50.20 -90.41
N PRO F 853 -99.74 -50.86 -90.96
CA PRO F 853 -100.61 -51.69 -90.13
C PRO F 853 -99.91 -52.98 -89.73
N CYS F 854 -100.09 -53.38 -88.47
CA CYS F 854 -99.41 -54.53 -87.89
C CYS F 854 -100.44 -55.43 -87.23
N PRO F 855 -101.27 -56.12 -88.01
CA PRO F 855 -102.19 -57.09 -87.42
C PRO F 855 -101.46 -58.31 -86.89
N VAL F 856 -102.07 -58.97 -85.91
CA VAL F 856 -101.44 -60.14 -85.31
C VAL F 856 -101.43 -61.28 -86.30
N ASP F 857 -100.38 -62.08 -86.26
CA ASP F 857 -100.24 -63.19 -87.19
C ASP F 857 -101.28 -64.26 -86.87
N THR F 858 -101.90 -64.79 -87.94
CA THR F 858 -102.86 -65.89 -87.80
C THR F 858 -102.62 -66.97 -88.85
N VAL F 859 -101.49 -66.92 -89.56
CA VAL F 859 -101.28 -67.83 -90.68
C VAL F 859 -101.09 -69.26 -90.18
N GLN F 860 -100.24 -69.46 -89.19
CA GLN F 860 -99.90 -70.80 -88.70
C GLN F 860 -100.81 -71.15 -87.53
N ILE F 861 -102.02 -71.60 -87.84
CA ILE F 861 -102.98 -72.06 -86.84
C ILE F 861 -103.78 -73.20 -87.45
N VAL F 862 -104.74 -73.71 -86.69
CA VAL F 862 -105.69 -74.72 -87.16
C VAL F 862 -107.06 -74.36 -86.58
N LEU F 863 -108.10 -74.51 -87.40
CA LEU F 863 -109.44 -74.12 -87.02
C LEU F 863 -110.31 -75.36 -86.78
N PRO F 864 -111.05 -75.43 -85.67
CA PRO F 864 -111.93 -76.58 -85.45
C PRO F 864 -113.04 -76.65 -86.48
N PRO F 865 -113.57 -77.85 -86.74
CA PRO F 865 -114.61 -77.98 -87.78
C PRO F 865 -115.81 -77.10 -87.53
N HIS F 866 -116.19 -76.89 -86.27
CA HIS F 866 -117.32 -76.00 -86.00
C HIS F 866 -117.00 -74.57 -86.41
N LEU F 867 -115.76 -74.12 -86.21
CA LEU F 867 -115.39 -72.78 -86.68
C LEU F 867 -115.37 -72.71 -88.20
N GLU F 868 -114.84 -73.74 -88.87
CA GLU F 868 -114.87 -73.71 -90.34
C GLU F 868 -116.30 -73.65 -90.85
N ARG F 869 -117.21 -74.44 -90.27
CA ARG F 869 -118.58 -74.43 -90.76
C ARG F 869 -119.27 -73.10 -90.47
N ILE F 870 -118.99 -72.50 -89.30
CA ILE F 870 -119.67 -71.26 -88.95
C ILE F 870 -119.10 -70.10 -89.76
N ARG F 871 -117.91 -70.29 -90.33
CA ARG F 871 -117.30 -69.26 -91.17
C ARG F 871 -118.26 -68.69 -92.21
N GLU F 872 -118.86 -69.56 -93.03
CA GLU F 872 -119.68 -69.07 -94.15
C GLU F 872 -120.97 -68.43 -93.65
N LYS F 873 -121.61 -69.02 -92.64
CA LYS F 873 -122.83 -68.44 -92.10
C LYS F 873 -122.56 -67.07 -91.52
N LEU F 874 -121.46 -66.93 -90.77
CA LEU F 874 -121.07 -65.63 -90.24
C LEU F 874 -120.79 -64.65 -91.36
N ALA F 875 -120.13 -65.11 -92.43
CA ALA F 875 -119.89 -64.24 -93.57
C ALA F 875 -121.20 -63.69 -94.13
N GLU F 876 -122.09 -64.57 -94.60
CA GLU F 876 -123.34 -64.11 -95.18
C GLU F 876 -124.12 -63.25 -94.18
N ASN F 877 -123.99 -63.54 -92.89
CA ASN F 877 -124.70 -62.76 -91.89
C ASN F 877 -124.15 -61.33 -91.84
N ILE F 878 -122.82 -61.18 -91.89
CA ILE F 878 -122.26 -59.84 -91.88
C ILE F 878 -122.58 -59.13 -93.19
N HIS F 879 -122.70 -59.87 -94.30
CA HIS F 879 -123.24 -59.27 -95.52
C HIS F 879 -124.62 -58.66 -95.26
N GLU F 880 -125.52 -59.43 -94.65
CA GLU F 880 -126.87 -58.92 -94.48
C GLU F 880 -126.90 -57.78 -93.46
N LEU F 881 -126.03 -57.82 -92.46
CA LEU F 881 -125.93 -56.69 -91.53
C LEU F 881 -125.43 -55.43 -92.24
N TRP F 882 -124.43 -55.58 -93.11
CA TRP F 882 -124.00 -54.48 -93.96
C TRP F 882 -125.16 -53.93 -94.75
N ALA F 883 -125.96 -54.82 -95.34
CA ALA F 883 -127.12 -54.42 -96.12
C ALA F 883 -128.13 -53.67 -95.24
N LEU F 884 -128.36 -54.14 -94.03
CA LEU F 884 -129.31 -53.49 -93.12
C LEU F 884 -128.85 -52.09 -92.77
N THR F 885 -127.60 -51.96 -92.29
CA THR F 885 -127.05 -50.64 -91.99
C THR F 885 -127.13 -49.73 -93.20
N ARG F 886 -126.78 -50.25 -94.37
CA ARG F 886 -126.80 -49.45 -95.58
C ARG F 886 -128.21 -48.97 -95.89
N ILE F 887 -129.20 -49.81 -95.59
CA ILE F 887 -130.60 -49.40 -95.65
C ILE F 887 -130.82 -48.20 -94.75
N GLU F 888 -130.54 -48.37 -93.46
CA GLU F 888 -130.87 -47.32 -92.50
C GLU F 888 -130.21 -46.00 -92.92
N GLN F 889 -129.07 -46.08 -93.58
CA GLN F 889 -128.56 -44.89 -94.26
C GLN F 889 -129.47 -44.48 -95.41
N GLY F 890 -129.98 -45.44 -96.18
CA GLY F 890 -131.01 -45.15 -97.15
C GLY F 890 -130.84 -45.74 -98.55
N TRP F 891 -129.86 -46.61 -98.75
CA TRP F 891 -129.70 -47.22 -100.06
C TRP F 891 -130.81 -48.24 -100.30
N THR F 892 -131.32 -48.25 -101.52
CA THR F 892 -132.31 -49.23 -101.96
C THR F 892 -131.67 -50.16 -102.97
N TYR F 893 -132.44 -51.13 -103.46
CA TYR F 893 -131.93 -52.07 -104.46
C TYR F 893 -131.47 -51.31 -105.69
N GLY F 894 -130.24 -51.61 -106.11
CA GLY F 894 -129.68 -51.04 -107.31
C GLY F 894 -128.95 -52.09 -108.12
N PRO F 895 -128.93 -51.94 -109.44
CA PRO F 895 -128.07 -52.82 -110.24
C PRO F 895 -126.60 -52.44 -110.18
N VAL F 896 -126.28 -51.22 -109.74
CA VAL F 896 -124.92 -50.72 -109.70
C VAL F 896 -124.63 -50.21 -108.29
N ARG F 897 -123.42 -50.44 -107.80
CA ARG F 897 -122.99 -49.92 -106.51
C ARG F 897 -122.20 -48.63 -106.70
N ASP F 898 -122.72 -47.54 -106.14
CA ASP F 898 -121.99 -46.29 -106.04
C ASP F 898 -122.55 -45.52 -104.85
N ASP F 899 -121.76 -44.61 -104.31
CA ASP F 899 -122.14 -43.80 -103.15
C ASP F 899 -123.11 -42.70 -103.53
N ASN F 900 -122.92 -42.10 -104.69
CA ASN F 900 -123.88 -41.10 -105.18
C ASN F 900 -125.13 -41.77 -105.71
N LYS F 901 -125.01 -43.00 -106.24
CA LYS F 901 -126.13 -43.64 -106.89
C LYS F 901 -127.28 -43.90 -105.92
N ARG F 902 -127.00 -43.94 -104.61
CA ARG F 902 -128.04 -44.09 -103.60
C ARG F 902 -128.68 -45.48 -103.66
N LEU F 903 -127.85 -46.50 -103.88
CA LEU F 903 -128.32 -47.83 -104.22
C LEU F 903 -127.40 -48.92 -103.69
N HIS F 904 -127.96 -50.07 -103.36
CA HIS F 904 -127.18 -51.20 -102.84
C HIS F 904 -127.64 -52.50 -103.49
N PRO F 905 -126.90 -53.03 -104.47
CA PRO F 905 -127.35 -54.27 -105.14
C PRO F 905 -127.53 -55.48 -104.25
N CYS F 906 -126.50 -55.83 -103.45
CA CYS F 906 -126.42 -57.05 -102.67
C CYS F 906 -127.68 -57.34 -101.88
N LEU F 907 -128.52 -56.33 -101.66
CA LEU F 907 -129.63 -56.42 -100.75
C LEU F 907 -130.87 -56.84 -101.53
N VAL F 908 -130.97 -58.14 -101.80
CA VAL F 908 -132.16 -58.77 -102.36
C VAL F 908 -132.51 -59.95 -101.47
N ASN F 909 -131.48 -60.73 -101.15
CA ASN F 909 -131.55 -61.89 -100.27
C ASN F 909 -130.12 -62.20 -99.83
N PHE F 910 -129.98 -62.71 -98.60
CA PHE F 910 -128.68 -62.96 -98.00
C PHE F 910 -127.97 -64.13 -98.68
N HIS F 911 -128.68 -64.84 -99.57
CA HIS F 911 -128.02 -65.83 -100.42
C HIS F 911 -127.68 -65.23 -101.79
N SER F 912 -128.50 -64.28 -102.26
CA SER F 912 -128.35 -63.78 -103.61
C SER F 912 -127.16 -62.85 -103.75
N LEU F 913 -126.48 -62.56 -102.64
CA LEU F 913 -125.33 -61.67 -102.69
C LEU F 913 -124.32 -62.17 -103.72
N PRO F 914 -123.75 -61.29 -104.54
CA PRO F 914 -122.80 -61.75 -105.56
C PRO F 914 -121.59 -62.40 -104.92
N GLU F 915 -121.03 -63.39 -105.61
CA GLU F 915 -119.87 -64.10 -105.09
C GLU F 915 -118.68 -63.19 -104.82
N PRO F 916 -118.32 -62.24 -105.70
CA PRO F 916 -117.11 -61.43 -105.42
C PRO F 916 -117.12 -60.78 -104.05
N GLU F 917 -118.27 -60.27 -103.60
CA GLU F 917 -118.37 -59.79 -102.23
C GLU F 917 -118.05 -60.91 -101.25
N ARG F 918 -118.59 -62.10 -101.51
CA ARG F 918 -118.20 -63.26 -100.71
C ARG F 918 -116.72 -63.56 -100.86
N ASN F 919 -116.18 -63.42 -102.07
CA ASN F 919 -114.76 -63.69 -102.28
C ASN F 919 -113.90 -62.77 -101.41
N TYR F 920 -114.36 -61.55 -101.18
CA TYR F 920 -113.64 -60.66 -100.28
C TYR F 920 -113.86 -61.02 -98.82
N ASN F 921 -115.11 -61.30 -98.44
CA ASN F 921 -115.46 -61.26 -97.02
C ASN F 921 -115.48 -62.64 -96.35
N LEU F 922 -115.34 -63.72 -97.11
CA LEU F 922 -115.20 -65.03 -96.48
C LEU F 922 -113.88 -65.12 -95.72
N GLN F 923 -112.81 -64.57 -96.31
CA GLN F 923 -111.53 -64.55 -95.63
C GLN F 923 -111.59 -63.64 -94.41
N MET F 924 -112.36 -62.56 -94.53
CA MET F 924 -112.57 -61.62 -93.43
C MET F 924 -113.24 -62.34 -92.25
N SER F 925 -114.31 -63.09 -92.56
CA SER F 925 -115.03 -63.86 -91.56
C SER F 925 -114.13 -64.91 -90.92
N GLY F 926 -113.39 -65.66 -91.74
CA GLY F 926 -112.47 -66.63 -91.18
C GLY F 926 -111.41 -65.98 -90.31
N GLU F 927 -110.93 -64.82 -90.72
CA GLU F 927 -109.92 -64.09 -89.96
C GLU F 927 -110.43 -63.71 -88.59
N THR F 928 -111.71 -63.37 -88.50
CA THR F 928 -112.29 -63.14 -87.17
C THR F 928 -111.96 -64.30 -86.25
N LEU F 929 -112.34 -65.51 -86.64
CA LEU F 929 -112.15 -66.68 -85.79
C LEU F 929 -110.67 -66.98 -85.57
N LYS F 930 -109.87 -66.84 -86.64
CA LYS F 930 -108.44 -67.09 -86.52
C LYS F 930 -107.80 -66.17 -85.49
N THR F 931 -108.21 -64.90 -85.49
CA THR F 931 -107.71 -63.97 -84.48
C THR F 931 -108.24 -64.32 -83.09
N LEU F 932 -109.51 -64.71 -82.99
CA LEU F 932 -110.02 -65.16 -81.70
C LEU F 932 -109.13 -66.25 -81.13
N LEU F 933 -108.63 -67.13 -82.01
CA LEU F 933 -107.70 -68.17 -81.58
C LEU F 933 -106.34 -67.58 -81.22
N ALA F 934 -105.82 -66.69 -82.06
CA ALA F 934 -104.46 -66.18 -81.89
C ALA F 934 -104.33 -65.41 -80.58
N LEU F 935 -105.32 -64.59 -80.26
CA LEU F 935 -105.29 -63.75 -79.08
C LEU F 935 -105.36 -64.55 -77.79
N GLY F 936 -105.66 -65.84 -77.86
CA GLY F 936 -105.74 -66.67 -76.68
C GLY F 936 -107.12 -66.84 -76.10
N CYS F 937 -108.15 -66.31 -76.74
CA CYS F 937 -109.51 -66.51 -76.28
C CYS F 937 -109.87 -67.99 -76.39
N HIS F 938 -110.56 -68.50 -75.38
CA HIS F 938 -110.95 -69.90 -75.33
C HIS F 938 -112.33 -70.07 -75.93
N VAL F 939 -112.42 -70.89 -76.97
CA VAL F 939 -113.65 -71.02 -77.76
C VAL F 939 -114.14 -72.45 -77.66
N GLY F 940 -115.41 -72.61 -77.29
CA GLY F 940 -116.06 -73.91 -77.31
C GLY F 940 -117.50 -73.81 -77.77
N MET F 941 -118.19 -74.93 -77.69
CA MET F 941 -119.65 -75.00 -77.89
C MET F 941 -120.32 -74.96 -76.52
N ALA F 942 -121.28 -74.06 -76.36
CA ALA F 942 -122.08 -74.01 -75.14
C ALA F 942 -123.41 -74.70 -75.31
N ASP F 943 -124.11 -74.46 -76.41
CA ASP F 943 -125.43 -75.04 -76.65
C ASP F 943 -125.61 -75.34 -78.14
N GLU F 944 -125.43 -76.60 -78.50
CA GLU F 944 -125.65 -77.04 -79.86
C GLU F 944 -127.08 -76.76 -80.30
N LYS F 945 -128.02 -76.78 -79.36
CA LYS F 945 -129.41 -76.49 -79.70
C LYS F 945 -129.57 -75.07 -80.24
N ALA F 946 -128.88 -74.11 -79.63
CA ALA F 946 -128.94 -72.74 -80.14
C ALA F 946 -128.10 -72.57 -81.39
N GLU F 947 -126.98 -73.29 -81.47
CA GLU F 947 -126.19 -73.26 -82.70
C GLU F 947 -127.02 -73.72 -83.89
N ASP F 948 -127.88 -74.72 -83.68
CA ASP F 948 -128.77 -75.19 -84.74
C ASP F 948 -129.94 -74.24 -84.98
N ASN F 949 -130.76 -74.01 -83.93
CA ASN F 949 -131.93 -73.16 -84.00
C ASN F 949 -131.63 -71.79 -83.39
N LEU F 950 -132.07 -70.73 -84.05
CA LEU F 950 -131.82 -69.38 -83.57
C LEU F 950 -133.07 -68.52 -83.69
N LYS F 951 -133.29 -67.65 -82.72
CA LYS F 951 -134.35 -66.66 -82.85
C LYS F 951 -133.94 -65.59 -83.84
N LYS F 952 -134.83 -65.28 -84.77
CA LYS F 952 -134.53 -64.38 -85.88
C LYS F 952 -135.38 -63.13 -85.75
N THR F 953 -134.71 -61.99 -85.58
CA THR F 953 -135.40 -60.71 -85.60
C THR F 953 -135.68 -60.30 -87.04
N LYS F 954 -136.95 -60.06 -87.33
CA LYS F 954 -137.40 -59.64 -88.65
C LYS F 954 -137.59 -58.13 -88.60
N LEU F 955 -137.08 -57.44 -89.62
CA LEU F 955 -137.26 -56.01 -89.70
C LEU F 955 -138.75 -55.70 -89.78
N PRO F 956 -139.19 -54.54 -89.28
CA PRO F 956 -140.61 -54.19 -89.40
C PRO F 956 -141.12 -54.21 -90.84
N LYS F 957 -142.27 -54.88 -91.04
CA LYS F 957 -142.96 -54.84 -92.32
C LYS F 957 -143.37 -53.42 -92.66
N THR F 958 -143.52 -52.55 -91.64
CA THR F 958 -143.72 -51.14 -91.91
C THR F 958 -142.60 -50.60 -92.79
N TYR F 959 -141.34 -50.87 -92.43
CA TYR F 959 -140.27 -50.52 -93.34
C TYR F 959 -140.40 -51.30 -94.63
N MET F 960 -140.14 -50.63 -95.74
CA MET F 960 -140.39 -51.16 -97.07
C MET F 960 -139.09 -51.36 -97.84
N MET F 961 -139.09 -52.34 -98.73
CA MET F 961 -137.97 -52.58 -99.63
C MET F 961 -138.46 -52.79 -101.05
N SER F 962 -137.65 -52.35 -102.00
CA SER F 962 -137.97 -52.56 -103.41
C SER F 962 -138.22 -54.03 -103.68
N ASN F 963 -137.34 -54.90 -103.18
CA ASN F 963 -137.49 -56.33 -103.38
C ASN F 963 -138.73 -56.90 -102.72
N GLY F 964 -139.15 -56.33 -101.60
CA GLY F 964 -140.22 -56.88 -100.80
C GLY F 964 -139.79 -57.92 -99.79
N TYR F 965 -138.53 -58.37 -99.86
CA TYR F 965 -137.94 -59.22 -98.83
C TYR F 965 -136.75 -58.48 -98.21
N LYS F 966 -136.70 -58.44 -96.90
CA LYS F 966 -135.68 -57.84 -96.06
C LYS F 966 -134.98 -58.90 -95.24
N PRO F 967 -133.65 -59.05 -95.39
CA PRO F 967 -132.95 -60.08 -94.63
C PRO F 967 -133.13 -59.88 -93.13
N ALA F 968 -133.52 -60.95 -92.45
CA ALA F 968 -133.81 -60.91 -91.02
C ALA F 968 -132.63 -61.45 -90.22
N PRO F 969 -131.93 -60.63 -89.45
CA PRO F 969 -130.79 -61.13 -88.68
C PRO F 969 -131.23 -61.73 -87.34
N LEU F 970 -130.24 -62.28 -86.63
CA LEU F 970 -130.50 -62.86 -85.32
C LEU F 970 -130.90 -61.79 -84.31
N ASP F 971 -131.71 -62.21 -83.33
CA ASP F 971 -132.11 -61.32 -82.27
C ASP F 971 -130.91 -60.97 -81.39
N LEU F 972 -130.72 -59.67 -81.15
CA LEU F 972 -129.63 -59.24 -80.28
C LEU F 972 -130.05 -59.23 -78.81
N SER F 973 -131.36 -59.18 -78.56
CA SER F 973 -131.84 -58.98 -77.20
C SER F 973 -131.48 -60.15 -76.29
N HIS F 974 -131.54 -61.38 -76.82
CA HIS F 974 -131.27 -62.55 -75.99
C HIS F 974 -129.78 -62.76 -75.75
N VAL F 975 -128.96 -61.78 -76.12
CA VAL F 975 -127.51 -61.87 -76.00
C VAL F 975 -127.02 -60.71 -75.15
N ARG F 976 -126.22 -61.02 -74.13
CA ARG F 976 -125.59 -60.00 -73.30
C ARG F 976 -124.08 -60.23 -73.28
N LEU F 977 -123.33 -59.14 -73.38
CA LEU F 977 -121.87 -59.19 -73.47
C LEU F 977 -121.26 -58.54 -72.23
N THR F 978 -120.23 -59.18 -71.69
CA THR F 978 -119.53 -58.62 -70.55
C THR F 978 -118.62 -57.47 -71.01
N PRO F 979 -118.15 -56.64 -70.07
CA PRO F 979 -117.22 -55.57 -70.47
C PRO F 979 -115.96 -56.10 -71.13
N ALA F 980 -115.48 -57.28 -70.72
CA ALA F 980 -114.33 -57.88 -71.38
C ALA F 980 -114.62 -58.11 -72.85
N GLN F 981 -115.87 -58.45 -73.17
CA GLN F 981 -116.25 -58.59 -74.56
C GLN F 981 -116.03 -57.28 -75.32
N THR F 982 -116.27 -56.14 -74.66
CA THR F 982 -116.07 -54.85 -75.32
C THR F 982 -114.60 -54.61 -75.63
N THR F 983 -113.71 -54.97 -74.71
CA THR F 983 -112.28 -54.84 -74.99
C THR F 983 -111.88 -55.75 -76.15
N LEU F 984 -112.41 -56.98 -76.14
CA LEU F 984 -112.20 -57.87 -77.29
C LEU F 984 -112.71 -57.24 -78.59
N VAL F 985 -113.84 -56.54 -78.52
CA VAL F 985 -114.37 -55.89 -79.72
C VAL F 985 -113.42 -54.81 -80.22
N ASP F 986 -112.96 -53.95 -79.31
CA ASP F 986 -111.99 -52.93 -79.68
C ASP F 986 -110.79 -53.55 -80.36
N ARG F 987 -110.25 -54.62 -79.76
CA ARG F 987 -109.06 -55.29 -80.26
C ARG F 987 -109.28 -55.91 -81.64
N LEU F 988 -110.36 -56.65 -81.82
CA LEU F 988 -110.64 -57.27 -83.10
C LEU F 988 -110.96 -56.22 -84.17
N ALA F 989 -111.51 -55.06 -83.77
CA ALA F 989 -111.71 -53.99 -84.73
C ALA F 989 -110.38 -53.40 -85.18
N GLU F 990 -109.48 -53.13 -84.23
CA GLU F 990 -108.10 -52.81 -84.58
C GLU F 990 -107.61 -53.73 -85.68
N ASN F 991 -107.66 -55.04 -85.42
CA ASN F 991 -107.05 -56.00 -86.32
C ASN F 991 -107.75 -56.05 -87.67
N GLY F 992 -109.08 -56.01 -87.67
CA GLY F 992 -109.82 -56.09 -88.92
C GLY F 992 -109.51 -54.91 -89.81
N HIS F 993 -109.52 -53.70 -89.23
CA HIS F 993 -109.19 -52.52 -90.00
C HIS F 993 -107.78 -52.61 -90.54
N ASN F 994 -106.83 -53.08 -89.71
CA ASN F 994 -105.45 -53.17 -90.17
C ASN F 994 -105.30 -54.17 -91.30
N VAL F 995 -105.97 -55.32 -91.21
CA VAL F 995 -105.92 -56.32 -92.26
C VAL F 995 -106.47 -55.75 -93.56
N TRP F 996 -107.63 -55.10 -93.48
CA TRP F 996 -108.20 -54.45 -94.67
C TRP F 996 -107.27 -53.42 -95.24
N ALA F 997 -106.68 -52.60 -94.38
CA ALA F 997 -105.77 -51.57 -94.85
C ALA F 997 -104.65 -52.23 -95.60
N ARG F 998 -104.14 -53.30 -95.02
CA ARG F 998 -102.81 -53.73 -95.37
C ARG F 998 -102.99 -54.34 -96.75
N ASP F 999 -104.14 -55.06 -96.89
CA ASP F 999 -104.58 -55.72 -98.15
C ASP F 999 -104.75 -54.73 -99.26
N ARG F 1000 -105.46 -53.63 -98.99
CA ARG F 1000 -105.59 -52.57 -100.01
C ARG F 1000 -104.22 -52.02 -100.39
N VAL F 1001 -103.30 -51.97 -99.44
CA VAL F 1001 -101.95 -51.50 -99.71
C VAL F 1001 -101.27 -52.43 -100.69
N ALA F 1002 -101.35 -53.73 -100.45
CA ALA F 1002 -100.80 -54.70 -101.40
C ALA F 1002 -101.44 -54.54 -102.77
N GLN F 1003 -102.75 -54.29 -102.80
CA GLN F 1003 -103.41 -53.95 -104.06
C GLN F 1003 -102.90 -52.65 -104.65
N GLY F 1004 -102.26 -51.80 -103.84
CA GLY F 1004 -101.73 -50.53 -104.31
C GLY F 1004 -102.41 -49.30 -103.76
N TRP F 1005 -103.33 -49.45 -102.81
CA TRP F 1005 -104.07 -48.31 -102.29
C TRP F 1005 -103.21 -47.48 -101.33
N SER F 1006 -103.60 -46.22 -101.18
CA SER F 1006 -102.90 -45.29 -100.30
C SER F 1006 -103.91 -44.39 -99.61
N TYR F 1007 -103.42 -43.64 -98.62
CA TYR F 1007 -104.26 -42.72 -97.87
C TYR F 1007 -104.38 -41.39 -98.60
N SER F 1008 -105.52 -40.73 -98.40
CA SER F 1008 -105.76 -39.40 -98.97
C SER F 1008 -107.00 -38.83 -98.31
N ALA F 1009 -106.89 -37.59 -97.81
CA ALA F 1009 -108.05 -36.94 -97.21
C ALA F 1009 -109.20 -36.86 -98.20
N VAL F 1010 -108.89 -36.87 -99.50
CA VAL F 1010 -109.89 -36.82 -100.55
C VAL F 1010 -109.95 -38.19 -101.22
N GLN F 1011 -111.16 -38.72 -101.38
CA GLN F 1011 -111.37 -40.05 -101.92
C GLN F 1011 -111.32 -40.01 -103.45
N ASP F 1012 -110.42 -40.81 -104.03
CA ASP F 1012 -110.41 -41.09 -105.46
C ASP F 1012 -110.13 -42.58 -105.64
N ILE F 1013 -111.14 -43.30 -106.13
CA ILE F 1013 -111.06 -44.75 -106.28
C ILE F 1013 -110.20 -45.09 -107.49
N PRO F 1014 -110.36 -44.40 -108.62
CA PRO F 1014 -109.48 -44.71 -109.76
C PRO F 1014 -108.00 -44.57 -109.42
N ALA F 1015 -107.65 -43.60 -108.59
CA ALA F 1015 -106.28 -43.43 -108.12
C ALA F 1015 -105.96 -44.31 -106.93
N ARG F 1016 -106.91 -45.11 -106.45
CA ARG F 1016 -106.72 -45.96 -105.29
C ARG F 1016 -106.26 -45.13 -104.08
N ARG F 1017 -106.99 -44.06 -103.82
CA ARG F 1017 -106.77 -43.21 -102.66
C ARG F 1017 -108.02 -43.25 -101.80
N ASN F 1018 -107.85 -43.48 -100.50
CA ASN F 1018 -108.99 -43.62 -99.60
C ASN F 1018 -108.79 -42.73 -98.38
N PRO F 1019 -109.85 -42.11 -97.86
CA PRO F 1019 -109.72 -41.32 -96.63
C PRO F 1019 -109.72 -42.15 -95.35
N ARG F 1020 -109.76 -43.48 -95.47
CA ARG F 1020 -109.78 -44.36 -94.32
C ARG F 1020 -108.60 -45.31 -94.28
N LEU F 1021 -107.76 -45.33 -95.33
CA LEU F 1021 -106.69 -46.30 -95.41
C LEU F 1021 -105.55 -45.90 -94.49
N VAL F 1022 -105.84 -45.84 -93.20
CA VAL F 1022 -104.86 -45.57 -92.16
C VAL F 1022 -105.10 -46.54 -91.01
N PRO F 1023 -104.03 -47.01 -90.37
CA PRO F 1023 -104.24 -47.96 -89.27
C PRO F 1023 -105.18 -47.41 -88.22
N TYR F 1024 -105.88 -48.35 -87.57
CA TYR F 1024 -107.06 -48.01 -86.78
C TYR F 1024 -106.77 -46.90 -85.78
N ARG F 1025 -105.59 -46.93 -85.15
CA ARG F 1025 -105.31 -45.97 -84.08
C ARG F 1025 -105.43 -44.54 -84.59
N LEU F 1026 -104.87 -44.25 -85.76
CA LEU F 1026 -104.97 -42.91 -86.32
C LEU F 1026 -106.36 -42.61 -86.87
N LEU F 1027 -107.23 -43.61 -86.94
CA LEU F 1027 -108.54 -43.43 -87.57
C LEU F 1027 -109.37 -42.43 -86.78
N ASP F 1028 -110.44 -41.96 -87.42
CA ASP F 1028 -111.35 -41.04 -86.77
C ASP F 1028 -112.35 -41.79 -85.90
N GLU F 1029 -112.85 -41.09 -84.88
CA GLU F 1029 -113.73 -41.73 -83.91
C GLU F 1029 -115.02 -42.24 -84.57
N ALA F 1030 -115.50 -41.53 -85.60
CA ALA F 1030 -116.74 -41.95 -86.27
C ALA F 1030 -116.58 -43.30 -86.96
N THR F 1031 -115.59 -43.40 -87.86
CA THR F 1031 -115.36 -44.68 -88.52
C THR F 1031 -115.08 -45.72 -87.47
N LYS F 1032 -114.14 -45.39 -86.59
CA LYS F 1032 -113.85 -46.32 -85.52
C LYS F 1032 -115.17 -46.87 -84.93
N ARG F 1033 -116.10 -45.98 -84.54
CA ARG F 1033 -117.33 -46.40 -83.82
C ARG F 1033 -118.17 -47.30 -84.68
N SER F 1034 -118.31 -46.95 -85.96
CA SER F 1034 -119.04 -47.83 -86.86
C SER F 1034 -118.43 -49.24 -86.84
N ASN F 1035 -117.11 -49.31 -86.82
CA ASN F 1035 -116.43 -50.59 -86.87
C ASN F 1035 -116.63 -51.39 -85.57
N ARG F 1036 -116.53 -50.72 -84.39
CA ARG F 1036 -116.91 -51.43 -83.16
C ARG F 1036 -118.33 -51.95 -83.22
N ASP F 1037 -119.27 -51.12 -83.63
CA ASP F 1037 -120.65 -51.56 -83.57
C ASP F 1037 -120.88 -52.76 -84.48
N SER F 1038 -120.34 -52.71 -85.69
CA SER F 1038 -120.49 -53.86 -86.59
C SER F 1038 -119.89 -55.11 -85.97
N LEU F 1039 -118.70 -54.98 -85.40
CA LEU F 1039 -118.01 -56.14 -84.84
C LEU F 1039 -118.73 -56.68 -83.62
N CYS F 1040 -119.28 -55.79 -82.79
CA CYS F 1040 -119.96 -56.24 -81.58
C CYS F 1040 -121.26 -56.94 -81.93
N GLN F 1041 -121.96 -56.45 -82.94
CA GLN F 1041 -123.13 -57.19 -83.43
C GLN F 1041 -122.71 -58.55 -83.99
N ALA F 1042 -121.58 -58.62 -84.68
CA ALA F 1042 -121.10 -59.91 -85.17
C ALA F 1042 -120.79 -60.86 -84.00
N VAL F 1043 -120.15 -60.34 -82.96
CA VAL F 1043 -119.80 -61.17 -81.80
C VAL F 1043 -121.06 -61.65 -81.09
N ARG F 1044 -122.06 -60.77 -80.96
CA ARG F 1044 -123.32 -61.18 -80.35
C ARG F 1044 -124.03 -62.20 -81.23
N THR F 1045 -123.85 -62.11 -82.55
CA THR F 1045 -124.39 -63.12 -83.45
C THR F 1045 -123.71 -64.47 -83.20
N LEU F 1046 -122.39 -64.46 -83.02
CA LEU F 1046 -121.69 -65.71 -82.69
C LEU F 1046 -122.17 -66.27 -81.36
N LEU F 1047 -122.35 -65.40 -80.36
CA LEU F 1047 -122.83 -65.86 -79.06
C LEU F 1047 -124.26 -66.39 -79.15
N GLY F 1048 -125.08 -65.82 -80.05
CA GLY F 1048 -126.39 -66.38 -80.31
C GLY F 1048 -126.30 -67.77 -80.95
N TYR F 1049 -125.38 -67.93 -81.91
CA TYR F 1049 -125.00 -69.27 -82.34
C TYR F 1049 -124.56 -70.12 -81.16
N GLY F 1050 -124.14 -69.50 -80.07
CA GLY F 1050 -123.87 -70.24 -78.85
C GLY F 1050 -122.44 -70.70 -78.72
N TYR F 1051 -121.57 -70.35 -79.66
CA TYR F 1051 -120.16 -70.66 -79.51
C TYR F 1051 -119.57 -69.80 -78.39
N ASN F 1052 -119.37 -70.42 -77.23
CA ASN F 1052 -118.90 -69.67 -76.07
C ASN F 1052 -117.46 -69.23 -76.27
N ILE F 1053 -117.18 -67.98 -75.89
CA ILE F 1053 -115.86 -67.38 -76.01
C ILE F 1053 -115.49 -66.77 -74.67
N GLU F 1054 -114.34 -67.16 -74.14
CA GLU F 1054 -113.82 -66.68 -72.87
C GLU F 1054 -112.59 -65.83 -73.12
N PRO F 1055 -112.60 -64.54 -72.78
CA PRO F 1055 -111.46 -63.68 -73.08
C PRO F 1055 -110.29 -63.97 -72.15
N PRO F 1056 -109.05 -63.87 -72.65
CA PRO F 1056 -107.89 -64.08 -71.78
C PRO F 1056 -107.61 -62.85 -70.93
N ASP F 1057 -106.68 -63.02 -69.99
CA ASP F 1057 -106.32 -61.93 -69.10
C ASP F 1057 -105.56 -60.85 -69.86
N GLN F 1058 -105.77 -59.60 -69.45
CA GLN F 1058 -105.11 -58.48 -70.09
C GLN F 1058 -103.62 -58.48 -69.76
N GLU F 1059 -102.82 -57.95 -70.69
CA GLU F 1059 -101.38 -57.93 -70.56
C GLU F 1059 -100.85 -56.51 -70.69
N PRO F 1060 -99.85 -56.11 -69.91
CA PRO F 1060 -99.34 -54.74 -70.00
C PRO F 1060 -98.30 -54.60 -71.10
N SER F 1061 -98.13 -53.37 -71.57
CA SER F 1061 -97.17 -53.06 -72.62
C SER F 1061 -96.65 -51.64 -72.43
N GLN F 1062 -95.47 -51.38 -72.99
CA GLN F 1062 -94.83 -50.07 -72.89
C GLN F 1062 -94.65 -49.50 -74.29
N VAL F 1063 -94.98 -48.21 -74.45
CA VAL F 1063 -94.98 -47.60 -75.77
C VAL F 1063 -93.56 -47.32 -76.25
N GLU F 1064 -92.72 -46.74 -75.40
CA GLU F 1064 -91.38 -46.32 -75.80
C GLU F 1064 -91.43 -45.37 -76.99
N ASN F 1065 -92.29 -44.35 -76.90
CA ASN F 1065 -92.47 -43.44 -78.02
C ASN F 1065 -91.24 -42.55 -78.21
N GLN F 1066 -90.72 -41.97 -77.14
CA GLN F 1066 -89.59 -41.05 -77.19
C GLN F 1066 -88.37 -41.67 -76.51
N SER F 1067 -87.23 -40.99 -76.66
CA SER F 1067 -86.05 -41.32 -75.89
C SER F 1067 -86.08 -40.63 -74.52
N ARG F 1068 -85.55 -41.33 -73.52
CA ARG F 1068 -85.66 -40.87 -72.13
C ARG F 1068 -85.14 -39.46 -71.99
N TRP F 1069 -84.09 -39.12 -72.74
CA TRP F 1069 -83.53 -37.78 -72.65
C TRP F 1069 -84.48 -36.76 -73.27
N ASP F 1070 -85.10 -37.13 -74.39
CA ASP F 1070 -86.03 -36.26 -75.10
C ASP F 1070 -87.41 -36.18 -74.43
N ARG F 1071 -87.71 -37.03 -73.46
CA ARG F 1071 -89.03 -37.05 -72.85
C ARG F 1071 -89.29 -35.85 -71.94
N VAL F 1072 -88.31 -35.43 -71.13
CA VAL F 1072 -88.54 -34.46 -70.07
C VAL F 1072 -87.68 -33.21 -70.33
N ARG F 1073 -88.30 -32.05 -70.16
CA ARG F 1073 -87.58 -30.76 -70.21
C ARG F 1073 -87.66 -30.11 -68.84
N ILE F 1074 -86.53 -29.55 -68.40
CA ILE F 1074 -86.42 -28.89 -67.10
C ILE F 1074 -86.15 -27.42 -67.34
N PHE F 1075 -86.91 -26.56 -66.66
CA PHE F 1075 -86.70 -25.12 -66.67
C PHE F 1075 -86.32 -24.69 -65.26
N ARG F 1076 -85.29 -23.85 -65.14
CA ARG F 1076 -84.88 -23.34 -63.85
C ARG F 1076 -84.53 -21.87 -63.97
N ALA F 1077 -84.51 -21.18 -62.82
CA ALA F 1077 -84.00 -19.83 -62.81
C ALA F 1077 -82.48 -19.82 -62.94
N GLU F 1078 -81.95 -18.70 -63.40
CA GLU F 1078 -80.50 -18.56 -63.52
C GLU F 1078 -79.84 -18.57 -62.13
N LYS F 1079 -78.59 -19.03 -62.10
CA LYS F 1079 -77.88 -19.19 -60.83
C LYS F 1079 -77.69 -17.85 -60.12
N SER F 1080 -77.64 -16.76 -60.87
CA SER F 1080 -77.46 -15.44 -60.27
C SER F 1080 -78.55 -15.17 -59.25
N TYR F 1081 -79.73 -15.74 -59.45
CA TYR F 1081 -80.88 -15.53 -58.59
C TYR F 1081 -80.91 -16.47 -57.41
N THR F 1082 -79.83 -17.20 -57.16
CA THR F 1082 -79.81 -18.16 -56.07
C THR F 1082 -79.94 -17.44 -54.74
N VAL F 1083 -80.79 -17.98 -53.87
CA VAL F 1083 -81.07 -17.39 -52.56
C VAL F 1083 -80.59 -18.35 -51.48
N GLN F 1084 -79.88 -17.80 -50.49
CA GLN F 1084 -79.43 -18.56 -49.33
C GLN F 1084 -80.08 -18.09 -48.04
N SER F 1085 -81.11 -17.25 -48.11
CA SER F 1085 -81.77 -16.77 -46.92
C SER F 1085 -83.12 -16.18 -47.31
N GLY F 1086 -84.04 -16.21 -46.37
CA GLY F 1086 -85.31 -15.52 -46.49
C GLY F 1086 -86.49 -16.49 -46.66
N ARG F 1087 -87.64 -15.89 -46.92
CA ARG F 1087 -88.90 -16.60 -47.06
C ARG F 1087 -89.51 -16.23 -48.40
N TRP F 1088 -89.50 -17.18 -49.33
CA TRP F 1088 -89.77 -16.90 -50.74
C TRP F 1088 -90.98 -17.70 -51.21
N TYR F 1089 -91.70 -17.11 -52.16
CA TYR F 1089 -92.94 -17.66 -52.70
C TYR F 1089 -92.90 -17.58 -54.22
N PHE F 1090 -93.45 -18.61 -54.88
CA PHE F 1090 -93.70 -18.52 -56.32
C PHE F 1090 -94.79 -19.51 -56.69
N GLU F 1091 -95.38 -19.33 -57.87
CA GLU F 1091 -96.57 -20.05 -58.27
C GLU F 1091 -96.35 -20.77 -59.59
N PHE F 1092 -97.06 -21.88 -59.77
CA PHE F 1092 -96.99 -22.70 -60.98
C PHE F 1092 -98.37 -23.21 -61.31
N GLU F 1093 -98.97 -22.67 -62.37
CA GLU F 1093 -100.27 -23.12 -62.84
C GLU F 1093 -100.07 -24.26 -63.84
N ALA F 1094 -100.88 -25.31 -63.68
CA ALA F 1094 -100.80 -26.49 -64.54
C ALA F 1094 -101.93 -26.45 -65.55
N VAL F 1095 -101.61 -26.11 -66.80
CA VAL F 1095 -102.63 -26.09 -67.83
C VAL F 1095 -103.05 -27.52 -68.19
N THR F 1096 -102.14 -28.47 -68.07
CA THR F 1096 -102.42 -29.88 -68.25
C THR F 1096 -102.42 -30.58 -66.88
N THR F 1097 -102.90 -31.81 -66.87
CA THR F 1097 -102.98 -32.60 -65.65
C THR F 1097 -101.96 -33.74 -65.63
N GLY F 1098 -100.97 -33.70 -66.51
CA GLY F 1098 -100.03 -34.78 -66.67
C GLY F 1098 -98.77 -34.60 -65.83
N GLU F 1099 -97.73 -35.32 -66.26
CA GLU F 1099 -96.47 -35.34 -65.53
C GLU F 1099 -95.78 -33.98 -65.55
N MET F 1100 -95.82 -33.28 -64.42
CA MET F 1100 -95.00 -32.10 -64.23
C MET F 1100 -94.61 -32.06 -62.77
N ARG F 1101 -93.44 -31.48 -62.51
CA ARG F 1101 -92.89 -31.40 -61.16
C ARG F 1101 -92.48 -29.95 -60.93
N VAL F 1102 -92.75 -29.44 -59.74
CA VAL F 1102 -92.42 -28.06 -59.42
C VAL F 1102 -91.78 -27.99 -58.05
N GLY F 1103 -90.75 -27.15 -57.93
CA GLY F 1103 -90.13 -26.98 -56.64
C GLY F 1103 -88.82 -26.21 -56.65
N TRP F 1104 -87.89 -26.64 -55.80
CA TRP F 1104 -86.65 -25.93 -55.57
C TRP F 1104 -85.49 -26.83 -55.93
N ALA F 1105 -84.47 -26.25 -56.55
CA ALA F 1105 -83.32 -27.00 -57.05
C ALA F 1105 -82.04 -26.31 -56.65
N ARG F 1106 -80.99 -27.09 -56.51
CA ARG F 1106 -79.68 -26.55 -56.23
C ARG F 1106 -79.02 -26.08 -57.53
N PRO F 1107 -78.13 -25.09 -57.46
CA PRO F 1107 -77.57 -24.52 -58.69
C PRO F 1107 -76.83 -25.52 -59.57
N GLU F 1108 -76.29 -26.59 -59.00
CA GLU F 1108 -75.56 -27.60 -59.75
C GLU F 1108 -76.47 -28.76 -60.18
N LEU F 1109 -77.77 -28.52 -60.27
CA LEU F 1109 -78.71 -29.53 -60.74
C LEU F 1109 -78.32 -30.00 -62.13
N ARG F 1110 -78.30 -31.32 -62.32
CA ARG F 1110 -77.99 -31.87 -63.62
C ARG F 1110 -79.26 -31.94 -64.48
N PRO F 1111 -79.22 -31.44 -65.71
CA PRO F 1111 -80.41 -31.52 -66.56
C PRO F 1111 -80.78 -32.96 -66.88
N ASP F 1112 -79.78 -33.82 -66.93
CA ASP F 1112 -79.95 -35.22 -67.31
C ASP F 1112 -80.85 -35.98 -66.34
N VAL F 1113 -80.64 -35.82 -65.04
CA VAL F 1113 -81.40 -36.59 -64.06
C VAL F 1113 -82.82 -36.05 -63.94
N GLU F 1114 -83.76 -36.96 -63.68
CA GLU F 1114 -85.13 -36.57 -63.41
C GLU F 1114 -85.21 -35.79 -62.10
N LEU F 1115 -86.10 -34.79 -62.07
CA LEU F 1115 -86.17 -33.91 -60.91
C LEU F 1115 -86.58 -34.70 -59.68
N GLY F 1116 -85.77 -34.59 -58.62
CA GLY F 1116 -86.07 -35.17 -57.33
C GLY F 1116 -85.45 -36.54 -57.12
N ALA F 1117 -85.04 -37.22 -58.20
CA ALA F 1117 -84.38 -38.51 -58.03
C ALA F 1117 -83.10 -38.37 -57.24
N ASP F 1118 -82.39 -37.26 -57.41
CA ASP F 1118 -81.14 -37.00 -56.71
C ASP F 1118 -81.38 -36.08 -55.52
N GLU F 1119 -80.30 -35.75 -54.82
CA GLU F 1119 -80.34 -34.87 -53.67
C GLU F 1119 -80.40 -33.40 -54.05
N LEU F 1120 -80.41 -33.07 -55.34
CA LEU F 1120 -80.30 -31.69 -55.79
C LEU F 1120 -81.65 -31.02 -56.03
N ALA F 1121 -82.76 -31.67 -55.70
CA ALA F 1121 -84.06 -31.07 -55.95
C ALA F 1121 -85.09 -31.56 -54.94
N TYR F 1122 -85.92 -30.63 -54.49
CA TYR F 1122 -87.08 -30.91 -53.66
C TYR F 1122 -88.31 -30.45 -54.43
N VAL F 1123 -89.11 -31.40 -54.91
CA VAL F 1123 -90.19 -31.06 -55.82
C VAL F 1123 -91.47 -31.79 -55.44
N PHE F 1124 -92.57 -31.30 -56.01
CA PHE F 1124 -93.89 -31.90 -55.88
C PHE F 1124 -94.38 -32.28 -57.27
N ASN F 1125 -94.90 -33.50 -57.38
CA ASN F 1125 -95.52 -34.00 -58.61
C ASN F 1125 -96.99 -34.24 -58.35
N GLY F 1126 -97.85 -33.42 -58.96
CA GLY F 1126 -99.27 -33.52 -58.80
C GLY F 1126 -99.96 -34.42 -59.79
N HIS F 1127 -99.21 -35.15 -60.61
CA HIS F 1127 -99.83 -36.17 -61.45
C HIS F 1127 -100.24 -37.38 -60.62
N ARG F 1128 -99.46 -37.67 -59.57
CA ARG F 1128 -99.68 -38.79 -58.68
C ARG F 1128 -99.86 -38.37 -57.22
N GLY F 1129 -99.53 -37.12 -56.88
CA GLY F 1129 -99.49 -36.71 -55.49
C GLY F 1129 -98.25 -37.23 -54.78
N GLN F 1130 -97.07 -36.75 -55.19
CA GLN F 1130 -95.80 -37.24 -54.67
C GLN F 1130 -94.92 -36.06 -54.32
N ARG F 1131 -94.02 -36.29 -53.36
CA ARG F 1131 -92.92 -35.38 -53.08
C ARG F 1131 -91.62 -36.11 -53.38
N TRP F 1132 -90.73 -35.46 -54.13
CA TRP F 1132 -89.51 -36.08 -54.59
C TRP F 1132 -88.30 -35.37 -54.00
N HIS F 1133 -87.49 -36.15 -53.27
CA HIS F 1133 -86.12 -35.78 -52.92
C HIS F 1133 -85.40 -37.08 -52.57
N LEU F 1134 -84.42 -37.47 -53.39
CA LEU F 1134 -83.74 -38.75 -53.21
C LEU F 1134 -84.73 -39.91 -53.24
N GLY F 1135 -85.76 -39.77 -54.06
CA GLY F 1135 -86.82 -40.75 -54.17
C GLY F 1135 -88.18 -40.10 -53.97
N SER F 1136 -89.22 -40.92 -54.14
CA SER F 1136 -90.59 -40.47 -54.12
C SER F 1136 -91.28 -40.90 -52.83
N GLU F 1137 -92.13 -40.02 -52.29
CA GLU F 1137 -92.98 -40.32 -51.16
C GLU F 1137 -94.34 -39.70 -51.45
N PRO F 1138 -95.43 -40.38 -51.08
CA PRO F 1138 -96.75 -39.78 -51.29
C PRO F 1138 -96.89 -38.47 -50.54
N PHE F 1139 -97.59 -37.52 -51.17
CA PHE F 1139 -97.75 -36.19 -50.58
C PHE F 1139 -98.84 -35.44 -51.32
N GLY F 1140 -99.76 -34.87 -50.55
CA GLY F 1140 -100.77 -34.02 -51.14
C GLY F 1140 -101.68 -34.80 -52.07
N ARG F 1141 -102.31 -34.02 -52.96
CA ARG F 1141 -103.25 -34.60 -53.91
C ARG F 1141 -102.95 -34.13 -55.33
N PRO F 1142 -103.34 -34.92 -56.34
CA PRO F 1142 -103.11 -34.50 -57.72
C PRO F 1142 -103.85 -33.21 -58.06
N TRP F 1143 -103.25 -32.41 -58.92
CA TRP F 1143 -103.95 -31.25 -59.44
C TRP F 1143 -104.96 -31.64 -60.51
N GLN F 1144 -105.84 -30.69 -60.81
CA GLN F 1144 -106.70 -30.70 -61.98
C GLN F 1144 -106.23 -29.60 -62.92
N SER F 1145 -106.86 -29.52 -64.09
CA SER F 1145 -106.53 -28.47 -65.04
C SER F 1145 -106.80 -27.10 -64.44
N GLY F 1146 -105.83 -26.20 -64.58
CA GLY F 1146 -105.95 -24.85 -64.06
C GLY F 1146 -105.52 -24.69 -62.63
N ASP F 1147 -105.17 -25.77 -61.94
CA ASP F 1147 -104.77 -25.66 -60.54
C ASP F 1147 -103.41 -24.99 -60.42
N VAL F 1148 -103.26 -24.21 -59.35
CA VAL F 1148 -102.05 -23.43 -59.10
C VAL F 1148 -101.36 -24.02 -57.87
N VAL F 1149 -100.08 -24.35 -58.02
CA VAL F 1149 -99.24 -24.85 -56.95
C VAL F 1149 -98.38 -23.70 -56.46
N GLY F 1150 -98.51 -23.38 -55.18
CA GLY F 1150 -97.67 -22.37 -54.55
C GLY F 1150 -96.53 -23.02 -53.80
N CYS F 1151 -95.32 -22.74 -54.25
CA CYS F 1151 -94.10 -23.27 -53.65
C CYS F 1151 -93.49 -22.19 -52.77
N MET F 1152 -93.25 -22.53 -51.51
CA MET F 1152 -92.74 -21.61 -50.51
C MET F 1152 -91.51 -22.24 -49.86
N ILE F 1153 -90.49 -21.42 -49.63
CA ILE F 1153 -89.26 -21.89 -48.99
C ILE F 1153 -88.91 -20.93 -47.86
N ASP F 1154 -88.70 -21.49 -46.67
CA ASP F 1154 -88.29 -20.73 -45.49
C ASP F 1154 -86.89 -21.17 -45.12
N LEU F 1155 -85.91 -20.28 -45.27
CA LEU F 1155 -84.54 -20.60 -44.94
C LEU F 1155 -84.15 -20.16 -43.53
N THR F 1156 -85.10 -19.63 -42.76
CA THR F 1156 -84.91 -19.41 -41.35
C THR F 1156 -85.35 -20.61 -40.51
N GLU F 1157 -86.48 -21.24 -40.89
CA GLU F 1157 -86.91 -22.50 -40.31
C GLU F 1157 -86.46 -23.71 -41.12
N ASN F 1158 -85.82 -23.49 -42.26
CA ASN F 1158 -85.30 -24.57 -43.10
C ASN F 1158 -86.41 -25.56 -43.46
N THR F 1159 -87.40 -25.05 -44.19
CA THR F 1159 -88.58 -25.84 -44.56
C THR F 1159 -89.02 -25.49 -45.98
N ILE F 1160 -89.70 -26.46 -46.60
CA ILE F 1160 -90.32 -26.30 -47.91
C ILE F 1160 -91.79 -26.62 -47.75
N ILE F 1161 -92.65 -25.76 -48.32
CA ILE F 1161 -94.09 -25.89 -48.19
C ILE F 1161 -94.70 -25.81 -49.58
N PHE F 1162 -95.71 -26.65 -49.82
CA PHE F 1162 -96.48 -26.62 -51.05
C PHE F 1162 -97.95 -26.41 -50.73
N THR F 1163 -98.60 -25.56 -51.52
CA THR F 1163 -100.03 -25.32 -51.41
C THR F 1163 -100.66 -25.57 -52.77
N LEU F 1164 -101.91 -26.00 -52.76
CA LEU F 1164 -102.67 -26.17 -54.00
C LEU F 1164 -103.93 -25.32 -53.91
N ASN F 1165 -103.95 -24.22 -54.65
CA ASN F 1165 -105.07 -23.30 -54.65
C ASN F 1165 -105.38 -22.80 -53.24
N GLY F 1166 -104.33 -22.40 -52.53
CA GLY F 1166 -104.47 -21.80 -51.22
C GLY F 1166 -104.56 -22.77 -50.06
N GLU F 1167 -104.42 -24.07 -50.30
CA GLU F 1167 -104.52 -25.08 -49.27
C GLU F 1167 -103.18 -25.78 -49.12
N VAL F 1168 -102.64 -25.77 -47.90
CA VAL F 1168 -101.33 -26.37 -47.65
C VAL F 1168 -101.44 -27.88 -47.79
N LEU F 1169 -100.69 -28.44 -48.72
CA LEU F 1169 -100.67 -29.88 -48.91
C LEU F 1169 -99.99 -30.56 -47.73
N MET F 1170 -100.53 -31.72 -47.35
CA MET F 1170 -100.04 -32.48 -46.22
C MET F 1170 -99.69 -33.89 -46.66
N SER F 1171 -98.70 -34.47 -45.97
CA SER F 1171 -98.33 -35.85 -46.20
C SER F 1171 -99.41 -36.77 -45.67
N ASP F 1172 -99.12 -38.08 -45.67
CA ASP F 1172 -100.01 -39.05 -45.05
C ASP F 1172 -99.84 -39.00 -43.53
N SER F 1173 -99.97 -37.78 -43.00
CA SER F 1173 -99.74 -37.47 -41.61
C SER F 1173 -100.20 -36.04 -41.35
N GLY F 1174 -99.88 -35.49 -40.19
CA GLY F 1174 -100.24 -34.12 -39.88
C GLY F 1174 -99.24 -33.11 -40.39
N SER F 1175 -98.26 -33.56 -41.17
CA SER F 1175 -97.18 -32.71 -41.60
C SER F 1175 -97.69 -31.63 -42.56
N GLU F 1176 -97.44 -30.37 -42.21
CA GLU F 1176 -97.69 -29.24 -43.09
C GLU F 1176 -96.48 -28.92 -43.96
N THR F 1177 -95.36 -29.61 -43.77
CA THR F 1177 -94.13 -29.37 -44.51
C THR F 1177 -93.82 -30.58 -45.38
N ALA F 1178 -93.59 -30.34 -46.66
CA ALA F 1178 -93.12 -31.42 -47.53
C ALA F 1178 -91.72 -31.87 -47.12
N PHE F 1179 -90.86 -30.93 -46.77
CA PHE F 1179 -89.47 -31.22 -46.45
C PHE F 1179 -89.03 -30.39 -45.26
N ARG F 1180 -88.12 -30.96 -44.47
CA ARG F 1180 -87.63 -30.33 -43.26
C ARG F 1180 -86.12 -30.48 -43.17
N GLU F 1181 -85.52 -29.73 -42.25
CA GLU F 1181 -84.10 -29.86 -41.92
C GLU F 1181 -83.23 -29.67 -43.17
N ILE F 1182 -83.65 -28.80 -44.07
CA ILE F 1182 -82.90 -28.54 -45.28
C ILE F 1182 -81.59 -27.83 -44.94
N GLU F 1183 -80.53 -28.17 -45.65
CA GLU F 1183 -79.26 -27.48 -45.53
C GLU F 1183 -79.17 -26.43 -46.64
N ILE F 1184 -78.88 -25.19 -46.25
CA ILE F 1184 -78.87 -24.10 -47.22
C ILE F 1184 -77.83 -24.35 -48.29
N GLY F 1185 -76.60 -24.66 -47.88
CA GLY F 1185 -75.55 -24.93 -48.85
C GLY F 1185 -75.36 -23.77 -49.80
N ASP F 1186 -75.24 -24.10 -51.09
CA ASP F 1186 -75.06 -23.07 -52.10
C ASP F 1186 -76.30 -22.19 -52.21
N GLY F 1187 -77.48 -22.79 -52.13
CA GLY F 1187 -78.73 -22.06 -52.19
C GLY F 1187 -79.77 -22.84 -52.96
N PHE F 1188 -80.83 -22.13 -53.37
CA PHE F 1188 -81.94 -22.75 -54.05
C PHE F 1188 -82.45 -21.84 -55.16
N LEU F 1189 -83.11 -22.46 -56.13
CA LEU F 1189 -83.63 -21.79 -57.31
C LEU F 1189 -84.99 -22.39 -57.64
N PRO F 1190 -85.94 -21.60 -58.13
CA PRO F 1190 -87.17 -22.18 -58.65
C PRO F 1190 -86.90 -23.04 -59.88
N VAL F 1191 -87.57 -24.19 -59.93
CA VAL F 1191 -87.38 -25.17 -60.99
C VAL F 1191 -88.70 -25.87 -61.26
N CYS F 1192 -88.87 -26.28 -62.52
CA CYS F 1192 -90.03 -27.05 -62.94
C CYS F 1192 -89.59 -28.02 -64.02
N SER F 1193 -90.34 -29.10 -64.17
CA SER F 1193 -90.11 -30.10 -65.20
C SER F 1193 -91.44 -30.44 -65.85
N LEU F 1194 -91.46 -30.43 -67.18
CA LEU F 1194 -92.65 -30.73 -67.96
C LEU F 1194 -92.39 -31.99 -68.76
N GLY F 1195 -93.29 -32.97 -68.66
CA GLY F 1195 -93.21 -34.12 -69.53
C GLY F 1195 -93.81 -33.83 -70.88
N PRO F 1196 -93.85 -34.86 -71.73
CA PRO F 1196 -94.42 -34.67 -73.06
C PRO F 1196 -95.88 -34.26 -73.00
N GLY F 1197 -96.26 -33.35 -73.89
CA GLY F 1197 -97.63 -32.88 -73.96
C GLY F 1197 -98.08 -32.07 -72.77
N GLN F 1198 -97.16 -31.39 -72.09
CA GLN F 1198 -97.46 -30.68 -70.86
C GLN F 1198 -97.26 -29.17 -71.04
N VAL F 1199 -98.07 -28.40 -70.34
CA VAL F 1199 -98.02 -26.94 -70.40
C VAL F 1199 -98.15 -26.39 -68.99
N GLY F 1200 -97.21 -25.51 -68.63
CA GLY F 1200 -97.24 -24.87 -67.33
C GLY F 1200 -97.07 -23.38 -67.46
N HIS F 1201 -97.39 -22.67 -66.37
CA HIS F 1201 -97.22 -21.24 -66.27
C HIS F 1201 -96.54 -20.91 -64.96
N LEU F 1202 -95.31 -20.44 -65.03
CA LEU F 1202 -94.49 -20.18 -63.85
C LEU F 1202 -94.49 -18.68 -63.57
N ASN F 1203 -95.07 -18.29 -62.44
CA ASN F 1203 -95.11 -16.90 -62.00
C ASN F 1203 -94.17 -16.75 -60.81
N LEU F 1204 -93.08 -16.02 -61.01
CA LEU F 1204 -92.10 -15.77 -59.98
C LEU F 1204 -92.43 -14.52 -59.16
N GLY F 1205 -93.55 -13.87 -59.45
CA GLY F 1205 -94.00 -12.76 -58.63
C GLY F 1205 -93.38 -11.43 -58.97
N GLN F 1206 -92.95 -11.24 -60.22
CA GLN F 1206 -92.50 -9.91 -60.63
C GLN F 1206 -93.62 -8.90 -60.50
N ASP F 1207 -94.84 -9.29 -60.88
CA ASP F 1207 -96.04 -8.51 -60.65
C ASP F 1207 -96.88 -9.24 -59.61
N VAL F 1208 -96.94 -8.69 -58.41
CA VAL F 1208 -97.60 -9.38 -57.30
C VAL F 1208 -99.09 -9.54 -57.56
N SER F 1209 -99.70 -8.59 -58.28
CA SER F 1209 -101.13 -8.66 -58.53
C SER F 1209 -101.49 -9.92 -59.31
N SER F 1210 -100.55 -10.45 -60.09
CA SER F 1210 -100.79 -11.65 -60.89
C SER F 1210 -100.82 -12.92 -60.05
N LEU F 1211 -100.43 -12.84 -58.78
CA LEU F 1211 -100.41 -14.01 -57.92
C LEU F 1211 -101.80 -14.21 -57.32
N ARG F 1212 -102.38 -15.40 -57.54
CA ARG F 1212 -103.79 -15.60 -57.27
C ARG F 1212 -104.04 -16.06 -55.84
N PHE F 1213 -103.09 -16.78 -55.25
CA PHE F 1213 -103.28 -17.38 -53.93
C PHE F 1213 -102.25 -16.91 -52.92
N PHE F 1214 -101.42 -15.93 -53.28
CA PHE F 1214 -100.39 -15.44 -52.37
C PHE F 1214 -101.02 -14.83 -51.12
N ALA F 1215 -102.08 -14.04 -51.28
CA ALA F 1215 -102.74 -13.45 -50.13
C ALA F 1215 -103.36 -14.51 -49.24
N ILE F 1216 -103.99 -15.54 -49.84
CA ILE F 1216 -104.60 -16.59 -49.04
C ILE F 1216 -103.54 -17.33 -48.24
N CYS F 1217 -102.38 -17.60 -48.85
CA CYS F 1217 -101.29 -18.24 -48.14
C CYS F 1217 -99.96 -17.66 -48.60
N GLY F 1218 -99.18 -17.14 -47.65
CA GLY F 1218 -97.85 -16.65 -47.94
C GLY F 1218 -97.63 -15.21 -47.49
N LEU F 1219 -98.66 -14.38 -47.60
CA LEU F 1219 -98.52 -12.97 -47.24
C LEU F 1219 -98.42 -12.80 -45.73
N GLN F 1220 -99.46 -13.20 -45.01
CA GLN F 1220 -99.46 -13.04 -43.56
C GLN F 1220 -98.36 -13.90 -42.92
N GLU F 1221 -98.06 -15.03 -43.54
CA GLU F 1221 -96.93 -15.85 -43.10
C GLU F 1221 -95.59 -15.15 -43.36
N GLY F 1222 -95.59 -14.07 -44.13
CA GLY F 1222 -94.40 -13.28 -44.35
C GLY F 1222 -93.65 -13.58 -45.62
N PHE F 1223 -93.96 -14.69 -46.30
CA PHE F 1223 -93.22 -15.03 -47.51
C PHE F 1223 -93.32 -13.92 -48.54
N GLU F 1224 -92.21 -13.68 -49.23
CA GLU F 1224 -92.15 -12.67 -50.26
C GLU F 1224 -92.03 -13.33 -51.63
N PRO F 1225 -92.57 -12.71 -52.68
CA PRO F 1225 -92.37 -13.24 -54.02
C PRO F 1225 -90.91 -13.27 -54.41
N PHE F 1226 -90.55 -14.29 -55.20
CA PHE F 1226 -89.14 -14.51 -55.55
C PHE F 1226 -88.57 -13.33 -56.32
N ALA F 1227 -89.43 -12.58 -57.03
CA ALA F 1227 -89.00 -11.47 -57.87
C ALA F 1227 -89.77 -10.20 -57.55
N ILE F 1228 -89.93 -9.90 -56.26
CA ILE F 1228 -90.81 -8.82 -55.84
C ILE F 1228 -90.34 -7.48 -56.40
N ASN F 1229 -89.03 -7.22 -56.35
CA ASN F 1229 -88.49 -5.91 -56.73
C ASN F 1229 -87.38 -6.10 -57.77
N MET F 1230 -87.69 -6.90 -58.79
CA MET F 1230 -86.81 -7.08 -59.93
C MET F 1230 -87.38 -6.32 -61.13
N GLN F 1231 -86.54 -5.47 -61.73
CA GLN F 1231 -86.99 -4.66 -62.86
CA GLN F 1231 -87.02 -4.66 -62.84
C GLN F 1231 -87.29 -5.52 -64.07
N ARG F 1232 -86.44 -6.51 -64.34
CA ARG F 1232 -86.57 -7.35 -65.51
C ARG F 1232 -86.99 -8.76 -65.12
N PRO F 1233 -87.70 -9.46 -66.01
CA PRO F 1233 -88.10 -10.83 -65.69
C PRO F 1233 -86.90 -11.72 -65.44
N VAL F 1234 -87.07 -12.67 -64.51
CA VAL F 1234 -85.98 -13.57 -64.15
C VAL F 1234 -85.54 -14.35 -65.38
N THR F 1235 -84.24 -14.40 -65.61
CA THR F 1235 -83.70 -15.17 -66.72
C THR F 1235 -83.79 -16.67 -66.40
N THR F 1236 -84.17 -17.45 -67.41
CA THR F 1236 -84.39 -18.87 -67.25
C THR F 1236 -83.43 -19.67 -68.12
N TRP F 1237 -83.15 -20.88 -67.69
CA TRP F 1237 -82.40 -21.85 -68.47
C TRP F 1237 -83.22 -23.12 -68.60
N PHE F 1238 -83.06 -23.80 -69.73
CA PHE F 1238 -83.82 -25.01 -70.00
C PHE F 1238 -82.89 -26.12 -70.46
N SER F 1239 -83.34 -27.35 -70.23
CA SER F 1239 -82.59 -28.52 -70.66
C SER F 1239 -82.80 -28.75 -72.16
N LYS F 1240 -81.73 -28.57 -72.92
CA LYS F 1240 -81.73 -28.76 -74.36
C LYS F 1240 -81.21 -30.15 -74.65
N SER F 1241 -82.01 -30.93 -75.36
CA SER F 1241 -81.70 -32.34 -75.61
C SER F 1241 -80.77 -32.54 -76.80
N LEU F 1242 -80.28 -31.46 -77.40
CA LEU F 1242 -79.31 -31.61 -78.46
C LEU F 1242 -78.01 -32.17 -77.89
N PRO F 1243 -77.55 -33.34 -78.34
CA PRO F 1243 -76.31 -33.89 -77.80
C PRO F 1243 -75.10 -33.08 -78.26
N GLN F 1244 -74.20 -32.81 -77.32
CA GLN F 1244 -72.96 -32.12 -77.61
C GLN F 1244 -71.80 -32.86 -76.95
N PHE F 1245 -70.61 -32.68 -77.52
CA PHE F 1245 -69.40 -33.34 -77.03
C PHE F 1245 -68.84 -32.52 -75.88
N GLU F 1246 -68.54 -33.20 -74.77
CA GLU F 1246 -68.00 -32.57 -73.58
C GLU F 1246 -66.81 -33.36 -73.09
N PRO F 1247 -65.84 -32.72 -72.43
CA PRO F 1247 -64.69 -33.46 -71.92
C PRO F 1247 -65.12 -34.55 -70.95
N VAL F 1248 -64.43 -35.68 -71.01
CA VAL F 1248 -64.74 -36.77 -70.09
C VAL F 1248 -64.40 -36.32 -68.67
N PRO F 1249 -65.34 -36.34 -67.73
CA PRO F 1249 -65.04 -35.88 -66.37
C PRO F 1249 -63.94 -36.71 -65.75
N PRO F 1250 -63.00 -36.08 -65.04
CA PRO F 1250 -61.95 -36.87 -64.37
C PRO F 1250 -62.51 -37.85 -63.36
N GLU F 1251 -63.63 -37.50 -62.72
CA GLU F 1251 -64.23 -38.31 -61.68
C GLU F 1251 -65.38 -39.17 -62.18
N HIS F 1252 -65.48 -39.38 -63.49
CA HIS F 1252 -66.57 -40.18 -64.03
C HIS F 1252 -66.53 -41.58 -63.42
N PRO F 1253 -67.65 -42.07 -62.86
CA PRO F 1253 -67.59 -43.37 -62.16
C PRO F 1253 -67.20 -44.52 -63.05
N HIS F 1254 -67.59 -44.52 -64.33
CA HIS F 1254 -67.45 -45.69 -65.18
C HIS F 1254 -66.32 -45.59 -66.19
N TYR F 1255 -65.99 -44.40 -66.67
CA TYR F 1255 -65.05 -44.24 -67.77
C TYR F 1255 -63.82 -43.48 -67.29
N GLU F 1256 -62.64 -43.99 -67.65
CA GLU F 1256 -61.37 -43.38 -67.30
C GLU F 1256 -60.55 -43.21 -68.57
N VAL F 1257 -59.92 -42.04 -68.71
CA VAL F 1257 -59.05 -41.75 -69.84
C VAL F 1257 -57.65 -41.52 -69.30
N ALA F 1258 -56.69 -42.25 -69.83
CA ALA F 1258 -55.29 -42.17 -69.41
C ALA F 1258 -54.46 -41.61 -70.55
N ARG F 1259 -53.70 -40.56 -70.26
CA ARG F 1259 -52.77 -39.99 -71.22
C ARG F 1259 -51.43 -40.71 -71.08
N MET F 1260 -51.09 -41.54 -72.05
CA MET F 1260 -49.89 -42.36 -72.01
C MET F 1260 -48.77 -41.67 -72.76
N ASP F 1261 -47.66 -41.45 -72.07
CA ASP F 1261 -46.51 -40.78 -72.68
C ASP F 1261 -45.89 -41.69 -73.74
N GLY F 1262 -45.39 -41.07 -74.81
CA GLY F 1262 -44.82 -41.84 -75.89
C GLY F 1262 -43.43 -42.34 -75.54
N THR F 1263 -43.15 -43.58 -75.91
CA THR F 1263 -41.85 -44.20 -75.76
C THR F 1263 -41.13 -44.21 -77.12
N VAL F 1264 -39.94 -44.81 -77.15
CA VAL F 1264 -39.23 -44.95 -78.42
C VAL F 1264 -39.96 -45.95 -79.32
N ASP F 1265 -40.52 -47.02 -78.73
CA ASP F 1265 -41.21 -48.02 -79.52
C ASP F 1265 -42.68 -47.67 -79.73
N THR F 1266 -43.26 -46.88 -78.84
CA THR F 1266 -44.68 -46.58 -78.89
C THR F 1266 -44.93 -45.08 -78.98
N PRO F 1267 -46.01 -44.67 -79.63
CA PRO F 1267 -46.32 -43.24 -79.74
C PRO F 1267 -47.11 -42.76 -78.54
N PRO F 1268 -47.33 -41.46 -78.41
CA PRO F 1268 -48.27 -40.97 -77.40
C PRO F 1268 -49.67 -41.51 -77.64
N CYS F 1269 -50.40 -41.73 -76.54
CA CYS F 1269 -51.68 -42.40 -76.62
C CYS F 1269 -52.64 -41.84 -75.56
N LEU F 1270 -53.92 -41.97 -75.86
CA LEU F 1270 -55.01 -41.69 -74.93
C LEU F 1270 -55.84 -42.97 -74.83
N ARG F 1271 -55.78 -43.63 -73.68
CA ARG F 1271 -56.37 -44.95 -73.51
C ARG F 1271 -57.64 -44.84 -72.69
N LEU F 1272 -58.68 -45.56 -73.12
CA LEU F 1272 -59.94 -45.60 -72.40
C LEU F 1272 -60.07 -46.90 -71.64
N ALA F 1273 -60.56 -46.81 -70.40
CA ALA F 1273 -60.77 -47.97 -69.56
C ALA F 1273 -62.14 -47.87 -68.91
N HIS F 1274 -62.73 -49.04 -68.62
CA HIS F 1274 -64.03 -49.11 -67.98
C HIS F 1274 -63.81 -49.32 -66.48
N ARG F 1275 -64.15 -48.30 -65.70
CA ARG F 1275 -63.87 -48.32 -64.26
C ARG F 1275 -64.67 -49.40 -63.55
N THR F 1276 -65.94 -49.57 -63.93
CA THR F 1276 -66.87 -50.40 -63.19
C THR F 1276 -67.17 -51.74 -63.88
N TRP F 1277 -66.28 -52.20 -64.75
CA TRP F 1277 -66.55 -53.42 -65.50
C TRP F 1277 -66.65 -54.62 -64.58
N GLY F 1278 -67.47 -55.59 -64.99
CA GLY F 1278 -67.62 -56.83 -64.25
C GLY F 1278 -68.12 -56.60 -62.84
N SER F 1279 -69.10 -55.70 -62.70
CA SER F 1279 -69.66 -55.37 -61.40
C SER F 1279 -71.10 -54.92 -61.58
N GLN F 1280 -71.95 -55.33 -60.66
CA GLN F 1280 -73.31 -54.77 -60.62
C GLN F 1280 -73.23 -53.29 -60.31
N ASN F 1281 -74.14 -52.54 -60.93
CA ASN F 1281 -74.20 -51.07 -61.07
C ASN F 1281 -73.38 -50.59 -62.26
N SER F 1282 -72.72 -51.48 -62.99
CA SER F 1282 -71.91 -51.04 -64.13
C SER F 1282 -72.79 -50.48 -65.23
N LEU F 1283 -72.23 -49.53 -65.98
CA LEU F 1283 -72.92 -48.89 -67.10
C LEU F 1283 -72.33 -49.41 -68.40
N VAL F 1284 -73.14 -50.11 -69.18
CA VAL F 1284 -72.73 -50.62 -70.49
C VAL F 1284 -73.71 -50.07 -71.51
N GLU F 1285 -73.25 -49.09 -72.28
CA GLU F 1285 -74.07 -48.48 -73.32
C GLU F 1285 -73.13 -47.82 -74.33
N MET F 1286 -73.69 -47.49 -75.50
CA MET F 1286 -72.87 -46.94 -76.57
C MET F 1286 -72.17 -45.67 -76.10
N LEU F 1287 -70.89 -45.56 -76.46
CA LEU F 1287 -70.06 -44.44 -76.09
C LEU F 1287 -69.54 -43.78 -77.36
N PHE F 1288 -69.87 -42.51 -77.54
CA PHE F 1288 -69.44 -41.71 -78.67
C PHE F 1288 -68.35 -40.77 -78.20
N LEU F 1289 -67.15 -40.91 -78.76
CA LEU F 1289 -66.00 -40.14 -78.33
C LEU F 1289 -65.36 -39.47 -79.54
N ARG F 1290 -64.83 -38.28 -79.31
CA ARG F 1290 -64.00 -37.64 -80.31
C ARG F 1290 -62.82 -36.98 -79.61
N LEU F 1291 -61.89 -36.48 -80.42
CA LEU F 1291 -60.81 -35.66 -79.89
C LEU F 1291 -61.18 -34.19 -79.97
N SER F 1292 -60.64 -33.41 -79.03
CA SER F 1292 -61.09 -32.03 -78.86
C SER F 1292 -60.75 -31.14 -80.03
N LEU F 1293 -59.74 -31.48 -80.83
CA LEU F 1293 -59.28 -30.57 -81.87
C LEU F 1293 -59.48 -31.17 -83.25
N PRO F 1294 -59.82 -30.35 -84.26
CA PRO F 1294 -60.01 -30.88 -85.60
C PRO F 1294 -58.77 -30.78 -86.47
N VAL F 1295 -58.83 -31.42 -87.64
CA VAL F 1295 -57.94 -31.15 -88.75
C VAL F 1295 -58.78 -30.50 -89.85
N GLN F 1296 -58.25 -29.44 -90.44
CA GLN F 1296 -58.98 -28.66 -91.42
C GLN F 1296 -58.33 -28.81 -92.79
N PHE F 1297 -59.15 -29.13 -93.79
CA PHE F 1297 -58.66 -29.33 -95.15
C PHE F 1297 -58.34 -28.00 -95.81
N HIS F 1298 -57.47 -28.05 -96.81
CA HIS F 1298 -57.04 -26.85 -97.49
C HIS F 1298 -58.21 -26.16 -98.18
N GLN F 1299 -58.12 -24.84 -98.31
CA GLN F 1299 -59.14 -24.10 -99.03
C GLN F 1299 -59.16 -24.50 -100.50
N HIS F 1300 -58.00 -24.65 -101.11
CA HIS F 1300 -57.88 -25.00 -102.52
C HIS F 1300 -57.17 -26.35 -102.64
N PHE F 1301 -57.82 -27.28 -103.32
CA PHE F 1301 -57.26 -28.61 -103.52
C PHE F 1301 -56.35 -28.63 -104.74
N ARG F 1302 -55.26 -29.36 -104.62
CA ARG F 1302 -54.26 -29.37 -105.69
C ARG F 1302 -54.85 -29.94 -106.98
N CYS F 1303 -54.58 -29.25 -108.09
CA CYS F 1303 -55.02 -29.74 -109.38
C CYS F 1303 -54.25 -30.99 -109.76
N THR F 1304 -54.94 -31.95 -110.35
CA THR F 1304 -54.32 -33.24 -110.62
C THR F 1304 -53.30 -33.12 -111.75
N ASP F 1419 -34.50 -50.01 -91.51
CA ASP F 1419 -35.16 -49.18 -92.52
C ASP F 1419 -36.29 -48.40 -91.82
N ASN F 1420 -37.32 -47.98 -92.56
CA ASN F 1420 -38.44 -47.25 -91.98
C ASN F 1420 -38.03 -45.86 -91.50
N ARG F 1421 -37.22 -45.19 -92.33
CA ARG F 1421 -36.82 -43.81 -92.08
C ARG F 1421 -37.50 -42.90 -93.09
N ASP F 1422 -38.11 -41.83 -92.59
CA ASP F 1422 -38.79 -40.89 -93.47
C ASP F 1422 -37.78 -40.13 -94.32
N ASP F 1423 -38.07 -40.03 -95.61
CA ASP F 1423 -37.29 -39.14 -96.46
C ASP F 1423 -37.59 -37.70 -96.09
N PRO F 1424 -36.56 -36.88 -95.82
CA PRO F 1424 -36.85 -35.51 -95.36
C PRO F 1424 -37.71 -34.73 -96.32
N GLU F 1425 -37.36 -34.71 -97.61
CA GLU F 1425 -38.11 -33.88 -98.56
C GLU F 1425 -39.56 -34.35 -98.63
N ILE F 1426 -39.78 -35.65 -98.71
CA ILE F 1426 -41.14 -36.18 -98.83
C ILE F 1426 -41.95 -35.83 -97.58
N ILE F 1427 -41.39 -36.10 -96.40
CA ILE F 1427 -42.16 -35.91 -95.17
C ILE F 1427 -42.38 -34.43 -94.89
N LEU F 1428 -41.49 -33.55 -95.34
CA LEU F 1428 -41.68 -32.12 -95.15
C LEU F 1428 -42.60 -31.49 -96.18
N ASN F 1429 -42.76 -32.10 -97.36
CA ASN F 1429 -43.65 -31.57 -98.38
C ASN F 1429 -44.96 -32.32 -98.50
N THR F 1430 -45.18 -33.35 -97.69
CA THR F 1430 -46.41 -34.13 -97.78
C THR F 1430 -47.57 -33.41 -97.11
N THR F 1431 -48.77 -33.71 -97.59
CA THR F 1431 -50.01 -33.20 -97.00
C THR F 1431 -50.84 -34.32 -96.38
N THR F 1432 -50.23 -35.45 -96.08
CA THR F 1432 -50.93 -36.63 -95.59
C THR F 1432 -50.67 -36.79 -94.09
N TYR F 1433 -51.74 -37.08 -93.35
CA TYR F 1433 -51.68 -37.19 -91.90
C TYR F 1433 -52.37 -38.48 -91.46
N TYR F 1434 -51.99 -38.95 -90.28
CA TYR F 1434 -52.31 -40.29 -89.84
C TYR F 1434 -52.63 -40.28 -88.35
N TYR F 1435 -53.58 -41.13 -87.96
CA TYR F 1435 -53.68 -41.55 -86.57
C TYR F 1435 -54.14 -43.00 -86.56
N SER F 1436 -54.18 -43.61 -85.38
CA SER F 1436 -54.67 -44.98 -85.29
C SER F 1436 -55.45 -45.18 -84.02
N VAL F 1437 -56.24 -46.24 -84.00
CA VAL F 1437 -57.00 -46.67 -82.84
C VAL F 1437 -56.71 -48.13 -82.60
N ARG F 1438 -56.22 -48.45 -81.41
CA ARG F 1438 -55.96 -49.82 -81.01
C ARG F 1438 -57.11 -50.33 -80.16
N VAL F 1439 -57.82 -51.31 -80.67
CA VAL F 1439 -58.90 -51.99 -79.96
C VAL F 1439 -58.28 -53.16 -79.22
N PHE F 1440 -58.37 -53.13 -77.89
CA PHE F 1440 -57.66 -54.12 -77.08
C PHE F 1440 -58.32 -55.48 -77.18
N ALA F 1441 -57.52 -56.52 -76.97
CA ALA F 1441 -58.05 -57.87 -76.94
C ALA F 1441 -59.11 -57.99 -75.86
N GLY F 1442 -60.22 -58.66 -76.19
CA GLY F 1442 -61.36 -58.73 -75.32
C GLY F 1442 -62.44 -57.72 -75.64
N GLN F 1443 -62.13 -56.69 -76.44
CA GLN F 1443 -63.12 -55.72 -76.89
C GLN F 1443 -63.55 -56.12 -78.30
N GLU F 1444 -64.83 -56.38 -78.47
CA GLU F 1444 -65.33 -56.87 -79.75
C GLU F 1444 -65.22 -55.79 -80.82
N PRO F 1445 -64.47 -56.01 -81.90
CA PRO F 1445 -64.43 -55.01 -82.97
C PRO F 1445 -65.79 -54.73 -83.59
N SER F 1446 -66.66 -55.75 -83.62
CA SER F 1446 -68.00 -55.54 -84.16
C SER F 1446 -68.74 -54.44 -83.42
N CYS F 1447 -68.36 -54.21 -82.16
CA CYS F 1447 -68.95 -53.15 -81.37
C CYS F 1447 -68.21 -51.82 -81.51
N VAL F 1448 -67.23 -51.74 -82.39
CA VAL F 1448 -66.36 -50.57 -82.51
C VAL F 1448 -66.50 -49.98 -83.91
N TRP F 1449 -66.57 -48.65 -83.98
CA TRP F 1449 -66.50 -47.90 -85.23
C TRP F 1449 -65.41 -46.86 -85.10
N VAL F 1450 -64.63 -46.67 -86.15
CA VAL F 1450 -63.49 -45.77 -86.15
C VAL F 1450 -63.54 -44.88 -87.37
N GLY F 1451 -63.17 -43.61 -87.18
CA GLY F 1451 -63.15 -42.66 -88.28
C GLY F 1451 -63.15 -41.22 -87.82
N TRP F 1452 -63.99 -40.40 -88.46
CA TRP F 1452 -64.04 -38.97 -88.18
C TRP F 1452 -65.49 -38.52 -88.09
N VAL F 1453 -65.69 -37.38 -87.43
CA VAL F 1453 -66.99 -36.72 -87.35
C VAL F 1453 -66.80 -35.24 -87.64
N THR F 1454 -67.75 -34.67 -88.36
CA THR F 1454 -67.81 -33.24 -88.52
C THR F 1454 -68.36 -32.59 -87.26
N PRO F 1455 -68.17 -31.28 -87.09
CA PRO F 1455 -68.64 -30.61 -85.86
C PRO F 1455 -70.15 -30.51 -85.74
N ASP F 1456 -70.89 -31.11 -86.68
CA ASP F 1456 -72.35 -31.09 -86.66
C ASP F 1456 -72.92 -32.46 -86.35
N TYR F 1457 -72.12 -33.36 -85.78
CA TYR F 1457 -72.61 -34.68 -85.37
C TYR F 1457 -73.28 -34.54 -84.01
N HIS F 1458 -74.59 -34.77 -83.97
CA HIS F 1458 -75.36 -34.67 -82.73
C HIS F 1458 -76.25 -35.89 -82.53
N GLN F 1459 -75.86 -37.03 -83.11
CA GLN F 1459 -76.71 -38.22 -83.14
C GLN F 1459 -76.25 -39.17 -82.03
N HIS F 1460 -77.09 -39.30 -80.99
CA HIS F 1460 -76.79 -40.11 -79.82
C HIS F 1460 -77.71 -41.34 -79.89
N ASP F 1461 -77.25 -42.37 -80.59
CA ASP F 1461 -78.07 -43.53 -80.90
C ASP F 1461 -77.51 -44.75 -80.16
N MET F 1462 -78.30 -45.27 -79.22
CA MET F 1462 -77.92 -46.52 -78.55
C MET F 1462 -77.82 -47.66 -79.55
N ASN F 1463 -78.75 -47.73 -80.48
CA ASN F 1463 -78.78 -48.80 -81.49
C ASN F 1463 -78.05 -48.33 -82.75
N PHE F 1464 -76.77 -48.02 -82.58
CA PHE F 1464 -76.00 -47.39 -83.64
C PHE F 1464 -75.60 -48.39 -84.71
N ASP F 1465 -75.61 -47.92 -85.96
CA ASP F 1465 -75.09 -48.65 -87.10
C ASP F 1465 -74.74 -47.63 -88.17
N LEU F 1466 -73.81 -48.00 -89.05
CA LEU F 1466 -73.40 -47.10 -90.11
C LEU F 1466 -74.54 -46.73 -91.04
N SER F 1467 -75.61 -47.53 -91.06
CA SER F 1467 -76.80 -47.17 -91.81
C SER F 1467 -77.49 -45.94 -91.24
N LYS F 1468 -77.27 -45.64 -89.96
CA LYS F 1468 -77.87 -44.49 -89.31
C LYS F 1468 -77.17 -43.18 -89.61
N VAL F 1469 -76.02 -43.23 -90.28
CA VAL F 1469 -75.27 -42.02 -90.58
C VAL F 1469 -76.07 -41.16 -91.54
N ARG F 1470 -76.19 -39.88 -91.20
CA ARG F 1470 -76.85 -38.94 -92.10
C ARG F 1470 -76.06 -38.84 -93.40
N ALA F 1471 -76.78 -38.83 -94.52
CA ALA F 1471 -76.14 -38.73 -95.82
C ALA F 1471 -77.07 -38.00 -96.77
N VAL F 1472 -76.48 -37.28 -97.72
CA VAL F 1472 -77.26 -36.59 -98.74
C VAL F 1472 -76.38 -36.44 -99.96
N THR F 1473 -77.01 -36.32 -101.13
CA THR F 1473 -76.31 -36.10 -102.38
C THR F 1473 -76.91 -34.89 -103.08
N VAL F 1474 -76.07 -33.91 -103.39
CA VAL F 1474 -76.48 -32.72 -104.13
C VAL F 1474 -75.99 -32.90 -105.56
N THR F 1475 -76.93 -32.90 -106.51
CA THR F 1475 -76.62 -33.11 -107.91
C THR F 1475 -77.02 -31.88 -108.71
N MET F 1476 -76.06 -31.29 -109.39
CA MET F 1476 -76.28 -30.15 -110.27
C MET F 1476 -75.99 -30.54 -111.70
N GLY F 1477 -76.91 -30.18 -112.61
CA GLY F 1477 -76.75 -30.50 -114.01
C GLY F 1477 -77.19 -29.32 -114.86
N ASP F 1478 -77.00 -29.48 -116.17
CA ASP F 1478 -77.47 -28.48 -117.11
C ASP F 1478 -79.00 -28.42 -117.07
N GLU F 1479 -79.56 -27.52 -117.88
CA GLU F 1479 -81.02 -27.41 -117.94
C GLU F 1479 -81.66 -28.76 -118.18
N GLN F 1480 -81.10 -29.55 -119.09
CA GLN F 1480 -81.54 -30.92 -119.31
C GLN F 1480 -80.43 -31.88 -118.89
N GLY F 1481 -80.73 -32.76 -117.93
CA GLY F 1481 -79.79 -33.75 -117.47
C GLY F 1481 -78.38 -33.19 -117.34
N ASN F 1482 -77.42 -33.78 -118.04
CA ASN F 1482 -76.07 -33.24 -118.08
C ASN F 1482 -75.56 -32.93 -116.68
N VAL F 1483 -75.43 -33.94 -115.84
CA VAL F 1483 -74.99 -33.72 -114.47
C VAL F 1483 -73.57 -33.17 -114.48
N HIS F 1484 -73.43 -31.90 -114.09
CA HIS F 1484 -72.10 -31.32 -113.92
C HIS F 1484 -71.43 -31.88 -112.66
N SER F 1485 -72.18 -31.98 -111.56
CA SER F 1485 -71.57 -32.29 -110.28
C SER F 1485 -72.51 -33.16 -109.46
N SER F 1486 -71.93 -34.03 -108.65
CA SER F 1486 -72.66 -34.85 -107.68
C SER F 1486 -71.80 -34.97 -106.44
N LEU F 1487 -72.24 -34.36 -105.35
CA LEU F 1487 -71.47 -34.28 -104.11
C LEU F 1487 -72.19 -35.02 -103.00
N LYS F 1488 -71.47 -35.87 -102.27
CA LYS F 1488 -72.01 -36.59 -101.13
C LYS F 1488 -71.58 -35.88 -99.85
N CYS F 1489 -72.56 -35.61 -98.98
CA CYS F 1489 -72.33 -34.92 -97.73
C CYS F 1489 -72.78 -35.80 -96.58
N SER F 1490 -71.95 -35.87 -95.54
CA SER F 1490 -72.22 -36.71 -94.37
C SER F 1490 -71.45 -36.13 -93.20
N ASN F 1491 -72.04 -36.23 -92.01
CA ASN F 1491 -71.37 -35.73 -90.81
C ASN F 1491 -70.41 -36.76 -90.25
N CYS F 1492 -70.57 -38.03 -90.64
CA CYS F 1492 -69.81 -39.13 -90.06
C CYS F 1492 -69.13 -39.91 -91.17
N TYR F 1493 -67.83 -40.15 -91.00
CA TYR F 1493 -67.04 -40.97 -91.90
C TYR F 1493 -66.29 -42.00 -91.07
N MET F 1494 -66.65 -43.28 -91.23
CA MET F 1494 -66.13 -44.29 -90.33
C MET F 1494 -66.06 -45.64 -91.04
N VAL F 1495 -65.40 -46.57 -90.36
CA VAL F 1495 -65.28 -47.96 -90.79
C VAL F 1495 -65.67 -48.85 -89.63
N TRP F 1496 -66.25 -50.01 -89.95
CA TRP F 1496 -66.69 -50.95 -88.95
C TRP F 1496 -65.63 -52.04 -88.74
N GLY F 1497 -65.33 -52.32 -87.47
CA GLY F 1497 -64.33 -53.33 -87.17
C GLY F 1497 -64.79 -54.73 -87.57
N GLY F 1498 -66.10 -54.92 -87.73
CA GLY F 1498 -66.60 -56.17 -88.25
C GLY F 1498 -66.19 -56.39 -89.69
N ASP F 1499 -65.89 -55.32 -90.42
CA ASP F 1499 -65.41 -55.44 -91.79
C ASP F 1499 -63.95 -55.89 -91.84
N PHE F 1500 -63.20 -55.70 -90.75
CA PHE F 1500 -61.79 -56.07 -90.70
C PHE F 1500 -61.53 -57.35 -89.93
N VAL F 1501 -62.45 -57.78 -89.08
CA VAL F 1501 -62.26 -59.04 -88.37
C VAL F 1501 -62.29 -60.16 -89.41
N SER F 1502 -61.22 -60.96 -89.44
CA SER F 1502 -61.23 -62.13 -90.32
C SER F 1502 -62.32 -63.08 -89.85
N PRO F 1503 -62.88 -63.90 -90.74
CA PRO F 1503 -64.00 -64.75 -90.31
C PRO F 1503 -63.53 -65.79 -89.31
N GLY F 1504 -63.81 -65.52 -88.04
CA GLY F 1504 -63.38 -66.36 -86.94
C GLY F 1504 -64.44 -66.47 -85.87
N GLN F 1505 -65.71 -66.38 -86.27
CA GLN F 1505 -66.80 -66.47 -85.30
C GLN F 1505 -66.56 -67.61 -84.31
N GLN F 1506 -65.98 -68.71 -84.78
CA GLN F 1506 -65.55 -69.76 -83.88
C GLN F 1506 -64.34 -69.26 -83.09
N GLY F 1507 -64.45 -69.28 -81.76
CA GLY F 1507 -63.46 -68.63 -80.94
C GLY F 1507 -63.44 -67.14 -81.22
N ARG F 1508 -64.62 -66.53 -81.27
CA ARG F 1508 -64.73 -65.13 -81.69
C ARG F 1508 -63.80 -64.24 -80.88
N ILE F 1509 -63.68 -64.50 -79.57
CA ILE F 1509 -62.77 -63.72 -78.75
C ILE F 1509 -61.34 -63.93 -79.25
N SER F 1510 -60.62 -62.83 -79.43
CA SER F 1510 -59.29 -62.86 -80.03
C SER F 1510 -58.28 -62.30 -79.04
N HIS F 1511 -57.21 -63.07 -78.80
CA HIS F 1511 -56.12 -62.59 -77.96
C HIS F 1511 -55.41 -61.39 -78.58
N THR F 1512 -55.53 -61.22 -79.90
CA THR F 1512 -54.83 -60.14 -80.58
C THR F 1512 -55.55 -58.82 -80.41
N ASP F 1513 -54.85 -57.74 -80.76
CA ASP F 1513 -55.38 -56.39 -80.71
C ASP F 1513 -55.52 -55.86 -82.13
N LEU F 1514 -56.59 -55.09 -82.39
CA LEU F 1514 -56.88 -54.62 -83.74
C LEU F 1514 -56.50 -53.15 -83.87
N VAL F 1515 -55.56 -52.85 -84.76
CA VAL F 1515 -55.05 -51.48 -84.92
C VAL F 1515 -55.57 -50.93 -86.24
N ILE F 1516 -56.61 -50.10 -86.16
CA ILE F 1516 -57.20 -49.47 -87.35
C ILE F 1516 -56.53 -48.11 -87.55
N GLY F 1517 -56.00 -47.89 -88.74
CA GLY F 1517 -55.32 -46.65 -89.07
C GLY F 1517 -56.18 -45.79 -89.98
N CYS F 1518 -56.15 -44.48 -89.74
CA CYS F 1518 -56.92 -43.51 -90.51
C CYS F 1518 -55.97 -42.49 -91.10
N LEU F 1519 -56.06 -42.29 -92.42
CA LEU F 1519 -55.18 -41.41 -93.17
C LEU F 1519 -56.03 -40.37 -93.90
N VAL F 1520 -55.55 -39.13 -93.95
CA VAL F 1520 -56.23 -38.05 -94.65
C VAL F 1520 -55.20 -37.23 -95.41
N ASP F 1521 -55.49 -36.91 -96.66
CA ASP F 1521 -54.70 -35.97 -97.45
C ASP F 1521 -55.44 -34.64 -97.45
N LEU F 1522 -54.88 -33.65 -96.75
CA LEU F 1522 -55.55 -32.37 -96.55
C LEU F 1522 -55.50 -31.48 -97.78
N ALA F 1523 -54.98 -31.98 -98.90
CA ALA F 1523 -54.94 -31.22 -100.15
C ALA F 1523 -55.80 -31.81 -101.24
N THR F 1524 -56.16 -33.09 -101.16
CA THR F 1524 -57.07 -33.72 -102.11
C THR F 1524 -58.42 -34.05 -101.50
N GLY F 1525 -58.59 -33.88 -100.20
CA GLY F 1525 -59.82 -34.27 -99.54
C GLY F 1525 -60.08 -35.75 -99.56
N LEU F 1526 -59.04 -36.57 -99.45
CA LEU F 1526 -59.14 -38.01 -99.56
C LEU F 1526 -58.89 -38.64 -98.19
N MET F 1527 -59.75 -39.58 -97.81
CA MET F 1527 -59.67 -40.26 -96.53
C MET F 1527 -59.65 -41.76 -96.76
N THR F 1528 -58.66 -42.44 -96.17
CA THR F 1528 -58.48 -43.87 -96.36
C THR F 1528 -58.20 -44.54 -95.02
N PHE F 1529 -58.30 -45.86 -95.01
CA PHE F 1529 -58.21 -46.64 -93.79
C PHE F 1529 -57.35 -47.89 -94.00
N THR F 1530 -56.73 -48.33 -92.91
CA THR F 1530 -55.92 -49.54 -92.88
C THR F 1530 -56.39 -50.42 -91.72
N ALA F 1531 -56.33 -51.73 -91.92
CA ALA F 1531 -56.83 -52.67 -90.92
C ALA F 1531 -55.74 -53.10 -89.94
N ASN F 1532 -54.68 -53.73 -90.44
CA ASN F 1532 -53.50 -54.05 -89.65
C ASN F 1532 -52.27 -53.82 -90.52
N GLY F 1533 -52.23 -52.69 -91.21
CA GLY F 1533 -51.28 -52.47 -92.27
C GLY F 1533 -51.78 -52.86 -93.63
N LYS F 1534 -52.99 -53.40 -93.73
CA LYS F 1534 -53.63 -53.78 -94.97
C LYS F 1534 -54.66 -52.72 -95.34
N GLU F 1535 -54.59 -52.24 -96.58
CA GLU F 1535 -55.46 -51.16 -97.01
C GLU F 1535 -56.90 -51.64 -97.09
N SER F 1536 -57.80 -50.87 -96.48
CA SER F 1536 -59.23 -51.16 -96.61
C SER F 1536 -59.78 -50.57 -97.90
N ASN F 1537 -60.90 -51.13 -98.36
CA ASN F 1537 -61.52 -50.64 -99.58
C ASN F 1537 -62.26 -49.33 -99.36
N THR F 1538 -62.73 -49.08 -98.13
CA THR F 1538 -63.50 -47.87 -97.85
C THR F 1538 -62.63 -46.64 -98.05
N PHE F 1539 -63.18 -45.66 -98.77
CA PHE F 1539 -62.53 -44.38 -98.97
C PHE F 1539 -63.59 -43.29 -99.01
N PHE F 1540 -63.20 -42.08 -98.63
CA PHE F 1540 -64.10 -40.95 -98.61
C PHE F 1540 -63.48 -39.75 -99.30
N GLN F 1541 -64.33 -38.94 -99.91
CA GLN F 1541 -63.93 -37.69 -100.55
C GLN F 1541 -64.74 -36.56 -99.93
N VAL F 1542 -64.04 -35.54 -99.43
CA VAL F 1542 -64.65 -34.42 -98.73
C VAL F 1542 -64.19 -33.12 -99.38
N GLU F 1543 -65.00 -32.08 -99.24
CA GLU F 1543 -64.73 -30.80 -99.85
C GLU F 1543 -63.70 -30.02 -99.05
N PRO F 1544 -63.05 -29.03 -99.68
CA PRO F 1544 -62.05 -28.23 -98.96
C PRO F 1544 -62.67 -27.41 -97.84
N ASN F 1545 -61.81 -27.00 -96.90
CA ASN F 1545 -62.16 -26.22 -95.71
C ASN F 1545 -62.98 -27.05 -94.73
N THR F 1546 -63.11 -28.34 -94.95
CA THR F 1546 -63.85 -29.20 -94.02
C THR F 1546 -63.03 -29.44 -92.76
N LYS F 1547 -63.71 -29.44 -91.62
CA LYS F 1547 -63.11 -29.76 -90.33
C LYS F 1547 -63.53 -31.16 -89.93
N LEU F 1548 -62.58 -31.97 -89.47
CA LEU F 1548 -62.87 -33.32 -89.03
C LEU F 1548 -62.17 -33.62 -87.72
N PHE F 1549 -62.91 -34.22 -86.79
CA PHE F 1549 -62.38 -34.65 -85.51
C PHE F 1549 -62.15 -36.15 -85.52
N PRO F 1550 -61.02 -36.64 -85.05
CA PRO F 1550 -60.90 -38.09 -84.81
C PRO F 1550 -62.01 -38.54 -83.89
N ALA F 1551 -62.63 -39.67 -84.22
CA ALA F 1551 -63.80 -40.14 -83.50
C ALA F 1551 -63.82 -41.65 -83.41
N VAL F 1552 -64.31 -42.15 -82.29
CA VAL F 1552 -64.49 -43.57 -82.05
C VAL F 1552 -65.85 -43.77 -81.38
N PHE F 1553 -66.66 -44.66 -81.94
CA PHE F 1553 -67.92 -45.08 -81.33
C PHE F 1553 -67.79 -46.54 -80.93
N VAL F 1554 -68.06 -46.85 -79.67
CA VAL F 1554 -67.74 -48.16 -79.13
C VAL F 1554 -68.78 -48.57 -78.11
N LEU F 1555 -69.08 -49.87 -78.09
CA LEU F 1555 -69.86 -50.48 -77.01
C LEU F 1555 -68.93 -51.36 -76.19
N PRO F 1556 -68.57 -50.98 -74.96
CA PRO F 1556 -67.55 -51.74 -74.23
C PRO F 1556 -67.99 -53.17 -73.95
N THR F 1557 -67.07 -54.10 -74.16
CA THR F 1557 -67.22 -55.49 -73.74
C THR F 1557 -66.05 -55.92 -72.85
N HIS F 1558 -65.22 -54.98 -72.44
CA HIS F 1558 -63.98 -55.28 -71.73
C HIS F 1558 -63.61 -54.07 -70.90
N GLN F 1559 -62.76 -54.28 -69.89
CA GLN F 1559 -62.33 -53.17 -69.05
C GLN F 1559 -61.30 -52.30 -69.75
N ASN F 1560 -60.65 -52.82 -70.80
CA ASN F 1560 -59.72 -52.07 -71.62
C ASN F 1560 -60.29 -52.07 -73.04
N VAL F 1561 -60.73 -50.90 -73.50
CA VAL F 1561 -61.52 -50.83 -74.73
C VAL F 1561 -60.66 -50.42 -75.91
N ILE F 1562 -60.20 -49.18 -75.90
CA ILE F 1562 -59.54 -48.58 -77.07
C ILE F 1562 -58.40 -47.68 -76.63
N GLN F 1563 -57.57 -47.32 -77.60
CA GLN F 1563 -56.42 -46.45 -77.39
C GLN F 1563 -56.25 -45.59 -78.63
N PHE F 1564 -56.53 -44.29 -78.50
CA PHE F 1564 -56.12 -43.34 -79.53
C PHE F 1564 -54.60 -43.29 -79.57
N GLU F 1565 -54.01 -43.71 -80.67
CA GLU F 1565 -52.56 -43.69 -80.84
C GLU F 1565 -52.24 -42.57 -81.83
N LEU F 1566 -51.58 -41.52 -81.31
CA LEU F 1566 -51.27 -40.33 -82.10
C LEU F 1566 -49.85 -40.44 -82.62
N GLY F 1567 -49.68 -41.33 -83.59
CA GLY F 1567 -48.38 -41.60 -84.15
C GLY F 1567 -48.32 -41.34 -85.64
N LYS F 1568 -47.34 -41.92 -86.30
CA LYS F 1568 -47.11 -41.70 -87.72
C LYS F 1568 -46.72 -43.00 -88.40
N GLN F 1569 -46.95 -43.05 -89.71
CA GLN F 1569 -46.37 -44.06 -90.57
C GLN F 1569 -45.21 -43.44 -91.34
N LYS F 1570 -44.53 -44.28 -92.12
CA LYS F 1570 -43.36 -43.81 -92.84
C LYS F 1570 -43.77 -42.83 -93.93
N ASN F 1571 -43.22 -41.62 -93.87
CA ASN F 1571 -43.50 -40.51 -94.78
C ASN F 1571 -44.91 -39.95 -94.61
N ILE F 1572 -45.51 -40.11 -93.43
CA ILE F 1572 -46.80 -39.52 -93.11
C ILE F 1572 -46.67 -38.78 -91.79
N MET F 1573 -47.23 -37.57 -91.75
CA MET F 1573 -47.15 -36.76 -90.54
C MET F 1573 -48.23 -37.17 -89.55
N PRO F 1574 -48.03 -36.88 -88.27
CA PRO F 1574 -49.06 -37.15 -87.26
C PRO F 1574 -50.08 -36.02 -87.20
N LEU F 1575 -51.11 -36.23 -86.37
CA LEU F 1575 -52.17 -35.25 -86.27
C LEU F 1575 -51.71 -33.96 -85.62
N SER F 1576 -50.64 -34.01 -84.83
CA SER F 1576 -50.18 -32.80 -84.15
C SER F 1576 -49.76 -31.74 -85.16
N ALA F 1577 -49.08 -32.16 -86.23
CA ALA F 1577 -48.63 -31.21 -87.25
C ALA F 1577 -49.80 -30.49 -87.88
N ALA F 1578 -50.87 -31.22 -88.18
CA ALA F 1578 -52.04 -30.60 -88.79
C ALA F 1578 -52.81 -29.73 -87.80
N MET F 1579 -52.93 -30.20 -86.55
CA MET F 1579 -53.69 -29.45 -85.56
C MET F 1579 -53.02 -28.14 -85.17
N PHE F 1580 -51.69 -28.14 -85.06
CA PHE F 1580 -50.96 -27.03 -84.49
C PHE F 1580 -50.02 -26.44 -85.53
N LEU F 1581 -50.12 -25.12 -85.72
CA LEU F 1581 -49.32 -24.45 -86.74
C LEU F 1581 -47.82 -24.57 -86.44
N SER F 1582 -47.44 -24.39 -85.18
CA SER F 1582 -46.02 -24.45 -84.83
C SER F 1582 -45.41 -25.81 -85.15
N GLU F 1583 -46.23 -26.85 -85.21
CA GLU F 1583 -45.76 -28.21 -85.46
C GLU F 1583 -46.03 -28.65 -86.89
N ARG F 1584 -46.39 -27.72 -87.78
CA ARG F 1584 -46.72 -28.09 -89.16
C ARG F 1584 -45.59 -28.86 -89.82
N LYS F 1585 -44.35 -28.59 -89.41
CA LYS F 1585 -43.17 -29.18 -90.03
C LYS F 1585 -42.41 -30.07 -89.06
N ASN F 1586 -43.06 -30.53 -87.99
CA ASN F 1586 -42.41 -31.37 -86.99
C ASN F 1586 -43.01 -32.77 -87.03
N PRO F 1587 -42.32 -33.76 -87.59
CA PRO F 1587 -42.89 -35.12 -87.63
C PRO F 1587 -43.02 -35.76 -86.27
N ALA F 1588 -42.32 -35.27 -85.25
CA ALA F 1588 -42.32 -35.93 -83.96
C ALA F 1588 -43.73 -35.95 -83.39
N PRO F 1589 -44.32 -37.11 -83.15
CA PRO F 1589 -45.68 -37.15 -82.57
C PRO F 1589 -45.68 -36.61 -81.15
N GLN F 1590 -46.77 -35.93 -80.79
CA GLN F 1590 -46.92 -35.38 -79.45
C GLN F 1590 -48.37 -34.98 -79.23
N CYS F 1591 -48.82 -35.09 -77.98
CA CYS F 1591 -50.21 -34.84 -77.60
C CYS F 1591 -50.24 -33.75 -76.54
N PRO F 1592 -50.44 -32.49 -76.92
CA PRO F 1592 -50.47 -31.40 -75.94
C PRO F 1592 -51.73 -31.47 -75.09
N PRO F 1593 -51.77 -30.70 -73.99
CA PRO F 1593 -52.93 -30.77 -73.09
C PRO F 1593 -54.27 -30.45 -73.75
N ARG F 1594 -54.29 -29.52 -74.72
CA ARG F 1594 -55.56 -29.14 -75.32
C ARG F 1594 -56.21 -30.34 -75.98
N LEU F 1595 -55.43 -31.23 -76.58
CA LEU F 1595 -55.97 -32.44 -77.15
C LEU F 1595 -56.45 -33.36 -76.04
N GLU F 1596 -57.75 -33.67 -76.04
CA GLU F 1596 -58.32 -34.47 -74.98
C GLU F 1596 -59.55 -35.19 -75.52
N VAL F 1597 -59.98 -36.21 -74.79
CA VAL F 1597 -61.11 -37.02 -75.21
C VAL F 1597 -62.40 -36.36 -74.75
N GLN F 1598 -63.35 -36.23 -75.68
CA GLN F 1598 -64.66 -35.66 -75.41
C GLN F 1598 -65.71 -36.72 -75.66
N MET F 1599 -66.72 -36.75 -74.80
CA MET F 1599 -67.78 -37.74 -74.86
C MET F 1599 -69.11 -37.06 -75.11
N LEU F 1600 -69.94 -37.72 -75.91
CA LEU F 1600 -71.24 -37.14 -76.26
C LEU F 1600 -72.17 -37.16 -75.06
N MET F 1601 -72.71 -35.99 -74.72
CA MET F 1601 -73.68 -35.85 -73.64
C MET F 1601 -75.02 -35.42 -74.19
N PRO F 1602 -76.08 -36.20 -74.02
CA PRO F 1602 -77.34 -35.91 -74.71
C PRO F 1602 -77.93 -34.54 -74.41
N VAL F 1603 -77.81 -34.06 -73.16
CA VAL F 1603 -78.54 -32.89 -72.72
C VAL F 1603 -77.58 -31.87 -72.13
N SER F 1604 -77.95 -30.59 -72.24
CA SER F 1604 -77.14 -29.50 -71.71
C SER F 1604 -78.04 -28.32 -71.37
N TRP F 1605 -77.60 -27.50 -70.42
CA TRP F 1605 -78.35 -26.30 -70.09
C TRP F 1605 -78.17 -25.26 -71.18
N SER F 1606 -79.26 -24.56 -71.51
CA SER F 1606 -79.23 -23.48 -72.50
C SER F 1606 -80.09 -22.33 -72.03
N ARG F 1607 -79.58 -21.12 -72.20
CA ARG F 1607 -80.29 -19.92 -71.77
C ARG F 1607 -81.49 -19.64 -72.66
N MET F 1608 -82.63 -19.35 -72.04
CA MET F 1608 -83.85 -19.01 -72.77
C MET F 1608 -83.83 -17.54 -73.13
N PRO F 1609 -84.03 -17.17 -74.40
CA PRO F 1609 -84.01 -15.75 -74.76
C PRO F 1609 -85.08 -14.96 -74.01
N ASN F 1610 -84.72 -13.71 -73.70
CA ASN F 1610 -85.65 -12.84 -72.99
C ASN F 1610 -86.84 -12.44 -73.86
N HIS F 1611 -86.62 -12.29 -75.16
CA HIS F 1611 -87.68 -11.95 -76.09
C HIS F 1611 -87.66 -12.93 -77.26
N PHE F 1612 -88.83 -13.11 -77.88
CA PHE F 1612 -89.02 -14.08 -78.93
C PHE F 1612 -89.70 -13.44 -80.12
N LEU F 1613 -89.33 -13.92 -81.31
CA LEU F 1613 -89.90 -13.37 -82.53
C LEU F 1613 -91.41 -13.55 -82.53
N GLN F 1614 -92.11 -12.49 -82.90
CA GLN F 1614 -93.57 -12.49 -82.97
C GLN F 1614 -94.00 -12.84 -84.39
N VAL F 1615 -94.65 -13.99 -84.54
CA VAL F 1615 -95.02 -14.54 -85.83
C VAL F 1615 -96.54 -14.61 -85.91
N GLU F 1616 -97.09 -14.11 -87.01
CA GLU F 1616 -98.52 -14.14 -87.26
C GLU F 1616 -98.83 -15.22 -88.30
N THR F 1617 -99.68 -16.17 -87.92
CA THR F 1617 -100.14 -17.22 -88.80
C THR F 1617 -101.65 -17.12 -88.96
N ARG F 1618 -102.12 -17.23 -90.20
CA ARG F 1618 -103.55 -17.14 -90.45
C ARG F 1618 -103.87 -17.89 -91.73
N ARG F 1619 -105.17 -18.01 -92.01
CA ARG F 1619 -105.65 -18.51 -93.29
C ARG F 1619 -106.22 -17.32 -94.07
N ALA F 1620 -105.43 -16.80 -95.01
CA ALA F 1620 -105.88 -15.63 -95.75
C ALA F 1620 -107.17 -15.93 -96.51
N GLY F 1621 -107.28 -17.13 -97.05
CA GLY F 1621 -108.45 -17.53 -97.80
C GLY F 1621 -108.21 -18.85 -98.48
N GLU F 1622 -109.26 -19.31 -99.17
CA GLU F 1622 -109.18 -20.59 -99.86
C GLU F 1622 -108.17 -20.53 -101.00
N ARG F 1623 -108.18 -19.45 -101.77
CA ARG F 1623 -107.25 -19.33 -102.90
C ARG F 1623 -105.89 -18.81 -102.42
N LEU F 1624 -105.91 -17.84 -101.49
CA LEU F 1624 -104.66 -17.22 -101.08
C LEU F 1624 -103.81 -18.16 -100.23
N GLY F 1625 -104.43 -19.11 -99.53
CA GLY F 1625 -103.69 -20.07 -98.74
C GLY F 1625 -103.44 -19.58 -97.32
N TRP F 1626 -102.39 -20.14 -96.73
CA TRP F 1626 -102.06 -19.83 -95.34
C TRP F 1626 -100.91 -18.84 -95.26
N ALA F 1627 -101.10 -17.77 -94.49
CA ALA F 1627 -100.18 -16.65 -94.46
C ALA F 1627 -99.35 -16.65 -93.19
N VAL F 1628 -98.05 -16.41 -93.36
CA VAL F 1628 -97.09 -16.30 -92.27
C VAL F 1628 -96.40 -14.94 -92.40
N GLN F 1629 -96.30 -14.22 -91.29
CA GLN F 1629 -95.73 -12.88 -91.30
C GLN F 1629 -94.84 -12.68 -90.08
N CYS F 1630 -93.67 -12.09 -90.32
CA CYS F 1630 -92.77 -11.63 -89.24
C CYS F 1630 -92.23 -10.27 -89.68
N GLN F 1631 -92.45 -9.25 -88.86
CA GLN F 1631 -92.13 -7.87 -89.23
C GLN F 1631 -91.19 -7.18 -88.26
N ASP F 1632 -91.09 -7.65 -87.01
CA ASP F 1632 -90.30 -6.96 -86.01
C ASP F 1632 -88.95 -7.64 -85.83
N PRO F 1633 -87.84 -6.91 -85.89
CA PRO F 1633 -86.53 -7.56 -85.83
C PRO F 1633 -86.09 -7.87 -84.41
N LEU F 1634 -85.29 -8.91 -84.28
CA LEU F 1634 -84.63 -9.26 -83.04
C LEU F 1634 -83.19 -9.65 -83.34
N THR F 1635 -82.28 -9.28 -82.45
CA THR F 1635 -80.86 -9.52 -82.64
C THR F 1635 -80.26 -10.11 -81.38
N MET F 1636 -79.23 -10.91 -81.55
CA MET F 1636 -78.50 -11.50 -80.43
C MET F 1636 -77.00 -11.34 -80.65
N MET F 1637 -76.28 -11.12 -79.56
CA MET F 1637 -74.83 -11.10 -79.58
C MET F 1637 -74.33 -12.54 -79.47
N ALA F 1638 -73.61 -13.00 -80.48
CA ALA F 1638 -73.22 -14.40 -80.60
C ALA F 1638 -71.74 -14.57 -80.29
N LEU F 1639 -71.45 -15.53 -79.43
CA LEU F 1639 -70.08 -15.93 -79.11
C LEU F 1639 -69.78 -17.20 -79.88
N HIS F 1640 -68.77 -17.15 -80.76
CA HIS F 1640 -68.49 -18.21 -81.71
C HIS F 1640 -67.21 -18.93 -81.31
N ILE F 1641 -67.31 -20.25 -81.12
CA ILE F 1641 -66.13 -21.08 -80.89
C ILE F 1641 -65.63 -21.55 -82.25
N PRO F 1642 -64.45 -21.12 -82.69
CA PRO F 1642 -64.03 -21.45 -84.06
C PRO F 1642 -63.79 -22.94 -84.29
N GLU F 1643 -63.06 -23.60 -83.38
CA GLU F 1643 -62.68 -24.99 -83.61
C GLU F 1643 -63.92 -25.89 -83.70
N GLU F 1644 -64.99 -25.54 -82.98
CA GLU F 1644 -66.22 -26.30 -83.01
C GLU F 1644 -67.25 -25.74 -83.98
N ASN F 1645 -67.01 -24.56 -84.52
CA ASN F 1645 -67.93 -23.93 -85.48
C ASN F 1645 -69.36 -23.90 -84.96
N ARG F 1646 -69.52 -23.44 -83.71
CA ARG F 1646 -70.83 -23.23 -83.14
C ARG F 1646 -70.86 -21.90 -82.40
N CYS F 1647 -72.07 -21.47 -82.04
CA CYS F 1647 -72.29 -20.19 -81.41
C CYS F 1647 -73.21 -20.34 -80.21
N MET F 1648 -73.08 -19.39 -79.29
CA MET F 1648 -73.98 -19.27 -78.16
C MET F 1648 -74.40 -17.82 -78.05
N ASP F 1649 -75.36 -17.55 -77.18
CA ASP F 1649 -75.57 -16.19 -76.71
C ASP F 1649 -74.45 -15.82 -75.74
N ILE F 1650 -73.86 -14.63 -75.94
CA ILE F 1650 -72.81 -14.17 -75.05
C ILE F 1650 -73.30 -14.10 -73.61
N LEU F 1651 -74.63 -14.08 -73.41
CA LEU F 1651 -75.20 -14.00 -72.08
C LEU F 1651 -75.08 -15.29 -71.28
N GLU F 1652 -74.75 -16.40 -71.94
CA GLU F 1652 -74.50 -17.64 -71.20
C GLU F 1652 -73.22 -17.58 -70.39
N LEU F 1653 -72.41 -16.56 -70.61
CA LEU F 1653 -71.19 -16.39 -69.82
C LEU F 1653 -71.48 -15.96 -68.39
N SER F 1654 -72.75 -15.69 -68.11
CA SER F 1654 -73.17 -15.48 -66.73
C SER F 1654 -73.01 -16.76 -65.90
N GLU F 1655 -73.16 -17.92 -66.54
CA GLU F 1655 -72.96 -19.21 -65.89
C GLU F 1655 -71.69 -19.92 -66.35
N ARG F 1656 -71.23 -19.63 -67.57
CA ARG F 1656 -69.97 -20.19 -68.08
C ARG F 1656 -68.86 -19.21 -67.72
N LEU F 1657 -68.24 -19.48 -66.57
CA LEU F 1657 -67.38 -18.48 -65.93
C LEU F 1657 -65.97 -18.49 -66.51
N ASP F 1658 -65.44 -19.67 -66.83
CA ASP F 1658 -64.11 -19.73 -67.44
C ASP F 1658 -64.10 -18.97 -68.76
N LEU F 1659 -65.15 -19.14 -69.56
CA LEU F 1659 -65.29 -18.38 -70.80
C LEU F 1659 -65.40 -16.88 -70.50
N GLN F 1660 -66.14 -16.53 -69.44
CA GLN F 1660 -66.25 -15.12 -69.06
C GLN F 1660 -64.89 -14.52 -68.76
N ARG F 1661 -64.08 -15.20 -67.94
CA ARG F 1661 -62.76 -14.67 -67.62
C ARG F 1661 -61.89 -14.59 -68.86
N PHE F 1662 -61.92 -15.63 -69.70
CA PHE F 1662 -61.08 -15.61 -70.88
C PHE F 1662 -61.44 -14.45 -71.80
N HIS F 1663 -62.74 -14.21 -71.99
CA HIS F 1663 -63.16 -13.14 -72.89
C HIS F 1663 -62.91 -11.77 -72.29
N SER F 1664 -63.07 -11.63 -70.97
CA SER F 1664 -62.76 -10.36 -70.33
C SER F 1664 -61.27 -10.03 -70.46
N HIS F 1665 -60.41 -11.03 -70.25
CA HIS F 1665 -58.98 -10.81 -70.44
C HIS F 1665 -58.63 -10.61 -71.92
N THR F 1666 -59.40 -11.19 -72.83
CA THR F 1666 -59.25 -10.88 -74.24
C THR F 1666 -59.55 -9.41 -74.51
N LEU F 1667 -60.59 -8.87 -73.88
CA LEU F 1667 -60.88 -7.44 -74.01
C LEU F 1667 -59.74 -6.62 -73.41
N ARG F 1668 -59.19 -7.07 -72.28
CA ARG F 1668 -58.02 -6.41 -71.73
C ARG F 1668 -56.88 -6.36 -72.75
N LEU F 1669 -56.65 -7.48 -73.44
CA LEU F 1669 -55.60 -7.52 -74.45
C LEU F 1669 -55.91 -6.57 -75.61
N TYR F 1670 -57.18 -6.51 -76.02
CA TYR F 1670 -57.56 -5.58 -77.07
C TYR F 1670 -57.26 -4.15 -76.65
N ARG F 1671 -57.56 -3.80 -75.41
CA ARG F 1671 -57.25 -2.46 -74.93
C ARG F 1671 -55.74 -2.23 -74.87
N ALA F 1672 -54.99 -3.25 -74.45
CA ALA F 1672 -53.54 -3.11 -74.31
C ALA F 1672 -52.89 -2.87 -75.67
N VAL F 1673 -53.28 -3.62 -76.70
CA VAL F 1673 -52.60 -3.50 -77.98
C VAL F 1673 -52.85 -2.14 -78.60
N CYS F 1674 -54.01 -1.53 -78.35
CA CYS F 1674 -54.33 -0.19 -78.83
C CYS F 1674 -53.98 0.89 -77.82
N ALA F 1675 -53.38 0.52 -76.69
CA ALA F 1675 -53.10 1.47 -75.64
C ALA F 1675 -52.12 2.53 -76.10
N LEU F 1676 -52.38 3.77 -75.70
CA LEU F 1676 -51.40 4.86 -75.76
C LEU F 1676 -51.01 5.19 -77.19
N GLY F 1677 -52.00 5.40 -78.05
CA GLY F 1677 -51.78 6.03 -79.34
C GLY F 1677 -51.69 5.09 -80.53
N ASN F 1678 -51.88 3.79 -80.37
CA ASN F 1678 -51.81 2.86 -81.50
C ASN F 1678 -53.15 2.89 -82.24
N ASN F 1679 -53.37 4.01 -82.93
CA ASN F 1679 -54.61 4.22 -83.66
C ASN F 1679 -54.73 3.23 -84.82
N ARG F 1680 -53.61 2.80 -85.37
CA ARG F 1680 -53.64 1.74 -86.38
C ARG F 1680 -54.22 0.45 -85.82
N VAL F 1681 -53.77 0.06 -84.63
CA VAL F 1681 -54.32 -1.13 -83.99
C VAL F 1681 -55.77 -0.92 -83.62
N ALA F 1682 -56.14 0.32 -83.27
CA ALA F 1682 -57.54 0.62 -83.02
C ALA F 1682 -58.40 0.38 -84.26
N HIS F 1683 -57.91 0.85 -85.42
CA HIS F 1683 -58.60 0.60 -86.67
C HIS F 1683 -58.73 -0.89 -86.93
N ALA F 1684 -57.65 -1.64 -86.70
CA ALA F 1684 -57.70 -3.09 -86.90
C ALA F 1684 -58.73 -3.74 -85.99
N LEU F 1685 -58.77 -3.33 -84.72
CA LEU F 1685 -59.74 -3.89 -83.78
C LEU F 1685 -61.16 -3.58 -84.23
N CYS F 1686 -61.39 -2.40 -84.79
CA CYS F 1686 -62.72 -2.05 -85.25
C CYS F 1686 -63.30 -3.12 -86.16
N SER F 1687 -62.44 -3.94 -86.78
CA SER F 1687 -62.94 -5.05 -87.58
C SER F 1687 -63.48 -6.18 -86.72
N HIS F 1688 -62.76 -6.55 -85.66
CA HIS F 1688 -63.17 -7.67 -84.82
C HIS F 1688 -64.32 -7.30 -83.91
N VAL F 1689 -64.31 -6.10 -83.36
CA VAL F 1689 -65.36 -5.60 -82.49
C VAL F 1689 -65.93 -4.37 -83.16
N ASP F 1690 -67.12 -4.50 -83.73
CA ASP F 1690 -67.66 -3.44 -84.55
C ASP F 1690 -68.46 -2.45 -83.71
N GLN F 1691 -68.78 -1.32 -84.36
CA GLN F 1691 -69.53 -0.25 -83.71
C GLN F 1691 -70.88 -0.75 -83.22
N ALA F 1692 -71.55 -1.57 -84.03
CA ALA F 1692 -72.85 -2.11 -83.62
C ALA F 1692 -72.70 -2.98 -82.39
N GLN F 1693 -71.70 -3.85 -82.36
CA GLN F 1693 -71.46 -4.67 -81.18
C GLN F 1693 -71.26 -3.80 -79.94
N LEU F 1694 -70.40 -2.79 -80.06
CA LEU F 1694 -70.09 -1.96 -78.90
C LEU F 1694 -71.34 -1.24 -78.40
N LEU F 1695 -72.08 -0.62 -79.32
CA LEU F 1695 -73.26 0.14 -78.93
C LEU F 1695 -74.32 -0.77 -78.33
N HIS F 1696 -74.51 -1.96 -78.88
CA HIS F 1696 -75.44 -2.92 -78.32
C HIS F 1696 -75.03 -3.34 -76.92
N ALA F 1697 -73.72 -3.57 -76.72
CA ALA F 1697 -73.23 -3.95 -75.40
C ALA F 1697 -73.46 -2.85 -74.39
N LEU F 1698 -73.37 -1.58 -74.84
CA LEU F 1698 -73.60 -0.47 -73.91
C LEU F 1698 -74.98 -0.56 -73.29
N GLU F 1699 -75.98 -0.93 -74.08
CA GLU F 1699 -77.37 -0.96 -73.63
C GLU F 1699 -77.78 -2.31 -73.07
N ASP F 1700 -77.01 -3.37 -73.30
CA ASP F 1700 -77.41 -4.70 -72.87
C ASP F 1700 -77.40 -4.77 -71.35
N ALA F 1701 -78.58 -4.94 -70.76
CA ALA F 1701 -78.70 -5.01 -69.31
C ALA F 1701 -78.29 -6.36 -68.75
N HIS F 1702 -78.34 -7.41 -69.58
CA HIS F 1702 -78.17 -8.76 -69.09
C HIS F 1702 -76.72 -9.24 -69.13
N LEU F 1703 -75.79 -8.42 -69.59
CA LEU F 1703 -74.40 -8.83 -69.61
C LEU F 1703 -73.84 -8.92 -68.19
N PRO F 1704 -72.83 -9.76 -67.97
CA PRO F 1704 -72.05 -9.64 -66.73
C PRO F 1704 -71.31 -8.32 -66.66
N GLY F 1705 -71.09 -7.87 -65.43
CA GLY F 1705 -70.41 -6.62 -65.18
C GLY F 1705 -69.03 -6.55 -65.79
N PRO F 1706 -68.25 -7.63 -65.68
CA PRO F 1706 -66.92 -7.62 -66.31
C PRO F 1706 -66.97 -7.35 -67.80
N LEU F 1707 -67.88 -8.00 -68.52
CA LEU F 1707 -67.98 -7.79 -69.95
C LEU F 1707 -68.52 -6.40 -70.28
N ARG F 1708 -69.49 -5.94 -69.51
CA ARG F 1708 -70.02 -4.59 -69.70
C ARG F 1708 -68.92 -3.55 -69.57
N ALA F 1709 -68.15 -3.63 -68.48
CA ALA F 1709 -67.06 -2.68 -68.26
C ALA F 1709 -65.99 -2.84 -69.33
N GLY F 1710 -65.66 -4.08 -69.71
CA GLY F 1710 -64.66 -4.28 -70.73
C GLY F 1710 -65.06 -3.66 -72.05
N TYR F 1711 -66.33 -3.78 -72.43
CA TYR F 1711 -66.77 -3.21 -73.71
C TYR F 1711 -66.83 -1.69 -73.64
N TYR F 1712 -67.28 -1.14 -72.52
CA TYR F 1712 -67.22 0.31 -72.35
C TYR F 1712 -65.80 0.83 -72.50
N ASP F 1713 -64.86 0.22 -71.77
CA ASP F 1713 -63.47 0.64 -71.82
C ASP F 1713 -62.85 0.39 -73.18
N LEU F 1714 -63.27 -0.66 -73.87
CA LEU F 1714 -62.79 -0.91 -75.22
C LEU F 1714 -63.24 0.17 -76.18
N LEU F 1715 -64.51 0.58 -76.09
CA LEU F 1715 -64.99 1.71 -76.88
C LEU F 1715 -64.15 2.95 -76.59
N ILE F 1716 -63.92 3.24 -75.31
CA ILE F 1716 -63.16 4.42 -74.94
C ILE F 1716 -61.75 4.34 -75.49
N SER F 1717 -61.11 3.17 -75.38
CA SER F 1717 -59.74 3.01 -75.84
C SER F 1717 -59.64 3.17 -77.34
N ILE F 1718 -60.53 2.48 -78.07
CA ILE F 1718 -60.47 2.51 -79.53
C ILE F 1718 -60.76 3.91 -80.05
N HIS F 1719 -61.71 4.62 -79.44
CA HIS F 1719 -62.27 5.82 -80.06
C HIS F 1719 -61.93 7.11 -79.33
N LEU F 1720 -61.75 7.07 -78.00
CA LEU F 1720 -61.78 8.28 -77.20
C LEU F 1720 -60.49 8.56 -76.43
N GLU F 1721 -59.69 7.53 -76.15
CA GLU F 1721 -58.60 7.71 -75.20
C GLU F 1721 -57.56 8.71 -75.71
N SER F 1722 -57.12 8.57 -76.95
CA SER F 1722 -56.09 9.46 -77.47
C SER F 1722 -56.58 10.91 -77.50
N ALA F 1723 -57.81 11.12 -77.97
CA ALA F 1723 -58.36 12.47 -78.04
C ALA F 1723 -58.49 13.08 -76.66
N CYS F 1724 -59.00 12.30 -75.70
CA CYS F 1724 -59.16 12.81 -74.35
C CYS F 1724 -57.82 13.16 -73.73
N ARG F 1725 -56.81 12.32 -73.93
CA ARG F 1725 -55.48 12.61 -73.39
C ARG F 1725 -54.90 13.86 -74.03
N SER F 1726 -55.01 14.00 -75.35
CA SER F 1726 -54.49 15.19 -76.01
C SER F 1726 -55.18 16.45 -75.51
N ARG F 1727 -56.50 16.39 -75.32
CA ARG F 1727 -57.24 17.55 -74.86
C ARG F 1727 -56.90 17.88 -73.40
N ARG F 1728 -56.75 16.85 -72.57
CA ARG F 1728 -56.39 17.05 -71.18
C ARG F 1728 -55.03 17.71 -71.06
N SER F 1729 -54.10 17.37 -71.96
CA SER F 1729 -52.80 18.01 -71.96
C SER F 1729 -52.93 19.53 -72.12
N MET F 1730 -53.83 19.96 -73.00
CA MET F 1730 -54.04 21.38 -73.23
C MET F 1730 -54.85 22.07 -72.14
N LEU F 1731 -55.76 21.35 -71.49
CA LEU F 1731 -56.69 21.99 -70.57
C LEU F 1731 -55.95 22.79 -69.49
N SER F 1732 -54.75 22.36 -69.13
CA SER F 1732 -54.00 23.08 -68.09
C SER F 1732 -53.63 24.49 -68.54
N GLU F 1733 -53.55 24.73 -69.84
CA GLU F 1733 -53.12 26.02 -70.36
C GLU F 1733 -54.32 26.86 -70.77
N TYR F 1734 -54.11 28.19 -70.76
CA TYR F 1734 -55.16 29.17 -71.06
C TYR F 1734 -54.61 30.18 -72.05
N ILE F 1735 -54.70 29.87 -73.34
CA ILE F 1735 -54.31 30.82 -74.38
C ILE F 1735 -55.59 31.52 -74.85
N VAL F 1736 -55.71 32.80 -74.50
CA VAL F 1736 -56.93 33.57 -74.71
C VAL F 1736 -56.70 34.50 -75.91
N PRO F 1737 -57.47 34.38 -76.99
CA PRO F 1737 -57.44 35.42 -78.02
C PRO F 1737 -58.22 36.65 -77.59
N LEU F 1738 -57.76 37.80 -78.04
CA LEU F 1738 -58.43 39.07 -77.74
C LEU F 1738 -59.53 39.26 -78.77
N THR F 1739 -60.75 38.89 -78.42
CA THR F 1739 -61.86 38.87 -79.35
C THR F 1739 -63.09 39.49 -78.70
N PRO F 1740 -64.07 39.92 -79.51
CA PRO F 1740 -65.34 40.40 -78.95
C PRO F 1740 -65.97 39.39 -78.01
N GLU F 1741 -65.85 38.10 -78.35
CA GLU F 1741 -66.36 37.06 -77.47
C GLU F 1741 -65.69 37.16 -76.11
N THR F 1742 -64.37 37.29 -76.07
CA THR F 1742 -63.66 37.44 -74.80
C THR F 1742 -64.13 38.68 -74.07
N ARG F 1743 -64.24 39.80 -74.77
CA ARG F 1743 -64.72 41.04 -74.16
CA ARG F 1743 -64.72 41.04 -74.16
C ARG F 1743 -66.04 40.81 -73.47
N ALA F 1744 -66.95 40.10 -74.14
CA ALA F 1744 -68.28 39.88 -73.56
C ALA F 1744 -68.20 39.05 -72.28
N ILE F 1745 -67.16 38.24 -72.13
CA ILE F 1745 -67.09 37.35 -70.97
C ILE F 1745 -67.07 38.18 -69.71
N THR F 1746 -67.88 37.77 -68.74
CA THR F 1746 -67.92 38.38 -67.42
C THR F 1746 -67.95 37.28 -66.37
N LEU F 1747 -67.39 37.57 -65.21
CA LEU F 1747 -67.38 36.59 -64.13
C LEU F 1747 -68.80 36.19 -63.77
N PHE F 1748 -69.68 37.16 -63.69
CA PHE F 1748 -71.05 36.92 -63.34
C PHE F 1748 -71.95 37.27 -64.54
N PRO F 1749 -72.77 36.35 -64.99
CA PRO F 1749 -73.79 36.67 -66.01
C PRO F 1749 -74.54 37.93 -65.63
N PRO F 1750 -75.27 38.54 -66.56
CA PRO F 1750 -76.04 39.75 -66.22
C PRO F 1750 -77.43 39.38 -65.70
N GLY F 1751 -78.04 40.33 -64.98
CA GLY F 1751 -79.32 40.10 -64.34
C GLY F 1751 -79.66 41.19 -63.35
N ARG F 1752 -80.61 40.90 -62.48
CA ARG F 1752 -81.09 41.90 -61.52
C ARG F 1752 -80.16 42.04 -60.32
N LYS F 1753 -79.67 40.92 -59.79
CA LYS F 1753 -78.78 40.98 -58.63
C LYS F 1753 -77.42 41.56 -59.02
N GLY F 1754 -76.80 42.25 -58.07
CA GLY F 1754 -75.45 42.75 -58.28
C GLY F 1754 -74.45 41.62 -58.41
N GLY F 1755 -73.54 41.75 -59.37
CA GLY F 1755 -72.63 40.68 -59.72
C GLY F 1755 -71.84 40.15 -58.53
N ASN F 1756 -71.27 41.05 -57.74
CA ASN F 1756 -70.48 40.65 -56.58
C ASN F 1756 -71.30 39.81 -55.60
N ALA F 1757 -72.52 40.25 -55.31
CA ALA F 1757 -73.41 39.55 -54.39
C ALA F 1757 -74.20 38.45 -55.07
N ARG F 1758 -74.01 38.26 -56.37
CA ARG F 1758 -74.88 37.42 -57.17
C ARG F 1758 -74.58 35.95 -57.00
N ARG F 1759 -75.55 35.13 -57.42
CA ARG F 1759 -75.37 33.68 -57.44
C ARG F 1759 -74.58 33.28 -58.68
N HIS F 1760 -73.62 32.38 -58.50
CA HIS F 1760 -72.74 31.96 -59.59
C HIS F 1760 -73.54 31.41 -60.76
N GLY F 1761 -73.00 31.60 -61.96
CA GLY F 1761 -73.53 30.91 -63.12
C GLY F 1761 -73.19 29.43 -63.09
N LEU F 1762 -73.91 28.68 -63.91
CA LEU F 1762 -73.77 27.22 -63.89
C LEU F 1762 -72.41 26.82 -64.47
N PRO F 1763 -71.65 25.99 -63.76
CA PRO F 1763 -70.33 25.58 -64.28
C PRO F 1763 -70.45 24.80 -65.58
N GLY F 1764 -69.47 24.98 -66.45
CA GLY F 1764 -69.45 24.30 -67.72
C GLY F 1764 -70.40 24.86 -68.75
N VAL F 1765 -71.11 25.94 -68.43
CA VAL F 1765 -72.09 26.55 -69.31
C VAL F 1765 -71.64 27.98 -69.59
N GLY F 1766 -71.54 28.32 -70.86
CA GLY F 1766 -71.22 29.68 -71.26
C GLY F 1766 -70.21 29.68 -72.39
N VAL F 1767 -69.52 30.80 -72.53
CA VAL F 1767 -68.60 31.05 -73.62
C VAL F 1767 -67.18 30.79 -73.13
N THR F 1768 -66.42 30.01 -73.90
CA THR F 1768 -65.02 29.77 -73.65
C THR F 1768 -64.24 30.10 -74.91
N THR F 1769 -63.26 31.01 -74.77
CA THR F 1769 -62.44 31.42 -75.91
C THR F 1769 -61.04 30.83 -75.88
N SER F 1770 -60.68 30.11 -74.82
CA SER F 1770 -59.34 29.53 -74.72
C SER F 1770 -59.11 28.54 -75.86
N LEU F 1771 -57.89 28.53 -76.38
CA LEU F 1771 -57.57 27.75 -77.56
C LEU F 1771 -57.36 26.28 -77.19
N ARG F 1772 -58.16 25.40 -77.79
CA ARG F 1772 -57.98 23.96 -77.69
C ARG F 1772 -58.02 23.38 -79.10
N PRO F 1773 -57.00 22.66 -79.54
CA PRO F 1773 -56.98 22.17 -80.92
C PRO F 1773 -58.09 21.17 -81.16
N PRO F 1774 -58.63 21.11 -82.38
CA PRO F 1774 -59.76 20.21 -82.65
C PRO F 1774 -59.35 18.75 -82.61
N HIS F 1775 -60.36 17.89 -82.43
CA HIS F 1775 -60.16 16.46 -82.59
C HIS F 1775 -60.15 16.08 -84.06
N HIS F 1776 -59.39 15.04 -84.39
CA HIS F 1776 -59.29 14.55 -85.76
C HIS F 1776 -59.49 13.04 -85.75
N PHE F 1777 -60.38 12.57 -86.62
CA PHE F 1777 -60.74 11.16 -86.69
C PHE F 1777 -60.71 10.69 -88.14
N SER F 1778 -60.47 9.40 -88.31
CA SER F 1778 -60.46 8.78 -89.63
C SER F 1778 -61.50 7.66 -89.68
N PRO F 1779 -62.33 7.59 -90.72
CA PRO F 1779 -63.33 6.53 -90.80
C PRO F 1779 -62.67 5.16 -90.87
N PRO F 1780 -63.28 4.12 -90.29
CA PRO F 1780 -62.74 2.76 -90.46
C PRO F 1780 -63.15 2.19 -91.81
N CYS F 1781 -62.16 1.83 -92.62
CA CYS F 1781 -62.40 1.21 -93.91
C CYS F 1781 -61.30 0.20 -94.18
N PHE F 1782 -61.70 -0.95 -94.72
CA PHE F 1782 -60.78 -2.06 -94.95
C PHE F 1782 -60.79 -2.52 -96.40
N VAL F 1783 -61.42 -1.76 -97.30
CA VAL F 1783 -61.33 -1.98 -98.74
C VAL F 1783 -60.51 -0.90 -99.42
N ALA F 1784 -59.91 0.01 -98.65
CA ALA F 1784 -59.17 1.11 -99.22
C ALA F 1784 -57.88 0.64 -99.87
N ALA F 1785 -57.39 1.42 -100.84
CA ALA F 1785 -56.16 1.08 -101.52
C ALA F 1785 -54.98 1.15 -100.55
N LEU F 1786 -54.12 0.15 -100.61
CA LEU F 1786 -53.01 0.08 -99.68
C LEU F 1786 -51.93 1.09 -100.07
N PRO F 1787 -51.51 1.98 -99.18
CA PRO F 1787 -50.50 2.98 -99.54
C PRO F 1787 -49.22 2.31 -100.02
N ALA F 1788 -48.64 2.89 -101.09
CA ALA F 1788 -47.34 2.43 -101.56
C ALA F 1788 -46.24 2.81 -100.58
N ALA F 1789 -46.49 3.82 -99.75
CA ALA F 1789 -45.46 4.33 -98.86
C ALA F 1789 -45.04 3.25 -97.87
N GLY F 1790 -43.76 3.32 -97.47
CA GLY F 1790 -43.22 2.32 -96.57
C GLY F 1790 -43.66 2.53 -95.13
N VAL F 1791 -43.34 1.53 -94.30
CA VAL F 1791 -43.72 1.60 -92.89
C VAL F 1791 -42.79 2.52 -92.13
N ALA F 1792 -43.36 3.23 -91.16
CA ALA F 1792 -42.65 4.20 -90.34
C ALA F 1792 -42.42 5.50 -91.08
N GLU F 1793 -42.76 5.55 -92.38
CA GLU F 1793 -42.67 6.79 -93.13
C GLU F 1793 -44.05 7.34 -93.44
N ALA F 1794 -45.06 6.47 -93.49
CA ALA F 1794 -46.42 6.91 -93.74
C ALA F 1794 -46.90 7.77 -92.59
N PRO F 1795 -47.81 8.73 -92.82
CA PRO F 1795 -48.28 9.59 -91.74
C PRO F 1795 -49.00 8.79 -90.66
N ALA F 1796 -48.91 9.28 -89.43
CA ALA F 1796 -49.61 8.65 -88.32
C ALA F 1796 -51.12 8.64 -88.57
N ARG F 1797 -51.75 7.52 -88.27
CA ARG F 1797 -53.18 7.41 -88.47
C ARG F 1797 -53.95 8.02 -87.31
N LEU F 1798 -55.13 8.52 -87.63
CA LEU F 1798 -56.03 9.12 -86.64
C LEU F 1798 -56.86 8.04 -85.97
N SER F 1799 -57.46 8.40 -84.84
CA SER F 1799 -58.30 7.47 -84.12
C SER F 1799 -59.56 7.17 -84.95
N PRO F 1800 -60.09 5.95 -84.86
CA PRO F 1800 -61.31 5.63 -85.61
C PRO F 1800 -62.47 6.52 -85.20
N ALA F 1801 -63.33 6.83 -86.16
CA ALA F 1801 -64.45 7.72 -85.95
C ALA F 1801 -65.68 6.95 -85.50
N ILE F 1802 -66.46 7.59 -84.62
CA ILE F 1802 -67.74 7.05 -84.18
C ILE F 1802 -68.70 8.23 -84.00
N PRO F 1803 -70.01 8.05 -84.19
CA PRO F 1803 -70.93 9.20 -84.07
C PRO F 1803 -71.03 9.74 -82.66
N LEU F 1804 -70.40 10.90 -82.46
CA LEU F 1804 -70.18 11.41 -81.12
C LEU F 1804 -71.46 11.97 -80.52
N GLU F 1805 -72.28 12.66 -81.33
CA GLU F 1805 -73.52 13.22 -80.80
C GLU F 1805 -74.48 12.11 -80.39
N ALA F 1806 -74.59 11.06 -81.19
CA ALA F 1806 -75.44 9.94 -80.83
C ALA F 1806 -74.93 9.24 -79.59
N LEU F 1807 -73.61 9.03 -79.51
CA LEU F 1807 -73.03 8.43 -78.31
C LEU F 1807 -73.30 9.29 -77.09
N ARG F 1808 -73.20 10.60 -77.24
CA ARG F 1808 -73.47 11.54 -76.16
C ARG F 1808 -74.91 11.44 -75.67
N ASP F 1809 -75.86 11.43 -76.60
CA ASP F 1809 -77.26 11.31 -76.22
C ASP F 1809 -77.52 9.99 -75.52
N LYS F 1810 -76.95 8.90 -76.04
CA LYS F 1810 -77.15 7.59 -75.41
C LYS F 1810 -76.58 7.57 -74.01
N ALA F 1811 -75.40 8.17 -73.82
CA ALA F 1811 -74.79 8.21 -72.49
C ALA F 1811 -75.67 8.96 -71.51
N LEU F 1812 -76.17 10.14 -71.92
CA LEU F 1812 -77.08 10.88 -71.06
C LEU F 1812 -78.30 10.04 -70.71
N ARG F 1813 -78.88 9.37 -71.70
CA ARG F 1813 -80.10 8.61 -71.48
C ARG F 1813 -79.88 7.45 -70.52
N MET F 1814 -78.79 6.70 -70.72
CA MET F 1814 -78.49 5.59 -69.83
C MET F 1814 -78.19 6.09 -68.42
N LEU F 1815 -77.50 7.22 -68.29
CA LEU F 1815 -77.22 7.75 -66.97
C LEU F 1815 -78.51 8.13 -66.24
N GLY F 1816 -79.43 8.78 -66.94
CA GLY F 1816 -80.71 9.11 -66.33
C GLY F 1816 -81.50 7.88 -65.92
N GLU F 1817 -81.51 6.86 -66.78
CA GLU F 1817 -82.20 5.62 -66.46
C GLU F 1817 -81.59 4.98 -65.21
N ALA F 1818 -80.26 4.97 -65.13
CA ALA F 1818 -79.59 4.41 -63.97
C ALA F 1818 -79.96 5.18 -62.70
N VAL F 1819 -79.99 6.50 -62.80
CA VAL F 1819 -80.37 7.31 -61.63
C VAL F 1819 -81.77 6.92 -61.17
N ARG F 1820 -82.72 6.87 -62.11
CA ARG F 1820 -84.09 6.58 -61.72
C ARG F 1820 -84.22 5.19 -61.11
N ASP F 1821 -83.59 4.19 -61.71
CA ASP F 1821 -83.75 2.82 -61.20
C ASP F 1821 -83.06 2.65 -59.85
N GLY F 1822 -81.87 3.25 -59.69
CA GLY F 1822 -81.25 3.28 -58.38
C GLY F 1822 -82.13 3.98 -57.35
N GLY F 1823 -82.96 4.91 -57.82
CA GLY F 1823 -83.97 5.48 -56.95
C GLY F 1823 -84.95 4.43 -56.46
N GLN F 1824 -85.29 3.48 -57.31
CA GLN F 1824 -86.21 2.42 -56.92
C GLN F 1824 -85.55 1.27 -56.19
N HIS F 1825 -84.22 1.18 -56.16
CA HIS F 1825 -83.54 0.07 -55.47
C HIS F 1825 -84.02 -1.29 -55.97
N ALA F 1826 -83.73 -1.57 -57.22
CA ALA F 1826 -84.03 -2.87 -57.76
C ALA F 1826 -83.06 -3.91 -57.22
N ARG F 1827 -83.51 -5.17 -57.22
CA ARG F 1827 -82.67 -6.28 -56.77
C ARG F 1827 -81.85 -6.90 -57.89
N ASP F 1828 -82.01 -6.39 -59.12
CA ASP F 1828 -81.29 -6.92 -60.27
C ASP F 1828 -80.58 -5.79 -61.01
N PRO F 1829 -79.51 -5.25 -60.45
CA PRO F 1829 -78.78 -4.17 -61.14
C PRO F 1829 -78.11 -4.67 -62.41
N VAL F 1830 -77.92 -3.75 -63.36
CA VAL F 1830 -77.17 -4.08 -64.56
C VAL F 1830 -75.74 -4.42 -64.16
N GLY F 1831 -75.26 -5.57 -64.64
CA GLY F 1831 -73.95 -6.05 -64.26
C GLY F 1831 -73.90 -6.73 -62.91
N GLY F 1832 -75.04 -6.84 -62.21
CA GLY F 1832 -75.07 -7.47 -60.91
C GLY F 1832 -74.66 -6.58 -59.76
N SER F 1833 -74.41 -5.29 -60.01
CA SER F 1833 -73.97 -4.40 -58.95
C SER F 1833 -74.21 -2.96 -59.35
N VAL F 1834 -74.40 -2.11 -58.34
CA VAL F 1834 -74.45 -0.67 -58.56
C VAL F 1834 -73.14 -0.19 -59.19
N GLU F 1835 -72.02 -0.76 -58.75
CA GLU F 1835 -70.73 -0.43 -59.32
C GLU F 1835 -70.72 -0.68 -60.83
N PHE F 1836 -71.09 -1.90 -61.24
CA PHE F 1836 -71.01 -2.25 -62.66
C PHE F 1836 -72.07 -1.51 -63.45
N GLN F 1837 -73.13 -1.08 -62.77
CA GLN F 1837 -74.16 -0.29 -63.43
C GLN F 1837 -73.69 1.12 -63.72
N PHE F 1838 -73.01 1.75 -62.76
CA PHE F 1838 -72.77 3.19 -62.84
C PHE F 1838 -71.38 3.51 -63.40
N VAL F 1839 -70.35 2.81 -62.95
CA VAL F 1839 -68.98 3.24 -63.26
C VAL F 1839 -68.74 3.38 -64.75
N PRO F 1840 -69.11 2.42 -65.60
CA PRO F 1840 -68.83 2.59 -67.05
C PRO F 1840 -69.47 3.83 -67.64
N VAL F 1841 -70.75 4.06 -67.33
CA VAL F 1841 -71.44 5.22 -67.88
C VAL F 1841 -70.76 6.50 -67.44
N LEU F 1842 -70.39 6.57 -66.16
CA LEU F 1842 -69.75 7.78 -65.65
C LEU F 1842 -68.39 8.01 -66.30
N LYS F 1843 -67.63 6.95 -66.53
CA LYS F 1843 -66.35 7.10 -67.22
C LYS F 1843 -66.56 7.62 -68.63
N LEU F 1844 -67.55 7.07 -69.34
CA LEU F 1844 -67.84 7.56 -70.68
C LEU F 1844 -68.22 9.03 -70.66
N VAL F 1845 -69.08 9.41 -69.70
CA VAL F 1845 -69.55 10.79 -69.62
C VAL F 1845 -68.39 11.74 -69.32
N SER F 1846 -67.51 11.34 -68.41
CA SER F 1846 -66.36 12.16 -68.07
C SER F 1846 -65.44 12.33 -69.27
N THR F 1847 -65.21 11.24 -70.00
CA THR F 1847 -64.39 11.33 -71.21
C THR F 1847 -65.00 12.31 -72.20
N LEU F 1848 -66.31 12.23 -72.39
CA LEU F 1848 -66.97 13.08 -73.37
C LEU F 1848 -66.97 14.54 -72.93
N LEU F 1849 -67.15 14.81 -71.63
CA LEU F 1849 -67.02 16.17 -71.13
C LEU F 1849 -65.63 16.72 -71.40
N VAL F 1850 -64.59 15.99 -71.01
CA VAL F 1850 -63.22 16.46 -71.22
C VAL F 1850 -62.99 16.71 -72.70
N MET F 1851 -63.54 15.84 -73.55
CA MET F 1851 -63.38 16.00 -74.98
C MET F 1851 -64.17 17.18 -75.51
N GLY F 1852 -65.20 17.62 -74.78
CA GLY F 1852 -65.98 18.77 -75.16
C GLY F 1852 -67.22 18.47 -75.98
N ILE F 1853 -67.64 17.22 -76.06
CA ILE F 1853 -68.78 16.86 -76.90
C ILE F 1853 -70.07 17.46 -76.35
N PHE F 1854 -70.22 17.43 -75.03
CA PHE F 1854 -71.47 17.87 -74.41
C PHE F 1854 -71.70 19.36 -74.66
N GLY F 1855 -72.95 19.71 -74.95
CA GLY F 1855 -73.37 21.08 -75.07
C GLY F 1855 -73.87 21.63 -73.74
N ASP F 1856 -74.37 22.88 -73.81
CA ASP F 1856 -74.81 23.56 -72.60
C ASP F 1856 -76.02 22.86 -71.97
N GLU F 1857 -77.02 22.53 -72.80
CA GLU F 1857 -78.21 21.87 -72.28
C GLU F 1857 -77.88 20.49 -71.71
N ASP F 1858 -77.00 19.75 -72.39
CA ASP F 1858 -76.60 18.44 -71.90
C ASP F 1858 -75.85 18.57 -70.58
N VAL F 1859 -75.00 19.58 -70.45
CA VAL F 1859 -74.32 19.85 -69.19
C VAL F 1859 -75.34 20.15 -68.10
N LYS F 1860 -76.40 20.90 -68.45
CA LYS F 1860 -77.45 21.18 -67.48
C LYS F 1860 -78.15 19.91 -67.02
N GLN F 1861 -78.45 19.00 -67.95
CA GLN F 1861 -79.07 17.74 -67.57
C GLN F 1861 -78.16 16.94 -66.64
N ILE F 1862 -76.86 16.91 -66.96
CA ILE F 1862 -75.90 16.21 -66.11
C ILE F 1862 -75.87 16.84 -64.73
N LEU F 1863 -75.90 18.16 -64.66
CA LEU F 1863 -75.89 18.85 -63.38
C LEU F 1863 -77.14 18.53 -62.57
N LYS F 1864 -78.29 18.47 -63.24
CA LYS F 1864 -79.53 18.10 -62.55
C LYS F 1864 -79.45 16.68 -62.01
N MET F 1865 -78.87 15.77 -62.79
CA MET F 1865 -78.64 14.43 -62.28
C MET F 1865 -77.76 14.46 -61.03
N ILE F 1866 -76.72 15.28 -61.06
CA ILE F 1866 -75.79 15.34 -59.93
C ILE F 1866 -76.51 15.86 -58.68
N GLU F 1867 -77.13 17.04 -58.79
CA GLU F 1867 -77.88 17.62 -57.68
C GLU F 1867 -78.84 18.66 -58.24
N PRO F 1868 -80.09 18.26 -58.51
CA PRO F 1868 -81.01 19.20 -59.19
C PRO F 1868 -81.27 20.48 -58.42
N GLU F 1869 -81.36 20.41 -57.09
CA GLU F 1869 -81.72 21.59 -56.31
C GLU F 1869 -80.69 22.69 -56.46
N VAL F 1870 -79.40 22.33 -56.42
CA VAL F 1870 -78.35 23.34 -56.52
C VAL F 1870 -78.29 23.91 -57.92
N PHE F 1871 -78.45 23.07 -58.93
CA PHE F 1871 -78.21 23.46 -60.31
C PHE F 1871 -79.49 23.72 -61.10
N THR F 1872 -80.62 23.82 -60.41
CA THR F 1872 -81.82 24.33 -61.05
C THR F 1872 -81.61 25.79 -61.43
N GLU F 1873 -82.04 26.16 -62.63
CA GLU F 1873 -81.84 27.50 -63.16
C GLU F 1873 -83.14 28.28 -63.10
N GLU F 1874 -83.08 29.49 -62.56
CA GLU F 1874 -84.22 30.38 -62.54
C GLU F 1874 -83.78 31.83 -62.36
N LEU F 1922 -89.91 13.29 -55.40
CA LEU F 1922 -89.21 14.21 -56.29
C LEU F 1922 -87.95 13.57 -56.85
N GLU F 1923 -87.26 14.31 -57.72
CA GLU F 1923 -86.02 13.81 -58.30
C GLU F 1923 -84.94 13.69 -57.22
N GLU F 1924 -84.20 12.59 -57.26
CA GLU F 1924 -83.12 12.33 -56.32
C GLU F 1924 -81.79 12.36 -57.07
N GLY F 1925 -80.76 12.89 -56.41
CA GLY F 1925 -79.47 13.04 -57.04
C GLY F 1925 -78.48 11.94 -56.68
N LEU F 1926 -77.52 11.73 -57.59
CA LEU F 1926 -76.48 10.74 -57.36
C LEU F 1926 -75.83 10.94 -56.00
N LEU F 1927 -75.63 12.19 -55.60
CA LEU F 1927 -74.97 12.46 -54.34
C LEU F 1927 -75.82 11.98 -53.17
N GLN F 1928 -77.14 11.95 -53.35
CA GLN F 1928 -78.05 11.43 -52.35
C GLN F 1928 -78.28 9.92 -52.49
N MET F 1929 -77.83 9.32 -53.58
CA MET F 1929 -78.17 7.91 -53.82
C MET F 1929 -77.37 6.96 -52.95
N LYS F 1930 -76.48 7.47 -52.10
CA LYS F 1930 -75.77 6.59 -51.17
C LYS F 1930 -75.01 5.54 -51.97
N LEU F 1931 -73.95 5.95 -52.66
CA LEU F 1931 -73.26 5.14 -53.65
C LEU F 1931 -71.95 4.61 -53.09
N PRO F 1932 -71.44 3.51 -53.64
CA PRO F 1932 -70.15 2.98 -53.19
C PRO F 1932 -68.98 3.86 -53.64
N GLU F 1933 -67.78 3.40 -53.28
CA GLU F 1933 -66.60 4.25 -53.36
C GLU F 1933 -66.15 4.52 -54.78
N SER F 1934 -66.13 3.50 -55.64
CA SER F 1934 -65.70 3.72 -57.02
C SER F 1934 -66.60 4.72 -57.73
N VAL F 1935 -67.91 4.57 -57.56
CA VAL F 1935 -68.85 5.53 -58.13
C VAL F 1935 -68.56 6.92 -57.58
N LYS F 1936 -68.23 7.00 -56.29
CA LYS F 1936 -67.82 8.26 -55.71
C LYS F 1936 -66.57 8.82 -56.38
N LEU F 1937 -65.64 7.94 -56.77
CA LEU F 1937 -64.45 8.38 -57.48
C LEU F 1937 -64.81 9.00 -58.83
N GLN F 1938 -65.71 8.37 -59.57
CA GLN F 1938 -66.15 8.95 -60.84
C GLN F 1938 -66.85 10.29 -60.61
N MET F 1939 -67.68 10.37 -59.58
CA MET F 1939 -68.34 11.63 -59.25
C MET F 1939 -67.31 12.71 -58.94
N CYS F 1940 -66.25 12.34 -58.23
CA CYS F 1940 -65.19 13.28 -57.91
C CYS F 1940 -64.50 13.77 -59.17
N ASN F 1941 -64.25 12.87 -60.13
CA ASN F 1941 -63.66 13.29 -61.39
C ASN F 1941 -64.55 14.27 -62.14
N LEU F 1942 -65.86 14.00 -62.18
CA LEU F 1942 -66.79 14.93 -62.81
C LEU F 1942 -66.73 16.30 -62.15
N LEU F 1943 -66.77 16.31 -60.82
CA LEU F 1943 -66.69 17.56 -60.08
C LEU F 1943 -65.38 18.28 -60.32
N GLU F 1944 -64.29 17.54 -60.49
CA GLU F 1944 -63.01 18.13 -60.85
C GLU F 1944 -63.10 18.82 -62.20
N TYR F 1945 -63.74 18.18 -63.18
CA TYR F 1945 -63.95 18.84 -64.47
C TYR F 1945 -64.69 20.16 -64.29
N PHE F 1946 -65.77 20.15 -63.52
CA PHE F 1946 -66.58 21.37 -63.39
C PHE F 1946 -65.81 22.47 -62.65
N CYS F 1947 -65.06 22.09 -61.62
CA CYS F 1947 -64.23 23.07 -60.91
C CYS F 1947 -63.17 23.65 -61.84
N ASP F 1948 -62.57 22.82 -62.69
CA ASP F 1948 -61.62 23.31 -63.68
C ASP F 1948 -62.28 24.29 -64.63
N GLN F 1949 -63.52 24.02 -65.04
CA GLN F 1949 -64.25 24.98 -65.88
C GLN F 1949 -64.50 26.30 -65.16
N GLU F 1950 -64.83 26.27 -63.87
CA GLU F 1950 -64.96 27.51 -63.12
C GLU F 1950 -63.64 28.29 -63.10
N LEU F 1951 -62.54 27.59 -62.85
CA LEU F 1951 -61.23 28.24 -62.89
C LEU F 1951 -60.95 28.88 -64.24
N GLN F 1952 -61.26 28.14 -65.31
CA GLN F 1952 -61.02 28.63 -66.67
C GLN F 1952 -61.86 29.86 -66.94
N HIS F 1953 -63.11 29.87 -66.46
CA HIS F 1953 -63.95 31.06 -66.59
C HIS F 1953 -63.34 32.24 -65.87
N ARG F 1954 -62.82 32.03 -64.66
CA ARG F 1954 -62.16 33.12 -63.95
C ARG F 1954 -61.00 33.68 -64.76
N VAL F 1955 -60.17 32.80 -65.31
CA VAL F 1955 -59.02 33.23 -66.08
C VAL F 1955 -59.46 34.06 -67.28
N GLU F 1956 -60.45 33.56 -68.02
CA GLU F 1956 -60.93 34.27 -69.20
C GLU F 1956 -61.55 35.61 -68.86
N SER F 1957 -62.31 35.68 -67.76
CA SER F 1957 -62.88 36.95 -67.33
C SER F 1957 -61.79 37.95 -66.99
N LEU F 1958 -60.74 37.50 -66.30
CA LEU F 1958 -59.61 38.39 -66.02
C LEU F 1958 -58.97 38.89 -67.30
N ALA F 1959 -58.79 38.00 -68.29
CA ALA F 1959 -58.21 38.44 -69.56
C ALA F 1959 -59.08 39.48 -70.26
N ALA F 1960 -60.40 39.25 -70.27
CA ALA F 1960 -61.30 40.21 -70.89
C ALA F 1960 -61.24 41.57 -70.19
N PHE F 1961 -61.23 41.55 -68.86
CA PHE F 1961 -61.11 42.80 -68.13
C PHE F 1961 -59.79 43.48 -68.44
N ALA F 1962 -58.72 42.70 -68.60
CA ALA F 1962 -57.43 43.28 -68.94
C ALA F 1962 -57.51 43.99 -70.29
N GLU F 1963 -58.12 43.36 -71.28
CA GLU F 1963 -58.36 44.03 -72.56
C GLU F 1963 -59.03 45.39 -72.35
N ARG F 1964 -60.22 45.34 -71.74
CA ARG F 1964 -61.03 46.55 -71.62
C ARG F 1964 -60.29 47.64 -70.84
N TYR F 1965 -59.57 47.24 -69.79
CA TYR F 1965 -58.97 48.19 -68.87
C TYR F 1965 -57.68 48.76 -69.45
N VAL F 1966 -56.93 47.94 -70.18
CA VAL F 1966 -55.74 48.43 -70.87
C VAL F 1966 -56.10 49.45 -71.92
N ASP F 1967 -57.24 49.25 -72.60
CA ASP F 1967 -57.68 50.29 -73.54
C ASP F 1967 -57.78 51.64 -72.83
N LYS F 1968 -58.47 51.68 -71.69
CA LYS F 1968 -58.68 52.92 -70.97
C LYS F 1968 -57.37 53.49 -70.45
N LEU F 1969 -56.50 52.64 -69.91
CA LEU F 1969 -55.22 53.11 -69.39
C LEU F 1969 -54.37 53.70 -70.50
N GLN F 1970 -54.36 53.05 -71.67
CA GLN F 1970 -53.58 53.55 -72.79
C GLN F 1970 -54.10 54.92 -73.24
N ALA F 1971 -55.42 55.06 -73.34
CA ALA F 1971 -55.98 56.36 -73.70
C ALA F 1971 -55.63 57.42 -72.65
N ASN F 1972 -55.71 57.06 -71.37
CA ASN F 1972 -55.39 58.01 -70.31
C ASN F 1972 -53.92 58.43 -70.38
N GLN F 1973 -53.02 57.47 -70.60
CA GLN F 1973 -51.61 57.80 -70.73
C GLN F 1973 -51.36 58.71 -71.91
N ARG F 1974 -52.03 58.43 -73.04
CA ARG F 1974 -51.86 59.29 -74.21
C ARG F 1974 -52.31 60.71 -73.89
N SER F 1975 -53.50 60.85 -73.29
CA SER F 1975 -54.00 62.18 -72.97
C SER F 1975 -53.09 62.89 -71.97
N ARG F 1976 -52.58 62.15 -70.98
CA ARG F 1976 -51.73 62.77 -69.96
C ARG F 1976 -50.38 63.20 -70.51
N TYR F 1977 -49.73 62.34 -71.32
CA TYR F 1977 -48.53 62.77 -72.02
C TYR F 1977 -48.81 64.01 -72.82
N ALA F 1978 -49.89 63.95 -73.59
CA ALA F 1978 -50.31 65.08 -74.36
C ALA F 1978 -50.37 66.33 -73.47
N LEU F 1979 -51.15 66.28 -72.38
CA LEU F 1979 -51.39 67.48 -71.59
C LEU F 1979 -50.11 67.96 -70.93
N LEU F 1980 -49.20 67.05 -70.63
CA LEU F 1980 -47.89 67.43 -70.13
C LEU F 1980 -47.12 68.24 -71.16
N MET F 1981 -47.19 67.83 -72.43
CA MET F 1981 -46.54 68.60 -73.48
C MET F 1981 -47.09 70.02 -73.55
N ARG F 1982 -48.42 70.19 -73.45
CA ARG F 1982 -48.97 71.55 -73.37
C ARG F 1982 -48.51 72.31 -72.14
N ALA F 1983 -48.10 71.59 -71.09
CA ALA F 1983 -47.89 72.23 -69.81
C ALA F 1983 -46.46 72.16 -69.30
N PHE F 1984 -45.49 71.86 -70.17
CA PHE F 1984 -44.11 71.75 -69.70
C PHE F 1984 -43.57 73.12 -69.29
N THR F 1985 -44.19 74.20 -69.76
CA THR F 1985 -43.62 75.53 -69.59
C THR F 1985 -43.56 75.91 -68.11
N MET F 1986 -44.61 75.62 -67.35
CA MET F 1986 -44.73 76.17 -66.00
C MET F 1986 -43.64 75.64 -65.08
N SER F 1987 -43.42 74.34 -65.06
CA SER F 1987 -42.51 73.71 -64.11
C SER F 1987 -41.54 72.79 -64.83
N ALA F 1988 -40.27 72.81 -64.42
CA ALA F 1988 -39.27 71.94 -65.03
C ALA F 1988 -39.02 70.70 -64.20
N ALA F 1989 -38.69 70.85 -62.91
CA ALA F 1989 -38.40 69.71 -62.06
C ALA F 1989 -39.58 68.75 -61.96
N GLU F 1990 -40.76 69.29 -61.67
CA GLU F 1990 -41.93 68.44 -61.49
C GLU F 1990 -42.39 67.86 -62.82
N THR F 1991 -42.17 68.61 -63.91
CA THR F 1991 -42.25 68.04 -65.25
C THR F 1991 -41.34 66.82 -65.39
N ALA F 1992 -40.10 66.94 -64.91
CA ALA F 1992 -39.18 65.82 -64.94
C ALA F 1992 -39.78 64.65 -64.19
N ARG F 1993 -40.36 64.91 -63.02
CA ARG F 1993 -40.87 63.82 -62.22
C ARG F 1993 -42.00 63.11 -62.96
N ARG F 1994 -42.88 63.84 -63.68
CA ARG F 1994 -43.95 63.03 -64.26
C ARG F 1994 -43.33 62.24 -65.40
N THR F 1995 -42.46 62.90 -66.16
CA THR F 1995 -41.85 62.28 -67.33
C THR F 1995 -41.08 61.04 -66.93
N ARG F 1996 -40.76 60.92 -65.64
CA ARG F 1996 -40.16 59.67 -65.17
C ARG F 1996 -41.07 58.48 -65.53
N GLU F 1997 -42.39 58.70 -65.52
CA GLU F 1997 -43.33 57.64 -65.88
C GLU F 1997 -43.11 57.18 -67.32
N PHE F 1998 -43.04 58.13 -68.25
CA PHE F 1998 -42.85 57.78 -69.65
C PHE F 1998 -41.42 57.29 -69.92
N ARG F 1999 -40.44 57.72 -69.11
CA ARG F 1999 -39.13 57.09 -69.18
C ARG F 1999 -39.13 55.73 -68.49
N SER F 2000 -40.17 55.34 -67.82
CA SER F 2000 -40.11 54.02 -67.22
C SER F 2000 -40.42 52.96 -68.27
N PRO F 2001 -39.90 51.75 -68.12
CA PRO F 2001 -40.31 50.66 -69.01
C PRO F 2001 -41.83 50.41 -68.89
N PRO F 2002 -42.41 49.78 -69.90
CA PRO F 2002 -43.88 49.59 -69.85
C PRO F 2002 -44.36 48.80 -68.65
N GLN F 2003 -43.63 47.75 -68.25
CA GLN F 2003 -44.07 46.95 -67.11
C GLN F 2003 -44.09 47.78 -65.84
N GLU F 2004 -43.06 48.62 -65.66
CA GLU F 2004 -43.03 49.49 -64.50
C GLU F 2004 -44.11 50.57 -64.58
N GLN F 2005 -44.42 51.04 -65.79
CA GLN F 2005 -45.56 51.95 -65.96
C GLN F 2005 -46.84 51.28 -65.47
N ILE F 2006 -47.04 50.02 -65.86
CA ILE F 2006 -48.20 49.25 -65.40
C ILE F 2006 -48.21 49.19 -63.88
N ASN F 2007 -47.08 48.82 -63.29
CA ASN F 2007 -46.99 48.67 -61.85
C ASN F 2007 -47.34 49.98 -61.14
N MET F 2008 -46.78 51.09 -61.64
CA MET F 2008 -47.08 52.39 -61.07
C MET F 2008 -48.57 52.72 -61.18
N LEU F 2009 -49.17 52.49 -62.35
CA LEU F 2009 -50.58 52.81 -62.51
C LEU F 2009 -51.46 51.97 -61.59
N LEU F 2010 -51.11 50.70 -61.39
CA LEU F 2010 -51.92 49.79 -60.59
C LEU F 2010 -51.63 49.88 -59.10
N HIS F 2011 -50.56 50.57 -58.70
CA HIS F 2011 -50.23 50.73 -57.29
C HIS F 2011 -51.13 51.80 -56.65
N PHE F 2012 -52.39 51.43 -56.43
CA PHE F 2012 -53.31 52.26 -55.66
C PHE F 2012 -54.20 51.43 -54.74
N LYS F 2013 -53.82 50.19 -54.43
CA LYS F 2013 -54.68 49.34 -53.60
C LYS F 2013 -54.80 49.87 -52.18
N ASP F 2014 -53.67 50.16 -51.54
CA ASP F 2014 -53.66 50.53 -50.13
C ASP F 2014 -54.37 51.85 -49.85
N GLU F 2015 -54.57 52.69 -50.86
CA GLU F 2015 -55.22 53.99 -50.73
C GLU F 2015 -54.29 54.98 -50.03
N ALA F 2016 -53.15 54.50 -49.53
CA ALA F 2016 -52.11 55.40 -49.05
C ALA F 2016 -51.23 55.88 -50.18
N ASP F 2017 -51.11 55.08 -51.24
CA ASP F 2017 -50.42 55.46 -52.47
C ASP F 2017 -51.38 55.97 -53.52
N GLU F 2018 -52.66 56.16 -53.16
CA GLU F 2018 -53.64 56.71 -54.08
C GLU F 2018 -53.17 58.03 -54.67
N GLU F 2019 -52.67 58.92 -53.81
CA GLU F 2019 -52.29 60.26 -54.28
C GLU F 2019 -51.13 60.20 -55.26
N ASP F 2020 -50.15 59.33 -55.01
CA ASP F 2020 -49.02 59.23 -55.93
C ASP F 2020 -49.44 58.54 -57.23
N CYS F 2021 -50.45 57.67 -57.15
CA CYS F 2021 -50.93 57.03 -58.37
C CYS F 2021 -51.60 58.06 -59.27
N PRO F 2022 -51.19 58.17 -60.54
CA PRO F 2022 -51.76 59.21 -61.42
C PRO F 2022 -53.20 58.98 -61.81
N LEU F 2023 -53.65 57.72 -61.84
CA LEU F 2023 -54.92 57.41 -62.48
C LEU F 2023 -56.09 58.10 -61.76
N PRO F 2024 -57.17 58.38 -62.48
CA PRO F 2024 -58.35 58.95 -61.83
C PRO F 2024 -59.22 57.92 -61.13
N GLU F 2025 -60.16 58.45 -60.35
CA GLU F 2025 -60.94 57.62 -59.43
C GLU F 2025 -61.85 56.67 -60.18
N ASP F 2026 -62.38 57.07 -61.34
CA ASP F 2026 -63.26 56.18 -62.10
C ASP F 2026 -62.52 54.96 -62.59
N ILE F 2027 -61.32 55.16 -63.17
CA ILE F 2027 -60.54 54.05 -63.66
C ILE F 2027 -60.10 53.16 -62.49
N ARG F 2028 -59.76 53.77 -61.36
CA ARG F 2028 -59.44 52.99 -60.17
C ARG F 2028 -60.63 52.16 -59.72
N GLN F 2029 -61.82 52.75 -59.75
CA GLN F 2029 -63.01 52.09 -59.24
C GLN F 2029 -63.40 50.91 -60.11
N ASP F 2030 -63.17 51.02 -61.42
CA ASP F 2030 -63.42 49.86 -62.28
C ASP F 2030 -62.65 48.65 -61.80
N LEU F 2031 -61.34 48.82 -61.54
CA LEU F 2031 -60.52 47.72 -61.07
C LEU F 2031 -60.96 47.25 -59.69
N GLN F 2032 -61.30 48.18 -58.80
CA GLN F 2032 -61.74 47.77 -57.46
C GLN F 2032 -63.01 46.93 -57.54
N ASP F 2033 -63.96 47.34 -58.37
CA ASP F 2033 -65.19 46.58 -58.54
C ASP F 2033 -64.90 45.19 -59.09
N PHE F 2034 -64.04 45.11 -60.10
CA PHE F 2034 -63.72 43.79 -60.65
C PHE F 2034 -63.03 42.92 -59.61
N HIS F 2035 -62.15 43.51 -58.80
CA HIS F 2035 -61.47 42.75 -57.77
C HIS F 2035 -62.45 42.19 -56.75
N GLN F 2036 -63.42 43.01 -56.33
CA GLN F 2036 -64.45 42.51 -55.42
C GLN F 2036 -65.25 41.38 -56.07
N ASP F 2037 -65.63 41.54 -57.34
CA ASP F 2037 -66.38 40.50 -58.02
C ASP F 2037 -65.57 39.21 -58.09
N LEU F 2038 -64.26 39.33 -58.35
CA LEU F 2038 -63.41 38.15 -58.41
C LEU F 2038 -63.33 37.45 -57.06
N LEU F 2039 -63.16 38.23 -55.98
CA LEU F 2039 -63.11 37.64 -54.65
C LEU F 2039 -64.42 36.92 -54.34
N ALA F 2040 -65.55 37.53 -54.68
CA ALA F 2040 -66.84 36.88 -54.44
C ALA F 2040 -66.97 35.60 -55.24
N HIS F 2041 -66.59 35.64 -56.52
CA HIS F 2041 -66.70 34.45 -57.37
C HIS F 2041 -65.82 33.34 -56.84
N CYS F 2042 -64.64 33.68 -56.34
CA CYS F 2042 -63.78 32.69 -55.71
C CYS F 2042 -64.24 32.30 -54.31
N GLY F 2043 -65.23 33.00 -53.77
CA GLY F 2043 -65.83 32.64 -52.51
C GLY F 2043 -65.21 33.29 -51.30
N ILE F 2044 -64.21 34.16 -51.48
CA ILE F 2044 -63.62 34.84 -50.33
C ILE F 2044 -64.67 35.70 -49.63
N GLN F 2045 -65.48 36.41 -50.41
CA GLN F 2045 -66.54 37.20 -49.79
C GLN F 2045 -67.49 36.29 -49.03
N LEU F 2046 -67.81 36.71 -47.82
CA LEU F 2046 -68.51 35.89 -46.84
C LEU F 2046 -69.93 36.26 -46.43
N GLU F 2088 -77.20 29.16 -44.61
CA GLU F 2088 -78.30 28.23 -44.87
C GLU F 2088 -77.81 26.80 -44.99
N LYS F 2089 -78.72 25.85 -44.76
CA LYS F 2089 -78.38 24.44 -44.87
C LYS F 2089 -78.14 24.04 -46.33
N LYS F 2090 -78.97 24.55 -47.23
CA LYS F 2090 -78.84 24.20 -48.64
C LYS F 2090 -77.64 24.92 -49.26
N PRO F 2091 -76.73 24.21 -49.94
CA PRO F 2091 -75.48 24.84 -50.37
C PRO F 2091 -75.66 26.08 -51.22
N GLN F 2092 -76.41 25.98 -52.32
CA GLN F 2092 -76.60 27.09 -53.27
C GLN F 2092 -75.34 27.40 -54.06
N SER F 2093 -74.30 26.57 -53.94
CA SER F 2093 -73.11 26.78 -54.74
C SER F 2093 -72.32 25.48 -54.84
N LEU F 2094 -71.51 25.40 -55.91
CA LEU F 2094 -70.69 24.22 -56.14
C LEU F 2094 -69.67 24.03 -55.03
N GLN F 2095 -69.06 25.12 -54.56
CA GLN F 2095 -68.05 25.02 -53.51
C GLN F 2095 -68.64 24.41 -52.25
N GLU F 2096 -69.76 24.97 -51.78
CA GLU F 2096 -70.40 24.44 -50.58
C GLU F 2096 -70.86 23.01 -50.78
N LEU F 2097 -71.43 22.72 -51.96
CA LEU F 2097 -71.85 21.35 -52.24
C LEU F 2097 -70.70 20.37 -52.11
N VAL F 2098 -69.57 20.69 -52.75
CA VAL F 2098 -68.43 19.78 -52.74
C VAL F 2098 -67.86 19.62 -51.34
N SER F 2099 -67.68 20.74 -50.63
CA SER F 2099 -67.12 20.67 -49.29
C SER F 2099 -68.01 19.82 -48.37
N HIS F 2100 -69.31 20.10 -48.38
CA HIS F 2100 -70.22 19.36 -47.52
CA HIS F 2100 -70.23 19.37 -47.51
C HIS F 2100 -70.28 17.89 -47.91
N MET F 2101 -70.26 17.60 -49.21
CA MET F 2101 -70.31 16.21 -49.63
C MET F 2101 -69.09 15.45 -49.15
N VAL F 2102 -67.90 16.03 -49.32
CA VAL F 2102 -66.67 15.35 -48.91
C VAL F 2102 -66.68 15.12 -47.40
N VAL F 2103 -67.03 16.16 -46.64
CA VAL F 2103 -67.05 16.04 -45.19
C VAL F 2103 -68.08 14.99 -44.76
N ARG F 2104 -69.25 14.99 -45.41
CA ARG F 2104 -70.30 14.04 -45.05
C ARG F 2104 -69.85 12.61 -45.36
N TRP F 2105 -69.20 12.40 -46.51
CA TRP F 2105 -68.69 11.08 -46.83
C TRP F 2105 -67.71 10.60 -45.76
N ALA F 2106 -66.73 11.44 -45.44
CA ALA F 2106 -65.72 11.04 -44.46
C ALA F 2106 -66.35 10.80 -43.09
N GLN F 2107 -67.32 11.62 -42.71
CA GLN F 2107 -68.02 11.43 -41.45
C GLN F 2107 -68.79 10.12 -41.46
N GLU F 2108 -69.44 9.81 -42.59
CA GLU F 2108 -70.30 8.63 -42.68
C GLU F 2108 -69.49 7.35 -42.60
N ASP F 2109 -68.36 7.29 -43.30
CA ASP F 2109 -67.61 6.05 -43.37
C ASP F 2109 -66.11 6.34 -43.38
N TYR F 2110 -65.35 5.34 -42.96
CA TYR F 2110 -63.89 5.37 -43.05
C TYR F 2110 -63.50 4.88 -44.43
N VAL F 2111 -63.18 5.81 -45.33
CA VAL F 2111 -62.87 5.44 -46.71
C VAL F 2111 -61.66 4.53 -46.74
N GLN F 2112 -61.76 3.46 -47.54
CA GLN F 2112 -60.70 2.48 -47.68
C GLN F 2112 -59.91 2.66 -48.98
N SER F 2113 -60.22 3.67 -49.78
CA SER F 2113 -59.58 3.87 -51.06
C SER F 2113 -58.66 5.09 -51.03
N PRO F 2114 -57.34 4.90 -51.02
CA PRO F 2114 -56.45 6.07 -50.98
C PRO F 2114 -56.62 6.99 -52.19
N GLU F 2115 -56.94 6.44 -53.36
CA GLU F 2115 -57.15 7.29 -54.53
C GLU F 2115 -58.36 8.20 -54.33
N LEU F 2116 -59.46 7.63 -53.84
CA LEU F 2116 -60.63 8.43 -53.53
C LEU F 2116 -60.32 9.48 -52.47
N VAL F 2117 -59.55 9.11 -51.45
CA VAL F 2117 -59.18 10.05 -50.40
C VAL F 2117 -58.41 11.23 -50.99
N ARG F 2118 -57.40 10.92 -51.81
CA ARG F 2118 -56.64 11.95 -52.50
C ARG F 2118 -57.56 12.88 -53.28
N ALA F 2119 -58.45 12.31 -54.09
CA ALA F 2119 -59.30 13.12 -54.95
C ALA F 2119 -60.22 14.03 -54.14
N MET F 2120 -60.90 13.46 -53.13
CA MET F 2120 -61.86 14.25 -52.37
C MET F 2120 -61.16 15.37 -51.61
N PHE F 2121 -59.97 15.10 -51.05
CA PHE F 2121 -59.29 16.14 -50.31
C PHE F 2121 -58.70 17.19 -51.24
N SER F 2122 -58.33 16.79 -52.47
CA SER F 2122 -57.95 17.77 -53.47
C SER F 2122 -59.10 18.71 -53.80
N LEU F 2123 -60.30 18.14 -53.98
CA LEU F 2123 -61.47 18.99 -54.22
C LEU F 2123 -61.72 19.94 -53.06
N LEU F 2124 -61.62 19.42 -51.84
CA LEU F 2124 -61.82 20.27 -50.66
C LEU F 2124 -60.83 21.42 -50.64
N HIS F 2125 -59.55 21.12 -50.93
CA HIS F 2125 -58.54 22.15 -51.01
C HIS F 2125 -58.89 23.20 -52.04
N ARG F 2126 -59.34 22.76 -53.22
CA ARG F 2126 -59.67 23.73 -54.26
C ARG F 2126 -60.84 24.62 -53.85
N GLN F 2127 -61.87 24.05 -53.24
CA GLN F 2127 -63.00 24.87 -52.82
C GLN F 2127 -62.60 25.87 -51.75
N TYR F 2128 -61.73 25.45 -50.82
CA TYR F 2128 -61.33 26.38 -49.76
C TYR F 2128 -60.34 27.43 -50.24
N ASP F 2129 -59.52 27.13 -51.24
CA ASP F 2129 -58.52 28.07 -51.77
C ASP F 2129 -58.71 28.15 -53.28
N GLY F 2130 -59.59 29.04 -53.71
CA GLY F 2130 -59.81 29.26 -55.13
C GLY F 2130 -58.86 30.33 -55.67
N LEU F 2131 -58.56 31.32 -54.83
CA LEU F 2131 -57.63 32.37 -55.23
C LEU F 2131 -56.24 31.82 -55.52
N GLY F 2132 -55.75 30.90 -54.67
CA GLY F 2132 -54.46 30.29 -54.92
C GLY F 2132 -54.45 29.47 -56.18
N GLU F 2133 -55.55 28.79 -56.46
CA GLU F 2133 -55.64 28.00 -57.69
C GLU F 2133 -55.49 28.90 -58.92
N LEU F 2134 -56.20 30.03 -58.93
CA LEU F 2134 -56.05 31.00 -60.01
C LEU F 2134 -54.64 31.56 -60.05
N LEU F 2135 -54.07 31.84 -58.88
CA LEU F 2135 -52.74 32.41 -58.80
C LEU F 2135 -51.71 31.49 -59.40
N ARG F 2136 -51.88 30.18 -59.24
CA ARG F 2136 -50.97 29.21 -59.82
C ARG F 2136 -51.30 28.92 -61.27
N ALA F 2137 -52.55 29.13 -61.69
CA ALA F 2137 -52.95 28.85 -63.06
C ALA F 2137 -52.49 29.96 -64.02
N LEU F 2138 -52.57 31.21 -63.58
CA LEU F 2138 -52.28 32.33 -64.49
C LEU F 2138 -50.94 32.20 -65.20
N PRO F 2139 -49.84 31.79 -64.55
CA PRO F 2139 -48.58 31.62 -65.28
C PRO F 2139 -48.74 30.85 -66.59
N ARG F 2140 -49.82 30.08 -66.71
CA ARG F 2140 -50.14 29.35 -67.92
C ARG F 2140 -51.15 30.10 -68.78
N ALA F 2141 -51.33 31.39 -68.54
CA ALA F 2141 -52.27 32.22 -69.27
C ALA F 2141 -51.51 33.20 -70.16
N TYR F 2142 -51.93 33.29 -71.42
CA TYR F 2142 -51.27 34.16 -72.38
C TYR F 2142 -52.32 34.72 -73.33
N THR F 2143 -52.31 36.03 -73.50
CA THR F 2143 -53.21 36.72 -74.41
C THR F 2143 -52.55 36.89 -75.76
N ILE F 2144 -53.28 36.54 -76.82
CA ILE F 2144 -52.76 36.68 -78.18
C ILE F 2144 -53.78 37.42 -79.04
N SER F 2145 -53.27 38.04 -80.09
CA SER F 2145 -54.15 38.62 -81.09
C SER F 2145 -54.88 37.52 -81.85
N PRO F 2146 -56.09 37.75 -82.33
CA PRO F 2146 -56.80 36.72 -83.09
C PRO F 2146 -56.07 36.32 -84.35
N SER F 2147 -55.21 37.20 -84.86
CA SER F 2147 -54.49 36.96 -86.09
C SER F 2147 -53.41 35.88 -85.96
N SER F 2148 -53.00 35.55 -84.75
CA SER F 2148 -52.03 34.48 -84.52
C SER F 2148 -52.70 33.15 -84.18
N VAL F 2149 -54.02 33.08 -84.30
CA VAL F 2149 -54.76 31.92 -83.79
C VAL F 2149 -54.40 30.66 -84.58
N GLU F 2150 -54.38 30.75 -85.90
CA GLU F 2150 -54.14 29.56 -86.71
C GLU F 2150 -52.73 29.01 -86.51
N ASP F 2151 -51.73 29.90 -86.48
CA ASP F 2151 -50.36 29.46 -86.23
C ASP F 2151 -50.24 28.87 -84.83
N THR F 2152 -50.89 29.49 -83.85
CA THR F 2152 -50.87 28.96 -82.50
C THR F 2152 -51.48 27.56 -82.45
N MET F 2153 -52.56 27.35 -83.19
CA MET F 2153 -53.22 26.04 -83.19
C MET F 2153 -52.33 24.99 -83.85
N SER F 2154 -51.67 25.34 -84.95
CA SER F 2154 -50.74 24.40 -85.57
C SER F 2154 -49.62 24.04 -84.61
N LEU F 2155 -49.08 25.04 -83.92
CA LEU F 2155 -48.03 24.78 -82.94
C LEU F 2155 -48.54 23.89 -81.82
N LEU F 2156 -49.79 24.10 -81.39
CA LEU F 2156 -50.37 23.28 -80.34
C LEU F 2156 -50.53 21.83 -80.78
N GLU F 2157 -50.94 21.61 -82.03
CA GLU F 2157 -51.03 20.24 -82.53
C GLU F 2157 -49.66 19.57 -82.55
N CYS F 2158 -48.63 20.30 -83.00
CA CYS F 2158 -47.29 19.74 -83.00
C CYS F 2158 -46.84 19.40 -81.58
N LEU F 2159 -47.11 20.30 -80.63
CA LEU F 2159 -46.74 20.05 -79.24
C LEU F 2159 -47.50 18.86 -78.67
N GLY F 2160 -48.76 18.68 -79.07
CA GLY F 2160 -49.51 17.51 -78.64
C GLY F 2160 -48.89 16.22 -79.15
N GLN F 2161 -48.49 16.21 -80.42
CA GLN F 2161 -47.77 15.05 -80.95
C GLN F 2161 -46.54 14.75 -80.10
N ILE F 2162 -45.74 15.78 -79.83
CA ILE F 2162 -44.50 15.58 -79.08
C ILE F 2162 -44.81 15.05 -77.68
N ARG F 2163 -45.80 15.63 -77.02
CA ARG F 2163 -46.17 15.18 -75.68
C ARG F 2163 -46.62 13.73 -75.71
N SER F 2164 -47.38 13.34 -76.73
CA SER F 2164 -47.79 11.95 -76.88
C SER F 2164 -46.58 11.04 -77.03
N LEU F 2165 -45.52 11.52 -77.68
CA LEU F 2165 -44.35 10.67 -77.88
C LEU F 2165 -43.61 10.35 -76.59
N LEU F 2166 -43.91 11.03 -75.48
CA LEU F 2166 -43.21 10.73 -74.23
C LEU F 2166 -43.55 9.34 -73.73
N ILE F 2167 -44.83 8.97 -73.77
CA ILE F 2167 -45.28 7.74 -73.11
C ILE F 2167 -44.75 6.51 -73.85
N VAL F 2168 -44.78 6.53 -75.18
CA VAL F 2168 -44.40 5.35 -75.95
C VAL F 2168 -42.87 5.31 -76.11
N GLN F 2169 -42.35 4.12 -76.33
CA GLN F 2169 -40.93 3.96 -76.63
C GLN F 2169 -40.63 4.48 -78.02
N MET F 2170 -39.40 4.99 -78.20
CA MET F 2170 -39.01 5.56 -79.47
C MET F 2170 -38.87 4.49 -80.54
N GLY F 2171 -39.25 4.86 -81.76
CA GLY F 2171 -39.05 4.02 -82.92
C GLY F 2171 -38.82 4.89 -84.14
N PRO F 2172 -38.66 4.28 -85.31
CA PRO F 2172 -38.46 5.09 -86.53
C PRO F 2172 -39.63 6.02 -86.83
N GLN F 2173 -40.85 5.50 -86.76
CA GLN F 2173 -42.03 6.32 -87.03
C GLN F 2173 -42.13 7.47 -86.06
N GLU F 2174 -41.92 7.20 -84.77
CA GLU F 2174 -41.99 8.25 -83.76
C GLU F 2174 -40.90 9.28 -83.98
N GLU F 2175 -39.71 8.83 -84.37
CA GLU F 2175 -38.62 9.76 -84.68
C GLU F 2175 -39.00 10.68 -85.83
N ASN F 2176 -39.58 10.11 -86.89
CA ASN F 2176 -39.98 10.94 -88.02
C ASN F 2176 -41.03 11.96 -87.61
N LEU F 2177 -42.03 11.52 -86.83
CA LEU F 2177 -43.05 12.44 -86.38
C LEU F 2177 -42.44 13.56 -85.54
N MET F 2178 -41.51 13.21 -84.64
CA MET F 2178 -40.85 14.19 -83.80
C MET F 2178 -40.10 15.21 -84.63
N ILE F 2179 -39.28 14.73 -85.57
CA ILE F 2179 -38.48 15.64 -86.40
C ILE F 2179 -39.39 16.57 -87.19
N GLN F 2180 -40.46 16.03 -87.77
CA GLN F 2180 -41.34 16.84 -88.60
C GLN F 2180 -42.09 17.88 -87.75
N SER F 2181 -42.53 17.49 -86.55
CA SER F 2181 -43.19 18.45 -85.67
C SER F 2181 -42.23 19.56 -85.27
N ILE F 2182 -40.98 19.20 -84.96
CA ILE F 2182 -40.00 20.21 -84.61
C ILE F 2182 -39.78 21.17 -85.78
N GLY F 2183 -39.67 20.62 -86.99
CA GLY F 2183 -39.48 21.47 -88.15
C GLY F 2183 -40.63 22.42 -88.38
N ASN F 2184 -41.86 21.93 -88.23
CA ASN F 2184 -43.01 22.81 -88.39
C ASN F 2184 -43.03 23.90 -87.32
N ILE F 2185 -42.71 23.54 -86.08
CA ILE F 2185 -42.68 24.52 -85.00
C ILE F 2185 -41.64 25.59 -85.30
N MET F 2186 -40.46 25.18 -85.75
CA MET F 2186 -39.39 26.12 -86.04
C MET F 2186 -39.72 26.99 -87.24
N ASN F 2187 -40.49 26.47 -88.21
CA ASN F 2187 -40.95 27.30 -89.30
C ASN F 2187 -42.01 28.29 -88.82
N ASN F 2188 -42.77 27.93 -87.80
CA ASN F 2188 -43.78 28.83 -87.26
C ASN F 2188 -43.14 30.12 -86.73
N LYS F 2189 -43.78 31.24 -87.03
CA LYS F 2189 -43.32 32.54 -86.56
C LYS F 2189 -43.66 32.76 -85.09
N VAL F 2190 -44.75 32.15 -84.61
CA VAL F 2190 -45.16 32.34 -83.22
C VAL F 2190 -44.07 31.86 -82.27
N PHE F 2191 -43.37 30.79 -82.67
CA PHE F 2191 -42.31 30.25 -81.83
C PHE F 2191 -41.28 31.32 -81.48
N TYR F 2192 -40.93 32.16 -82.44
CA TYR F 2192 -39.95 33.22 -82.20
C TYR F 2192 -40.59 34.43 -81.54
N GLN F 2193 -41.83 34.74 -81.90
CA GLN F 2193 -42.47 35.94 -81.38
C GLN F 2193 -42.87 35.80 -79.92
N HIS F 2194 -43.25 34.60 -79.48
CA HIS F 2194 -43.83 34.38 -78.16
C HIS F 2194 -43.05 33.30 -77.43
N PRO F 2195 -41.80 33.58 -77.07
CA PRO F 2195 -40.99 32.59 -76.34
C PRO F 2195 -41.47 32.34 -74.92
N ASN F 2196 -42.04 33.35 -74.24
CA ASN F 2196 -42.61 33.12 -72.92
C ASN F 2196 -43.75 32.13 -72.99
N LEU F 2197 -44.55 32.18 -74.06
CA LEU F 2197 -45.62 31.21 -74.24
C LEU F 2197 -45.07 29.80 -74.31
N MET F 2198 -43.99 29.60 -75.07
CA MET F 2198 -43.40 28.27 -75.18
C MET F 2198 -42.83 27.82 -73.85
N ARG F 2199 -42.19 28.73 -73.12
CA ARG F 2199 -41.65 28.37 -71.81
C ARG F 2199 -42.76 27.97 -70.85
N ALA F 2200 -43.89 28.67 -70.90
CA ALA F 2200 -45.04 28.26 -70.10
C ALA F 2200 -45.54 26.89 -70.53
N LEU F 2201 -45.57 26.64 -71.84
CA LEU F 2201 -46.02 25.36 -72.38
C LEU F 2201 -45.08 24.22 -72.05
N GLY F 2202 -43.84 24.50 -71.70
CA GLY F 2202 -42.90 23.44 -71.38
C GLY F 2202 -42.41 22.67 -72.59
N MET F 2203 -42.29 23.34 -73.74
CA MET F 2203 -41.86 22.67 -74.96
C MET F 2203 -40.45 22.12 -74.82
N HIS F 2204 -39.52 22.96 -74.38
CA HIS F 2204 -38.12 22.55 -74.24
C HIS F 2204 -37.99 21.38 -73.27
N GLU F 2205 -38.74 21.42 -72.17
CA GLU F 2205 -38.66 20.34 -71.19
C GLU F 2205 -39.11 19.01 -71.78
N THR F 2206 -40.21 19.02 -72.54
CA THR F 2206 -40.68 17.80 -73.19
C THR F 2206 -39.65 17.28 -74.19
N VAL F 2207 -39.06 18.19 -74.97
CA VAL F 2207 -38.04 17.78 -75.92
C VAL F 2207 -36.87 17.13 -75.19
N MET F 2208 -36.43 17.72 -74.08
CA MET F 2208 -35.33 17.16 -73.31
C MET F 2208 -35.70 15.78 -72.76
N GLU F 2209 -36.94 15.63 -72.29
CA GLU F 2209 -37.38 14.35 -71.77
C GLU F 2209 -37.35 13.28 -72.84
N VAL F 2210 -37.79 13.62 -74.06
CA VAL F 2210 -37.71 12.65 -75.15
C VAL F 2210 -36.25 12.31 -75.44
N MET F 2211 -35.40 13.34 -75.54
CA MET F 2211 -34.01 13.09 -75.88
C MET F 2211 -33.39 12.13 -74.90
N VAL F 2212 -33.59 12.39 -73.61
CA VAL F 2212 -32.96 11.62 -72.55
C VAL F 2212 -33.53 10.21 -72.48
N ASN F 2213 -34.85 10.08 -72.66
CA ASN F 2213 -35.43 8.74 -72.67
C ASN F 2213 -34.79 7.91 -73.77
N VAL F 2214 -34.43 8.53 -74.88
CA VAL F 2214 -33.69 7.81 -75.92
C VAL F 2214 -32.25 7.55 -75.49
N LEU F 2215 -31.61 8.55 -74.89
CA LEU F 2215 -30.19 8.43 -74.54
C LEU F 2215 -29.96 7.29 -73.56
N GLY F 2216 -30.69 7.28 -72.45
CA GLY F 2216 -30.41 6.33 -71.39
C GLY F 2216 -30.58 4.89 -71.81
N GLY F 2217 -31.60 4.62 -72.61
CA GLY F 2217 -31.91 3.24 -72.99
C GLY F 2217 -30.82 2.65 -73.85
N GLY F 2218 -30.19 1.58 -73.36
CA GLY F 2218 -29.13 0.92 -74.09
C GLY F 2218 -27.99 1.86 -74.41
N GLU F 2219 -27.78 2.85 -73.54
CA GLU F 2219 -26.75 3.86 -73.80
C GLU F 2219 -25.38 3.21 -74.00
N THR F 2220 -24.98 2.34 -73.07
CA THR F 2220 -23.62 1.80 -73.11
C THR F 2220 -23.38 1.01 -74.39
N LYS F 2221 -24.36 0.23 -74.84
CA LYS F 2221 -24.19 -0.58 -76.04
C LYS F 2221 -24.04 0.29 -77.28
N GLU F 2222 -24.96 1.22 -77.48
CA GLU F 2222 -24.98 2.06 -78.69
C GLU F 2222 -26.10 3.08 -78.52
N ILE F 2223 -26.00 4.16 -79.29
CA ILE F 2223 -27.00 5.23 -79.25
C ILE F 2223 -27.79 5.19 -80.54
N ARG F 2224 -29.11 4.98 -80.42
CA ARG F 2224 -29.99 4.88 -81.57
C ARG F 2224 -30.65 6.22 -81.85
N PHE F 2225 -31.33 6.30 -83.00
CA PHE F 2225 -32.08 7.48 -83.42
C PHE F 2225 -31.25 8.74 -83.21
N PRO F 2226 -30.02 8.76 -83.73
CA PRO F 2226 -29.20 9.98 -83.61
C PRO F 2226 -29.79 11.19 -84.33
N LYS F 2227 -30.50 11.01 -85.42
CA LYS F 2227 -31.09 12.16 -86.09
C LYS F 2227 -32.02 12.93 -85.15
N MET F 2228 -32.73 12.20 -84.28
CA MET F 2228 -33.64 12.85 -83.35
C MET F 2228 -32.89 13.72 -82.35
N VAL F 2229 -31.76 13.25 -81.84
CA VAL F 2229 -30.95 14.05 -80.91
C VAL F 2229 -30.36 15.26 -81.62
N THR F 2230 -29.93 15.08 -82.87
CA THR F 2230 -29.43 16.22 -83.63
C THR F 2230 -30.51 17.28 -83.78
N SER F 2231 -31.74 16.86 -84.08
CA SER F 2231 -32.86 17.77 -84.05
C SER F 2231 -33.06 18.34 -82.65
N CYS F 2232 -32.71 17.57 -81.63
CA CYS F 2232 -33.00 17.98 -80.25
C CYS F 2232 -32.20 19.22 -79.87
N CYS F 2233 -30.90 19.28 -80.18
CA CYS F 2233 -30.43 20.65 -80.38
C CYS F 2233 -31.22 21.43 -81.38
N ARG F 2234 -31.10 21.16 -82.68
CA ARG F 2234 -31.42 22.24 -83.60
C ARG F 2234 -32.55 23.07 -83.01
N PHE F 2235 -33.58 22.40 -82.50
CA PHE F 2235 -34.65 23.06 -81.75
C PHE F 2235 -34.13 23.74 -80.48
N LEU F 2236 -33.71 22.95 -79.47
CA LEU F 2236 -33.42 23.48 -78.13
C LEU F 2236 -32.24 24.41 -78.11
N CYS F 2237 -31.48 24.42 -79.20
CA CYS F 2237 -30.10 24.80 -79.20
C CYS F 2237 -29.98 25.97 -80.18
N TYR F 2238 -31.10 26.26 -80.88
CA TYR F 2238 -31.50 27.62 -81.28
C TYR F 2238 -32.39 28.29 -80.23
N PHE F 2239 -33.13 27.47 -79.46
CA PHE F 2239 -34.06 27.98 -78.46
C PHE F 2239 -33.37 28.90 -77.47
N CYS F 2240 -32.18 28.51 -77.01
CA CYS F 2240 -31.42 29.35 -76.11
C CYS F 2240 -31.01 30.66 -76.76
N ARG F 2241 -30.84 30.69 -78.07
CA ARG F 2241 -30.50 31.90 -78.80
C ARG F 2241 -31.69 32.83 -78.97
N ILE F 2242 -32.90 32.29 -79.02
CA ILE F 2242 -34.06 33.15 -79.25
C ILE F 2242 -34.15 34.22 -78.16
N SER F 2243 -33.97 33.84 -76.90
CA SER F 2243 -34.16 34.76 -75.79
C SER F 2243 -33.29 34.35 -74.62
N ARG F 2244 -32.86 35.35 -73.84
CA ARG F 2244 -32.07 35.09 -72.64
C ARG F 2244 -32.86 34.26 -71.62
N GLN F 2245 -34.14 34.53 -71.45
CA GLN F 2245 -34.95 33.78 -70.51
C GLN F 2245 -34.99 32.29 -70.85
N ASN F 2246 -35.11 31.97 -72.13
CA ASN F 2246 -35.02 30.59 -72.57
C ASN F 2246 -33.64 30.02 -72.24
N GLN F 2247 -32.60 30.81 -72.48
CA GLN F 2247 -31.25 30.38 -72.19
C GLN F 2247 -31.07 30.09 -70.71
N ARG F 2248 -31.64 30.94 -69.85
CA ARG F 2248 -31.61 30.70 -68.41
C ARG F 2248 -32.38 29.44 -68.04
N SER F 2249 -33.55 29.24 -68.65
CA SER F 2249 -34.33 28.05 -68.37
C SER F 2249 -33.53 26.79 -68.67
N MET F 2250 -32.78 26.79 -69.76
CA MET F 2250 -31.98 25.62 -70.11
C MET F 2250 -30.74 25.52 -69.21
N PHE F 2251 -30.16 26.66 -68.83
CA PHE F 2251 -29.07 26.67 -67.87
C PHE F 2251 -29.49 25.97 -66.58
N ASP F 2252 -30.73 26.18 -66.17
CA ASP F 2252 -31.24 25.51 -64.97
C ASP F 2252 -31.19 24.00 -65.11
N HIS F 2253 -31.34 23.48 -66.32
CA HIS F 2253 -31.32 22.03 -66.54
C HIS F 2253 -29.93 21.54 -66.90
N LEU F 2254 -28.98 22.46 -67.03
CA LEU F 2254 -27.61 22.14 -67.42
C LEU F 2254 -27.07 20.81 -66.90
N SER F 2255 -27.10 20.61 -65.58
CA SER F 2255 -26.48 19.42 -64.99
C SER F 2255 -27.04 18.15 -65.62
N TYR F 2256 -28.35 18.11 -65.83
CA TYR F 2256 -28.99 16.97 -66.46
C TYR F 2256 -28.40 16.73 -67.85
N LEU F 2257 -28.23 17.81 -68.63
CA LEU F 2257 -27.60 17.69 -69.93
C LEU F 2257 -26.18 17.15 -69.81
N LEU F 2258 -25.43 17.63 -68.81
CA LEU F 2258 -24.05 17.18 -68.67
C LEU F 2258 -23.97 15.72 -68.29
N GLU F 2259 -24.84 15.24 -67.39
CA GLU F 2259 -24.79 13.83 -67.01
C GLU F 2259 -25.29 12.95 -68.14
N ASN F 2260 -26.09 13.49 -69.05
CA ASN F 2260 -26.47 12.75 -70.25
C ASN F 2260 -25.47 12.91 -71.39
N SER F 2261 -24.51 13.82 -71.25
CA SER F 2261 -23.56 14.09 -72.34
C SER F 2261 -22.66 12.90 -72.61
N GLY F 2262 -22.33 12.12 -71.58
CA GLY F 2262 -21.27 11.13 -71.72
C GLY F 2262 -21.48 10.21 -72.91
N ILE F 2263 -22.68 9.68 -73.08
CA ILE F 2263 -22.93 8.81 -74.23
C ILE F 2263 -22.97 9.61 -75.52
N GLY F 2264 -23.56 10.81 -75.48
CA GLY F 2264 -23.80 11.55 -76.71
C GLY F 2264 -22.52 11.91 -77.42
N LEU F 2265 -21.39 11.81 -76.71
CA LEU F 2265 -20.12 12.24 -77.26
C LEU F 2265 -19.79 11.50 -78.55
N GLY F 2266 -19.96 10.17 -78.56
CA GLY F 2266 -19.62 9.40 -79.74
C GLY F 2266 -20.42 9.81 -80.96
N MET F 2267 -21.69 10.10 -80.76
CA MET F 2267 -22.54 10.65 -81.80
C MET F 2267 -21.95 11.93 -82.38
N GLN F 2268 -22.05 12.06 -83.70
CA GLN F 2268 -21.58 13.26 -84.37
CA GLN F 2268 -21.58 13.26 -84.37
C GLN F 2268 -22.74 14.22 -84.64
N GLY F 2269 -22.44 15.51 -84.59
CA GLY F 2269 -23.45 16.53 -84.85
C GLY F 2269 -23.74 17.38 -83.62
N SER F 2270 -24.99 17.83 -83.53
CA SER F 2270 -25.40 18.68 -82.41
C SER F 2270 -25.77 17.81 -81.22
N THR F 2271 -25.25 18.17 -80.04
CA THR F 2271 -25.27 17.30 -78.88
C THR F 2271 -25.72 18.05 -77.64
N PRO F 2272 -26.06 17.32 -76.57
CA PRO F 2272 -26.39 17.99 -75.30
C PRO F 2272 -25.28 18.89 -74.79
N LEU F 2273 -24.03 18.53 -75.05
CA LEU F 2273 -22.93 19.42 -74.70
C LEU F 2273 -23.04 20.74 -75.46
N ASP F 2274 -23.48 20.70 -76.72
CA ASP F 2274 -23.77 21.92 -77.46
C ASP F 2274 -24.97 22.67 -76.89
N VAL F 2275 -25.97 21.95 -76.38
CA VAL F 2275 -27.07 22.62 -75.69
C VAL F 2275 -26.55 23.38 -74.49
N ALA F 2276 -25.67 22.74 -73.72
CA ALA F 2276 -25.06 23.40 -72.57
C ALA F 2276 -24.26 24.63 -72.99
N ALA F 2277 -23.49 24.50 -74.07
CA ALA F 2277 -22.72 25.63 -74.57
C ALA F 2277 -23.64 26.77 -74.97
N ALA F 2278 -24.79 26.46 -75.60
CA ALA F 2278 -25.76 27.50 -75.94
C ALA F 2278 -26.35 28.12 -74.69
N SER F 2279 -26.57 27.33 -73.64
CA SER F 2279 -27.09 27.86 -72.39
C SER F 2279 -26.11 28.86 -71.77
N VAL F 2280 -24.81 28.59 -71.85
CA VAL F 2280 -23.81 29.39 -71.16
C VAL F 2280 -23.24 30.50 -72.04
N ILE F 2281 -23.46 30.46 -73.35
CA ILE F 2281 -22.68 31.28 -74.27
C ILE F 2281 -23.07 32.74 -74.11
N ASP F 2282 -22.07 33.61 -74.02
CA ASP F 2282 -22.22 35.05 -74.11
C ASP F 2282 -23.13 35.64 -73.04
N ASN F 2283 -23.28 34.95 -71.90
CA ASN F 2283 -24.05 35.46 -70.78
C ASN F 2283 -23.17 35.46 -69.53
N ASN F 2284 -22.75 36.65 -69.12
CA ASN F 2284 -21.90 36.76 -67.93
C ASN F 2284 -22.63 36.29 -66.68
N GLU F 2285 -23.91 36.62 -66.55
CA GLU F 2285 -24.68 36.16 -65.39
C GLU F 2285 -24.65 34.65 -65.28
N LEU F 2286 -25.00 33.97 -66.36
CA LEU F 2286 -25.05 32.51 -66.35
C LEU F 2286 -23.67 31.92 -66.12
N ALA F 2287 -22.64 32.49 -66.76
CA ALA F 2287 -21.29 31.98 -66.56
C ALA F 2287 -20.86 32.10 -65.11
N LEU F 2288 -21.16 33.24 -64.48
CA LEU F 2288 -20.79 33.45 -63.09
C LEU F 2288 -21.64 32.59 -62.14
N ALA F 2289 -22.86 32.25 -62.55
CA ALA F 2289 -23.68 31.33 -61.78
C ALA F 2289 -23.33 29.87 -62.04
N LEU F 2290 -22.46 29.60 -63.01
CA LEU F 2290 -22.07 28.23 -63.32
C LEU F 2290 -21.39 27.59 -62.11
N GLN F 2291 -21.55 26.28 -61.98
CA GLN F 2291 -21.12 25.57 -60.78
C GLN F 2291 -19.84 24.77 -60.98
N GLU F 2292 -18.98 24.85 -59.97
CA GLU F 2292 -17.75 24.09 -59.95
C GLU F 2292 -18.02 22.59 -60.01
N GLN F 2293 -19.20 22.15 -59.55
CA GLN F 2293 -19.54 20.74 -59.67
C GLN F 2293 -19.68 20.34 -61.13
N ASP F 2294 -20.37 21.16 -61.92
CA ASP F 2294 -20.47 20.88 -63.35
C ASP F 2294 -19.09 20.92 -64.01
N LEU F 2295 -18.26 21.89 -63.61
CA LEU F 2295 -16.92 21.94 -64.16
C LEU F 2295 -16.13 20.68 -63.82
N GLU F 2296 -16.22 20.20 -62.58
CA GLU F 2296 -15.51 18.99 -62.20
C GLU F 2296 -16.01 17.80 -63.00
N LYS F 2297 -17.32 17.73 -63.23
CA LYS F 2297 -17.85 16.62 -64.02
C LYS F 2297 -17.27 16.64 -65.43
N VAL F 2298 -17.23 17.82 -66.05
CA VAL F 2298 -16.64 17.93 -67.38
C VAL F 2298 -15.17 17.49 -67.35
N VAL F 2299 -14.44 17.93 -66.33
CA VAL F 2299 -13.01 17.63 -66.25
C VAL F 2299 -12.80 16.14 -66.04
N SER F 2300 -13.68 15.50 -65.27
CA SER F 2300 -13.57 14.05 -65.08
C SER F 2300 -13.83 13.31 -66.38
N TYR F 2301 -14.85 13.74 -67.13
CA TYR F 2301 -15.07 13.16 -68.45
C TYR F 2301 -13.84 13.30 -69.33
N LEU F 2302 -13.24 14.49 -69.32
CA LEU F 2302 -12.06 14.73 -70.16
C LEU F 2302 -10.86 13.91 -69.72
N ALA F 2303 -10.70 13.71 -68.41
CA ALA F 2303 -9.64 12.84 -67.91
C ALA F 2303 -9.85 11.41 -68.38
N GLY F 2304 -11.09 10.92 -68.31
CA GLY F 2304 -11.38 9.61 -68.85
C GLY F 2304 -11.06 9.51 -70.33
N CYS F 2305 -11.36 10.56 -71.08
CA CYS F 2305 -10.99 10.61 -72.49
C CYS F 2305 -9.49 10.55 -72.69
N GLY F 2306 -8.72 11.29 -71.89
CA GLY F 2306 -7.28 11.33 -72.01
C GLY F 2306 -6.62 10.05 -71.54
N LEU F 2307 -7.37 9.23 -70.80
CA LEU F 2307 -6.82 7.97 -70.30
C LEU F 2307 -7.22 6.77 -71.13
N GLN F 2308 -8.37 6.80 -71.80
CA GLN F 2308 -8.88 5.64 -72.52
C GLN F 2308 -9.33 6.04 -73.92
N SER F 2309 -9.20 5.09 -74.84
CA SER F 2309 -9.57 5.34 -76.23
C SER F 2309 -11.06 5.16 -76.45
N CYS F 2310 -11.49 5.41 -77.69
CA CYS F 2310 -12.90 5.33 -78.01
C CYS F 2310 -13.26 3.91 -78.47
N PRO F 2311 -14.12 3.20 -77.74
CA PRO F 2311 -14.45 1.82 -78.16
C PRO F 2311 -15.10 1.76 -79.53
N MET F 2312 -15.85 2.79 -79.91
CA MET F 2312 -16.47 2.80 -81.24
C MET F 2312 -15.41 2.80 -82.33
N LEU F 2313 -14.39 3.65 -82.18
CA LEU F 2313 -13.29 3.65 -83.15
C LEU F 2313 -12.55 2.32 -83.13
N LEU F 2314 -12.31 1.78 -81.94
CA LEU F 2314 -11.63 0.49 -81.84
C LEU F 2314 -12.41 -0.60 -82.60
N ALA F 2315 -13.73 -0.61 -82.43
CA ALA F 2315 -14.56 -1.56 -83.15
C ALA F 2315 -14.50 -1.32 -84.66
N LYS F 2316 -14.48 -0.05 -85.07
CA LYS F 2316 -14.29 0.29 -86.47
C LYS F 2316 -12.92 -0.13 -86.99
N GLY F 2317 -12.00 -0.48 -86.09
CA GLY F 2317 -10.71 -0.99 -86.50
C GLY F 2317 -9.60 0.02 -86.50
N TYR F 2318 -9.81 1.18 -85.90
CA TYR F 2318 -8.78 2.20 -85.85
C TYR F 2318 -7.59 1.71 -85.04
N PRO F 2319 -6.39 2.21 -85.31
CA PRO F 2319 -5.25 1.88 -84.44
C PRO F 2319 -5.54 2.31 -83.00
N ASP F 2320 -5.14 1.46 -82.07
CA ASP F 2320 -5.46 1.65 -80.66
C ASP F 2320 -4.41 2.53 -80.00
N ILE F 2321 -4.80 3.76 -79.69
CA ILE F 2321 -4.01 4.64 -78.84
C ILE F 2321 -4.69 4.69 -77.48
N GLY F 2322 -4.07 5.37 -76.54
CA GLY F 2322 -4.54 5.34 -75.17
C GLY F 2322 -5.57 6.37 -74.80
N TRP F 2323 -6.10 7.17 -75.73
CA TRP F 2323 -6.91 8.31 -75.30
C TRP F 2323 -7.79 8.77 -76.47
N ASN F 2324 -8.80 9.59 -76.13
CA ASN F 2324 -9.85 9.97 -77.06
C ASN F 2324 -9.76 11.46 -77.40
N PRO F 2325 -8.98 11.85 -78.41
CA PRO F 2325 -8.87 13.28 -78.73
C PRO F 2325 -10.21 13.86 -79.12
N CYS F 2326 -11.04 13.06 -79.78
CA CYS F 2326 -12.30 13.54 -80.33
C CYS F 2326 -13.20 14.08 -79.22
N GLY F 2327 -13.31 13.36 -78.10
CA GLY F 2327 -14.13 13.83 -77.00
C GLY F 2327 -13.43 14.85 -76.12
N GLY F 2328 -12.12 14.72 -75.99
CA GLY F 2328 -11.40 15.75 -75.26
C GLY F 2328 -11.65 17.11 -75.88
N GLU F 2329 -11.70 17.17 -77.21
CA GLU F 2329 -11.92 18.43 -77.91
C GLU F 2329 -13.28 19.04 -77.56
N ARG F 2330 -14.34 18.24 -77.60
CA ARG F 2330 -15.67 18.78 -77.27
C ARG F 2330 -15.72 19.30 -75.86
N TYR F 2331 -15.22 18.50 -74.90
CA TYR F 2331 -15.25 18.98 -73.52
C TYR F 2331 -14.45 20.28 -73.39
N LEU F 2332 -13.32 20.37 -74.10
CA LEU F 2332 -12.50 21.56 -74.03
C LEU F 2332 -13.20 22.78 -74.59
N ASP F 2333 -13.91 22.65 -75.72
CA ASP F 2333 -14.59 23.84 -76.26
C ASP F 2333 -15.77 24.23 -75.39
N PHE F 2334 -16.44 23.26 -74.76
CA PHE F 2334 -17.44 23.63 -73.77
C PHE F 2334 -16.82 24.49 -72.68
N LEU F 2335 -15.68 24.05 -72.13
CA LEU F 2335 -15.02 24.82 -71.09
C LEU F 2335 -14.60 26.19 -71.61
N ARG F 2336 -14.19 26.27 -72.88
CA ARG F 2336 -13.84 27.54 -73.48
C ARG F 2336 -15.03 28.50 -73.47
N PHE F 2337 -16.19 28.02 -73.90
CA PHE F 2337 -17.39 28.85 -73.85
C PHE F 2337 -17.74 29.24 -72.42
N ALA F 2338 -17.45 28.35 -71.45
CA ALA F 2338 -17.74 28.67 -70.06
C ALA F 2338 -16.84 29.80 -69.56
N VAL F 2339 -15.54 29.77 -69.89
CA VAL F 2339 -14.59 30.70 -69.29
C VAL F 2339 -14.41 31.99 -70.06
N PHE F 2340 -14.79 32.03 -71.33
CA PHE F 2340 -14.51 33.21 -72.17
C PHE F 2340 -15.84 33.77 -72.67
N VAL F 2341 -16.13 35.01 -72.28
CA VAL F 2341 -17.39 35.67 -72.63
C VAL F 2341 -17.10 37.05 -73.18
N ASN F 2342 -17.67 37.35 -74.35
CA ASN F 2342 -17.66 38.71 -74.90
C ASN F 2342 -16.25 39.30 -74.94
N GLY F 2343 -15.29 38.47 -75.34
CA GLY F 2343 -13.94 38.95 -75.53
C GLY F 2343 -13.10 39.03 -74.28
N GLU F 2344 -13.64 38.64 -73.13
CA GLU F 2344 -12.93 38.78 -71.85
C GLU F 2344 -13.06 37.50 -71.05
N SER F 2345 -12.01 37.20 -70.29
CA SER F 2345 -12.00 36.01 -69.46
C SER F 2345 -12.79 36.21 -68.18
N VAL F 2346 -13.41 35.14 -67.71
CA VAL F 2346 -14.09 35.11 -66.41
C VAL F 2346 -13.15 34.40 -65.45
N GLU F 2347 -12.51 35.17 -64.57
CA GLU F 2347 -11.46 34.61 -63.72
C GLU F 2347 -12.01 33.56 -62.77
N GLU F 2348 -13.24 33.76 -62.29
CA GLU F 2348 -13.82 32.81 -61.33
C GLU F 2348 -13.85 31.40 -61.90
N ASN F 2349 -14.25 31.26 -63.16
CA ASN F 2349 -14.28 29.95 -63.81
C ASN F 2349 -12.91 29.55 -64.32
N ALA F 2350 -12.12 30.51 -64.78
CA ALA F 2350 -10.81 30.21 -65.36
C ALA F 2350 -9.88 29.56 -64.34
N ASN F 2351 -9.82 30.16 -63.14
CA ASN F 2351 -8.95 29.62 -62.10
C ASN F 2351 -9.39 28.22 -61.70
N VAL F 2352 -10.71 28.01 -61.58
CA VAL F 2352 -11.22 26.69 -61.23
C VAL F 2352 -10.83 25.68 -62.29
N VAL F 2353 -10.97 26.05 -63.56
CA VAL F 2353 -10.61 25.13 -64.64
C VAL F 2353 -9.13 24.78 -64.57
N VAL F 2354 -8.28 25.79 -64.36
CA VAL F 2354 -6.85 25.56 -64.28
C VAL F 2354 -6.54 24.57 -63.15
N ARG F 2355 -7.12 24.83 -61.98
CA ARG F 2355 -6.81 24.02 -60.81
C ARG F 2355 -7.29 22.58 -61.01
N LEU F 2356 -8.51 22.41 -61.50
CA LEU F 2356 -9.03 21.08 -61.75
C LEU F 2356 -8.17 20.35 -62.77
N LEU F 2357 -7.72 21.05 -63.80
CA LEU F 2357 -6.97 20.44 -64.88
C LEU F 2357 -5.59 19.99 -64.40
N ILE F 2358 -4.94 20.81 -63.57
CA ILE F 2358 -3.65 20.39 -63.02
C ILE F 2358 -3.85 19.24 -62.04
N ARG F 2359 -4.93 19.24 -61.27
CA ARG F 2359 -5.17 18.14 -60.35
C ARG F 2359 -5.37 16.84 -61.10
N LYS F 2360 -6.06 16.89 -62.24
CA LYS F 2360 -6.14 15.77 -63.17
C LYS F 2360 -5.31 16.08 -64.41
N PRO F 2361 -3.99 15.91 -64.37
CA PRO F 2361 -3.16 16.33 -65.51
C PRO F 2361 -3.23 15.41 -66.71
N GLU F 2362 -3.82 14.22 -66.58
CA GLU F 2362 -4.02 13.36 -67.75
C GLU F 2362 -4.92 14.01 -68.78
N CYS F 2363 -5.70 15.02 -68.38
CA CYS F 2363 -6.47 15.79 -69.34
C CYS F 2363 -5.58 16.55 -70.31
N PHE F 2364 -4.38 16.93 -69.87
CA PHE F 2364 -3.47 17.66 -70.74
C PHE F 2364 -3.07 16.82 -71.95
N GLY F 2365 -3.04 15.50 -71.79
CA GLY F 2365 -2.66 14.61 -72.86
C GLY F 2365 -1.52 13.70 -72.44
N PRO F 2366 -1.25 12.66 -73.24
CA PRO F 2366 -0.03 11.89 -73.00
C PRO F 2366 1.21 12.74 -73.09
N ALA F 2367 1.18 13.78 -73.93
CA ALA F 2367 2.16 14.84 -73.89
C ALA F 2367 1.78 15.82 -72.77
N LEU F 2368 2.68 16.75 -72.45
CA LEU F 2368 2.44 17.69 -71.35
C LEU F 2368 2.26 16.92 -70.05
N ARG F 2369 2.64 15.65 -70.03
CA ARG F 2369 2.45 14.83 -68.84
CA ARG F 2369 2.47 14.82 -68.84
C ARG F 2369 3.45 15.18 -67.75
N GLY F 2370 4.70 15.47 -68.12
CA GLY F 2370 5.75 15.63 -67.15
C GLY F 2370 6.75 14.50 -67.27
N GLU F 2371 6.71 13.56 -66.35
CA GLU F 2371 7.56 12.39 -66.44
C GLU F 2371 7.26 11.60 -67.70
N GLY F 2372 8.31 11.26 -68.44
CA GLY F 2372 8.15 10.43 -69.63
C GLY F 2372 7.17 11.01 -70.63
N GLY F 2373 7.16 12.32 -70.78
CA GLY F 2373 6.19 12.98 -71.64
C GLY F 2373 6.82 13.83 -72.71
N SER F 2374 6.56 13.50 -73.97
CA SER F 2374 7.03 14.32 -75.08
C SER F 2374 6.34 15.68 -75.06
N GLY F 2375 7.01 16.66 -75.65
CA GLY F 2375 6.48 18.00 -75.70
C GLY F 2375 5.38 18.16 -76.74
N LEU F 2376 4.73 19.31 -76.67
CA LEU F 2376 3.66 19.63 -77.60
C LEU F 2376 4.16 19.62 -79.04
N LEU F 2377 5.32 20.21 -79.28
CA LEU F 2377 5.84 20.28 -80.64
C LEU F 2377 6.13 18.88 -81.19
N ALA F 2378 6.74 18.02 -80.39
CA ALA F 2378 6.97 16.65 -80.81
C ALA F 2378 5.66 15.92 -81.05
N ALA F 2379 4.64 16.19 -80.22
CA ALA F 2379 3.34 15.58 -80.44
C ALA F 2379 2.77 15.99 -81.80
N ILE F 2380 2.87 17.28 -82.14
CA ILE F 2380 2.36 17.74 -83.43
C ILE F 2380 3.13 17.09 -84.57
N GLU F 2381 4.45 17.00 -84.45
CA GLU F 2381 5.24 16.40 -85.51
C GLU F 2381 4.87 14.93 -85.70
N GLU F 2382 4.72 14.20 -84.60
CA GLU F 2382 4.32 12.80 -84.69
C GLU F 2382 2.93 12.66 -85.28
N ALA F 2383 2.04 13.60 -84.96
CA ALA F 2383 0.70 13.59 -85.55
C ALA F 2383 0.76 13.79 -87.06
N ILE F 2384 1.65 14.67 -87.52
CA ILE F 2384 1.81 14.88 -88.95
C ILE F 2384 2.33 13.61 -89.62
N ARG F 2385 3.33 12.98 -89.01
CA ARG F 2385 3.82 11.71 -89.55
C ARG F 2385 2.72 10.66 -89.58
N ILE F 2386 1.87 10.63 -88.56
CA ILE F 2386 0.73 9.71 -88.55
C ILE F 2386 -0.18 10.00 -89.72
N SER F 2387 -0.54 11.27 -89.91
CA SER F 2387 -1.42 11.64 -91.00
C SER F 2387 -0.85 11.18 -92.34
N GLU F 2388 0.47 11.30 -92.51
CA GLU F 2388 1.10 10.80 -93.72
C GLU F 2388 0.99 9.28 -93.81
N ASP F 2389 1.19 8.58 -92.69
CA ASP F 2389 1.23 7.12 -92.69
C ASP F 2389 -0.14 6.55 -92.38
N PRO F 2390 -0.80 5.89 -93.32
CA PRO F 2390 -1.99 5.11 -92.96
C PRO F 2390 -1.59 3.81 -92.27
N ALA F 2391 -2.58 3.17 -91.66
CA ALA F 2391 -2.45 2.04 -90.74
C ALA F 2391 -1.99 2.55 -89.37
N ARG F 2392 -1.63 3.83 -89.26
CA ARG F 2392 -1.42 4.49 -87.98
C ARG F 2392 -2.29 5.73 -87.82
N ASP F 2393 -2.89 6.23 -88.90
CA ASP F 2393 -3.88 7.29 -88.85
C ASP F 2393 -5.30 6.75 -88.90
N GLY F 2394 -5.50 5.56 -89.46
CA GLY F 2394 -6.81 4.99 -89.60
C GLY F 2394 -6.77 3.49 -89.81
N PRO F 2395 -7.95 2.87 -89.89
CA PRO F 2395 -7.99 1.41 -90.03
C PRO F 2395 -7.22 0.89 -91.23
N GLY F 2396 -7.31 1.57 -92.37
CA GLY F 2396 -6.57 1.17 -93.55
C GLY F 2396 -6.86 -0.25 -93.99
N VAL F 2397 -8.12 -0.67 -93.96
CA VAL F 2397 -8.56 -2.00 -94.38
C VAL F 2397 -7.60 -2.66 -95.35
N PRO F 2410 -14.58 6.27 -97.23
CA PRO F 2410 -15.68 6.38 -96.27
C PRO F 2410 -16.98 6.88 -96.89
N PRO F 2411 -18.09 6.17 -96.71
CA PRO F 2411 -19.37 6.69 -97.20
C PRO F 2411 -19.77 7.99 -96.53
N GLU F 2412 -19.68 8.04 -95.20
CA GLU F 2412 -20.03 9.25 -94.47
C GLU F 2412 -19.11 10.42 -94.78
N GLU F 2413 -17.86 10.15 -95.17
CA GLU F 2413 -16.83 11.15 -95.44
C GLU F 2413 -16.42 11.92 -94.19
N ASN F 2414 -16.98 11.60 -93.03
CA ASN F 2414 -16.54 12.15 -91.76
C ASN F 2414 -15.54 11.25 -91.06
N ARG F 2415 -15.00 10.26 -91.77
CA ARG F 2415 -14.11 9.28 -91.16
C ARG F 2415 -12.99 9.97 -90.41
N VAL F 2416 -12.78 9.55 -89.16
CA VAL F 2416 -11.89 10.25 -88.26
C VAL F 2416 -10.43 10.04 -88.69
N HIS F 2417 -9.65 11.11 -88.63
CA HIS F 2417 -8.21 11.06 -88.88
C HIS F 2417 -7.49 11.38 -87.59
N LEU F 2418 -6.70 10.42 -87.11
CA LEU F 2418 -6.14 10.50 -85.77
C LEU F 2418 -5.17 11.67 -85.63
N GLY F 2419 -4.37 11.94 -86.66
CA GLY F 2419 -3.45 13.06 -86.59
C GLY F 2419 -4.18 14.38 -86.43
N HIS F 2420 -5.21 14.59 -87.24
CA HIS F 2420 -6.01 15.81 -87.11
C HIS F 2420 -6.69 15.87 -85.75
N ALA F 2421 -7.17 14.72 -85.27
CA ALA F 2421 -7.82 14.70 -83.96
C ALA F 2421 -6.85 15.13 -82.87
N ILE F 2422 -5.63 14.63 -82.90
CA ILE F 2422 -4.63 14.99 -81.89
C ILE F 2422 -4.28 16.46 -81.98
N MET F 2423 -4.01 16.94 -83.20
CA MET F 2423 -3.67 18.35 -83.36
C MET F 2423 -4.79 19.26 -82.88
N SER F 2424 -6.05 18.91 -83.19
CA SER F 2424 -7.18 19.70 -82.75
C SER F 2424 -7.39 19.65 -81.25
N PHE F 2425 -7.20 18.48 -80.63
CA PHE F 2425 -7.24 18.41 -79.18
C PHE F 2425 -6.24 19.37 -78.56
N TYR F 2426 -4.99 19.31 -79.00
CA TYR F 2426 -3.98 20.17 -78.42
C TYR F 2426 -4.24 21.64 -78.70
N ALA F 2427 -4.71 21.96 -79.91
CA ALA F 2427 -5.05 23.34 -80.23
C ALA F 2427 -6.18 23.85 -79.34
N ALA F 2428 -7.20 23.02 -79.12
CA ALA F 2428 -8.29 23.41 -78.23
C ALA F 2428 -7.80 23.63 -76.81
N LEU F 2429 -6.91 22.75 -76.33
CA LEU F 2429 -6.34 22.92 -75.01
C LEU F 2429 -5.60 24.25 -74.89
N ILE F 2430 -4.75 24.55 -75.88
CA ILE F 2430 -3.98 25.78 -75.84
C ILE F 2430 -4.90 26.99 -75.90
N ASP F 2431 -5.92 26.93 -76.76
CA ASP F 2431 -6.87 28.03 -76.84
C ASP F 2431 -7.58 28.25 -75.50
N LEU F 2432 -8.00 27.17 -74.86
CA LEU F 2432 -8.70 27.29 -73.59
C LEU F 2432 -7.78 27.89 -72.53
N LEU F 2433 -6.51 27.45 -72.49
CA LEU F 2433 -5.57 28.01 -71.53
C LEU F 2433 -5.34 29.50 -71.78
N GLY F 2434 -5.14 29.88 -73.05
CA GLY F 2434 -4.98 31.29 -73.36
C GLY F 2434 -6.19 32.10 -72.96
N ARG F 2435 -7.39 31.54 -73.15
CA ARG F 2435 -8.61 32.25 -72.78
C ARG F 2435 -8.72 32.38 -71.26
N CYS F 2436 -8.31 31.33 -70.53
CA CYS F 2436 -8.25 31.41 -69.08
C CYS F 2436 -7.21 32.43 -68.62
N ALA F 2437 -6.26 32.75 -69.48
CA ALA F 2437 -5.18 33.66 -69.10
C ALA F 2437 -5.77 34.98 -68.59
N PRO F 2438 -5.15 35.61 -67.59
CA PRO F 2438 -5.67 36.89 -67.07
C PRO F 2438 -5.65 37.99 -68.13
N GLU F 2439 -6.58 38.92 -67.99
CA GLU F 2439 -6.52 40.16 -68.74
C GLU F 2439 -5.42 41.05 -68.18
N MET F 2440 -4.84 41.88 -69.04
CA MET F 2440 -3.64 42.62 -68.66
C MET F 2440 -3.90 43.57 -67.49
N HIS F 2441 -5.02 44.28 -67.50
CA HIS F 2441 -5.24 45.33 -66.51
C HIS F 2441 -5.06 44.78 -65.10
N LEU F 2442 -5.45 43.52 -64.88
CA LEU F 2442 -5.16 42.88 -63.60
C LEU F 2442 -3.66 42.75 -63.38
N ILE F 2443 -2.91 42.41 -64.44
CA ILE F 2443 -1.47 42.24 -64.30
C ILE F 2443 -0.82 43.56 -63.91
N GLN F 2444 -1.21 44.65 -64.55
CA GLN F 2444 -0.71 45.97 -64.15
C GLN F 2444 -1.13 46.28 -62.71
N ALA F 2445 -2.36 45.91 -62.33
CA ALA F 2445 -2.78 46.07 -60.95
C ALA F 2445 -1.95 45.22 -60.00
N GLY F 2446 -1.25 44.22 -60.52
CA GLY F 2446 -0.41 43.36 -59.70
C GLY F 2446 -1.20 42.40 -58.83
N LYS F 2447 -2.26 41.82 -59.36
CA LYS F 2447 -3.07 40.88 -58.59
C LYS F 2447 -2.37 39.51 -58.52
N GLY F 2448 -2.17 39.05 -57.29
CA GLY F 2448 -1.38 37.84 -57.08
C GLY F 2448 -1.98 36.61 -57.75
N GLU F 2449 -3.31 36.48 -57.69
CA GLU F 2449 -3.96 35.34 -58.32
C GLU F 2449 -3.71 35.35 -59.83
N ALA F 2450 -3.85 36.52 -60.46
CA ALA F 2450 -3.60 36.62 -61.90
C ALA F 2450 -2.17 36.24 -62.24
N LEU F 2451 -1.21 36.77 -61.47
CA LEU F 2451 0.19 36.46 -61.73
C LEU F 2451 0.46 34.97 -61.57
N ARG F 2452 -0.11 34.36 -60.54
CA ARG F 2452 0.09 32.94 -60.29
C ARG F 2452 -0.48 32.10 -61.44
N ILE F 2453 -1.68 32.45 -61.90
CA ILE F 2453 -2.28 31.72 -63.01
C ILE F 2453 -1.41 31.84 -64.25
N ARG F 2454 -0.93 33.05 -64.55
CA ARG F 2454 -0.11 33.24 -65.74
C ARG F 2454 1.19 32.45 -65.64
N ALA F 2455 1.81 32.44 -64.46
CA ALA F 2455 3.03 31.67 -64.29
C ALA F 2455 2.78 30.18 -64.49
N ILE F 2456 1.65 29.69 -63.98
CA ILE F 2456 1.31 28.27 -64.18
C ILE F 2456 1.16 27.98 -65.67
N LEU F 2457 0.46 28.85 -66.39
CA LEU F 2457 0.25 28.62 -67.82
C LEU F 2457 1.57 28.62 -68.58
N ARG F 2458 2.45 29.56 -68.25
CA ARG F 2458 3.76 29.61 -68.90
C ARG F 2458 4.57 28.36 -68.60
N SER F 2459 4.54 27.89 -67.35
CA SER F 2459 5.23 26.66 -67.01
C SER F 2459 4.70 25.49 -67.82
N LEU F 2460 3.37 25.42 -67.98
CA LEU F 2460 2.79 24.34 -68.77
C LEU F 2460 3.25 24.38 -70.22
N VAL F 2461 3.18 25.56 -70.85
CA VAL F 2461 3.42 25.68 -72.28
C VAL F 2461 4.64 26.57 -72.49
N PRO F 2462 5.79 26.01 -72.90
CA PRO F 2462 6.93 26.87 -73.22
C PRO F 2462 6.76 27.57 -74.55
N LEU F 2463 7.47 28.69 -74.69
CA LEU F 2463 7.28 29.58 -75.84
C LEU F 2463 7.92 28.98 -77.10
N ASP F 2464 9.08 28.36 -76.95
CA ASP F 2464 9.79 27.76 -78.08
C ASP F 2464 8.88 26.80 -78.84
N ASP F 2465 8.09 26.02 -78.11
CA ASP F 2465 7.19 25.06 -78.77
C ASP F 2465 6.11 25.78 -79.56
N LEU F 2466 5.56 26.87 -78.99
CA LEU F 2466 4.58 27.66 -79.72
C LEU F 2466 5.17 28.18 -81.02
N VAL F 2467 6.40 28.71 -80.95
CA VAL F 2467 7.05 29.25 -82.13
C VAL F 2467 7.31 28.15 -83.14
N GLY F 2468 7.73 26.98 -82.67
CA GLY F 2468 7.95 25.87 -83.58
C GLY F 2468 6.70 25.46 -84.32
N ILE F 2469 5.58 25.38 -83.60
CA ILE F 2469 4.32 25.02 -84.25
C ILE F 2469 3.91 26.09 -85.25
N ILE F 2470 4.06 27.37 -84.88
CA ILE F 2470 3.73 28.44 -85.81
C ILE F 2470 4.63 28.38 -87.04
N SER F 2471 5.87 27.95 -86.87
CA SER F 2471 6.81 27.81 -87.98
C SER F 2471 6.58 26.56 -88.79
N LEU F 2472 5.82 25.61 -88.27
CA LEU F 2472 5.61 24.36 -89.00
C LEU F 2472 4.99 24.64 -90.35
N PRO F 2473 5.52 24.06 -91.43
CA PRO F 2473 4.96 24.33 -92.75
C PRO F 2473 3.57 23.75 -92.90
N LEU F 2474 2.77 24.39 -93.76
CA LEU F 2474 1.44 23.95 -94.09
C LEU F 2474 1.41 23.64 -95.58
N GLN F 2475 0.89 22.47 -95.94
CA GLN F 2475 0.89 22.10 -97.35
C GLN F 2475 0.06 23.10 -98.13
N ILE F 2476 0.49 23.39 -99.35
CA ILE F 2476 -0.09 24.45 -100.17
C ILE F 2476 -0.64 23.82 -101.44
N PRO F 2477 -1.83 24.18 -101.89
CA PRO F 2477 -2.33 23.63 -103.16
C PRO F 2477 -1.37 23.91 -104.30
N THR F 2478 -1.19 22.91 -105.16
CA THR F 2478 -0.34 23.04 -106.32
C THR F 2478 -1.08 22.54 -107.55
N LEU F 2479 -0.66 23.02 -108.72
CA LEU F 2479 -1.22 22.59 -109.99
C LEU F 2479 -0.18 21.77 -110.72
N GLY F 2480 -0.49 20.50 -111.00
CA GLY F 2480 0.50 19.61 -111.55
C GLY F 2480 -0.12 18.51 -112.41
N LYS F 2481 0.74 17.89 -113.21
CA LYS F 2481 0.41 16.65 -113.92
C LYS F 2481 -0.89 16.74 -114.71
N ASP F 2482 -0.87 17.54 -115.78
CA ASP F 2482 -1.97 17.86 -116.72
C ASP F 2482 -2.83 19.01 -116.23
N GLY F 2483 -2.41 19.76 -115.22
CA GLY F 2483 -3.24 20.79 -114.66
C GLY F 2483 -4.28 20.29 -113.69
N ALA F 2484 -4.00 19.19 -113.00
CA ALA F 2484 -4.86 18.77 -111.90
C ALA F 2484 -4.41 19.44 -110.61
N LEU F 2485 -5.39 19.83 -109.79
CA LEU F 2485 -5.07 20.42 -108.49
C LEU F 2485 -4.75 19.34 -107.47
N VAL F 2486 -3.52 19.35 -106.97
CA VAL F 2486 -3.16 18.60 -105.77
C VAL F 2486 -3.46 19.51 -104.60
N GLN F 2487 -4.37 19.08 -103.74
CA GLN F 2487 -4.98 19.95 -102.75
C GLN F 2487 -5.06 19.25 -101.40
N PRO F 2488 -4.74 19.94 -100.31
CA PRO F 2488 -4.76 19.27 -98.99
C PRO F 2488 -6.16 18.92 -98.54
N LYS F 2489 -6.23 17.91 -97.69
CA LYS F 2489 -7.48 17.49 -97.07
C LYS F 2489 -7.53 18.02 -95.65
N MET F 2490 -8.53 18.87 -95.37
CA MET F 2490 -8.62 19.50 -94.05
C MET F 2490 -8.76 18.47 -92.94
N SER F 2491 -9.65 17.50 -93.13
CA SER F 2491 -10.00 16.57 -92.05
C SER F 2491 -8.83 15.70 -91.63
N ALA F 2492 -7.76 15.63 -92.42
CA ALA F 2492 -6.64 14.74 -92.15
C ALA F 2492 -5.29 15.45 -92.12
N SER F 2493 -5.29 16.78 -92.05
CA SER F 2493 -4.06 17.55 -92.24
C SER F 2493 -3.95 18.66 -91.20
N PHE F 2494 -2.71 19.13 -91.04
CA PHE F 2494 -2.43 20.28 -90.20
C PHE F 2494 -3.02 21.54 -90.83
N VAL F 2495 -3.65 22.38 -90.02
CA VAL F 2495 -4.45 23.50 -90.54
C VAL F 2495 -4.09 24.76 -89.77
N PRO F 2496 -4.39 25.93 -90.33
CA PRO F 2496 -4.05 27.20 -89.66
C PRO F 2496 -4.77 27.45 -88.34
N ASP F 2497 -5.91 26.80 -88.09
CA ASP F 2497 -6.58 27.01 -86.80
C ASP F 2497 -5.73 26.49 -85.65
N HIS F 2498 -5.03 25.38 -85.89
CA HIS F 2498 -4.07 24.87 -84.90
C HIS F 2498 -3.06 25.95 -84.55
N LYS F 2499 -2.62 26.71 -85.56
CA LYS F 2499 -1.68 27.80 -85.33
C LYS F 2499 -2.35 28.98 -84.62
N ALA F 2500 -3.62 29.24 -84.96
CA ALA F 2500 -4.34 30.35 -84.36
C ALA F 2500 -4.47 30.18 -82.85
N SER F 2501 -4.73 28.94 -82.41
CA SER F 2501 -4.81 28.70 -80.98
C SER F 2501 -3.50 29.07 -80.30
N MET F 2502 -2.37 28.67 -80.91
CA MET F 2502 -1.07 28.97 -80.32
C MET F 2502 -0.82 30.47 -80.30
N VAL F 2503 -1.23 31.17 -81.35
CA VAL F 2503 -1.08 32.62 -81.40
C VAL F 2503 -1.85 33.28 -80.27
N LEU F 2504 -3.09 32.83 -80.05
CA LEU F 2504 -3.89 33.40 -78.97
C LEU F 2504 -3.21 33.16 -77.63
N PHE F 2505 -2.72 31.94 -77.40
CA PHE F 2505 -2.00 31.64 -76.17
C PHE F 2505 -0.82 32.59 -75.98
N LEU F 2506 0.00 32.73 -77.03
CA LEU F 2506 1.17 33.59 -76.96
C LEU F 2506 0.78 35.01 -76.61
N ASP F 2507 -0.22 35.55 -77.30
CA ASP F 2507 -0.62 36.93 -77.09
C ASP F 2507 -1.13 37.14 -75.67
N ARG F 2508 -1.98 36.23 -75.18
CA ARG F 2508 -2.66 36.46 -73.92
C ARG F 2508 -1.75 36.17 -72.72
N VAL F 2509 -0.83 35.22 -72.87
CA VAL F 2509 -0.01 34.77 -71.74
C VAL F 2509 1.36 35.41 -71.78
N TYR F 2510 2.15 35.10 -72.82
CA TYR F 2510 3.53 35.58 -72.87
C TYR F 2510 3.58 37.03 -73.31
N GLY F 2511 2.86 37.37 -74.37
CA GLY F 2511 2.89 38.70 -74.93
C GLY F 2511 4.15 38.96 -75.73
N ILE F 2512 4.06 39.94 -76.63
CA ILE F 2512 5.20 40.35 -77.44
C ILE F 2512 5.59 41.76 -77.05
N GLU F 2513 6.66 41.89 -76.26
CA GLU F 2513 7.11 43.18 -75.76
C GLU F 2513 8.46 43.59 -76.32
N ASN F 2514 9.14 42.73 -77.07
CA ASN F 2514 10.48 43.02 -77.54
C ASN F 2514 10.57 42.87 -79.06
N GLN F 2515 11.25 43.83 -79.67
CA GLN F 2515 11.37 43.90 -81.11
C GLN F 2515 12.07 42.66 -81.66
N ASP F 2516 13.11 42.18 -80.97
CA ASP F 2516 13.84 41.03 -81.46
C ASP F 2516 12.95 39.81 -81.58
N PHE F 2517 12.13 39.55 -80.55
CA PHE F 2517 11.21 38.41 -80.60
C PHE F 2517 10.16 38.62 -81.68
N LEU F 2518 9.64 39.85 -81.80
CA LEU F 2518 8.66 40.12 -82.86
C LEU F 2518 9.23 39.76 -84.22
N LEU F 2519 10.45 40.24 -84.50
CA LEU F 2519 11.08 39.99 -85.78
C LEU F 2519 11.36 38.50 -85.97
N HIS F 2520 11.74 37.82 -84.88
CA HIS F 2520 11.99 36.39 -84.96
C HIS F 2520 10.73 35.64 -85.39
N VAL F 2521 9.60 35.96 -84.76
CA VAL F 2521 8.35 35.32 -85.14
C VAL F 2521 8.02 35.63 -86.59
N LEU F 2522 8.21 36.87 -87.01
CA LEU F 2522 7.91 37.24 -88.39
C LEU F 2522 8.75 36.43 -89.36
N ASP F 2523 10.05 36.29 -89.09
CA ASP F 2523 10.92 35.63 -90.06
C ASP F 2523 10.72 34.12 -90.04
N VAL F 2524 10.25 33.56 -88.93
CA VAL F 2524 10.07 32.11 -88.86
C VAL F 2524 8.70 31.69 -89.33
N GLY F 2525 7.62 32.13 -88.68
CA GLY F 2525 6.31 31.54 -88.93
C GLY F 2525 5.30 32.38 -89.69
N PHE F 2526 5.19 33.67 -89.36
CA PHE F 2526 4.08 34.48 -89.87
C PHE F 2526 4.28 34.83 -91.33
N LEU F 2527 5.40 35.50 -91.62
CA LEU F 2527 5.65 36.06 -92.94
C LEU F 2527 5.60 34.97 -94.00
N PRO F 2528 6.18 33.78 -93.78
CA PRO F 2528 6.05 32.70 -94.77
C PRO F 2528 4.60 32.38 -95.11
N ASP F 2529 3.75 32.32 -94.09
CA ASP F 2529 2.35 32.01 -94.33
C ASP F 2529 1.65 33.13 -95.08
N MET F 2530 1.98 34.39 -94.76
CA MET F 2530 1.41 35.49 -95.53
C MET F 2530 1.83 35.43 -96.98
N ARG F 2531 3.11 35.12 -97.23
CA ARG F 2531 3.59 34.97 -98.59
C ARG F 2531 2.83 33.86 -99.31
N ALA F 2532 2.59 32.75 -98.61
CA ALA F 2532 1.86 31.63 -99.22
C ALA F 2532 0.43 32.02 -99.55
N ALA F 2533 -0.25 32.72 -98.65
CA ALA F 2533 -1.61 33.14 -98.90
C ALA F 2533 -1.67 34.05 -100.11
N ALA F 2534 -0.76 35.00 -100.18
CA ALA F 2534 -0.74 35.93 -101.30
C ALA F 2534 -0.41 35.21 -102.60
N SER F 2535 0.50 34.23 -102.56
CA SER F 2535 0.76 33.40 -103.72
C SER F 2535 -0.49 32.64 -104.16
N LEU F 2536 -1.29 32.17 -103.22
CA LEU F 2536 -2.53 31.47 -103.51
C LEU F 2536 -3.63 32.41 -103.94
N ASP F 2537 -3.40 33.72 -103.82
CA ASP F 2537 -4.39 34.69 -104.29
C ASP F 2537 -4.41 34.71 -105.82
N THR F 2538 -4.76 33.58 -106.42
CA THR F 2538 -4.93 33.46 -107.86
C THR F 2538 -6.30 32.86 -108.15
N ALA F 2539 -6.79 33.08 -109.37
CA ALA F 2539 -8.12 32.62 -109.74
C ALA F 2539 -8.31 31.15 -109.40
N THR F 2540 -7.33 30.33 -109.77
CA THR F 2540 -7.43 28.90 -109.50
C THR F 2540 -7.40 28.61 -108.00
N PHE F 2541 -6.51 29.29 -107.28
CA PHE F 2541 -6.22 28.95 -105.88
C PHE F 2541 -6.93 29.84 -104.88
N SER F 2542 -7.58 30.91 -105.32
CA SER F 2542 -8.13 31.87 -104.37
C SER F 2542 -9.20 31.24 -103.50
N THR F 2543 -10.07 30.42 -104.07
CA THR F 2543 -11.20 29.84 -103.36
C THR F 2543 -10.86 28.52 -102.69
N THR F 2544 -9.61 28.06 -102.78
CA THR F 2544 -9.23 26.82 -102.14
C THR F 2544 -9.42 26.91 -100.63
N GLU F 2545 -9.84 25.80 -100.04
CA GLU F 2545 -10.09 25.77 -98.60
C GLU F 2545 -8.86 26.16 -97.81
N MET F 2546 -7.67 25.78 -98.29
CA MET F 2546 -6.44 26.18 -97.61
C MET F 2546 -6.24 27.69 -97.67
N ALA F 2547 -6.50 28.30 -98.83
CA ALA F 2547 -6.35 29.74 -98.93
C ALA F 2547 -7.34 30.46 -98.02
N LEU F 2548 -8.58 29.97 -97.98
CA LEU F 2548 -9.57 30.56 -97.08
C LEU F 2548 -9.15 30.42 -95.62
N ALA F 2549 -8.64 29.25 -95.24
CA ALA F 2549 -8.20 29.03 -93.88
C ALA F 2549 -7.03 29.93 -93.53
N LEU F 2550 -6.09 30.11 -94.47
CA LEU F 2550 -4.97 31.00 -94.24
C LEU F 2550 -5.44 32.43 -94.04
N ASN F 2551 -6.38 32.89 -94.87
CA ASN F 2551 -6.88 34.25 -94.72
C ASN F 2551 -7.57 34.43 -93.37
N ARG F 2552 -8.38 33.45 -92.96
CA ARG F 2552 -9.01 33.52 -91.64
C ARG F 2552 -7.96 33.56 -90.54
N TYR F 2553 -6.99 32.64 -90.59
CA TYR F 2553 -5.94 32.61 -89.58
C TYR F 2553 -5.23 33.95 -89.48
N LEU F 2554 -4.80 34.48 -90.62
CA LEU F 2554 -4.15 35.79 -90.63
C LEU F 2554 -5.02 36.85 -89.99
N CYS F 2555 -6.17 37.13 -90.60
CA CYS F 2555 -7.01 38.24 -90.14
C CYS F 2555 -7.38 38.09 -88.67
N LEU F 2556 -7.67 36.87 -88.22
CA LEU F 2556 -8.15 36.68 -86.86
C LEU F 2556 -7.04 36.80 -85.82
N ALA F 2557 -5.86 36.24 -86.11
CA ALA F 2557 -4.81 36.14 -85.10
C ALA F 2557 -3.60 37.01 -85.43
N VAL F 2558 -3.03 36.89 -86.63
CA VAL F 2558 -1.72 37.47 -86.90
C VAL F 2558 -1.82 38.98 -87.06
N LEU F 2559 -2.58 39.42 -88.05
CA LEU F 2559 -2.58 40.83 -88.41
C LEU F 2559 -2.97 41.74 -87.25
N PRO F 2560 -3.98 41.42 -86.44
CA PRO F 2560 -4.23 42.24 -85.25
C PRO F 2560 -3.02 42.33 -84.34
N LEU F 2561 -2.29 41.22 -84.20
CA LEU F 2561 -1.12 41.21 -83.33
C LEU F 2561 -0.03 42.13 -83.87
N ILE F 2562 0.20 42.10 -85.18
CA ILE F 2562 1.19 42.99 -85.78
C ILE F 2562 0.76 44.44 -85.63
N THR F 2563 -0.54 44.70 -85.81
CA THR F 2563 -1.06 46.06 -85.61
C THR F 2563 -0.79 46.54 -84.19
N LYS F 2564 -1.04 45.68 -83.21
CA LYS F 2564 -0.82 46.05 -81.82
C LYS F 2564 0.65 46.26 -81.52
N CYS F 2565 1.51 45.42 -82.09
CA CYS F 2565 2.95 45.51 -81.87
C CYS F 2565 3.64 46.43 -82.87
N ALA F 2566 2.88 47.22 -83.61
CA ALA F 2566 3.45 48.07 -84.65
C ALA F 2566 4.53 49.01 -84.12
N PRO F 2567 4.36 49.70 -82.98
CA PRO F 2567 5.38 50.65 -82.52
C PRO F 2567 6.77 50.05 -82.48
N LEU F 2568 6.84 48.74 -82.19
CA LEU F 2568 8.13 48.07 -82.08
C LEU F 2568 8.89 48.06 -83.41
N PHE F 2569 8.21 48.36 -84.52
CA PHE F 2569 8.85 48.39 -85.83
C PHE F 2569 9.61 49.69 -86.09
N ALA F 2570 9.63 50.60 -85.11
CA ALA F 2570 10.16 51.93 -85.36
C ALA F 2570 11.63 51.90 -85.76
N GLY F 2571 12.44 51.13 -85.03
CA GLY F 2571 13.88 51.12 -85.20
C GLY F 2571 14.44 50.01 -86.05
N THR F 2572 13.62 49.36 -86.89
CA THR F 2572 14.07 48.22 -87.67
C THR F 2572 14.74 48.67 -88.98
N GLU F 2573 15.80 49.46 -88.81
CA GLU F 2573 16.64 49.84 -89.95
C GLU F 2573 17.64 48.75 -90.31
N HIS F 2574 17.77 47.72 -89.47
CA HIS F 2574 18.74 46.66 -89.74
C HIS F 2574 18.06 45.45 -90.38
N ARG F 2575 16.73 45.35 -90.26
CA ARG F 2575 15.97 44.33 -90.94
C ARG F 2575 15.04 44.91 -92.01
N ALA F 2576 15.54 45.89 -92.75
CA ALA F 2576 14.76 46.56 -93.77
C ALA F 2576 14.22 45.60 -94.81
N ILE F 2577 15.00 44.57 -95.13
CA ILE F 2577 14.57 43.61 -96.14
C ILE F 2577 13.30 42.92 -95.68
N MET F 2578 13.29 42.44 -94.44
CA MET F 2578 12.12 41.75 -93.91
C MET F 2578 10.95 42.70 -93.76
N VAL F 2579 11.20 43.93 -93.31
CA VAL F 2579 10.10 44.88 -93.16
C VAL F 2579 9.46 45.19 -94.51
N ASP F 2580 10.29 45.42 -95.54
CA ASP F 2580 9.77 45.71 -96.86
C ASP F 2580 9.00 44.51 -97.42
N SER F 2581 9.53 43.31 -97.21
CA SER F 2581 8.83 42.11 -97.67
C SER F 2581 7.47 41.99 -97.00
N MET F 2582 7.40 42.26 -95.70
CA MET F 2582 6.13 42.17 -94.98
C MET F 2582 5.15 43.22 -95.48
N LEU F 2583 5.64 44.45 -95.71
CA LEU F 2583 4.78 45.50 -96.23
C LEU F 2583 4.22 45.12 -97.60
N HIS F 2584 5.07 44.58 -98.47
CA HIS F 2584 4.61 44.14 -99.78
CA HIS F 2584 4.61 44.14 -99.78
C HIS F 2584 3.58 43.02 -99.66
N THR F 2585 3.84 42.06 -98.77
CA THR F 2585 2.90 40.95 -98.60
C THR F 2585 1.55 41.44 -98.15
N VAL F 2586 1.53 42.35 -97.17
CA VAL F 2586 0.26 42.87 -96.67
C VAL F 2586 -0.47 43.68 -97.74
N TYR F 2587 0.24 44.49 -98.52
CA TYR F 2587 -0.42 45.23 -99.60
C TYR F 2587 -0.98 44.30 -100.66
N ARG F 2588 -0.21 43.28 -101.04
CA ARG F 2588 -0.67 42.34 -102.06
C ARG F 2588 -1.89 41.56 -101.56
N LEU F 2589 -1.90 41.21 -100.28
CA LEU F 2589 -3.07 40.56 -99.71
C LEU F 2589 -4.26 41.50 -99.70
N SER F 2590 -4.03 42.78 -99.41
CA SER F 2590 -5.11 43.76 -99.49
C SER F 2590 -5.73 43.76 -100.88
N ARG F 2591 -4.89 43.71 -101.91
CA ARG F 2591 -5.37 43.52 -103.28
C ARG F 2591 -5.62 42.04 -103.55
N GLY F 2592 -6.63 41.50 -102.85
CA GLY F 2592 -6.93 40.09 -102.95
C GLY F 2592 -8.38 39.77 -103.24
N ARG F 2593 -8.60 38.89 -104.22
CA ARG F 2593 -9.93 38.40 -104.51
C ARG F 2593 -10.32 37.34 -103.47
N SER F 2594 -11.61 36.99 -103.45
CA SER F 2594 -12.18 36.07 -102.48
C SER F 2594 -12.01 36.57 -101.06
N LEU F 2595 -11.81 37.87 -100.90
CA LEU F 2595 -11.47 38.49 -99.63
C LEU F 2595 -12.63 39.33 -99.14
N THR F 2596 -13.11 39.05 -97.93
CA THR F 2596 -14.27 39.75 -97.42
C THR F 2596 -13.91 41.16 -96.98
N LYS F 2597 -14.96 41.96 -96.75
CA LYS F 2597 -14.75 43.36 -96.37
C LYS F 2597 -14.04 43.46 -95.02
N ALA F 2598 -14.44 42.63 -94.05
CA ALA F 2598 -13.81 42.68 -92.74
C ALA F 2598 -12.32 42.31 -92.83
N GLN F 2599 -12.02 41.26 -93.58
CA GLN F 2599 -10.62 40.86 -93.77
C GLN F 2599 -9.83 41.97 -94.44
N ARG F 2600 -10.41 42.60 -95.46
CA ARG F 2600 -9.74 43.70 -96.15
C ARG F 2600 -9.48 44.85 -95.19
N ASP F 2601 -10.48 45.18 -94.36
CA ASP F 2601 -10.31 46.27 -93.41
C ASP F 2601 -9.21 45.97 -92.42
N VAL F 2602 -9.14 44.72 -91.95
CA VAL F 2602 -8.08 44.32 -91.03
C VAL F 2602 -6.71 44.52 -91.69
N ILE F 2603 -6.58 44.07 -92.93
CA ILE F 2603 -5.31 44.20 -93.64
C ILE F 2603 -4.95 45.68 -93.79
N GLU F 2604 -5.94 46.49 -94.15
CA GLU F 2604 -5.70 47.91 -94.35
C GLU F 2604 -5.24 48.57 -93.06
N ASP F 2605 -5.89 48.23 -91.94
CA ASP F 2605 -5.49 48.79 -90.66
C ASP F 2605 -4.07 48.38 -90.29
N CYS F 2606 -3.72 47.12 -90.53
CA CYS F 2606 -2.36 46.68 -90.25
C CYS F 2606 -1.35 47.46 -91.07
N LEU F 2607 -1.63 47.64 -92.37
CA LEU F 2607 -0.69 48.36 -93.23
C LEU F 2607 -0.54 49.80 -92.78
N MET F 2608 -1.65 50.47 -92.48
CA MET F 2608 -1.58 51.82 -91.93
C MET F 2608 -0.71 51.88 -90.68
N ALA F 2609 -1.01 51.03 -89.70
CA ALA F 2609 -0.33 51.11 -88.43
C ALA F 2609 1.17 50.89 -88.61
N LEU F 2610 1.53 49.93 -89.45
CA LEU F 2610 2.95 49.71 -89.73
C LEU F 2610 3.58 50.94 -90.37
N CYS F 2611 2.88 51.55 -91.33
CA CYS F 2611 3.44 52.70 -92.02
C CYS F 2611 3.69 53.85 -91.05
N ARG F 2612 2.79 54.05 -90.09
CA ARG F 2612 2.94 55.12 -89.12
CA ARG F 2612 2.95 55.12 -89.13
C ARG F 2612 4.29 55.04 -88.40
N TYR F 2613 4.57 53.87 -87.82
CA TYR F 2613 5.75 53.76 -86.96
C TYR F 2613 7.01 53.50 -87.76
N ILE F 2614 6.88 53.00 -88.99
CA ILE F 2614 8.05 52.75 -89.81
C ILE F 2614 8.63 54.07 -90.29
N ARG F 2615 9.96 54.11 -90.42
CA ARG F 2615 10.65 55.32 -90.85
C ARG F 2615 10.33 55.61 -92.31
N PRO F 2616 10.34 56.90 -92.69
CA PRO F 2616 10.03 57.25 -94.09
C PRO F 2616 10.97 56.61 -95.10
N SER F 2617 12.27 56.53 -94.79
CA SER F 2617 13.21 55.94 -95.72
C SER F 2617 12.85 54.50 -96.04
N MET F 2618 12.16 53.84 -95.10
CA MET F 2618 11.89 52.43 -95.22
C MET F 2618 10.81 52.16 -96.26
N LEU F 2619 9.89 53.11 -96.43
CA LEU F 2619 8.69 52.88 -97.22
C LEU F 2619 8.94 53.11 -98.71
N GLN F 2620 10.13 53.58 -99.08
CA GLN F 2620 10.45 53.95 -100.45
C GLN F 2620 9.92 52.95 -101.48
N HIS F 2621 10.16 51.65 -101.25
CA HIS F 2621 9.75 50.64 -102.21
C HIS F 2621 8.22 50.57 -102.31
N LEU F 2622 7.54 50.64 -101.17
CA LEU F 2622 6.08 50.63 -101.19
C LEU F 2622 5.55 51.85 -101.93
N LEU F 2623 6.18 53.01 -101.73
CA LEU F 2623 5.79 54.20 -102.47
C LEU F 2623 5.99 54.00 -103.96
N ARG F 2624 7.08 53.34 -104.34
CA ARG F 2624 7.28 53.03 -105.75
C ARG F 2624 6.14 52.20 -106.31
N ARG F 2625 5.74 51.16 -105.58
CA ARG F 2625 4.67 50.29 -106.08
C ARG F 2625 3.35 51.05 -106.16
N LEU F 2626 3.08 51.89 -105.17
CA LEU F 2626 1.86 52.69 -105.17
C LEU F 2626 1.87 53.67 -106.34
N VAL F 2627 3.05 54.17 -106.72
CA VAL F 2627 3.13 55.09 -107.85
C VAL F 2627 2.59 54.44 -109.13
N PHE F 2628 2.70 53.11 -109.24
CA PHE F 2628 2.14 52.39 -110.37
C PHE F 2628 0.70 51.94 -110.13
N ASP F 2629 0.30 51.74 -108.88
CA ASP F 2629 -1.07 51.32 -108.57
C ASP F 2629 -2.08 52.45 -108.58
N VAL F 2630 -1.90 53.44 -107.70
CA VAL F 2630 -2.94 54.42 -107.39
C VAL F 2630 -3.45 55.16 -108.62
N PRO F 2631 -2.58 55.59 -109.55
CA PRO F 2631 -3.07 56.44 -110.65
C PRO F 2631 -4.19 55.82 -111.47
N ILE F 2632 -4.37 54.50 -111.41
CA ILE F 2632 -5.48 53.89 -112.11
C ILE F 2632 -6.81 54.40 -111.55
N LEU F 2633 -6.83 54.78 -110.28
CA LEU F 2633 -8.01 55.34 -109.64
C LEU F 2633 -9.17 54.35 -109.62
N ASN F 2634 -8.87 53.06 -109.48
CA ASN F 2634 -9.91 52.06 -109.32
C ASN F 2634 -10.29 51.92 -107.84
N GLU F 2635 -11.17 50.96 -107.56
CA GLU F 2635 -11.68 50.75 -106.22
C GLU F 2635 -10.56 50.50 -105.22
N PHE F 2636 -9.47 49.87 -105.67
CA PHE F 2636 -8.33 49.61 -104.79
C PHE F 2636 -7.56 50.88 -104.44
N ALA F 2637 -7.85 52.00 -105.10
CA ALA F 2637 -7.08 53.20 -104.90
C ALA F 2637 -7.52 54.00 -103.68
N LYS F 2638 -8.56 53.55 -102.99
CA LYS F 2638 -9.02 54.30 -101.82
C LYS F 2638 -8.01 54.21 -100.68
N MET F 2639 -7.80 53.02 -100.13
CA MET F 2639 -6.92 52.90 -98.97
C MET F 2639 -5.52 53.45 -99.24
N PRO F 2640 -4.86 53.14 -100.37
CA PRO F 2640 -3.52 53.71 -100.59
C PRO F 2640 -3.50 55.21 -100.55
N LEU F 2641 -4.58 55.86 -101.03
CA LEU F 2641 -4.63 57.32 -100.98
C LEU F 2641 -4.59 57.83 -99.56
N LYS F 2642 -5.38 57.21 -98.66
CA LYS F 2642 -5.37 57.60 -97.26
C LYS F 2642 -4.02 57.31 -96.61
N LEU F 2643 -3.43 56.16 -96.95
CA LEU F 2643 -2.09 55.84 -96.48
C LEU F 2643 -1.11 56.95 -96.83
N LEU F 2644 -1.08 57.34 -98.11
CA LEU F 2644 -0.17 58.38 -98.56
C LEU F 2644 -0.48 59.71 -97.91
N THR F 2645 -1.77 60.04 -97.77
CA THR F 2645 -2.17 61.27 -97.11
C THR F 2645 -1.55 61.37 -95.72
N ASN F 2646 -1.77 60.34 -94.91
CA ASN F 2646 -1.27 60.35 -93.53
C ASN F 2646 0.25 60.35 -93.51
N HIS F 2647 0.86 59.52 -94.36
CA HIS F 2647 2.31 59.43 -94.38
C HIS F 2647 2.95 60.78 -94.67
N TYR F 2648 2.49 61.44 -95.74
CA TYR F 2648 3.05 62.73 -96.10
C TYR F 2648 2.68 63.82 -95.10
N GLU F 2649 1.49 63.77 -94.51
CA GLU F 2649 1.14 64.74 -93.49
C GLU F 2649 2.12 64.69 -92.33
N ARG F 2650 2.47 63.47 -91.88
CA ARG F 2650 3.34 63.36 -90.72
C ARG F 2650 4.82 63.55 -91.10
N CYS F 2651 5.21 63.15 -92.31
CA CYS F 2651 6.61 63.17 -92.72
C CYS F 2651 6.91 64.29 -93.72
N TRP F 2652 6.10 65.35 -93.73
CA TRP F 2652 6.33 66.43 -94.70
C TRP F 2652 7.67 67.12 -94.47
N LYS F 2653 8.13 67.16 -93.22
CA LYS F 2653 9.43 67.74 -92.94
C LYS F 2653 10.55 66.94 -93.58
N TYR F 2654 10.42 65.61 -93.58
CA TYR F 2654 11.38 64.71 -94.22
C TYR F 2654 11.63 65.12 -95.66
N TYR F 2655 10.56 65.42 -96.40
CA TYR F 2655 10.68 65.71 -97.83
C TYR F 2655 10.94 67.19 -98.07
N CYS F 2656 10.13 68.04 -97.46
CA CYS F 2656 10.17 69.48 -97.78
C CYS F 2656 11.46 70.11 -97.29
N LEU F 2657 11.68 70.08 -95.98
CA LEU F 2657 12.77 70.85 -95.39
C LEU F 2657 14.11 70.29 -95.84
N PRO F 2658 15.13 71.14 -96.06
CA PRO F 2658 16.43 70.63 -96.51
C PRO F 2658 17.16 69.89 -95.41
N THR F 2659 17.07 70.41 -94.19
CA THR F 2659 17.64 69.73 -93.03
C THR F 2659 16.89 68.44 -92.73
N GLY F 2660 15.59 68.41 -93.00
CA GLY F 2660 14.79 67.22 -92.87
C GLY F 2660 14.06 67.16 -91.53
N TRP F 2661 13.63 65.94 -91.21
CA TRP F 2661 12.95 65.67 -89.95
C TRP F 2661 13.95 65.13 -88.95
N ALA F 2662 13.85 65.61 -87.72
CA ALA F 2662 14.82 65.22 -86.69
C ALA F 2662 14.87 63.71 -86.56
N ASN F 2663 16.09 63.18 -86.58
CA ASN F 2663 16.35 61.76 -86.31
C ASN F 2663 15.90 60.87 -87.46
N PHE F 2664 15.33 61.46 -88.51
CA PHE F 2664 14.88 60.66 -89.66
C PHE F 2664 15.63 61.01 -90.93
N GLY F 2665 16.46 62.06 -90.91
CA GLY F 2665 17.21 62.43 -92.08
C GLY F 2665 16.35 63.18 -93.10
N VAL F 2666 16.81 63.15 -94.35
CA VAL F 2666 16.17 63.88 -95.43
C VAL F 2666 15.88 62.92 -96.58
N THR F 2667 15.10 63.41 -97.54
CA THR F 2667 14.74 62.61 -98.70
C THR F 2667 15.94 62.41 -99.61
N SER F 2668 15.93 61.28 -100.34
CA SER F 2668 17.05 60.94 -101.20
C SER F 2668 17.10 61.81 -102.45
N GLU F 2669 15.95 62.01 -103.09
CA GLU F 2669 15.80 62.61 -104.43
C GLU F 2669 14.96 61.70 -105.30
N GLU F 2670 15.29 60.41 -105.31
CA GLU F 2670 14.43 59.43 -105.97
C GLU F 2670 13.06 59.37 -105.32
N GLU F 2671 13.01 59.51 -103.99
CA GLU F 2671 11.74 59.58 -103.30
C GLU F 2671 10.94 60.79 -103.78
N LEU F 2672 11.61 61.93 -103.95
CA LEU F 2672 10.94 63.13 -104.44
C LEU F 2672 10.45 62.94 -105.87
N HIS F 2673 11.24 62.26 -106.68
CA HIS F 2673 10.82 61.94 -108.05
C HIS F 2673 9.55 61.10 -108.05
N LEU F 2674 9.51 60.08 -107.18
CA LEU F 2674 8.31 59.26 -107.06
C LEU F 2674 7.13 60.09 -106.57
N THR F 2675 7.37 60.99 -105.62
CA THR F 2675 6.30 61.83 -105.12
C THR F 2675 5.72 62.72 -106.22
N ARG F 2676 6.59 63.32 -107.04
CA ARG F 2676 6.14 64.12 -108.16
C ARG F 2676 5.32 63.30 -109.13
N LYS F 2677 5.82 62.10 -109.47
CA LYS F 2677 5.09 61.25 -110.39
C LYS F 2677 3.71 60.89 -109.86
N LEU F 2678 3.64 60.54 -108.58
CA LEU F 2678 2.36 60.20 -107.98
C LEU F 2678 1.40 61.39 -108.01
N PHE F 2679 1.89 62.56 -107.62
CA PHE F 2679 1.08 63.77 -107.70
C PHE F 2679 0.48 63.94 -109.08
N TRP F 2680 1.33 63.93 -110.11
CA TRP F 2680 0.87 64.28 -111.44
C TRP F 2680 0.00 63.18 -112.05
N GLY F 2681 0.31 61.91 -111.75
CA GLY F 2681 -0.54 60.84 -112.20
C GLY F 2681 -1.93 60.93 -111.63
N ILE F 2682 -2.04 61.16 -110.32
CA ILE F 2682 -3.35 61.31 -109.70
C ILE F 2682 -4.07 62.52 -110.28
N PHE F 2683 -3.34 63.62 -110.45
CA PHE F 2683 -3.96 64.85 -110.97
C PHE F 2683 -4.55 64.61 -112.35
N ASP F 2684 -3.76 64.06 -113.27
CA ASP F 2684 -4.23 63.82 -114.63
C ASP F 2684 -5.38 62.82 -114.65
N SER F 2685 -5.23 61.71 -113.91
CA SER F 2685 -6.27 60.69 -113.89
C SER F 2685 -7.59 61.27 -113.39
N LEU F 2686 -7.54 62.02 -112.28
CA LEU F 2686 -8.76 62.60 -111.75
C LEU F 2686 -9.36 63.63 -112.71
N ALA F 2687 -8.52 64.41 -113.38
CA ALA F 2687 -9.04 65.36 -114.36
C ALA F 2687 -9.79 64.64 -115.47
N HIS F 2688 -9.25 63.53 -115.96
CA HIS F 2688 -9.91 62.82 -117.06
C HIS F 2688 -11.14 62.05 -116.59
N LYS F 2689 -11.11 61.50 -115.38
CA LYS F 2689 -12.22 60.70 -114.90
C LYS F 2689 -13.44 61.56 -114.61
N LYS F 2690 -14.60 60.90 -114.64
CA LYS F 2690 -15.87 61.54 -114.33
C LYS F 2690 -16.02 61.70 -112.82
N TYR F 2691 -16.88 62.65 -112.43
CA TYR F 2691 -17.08 62.92 -111.01
C TYR F 2691 -17.53 61.67 -110.28
N ASP F 2692 -16.89 61.40 -109.14
CA ASP F 2692 -17.29 60.31 -108.25
C ASP F 2692 -17.09 60.83 -106.83
N GLN F 2693 -18.18 61.18 -106.17
CA GLN F 2693 -18.11 61.89 -104.90
C GLN F 2693 -17.20 61.16 -103.92
N GLU F 2694 -17.23 59.82 -103.96
CA GLU F 2694 -16.34 59.03 -103.11
C GLU F 2694 -14.87 59.30 -103.43
N LEU F 2695 -14.50 59.21 -104.70
CA LEU F 2695 -13.08 59.38 -105.08
C LEU F 2695 -12.63 60.81 -104.84
N TYR F 2696 -13.47 61.78 -105.19
CA TYR F 2696 -13.14 63.18 -104.94
C TYR F 2696 -13.03 63.46 -103.45
N ARG F 2697 -13.81 62.77 -102.63
CA ARG F 2697 -13.67 62.97 -101.19
C ARG F 2697 -12.41 62.29 -100.66
N MET F 2698 -12.02 61.16 -101.24
CA MET F 2698 -10.80 60.51 -100.79
C MET F 2698 -9.58 61.32 -101.20
N ALA F 2699 -9.67 62.04 -102.30
CA ALA F 2699 -8.67 63.04 -102.67
C ALA F 2699 -9.11 64.44 -102.26
N MET F 2700 -10.01 64.55 -101.28
CA MET F 2700 -10.27 65.79 -100.56
C MET F 2700 -9.18 65.98 -99.50
N PRO F 2701 -8.75 64.92 -98.81
CA PRO F 2701 -7.41 64.96 -98.21
C PRO F 2701 -6.36 65.19 -99.28
N CYS F 2702 -6.70 64.84 -100.51
CA CYS F 2702 -6.16 65.44 -101.73
C CYS F 2702 -4.67 65.23 -101.92
N LEU F 2703 -4.16 65.75 -103.03
CA LEU F 2703 -2.75 65.82 -103.32
C LEU F 2703 -2.05 66.84 -102.45
N CYS F 2704 -2.76 67.35 -101.44
CA CYS F 2704 -2.29 68.49 -100.67
C CYS F 2704 -1.11 68.09 -99.80
N ALA F 2705 -1.20 66.93 -99.15
CA ALA F 2705 -0.07 66.43 -98.37
C ALA F 2705 1.14 66.19 -99.26
N ILE F 2706 0.91 65.61 -100.44
CA ILE F 2706 2.00 65.36 -101.38
C ILE F 2706 2.68 66.67 -101.75
N ALA F 2707 1.88 67.68 -102.08
CA ALA F 2707 2.43 68.95 -102.50
C ALA F 2707 3.17 69.65 -101.35
N GLY F 2708 2.58 69.63 -100.16
CA GLY F 2708 3.26 70.22 -99.02
C GLY F 2708 4.58 69.55 -98.72
N ALA F 2709 4.63 68.23 -98.84
CA ALA F 2709 5.90 67.52 -98.65
C ALA F 2709 6.90 67.90 -99.73
N LEU F 2710 6.45 67.98 -100.98
CA LEU F 2710 7.35 68.36 -102.06
C LEU F 2710 7.78 69.81 -101.91
N PRO F 2711 9.08 70.10 -102.01
CA PRO F 2711 9.52 71.49 -102.07
C PRO F 2711 9.03 72.15 -103.34
N PRO F 2712 8.65 73.44 -103.29
CA PRO F 2712 8.30 74.14 -104.53
C PRO F 2712 9.47 74.25 -105.48
N ASP F 2713 10.70 74.24 -104.97
CA ASP F 2713 11.88 74.41 -105.79
C ASP F 2713 12.48 73.10 -106.28
N TYR F 2714 11.88 71.97 -105.94
CA TYR F 2714 12.38 70.67 -106.39
C TYR F 2714 12.50 70.63 -107.91
N VAL F 2715 13.69 70.30 -108.40
CA VAL F 2715 13.95 70.14 -109.82
C VAL F 2715 14.38 68.71 -110.06
N ASP F 2716 13.63 67.99 -110.89
CA ASP F 2716 13.90 66.58 -111.13
C ASP F 2716 15.03 66.43 -112.13
N ALA F 2717 15.98 65.53 -111.81
CA ALA F 2717 17.12 65.32 -112.70
C ALA F 2717 16.66 64.94 -114.10
N SER F 2718 15.64 64.10 -114.19
CA SER F 2718 15.09 63.65 -115.47
C SER F 2718 13.74 64.32 -115.69
N TYR F 2719 13.59 65.00 -116.83
CA TYR F 2719 12.35 65.65 -117.21
C TYR F 2719 11.98 65.19 -118.62
N SER F 2720 11.05 64.26 -118.71
CA SER F 2720 10.63 63.74 -120.00
C SER F 2720 9.17 63.30 -119.95
N SER F 2721 8.74 62.56 -120.97
CA SER F 2721 7.38 62.04 -121.05
C SER F 2721 7.42 60.53 -120.91
N LYS F 2722 6.62 60.01 -119.96
CA LYS F 2722 6.63 58.60 -119.60
C LYS F 2722 6.30 57.72 -120.81
N ALA F 2723 5.28 58.09 -121.57
CA ALA F 2723 4.78 57.34 -122.73
C ALA F 2723 4.59 55.87 -122.39
N GLU F 2724 4.08 55.60 -121.20
CA GLU F 2724 3.89 54.29 -120.58
C GLU F 2724 2.43 54.12 -120.17
N LYS F 2725 2.01 52.86 -120.13
CA LYS F 2725 0.63 52.51 -119.79
C LYS F 2725 0.38 52.58 -118.30
N ASN F 2734 -1.06 42.91 -117.61
CA ASN F 2734 -1.09 44.10 -116.76
C ASN F 2734 -0.06 45.15 -117.15
N PHE F 2735 1.20 44.90 -116.83
CA PHE F 2735 2.30 45.81 -117.16
C PHE F 2735 3.22 45.12 -118.15
N ASP F 2736 3.26 45.63 -119.38
CA ASP F 2736 4.02 45.02 -120.45
C ASP F 2736 5.14 45.95 -120.91
N PRO F 2737 6.42 45.58 -120.67
CA PRO F 2737 7.52 46.36 -121.28
C PRO F 2737 7.76 45.92 -122.71
N ARG F 2738 7.48 46.78 -123.68
CA ARG F 2738 7.56 46.41 -125.09
C ARG F 2738 8.53 47.36 -125.79
N PRO F 2739 9.62 46.85 -126.35
CA PRO F 2739 10.45 47.66 -127.26
C PRO F 2739 9.89 47.58 -128.68
N VAL F 2740 10.59 48.24 -129.60
CA VAL F 2740 10.29 48.16 -131.03
C VAL F 2740 11.52 47.57 -131.72
N GLU F 2741 11.28 46.59 -132.58
CA GLU F 2741 12.34 45.75 -133.13
C GLU F 2741 12.11 45.52 -134.62
N THR F 2742 13.15 45.74 -135.41
CA THR F 2742 13.10 45.57 -136.85
C THR F 2742 13.65 44.23 -137.32
N LEU F 2743 13.73 43.24 -136.42
CA LEU F 2743 14.31 41.96 -136.79
C LEU F 2743 13.59 41.33 -137.99
N ASN F 2744 12.27 41.51 -138.06
CA ASN F 2744 11.52 40.96 -139.19
C ASN F 2744 12.07 41.47 -140.52
N VAL F 2745 12.50 42.73 -140.54
CA VAL F 2745 13.09 43.33 -141.74
C VAL F 2745 14.55 42.90 -141.82
N ILE F 2746 15.15 43.02 -143.00
CA ILE F 2746 16.57 42.74 -143.15
C ILE F 2746 17.34 43.69 -142.27
N ILE F 2747 18.58 43.33 -141.93
CA ILE F 2747 19.47 44.17 -141.13
C ILE F 2747 20.58 44.64 -142.04
N PRO F 2748 20.99 45.91 -141.96
CA PRO F 2748 22.07 46.39 -142.85
C PRO F 2748 23.37 45.62 -142.62
N GLU F 2749 24.11 45.41 -143.71
CA GLU F 2749 25.42 44.78 -143.59
C GLU F 2749 26.42 45.71 -142.93
N LYS F 2750 26.31 47.02 -143.20
CA LYS F 2750 27.12 47.98 -142.45
C LYS F 2750 26.83 47.87 -140.96
N LEU F 2751 25.55 47.65 -140.62
CA LEU F 2751 25.18 47.49 -139.22
C LEU F 2751 25.72 46.19 -138.64
N ASP F 2752 25.75 45.13 -139.44
CA ASP F 2752 26.36 43.89 -138.98
C ASP F 2752 27.85 44.10 -138.72
N SER F 2753 28.51 44.86 -139.58
CA SER F 2753 29.90 45.22 -139.34
C SER F 2753 30.03 46.00 -138.04
N PHE F 2754 29.12 46.93 -137.78
CA PHE F 2754 29.14 47.67 -136.52
C PHE F 2754 29.00 46.73 -135.33
N ILE F 2755 28.06 45.78 -135.40
CA ILE F 2755 27.85 44.81 -134.32
C ILE F 2755 29.11 44.01 -134.09
N ASN F 2756 29.79 43.61 -135.17
CA ASN F 2756 31.02 42.84 -135.01
C ASN F 2756 32.11 43.67 -134.36
N LYS F 2757 32.24 44.94 -134.78
CA LYS F 2757 33.24 45.80 -134.14
C LYS F 2757 32.93 45.97 -132.66
N PHE F 2758 31.66 46.20 -132.31
CA PHE F 2758 31.19 46.41 -130.94
C PHE F 2758 31.42 45.16 -130.10
N ALA F 2759 31.18 43.97 -130.68
CA ALA F 2759 31.42 42.74 -129.94
C ALA F 2759 32.91 42.51 -129.71
N GLU F 2760 33.73 42.82 -130.71
CA GLU F 2760 35.17 42.68 -130.53
C GLU F 2760 35.68 43.63 -129.45
N TYR F 2761 35.21 44.88 -129.47
CA TYR F 2761 35.60 45.87 -128.47
C TYR F 2761 34.99 45.55 -127.12
N THR F 2762 33.87 44.82 -127.10
CA THR F 2762 33.34 44.33 -125.83
C THR F 2762 34.22 43.23 -125.27
N HIS F 2763 34.73 42.35 -126.13
CA HIS F 2763 35.72 41.37 -125.68
C HIS F 2763 37.01 42.07 -125.22
N GLU F 2764 37.32 43.22 -125.82
CA GLU F 2764 38.44 44.05 -125.39
C GLU F 2764 38.24 44.59 -123.98
N LYS F 2765 37.08 45.21 -123.72
CA LYS F 2765 36.73 45.55 -122.34
C LYS F 2765 36.66 44.32 -121.44
N TRP F 2766 36.39 43.15 -122.01
CA TRP F 2766 36.32 41.93 -121.22
C TRP F 2766 37.71 41.52 -120.73
N ALA F 2767 38.70 41.58 -121.63
CA ALA F 2767 40.08 41.35 -121.21
C ALA F 2767 40.54 42.46 -120.25
N PHE F 2768 40.11 43.69 -120.50
CA PHE F 2768 40.36 44.78 -119.55
C PHE F 2768 39.81 44.43 -118.17
N ASP F 2769 38.60 43.88 -118.14
CA ASP F 2769 37.96 43.50 -116.88
C ASP F 2769 38.73 42.40 -116.19
N LYS F 2770 39.24 41.44 -116.96
CA LYS F 2770 40.09 40.41 -116.36
C LYS F 2770 41.40 41.00 -115.85
N ILE F 2771 41.91 42.03 -116.49
CA ILE F 2771 43.13 42.71 -116.04
C ILE F 2771 42.87 43.43 -114.72
N GLN F 2772 41.68 43.99 -114.54
CA GLN F 2772 41.29 44.61 -113.28
C GLN F 2772 41.04 43.56 -112.18
N ASN F 2773 40.32 42.49 -112.49
CA ASN F 2773 40.02 41.43 -111.53
C ASN F 2773 41.25 40.61 -111.22
N ASN F 2774 42.28 40.68 -112.06
CA ASN F 2774 43.62 40.16 -111.78
C ASN F 2774 43.68 38.65 -111.82
N TRP F 2775 42.75 38.02 -112.54
CA TRP F 2775 42.67 36.59 -112.76
C TRP F 2775 42.83 36.33 -114.25
N SER F 2776 43.78 35.45 -114.58
CA SER F 2776 44.06 35.15 -115.98
C SER F 2776 43.04 34.16 -116.54
N TYR F 2777 42.92 34.17 -117.87
CA TYR F 2777 42.15 33.12 -118.54
C TYR F 2777 42.66 31.76 -118.10
N GLY F 2778 41.71 30.86 -117.82
CA GLY F 2778 42.08 29.52 -117.38
C GLY F 2778 41.58 28.46 -118.35
N GLU F 2779 42.52 27.81 -119.05
CA GLU F 2779 42.13 26.74 -119.96
C GLU F 2779 41.71 25.50 -119.20
N ASN F 2780 42.13 25.38 -117.95
CA ASN F 2780 41.70 24.29 -117.08
C ASN F 2780 40.51 24.73 -116.24
N VAL F 2781 39.60 23.78 -116.00
CA VAL F 2781 38.42 24.04 -115.19
C VAL F 2781 38.79 24.06 -113.72
N ASP F 2782 38.29 25.05 -112.99
CA ASP F 2782 38.54 25.20 -111.57
C ASP F 2782 37.34 25.88 -110.94
N GLU F 2783 36.87 25.31 -109.82
CA GLU F 2783 35.54 25.60 -109.28
C GLU F 2783 35.36 27.07 -108.91
N GLU F 2784 36.34 27.67 -108.22
CA GLU F 2784 36.11 29.01 -107.70
C GLU F 2784 36.21 30.06 -108.79
N LEU F 2785 37.13 29.86 -109.75
CA LEU F 2785 37.08 30.65 -110.98
C LEU F 2785 35.99 30.15 -111.91
N LYS F 2786 35.57 28.89 -111.74
CA LYS F 2786 34.48 28.30 -112.52
C LYS F 2786 34.68 28.54 -114.02
N THR F 2787 35.94 28.75 -114.43
CA THR F 2787 36.29 29.03 -115.81
C THR F 2787 36.15 27.77 -116.63
N HIS F 2788 35.05 27.66 -117.36
CA HIS F 2788 34.86 26.55 -118.26
C HIS F 2788 36.04 26.50 -119.23
N PRO F 2789 36.58 25.31 -119.53
CA PRO F 2789 37.77 25.27 -120.41
C PRO F 2789 37.61 26.01 -121.72
N MET F 2790 36.37 26.41 -122.06
CA MET F 2790 36.15 27.15 -123.29
C MET F 2790 36.95 28.44 -123.30
N LEU F 2791 37.44 28.89 -122.15
CA LEU F 2791 38.26 30.07 -122.11
C LEU F 2791 39.46 29.88 -123.04
N ARG F 2792 39.43 30.59 -124.15
CA ARG F 2792 40.41 30.44 -125.23
C ARG F 2792 40.44 31.75 -126.00
N PRO F 2793 41.62 32.32 -126.20
CA PRO F 2793 41.70 33.59 -126.93
C PRO F 2793 40.86 33.56 -128.21
N TYR F 2794 40.47 34.76 -128.65
CA TYR F 2794 39.54 34.89 -129.77
C TYR F 2794 39.96 34.03 -130.96
N LYS F 2795 41.24 33.68 -131.04
CA LYS F 2795 41.81 32.87 -132.11
C LYS F 2795 41.14 31.51 -132.22
N THR F 2796 40.44 31.06 -131.18
CA THR F 2796 39.86 29.71 -131.17
C THR F 2796 38.46 29.59 -130.57
N PHE F 2797 37.79 30.69 -130.20
CA PHE F 2797 36.48 30.56 -129.57
C PHE F 2797 35.52 29.80 -130.48
N SER F 2798 34.69 28.96 -129.88
CA SER F 2798 33.62 28.30 -130.63
C SER F 2798 32.55 29.31 -131.01
N GLU F 2799 31.92 29.08 -132.16
CA GLU F 2799 30.95 30.06 -132.66
C GLU F 2799 29.77 30.22 -131.71
N LYS F 2800 29.24 29.13 -131.17
CA LYS F 2800 28.00 29.21 -130.40
C LYS F 2800 28.07 30.33 -129.35
N ASP F 2801 29.15 30.36 -128.57
CA ASP F 2801 29.28 31.39 -127.54
C ASP F 2801 29.33 32.77 -128.17
N LYS F 2802 30.08 32.92 -129.26
CA LYS F 2802 30.19 34.22 -129.92
C LYS F 2802 28.84 34.74 -130.38
N GLU F 2803 28.08 33.93 -131.12
CA GLU F 2803 26.80 34.41 -131.63
C GLU F 2803 25.72 34.51 -130.55
N ILE F 2804 25.84 33.78 -129.44
CA ILE F 2804 24.85 33.99 -128.38
C ILE F 2804 25.19 35.25 -127.59
N TYR F 2805 26.46 35.63 -127.52
CA TYR F 2805 26.81 36.96 -127.02
C TYR F 2805 26.36 38.04 -128.01
N ARG F 2806 26.43 37.72 -129.30
CA ARG F 2806 26.13 38.69 -130.35
C ARG F 2806 24.64 39.01 -130.43
N TRP F 2807 23.79 37.97 -130.36
CA TRP F 2807 22.37 38.17 -130.59
C TRP F 2807 21.77 39.28 -129.73
N PRO F 2808 22.06 39.36 -128.42
CA PRO F 2808 21.60 40.54 -127.68
C PRO F 2808 22.14 41.83 -128.26
N ILE F 2809 23.37 41.84 -128.78
CA ILE F 2809 23.91 43.04 -129.40
C ILE F 2809 23.10 43.39 -130.66
N LYS F 2810 22.82 42.39 -131.49
CA LYS F 2810 21.96 42.64 -132.65
C LYS F 2810 20.63 43.26 -132.21
N GLU F 2811 19.96 42.62 -131.25
CA GLU F 2811 18.66 43.11 -130.81
C GLU F 2811 18.78 44.56 -130.32
N SER F 2812 19.82 44.85 -129.56
CA SER F 2812 19.96 46.19 -128.98
C SER F 2812 20.16 47.24 -130.06
N LEU F 2813 21.08 46.99 -131.00
CA LEU F 2813 21.32 47.97 -132.07
C LEU F 2813 20.09 48.12 -132.97
N LYS F 2814 19.44 47.00 -133.32
CA LYS F 2814 18.24 47.08 -134.12
C LYS F 2814 17.17 47.92 -133.45
N ALA F 2815 16.95 47.72 -132.15
CA ALA F 2815 15.98 48.49 -131.39
C ALA F 2815 16.39 49.96 -131.33
N MET F 2816 17.68 50.22 -131.13
CA MET F 2816 18.16 51.59 -131.05
C MET F 2816 17.82 52.36 -132.34
N ILE F 2817 18.07 51.73 -133.48
CA ILE F 2817 17.74 52.36 -134.76
C ILE F 2817 16.23 52.41 -134.97
N ALA F 2818 15.53 51.38 -134.50
CA ALA F 2818 14.08 51.31 -134.69
C ALA F 2818 13.39 52.46 -133.98
N TRP F 2819 13.97 52.90 -132.85
CA TRP F 2819 13.38 54.01 -132.12
C TRP F 2819 13.74 55.35 -132.75
N GLU F 2820 13.54 55.48 -134.06
CA GLU F 2820 13.70 56.68 -134.90
C GLU F 2820 14.96 57.49 -134.58
N TRP F 2821 16.01 56.82 -134.14
CA TRP F 2821 17.29 57.46 -133.89
C TRP F 2821 18.21 57.23 -135.08
N THR F 2822 18.54 58.31 -135.77
CA THR F 2822 19.37 58.21 -136.97
C THR F 2822 20.84 57.99 -136.60
N ILE F 2823 21.44 56.97 -137.21
CA ILE F 2823 22.85 56.67 -137.05
C ILE F 2823 23.54 57.01 -138.37
N GLU F 2824 24.56 57.87 -138.29
CA GLU F 2824 25.26 58.36 -139.47
C GLU F 2824 26.76 58.36 -139.18
N LYS F 2825 27.50 57.50 -139.88
CA LYS F 2825 28.95 57.42 -139.72
C LYS F 2825 29.55 58.56 -140.52
N ALA F 2826 30.19 59.50 -139.81
CA ALA F 2826 30.55 60.81 -140.35
C ALA F 2826 31.37 60.69 -141.62
N ARG F 2827 32.35 59.78 -141.65
CA ARG F 2827 33.29 59.60 -142.74
C ARG F 2827 33.44 58.12 -143.09
N GLU F 2828 33.67 57.87 -144.38
CA GLU F 2828 33.82 56.52 -144.89
C GLU F 2828 35.22 55.98 -144.54
N GLY F 2829 35.28 54.70 -144.21
CA GLY F 2829 36.49 54.08 -143.70
C GLY F 2829 37.08 53.10 -144.70
N GLU F 2830 38.39 52.93 -144.63
CA GLU F 2830 39.22 52.11 -145.52
C GLU F 2830 40.11 51.12 -144.76
N TYR F 2855 47.27 46.61 -126.65
CA TYR F 2855 46.19 46.97 -127.57
C TYR F 2855 44.90 47.43 -126.90
N ASN F 2856 45.00 47.85 -125.64
CA ASN F 2856 43.95 48.20 -124.71
C ASN F 2856 42.82 48.98 -125.38
N PRO F 2857 41.57 48.83 -124.93
CA PRO F 2857 40.48 49.48 -125.67
C PRO F 2857 40.74 50.97 -125.80
N GLN F 2858 40.95 51.39 -127.04
CA GLN F 2858 41.36 52.78 -127.32
C GLN F 2858 40.48 53.81 -126.63
N PRO F 2859 39.16 53.63 -126.56
CA PRO F 2859 38.31 54.58 -125.81
C PRO F 2859 38.03 54.17 -124.37
N PRO F 2860 38.95 54.35 -123.43
CA PRO F 2860 38.59 54.05 -122.03
C PRO F 2860 37.34 54.82 -121.62
N ASP F 2861 36.41 54.10 -121.00
CA ASP F 2861 35.19 54.72 -120.50
C ASP F 2861 35.54 55.62 -119.33
N LEU F 2862 35.49 56.93 -119.55
CA LEU F 2862 35.96 57.92 -118.61
C LEU F 2862 34.79 58.74 -118.08
N SER F 2863 34.40 58.45 -116.83
CA SER F 2863 33.31 59.17 -116.20
C SER F 2863 33.66 60.64 -116.02
N GLY F 2864 34.94 60.98 -116.07
CA GLY F 2864 35.34 62.38 -115.98
C GLY F 2864 34.72 63.24 -117.07
N VAL F 2865 34.53 62.66 -118.26
CA VAL F 2865 33.96 63.42 -119.36
C VAL F 2865 32.53 63.81 -119.03
N THR F 2866 32.30 65.11 -118.83
CA THR F 2866 30.93 65.60 -118.74
C THR F 2866 30.20 65.35 -120.05
N LEU F 2867 28.94 64.95 -119.96
CA LEU F 2867 28.06 64.68 -121.07
C LEU F 2867 26.95 65.73 -121.11
N SER F 2868 26.65 66.20 -122.32
CA SER F 2868 25.60 67.18 -122.48
C SER F 2868 24.29 66.60 -121.97
N ARG F 2869 23.39 67.50 -121.53
CA ARG F 2869 22.15 67.08 -120.90
C ARG F 2869 21.27 66.26 -121.83
N GLU F 2870 21.20 66.73 -123.12
CA GLU F 2870 20.52 66.02 -124.20
CA GLU F 2870 20.52 66.01 -124.18
C GLU F 2870 21.03 64.58 -124.29
N LEU F 2871 22.34 64.45 -124.29
CA LEU F 2871 23.08 63.21 -124.53
C LEU F 2871 22.90 62.26 -123.35
N GLN F 2872 22.89 62.80 -122.14
CA GLN F 2872 22.48 61.99 -121.02
C GLN F 2872 21.06 61.50 -121.22
N ALA F 2873 20.12 62.41 -121.50
CA ALA F 2873 18.73 61.98 -121.65
C ALA F 2873 18.60 60.82 -122.62
N MET F 2874 19.27 60.89 -123.78
CA MET F 2874 19.24 59.73 -124.67
C MET F 2874 19.91 58.52 -124.02
N ALA F 2875 20.94 58.74 -123.20
CA ALA F 2875 21.61 57.60 -122.57
C ALA F 2875 20.69 56.89 -121.58
N GLU F 2876 19.99 57.64 -120.72
CA GLU F 2876 19.03 57.01 -119.83
C GLU F 2876 17.84 56.43 -120.60
N GLN F 2877 17.47 57.02 -121.74
CA GLN F 2877 16.37 56.43 -122.50
C GLN F 2877 16.81 55.12 -123.15
N LEU F 2878 18.04 55.05 -123.67
CA LEU F 2878 18.52 53.81 -124.26
C LEU F 2878 18.77 52.77 -123.18
N ALA F 2879 19.11 53.21 -121.98
CA ALA F 2879 19.20 52.29 -120.86
C ALA F 2879 17.81 51.80 -120.47
N GLU F 2880 16.81 52.67 -120.58
CA GLU F 2880 15.43 52.24 -120.39
C GLU F 2880 15.00 51.28 -121.48
N ASN F 2881 15.57 51.42 -122.68
CA ASN F 2881 15.28 50.47 -123.75
C ASN F 2881 15.96 49.13 -123.50
N TYR F 2882 17.19 49.17 -122.97
CA TYR F 2882 17.84 47.94 -122.53
C TYR F 2882 17.04 47.27 -121.43
N HIS F 2883 16.46 48.06 -120.52
CA HIS F 2883 15.67 47.49 -119.45
C HIS F 2883 14.30 47.04 -119.96
N ASN F 2884 13.82 47.65 -121.03
CA ASN F 2884 12.60 47.16 -121.67
C ASN F 2884 12.85 45.83 -122.36
N THR F 2885 14.03 45.65 -122.95
CA THR F 2885 14.38 44.34 -123.50
C THR F 2885 14.58 43.33 -122.37
N TRP F 2886 15.16 43.78 -121.26
CA TRP F 2886 15.30 42.93 -120.09
C TRP F 2886 13.93 42.45 -119.61
N GLY F 2887 13.00 43.38 -119.41
CA GLY F 2887 11.66 43.00 -119.02
C GLY F 2887 10.93 42.26 -120.11
N ARG F 2888 11.32 42.46 -121.37
CA ARG F 2888 10.71 41.76 -122.47
C ARG F 2888 11.03 40.28 -122.41
N LYS F 2889 12.32 39.94 -122.24
CA LYS F 2889 12.67 38.53 -122.13
C LYS F 2889 12.16 37.94 -120.80
N LYS F 2890 12.23 38.71 -119.72
CA LYS F 2890 11.66 38.23 -118.46
C LYS F 2890 10.17 37.95 -118.60
N LYS F 2891 9.46 38.77 -119.37
CA LYS F 2891 8.02 38.56 -119.55
C LYS F 2891 7.74 37.38 -120.48
N GLN F 2892 8.51 37.27 -121.56
CA GLN F 2892 8.40 36.09 -122.41
C GLN F 2892 8.58 34.81 -121.58
N GLU F 2893 9.47 34.87 -120.59
CA GLU F 2893 9.64 33.72 -119.69
C GLU F 2893 8.44 33.58 -118.75
N LEU F 2894 8.01 34.69 -118.14
CA LEU F 2894 6.99 34.65 -117.10
C LEU F 2894 5.65 34.16 -117.66
N GLU F 2895 5.22 34.73 -118.78
CA GLU F 2895 3.94 34.36 -119.38
C GLU F 2895 3.79 32.85 -119.45
N ALA F 2896 4.89 32.11 -119.57
CA ALA F 2896 4.82 30.67 -119.40
C ALA F 2896 4.50 30.30 -117.96
N LYS F 2897 5.12 30.98 -117.00
CA LYS F 2897 4.81 30.71 -115.59
C LYS F 2897 3.42 31.22 -115.22
N GLY F 2898 3.11 32.46 -115.60
CA GLY F 2898 1.81 33.03 -115.30
C GLY F 2898 1.65 33.58 -113.90
N GLY F 2899 2.72 33.61 -113.09
CA GLY F 2899 2.64 34.11 -111.74
C GLY F 2899 4.02 34.37 -111.18
N GLY F 2900 4.05 35.03 -110.04
CA GLY F 2900 5.32 35.44 -109.44
C GLY F 2900 6.03 36.51 -110.24
N THR F 2901 5.33 37.55 -110.66
CA THR F 2901 5.96 38.62 -111.42
C THR F 2901 7.21 39.11 -110.69
N HIS F 2902 8.33 39.12 -111.41
CA HIS F 2902 9.62 39.48 -110.82
C HIS F 2902 9.49 40.88 -110.23
N PRO F 2903 9.75 41.05 -108.93
CA PRO F 2903 9.37 42.32 -108.28
C PRO F 2903 9.99 43.56 -108.90
N LEU F 2904 11.24 43.46 -109.36
CA LEU F 2904 11.95 44.63 -109.87
C LEU F 2904 11.41 45.11 -111.20
N LEU F 2905 10.53 44.35 -111.85
CA LEU F 2905 10.02 44.77 -113.14
C LEU F 2905 9.14 46.00 -112.95
N VAL F 2906 9.73 47.17 -113.14
CA VAL F 2906 9.07 48.45 -112.86
C VAL F 2906 9.70 49.49 -113.78
N PRO F 2907 9.18 50.73 -113.81
CA PRO F 2907 9.79 51.75 -114.67
C PRO F 2907 11.27 51.95 -114.36
N TYR F 2908 12.05 52.14 -115.43
CA TYR F 2908 13.48 52.33 -115.29
C TYR F 2908 13.79 53.56 -114.46
N ASP F 2909 12.98 54.62 -114.58
CA ASP F 2909 13.19 55.82 -113.78
C ASP F 2909 12.81 55.57 -112.32
N THR F 2910 11.71 54.86 -112.08
CA THR F 2910 11.27 54.64 -110.71
C THR F 2910 12.24 53.76 -109.94
N LEU F 2911 12.78 52.73 -110.58
CA LEU F 2911 13.59 51.75 -109.86
C LEU F 2911 14.88 52.40 -109.34
N THR F 2912 15.60 51.63 -108.53
CA THR F 2912 16.76 52.16 -107.83
C THR F 2912 17.87 52.55 -108.79
N ALA F 2913 18.66 53.54 -108.38
CA ALA F 2913 19.75 54.04 -109.21
C ALA F 2913 20.81 52.97 -109.43
N LYS F 2914 21.15 52.21 -108.39
CA LYS F 2914 22.23 51.24 -108.50
C LYS F 2914 21.93 50.20 -109.56
N GLU F 2915 20.71 49.67 -109.58
CA GLU F 2915 20.28 48.80 -110.66
C GLU F 2915 20.22 49.57 -111.98
N LYS F 2916 19.77 50.82 -111.91
CA LYS F 2916 19.79 51.70 -113.07
C LYS F 2916 21.22 51.96 -113.53
N ALA F 2917 22.19 51.81 -112.63
CA ALA F 2917 23.56 52.21 -112.92
C ALA F 2917 24.18 51.38 -114.03
N ARG F 2918 24.01 50.06 -113.99
CA ARG F 2918 24.63 49.21 -115.00
C ARG F 2918 24.12 49.55 -116.40
N ASP F 2919 22.79 49.67 -116.52
CA ASP F 2919 22.21 49.93 -117.84
C ASP F 2919 22.59 51.32 -118.35
N ARG F 2920 22.57 52.33 -117.48
CA ARG F 2920 22.95 53.66 -117.96
C ARG F 2920 24.44 53.72 -118.28
N GLU F 2921 25.26 52.98 -117.54
CA GLU F 2921 26.68 52.89 -117.87
C GLU F 2921 26.89 52.28 -119.25
N LYS F 2922 26.19 51.18 -119.54
CA LYS F 2922 26.30 50.57 -120.87
C LYS F 2922 25.84 51.53 -121.95
N ALA F 2923 24.72 52.22 -121.72
CA ALA F 2923 24.20 53.15 -122.72
C ALA F 2923 25.18 54.29 -122.97
N GLN F 2924 25.70 54.90 -121.90
CA GLN F 2924 26.66 55.99 -122.07
C GLN F 2924 27.92 55.50 -122.78
N GLU F 2925 28.41 54.30 -122.42
CA GLU F 2925 29.56 53.75 -123.11
C GLU F 2925 29.30 53.60 -124.61
N LEU F 2926 28.17 52.99 -124.98
CA LEU F 2926 27.88 52.79 -126.39
C LEU F 2926 27.78 54.12 -127.12
N LEU F 2927 27.08 55.08 -126.52
CA LEU F 2927 27.00 56.41 -127.12
C LEU F 2927 28.40 56.97 -127.34
N LYS F 2928 29.20 57.06 -126.28
CA LYS F 2928 30.54 57.63 -126.37
C LYS F 2928 31.35 56.97 -127.47
N PHE F 2929 31.25 55.64 -127.59
CA PHE F 2929 31.91 54.94 -128.69
C PHE F 2929 31.42 55.46 -130.03
N LEU F 2930 30.10 55.61 -130.17
CA LEU F 2930 29.55 56.13 -131.42
C LEU F 2930 30.13 57.50 -131.76
N GLN F 2931 30.14 58.43 -130.79
CA GLN F 2931 30.61 59.78 -131.12
C GLN F 2931 32.11 59.79 -131.42
N MET F 2932 32.90 59.09 -130.61
CA MET F 2932 34.33 59.01 -130.88
C MET F 2932 34.60 58.51 -132.28
N ASN F 2933 34.00 57.37 -132.65
CA ASN F 2933 34.18 56.83 -133.98
C ASN F 2933 33.64 57.75 -135.06
N GLY F 2934 32.64 58.57 -134.74
CA GLY F 2934 31.97 59.38 -135.73
C GLY F 2934 30.62 58.85 -136.15
N TYR F 2935 30.17 57.74 -135.55
CA TYR F 2935 28.88 57.15 -135.86
C TYR F 2935 27.82 57.94 -135.08
N ALA F 2936 27.68 59.21 -135.45
CA ALA F 2936 26.77 60.09 -134.73
C ALA F 2936 25.36 59.52 -134.71
N VAL F 2937 24.83 59.33 -133.50
CA VAL F 2937 23.44 58.91 -133.30
C VAL F 2937 22.69 60.14 -132.80
N THR F 2938 21.67 60.55 -133.55
CA THR F 2938 20.95 61.77 -133.26
C THR F 2938 19.45 61.53 -133.30
N ARG F 2939 18.71 62.32 -132.55
CA ARG F 2939 17.26 62.22 -132.50
C ARG F 2939 16.88 60.82 -132.07
N LEU F 2946 12.01 69.63 -123.32
CA LEU F 2946 13.30 69.70 -123.99
C LEU F 2946 14.45 70.42 -123.30
N ASP F 2947 14.40 70.49 -121.97
CA ASP F 2947 15.28 71.18 -121.01
C ASP F 2947 15.04 72.67 -120.92
N THR F 2948 13.77 72.98 -120.82
CA THR F 2948 13.29 73.98 -119.90
C THR F 2948 14.29 74.15 -118.76
N SER F 2949 14.67 75.40 -118.50
CA SER F 2949 15.67 75.66 -117.47
C SER F 2949 15.16 75.19 -116.10
N SER F 2950 16.03 75.33 -115.09
CA SER F 2950 15.68 74.85 -113.75
C SER F 2950 14.36 75.46 -113.26
N ILE F 2951 14.15 76.75 -113.55
CA ILE F 2951 12.93 77.41 -113.11
C ILE F 2951 11.70 76.71 -113.69
N GLU F 2952 11.73 76.44 -114.98
CA GLU F 2952 10.62 75.71 -115.60
C GLU F 2952 10.53 74.29 -115.05
N LYS F 2953 11.67 73.69 -114.72
CA LYS F 2953 11.68 72.33 -114.22
C LYS F 2953 11.07 72.24 -112.82
N ARG F 2954 11.06 73.35 -112.09
CA ARG F 2954 10.53 73.33 -110.73
C ARG F 2954 9.10 72.83 -110.70
N PHE F 2955 8.70 72.32 -109.54
CA PHE F 2955 7.36 71.76 -109.36
C PHE F 2955 6.30 72.86 -109.36
N ALA F 2956 6.54 73.93 -108.60
CA ALA F 2956 5.58 75.02 -108.52
C ALA F 2956 5.30 75.61 -109.90
N PHE F 2957 6.32 75.65 -110.76
CA PHE F 2957 6.14 76.18 -112.09
C PHE F 2957 5.09 75.41 -112.87
N GLY F 2958 5.22 74.09 -112.93
CA GLY F 2958 4.25 73.28 -113.65
C GLY F 2958 2.88 73.31 -112.98
N PHE F 2959 2.86 73.31 -111.65
CA PHE F 2959 1.60 73.37 -110.93
C PHE F 2959 0.83 74.64 -111.30
N LEU F 2960 1.52 75.78 -111.26
CA LEU F 2960 0.88 77.04 -111.62
C LEU F 2960 0.52 77.10 -113.10
N GLN F 2961 1.33 76.49 -113.96
CA GLN F 2961 0.98 76.41 -115.38
C GLN F 2961 -0.34 75.70 -115.57
N GLN F 2962 -0.50 74.54 -114.94
CA GLN F 2962 -1.74 73.79 -115.04
C GLN F 2962 -2.90 74.58 -114.45
N LEU F 2963 -2.67 75.25 -113.33
CA LEU F 2963 -3.73 76.05 -112.71
C LEU F 2963 -4.19 77.16 -113.65
N LEU F 2964 -3.26 77.82 -114.32
CA LEU F 2964 -3.62 78.88 -115.27
C LEU F 2964 -4.37 78.32 -116.47
N ARG F 2965 -3.94 77.16 -116.96
CA ARG F 2965 -4.66 76.50 -118.04
C ARG F 2965 -6.10 76.19 -117.62
N TRP F 2966 -6.27 75.71 -116.40
CA TRP F 2966 -7.61 75.42 -115.91
C TRP F 2966 -8.42 76.69 -115.69
N MET F 2967 -7.76 77.80 -115.36
CA MET F 2967 -8.46 79.08 -115.31
C MET F 2967 -8.96 79.50 -116.68
N ASP F 2968 -8.17 79.26 -117.72
CA ASP F 2968 -8.65 79.52 -119.07
C ASP F 2968 -9.86 78.65 -119.39
N ILE F 2969 -9.79 77.37 -119.04
CA ILE F 2969 -10.94 76.48 -119.22
C ILE F 2969 -12.14 77.01 -118.46
N SER F 2970 -11.92 77.54 -117.26
CA SER F 2970 -13.00 78.08 -116.44
C SER F 2970 -13.65 79.26 -117.12
N GLN F 2971 -12.84 80.17 -117.65
CA GLN F 2971 -13.38 81.25 -118.47
C GLN F 2971 -14.30 80.68 -119.54
N GLU F 2972 -13.81 79.65 -120.23
CA GLU F 2972 -14.55 79.13 -121.38
C GLU F 2972 -15.91 78.58 -120.95
N PHE F 2973 -15.94 77.67 -119.97
CA PHE F 2973 -17.22 77.00 -119.71
C PHE F 2973 -18.14 77.86 -118.86
N ILE F 2974 -17.61 78.83 -118.10
CA ILE F 2974 -18.52 79.79 -117.49
C ILE F 2974 -19.17 80.66 -118.55
N ALA F 2975 -18.40 81.09 -119.57
CA ALA F 2975 -19.00 81.86 -120.65
C ALA F 2975 -20.08 81.05 -121.34
N HIS F 2976 -19.80 79.78 -121.62
CA HIS F 2976 -20.83 78.91 -122.16
C HIS F 2976 -22.03 78.82 -121.22
N LEU F 2977 -21.78 78.84 -119.91
CA LEU F 2977 -22.87 78.76 -118.95
C LEU F 2977 -23.75 80.00 -119.01
N GLU F 2978 -23.15 81.18 -119.12
CA GLU F 2978 -23.97 82.38 -119.28
C GLU F 2978 -24.77 82.32 -120.57
N ALA F 2979 -24.13 81.83 -121.65
CA ALA F 2979 -24.84 81.73 -122.92
C ALA F 2979 -26.05 80.80 -122.80
N VAL F 2980 -25.88 79.65 -122.15
CA VAL F 2980 -26.96 78.67 -122.07
C VAL F 2980 -28.05 79.14 -121.12
N VAL F 2981 -27.67 79.70 -119.97
CA VAL F 2981 -28.66 80.16 -119.00
C VAL F 2981 -29.45 81.34 -119.56
N SER F 2982 -28.81 82.18 -120.36
CA SER F 2982 -29.53 83.29 -120.97
C SER F 2982 -30.62 82.79 -121.90
N SER F 2983 -30.35 81.76 -122.68
CA SER F 2983 -31.32 81.23 -123.64
C SER F 2983 -31.00 79.77 -123.92
N GLY F 2984 -32.04 79.00 -124.22
CA GLY F 2984 -31.88 77.59 -124.53
C GLY F 2984 -31.21 76.81 -123.42
N ARG F 2985 -31.80 76.84 -122.23
CA ARG F 2985 -31.21 76.15 -121.08
C ARG F 2985 -31.12 74.66 -121.33
N VAL F 2986 -29.95 74.09 -121.04
CA VAL F 2986 -29.72 72.66 -121.14
C VAL F 2986 -29.27 72.15 -119.77
N GLU F 2987 -29.86 71.05 -119.31
CA GLU F 2987 -29.47 70.47 -118.04
C GLU F 2987 -28.24 69.58 -118.18
N LYS F 2988 -27.79 69.31 -119.41
CA LYS F 2988 -26.67 68.39 -119.61
C LYS F 2988 -25.39 68.93 -118.96
N SER F 2989 -25.07 70.20 -119.19
CA SER F 2989 -23.84 70.79 -118.68
C SER F 2989 -22.65 69.92 -119.06
N PRO F 2990 -22.22 69.93 -120.34
CA PRO F 2990 -21.14 69.02 -120.75
C PRO F 2990 -19.87 69.20 -119.94
N HIS F 2991 -19.58 70.42 -119.50
CA HIS F 2991 -18.35 70.67 -118.75
C HIS F 2991 -18.52 70.32 -117.27
N GLU F 2992 -19.62 69.63 -116.93
CA GLU F 2992 -19.88 69.20 -115.56
C GLU F 2992 -18.63 68.66 -114.89
N GLN F 2993 -17.91 67.77 -115.58
CA GLN F 2993 -16.70 67.20 -115.01
C GLN F 2993 -15.68 68.29 -114.71
N GLU F 2994 -15.53 69.24 -115.63
CA GLU F 2994 -14.57 70.32 -115.43
C GLU F 2994 -14.98 71.20 -114.24
N ILE F 2995 -16.27 71.52 -114.14
CA ILE F 2995 -16.75 72.34 -113.03
C ILE F 2995 -16.46 71.64 -111.71
N LYS F 2996 -16.80 70.36 -111.64
CA LYS F 2996 -16.61 69.60 -110.41
C LYS F 2996 -15.15 69.51 -110.05
N PHE F 2997 -14.30 69.16 -111.02
CA PHE F 2997 -12.86 69.08 -110.74
C PHE F 2997 -12.35 70.42 -110.22
N PHE F 2998 -12.59 71.49 -110.98
CA PHE F 2998 -12.17 72.81 -110.55
C PHE F 2998 -12.57 73.07 -109.11
N ALA F 2999 -13.88 73.14 -108.85
CA ALA F 2999 -14.35 73.58 -107.54
C ALA F 2999 -13.88 72.64 -106.43
N LYS F 3000 -14.03 71.33 -106.62
CA LYS F 3000 -13.80 70.38 -105.54
C LYS F 3000 -12.31 70.18 -105.25
N ILE F 3001 -11.47 70.06 -106.27
CA ILE F 3001 -10.07 69.72 -106.10
C ILE F 3001 -9.19 70.95 -106.10
N LEU F 3002 -9.28 71.78 -107.16
CA LEU F 3002 -8.27 72.80 -107.37
C LEU F 3002 -8.34 73.87 -106.28
N LEU F 3003 -9.54 74.31 -105.93
CA LEU F 3003 -9.66 75.39 -104.95
C LEU F 3003 -9.10 74.99 -103.59
N PRO F 3004 -9.50 73.87 -102.97
CA PRO F 3004 -8.84 73.48 -101.71
C PRO F 3004 -7.34 73.27 -101.88
N LEU F 3005 -6.94 72.69 -103.00
CA LEU F 3005 -5.52 72.46 -103.24
C LEU F 3005 -4.76 73.78 -103.36
N ILE F 3006 -5.33 74.74 -104.09
CA ILE F 3006 -4.75 76.08 -104.17
C ILE F 3006 -4.61 76.67 -102.77
N ASN F 3007 -5.70 76.62 -102.01
CA ASN F 3007 -5.71 77.18 -100.66
C ASN F 3007 -4.58 76.60 -99.81
N GLN F 3008 -4.52 75.26 -99.75
CA GLN F 3008 -3.54 74.61 -98.91
C GLN F 3008 -2.12 74.90 -99.40
N TYR F 3009 -1.89 74.82 -100.71
CA TYR F 3009 -0.54 74.99 -101.24
C TYR F 3009 -0.03 76.39 -100.96
N PHE F 3010 -0.85 77.42 -101.21
CA PHE F 3010 -0.39 78.78 -101.03
C PHE F 3010 -0.60 79.30 -99.61
N THR F 3011 -1.18 78.48 -98.74
CA THR F 3011 -1.12 78.72 -97.30
C THR F 3011 0.12 78.11 -96.67
N ASN F 3012 0.63 77.03 -97.27
CA ASN F 3012 1.83 76.38 -96.75
C ASN F 3012 3.11 77.01 -97.30
N HIS F 3013 3.14 77.29 -98.60
CA HIS F 3013 4.33 77.76 -99.31
C HIS F 3013 4.26 79.25 -99.61
N CYS F 3014 3.56 80.00 -98.75
CA CYS F 3014 3.41 81.44 -98.97
C CYS F 3014 4.77 82.13 -98.96
N LEU F 3015 5.65 81.74 -98.04
CA LEU F 3015 6.92 82.42 -97.88
C LEU F 3015 7.81 82.25 -99.11
N TYR F 3016 7.77 81.08 -99.73
CA TYR F 3016 8.61 80.82 -100.90
C TYR F 3016 8.32 81.84 -102.01
N PHE F 3017 7.10 82.37 -102.04
CA PHE F 3017 6.71 83.29 -103.10
C PHE F 3017 6.99 84.73 -102.70
N LEU F 3018 6.91 85.04 -101.40
CA LEU F 3018 7.21 86.38 -100.92
C LEU F 3018 8.70 86.58 -100.69
N SER F 3019 9.43 85.49 -100.49
CA SER F 3019 10.85 85.59 -100.17
C SER F 3019 11.63 86.16 -101.36
N THR F 3020 12.69 86.91 -101.04
CA THR F 3020 13.60 87.45 -102.04
C THR F 3020 15.03 87.14 -101.64
N PRO F 3021 15.95 87.09 -102.60
CA PRO F 3021 17.36 86.82 -102.24
C PRO F 3021 17.89 87.78 -101.20
N ALA F 3022 17.52 89.06 -101.29
CA ALA F 3022 17.94 90.03 -100.28
C ALA F 3022 17.32 89.71 -98.92
N LYS F 3023 16.05 89.33 -98.91
CA LYS F 3023 15.27 89.16 -97.69
C LYS F 3023 14.49 87.85 -97.78
N VAL F 3024 14.82 86.91 -96.90
CA VAL F 3024 14.26 85.56 -96.96
C VAL F 3024 13.43 85.26 -95.72
N LEU F 3025 12.11 85.18 -95.89
CA LEU F 3025 11.25 84.69 -94.82
C LEU F 3025 11.39 83.19 -94.62
N GLY F 3026 11.37 82.41 -95.70
CA GLY F 3026 11.30 80.97 -95.57
C GLY F 3026 12.61 80.38 -95.09
N SER F 3027 12.52 79.17 -94.54
CA SER F 3027 13.72 78.46 -94.11
C SER F 3027 14.67 78.26 -95.27
N GLY F 3028 14.14 77.92 -96.45
CA GLY F 3028 14.98 77.75 -97.62
C GLY F 3028 14.25 77.99 -98.93
N GLY F 3029 14.83 78.83 -99.77
CA GLY F 3029 14.33 79.02 -101.12
C GLY F 3029 13.45 80.25 -101.25
N HIS F 3030 13.46 80.83 -102.45
CA HIS F 3030 12.63 81.96 -102.80
C HIS F 3030 12.14 81.79 -104.23
N ALA F 3031 10.91 82.21 -104.49
CA ALA F 3031 10.31 82.00 -105.80
C ALA F 3031 10.98 82.84 -106.86
N SER F 3032 10.97 82.33 -108.08
CA SER F 3032 11.45 83.09 -109.22
C SER F 3032 10.45 84.16 -109.61
N ASN F 3033 10.97 85.23 -110.21
CA ASN F 3033 10.12 86.33 -110.66
C ASN F 3033 9.00 85.82 -111.55
N LYS F 3034 9.30 84.82 -112.38
CA LYS F 3034 8.28 84.28 -113.28
C LYS F 3034 7.17 83.59 -112.50
N GLU F 3035 7.54 82.83 -111.46
CA GLU F 3035 6.52 82.20 -110.62
C GLU F 3035 5.66 83.25 -109.92
N LYS F 3036 6.30 84.34 -109.48
CA LYS F 3036 5.54 85.44 -108.88
C LYS F 3036 4.56 86.02 -109.89
N GLU F 3037 5.01 86.21 -111.13
CA GLU F 3037 4.13 86.69 -112.18
C GLU F 3037 2.96 85.73 -112.38
N MET F 3038 3.22 84.43 -112.35
CA MET F 3038 2.18 83.45 -112.56
C MET F 3038 1.14 83.49 -111.43
N ILE F 3039 1.60 83.61 -110.19
CA ILE F 3039 0.64 83.68 -109.08
C ILE F 3039 -0.19 84.95 -109.18
N THR F 3040 0.44 86.07 -109.54
CA THR F 3040 -0.30 87.31 -109.71
C THR F 3040 -1.36 87.17 -110.80
N SER F 3041 -0.97 86.58 -111.93
CA SER F 3041 -1.91 86.41 -113.04
C SER F 3041 -3.06 85.49 -112.64
N LEU F 3042 -2.76 84.43 -111.90
CA LEU F 3042 -3.81 83.53 -111.43
C LEU F 3042 -4.79 84.27 -110.52
N PHE F 3043 -4.27 85.09 -109.61
CA PHE F 3043 -5.14 85.85 -108.72
C PHE F 3043 -6.05 86.77 -109.51
N CYS F 3044 -5.48 87.54 -110.46
CA CYS F 3044 -6.29 88.45 -111.25
C CYS F 3044 -7.32 87.70 -112.08
N LYS F 3045 -6.93 86.56 -112.68
CA LYS F 3045 -7.85 85.75 -113.47
C LYS F 3045 -9.00 85.24 -112.63
N LEU F 3046 -8.72 84.75 -111.43
CA LEU F 3046 -9.79 84.26 -110.56
C LEU F 3046 -10.72 85.38 -110.16
N ALA F 3047 -10.18 86.56 -109.86
CA ALA F 3047 -11.03 87.69 -109.52
C ALA F 3047 -11.93 88.06 -110.69
N ALA F 3048 -11.38 88.11 -111.90
CA ALA F 3048 -12.19 88.40 -113.07
C ALA F 3048 -13.24 87.33 -113.29
N LEU F 3049 -12.86 86.06 -113.08
CA LEU F 3049 -13.79 84.96 -113.31
C LEU F 3049 -14.98 85.05 -112.38
N VAL F 3050 -14.72 85.33 -111.10
CA VAL F 3050 -15.80 85.45 -110.12
C VAL F 3050 -16.51 86.78 -110.20
N ARG F 3051 -15.95 87.76 -110.91
CA ARG F 3051 -16.58 89.06 -111.01
C ARG F 3051 -18.01 88.91 -111.52
N HIS F 3052 -18.95 89.36 -110.71
CA HIS F 3052 -20.37 89.40 -111.03
C HIS F 3052 -20.93 88.02 -111.39
N ARG F 3053 -20.36 86.95 -110.83
CA ARG F 3053 -20.80 85.58 -111.09
C ARG F 3053 -20.81 84.74 -109.81
N VAL F 3054 -20.93 85.40 -108.65
CA VAL F 3054 -20.91 84.72 -107.36
C VAL F 3054 -22.04 83.70 -107.29
N SER F 3055 -23.22 84.09 -107.78
CA SER F 3055 -24.35 83.17 -107.76
C SER F 3055 -24.10 81.99 -108.68
N LEU F 3056 -23.58 82.25 -109.88
CA LEU F 3056 -23.25 81.15 -110.77
C LEU F 3056 -22.31 80.18 -110.11
N PHE F 3057 -21.35 80.66 -109.34
CA PHE F 3057 -20.49 79.68 -108.70
C PHE F 3057 -21.21 79.03 -107.52
N GLY F 3058 -22.18 79.71 -106.94
CA GLY F 3058 -22.95 79.12 -105.86
C GLY F 3058 -22.11 78.84 -104.62
N THR F 3059 -22.20 77.58 -104.14
CA THR F 3059 -21.60 77.24 -102.85
C THR F 3059 -20.08 77.22 -102.92
N ASP F 3060 -19.52 77.25 -104.13
CA ASP F 3060 -18.06 77.30 -104.26
C ASP F 3060 -17.52 78.71 -104.10
N ALA F 3061 -18.41 79.72 -104.05
CA ALA F 3061 -17.96 81.11 -103.94
C ALA F 3061 -17.13 81.34 -102.68
N PRO F 3062 -17.51 80.84 -101.50
CA PRO F 3062 -16.65 81.03 -100.32
C PRO F 3062 -15.25 80.46 -100.53
N ALA F 3063 -15.17 79.30 -101.19
CA ALA F 3063 -13.87 78.73 -101.50
C ALA F 3063 -13.08 79.65 -102.43
N VAL F 3064 -13.75 80.24 -103.42
CA VAL F 3064 -13.09 81.16 -104.33
C VAL F 3064 -12.53 82.35 -103.56
N VAL F 3065 -13.35 82.90 -102.65
CA VAL F 3065 -12.94 84.09 -101.91
C VAL F 3065 -11.75 83.76 -101.00
N ASN F 3066 -11.79 82.60 -100.35
CA ASN F 3066 -10.68 82.21 -99.48
C ASN F 3066 -9.40 82.00 -100.28
N CYS F 3067 -9.52 81.35 -101.44
CA CYS F 3067 -8.36 81.20 -102.31
C CYS F 3067 -7.80 82.55 -102.72
N LEU F 3068 -8.69 83.51 -103.00
CA LEU F 3068 -8.24 84.85 -103.35
C LEU F 3068 -7.53 85.52 -102.18
N HIS F 3069 -8.06 85.38 -100.96
CA HIS F 3069 -7.36 85.88 -99.79
C HIS F 3069 -5.94 85.34 -99.73
N ILE F 3070 -5.81 84.01 -99.84
CA ILE F 3070 -4.50 83.39 -99.70
C ILE F 3070 -3.56 83.87 -100.81
N LEU F 3071 -4.07 83.93 -102.05
CA LEU F 3071 -3.25 84.38 -103.16
C LEU F 3071 -2.78 85.81 -102.95
N ALA F 3072 -3.69 86.68 -102.48
CA ALA F 3072 -3.32 88.06 -102.17
C ALA F 3072 -2.20 88.10 -101.16
N ARG F 3073 -2.30 87.31 -100.10
CA ARG F 3073 -1.24 87.30 -99.09
C ARG F 3073 0.04 86.72 -99.67
N SER F 3074 -0.06 85.95 -100.75
CA SER F 3074 1.14 85.35 -101.34
C SER F 3074 1.84 86.30 -102.31
N LEU F 3075 1.10 87.21 -102.94
CA LEU F 3075 1.66 87.99 -104.04
C LEU F 3075 2.85 88.84 -103.59
N ASP F 3076 3.82 89.01 -104.50
CA ASP F 3076 4.90 89.99 -104.34
C ASP F 3076 4.68 91.05 -105.41
N ALA F 3077 3.82 92.01 -105.08
CA ALA F 3077 3.46 93.04 -106.05
C ALA F 3077 4.64 93.94 -106.36
N ARG F 3078 5.49 94.20 -105.37
CA ARG F 3078 6.65 95.05 -105.60
C ARG F 3078 7.50 94.50 -106.74
N THR F 3079 7.92 93.24 -106.63
CA THR F 3079 8.74 92.63 -107.67
C THR F 3079 7.97 92.55 -108.99
N VAL F 3080 6.71 92.10 -108.94
CA VAL F 3080 5.96 91.91 -110.17
C VAL F 3080 5.84 93.23 -110.93
N MET F 3081 5.57 94.32 -110.21
CA MET F 3081 5.35 95.60 -110.85
C MET F 3081 6.66 96.20 -111.37
N LYS F 3082 7.74 96.13 -110.59
CA LYS F 3082 8.98 96.71 -111.10
C LYS F 3082 9.49 95.93 -112.31
N SER F 3083 9.60 94.61 -112.18
CA SER F 3083 10.13 93.76 -113.25
C SER F 3083 9.12 92.66 -113.53
N GLY F 3084 8.17 92.96 -114.40
CA GLY F 3084 7.14 92.03 -114.78
C GLY F 3084 6.52 92.40 -116.11
N PRO F 3085 5.98 91.41 -116.82
CA PRO F 3085 5.38 91.71 -118.12
C PRO F 3085 4.19 92.66 -118.01
N GLU F 3086 4.04 93.49 -119.04
CA GLU F 3086 2.94 94.44 -119.08
C GLU F 3086 1.60 93.72 -118.96
N ILE F 3087 1.55 92.45 -119.35
CA ILE F 3087 0.31 91.70 -119.25
C ILE F 3087 -0.08 91.51 -117.78
N VAL F 3088 0.87 91.05 -116.96
CA VAL F 3088 0.59 90.86 -115.54
C VAL F 3088 0.27 92.19 -114.87
N LYS F 3089 1.08 93.21 -115.17
CA LYS F 3089 0.85 94.52 -114.56
C LYS F 3089 -0.51 95.08 -114.95
N ALA F 3090 -0.88 94.93 -116.23
CA ALA F 3090 -2.19 95.39 -116.69
C ALA F 3090 -3.31 94.62 -116.05
N GLY F 3091 -3.12 93.31 -115.84
CA GLY F 3091 -4.15 92.53 -115.17
C GLY F 3091 -4.40 93.03 -113.76
N LEU F 3092 -3.33 93.31 -113.03
CA LEU F 3092 -3.51 93.80 -111.66
C LEU F 3092 -4.14 95.19 -111.65
N ARG F 3093 -3.70 96.06 -112.55
CA ARG F 3093 -4.31 97.39 -112.67
C ARG F 3093 -5.80 97.28 -113.01
N SER F 3094 -6.15 96.37 -113.92
CA SER F 3094 -7.55 96.18 -114.29
C SER F 3094 -8.35 95.67 -113.11
N PHE F 3095 -7.76 94.80 -112.30
CA PHE F 3095 -8.41 94.39 -111.07
C PHE F 3095 -8.75 95.59 -110.21
N PHE F 3096 -7.78 96.49 -110.04
CA PHE F 3096 -8.02 97.67 -109.21
C PHE F 3096 -9.10 98.57 -109.81
N GLU F 3097 -9.04 98.80 -111.12
CA GLU F 3097 -10.03 99.64 -111.79
C GLU F 3097 -11.42 99.05 -111.66
N SER F 3098 -11.56 97.73 -111.86
CA SER F 3098 -12.85 97.09 -111.75
C SER F 3098 -13.38 97.17 -110.34
N ALA F 3099 -12.52 96.96 -109.34
CA ALA F 3099 -12.95 97.11 -107.96
C ALA F 3099 -13.48 98.51 -107.71
N SER F 3100 -12.73 99.53 -108.15
CA SER F 3100 -13.21 100.89 -108.06
C SER F 3100 -14.60 101.01 -108.67
N GLU F 3101 -14.72 100.71 -109.97
CA GLU F 3101 -15.97 100.91 -110.69
C GLU F 3101 -17.14 100.25 -109.97
N ASP F 3102 -16.95 99.02 -109.51
CA ASP F 3102 -18.00 98.34 -108.77
C ASP F 3102 -18.35 99.12 -107.51
N ILE F 3103 -17.34 99.67 -106.83
CA ILE F 3103 -17.62 100.46 -105.63
C ILE F 3103 -18.42 101.69 -105.99
N GLU F 3104 -18.04 102.42 -107.03
CA GLU F 3104 -18.80 103.63 -107.38
C GLU F 3104 -20.24 103.29 -107.73
N LYS F 3105 -20.46 102.17 -108.41
CA LYS F 3105 -21.83 101.80 -108.77
C LYS F 3105 -22.63 101.43 -107.52
N MET F 3106 -22.03 100.65 -106.62
CA MET F 3106 -22.72 100.30 -105.38
C MET F 3106 -23.06 101.56 -104.58
N VAL F 3107 -22.10 102.47 -104.49
CA VAL F 3107 -22.25 103.65 -103.66
C VAL F 3107 -23.37 104.55 -104.23
N GLU F 3108 -23.44 104.70 -105.55
CA GLU F 3108 -24.54 105.49 -106.12
C GLU F 3108 -25.88 104.78 -105.95
N ASN F 3109 -25.91 103.46 -106.08
CA ASN F 3109 -27.16 102.76 -105.81
C ASN F 3109 -27.66 103.03 -104.40
N LEU F 3110 -26.74 103.04 -103.42
CA LEU F 3110 -27.14 103.35 -102.05
C LEU F 3110 -27.60 104.81 -101.94
N ARG F 3111 -26.98 105.70 -102.72
CA ARG F 3111 -27.47 107.06 -102.95
C ARG F 3111 -28.87 107.07 -103.52
N LEU F 3112 -29.33 105.91 -103.97
CA LEU F 3112 -30.75 105.69 -104.19
C LEU F 3112 -31.14 106.36 -105.49
N GLY F 3113 -30.13 106.75 -106.28
CA GLY F 3113 -30.37 107.02 -107.68
C GLY F 3113 -30.98 105.83 -108.40
N LYS F 3114 -30.77 104.64 -107.85
CA LYS F 3114 -31.46 103.42 -108.25
C LYS F 3114 -32.43 103.02 -107.14
N VAL F 3115 -33.32 102.09 -107.45
CA VAL F 3115 -34.39 101.74 -106.52
C VAL F 3115 -33.82 101.36 -105.15
N SER F 3116 -32.83 100.47 -105.13
CA SER F 3116 -32.14 99.91 -103.96
C SER F 3116 -32.88 100.19 -102.64
N LYS F 3123 -31.48 91.27 -110.22
CA LYS F 3123 -31.14 92.58 -110.77
C LYS F 3123 -29.63 92.81 -110.81
N GLY F 3124 -29.20 93.68 -111.72
CA GLY F 3124 -27.78 93.96 -111.84
C GLY F 3124 -27.21 94.66 -110.62
N VAL F 3125 -27.94 95.64 -110.09
CA VAL F 3125 -27.46 96.37 -108.92
C VAL F 3125 -27.38 95.44 -107.71
N GLY F 3126 -28.40 94.63 -107.50
CA GLY F 3126 -28.38 93.69 -106.38
C GLY F 3126 -27.26 92.67 -106.54
N GLN F 3127 -27.05 92.20 -107.77
CA GLN F 3127 -26.01 91.21 -108.02
C GLN F 3127 -24.62 91.82 -107.77
N ASN F 3128 -24.41 93.07 -108.22
CA ASN F 3128 -23.16 93.76 -107.92
C ASN F 3128 -23.00 93.97 -106.42
N LEU F 3129 -24.09 94.30 -105.73
CA LEU F 3129 -24.02 94.51 -104.29
C LEU F 3129 -23.57 93.25 -103.57
N THR F 3130 -24.18 92.11 -103.91
CA THR F 3130 -23.77 90.87 -103.27
C THR F 3130 -22.34 90.50 -103.65
N TYR F 3131 -21.97 90.70 -104.91
CA TYR F 3131 -20.59 90.45 -105.31
C TYR F 3131 -19.63 91.26 -104.46
N THR F 3132 -19.85 92.57 -104.36
CA THR F 3132 -19.00 93.42 -103.54
C THR F 3132 -18.93 92.87 -102.12
N THR F 3133 -20.07 92.87 -101.42
CA THR F 3133 -20.09 92.53 -100.00
C THR F 3133 -19.44 91.19 -99.73
N VAL F 3134 -19.63 90.21 -100.62
CA VAL F 3134 -19.17 88.86 -100.33
C VAL F 3134 -17.69 88.69 -100.69
N ALA F 3135 -17.29 89.12 -101.88
CA ALA F 3135 -15.97 88.81 -102.41
C ALA F 3135 -15.02 90.00 -102.40
N LEU F 3136 -15.50 91.16 -102.86
CA LEU F 3136 -14.58 92.22 -103.26
C LEU F 3136 -13.96 92.92 -102.04
N LEU F 3137 -14.79 93.54 -101.22
CA LEU F 3137 -14.27 94.27 -100.07
C LEU F 3137 -13.38 93.38 -99.20
N PRO F 3138 -13.74 92.13 -98.90
CA PRO F 3138 -12.80 91.28 -98.14
C PRO F 3138 -11.46 91.09 -98.84
N VAL F 3139 -11.48 90.69 -100.11
CA VAL F 3139 -10.23 90.41 -100.82
C VAL F 3139 -9.40 91.67 -100.95
N LEU F 3140 -10.03 92.79 -101.30
CA LEU F 3140 -9.30 94.04 -101.48
C LEU F 3140 -8.73 94.54 -100.16
N THR F 3141 -9.51 94.41 -99.08
CA THR F 3141 -9.02 94.74 -97.75
C THR F 3141 -7.81 93.88 -97.38
N THR F 3142 -7.89 92.59 -97.66
CA THR F 3142 -6.77 91.69 -97.39
C THR F 3142 -5.54 92.11 -98.17
N LEU F 3143 -5.72 92.44 -99.45
CA LEU F 3143 -4.58 92.86 -100.27
C LEU F 3143 -3.97 94.15 -99.75
N PHE F 3144 -4.80 95.11 -99.35
CA PHE F 3144 -4.28 96.35 -98.79
C PHE F 3144 -3.50 96.08 -97.52
N GLN F 3145 -4.04 95.23 -96.66
CA GLN F 3145 -3.35 94.88 -95.41
C GLN F 3145 -2.01 94.24 -95.70
N HIS F 3146 -1.97 93.30 -96.65
CA HIS F 3146 -0.73 92.62 -96.99
C HIS F 3146 0.29 93.59 -97.56
N ILE F 3147 -0.15 94.50 -98.43
CA ILE F 3147 0.72 95.50 -99.01
C ILE F 3147 1.30 96.39 -97.91
N ALA F 3148 0.45 96.86 -97.01
CA ALA F 3148 0.94 97.72 -95.92
C ALA F 3148 1.90 96.98 -95.02
N GLN F 3149 1.61 95.71 -94.73
CA GLN F 3149 2.49 94.93 -93.87
C GLN F 3149 3.87 94.78 -94.48
N HIS F 3150 3.94 94.47 -95.77
CA HIS F 3150 5.22 94.30 -96.44
C HIS F 3150 5.75 95.60 -97.05
N GLN F 3151 5.14 96.73 -96.72
CA GLN F 3151 5.65 98.05 -97.12
C GLN F 3151 5.79 98.14 -98.64
N PHE F 3152 4.84 97.56 -99.36
CA PHE F 3152 4.88 97.53 -100.82
C PHE F 3152 4.18 98.73 -101.47
N GLY F 3153 3.45 99.54 -100.69
CA GLY F 3153 2.62 100.57 -101.29
C GLY F 3153 3.43 101.54 -102.15
N ASP F 3154 4.58 101.97 -101.64
CA ASP F 3154 5.38 102.98 -102.33
C ASP F 3154 5.91 102.47 -103.67
N ASP F 3155 5.84 101.16 -103.91
CA ASP F 3155 6.28 100.58 -105.17
C ASP F 3155 5.11 100.13 -106.03
N VAL F 3156 3.98 99.79 -105.42
CA VAL F 3156 2.83 99.30 -106.17
C VAL F 3156 1.95 100.45 -106.63
N ILE F 3157 1.43 101.24 -105.69
CA ILE F 3157 0.38 102.20 -106.02
C ILE F 3157 1.01 103.52 -106.48
N LEU F 3158 1.34 103.61 -107.77
CA LEU F 3158 2.05 104.78 -108.26
C LEU F 3158 1.26 105.62 -109.27
N ASP F 3159 0.83 105.02 -110.38
CA ASP F 3159 0.37 105.82 -111.51
C ASP F 3159 -1.15 105.78 -111.72
N ASP F 3160 -1.72 104.60 -111.93
CA ASP F 3160 -3.15 104.49 -112.13
C ASP F 3160 -3.82 103.82 -110.93
N VAL F 3161 -3.04 103.02 -110.21
CA VAL F 3161 -3.54 102.43 -108.98
C VAL F 3161 -3.84 103.52 -107.96
N GLN F 3162 -3.04 104.59 -107.97
CA GLN F 3162 -3.38 105.74 -107.13
C GLN F 3162 -4.73 106.33 -107.53
N VAL F 3163 -5.00 106.43 -108.82
CA VAL F 3163 -6.28 106.96 -109.27
C VAL F 3163 -7.42 106.08 -108.77
N SER F 3164 -7.28 104.76 -108.95
CA SER F 3164 -8.34 103.84 -108.52
C SER F 3164 -8.55 103.90 -107.01
N CYS F 3165 -7.45 103.92 -106.24
CA CYS F 3165 -7.55 104.00 -104.80
C CYS F 3165 -8.15 105.32 -104.34
N TYR F 3166 -7.77 106.43 -104.98
CA TYR F 3166 -8.45 107.70 -104.72
C TYR F 3166 -9.94 107.57 -104.93
N ARG F 3167 -10.35 107.04 -106.07
CA ARG F 3167 -11.77 106.97 -106.37
C ARG F 3167 -12.52 106.15 -105.32
N THR F 3168 -11.96 104.99 -104.96
CA THR F 3168 -12.56 104.16 -103.92
C THR F 3168 -12.65 104.91 -102.60
N LEU F 3169 -11.53 105.47 -102.15
CA LEU F 3169 -11.48 106.25 -100.92
C LEU F 3169 -12.56 107.32 -100.88
N CYS F 3170 -12.65 108.11 -101.95
CA CYS F 3170 -13.49 109.29 -101.91
C CYS F 3170 -14.97 108.92 -102.01
N SER F 3171 -15.29 107.86 -102.77
CA SER F 3171 -16.66 107.37 -102.74
C SER F 3171 -17.04 106.86 -101.35
N ILE F 3172 -16.15 106.07 -100.74
CA ILE F 3172 -16.46 105.51 -99.44
C ILE F 3172 -16.68 106.63 -98.41
N TYR F 3173 -15.84 107.66 -98.47
CA TYR F 3173 -16.07 108.80 -97.59
C TYR F 3173 -17.38 109.49 -97.91
N SER F 3174 -17.73 109.60 -99.20
CA SER F 3174 -18.99 110.21 -99.57
C SER F 3174 -20.15 109.50 -98.89
N LEU F 3175 -20.00 108.20 -98.61
CA LEU F 3175 -21.13 107.46 -98.01
C LEU F 3175 -21.66 108.16 -96.77
N GLY F 3176 -20.79 108.85 -96.02
CA GLY F 3176 -21.20 109.51 -94.80
C GLY F 3176 -22.51 110.28 -94.91
N THR F 3177 -22.71 110.99 -96.03
CA THR F 3177 -23.92 111.77 -96.20
C THR F 3177 -25.16 110.89 -96.27
N THR F 3178 -25.06 109.77 -96.97
CA THR F 3178 -26.23 108.91 -97.17
C THR F 3178 -26.64 108.25 -95.86
N LYS F 3179 -27.93 108.35 -95.55
CA LYS F 3179 -28.54 107.71 -94.39
C LYS F 3179 -29.55 106.68 -94.90
N ASN F 3180 -29.28 105.40 -94.64
CA ASN F 3180 -30.16 104.34 -95.10
C ASN F 3180 -29.93 103.11 -94.24
N THR F 3181 -30.90 102.19 -94.31
CA THR F 3181 -30.75 100.91 -93.62
C THR F 3181 -29.61 100.08 -94.20
N TYR F 3182 -29.48 100.08 -95.53
CA TYR F 3182 -28.45 99.26 -96.17
C TYR F 3182 -27.05 99.73 -95.79
N VAL F 3183 -26.86 101.05 -95.69
CA VAL F 3183 -25.52 101.58 -95.39
C VAL F 3183 -25.06 101.10 -94.02
N GLU F 3184 -25.96 101.13 -93.04
CA GLU F 3184 -25.60 100.82 -91.66
C GLU F 3184 -24.82 99.50 -91.57
N LYS F 3185 -25.33 98.46 -92.21
CA LYS F 3185 -24.67 97.16 -92.14
C LYS F 3185 -23.36 97.14 -92.91
N LEU F 3186 -23.20 98.05 -93.88
CA LEU F 3186 -22.02 98.02 -94.74
C LEU F 3186 -20.88 98.88 -94.23
N ARG F 3187 -21.16 99.87 -93.39
CA ARG F 3187 -20.12 100.80 -92.96
C ARG F 3187 -18.94 100.11 -92.27
N PRO F 3188 -19.14 99.09 -91.44
CA PRO F 3188 -17.97 98.39 -90.87
C PRO F 3188 -16.95 97.95 -91.91
N ALA F 3189 -17.38 97.16 -92.89
CA ALA F 3189 -16.47 96.65 -93.90
C ALA F 3189 -15.84 97.78 -94.71
N LEU F 3190 -16.64 98.79 -95.05
CA LEU F 3190 -16.12 99.93 -95.77
C LEU F 3190 -15.02 100.63 -94.99
N GLY F 3191 -15.24 100.85 -93.70
CA GLY F 3191 -14.22 101.49 -92.88
C GLY F 3191 -12.97 100.64 -92.75
N GLU F 3192 -13.13 99.32 -92.67
CA GLU F 3192 -11.96 98.45 -92.60
C GLU F 3192 -11.14 98.52 -93.89
N CYS F 3193 -11.81 98.41 -95.04
CA CYS F 3193 -11.11 98.54 -96.32
C CYS F 3193 -10.43 99.90 -96.41
N LEU F 3194 -11.12 100.94 -95.97
CA LEU F 3194 -10.57 102.29 -96.00
C LEU F 3194 -9.33 102.41 -95.12
N ALA F 3195 -9.37 101.79 -93.94
CA ALA F 3195 -8.21 101.79 -93.05
C ALA F 3195 -7.02 101.13 -93.71
N ARG F 3196 -7.23 99.95 -94.31
CA ARG F 3196 -6.12 99.27 -94.98
C ARG F 3196 -5.60 100.06 -96.16
N LEU F 3197 -6.48 100.75 -96.87
CA LEU F 3197 -6.05 101.63 -97.96
C LEU F 3197 -5.21 102.77 -97.43
N ALA F 3198 -5.62 103.39 -96.32
CA ALA F 3198 -4.88 104.48 -95.75
C ALA F 3198 -3.50 104.04 -95.30
N ALA F 3199 -3.40 102.85 -94.69
CA ALA F 3199 -2.09 102.35 -94.27
C ALA F 3199 -1.18 102.11 -95.46
N ALA F 3200 -1.74 101.67 -96.59
CA ALA F 3200 -0.92 101.31 -97.74
C ALA F 3200 -0.70 102.47 -98.68
N MET F 3201 -1.71 103.31 -98.87
CA MET F 3201 -1.69 104.32 -99.91
C MET F 3201 -0.52 105.29 -99.69
N PRO F 3202 0.38 105.45 -100.66
CA PRO F 3202 1.64 106.15 -100.39
C PRO F 3202 1.53 107.65 -100.34
N VAL F 3203 0.48 108.25 -100.88
CA VAL F 3203 0.35 109.71 -100.82
C VAL F 3203 -0.33 110.08 -99.51
N ALA F 3204 -0.22 111.36 -99.14
CA ALA F 3204 -0.90 111.89 -97.96
C ALA F 3204 -2.07 112.74 -98.48
N PHE F 3205 -3.20 112.07 -98.70
CA PHE F 3205 -4.34 112.75 -99.32
C PHE F 3205 -4.98 113.75 -98.37
N LEU F 3206 -4.75 113.60 -97.07
CA LEU F 3206 -5.27 114.56 -96.10
C LEU F 3206 -4.39 115.79 -96.00
N GLU F 3207 -3.15 115.71 -96.48
CA GLU F 3207 -2.23 116.83 -96.46
C GLU F 3207 -1.70 117.06 -97.88
N PRO F 3208 -2.54 117.58 -98.78
CA PRO F 3208 -2.12 117.69 -100.18
C PRO F 3208 -1.16 118.83 -100.44
N GLN F 3209 -1.26 119.93 -99.69
CA GLN F 3209 -0.44 121.10 -99.95
C GLN F 3209 1.04 120.75 -100.00
N LEU F 3210 1.45 119.71 -99.27
CA LEU F 3210 2.84 119.27 -99.23
C LEU F 3210 3.10 118.07 -100.14
N ASN F 3211 2.17 117.77 -101.06
CA ASN F 3211 2.37 116.65 -101.96
C ASN F 3211 3.54 116.90 -102.90
N GLU F 3212 3.90 118.18 -103.10
CA GLU F 3212 5.03 118.48 -103.97
C GLU F 3212 6.31 117.79 -103.51
N TYR F 3213 6.43 117.56 -102.21
CA TYR F 3213 7.62 116.91 -101.66
C TYR F 3213 7.55 115.39 -101.75
N ASN F 3214 6.37 114.83 -101.96
CA ASN F 3214 6.24 113.39 -102.10
C ASN F 3214 6.59 112.95 -103.51
N ALA F 3215 7.46 111.94 -103.62
CA ALA F 3215 7.91 111.42 -104.91
C ALA F 3215 7.01 110.31 -105.43
N CYS F 3216 6.39 109.54 -104.52
CA CYS F 3216 5.48 108.46 -104.92
C CYS F 3216 4.08 109.03 -105.19
N SER F 3217 4.05 110.04 -106.05
CA SER F 3217 2.82 110.73 -106.43
C SER F 3217 2.79 110.87 -107.94
N VAL F 3218 1.60 110.67 -108.52
CA VAL F 3218 1.43 110.80 -109.96
C VAL F 3218 1.76 112.22 -110.41
N TYR F 3219 1.42 113.22 -109.58
CA TYR F 3219 1.62 114.61 -109.98
C TYR F 3219 3.10 114.94 -110.12
N THR F 3220 3.94 114.32 -109.30
CA THR F 3220 5.38 114.53 -109.43
C THR F 3220 5.98 113.65 -110.51
N THR F 3221 5.57 112.38 -110.56
CA THR F 3221 6.17 111.45 -111.52
C THR F 3221 5.85 111.84 -112.95
N LYS F 3222 4.63 112.30 -113.22
CA LYS F 3222 4.14 112.48 -114.57
C LYS F 3222 4.21 113.94 -114.99
N SER F 3223 4.42 114.15 -116.28
CA SER F 3223 4.42 115.49 -116.84
C SER F 3223 3.01 116.06 -116.88
N PRO F 3224 2.87 117.39 -116.86
CA PRO F 3224 1.53 117.98 -116.93
C PRO F 3224 0.83 117.66 -118.25
N ARG F 3225 1.61 117.35 -119.28
CA ARG F 3225 1.06 116.95 -120.56
C ARG F 3225 0.42 115.58 -120.46
N GLU F 3226 0.99 114.70 -119.64
CA GLU F 3226 0.25 113.61 -119.04
C GLU F 3226 -0.63 114.17 -117.93
N ARG F 3227 -1.59 113.35 -117.46
CA ARG F 3227 -2.61 113.81 -116.51
C ARG F 3227 -3.65 114.67 -117.21
N ALA F 3228 -3.40 115.00 -118.48
CA ALA F 3228 -4.39 115.66 -119.31
C ALA F 3228 -5.03 114.67 -120.27
N ILE F 3229 -4.25 113.71 -120.76
CA ILE F 3229 -4.79 112.64 -121.61
C ILE F 3229 -5.81 111.82 -120.82
N LEU F 3230 -5.50 111.52 -119.57
CA LEU F 3230 -6.43 110.89 -118.64
C LEU F 3230 -6.94 112.01 -117.75
N GLY F 3231 -8.21 112.36 -117.92
CA GLY F 3231 -8.75 113.56 -117.30
C GLY F 3231 -8.47 113.65 -115.82
N LEU F 3232 -7.65 114.61 -115.43
CA LEU F 3232 -7.34 114.84 -114.04
C LEU F 3232 -7.49 116.33 -113.73
N PRO F 3233 -7.78 116.67 -112.47
CA PRO F 3233 -8.11 118.07 -112.16
C PRO F 3233 -6.99 119.06 -112.45
N ASN F 3234 -5.75 118.58 -112.55
CA ASN F 3234 -4.53 119.37 -112.65
C ASN F 3234 -4.09 119.83 -111.27
N SER F 3235 -4.81 119.48 -110.20
CA SER F 3235 -4.42 119.81 -108.84
C SER F 3235 -4.73 118.62 -107.95
N VAL F 3236 -3.81 118.32 -107.03
CA VAL F 3236 -4.01 117.21 -106.10
C VAL F 3236 -5.21 117.48 -105.20
N GLU F 3237 -5.45 118.74 -104.84
CA GLU F 3237 -6.55 119.06 -103.95
C GLU F 3237 -7.88 118.66 -104.56
N GLU F 3238 -8.02 118.84 -105.88
CA GLU F 3238 -9.30 118.59 -106.53
C GLU F 3238 -9.54 117.10 -106.77
N MET F 3239 -8.53 116.26 -106.49
CA MET F 3239 -8.69 114.83 -106.76
C MET F 3239 -9.97 114.29 -106.14
N CYS F 3240 -10.21 114.61 -104.87
CA CYS F 3240 -11.56 114.59 -104.29
C CYS F 3240 -11.56 115.57 -103.12
N PRO F 3241 -12.11 116.77 -103.32
CA PRO F 3241 -12.05 117.79 -102.26
C PRO F 3241 -12.96 117.47 -101.08
N ASP F 3242 -13.99 116.64 -101.29
CA ASP F 3242 -14.97 116.42 -100.24
C ASP F 3242 -14.32 115.95 -98.95
N ILE F 3243 -13.30 115.10 -99.05
CA ILE F 3243 -12.60 114.65 -97.84
C ILE F 3243 -11.90 115.85 -97.20
N PRO F 3244 -12.15 116.16 -95.93
CA PRO F 3244 -11.49 117.31 -95.31
C PRO F 3244 -10.02 117.04 -95.00
N VAL F 3245 -9.33 118.11 -94.64
CA VAL F 3245 -7.94 117.98 -94.23
C VAL F 3245 -7.87 117.44 -92.80
N LEU F 3246 -6.66 117.04 -92.42
CA LEU F 3246 -6.45 116.45 -91.10
C LEU F 3246 -6.85 117.42 -90.00
N ASP F 3247 -6.46 118.70 -90.14
CA ASP F 3247 -6.79 119.69 -89.13
C ASP F 3247 -8.30 119.77 -88.90
N ARG F 3248 -9.05 119.94 -89.98
CA ARG F 3248 -10.50 120.09 -89.86
C ARG F 3248 -11.13 118.82 -89.29
N LEU F 3249 -10.67 117.65 -89.76
CA LEU F 3249 -11.25 116.40 -89.32
C LEU F 3249 -11.00 116.18 -87.82
N MET F 3250 -9.77 116.46 -87.38
CA MET F 3250 -9.41 116.26 -85.99
C MET F 3250 -10.22 117.22 -85.13
N ALA F 3251 -10.39 118.45 -85.61
CA ALA F 3251 -11.19 119.43 -84.89
C ALA F 3251 -12.65 118.98 -84.76
N ASP F 3252 -13.22 118.42 -85.83
CA ASP F 3252 -14.58 117.93 -85.75
C ASP F 3252 -14.69 116.80 -84.74
N ILE F 3253 -13.72 115.89 -84.72
CA ILE F 3253 -13.74 114.80 -83.76
C ILE F 3253 -13.71 115.35 -82.34
N GLY F 3254 -12.81 116.30 -82.08
CA GLY F 3254 -12.74 116.89 -80.75
C GLY F 3254 -14.01 117.60 -80.35
N GLY F 3255 -14.62 118.32 -81.30
CA GLY F 3255 -15.86 119.01 -81.03
C GLY F 3255 -16.99 118.05 -80.67
N LEU F 3256 -17.11 116.96 -81.43
CA LEU F 3256 -18.12 115.96 -81.09
C LEU F 3256 -17.86 115.36 -79.72
N ALA F 3257 -16.60 115.03 -79.43
CA ALA F 3257 -16.29 114.41 -78.13
C ALA F 3257 -16.64 115.35 -76.98
N GLU F 3258 -16.25 116.62 -77.08
CA GLU F 3258 -16.55 117.55 -76.01
C GLU F 3258 -18.05 117.84 -75.92
N SER F 3259 -18.75 117.78 -77.06
CA SER F 3259 -20.19 117.98 -77.05
C SER F 3259 -20.90 116.82 -76.36
N GLY F 3260 -20.34 115.62 -76.46
CA GLY F 3260 -20.99 114.44 -75.92
C GLY F 3260 -21.85 113.72 -76.92
N ALA F 3261 -21.57 113.86 -78.21
CA ALA F 3261 -22.40 113.24 -79.24
C ALA F 3261 -22.42 111.73 -79.06
N ARG F 3262 -23.60 111.15 -79.21
CA ARG F 3262 -23.74 109.70 -79.16
C ARG F 3262 -23.38 109.10 -80.52
N TYR F 3263 -23.40 107.77 -80.58
CA TYR F 3263 -23.05 107.09 -81.82
C TYR F 3263 -23.99 107.48 -82.96
N THR F 3264 -25.25 107.78 -82.63
CA THR F 3264 -26.24 108.08 -83.67
C THR F 3264 -25.93 109.40 -84.36
N GLU F 3265 -25.37 110.36 -83.63
CA GLU F 3265 -25.06 111.66 -84.23
C GLU F 3265 -23.86 111.59 -85.15
N MET F 3266 -22.89 110.73 -84.81
CA MET F 3266 -21.61 110.65 -85.52
C MET F 3266 -21.27 109.19 -85.81
N PRO F 3267 -22.19 108.47 -86.46
CA PRO F 3267 -21.91 107.07 -86.81
C PRO F 3267 -20.92 106.93 -87.96
N HIS F 3268 -20.98 107.83 -88.94
CA HIS F 3268 -20.01 107.80 -90.03
C HIS F 3268 -18.59 107.83 -89.49
N VAL F 3269 -18.33 108.74 -88.55
CA VAL F 3269 -17.01 108.86 -87.95
C VAL F 3269 -16.56 107.53 -87.39
N ILE F 3270 -17.29 107.02 -86.39
CA ILE F 3270 -16.83 105.86 -85.63
C ILE F 3270 -16.52 104.69 -86.56
N GLU F 3271 -17.37 104.46 -87.55
CA GLU F 3271 -17.27 103.26 -88.35
C GLU F 3271 -16.34 103.41 -89.55
N ILE F 3272 -16.08 104.62 -90.03
CA ILE F 3272 -15.35 104.81 -91.27
C ILE F 3272 -14.14 105.70 -91.07
N THR F 3273 -14.36 106.88 -90.47
CA THR F 3273 -13.30 107.89 -90.43
C THR F 3273 -12.18 107.49 -89.48
N LEU F 3274 -12.52 107.26 -88.21
CA LEU F 3274 -11.51 107.03 -87.19
C LEU F 3274 -10.60 105.85 -87.54
N PRO F 3275 -11.11 104.73 -88.02
CA PRO F 3275 -10.21 103.65 -88.46
C PRO F 3275 -9.22 104.11 -89.51
N MET F 3276 -9.68 104.99 -90.41
CA MET F 3276 -8.78 105.49 -91.45
C MET F 3276 -7.66 106.32 -90.86
N LEU F 3277 -7.97 107.18 -89.89
CA LEU F 3277 -6.93 107.94 -89.21
C LEU F 3277 -5.99 107.05 -88.43
N CYS F 3278 -6.52 106.01 -87.77
CA CYS F 3278 -5.69 105.11 -86.99
C CYS F 3278 -4.65 104.43 -87.85
N SER F 3279 -4.92 104.33 -89.16
CA SER F 3279 -3.96 103.77 -90.10
C SER F 3279 -3.13 104.83 -90.81
N TYR F 3280 -3.65 106.05 -90.90
CA TYR F 3280 -2.94 107.15 -91.56
C TYR F 3280 -1.86 107.74 -90.67
N LEU F 3281 -2.21 108.11 -89.45
CA LEU F 3281 -1.35 108.89 -88.57
C LEU F 3281 -0.03 108.18 -88.26
N PRO F 3282 -0.02 106.88 -87.98
CA PRO F 3282 1.26 106.20 -87.69
C PRO F 3282 2.20 106.16 -88.88
N ARG F 3283 1.65 105.76 -90.02
CA ARG F 3283 2.45 105.61 -91.23
C ARG F 3283 3.13 106.93 -91.60
N TRP F 3284 2.45 108.05 -91.35
CA TRP F 3284 3.00 109.36 -91.68
C TRP F 3284 3.76 109.98 -90.53
N TRP F 3285 3.55 109.51 -89.30
CA TRP F 3285 4.45 109.86 -88.21
C TRP F 3285 5.83 109.28 -88.45
N GLU F 3286 5.88 108.09 -89.05
CA GLU F 3286 7.17 107.49 -89.39
C GLU F 3286 7.94 108.34 -90.39
N ARG F 3287 7.24 108.94 -91.36
CA ARG F 3287 7.88 109.69 -92.42
C ARG F 3287 7.98 111.18 -92.12
N GLY F 3288 7.33 111.67 -91.08
CA GLY F 3288 7.35 113.06 -90.75
C GLY F 3288 8.34 113.38 -89.66
N PRO F 3289 8.33 114.62 -89.17
CA PRO F 3289 9.17 114.96 -88.02
C PRO F 3289 8.73 114.20 -86.78
N GLU F 3290 9.67 114.07 -85.84
CA GLU F 3290 9.65 113.14 -84.70
C GLU F 3290 10.06 111.75 -85.15
N ALA F 3291 10.29 111.54 -86.45
CA ALA F 3291 10.77 110.24 -86.90
C ALA F 3291 12.25 110.09 -86.60
N PRO F 3292 12.75 108.86 -86.49
CA PRO F 3292 14.19 108.67 -86.33
C PRO F 3292 14.92 109.17 -87.56
N PRO F 3293 15.64 110.29 -87.47
CA PRO F 3293 16.28 110.86 -88.65
C PRO F 3293 17.68 110.31 -88.85
N PRO F 3294 17.94 109.62 -89.96
CA PRO F 3294 19.33 109.46 -90.39
C PRO F 3294 19.80 110.76 -91.03
N ALA F 3295 21.11 111.00 -90.98
CA ALA F 3295 21.65 112.31 -91.33
C ALA F 3295 21.14 112.82 -92.67
N LEU F 3296 21.51 112.15 -93.76
CA LEU F 3296 21.13 112.60 -95.10
C LEU F 3296 19.64 112.50 -95.35
N PRO F 3297 18.96 111.39 -95.06
CA PRO F 3297 17.51 111.35 -95.28
C PRO F 3297 16.77 112.48 -94.57
N ALA F 3298 17.19 112.82 -93.36
CA ALA F 3298 16.57 113.91 -92.62
C ALA F 3298 16.89 115.25 -93.27
N GLY F 3299 18.15 115.47 -93.63
CA GLY F 3299 18.52 116.67 -94.35
C GLY F 3299 18.66 116.44 -95.84
N ALA F 3300 17.60 116.76 -96.59
CA ALA F 3300 17.62 116.70 -98.04
C ALA F 3300 16.20 116.96 -98.58
N PRO F 3301 15.26 116.03 -98.47
CA PRO F 3301 13.89 116.35 -98.89
C PRO F 3301 13.06 116.78 -97.69
N PRO F 3302 12.23 117.81 -97.84
CA PRO F 3302 11.30 118.17 -96.76
C PRO F 3302 10.28 117.06 -96.53
N PRO F 3303 9.82 116.86 -95.30
CA PRO F 3303 8.78 115.86 -95.07
C PRO F 3303 7.44 116.30 -95.61
N CYS F 3304 6.80 115.41 -96.37
CA CYS F 3304 5.49 115.71 -96.92
C CYS F 3304 4.45 115.90 -95.81
N THR F 3305 4.47 115.01 -94.82
CA THR F 3305 3.49 115.06 -93.75
C THR F 3305 3.98 115.95 -92.61
N ALA F 3306 3.06 116.29 -91.71
CA ALA F 3306 3.35 117.07 -90.52
C ALA F 3306 2.92 116.35 -89.24
N VAL F 3307 2.73 115.03 -89.31
CA VAL F 3307 2.16 114.30 -88.17
C VAL F 3307 3.20 114.22 -87.06
N THR F 3308 2.73 114.45 -85.83
CA THR F 3308 3.53 114.33 -84.63
C THR F 3308 2.78 113.48 -83.62
N SER F 3309 3.41 113.22 -82.48
CA SER F 3309 2.78 112.42 -81.43
C SER F 3309 1.58 113.15 -80.83
N ASP F 3310 1.56 114.47 -80.94
CA ASP F 3310 0.44 115.23 -80.38
C ASP F 3310 -0.86 114.91 -81.10
N HIS F 3311 -0.81 114.75 -82.42
CA HIS F 3311 -1.99 114.35 -83.17
C HIS F 3311 -2.55 113.04 -82.63
N LEU F 3312 -1.68 112.04 -82.46
CA LEU F 3312 -2.13 110.73 -82.02
C LEU F 3312 -2.67 110.79 -80.60
N ASN F 3313 -2.01 111.53 -79.72
CA ASN F 3313 -2.48 111.66 -78.35
C ASN F 3313 -3.85 112.32 -78.29
N SER F 3314 -4.04 113.38 -79.10
CA SER F 3314 -5.33 114.05 -79.14
C SER F 3314 -6.42 113.11 -79.65
N LEU F 3315 -6.11 112.35 -80.69
CA LEU F 3315 -7.07 111.41 -81.23
C LEU F 3315 -7.45 110.36 -80.19
N LEU F 3316 -6.46 109.84 -79.47
CA LEU F 3316 -6.73 108.84 -78.45
C LEU F 3316 -7.60 109.41 -77.34
N GLY F 3317 -7.29 110.63 -76.89
CA GLY F 3317 -8.11 111.26 -75.87
C GLY F 3317 -9.55 111.46 -76.32
N ASN F 3318 -9.72 111.90 -77.57
CA ASN F 3318 -11.06 112.10 -78.10
C ASN F 3318 -11.81 110.77 -78.21
N ILE F 3319 -11.11 109.71 -78.60
CA ILE F 3319 -11.74 108.39 -78.68
C ILE F 3319 -12.20 107.94 -77.31
N LEU F 3320 -11.36 108.13 -76.30
CA LEU F 3320 -11.73 107.75 -74.94
C LEU F 3320 -12.93 108.56 -74.48
N ARG F 3321 -12.95 109.85 -74.82
CA ARG F 3321 -14.08 110.70 -74.48
C ARG F 3321 -15.36 110.20 -75.13
N ILE F 3322 -15.27 109.78 -76.40
CA ILE F 3322 -16.43 109.23 -77.10
C ILE F 3322 -16.93 107.98 -76.39
N ILE F 3323 -16.01 107.09 -76.02
CA ILE F 3323 -16.43 105.85 -75.36
C ILE F 3323 -17.13 106.16 -74.03
N VAL F 3324 -16.56 107.07 -73.24
CA VAL F 3324 -17.19 107.38 -71.96
C VAL F 3324 -18.56 108.02 -72.17
N ASN F 3325 -18.69 108.85 -73.21
CA ASN F 3325 -20.00 109.44 -73.51
C ASN F 3325 -21.01 108.36 -73.90
N ASN F 3326 -20.55 107.33 -74.62
CA ASN F 3326 -21.41 106.21 -75.01
C ASN F 3326 -21.17 104.99 -74.12
N LEU F 3327 -20.90 105.22 -72.84
CA LEU F 3327 -20.44 104.12 -71.98
C LEU F 3327 -21.59 103.22 -71.54
N GLY F 3328 -22.70 103.81 -71.10
CA GLY F 3328 -23.75 103.01 -70.47
C GLY F 3328 -24.70 102.37 -71.47
N ILE F 3329 -24.73 102.87 -72.70
CA ILE F 3329 -25.73 102.45 -73.69
C ILE F 3329 -25.74 100.93 -73.83
N ASP F 3330 -26.93 100.38 -74.09
CA ASP F 3330 -27.08 98.93 -74.19
C ASP F 3330 -26.38 98.38 -75.42
N GLU F 3331 -26.46 99.08 -76.55
CA GLU F 3331 -25.96 98.60 -77.83
C GLU F 3331 -24.79 99.48 -78.27
N ALA F 3332 -23.58 98.94 -78.17
CA ALA F 3332 -22.38 99.64 -78.58
C ALA F 3332 -21.45 98.69 -79.33
N THR F 3333 -22.02 97.98 -80.31
CA THR F 3333 -21.26 97.00 -81.07
C THR F 3333 -20.01 97.58 -81.72
N TRP F 3334 -19.96 98.91 -81.88
CA TRP F 3334 -18.83 99.54 -82.57
C TRP F 3334 -17.58 99.57 -81.71
N MET F 3335 -17.71 99.37 -80.40
CA MET F 3335 -16.58 99.52 -79.49
C MET F 3335 -15.46 98.52 -79.78
N LYS F 3336 -15.82 97.28 -80.07
CA LYS F 3336 -14.80 96.26 -80.30
C LYS F 3336 -13.91 96.63 -81.48
N ARG F 3337 -14.52 97.18 -82.53
CA ARG F 3337 -13.76 97.58 -83.71
C ARG F 3337 -12.96 98.85 -83.44
N LEU F 3338 -13.56 99.79 -82.71
CA LEU F 3338 -12.85 101.03 -82.41
C LEU F 3338 -11.59 100.74 -81.60
N ALA F 3339 -11.67 99.77 -80.69
CA ALA F 3339 -10.49 99.42 -79.89
C ALA F 3339 -9.38 98.84 -80.75
N VAL F 3340 -9.71 97.90 -81.63
CA VAL F 3340 -8.69 97.27 -82.45
C VAL F 3340 -8.04 98.30 -83.37
N PHE F 3341 -8.83 99.26 -83.85
CA PHE F 3341 -8.25 100.30 -84.70
C PHE F 3341 -7.40 101.28 -83.89
N ALA F 3342 -7.82 101.58 -82.66
CA ALA F 3342 -7.14 102.60 -81.88
C ALA F 3342 -5.87 102.08 -81.21
N GLN F 3343 -5.73 100.77 -81.09
CA GLN F 3343 -4.60 100.21 -80.37
C GLN F 3343 -3.25 100.74 -80.89
N PRO F 3344 -3.02 100.73 -82.21
CA PRO F 3344 -1.70 101.15 -82.72
C PRO F 3344 -1.21 102.51 -82.23
N ILE F 3345 -2.11 103.50 -82.17
CA ILE F 3345 -1.70 104.87 -81.88
C ILE F 3345 -1.45 105.11 -80.40
N VAL F 3346 -1.64 104.10 -79.54
CA VAL F 3346 -1.47 104.28 -78.11
C VAL F 3346 0.00 104.32 -77.72
N SER F 3347 0.90 103.82 -78.56
CA SER F 3347 2.31 103.82 -78.23
C SER F 3347 2.84 105.24 -78.08
N ARG F 3348 2.40 106.15 -78.95
CA ARG F 3348 2.85 107.54 -78.87
C ARG F 3348 2.22 108.28 -77.71
N ALA F 3349 1.26 107.65 -77.02
CA ALA F 3349 0.51 108.29 -75.95
C ALA F 3349 1.43 108.90 -74.90
N ARG F 3350 1.11 110.10 -74.45
CA ARG F 3350 1.93 110.80 -73.48
C ARG F 3350 1.54 110.42 -72.06
N PRO F 3351 2.43 110.64 -71.08
CA PRO F 3351 2.10 110.29 -69.69
C PRO F 3351 0.87 110.98 -69.16
N GLU F 3352 0.64 112.24 -69.55
CA GLU F 3352 -0.48 113.01 -68.99
C GLU F 3352 -1.81 112.36 -69.29
N LEU F 3353 -1.88 111.53 -70.33
CA LEU F 3353 -3.13 110.90 -70.69
C LEU F 3353 -3.69 110.09 -69.54
N LEU F 3354 -2.81 109.46 -68.73
CA LEU F 3354 -3.26 108.73 -67.56
C LEU F 3354 -4.21 109.58 -66.72
N HIS F 3355 -3.69 110.65 -66.14
CA HIS F 3355 -4.51 111.50 -65.27
C HIS F 3355 -5.68 112.11 -66.02
N SER F 3356 -5.45 112.56 -67.26
CA SER F 3356 -6.48 113.29 -67.98
C SER F 3356 -7.71 112.42 -68.23
N HIS F 3357 -7.49 111.19 -68.70
CA HIS F 3357 -8.58 110.37 -69.22
C HIS F 3357 -8.73 109.05 -68.46
N PHE F 3358 -7.64 108.32 -68.24
CA PHE F 3358 -7.74 106.91 -67.87
C PHE F 3358 -8.31 106.75 -66.46
N ILE F 3359 -7.82 107.56 -65.51
CA ILE F 3359 -8.28 107.41 -64.13
C ILE F 3359 -9.78 107.61 -64.01
N PRO F 3360 -10.37 108.71 -64.52
CA PRO F 3360 -11.83 108.86 -64.40
C PRO F 3360 -12.62 107.73 -65.05
N THR F 3361 -12.17 107.25 -66.20
CA THR F 3361 -12.90 106.18 -66.89
C THR F 3361 -12.98 104.94 -66.03
N ILE F 3362 -11.83 104.47 -65.56
CA ILE F 3362 -11.78 103.26 -64.76
C ILE F 3362 -12.49 103.49 -63.42
N GLY F 3363 -12.45 104.71 -62.89
CA GLY F 3363 -13.16 105.00 -61.67
C GLY F 3363 -14.67 104.88 -61.83
N ARG F 3364 -15.21 105.47 -62.89
CA ARG F 3364 -16.65 105.34 -63.15
C ARG F 3364 -17.02 103.88 -63.36
N LEU F 3365 -16.21 103.15 -64.12
CA LEU F 3365 -16.53 101.76 -64.44
C LEU F 3365 -16.47 100.89 -63.19
N ARG F 3366 -15.46 101.13 -62.34
CA ARG F 3366 -15.35 100.46 -61.05
C ARG F 3366 -16.55 100.75 -60.16
N LYS F 3367 -17.00 102.01 -60.14
CA LYS F 3367 -18.16 102.36 -59.33
C LYS F 3367 -19.40 101.63 -59.82
N ARG F 3368 -19.59 101.56 -61.14
CA ARG F 3368 -20.72 100.83 -61.68
C ARG F 3368 -20.66 99.36 -61.29
N ALA F 3369 -19.47 98.76 -61.38
CA ALA F 3369 -19.32 97.37 -60.96
C ALA F 3369 -19.68 97.19 -59.49
N GLY F 3370 -19.25 98.12 -58.65
CA GLY F 3370 -19.59 98.04 -57.24
C GLY F 3370 -21.09 98.09 -57.00
N LYS F 3371 -21.78 99.00 -57.69
CA LYS F 3371 -23.23 99.08 -57.55
C LYS F 3371 -23.90 97.78 -58.00
N VAL F 3372 -23.44 97.22 -59.12
CA VAL F 3372 -24.09 96.03 -59.64
C VAL F 3372 -23.88 94.86 -58.70
N VAL F 3373 -22.67 94.73 -58.14
CA VAL F 3373 -22.43 93.63 -57.21
C VAL F 3373 -23.21 93.85 -55.92
N ALA F 3374 -23.42 95.11 -55.51
CA ALA F 3374 -24.28 95.36 -54.36
C ALA F 3374 -25.71 94.89 -54.63
N GLU F 3375 -26.21 95.16 -55.84
CA GLU F 3375 -27.54 94.67 -56.20
C GLU F 3375 -27.58 93.15 -56.20
N GLU F 3376 -26.49 92.52 -56.67
CA GLU F 3376 -26.41 91.06 -56.63
C GLU F 3376 -26.47 90.55 -55.19
N GLU F 3377 -25.74 91.19 -54.29
CA GLU F 3377 -25.75 90.78 -52.89
C GLU F 3377 -27.15 90.93 -52.30
N GLN F 3378 -27.84 92.01 -52.65
CA GLN F 3378 -29.21 92.20 -52.16
C GLN F 3378 -30.14 91.12 -52.70
N LEU F 3379 -30.01 90.80 -53.99
CA LEU F 3379 -30.86 89.77 -54.59
C LEU F 3379 -30.59 88.40 -53.99
N ARG F 3380 -29.36 88.14 -53.54
CA ARG F 3380 -29.06 86.91 -52.82
C ARG F 3380 -29.55 86.96 -51.37
N LEU F 3381 -29.51 88.14 -50.76
CA LEU F 3381 -30.05 88.35 -49.41
C LEU F 3381 -31.52 87.97 -49.40
N GLU F 3382 -32.26 88.37 -50.43
CA GLU F 3382 -33.67 88.05 -50.53
C GLU F 3382 -33.85 87.00 -51.64
N ALA F 3383 -34.19 85.78 -51.25
CA ALA F 3383 -34.19 84.64 -52.15
C ALA F 3383 -35.60 84.08 -52.31
N LYS F 3384 -36.25 84.46 -53.40
CA LYS F 3384 -37.61 84.03 -53.72
C LYS F 3384 -37.64 83.61 -55.18
N ALA F 3385 -38.84 83.29 -55.68
CA ALA F 3385 -39.02 83.23 -57.11
C ALA F 3385 -38.74 84.59 -57.74
N GLU F 3386 -38.95 85.66 -56.98
CA GLU F 3386 -38.55 86.99 -57.43
C GLU F 3386 -37.05 87.05 -57.70
N ALA F 3387 -36.26 86.26 -56.96
CA ALA F 3387 -34.81 86.29 -57.14
C ALA F 3387 -34.43 85.94 -58.57
N GLU F 3388 -35.22 85.09 -59.24
CA GLU F 3388 -35.03 84.89 -60.66
C GLU F 3388 -35.17 86.21 -61.41
N GLU F 3389 -36.14 87.03 -61.00
CA GLU F 3389 -36.23 88.39 -61.50
C GLU F 3389 -35.18 89.27 -60.84
N GLY F 3390 -34.75 90.30 -61.57
CA GLY F 3390 -33.64 91.12 -61.14
C GLY F 3390 -32.29 90.51 -61.45
N GLU F 3391 -32.21 89.18 -61.42
CA GLU F 3391 -30.99 88.50 -61.87
C GLU F 3391 -30.76 88.73 -63.36
N LEU F 3392 -31.82 88.66 -64.16
CA LEU F 3392 -31.72 89.04 -65.56
C LEU F 3392 -31.18 90.47 -65.69
N LEU F 3393 -31.68 91.37 -64.84
CA LEU F 3393 -31.26 92.77 -64.90
C LEU F 3393 -29.77 92.91 -64.60
N VAL F 3394 -29.31 92.25 -63.53
CA VAL F 3394 -27.90 92.39 -63.15
C VAL F 3394 -27.00 91.72 -64.18
N ARG F 3395 -27.45 90.63 -64.80
CA ARG F 3395 -26.69 90.03 -65.87
C ARG F 3395 -26.61 90.96 -67.08
N ASP F 3396 -27.68 91.68 -67.39
CA ASP F 3396 -27.62 92.67 -68.46
C ASP F 3396 -26.60 93.76 -68.13
N GLU F 3397 -26.61 94.23 -66.87
CA GLU F 3397 -25.63 95.23 -66.45
C GLU F 3397 -24.21 94.69 -66.58
N PHE F 3398 -23.98 93.45 -66.16
CA PHE F 3398 -22.67 92.83 -66.33
C PHE F 3398 -22.28 92.75 -67.80
N SER F 3399 -23.21 92.40 -68.69
CA SER F 3399 -22.88 92.28 -70.09
C SER F 3399 -22.43 93.61 -70.67
N VAL F 3400 -23.22 94.67 -70.42
CA VAL F 3400 -22.85 95.99 -70.94
C VAL F 3400 -21.55 96.47 -70.30
N LEU F 3401 -21.38 96.20 -69.01
CA LEU F 3401 -20.17 96.61 -68.30
C LEU F 3401 -18.94 95.93 -68.90
N CYS F 3402 -19.02 94.60 -69.09
CA CYS F 3402 -17.91 93.86 -69.69
C CYS F 3402 -17.64 94.31 -71.11
N ARG F 3403 -18.67 94.72 -71.85
CA ARG F 3403 -18.43 95.28 -73.17
C ARG F 3403 -17.59 96.55 -73.07
N ASP F 3404 -17.96 97.45 -72.14
CA ASP F 3404 -17.16 98.65 -71.95
C ASP F 3404 -15.74 98.31 -71.53
N LEU F 3405 -15.59 97.33 -70.64
CA LEU F 3405 -14.25 96.92 -70.19
C LEU F 3405 -13.41 96.40 -71.34
N TYR F 3406 -13.97 95.49 -72.14
CA TYR F 3406 -13.19 94.91 -73.23
C TYR F 3406 -12.95 95.92 -74.33
N ALA F 3407 -13.69 97.04 -74.32
CA ALA F 3407 -13.36 98.16 -75.19
C ALA F 3407 -12.18 98.96 -74.64
N LEU F 3408 -12.18 99.27 -73.35
CA LEU F 3408 -11.23 100.22 -72.80
C LEU F 3408 -9.90 99.55 -72.45
N TYR F 3409 -9.94 98.42 -71.76
CA TYR F 3409 -8.71 97.78 -71.29
C TYR F 3409 -7.68 97.56 -72.38
N PRO F 3410 -8.03 97.01 -73.56
CA PRO F 3410 -6.97 96.69 -74.54
C PRO F 3410 -6.07 97.87 -74.86
N LEU F 3411 -6.60 99.09 -74.78
CA LEU F 3411 -5.78 100.28 -74.95
C LEU F 3411 -4.90 100.51 -73.73
N LEU F 3412 -5.46 100.33 -72.53
CA LEU F 3412 -4.71 100.55 -71.31
C LEU F 3412 -3.52 99.61 -71.20
N ILE F 3413 -3.71 98.35 -71.59
CA ILE F 3413 -2.63 97.37 -71.54
C ILE F 3413 -1.42 97.89 -72.30
N ARG F 3414 -1.64 98.43 -73.48
CA ARG F 3414 -0.54 98.97 -74.28
C ARG F 3414 0.10 100.17 -73.61
N TYR F 3415 -0.73 101.03 -73.02
CA TYR F 3415 -0.21 102.20 -72.30
C TYR F 3415 0.65 101.77 -71.13
N VAL F 3416 0.21 100.74 -70.40
CA VAL F 3416 1.00 100.24 -69.27
C VAL F 3416 2.32 99.67 -69.76
N ASP F 3417 2.27 98.83 -70.81
CA ASP F 3417 3.48 98.21 -71.32
C ASP F 3417 4.51 99.23 -71.77
N ASN F 3418 4.07 100.44 -72.08
CA ASN F 3418 4.95 101.50 -72.56
C ASN F 3418 5.29 102.53 -71.48
N ASN F 3419 4.73 102.39 -70.29
CA ASN F 3419 5.00 103.30 -69.19
C ASN F 3419 5.28 102.57 -67.88
N ARG F 3420 5.25 101.24 -67.87
CA ARG F 3420 5.54 100.49 -66.66
C ARG F 3420 6.95 100.75 -66.17
N ALA F 3421 7.92 100.81 -67.09
CA ALA F 3421 9.30 101.02 -66.69
C ALA F 3421 9.45 102.34 -65.93
N HIS F 3422 8.85 103.41 -66.44
CA HIS F 3422 8.94 104.70 -65.75
CA HIS F 3422 8.96 104.70 -65.74
C HIS F 3422 8.14 104.68 -64.46
N TRP F 3423 6.95 104.11 -64.48
CA TRP F 3423 6.14 104.06 -63.26
C TRP F 3423 6.86 103.31 -62.16
N LEU F 3424 7.71 102.35 -62.51
CA LEU F 3424 8.47 101.58 -61.53
C LEU F 3424 9.76 102.28 -61.13
N THR F 3425 10.44 102.94 -62.06
CA THR F 3425 11.65 103.68 -61.74
C THR F 3425 11.32 104.88 -60.87
N GLU F 3426 10.51 105.81 -61.38
CA GLU F 3426 9.99 106.91 -60.60
C GLU F 3426 8.56 106.57 -60.18
N PRO F 3427 8.30 106.27 -58.92
CA PRO F 3427 6.94 105.85 -58.53
C PRO F 3427 5.90 106.90 -58.87
N ASN F 3428 4.72 106.44 -59.27
CA ASN F 3428 3.64 107.31 -59.70
C ASN F 3428 2.38 107.02 -58.90
N ALA F 3429 1.90 108.02 -58.17
CA ALA F 3429 0.70 107.86 -57.35
C ALA F 3429 -0.52 107.56 -58.22
N ASN F 3430 -0.60 108.18 -59.39
CA ASN F 3430 -1.69 107.88 -60.31
C ASN F 3430 -1.64 106.42 -60.76
N ALA F 3431 -0.44 105.91 -61.03
CA ALA F 3431 -0.30 104.50 -61.38
C ALA F 3431 -0.75 103.61 -60.23
N GLU F 3432 -0.40 103.98 -59.00
CA GLU F 3432 -0.85 103.20 -57.83
C GLU F 3432 -2.37 103.23 -57.72
N GLU F 3433 -2.98 104.38 -57.94
CA GLU F 3433 -4.44 104.47 -57.87
C GLU F 3433 -5.09 103.61 -58.95
N LEU F 3434 -4.52 103.63 -60.15
CA LEU F 3434 -5.02 102.77 -61.22
C LEU F 3434 -4.87 101.29 -60.85
N PHE F 3435 -3.77 100.95 -60.19
CA PHE F 3435 -3.62 99.58 -59.68
C PHE F 3435 -4.74 99.24 -58.71
N ARG F 3436 -5.06 100.17 -57.80
CA ARG F 3436 -6.15 99.93 -56.85
C ARG F 3436 -7.47 99.72 -57.60
N MET F 3437 -7.71 100.51 -58.63
CA MET F 3437 -8.94 100.38 -59.41
C MET F 3437 -9.04 99.00 -60.04
N VAL F 3438 -7.99 98.59 -60.77
CA VAL F 3438 -8.00 97.30 -61.44
C VAL F 3438 -8.10 96.17 -60.41
N GLY F 3439 -7.48 96.36 -59.24
CA GLY F 3439 -7.58 95.34 -58.21
C GLY F 3439 -8.98 95.19 -57.69
N GLU F 3440 -9.68 96.30 -57.46
CA GLU F 3440 -11.07 96.23 -57.02
C GLU F 3440 -11.92 95.55 -58.06
N ILE F 3441 -11.71 95.89 -59.34
CA ILE F 3441 -12.51 95.29 -60.41
C ILE F 3441 -12.25 93.79 -60.49
N PHE F 3442 -10.98 93.39 -60.38
CA PHE F 3442 -10.64 91.97 -60.42
C PHE F 3442 -11.22 91.23 -59.22
N ILE F 3443 -11.23 91.89 -58.06
CA ILE F 3443 -11.82 91.27 -56.87
C ILE F 3443 -13.30 91.03 -57.08
N TYR F 3444 -14.01 92.03 -57.61
CA TYR F 3444 -15.42 91.84 -57.92
C TYR F 3444 -15.59 90.70 -58.92
N TRP F 3445 -14.72 90.64 -59.93
CA TRP F 3445 -14.78 89.58 -60.93
C TRP F 3445 -14.63 88.21 -60.29
N SER F 3446 -13.64 88.05 -59.41
CA SER F 3446 -13.41 86.76 -58.77
C SER F 3446 -14.58 86.39 -57.86
N LYS F 3447 -15.16 87.39 -57.18
CA LYS F 3447 -16.22 87.11 -56.23
C LYS F 3447 -17.54 86.77 -56.91
N SER F 3448 -17.86 87.42 -58.03
CA SER F 3448 -19.17 87.30 -58.66
C SER F 3448 -19.17 86.16 -59.68
N HIS F 3449 -20.14 85.26 -59.55
CA HIS F 3449 -20.31 84.21 -60.55
C HIS F 3449 -20.88 84.77 -61.85
N ASN F 3450 -21.87 85.67 -61.74
CA ASN F 3450 -22.55 86.19 -62.92
C ASN F 3450 -21.61 87.04 -63.77
N PHE F 3451 -20.76 87.83 -63.12
CA PHE F 3451 -19.84 88.71 -63.83
C PHE F 3451 -18.93 87.90 -64.75
N LYS F 3452 -18.35 86.83 -64.21
CA LYS F 3452 -17.45 85.99 -65.00
C LYS F 3452 -18.16 85.35 -66.19
N ARG F 3453 -19.34 84.79 -65.96
CA ARG F 3453 -20.04 84.07 -67.02
C ARG F 3453 -20.48 85.03 -68.12
N GLU F 3454 -20.92 86.24 -67.74
CA GLU F 3454 -21.27 87.22 -68.76
C GLU F 3454 -20.05 87.69 -69.53
N GLU F 3455 -18.90 87.80 -68.84
CA GLU F 3455 -17.67 88.11 -69.56
C GLU F 3455 -17.39 87.05 -70.62
N GLN F 3456 -17.44 85.78 -70.22
CA GLN F 3456 -17.23 84.68 -71.16
C GLN F 3456 -18.23 84.73 -72.31
N ASN F 3457 -19.49 84.98 -72.01
CA ASN F 3457 -20.53 85.02 -73.03
C ASN F 3457 -20.26 86.14 -74.04
N PHE F 3458 -19.98 87.34 -73.52
CA PHE F 3458 -19.61 88.45 -74.39
C PHE F 3458 -18.47 88.04 -75.32
N VAL F 3459 -17.42 87.48 -74.75
CA VAL F 3459 -16.23 87.16 -75.55
C VAL F 3459 -16.57 86.16 -76.64
N VAL F 3460 -17.30 85.10 -76.28
CA VAL F 3460 -17.54 84.03 -77.25
C VAL F 3460 -18.49 84.49 -78.34
N GLN F 3461 -19.57 85.19 -77.98
CA GLN F 3461 -20.49 85.66 -79.00
C GLN F 3461 -19.85 86.70 -79.92
N ASN F 3462 -19.04 87.61 -79.35
CA ASN F 3462 -18.44 88.67 -80.13
C ASN F 3462 -17.12 88.27 -80.77
N GLU F 3463 -16.66 87.04 -80.57
CA GLU F 3463 -15.47 86.52 -81.24
C GLU F 3463 -14.25 87.40 -80.94
N ILE F 3464 -14.15 87.86 -79.69
CA ILE F 3464 -12.99 88.63 -79.28
C ILE F 3464 -11.79 87.71 -79.13
N ASN F 3465 -10.66 88.11 -79.72
CA ASN F 3465 -9.49 87.25 -79.72
C ASN F 3465 -8.81 87.23 -78.36
N ASN F 3466 -8.49 88.41 -77.84
CA ASN F 3466 -7.80 88.65 -76.57
C ASN F 3466 -6.33 88.25 -76.64
N MET F 3467 -6.02 87.28 -77.48
CA MET F 3467 -4.64 86.82 -77.58
C MET F 3467 -3.98 87.75 -78.57
N SER F 3468 -4.80 88.31 -79.48
CA SER F 3468 -4.34 89.37 -80.36
C SER F 3468 -3.98 90.61 -79.55
N PHE F 3469 -4.90 91.06 -78.69
CA PHE F 3469 -4.60 92.23 -77.85
C PHE F 3469 -3.35 92.02 -77.04
N LEU F 3470 -3.16 90.84 -76.47
CA LEU F 3470 -2.01 90.62 -75.60
C LEU F 3470 -0.70 90.48 -76.38
N THR F 3471 -0.73 89.87 -77.56
CA THR F 3471 0.49 89.58 -78.32
C THR F 3471 0.67 90.49 -79.52
N ALA F 3472 -0.05 91.61 -79.58
CA ALA F 3472 -0.07 92.41 -80.80
C ALA F 3472 1.29 93.02 -81.10
N ASP F 3473 2.06 93.35 -80.05
CA ASP F 3473 3.35 93.99 -80.29
C ASP F 3473 4.22 93.19 -81.24
N SER F 3474 4.44 91.91 -80.92
CA SER F 3474 5.17 91.05 -81.84
C SER F 3474 4.45 90.90 -83.17
N LYS F 3475 3.12 90.76 -83.14
CA LYS F 3475 2.34 90.64 -84.36
C LYS F 3475 2.39 91.92 -85.18
N SER F 3476 2.09 93.05 -84.55
CA SER F 3476 2.18 94.34 -85.23
C SER F 3476 3.55 94.52 -85.87
N LYS F 3477 4.59 94.03 -85.20
CA LYS F 3477 5.93 94.20 -85.73
C LYS F 3477 6.24 93.17 -86.81
N MET F 3478 5.43 92.10 -86.88
CA MET F 3478 5.38 91.16 -88.01
C MET F 3478 6.69 90.40 -88.23
N ALA F 3479 7.70 90.66 -87.40
CA ALA F 3479 9.05 90.16 -87.65
C ALA F 3479 9.24 88.90 -88.51
N ARG F 3498 -11.96 74.99 -79.56
CA ARG F 3498 -12.55 74.65 -78.27
C ARG F 3498 -12.94 75.93 -77.56
N ARG F 3499 -14.01 75.85 -76.74
CA ARG F 3499 -14.42 77.01 -75.96
C ARG F 3499 -13.28 77.51 -75.07
N GLY F 3500 -12.45 76.58 -74.57
CA GLY F 3500 -11.32 76.98 -73.76
C GLY F 3500 -10.29 77.76 -74.55
N ASP F 3501 -10.06 77.38 -75.81
CA ASP F 3501 -9.16 78.16 -76.66
C ASP F 3501 -9.76 79.51 -76.99
N ARG F 3502 -11.07 79.56 -77.25
CA ARG F 3502 -11.72 80.83 -77.56
C ARG F 3502 -11.65 81.79 -76.39
N TYR F 3503 -12.04 81.32 -75.20
CA TYR F 3503 -11.96 82.10 -73.97
C TYR F 3503 -11.10 81.33 -72.99
N SER F 3504 -10.26 82.04 -72.24
CA SER F 3504 -9.58 81.44 -71.10
C SER F 3504 -9.42 82.50 -70.02
N VAL F 3505 -9.36 82.03 -68.76
CA VAL F 3505 -9.24 82.97 -67.65
C VAL F 3505 -7.94 83.76 -67.77
N GLN F 3506 -6.84 83.07 -68.08
CA GLN F 3506 -5.56 83.77 -68.20
C GLN F 3506 -5.59 84.77 -69.35
N THR F 3507 -6.29 84.43 -70.43
CA THR F 3507 -6.42 85.36 -71.56
C THR F 3507 -7.30 86.54 -71.20
N SER F 3508 -8.11 86.43 -70.15
CA SER F 3508 -9.05 87.47 -69.81
C SER F 3508 -8.33 88.79 -69.54
N LEU F 3509 -8.86 89.87 -70.10
CA LEU F 3509 -8.26 91.18 -69.93
C LEU F 3509 -8.28 91.61 -68.47
N ILE F 3510 -9.34 91.23 -67.75
CA ILE F 3510 -9.46 91.63 -66.35
C ILE F 3510 -8.27 91.13 -65.55
N VAL F 3511 -7.89 89.87 -65.75
CA VAL F 3511 -6.74 89.32 -65.04
C VAL F 3511 -5.44 89.87 -65.62
N ALA F 3512 -5.38 90.03 -66.95
CA ALA F 3512 -4.12 90.39 -67.59
C ALA F 3512 -3.68 91.79 -67.19
N THR F 3513 -4.61 92.76 -67.21
CA THR F 3513 -4.26 94.11 -66.82
C THR F 3513 -3.76 94.15 -65.38
N LEU F 3514 -4.44 93.43 -64.49
CA LEU F 3514 -4.02 93.39 -63.09
C LEU F 3514 -2.64 92.78 -62.94
N LYS F 3515 -2.37 91.67 -63.64
CA LYS F 3515 -1.05 91.07 -63.57
C LYS F 3515 0.01 92.06 -64.05
N LYS F 3516 -0.29 92.79 -65.13
CA LYS F 3516 0.66 93.73 -65.67
C LYS F 3516 0.95 94.86 -64.71
N MET F 3517 -0.06 95.36 -63.99
CA MET F 3517 0.13 96.46 -63.06
C MET F 3517 0.48 96.01 -61.65
N LEU F 3518 0.51 94.71 -61.38
CA LEU F 3518 0.87 94.21 -60.05
C LEU F 3518 2.25 94.68 -59.63
N PRO F 3519 3.27 94.67 -60.49
CA PRO F 3519 4.58 95.21 -60.09
C PRO F 3519 4.49 96.56 -59.42
N ILE F 3520 3.56 97.40 -59.87
CA ILE F 3520 3.37 98.72 -59.25
C ILE F 3520 2.98 98.54 -57.78
N GLY F 3521 2.03 97.64 -57.53
CA GLY F 3521 1.56 97.43 -56.17
C GLY F 3521 2.60 96.79 -55.28
N LEU F 3522 3.45 95.93 -55.85
CA LEU F 3522 4.52 95.34 -55.07
C LEU F 3522 5.62 96.36 -54.80
N ASN F 3523 5.86 97.26 -55.75
CA ASN F 3523 6.79 98.37 -55.51
C ASN F 3523 6.28 99.27 -54.41
N MET F 3524 4.95 99.49 -54.37
CA MET F 3524 4.37 100.17 -53.22
C MET F 3524 4.84 99.53 -51.92
N CYS F 3525 4.67 98.21 -51.82
CA CYS F 3525 5.04 97.50 -50.61
C CYS F 3525 6.55 97.44 -50.45
N ALA F 3526 7.03 97.80 -49.27
CA ALA F 3526 8.44 97.59 -48.96
C ALA F 3526 8.69 96.10 -48.67
N PRO F 3527 9.93 95.65 -48.83
CA PRO F 3527 10.20 94.21 -48.60
C PRO F 3527 9.81 93.73 -47.21
N THR F 3528 9.96 94.57 -46.19
CA THR F 3528 9.67 94.13 -44.82
C THR F 3528 8.21 93.73 -44.68
N ASP F 3529 7.32 94.32 -45.48
CA ASP F 3529 5.90 94.13 -45.33
C ASP F 3529 5.43 92.76 -45.83
N GLN F 3530 6.37 91.94 -46.31
CA GLN F 3530 6.00 90.64 -46.87
C GLN F 3530 5.36 89.73 -45.84
N ASP F 3531 5.86 89.71 -44.61
CA ASP F 3531 5.25 88.89 -43.56
C ASP F 3531 3.81 89.33 -43.29
N LEU F 3532 3.59 90.64 -43.18
CA LEU F 3532 2.24 91.15 -42.99
C LEU F 3532 1.36 90.77 -44.17
N ILE F 3533 1.92 90.77 -45.38
CA ILE F 3533 1.16 90.38 -46.56
C ILE F 3533 0.72 88.93 -46.44
N MET F 3534 1.64 88.06 -46.01
CA MET F 3534 1.30 86.65 -45.87
C MET F 3534 0.18 86.46 -44.84
N LEU F 3535 0.29 87.15 -43.71
CA LEU F 3535 -0.76 87.05 -42.70
C LEU F 3535 -2.10 87.54 -43.26
N ALA F 3536 -2.09 88.66 -43.98
CA ALA F 3536 -3.34 89.17 -44.55
C ALA F 3536 -3.92 88.21 -45.57
N LYS F 3537 -3.06 87.53 -46.34
CA LYS F 3537 -3.55 86.49 -47.24
C LYS F 3537 -4.24 85.38 -46.47
N THR F 3538 -3.64 84.95 -45.35
CA THR F 3538 -4.27 83.92 -44.54
C THR F 3538 -5.63 84.40 -44.03
N ARG F 3539 -5.71 85.65 -43.58
CA ARG F 3539 -6.97 86.19 -43.08
C ARG F 3539 -8.02 86.24 -44.18
N TYR F 3540 -7.63 86.68 -45.38
CA TYR F 3540 -8.58 86.70 -46.48
C TYR F 3540 -9.04 85.29 -46.84
N ALA F 3541 -8.16 84.31 -46.71
CA ALA F 3541 -8.58 82.91 -46.87
C ALA F 3541 -9.55 82.51 -45.75
N LEU F 3542 -9.43 83.15 -44.59
CA LEU F 3542 -10.44 82.99 -43.54
C LEU F 3542 -11.69 83.81 -43.85
N LYS F 3543 -11.63 84.60 -44.93
CA LYS F 3543 -12.77 85.37 -45.42
C LYS F 3543 -13.09 86.54 -44.51
N ASP F 3544 -12.05 87.11 -43.88
CA ASP F 3544 -12.22 88.33 -43.12
C ASP F 3544 -12.40 89.52 -44.06
N THR F 3545 -12.95 90.60 -43.53
CA THR F 3545 -13.23 91.79 -44.32
C THR F 3545 -11.99 92.68 -44.42
N ASP F 3546 -12.11 93.73 -45.25
CA ASP F 3546 -11.01 94.67 -45.40
C ASP F 3546 -10.69 95.35 -44.08
N GLU F 3547 -11.71 95.87 -43.39
CA GLU F 3547 -11.46 96.51 -42.09
C GLU F 3547 -10.92 95.51 -41.08
N GLU F 3548 -11.38 94.26 -41.15
CA GLU F 3548 -10.88 93.23 -40.24
C GLU F 3548 -9.39 93.01 -40.44
N VAL F 3549 -8.95 92.85 -41.69
CA VAL F 3549 -7.53 92.65 -41.95
C VAL F 3549 -6.75 93.90 -41.58
N ARG F 3550 -7.33 95.08 -41.78
CA ARG F 3550 -6.66 96.32 -41.42
C ARG F 3550 -6.39 96.37 -39.92
N GLU F 3551 -7.41 96.09 -39.10
CA GLU F 3551 -7.19 96.12 -37.65
C GLU F 3551 -6.27 94.99 -37.20
N PHE F 3552 -6.36 93.83 -37.86
CA PHE F 3552 -5.48 92.73 -37.53
C PHE F 3552 -4.03 93.11 -37.74
N LEU F 3553 -3.71 93.68 -38.91
CA LEU F 3553 -2.35 94.15 -39.16
C LEU F 3553 -1.97 95.33 -38.29
N GLN F 3554 -2.94 96.17 -37.89
CA GLN F 3554 -2.65 97.25 -36.97
C GLN F 3554 -2.18 96.70 -35.63
N ASN F 3555 -2.83 95.65 -35.13
CA ASN F 3555 -2.44 95.03 -33.87
C ASN F 3555 -1.20 94.17 -33.99
N ASN F 3556 -0.91 93.62 -35.17
CA ASN F 3556 0.30 92.83 -35.40
C ASN F 3556 1.36 93.62 -36.16
N LEU F 3557 1.31 94.95 -36.09
CA LEU F 3557 2.24 95.77 -36.85
C LEU F 3557 3.68 95.59 -36.38
N HIS F 3558 3.88 95.41 -35.07
CA HIS F 3558 5.24 95.21 -34.55
C HIS F 3558 5.95 94.09 -35.29
N LEU F 3559 5.19 93.12 -35.80
CA LEU F 3559 5.75 91.92 -36.41
C LEU F 3559 6.42 92.19 -37.75
N GLN F 3560 6.47 93.45 -38.20
CA GLN F 3560 7.10 93.78 -39.47
C GLN F 3560 8.44 93.06 -39.62
N GLY F 3561 8.76 92.68 -40.85
CA GLY F 3561 9.99 91.96 -41.09
C GLY F 3561 11.21 92.81 -40.77
N LYS F 3562 12.30 92.12 -40.39
CA LYS F 3562 13.53 92.77 -39.98
C LYS F 3562 14.66 92.36 -40.91
N VAL F 3563 15.40 93.36 -41.40
CA VAL F 3563 16.52 93.08 -42.30
C VAL F 3563 17.66 92.40 -41.57
N GLU F 3564 17.84 92.71 -40.29
CA GLU F 3564 19.00 92.24 -39.55
C GLU F 3564 19.08 90.72 -39.56
N GLY F 3565 17.93 90.06 -39.73
CA GLY F 3565 17.89 88.61 -39.75
C GLY F 3565 18.36 88.00 -41.06
N SER F 3566 18.04 88.64 -42.18
CA SER F 3566 18.35 88.08 -43.49
C SER F 3566 19.12 89.09 -44.34
N PRO F 3567 20.05 88.63 -45.18
CA PRO F 3567 20.78 89.57 -46.03
C PRO F 3567 20.00 90.03 -47.24
N SER F 3568 19.10 89.20 -47.77
CA SER F 3568 18.31 89.57 -48.93
C SER F 3568 17.58 90.89 -48.69
N LEU F 3569 16.92 90.99 -47.54
CA LEU F 3569 16.22 92.21 -47.20
C LEU F 3569 17.16 93.41 -47.19
N ARG F 3570 18.44 93.20 -46.91
CA ARG F 3570 19.36 94.33 -46.87
C ARG F 3570 19.46 95.01 -48.23
N TRP F 3571 19.74 94.25 -49.28
CA TRP F 3571 19.86 94.84 -50.61
C TRP F 3571 18.50 95.24 -51.16
N GLN F 3572 17.45 94.50 -50.84
CA GLN F 3572 16.11 94.92 -51.26
C GLN F 3572 15.77 96.29 -50.67
N MET F 3573 16.08 96.48 -49.39
CA MET F 3573 15.75 97.75 -48.74
C MET F 3573 16.68 98.86 -49.23
N ALA F 3574 17.92 98.49 -49.59
CA ALA F 3574 18.82 99.45 -50.22
C ALA F 3574 18.22 99.97 -51.53
N LEU F 3575 17.65 99.07 -52.33
CA LEU F 3575 16.97 99.51 -53.54
C LEU F 3575 15.77 100.38 -53.22
N TYR F 3576 15.00 100.00 -52.18
CA TYR F 3576 13.88 100.83 -51.75
C TYR F 3576 14.34 102.25 -51.46
N ARG F 3577 15.48 102.41 -50.76
CA ARG F 3577 16.09 103.72 -50.62
C ARG F 3577 16.39 104.33 -51.99
N GLY F 3578 17.01 103.54 -52.86
CA GLY F 3578 17.46 104.08 -54.15
C GLY F 3578 16.32 104.69 -54.93
N LEU F 3579 15.10 104.21 -54.72
CA LEU F 3579 13.95 104.81 -55.38
C LEU F 3579 13.83 106.28 -54.96
N PRO F 3580 13.75 107.22 -55.91
CA PRO F 3580 13.71 108.64 -55.51
C PRO F 3580 12.50 109.00 -54.67
N GLY F 3581 11.30 108.56 -55.08
CA GLY F 3581 10.10 108.96 -54.37
C GLY F 3581 10.07 108.48 -52.92
N ARG F 3582 10.65 107.32 -52.65
CA ARG F 3582 10.56 106.74 -51.32
C ARG F 3582 11.33 107.58 -50.31
N GLU F 3583 10.71 107.79 -49.15
CA GLU F 3583 11.37 108.29 -47.96
C GLU F 3583 10.95 107.46 -46.75
N GLU F 3584 11.92 107.07 -45.92
CA GLU F 3584 11.61 106.34 -44.71
C GLU F 3584 10.61 107.07 -43.81
N ASP F 3585 10.77 108.39 -43.66
CA ASP F 3585 9.86 109.12 -42.79
C ASP F 3585 8.44 109.17 -43.34
N ALA F 3586 8.27 108.96 -44.65
CA ALA F 3586 6.93 108.93 -45.22
C ALA F 3586 6.12 107.73 -44.76
N ASP F 3587 6.77 106.59 -44.52
CA ASP F 3587 6.03 105.39 -44.15
C ASP F 3587 5.30 105.59 -42.83
N ASP F 3588 4.04 105.20 -42.80
CA ASP F 3588 3.20 105.33 -41.62
C ASP F 3588 2.35 104.08 -41.47
N PRO F 3589 1.92 103.77 -40.24
CA PRO F 3589 1.18 102.52 -40.02
C PRO F 3589 -0.07 102.38 -40.86
N GLU F 3590 -0.84 103.46 -41.02
CA GLU F 3590 -2.05 103.38 -41.81
C GLU F 3590 -1.72 103.08 -43.28
N LYS F 3591 -0.67 103.72 -43.79
CA LYS F 3591 -0.25 103.45 -45.16
C LYS F 3591 0.14 101.99 -45.32
N ILE F 3592 0.91 101.47 -44.36
CA ILE F 3592 1.38 100.09 -44.46
C ILE F 3592 0.21 99.12 -44.42
N VAL F 3593 -0.75 99.33 -43.51
CA VAL F 3593 -1.86 98.41 -43.40
C VAL F 3593 -2.75 98.47 -44.64
N ARG F 3594 -3.04 99.67 -45.13
CA ARG F 3594 -3.83 99.79 -46.36
C ARG F 3594 -3.14 99.10 -47.53
N ARG F 3595 -1.84 99.36 -47.68
CA ARG F 3595 -1.05 98.84 -48.78
C ARG F 3595 -1.02 97.31 -48.75
N VAL F 3596 -0.76 96.75 -47.57
CA VAL F 3596 -0.76 95.30 -47.41
C VAL F 3596 -2.14 94.74 -47.69
N GLN F 3597 -3.19 95.42 -47.21
CA GLN F 3597 -4.55 94.97 -47.48
C GLN F 3597 -4.78 94.83 -48.98
N GLU F 3598 -4.50 95.90 -49.73
CA GLU F 3598 -4.76 95.88 -51.16
C GLU F 3598 -3.97 94.76 -51.85
N VAL F 3599 -2.65 94.73 -51.63
CA VAL F 3599 -1.82 93.78 -52.35
C VAL F 3599 -2.17 92.36 -51.96
N SER F 3600 -2.45 92.11 -50.68
CA SER F 3600 -2.78 90.77 -50.21
C SER F 3600 -4.08 90.29 -50.81
N ALA F 3601 -5.11 91.15 -50.83
CA ALA F 3601 -6.38 90.75 -51.44
C ALA F 3601 -6.16 90.38 -52.90
N VAL F 3602 -5.44 91.23 -53.63
CA VAL F 3602 -5.23 90.97 -55.05
C VAL F 3602 -4.51 89.64 -55.24
N LEU F 3603 -3.43 89.42 -54.48
CA LEU F 3603 -2.64 88.21 -54.67
C LEU F 3603 -3.42 86.95 -54.31
N TYR F 3604 -4.21 87.01 -53.24
CA TYR F 3604 -4.99 85.85 -52.82
C TYR F 3604 -6.05 85.49 -53.87
N HIS F 3605 -6.80 86.48 -54.32
CA HIS F 3605 -7.81 86.20 -55.34
C HIS F 3605 -7.15 85.74 -56.64
N LEU F 3606 -5.96 86.27 -56.93
CA LEU F 3606 -5.23 85.81 -58.11
C LEU F 3606 -4.75 84.37 -57.96
N GLU F 3607 -4.37 83.97 -56.75
CA GLU F 3607 -4.02 82.57 -56.52
C GLU F 3607 -5.21 81.68 -56.78
N GLN F 3608 -6.37 82.07 -56.25
CA GLN F 3608 -7.59 81.31 -56.53
C GLN F 3608 -7.82 81.19 -58.03
N THR F 3609 -7.67 82.30 -58.75
CA THR F 3609 -7.88 82.27 -60.19
C THR F 3609 -6.86 81.37 -60.90
N GLU F 3610 -5.60 81.43 -60.46
CA GLU F 3610 -4.56 80.64 -61.11
C GLU F 3610 -4.81 79.15 -60.96
N HIS F 3611 -5.14 78.70 -59.74
CA HIS F 3611 -5.32 77.28 -59.44
C HIS F 3611 -6.68 77.11 -58.80
N PRO F 3612 -7.76 77.27 -59.57
CA PRO F 3612 -9.10 77.13 -58.99
C PRO F 3612 -9.45 75.70 -58.61
N TYR F 3613 -8.93 74.72 -59.35
CA TYR F 3613 -9.36 73.33 -59.21
C TYR F 3613 -10.81 73.19 -59.68
N LYS F 3614 -11.32 74.22 -60.37
CA LYS F 3614 -12.68 74.17 -60.89
C LYS F 3614 -12.89 73.01 -61.86
N SER F 3615 -11.80 72.49 -62.45
CA SER F 3615 -11.94 71.38 -63.39
C SER F 3615 -12.74 70.25 -62.77
N LYS F 3616 -13.29 69.40 -63.64
CA LYS F 3616 -14.10 68.22 -63.32
C LYS F 3616 -15.29 68.58 -62.44
N LYS F 3617 -15.60 69.86 -62.23
CA LYS F 3617 -16.77 70.22 -61.44
C LYS F 3617 -18.04 69.71 -62.10
N ALA F 3618 -18.06 69.69 -63.44
CA ALA F 3618 -19.13 69.07 -64.23
C ALA F 3618 -18.42 68.22 -65.28
N VAL F 3619 -18.14 66.97 -64.93
CA VAL F 3619 -17.32 66.12 -65.78
C VAL F 3619 -17.98 65.98 -67.14
N TRP F 3620 -17.17 66.07 -68.20
CA TRP F 3620 -17.65 65.96 -69.57
C TRP F 3620 -16.84 64.90 -70.33
N HIS F 3621 -15.99 64.18 -69.60
CA HIS F 3621 -15.40 62.97 -70.16
C HIS F 3621 -16.47 62.02 -70.63
N LYS F 3622 -17.56 61.92 -69.87
CA LYS F 3622 -18.75 61.17 -70.26
C LYS F 3622 -18.42 59.70 -70.52
N LEU F 3623 -17.40 59.19 -69.82
CA LEU F 3623 -16.96 57.80 -69.91
C LEU F 3623 -18.10 56.86 -69.54
N LEU F 3624 -18.83 57.17 -68.46
CA LEU F 3624 -19.96 56.35 -68.08
C LEU F 3624 -21.00 56.28 -69.18
N SER F 3625 -21.24 57.39 -69.88
CA SER F 3625 -22.20 57.49 -70.96
C SER F 3625 -21.69 56.82 -72.24
N LYS F 3626 -20.38 56.77 -72.44
CA LYS F 3626 -19.83 55.98 -73.54
C LYS F 3626 -20.04 54.50 -73.27
N GLN F 3627 -19.93 54.09 -72.00
CA GLN F 3627 -20.24 52.73 -71.55
C GLN F 3627 -21.71 52.38 -71.76
N ARG F 3628 -22.62 53.18 -71.21
CA ARG F 3628 -24.06 52.96 -71.33
C ARG F 3628 -24.69 53.69 -72.50
N ARG F 3629 -23.91 53.94 -73.56
CA ARG F 3629 -24.40 54.72 -74.69
C ARG F 3629 -25.72 54.18 -75.25
N ARG F 3630 -25.86 52.86 -75.32
CA ARG F 3630 -27.14 52.31 -75.76
C ARG F 3630 -28.23 52.56 -74.74
N ALA F 3631 -27.87 52.64 -73.46
CA ALA F 3631 -28.89 52.77 -72.41
C ALA F 3631 -29.39 54.20 -72.29
N VAL F 3632 -28.53 55.18 -72.48
CA VAL F 3632 -28.98 56.57 -72.43
C VAL F 3632 -30.03 56.80 -73.51
N VAL F 3633 -29.77 56.33 -74.73
CA VAL F 3633 -30.77 56.41 -75.79
C VAL F 3633 -31.98 55.55 -75.42
N ALA F 3634 -31.72 54.32 -74.97
CA ALA F 3634 -32.80 53.35 -74.80
C ALA F 3634 -33.82 53.81 -73.78
N CYS F 3635 -33.37 54.50 -72.72
CA CYS F 3635 -34.33 54.93 -71.72
C CYS F 3635 -35.34 55.91 -72.31
N PHE F 3636 -34.87 56.81 -73.17
CA PHE F 3636 -35.79 57.70 -73.88
C PHE F 3636 -36.64 56.92 -74.88
N ARG F 3637 -36.03 55.95 -75.56
CA ARG F 3637 -36.74 55.22 -76.61
C ARG F 3637 -37.79 54.28 -76.02
N MET F 3638 -37.71 54.02 -74.72
CA MET F 3638 -38.63 53.08 -74.10
C MET F 3638 -40.07 53.43 -74.47
N THR F 3639 -40.70 52.52 -75.17
CA THR F 3639 -41.99 52.85 -75.76
C THR F 3639 -43.03 53.10 -74.67
N PRO F 3640 -43.86 54.12 -74.85
CA PRO F 3640 -44.97 54.32 -73.91
C PRO F 3640 -46.01 53.21 -74.06
N LEU F 3641 -46.82 53.07 -73.03
CA LEU F 3641 -47.78 51.97 -72.98
C LEU F 3641 -48.76 52.02 -74.15
N TYR F 3642 -49.23 53.21 -74.52
CA TYR F 3642 -50.29 53.30 -75.52
C TYR F 3642 -49.83 52.78 -76.88
N ASN F 3643 -48.53 52.71 -77.11
CA ASN F 3643 -48.01 52.27 -78.39
C ASN F 3643 -47.87 50.76 -78.50
N LEU F 3644 -48.01 50.03 -77.39
CA LEU F 3644 -47.86 48.59 -77.45
C LEU F 3644 -49.13 47.93 -78.02
N PRO F 3645 -49.00 46.73 -78.59
CA PRO F 3645 -50.18 45.94 -78.90
C PRO F 3645 -50.93 45.56 -77.63
N THR F 3646 -52.24 45.40 -77.75
CA THR F 3646 -53.07 45.20 -76.57
C THR F 3646 -52.70 43.93 -75.82
N HIS F 3647 -52.25 42.90 -76.54
CA HIS F 3647 -52.04 41.61 -75.89
C HIS F 3647 -50.80 41.62 -74.99
N ARG F 3648 -49.70 42.22 -75.45
CA ARG F 3648 -48.54 42.35 -74.60
C ARG F 3648 -48.87 43.16 -73.35
N ALA F 3649 -49.55 44.29 -73.54
CA ALA F 3649 -49.93 45.13 -72.40
C ALA F 3649 -50.83 44.37 -71.45
N CYS F 3650 -51.71 43.53 -71.99
CA CYS F 3650 -52.61 42.75 -71.14
C CYS F 3650 -51.83 41.74 -70.31
N ASN F 3651 -50.84 41.09 -70.90
CA ASN F 3651 -50.03 40.14 -70.14
C ASN F 3651 -49.25 40.87 -69.04
N MET F 3652 -48.69 42.04 -69.37
CA MET F 3652 -48.03 42.86 -68.35
C MET F 3652 -49.00 43.19 -67.22
N PHE F 3653 -50.22 43.59 -67.59
CA PHE F 3653 -51.24 43.90 -66.59
C PHE F 3653 -51.54 42.70 -65.73
N LEU F 3654 -51.62 41.52 -66.34
CA LEU F 3654 -51.90 40.31 -65.58
C LEU F 3654 -50.83 40.07 -64.54
N GLU F 3655 -49.55 40.16 -64.94
CA GLU F 3655 -48.48 39.95 -63.98
C GLU F 3655 -48.51 40.99 -62.86
N SER F 3656 -48.70 42.27 -63.22
CA SER F 3656 -48.71 43.32 -62.22
C SER F 3656 -49.87 43.16 -61.26
N TYR F 3657 -51.05 42.82 -61.78
CA TYR F 3657 -52.22 42.64 -60.94
C TYR F 3657 -52.06 41.44 -60.01
N LYS F 3658 -51.53 40.34 -60.55
CA LYS F 3658 -51.14 39.20 -59.73
C LYS F 3658 -50.30 39.66 -58.55
N ALA F 3659 -49.20 40.36 -58.83
CA ALA F 3659 -48.27 40.72 -57.77
C ALA F 3659 -48.89 41.67 -56.76
N ALA F 3660 -49.59 42.71 -57.24
CA ALA F 3660 -50.01 43.79 -56.35
C ALA F 3660 -51.28 43.46 -55.59
N TRP F 3661 -52.23 42.77 -56.23
CA TRP F 3661 -53.56 42.59 -55.68
C TRP F 3661 -53.82 41.17 -55.21
N ILE F 3662 -53.69 40.19 -56.10
CA ILE F 3662 -54.06 38.82 -55.74
C ILE F 3662 -53.12 38.27 -54.68
N LEU F 3663 -51.81 38.43 -54.89
CA LEU F 3663 -50.85 37.89 -53.94
C LEU F 3663 -50.95 38.61 -52.59
N THR F 3664 -51.07 39.93 -52.61
CA THR F 3664 -51.11 40.69 -51.36
C THR F 3664 -52.35 40.35 -50.55
N GLU F 3665 -53.40 39.87 -51.20
CA GLU F 3665 -54.66 39.64 -50.51
C GLU F 3665 -54.49 38.57 -49.44
N ASP F 3666 -55.02 38.83 -48.25
CA ASP F 3666 -54.90 37.93 -47.11
C ASP F 3666 -56.28 37.36 -46.79
N HIS F 3667 -56.43 36.05 -47.01
CA HIS F 3667 -57.63 35.32 -46.65
C HIS F 3667 -57.21 34.11 -45.84
N SER F 3668 -57.81 33.92 -44.67
CA SER F 3668 -57.48 32.84 -43.75
C SER F 3668 -58.60 31.82 -43.77
N PHE F 3669 -58.29 30.63 -44.28
CA PHE F 3669 -59.22 29.51 -44.29
C PHE F 3669 -58.69 28.31 -43.52
N GLU F 3670 -57.47 28.39 -43.00
CA GLU F 3670 -56.82 27.24 -42.40
C GLU F 3670 -57.57 26.75 -41.17
N ASP F 3671 -57.86 27.67 -40.24
CA ASP F 3671 -58.53 27.27 -39.01
C ASP F 3671 -59.94 26.77 -39.28
N ARG F 3672 -60.66 27.43 -40.18
CA ARG F 3672 -62.01 26.98 -40.52
C ARG F 3672 -61.98 25.59 -41.12
N MET F 3673 -61.05 25.35 -42.04
CA MET F 3673 -60.85 24.01 -42.61
C MET F 3673 -60.59 22.99 -41.51
N ILE F 3674 -59.66 23.30 -40.61
CA ILE F 3674 -59.26 22.35 -39.60
C ILE F 3674 -60.42 22.02 -38.68
N ASP F 3675 -61.20 23.03 -38.30
CA ASP F 3675 -62.37 22.77 -37.46
C ASP F 3675 -63.40 21.93 -38.19
N ASP F 3676 -63.73 22.29 -39.43
CA ASP F 3676 -64.74 21.56 -40.18
C ASP F 3676 -64.32 20.11 -40.39
N LEU F 3677 -63.02 19.84 -40.48
CA LEU F 3677 -62.54 18.48 -40.65
C LEU F 3677 -62.41 17.75 -39.33
N SER F 3678 -62.20 18.48 -38.24
CA SER F 3678 -62.14 17.85 -36.92
C SER F 3678 -63.51 17.39 -36.47
N LYS F 3679 -64.55 18.17 -36.76
CA LYS F 3679 -65.88 17.83 -36.29
C LYS F 3679 -66.34 16.50 -36.89
N ALA F 3680 -66.95 15.68 -36.04
CA ALA F 3680 -67.54 14.41 -36.44
C ALA F 3680 -69.04 14.46 -36.23
N GLY F 3681 -69.79 13.89 -37.16
CA GLY F 3681 -71.24 14.03 -37.18
C GLY F 3681 -71.94 12.69 -37.06
N GLU F 3682 -73.22 12.76 -36.65
CA GLU F 3682 -74.16 11.65 -36.60
C GLU F 3682 -73.67 10.50 -35.73
N GLN F 3683 -72.53 10.67 -35.06
CA GLN F 3683 -72.10 9.65 -34.09
C GLN F 3683 -73.00 9.66 -32.86
N GLU F 3684 -73.60 10.82 -32.55
CA GLU F 3684 -74.56 10.87 -31.46
C GLU F 3684 -75.78 10.00 -31.75
N GLU F 3685 -76.27 10.00 -32.98
CA GLU F 3685 -77.40 9.16 -33.32
C GLU F 3685 -76.98 7.70 -33.49
N GLU F 3686 -75.76 7.47 -33.98
CA GLU F 3686 -75.27 6.10 -34.05
C GLU F 3686 -75.17 5.47 -32.67
N GLU F 3687 -74.33 6.03 -31.79
CA GLU F 3687 -74.21 5.62 -30.39
C GLU F 3687 -73.45 4.30 -30.25
N GLU F 3688 -73.18 3.62 -31.37
CA GLU F 3688 -72.24 2.51 -31.35
C GLU F 3688 -70.95 2.88 -32.09
N GLU F 3689 -71.03 3.87 -32.98
CA GLU F 3689 -69.85 4.23 -33.75
C GLU F 3689 -68.81 4.84 -32.85
N VAL F 3690 -69.23 5.46 -31.76
CA VAL F 3690 -68.27 5.85 -30.72
C VAL F 3690 -67.43 4.64 -30.33
N GLU F 3691 -68.06 3.60 -29.80
CA GLU F 3691 -67.31 2.42 -29.39
C GLU F 3691 -66.52 1.84 -30.55
N GLU F 3692 -66.95 2.12 -31.79
CA GLU F 3692 -66.21 1.64 -32.95
C GLU F 3692 -64.93 2.45 -33.18
N LYS F 3693 -64.95 3.74 -32.85
CA LYS F 3693 -63.80 4.63 -33.10
C LYS F 3693 -63.48 4.76 -34.59
N LYS F 3694 -64.44 5.28 -35.35
CA LYS F 3694 -64.17 5.62 -36.74
C LYS F 3694 -63.32 6.89 -36.81
N PRO F 3695 -62.27 6.90 -37.62
CA PRO F 3695 -61.49 8.13 -37.79
C PRO F 3695 -62.33 9.25 -38.40
N ASP F 3696 -62.15 10.46 -37.87
CA ASP F 3696 -62.73 11.64 -38.45
C ASP F 3696 -61.91 12.06 -39.68
N PRO F 3697 -62.43 12.97 -40.50
CA PRO F 3697 -61.76 13.29 -41.77
C PRO F 3697 -60.31 13.70 -41.62
N LEU F 3698 -59.99 14.50 -40.60
CA LEU F 3698 -58.62 14.93 -40.40
C LEU F 3698 -57.73 13.74 -40.07
N HIS F 3699 -58.20 12.85 -39.21
CA HIS F 3699 -57.45 11.64 -38.89
C HIS F 3699 -57.23 10.81 -40.16
N GLN F 3700 -58.25 10.72 -41.01
CA GLN F 3700 -58.11 9.95 -42.24
C GLN F 3700 -57.06 10.57 -43.16
N LEU F 3701 -57.04 11.91 -43.25
CA LEU F 3701 -56.05 12.57 -44.09
C LEU F 3701 -54.64 12.32 -43.58
N VAL F 3702 -54.45 12.43 -42.26
CA VAL F 3702 -53.15 12.13 -41.68
C VAL F 3702 -52.76 10.67 -41.95
N LEU F 3703 -53.73 9.76 -41.85
CA LEU F 3703 -53.47 8.36 -42.13
C LEU F 3703 -53.07 8.16 -43.59
N HIS F 3704 -53.73 8.86 -44.51
CA HIS F 3704 -53.38 8.77 -45.92
C HIS F 3704 -51.94 9.18 -46.16
N PHE F 3705 -51.53 10.31 -45.56
CA PHE F 3705 -50.18 10.78 -45.78
C PHE F 3705 -49.15 9.87 -45.09
N SER F 3706 -49.52 9.31 -43.93
CA SER F 3706 -48.65 8.34 -43.29
C SER F 3706 -48.51 7.08 -44.14
N ARG F 3707 -49.60 6.65 -44.77
CA ARG F 3707 -49.55 5.56 -45.73
C ARG F 3707 -48.55 5.87 -46.84
N THR F 3708 -48.65 7.06 -47.42
CA THR F 3708 -47.73 7.44 -48.49
C THR F 3708 -46.28 7.40 -47.99
N ALA F 3709 -46.05 7.89 -46.78
CA ALA F 3709 -44.71 7.85 -46.21
C ALA F 3709 -44.22 6.42 -46.05
N LEU F 3710 -45.04 5.55 -45.46
CA LEU F 3710 -44.62 4.20 -45.14
C LEU F 3710 -44.50 3.31 -46.37
N THR F 3711 -45.09 3.71 -47.49
CA THR F 3711 -44.96 2.93 -48.71
C THR F 3711 -43.48 2.77 -49.06
N GLU F 3712 -43.10 1.54 -49.40
CA GLU F 3712 -41.72 1.20 -49.70
C GLU F 3712 -41.41 1.62 -51.14
N LYS F 3713 -40.47 2.56 -51.29
CA LYS F 3713 -40.00 2.94 -52.60
C LYS F 3713 -38.71 3.73 -52.46
N SER F 3714 -38.02 3.93 -53.59
CA SER F 3714 -36.68 4.50 -53.56
C SER F 3714 -36.70 5.95 -53.11
N LYS F 3715 -37.67 6.73 -53.59
CA LYS F 3715 -37.66 8.18 -53.40
C LYS F 3715 -39.01 8.65 -52.88
N LEU F 3716 -38.98 9.77 -52.17
CA LEU F 3716 -40.19 10.45 -51.74
C LEU F 3716 -40.65 11.39 -52.84
N ASP F 3717 -41.75 11.04 -53.51
CA ASP F 3717 -42.25 11.88 -54.59
C ASP F 3717 -42.84 13.17 -54.04
N GLU F 3718 -42.66 14.25 -54.79
CA GLU F 3718 -43.16 15.55 -54.39
C GLU F 3718 -44.68 15.56 -54.46
N ASP F 3719 -45.33 16.05 -53.40
CA ASP F 3719 -46.79 16.06 -53.31
C ASP F 3719 -47.26 17.43 -52.86
N TYR F 3720 -47.75 18.21 -53.81
CA TYR F 3720 -48.25 19.54 -53.51
C TYR F 3720 -49.44 19.49 -52.56
N LEU F 3721 -50.28 18.46 -52.67
CA LEU F 3721 -51.37 18.28 -51.73
C LEU F 3721 -50.85 18.12 -50.31
N TYR F 3722 -49.85 17.26 -50.13
CA TYR F 3722 -49.26 17.06 -48.80
C TYR F 3722 -48.71 18.36 -48.27
N MET F 3723 -47.95 19.10 -49.08
CA MET F 3723 -47.33 20.32 -48.58
C MET F 3723 -48.38 21.38 -48.26
N ALA F 3724 -49.42 21.50 -49.08
CA ALA F 3724 -50.48 22.45 -48.80
C ALA F 3724 -51.17 22.14 -47.48
N TYR F 3725 -51.52 20.87 -47.28
CA TYR F 3725 -52.21 20.51 -46.04
C TYR F 3725 -51.30 20.65 -44.84
N ALA F 3726 -50.00 20.34 -44.99
CA ALA F 3726 -49.05 20.56 -43.92
C ALA F 3726 -48.97 22.03 -43.54
N ASP F 3727 -48.94 22.91 -44.55
CA ASP F 3727 -48.95 24.34 -44.28
C ASP F 3727 -50.22 24.75 -43.55
N ILE F 3728 -51.36 24.20 -43.96
CA ILE F 3728 -52.62 24.53 -43.30
C ILE F 3728 -52.57 24.15 -41.82
N MET F 3729 -52.13 22.92 -41.53
CA MET F 3729 -52.04 22.48 -40.14
C MET F 3729 -51.05 23.32 -39.36
N ALA F 3730 -49.92 23.68 -39.98
CA ALA F 3730 -48.94 24.51 -39.29
C ALA F 3730 -49.52 25.87 -38.93
N LYS F 3731 -50.25 26.49 -39.85
CA LYS F 3731 -50.91 27.75 -39.55
C LYS F 3731 -51.91 27.59 -38.41
N SER F 3732 -52.65 26.48 -38.44
CA SER F 3732 -53.71 26.27 -37.44
C SER F 3732 -53.18 26.33 -36.01
N CYS F 3733 -51.92 25.95 -35.80
CA CYS F 3733 -51.42 25.81 -34.43
C CYS F 3733 -51.19 27.18 -33.80
N HIS F 3734 -50.34 28.02 -34.40
CA HIS F 3734 -50.07 29.32 -33.80
C HIS F 3734 -51.25 30.26 -34.01
N LEU F 3735 -51.82 30.28 -35.22
CA LEU F 3735 -53.00 31.11 -35.49
C LEU F 3735 -52.81 32.54 -34.98
N GLU F 3736 -51.64 33.11 -35.28
CA GLU F 3736 -51.32 34.46 -34.83
C GLU F 3736 -50.40 35.16 -35.82
N VAL F 3749 -46.54 47.61 -24.25
CA VAL F 3749 -46.69 46.33 -24.93
C VAL F 3749 -46.46 45.14 -24.00
N GLU F 3750 -47.12 45.19 -22.84
CA GLU F 3750 -47.00 44.16 -21.82
C GLU F 3750 -48.31 43.39 -21.71
N VAL F 3751 -48.22 42.09 -21.52
CA VAL F 3751 -49.37 41.19 -21.55
C VAL F 3751 -49.53 40.53 -20.19
N SER F 3752 -50.78 40.31 -19.80
CA SER F 3752 -51.09 39.75 -18.48
C SER F 3752 -50.72 38.28 -18.39
N PHE F 3753 -50.28 37.88 -17.20
CA PHE F 3753 -49.94 36.49 -16.93
C PHE F 3753 -51.07 35.54 -17.34
N GLU F 3754 -52.32 35.92 -17.02
CA GLU F 3754 -53.46 35.10 -17.38
C GLU F 3754 -53.61 35.01 -18.89
N GLU F 3755 -53.48 36.12 -19.60
CA GLU F 3755 -53.55 36.08 -21.06
C GLU F 3755 -52.48 35.14 -21.59
N LYS F 3756 -51.33 35.09 -20.92
CA LYS F 3756 -50.16 34.40 -21.46
C LYS F 3756 -50.38 32.90 -21.30
N GLU F 3757 -50.92 32.50 -20.14
CA GLU F 3757 -51.36 31.12 -19.91
C GLU F 3757 -52.48 30.74 -20.86
N MET F 3758 -53.41 31.66 -21.11
CA MET F 3758 -54.48 31.44 -22.08
C MET F 3758 -53.97 31.13 -23.47
N GLU F 3759 -52.99 31.91 -23.93
CA GLU F 3759 -52.37 31.65 -25.22
C GLU F 3759 -51.72 30.27 -25.23
N LYS F 3760 -51.03 29.91 -24.15
CA LYS F 3760 -50.44 28.59 -24.07
C LYS F 3760 -51.50 27.51 -24.19
N GLN F 3761 -52.63 27.68 -23.49
CA GLN F 3761 -53.69 26.66 -23.52
C GLN F 3761 -54.31 26.54 -24.90
N ARG F 3762 -54.56 27.67 -25.56
CA ARG F 3762 -55.10 27.63 -26.92
C ARG F 3762 -54.13 26.93 -27.86
N LEU F 3763 -52.85 27.24 -27.75
CA LEU F 3763 -51.86 26.59 -28.61
C LEU F 3763 -51.82 25.10 -28.35
N LEU F 3764 -51.92 24.69 -27.08
CA LEU F 3764 -51.92 23.26 -26.76
C LEU F 3764 -53.14 22.58 -27.34
N TYR F 3765 -54.31 23.23 -27.28
CA TYR F 3765 -55.50 22.69 -27.92
C TYR F 3765 -55.29 22.49 -29.41
N GLN F 3766 -54.75 23.52 -30.07
CA GLN F 3766 -54.59 23.49 -31.51
C GLN F 3766 -53.53 22.46 -31.91
N GLN F 3767 -52.59 22.18 -31.02
CA GLN F 3767 -51.61 21.13 -31.24
C GLN F 3767 -52.22 19.75 -31.03
N SER F 3768 -53.12 19.64 -30.04
CA SER F 3768 -53.79 18.38 -29.77
C SER F 3768 -54.64 17.96 -30.94
N ARG F 3769 -55.38 18.90 -31.53
CA ARG F 3769 -56.17 18.61 -32.71
C ARG F 3769 -55.39 17.79 -33.72
N LEU F 3770 -54.07 17.99 -33.76
CA LEU F 3770 -53.22 17.32 -34.73
C LEU F 3770 -52.58 16.06 -34.17
N HIS F 3771 -51.94 16.14 -33.00
CA HIS F 3771 -51.12 15.00 -32.57
C HIS F 3771 -51.99 13.89 -31.99
N THR F 3772 -53.26 14.19 -31.68
CA THR F 3772 -54.18 13.12 -31.36
C THR F 3772 -54.52 12.30 -32.60
N ARG F 3773 -54.35 12.89 -33.78
CA ARG F 3773 -54.79 12.24 -35.00
C ARG F 3773 -53.63 11.61 -35.77
N GLY F 3774 -52.39 11.92 -35.38
CA GLY F 3774 -51.23 11.21 -35.89
C GLY F 3774 -50.20 12.08 -36.57
N ALA F 3775 -50.27 13.40 -36.36
CA ALA F 3775 -49.38 14.31 -37.06
C ALA F 3775 -47.92 14.09 -36.70
N ALA F 3776 -47.62 13.78 -35.43
CA ALA F 3776 -46.24 13.56 -35.03
C ALA F 3776 -45.64 12.36 -35.75
N GLU F 3777 -46.38 11.24 -35.77
CA GLU F 3777 -45.91 10.05 -36.45
C GLU F 3777 -45.76 10.31 -37.95
N MET F 3778 -46.69 11.06 -38.54
CA MET F 3778 -46.57 11.41 -39.95
C MET F 3778 -45.31 12.22 -40.20
N VAL F 3779 -45.01 13.17 -39.30
CA VAL F 3779 -43.82 13.99 -39.44
C VAL F 3779 -42.57 13.11 -39.44
N LEU F 3780 -42.48 12.21 -38.47
CA LEU F 3780 -41.32 11.33 -38.39
C LEU F 3780 -41.23 10.44 -39.62
N GLN F 3781 -42.37 9.91 -40.07
CA GLN F 3781 -42.36 9.01 -41.23
C GLN F 3781 -41.87 9.74 -42.47
N MET F 3782 -42.34 10.96 -42.70
CA MET F 3782 -41.91 11.70 -43.88
C MET F 3782 -40.45 12.11 -43.78
N ILE F 3783 -39.97 12.45 -42.59
CA ILE F 3783 -38.54 12.76 -42.43
C ILE F 3783 -37.71 11.53 -42.76
N SER F 3784 -38.15 10.35 -42.32
CA SER F 3784 -37.43 9.13 -42.66
C SER F 3784 -37.51 8.86 -44.17
N ALA F 3785 -38.65 9.14 -44.78
CA ALA F 3785 -38.85 8.84 -46.19
C ALA F 3785 -38.00 9.74 -47.08
N CYS F 3786 -37.79 10.99 -46.68
CA CYS F 3786 -37.01 11.89 -47.53
C CYS F 3786 -35.61 11.36 -47.77
N LYS F 3787 -35.12 10.47 -46.90
CA LYS F 3787 -33.87 9.74 -47.13
C LYS F 3787 -32.68 10.69 -47.22
N GLY F 3788 -32.78 11.85 -46.59
CA GLY F 3788 -31.69 12.78 -46.56
C GLY F 3788 -31.57 13.68 -47.77
N GLU F 3789 -32.63 13.83 -48.56
CA GLU F 3789 -32.63 14.69 -49.73
C GLU F 3789 -33.44 15.94 -49.42
N THR F 3790 -32.81 17.10 -49.55
CA THR F 3790 -33.45 18.36 -49.22
C THR F 3790 -34.55 18.67 -50.24
N GLY F 3791 -35.61 19.32 -49.76
CA GLY F 3791 -36.70 19.67 -50.63
C GLY F 3791 -37.86 20.29 -49.86
N ALA F 3792 -38.85 20.74 -50.64
CA ALA F 3792 -40.01 21.41 -50.07
C ALA F 3792 -40.82 20.45 -49.20
N MET F 3793 -40.85 19.16 -49.55
CA MET F 3793 -41.56 18.19 -48.72
C MET F 3793 -41.01 18.17 -47.30
N VAL F 3794 -39.69 18.02 -47.18
CA VAL F 3794 -39.07 17.98 -45.86
C VAL F 3794 -39.18 19.33 -45.17
N SER F 3795 -39.11 20.42 -45.94
CA SER F 3795 -39.29 21.74 -45.33
C SER F 3795 -40.67 21.86 -44.69
N SER F 3796 -41.71 21.46 -45.41
CA SER F 3796 -43.07 21.52 -44.87
C SER F 3796 -43.21 20.60 -43.66
N THR F 3797 -42.62 19.40 -43.74
CA THR F 3797 -42.70 18.47 -42.62
C THR F 3797 -42.05 19.06 -41.38
N LEU F 3798 -40.88 19.69 -41.55
CA LEU F 3798 -40.19 20.30 -40.42
C LEU F 3798 -40.99 21.46 -39.85
N LYS F 3799 -41.60 22.28 -40.71
CA LYS F 3799 -42.41 23.38 -40.22
C LYS F 3799 -43.60 22.86 -39.43
N LEU F 3800 -44.22 21.78 -39.91
CA LEU F 3800 -45.32 21.16 -39.17
C LEU F 3800 -44.85 20.65 -37.81
N GLY F 3801 -43.68 20.00 -37.78
CA GLY F 3801 -43.16 19.51 -36.51
C GLY F 3801 -42.90 20.64 -35.54
N ILE F 3802 -42.31 21.74 -36.02
CA ILE F 3802 -42.08 22.90 -35.16
C ILE F 3802 -43.40 23.45 -34.65
N SER F 3803 -44.41 23.51 -35.52
CA SER F 3803 -45.70 24.03 -35.10
C SER F 3803 -46.29 23.20 -33.98
N ILE F 3804 -46.22 21.87 -34.09
CA ILE F 3804 -46.83 21.02 -33.07
C ILE F 3804 -45.97 20.97 -31.82
N LEU F 3805 -44.67 21.26 -31.94
CA LEU F 3805 -43.76 21.14 -30.82
C LEU F 3805 -43.49 22.46 -30.09
N ASN F 3806 -43.96 23.60 -30.62
CA ASN F 3806 -43.66 24.87 -29.99
C ASN F 3806 -44.16 24.88 -28.55
N GLY F 3807 -43.40 25.54 -27.69
CA GLY F 3807 -43.67 25.53 -26.27
C GLY F 3807 -43.15 24.30 -25.54
N GLY F 3808 -42.44 23.41 -26.23
CA GLY F 3808 -41.95 22.21 -25.61
C GLY F 3808 -43.06 21.25 -25.25
N ASN F 3809 -43.89 20.90 -26.23
CA ASN F 3809 -45.04 20.04 -25.97
C ASN F 3809 -44.58 18.64 -25.58
N ALA F 3810 -44.69 18.34 -24.29
CA ALA F 3810 -44.23 17.06 -23.76
C ALA F 3810 -45.02 15.89 -24.32
N GLU F 3811 -46.30 16.09 -24.63
CA GLU F 3811 -47.10 15.01 -25.20
C GLU F 3811 -46.59 14.61 -26.58
N VAL F 3812 -46.37 15.60 -27.44
CA VAL F 3812 -45.82 15.32 -28.77
C VAL F 3812 -44.43 14.70 -28.63
N GLN F 3813 -43.62 15.25 -27.72
CA GLN F 3813 -42.32 14.66 -27.44
C GLN F 3813 -42.45 13.17 -27.15
N GLN F 3814 -43.25 12.82 -26.13
CA GLN F 3814 -43.39 11.44 -25.71
C GLN F 3814 -43.87 10.55 -26.86
N LYS F 3815 -44.84 11.04 -27.63
CA LYS F 3815 -45.35 10.24 -28.74
C LYS F 3815 -44.27 9.97 -29.77
N MET F 3816 -43.52 11.01 -30.13
CA MET F 3816 -42.44 10.85 -31.10
C MET F 3816 -41.46 9.79 -30.63
N LEU F 3817 -41.08 9.86 -29.35
CA LEU F 3817 -40.05 8.97 -28.84
C LEU F 3817 -40.54 7.55 -28.77
N ASP F 3818 -41.79 7.37 -28.32
CA ASP F 3818 -42.35 6.03 -28.25
C ASP F 3818 -42.42 5.41 -29.63
N TYR F 3819 -42.85 6.20 -30.63
CA TYR F 3819 -42.89 5.70 -31.99
C TYR F 3819 -41.50 5.29 -32.46
N LEU F 3820 -40.51 6.16 -32.26
CA LEU F 3820 -39.15 5.87 -32.71
C LEU F 3820 -38.60 4.63 -32.04
N LYS F 3821 -38.83 4.49 -30.74
CA LYS F 3821 -38.26 3.39 -29.98
C LYS F 3821 -38.95 2.06 -30.28
N ASP F 3822 -40.25 2.08 -30.58
CA ASP F 3822 -40.91 0.83 -30.94
C ASP F 3822 -40.56 0.43 -32.36
N LYS F 3823 -40.41 1.38 -33.28
CA LYS F 3823 -40.09 1.03 -34.65
C LYS F 3823 -38.62 0.65 -34.83
N LYS F 3824 -37.72 1.24 -34.04
CA LYS F 3824 -36.30 0.92 -34.10
C LYS F 3824 -35.79 1.03 -35.54
N GLU F 3825 -35.98 2.20 -36.12
CA GLU F 3825 -35.57 2.48 -37.48
C GLU F 3825 -34.45 3.51 -37.49
N VAL F 3826 -33.44 3.27 -38.32
CA VAL F 3826 -32.29 4.16 -38.43
C VAL F 3826 -32.47 5.23 -39.50
N GLY F 3827 -33.48 5.09 -40.35
CA GLY F 3827 -33.63 6.02 -41.47
C GLY F 3827 -33.89 7.44 -41.01
N PHE F 3828 -34.60 7.61 -39.89
CA PHE F 3828 -34.89 8.94 -39.39
C PHE F 3828 -33.60 9.72 -39.12
N PHE F 3829 -32.73 9.15 -38.30
CA PHE F 3829 -31.50 9.86 -37.94
C PHE F 3829 -30.53 9.88 -39.10
N GLN F 3830 -30.58 8.89 -39.97
CA GLN F 3830 -29.78 8.94 -41.19
C GLN F 3830 -30.16 10.15 -42.04
N SER F 3831 -31.46 10.38 -42.22
CA SER F 3831 -31.93 11.53 -42.97
C SER F 3831 -31.54 12.83 -42.28
N ILE F 3832 -31.67 12.87 -40.96
CA ILE F 3832 -31.27 14.07 -40.20
C ILE F 3832 -29.79 14.37 -40.46
N GLN F 3833 -28.94 13.35 -40.37
CA GLN F 3833 -27.51 13.53 -40.57
C GLN F 3833 -27.21 14.02 -41.98
N ALA F 3834 -27.84 13.40 -42.99
CA ALA F 3834 -27.59 13.80 -44.36
C ALA F 3834 -28.03 15.23 -44.60
N LEU F 3835 -29.19 15.61 -44.05
CA LEU F 3835 -29.66 16.99 -44.20
C LEU F 3835 -28.71 17.97 -43.54
N MET F 3836 -28.18 17.62 -42.36
CA MET F 3836 -27.18 18.45 -41.73
C MET F 3836 -25.97 18.63 -42.64
N GLN F 3837 -25.50 17.54 -43.25
CA GLN F 3837 -24.34 17.63 -44.13
C GLN F 3837 -24.64 18.52 -45.33
N THR F 3838 -25.87 18.43 -45.86
CA THR F 3838 -26.23 19.27 -47.00
C THR F 3838 -26.34 20.74 -46.60
N CYS F 3839 -26.69 21.02 -45.35
CA CYS F 3839 -26.87 22.41 -44.92
C CYS F 3839 -25.63 23.23 -45.24
N SER F 3840 -25.86 24.42 -45.79
CA SER F 3840 -24.81 25.22 -46.41
C SER F 3840 -24.17 26.18 -45.41
N VAL F 3841 -23.02 26.72 -45.82
CA VAL F 3841 -22.32 27.77 -45.09
C VAL F 3841 -21.94 28.85 -46.09
N LEU F 3842 -21.36 29.94 -45.56
CA LEU F 3842 -20.97 31.06 -46.39
C LEU F 3842 -19.94 30.62 -47.43
N ASP F 3843 -20.12 31.09 -48.67
CA ASP F 3843 -19.18 30.83 -49.75
C ASP F 3843 -18.70 32.15 -50.32
N LEU F 3844 -17.42 32.46 -50.10
CA LEU F 3844 -16.86 33.72 -50.58
C LEU F 3844 -16.81 33.76 -52.10
N ASN F 3845 -16.58 32.60 -52.74
CA ASN F 3845 -16.61 32.56 -54.19
C ASN F 3845 -17.98 32.96 -54.73
N ALA F 3846 -19.04 32.42 -54.13
CA ALA F 3846 -20.39 32.80 -54.53
C ALA F 3846 -20.64 34.28 -54.26
N PHE F 3847 -20.16 34.78 -53.12
CA PHE F 3847 -20.33 36.19 -52.80
C PHE F 3847 -19.68 37.08 -53.84
N GLU F 3848 -18.43 36.75 -54.22
CA GLU F 3848 -17.73 37.53 -55.22
C GLU F 3848 -18.42 37.46 -56.57
N ARG F 3849 -18.90 36.27 -56.94
CA ARG F 3849 -19.61 36.12 -58.20
C ARG F 3849 -20.86 36.97 -58.23
N GLN F 3850 -21.62 36.97 -57.13
CA GLN F 3850 -22.83 37.79 -57.04
C GLN F 3850 -22.48 39.27 -57.12
N ASN F 3851 -21.42 39.69 -56.43
CA ASN F 3851 -21.01 41.10 -56.47
C ASN F 3851 -20.66 41.51 -57.88
N LYS F 3852 -19.90 40.67 -58.60
CA LYS F 3852 -19.51 41.00 -59.96
C LYS F 3852 -20.72 41.03 -60.88
N ALA F 3853 -21.65 40.09 -60.69
CA ALA F 3853 -22.87 40.06 -61.49
C ALA F 3853 -23.66 41.35 -61.33
N GLU F 3854 -23.90 41.75 -60.08
CA GLU F 3854 -24.66 42.96 -59.84
C GLU F 3854 -23.91 44.20 -60.29
N GLY F 3855 -22.57 44.17 -60.24
CA GLY F 3855 -21.80 45.28 -60.76
C GLY F 3855 -21.93 45.42 -62.27
N LEU F 3856 -21.89 44.29 -62.98
CA LEU F 3856 -22.15 44.32 -64.42
C LEU F 3856 -23.53 44.87 -64.70
N GLY F 3857 -24.54 44.33 -64.03
CA GLY F 3857 -25.86 44.95 -64.06
C GLY F 3857 -26.42 45.20 -65.43
N MET F 3858 -26.37 44.20 -66.30
CA MET F 3858 -27.04 44.31 -67.59
C MET F 3858 -28.54 44.43 -67.43
N VAL F 3859 -29.14 45.16 -68.37
CA VAL F 3859 -30.59 45.31 -68.42
C VAL F 3859 -31.18 44.06 -69.03
N ASN F 3860 -32.22 43.54 -68.38
CA ASN F 3860 -32.88 42.34 -68.88
C ASN F 3860 -33.55 42.64 -70.21
N GLU F 3861 -33.50 41.66 -71.13
CA GLU F 3861 -34.00 41.89 -72.49
C GLU F 3861 -35.46 42.33 -72.48
N ASP F 3862 -36.27 41.77 -71.59
CA ASP F 3862 -37.64 42.22 -71.44
C ASP F 3862 -37.68 43.54 -70.67
N GLY F 3863 -38.23 44.57 -71.30
CA GLY F 3863 -38.22 45.88 -70.67
C GLY F 3863 -36.82 46.30 -70.32
N THR F 3864 -36.63 46.68 -69.06
CA THR F 3864 -35.30 47.04 -68.55
C THR F 3864 -35.28 46.74 -67.05
N VAL F 3865 -34.55 45.71 -66.66
CA VAL F 3865 -34.46 45.31 -65.25
C VAL F 3865 -33.00 45.26 -64.83
N ILE F 3866 -32.53 46.34 -64.20
CA ILE F 3866 -31.14 46.39 -63.75
C ILE F 3866 -31.00 45.57 -62.48
N ASN F 3867 -29.85 44.92 -62.32
CA ASN F 3867 -29.54 44.14 -61.12
C ASN F 3867 -30.65 43.14 -60.83
N ARG F 3868 -31.17 42.50 -61.88
CA ARG F 3868 -32.13 41.43 -61.69
C ARG F 3868 -31.58 40.39 -60.73
N GLN F 3869 -32.34 40.08 -59.69
CA GLN F 3869 -31.89 39.23 -58.60
C GLN F 3869 -32.35 37.80 -58.84
N ASN F 3870 -31.42 36.86 -58.69
CA ASN F 3870 -31.76 35.44 -58.66
C ASN F 3870 -31.87 34.98 -57.21
N GLY F 3871 -32.04 33.67 -57.03
CA GLY F 3871 -31.98 33.12 -55.68
C GLY F 3871 -30.63 33.41 -55.05
N GLU F 3872 -30.65 33.80 -53.78
CA GLU F 3872 -29.42 34.17 -53.09
C GLU F 3872 -28.46 33.00 -53.07
N LYS F 3873 -27.35 33.13 -53.79
CA LYS F 3873 -26.38 32.04 -53.86
C LYS F 3873 -25.77 31.76 -52.50
N VAL F 3874 -25.72 32.76 -51.63
CA VAL F 3874 -25.12 32.61 -50.31
C VAL F 3874 -26.21 32.22 -49.32
N MET F 3875 -26.04 31.06 -48.68
CA MET F 3875 -27.00 30.52 -47.71
C MET F 3875 -28.43 30.63 -48.24
N ALA F 3876 -28.69 29.95 -49.35
CA ALA F 3876 -30.06 29.87 -49.85
C ALA F 3876 -30.95 29.09 -48.90
N ASP F 3877 -30.38 28.10 -48.19
CA ASP F 3877 -31.13 27.22 -47.31
C ASP F 3877 -31.04 27.63 -45.85
N ASP F 3878 -30.91 28.93 -45.57
CA ASP F 3878 -30.82 29.38 -44.18
C ASP F 3878 -32.10 29.05 -43.41
N GLU F 3879 -33.25 29.26 -44.04
CA GLU F 3879 -34.51 28.94 -43.37
C GLU F 3879 -34.60 27.45 -43.07
N PHE F 3880 -34.16 26.61 -44.01
CA PHE F 3880 -34.19 25.17 -43.79
C PHE F 3880 -33.26 24.77 -42.66
N THR F 3881 -32.06 25.33 -42.61
CA THR F 3881 -31.13 25.00 -41.54
C THR F 3881 -31.70 25.41 -40.19
N GLN F 3882 -32.24 26.63 -40.10
CA GLN F 3882 -32.83 27.08 -38.84
C GLN F 3882 -34.01 26.22 -38.45
N ASP F 3883 -34.86 25.82 -39.40
CA ASP F 3883 -36.00 24.98 -39.08
C ASP F 3883 -35.56 23.60 -38.58
N LEU F 3884 -34.55 23.02 -39.24
CA LEU F 3884 -34.02 21.72 -38.81
C LEU F 3884 -33.54 21.80 -37.37
N PHE F 3885 -32.69 22.78 -37.07
CA PHE F 3885 -32.14 22.89 -35.73
C PHE F 3885 -33.18 23.32 -34.71
N ARG F 3886 -34.18 24.10 -35.10
CA ARG F 3886 -35.28 24.43 -34.21
C ARG F 3886 -36.09 23.19 -33.87
N PHE F 3887 -36.32 22.32 -34.85
CA PHE F 3887 -37.00 21.05 -34.59
C PHE F 3887 -36.21 20.19 -33.62
N LEU F 3888 -34.90 20.07 -33.84
CA LEU F 3888 -34.07 19.27 -32.94
C LEU F 3888 -34.07 19.88 -31.54
N GLN F 3889 -34.02 21.21 -31.45
CA GLN F 3889 -34.09 21.89 -30.16
C GLN F 3889 -35.41 21.62 -29.46
N LEU F 3890 -36.52 21.73 -30.19
CA LEU F 3890 -37.83 21.54 -29.60
C LEU F 3890 -38.04 20.12 -29.14
N LEU F 3891 -37.37 19.16 -29.79
CA LEU F 3891 -37.42 17.82 -29.24
C LEU F 3891 -37.00 17.83 -27.79
N CYS F 3892 -35.87 18.46 -27.48
CA CYS F 3892 -35.31 18.44 -26.14
C CYS F 3892 -35.84 19.57 -25.25
N GLU F 3893 -36.69 20.45 -25.78
CA GLU F 3893 -37.18 21.57 -25.00
C GLU F 3893 -37.90 21.08 -23.74
N GLY F 3894 -37.71 21.81 -22.65
CA GLY F 3894 -38.21 21.40 -21.36
C GLY F 3894 -37.28 20.49 -20.58
N HIS F 3895 -36.04 20.31 -21.04
CA HIS F 3895 -35.08 19.44 -20.37
C HIS F 3895 -35.57 17.99 -20.34
N ASN F 3896 -35.86 17.47 -21.53
CA ASN F 3896 -36.34 16.10 -21.70
C ASN F 3896 -35.12 15.20 -21.83
N ASN F 3897 -34.72 14.59 -20.71
CA ASN F 3897 -33.49 13.79 -20.69
C ASN F 3897 -33.61 12.60 -21.63
N ASP F 3898 -34.82 12.09 -21.84
CA ASP F 3898 -34.98 10.93 -22.71
C ASP F 3898 -34.52 11.24 -24.12
N PHE F 3899 -35.00 12.33 -24.71
CA PHE F 3899 -34.47 12.81 -25.99
C PHE F 3899 -33.01 13.18 -25.90
N GLN F 3900 -32.64 13.90 -24.84
CA GLN F 3900 -31.26 14.37 -24.76
C GLN F 3900 -30.29 13.20 -24.87
N ASN F 3901 -30.72 12.02 -24.41
CA ASN F 3901 -29.86 10.85 -24.48
C ASN F 3901 -30.11 10.04 -25.76
N TYR F 3902 -31.35 10.02 -26.25
CA TYR F 3902 -31.66 9.27 -27.46
C TYR F 3902 -30.94 9.88 -28.66
N LEU F 3903 -30.86 11.21 -28.71
CA LEU F 3903 -30.12 11.86 -29.77
C LEU F 3903 -28.65 11.45 -29.76
N ARG F 3904 -28.08 11.30 -28.57
CA ARG F 3904 -26.69 10.85 -28.46
C ARG F 3904 -26.55 9.40 -28.89
N THR F 3905 -27.44 8.54 -28.41
CA THR F 3905 -27.33 7.11 -28.67
C THR F 3905 -28.73 6.49 -28.71
N GLN F 3906 -28.92 5.56 -29.64
CA GLN F 3906 -30.17 4.81 -29.77
C GLN F 3906 -29.85 3.35 -29.44
N THR F 3907 -30.16 2.95 -28.20
CA THR F 3907 -29.69 1.67 -27.70
C THR F 3907 -30.30 0.51 -28.48
N GLY F 3908 -31.61 0.55 -28.72
CA GLY F 3908 -32.27 -0.58 -29.36
C GLY F 3908 -31.81 -0.79 -30.79
N ASN F 3909 -31.51 0.29 -31.50
CA ASN F 3909 -31.18 0.19 -32.91
C ASN F 3909 -29.83 -0.50 -33.10
N THR F 3910 -29.68 -1.13 -34.28
CA THR F 3910 -28.40 -1.74 -34.62
C THR F 3910 -27.28 -0.72 -34.67
N THR F 3911 -27.58 0.47 -35.18
CA THR F 3911 -26.61 1.54 -35.31
C THR F 3911 -27.17 2.82 -34.72
N THR F 3912 -26.27 3.71 -34.31
CA THR F 3912 -26.64 4.95 -33.65
C THR F 3912 -25.84 6.10 -34.26
N ILE F 3913 -26.45 7.29 -34.22
CA ILE F 3913 -25.86 8.51 -34.75
C ILE F 3913 -25.92 9.58 -33.66
N ASN F 3914 -24.81 10.30 -33.48
CA ASN F 3914 -24.72 11.32 -32.45
C ASN F 3914 -25.03 12.68 -33.09
N ILE F 3915 -26.31 13.07 -33.01
CA ILE F 3915 -26.74 14.34 -33.55
C ILE F 3915 -26.01 15.48 -32.84
N ILE F 3916 -25.61 15.27 -31.59
CA ILE F 3916 -24.85 16.29 -30.87
C ILE F 3916 -23.56 16.60 -31.62
N ILE F 3917 -22.82 15.56 -31.99
CA ILE F 3917 -21.56 15.74 -32.70
C ILE F 3917 -21.79 16.27 -34.09
N CYS F 3918 -22.86 15.83 -34.76
CA CYS F 3918 -23.15 16.39 -36.08
C CYS F 3918 -23.40 17.90 -36.00
N THR F 3919 -24.13 18.33 -34.97
CA THR F 3919 -24.35 19.75 -34.75
C THR F 3919 -23.02 20.48 -34.52
N VAL F 3920 -22.15 19.89 -33.71
CA VAL F 3920 -20.85 20.51 -33.48
C VAL F 3920 -20.08 20.65 -34.79
N ASP F 3921 -20.13 19.63 -35.64
CA ASP F 3921 -19.43 19.69 -36.92
C ASP F 3921 -19.97 20.81 -37.79
N TYR F 3922 -21.30 20.94 -37.86
CA TYR F 3922 -21.86 22.04 -38.65
C TYR F 3922 -21.43 23.39 -38.08
N LEU F 3923 -21.41 23.53 -36.75
CA LEU F 3923 -20.99 24.77 -36.16
C LEU F 3923 -19.54 25.10 -36.51
N LEU F 3924 -18.68 24.08 -36.52
CA LEU F 3924 -17.28 24.30 -36.89
C LEU F 3924 -17.16 24.78 -38.33
N ARG F 3925 -17.90 24.12 -39.24
CA ARG F 3925 -17.89 24.58 -40.63
C ARG F 3925 -18.37 26.03 -40.72
N LEU F 3926 -19.41 26.36 -39.98
CA LEU F 3926 -19.96 27.72 -40.02
C LEU F 3926 -18.96 28.74 -39.53
N GLN F 3927 -18.24 28.44 -38.44
CA GLN F 3927 -17.31 29.42 -37.90
C GLN F 3927 -16.10 29.57 -38.82
N GLU F 3928 -15.70 28.48 -39.47
CA GLU F 3928 -14.66 28.59 -40.50
C GLU F 3928 -15.10 29.55 -41.60
N SER F 3929 -16.34 29.39 -42.07
CA SER F 3929 -16.85 30.28 -43.11
C SER F 3929 -16.86 31.72 -42.63
N ILE F 3930 -17.31 31.94 -41.39
CA ILE F 3930 -17.40 33.29 -40.86
C ILE F 3930 -16.02 33.93 -40.73
N SER F 3931 -15.04 33.15 -40.27
CA SER F 3931 -13.68 33.68 -40.15
C SER F 3931 -13.09 34.02 -41.51
N ASP F 3932 -13.36 33.18 -42.51
CA ASP F 3932 -12.87 33.48 -43.86
C ASP F 3932 -13.50 34.76 -44.39
N PHE F 3933 -14.80 34.93 -44.16
CA PHE F 3933 -15.50 36.11 -44.67
C PHE F 3933 -15.00 37.37 -43.94
N TYR F 3934 -14.77 37.24 -42.63
CA TYR F 3934 -14.02 38.25 -41.89
C TYR F 3934 -12.74 38.62 -42.62
N TRP F 3935 -11.84 37.66 -42.79
CA TRP F 3935 -10.54 37.96 -43.40
C TRP F 3935 -10.72 38.64 -44.75
N TYR F 3936 -11.78 38.28 -45.47
CA TYR F 3936 -12.08 38.97 -46.73
C TYR F 3936 -12.36 40.44 -46.48
N TYR F 3937 -13.13 40.77 -45.44
CA TYR F 3937 -13.51 42.16 -45.19
C TYR F 3937 -12.56 42.89 -44.23
N SER F 3938 -11.47 42.25 -43.80
CA SER F 3938 -10.64 42.83 -42.74
C SER F 3938 -9.98 44.12 -43.19
N GLY F 3939 -9.41 44.13 -44.39
CA GLY F 3939 -8.70 45.31 -44.86
C GLY F 3939 -9.63 46.48 -45.12
N LYS F 3940 -10.81 46.20 -45.66
CA LYS F 3940 -11.72 47.27 -46.06
C LYS F 3940 -12.30 47.96 -44.84
N ASP F 3941 -12.30 49.30 -44.88
CA ASP F 3941 -12.69 50.08 -43.71
C ASP F 3941 -14.15 49.82 -43.35
N VAL F 3942 -15.04 49.79 -44.33
CA VAL F 3942 -16.47 49.67 -44.09
C VAL F 3942 -17.02 48.47 -44.87
N ILE F 3943 -17.79 47.64 -44.17
CA ILE F 3943 -18.48 46.53 -44.82
C ILE F 3943 -19.68 47.06 -45.57
N GLU F 3944 -19.94 46.50 -46.75
CA GLU F 3944 -21.05 46.94 -47.57
C GLU F 3944 -22.33 46.16 -47.20
N GLU F 3945 -23.41 46.53 -47.88
CA GLU F 3945 -24.75 46.12 -47.46
C GLU F 3945 -24.93 44.61 -47.56
N GLN F 3946 -24.51 44.02 -48.70
CA GLN F 3946 -24.67 42.57 -48.87
C GLN F 3946 -23.84 41.81 -47.84
N GLY F 3947 -22.64 42.31 -47.54
CA GLY F 3947 -21.84 41.69 -46.49
C GLY F 3947 -22.54 41.73 -45.14
N LYS F 3948 -23.12 42.89 -44.79
CA LYS F 3948 -23.92 42.97 -43.58
C LYS F 3948 -25.02 41.91 -43.57
N ARG F 3949 -25.72 41.78 -44.70
CA ARG F 3949 -26.84 40.84 -44.79
C ARG F 3949 -26.37 39.41 -44.56
N ASN F 3950 -25.27 39.02 -45.20
CA ASN F 3950 -24.81 37.64 -45.11
C ASN F 3950 -24.28 37.33 -43.72
N PHE F 3951 -23.58 38.29 -43.12
CA PHE F 3951 -23.23 38.21 -41.70
C PHE F 3951 -24.45 38.01 -40.82
N SER F 3952 -25.53 38.75 -41.09
CA SER F 3952 -26.74 38.58 -40.30
C SER F 3952 -27.32 37.18 -40.45
N LYS F 3953 -27.35 36.67 -41.69
CA LYS F 3953 -27.85 35.32 -41.92
C LYS F 3953 -27.01 34.29 -41.18
N ALA F 3954 -25.69 34.38 -41.31
CA ALA F 3954 -24.81 33.43 -40.66
C ALA F 3954 -24.96 33.49 -39.15
N MET F 3955 -25.09 34.69 -38.60
CA MET F 3955 -25.21 34.83 -37.15
C MET F 3955 -26.54 34.31 -36.66
N SER F 3956 -27.61 34.46 -37.44
CA SER F 3956 -28.89 33.88 -37.07
C SER F 3956 -28.80 32.35 -37.03
N VAL F 3957 -28.18 31.76 -38.06
CA VAL F 3957 -28.01 30.31 -38.08
C VAL F 3957 -27.18 29.86 -36.87
N ALA F 3958 -26.09 30.59 -36.59
CA ALA F 3958 -25.24 30.23 -35.47
C ALA F 3958 -25.97 30.36 -34.14
N LYS F 3959 -26.82 31.38 -34.00
CA LYS F 3959 -27.61 31.54 -32.79
C LYS F 3959 -28.56 30.36 -32.59
N GLN F 3960 -29.23 29.95 -33.66
CA GLN F 3960 -30.14 28.81 -33.54
C GLN F 3960 -29.36 27.54 -33.20
N VAL F 3961 -28.18 27.36 -33.79
CA VAL F 3961 -27.36 26.19 -33.48
C VAL F 3961 -26.92 26.22 -32.02
N PHE F 3962 -26.53 27.39 -31.53
CA PHE F 3962 -26.11 27.52 -30.14
C PHE F 3962 -27.26 27.19 -29.21
N ASN F 3963 -28.47 27.66 -29.53
CA ASN F 3963 -29.62 27.34 -28.70
C ASN F 3963 -29.93 25.85 -28.72
N SER F 3964 -29.80 25.22 -29.89
CA SER F 3964 -30.00 23.77 -29.95
C SER F 3964 -28.99 23.03 -29.08
N LEU F 3965 -27.72 23.42 -29.16
CA LEU F 3965 -26.70 22.77 -28.34
C LEU F 3965 -26.95 23.01 -26.86
N THR F 3966 -27.34 24.23 -26.50
CA THR F 3966 -27.70 24.53 -25.12
C THR F 3966 -28.84 23.65 -24.64
N GLU F 3967 -29.86 23.47 -25.48
CA GLU F 3967 -31.01 22.69 -25.11
C GLU F 3967 -30.67 21.21 -24.99
N TYR F 3968 -29.72 20.73 -25.78
CA TYR F 3968 -29.27 19.34 -25.66
C TYR F 3968 -28.76 19.01 -24.26
N ILE F 3969 -28.17 19.98 -23.56
CA ILE F 3969 -27.41 19.66 -22.34
C ILE F 3969 -28.13 20.20 -21.12
N GLN F 3970 -28.97 21.22 -21.29
CA GLN F 3970 -29.64 21.79 -20.13
C GLN F 3970 -30.49 20.75 -19.42
N GLY F 3971 -30.53 20.84 -18.09
CA GLY F 3971 -31.35 19.97 -17.28
C GLY F 3971 -30.68 19.43 -16.03
N PRO F 3972 -29.38 19.09 -16.09
CA PRO F 3972 -28.47 18.85 -17.22
C PRO F 3972 -28.51 17.42 -17.76
N CYS F 3973 -28.00 17.22 -18.97
CA CYS F 3973 -27.76 15.89 -19.51
C CYS F 3973 -26.25 15.64 -19.48
N THR F 3974 -25.81 14.85 -18.49
CA THR F 3974 -24.39 14.69 -18.24
C THR F 3974 -23.67 14.02 -19.41
N GLY F 3975 -24.30 13.02 -20.02
CA GLY F 3975 -23.68 12.35 -21.15
C GLY F 3975 -23.41 13.31 -22.31
N ASN F 3976 -24.39 14.17 -22.61
CA ASN F 3976 -24.21 15.16 -23.66
C ASN F 3976 -23.15 16.18 -23.27
N GLN F 3977 -23.13 16.58 -22.00
CA GLN F 3977 -22.06 17.44 -21.51
C GLN F 3977 -20.69 16.84 -21.79
N GLN F 3978 -20.50 15.57 -21.43
CA GLN F 3978 -19.22 14.93 -21.64
C GLN F 3978 -18.88 14.79 -23.12
N SER F 3979 -19.87 14.45 -23.94
CA SER F 3979 -19.63 14.35 -25.38
C SER F 3979 -19.14 15.68 -25.94
N LEU F 3980 -19.83 16.77 -25.60
CA LEU F 3980 -19.37 18.08 -26.08
C LEU F 3980 -18.00 18.43 -25.54
N ALA F 3981 -17.76 18.14 -24.25
CA ALA F 3981 -16.46 18.46 -23.66
C ALA F 3981 -15.34 17.75 -24.40
N HIS F 3982 -15.60 16.53 -24.88
CA HIS F 3982 -14.64 15.78 -25.66
C HIS F 3982 -14.77 16.03 -27.16
N SER F 3983 -15.64 16.94 -27.57
CA SER F 3983 -15.81 17.29 -28.97
C SER F 3983 -14.89 18.46 -29.34
N ARG F 3984 -15.11 19.06 -30.52
CA ARG F 3984 -14.32 20.16 -31.04
C ARG F 3984 -15.01 21.52 -30.82
N LEU F 3985 -16.05 21.52 -29.98
CA LEU F 3985 -16.74 22.76 -29.65
C LEU F 3985 -15.77 23.79 -29.12
N TRP F 3986 -14.68 23.35 -28.48
CA TRP F 3986 -13.68 24.28 -27.98
C TRP F 3986 -12.99 25.02 -29.12
N ASP F 3987 -12.63 24.29 -30.18
CA ASP F 3987 -12.05 24.94 -31.35
C ASP F 3987 -13.04 25.92 -31.97
N ALA F 3988 -14.30 25.51 -32.07
CA ALA F 3988 -15.31 26.42 -32.59
C ALA F 3988 -15.39 27.69 -31.76
N VAL F 3989 -15.34 27.55 -30.44
CA VAL F 3989 -15.46 28.71 -29.56
C VAL F 3989 -14.24 29.62 -29.71
N VAL F 3990 -13.05 29.03 -29.87
CA VAL F 3990 -11.85 29.85 -30.06
C VAL F 3990 -11.99 30.70 -31.32
N GLY F 3991 -12.39 30.07 -32.43
CA GLY F 3991 -12.56 30.82 -33.66
C GLY F 3991 -13.61 31.90 -33.52
N PHE F 3992 -14.74 31.56 -32.89
CA PHE F 3992 -15.80 32.54 -32.71
C PHE F 3992 -15.32 33.70 -31.86
N LEU F 3993 -14.50 33.44 -30.85
CA LEU F 3993 -13.99 34.51 -30.00
C LEU F 3993 -13.09 35.44 -30.79
N HIS F 3994 -12.21 34.87 -31.63
CA HIS F 3994 -11.38 35.70 -32.48
C HIS F 3994 -12.23 36.62 -33.35
N VAL F 3995 -13.22 36.05 -34.04
CA VAL F 3995 -14.07 36.84 -34.92
C VAL F 3995 -14.84 37.88 -34.11
N PHE F 3996 -15.39 37.48 -32.96
CA PHE F 3996 -16.14 38.41 -32.13
C PHE F 3996 -15.30 39.62 -31.78
N ALA F 3997 -14.08 39.39 -31.28
CA ALA F 3997 -13.25 40.51 -30.86
C ALA F 3997 -12.94 41.44 -32.03
N HIS F 3998 -12.50 40.87 -33.16
CA HIS F 3998 -12.04 41.74 -34.24
C HIS F 3998 -13.21 42.49 -34.89
N MET F 3999 -14.34 41.82 -35.09
CA MET F 3999 -15.53 42.51 -35.58
C MET F 3999 -16.03 43.54 -34.59
N MET F 4000 -15.98 43.25 -33.30
CA MET F 4000 -16.38 44.24 -32.32
C MET F 4000 -15.58 45.53 -32.52
N MET F 4001 -14.25 45.39 -32.57
CA MET F 4001 -13.40 46.57 -32.74
C MET F 4001 -13.68 47.26 -34.08
N LYS F 4002 -13.82 46.48 -35.16
CA LYS F 4002 -13.98 47.07 -36.48
C LYS F 4002 -15.31 47.79 -36.63
N LEU F 4003 -16.39 47.16 -36.14
CA LEU F 4003 -17.72 47.72 -36.29
C LEU F 4003 -17.97 48.89 -35.34
N ALA F 4004 -17.24 48.97 -34.23
CA ALA F 4004 -17.40 50.13 -33.35
C ALA F 4004 -17.07 51.42 -34.07
N GLN F 4005 -16.28 51.35 -35.13
CA GLN F 4005 -15.73 52.57 -35.73
C GLN F 4005 -16.79 53.33 -36.51
N ASP F 4006 -17.74 52.64 -37.13
CA ASP F 4006 -18.76 53.26 -37.97
C ASP F 4006 -20.14 52.97 -37.40
N SER F 4007 -20.98 54.01 -37.33
CA SER F 4007 -22.32 53.85 -36.78
C SER F 4007 -23.26 53.12 -37.73
N SER F 4008 -22.94 53.10 -39.02
CA SER F 4008 -23.76 52.37 -39.99
C SER F 4008 -23.77 50.87 -39.70
N GLN F 4009 -22.85 50.40 -38.86
CA GLN F 4009 -22.65 48.99 -38.58
C GLN F 4009 -23.20 48.60 -37.20
N ILE F 4010 -24.00 49.50 -36.61
CA ILE F 4010 -24.40 49.34 -35.21
C ILE F 4010 -25.34 48.14 -35.04
N GLU F 4011 -26.30 47.98 -35.96
CA GLU F 4011 -27.23 46.87 -35.84
C GLU F 4011 -26.51 45.53 -35.94
N LEU F 4012 -25.58 45.43 -36.88
CA LEU F 4012 -24.80 44.19 -37.00
C LEU F 4012 -23.96 43.96 -35.76
N LEU F 4013 -23.42 45.03 -35.17
CA LEU F 4013 -22.69 44.88 -33.92
C LEU F 4013 -23.59 44.34 -32.82
N LYS F 4014 -24.82 44.84 -32.75
CA LYS F 4014 -25.78 44.38 -31.75
C LYS F 4014 -26.08 42.90 -31.93
N GLU F 4015 -26.32 42.48 -33.18
CA GLU F 4015 -26.56 41.08 -33.47
C GLU F 4015 -25.36 40.22 -33.07
N LEU F 4016 -24.16 40.70 -33.37
CA LEU F 4016 -22.94 39.97 -33.00
C LEU F 4016 -22.87 39.79 -31.48
N LEU F 4017 -23.14 40.85 -30.74
CA LEU F 4017 -23.07 40.79 -29.29
C LEU F 4017 -24.09 39.80 -28.73
N ASP F 4018 -25.31 39.83 -29.28
CA ASP F 4018 -26.32 38.86 -28.85
C ASP F 4018 -25.85 37.44 -29.12
N LEU F 4019 -25.19 37.21 -30.26
CA LEU F 4019 -24.69 35.89 -30.57
C LEU F 4019 -23.61 35.46 -29.58
N GLN F 4020 -22.73 36.39 -29.19
CA GLN F 4020 -21.74 36.06 -28.17
C GLN F 4020 -22.43 35.69 -26.86
N LYS F 4021 -23.51 36.41 -26.54
CA LYS F 4021 -24.26 36.10 -25.32
C LYS F 4021 -24.81 34.69 -25.37
N ASP F 4022 -25.33 34.29 -26.52
CA ASP F 4022 -25.85 32.93 -26.68
C ASP F 4022 -24.75 31.89 -26.53
N MET F 4023 -23.57 32.17 -27.09
CA MET F 4023 -22.43 31.27 -26.89
C MET F 4023 -22.05 31.15 -25.42
N VAL F 4024 -22.05 32.27 -24.70
CA VAL F 4024 -21.72 32.24 -23.28
C VAL F 4024 -22.77 31.46 -22.51
N VAL F 4025 -24.04 31.57 -22.92
CA VAL F 4025 -25.10 30.78 -22.30
C VAL F 4025 -24.85 29.30 -22.52
N MET F 4026 -24.43 28.92 -23.72
CA MET F 4026 -24.08 27.52 -23.97
C MET F 4026 -22.97 27.06 -23.03
N LEU F 4027 -21.94 27.88 -22.86
CA LEU F 4027 -20.87 27.53 -21.93
C LEU F 4027 -21.37 27.37 -20.51
N LEU F 4028 -22.21 28.30 -20.06
CA LEU F 4028 -22.78 28.23 -18.73
C LEU F 4028 -23.61 26.97 -18.54
N SER F 4029 -24.35 26.56 -19.57
CA SER F 4029 -25.08 25.29 -19.51
C SER F 4029 -24.13 24.12 -19.42
N LEU F 4030 -23.01 24.16 -20.16
CA LEU F 4030 -22.00 23.13 -20.00
C LEU F 4030 -21.51 23.05 -18.56
N LEU F 4031 -21.50 24.17 -17.86
CA LEU F 4031 -21.06 24.18 -16.46
C LEU F 4031 -22.18 23.85 -15.47
N GLU F 4032 -23.33 23.36 -15.93
CA GLU F 4032 -24.38 22.97 -15.00
C GLU F 4032 -23.99 21.69 -14.28
N GLY F 4033 -24.10 21.69 -12.95
CA GLY F 4033 -23.69 20.56 -12.15
C GLY F 4033 -22.20 20.46 -11.92
N ASN F 4034 -21.43 21.44 -12.38
CA ASN F 4034 -19.98 21.38 -12.24
C ASN F 4034 -19.57 21.43 -10.78
N VAL F 4035 -18.59 20.60 -10.43
CA VAL F 4035 -18.04 20.58 -9.08
C VAL F 4035 -16.74 21.36 -9.07
N VAL F 4036 -16.25 21.68 -7.86
CA VAL F 4036 -14.98 22.39 -7.74
C VAL F 4036 -13.89 21.60 -8.43
N ASN F 4037 -13.05 22.31 -9.19
CA ASN F 4037 -11.96 21.69 -9.95
C ASN F 4037 -12.47 20.63 -10.91
N GLY F 4038 -13.66 20.85 -11.47
CA GLY F 4038 -14.20 19.92 -12.43
C GLY F 4038 -13.48 19.96 -13.76
N MET F 4039 -13.54 18.83 -14.45
CA MET F 4039 -12.80 18.68 -15.71
C MET F 4039 -13.32 19.65 -16.76
N ILE F 4040 -14.64 19.86 -16.82
CA ILE F 4040 -15.20 20.76 -17.83
C ILE F 4040 -14.78 22.19 -17.55
N ALA F 4041 -14.78 22.61 -16.28
CA ALA F 4041 -14.33 23.94 -15.93
C ALA F 4041 -12.86 24.14 -16.27
N ARG F 4042 -12.03 23.13 -15.98
CA ARG F 4042 -10.61 23.23 -16.30
C ARG F 4042 -10.41 23.29 -17.81
N GLN F 4043 -11.21 22.54 -18.57
CA GLN F 4043 -11.18 22.63 -20.03
C GLN F 4043 -11.55 24.02 -20.50
N MET F 4044 -12.58 24.63 -19.90
CA MET F 4044 -12.94 26.00 -20.24
C MET F 4044 -11.78 26.95 -19.98
N VAL F 4045 -11.11 26.80 -18.83
CA VAL F 4045 -10.00 27.69 -18.51
C VAL F 4045 -8.88 27.52 -19.52
N ASP F 4046 -8.59 26.27 -19.92
CA ASP F 4046 -7.54 26.04 -20.89
C ASP F 4046 -7.91 26.65 -22.25
N MET F 4047 -9.17 26.53 -22.66
CA MET F 4047 -9.60 27.13 -23.91
C MET F 4047 -9.46 28.65 -23.86
N LEU F 4048 -9.85 29.25 -22.73
CA LEU F 4048 -9.71 30.69 -22.57
C LEU F 4048 -8.25 31.10 -22.64
N VAL F 4049 -7.37 30.30 -22.04
CA VAL F 4049 -5.94 30.58 -22.13
C VAL F 4049 -5.47 30.53 -23.57
N GLU F 4050 -5.93 29.53 -24.32
CA GLU F 4050 -5.61 29.44 -25.74
C GLU F 4050 -6.08 30.69 -26.48
N SER F 4051 -7.25 31.21 -26.10
CA SER F 4051 -7.85 32.36 -26.75
C SER F 4051 -7.57 33.67 -26.01
N SER F 4052 -6.52 33.70 -25.18
CA SER F 4052 -6.27 34.82 -24.28
C SER F 4052 -6.41 36.18 -24.97
N SER F 4053 -5.67 36.37 -26.07
CA SER F 4053 -5.57 37.68 -26.68
C SER F 4053 -6.95 38.26 -27.01
N ASN F 4054 -7.80 37.45 -27.63
CA ASN F 4054 -9.13 37.93 -28.02
C ASN F 4054 -10.00 38.18 -26.80
N VAL F 4055 -9.88 37.35 -25.77
CA VAL F 4055 -10.57 37.61 -24.52
C VAL F 4055 -10.14 38.95 -23.95
N GLU F 4056 -8.83 39.22 -23.97
CA GLU F 4056 -8.33 40.50 -23.49
C GLU F 4056 -8.91 41.64 -24.31
N MET F 4057 -8.99 41.47 -25.63
CA MET F 4057 -9.56 42.50 -26.48
C MET F 4057 -11.00 42.79 -26.10
N ILE F 4058 -11.79 41.73 -25.86
CA ILE F 4058 -13.20 41.91 -25.52
C ILE F 4058 -13.34 42.62 -24.19
N LEU F 4059 -12.57 42.19 -23.19
CA LEU F 4059 -12.64 42.82 -21.88
C LEU F 4059 -12.22 44.28 -21.95
N LYS F 4060 -11.19 44.57 -22.75
CA LYS F 4060 -10.75 45.95 -22.92
C LYS F 4060 -11.81 46.81 -23.59
N PHE F 4061 -12.49 46.27 -24.60
CA PHE F 4061 -13.60 46.99 -25.20
C PHE F 4061 -14.63 47.38 -24.14
N PHE F 4062 -15.09 46.40 -23.36
CA PHE F 4062 -16.11 46.68 -22.35
C PHE F 4062 -15.61 47.71 -21.35
N ASP F 4063 -14.40 47.54 -20.84
CA ASP F 4063 -13.92 48.41 -19.77
C ASP F 4063 -13.66 49.81 -20.29
N MET F 4064 -13.14 49.94 -21.50
CA MET F 4064 -12.92 51.25 -22.09
C MET F 4064 -14.22 52.02 -22.21
N PHE F 4065 -15.28 51.38 -22.73
CA PHE F 4065 -16.52 52.13 -22.86
C PHE F 4065 -17.16 52.40 -21.51
N LEU F 4066 -17.02 51.47 -20.56
CA LEU F 4066 -17.50 51.71 -19.20
C LEU F 4066 -16.83 52.92 -18.58
N LYS F 4067 -15.51 53.06 -18.78
CA LYS F 4067 -14.79 54.20 -18.22
C LYS F 4067 -15.11 55.49 -18.97
N LEU F 4068 -15.34 55.40 -20.28
CA LEU F 4068 -15.72 56.58 -21.04
C LEU F 4068 -17.04 57.15 -20.51
N LYS F 4069 -17.98 56.26 -20.19
CA LYS F 4069 -19.27 56.73 -19.68
C LYS F 4069 -19.09 57.60 -18.44
N ASP F 4070 -18.21 57.19 -17.52
CA ASP F 4070 -18.02 57.96 -16.30
C ASP F 4070 -17.17 59.20 -16.55
N ILE F 4071 -16.19 59.10 -17.44
CA ILE F 4071 -15.34 60.25 -17.73
C ILE F 4071 -16.15 61.40 -18.30
N VAL F 4072 -17.02 61.10 -19.27
CA VAL F 4072 -17.80 62.17 -19.89
C VAL F 4072 -18.70 62.87 -18.87
N GLY F 4073 -19.10 62.15 -17.81
CA GLY F 4073 -19.88 62.77 -16.76
C GLY F 4073 -18.99 63.52 -15.78
N SER F 4074 -17.72 63.14 -15.74
CA SER F 4074 -16.77 63.85 -14.89
C SER F 4074 -16.72 65.32 -15.27
N GLU F 4075 -16.78 66.18 -14.26
CA GLU F 4075 -16.77 67.62 -14.50
C GLU F 4075 -15.43 68.08 -15.08
N ALA F 4076 -14.33 67.43 -14.67
CA ALA F 4076 -13.04 67.78 -15.25
C ALA F 4076 -13.09 67.69 -16.77
N PHE F 4077 -13.79 66.68 -17.30
CA PHE F 4077 -14.05 66.63 -18.73
C PHE F 4077 -14.86 67.85 -19.17
N GLN F 4078 -15.85 68.24 -18.38
CA GLN F 4078 -16.68 69.39 -18.72
C GLN F 4078 -15.88 70.69 -18.75
N ASP F 4079 -14.77 70.76 -18.02
CA ASP F 4079 -13.91 71.93 -18.10
C ASP F 4079 -13.38 72.11 -19.52
N TYR F 4080 -12.99 71.01 -20.16
CA TYR F 4080 -12.49 71.08 -21.52
C TYR F 4080 -13.59 71.49 -22.50
N VAL F 4081 -14.85 71.27 -22.14
CA VAL F 4081 -15.97 71.62 -23.01
C VAL F 4081 -16.11 73.15 -23.00
N THR F 4082 -15.98 73.77 -24.18
CA THR F 4082 -16.04 75.22 -24.31
C THR F 4082 -17.07 75.65 -25.37
N ASP F 4083 -17.95 74.74 -25.78
CA ASP F 4083 -18.92 75.03 -26.82
C ASP F 4083 -20.33 75.02 -26.25
N PRO F 4084 -21.15 76.04 -26.53
CA PRO F 4084 -22.51 76.04 -25.96
C PRO F 4084 -23.33 74.84 -26.39
N ARG F 4085 -23.12 74.33 -27.60
CA ARG F 4085 -23.89 73.20 -28.11
C ARG F 4085 -23.55 71.89 -27.41
N GLY F 4086 -22.50 71.88 -26.57
CA GLY F 4086 -22.13 70.67 -25.86
C GLY F 4086 -21.22 69.74 -26.62
N LEU F 4087 -20.71 70.15 -27.78
CA LEU F 4087 -19.78 69.33 -28.54
C LEU F 4087 -18.35 69.58 -28.07
N ILE F 4088 -17.50 68.58 -28.29
CA ILE F 4088 -16.09 68.66 -27.94
C ILE F 4088 -15.27 68.22 -29.14
N SER F 4089 -14.22 68.98 -29.44
CA SER F 4089 -13.41 68.72 -30.62
C SER F 4089 -12.49 67.53 -30.37
N LYS F 4090 -11.93 67.00 -31.45
CA LYS F 4090 -11.09 65.81 -31.32
C LYS F 4090 -9.82 66.10 -30.53
N LYS F 4091 -9.18 67.25 -30.79
CA LYS F 4091 -7.97 67.58 -30.04
C LYS F 4091 -8.26 67.79 -28.57
N ASP F 4092 -9.34 68.51 -28.26
CA ASP F 4092 -9.69 68.76 -26.87
C ASP F 4092 -10.09 67.47 -26.17
N PHE F 4093 -10.77 66.58 -26.90
CA PHE F 4093 -11.10 65.26 -26.38
C PHE F 4093 -9.84 64.45 -26.07
N GLN F 4094 -8.86 64.51 -26.97
CA GLN F 4094 -7.60 63.83 -26.75
C GLN F 4094 -6.90 64.36 -25.51
N LYS F 4095 -6.91 65.68 -25.34
CA LYS F 4095 -6.31 66.28 -24.16
C LYS F 4095 -7.04 65.87 -22.89
N ALA F 4096 -8.37 65.81 -22.94
CA ALA F 4096 -9.14 65.34 -21.79
C ALA F 4096 -8.75 63.91 -21.44
N MET F 4097 -8.63 63.04 -22.45
CA MET F 4097 -8.23 61.67 -22.20
C MET F 4097 -6.87 61.61 -21.53
N ASP F 4098 -5.88 62.34 -22.08
CA ASP F 4098 -4.53 62.24 -21.54
C ASP F 4098 -4.47 62.85 -20.14
N SER F 4099 -5.36 63.80 -19.86
CA SER F 4099 -5.44 64.37 -18.51
C SER F 4099 -5.98 63.34 -17.52
N GLN F 4100 -7.05 62.63 -17.89
CA GLN F 4100 -7.58 61.61 -17.01
C GLN F 4100 -6.59 60.45 -16.84
N LYS F 4101 -5.77 60.20 -17.86
CA LYS F 4101 -4.62 59.30 -17.82
C LYS F 4101 -5.04 57.82 -17.78
N GLN F 4102 -6.34 57.51 -17.73
CA GLN F 4102 -6.76 56.11 -17.71
C GLN F 4102 -6.42 55.42 -19.01
N PHE F 4103 -6.54 56.12 -20.13
CA PHE F 4103 -6.43 55.52 -21.45
C PHE F 4103 -5.03 55.72 -22.04
N THR F 4104 -4.65 54.80 -22.91
CA THR F 4104 -3.42 54.90 -23.67
C THR F 4104 -3.66 55.67 -24.96
N GLY F 4105 -2.58 55.96 -25.68
CA GLY F 4105 -2.67 56.64 -26.95
C GLY F 4105 -3.44 55.84 -27.98
N PRO F 4106 -3.11 54.56 -28.13
CA PRO F 4106 -3.89 53.71 -29.04
C PRO F 4106 -5.36 53.64 -28.66
N GLU F 4107 -5.66 53.57 -27.37
CA GLU F 4107 -7.05 53.54 -26.91
C GLU F 4107 -7.76 54.84 -27.26
N ILE F 4108 -7.08 55.97 -27.08
CA ILE F 4108 -7.67 57.26 -27.42
C ILE F 4108 -7.92 57.36 -28.91
N GLN F 4109 -6.99 56.85 -29.72
CA GLN F 4109 -7.19 56.86 -31.16
C GLN F 4109 -8.38 55.98 -31.55
N PHE F 4110 -8.52 54.82 -30.91
CA PHE F 4110 -9.66 53.96 -31.19
C PHE F 4110 -10.98 54.65 -30.83
N LEU F 4111 -11.00 55.33 -29.68
CA LEU F 4111 -12.20 56.07 -29.29
C LEU F 4111 -12.49 57.19 -30.28
N LEU F 4112 -11.44 57.87 -30.75
CA LEU F 4112 -11.62 58.91 -31.75
C LEU F 4112 -12.21 58.34 -33.04
N SER F 4113 -11.73 57.17 -33.46
CA SER F 4113 -12.28 56.52 -34.65
C SER F 4113 -13.74 56.17 -34.46
N CYS F 4114 -14.09 55.60 -33.30
CA CYS F 4114 -15.49 55.27 -33.03
C CYS F 4114 -16.35 56.51 -32.86
N SER F 4115 -15.75 57.65 -32.54
CA SER F 4115 -16.50 58.89 -32.46
C SER F 4115 -16.98 59.30 -33.84
N GLU F 4116 -18.26 59.67 -33.93
CA GLU F 4116 -18.85 60.12 -35.18
C GLU F 4116 -18.59 61.62 -35.30
N ALA F 4117 -17.35 61.96 -35.60
CA ALA F 4117 -16.91 63.34 -35.67
C ALA F 4117 -17.34 63.97 -36.98
N ASP F 4118 -17.97 65.13 -36.88
CA ASP F 4118 -18.46 65.84 -38.07
C ASP F 4118 -17.28 66.42 -38.84
N GLU F 4119 -17.58 67.11 -39.94
CA GLU F 4119 -16.54 67.79 -40.70
C GLU F 4119 -15.81 68.82 -39.85
N ASN F 4120 -16.51 69.42 -38.88
CA ASN F 4120 -15.89 70.38 -37.98
C ASN F 4120 -15.08 69.71 -36.87
N GLU F 4121 -15.01 68.38 -36.86
CA GLU F 4121 -14.29 67.57 -35.89
C GLU F 4121 -14.97 67.63 -34.53
N MET F 4122 -16.25 67.97 -34.47
CA MET F 4122 -16.97 68.15 -33.22
C MET F 4122 -17.74 66.85 -32.93
N ILE F 4123 -17.82 66.49 -31.65
CA ILE F 4123 -18.38 65.21 -31.24
C ILE F 4123 -19.50 65.44 -30.23
N ASN F 4124 -20.52 64.59 -30.27
CA ASN F 4124 -21.53 64.49 -29.22
C ASN F 4124 -21.12 63.39 -28.26
N PHE F 4125 -20.37 63.76 -27.22
CA PHE F 4125 -19.84 62.75 -26.31
C PHE F 4125 -20.98 62.02 -25.59
N GLU F 4126 -22.11 62.68 -25.39
CA GLU F 4126 -23.24 62.03 -24.73
C GLU F 4126 -23.69 60.79 -25.51
N GLU F 4127 -24.04 60.98 -26.77
CA GLU F 4127 -24.48 59.84 -27.58
C GLU F 4127 -23.34 58.87 -27.82
N PHE F 4128 -22.12 59.38 -27.95
CA PHE F 4128 -20.97 58.49 -28.11
C PHE F 4128 -20.87 57.53 -26.95
N ALA F 4129 -20.99 58.03 -25.72
CA ALA F 4129 -20.93 57.17 -24.54
C ALA F 4129 -22.12 56.24 -24.48
N ASN F 4130 -23.32 56.76 -24.77
CA ASN F 4130 -24.55 55.97 -24.65
C ASN F 4130 -24.69 54.92 -25.74
N ARG F 4131 -23.90 55.00 -26.81
CA ARG F 4131 -24.11 54.13 -27.96
C ARG F 4131 -23.95 52.65 -27.59
N PHE F 4132 -22.84 52.30 -26.95
CA PHE F 4132 -22.49 50.91 -26.74
C PHE F 4132 -22.87 50.37 -25.36
N GLN F 4133 -23.55 51.16 -24.53
CA GLN F 4133 -23.87 50.71 -23.19
C GLN F 4133 -24.94 49.62 -23.22
N GLU F 4134 -26.13 49.95 -23.71
CA GLU F 4134 -27.22 48.99 -23.73
C GLU F 4134 -26.89 47.76 -24.57
N PRO F 4135 -26.35 47.88 -25.78
CA PRO F 4135 -26.09 46.67 -26.58
C PRO F 4135 -25.19 45.67 -25.88
N ALA F 4136 -24.18 46.14 -25.16
CA ALA F 4136 -23.14 45.28 -24.60
C ALA F 4136 -23.40 44.88 -23.16
N ARG F 4137 -24.53 45.28 -22.57
CA ARG F 4137 -24.76 45.03 -21.16
C ARG F 4137 -24.98 43.54 -20.88
N ASP F 4138 -25.85 42.90 -21.67
CA ASP F 4138 -26.16 41.50 -21.41
C ASP F 4138 -24.92 40.61 -21.58
N ILE F 4139 -24.16 40.83 -22.65
CA ILE F 4139 -22.92 40.07 -22.83
C ILE F 4139 -21.94 40.38 -21.70
N GLY F 4140 -21.88 41.63 -21.27
CA GLY F 4140 -21.02 41.96 -20.14
C GLY F 4140 -21.42 41.22 -18.88
N PHE F 4141 -22.73 41.19 -18.59
CA PHE F 4141 -23.21 40.46 -17.42
C PHE F 4141 -22.89 38.99 -17.52
N ASN F 4142 -23.08 38.38 -18.69
CA ASN F 4142 -22.83 36.95 -18.83
C ASN F 4142 -21.35 36.64 -18.77
N VAL F 4143 -20.50 37.52 -19.29
CA VAL F 4143 -19.06 37.34 -19.13
C VAL F 4143 -18.68 37.40 -17.66
N ALA F 4144 -19.25 38.35 -16.93
CA ALA F 4144 -18.98 38.44 -15.50
C ALA F 4144 -19.44 37.18 -14.77
N VAL F 4145 -20.61 36.66 -15.15
CA VAL F 4145 -21.11 35.44 -14.52
C VAL F 4145 -20.19 34.26 -14.82
N LEU F 4146 -19.76 34.15 -16.07
CA LEU F 4146 -18.85 33.07 -16.45
C LEU F 4146 -17.57 33.14 -15.63
N LEU F 4147 -16.98 34.33 -15.54
CA LEU F 4147 -15.74 34.49 -14.80
C LEU F 4147 -15.93 34.20 -13.32
N THR F 4148 -17.03 34.66 -12.75
CA THR F 4148 -17.31 34.40 -11.34
C THR F 4148 -17.45 32.91 -11.08
N ASN F 4149 -18.26 32.24 -11.89
CA ASN F 4149 -18.43 30.79 -11.75
C ASN F 4149 -17.11 30.07 -11.85
N LEU F 4150 -16.32 30.40 -12.88
CA LEU F 4150 -15.05 29.72 -13.09
C LEU F 4150 -14.10 29.97 -11.94
N SER F 4151 -14.05 31.20 -11.44
CA SER F 4151 -13.17 31.50 -10.31
C SER F 4151 -13.59 30.74 -9.06
N GLU F 4152 -14.90 30.67 -8.80
CA GLU F 4152 -15.38 30.02 -7.59
C GLU F 4152 -15.30 28.50 -7.67
N HIS F 4153 -15.22 27.93 -8.87
CA HIS F 4153 -15.12 26.48 -9.01
C HIS F 4153 -13.72 26.00 -9.37
N VAL F 4154 -12.83 26.90 -9.76
CA VAL F 4154 -11.41 26.60 -9.91
C VAL F 4154 -10.67 27.68 -9.12
N PRO F 4155 -10.74 27.65 -7.78
CA PRO F 4155 -10.28 28.79 -6.99
C PRO F 4155 -8.78 29.06 -7.13
N HIS F 4156 -7.98 28.07 -7.51
CA HIS F 4156 -6.52 28.19 -7.52
C HIS F 4156 -6.02 27.97 -8.96
N ASP F 4157 -5.97 29.05 -9.74
CA ASP F 4157 -5.45 29.02 -11.10
C ASP F 4157 -4.92 30.41 -11.46
N PRO F 4158 -3.61 30.61 -11.56
CA PRO F 4158 -3.09 31.94 -11.91
C PRO F 4158 -3.51 32.45 -13.26
N ARG F 4159 -3.91 31.56 -14.15
CA ARG F 4159 -4.31 31.98 -15.48
C ARG F 4159 -5.68 32.67 -15.43
N LEU F 4160 -6.46 32.41 -14.38
CA LEU F 4160 -7.79 33.01 -14.26
C LEU F 4160 -7.74 34.38 -13.60
N ARG F 4161 -6.79 34.61 -12.69
CA ARG F 4161 -6.71 35.91 -12.01
C ARG F 4161 -6.31 37.02 -12.98
N ASN F 4162 -5.52 36.70 -14.01
CA ASN F 4162 -5.21 37.70 -15.02
C ASN F 4162 -6.49 38.20 -15.69
N PHE F 4163 -7.33 37.26 -16.14
CA PHE F 4163 -8.60 37.64 -16.75
C PHE F 4163 -9.49 38.37 -15.77
N LEU F 4164 -9.51 37.94 -14.51
CA LEU F 4164 -10.33 38.61 -13.51
C LEU F 4164 -9.89 40.05 -13.30
N GLU F 4165 -8.59 40.27 -13.18
CA GLU F 4165 -8.07 41.63 -13.04
C GLU F 4165 -8.45 42.48 -14.24
N LEU F 4166 -8.32 41.92 -15.44
CA LEU F 4166 -8.72 42.66 -16.64
C LEU F 4166 -10.21 42.95 -16.63
N ALA F 4167 -11.01 42.06 -16.03
CA ALA F 4167 -12.45 42.22 -16.02
C ALA F 4167 -12.93 43.04 -14.82
N GLU F 4168 -12.00 43.51 -13.99
CA GLU F 4168 -12.33 44.26 -12.78
C GLU F 4168 -13.49 45.23 -12.98
N SER F 4169 -13.41 46.11 -13.97
CA SER F 4169 -14.44 47.13 -14.15
C SER F 4169 -15.80 46.49 -14.41
N ILE F 4170 -15.83 45.45 -15.24
CA ILE F 4170 -17.09 44.77 -15.53
C ILE F 4170 -17.69 44.20 -14.26
N LEU F 4171 -16.85 43.54 -13.44
CA LEU F 4171 -17.33 42.92 -12.21
C LEU F 4171 -17.83 43.95 -11.23
N GLU F 4172 -17.10 45.07 -11.07
CA GLU F 4172 -17.55 46.12 -10.18
C GLU F 4172 -18.87 46.72 -10.66
N TYR F 4173 -19.00 46.92 -11.98
CA TYR F 4173 -20.22 47.49 -12.52
C TYR F 4173 -21.41 46.58 -12.28
N PHE F 4174 -21.24 45.27 -12.48
CA PHE F 4174 -22.35 44.34 -12.40
C PHE F 4174 -22.51 43.71 -11.02
N ARG F 4175 -21.69 44.10 -10.06
CA ARG F 4175 -21.77 43.54 -8.71
C ARG F 4175 -23.14 43.70 -8.08
N PRO F 4176 -23.76 44.88 -8.06
CA PRO F 4176 -25.11 44.98 -7.48
C PRO F 4176 -26.13 44.17 -8.23
N TYR F 4177 -25.87 43.82 -9.49
CA TYR F 4177 -26.83 43.12 -10.33
C TYR F 4177 -26.56 41.63 -10.44
N LEU F 4178 -25.45 41.14 -9.90
CA LEU F 4178 -25.11 39.73 -9.98
C LEU F 4178 -25.63 39.04 -8.72
N GLY F 4179 -26.73 38.31 -8.85
CA GLY F 4179 -27.33 37.61 -7.74
C GLY F 4179 -26.78 36.20 -7.63
N ARG F 4180 -26.61 35.76 -6.39
CA ARG F 4180 -25.88 34.54 -6.05
C ARG F 4180 -26.59 33.82 -4.93
N ILE F 4181 -27.08 32.60 -5.19
CA ILE F 4181 -27.72 31.80 -4.16
C ILE F 4181 -27.16 30.39 -4.19
N GLU F 4182 -27.59 29.58 -3.22
CA GLU F 4182 -27.24 28.17 -3.14
C GLU F 4182 -28.51 27.36 -2.95
N ILE F 4183 -28.57 26.20 -3.61
CA ILE F 4183 -29.71 25.31 -3.50
C ILE F 4183 -29.22 23.88 -3.32
N MET F 4184 -30.11 23.01 -2.84
CA MET F 4184 -29.90 21.58 -2.93
C MET F 4184 -30.51 21.08 -4.24
N GLY F 4185 -29.65 20.67 -5.16
CA GLY F 4185 -30.08 20.28 -6.49
C GLY F 4185 -30.50 18.81 -6.56
N ALA F 4186 -30.89 18.40 -7.77
CA ALA F 4186 -31.28 17.02 -8.00
C ALA F 4186 -30.12 16.06 -7.77
N SER F 4187 -28.88 16.54 -7.98
CA SER F 4187 -27.70 15.71 -7.77
C SER F 4187 -27.42 15.42 -6.30
N ARG F 4188 -28.31 15.82 -5.39
CA ARG F 4188 -28.10 15.64 -3.96
C ARG F 4188 -26.86 16.38 -3.48
N ARG F 4189 -26.56 17.49 -4.15
CA ARG F 4189 -25.39 18.30 -3.83
C ARG F 4189 -25.77 19.78 -3.87
N ILE F 4190 -25.10 20.56 -3.03
CA ILE F 4190 -25.31 22.00 -3.03
C ILE F 4190 -24.74 22.59 -4.31
N GLU F 4191 -25.52 23.47 -4.94
CA GLU F 4191 -25.14 24.12 -6.18
C GLU F 4191 -25.35 25.62 -6.05
N ARG F 4192 -24.35 26.38 -6.50
CA ARG F 4192 -24.46 27.82 -6.56
C ARG F 4192 -25.11 28.25 -7.86
N ILE F 4193 -26.00 29.23 -7.76
CA ILE F 4193 -26.77 29.74 -8.89
C ILE F 4193 -26.48 31.22 -9.04
N TYR F 4194 -26.17 31.63 -10.25
CA TYR F 4194 -25.92 33.03 -10.60
C TYR F 4194 -27.04 33.51 -11.51
N PHE F 4195 -27.57 34.68 -11.22
CA PHE F 4195 -28.68 35.24 -11.98
C PHE F 4195 -28.57 36.77 -11.99
N GLU F 4196 -29.51 37.40 -12.69
CA GLU F 4196 -29.51 38.85 -12.85
C GLU F 4196 -30.56 39.48 -11.95
N ILE F 4197 -30.21 40.64 -11.38
CA ILE F 4197 -31.10 41.43 -10.53
C ILE F 4197 -31.34 42.77 -11.22
N SER F 4198 -32.60 43.18 -11.29
CA SER F 4198 -32.94 44.43 -11.93
C SER F 4198 -32.84 45.60 -10.95
N GLU F 4199 -32.46 46.75 -11.51
CA GLU F 4199 -32.35 47.97 -10.71
C GLU F 4199 -33.66 48.30 -10.01
N THR F 4200 -34.77 48.15 -10.73
CA THR F 4200 -36.07 48.47 -10.14
C THR F 4200 -36.38 47.56 -8.96
N ASN F 4201 -36.10 46.28 -9.10
CA ASN F 4201 -36.33 45.34 -8.00
C ASN F 4201 -35.47 45.69 -6.79
N ARG F 4202 -34.19 45.99 -7.03
CA ARG F 4202 -33.32 46.35 -5.92
C ARG F 4202 -33.80 47.62 -5.22
N ALA F 4203 -34.20 48.63 -6.00
CA ALA F 4203 -34.69 49.87 -5.41
C ALA F 4203 -35.94 49.62 -4.58
N GLN F 4204 -36.89 48.87 -5.15
CA GLN F 4204 -38.12 48.56 -4.43
C GLN F 4204 -37.84 47.82 -3.14
N TRP F 4205 -36.88 46.90 -3.15
CA TRP F 4205 -36.47 46.22 -1.93
C TRP F 4205 -35.86 47.20 -0.92
N GLU F 4206 -35.07 48.15 -1.40
CA GLU F 4206 -34.42 49.10 -0.50
C GLU F 4206 -35.38 50.19 -0.02
N MET F 4207 -36.60 50.24 -0.54
CA MET F 4207 -37.58 51.18 -0.02
C MET F 4207 -37.81 50.92 1.47
N PRO F 4208 -38.00 51.96 2.28
CA PRO F 4208 -38.08 51.75 3.74
C PRO F 4208 -39.23 50.87 4.20
N GLN F 4209 -40.38 50.90 3.52
CA GLN F 4209 -41.52 50.11 3.99
C GLN F 4209 -41.21 48.62 3.89
N VAL F 4210 -40.56 48.20 2.81
CA VAL F 4210 -40.13 46.82 2.70
C VAL F 4210 -39.15 46.47 3.81
N LYS F 4211 -38.29 47.42 4.18
CA LYS F 4211 -37.35 47.16 5.27
C LYS F 4211 -38.07 46.94 6.59
N GLU F 4212 -39.08 47.77 6.88
CA GLU F 4212 -39.86 47.57 8.10
C GLU F 4212 -40.59 46.24 8.08
N SER F 4213 -41.18 45.88 6.94
CA SER F 4213 -41.85 44.60 6.83
C SER F 4213 -40.88 43.45 7.06
N LYS F 4214 -39.68 43.57 6.50
CA LYS F 4214 -38.65 42.56 6.69
C LYS F 4214 -38.29 42.42 8.16
N ARG F 4215 -38.07 43.54 8.85
CA ARG F 4215 -37.70 43.49 10.25
C ARG F 4215 -38.81 42.82 11.07
N GLN F 4216 -40.07 43.19 10.79
CA GLN F 4216 -41.19 42.60 11.52
C GLN F 4216 -41.27 41.10 11.27
N PHE F 4217 -41.10 40.69 10.01
CA PHE F 4217 -41.16 39.28 9.67
C PHE F 4217 -40.05 38.51 10.39
N ILE F 4218 -38.84 39.07 10.40
CA ILE F 4218 -37.72 38.42 11.06
C ILE F 4218 -38.01 38.26 12.55
N PHE F 4219 -38.49 39.33 13.19
CA PHE F 4219 -38.81 39.25 14.60
C PHE F 4219 -39.82 38.15 14.86
N ASP F 4220 -40.90 38.13 14.07
CA ASP F 4220 -41.96 37.16 14.29
C ASP F 4220 -41.45 35.73 14.12
N VAL F 4221 -40.75 35.44 13.02
CA VAL F 4221 -40.32 34.08 12.76
C VAL F 4221 -39.24 33.63 13.74
N VAL F 4222 -38.43 34.55 14.26
CA VAL F 4222 -37.36 34.15 15.16
C VAL F 4222 -37.87 33.97 16.58
N ASN F 4223 -38.95 34.65 16.93
CA ASN F 4223 -39.45 34.64 18.30
C ASN F 4223 -40.59 33.64 18.50
N GLU F 4224 -41.48 33.51 17.52
CA GLU F 4224 -42.63 32.62 17.61
C GLU F 4224 -42.84 31.86 16.29
N GLY F 4225 -41.74 31.42 15.71
CA GLY F 4225 -41.78 30.74 14.42
C GLY F 4225 -41.21 29.35 14.49
N GLY F 4226 -41.88 28.43 13.80
CA GLY F 4226 -41.41 27.05 13.77
C GLY F 4226 -40.39 26.83 12.67
N GLU F 4227 -39.40 25.97 12.98
CA GLU F 4227 -38.36 25.66 12.00
C GLU F 4227 -38.94 24.99 10.77
N ALA F 4228 -39.90 24.09 10.96
CA ALA F 4228 -40.46 23.35 9.82
C ALA F 4228 -41.15 24.31 8.85
N GLU F 4229 -41.89 25.28 9.36
CA GLU F 4229 -42.65 26.22 8.53
C GLU F 4229 -41.91 27.52 8.26
N LYS F 4230 -40.64 27.61 8.67
CA LYS F 4230 -39.87 28.84 8.42
C LYS F 4230 -39.83 29.18 6.94
N MET F 4231 -39.50 28.20 6.09
CA MET F 4231 -39.37 28.51 4.67
C MET F 4231 -40.71 28.86 4.04
N GLU F 4232 -41.78 28.19 4.45
CA GLU F 4232 -43.11 28.57 3.97
C GLU F 4232 -43.43 30.01 4.36
N LEU F 4233 -43.11 30.38 5.60
CA LEU F 4233 -43.32 31.76 6.03
C LEU F 4233 -42.49 32.73 5.20
N PHE F 4234 -41.24 32.36 4.91
CA PHE F 4234 -40.37 33.23 4.11
C PHE F 4234 -40.93 33.43 2.72
N VAL F 4235 -41.43 32.36 2.10
CA VAL F 4235 -42.01 32.48 0.76
C VAL F 4235 -43.29 33.31 0.79
N SER F 4236 -44.09 33.15 1.84
CA SER F 4236 -45.28 33.99 1.97
C SER F 4236 -44.90 35.46 2.10
N PHE F 4237 -43.85 35.73 2.88
CA PHE F 4237 -43.35 37.10 3.00
C PHE F 4237 -42.90 37.63 1.65
N CYS F 4238 -42.20 36.81 0.87
CA CYS F 4238 -41.74 37.25 -0.44
C CYS F 4238 -42.92 37.56 -1.35
N GLU F 4239 -43.94 36.71 -1.34
CA GLU F 4239 -45.12 36.95 -2.16
C GLU F 4239 -45.81 38.25 -1.78
N ASP F 4240 -46.03 38.45 -0.48
CA ASP F 4240 -46.69 39.67 -0.02
C ASP F 4240 -45.87 40.90 -0.38
N THR F 4241 -44.55 40.81 -0.25
CA THR F 4241 -43.70 41.94 -0.58
C THR F 4241 -43.74 42.25 -2.07
N ILE F 4242 -43.80 41.21 -2.91
CA ILE F 4242 -43.94 41.44 -4.35
C ILE F 4242 -45.24 42.19 -4.64
N PHE F 4243 -46.33 41.75 -4.01
CA PHE F 4243 -47.61 42.43 -4.22
C PHE F 4243 -47.53 43.88 -3.76
N GLU F 4244 -46.87 44.12 -2.63
CA GLU F 4244 -46.70 45.49 -2.13
C GLU F 4244 -45.87 46.32 -3.09
N MET F 4245 -44.84 45.73 -3.70
CA MET F 4245 -44.08 46.45 -4.71
C MET F 4245 -44.96 46.83 -5.88
N GLN F 4246 -45.82 45.92 -6.33
CA GLN F 4246 -46.74 46.26 -7.41
C GLN F 4246 -47.62 47.44 -7.02
N ILE F 4247 -48.16 47.41 -5.80
CA ILE F 4247 -49.03 48.51 -5.36
C ILE F 4247 -48.27 49.82 -5.31
N ALA F 4248 -47.04 49.80 -4.78
CA ALA F 4248 -46.24 51.01 -4.69
C ALA F 4248 -45.92 51.56 -6.07
N ALA F 4249 -45.58 50.69 -7.01
CA ALA F 4249 -45.31 51.14 -8.37
C ALA F 4249 -46.55 51.77 -8.98
N GLN F 4250 -47.71 51.15 -8.78
CA GLN F 4250 -48.95 51.69 -9.34
C GLN F 4250 -49.23 53.08 -8.78
N ILE F 4251 -49.10 53.25 -7.46
CA ILE F 4251 -49.44 54.56 -6.88
C ILE F 4251 -48.35 55.58 -7.14
N SER F 4252 -47.15 55.13 -7.54
CA SER F 4252 -46.07 56.05 -7.80
C SER F 4252 -46.39 56.94 -9.00
N GLU F 4253 -45.88 58.17 -8.96
CA GLU F 4253 -46.09 59.12 -10.06
C GLU F 4253 -44.80 59.29 -10.85
N PRO F 4254 -44.88 59.53 -12.17
CA PRO F 4254 -43.67 59.71 -12.98
C PRO F 4254 -42.85 60.91 -12.54
N PHE F 4540 -65.21 63.65 -21.35
CA PHE F 4540 -64.56 64.17 -20.15
C PHE F 4540 -64.61 63.15 -19.01
N TRP F 4541 -65.38 62.09 -19.20
CA TRP F 4541 -65.46 61.04 -18.18
C TRP F 4541 -64.08 60.43 -17.95
N GLY F 4542 -63.31 60.25 -19.02
CA GLY F 4542 -61.95 59.74 -18.85
C GLY F 4542 -61.07 60.70 -18.08
N GLU F 4543 -61.26 62.01 -18.31
CA GLU F 4543 -60.52 62.99 -17.54
C GLU F 4543 -60.88 62.91 -16.06
N LEU F 4544 -62.17 62.76 -15.76
CA LEU F 4544 -62.60 62.55 -14.38
C LEU F 4544 -61.94 61.31 -13.79
N GLU F 4545 -61.91 60.22 -14.56
CA GLU F 4545 -61.33 58.97 -14.07
C GLU F 4545 -59.85 59.12 -13.76
N VAL F 4546 -59.11 59.77 -14.66
CA VAL F 4546 -57.67 59.92 -14.46
C VAL F 4546 -57.40 60.84 -13.27
N GLN F 4547 -58.22 61.89 -13.11
CA GLN F 4547 -58.09 62.74 -11.94
C GLN F 4547 -58.39 61.94 -10.67
N ARG F 4548 -59.38 61.05 -10.73
CA ARG F 4548 -59.72 60.24 -9.57
C ARG F 4548 -58.54 59.35 -9.17
N VAL F 4549 -57.93 58.68 -10.14
CA VAL F 4549 -56.82 57.78 -9.81
C VAL F 4549 -55.62 58.59 -9.34
N LYS F 4550 -55.37 59.74 -9.94
CA LYS F 4550 -54.29 60.62 -9.45
C LYS F 4550 -54.53 61.00 -7.99
N PHE F 4551 -55.74 61.42 -7.66
CA PHE F 4551 -56.03 61.86 -6.30
C PHE F 4551 -55.91 60.72 -5.31
N LEU F 4552 -56.45 59.55 -5.66
CA LEU F 4552 -56.36 58.38 -4.80
C LEU F 4552 -54.92 57.96 -4.58
N ASN F 4553 -54.11 58.00 -5.64
CA ASN F 4553 -52.71 57.61 -5.53
C ASN F 4553 -51.92 58.62 -4.70
N TYR F 4554 -52.24 59.90 -4.81
CA TYR F 4554 -51.63 60.91 -3.95
C TYR F 4554 -51.96 60.63 -2.49
N LEU F 4555 -53.22 60.30 -2.22
CA LEU F 4555 -53.62 59.95 -0.86
C LEU F 4555 -52.85 58.72 -0.36
N SER F 4556 -52.74 57.69 -1.21
CA SER F 4556 -52.03 56.49 -0.82
C SER F 4556 -50.57 56.79 -0.51
N ARG F 4557 -49.94 57.61 -1.36
CA ARG F 4557 -48.54 57.95 -1.15
C ARG F 4557 -48.34 58.75 0.13
N ASN F 4558 -49.26 59.66 0.43
CA ASN F 4558 -49.12 60.56 1.55
C ASN F 4558 -49.99 60.17 2.74
N PHE F 4559 -50.35 58.88 2.83
CA PHE F 4559 -51.22 58.41 3.90
C PHE F 4559 -50.69 58.79 5.28
N TYR F 4560 -49.43 58.49 5.55
CA TYR F 4560 -48.87 58.71 6.88
C TYR F 4560 -48.80 60.19 7.21
N THR F 4561 -48.45 61.03 6.22
CA THR F 4561 -48.43 62.46 6.44
C THR F 4561 -49.78 62.96 6.89
N LEU F 4562 -50.86 62.43 6.28
CA LEU F 4562 -52.21 62.82 6.69
C LEU F 4562 -52.49 62.42 8.13
N ARG F 4563 -52.01 61.26 8.56
CA ARG F 4563 -52.21 60.83 9.94
C ARG F 4563 -51.50 61.78 10.90
N PHE F 4564 -50.25 62.13 10.60
CA PHE F 4564 -49.52 63.08 11.43
C PHE F 4564 -50.25 64.42 11.47
N LEU F 4565 -50.74 64.87 10.32
CA LEU F 4565 -51.47 66.14 10.26
C LEU F 4565 -52.73 66.10 11.11
N ALA F 4566 -53.46 64.98 11.05
CA ALA F 4566 -54.67 64.85 11.87
C ALA F 4566 -54.33 64.91 13.35
N LEU F 4567 -53.24 64.26 13.75
CA LEU F 4567 -52.81 64.33 15.14
C LEU F 4567 -52.47 65.77 15.53
N PHE F 4568 -51.78 66.49 14.64
CA PHE F 4568 -51.45 67.88 14.90
C PHE F 4568 -52.71 68.73 15.08
N LEU F 4569 -53.70 68.54 14.21
CA LEU F 4569 -54.95 69.28 14.33
C LEU F 4569 -55.67 68.93 15.62
N ALA F 4570 -55.66 67.66 16.02
CA ALA F 4570 -56.27 67.29 17.29
C ALA F 4570 -55.59 68.01 18.45
N PHE F 4571 -54.27 68.08 18.43
CA PHE F 4571 -53.55 68.78 19.49
C PHE F 4571 -53.90 70.26 19.49
N ALA F 4572 -54.00 70.88 18.31
CA ALA F 4572 -54.36 72.29 18.25
C ALA F 4572 -55.76 72.53 18.81
N ILE F 4573 -56.72 71.67 18.42
CA ILE F 4573 -58.09 71.81 18.89
C ILE F 4573 -58.15 71.68 20.41
N ASN F 4574 -57.45 70.68 20.96
CA ASN F 4574 -57.49 70.46 22.39
C ASN F 4574 -56.71 71.52 23.16
N PHE F 4575 -55.72 72.14 22.54
CA PHE F 4575 -55.09 73.32 23.12
C PHE F 4575 -56.08 74.47 23.20
N ILE F 4576 -56.87 74.66 22.14
CA ILE F 4576 -57.88 75.71 22.15
C ILE F 4576 -58.95 75.43 23.20
N LEU F 4577 -59.37 74.18 23.32
CA LEU F 4577 -60.47 73.84 24.21
C LEU F 4577 -60.15 74.15 25.67
N LEU F 4578 -58.87 74.30 26.02
CA LEU F 4578 -58.51 74.66 27.38
C LEU F 4578 -59.07 76.01 27.77
N PHE F 4579 -59.44 76.83 26.78
CA PHE F 4579 -59.85 78.21 27.07
C PHE F 4579 -61.35 78.31 27.33
N TYR F 4580 -62.11 77.24 27.13
CA TYR F 4580 -63.53 77.28 27.44
C TYR F 4580 -63.75 77.60 28.91
N LYS F 4581 -64.87 78.26 29.20
CA LYS F 4581 -65.29 78.54 30.56
C LYS F 4581 -66.81 78.51 30.59
N VAL F 4582 -67.35 78.27 31.77
CA VAL F 4582 -68.79 78.11 31.97
C VAL F 4582 -69.29 79.23 32.85
N SER F 4583 -70.40 79.85 32.44
CA SER F 4583 -71.01 80.91 33.24
C SER F 4583 -72.52 80.72 33.26
N ASP F 4584 -73.15 81.18 34.34
CA ASP F 4584 -74.61 81.19 34.39
C ASP F 4584 -75.18 82.14 33.35
N SER F 4585 -74.57 83.31 33.20
CA SER F 4585 -75.05 84.30 32.25
C SER F 4585 -74.50 84.02 30.86
N PRO F 4586 -75.21 84.43 29.80
CA PRO F 4586 -74.61 84.42 28.47
C PRO F 4586 -73.46 85.39 28.39
N PRO F 4587 -72.47 85.16 27.52
CA PRO F 4587 -71.35 86.10 27.40
C PRO F 4587 -71.79 87.53 27.14
N ASN F 4626 -82.34 78.85 34.12
CA ASN F 4626 -81.21 78.29 34.85
C ASN F 4626 -80.43 77.36 33.93
N MET F 4627 -79.63 77.95 33.05
CA MET F 4627 -78.85 77.22 32.06
C MET F 4627 -77.42 77.75 32.06
N VAL F 4628 -76.46 76.85 32.03
CA VAL F 4628 -75.05 77.23 31.94
C VAL F 4628 -74.68 77.42 30.47
N TYR F 4629 -73.69 78.28 30.24
CA TYR F 4629 -73.18 78.56 28.90
C TYR F 4629 -71.69 78.31 28.88
N TYR F 4630 -71.25 77.52 27.91
CA TYR F 4630 -69.84 77.29 27.65
C TYR F 4630 -69.39 78.22 26.53
N PHE F 4631 -68.33 78.98 26.77
CA PHE F 4631 -67.83 79.92 25.78
C PHE F 4631 -66.32 80.05 25.92
N LEU F 4632 -65.68 80.43 24.81
CA LEU F 4632 -64.26 80.67 24.82
C LEU F 4632 -63.93 81.93 25.63
N GLU F 4633 -62.68 81.99 26.10
CA GLU F 4633 -62.18 83.15 26.85
C GLU F 4633 -60.85 83.57 26.23
N GLU F 4634 -60.92 84.41 25.21
CA GLU F 4634 -59.74 85.04 24.61
C GLU F 4634 -60.02 86.50 24.31
N SER F 4635 -58.95 87.29 24.23
CA SER F 4635 -59.08 88.70 23.92
C SER F 4635 -59.28 88.93 22.42
N THR F 4636 -58.58 88.17 21.58
CA THR F 4636 -58.56 88.46 20.14
C THR F 4636 -59.93 88.25 19.52
N GLY F 4637 -60.59 87.13 19.85
CA GLY F 4637 -61.81 86.73 19.21
C GLY F 4637 -61.61 85.92 17.94
N TYR F 4638 -60.37 85.68 17.53
CA TYR F 4638 -60.08 84.92 16.31
C TYR F 4638 -60.06 83.42 16.55
N MET F 4639 -60.12 82.98 17.80
CA MET F 4639 -59.89 81.56 18.10
C MET F 4639 -61.09 80.71 17.70
N GLU F 4640 -62.32 81.20 17.93
CA GLU F 4640 -63.50 80.41 17.61
C GLU F 4640 -63.57 80.04 16.13
N PRO F 4641 -63.42 80.98 15.20
CA PRO F 4641 -63.38 80.58 13.78
C PRO F 4641 -62.25 79.62 13.48
N ALA F 4642 -61.11 79.78 14.14
CA ALA F 4642 -60.00 78.85 13.97
C ALA F 4642 -60.40 77.46 14.43
N LEU F 4643 -61.12 77.37 15.56
CA LEU F 4643 -61.60 76.08 16.02
C LEU F 4643 -62.52 75.44 15.00
N TRP F 4644 -63.45 76.22 14.46
CA TRP F 4644 -64.38 75.71 13.44
C TRP F 4644 -63.61 75.16 12.24
N CYS F 4645 -62.68 75.96 11.72
CA CYS F 4645 -61.93 75.55 10.54
C CYS F 4645 -61.10 74.31 10.81
N LEU F 4646 -60.43 74.26 11.97
CA LEU F 4646 -59.61 73.10 12.31
C LEU F 4646 -60.47 71.86 12.44
N SER F 4647 -61.66 71.99 13.02
CA SER F 4647 -62.55 70.84 13.14
C SER F 4647 -62.95 70.30 11.77
N LEU F 4648 -63.38 71.20 10.88
CA LEU F 4648 -63.77 70.74 9.54
C LEU F 4648 -62.60 70.07 8.83
N LEU F 4649 -61.42 70.68 8.91
CA LEU F 4649 -60.26 70.13 8.22
C LEU F 4649 -59.84 68.81 8.82
N HIS F 4650 -59.96 68.66 10.14
CA HIS F 4650 -59.66 67.40 10.79
C HIS F 4650 -60.58 66.28 10.30
N THR F 4651 -61.87 66.58 10.20
CA THR F 4651 -62.79 65.57 9.67
C THR F 4651 -62.44 65.21 8.23
N LEU F 4652 -62.12 66.22 7.42
CA LEU F 4652 -61.72 65.96 6.05
C LEU F 4652 -60.50 65.04 6.00
N VAL F 4653 -59.51 65.31 6.85
CA VAL F 4653 -58.29 64.51 6.85
C VAL F 4653 -58.57 63.10 7.31
N ALA F 4654 -59.50 62.93 8.25
CA ALA F 4654 -59.90 61.58 8.64
C ALA F 4654 -60.48 60.82 7.46
N PHE F 4655 -61.33 61.49 6.66
CA PHE F 4655 -61.89 60.84 5.47
C PHE F 4655 -60.79 60.45 4.51
N LEU F 4656 -59.86 61.37 4.29
CA LEU F 4656 -58.77 61.10 3.37
C LEU F 4656 -57.92 59.95 3.86
N CYS F 4657 -57.76 59.83 5.17
CA CYS F 4657 -57.01 58.70 5.74
C CYS F 4657 -57.76 57.39 5.53
N ILE F 4658 -59.09 57.38 5.70
CA ILE F 4658 -59.86 56.18 5.37
C ILE F 4658 -59.61 55.76 3.94
N ILE F 4659 -59.70 56.71 3.01
CA ILE F 4659 -59.55 56.38 1.59
C ILE F 4659 -58.12 55.91 1.32
N GLY F 4660 -57.13 56.58 1.92
CA GLY F 4660 -55.76 56.17 1.71
C GLY F 4660 -55.49 54.77 2.20
N TYR F 4661 -56.04 54.43 3.37
CA TYR F 4661 -55.91 53.06 3.85
C TYR F 4661 -56.58 52.08 2.89
N ASN F 4662 -57.80 52.38 2.46
CA ASN F 4662 -58.52 51.47 1.58
C ASN F 4662 -57.76 51.26 0.27
N CYS F 4663 -57.02 52.27 -0.17
CA CYS F 4663 -56.30 52.16 -1.44
C CYS F 4663 -54.94 51.52 -1.27
N LEU F 4664 -54.31 51.69 -0.11
CA LEU F 4664 -52.92 51.27 0.04
C LEU F 4664 -52.82 49.89 0.71
N LYS F 4665 -53.52 49.69 1.82
CA LYS F 4665 -53.29 48.56 2.70
C LYS F 4665 -54.25 47.40 2.48
N VAL F 4666 -55.51 47.69 2.18
CA VAL F 4666 -56.55 46.67 2.00
C VAL F 4666 -56.15 45.63 0.96
N PRO F 4667 -55.56 46.02 -0.17
CA PRO F 4667 -55.24 45.02 -1.20
C PRO F 4667 -54.39 43.89 -0.65
N LEU F 4668 -53.46 44.18 0.24
CA LEU F 4668 -52.66 43.12 0.85
C LEU F 4668 -53.53 42.19 1.69
N VAL F 4669 -54.47 42.74 2.44
CA VAL F 4669 -55.37 41.91 3.24
C VAL F 4669 -56.11 40.95 2.34
N ILE F 4670 -56.69 41.46 1.26
CA ILE F 4670 -57.46 40.63 0.36
C ILE F 4670 -56.57 39.60 -0.32
N PHE F 4671 -55.37 40.02 -0.73
CA PHE F 4671 -54.43 39.11 -1.37
C PHE F 4671 -54.12 37.93 -0.46
N LYS F 4672 -53.81 38.21 0.81
CA LYS F 4672 -53.45 37.16 1.74
C LYS F 4672 -54.63 36.24 2.03
N ARG F 4673 -55.81 36.83 2.23
CA ARG F 4673 -57.00 36.03 2.53
C ARG F 4673 -57.34 35.10 1.36
N GLU F 4674 -57.31 35.65 0.14
CA GLU F 4674 -57.55 34.85 -1.06
C GLU F 4674 -56.51 33.75 -1.20
N LYS F 4675 -55.24 34.08 -0.95
CA LYS F 4675 -54.16 33.12 -1.11
C LYS F 4675 -54.31 31.96 -0.15
N GLU F 4676 -54.53 32.25 1.14
CA GLU F 4676 -54.68 31.17 2.11
C GLU F 4676 -55.89 30.32 1.78
N LEU F 4677 -57.00 30.95 1.36
CA LEU F 4677 -58.17 30.18 0.96
C LEU F 4677 -57.83 29.23 -0.19
N ALA F 4678 -57.15 29.75 -1.22
CA ALA F 4678 -56.84 28.94 -2.38
C ALA F 4678 -55.93 27.77 -2.02
N ARG F 4679 -54.92 28.03 -1.19
CA ARG F 4679 -53.99 26.97 -0.83
C ARG F 4679 -54.68 25.92 0.03
N LYS F 4680 -55.59 26.35 0.91
CA LYS F 4680 -56.38 25.38 1.67
C LYS F 4680 -57.21 24.51 0.73
N LEU F 4681 -57.88 25.14 -0.23
CA LEU F 4681 -58.70 24.38 -1.17
C LEU F 4681 -57.87 23.35 -1.92
N GLU F 4682 -56.76 23.79 -2.49
CA GLU F 4682 -56.00 22.92 -3.38
C GLU F 4682 -55.25 21.84 -2.61
N PHE F 4683 -54.61 22.20 -1.51
CA PHE F 4683 -53.72 21.29 -0.81
C PHE F 4683 -54.35 20.65 0.42
N ASP F 4684 -55.39 21.24 0.98
CA ASP F 4684 -56.06 20.69 2.15
C ASP F 4684 -57.48 20.20 1.86
N GLY F 4685 -58.13 20.69 0.81
CA GLY F 4685 -59.50 20.28 0.54
C GLY F 4685 -60.46 20.68 1.63
N LEU F 4686 -60.37 21.91 2.10
CA LEU F 4686 -61.13 22.37 3.27
C LEU F 4686 -62.62 22.16 3.08
N TYR F 4687 -63.21 22.84 2.11
CA TYR F 4687 -64.64 22.75 1.87
C TYR F 4687 -65.01 21.56 0.99
N ILE F 4688 -64.03 20.76 0.59
CA ILE F 4688 -64.26 19.54 -0.16
C ILE F 4688 -64.33 18.33 0.75
N THR F 4689 -63.39 18.20 1.69
CA THR F 4689 -63.29 17.03 2.54
C THR F 4689 -63.47 17.38 4.02
N GLU F 4690 -62.70 18.32 4.56
CA GLU F 4690 -62.67 18.52 6.00
C GLU F 4690 -63.88 19.29 6.48
N GLN F 4691 -64.12 20.47 5.92
CA GLN F 4691 -65.14 21.42 6.32
C GLN F 4691 -64.65 22.19 7.55
N PRO F 4692 -64.90 23.50 7.63
CA PRO F 4692 -64.46 24.25 8.81
C PRO F 4692 -65.15 23.75 10.08
N GLY F 4693 -64.50 24.01 11.22
CA GLY F 4693 -64.98 23.46 12.48
C GLY F 4693 -66.31 24.04 12.92
N ASP F 4694 -66.75 25.11 12.26
CA ASP F 4694 -67.94 25.91 12.59
C ASP F 4694 -67.65 26.86 13.74
N ASP F 4695 -66.48 26.78 14.37
CA ASP F 4695 -66.00 27.82 15.27
C ASP F 4695 -65.10 28.81 14.56
N ASP F 4696 -64.89 28.64 13.26
CA ASP F 4696 -63.99 29.49 12.47
C ASP F 4696 -64.83 30.41 11.62
N VAL F 4697 -65.10 31.62 12.15
CA VAL F 4697 -65.93 32.57 11.46
C VAL F 4697 -65.35 32.91 10.10
N LYS F 4698 -64.01 32.98 10.01
CA LYS F 4698 -63.38 33.25 8.72
C LYS F 4698 -63.64 32.11 7.75
N GLY F 4699 -63.59 30.86 8.23
CA GLY F 4699 -63.92 29.73 7.39
C GLY F 4699 -65.35 29.73 6.91
N GLN F 4700 -66.29 30.18 7.73
CA GLN F 4700 -67.67 30.30 7.26
C GLN F 4700 -67.85 31.46 6.29
N TRP F 4701 -67.19 32.59 6.57
CA TRP F 4701 -67.31 33.76 5.72
C TRP F 4701 -66.73 33.49 4.34
N ASP F 4702 -65.64 32.72 4.27
CA ASP F 4702 -64.99 32.45 3.00
C ASP F 4702 -65.83 31.58 2.08
N ARG F 4703 -66.92 30.97 2.58
CA ARG F 4703 -67.79 30.20 1.71
C ARG F 4703 -68.38 31.06 0.61
N LEU F 4704 -68.69 32.31 0.93
CA LEU F 4704 -69.44 33.16 0.01
C LEU F 4704 -68.72 33.34 -1.30
N VAL F 4705 -67.42 33.56 -1.24
CA VAL F 4705 -66.68 34.04 -2.40
C VAL F 4705 -66.27 32.89 -3.32
N LEU F 4706 -66.41 31.64 -2.87
CA LEU F 4706 -65.98 30.50 -3.67
C LEU F 4706 -66.67 30.47 -5.03
N ASN F 4707 -67.99 30.61 -5.04
CA ASN F 4707 -68.75 30.56 -6.28
C ASN F 4707 -68.73 31.87 -7.05
N THR F 4708 -68.10 32.89 -6.51
CA THR F 4708 -68.07 34.20 -7.17
C THR F 4708 -67.06 34.20 -8.32
N PRO F 4709 -67.42 34.81 -9.46
CA PRO F 4709 -66.44 34.89 -10.56
C PRO F 4709 -65.17 35.62 -10.19
N SER F 4710 -65.26 36.63 -9.32
CA SER F 4710 -64.13 37.51 -9.05
C SER F 4710 -63.26 37.03 -7.90
N PHE F 4711 -63.46 35.79 -7.42
CA PHE F 4711 -62.73 35.26 -6.27
C PHE F 4711 -61.24 35.63 -6.28
N PRO F 4712 -60.43 35.21 -7.26
CA PRO F 4712 -59.02 35.65 -7.19
C PRO F 4712 -58.80 36.97 -7.91
N SER F 4713 -59.37 38.05 -7.35
CA SER F 4713 -59.22 39.36 -7.96
C SER F 4713 -57.82 39.92 -7.72
N ASN F 4714 -57.39 39.95 -6.46
CA ASN F 4714 -56.08 40.47 -6.10
C ASN F 4714 -55.01 39.38 -6.09
N TYR F 4715 -55.37 38.16 -5.71
CA TYR F 4715 -54.41 37.08 -5.71
C TYR F 4715 -54.19 36.57 -7.14
N TRP F 4716 -52.93 36.34 -7.48
CA TRP F 4716 -52.54 36.17 -8.88
C TRP F 4716 -53.20 34.96 -9.51
N ASP F 4717 -53.21 33.83 -8.81
CA ASP F 4717 -53.60 32.56 -9.43
C ASP F 4717 -55.08 32.59 -9.78
N LYS F 4718 -55.37 32.73 -11.07
CA LYS F 4718 -56.73 32.74 -11.59
C LYS F 4718 -57.25 31.34 -11.91
N PHE F 4719 -56.39 30.34 -11.91
CA PHE F 4719 -56.74 28.99 -12.34
C PHE F 4719 -56.90 28.03 -11.17
N VAL F 4720 -57.00 28.55 -9.95
CA VAL F 4720 -57.00 27.64 -8.80
C VAL F 4720 -58.27 26.80 -8.81
N LYS F 4721 -59.39 27.39 -9.27
CA LYS F 4721 -60.63 26.64 -9.33
C LYS F 4721 -60.46 25.41 -10.22
N ARG F 4722 -59.85 25.60 -11.38
CA ARG F 4722 -59.53 24.51 -12.27
C ARG F 4722 -58.60 23.50 -11.64
N LYS F 4723 -57.58 23.99 -10.95
CA LYS F 4723 -56.66 23.08 -10.28
C LYS F 4723 -57.39 22.23 -9.25
N VAL F 4724 -58.26 22.86 -8.46
CA VAL F 4724 -59.04 22.14 -7.45
C VAL F 4724 -59.94 21.12 -8.11
N LEU F 4725 -60.57 21.49 -9.23
CA LEU F 4725 -61.39 20.54 -9.96
C LEU F 4725 -60.56 19.34 -10.40
N ASP F 4726 -59.46 19.59 -11.10
CA ASP F 4726 -58.63 18.49 -11.58
C ASP F 4726 -58.17 17.60 -10.45
N LYS F 4727 -57.94 18.20 -9.27
CA LYS F 4727 -57.36 17.43 -8.16
C LYS F 4727 -58.41 16.63 -7.42
N HIS F 4728 -59.61 17.17 -7.23
CA HIS F 4728 -60.59 16.58 -6.33
C HIS F 4728 -61.86 16.08 -7.01
N GLY F 4729 -62.01 16.29 -8.32
CA GLY F 4729 -63.29 15.99 -8.96
C GLY F 4729 -63.59 14.51 -9.04
N ASP F 4730 -62.58 13.70 -9.38
CA ASP F 4730 -62.81 12.27 -9.53
C ASP F 4730 -63.39 11.68 -8.25
N ILE F 4731 -63.02 12.23 -7.10
CA ILE F 4731 -63.47 11.69 -5.82
C ILE F 4731 -64.77 12.38 -5.38
N PHE F 4732 -64.83 13.71 -5.48
CA PHE F 4732 -65.86 14.48 -4.83
C PHE F 4732 -67.03 14.84 -5.74
N GLY F 4733 -66.92 14.59 -7.05
CA GLY F 4733 -67.95 14.97 -7.98
C GLY F 4733 -67.64 16.25 -8.71
N ARG F 4734 -67.40 16.16 -10.02
CA ARG F 4734 -67.06 17.34 -10.81
C ARG F 4734 -68.18 18.36 -10.78
N GLU F 4735 -69.41 17.92 -10.95
CA GLU F 4735 -70.55 18.84 -10.91
C GLU F 4735 -70.64 19.51 -9.55
N ARG F 4736 -70.35 18.77 -8.48
CA ARG F 4736 -70.39 19.35 -7.14
C ARG F 4736 -69.34 20.44 -6.98
N ILE F 4737 -68.12 20.18 -7.45
CA ILE F 4737 -67.05 21.17 -7.39
C ILE F 4737 -67.44 22.40 -8.19
N ALA F 4738 -67.99 22.20 -9.39
CA ALA F 4738 -68.36 23.31 -10.24
C ALA F 4738 -69.47 24.14 -9.60
N GLU F 4739 -70.45 23.49 -8.98
CA GLU F 4739 -71.51 24.21 -8.28
C GLU F 4739 -70.92 25.02 -7.13
N LEU F 4740 -69.99 24.42 -6.38
CA LEU F 4740 -69.40 25.13 -5.25
C LEU F 4740 -68.60 26.34 -5.70
N LEU F 4741 -67.86 26.20 -6.81
CA LEU F 4741 -66.93 27.23 -7.27
C LEU F 4741 -67.49 28.07 -8.41
N GLY F 4742 -68.78 27.98 -8.68
CA GLY F 4742 -69.37 28.83 -9.71
C GLY F 4742 -68.78 28.59 -11.08
N MET F 4743 -68.56 27.33 -11.45
CA MET F 4743 -67.92 26.97 -12.70
C MET F 4743 -68.93 26.36 -13.66
N ASP F 4744 -68.82 26.69 -14.94
CA ASP F 4744 -69.62 26.09 -15.99
C ASP F 4744 -68.71 25.14 -16.77
N LEU F 4745 -68.94 23.84 -16.58
CA LEU F 4745 -68.07 22.84 -17.19
C LEU F 4745 -68.08 22.95 -18.71
N ALA F 4746 -69.26 23.17 -19.29
CA ALA F 4746 -69.36 23.30 -20.74
C ALA F 4746 -68.57 24.51 -21.24
N SER F 4747 -68.68 25.64 -20.52
CA SER F 4747 -67.92 26.83 -20.90
C SER F 4747 -66.43 26.60 -20.78
N LEU F 4748 -66.01 25.82 -19.78
CA LEU F 4748 -64.60 25.53 -19.58
C LEU F 4748 -63.94 25.00 -20.85
N GLU F 4749 -64.42 23.89 -21.37
CA GLU F 4749 -63.78 23.27 -22.52
C GLU F 4749 -63.83 24.16 -23.75
N ILE F 4750 -64.94 24.86 -23.99
CA ILE F 4750 -65.02 25.70 -25.18
C ILE F 4750 -64.04 26.86 -25.11
N THR F 4751 -63.83 27.41 -23.90
CA THR F 4751 -62.87 28.51 -23.79
C THR F 4751 -61.50 28.10 -24.30
N ALA F 4752 -61.07 26.88 -23.96
CA ALA F 4752 -59.81 26.37 -24.50
C ALA F 4752 -59.93 26.05 -25.98
N HIS F 4753 -61.07 25.52 -26.40
CA HIS F 4753 -61.24 25.16 -27.81
C HIS F 4753 -61.00 26.37 -28.72
N ASN F 4754 -61.60 27.51 -28.39
CA ASN F 4754 -61.48 28.68 -29.23
C ASN F 4754 -61.79 29.93 -28.42
N GLU F 4755 -61.15 31.03 -28.81
CA GLU F 4755 -61.28 32.29 -28.08
C GLU F 4755 -62.67 32.87 -28.26
N ARG F 4756 -63.25 33.36 -27.17
CA ARG F 4756 -64.46 34.16 -27.19
C ARG F 4756 -64.14 35.53 -26.59
N LYS F 4757 -64.46 36.58 -27.34
CA LYS F 4757 -64.23 37.95 -26.89
C LYS F 4757 -65.51 38.75 -27.10
N PRO F 4758 -66.49 38.65 -26.20
CA PRO F 4758 -67.72 39.41 -26.37
C PRO F 4758 -67.63 40.79 -25.74
N ASP F 4759 -66.91 41.69 -26.39
CA ASP F 4759 -66.66 43.01 -25.83
C ASP F 4759 -67.97 43.78 -25.70
N PRO F 4760 -68.38 44.19 -24.51
CA PRO F 4760 -69.57 45.03 -24.38
C PRO F 4760 -69.18 46.50 -24.33
N PRO F 4761 -70.00 47.38 -24.90
CA PRO F 4761 -69.70 48.82 -24.80
C PRO F 4761 -69.72 49.28 -23.36
N PRO F 4762 -68.85 50.21 -22.97
CA PRO F 4762 -68.85 50.67 -21.58
C PRO F 4762 -70.05 51.54 -21.27
N GLY F 4763 -70.74 51.19 -20.20
CA GLY F 4763 -71.86 51.99 -19.73
C GLY F 4763 -71.98 51.87 -18.22
N LEU F 4764 -72.60 52.88 -17.61
CA LEU F 4764 -72.81 52.85 -16.17
C LEU F 4764 -73.69 51.67 -15.77
N LEU F 4765 -74.76 51.44 -16.52
CA LEU F 4765 -75.62 50.29 -16.24
C LEU F 4765 -74.83 48.99 -16.40
N THR F 4766 -74.04 48.86 -17.45
CA THR F 4766 -73.26 47.64 -17.67
C THR F 4766 -72.29 47.41 -16.52
N TRP F 4767 -71.67 48.49 -16.05
CA TRP F 4767 -70.81 48.42 -14.87
C TRP F 4767 -71.60 47.90 -13.66
N LEU F 4768 -72.78 48.46 -13.42
CA LEU F 4768 -73.59 48.03 -12.27
C LEU F 4768 -73.92 46.55 -12.37
N MET F 4769 -74.33 46.08 -13.54
CA MET F 4769 -74.59 44.66 -13.72
C MET F 4769 -73.34 43.83 -13.51
N SER F 4770 -72.18 44.36 -13.92
CA SER F 4770 -70.93 43.64 -13.72
C SER F 4770 -70.53 43.54 -12.27
N ILE F 4771 -71.04 44.43 -11.40
CA ILE F 4771 -70.71 44.37 -9.99
C ILE F 4771 -71.02 42.99 -9.44
N ASP F 4772 -70.12 42.45 -8.62
CA ASP F 4772 -70.31 41.16 -7.96
C ASP F 4772 -70.65 41.41 -6.49
N VAL F 4773 -71.94 41.38 -6.18
CA VAL F 4773 -72.40 41.77 -4.85
C VAL F 4773 -71.85 40.83 -3.79
N LYS F 4774 -71.78 39.54 -4.09
CA LYS F 4774 -71.33 38.57 -3.09
C LYS F 4774 -69.86 38.80 -2.74
N TYR F 4775 -69.02 39.00 -3.76
CA TYR F 4775 -67.62 39.31 -3.51
C TYR F 4775 -67.50 40.60 -2.73
N GLN F 4776 -68.30 41.62 -3.08
CA GLN F 4776 -68.24 42.88 -2.35
C GLN F 4776 -68.62 42.69 -0.88
N ILE F 4777 -69.63 41.87 -0.62
CA ILE F 4777 -70.07 41.65 0.76
C ILE F 4777 -68.99 40.93 1.56
N TRP F 4778 -68.41 39.87 0.98
CA TRP F 4778 -67.33 39.16 1.65
C TRP F 4778 -66.17 40.10 1.92
N LYS F 4779 -65.79 40.88 0.91
CA LYS F 4779 -64.70 41.84 1.07
C LYS F 4779 -65.03 42.83 2.16
N PHE F 4780 -66.30 43.25 2.27
CA PHE F 4780 -66.52 44.35 3.18
C PHE F 4780 -66.52 43.81 4.59
N GLY F 4781 -66.96 42.56 4.76
CA GLY F 4781 -66.80 41.89 6.04
C GLY F 4781 -65.33 41.81 6.44
N VAL F 4782 -64.47 41.41 5.51
CA VAL F 4782 -63.03 41.36 5.81
C VAL F 4782 -62.55 42.73 6.28
N ILE F 4783 -62.92 43.77 5.55
CA ILE F 4783 -62.44 45.11 5.87
C ILE F 4783 -62.92 45.55 7.24
N PHE F 4784 -64.21 45.39 7.51
CA PHE F 4784 -64.75 45.80 8.79
C PHE F 4784 -64.13 45.00 9.93
N THR F 4785 -63.73 43.77 9.66
CA THR F 4785 -63.02 43.00 10.68
C THR F 4785 -61.59 43.49 10.86
N ASP F 4786 -61.00 44.07 9.83
CA ASP F 4786 -59.63 44.59 9.96
C ASP F 4786 -59.58 45.65 11.06
N ASN F 4787 -58.59 45.53 11.94
CA ASN F 4787 -58.55 46.38 13.13
C ASN F 4787 -58.19 47.82 12.80
N SER F 4788 -57.20 48.03 11.93
CA SER F 4788 -56.79 49.39 11.62
C SER F 4788 -57.91 50.18 10.95
N PHE F 4789 -58.63 49.55 10.03
CA PHE F 4789 -59.76 50.21 9.40
C PHE F 4789 -60.80 50.60 10.45
N LEU F 4790 -61.04 49.72 11.42
CA LEU F 4790 -62.00 50.02 12.49
C LEU F 4790 -61.52 51.20 13.32
N TYR F 4791 -60.23 51.24 13.64
CA TYR F 4791 -59.67 52.35 14.40
C TYR F 4791 -59.88 53.66 13.66
N LEU F 4792 -59.60 53.66 12.36
CA LEU F 4792 -59.76 54.89 11.58
C LEU F 4792 -61.23 55.30 11.47
N GLY F 4793 -62.12 54.34 11.29
CA GLY F 4793 -63.55 54.66 11.25
C GLY F 4793 -64.03 55.25 12.57
N TRP F 4794 -63.55 54.70 13.68
CA TRP F 4794 -63.87 55.27 14.99
C TRP F 4794 -63.30 56.68 15.11
N TYR F 4795 -62.07 56.89 14.65
CA TYR F 4795 -61.47 58.22 14.62
C TYR F 4795 -62.40 59.21 13.93
N MET F 4796 -62.84 58.85 12.72
CA MET F 4796 -63.75 59.67 11.95
C MET F 4796 -65.08 59.91 12.64
N VAL F 4797 -65.65 58.86 13.21
CA VAL F 4797 -66.93 59.02 13.90
C VAL F 4797 -66.78 59.98 15.07
N MET F 4798 -65.66 59.89 15.79
CA MET F 4798 -65.43 60.80 16.91
C MET F 4798 -65.24 62.23 16.42
N SER F 4799 -64.62 62.41 15.25
CA SER F 4799 -64.53 63.76 14.69
C SER F 4799 -65.92 64.32 14.37
N LEU F 4800 -66.76 63.52 13.73
CA LEU F 4800 -68.12 63.97 13.45
C LEU F 4800 -68.86 64.31 14.73
N LEU F 4801 -68.70 63.48 15.77
CA LEU F 4801 -69.31 63.79 17.06
C LEU F 4801 -68.73 65.07 17.65
N GLY F 4802 -67.44 65.32 17.42
CA GLY F 4802 -66.84 66.55 17.87
C GLY F 4802 -67.52 67.75 17.26
N HIS F 4803 -67.94 67.64 16.00
CA HIS F 4803 -68.71 68.73 15.41
C HIS F 4803 -70.00 68.99 16.19
N TYR F 4804 -70.63 67.93 16.72
CA TYR F 4804 -71.82 68.11 17.55
C TYR F 4804 -71.46 68.73 18.90
N ASN F 4805 -70.43 68.19 19.55
CA ASN F 4805 -69.90 68.71 20.79
C ASN F 4805 -68.37 68.65 20.71
N ASN F 4806 -67.73 69.82 20.70
CA ASN F 4806 -66.32 69.91 20.35
C ASN F 4806 -65.42 69.13 21.31
N PHE F 4807 -65.90 68.78 22.50
CA PHE F 4807 -65.06 68.08 23.46
C PHE F 4807 -64.81 66.63 23.07
N PHE F 4808 -65.53 66.10 22.09
CA PHE F 4808 -65.25 64.76 21.59
C PHE F 4808 -63.96 64.70 20.77
N PHE F 4809 -63.38 65.85 20.45
CA PHE F 4809 -62.11 65.90 19.74
C PHE F 4809 -60.94 65.50 20.62
N ALA F 4810 -61.17 65.31 21.92
CA ALA F 4810 -60.09 64.90 22.82
C ALA F 4810 -59.70 63.45 22.62
N ALA F 4811 -60.65 62.60 22.23
CA ALA F 4811 -60.34 61.19 21.99
C ALA F 4811 -59.29 61.00 20.90
N HIS F 4812 -59.17 61.98 20.00
CA HIS F 4812 -58.20 61.85 18.91
C HIS F 4812 -56.77 62.01 19.40
N LEU F 4813 -56.60 62.45 20.65
CA LEU F 4813 -55.27 62.55 21.24
C LEU F 4813 -54.74 61.18 21.66
N LEU F 4814 -55.61 60.18 21.77
CA LEU F 4814 -55.15 58.83 22.07
C LEU F 4814 -54.37 58.23 20.93
N ASP F 4815 -54.41 58.85 19.75
CA ASP F 4815 -53.69 58.35 18.59
C ASP F 4815 -52.19 58.51 18.72
N ILE F 4816 -51.71 59.21 19.75
CA ILE F 4816 -50.27 59.33 19.96
C ILE F 4816 -49.65 57.96 20.18
N ALA F 4817 -50.42 57.03 20.75
CA ALA F 4817 -49.93 55.67 20.95
C ALA F 4817 -49.60 55.01 19.62
N MET F 4818 -50.55 55.05 18.68
CA MET F 4818 -50.31 54.47 17.37
C MET F 4818 -49.23 55.23 16.60
N GLY F 4819 -49.19 56.55 16.77
CA GLY F 4819 -48.22 57.35 16.04
C GLY F 4819 -46.79 57.11 16.50
N VAL F 4820 -46.59 57.03 17.81
CA VAL F 4820 -45.26 56.92 18.39
C VAL F 4820 -44.96 55.46 18.70
N LYS F 4821 -43.79 55.01 18.28
CA LYS F 4821 -43.35 53.64 18.58
C LYS F 4821 -43.07 53.47 20.07
N THR F 4822 -42.49 54.49 20.71
CA THR F 4822 -42.09 54.35 22.11
C THR F 4822 -43.31 54.12 23.00
N LEU F 4823 -44.34 54.95 22.84
CA LEU F 4823 -45.55 54.76 23.61
C LEU F 4823 -46.21 53.43 23.29
N ARG F 4824 -46.13 53.01 22.02
CA ARG F 4824 -46.69 51.72 21.66
C ARG F 4824 -46.00 50.59 22.40
N THR F 4825 -44.68 50.65 22.53
CA THR F 4825 -43.94 49.64 23.28
C THR F 4825 -44.30 49.70 24.77
N ILE F 4826 -44.38 50.90 25.32
CA ILE F 4826 -44.72 51.04 26.74
C ILE F 4826 -46.09 50.45 27.01
N LEU F 4827 -47.05 50.72 26.13
CA LEU F 4827 -48.39 50.16 26.29
C LEU F 4827 -48.40 48.66 26.08
N SER F 4828 -47.55 48.17 25.16
CA SER F 4828 -47.47 46.73 24.93
C SER F 4828 -46.95 46.02 26.16
N SER F 4829 -46.07 46.68 26.92
CA SER F 4829 -45.62 46.09 28.17
C SER F 4829 -46.80 45.83 29.10
N VAL F 4830 -47.73 46.77 29.18
CA VAL F 4830 -48.94 46.59 29.99
C VAL F 4830 -49.82 45.49 29.40
N THR F 4831 -50.03 45.54 28.08
CA THR F 4831 -50.97 44.60 27.46
C THR F 4831 -50.47 43.17 27.56
N HIS F 4832 -49.16 42.98 27.56
CA HIS F 4832 -48.54 41.66 27.60
C HIS F 4832 -49.15 40.78 28.69
N ASN F 4833 -49.25 41.29 29.91
CA ASN F 4833 -49.84 40.57 31.03
C ASN F 4833 -51.20 41.15 31.42
N GLY F 4834 -51.97 41.63 30.44
CA GLY F 4834 -53.23 42.28 30.74
C GLY F 4834 -54.25 41.33 31.34
N LYS F 4835 -54.33 40.11 30.82
CA LYS F 4835 -55.28 39.14 31.38
C LYS F 4835 -54.92 38.83 32.83
N GLN F 4836 -53.63 38.68 33.11
CA GLN F 4836 -53.18 38.46 34.48
C GLN F 4836 -53.56 39.62 35.38
N LEU F 4837 -53.39 40.86 34.88
CA LEU F 4837 -53.76 42.02 35.68
C LEU F 4837 -55.25 42.05 35.95
N VAL F 4838 -56.06 41.73 34.94
CA VAL F 4838 -57.51 41.71 35.12
C VAL F 4838 -57.88 40.70 36.19
N MET F 4839 -57.25 39.55 36.19
CA MET F 4839 -57.63 38.54 37.16
C MET F 4839 -57.09 38.89 38.54
N THR F 4840 -55.98 39.60 38.61
CA THR F 4840 -55.52 40.14 39.88
C THR F 4840 -56.55 41.10 40.44
N VAL F 4841 -57.16 41.93 39.58
CA VAL F 4841 -58.20 42.84 40.04
C VAL F 4841 -59.41 42.06 40.55
N GLY F 4842 -59.80 41.01 39.83
CA GLY F 4842 -60.91 40.19 40.30
C GLY F 4842 -60.63 39.56 41.66
N LEU F 4843 -59.41 39.05 41.86
CA LEU F 4843 -59.04 38.50 43.14
C LEU F 4843 -59.09 39.56 44.23
N LEU F 4844 -58.63 40.76 43.92
CA LEU F 4844 -58.71 41.87 44.86
C LEU F 4844 -60.15 42.13 45.26
N ALA F 4845 -61.05 42.13 44.27
CA ALA F 4845 -62.46 42.31 44.57
C ALA F 4845 -62.99 41.21 45.48
N VAL F 4846 -62.59 39.97 45.25
CA VAL F 4846 -63.03 38.86 46.11
C VAL F 4846 -62.54 39.05 47.54
N VAL F 4847 -61.27 39.41 47.70
CA VAL F 4847 -60.72 39.63 49.04
C VAL F 4847 -61.48 40.74 49.75
N VAL F 4848 -61.73 41.85 49.04
CA VAL F 4848 -62.45 42.95 49.64
C VAL F 4848 -63.88 42.53 49.99
N TYR F 4849 -64.48 41.67 49.18
CA TYR F 4849 -65.81 41.16 49.50
C TYR F 4849 -65.80 40.36 50.79
N LEU F 4850 -64.78 39.52 50.98
CA LEU F 4850 -64.69 38.77 52.22
C LEU F 4850 -64.52 39.70 53.41
N TYR F 4851 -63.65 40.71 53.28
CA TYR F 4851 -63.50 41.69 54.35
C TYR F 4851 -64.80 42.42 54.63
N THR F 4852 -65.55 42.74 53.58
CA THR F 4852 -66.85 43.39 53.73
C THR F 4852 -67.82 42.50 54.48
N VAL F 4853 -67.82 41.20 54.17
CA VAL F 4853 -68.69 40.26 54.89
C VAL F 4853 -68.33 40.26 56.37
N VAL F 4854 -67.04 40.21 56.68
CA VAL F 4854 -66.62 40.20 58.08
C VAL F 4854 -67.07 41.48 58.77
N ALA F 4855 -66.89 42.63 58.11
CA ALA F 4855 -67.28 43.89 58.73
C ALA F 4855 -68.78 43.98 58.93
N PHE F 4856 -69.56 43.51 57.95
CA PHE F 4856 -71.01 43.53 58.06
C PHE F 4856 -71.47 42.64 59.22
N ASN F 4857 -70.83 41.49 59.42
CA ASN F 4857 -71.14 40.66 60.57
C ASN F 4857 -70.74 41.28 61.91
N PHE F 4858 -69.50 41.77 62.03
CA PHE F 4858 -68.95 42.03 63.36
C PHE F 4858 -68.57 43.49 63.61
N PHE F 4859 -68.40 44.31 62.57
CA PHE F 4859 -67.76 45.61 62.76
C PHE F 4859 -68.59 46.75 62.17
N ARG F 4860 -69.92 46.66 62.23
CA ARG F 4860 -70.76 47.71 61.67
C ARG F 4860 -70.62 49.01 62.46
N LYS F 4861 -70.51 48.90 63.79
CA LYS F 4861 -70.46 50.08 64.65
C LYS F 4861 -69.39 51.07 64.23
N PHE F 4862 -68.28 50.58 63.68
CA PHE F 4862 -67.13 51.40 63.38
C PHE F 4862 -67.26 52.14 62.05
N TYR F 4863 -68.33 51.92 61.30
CA TYR F 4863 -68.43 52.43 59.94
C TYR F 4863 -69.37 53.62 59.82
N ASN F 4864 -69.38 54.48 60.83
CA ASN F 4864 -70.12 55.73 60.80
C ASN F 4864 -69.19 56.84 60.34
N LYS F 4865 -69.57 57.53 59.26
CA LYS F 4865 -68.79 58.63 58.72
C LYS F 4865 -69.49 59.97 58.91
N SER F 4866 -70.34 60.09 59.92
CA SER F 4866 -71.05 61.32 60.23
C SER F 4866 -70.54 61.86 61.56
N GLU F 4867 -70.09 63.12 61.55
CA GLU F 4867 -69.68 63.75 62.80
C GLU F 4867 -70.88 64.11 63.67
N ASP F 4868 -72.01 64.42 63.04
CA ASP F 4868 -73.21 64.79 63.76
C ASP F 4868 -73.90 63.55 64.33
N GLU F 4869 -74.01 63.47 65.65
CA GLU F 4869 -74.64 62.32 66.28
C GLU F 4869 -76.10 62.19 65.85
N ASP F 4870 -76.73 63.32 65.52
CA ASP F 4870 -78.16 63.29 65.21
C ASP F 4870 -78.44 62.57 63.89
N GLU F 4871 -77.57 62.77 62.89
CA GLU F 4871 -77.71 62.13 61.59
C GLU F 4871 -76.50 61.24 61.32
N PRO F 4872 -76.56 59.96 61.69
CA PRO F 4872 -75.45 59.06 61.37
C PRO F 4872 -75.45 58.66 59.89
N ASP F 4873 -74.25 58.46 59.37
CA ASP F 4873 -74.04 57.97 58.01
C ASP F 4873 -73.24 56.67 58.12
N MET F 4874 -73.95 55.54 58.13
CA MET F 4874 -73.37 54.24 58.38
C MET F 4874 -73.13 53.57 57.04
N LYS F 4875 -71.87 53.18 56.77
CA LYS F 4875 -71.48 52.67 55.47
C LYS F 4875 -71.43 51.15 55.43
N CYS F 4876 -71.86 50.46 56.48
CA CYS F 4876 -71.85 49.00 56.46
C CYS F 4876 -73.14 48.40 57.04
N ASP F 4877 -74.22 49.18 57.13
CA ASP F 4877 -75.51 48.59 57.49
C ASP F 4877 -76.10 47.81 56.34
N ASP F 4878 -75.65 48.08 55.12
CA ASP F 4878 -76.01 47.31 53.93
C ASP F 4878 -74.74 46.75 53.32
N MET F 4879 -74.81 45.50 52.87
CA MET F 4879 -73.62 44.83 52.34
C MET F 4879 -73.11 45.51 51.09
N MET F 4880 -74.01 45.96 50.21
CA MET F 4880 -73.59 46.62 48.99
C MET F 4880 -72.88 47.93 49.30
N THR F 4881 -73.42 48.72 50.23
CA THR F 4881 -72.77 49.96 50.62
C THR F 4881 -71.42 49.68 51.26
N CYS F 4882 -71.35 48.64 52.09
CA CYS F 4882 -70.08 48.29 52.72
C CYS F 4882 -69.04 47.89 51.69
N TYR F 4883 -69.44 47.12 50.68
CA TYR F 4883 -68.52 46.70 49.64
C TYR F 4883 -68.04 47.90 48.82
N LEU F 4884 -68.97 48.78 48.46
CA LEU F 4884 -68.60 49.99 47.73
C LEU F 4884 -67.63 50.84 48.56
N PHE F 4885 -67.95 51.01 49.84
CA PHE F 4885 -67.08 51.77 50.74
C PHE F 4885 -65.68 51.18 50.75
N HIS F 4886 -65.57 49.87 50.99
CA HIS F 4886 -64.25 49.25 51.00
C HIS F 4886 -63.53 49.50 49.68
N MET F 4887 -64.08 49.00 48.58
CA MET F 4887 -63.39 49.06 47.30
C MET F 4887 -63.04 50.48 46.90
N TYR F 4888 -63.80 51.46 47.38
CA TYR F 4888 -63.60 52.85 46.98
C TYR F 4888 -62.56 53.55 47.85
N VAL F 4889 -62.70 53.47 49.18
CA VAL F 4889 -61.85 54.28 50.05
C VAL F 4889 -60.67 53.46 50.55
N GLY F 4890 -60.90 52.21 50.97
CA GLY F 4890 -59.84 51.46 51.62
C GLY F 4890 -58.70 51.13 50.67
N VAL F 4891 -59.04 50.71 49.45
CA VAL F 4891 -58.01 50.43 48.46
C VAL F 4891 -57.21 51.69 48.14
N ARG F 4892 -57.91 52.82 48.05
CA ARG F 4892 -57.23 54.08 47.71
C ARG F 4892 -56.39 54.59 48.87
N ALA F 4893 -56.71 54.17 50.09
CA ALA F 4893 -55.99 54.64 51.27
C ALA F 4893 -54.65 53.93 51.39
N GLY F 4894 -53.67 54.63 51.97
CA GLY F 4894 -52.36 54.05 52.15
C GLY F 4894 -52.33 52.97 53.21
N GLY F 4895 -52.93 53.26 54.37
CA GLY F 4895 -53.02 52.31 55.46
C GLY F 4895 -54.24 51.42 55.40
N GLY F 4896 -55.03 51.52 54.35
CA GLY F 4896 -56.22 50.69 54.21
C GLY F 4896 -57.45 51.31 54.85
N ILE F 4897 -58.43 50.45 55.09
CA ILE F 4897 -59.73 50.90 55.60
C ILE F 4897 -59.60 51.44 57.02
N GLY F 4898 -58.67 50.87 57.79
CA GLY F 4898 -58.46 51.35 59.15
C GLY F 4898 -58.16 52.82 59.21
N ASP F 4899 -57.54 53.36 58.15
CA ASP F 4899 -57.31 54.80 58.08
C ASP F 4899 -58.62 55.57 58.03
N GLU F 4900 -59.67 54.98 57.45
CA GLU F 4900 -60.92 55.68 57.19
C GLU F 4900 -62.04 55.32 58.16
N ILE F 4901 -61.85 54.34 59.04
CA ILE F 4901 -62.89 53.94 59.97
C ILE F 4901 -62.45 54.22 61.41
N GLU F 4902 -63.43 54.18 62.32
CA GLU F 4902 -63.27 54.73 63.67
C GLU F 4902 -62.38 53.86 64.54
N ASP F 4903 -61.53 54.51 65.33
CA ASP F 4903 -60.52 53.81 66.10
C ASP F 4903 -61.15 52.79 67.04
N PRO F 4904 -60.56 51.62 67.23
CA PRO F 4904 -61.14 50.61 68.13
C PRO F 4904 -60.59 50.62 69.55
N ALA F 4905 -59.77 51.60 69.92
CA ALA F 4905 -59.14 51.58 71.24
C ALA F 4905 -60.20 51.53 72.33
N GLY F 4906 -59.95 50.70 73.34
CA GLY F 4906 -60.90 50.53 74.42
C GLY F 4906 -62.19 49.86 73.98
N ASP F 4907 -62.08 48.88 73.08
CA ASP F 4907 -63.22 48.12 72.60
C ASP F 4907 -62.94 46.63 72.74
N GLU F 4908 -64.01 45.86 72.96
CA GLU F 4908 -63.86 44.42 73.17
C GLU F 4908 -63.32 43.70 71.94
N TYR F 4909 -63.45 44.31 70.75
CA TYR F 4909 -62.99 43.71 69.51
C TYR F 4909 -61.74 44.40 68.96
N GLU F 4910 -60.99 45.07 69.83
CA GLU F 4910 -59.86 45.88 69.37
C GLU F 4910 -58.83 45.02 68.63
N LEU F 4911 -58.49 43.86 69.20
CA LEU F 4911 -57.45 43.03 68.58
C LEU F 4911 -57.96 42.39 67.30
N TYR F 4912 -59.23 41.96 67.29
CA TYR F 4912 -59.82 41.46 66.06
C TYR F 4912 -59.72 42.50 64.96
N ARG F 4913 -60.00 43.76 65.29
CA ARG F 4913 -59.98 44.79 64.25
C ARG F 4913 -58.56 45.16 63.84
N VAL F 4914 -57.60 45.13 64.78
CA VAL F 4914 -56.23 45.43 64.36
C VAL F 4914 -55.73 44.35 63.41
N VAL F 4915 -56.05 43.09 63.69
CA VAL F 4915 -55.73 42.03 62.73
C VAL F 4915 -56.43 42.30 61.41
N PHE F 4916 -57.72 42.64 61.46
CA PHE F 4916 -58.49 42.94 60.26
C PHE F 4916 -57.80 44.02 59.41
N ASP F 4917 -57.46 45.14 60.03
CA ASP F 4917 -56.87 46.26 59.31
C ASP F 4917 -55.48 45.93 58.77
N ILE F 4918 -54.64 45.30 59.58
CA ILE F 4918 -53.27 45.01 59.15
C ILE F 4918 -53.27 43.99 58.03
N THR F 4919 -54.14 42.98 58.11
CA THR F 4919 -54.21 42.00 57.04
C THR F 4919 -54.74 42.62 55.76
N PHE F 4920 -55.77 43.47 55.86
CA PHE F 4920 -56.22 44.21 54.70
C PHE F 4920 -55.07 44.98 54.07
N PHE F 4921 -54.32 45.70 54.92
CA PHE F 4921 -53.21 46.51 54.45
C PHE F 4921 -52.17 45.67 53.72
N PHE F 4922 -51.71 44.59 54.35
CA PHE F 4922 -50.65 43.81 53.70
C PHE F 4922 -51.16 43.15 52.43
N PHE F 4923 -52.21 42.34 52.55
CA PHE F 4923 -52.67 41.59 51.38
C PHE F 4923 -53.05 42.54 50.25
N VAL F 4924 -54.02 43.42 50.49
CA VAL F 4924 -54.57 44.26 49.43
C VAL F 4924 -53.56 45.30 48.99
N ILE F 4925 -53.14 46.17 49.91
CA ILE F 4925 -52.38 47.36 49.52
C ILE F 4925 -50.98 46.98 49.07
N VAL F 4926 -50.32 46.08 49.81
CA VAL F 4926 -48.92 45.78 49.54
C VAL F 4926 -48.79 44.75 48.42
N ILE F 4927 -49.39 43.57 48.62
CA ILE F 4927 -49.04 42.42 47.79
C ILE F 4927 -49.63 42.54 46.39
N LEU F 4928 -50.96 42.69 46.30
CA LEU F 4928 -51.59 42.69 44.98
C LEU F 4928 -51.08 43.83 44.11
N LEU F 4929 -50.99 45.03 44.68
CA LEU F 4929 -50.39 46.13 43.95
C LEU F 4929 -48.96 45.79 43.55
N ALA F 4930 -48.18 45.27 44.49
CA ALA F 4930 -46.84 44.80 44.17
C ALA F 4930 -46.87 43.82 43.00
N ILE F 4931 -47.89 42.97 42.95
CA ILE F 4931 -48.03 42.03 41.83
C ILE F 4931 -48.20 42.78 40.53
N ILE F 4932 -48.94 43.90 40.56
CA ILE F 4932 -49.16 44.67 39.33
C ILE F 4932 -47.84 45.27 38.81
N GLN F 4933 -47.11 45.95 39.69
CA GLN F 4933 -45.78 46.45 39.33
C GLN F 4933 -44.88 45.34 38.83
N GLY F 4934 -44.90 44.18 39.49
CA GLY F 4934 -44.05 43.09 39.06
C GLY F 4934 -44.43 42.58 37.68
N LEU F 4935 -45.72 42.54 37.39
CA LEU F 4935 -46.18 42.16 36.06
C LEU F 4935 -45.65 43.12 35.01
N ILE F 4936 -45.74 44.43 35.29
CA ILE F 4936 -45.24 45.41 34.33
C ILE F 4936 -43.74 45.26 34.12
N ILE F 4937 -43.01 45.08 35.22
CA ILE F 4937 -41.56 44.96 35.14
C ILE F 4937 -41.18 43.72 34.36
N ASP F 4938 -41.85 42.61 34.63
CA ASP F 4938 -41.59 41.37 33.91
C ASP F 4938 -41.91 41.53 32.43
N ALA F 4939 -42.94 42.30 32.11
CA ALA F 4939 -43.24 42.57 30.70
C ALA F 4939 -42.11 43.33 30.03
N PHE F 4940 -41.58 44.35 30.71
CA PHE F 4940 -40.42 45.06 30.16
C PHE F 4940 -39.28 44.08 29.89
N GLY F 4941 -38.94 43.26 30.88
CA GLY F 4941 -37.84 42.33 30.70
C GLY F 4941 -38.09 41.34 29.57
N GLU F 4942 -39.34 40.89 29.45
CA GLU F 4942 -39.68 39.92 28.42
C GLU F 4942 -39.56 40.52 27.02
N LEU F 4943 -40.03 41.75 26.85
CA LEU F 4943 -39.85 42.38 25.54
C LEU F 4943 -38.38 42.58 25.24
N ARG F 4944 -37.61 43.02 26.24
CA ARG F 4944 -36.18 43.26 26.03
C ARG F 4944 -35.46 41.99 25.62
N ASP F 4945 -35.72 40.88 26.32
CA ASP F 4945 -34.96 39.67 26.01
C ASP F 4945 -35.45 39.07 24.70
N GLN F 4946 -36.69 39.35 24.30
CA GLN F 4946 -37.12 38.99 22.96
C GLN F 4946 -36.28 39.70 21.90
N GLN F 4947 -36.17 41.03 22.01
CA GLN F 4947 -35.37 41.77 21.02
C GLN F 4947 -33.92 41.28 21.04
N GLU F 4948 -33.36 41.11 22.23
CA GLU F 4948 -31.99 40.64 22.33
C GLU F 4948 -31.82 39.28 21.66
N GLN F 4949 -32.79 38.37 21.88
CA GLN F 4949 -32.68 37.04 21.32
C GLN F 4949 -32.73 37.09 19.79
N VAL F 4950 -33.63 37.92 19.24
CA VAL F 4950 -33.69 38.04 17.79
C VAL F 4950 -32.36 38.55 17.24
N LYS F 4951 -31.86 39.65 17.81
CA LYS F 4951 -30.56 40.19 17.38
C LYS F 4951 -29.51 39.09 17.42
N GLU F 4952 -29.46 38.34 18.51
CA GLU F 4952 -28.35 37.45 18.78
C GLU F 4952 -28.42 36.21 17.90
N ASP F 4953 -29.63 35.72 17.63
CA ASP F 4953 -29.80 34.66 16.65
C ASP F 4953 -29.37 35.12 15.27
N MET F 4954 -29.78 36.32 14.85
CA MET F 4954 -29.43 36.77 13.50
C MET F 4954 -27.93 36.98 13.37
N GLU F 4955 -27.27 37.39 14.45
CA GLU F 4955 -25.83 37.59 14.41
C GLU F 4955 -25.05 36.29 14.54
N THR F 4956 -25.67 35.21 15.04
CA THR F 4956 -24.95 33.96 15.27
C THR F 4956 -25.30 32.85 14.28
N LYS F 4957 -26.38 32.97 13.52
CA LYS F 4957 -26.83 31.90 12.65
C LYS F 4957 -27.23 32.48 11.30
N CYS F 4958 -27.13 31.65 10.27
CA CYS F 4958 -27.68 32.01 8.97
C CYS F 4958 -29.17 31.73 8.97
N PHE F 4959 -29.95 32.75 8.58
CA PHE F 4959 -31.40 32.60 8.58
C PHE F 4959 -31.84 31.47 7.65
N ILE F 4960 -31.00 31.10 6.69
CA ILE F 4960 -31.34 30.09 5.69
C ILE F 4960 -30.89 28.71 6.14
N CYS F 4961 -29.57 28.51 6.28
CA CYS F 4961 -29.07 27.16 6.54
C CYS F 4961 -29.12 26.82 8.03
N GLY F 4962 -29.05 27.83 8.90
CA GLY F 4962 -29.03 27.60 10.32
C GLY F 4962 -27.65 27.30 10.88
N ILE F 4963 -26.62 27.25 10.04
CA ILE F 4963 -25.27 27.01 10.53
C ILE F 4963 -24.79 28.21 11.32
N GLY F 4964 -23.94 27.94 12.32
CA GLY F 4964 -23.51 28.99 13.22
C GLY F 4964 -22.39 29.84 12.63
N SER F 4965 -22.18 31.00 13.27
CA SER F 4965 -21.16 31.92 12.81
C SER F 4965 -19.76 31.37 13.00
N ASP F 4966 -19.59 30.42 13.93
CA ASP F 4966 -18.25 29.92 14.23
C ASP F 4966 -17.64 29.19 13.05
N TYR F 4967 -18.41 28.28 12.43
CA TYR F 4967 -17.91 27.56 11.27
C TYR F 4967 -17.43 28.52 10.20
N PHE F 4968 -18.24 29.53 9.88
CA PHE F 4968 -17.90 30.47 8.83
C PHE F 4968 -16.70 31.32 9.22
N ASP F 4969 -16.66 31.77 10.47
CA ASP F 4969 -15.56 32.60 10.95
C ASP F 4969 -14.26 31.82 11.07
N THR F 4970 -14.31 30.49 10.99
CA THR F 4970 -13.09 29.73 10.75
C THR F 4970 -12.29 30.38 9.63
N THR F 4971 -12.96 30.75 8.54
CA THR F 4971 -12.42 31.65 7.54
C THR F 4971 -12.73 33.09 7.94
N PRO F 4972 -11.78 34.01 7.78
CA PRO F 4972 -12.04 35.40 8.16
C PRO F 4972 -13.25 35.98 7.44
N HIS F 4973 -14.07 36.72 8.18
CA HIS F 4973 -15.22 37.43 7.61
C HIS F 4973 -16.21 36.46 6.98
N GLY F 4974 -16.11 35.19 7.37
CA GLY F 4974 -16.86 34.16 6.69
C GLY F 4974 -18.36 34.32 6.84
N PHE F 4975 -18.83 34.66 8.05
CA PHE F 4975 -20.27 34.73 8.27
C PHE F 4975 -20.91 35.84 7.46
N GLU F 4976 -20.28 37.02 7.42
CA GLU F 4976 -20.89 38.11 6.66
C GLU F 4976 -20.73 37.90 5.16
N THR F 4977 -19.63 37.28 4.72
CA THR F 4977 -19.56 36.88 3.32
C THR F 4977 -20.68 35.91 2.99
N HIS F 4978 -20.95 34.97 3.90
CA HIS F 4978 -22.03 34.01 3.71
C HIS F 4978 -23.38 34.70 3.59
N THR F 4979 -23.64 35.66 4.47
CA THR F 4979 -24.96 36.29 4.54
C THR F 4979 -25.15 37.37 3.49
N LEU F 4980 -24.07 37.85 2.87
CA LEU F 4980 -24.16 38.86 1.82
C LEU F 4980 -24.08 38.26 0.42
N GLU F 4981 -23.38 37.14 0.26
CA GLU F 4981 -23.13 36.55 -1.04
C GLU F 4981 -23.78 35.17 -1.18
N GLU F 4982 -23.50 34.27 -0.25
CA GLU F 4982 -23.92 32.87 -0.43
C GLU F 4982 -25.40 32.70 -0.12
N HIS F 4983 -25.84 33.12 1.06
CA HIS F 4983 -27.20 32.86 1.54
C HIS F 4983 -27.90 34.15 1.94
N ASN F 4984 -27.84 35.17 1.08
CA ASN F 4984 -28.65 36.36 1.30
C ASN F 4984 -30.10 36.09 0.92
N LEU F 4985 -31.00 36.33 1.88
CA LEU F 4985 -32.43 36.10 1.65
C LEU F 4985 -33.01 37.08 0.64
N ALA F 4986 -32.46 38.30 0.59
CA ALA F 4986 -32.88 39.24 -0.44
C ALA F 4986 -32.59 38.66 -1.83
N ASN F 4987 -31.47 37.96 -1.97
CA ASN F 4987 -31.15 37.33 -3.25
C ASN F 4987 -32.11 36.19 -3.54
N TYR F 4988 -32.56 35.47 -2.51
CA TYR F 4988 -33.54 34.42 -2.73
C TYR F 4988 -34.86 35.00 -3.24
N MET F 4989 -35.27 36.14 -2.70
CA MET F 4989 -36.45 36.80 -3.24
C MET F 4989 -36.22 37.31 -4.65
N PHE F 4990 -35.05 37.92 -4.89
CA PHE F 4990 -34.70 38.39 -6.23
C PHE F 4990 -34.79 37.25 -7.24
N PHE F 4991 -34.37 36.06 -6.81
CA PHE F 4991 -34.40 34.90 -7.70
C PHE F 4991 -35.83 34.53 -8.06
N LEU F 4992 -36.75 34.60 -7.10
CA LEU F 4992 -38.15 34.29 -7.40
C LEU F 4992 -38.74 35.31 -8.36
N MET F 4993 -38.43 36.60 -8.15
CA MET F 4993 -38.91 37.60 -9.09
C MET F 4993 -38.37 37.35 -10.49
N TYR F 4994 -37.09 37.03 -10.57
CA TYR F 4994 -36.44 36.76 -11.85
C TYR F 4994 -37.06 35.55 -12.53
N LEU F 4995 -37.36 34.51 -11.75
CA LEU F 4995 -38.03 33.33 -12.28
C LEU F 4995 -39.39 33.68 -12.84
N ILE F 4996 -40.17 34.46 -12.09
CA ILE F 4996 -41.51 34.82 -12.52
C ILE F 4996 -41.47 35.61 -13.81
N ASN F 4997 -40.55 36.59 -13.89
CA ASN F 4997 -40.51 37.46 -15.05
C ASN F 4997 -39.88 36.76 -16.26
N LYS F 4998 -39.11 35.70 -16.03
CA LYS F 4998 -38.49 34.99 -17.13
C LYS F 4998 -39.45 33.98 -17.74
N ASP F 4999 -39.32 33.81 -19.07
CA ASP F 4999 -40.13 32.82 -19.77
C ASP F 4999 -39.68 31.41 -19.40
N GLU F 5000 -40.61 30.47 -19.45
CA GLU F 5000 -40.31 29.11 -19.01
C GLU F 5000 -39.41 28.39 -20.00
N THR F 5001 -39.52 28.70 -21.29
CA THR F 5001 -38.68 28.06 -22.29
C THR F 5001 -37.20 28.41 -22.07
N GLU F 5002 -36.94 29.56 -21.44
CA GLU F 5002 -35.57 30.04 -21.30
C GLU F 5002 -34.95 29.61 -19.96
N HIS F 5003 -35.76 29.10 -19.03
CA HIS F 5003 -35.25 28.57 -17.78
C HIS F 5003 -34.20 27.50 -17.99
N THR F 5004 -33.13 27.57 -17.17
CA THR F 5004 -32.13 26.53 -17.15
C THR F 5004 -32.67 25.33 -16.38
N GLY F 5005 -31.83 24.28 -16.28
CA GLY F 5005 -32.24 23.14 -15.48
C GLY F 5005 -32.46 23.51 -14.03
N GLN F 5006 -31.55 24.32 -13.48
CA GLN F 5006 -31.67 24.75 -12.10
C GLN F 5006 -32.92 25.60 -11.88
N GLU F 5007 -33.14 26.58 -12.76
CA GLU F 5007 -34.30 27.44 -12.65
C GLU F 5007 -35.59 26.65 -12.79
N SER F 5008 -35.62 25.68 -13.72
CA SER F 5008 -36.80 24.84 -13.88
C SER F 5008 -37.04 23.99 -12.64
N TYR F 5009 -35.97 23.43 -12.07
CA TYR F 5009 -36.09 22.66 -10.84
C TYR F 5009 -36.74 23.49 -9.75
N VAL F 5010 -36.19 24.69 -9.50
CA VAL F 5010 -36.72 25.52 -8.43
C VAL F 5010 -38.13 26.01 -8.75
N TRP F 5011 -38.42 26.29 -10.02
CA TRP F 5011 -39.75 26.75 -10.40
C TRP F 5011 -40.79 25.67 -10.18
N LYS F 5012 -40.46 24.43 -10.56
CA LYS F 5012 -41.36 23.31 -10.32
C LYS F 5012 -41.57 23.08 -8.83
N MET F 5013 -40.50 23.20 -8.04
CA MET F 5013 -40.65 23.02 -6.60
C MET F 5013 -41.46 24.15 -5.96
N TYR F 5014 -41.36 25.37 -6.51
CA TYR F 5014 -42.23 26.45 -6.07
C TYR F 5014 -43.69 26.14 -6.39
N GLN F 5015 -43.95 25.65 -7.60
CA GLN F 5015 -45.31 25.30 -7.98
C GLN F 5015 -45.86 24.21 -7.07
N GLU F 5016 -45.04 23.21 -6.75
CA GLU F 5016 -45.48 22.13 -5.89
C GLU F 5016 -45.45 22.53 -4.42
N ARG F 5017 -44.89 23.70 -4.11
CA ARG F 5017 -44.78 24.19 -2.74
C ARG F 5017 -43.89 23.27 -1.93
N CYS F 5018 -42.80 22.81 -2.53
CA CYS F 5018 -41.75 22.06 -1.84
C CYS F 5018 -40.56 22.97 -1.61
N TRP F 5019 -40.07 22.99 -0.37
CA TRP F 5019 -39.01 23.89 0.04
C TRP F 5019 -37.69 23.16 0.26
N ASP F 5020 -37.53 21.99 -0.37
CA ASP F 5020 -36.32 21.20 -0.17
C ASP F 5020 -35.10 21.84 -0.83
N PHE F 5021 -35.32 22.72 -1.81
CA PHE F 5021 -34.18 23.32 -2.51
C PHE F 5021 -33.45 24.31 -1.60
N PHE F 5022 -34.14 24.87 -0.63
CA PHE F 5022 -33.49 25.72 0.35
C PHE F 5022 -32.45 24.90 1.11
N PRO F 5023 -31.19 25.32 1.15
CA PRO F 5023 -30.18 24.53 1.86
C PRO F 5023 -30.41 24.58 3.36
N ALA F 5024 -30.33 23.40 4.00
CA ALA F 5024 -30.52 23.26 5.43
C ALA F 5024 -29.41 22.40 6.00
N GLY F 5025 -28.66 22.94 6.94
CA GLY F 5025 -27.55 22.23 7.53
C GLY F 5025 -26.40 21.95 6.60
N ASP F 5026 -26.39 22.56 5.41
CA ASP F 5026 -25.34 22.32 4.43
C ASP F 5026 -25.05 23.62 3.70
N CYS F 5027 -23.85 23.70 3.13
CA CYS F 5027 -23.43 24.87 2.37
C CYS F 5027 -22.43 24.44 1.32
N PHE F 5028 -22.22 25.32 0.34
CA PHE F 5028 -21.23 25.07 -0.70
C PHE F 5028 -19.86 24.86 -0.08
N ARG F 5029 -19.48 25.72 0.88
CA ARG F 5029 -18.19 25.62 1.54
C ARG F 5029 -18.04 24.28 2.25
N LYS F 5030 -19.03 23.90 3.04
CA LYS F 5030 -18.95 22.65 3.80
C LYS F 5030 -18.91 21.45 2.87
N GLN F 5031 -19.69 21.50 1.78
CA GLN F 5031 -19.71 20.40 0.83
C GLN F 5031 -18.35 20.23 0.15
N TYR F 5032 -17.72 21.34 -0.24
CA TYR F 5032 -16.43 21.30 -0.91
C TYR F 5032 -15.29 21.73 0.02
N GLU F 5033 -15.41 21.37 1.30
CA GLU F 5033 -14.46 21.87 2.30
C GLU F 5033 -13.03 21.45 1.97
N ASP F 5034 -12.82 20.15 1.72
CA ASP F 5034 -11.46 19.66 1.49
C ASP F 5034 -10.87 20.25 0.21
N GLN F 5035 -11.65 20.30 -0.86
CA GLN F 5035 -11.16 20.87 -2.11
C GLN F 5035 -10.87 22.35 -1.97
N LEU F 5036 -11.76 23.08 -1.29
CA LEU F 5036 -11.56 24.51 -1.12
C LEU F 5036 -10.32 24.81 -0.30
N SER F 5037 -9.99 23.93 0.65
CA SER F 5037 -8.85 24.14 1.54
C SER F 5037 -7.65 23.30 1.13
N GLU G 10 23.75 13.34 0.67
CA GLU G 10 24.84 13.70 1.56
C GLU G 10 26.15 13.10 1.08
N VAL G 11 27.27 13.74 1.44
CA VAL G 11 28.60 13.24 1.11
C VAL G 11 29.40 13.13 2.41
N GLN G 12 30.02 11.97 2.62
CA GLN G 12 30.76 11.73 3.84
C GLN G 12 31.95 12.68 3.95
N PHE G 13 32.14 13.25 5.13
CA PHE G 13 33.26 14.10 5.45
C PHE G 13 34.11 13.46 6.53
N LEU G 14 35.42 13.40 6.29
CA LEU G 14 36.33 12.91 7.31
C LEU G 14 36.38 13.89 8.48
N ARG G 15 36.28 13.35 9.70
CA ARG G 15 36.28 14.16 10.90
C ARG G 15 37.14 13.47 11.97
N THR G 16 37.49 14.25 12.98
CA THR G 16 38.43 13.78 13.99
C THR G 16 37.86 12.61 14.77
N ASP G 17 38.75 11.77 15.29
CA ASP G 17 38.47 10.56 16.04
C ASP G 17 38.05 9.43 15.10
N ASP G 18 37.95 9.68 13.80
CA ASP G 18 37.72 8.62 12.83
C ASP G 18 39.03 7.91 12.53
N GLU G 19 38.92 6.62 12.25
CA GLU G 19 40.07 5.77 11.95
C GLU G 19 40.17 5.62 10.45
N VAL G 20 41.40 5.73 9.92
CA VAL G 20 41.62 5.74 8.48
C VAL G 20 42.84 4.92 8.14
N VAL G 21 42.94 4.57 6.86
CA VAL G 21 44.13 3.98 6.27
C VAL G 21 44.57 4.88 5.12
N LEU G 22 45.88 5.11 5.02
CA LEU G 22 46.45 5.88 3.93
C LEU G 22 46.84 4.93 2.81
N GLN G 23 46.29 5.16 1.62
CA GLN G 23 46.39 4.24 0.50
C GLN G 23 47.02 4.94 -0.69
N CYS G 24 47.94 4.24 -1.34
CA CYS G 24 48.61 4.74 -2.53
C CYS G 24 48.50 3.72 -3.66
N SER G 25 48.68 4.20 -4.88
CA SER G 25 48.53 3.38 -6.08
C SER G 25 49.84 3.34 -6.85
N ALA G 26 50.28 2.14 -7.22
CA ALA G 26 51.49 1.95 -8.00
C ALA G 26 51.21 1.03 -9.17
N THR G 27 51.75 1.38 -10.34
CA THR G 27 51.58 0.57 -11.54
C THR G 27 52.82 -0.33 -11.68
N VAL G 28 52.60 -1.64 -11.58
CA VAL G 28 53.67 -2.62 -11.66
C VAL G 28 53.28 -3.67 -12.69
N LEU G 29 54.15 -3.88 -13.67
CA LEU G 29 53.89 -4.84 -14.75
C LEU G 29 52.55 -4.55 -15.43
N LYS G 30 52.18 -3.27 -15.45
CA LYS G 30 50.95 -2.81 -16.09
C LYS G 30 49.70 -3.37 -15.41
N GLU G 31 49.81 -3.68 -14.12
CA GLU G 31 48.65 -3.96 -13.27
C GLU G 31 48.69 -3.03 -12.09
N GLN G 32 47.59 -2.32 -11.86
CA GLN G 32 47.53 -1.40 -10.73
C GLN G 32 47.54 -2.16 -9.42
N LEU G 33 48.26 -1.63 -8.43
CA LEU G 33 48.40 -2.25 -7.13
C LEU G 33 48.16 -1.18 -6.07
N LYS G 34 47.24 -1.45 -5.15
CA LYS G 34 46.91 -0.52 -4.09
C LYS G 34 47.57 -0.97 -2.80
N LEU G 35 48.18 -0.02 -2.09
CA LEU G 35 49.01 -0.29 -0.93
C LEU G 35 48.53 0.58 0.21
N CYS G 36 48.71 0.09 1.44
CA CYS G 36 48.36 0.83 2.63
C CYS G 36 49.60 1.04 3.49
N LEU G 37 49.71 2.23 4.05
CA LEU G 37 50.81 2.52 4.96
C LEU G 37 50.66 1.69 6.22
N ALA G 38 51.78 1.15 6.71
CA ALA G 38 51.75 0.21 7.82
C ALA G 38 52.98 0.41 8.70
N ALA G 39 52.81 0.20 9.99
CA ALA G 39 53.92 0.23 10.93
C ALA G 39 53.61 -0.66 12.12
N GLU G 40 54.60 -1.45 12.54
CA GLU G 40 54.42 -2.26 13.74
C GLU G 40 54.58 -1.41 15.00
N GLY G 41 55.53 -0.48 14.98
CA GLY G 41 55.79 0.35 16.13
C GLY G 41 56.80 -0.27 17.07
N PHE G 42 56.40 -1.35 17.74
CA PHE G 42 57.32 -2.06 18.62
C PHE G 42 58.29 -2.88 17.78
N GLY G 43 59.59 -2.71 18.04
CA GLY G 43 60.61 -3.43 17.30
C GLY G 43 61.08 -2.66 16.09
N ASN G 44 60.14 -2.23 15.24
CA ASN G 44 60.45 -1.41 14.09
C ASN G 44 59.51 -0.22 14.07
N ARG G 45 60.08 0.98 14.01
CA ARG G 45 59.27 2.21 13.95
C ARG G 45 58.95 2.61 12.52
N LEU G 46 59.71 2.12 11.55
CA LEU G 46 59.58 2.61 10.19
C LEU G 46 58.30 2.12 9.54
N CYS G 47 57.78 2.94 8.63
CA CYS G 47 56.60 2.58 7.88
C CYS G 47 56.97 1.84 6.60
N PHE G 48 56.09 0.93 6.21
CA PHE G 48 56.23 0.16 4.98
C PHE G 48 54.85 0.10 4.33
N LEU G 49 54.74 -0.72 3.29
CA LEU G 49 53.54 -0.74 2.45
C LEU G 49 52.99 -2.16 2.36
N GLU G 50 51.72 -2.31 2.71
CA GLU G 50 51.04 -3.59 2.67
C GLU G 50 50.07 -3.61 1.51
N PRO G 51 50.22 -4.49 0.52
CA PRO G 51 49.28 -4.51 -0.61
C PRO G 51 47.91 -5.03 -0.20
N THR G 52 46.86 -4.42 -0.75
CA THR G 52 45.48 -4.77 -0.44
C THR G 52 44.73 -5.32 -1.63
N SER G 53 45.38 -5.48 -2.79
CA SER G 53 44.67 -5.86 -4.01
C SER G 53 44.38 -7.36 -4.03
N ASN G 54 45.37 -8.18 -3.68
CA ASN G 54 45.19 -9.63 -3.73
C ASN G 54 44.32 -10.13 -2.60
N ALA G 55 43.73 -9.23 -1.82
CA ALA G 55 42.96 -9.56 -0.63
C ALA G 55 42.09 -10.80 -0.80
N GLN G 56 41.40 -10.90 -1.94
CA GLN G 56 40.52 -12.05 -2.17
C GLN G 56 41.30 -13.37 -2.04
N ASN G 57 42.59 -13.34 -2.38
CA ASN G 57 43.41 -14.54 -2.32
C ASN G 57 44.37 -14.55 -1.13
N VAL G 58 44.66 -13.39 -0.56
CA VAL G 58 45.56 -13.31 0.59
C VAL G 58 45.11 -12.17 1.50
N PRO G 59 44.62 -12.44 2.71
CA PRO G 59 44.17 -11.36 3.57
C PRO G 59 45.31 -10.42 3.92
N PRO G 60 45.07 -9.11 3.95
CA PRO G 60 46.11 -8.17 4.38
C PRO G 60 46.05 -7.89 5.87
N ASP G 61 47.13 -7.28 6.36
CA ASP G 61 47.27 -6.95 7.79
C ASP G 61 46.87 -5.48 7.99
N LEU G 62 45.58 -5.27 8.25
CA LEU G 62 45.05 -3.92 8.34
C LEU G 62 45.26 -3.30 9.71
N ALA G 63 45.35 -4.14 10.75
CA ALA G 63 45.40 -3.62 12.11
C ALA G 63 46.54 -2.63 12.28
N ILE G 64 47.72 -2.98 11.76
CA ILE G 64 48.87 -2.08 11.82
C ILE G 64 48.86 -1.03 10.71
N CYS G 65 47.89 -1.10 9.80
CA CYS G 65 47.72 -0.11 8.74
C CYS G 65 46.72 0.97 9.13
N CYS G 66 45.99 0.78 10.24
CA CYS G 66 44.94 1.70 10.63
C CYS G 66 45.52 2.82 11.49
N PHE G 67 45.08 4.05 11.21
CA PHE G 67 45.46 5.22 11.99
C PHE G 67 44.21 5.98 12.41
N THR G 68 44.29 6.61 13.58
CA THR G 68 43.21 7.45 14.10
C THR G 68 43.64 8.91 14.09
N LEU G 69 42.74 9.78 13.64
CA LEU G 69 42.98 11.22 13.67
C LEU G 69 42.60 11.77 15.04
N GLU G 70 43.56 12.42 15.72
CA GLU G 70 43.24 13.14 16.95
C GLU G 70 42.79 14.57 16.67
N GLN G 71 43.66 15.38 16.08
CA GLN G 71 43.44 16.80 15.94
C GLN G 71 43.67 17.21 14.49
N SER G 72 42.91 18.21 14.06
CA SER G 72 43.11 18.85 12.76
C SER G 72 43.04 20.36 12.99
N LEU G 73 44.19 21.01 12.99
CA LEU G 73 44.29 22.41 13.36
C LEU G 73 44.90 23.22 12.23
N SER G 74 44.67 24.53 12.30
CA SER G 74 45.35 25.45 11.41
C SER G 74 46.80 25.62 11.83
N VAL G 75 47.61 26.14 10.90
CA VAL G 75 49.03 26.32 11.17
C VAL G 75 49.23 27.25 12.36
N ARG G 76 48.43 28.31 12.45
CA ARG G 76 48.59 29.27 13.53
C ARG G 76 48.25 28.64 14.88
N ALA G 77 47.16 27.88 14.93
CA ALA G 77 46.81 27.18 16.16
C ALA G 77 47.89 26.19 16.55
N LEU G 78 48.47 25.50 15.58
CA LEU G 78 49.57 24.58 15.86
C LEU G 78 50.76 25.34 16.43
N GLN G 79 51.07 26.50 15.85
CA GLN G 79 52.19 27.30 16.33
C GLN G 79 51.98 27.71 17.78
N GLU G 80 50.79 28.20 18.10
CA GLU G 80 50.50 28.59 19.48
C GLU G 80 50.57 27.38 20.41
N MET G 81 50.06 26.24 19.96
CA MET G 81 50.11 25.02 20.78
C MET G 81 51.56 24.66 21.11
N LEU G 82 52.42 24.63 20.10
CA LEU G 82 53.82 24.30 20.33
C LEU G 82 54.49 25.33 21.22
N ALA G 83 54.15 26.61 21.04
CA ALA G 83 54.71 27.65 21.90
C ALA G 83 54.31 27.43 23.35
N ASN G 84 53.09 26.96 23.58
CA ASN G 84 52.61 26.69 24.93
C ASN G 84 52.85 25.23 25.31
N HIS G 98 33.80 16.52 17.92
CA HIS G 98 34.37 16.11 16.64
C HIS G 98 34.49 17.29 15.70
N ARG G 99 35.62 17.36 14.98
CA ARG G 99 35.94 18.49 14.14
C ARG G 99 36.19 17.99 12.72
N THR G 100 35.52 18.60 11.75
CA THR G 100 35.63 18.18 10.36
C THR G 100 36.96 18.60 9.79
N LEU G 101 37.50 17.79 8.88
CA LEU G 101 38.79 18.09 8.28
C LEU G 101 38.63 19.11 7.16
N LEU G 102 39.63 19.98 7.03
CA LEU G 102 39.68 21.01 6.01
C LEU G 102 41.06 21.06 5.38
N TYR G 103 41.09 21.28 4.08
CA TYR G 103 42.36 21.40 3.37
C TYR G 103 43.16 22.57 3.90
N GLY G 104 44.46 22.35 4.07
CA GLY G 104 45.35 23.33 4.64
C GLY G 104 45.60 23.17 6.12
N HIS G 105 44.81 22.35 6.82
CA HIS G 105 45.03 22.16 8.24
C HIS G 105 46.10 21.10 8.50
N ALA G 106 46.52 21.05 9.75
CA ALA G 106 47.56 20.13 10.20
C ALA G 106 46.91 19.07 11.08
N ILE G 107 47.19 17.81 10.79
CA ILE G 107 46.52 16.68 11.44
C ILE G 107 47.54 15.85 12.21
N LEU G 108 47.05 15.19 13.26
CA LEU G 108 47.85 14.30 14.08
C LEU G 108 47.28 12.89 13.99
N LEU G 109 48.15 11.93 13.68
CA LEU G 109 47.76 10.56 13.33
C LEU G 109 48.41 9.59 14.29
N ARG G 110 47.58 8.77 14.94
CA ARG G 110 48.02 7.76 15.89
C ARG G 110 47.93 6.39 15.24
N HIS G 111 48.97 5.58 15.41
CA HIS G 111 48.87 4.16 15.16
C HIS G 111 47.98 3.52 16.22
N ALA G 112 46.90 2.88 15.79
CA ALA G 112 45.92 2.38 16.73
C ALA G 112 46.52 1.29 17.63
N HIS G 113 47.33 0.40 17.06
CA HIS G 113 47.86 -0.70 17.82
C HIS G 113 48.93 -0.24 18.82
N SER G 114 49.90 0.53 18.35
CA SER G 114 51.04 0.93 19.15
C SER G 114 50.83 2.25 19.88
N ARG G 115 49.81 3.01 19.51
CA ARG G 115 49.54 4.31 20.14
C ARG G 115 50.78 5.22 20.05
N MET G 116 51.47 5.15 18.93
CA MET G 116 52.54 6.08 18.59
C MET G 116 52.03 7.04 17.53
N TYR G 117 52.82 8.05 17.21
CA TYR G 117 52.39 9.07 16.25
C TYR G 117 53.21 8.99 14.97
N LEU G 118 52.52 9.10 13.84
CA LEU G 118 53.21 9.13 12.57
C LEU G 118 54.06 10.40 12.47
N SER G 119 55.29 10.26 12.00
CA SER G 119 56.25 11.35 12.06
C SER G 119 57.22 11.25 10.90
N CYS G 120 57.85 12.39 10.60
CA CYS G 120 58.96 12.46 9.66
C CYS G 120 60.26 12.45 10.46
N LEU G 121 61.07 11.42 10.26
CA LEU G 121 62.26 11.23 11.06
C LEU G 121 63.47 11.92 10.42
N THR G 122 64.45 12.23 11.26
CA THR G 122 65.69 12.84 10.80
C THR G 122 66.60 11.85 10.08
N THR G 123 66.36 10.55 10.26
CA THR G 123 67.20 9.54 9.65
C THR G 123 66.87 9.36 8.18
N SER G 124 67.88 8.96 7.41
CA SER G 124 67.70 8.61 6.01
C SER G 124 68.50 7.36 5.71
N ARG G 125 67.86 6.39 5.06
CA ARG G 125 68.56 5.21 4.57
C ARG G 125 68.62 5.20 3.04
N SER G 126 67.74 5.93 2.38
CA SER G 126 67.55 5.78 0.95
C SER G 126 68.87 6.02 0.23
N MET G 127 69.43 4.96 -0.33
CA MET G 127 70.63 5.11 -1.15
C MET G 127 70.34 5.96 -2.38
N THR G 128 69.13 5.85 -2.92
CA THR G 128 68.74 6.56 -4.12
C THR G 128 68.62 8.06 -3.88
N ASP G 129 67.74 8.46 -2.96
CA ASP G 129 67.48 9.86 -2.69
C ASP G 129 68.30 10.33 -1.50
N LYS G 130 69.15 11.34 -1.73
CA LYS G 130 69.97 11.89 -0.66
C LYS G 130 69.14 12.73 0.29
N LEU G 131 68.25 13.56 -0.26
CA LEU G 131 67.52 14.54 0.53
C LEU G 131 66.34 13.95 1.28
N ALA G 132 65.98 12.71 1.00
CA ALA G 132 64.78 12.13 1.61
C ALA G 132 65.02 11.79 3.07
N PHE G 133 63.91 11.69 3.80
CA PHE G 133 63.92 11.27 5.20
C PHE G 133 63.09 10.01 5.35
N ASP G 134 63.33 9.30 6.45
CA ASP G 134 62.54 8.13 6.78
C ASP G 134 61.23 8.54 7.44
N VAL G 135 60.16 7.83 7.11
CA VAL G 135 58.86 8.03 7.71
C VAL G 135 58.59 6.87 8.66
N GLY G 136 58.17 7.19 9.87
CA GLY G 136 57.98 6.18 10.88
C GLY G 136 57.15 6.69 12.02
N LEU G 137 57.17 5.96 13.13
CA LEU G 137 56.33 6.25 14.26
C LEU G 137 57.14 6.93 15.37
N GLN G 138 56.44 7.75 16.16
CA GLN G 138 57.04 8.51 17.25
C GLN G 138 56.24 8.27 18.52
N GLU G 139 56.96 8.10 19.64
CA GLU G 139 56.30 7.74 20.89
C GLU G 139 55.34 8.82 21.35
N ASP G 140 55.74 10.07 21.28
CA ASP G 140 54.96 11.19 21.78
C ASP G 140 54.54 12.09 20.63
N ALA G 141 53.53 12.91 20.89
CA ALA G 141 53.02 13.88 19.93
C ALA G 141 53.73 15.21 20.03
N THR G 142 54.75 15.31 20.88
CA THR G 142 55.46 16.56 21.06
C THR G 142 56.28 16.89 19.82
N GLY G 143 56.23 18.15 19.41
CA GLY G 143 57.03 18.62 18.29
C GLY G 143 56.26 18.69 16.99
N GLU G 144 56.98 19.15 15.96
CA GLU G 144 56.37 19.39 14.65
C GLU G 144 56.39 18.15 13.76
N ALA G 145 57.31 17.22 14.01
CA ALA G 145 57.48 16.08 13.11
C ALA G 145 56.18 15.29 12.96
N CYS G 146 55.42 15.16 14.05
CA CYS G 146 54.24 14.30 14.02
C CYS G 146 53.10 14.94 13.21
N TRP G 147 53.16 16.24 13.01
CA TRP G 147 52.07 16.94 12.34
C TRP G 147 52.25 16.95 10.83
N TRP G 148 51.14 16.85 10.11
CA TRP G 148 51.12 16.83 8.66
C TRP G 148 50.02 17.74 8.15
N THR G 149 50.26 18.36 7.00
CA THR G 149 49.31 19.25 6.37
C THR G 149 48.76 18.60 5.10
N MET G 150 47.44 18.70 4.91
CA MET G 150 46.77 18.14 3.74
C MET G 150 46.61 19.25 2.71
N HIS G 151 46.81 18.89 1.45
CA HIS G 151 46.58 19.80 0.35
C HIS G 151 45.87 19.08 -0.78
N PRO G 152 45.01 19.77 -1.53
CA PRO G 152 44.28 19.11 -2.60
C PRO G 152 45.21 18.64 -3.72
N ALA G 153 44.86 17.50 -4.31
CA ALA G 153 45.66 16.96 -5.40
C ALA G 153 45.34 17.63 -6.73
N SER G 154 44.09 18.03 -6.92
CA SER G 154 43.59 18.52 -8.20
C SER G 154 43.19 19.99 -8.07
N LYS G 155 42.66 20.53 -9.16
CA LYS G 155 42.26 21.94 -9.20
C LYS G 155 40.87 22.17 -8.60
N GLN G 156 39.95 21.21 -8.70
CA GLN G 156 38.58 21.53 -8.29
C GLN G 156 38.49 21.67 -6.78
N ARG G 157 39.34 20.95 -6.06
CA ARG G 157 39.50 21.16 -4.63
C ARG G 157 40.39 22.37 -4.39
N SER G 158 40.08 23.11 -3.33
CA SER G 158 40.84 24.29 -2.96
C SER G 158 40.96 24.35 -1.44
N GLU G 159 41.91 25.14 -0.96
CA GLU G 159 42.17 25.22 0.46
C GLU G 159 40.97 25.79 1.20
N GLY G 160 40.78 25.32 2.43
CA GLY G 160 39.63 25.69 3.23
C GLY G 160 38.43 24.81 3.02
N GLU G 161 38.43 23.96 2.01
CA GLU G 161 37.31 23.09 1.71
C GLU G 161 37.38 21.81 2.52
N LYS G 162 36.22 21.24 2.82
CA LYS G 162 36.14 20.04 3.64
C LYS G 162 36.67 18.85 2.86
N VAL G 163 37.51 18.05 3.53
CA VAL G 163 38.04 16.84 2.91
C VAL G 163 36.93 15.79 2.83
N ARG G 164 36.79 15.18 1.66
CA ARG G 164 35.71 14.23 1.40
C ARG G 164 36.29 12.85 1.16
N VAL G 165 35.59 11.84 1.66
CA VAL G 165 36.03 10.46 1.48
C VAL G 165 36.25 10.19 0.00
N GLY G 166 37.35 9.50 -0.31
CA GLY G 166 37.73 9.23 -1.68
C GLY G 166 38.61 10.28 -2.30
N ASP G 167 38.91 11.38 -1.59
CA ASP G 167 39.66 12.49 -2.15
C ASP G 167 41.16 12.15 -2.16
N ASP G 168 41.83 12.49 -3.26
CA ASP G 168 43.27 12.33 -3.35
C ASP G 168 43.94 13.52 -2.68
N LEU G 169 44.90 13.22 -1.81
CA LEU G 169 45.47 14.24 -0.94
C LEU G 169 46.98 14.26 -1.08
N ILE G 170 47.56 15.38 -0.67
CA ILE G 170 49.01 15.55 -0.62
C ILE G 170 49.38 15.92 0.82
N LEU G 171 50.31 15.17 1.40
CA LEU G 171 50.65 15.32 2.81
C LEU G 171 52.06 15.88 2.92
N VAL G 172 52.20 16.96 3.67
CA VAL G 172 53.47 17.66 3.82
C VAL G 172 53.84 17.72 5.30
N SER G 173 55.10 17.42 5.60
CA SER G 173 55.59 17.48 6.97
C SER G 173 55.93 18.91 7.35
N VAL G 174 55.51 19.32 8.54
CA VAL G 174 55.80 20.68 9.00
C VAL G 174 57.29 20.87 9.22
N SER G 175 57.93 19.91 9.89
CA SER G 175 59.33 20.06 10.26
C SER G 175 60.24 20.11 9.03
N SER G 176 59.98 19.25 8.04
CA SER G 176 60.89 19.05 6.93
C SER G 176 60.39 19.62 5.61
N GLU G 177 59.09 19.91 5.50
CA GLU G 177 58.52 20.42 4.26
C GLU G 177 58.77 19.47 3.09
N ARG G 178 58.74 18.17 3.37
CA ARG G 178 58.76 17.13 2.35
C ARG G 178 57.34 16.66 2.09
N TYR G 179 57.20 15.77 1.10
CA TYR G 179 55.94 15.13 0.79
C TYR G 179 56.01 13.67 1.22
N LEU G 180 54.89 13.15 1.72
CA LEU G 180 54.76 11.71 1.86
C LEU G 180 54.78 11.08 0.48
N HIS G 181 55.82 10.28 0.22
CA HIS G 181 56.17 9.91 -1.14
C HIS G 181 56.36 8.41 -1.24
N LEU G 182 55.98 7.87 -2.40
CA LEU G 182 56.19 6.47 -2.73
C LEU G 182 57.43 6.36 -3.60
N SER G 183 58.43 5.64 -3.10
CA SER G 183 59.71 5.49 -3.80
C SER G 183 59.73 4.17 -4.55
N THR G 184 59.70 4.23 -5.88
CA THR G 184 59.94 3.09 -6.74
C THR G 184 61.37 3.07 -7.27
N ALA G 185 62.24 3.94 -6.77
CA ALA G 185 63.59 4.04 -7.31
C ALA G 185 64.29 2.69 -7.27
N SER G 186 64.33 2.05 -6.11
CA SER G 186 64.73 0.66 -6.05
C SER G 186 63.60 -0.22 -6.57
N GLY G 187 63.95 -1.41 -7.05
CA GLY G 187 62.94 -2.32 -7.56
C GLY G 187 61.86 -2.63 -6.53
N GLU G 188 62.21 -2.52 -5.24
CA GLU G 188 61.24 -2.73 -4.18
C GLU G 188 60.64 -1.40 -3.73
N LEU G 189 59.34 -1.41 -3.48
CA LEU G 189 58.65 -0.19 -3.09
C LEU G 189 59.05 0.23 -1.68
N GLN G 190 59.03 1.54 -1.45
CA GLN G 190 59.37 2.10 -0.15
C GLN G 190 58.57 3.37 0.07
N VAL G 191 58.55 3.83 1.32
CA VAL G 191 57.87 5.04 1.72
C VAL G 191 58.90 6.01 2.28
N ASP G 192 58.82 7.27 1.88
CA ASP G 192 59.84 8.25 2.25
C ASP G 192 59.22 9.64 2.28
N ALA G 193 59.95 10.57 2.89
CA ALA G 193 59.63 11.99 2.86
C ALA G 193 60.51 12.64 1.81
N SER G 194 59.91 13.11 0.72
CA SER G 194 60.65 13.61 -0.42
C SER G 194 59.99 14.86 -0.95
N PHE G 195 60.78 15.66 -1.68
CA PHE G 195 60.25 16.86 -2.30
C PHE G 195 59.35 16.50 -3.48
N MET G 196 59.49 15.29 -4.00
CA MET G 196 58.52 14.77 -4.95
C MET G 196 57.27 14.30 -4.22
N GLN G 197 56.11 14.55 -4.82
CA GLN G 197 54.84 14.32 -4.16
C GLN G 197 54.19 13.04 -4.67
N THR G 198 53.46 12.39 -3.78
CA THR G 198 52.67 11.21 -4.11
C THR G 198 51.25 11.41 -3.62
N LEU G 199 50.28 11.00 -4.43
CA LEU G 199 48.88 11.14 -4.07
C LEU G 199 48.46 10.03 -3.13
N TRP G 200 47.72 10.40 -2.09
CA TRP G 200 47.26 9.46 -1.07
C TRP G 200 45.76 9.58 -0.91
N ASN G 201 45.14 8.46 -0.53
CA ASN G 201 43.72 8.40 -0.24
C ASN G 201 43.53 8.05 1.22
N MET G 202 42.68 8.81 1.90
CA MET G 202 42.37 8.58 3.31
C MET G 202 41.07 7.79 3.39
N ASN G 203 41.20 6.46 3.40
CA ASN G 203 40.02 5.62 3.35
C ASN G 203 39.54 5.28 4.75
N PRO G 204 38.28 5.56 5.08
CA PRO G 204 37.81 5.37 6.45
C PRO G 204 37.64 3.89 6.80
N ILE G 205 37.70 3.63 8.11
CA ILE G 205 37.39 2.32 8.68
C ILE G 205 36.22 2.42 9.64
N CYS G 206 36.26 3.39 10.56
CA CYS G 206 35.21 3.59 11.54
C CYS G 206 35.06 5.09 11.81
N SER G 207 33.83 5.50 12.12
CA SER G 207 33.57 6.88 12.49
C SER G 207 33.08 6.97 13.93
N CYS G 208 31.99 6.28 14.23
CA CYS G 208 31.40 6.29 15.56
C CYS G 208 30.61 5.00 15.77
N CYS G 209 30.86 4.34 16.90
CA CYS G 209 30.24 3.06 17.22
C CYS G 209 29.35 3.20 18.44
N GLU G 210 28.16 2.64 18.36
CA GLU G 210 27.25 2.64 19.50
C GLU G 210 27.70 1.63 20.54
N GLU G 211 27.16 1.77 21.75
CA GLU G 211 27.53 0.88 22.85
C GLU G 211 27.17 -0.55 22.48
N GLY G 212 28.04 -1.49 22.90
CA GLY G 212 27.92 -2.84 22.39
C GLY G 212 28.06 -2.83 20.89
N TYR G 213 27.13 -3.50 20.20
CA TYR G 213 27.02 -3.32 18.75
C TYR G 213 28.35 -3.61 18.06
N VAL G 214 28.75 -4.88 18.09
CA VAL G 214 30.06 -5.29 17.57
C VAL G 214 30.36 -4.63 16.24
N THR G 215 31.61 -4.20 16.09
CA THR G 215 32.12 -3.66 14.83
C THR G 215 33.28 -4.52 14.36
N GLY G 216 33.51 -4.51 13.04
CA GLY G 216 34.58 -5.30 12.48
C GLY G 216 35.95 -4.74 12.84
N GLY G 217 36.96 -5.59 12.74
CA GLY G 217 38.32 -5.19 13.05
C GLY G 217 38.67 -5.20 14.53
N HIS G 218 37.93 -5.96 15.35
CA HIS G 218 38.11 -5.96 16.79
C HIS G 218 38.51 -7.34 17.28
N VAL G 219 39.45 -7.37 18.21
CA VAL G 219 39.82 -8.62 18.87
C VAL G 219 38.76 -8.94 19.92
N LEU G 220 38.31 -10.19 19.92
CA LEU G 220 37.26 -10.61 20.84
C LEU G 220 37.40 -12.10 21.10
N ARG G 221 36.53 -12.61 21.97
CA ARG G 221 36.47 -14.03 22.28
C ARG G 221 35.08 -14.56 22.00
N LEU G 222 35.01 -15.85 21.66
CA LEU G 222 33.76 -16.52 21.35
C LEU G 222 33.46 -17.54 22.42
N PHE G 223 32.36 -17.35 23.14
CA PHE G 223 31.97 -18.22 24.24
C PHE G 223 30.74 -19.02 23.83
N HIS G 224 30.73 -20.30 24.18
CA HIS G 224 29.68 -21.19 23.70
C HIS G 224 28.32 -20.85 24.30
N GLY G 225 28.24 -20.75 25.63
CA GLY G 225 27.00 -20.49 26.31
C GLY G 225 27.19 -19.45 27.40
N HIS G 226 26.87 -19.81 28.64
CA HIS G 226 27.03 -18.93 29.78
C HIS G 226 28.51 -18.83 30.18
N MET G 227 29.33 -18.49 29.18
CA MET G 227 30.67 -17.97 29.41
C MET G 227 31.58 -18.97 30.13
N ASP G 228 31.25 -20.26 30.08
CA ASP G 228 32.09 -21.24 30.78
C ASP G 228 33.30 -21.62 29.95
N GLU G 229 33.13 -21.83 28.65
CA GLU G 229 34.22 -22.23 27.78
C GLU G 229 34.18 -21.41 26.50
N CYS G 230 35.35 -21.27 25.86
CA CYS G 230 35.51 -20.40 24.71
C CYS G 230 36.22 -21.14 23.59
N LEU G 231 36.05 -20.62 22.37
CA LEU G 231 36.77 -21.16 21.22
C LEU G 231 38.24 -20.76 21.30
N THR G 232 39.11 -21.71 21.00
CA THR G 232 40.54 -21.48 21.08
C THR G 232 41.28 -22.51 20.22
N ILE G 233 42.59 -22.37 20.20
CA ILE G 233 43.48 -23.35 19.59
C ILE G 233 44.40 -23.90 20.67
N SER G 234 45.22 -24.86 20.30
CA SER G 234 46.09 -25.51 21.27
C SER G 234 47.14 -24.54 21.80
N ALA G 235 47.64 -24.84 22.99
CA ALA G 235 48.72 -24.07 23.57
C ALA G 235 49.99 -24.23 22.74
N ALA G 236 51.04 -23.52 23.16
CA ALA G 236 52.31 -23.60 22.46
C ALA G 236 52.84 -25.03 22.48
N ASP G 237 53.90 -25.26 21.71
CA ASP G 237 54.65 -26.52 21.65
C ASP G 237 53.72 -27.72 21.74
N SER G 238 52.56 -27.62 21.11
CA SER G 238 51.61 -28.74 21.07
C SER G 238 51.81 -29.55 19.80
N ASP G 239 51.34 -30.81 19.85
CA ASP G 239 51.54 -31.71 18.72
C ASP G 239 50.71 -31.28 17.51
N ASP G 240 49.51 -30.74 17.74
CA ASP G 240 48.65 -30.34 16.64
C ASP G 240 49.25 -29.22 15.80
N GLN G 241 50.41 -28.67 16.19
CA GLN G 241 51.04 -27.55 15.52
C GLN G 241 50.19 -26.29 15.61
N ARG G 242 49.28 -26.23 16.57
CA ARG G 242 48.39 -25.09 16.75
C ARG G 242 47.57 -24.85 15.48
N ARG G 243 47.25 -25.94 14.79
CA ARG G 243 46.49 -25.89 13.55
C ARG G 243 45.08 -26.44 13.73
N LEU G 244 44.67 -26.75 14.95
CA LEU G 244 43.36 -27.28 15.24
C LEU G 244 42.62 -26.33 16.17
N VAL G 245 41.30 -26.42 16.15
CA VAL G 245 40.42 -25.50 16.87
C VAL G 245 39.61 -26.29 17.90
N TYR G 246 39.54 -25.75 19.11
CA TYR G 246 38.85 -26.43 20.20
C TYR G 246 37.98 -25.45 20.96
N TYR G 247 36.89 -25.98 21.50
CA TYR G 247 36.09 -25.34 22.53
C TYR G 247 36.66 -25.77 23.87
N GLU G 248 37.21 -24.80 24.61
CA GLU G 248 37.91 -25.11 25.87
C GLU G 248 37.54 -24.07 26.91
N GLY G 249 37.50 -24.52 28.16
CA GLY G 249 37.16 -23.64 29.27
C GLY G 249 38.23 -23.66 30.33
N GLY G 250 38.22 -22.61 31.15
CA GLY G 250 39.21 -22.47 32.20
C GLY G 250 40.03 -21.20 32.06
N ALA G 251 41.33 -21.30 32.30
CA ALA G 251 42.21 -20.14 32.17
C ALA G 251 42.45 -19.79 30.72
N VAL G 252 42.12 -20.69 29.80
CA VAL G 252 42.28 -20.41 28.38
C VAL G 252 41.44 -19.20 28.03
N CYS G 253 40.34 -19.01 28.76
CA CYS G 253 39.51 -17.84 28.56
C CYS G 253 40.33 -16.56 28.74
N THR G 254 40.99 -16.42 29.87
CA THR G 254 41.83 -15.26 30.14
C THR G 254 43.11 -15.26 29.31
N HIS G 255 43.46 -16.38 28.70
CA HIS G 255 44.69 -16.48 27.92
C HIS G 255 44.52 -15.83 26.55
N ALA G 256 45.66 -15.61 25.89
CA ALA G 256 45.65 -14.90 24.62
C ALA G 256 45.20 -15.78 23.46
N ARG G 257 45.49 -17.09 23.54
CA ARG G 257 45.20 -17.96 22.40
C ARG G 257 43.72 -17.96 22.07
N SER G 258 42.87 -17.58 23.02
CA SER G 258 41.43 -17.51 22.81
C SER G 258 41.00 -16.23 22.11
N LEU G 259 41.94 -15.43 21.61
CA LEU G 259 41.61 -14.11 21.07
C LEU G 259 41.54 -14.18 19.56
N TRP G 260 40.47 -13.63 19.00
CA TRP G 260 40.23 -13.67 17.56
C TRP G 260 39.87 -12.27 17.08
N ARG G 261 40.25 -11.98 15.84
CA ARG G 261 39.96 -10.71 15.19
C ARG G 261 39.05 -10.94 14.00
N LEU G 262 38.01 -10.13 13.88
CA LEU G 262 37.07 -10.22 12.78
C LEU G 262 37.51 -9.27 11.67
N GLU G 263 37.67 -9.80 10.47
CA GLU G 263 38.17 -9.04 9.32
C GLU G 263 37.15 -9.09 8.19
N PRO G 264 36.31 -8.08 8.02
CA PRO G 264 35.42 -8.07 6.85
C PRO G 264 36.20 -8.03 5.55
N LEU G 265 35.62 -8.63 4.52
CA LEU G 265 36.27 -8.76 3.23
C LEU G 265 36.51 -7.42 2.56
N ARG G 266 35.84 -6.36 3.01
CA ARG G 266 36.06 -5.02 2.50
C ARG G 266 37.10 -4.29 3.34
N ILE G 267 37.98 -3.55 2.67
CA ILE G 267 38.96 -2.73 3.38
C ILE G 267 38.31 -1.45 3.88
N SER G 268 37.58 -0.77 3.01
CA SER G 268 36.90 0.45 3.41
C SER G 268 35.69 0.12 4.29
N TRP G 269 35.55 0.87 5.37
CA TRP G 269 34.44 0.68 6.31
C TRP G 269 34.44 -0.74 6.88
N SER G 270 35.64 -1.27 7.12
CA SER G 270 35.76 -2.55 7.80
C SER G 270 35.44 -2.45 9.29
N GLY G 271 35.47 -1.24 9.85
CA GLY G 271 35.08 -0.98 11.21
C GLY G 271 33.60 -0.75 11.40
N SER G 272 32.81 -0.95 10.35
CA SER G 272 31.37 -0.78 10.45
C SER G 272 30.77 -1.82 11.39
N HIS G 273 29.54 -1.56 11.84
CA HIS G 273 28.81 -2.53 12.64
C HIS G 273 28.65 -3.83 11.87
N LEU G 274 28.89 -4.94 12.56
CA LEU G 274 28.72 -6.24 11.92
C LEU G 274 27.24 -6.52 11.67
N ARG G 275 26.98 -7.23 10.58
CA ARG G 275 25.62 -7.47 10.11
C ARG G 275 25.43 -8.96 9.85
N TRP G 276 24.21 -9.43 10.10
CA TRP G 276 23.90 -10.83 9.88
C TRP G 276 24.13 -11.20 8.42
N GLY G 277 24.81 -12.33 8.19
CA GLY G 277 25.14 -12.76 6.86
C GLY G 277 26.35 -12.08 6.26
N GLN G 278 26.97 -11.16 6.99
CA GLN G 278 28.10 -10.43 6.44
C GLN G 278 29.31 -11.35 6.36
N PRO G 279 29.85 -11.59 5.16
CA PRO G 279 31.03 -12.47 5.06
C PRO G 279 32.23 -11.82 5.71
N LEU G 280 33.08 -12.66 6.28
CA LEU G 280 34.25 -12.15 6.98
C LEU G 280 35.22 -13.29 7.26
N ARG G 281 36.44 -12.91 7.64
CA ARG G 281 37.50 -13.82 8.01
C ARG G 281 37.71 -13.71 9.51
N ILE G 282 38.20 -14.79 10.12
CA ILE G 282 38.49 -14.83 11.54
C ILE G 282 39.96 -15.15 11.70
N ARG G 283 40.71 -14.22 12.30
CA ARG G 283 42.15 -14.31 12.42
C ARG G 283 42.55 -14.59 13.85
N HIS G 284 43.55 -15.44 14.01
CA HIS G 284 44.11 -15.74 15.33
C HIS G 284 45.29 -14.82 15.57
N VAL G 285 45.20 -14.00 16.61
CA VAL G 285 46.12 -12.88 16.79
C VAL G 285 47.54 -13.38 17.06
N THR G 286 47.70 -14.31 17.99
CA THR G 286 49.03 -14.73 18.40
C THR G 286 49.74 -15.55 17.34
N THR G 287 49.01 -16.05 16.34
CA THR G 287 49.60 -16.86 15.29
C THR G 287 49.47 -16.25 13.90
N GLY G 288 48.57 -15.30 13.71
CA GLY G 288 48.34 -14.73 12.39
C GLY G 288 47.63 -15.65 11.44
N ARG G 289 47.09 -16.76 11.91
CA ARG G 289 46.42 -17.75 11.07
C ARG G 289 44.93 -17.50 11.04
N TYR G 290 44.30 -17.99 9.98
CA TYR G 290 42.92 -17.70 9.66
C TYR G 290 42.09 -18.97 9.70
N LEU G 291 40.93 -18.88 10.34
CA LEU G 291 40.01 -20.00 10.36
C LEU G 291 39.62 -20.38 8.94
N ALA G 292 39.70 -21.67 8.63
CA ALA G 292 39.49 -22.14 7.27
C ALA G 292 38.89 -23.53 7.29
N LEU G 293 38.21 -23.86 6.21
CA LEU G 293 37.72 -25.21 5.95
C LEU G 293 38.60 -25.81 4.87
N THR G 294 39.15 -27.00 5.15
CA THR G 294 40.04 -27.69 4.22
C THR G 294 39.42 -29.04 3.87
N GLU G 295 39.39 -29.35 2.58
CA GLU G 295 38.82 -30.62 2.13
C GLU G 295 39.47 -31.80 2.85
N ASP G 296 40.77 -31.69 3.13
CA ASP G 296 41.49 -32.83 3.69
C ASP G 296 41.37 -32.89 5.21
N GLN G 297 41.75 -31.81 5.91
CA GLN G 297 41.71 -31.76 7.36
C GLN G 297 40.51 -30.99 7.90
N GLY G 298 39.56 -30.59 7.06
CA GLY G 298 38.38 -29.92 7.58
C GLY G 298 38.73 -28.60 8.24
N LEU G 299 38.08 -28.33 9.37
CA LEU G 299 38.27 -27.05 10.05
C LEU G 299 39.65 -26.96 10.68
N VAL G 300 40.43 -25.97 10.23
CA VAL G 300 41.76 -25.71 10.77
C VAL G 300 42.02 -24.21 10.74
N VAL G 301 43.22 -23.81 11.15
CA VAL G 301 43.72 -22.46 10.93
C VAL G 301 44.87 -22.55 9.95
N VAL G 302 44.79 -21.79 8.86
CA VAL G 302 45.77 -21.84 7.78
C VAL G 302 46.44 -20.48 7.64
N ASP G 303 47.55 -20.46 6.92
CA ASP G 303 48.26 -19.21 6.70
C ASP G 303 47.54 -18.35 5.67
N ALA G 304 47.88 -17.06 5.68
CA ALA G 304 47.25 -16.12 4.76
C ALA G 304 47.48 -16.52 3.32
N CYS G 305 48.67 -17.03 3.01
CA CYS G 305 48.98 -17.46 1.65
C CYS G 305 47.98 -18.51 1.17
N LYS G 306 47.51 -19.37 2.07
CA LYS G 306 46.53 -20.40 1.72
C LYS G 306 45.10 -19.95 1.96
N ALA G 307 44.90 -18.79 2.58
CA ALA G 307 43.56 -18.25 2.80
C ALA G 307 43.09 -17.56 1.52
N HIS G 308 42.15 -18.18 0.81
CA HIS G 308 41.74 -17.73 -0.51
C HIS G 308 40.24 -17.43 -0.57
N THR G 309 39.66 -17.08 0.57
CA THR G 309 38.32 -16.49 0.64
C THR G 309 37.20 -17.50 0.37
N LYS G 310 37.55 -18.71 -0.05
CA LYS G 310 36.56 -19.78 -0.13
C LYS G 310 36.60 -20.64 1.11
N ALA G 311 37.80 -20.86 1.67
CA ALA G 311 37.94 -21.62 2.89
C ALA G 311 37.73 -20.75 4.12
N THR G 312 38.03 -19.44 4.01
CA THR G 312 38.18 -18.57 5.16
C THR G 312 37.01 -17.61 5.32
N SER G 313 35.96 -17.75 4.52
CA SER G 313 34.82 -16.85 4.54
C SER G 313 33.73 -17.41 5.43
N PHE G 314 33.36 -16.67 6.47
CA PHE G 314 32.33 -17.08 7.43
C PHE G 314 31.33 -15.96 7.60
N CYS G 315 30.15 -16.33 8.08
CA CYS G 315 29.09 -15.38 8.39
C CYS G 315 28.43 -15.75 9.71
N PHE G 316 27.89 -14.75 10.38
CA PHE G 316 27.10 -14.94 11.59
C PHE G 316 25.62 -14.90 11.23
N ARG G 317 24.89 -15.92 11.69
CA ARG G 317 23.46 -16.03 11.47
C ARG G 317 22.75 -16.08 12.81
N VAL G 318 21.62 -15.38 12.91
CA VAL G 318 20.87 -15.40 14.15
C VAL G 318 20.13 -16.72 14.32
N SER G 319 19.75 -17.37 13.21
CA SER G 319 19.06 -18.64 13.24
C SER G 319 19.60 -19.53 12.14
N LYS G 320 19.41 -20.84 12.30
CA LYS G 320 20.00 -21.83 11.41
C LYS G 320 19.20 -22.03 10.12
N GLU G 321 18.04 -21.39 9.98
CA GLU G 321 17.20 -21.62 8.81
C GLU G 321 17.91 -21.12 7.55
N LYS G 322 17.74 -21.87 6.47
CA LYS G 322 18.36 -21.55 5.18
C LYS G 322 17.47 -20.58 4.41
N LEU G 323 17.49 -19.33 4.87
CA LEU G 323 16.73 -18.28 4.20
C LEU G 323 17.49 -17.82 2.96
N ASP G 324 18.69 -17.27 3.15
CA ASP G 324 19.56 -16.77 2.08
C ASP G 324 18.73 -16.21 0.94
N THR G 325 17.76 -15.36 1.30
CA THR G 325 16.81 -14.86 0.33
C THR G 325 17.45 -13.86 -0.63
N ALA G 326 18.31 -12.99 -0.11
CA ALA G 326 18.91 -11.96 -0.94
C ALA G 326 20.29 -11.58 -0.39
N PRO G 327 21.32 -11.48 -1.24
CA PRO G 327 22.60 -10.97 -0.76
C PRO G 327 22.52 -9.47 -0.50
N LYS G 328 22.95 -9.08 0.70
CA LYS G 328 22.86 -7.68 1.10
C LYS G 328 23.79 -6.81 0.27
N ARG G 329 23.37 -5.57 0.04
CA ARG G 329 24.21 -4.62 -0.68
C ARG G 329 25.25 -4.02 0.26
N ASP G 330 26.45 -3.83 -0.26
CA ASP G 330 27.50 -3.17 0.50
C ASP G 330 27.05 -1.77 0.89
N VAL G 331 27.38 -1.36 2.11
CA VAL G 331 26.86 -0.13 2.68
C VAL G 331 28.05 0.75 3.02
N GLU G 332 28.01 1.99 2.55
CA GLU G 332 29.01 2.97 2.99
C GLU G 332 28.58 3.60 4.30
N GLY G 333 29.50 3.61 5.26
CA GLY G 333 29.20 4.07 6.61
C GLY G 333 29.16 2.92 7.59
N MET G 334 28.90 3.28 8.85
CA MET G 334 28.88 2.29 9.91
C MET G 334 27.70 1.34 9.78
N GLY G 335 26.54 1.84 9.38
CA GLY G 335 25.41 1.01 9.08
C GLY G 335 24.61 0.60 10.30
N PRO G 336 23.63 -0.30 10.11
CA PRO G 336 22.74 -0.65 11.20
C PRO G 336 23.46 -1.41 12.29
N PRO G 337 23.19 -1.10 13.57
CA PRO G 337 23.75 -1.86 14.73
C PRO G 337 22.99 -3.13 15.10
N GLU G 338 23.33 -4.24 14.45
CA GLU G 338 22.57 -5.47 14.58
C GLU G 338 23.03 -6.35 15.75
N ILE G 339 24.34 -6.59 15.87
CA ILE G 339 24.86 -7.61 16.76
C ILE G 339 25.46 -6.96 18.01
N LYS G 340 25.05 -7.44 19.18
CA LYS G 340 25.49 -6.91 20.47
C LYS G 340 26.64 -7.74 21.04
N TYR G 341 27.36 -7.14 21.98
CA TYR G 341 28.37 -7.85 22.75
C TYR G 341 27.75 -8.54 23.95
N GLY G 342 27.79 -9.88 23.96
CA GLY G 342 27.37 -10.64 25.11
C GLY G 342 25.87 -10.91 25.21
N GLU G 343 25.07 -10.44 24.25
CA GLU G 343 23.64 -10.70 24.27
C GLU G 343 23.22 -11.49 23.04
N SER G 344 23.69 -11.08 21.87
CA SER G 344 23.31 -11.76 20.64
C SER G 344 23.90 -13.16 20.61
N LEU G 345 23.08 -14.11 20.17
CA LEU G 345 23.49 -15.48 19.98
C LEU G 345 23.70 -15.72 18.49
N CYS G 346 24.91 -16.15 18.12
CA CYS G 346 25.34 -16.20 16.74
C CYS G 346 25.74 -17.62 16.37
N PHE G 347 25.35 -18.05 15.18
CA PHE G 347 25.79 -19.31 14.60
C PHE G 347 26.74 -19.00 13.46
N VAL G 348 27.91 -19.60 13.50
CA VAL G 348 28.92 -19.36 12.46
C VAL G 348 28.69 -20.35 11.33
N GLN G 349 28.68 -19.82 10.11
CA GLN G 349 28.45 -20.63 8.92
C GLN G 349 29.54 -20.36 7.91
N HIS G 350 30.09 -21.43 7.34
CA HIS G 350 30.99 -21.31 6.20
C HIS G 350 30.16 -21.04 4.95
N VAL G 351 30.41 -19.90 4.30
CA VAL G 351 29.50 -19.41 3.28
C VAL G 351 29.42 -20.39 2.12
N ALA G 352 30.58 -20.83 1.60
CA ALA G 352 30.58 -21.67 0.42
C ALA G 352 29.87 -23.00 0.69
N SER G 353 30.28 -23.71 1.74
CA SER G 353 29.66 -25.00 2.05
C SER G 353 28.30 -24.84 2.71
N GLY G 354 28.13 -23.79 3.52
CA GLY G 354 26.94 -23.65 4.33
C GLY G 354 26.99 -24.42 5.62
N LEU G 355 28.11 -25.06 5.95
CA LEU G 355 28.22 -25.85 7.15
C LEU G 355 28.20 -24.97 8.39
N TRP G 356 27.82 -25.57 9.51
CA TRP G 356 27.72 -24.87 10.78
C TRP G 356 28.84 -25.28 11.71
N LEU G 357 29.34 -24.31 12.47
CA LEU G 357 30.39 -24.56 13.44
C LEU G 357 29.79 -25.27 14.66
N THR G 358 30.37 -26.42 15.01
CA THR G 358 29.84 -27.24 16.09
C THR G 358 30.96 -28.07 16.67
N TYR G 359 30.64 -28.77 17.75
CA TYR G 359 31.60 -29.63 18.42
C TYR G 359 31.49 -31.05 17.88
N ALA G 360 32.48 -31.88 18.24
CA ALA G 360 32.56 -33.21 17.66
C ALA G 360 31.82 -34.26 18.50
N ALA G 361 31.19 -33.82 19.60
CA ALA G 361 30.52 -34.76 20.48
C ALA G 361 31.54 -35.78 20.96
N PRO G 362 32.46 -35.39 21.85
CA PRO G 362 33.60 -36.25 22.19
C PRO G 362 33.20 -37.72 22.32
N ASP G 363 33.99 -38.57 21.66
CA ASP G 363 33.74 -40.00 21.71
C ASP G 363 33.91 -40.51 23.14
N PRO G 364 33.24 -41.60 23.50
CA PRO G 364 33.37 -42.11 24.87
C PRO G 364 34.82 -42.39 25.21
N LYS G 365 35.09 -42.52 26.50
CA LYS G 365 36.41 -42.64 27.11
C LYS G 365 37.12 -41.28 27.16
N ALA G 366 36.58 -40.25 26.52
CA ALA G 366 37.12 -38.90 26.73
C ALA G 366 36.85 -38.44 28.16
N LEU G 367 35.67 -38.75 28.69
CA LEU G 367 35.41 -38.49 30.10
C LEU G 367 36.39 -39.25 30.98
N ARG G 368 36.75 -40.46 30.59
CA ARG G 368 37.76 -41.22 31.33
C ARG G 368 39.10 -40.51 31.30
N LEU G 369 39.49 -39.96 30.15
CA LEU G 369 40.67 -39.12 30.08
C LEU G 369 40.52 -37.84 30.90
N GLY G 370 39.30 -37.41 31.19
CA GLY G 370 39.07 -36.17 31.88
C GLY G 370 39.41 -34.98 31.01
N VAL G 371 39.48 -35.20 29.70
CA VAL G 371 39.77 -34.13 28.76
C VAL G 371 38.50 -33.30 28.58
N LEU G 372 38.60 -32.01 28.90
CA LEU G 372 37.45 -31.11 28.89
C LEU G 372 37.31 -30.34 27.59
N LYS G 373 38.23 -30.49 26.65
CA LYS G 373 38.26 -29.70 25.43
C LYS G 373 37.59 -30.47 24.30
N LYS G 374 36.75 -29.78 23.55
CA LYS G 374 35.92 -30.38 22.51
C LYS G 374 36.37 -29.88 21.14
N LYS G 375 36.82 -30.78 20.28
CA LYS G 375 37.27 -30.35 18.97
C LYS G 375 36.13 -29.68 18.20
N ALA G 376 36.46 -28.63 17.46
CA ALA G 376 35.48 -27.88 16.69
C ALA G 376 35.46 -28.39 15.25
N ILE G 377 34.26 -28.62 14.73
CA ILE G 377 34.08 -29.17 13.40
C ILE G 377 33.03 -28.35 12.66
N LEU G 378 32.94 -28.59 11.36
CA LEU G 378 31.88 -28.04 10.52
C LEU G 378 30.97 -29.17 10.08
N HIS G 379 29.68 -29.03 10.38
CA HIS G 379 28.71 -30.09 10.14
C HIS G 379 27.44 -29.49 9.54
N GLN G 380 26.72 -30.32 8.79
CA GLN G 380 25.58 -29.82 8.02
C GLN G 380 24.47 -29.33 8.95
N GLU G 381 24.21 -30.07 10.02
CA GLU G 381 23.12 -29.76 10.94
C GLU G 381 23.63 -29.13 12.23
N GLY G 382 24.63 -29.72 12.84
CA GLY G 382 25.17 -29.20 14.08
C GLY G 382 24.27 -29.52 15.27
N HIS G 383 24.39 -28.67 16.29
CA HIS G 383 23.63 -28.82 17.51
C HIS G 383 22.95 -27.50 17.85
N MET G 384 21.94 -27.59 18.71
CA MET G 384 21.17 -26.41 19.11
C MET G 384 22.04 -25.40 19.84
N ASP G 385 22.92 -25.89 20.71
CA ASP G 385 23.74 -25.05 21.57
C ASP G 385 24.91 -24.43 20.83
N ASP G 386 24.97 -24.60 19.51
CA ASP G 386 26.09 -24.13 18.73
C ASP G 386 26.24 -22.62 18.74
N ALA G 387 25.24 -21.90 19.24
CA ALA G 387 25.29 -20.45 19.25
C ALA G 387 26.46 -19.96 20.09
N LEU G 388 26.94 -18.76 19.79
CA LEU G 388 28.11 -18.18 20.44
C LEU G 388 27.84 -16.75 20.85
N PHE G 389 28.13 -16.45 22.11
CA PHE G 389 28.26 -15.06 22.55
C PHE G 389 29.62 -14.52 22.14
N LEU G 390 29.65 -13.24 21.83
CA LEU G 390 30.89 -12.53 21.50
C LEU G 390 31.23 -11.59 22.64
N THR G 391 32.42 -11.76 23.22
CA THR G 391 32.85 -11.00 24.38
C THR G 391 34.03 -10.11 24.02
N ARG G 392 33.97 -8.87 24.51
CA ARG G 392 34.99 -7.88 24.23
C ARG G 392 36.26 -8.16 25.01
N CYS G 393 37.38 -7.75 24.45
CA CYS G 393 38.69 -7.89 25.09
C CYS G 393 39.26 -6.52 25.42
N GLN G 394 40.15 -6.48 26.39
CA GLN G 394 40.81 -5.25 26.75
C GLN G 394 41.85 -4.86 25.69
N GLN G 395 41.99 -3.54 25.51
CA GLN G 395 43.04 -3.03 24.64
C GLN G 395 44.40 -3.59 25.05
N GLU G 396 44.62 -3.74 26.35
CA GLU G 396 45.84 -4.35 26.84
C GLU G 396 46.05 -5.74 26.24
N GLU G 397 45.02 -6.58 26.32
CA GLU G 397 45.14 -7.95 25.83
C GLU G 397 45.35 -7.98 24.32
N SER G 398 44.61 -7.17 23.58
CA SER G 398 44.77 -7.16 22.12
C SER G 398 46.18 -6.74 21.74
N GLN G 399 46.65 -5.63 22.32
CA GLN G 399 48.00 -5.16 22.07
C GLN G 399 49.02 -6.25 22.41
N ALA G 400 48.86 -6.88 23.58
CA ALA G 400 49.83 -7.88 24.01
C ALA G 400 49.87 -9.06 23.05
N ALA G 401 48.71 -9.51 22.57
CA ALA G 401 48.68 -10.62 21.63
C ALA G 401 49.40 -10.27 20.33
N ARG G 402 49.14 -9.07 19.80
CA ARG G 402 49.82 -8.67 18.56
C ARG G 402 51.33 -8.59 18.78
N MET G 403 51.75 -8.01 19.91
CA MET G 403 53.16 -7.87 20.21
C MET G 403 53.83 -9.22 20.39
N ILE G 404 53.13 -10.18 21.01
CA ILE G 404 53.65 -11.53 21.14
C ILE G 404 53.85 -12.14 19.75
N HIS G 405 52.87 -11.97 18.87
CA HIS G 405 53.01 -12.52 17.52
C HIS G 405 54.26 -11.99 16.83
N SER G 406 54.42 -10.66 16.81
CA SER G 406 55.56 -10.07 16.11
C SER G 406 56.87 -10.45 16.78
N THR G 407 56.91 -10.43 18.12
CA THR G 407 58.13 -10.78 18.84
C THR G 407 58.53 -12.21 18.56
N ALA G 408 57.57 -13.13 18.55
CA ALA G 408 57.87 -14.52 18.24
C ALA G 408 58.47 -14.64 16.85
N GLY G 409 57.86 -13.99 15.86
CA GLY G 409 58.43 -14.05 14.52
C GLY G 409 59.86 -13.55 14.47
N LEU G 410 60.10 -12.38 15.07
CA LEU G 410 61.44 -11.79 15.03
C LEU G 410 62.47 -12.68 15.70
N TYR G 411 62.18 -13.14 16.91
CA TYR G 411 63.15 -13.91 17.66
C TYR G 411 63.38 -15.28 17.05
N ASN G 412 62.35 -15.88 16.45
CA ASN G 412 62.53 -17.14 15.74
C ASN G 412 63.42 -16.95 14.53
N GLN G 413 63.27 -15.85 13.79
CA GLN G 413 64.18 -15.58 12.68
C GLN G 413 65.62 -15.42 13.18
N PHE G 414 65.79 -14.68 14.27
CA PHE G 414 67.12 -14.52 14.88
C PHE G 414 67.73 -15.87 15.21
N ILE G 415 66.95 -16.73 15.87
CA ILE G 415 67.43 -18.05 16.27
C ILE G 415 67.78 -18.88 15.06
N LYS G 416 66.95 -18.80 14.02
CA LYS G 416 67.21 -19.57 12.80
C LYS G 416 68.53 -19.16 12.17
N GLY G 417 68.81 -17.86 12.13
CA GLY G 417 70.11 -17.41 11.65
C GLY G 417 71.25 -17.96 12.50
N LEU G 418 71.12 -17.86 13.82
CA LEU G 418 72.16 -18.38 14.70
C LEU G 418 72.42 -19.86 14.45
N ASP G 419 71.35 -20.63 14.30
CA ASP G 419 71.51 -22.05 14.00
C ASP G 419 72.13 -22.26 12.62
N SER G 420 71.84 -21.36 11.67
CA SER G 420 72.41 -21.48 10.34
C SER G 420 73.93 -21.36 10.35
N PHE G 421 74.47 -20.34 11.01
CA PHE G 421 75.91 -20.31 11.30
C PHE G 421 76.28 -20.76 12.70
N SER G 422 75.69 -21.84 13.21
CA SER G 422 76.18 -22.40 14.46
C SER G 422 77.59 -22.97 14.30
N GLY G 423 77.73 -24.04 13.52
CA GLY G 423 78.98 -24.78 13.42
C GLY G 423 79.79 -24.53 12.18
N LYS G 424 79.56 -23.42 11.48
CA LYS G 424 80.23 -23.12 10.22
C LYS G 424 81.09 -21.87 10.36
N PRO G 425 82.37 -21.99 10.70
CA PRO G 425 83.21 -20.80 10.80
C PRO G 425 83.30 -20.08 9.47
N ARG G 426 83.32 -18.75 9.52
CA ARG G 426 83.43 -17.93 8.32
C ARG G 426 84.86 -17.81 7.82
N GLY G 427 85.85 -18.27 8.60
CA GLY G 427 87.22 -18.14 8.18
C GLY G 427 87.57 -16.69 7.94
N SER G 428 88.39 -16.45 6.91
CA SER G 428 88.69 -15.09 6.46
C SER G 428 87.74 -14.73 5.32
N GLY G 429 86.45 -14.83 5.62
CA GLY G 429 85.42 -14.56 4.66
C GLY G 429 84.15 -14.09 5.32
N PRO G 430 83.04 -14.08 4.58
CA PRO G 430 81.77 -13.67 5.16
C PRO G 430 81.09 -14.81 5.89
N PRO G 431 80.16 -14.51 6.78
CA PRO G 431 79.45 -15.57 7.51
C PRO G 431 78.61 -16.45 6.58
N ALA G 432 78.39 -15.99 5.35
CA ALA G 432 77.70 -16.78 4.34
C ALA G 432 76.28 -17.11 4.78
N GLY G 433 75.45 -16.09 4.97
CA GLY G 433 74.07 -16.28 5.35
C GLY G 433 73.31 -14.97 5.39
N PRO G 434 72.00 -15.05 5.55
CA PRO G 434 71.19 -13.83 5.59
C PRO G 434 71.55 -12.96 6.79
N ALA G 435 71.46 -11.65 6.60
CA ALA G 435 71.79 -10.72 7.66
C ALA G 435 70.86 -10.92 8.85
N LEU G 436 71.44 -10.94 10.05
CA LEU G 436 70.64 -11.12 11.25
C LEU G 436 69.96 -9.82 11.64
N PRO G 437 68.77 -9.86 12.24
CA PRO G 437 68.08 -8.63 12.61
C PRO G 437 68.51 -8.06 13.96
N ILE G 438 69.77 -7.63 14.05
CA ILE G 438 70.31 -7.15 15.32
C ILE G 438 69.57 -5.91 15.79
N GLU G 439 69.41 -4.93 14.91
CA GLU G 439 68.79 -3.66 15.31
C GLU G 439 67.34 -3.88 15.75
N ALA G 440 66.59 -4.68 14.99
CA ALA G 440 65.20 -4.95 15.35
C ALA G 440 65.12 -5.70 16.67
N VAL G 441 66.02 -6.67 16.88
CA VAL G 441 66.01 -7.42 18.12
C VAL G 441 66.30 -6.49 19.30
N ILE G 442 67.29 -5.62 19.15
CA ILE G 442 67.64 -4.69 20.21
C ILE G 442 66.46 -3.78 20.53
N LEU G 443 65.83 -3.22 19.51
CA LEU G 443 64.73 -2.30 19.74
C LEU G 443 63.54 -3.01 20.36
N SER G 444 63.25 -4.23 19.93
CA SER G 444 62.18 -5.01 20.52
C SER G 444 62.46 -5.29 21.99
N LEU G 445 63.71 -5.65 22.31
CA LEU G 445 64.07 -5.93 23.69
C LEU G 445 63.91 -4.69 24.55
N GLN G 446 64.39 -3.54 24.07
CA GLN G 446 64.25 -2.31 24.82
C GLN G 446 62.78 -1.94 25.03
N ASP G 447 61.99 -2.06 23.96
CA ASP G 447 60.57 -1.72 24.05
C ASP G 447 59.86 -2.63 25.03
N LEU G 448 60.21 -3.92 25.04
CA LEU G 448 59.54 -4.84 25.95
C LEU G 448 59.98 -4.63 27.39
N ILE G 449 61.24 -4.26 27.60
CA ILE G 449 61.68 -3.90 28.95
C ILE G 449 60.88 -2.69 29.45
N GLY G 450 60.73 -1.67 28.61
CA GLY G 450 59.91 -0.54 28.99
C GLY G 450 58.45 -0.93 29.20
N TYR G 451 57.97 -1.89 28.42
CA TYR G 451 56.60 -2.36 28.54
C TYR G 451 56.39 -3.06 29.87
N PHE G 452 57.38 -3.79 30.34
CA PHE G 452 57.32 -4.54 31.59
C PHE G 452 57.93 -3.78 32.76
N GLU G 453 58.28 -2.51 32.57
CA GLU G 453 58.86 -1.74 33.66
C GLU G 453 57.90 -1.70 34.86
N PRO G 454 58.39 -1.90 36.07
CA PRO G 454 57.51 -1.84 37.24
C PRO G 454 57.21 -0.41 37.63
N PRO G 455 56.07 -0.16 38.28
CA PRO G 455 55.69 1.22 38.60
C PRO G 455 56.62 1.84 39.63
N SER G 456 56.71 3.17 39.58
CA SER G 456 57.52 3.91 40.54
C SER G 456 56.84 3.92 41.91
N GLU G 457 57.66 3.95 42.96
CA GLU G 457 57.11 3.92 44.32
C GLU G 457 56.39 5.22 44.65
N GLU G 458 56.79 6.32 44.03
CA GLU G 458 56.15 7.61 44.29
C GLU G 458 54.65 7.54 44.01
N LEU G 459 54.23 6.67 43.11
CA LEU G 459 52.83 6.57 42.72
C LEU G 459 51.95 6.33 43.94
N GLN G 460 50.68 6.70 43.79
CA GLN G 460 49.69 6.39 44.81
C GLN G 460 49.39 4.90 44.84
N HIS G 461 48.88 4.46 45.98
CA HIS G 461 48.70 3.02 46.21
C HIS G 461 47.73 2.42 45.20
N GLU G 462 46.61 3.09 44.94
CA GLU G 462 45.59 2.52 44.06
C GLU G 462 46.12 2.35 42.64
N GLU G 463 46.68 3.41 42.07
CA GLU G 463 47.22 3.34 40.72
C GLU G 463 48.38 2.35 40.63
N LYS G 464 49.22 2.30 41.66
CA LYS G 464 50.32 1.34 41.67
C LYS G 464 49.79 -0.09 41.66
N GLN G 465 48.75 -0.37 42.45
CA GLN G 465 48.15 -1.70 42.44
C GLN G 465 47.56 -2.03 41.08
N SER G 466 46.91 -1.06 40.44
CA SER G 466 46.35 -1.31 39.11
C SER G 466 47.45 -1.63 38.11
N LYS G 467 48.56 -0.88 38.15
CA LYS G 467 49.69 -1.17 37.28
C LYS G 467 50.25 -2.54 37.55
N LEU G 468 50.32 -2.93 38.83
CA LEU G 468 50.84 -4.26 39.17
C LEU G 468 49.94 -5.35 38.62
N ARG G 469 48.62 -5.17 38.72
CA ARG G 469 47.69 -6.12 38.09
C ARG G 469 47.97 -6.23 36.60
N SER G 470 48.05 -5.08 35.92
CA SER G 470 48.31 -5.09 34.48
C SER G 470 49.60 -5.84 34.16
N LEU G 471 50.66 -5.56 34.92
CA LEU G 471 51.95 -6.17 34.65
C LEU G 471 51.92 -7.67 34.88
N ARG G 472 51.31 -8.11 35.98
CA ARG G 472 51.23 -9.55 36.24
C ARG G 472 50.45 -10.25 35.15
N ASN G 473 49.33 -9.65 34.73
CA ASN G 473 48.56 -10.24 33.64
C ASN G 473 49.40 -10.36 32.37
N ARG G 474 50.09 -9.28 32.00
CA ARG G 474 50.88 -9.30 30.77
C ARG G 474 52.00 -10.32 30.85
N GLN G 475 52.67 -10.42 32.00
CA GLN G 475 53.68 -11.43 32.22
C GLN G 475 53.11 -12.83 32.00
N SER G 476 51.94 -13.09 32.61
CA SER G 476 51.35 -14.42 32.49
C SER G 476 50.98 -14.74 31.05
N LEU G 477 50.44 -13.76 30.33
CA LEU G 477 50.09 -14.00 28.92
C LEU G 477 51.32 -14.32 28.10
N PHE G 478 52.38 -13.54 28.26
CA PHE G 478 53.61 -13.81 27.51
C PHE G 478 54.16 -15.20 27.86
N GLN G 479 54.15 -15.55 29.14
CA GLN G 479 54.61 -16.87 29.55
C GLN G 479 53.78 -17.98 28.90
N GLU G 480 52.45 -17.86 28.95
CA GLU G 480 51.59 -18.89 28.39
C GLU G 480 51.70 -18.99 26.87
N GLU G 481 52.13 -17.92 26.20
CA GLU G 481 52.40 -18.00 24.77
C GLU G 481 53.86 -18.34 24.47
N GLY G 482 54.69 -18.51 25.50
CA GLY G 482 55.99 -19.13 25.30
C GLY G 482 57.13 -18.18 25.03
N MET G 483 56.98 -16.89 25.32
CA MET G 483 58.07 -15.94 25.09
C MET G 483 59.24 -16.23 26.01
N LEU G 484 58.97 -16.71 27.23
CA LEU G 484 60.03 -17.00 28.17
C LEU G 484 60.97 -18.08 27.64
N SER G 485 60.40 -19.17 27.11
CA SER G 485 61.22 -20.23 26.53
C SER G 485 61.99 -19.72 25.32
N LEU G 486 61.39 -18.83 24.53
CA LEU G 486 62.08 -18.27 23.38
C LEU G 486 63.30 -17.46 23.81
N VAL G 487 63.14 -16.66 24.86
CA VAL G 487 64.27 -15.90 25.40
C VAL G 487 65.35 -16.84 25.89
N LEU G 488 64.94 -17.92 26.59
CA LEU G 488 65.92 -18.89 27.06
C LEU G 488 66.68 -19.52 25.90
N ASN G 489 65.98 -19.86 24.83
CA ASN G 489 66.63 -20.44 23.66
C ASN G 489 67.63 -19.47 23.03
N CYS G 490 67.23 -18.20 22.89
CA CYS G 490 68.14 -17.21 22.34
C CYS G 490 69.39 -17.08 23.19
N ILE G 491 69.21 -17.02 24.51
CA ILE G 491 70.35 -16.90 25.41
C ILE G 491 71.24 -18.13 25.31
N ASP G 492 70.63 -19.30 25.23
CA ASP G 492 71.39 -20.54 25.13
C ASP G 492 72.27 -20.54 23.89
N ARG G 493 71.71 -20.12 22.76
CA ARG G 493 72.48 -20.12 21.51
C ARG G 493 73.55 -19.04 21.53
N LEU G 494 73.29 -17.90 22.18
CA LEU G 494 74.31 -16.87 22.27
C LEU G 494 75.40 -17.19 23.29
N ASN G 495 75.14 -18.10 24.23
CA ASN G 495 76.09 -18.40 25.29
C ASN G 495 77.23 -19.29 24.83
N VAL G 496 77.01 -20.18 23.87
CA VAL G 496 78.07 -21.07 23.41
C VAL G 496 79.31 -20.26 23.02
N TYR G 497 79.11 -19.02 22.57
CA TYR G 497 80.22 -18.15 22.21
C TYR G 497 80.65 -17.37 23.44
N THR G 498 81.88 -17.60 23.89
CA THR G 498 82.35 -16.98 25.13
C THR G 498 82.44 -15.47 24.99
N THR G 499 82.82 -14.98 23.82
CA THR G 499 83.14 -13.58 23.65
C THR G 499 82.70 -13.11 22.26
N ALA G 500 82.76 -11.79 22.07
CA ALA G 500 82.35 -11.21 20.79
C ALA G 500 83.26 -11.68 19.65
N ALA G 501 84.54 -11.90 19.93
CA ALA G 501 85.44 -12.40 18.89
C ALA G 501 85.07 -13.83 18.49
N HIS G 502 84.77 -14.66 19.48
CA HIS G 502 84.32 -16.02 19.21
C HIS G 502 83.03 -16.00 18.40
N PHE G 503 82.14 -15.05 18.71
CA PHE G 503 80.92 -14.88 17.92
C PHE G 503 81.25 -14.46 16.50
N ALA G 504 82.21 -13.53 16.35
CA ALA G 504 82.55 -13.00 15.03
C ALA G 504 83.11 -14.09 14.13
N GLU G 505 83.91 -14.99 14.70
CA GLU G 505 84.46 -16.10 13.91
C GLU G 505 83.38 -16.82 13.13
N TYR G 506 82.12 -16.73 13.56
CA TYR G 506 81.02 -17.43 12.92
C TYR G 506 80.02 -16.47 12.28
N ALA G 507 79.96 -15.23 12.77
CA ALA G 507 78.93 -14.28 12.39
C ALA G 507 79.47 -13.00 11.77
N GLY G 508 80.67 -12.58 12.15
CA GLY G 508 81.21 -11.31 11.71
C GLY G 508 81.25 -10.27 12.81
N GLU G 509 82.16 -9.31 12.62
CA GLU G 509 82.35 -8.25 13.61
C GLU G 509 81.09 -7.41 13.77
N GLU G 510 80.37 -7.19 12.67
CA GLU G 510 79.21 -6.31 12.70
C GLU G 510 78.16 -6.79 13.70
N ALA G 511 78.06 -8.11 13.89
CA ALA G 511 77.16 -8.64 14.91
C ALA G 511 77.90 -8.87 16.23
N ALA G 512 79.22 -9.06 16.16
CA ALA G 512 79.99 -9.24 17.38
C ALA G 512 79.90 -8.02 18.27
N GLU G 513 79.81 -6.82 17.68
CA GLU G 513 79.68 -5.63 18.53
C GLU G 513 78.41 -5.69 19.38
N SER G 514 77.30 -6.12 18.80
CA SER G 514 76.01 -6.11 19.49
C SER G 514 75.76 -7.36 20.32
N TRP G 515 76.62 -8.38 20.19
CA TRP G 515 76.51 -9.58 21.01
C TRP G 515 76.24 -9.26 22.49
N LYS G 516 77.14 -8.49 23.11
CA LYS G 516 77.08 -8.24 24.54
C LYS G 516 75.82 -7.45 24.92
N GLU G 517 75.52 -6.41 24.14
CA GLU G 517 74.32 -5.63 24.39
C GLU G 517 73.08 -6.54 24.35
N ILE G 518 73.05 -7.45 23.38
CA ILE G 518 71.89 -8.32 23.21
C ILE G 518 71.75 -9.26 24.40
N VAL G 519 72.86 -9.84 24.86
CA VAL G 519 72.76 -10.78 25.99
C VAL G 519 72.30 -10.04 27.24
N ASN G 520 72.86 -8.85 27.49
CA ASN G 520 72.40 -8.08 28.65
C ASN G 520 70.93 -7.74 28.54
N LEU G 521 70.47 -7.33 27.35
CA LEU G 521 69.06 -7.01 27.16
C LEU G 521 68.18 -8.22 27.39
N LEU G 522 68.61 -9.40 26.92
CA LEU G 522 67.82 -10.61 27.12
C LEU G 522 67.69 -10.94 28.60
N TYR G 523 68.79 -10.84 29.35
CA TYR G 523 68.70 -11.11 30.78
C TYR G 523 67.81 -10.11 31.49
N GLU G 524 67.91 -8.83 31.11
CA GLU G 524 67.04 -7.82 31.71
C GLU G 524 65.58 -8.10 31.40
N LEU G 525 65.27 -8.50 30.17
CA LEU G 525 63.90 -8.84 29.81
C LEU G 525 63.40 -10.04 30.60
N LEU G 526 64.26 -11.04 30.79
CA LEU G 526 63.89 -12.21 31.59
C LEU G 526 63.54 -11.78 33.01
N ALA G 527 64.38 -10.92 33.59
CA ALA G 527 64.10 -10.42 34.93
C ALA G 527 62.78 -9.66 34.97
N SER G 528 62.52 -8.83 33.95
CA SER G 528 61.27 -8.10 33.90
C SER G 528 60.07 -9.02 33.82
N LEU G 529 60.16 -10.08 33.01
CA LEU G 529 59.05 -11.01 32.88
C LEU G 529 58.77 -11.75 34.18
N ILE G 530 59.81 -12.18 34.91
CA ILE G 530 59.58 -13.00 36.09
C ILE G 530 59.47 -12.21 37.37
N ARG G 531 59.79 -10.92 37.37
CA ARG G 531 59.81 -10.16 38.60
C ARG G 531 58.40 -10.02 39.16
N GLY G 532 58.23 -10.46 40.41
CA GLY G 532 56.95 -10.39 41.08
C GLY G 532 55.96 -11.46 40.69
N ASN G 533 56.34 -12.40 39.82
CA ASN G 533 55.45 -13.46 39.35
C ASN G 533 55.92 -14.80 39.90
N ARG G 534 55.19 -15.30 40.89
CA ARG G 534 55.60 -16.51 41.59
C ARG G 534 55.62 -17.70 40.64
N ALA G 535 54.61 -17.83 39.79
CA ALA G 535 54.54 -18.97 38.88
C ALA G 535 55.72 -18.96 37.91
N ASN G 536 55.99 -17.80 37.30
CA ASN G 536 57.07 -17.71 36.34
C ASN G 536 58.42 -17.96 37.00
N CYS G 537 58.58 -17.49 38.25
CA CYS G 537 59.82 -17.78 38.97
C CYS G 537 59.91 -19.25 39.37
N ALA G 538 58.76 -19.88 39.63
CA ALA G 538 58.77 -21.29 40.00
C ALA G 538 59.13 -22.18 38.83
N LEU G 539 58.82 -21.75 37.61
CA LEU G 539 59.20 -22.54 36.45
C LEU G 539 60.67 -22.95 36.45
N PHE G 540 61.52 -22.21 37.15
CA PHE G 540 62.95 -22.46 37.17
C PHE G 540 63.35 -23.55 38.16
N SER G 541 62.40 -24.10 38.91
CA SER G 541 62.74 -25.19 39.83
C SER G 541 63.31 -26.39 39.07
N THR G 542 62.70 -26.73 37.93
CA THR G 542 63.22 -27.83 37.13
C THR G 542 64.61 -27.52 36.61
N ASN G 543 64.85 -26.27 36.18
CA ASN G 543 66.13 -25.86 35.61
C ASN G 543 66.61 -24.60 36.33
N LEU G 544 67.22 -24.82 37.50
CA LEU G 544 67.94 -23.74 38.19
C LEU G 544 69.41 -23.73 37.80
N ASP G 545 69.98 -24.89 37.48
CA ASP G 545 71.38 -24.93 37.07
C ASP G 545 71.61 -24.08 35.83
N TRP G 546 70.55 -23.83 35.07
CA TRP G 546 70.62 -22.97 33.89
C TRP G 546 71.13 -21.59 34.26
N VAL G 547 70.91 -21.18 35.51
CA VAL G 547 71.32 -19.85 35.98
C VAL G 547 72.65 -19.91 36.71
N VAL G 548 72.80 -20.92 37.58
CA VAL G 548 74.04 -21.04 38.36
C VAL G 548 75.22 -21.28 37.45
N SER G 549 75.03 -22.09 36.41
CA SER G 549 76.09 -22.35 35.45
C SER G 549 76.55 -21.08 34.75
N LYS G 550 75.66 -20.10 34.58
CA LYS G 550 75.96 -18.87 33.88
C LYS G 550 76.41 -17.75 34.80
N LEU G 551 76.22 -17.90 36.12
CA LEU G 551 76.59 -16.85 37.05
C LEU G 551 78.01 -16.36 36.81
N ASP G 552 78.93 -17.25 36.48
CA ASP G 552 80.34 -16.88 36.36
C ASP G 552 80.62 -16.00 35.15
N ARG G 553 79.81 -16.10 34.10
CA ARG G 553 80.08 -15.37 32.87
C ARG G 553 80.13 -13.87 33.14
N LEU G 554 81.09 -13.21 32.51
CA LEU G 554 81.41 -11.82 32.82
C LEU G 554 80.54 -10.82 32.07
N GLU G 555 79.98 -11.21 30.93
CA GLU G 555 79.30 -10.24 30.08
C GLU G 555 77.98 -9.77 30.70
N ALA G 556 77.28 -10.65 31.41
CA ALA G 556 75.95 -10.34 31.93
C ALA G 556 75.83 -10.81 33.38
N SER G 557 76.90 -10.61 34.16
CA SER G 557 76.92 -11.09 35.53
C SER G 557 75.78 -10.47 36.34
N SER G 558 75.63 -9.15 36.26
CA SER G 558 74.61 -8.47 37.05
C SER G 558 73.21 -8.90 36.63
N GLY G 559 72.98 -9.08 35.33
CA GLY G 559 71.67 -9.51 34.87
C GLY G 559 71.33 -10.91 35.35
N ILE G 560 72.28 -11.84 35.27
CA ILE G 560 72.02 -13.18 35.75
C ILE G 560 71.76 -13.16 37.25
N LEU G 561 72.53 -12.36 37.99
CA LEU G 561 72.34 -12.27 39.43
C LEU G 561 70.96 -11.71 39.77
N GLU G 562 70.50 -10.71 39.03
CA GLU G 562 69.18 -10.15 39.26
C GLU G 562 68.10 -11.19 38.96
N VAL G 563 68.28 -11.97 37.88
CA VAL G 563 67.35 -13.05 37.58
C VAL G 563 67.25 -13.99 38.77
N LEU G 564 68.40 -14.41 39.31
CA LEU G 564 68.43 -15.33 40.44
C LEU G 564 67.75 -14.71 41.65
N TYR G 565 68.02 -13.44 41.91
CA TYR G 565 67.43 -12.75 43.05
C TYR G 565 65.91 -12.76 42.95
N CYS G 566 65.37 -12.41 41.79
CA CYS G 566 63.93 -12.42 41.61
C CYS G 566 63.35 -13.81 41.84
N VAL G 567 63.98 -14.82 41.22
CA VAL G 567 63.49 -16.19 41.36
C VAL G 567 63.43 -16.58 42.83
N LEU G 568 64.50 -16.29 43.57
CA LEU G 568 64.58 -16.76 44.95
C LEU G 568 63.63 -16.00 45.86
N ILE G 569 63.46 -14.69 45.64
CA ILE G 569 62.50 -13.94 46.44
C ILE G 569 61.09 -14.48 46.21
N GLU G 570 60.78 -14.88 44.97
CA GLU G 570 59.39 -15.24 44.69
C GLU G 570 59.07 -16.69 45.06
N SER G 571 59.96 -17.63 44.74
CA SER G 571 59.59 -19.04 44.74
C SER G 571 60.27 -19.80 45.88
N PRO G 572 59.52 -20.43 46.79
CA PRO G 572 60.13 -21.35 47.76
C PRO G 572 60.52 -22.69 47.17
N GLU G 573 59.87 -23.14 46.11
CA GLU G 573 60.21 -24.43 45.49
C GLU G 573 61.69 -24.48 45.13
N VAL G 574 62.19 -23.41 44.52
CA VAL G 574 63.60 -23.32 44.19
C VAL G 574 64.44 -23.50 45.45
N LEU G 575 64.02 -22.87 46.54
CA LEU G 575 64.76 -22.96 47.79
C LEU G 575 64.80 -24.38 48.33
N ASN G 576 63.69 -25.10 48.25
CA ASN G 576 63.68 -26.49 48.70
C ASN G 576 64.48 -27.40 47.80
N ILE G 577 64.70 -27.00 46.54
CA ILE G 577 65.56 -27.81 45.66
C ILE G 577 67.02 -27.35 45.66
N ILE G 578 67.36 -26.26 46.34
CA ILE G 578 68.74 -25.78 46.34
C ILE G 578 69.68 -26.89 46.80
N GLN G 579 70.94 -26.78 46.38
CA GLN G 579 71.96 -27.75 46.71
C GLN G 579 73.29 -27.08 47.06
N GLU G 580 74.16 -27.89 47.66
CA GLU G 580 75.49 -27.43 48.07
C GLU G 580 76.26 -26.89 46.88
N ASN G 581 76.11 -27.52 45.71
CA ASN G 581 76.79 -27.05 44.52
C ASN G 581 76.36 -25.61 44.19
N HIS G 582 75.04 -25.36 44.28
CA HIS G 582 74.54 -24.02 44.00
C HIS G 582 75.10 -23.01 45.00
N ILE G 583 75.06 -23.35 46.29
CA ILE G 583 75.52 -22.42 47.31
C ILE G 583 77.01 -22.13 47.12
N LYS G 584 77.80 -23.17 46.83
CA LYS G 584 79.22 -23.00 46.62
C LYS G 584 79.51 -22.17 45.38
N SER G 585 78.71 -22.33 44.32
CA SER G 585 78.88 -21.48 43.15
C SER G 585 78.61 -20.03 43.48
N ILE G 586 77.56 -19.76 44.26
CA ILE G 586 77.26 -18.38 44.62
C ILE G 586 78.37 -17.80 45.48
N ILE G 587 78.95 -18.62 46.37
CA ILE G 587 80.04 -18.14 47.21
C ILE G 587 81.29 -17.89 46.38
N SER G 588 81.56 -18.78 45.41
CA SER G 588 82.65 -18.53 44.48
C SER G 588 82.43 -17.25 43.70
N LEU G 589 81.17 -16.87 43.48
CA LEU G 589 80.89 -15.60 42.85
C LEU G 589 81.40 -14.44 43.71
N LEU G 590 81.18 -14.52 45.03
CA LEU G 590 81.77 -13.53 45.93
C LEU G 590 83.29 -13.55 45.82
N ASP G 591 83.89 -14.74 45.83
CA ASP G 591 85.33 -14.86 45.81
C ASP G 591 85.95 -14.26 44.56
N LYS G 592 85.30 -14.46 43.41
CA LYS G 592 85.91 -14.12 42.13
C LYS G 592 85.54 -12.71 41.68
N HIS G 593 84.29 -12.29 41.92
CA HIS G 593 83.81 -11.01 41.41
C HIS G 593 83.93 -9.87 42.40
N GLY G 594 84.08 -10.17 43.69
CA GLY G 594 84.28 -9.14 44.69
C GLY G 594 83.17 -9.12 45.72
N ARG G 595 83.31 -8.18 46.66
CA ARG G 595 82.39 -8.02 47.77
C ARG G 595 81.20 -7.20 47.32
N ASN G 596 80.16 -7.89 46.85
CA ASN G 596 78.91 -7.27 46.43
C ASN G 596 77.80 -7.70 47.37
N HIS G 597 77.07 -6.72 47.93
CA HIS G 597 76.03 -7.03 48.90
C HIS G 597 74.84 -7.73 48.25
N LYS G 598 74.75 -7.70 46.92
CA LYS G 598 73.66 -8.41 46.25
C LYS G 598 73.77 -9.91 46.44
N VAL G 599 74.99 -10.46 46.41
CA VAL G 599 75.16 -11.88 46.68
C VAL G 599 74.73 -12.21 48.10
N LEU G 600 75.04 -11.32 49.05
CA LEU G 600 74.59 -11.52 50.42
C LEU G 600 73.08 -11.51 50.50
N ASP G 601 72.43 -10.62 49.75
CA ASP G 601 70.98 -10.59 49.71
C ASP G 601 70.42 -11.90 49.15
N VAL G 602 71.06 -12.41 48.10
CA VAL G 602 70.64 -13.70 47.54
C VAL G 602 70.76 -14.81 48.57
N LEU G 603 71.88 -14.85 49.28
CA LEU G 603 72.08 -15.88 50.30
C LEU G 603 71.07 -15.73 51.43
N CYS G 604 70.76 -14.49 51.81
CA CYS G 604 69.72 -14.26 52.82
C CYS G 604 68.38 -14.79 52.34
N SER G 605 68.03 -14.52 51.08
CA SER G 605 66.79 -15.02 50.53
C SER G 605 66.76 -16.55 50.50
N LEU G 606 67.93 -17.18 50.33
CA LEU G 606 67.98 -18.64 50.35
C LEU G 606 67.51 -19.20 51.69
N CYS G 607 67.69 -18.44 52.78
CA CYS G 607 67.42 -18.96 54.10
C CYS G 607 65.93 -18.97 54.40
N VAL G 608 65.25 -17.84 54.19
CA VAL G 608 63.86 -17.66 54.59
C VAL G 608 63.05 -17.17 53.40
N CYS G 609 61.87 -17.77 53.21
CA CYS G 609 60.89 -17.29 52.24
C CYS G 609 59.52 -17.30 52.89
N ASN G 610 58.83 -16.15 52.83
CA ASN G 610 57.45 -16.04 53.30
C ASN G 610 57.31 -16.56 54.74
N GLY G 611 58.29 -16.23 55.58
CA GLY G 611 58.23 -16.61 56.98
C GLY G 611 58.62 -18.03 57.27
N VAL G 612 59.19 -18.75 56.31
CA VAL G 612 59.61 -20.13 56.48
C VAL G 612 61.10 -20.24 56.22
N ALA G 613 61.80 -20.91 57.13
CA ALA G 613 63.24 -21.06 57.06
C ALA G 613 63.61 -22.43 56.48
N VAL G 614 64.75 -22.49 55.82
CA VAL G 614 65.28 -23.74 55.26
C VAL G 614 66.59 -24.05 55.99
N ARG G 615 66.53 -25.03 56.90
CA ARG G 615 67.67 -25.36 57.73
C ARG G 615 68.84 -25.86 56.90
N SER G 616 68.56 -26.64 55.87
CA SER G 616 69.64 -27.18 55.04
C SER G 616 70.43 -26.05 54.40
N ASN G 617 69.72 -25.08 53.80
CA ASN G 617 70.39 -23.94 53.18
C ASN G 617 71.14 -23.13 54.23
N GLN G 618 70.51 -22.88 55.37
CA GLN G 618 71.18 -22.15 56.45
C GLN G 618 72.50 -22.80 56.82
N ASP G 619 72.48 -24.10 57.08
CA ASP G 619 73.65 -24.81 57.55
C ASP G 619 74.72 -24.90 56.46
N LEU G 620 74.31 -25.11 55.21
CA LEU G 620 75.27 -25.17 54.12
C LEU G 620 75.98 -23.83 53.96
N ILE G 621 75.22 -22.74 53.97
CA ILE G 621 75.83 -21.41 53.88
C ILE G 621 76.81 -21.22 55.02
N THR G 622 76.39 -21.53 56.25
CA THR G 622 77.28 -21.37 57.39
C THR G 622 78.56 -22.16 57.20
N GLU G 623 78.42 -23.46 56.94
CA GLU G 623 79.57 -24.36 56.88
C GLU G 623 80.55 -23.96 55.78
N ASN G 624 80.05 -23.51 54.64
CA ASN G 624 80.94 -23.24 53.51
C ASN G 624 81.51 -21.82 53.55
N LEU G 625 80.78 -20.87 54.13
CA LEU G 625 81.23 -19.48 54.11
C LEU G 625 82.01 -19.14 55.38
N LEU G 626 81.39 -19.30 56.54
CA LEU G 626 81.94 -18.69 57.75
C LEU G 626 83.31 -19.22 58.16
N PRO G 627 83.53 -20.54 58.28
CA PRO G 627 84.74 -21.00 58.98
C PRO G 627 86.03 -20.54 58.36
N GLY G 628 86.11 -20.43 57.03
CA GLY G 628 87.34 -20.00 56.41
C GLY G 628 87.79 -18.64 56.87
N ARG G 629 86.84 -17.70 56.97
CA ARG G 629 87.02 -16.36 57.52
C ARG G 629 87.87 -15.48 56.60
N GLU G 630 87.96 -15.79 55.31
CA GLU G 630 88.73 -14.95 54.38
C GLU G 630 87.84 -13.92 53.69
N LEU G 631 86.61 -14.30 53.37
CA LEU G 631 85.77 -13.47 52.50
C LEU G 631 85.11 -12.34 53.28
N LEU G 632 84.27 -12.68 54.26
CA LEU G 632 83.59 -11.66 55.03
C LEU G 632 84.57 -10.95 55.96
N LEU G 633 84.27 -9.69 56.24
CA LEU G 633 85.09 -8.91 57.14
C LEU G 633 84.94 -9.42 58.57
N GLN G 634 86.04 -9.40 59.31
CA GLN G 634 86.09 -9.96 60.66
C GLN G 634 86.22 -8.85 61.69
N THR G 635 85.62 -9.09 62.85
CA THR G 635 85.60 -8.12 63.93
C THR G 635 86.05 -8.76 65.23
N ASN G 636 86.83 -8.01 65.99
CA ASN G 636 87.26 -8.41 67.33
C ASN G 636 87.70 -7.17 68.08
N LEU G 637 87.73 -7.28 69.40
CA LEU G 637 88.12 -6.15 70.25
C LEU G 637 89.61 -6.26 70.57
N ILE G 638 90.32 -5.15 70.42
CA ILE G 638 91.77 -5.10 70.58
C ILE G 638 92.12 -3.90 71.46
N ASN G 639 93.17 -4.07 72.25
CA ASN G 639 93.66 -2.96 73.06
C ASN G 639 94.48 -2.00 72.21
N TYR G 640 94.52 -0.74 72.65
CA TYR G 640 95.43 0.22 72.09
C TYR G 640 96.84 -0.02 72.63
N VAL G 641 97.83 0.21 71.77
CA VAL G 641 99.23 -0.01 72.12
C VAL G 641 100.02 1.23 71.74
N THR G 642 100.90 1.67 72.65
CA THR G 642 101.71 2.85 72.44
C THR G 642 103.17 2.53 72.65
N SER G 643 104.03 3.30 71.99
CA SER G 643 105.47 3.09 72.02
C SER G 643 106.14 4.31 72.61
N ILE G 644 107.13 4.07 73.47
CA ILE G 644 107.88 5.13 74.14
C ILE G 644 109.36 4.88 73.93
N ARG G 645 110.09 5.94 73.61
CA ARG G 645 111.52 5.87 73.36
C ARG G 645 112.24 6.94 74.14
N PRO G 646 113.50 6.71 74.50
CA PRO G 646 114.39 7.81 74.84
C PRO G 646 114.82 8.56 73.60
N ASN G 647 115.29 9.80 73.81
CA ASN G 647 115.84 10.59 72.71
C ASN G 647 117.33 10.28 72.52
N ILE G 648 117.59 8.99 72.31
CA ILE G 648 118.90 8.49 71.90
C ILE G 648 118.77 7.94 70.49
N PHE G 649 119.64 8.40 69.59
CA PHE G 649 119.60 8.02 68.19
C PHE G 649 121.00 7.62 67.77
N VAL G 650 121.18 6.36 67.39
CA VAL G 650 122.48 5.84 67.01
C VAL G 650 122.40 5.23 65.62
N GLY G 651 123.52 5.28 64.91
CA GLY G 651 123.56 4.79 63.56
C GLY G 651 124.99 4.58 63.10
N ARG G 652 125.12 4.13 61.86
CA ARG G 652 126.44 3.88 61.27
C ARG G 652 126.46 4.47 59.88
N ALA G 653 127.50 5.26 59.59
CA ALA G 653 127.72 5.79 58.26
C ALA G 653 129.22 6.01 58.06
N GLU G 654 129.64 6.01 56.80
CA GLU G 654 131.04 6.24 56.48
C GLU G 654 131.44 7.64 56.90
N GLY G 655 132.50 7.73 57.71
CA GLY G 655 132.95 9.01 58.22
C GLY G 655 132.18 9.52 59.42
N SER G 656 131.22 8.76 59.92
CA SER G 656 130.42 9.20 61.05
C SER G 656 131.28 9.32 62.30
N THR G 657 130.90 10.25 63.17
CA THR G 657 131.60 10.52 64.43
C THR G 657 130.98 9.74 65.58
N GLN G 658 130.36 8.61 65.30
CA GLN G 658 129.36 8.04 66.19
C GLN G 658 129.70 6.57 66.45
N TYR G 659 129.55 6.16 67.72
CA TYR G 659 130.03 4.86 68.15
C TYR G 659 129.01 3.77 67.82
N GLY G 660 129.52 2.59 67.48
CA GLY G 660 128.65 1.55 66.95
C GLY G 660 127.91 0.77 68.02
N LYS G 661 128.61 0.39 69.09
CA LYS G 661 128.09 -0.55 70.07
C LYS G 661 127.39 0.20 71.20
N TRP G 662 126.20 -0.29 71.56
CA TRP G 662 125.37 0.40 72.56
C TRP G 662 124.62 -0.62 73.41
N TYR G 663 124.30 -0.19 74.63
CA TYR G 663 123.73 -1.05 75.66
C TYR G 663 122.68 -0.27 76.43
N PHE G 664 121.55 -0.92 76.71
CA PHE G 664 120.58 -0.33 77.63
C PHE G 664 119.80 -1.43 78.31
N GLU G 665 119.05 -1.07 79.36
CA GLU G 665 118.31 -2.03 80.14
C GLU G 665 116.89 -1.53 80.39
N VAL G 666 115.98 -2.46 80.60
CA VAL G 666 114.60 -2.17 80.95
C VAL G 666 114.21 -3.06 82.11
N MET G 667 113.73 -2.45 83.19
CA MET G 667 113.33 -3.18 84.39
C MET G 667 111.82 -3.09 84.56
N VAL G 668 111.18 -4.24 84.74
CA VAL G 668 109.72 -4.31 84.87
C VAL G 668 109.35 -4.22 86.33
N ASP G 669 108.42 -3.33 86.67
CA ASP G 669 107.98 -3.13 88.04
C ASP G 669 106.60 -3.69 88.32
N GLU G 670 105.69 -3.62 87.35
CA GLU G 670 104.31 -4.05 87.58
C GLU G 670 103.68 -4.36 86.22
N VAL G 671 103.08 -5.54 86.11
CA VAL G 671 102.48 -6.00 84.86
C VAL G 671 101.18 -6.72 85.18
N VAL G 672 100.09 -6.29 84.57
CA VAL G 672 98.80 -6.96 84.68
C VAL G 672 98.62 -7.83 83.44
N PRO G 673 98.67 -9.16 83.56
CA PRO G 673 98.57 -9.99 82.34
C PRO G 673 97.30 -9.77 81.57
N PHE G 674 96.13 -9.79 82.23
CA PHE G 674 94.85 -9.62 81.57
C PHE G 674 94.05 -8.54 82.33
N LEU G 675 94.32 -7.28 81.98
CA LEU G 675 93.42 -6.21 82.41
C LEU G 675 92.16 -6.21 81.58
N THR G 676 92.24 -6.68 80.35
CA THR G 676 91.10 -6.93 79.47
C THR G 676 91.14 -8.39 79.03
N ALA G 677 90.23 -8.75 78.12
CA ALA G 677 90.25 -10.10 77.58
C ALA G 677 91.53 -10.36 76.79
N GLN G 678 91.96 -9.38 76.01
CA GLN G 678 93.21 -9.48 75.28
C GLN G 678 94.40 -9.31 76.23
N ALA G 679 95.42 -10.13 76.01
CA ALA G 679 96.57 -10.14 76.91
C ALA G 679 97.33 -8.82 76.85
N THR G 680 97.93 -8.46 77.98
CA THR G 680 98.73 -7.24 78.04
C THR G 680 99.93 -7.35 77.12
N HIS G 681 100.28 -6.23 76.50
CA HIS G 681 101.34 -6.16 75.51
C HIS G 681 102.55 -5.47 76.13
N LEU G 682 103.71 -6.11 76.05
CA LEU G 682 104.96 -5.53 76.51
C LEU G 682 106.09 -6.06 75.65
N ARG G 683 106.84 -5.15 75.04
CA ARG G 683 107.96 -5.53 74.18
C ARG G 683 109.05 -4.49 74.31
N VAL G 684 110.30 -4.94 74.26
CA VAL G 684 111.48 -4.09 74.40
C VAL G 684 112.38 -4.32 73.21
N GLY G 685 113.03 -3.27 72.73
CA GLY G 685 114.02 -3.46 71.68
C GLY G 685 114.43 -2.17 71.02
N TRP G 686 114.78 -2.28 69.74
CA TRP G 686 115.27 -1.17 68.95
C TRP G 686 114.33 -0.92 67.77
N ALA G 687 114.37 0.31 67.26
CA ALA G 687 113.53 0.69 66.13
C ALA G 687 114.28 1.69 65.28
N LEU G 688 113.84 1.83 64.05
CA LEU G 688 114.48 2.70 63.07
C LEU G 688 113.61 3.94 62.83
N THR G 689 114.25 5.10 62.77
CA THR G 689 113.51 6.35 62.65
C THR G 689 112.70 6.40 61.36
N GLU G 690 113.27 5.94 60.25
CA GLU G 690 112.64 6.08 58.94
C GLU G 690 111.82 4.82 58.64
N GLY G 691 110.63 4.75 59.23
CA GLY G 691 109.70 3.70 58.93
C GLY G 691 108.93 3.15 60.12
N TYR G 692 109.43 3.40 61.33
CA TYR G 692 108.74 2.96 62.53
C TYR G 692 107.74 4.04 62.91
N SER G 693 106.52 3.92 62.42
CA SER G 693 105.46 4.89 62.64
C SER G 693 104.21 4.17 63.11
N PRO G 694 104.25 3.60 64.30
CA PRO G 694 103.06 2.88 64.82
C PRO G 694 101.98 3.87 65.18
N TYR G 695 100.97 3.92 64.37
CA TYR G 695 99.88 4.85 64.62
C TYR G 695 98.82 4.20 65.49
N PRO G 696 98.17 4.95 66.37
CA PRO G 696 97.22 4.32 67.30
C PRO G 696 96.09 3.61 66.58
N GLY G 697 95.66 2.48 67.15
CA GLY G 697 94.51 1.77 66.65
C GLY G 697 94.82 0.81 65.51
N GLY G 698 94.27 1.10 64.34
CA GLY G 698 94.37 0.18 63.23
C GLY G 698 95.78 0.12 62.68
N GLY G 699 96.07 -0.99 62.00
CA GLY G 699 97.37 -1.19 61.39
C GLY G 699 97.48 -2.54 60.71
N GLU G 700 98.66 -3.17 60.82
CA GLU G 700 98.87 -4.46 60.19
C GLU G 700 98.28 -5.57 61.04
N GLY G 701 97.83 -6.63 60.37
CA GLY G 701 97.23 -7.74 61.07
C GLY G 701 95.98 -7.30 61.81
N TRP G 702 95.93 -7.58 63.11
CA TRP G 702 94.80 -7.23 63.95
C TRP G 702 95.08 -6.01 64.81
N GLY G 703 96.07 -5.21 64.44
CA GLY G 703 96.40 -4.02 65.21
C GLY G 703 97.34 -4.33 66.35
N GLY G 704 97.33 -3.42 67.33
CA GLY G 704 98.28 -3.53 68.43
C GLY G 704 99.71 -3.42 67.95
N ASN G 705 99.95 -2.55 66.98
CA ASN G 705 101.28 -2.45 66.38
C ASN G 705 102.29 -1.95 67.41
N GLY G 706 103.42 -2.64 67.48
CA GLY G 706 104.48 -2.28 68.40
C GLY G 706 105.81 -2.74 67.86
N VAL G 707 106.75 -2.94 68.78
CA VAL G 707 108.09 -3.39 68.43
C VAL G 707 107.97 -4.76 67.78
N GLY G 708 108.51 -4.90 66.57
CA GLY G 708 108.53 -6.15 65.86
C GLY G 708 107.32 -6.40 64.97
N ASP G 709 106.38 -5.48 64.89
CA ASP G 709 105.24 -5.59 64.00
C ASP G 709 105.51 -4.96 62.64
N ASP G 710 106.73 -4.51 62.40
CA ASP G 710 107.16 -4.01 61.10
C ASP G 710 108.59 -4.45 60.87
N LEU G 711 109.08 -4.22 59.65
CA LEU G 711 110.45 -4.59 59.31
C LEU G 711 111.40 -3.46 59.68
N TYR G 712 110.95 -2.54 60.54
CA TYR G 712 111.79 -1.47 61.05
C TYR G 712 112.07 -1.61 62.54
N SER G 713 111.51 -2.63 63.19
CA SER G 713 111.61 -2.78 64.63
C SER G 713 111.99 -4.21 64.97
N TYR G 714 112.63 -4.37 66.12
CA TYR G 714 113.16 -5.65 66.58
C TYR G 714 112.94 -5.73 68.08
N GLY G 715 112.16 -6.72 68.52
CA GLY G 715 111.67 -6.74 69.88
C GLY G 715 111.82 -8.10 70.54
N PHE G 716 111.53 -8.11 71.84
CA PHE G 716 111.63 -9.29 72.68
C PHE G 716 110.57 -9.20 73.76
N ASP G 717 109.70 -10.22 73.84
CA ASP G 717 108.63 -10.26 74.82
C ASP G 717 108.88 -11.24 75.94
N GLY G 718 110.02 -11.94 75.95
CA GLY G 718 110.31 -12.91 76.98
C GLY G 718 110.39 -14.32 76.43
N LEU G 719 109.51 -14.64 75.48
CA LEU G 719 109.48 -15.95 74.84
C LEU G 719 109.76 -15.89 73.36
N HIS G 720 109.60 -14.73 72.73
CA HIS G 720 109.70 -14.62 71.28
C HIS G 720 110.56 -13.44 70.90
N LEU G 721 111.10 -13.49 69.69
CA LEU G 721 111.71 -12.35 69.02
C LEU G 721 110.78 -11.91 67.89
N TRP G 722 110.43 -10.63 67.89
CA TRP G 722 109.40 -10.11 67.01
C TRP G 722 110.04 -9.30 65.88
N THR G 723 109.65 -9.63 64.65
CA THR G 723 110.04 -8.85 63.49
C THR G 723 109.11 -9.20 62.34
N GLY G 724 108.71 -8.17 61.59
CA GLY G 724 107.76 -8.38 60.50
C GLY G 724 106.42 -8.92 60.97
N HIS G 725 106.00 -8.55 62.18
CA HIS G 725 104.73 -9.01 62.74
C HIS G 725 104.71 -10.53 62.86
N VAL G 726 105.88 -11.12 63.10
CA VAL G 726 106.03 -12.56 63.28
C VAL G 726 106.76 -12.79 64.60
N ALA G 727 106.20 -13.68 65.42
CA ALA G 727 106.83 -14.07 66.67
C ALA G 727 107.58 -15.38 66.48
N ARG G 728 108.87 -15.37 66.79
CA ARG G 728 109.70 -16.56 66.67
C ARG G 728 110.18 -16.99 68.03
N PRO G 729 109.80 -18.17 68.52
CA PRO G 729 110.22 -18.57 69.88
C PRO G 729 111.73 -18.58 70.02
N VAL G 730 112.19 -18.13 71.19
CA VAL G 730 113.60 -18.09 71.51
C VAL G 730 113.80 -18.70 72.88
N THR G 731 114.89 -19.44 73.06
CA THR G 731 115.12 -20.21 74.26
C THR G 731 116.00 -19.42 75.24
N SER G 732 115.52 -19.29 76.47
CA SER G 732 116.27 -18.70 77.56
C SER G 732 116.05 -19.55 78.81
N PRO G 733 116.95 -19.49 79.78
CA PRO G 733 116.67 -20.18 81.06
C PRO G 733 115.48 -19.56 81.76
N GLY G 734 114.58 -20.40 82.24
CA GLY G 734 113.39 -19.94 82.93
C GLY G 734 112.49 -19.12 82.04
N GLN G 735 112.24 -19.63 80.83
CA GLN G 735 111.36 -18.98 79.87
C GLN G 735 110.07 -18.52 80.54
N HIS G 736 109.72 -17.25 80.33
CA HIS G 736 108.42 -16.76 80.77
C HIS G 736 108.19 -15.39 80.15
N LEU G 737 106.92 -15.08 79.92
CA LEU G 737 106.54 -13.77 79.44
C LEU G 737 106.92 -12.72 80.46
N LEU G 738 107.32 -11.55 79.97
CA LEU G 738 107.90 -10.53 80.85
C LEU G 738 107.04 -10.31 82.08
N ALA G 739 107.66 -10.43 83.24
CA ALA G 739 106.99 -10.32 84.53
C ALA G 739 107.66 -9.24 85.38
N PRO G 740 107.09 -8.90 86.53
CA PRO G 740 107.77 -7.96 87.42
C PRO G 740 109.09 -8.53 87.94
N GLU G 741 109.99 -7.63 88.31
CA GLU G 741 111.33 -7.98 88.76
C GLU G 741 112.12 -8.69 87.67
N ASP G 742 111.87 -8.34 86.42
CA ASP G 742 112.62 -8.85 85.28
C ASP G 742 113.39 -7.71 84.62
N VAL G 743 114.65 -7.98 84.29
CA VAL G 743 115.53 -7.02 83.66
C VAL G 743 115.90 -7.54 82.28
N VAL G 744 115.66 -6.72 81.26
CA VAL G 744 116.00 -7.04 79.88
C VAL G 744 117.17 -6.15 79.47
N SER G 745 118.28 -6.77 79.09
CA SER G 745 119.46 -6.06 78.63
C SER G 745 119.53 -6.18 77.12
N CYS G 746 119.52 -5.05 76.43
CA CYS G 746 119.52 -4.99 74.98
C CYS G 746 120.85 -4.42 74.52
N CYS G 747 121.51 -5.13 73.61
CA CYS G 747 122.80 -4.76 73.06
C CYS G 747 122.66 -4.62 71.56
N LEU G 748 123.23 -3.55 71.00
CA LEU G 748 123.22 -3.32 69.56
C LEU G 748 124.64 -3.11 69.08
N ASP G 749 125.09 -3.94 68.14
CA ASP G 749 126.38 -3.79 67.48
C ASP G 749 126.11 -3.47 66.02
N LEU G 750 126.43 -2.24 65.61
CA LEU G 750 126.11 -1.78 64.27
C LEU G 750 127.10 -2.26 63.21
N SER G 751 128.22 -2.85 63.62
CA SER G 751 129.22 -3.30 62.65
C SER G 751 128.77 -4.57 61.94
N VAL G 752 128.17 -5.50 62.68
CA VAL G 752 127.84 -6.82 62.13
C VAL G 752 126.84 -6.67 60.98
N PRO G 753 125.67 -6.04 61.19
CA PRO G 753 124.98 -5.60 62.40
C PRO G 753 124.25 -6.72 63.14
N SER G 754 124.02 -6.53 64.44
CA SER G 754 123.38 -7.53 65.27
C SER G 754 122.72 -6.87 66.47
N ILE G 755 121.63 -7.48 66.92
CA ILE G 755 120.93 -7.07 68.13
C ILE G 755 120.79 -8.30 69.01
N SER G 756 121.18 -8.18 70.28
CA SER G 756 121.19 -9.30 71.21
C SER G 756 120.52 -8.92 72.51
N PHE G 757 120.08 -9.94 73.24
CA PHE G 757 119.32 -9.75 74.46
C PHE G 757 119.88 -10.63 75.56
N ARG G 758 119.67 -10.20 76.80
CA ARG G 758 119.87 -11.03 77.97
C ARG G 758 118.72 -10.79 78.94
N ILE G 759 118.20 -11.87 79.50
CA ILE G 759 117.08 -11.81 80.45
C ILE G 759 117.63 -12.13 81.84
N ASN G 760 117.51 -11.16 82.75
CA ASN G 760 117.96 -11.32 84.12
C ASN G 760 119.40 -11.85 84.18
N GLY G 761 120.24 -11.35 83.27
CA GLY G 761 121.62 -11.77 83.22
C GLY G 761 121.87 -13.06 82.47
N CYS G 762 120.82 -13.68 81.91
CA CYS G 762 120.98 -14.94 81.20
C CYS G 762 120.86 -14.71 79.70
N PRO G 763 121.68 -15.38 78.88
CA PRO G 763 121.64 -15.13 77.44
C PRO G 763 120.30 -15.51 76.83
N VAL G 764 119.93 -14.78 75.78
CA VAL G 764 118.77 -15.12 74.96
C VAL G 764 119.29 -15.77 73.69
N GLN G 765 118.90 -17.02 73.47
CA GLN G 765 119.47 -17.84 72.40
C GLN G 765 118.83 -17.49 71.05
N GLY G 766 118.98 -16.22 70.68
CA GLY G 766 118.51 -15.74 69.40
C GLY G 766 119.00 -14.33 69.16
N VAL G 767 119.21 -14.01 67.87
CA VAL G 767 119.75 -12.70 67.51
C VAL G 767 119.13 -12.25 66.20
N PHE G 768 118.90 -10.94 66.11
CA PHE G 768 118.63 -10.26 64.84
C PHE G 768 119.96 -9.86 64.24
N GLU G 769 120.08 -9.97 62.92
CA GLU G 769 121.30 -9.60 62.22
C GLU G 769 120.98 -9.25 60.78
N ALA G 770 121.98 -8.71 60.09
CA ALA G 770 121.89 -8.45 58.66
C ALA G 770 120.65 -7.61 58.32
N PHE G 771 120.37 -6.61 59.16
CA PHE G 771 119.25 -5.73 58.90
C PHE G 771 119.73 -4.42 58.26
N ASN G 772 118.77 -3.65 57.77
CA ASN G 772 119.07 -2.43 57.05
C ASN G 772 119.60 -1.35 58.00
N LEU G 773 120.45 -0.49 57.45
CA LEU G 773 121.10 0.58 58.21
C LEU G 773 120.80 1.95 57.61
N ASP G 774 119.60 2.13 57.05
CA ASP G 774 119.30 3.34 56.31
C ASP G 774 118.99 4.53 57.22
N GLY G 775 118.97 4.32 58.54
CA GLY G 775 118.62 5.39 59.44
C GLY G 775 119.22 5.28 60.82
N LEU G 776 118.62 5.98 61.78
CA LEU G 776 119.09 5.97 63.16
C LEU G 776 118.27 5.01 64.01
N PHE G 777 118.93 4.40 64.98
CA PHE G 777 118.31 3.45 65.90
C PHE G 777 118.10 4.10 67.25
N PHE G 778 116.93 3.84 67.85
CA PHE G 778 116.63 4.33 69.18
C PHE G 778 116.03 3.21 70.02
N PRO G 779 116.33 3.18 71.32
CA PRO G 779 115.63 2.23 72.20
C PRO G 779 114.14 2.53 72.23
N VAL G 780 113.34 1.47 72.38
CA VAL G 780 111.89 1.61 72.36
C VAL G 780 111.27 0.50 73.18
N VAL G 781 110.17 0.83 73.86
CA VAL G 781 109.30 -0.14 74.50
C VAL G 781 107.89 0.10 74.01
N SER G 782 107.25 -0.96 73.54
CA SER G 782 105.84 -0.91 73.16
C SER G 782 105.01 -1.60 74.23
N PHE G 783 103.89 -0.99 74.59
CA PHE G 783 103.13 -1.48 75.71
C PHE G 783 101.66 -1.16 75.53
N SER G 784 100.82 -2.00 76.10
CA SER G 784 99.42 -1.70 76.31
C SER G 784 99.23 -1.21 77.74
N ALA G 785 97.98 -1.03 78.15
CA ALA G 785 97.69 -0.64 79.52
C ALA G 785 97.96 -1.79 80.47
N GLY G 786 98.40 -1.44 81.68
CA GLY G 786 98.75 -2.41 82.68
C GLY G 786 100.23 -2.61 82.90
N VAL G 787 101.05 -1.59 82.68
CA VAL G 787 102.51 -1.73 82.67
C VAL G 787 103.14 -0.60 83.47
N LYS G 788 104.17 -0.93 84.24
CA LYS G 788 105.13 0.03 84.77
C LYS G 788 106.53 -0.49 84.49
N VAL G 789 107.35 0.33 83.82
CA VAL G 789 108.69 -0.08 83.42
C VAL G 789 109.64 1.07 83.68
N ARG G 790 110.93 0.75 83.69
CA ARG G 790 111.98 1.72 83.92
C ARG G 790 113.14 1.50 82.96
N PHE G 791 113.39 2.51 82.13
CA PHE G 791 114.58 2.57 81.29
C PHE G 791 115.78 2.85 82.18
N LEU G 792 116.82 2.04 82.01
CA LEU G 792 118.11 2.25 82.64
C LEU G 792 119.14 2.43 81.52
N LEU G 793 119.73 3.62 81.46
CA LEU G 793 120.61 4.00 80.37
C LEU G 793 122.06 4.19 80.80
N GLY G 794 122.35 4.08 82.07
CA GLY G 794 123.72 4.14 82.56
C GLY G 794 124.02 5.47 83.23
N GLY G 795 125.10 5.48 84.00
CA GLY G 795 125.48 6.69 84.71
C GLY G 795 124.36 7.18 85.59
N ARG G 796 123.99 8.45 85.42
CA ARG G 796 122.88 9.01 86.18
C ARG G 796 121.55 8.48 85.70
N HIS G 797 121.36 8.42 84.38
CA HIS G 797 120.07 8.12 83.79
C HIS G 797 119.87 6.60 83.83
N GLY G 798 119.71 6.10 85.04
CA GLY G 798 119.60 4.68 85.30
C GLY G 798 120.92 4.07 85.71
N GLU G 799 120.83 2.99 86.48
CA GLU G 799 121.99 2.26 86.97
C GLU G 799 121.85 0.81 86.53
N PHE G 800 122.86 0.31 85.81
CA PHE G 800 122.78 -1.03 85.26
C PHE G 800 122.82 -2.07 86.37
N LYS G 801 121.95 -3.07 86.26
CA LYS G 801 121.96 -4.20 87.18
C LYS G 801 122.96 -5.27 86.77
N PHE G 802 123.24 -5.37 85.48
CA PHE G 802 124.24 -6.28 84.94
C PHE G 802 125.24 -5.49 84.13
N LEU G 803 126.51 -5.86 84.28
CA LEU G 803 127.58 -5.10 83.67
C LEU G 803 127.44 -5.10 82.15
N PRO G 804 127.58 -3.95 81.50
CA PRO G 804 127.56 -3.95 80.04
C PRO G 804 128.67 -4.83 79.50
N PRO G 805 128.42 -5.53 78.39
CA PRO G 805 129.47 -6.38 77.83
C PRO G 805 130.59 -5.53 77.26
N PRO G 806 131.77 -6.10 77.05
CA PRO G 806 132.92 -5.29 76.64
C PRO G 806 132.65 -4.53 75.36
N GLY G 807 133.08 -3.27 75.33
CA GLY G 807 132.98 -2.44 74.13
C GLY G 807 131.61 -1.87 73.87
N TYR G 808 130.63 -2.14 74.73
CA TYR G 808 129.26 -1.66 74.54
C TYR G 808 129.04 -0.45 75.43
N ALA G 809 128.76 0.69 74.81
CA ALA G 809 128.63 1.92 75.55
C ALA G 809 127.21 2.06 76.12
N PRO G 810 127.08 2.64 77.32
CA PRO G 810 125.74 3.00 77.80
C PRO G 810 125.09 4.01 76.86
N CYS G 811 123.78 3.85 76.66
CA CYS G 811 123.07 4.72 75.74
C CYS G 811 122.96 6.15 76.24
N HIS G 812 123.25 6.41 77.53
CA HIS G 812 123.17 7.77 78.03
C HIS G 812 124.29 8.64 77.46
N GLU G 813 125.34 8.04 76.93
CA GLU G 813 126.45 8.77 76.35
C GLU G 813 126.13 9.37 74.99
N ALA G 814 124.97 9.03 74.42
CA ALA G 814 124.61 9.45 73.08
C ALA G 814 123.74 10.70 73.05
N VAL G 815 123.32 11.21 74.22
CA VAL G 815 122.52 12.43 74.24
C VAL G 815 123.34 13.58 73.66
N LEU G 816 122.76 14.30 72.72
CA LEU G 816 123.50 15.31 71.99
C LEU G 816 123.69 16.58 72.83
N PRO G 817 124.69 17.39 72.47
CA PRO G 817 124.98 18.58 73.30
C PRO G 817 123.81 19.53 73.42
N ARG G 818 123.03 19.71 72.37
CA ARG G 818 121.96 20.70 72.35
C ARG G 818 120.69 20.22 73.04
N GLU G 819 120.59 18.93 73.34
CA GLU G 819 119.38 18.35 73.88
C GLU G 819 119.63 17.77 75.27
N ARG G 820 118.54 17.50 75.96
CA ARG G 820 118.58 16.82 77.25
C ARG G 820 117.83 15.50 77.12
N LEU G 821 118.16 14.57 78.01
CA LEU G 821 117.53 13.26 77.94
C LEU G 821 116.07 13.34 78.37
N ARG G 822 115.20 12.67 77.62
CA ARG G 822 113.78 12.67 77.92
C ARG G 822 113.15 11.45 77.27
N LEU G 823 111.91 11.17 77.68
CA LEU G 823 111.10 10.11 77.12
C LEU G 823 109.96 10.73 76.33
N GLU G 824 109.78 10.27 75.10
CA GLU G 824 108.87 10.91 74.16
C GLU G 824 108.10 9.84 73.40
N PRO G 825 106.90 10.16 72.93
CA PRO G 825 106.24 9.31 71.95
C PRO G 825 106.93 9.39 70.60
N ILE G 826 106.45 8.58 69.67
CA ILE G 826 107.04 8.46 68.34
C ILE G 826 106.00 8.91 67.31
N LYS G 827 106.33 9.98 66.58
CA LYS G 827 105.49 10.47 65.51
C LYS G 827 104.06 10.69 65.99
N GLU G 828 103.89 11.59 66.94
CA GLU G 828 102.57 11.91 67.49
C GLU G 828 101.93 13.03 66.69
N TYR G 829 100.66 12.84 66.33
CA TYR G 829 99.86 13.87 65.70
C TYR G 829 98.92 14.54 66.69
N ARG G 830 99.12 14.33 67.99
CA ARG G 830 98.18 14.79 69.01
C ARG G 830 98.88 14.73 70.36
N ARG G 831 98.70 15.79 71.14
CA ARG G 831 99.07 15.75 72.56
C ARG G 831 98.05 16.54 73.35
N GLU G 832 98.17 16.47 74.67
CA GLU G 832 97.34 17.27 75.55
C GLU G 832 98.03 18.58 75.88
N GLY G 833 97.26 19.62 76.18
CA GLY G 833 97.79 20.86 76.66
C GLY G 833 96.88 21.50 77.67
N PRO G 834 97.15 22.76 78.02
CA PRO G 834 96.36 23.39 79.09
C PRO G 834 94.89 23.54 78.74
N ARG G 835 94.57 24.18 77.62
CA ARG G 835 93.17 24.42 77.25
C ARG G 835 92.53 23.20 76.62
N GLY G 836 93.28 22.42 75.85
CA GLY G 836 92.74 21.27 75.16
C GLY G 836 93.80 20.47 74.45
N PRO G 837 93.38 19.56 73.58
CA PRO G 837 94.36 18.84 72.75
C PRO G 837 95.00 19.76 71.73
N HIS G 838 96.31 19.58 71.56
CA HIS G 838 97.08 20.25 70.51
C HIS G 838 97.35 19.27 69.38
N LEU G 839 97.02 19.70 68.17
CA LEU G 839 97.38 18.99 66.96
C LEU G 839 98.83 19.28 66.62
N VAL G 840 99.57 18.23 66.27
CA VAL G 840 101.01 18.28 66.11
C VAL G 840 101.35 17.88 64.67
N GLY G 841 102.25 18.65 64.05
CA GLY G 841 102.69 18.33 62.71
C GLY G 841 103.82 17.33 62.72
N PRO G 842 104.27 16.97 61.51
CA PRO G 842 105.39 16.03 61.40
C PRO G 842 106.64 16.55 62.10
N SER G 843 107.39 15.63 62.67
CA SER G 843 108.64 15.99 63.32
C SER G 843 109.78 16.04 62.30
N ARG G 844 110.75 16.91 62.57
CA ARG G 844 111.97 16.97 61.79
C ARG G 844 113.03 16.13 62.49
N CYS G 845 113.50 15.10 61.81
CA CYS G 845 114.36 14.10 62.41
C CYS G 845 115.72 14.07 61.74
N LEU G 846 116.70 13.57 62.48
CA LEU G 846 118.07 13.51 62.02
C LEU G 846 118.27 12.31 61.10
N SER G 847 119.43 12.29 60.43
CA SER G 847 119.83 11.19 59.59
C SER G 847 121.24 10.76 59.97
N HIS G 848 121.52 9.47 59.72
CA HIS G 848 122.85 8.94 60.00
C HIS G 848 123.93 9.69 59.24
N THR G 849 123.56 10.33 58.12
CA THR G 849 124.53 11.12 57.37
C THR G 849 124.82 12.46 58.01
N ASP G 850 123.90 12.98 58.83
CA ASP G 850 124.11 14.28 59.44
C ASP G 850 125.37 14.30 60.30
N PHE G 851 125.68 13.16 60.94
CA PHE G 851 126.84 13.10 61.81
C PHE G 851 128.13 13.10 61.02
N VAL G 852 128.07 12.69 59.77
CA VAL G 852 129.25 12.70 58.90
C VAL G 852 129.64 14.16 58.64
N PRO G 853 130.85 14.59 58.99
CA PRO G 853 131.28 15.94 58.62
C PRO G 853 131.62 16.00 57.14
N CYS G 854 131.21 17.09 56.49
CA CYS G 854 131.37 17.26 55.05
C CYS G 854 132.01 18.62 54.77
N PRO G 855 133.29 18.77 55.10
CA PRO G 855 133.99 20.01 54.75
C PRO G 855 134.19 20.13 53.25
N VAL G 856 134.30 21.37 52.77
CA VAL G 856 134.47 21.60 51.34
C VAL G 856 135.86 21.14 50.91
N ASP G 857 135.93 20.61 49.70
CA ASP G 857 137.20 20.09 49.20
C ASP G 857 138.17 21.23 48.96
N THR G 858 139.44 21.02 49.36
CA THR G 858 140.49 21.99 49.11
C THR G 858 141.77 21.31 48.62
N VAL G 859 141.69 20.04 48.24
CA VAL G 859 142.90 19.29 47.90
C VAL G 859 143.50 19.80 46.60
N GLN G 860 142.68 19.97 45.55
CA GLN G 860 143.17 20.35 44.23
C GLN G 860 143.08 21.86 44.08
N ILE G 861 144.07 22.56 44.61
CA ILE G 861 144.19 24.01 44.49
C ILE G 861 145.67 24.36 44.40
N VAL G 862 145.95 25.66 44.32
CA VAL G 862 147.30 26.19 44.37
C VAL G 862 147.28 27.44 45.23
N LEU G 863 148.31 27.62 46.05
CA LEU G 863 148.37 28.72 47.00
C LEU G 863 149.44 29.73 46.55
N PRO G 864 149.13 31.02 46.52
CA PRO G 864 150.14 32.02 46.17
C PRO G 864 151.27 32.06 47.18
N PRO G 865 152.47 32.48 46.75
CA PRO G 865 153.61 32.49 47.69
C PRO G 865 153.36 33.30 48.94
N HIS G 866 152.62 34.41 48.83
CA HIS G 866 152.31 35.19 50.02
C HIS G 866 151.45 34.39 51.00
N LEU G 867 150.52 33.60 50.49
CA LEU G 867 149.73 32.74 51.38
C LEU G 867 150.59 31.65 52.00
N GLU G 868 151.47 31.02 51.22
CA GLU G 868 152.35 30.00 51.82
C GLU G 868 153.20 30.61 52.91
N ARG G 869 153.78 31.80 52.68
CA ARG G 869 154.64 32.39 53.71
C ARG G 869 153.83 32.79 54.93
N ILE G 870 152.61 33.31 54.75
CA ILE G 870 151.83 33.75 55.89
C ILE G 870 151.28 32.56 56.67
N ARG G 871 151.27 31.39 56.04
CA ARG G 871 150.81 30.18 56.71
C ARG G 871 151.45 29.99 58.09
N GLU G 872 152.78 29.99 58.15
CA GLU G 872 153.46 29.67 59.41
C GLU G 872 153.27 30.77 60.46
N LYS G 873 153.33 32.04 60.03
CA LYS G 873 153.12 33.12 60.98
C LYS G 873 151.71 33.06 61.55
N LEU G 874 150.71 32.82 60.70
CA LEU G 874 149.34 32.66 61.18
C LEU G 874 149.24 31.48 62.13
N ALA G 875 149.91 30.38 61.82
CA ALA G 875 149.91 29.23 62.72
C ALA G 875 150.41 29.62 64.10
N GLU G 876 151.66 30.07 64.19
CA GLU G 876 152.22 30.44 65.49
C GLU G 876 151.36 31.49 66.18
N ASN G 877 150.73 32.37 65.41
CA ASN G 877 149.88 33.38 66.00
C ASN G 877 148.65 32.76 66.65
N ILE G 878 148.03 31.79 65.98
CA ILE G 878 146.87 31.13 66.59
C ILE G 878 147.31 30.30 67.78
N HIS G 879 148.53 29.76 67.75
CA HIS G 879 149.08 29.14 68.96
C HIS G 879 149.08 30.14 70.12
N GLU G 880 149.62 31.34 69.89
CA GLU G 880 149.73 32.28 71.00
C GLU G 880 148.35 32.78 71.43
N LEU G 881 147.41 32.90 70.49
CA LEU G 881 146.04 33.25 70.88
C LEU G 881 145.40 32.16 71.72
N TRP G 882 145.61 30.90 71.35
CA TRP G 882 145.18 29.79 72.19
C TRP G 882 145.78 29.91 73.57
N ALA G 883 147.06 30.21 73.64
CA ALA G 883 147.73 30.39 74.93
C ALA G 883 147.12 31.52 75.74
N LEU G 884 146.81 32.65 75.08
CA LEU G 884 146.22 33.79 75.76
C LEU G 884 144.84 33.43 76.33
N THR G 885 143.96 32.89 75.49
CA THR G 885 142.65 32.47 75.97
C THR G 885 142.79 31.48 77.11
N ARG G 886 143.71 30.53 76.98
CA ARG G 886 143.89 29.52 78.03
C ARG G 886 144.33 30.18 79.32
N ILE G 887 145.14 31.23 79.21
CA ILE G 887 145.47 32.06 80.36
C ILE G 887 144.21 32.60 81.00
N GLU G 888 143.43 33.36 80.23
CA GLU G 888 142.27 34.02 80.79
C GLU G 888 141.36 33.03 81.48
N GLN G 889 141.32 31.79 80.99
CA GLN G 889 140.71 30.73 81.77
C GLN G 889 141.50 30.46 83.06
N GLY G 890 142.83 30.45 82.97
CA GLY G 890 143.65 30.42 84.17
C GLY G 890 144.82 29.45 84.18
N TRP G 891 145.13 28.81 83.06
CA TRP G 891 146.28 27.90 83.03
C TRP G 891 147.57 28.71 83.08
N THR G 892 148.52 28.21 83.85
CA THR G 892 149.86 28.77 83.92
C THR G 892 150.84 27.81 83.27
N TYR G 893 152.12 28.18 83.24
CA TYR G 893 153.15 27.34 82.66
C TYR G 893 153.18 26.00 83.37
N GLY G 894 153.14 24.92 82.59
CA GLY G 894 153.23 23.59 83.11
C GLY G 894 154.13 22.74 82.24
N PRO G 895 154.81 21.75 82.85
CA PRO G 895 155.54 20.78 82.02
C PRO G 895 154.64 19.75 81.37
N VAL G 896 153.41 19.60 81.86
CA VAL G 896 152.48 18.60 81.37
C VAL G 896 151.17 19.28 81.03
N ARG G 897 150.52 18.84 79.96
CA ARG G 897 149.21 19.35 79.56
C ARG G 897 148.11 18.42 80.06
N ASP G 898 147.24 18.94 80.93
CA ASP G 898 146.03 18.26 81.33
C ASP G 898 145.02 19.33 81.75
N ASP G 899 143.74 18.97 81.71
CA ASP G 899 142.66 19.89 82.06
C ASP G 899 142.54 20.06 83.57
N ASN G 900 142.74 18.98 84.33
CA ASN G 900 142.76 19.10 85.78
C ASN G 900 144.06 19.72 86.27
N LYS G 901 145.15 19.50 85.53
CA LYS G 901 146.46 19.95 86.01
C LYS G 901 146.52 21.46 86.16
N ARG G 902 145.66 22.20 85.45
CA ARG G 902 145.58 23.66 85.59
C ARG G 902 146.82 24.32 85.02
N LEU G 903 147.31 23.82 83.89
CA LEU G 903 148.62 24.17 83.36
C LEU G 903 148.65 24.12 81.85
N HIS G 904 149.48 24.98 81.24
CA HIS G 904 149.61 25.05 79.79
C HIS G 904 151.09 25.18 79.40
N PRO G 905 151.73 24.09 78.95
CA PRO G 905 153.17 24.17 78.61
C PRO G 905 153.52 25.17 77.52
N CYS G 906 152.85 25.09 76.36
CA CYS G 906 153.19 25.84 75.16
C CYS G 906 153.43 27.31 75.42
N LEU G 907 152.95 27.83 76.53
CA LEU G 907 152.94 29.25 76.80
C LEU G 907 154.21 29.64 77.55
N VAL G 908 155.29 29.78 76.80
CA VAL G 908 156.55 30.32 77.29
C VAL G 908 156.96 31.43 76.33
N ASN G 909 156.89 31.12 75.04
CA ASN G 909 157.16 32.01 73.93
C ASN G 909 156.52 31.41 72.69
N PHE G 910 156.07 32.27 71.78
CA PHE G 910 155.34 31.86 70.59
C PHE G 910 156.27 31.14 69.61
N HIS G 911 157.57 31.15 69.86
CA HIS G 911 158.49 30.30 69.11
C HIS G 911 158.76 29.00 69.84
N SER G 912 158.73 29.02 71.17
CA SER G 912 159.15 27.87 71.96
C SER G 912 158.09 26.77 71.94
N LEU G 913 156.95 27.02 71.31
CA LEU G 913 155.90 26.02 71.26
C LEU G 913 156.44 24.71 70.70
N PRO G 914 156.10 23.57 71.29
CA PRO G 914 156.64 22.30 70.78
C PRO G 914 156.18 22.05 69.35
N GLU G 915 157.05 21.38 68.60
CA GLU G 915 156.74 21.10 67.20
C GLU G 915 155.46 20.29 67.01
N PRO G 916 155.19 19.24 67.80
CA PRO G 916 153.98 18.45 67.54
C PRO G 916 152.71 19.28 67.48
N GLU G 917 152.57 20.27 68.36
CA GLU G 917 151.45 21.21 68.22
C GLU G 917 151.49 21.91 66.88
N ARG G 918 152.68 22.33 66.46
CA ARG G 918 152.84 22.88 65.11
C ARG G 918 152.52 21.82 64.06
N ASN G 919 152.93 20.57 64.30
CA ASN G 919 152.64 19.51 63.33
C ASN G 919 151.14 19.34 63.14
N TYR G 920 150.35 19.57 64.18
CA TYR G 920 148.90 19.52 64.02
C TYR G 920 148.37 20.78 63.35
N ASN G 921 148.84 21.95 63.76
CA ASN G 921 148.12 23.18 63.46
C ASN G 921 148.66 23.94 62.25
N LEU G 922 149.80 23.54 61.69
CA LEU G 922 150.25 24.15 60.45
C LEU G 922 149.31 23.80 59.30
N GLN G 923 148.85 22.55 59.26
CA GLN G 923 147.88 22.14 58.25
C GLN G 923 146.56 22.86 58.47
N MET G 924 146.21 23.08 59.73
CA MET G 924 145.00 23.80 60.09
C MET G 924 145.06 25.23 59.55
N SER G 925 146.19 25.89 59.78
CA SER G 925 146.43 27.25 59.29
C SER G 925 146.38 27.30 57.77
N GLY G 926 147.07 26.37 57.11
CA GLY G 926 147.03 26.34 55.66
C GLY G 926 145.62 26.09 55.15
N GLU G 927 144.87 25.23 55.84
CA GLU G 927 143.50 24.93 55.45
C GLU G 927 142.63 26.17 55.49
N THR G 928 142.87 27.04 56.47
CA THR G 928 142.15 28.31 56.48
C THR G 928 142.25 28.97 55.11
N LEU G 929 143.47 29.21 54.64
CA LEU G 929 143.68 29.91 53.37
C LEU G 929 143.14 29.10 52.19
N LYS G 930 143.35 27.79 52.22
CA LYS G 930 142.86 26.95 51.13
C LYS G 930 141.36 27.05 51.01
N THR G 931 140.65 27.07 52.13
CA THR G 931 139.20 27.25 52.11
C THR G 931 138.82 28.65 51.66
N LEU G 932 139.55 29.67 52.11
CA LEU G 932 139.30 31.01 51.61
C LEU G 932 139.34 31.02 50.09
N LEU G 933 140.26 30.26 49.50
CA LEU G 933 140.32 30.13 48.05
C LEU G 933 139.13 29.33 47.51
N ALA G 934 138.82 28.21 48.14
CA ALA G 934 137.81 27.30 47.62
C ALA G 934 136.44 27.97 47.57
N LEU G 935 136.10 28.70 48.63
CA LEU G 935 134.80 29.35 48.76
C LEU G 935 134.59 30.47 47.74
N GLY G 936 135.65 30.88 47.04
CA GLY G 936 135.54 31.92 46.06
C GLY G 936 135.88 33.31 46.54
N CYS G 937 136.32 33.45 47.79
CA CYS G 937 136.75 34.75 48.28
C CYS G 937 137.98 35.23 47.51
N HIS G 938 138.00 36.50 47.18
CA HIS G 938 139.09 37.09 46.40
C HIS G 938 140.14 37.65 47.35
N VAL G 939 141.37 37.15 47.22
CA VAL G 939 142.43 37.44 48.17
C VAL G 939 143.56 38.15 47.43
N GLY G 940 143.97 39.30 47.94
CA GLY G 940 145.14 40.00 47.42
C GLY G 940 145.95 40.64 48.54
N MET G 941 146.95 41.40 48.13
CA MET G 941 147.72 42.26 49.04
C MET G 941 147.15 43.68 48.95
N ALA G 942 146.83 44.25 50.10
CA ALA G 942 146.39 45.64 50.15
C ALA G 942 147.52 46.58 50.52
N ASP G 943 148.31 46.23 51.54
CA ASP G 943 149.40 47.09 52.01
C ASP G 943 150.57 46.23 52.48
N GLU G 944 151.58 46.11 51.62
CA GLU G 944 152.80 45.39 51.97
C GLU G 944 153.46 46.00 53.20
N LYS G 945 153.30 47.31 53.39
CA LYS G 945 153.88 47.96 54.55
C LYS G 945 153.30 47.40 55.84
N ALA G 946 151.99 47.16 55.89
CA ALA G 946 151.39 46.58 57.08
C ALA G 946 151.68 45.09 57.16
N GLU G 947 151.75 44.41 56.00
CA GLU G 947 152.14 43.00 56.02
C GLU G 947 153.52 42.83 56.65
N ASP G 948 154.44 43.77 56.39
CA ASP G 948 155.75 43.72 57.01
C ASP G 948 155.73 44.17 58.47
N ASN G 949 155.29 45.40 58.71
CA ASN G 949 155.24 45.99 60.05
C ASN G 949 153.82 45.94 60.60
N LEU G 950 153.67 45.56 61.86
CA LEU G 950 152.36 45.44 62.47
C LEU G 950 152.36 46.03 63.87
N LYS G 951 151.27 46.68 64.24
CA LYS G 951 151.11 47.12 65.63
C LYS G 951 150.80 45.92 66.51
N LYS G 952 151.53 45.82 67.62
CA LYS G 952 151.46 44.66 68.49
C LYS G 952 150.88 45.06 69.84
N THR G 953 149.72 44.50 70.16
CA THR G 953 149.14 44.69 71.48
C THR G 953 149.84 43.80 72.49
N LYS G 954 150.39 44.41 73.54
CA LYS G 954 151.08 43.70 74.60
C LYS G 954 150.09 43.55 75.76
N LEU G 955 150.03 42.35 76.31
CA LEU G 955 149.18 42.13 77.46
C LEU G 955 149.63 43.03 78.61
N PRO G 956 148.73 43.44 79.50
CA PRO G 956 149.14 44.25 80.64
C PRO G 956 150.24 43.60 81.48
N LYS G 957 151.28 44.38 81.78
CA LYS G 957 152.32 43.95 82.72
C LYS G 957 151.72 43.70 84.09
N THR G 958 150.58 44.34 84.40
CA THR G 958 149.86 44.00 85.61
C THR G 958 149.56 42.50 85.65
N TYR G 959 149.01 41.95 84.56
CA TYR G 959 148.86 40.51 84.51
C TYR G 959 150.23 39.86 84.53
N MET G 960 150.33 38.77 85.28
CA MET G 960 151.60 38.10 85.55
C MET G 960 151.66 36.72 84.93
N MET G 961 152.87 36.28 84.59
CA MET G 961 153.10 34.94 84.09
C MET G 961 154.31 34.33 84.78
N SER G 962 154.23 33.01 84.96
CA SER G 962 155.36 32.29 85.54
C SER G 962 156.64 32.57 84.76
N ASN G 963 156.56 32.50 83.43
CA ASN G 963 157.72 32.75 82.58
C ASN G 963 158.23 34.18 82.69
N GLY G 964 157.34 35.14 82.92
CA GLY G 964 157.68 36.54 82.86
C GLY G 964 157.60 37.16 81.49
N TYR G 965 157.43 36.35 80.44
CA TYR G 965 157.14 36.83 79.10
C TYR G 965 155.78 36.31 78.68
N LYS G 966 154.93 37.18 78.17
CA LYS G 966 153.59 36.96 77.66
C LYS G 966 153.53 37.27 76.17
N PRO G 967 153.18 36.30 75.33
CA PRO G 967 153.12 36.56 73.89
C PRO G 967 152.16 37.70 73.57
N ALA G 968 152.64 38.66 72.80
CA ALA G 968 151.88 39.85 72.45
C ALA G 968 151.28 39.70 71.06
N PRO G 969 149.97 39.61 70.92
CA PRO G 969 149.36 39.47 69.58
C PRO G 969 149.16 40.83 68.92
N LEU G 970 148.70 40.78 67.67
CA LEU G 970 148.41 41.99 66.92
C LEU G 970 147.25 42.75 67.53
N ASP G 971 147.27 44.07 67.35
CA ASP G 971 146.18 44.92 67.81
C ASP G 971 144.92 44.64 66.99
N LEU G 972 143.81 44.42 67.70
CA LEU G 972 142.54 44.19 67.03
C LEU G 972 141.84 45.51 66.72
N SER G 973 142.18 46.57 67.44
CA SER G 973 141.44 47.82 67.35
C SER G 973 141.54 48.44 65.97
N HIS G 974 142.72 48.37 65.35
CA HIS G 974 142.91 49.00 64.04
C HIS G 974 142.28 48.19 62.91
N VAL G 975 141.50 47.16 63.25
CA VAL G 975 140.88 46.29 62.26
C VAL G 975 139.38 46.31 62.46
N ARG G 976 138.64 46.54 61.38
CA ARG G 976 137.19 46.49 61.38
C ARG G 976 136.71 45.52 60.31
N LEU G 977 135.71 44.72 60.66
CA LEU G 977 135.19 43.68 59.79
C LEU G 977 133.76 43.99 59.41
N THR G 978 133.43 43.80 58.13
CA THR G 978 132.07 44.00 57.67
C THR G 978 131.18 42.83 58.10
N PRO G 979 129.87 43.00 58.05
CA PRO G 979 128.98 41.86 58.38
C PRO G 979 129.22 40.65 57.51
N ALA G 980 129.58 40.85 56.24
CA ALA G 980 129.92 39.72 55.37
C ALA G 980 131.07 38.93 55.94
N GLN G 981 132.02 39.63 56.58
CA GLN G 981 133.11 38.94 57.24
C GLN G 981 132.58 38.00 58.32
N THR G 982 131.50 38.39 59.00
CA THR G 982 130.94 37.53 60.04
C THR G 982 130.35 36.25 59.46
N THR G 983 129.67 36.36 58.32
CA THR G 983 129.16 35.17 57.65
C THR G 983 130.32 34.27 57.22
N LEU G 984 131.37 34.88 56.67
CA LEU G 984 132.57 34.11 56.36
C LEU G 984 133.13 33.43 57.60
N VAL G 985 133.08 34.09 58.74
CA VAL G 985 133.59 33.49 59.98
C VAL G 985 132.75 32.28 60.35
N ASP G 986 131.43 32.42 60.32
CA ASP G 986 130.55 31.28 60.61
C ASP G 986 130.89 30.12 59.70
N ARG G 987 131.04 30.40 58.41
CA ARG G 987 131.30 29.37 57.41
C ARG G 987 132.64 28.66 57.63
N LEU G 988 133.71 29.43 57.82
CA LEU G 988 135.02 28.84 58.06
C LEU G 988 135.07 28.10 59.38
N ALA G 989 134.28 28.53 60.38
CA ALA G 989 134.20 27.77 61.63
C ALA G 989 133.52 26.42 61.40
N GLU G 990 132.39 26.43 60.69
CA GLU G 990 131.81 25.17 60.22
C GLU G 990 132.90 24.25 59.70
N ASN G 991 133.66 24.74 58.71
CA ASN G 991 134.60 23.88 58.01
C ASN G 991 135.74 23.43 58.92
N GLY G 992 136.26 24.32 59.75
CA GLY G 992 137.37 23.96 60.61
C GLY G 992 136.97 22.89 61.60
N HIS G 993 135.81 23.06 62.22
CA HIS G 993 135.31 22.05 63.14
C HIS G 993 135.11 20.73 62.43
N ASN G 994 134.55 20.75 61.23
CA ASN G 994 134.31 19.51 60.51
C ASN G 994 135.62 18.83 60.14
N VAL G 995 136.63 19.58 59.70
CA VAL G 995 137.92 19.01 59.37
C VAL G 995 138.54 18.35 60.60
N TRP G 996 138.54 19.07 61.73
CA TRP G 996 139.04 18.50 62.98
C TRP G 996 138.30 17.24 63.35
N ALA G 997 136.97 17.29 63.25
CA ALA G 997 136.17 16.12 63.60
C ALA G 997 136.60 14.95 62.75
N ARG G 998 136.78 15.24 61.47
CA ARG G 998 136.73 14.18 60.50
C ARG G 998 138.06 13.45 60.72
N ASP G 999 139.10 14.29 60.96
CA ASP G 999 140.50 13.84 61.23
C ASP G 999 140.56 12.97 62.45
N ARG G 1000 139.94 13.42 63.55
CA ARG G 1000 139.89 12.58 64.76
C ARG G 1000 139.18 11.26 64.46
N VAL G 1001 138.18 11.30 63.58
CA VAL G 1001 137.46 10.09 63.21
C VAL G 1001 138.41 9.12 62.52
N ALA G 1002 139.19 9.62 61.56
CA ALA G 1002 140.19 8.76 60.91
C ALA G 1002 141.16 8.21 61.93
N GLN G 1003 141.56 9.03 62.91
CA GLN G 1003 142.36 8.53 64.02
C GLN G 1003 141.62 7.51 64.86
N GLY G 1004 140.28 7.46 64.76
CA GLY G 1004 139.47 6.51 65.50
C GLY G 1004 138.58 7.11 66.57
N TRP G 1005 138.51 8.44 66.65
CA TRP G 1005 137.71 9.08 67.69
C TRP G 1005 136.22 8.99 67.40
N SER G 1006 135.43 9.10 68.47
CA SER G 1006 133.97 9.06 68.36
C SER G 1006 133.36 10.04 69.34
N TYR G 1007 132.06 10.25 69.19
CA TYR G 1007 131.32 11.16 70.06
C TYR G 1007 130.90 10.46 71.34
N SER G 1008 130.80 11.24 72.42
CA SER G 1008 130.34 10.74 73.70
C SER G 1008 130.06 11.93 74.60
N ALA G 1009 128.88 11.96 75.22
CA ALA G 1009 128.56 13.04 76.14
C ALA G 1009 129.58 13.12 77.28
N VAL G 1010 130.23 11.99 77.57
CA VAL G 1010 131.25 11.93 78.61
C VAL G 1010 132.61 11.77 77.94
N GLN G 1011 133.57 12.59 78.36
CA GLN G 1011 134.89 12.63 77.75
C GLN G 1011 135.76 11.52 78.32
N ASP G 1012 136.28 10.66 77.45
CA ASP G 1012 137.32 9.70 77.79
C ASP G 1012 138.34 9.69 76.66
N ILE G 1013 139.54 10.18 76.95
CA ILE G 1013 140.59 10.32 75.94
C ILE G 1013 141.19 8.96 75.64
N PRO G 1014 141.46 8.11 76.64
CA PRO G 1014 142.00 6.78 76.34
C PRO G 1014 141.09 5.98 75.42
N ALA G 1015 139.78 6.14 75.57
CA ALA G 1015 138.81 5.50 74.68
C ALA G 1015 138.56 6.29 73.41
N ARG G 1016 139.22 7.44 73.25
CA ARG G 1016 139.01 8.30 72.09
C ARG G 1016 137.54 8.66 71.93
N ARG G 1017 136.94 9.12 73.03
CA ARG G 1017 135.58 9.61 73.05
C ARG G 1017 135.60 11.08 73.45
N ASN G 1018 134.91 11.93 72.68
CA ASN G 1018 134.94 13.36 72.92
C ASN G 1018 133.52 13.90 72.98
N PRO G 1019 133.22 14.87 73.85
CA PRO G 1019 131.89 15.48 73.85
C PRO G 1019 131.69 16.54 72.78
N ARG G 1020 132.67 16.75 71.92
CA ARG G 1020 132.59 17.76 70.86
C ARG G 1020 132.74 17.17 69.48
N LEU G 1021 133.03 15.88 69.37
CA LEU G 1021 133.29 15.27 68.07
C LEU G 1021 131.99 15.06 67.32
N VAL G 1022 131.30 16.16 67.03
CA VAL G 1022 130.08 16.16 66.23
C VAL G 1022 130.15 17.33 65.27
N PRO G 1023 129.65 17.15 64.05
CA PRO G 1023 129.71 18.25 63.08
C PRO G 1023 129.10 19.53 63.63
N TYR G 1024 129.64 20.65 63.16
CA TYR G 1024 129.42 21.94 63.79
C TYR G 1024 127.95 22.21 64.03
N ARG G 1025 127.09 21.87 63.06
CA ARG G 1025 125.69 22.22 63.15
C ARG G 1025 125.05 21.66 64.42
N LEU G 1026 125.34 20.40 64.74
CA LEU G 1026 124.80 19.79 65.95
C LEU G 1026 125.50 20.29 67.21
N LEU G 1027 126.58 21.04 67.05
CA LEU G 1027 127.38 21.46 68.19
C LEU G 1027 126.58 22.38 69.11
N ASP G 1028 127.09 22.56 70.33
CA ASP G 1028 126.44 23.45 71.28
C ASP G 1028 126.84 24.90 71.01
N GLU G 1029 125.96 25.82 71.42
CA GLU G 1029 126.19 27.23 71.13
C GLU G 1029 127.45 27.74 71.80
N ALA G 1030 127.80 27.21 72.97
CA ALA G 1030 129.00 27.67 73.67
C ALA G 1030 130.27 27.35 72.90
N THR G 1031 130.47 26.06 72.58
CA THR G 1031 131.64 25.71 71.80
C THR G 1031 131.60 26.45 70.50
N LYS G 1032 130.47 26.38 69.82
CA LYS G 1032 130.33 27.11 68.60
C LYS G 1032 130.90 28.54 68.78
N ARG G 1033 130.44 29.28 69.82
CA ARG G 1033 130.80 30.69 69.98
C ARG G 1033 132.29 30.85 70.19
N SER G 1034 132.88 29.98 70.99
CA SER G 1034 134.32 30.02 71.16
C SER G 1034 135.02 29.91 69.80
N ASN G 1035 134.50 29.02 68.95
CA ASN G 1035 135.13 28.80 67.66
C ASN G 1035 134.97 30.00 66.73
N ARG G 1036 133.77 30.63 66.68
CA ARG G 1036 133.67 31.90 65.94
C ARG G 1036 134.64 32.93 66.45
N ASP G 1037 134.72 33.11 67.76
CA ASP G 1037 135.56 34.20 68.26
C ASP G 1037 137.01 33.96 67.89
N SER G 1038 137.50 32.73 68.07
CA SER G 1038 138.87 32.42 67.70
C SER G 1038 139.11 32.71 66.22
N LEU G 1039 138.17 32.27 65.38
CA LEU G 1039 138.35 32.42 63.95
C LEU G 1039 138.28 33.89 63.53
N CYS G 1040 137.40 34.67 64.16
CA CYS G 1040 137.26 36.08 63.79
C CYS G 1040 138.50 36.86 64.22
N GLN G 1041 139.07 36.53 65.38
CA GLN G 1041 140.35 37.13 65.74
C GLN G 1041 141.43 36.73 64.75
N ALA G 1042 141.42 35.49 64.28
CA ALA G 1042 142.40 35.08 63.27
C ALA G 1042 142.22 35.87 61.98
N VAL G 1043 140.98 36.07 61.57
CA VAL G 1043 140.70 36.81 60.33
C VAL G 1043 141.11 38.26 60.48
N ARG G 1044 140.85 38.86 61.64
CA ARG G 1044 141.29 40.23 61.89
C ARG G 1044 142.81 40.30 61.93
N THR G 1045 143.47 39.24 62.40
CA THR G 1045 144.92 39.18 62.34
C THR G 1045 145.41 39.16 60.89
N LEU G 1046 144.75 38.39 60.03
CA LEU G 1046 145.10 38.40 58.62
C LEU G 1046 144.89 39.77 58.01
N LEU G 1047 143.77 40.43 58.34
CA LEU G 1047 143.52 41.76 57.82
C LEU G 1047 144.52 42.78 58.34
N GLY G 1048 145.01 42.58 59.57
CA GLY G 1048 146.10 43.41 60.07
C GLY G 1048 147.38 43.18 59.28
N TYR G 1049 147.68 41.92 58.99
CA TYR G 1049 148.69 41.63 57.98
C TYR G 1049 148.40 42.33 56.66
N GLY G 1050 147.14 42.69 56.43
CA GLY G 1050 146.80 43.50 55.27
C GLY G 1050 146.44 42.71 54.04
N TYR G 1051 146.41 41.39 54.13
CA TYR G 1051 145.94 40.60 53.00
C TYR G 1051 144.44 40.80 52.84
N ASN G 1052 144.08 41.60 51.84
CA ASN G 1052 142.68 41.94 51.63
C ASN G 1052 141.90 40.73 51.16
N ILE G 1053 140.70 40.56 51.71
CA ILE G 1053 139.82 39.45 51.39
C ILE G 1053 138.44 40.01 51.09
N GLU G 1054 137.91 39.68 49.91
CA GLU G 1054 136.60 40.11 49.46
C GLU G 1054 135.67 38.92 49.41
N PRO G 1055 134.58 38.91 50.18
CA PRO G 1055 133.70 37.75 50.21
C PRO G 1055 132.86 37.66 48.95
N PRO G 1056 132.58 36.45 48.48
CA PRO G 1056 131.71 36.30 47.30
C PRO G 1056 130.24 36.47 47.66
N ASP G 1057 129.41 36.52 46.63
CA ASP G 1057 127.98 36.68 46.84
C ASP G 1057 127.39 35.41 47.43
N GLN G 1058 126.37 35.59 48.28
CA GLN G 1058 125.72 34.46 48.91
C GLN G 1058 124.90 33.67 47.89
N GLU G 1059 124.77 32.37 48.14
CA GLU G 1059 124.08 31.47 47.23
C GLU G 1059 122.97 30.72 47.97
N PRO G 1060 121.82 30.51 47.34
CA PRO G 1060 120.73 29.82 48.04
C PRO G 1060 120.84 28.30 47.93
N SER G 1061 120.22 27.60 48.87
CA SER G 1061 120.25 26.16 48.90
C SER G 1061 118.95 25.65 49.51
N GLN G 1062 118.61 24.40 49.20
CA GLN G 1062 117.39 23.76 49.69
C GLN G 1062 117.77 22.54 50.52
N VAL G 1063 117.12 22.39 51.68
CA VAL G 1063 117.51 21.34 52.63
C VAL G 1063 117.02 19.98 52.14
N GLU G 1064 115.76 19.88 51.73
CA GLU G 1064 115.15 18.60 51.36
C GLU G 1064 115.25 17.61 52.52
N ASN G 1065 114.85 18.05 53.71
CA ASN G 1065 114.97 17.19 54.90
C ASN G 1065 113.97 16.04 54.85
N GLN G 1066 112.72 16.32 54.53
CA GLN G 1066 111.65 15.33 54.51
C GLN G 1066 111.15 15.10 53.09
N SER G 1067 110.31 14.08 52.95
CA SER G 1067 109.59 13.88 51.71
C SER G 1067 108.31 14.72 51.69
N ARG G 1068 107.96 15.22 50.50
CA ARG G 1068 106.86 16.16 50.35
C ARG G 1068 105.58 15.61 50.97
N TRP G 1069 105.37 14.31 50.86
CA TRP G 1069 104.18 13.71 51.44
C TRP G 1069 104.25 13.72 52.96
N ASP G 1070 105.43 13.44 53.51
CA ASP G 1070 105.65 13.39 54.94
C ASP G 1070 105.76 14.79 55.58
N ARG G 1071 105.89 15.85 54.79
CA ARG G 1071 106.07 17.19 55.34
C ARG G 1071 104.82 17.76 55.98
N VAL G 1072 103.64 17.56 55.38
CA VAL G 1072 102.43 18.26 55.80
C VAL G 1072 101.39 17.25 56.26
N ARG G 1073 100.74 17.54 57.38
CA ARG G 1073 99.60 16.77 57.87
C ARG G 1073 98.36 17.64 57.86
N ILE G 1074 97.25 17.07 57.40
CA ILE G 1074 95.98 17.77 57.30
C ILE G 1074 94.99 17.13 58.26
N PHE G 1075 94.32 17.94 59.07
CA PHE G 1075 93.25 17.50 59.95
C PHE G 1075 91.95 18.14 59.48
N ARG G 1076 90.88 17.35 59.42
CA ARG G 1076 89.59 17.88 59.03
C ARG G 1076 88.51 17.26 59.91
N ALA G 1077 87.35 17.90 59.93
CA ALA G 1077 86.19 17.28 60.57
C ALA G 1077 85.64 16.16 59.71
N GLU G 1078 84.92 15.23 60.35
CA GLU G 1078 84.30 14.14 59.62
C GLU G 1078 83.20 14.66 58.70
N LYS G 1079 82.98 13.93 57.60
CA LYS G 1079 82.04 14.37 56.59
C LYS G 1079 80.62 14.47 57.13
N SER G 1080 80.30 13.68 58.16
CA SER G 1080 78.97 13.71 58.75
C SER G 1080 78.61 15.11 59.21
N TYR G 1081 79.62 15.90 59.59
CA TYR G 1081 79.43 17.24 60.11
C TYR G 1081 79.38 18.29 59.01
N THR G 1082 79.28 17.87 57.76
CA THR G 1082 79.27 18.82 56.65
C THR G 1082 78.03 19.70 56.73
N VAL G 1083 78.22 21.00 56.53
CA VAL G 1083 77.16 22.00 56.62
C VAL G 1083 76.95 22.61 55.24
N GLN G 1084 75.69 22.72 54.82
CA GLN G 1084 75.32 23.37 53.57
C GLN G 1084 74.50 24.63 53.80
N SER G 1085 74.40 25.10 55.03
CA SER G 1085 73.62 26.29 55.32
C SER G 1085 74.02 26.82 56.69
N GLY G 1086 73.86 28.12 56.87
CA GLY G 1086 73.99 28.76 58.16
C GLY G 1086 75.23 29.63 58.25
N ARG G 1087 75.46 30.12 59.47
CA ARG G 1087 76.56 31.03 59.77
C ARG G 1087 77.36 30.43 60.91
N TRP G 1088 78.56 29.96 60.60
CA TRP G 1088 79.33 29.10 61.49
C TRP G 1088 80.66 29.75 61.84
N TYR G 1089 81.14 29.47 63.05
CA TYR G 1089 82.35 30.04 63.61
C TYR G 1089 83.19 28.94 64.23
N PHE G 1090 84.51 29.05 64.09
CA PHE G 1090 85.42 28.20 64.84
C PHE G 1090 86.78 28.90 64.96
N GLU G 1091 87.60 28.41 65.88
CA GLU G 1091 88.84 29.09 66.25
C GLU G 1091 90.03 28.17 66.11
N PHE G 1092 91.19 28.75 65.82
CA PHE G 1092 92.44 28.02 65.67
C PHE G 1092 93.57 28.84 66.27
N GLU G 1093 94.08 28.39 67.40
CA GLU G 1093 95.22 29.04 68.06
C GLU G 1093 96.51 28.45 67.53
N ALA G 1094 97.47 29.31 67.20
CA ALA G 1094 98.75 28.90 66.65
C ALA G 1094 99.80 28.94 67.75
N VAL G 1095 100.19 27.77 68.27
CA VAL G 1095 101.23 27.76 69.30
C VAL G 1095 102.59 28.07 68.69
N THR G 1096 102.79 27.74 67.42
CA THR G 1096 103.97 28.09 66.66
C THR G 1096 103.62 29.18 65.66
N THR G 1097 104.66 29.78 65.09
CA THR G 1097 104.50 30.85 64.10
C THR G 1097 104.84 30.39 62.70
N GLY G 1098 104.93 29.09 62.46
CA GLY G 1098 105.37 28.57 61.19
C GLY G 1098 104.24 28.26 60.24
N GLU G 1099 104.53 27.38 59.27
CA GLU G 1099 103.60 27.05 58.22
C GLU G 1099 102.40 26.28 58.77
N MET G 1100 101.26 26.96 58.85
CA MET G 1100 99.99 26.30 59.11
C MET G 1100 98.91 27.04 58.35
N ARG G 1101 97.89 26.31 57.95
CA ARG G 1101 96.79 26.87 57.18
C ARG G 1101 95.49 26.46 57.84
N VAL G 1102 94.54 27.38 57.91
CA VAL G 1102 93.27 27.08 58.57
C VAL G 1102 92.13 27.60 57.72
N GLY G 1103 91.07 26.82 57.63
CA GLY G 1103 89.91 27.26 56.88
C GLY G 1103 88.85 26.20 56.64
N TRP G 1104 88.25 26.25 55.46
CA TRP G 1104 87.10 25.42 55.12
C TRP G 1104 87.45 24.56 53.92
N ALA G 1105 87.00 23.30 53.96
CA ALA G 1105 87.34 22.34 52.93
C ALA G 1105 86.09 21.59 52.50
N ARG G 1106 86.11 21.13 51.26
CA ARG G 1106 85.03 20.32 50.75
C ARG G 1106 85.22 18.87 51.16
N PRO G 1107 84.13 18.11 51.31
CA PRO G 1107 84.25 16.74 51.83
C PRO G 1107 85.16 15.84 51.03
N GLU G 1108 85.32 16.08 49.72
CA GLU G 1108 86.17 15.26 48.87
C GLU G 1108 87.58 15.80 48.77
N LEU G 1109 88.01 16.58 49.76
CA LEU G 1109 89.37 17.10 49.79
C LEU G 1109 90.37 15.96 49.76
N ARG G 1110 91.37 16.08 48.89
CA ARG G 1110 92.41 15.07 48.82
C ARG G 1110 93.50 15.35 49.85
N PRO G 1111 93.89 14.35 50.65
CA PRO G 1111 94.95 14.60 51.64
C PRO G 1111 96.27 14.90 50.98
N ASP G 1112 96.48 14.37 49.78
CA ASP G 1112 97.73 14.50 49.04
C ASP G 1112 98.04 15.95 48.69
N VAL G 1113 97.05 16.69 48.17
CA VAL G 1113 97.30 18.05 47.71
C VAL G 1113 97.47 18.99 48.90
N GLU G 1114 98.30 20.00 48.73
CA GLU G 1114 98.45 21.04 49.73
C GLU G 1114 97.17 21.86 49.82
N LEU G 1115 96.83 22.28 51.04
CA LEU G 1115 95.58 22.97 51.27
C LEU G 1115 95.53 24.28 50.48
N GLY G 1116 94.48 24.44 49.68
CA GLY G 1116 94.23 25.67 48.95
C GLY G 1116 94.78 25.67 47.55
N ALA G 1117 95.72 24.78 47.22
CA ALA G 1117 96.23 24.70 45.86
C ALA G 1117 95.12 24.36 44.88
N ASP G 1118 94.18 23.52 45.31
CA ASP G 1118 93.06 23.12 44.47
C ASP G 1118 91.82 23.93 44.82
N GLU G 1119 90.73 23.61 44.13
CA GLU G 1119 89.44 24.26 44.33
C GLU G 1119 88.69 23.75 45.55
N LEU G 1120 89.25 22.78 46.26
CA LEU G 1120 88.54 22.10 47.34
C LEU G 1120 88.77 22.73 48.71
N ALA G 1121 89.49 23.84 48.80
CA ALA G 1121 89.77 24.43 50.10
C ALA G 1121 89.91 25.94 49.98
N TYR G 1122 89.36 26.64 50.97
CA TYR G 1122 89.54 28.07 51.16
C TYR G 1122 90.19 28.27 52.50
N VAL G 1123 91.46 28.68 52.50
CA VAL G 1123 92.23 28.70 53.75
C VAL G 1123 93.03 29.99 53.87
N PHE G 1124 93.49 30.24 55.09
CA PHE G 1124 94.38 31.36 55.40
C PHE G 1124 95.67 30.79 55.95
N ASN G 1125 96.79 31.31 55.46
CA ASN G 1125 98.12 30.98 55.94
C ASN G 1125 98.73 32.23 56.57
N GLY G 1126 98.90 32.20 57.89
CA GLY G 1126 99.47 33.31 58.63
C GLY G 1126 100.97 33.27 58.78
N HIS G 1127 101.65 32.33 58.13
CA HIS G 1127 103.10 32.37 58.10
C HIS G 1127 103.60 33.48 57.18
N ARG G 1128 102.85 33.74 56.11
CA ARG G 1128 103.17 34.76 55.12
C ARG G 1128 102.08 35.81 54.96
N GLY G 1129 100.88 35.57 55.51
CA GLY G 1129 99.74 36.43 55.24
C GLY G 1129 99.15 36.20 53.86
N GLN G 1130 98.60 35.00 53.65
CA GLN G 1130 98.09 34.60 52.35
C GLN G 1130 96.69 34.00 52.51
N ARG G 1131 95.90 34.11 51.44
CA ARG G 1131 94.66 33.37 51.31
C ARG G 1131 94.80 32.42 50.14
N TRP G 1132 94.44 31.16 50.34
CA TRP G 1132 94.63 30.12 49.33
C TRP G 1132 93.28 29.57 48.88
N HIS G 1133 93.04 29.68 47.58
CA HIS G 1133 92.01 28.93 46.88
C HIS G 1133 92.39 28.95 45.40
N LEU G 1134 92.75 27.79 44.85
CA LEU G 1134 93.23 27.69 43.48
C LEU G 1134 94.44 28.59 43.27
N GLY G 1135 95.28 28.68 44.30
CA GLY G 1135 96.45 29.54 44.29
C GLY G 1135 96.45 30.47 45.48
N SER G 1136 97.54 31.22 45.59
CA SER G 1136 97.79 32.10 46.74
C SER G 1136 97.59 33.55 46.35
N GLU G 1137 97.02 34.32 47.28
CA GLU G 1137 96.90 35.76 47.15
C GLU G 1137 97.22 36.37 48.51
N PRO G 1138 97.90 37.51 48.55
CA PRO G 1138 98.18 38.14 49.84
C PRO G 1138 96.89 38.49 50.56
N PHE G 1139 96.91 38.34 51.89
CA PHE G 1139 95.72 38.59 52.70
C PHE G 1139 96.11 38.66 54.16
N GLY G 1140 95.63 39.71 54.82
CA GLY G 1140 95.83 39.81 56.25
C GLY G 1140 97.29 39.94 56.61
N ARG G 1141 97.57 39.59 57.87
CA ARG G 1141 98.92 39.68 58.39
C ARG G 1141 99.33 38.38 59.08
N PRO G 1142 100.63 38.10 59.14
CA PRO G 1142 101.09 36.89 59.83
C PRO G 1142 100.71 36.90 61.30
N TRP G 1143 100.44 35.71 61.84
CA TRP G 1143 100.24 35.58 63.27
C TRP G 1143 101.57 35.60 64.02
N GLN G 1144 101.47 35.81 65.32
CA GLN G 1144 102.53 35.57 66.28
C GLN G 1144 102.16 34.36 67.13
N SER G 1145 103.08 33.97 68.01
CA SER G 1145 102.79 32.85 68.90
C SER G 1145 101.61 33.19 69.80
N GLY G 1146 100.67 32.24 69.90
CA GLY G 1146 99.49 32.42 70.72
C GLY G 1146 98.33 33.09 70.03
N ASP G 1147 98.51 33.56 68.80
CA ASP G 1147 97.43 34.24 68.10
C ASP G 1147 96.33 33.26 67.71
N VAL G 1148 95.09 33.74 67.76
CA VAL G 1148 93.91 32.95 67.48
C VAL G 1148 93.28 33.45 66.19
N VAL G 1149 93.08 32.54 65.25
CA VAL G 1149 92.43 32.83 63.98
C VAL G 1149 90.98 32.35 64.07
N GLY G 1150 90.04 33.26 63.90
CA GLY G 1150 88.63 32.94 63.86
C GLY G 1150 88.16 32.82 62.43
N CYS G 1151 87.73 31.61 62.06
CA CYS G 1151 87.23 31.31 60.73
C CYS G 1151 85.71 31.29 60.79
N MET G 1152 85.08 32.08 59.93
CA MET G 1152 83.64 32.24 59.89
C MET G 1152 83.17 31.99 58.47
N ILE G 1153 82.05 31.29 58.33
CA ILE G 1153 81.48 31.00 57.02
C ILE G 1153 80.00 31.36 57.05
N ASP G 1154 79.57 32.17 56.08
CA ASP G 1154 78.18 32.56 55.92
C ASP G 1154 77.67 31.95 54.62
N LEU G 1155 76.75 31.00 54.71
CA LEU G 1155 76.19 30.35 53.53
C LEU G 1155 74.89 30.99 53.08
N THR G 1156 74.45 32.06 53.73
CA THR G 1156 73.38 32.89 53.22
C THR G 1156 73.88 34.02 52.34
N GLU G 1157 74.99 34.65 52.71
CA GLU G 1157 75.68 35.61 51.86
C GLU G 1157 76.81 34.98 51.06
N ASN G 1158 77.10 33.70 51.26
CA ASN G 1158 78.12 32.98 50.51
C ASN G 1158 79.47 33.67 50.62
N THR G 1159 79.97 33.75 51.85
CA THR G 1159 81.22 34.44 52.15
C THR G 1159 82.02 33.68 53.20
N ILE G 1160 83.33 33.91 53.16
CA ILE G 1160 84.27 33.38 54.14
C ILE G 1160 85.01 34.55 54.76
N ILE G 1161 85.12 34.57 56.08
CA ILE G 1161 85.73 35.67 56.82
C ILE G 1161 86.77 35.10 57.77
N PHE G 1162 87.90 35.79 57.88
CA PHE G 1162 88.95 35.44 58.83
C PHE G 1162 89.22 36.64 59.74
N THR G 1163 89.37 36.35 61.02
CA THR G 1163 89.74 37.35 62.01
C THR G 1163 90.99 36.88 62.73
N LEU G 1164 91.80 37.82 63.19
CA LEU G 1164 92.97 37.51 63.99
C LEU G 1164 92.87 38.26 65.31
N ASN G 1165 92.57 37.52 66.38
CA ASN G 1165 92.41 38.10 67.71
C ASN G 1165 91.35 39.19 67.70
N GLY G 1166 90.20 38.90 67.07
CA GLY G 1166 89.07 39.79 67.08
C GLY G 1166 89.07 40.87 66.01
N GLU G 1167 90.05 40.86 65.11
CA GLU G 1167 90.15 41.88 64.07
C GLU G 1167 89.98 41.20 62.71
N VAL G 1168 89.03 41.69 61.92
CA VAL G 1168 88.75 41.09 60.62
C VAL G 1168 89.90 41.38 59.68
N LEU G 1169 90.52 40.32 59.18
CA LEU G 1169 91.62 40.47 58.24
C LEU G 1169 91.09 40.98 56.90
N MET G 1170 91.87 41.84 56.27
CA MET G 1170 91.50 42.46 55.01
C MET G 1170 92.59 42.20 53.98
N SER G 1171 92.17 42.12 52.72
CA SER G 1171 93.09 41.99 51.61
C SER G 1171 93.85 43.29 51.41
N ASP G 1172 94.61 43.35 50.32
CA ASP G 1172 95.28 44.60 49.94
C ASP G 1172 94.26 45.54 49.29
N SER G 1173 93.16 45.74 50.03
CA SER G 1173 92.01 46.51 49.58
C SER G 1173 91.07 46.71 50.76
N GLY G 1174 89.86 47.20 50.50
CA GLY G 1174 88.90 47.38 51.57
C GLY G 1174 88.09 46.13 51.86
N SER G 1175 88.48 45.01 51.26
CA SER G 1175 87.70 43.78 51.38
C SER G 1175 87.74 43.25 52.79
N GLU G 1176 86.57 43.07 53.39
CA GLU G 1176 86.43 42.39 54.67
C GLU G 1176 86.25 40.89 54.51
N THR G 1177 86.13 40.40 53.27
CA THR G 1177 85.90 38.99 53.00
C THR G 1177 87.13 38.42 52.29
N ALA G 1178 87.64 37.30 52.81
CA ALA G 1178 88.71 36.59 52.10
C ALA G 1178 88.19 36.03 50.78
N PHE G 1179 86.97 35.48 50.78
CA PHE G 1179 86.40 34.81 49.63
C PHE G 1179 84.93 35.19 49.48
N ARG G 1180 84.47 35.24 48.23
CA ARG G 1180 83.10 35.63 47.92
C ARG G 1180 82.53 34.69 46.87
N GLU G 1181 81.21 34.78 46.69
CA GLU G 1181 80.52 34.05 45.63
C GLU G 1181 80.77 32.56 45.70
N ILE G 1182 80.90 32.04 46.93
CA ILE G 1182 81.14 30.62 47.10
C ILE G 1182 79.90 29.83 46.70
N GLU G 1183 80.12 28.66 46.09
CA GLU G 1183 79.05 27.74 45.76
C GLU G 1183 78.97 26.69 46.86
N ILE G 1184 77.77 26.51 47.42
CA ILE G 1184 77.61 25.60 48.54
C ILE G 1184 77.98 24.19 48.14
N GLY G 1185 77.44 23.70 47.03
CA GLY G 1185 77.78 22.36 46.58
C GLY G 1185 77.49 21.33 47.65
N ASP G 1186 78.43 20.41 47.83
CA ASP G 1186 78.26 19.36 48.84
C ASP G 1186 78.24 19.95 50.25
N GLY G 1187 79.08 20.94 50.50
CA GLY G 1187 79.14 21.60 51.78
C GLY G 1187 80.57 21.93 52.16
N PHE G 1188 80.77 22.22 53.44
CA PHE G 1188 82.07 22.63 53.94
C PHE G 1188 82.32 22.01 55.31
N LEU G 1189 83.61 21.90 55.65
CA LEU G 1189 84.06 21.30 56.87
C LEU G 1189 85.25 22.11 57.40
N PRO G 1190 85.39 22.25 58.71
CA PRO G 1190 86.62 22.85 59.24
C PRO G 1190 87.83 21.98 58.94
N VAL G 1191 88.93 22.64 58.56
CA VAL G 1191 90.15 21.96 58.16
C VAL G 1191 91.35 22.82 58.57
N CYS G 1192 92.45 22.13 58.86
CA CYS G 1192 93.71 22.78 59.18
C CYS G 1192 94.84 21.92 58.65
N SER G 1193 95.98 22.55 58.40
CA SER G 1193 97.19 21.87 57.95
C SER G 1193 98.35 22.40 58.75
N LEU G 1194 99.15 21.48 59.28
CA LEU G 1194 100.32 21.80 60.09
C LEU G 1194 101.55 21.30 59.35
N GLY G 1195 102.55 22.19 59.16
CA GLY G 1195 103.82 21.76 58.64
C GLY G 1195 104.69 21.17 59.72
N PRO G 1196 105.91 20.82 59.35
CA PRO G 1196 106.82 20.22 60.33
C PRO G 1196 107.11 21.18 61.48
N GLY G 1197 107.17 20.62 62.68
CA GLY G 1197 107.47 21.42 63.86
C GLY G 1197 106.39 22.40 64.25
N GLN G 1198 105.13 22.11 63.91
CA GLN G 1198 104.03 23.03 64.12
C GLN G 1198 103.04 22.46 65.12
N VAL G 1199 102.42 23.35 65.89
CA VAL G 1199 101.44 22.98 66.91
C VAL G 1199 100.26 23.93 66.83
N GLY G 1200 99.06 23.37 66.75
CA GLY G 1200 97.85 24.18 66.71
C GLY G 1200 96.84 23.66 67.72
N HIS G 1201 95.84 24.51 67.98
CA HIS G 1201 94.73 24.16 68.86
C HIS G 1201 93.44 24.56 68.17
N LEU G 1202 92.64 23.57 67.79
CA LEU G 1202 91.41 23.78 67.03
C LEU G 1202 90.23 23.69 67.98
N ASN G 1203 89.52 24.80 68.16
CA ASN G 1203 88.32 24.84 68.99
C ASN G 1203 87.12 25.01 68.08
N LEU G 1204 86.29 23.97 68.03
CA LEU G 1204 85.09 23.98 67.21
C LEU G 1204 83.88 24.51 67.98
N GLY G 1205 84.07 24.95 69.21
CA GLY G 1205 83.01 25.60 69.95
C GLY G 1205 82.05 24.67 70.65
N GLN G 1206 82.49 23.46 71.00
CA GLN G 1206 81.63 22.60 71.82
C GLN G 1206 81.35 23.26 73.16
N ASP G 1207 82.34 23.89 73.75
CA ASP G 1207 82.18 24.72 74.94
C ASP G 1207 82.40 26.17 74.53
N VAL G 1208 81.31 26.95 74.50
CA VAL G 1208 81.40 28.31 73.99
C VAL G 1208 82.27 29.18 74.87
N SER G 1209 82.31 28.89 76.18
CA SER G 1209 83.12 29.71 77.08
C SER G 1209 84.59 29.67 76.72
N SER G 1210 85.03 28.58 76.08
CA SER G 1210 86.42 28.42 75.68
C SER G 1210 86.79 29.29 74.49
N LEU G 1211 85.83 29.91 73.82
CA LEU G 1211 86.10 30.74 72.65
C LEU G 1211 86.45 32.14 73.13
N ARG G 1212 87.63 32.62 72.73
CA ARG G 1212 88.20 33.82 73.34
C ARG G 1212 87.75 35.09 72.61
N PHE G 1213 87.49 35.01 71.31
CA PHE G 1213 87.19 36.18 70.51
C PHE G 1213 85.82 36.09 69.82
N PHE G 1214 85.03 35.07 70.16
CA PHE G 1214 83.72 34.90 69.54
C PHE G 1214 82.81 36.09 69.86
N ALA G 1215 82.82 36.54 71.11
CA ALA G 1215 81.99 37.69 71.49
C ALA G 1215 82.45 38.95 70.77
N ILE G 1216 83.75 39.16 70.67
CA ILE G 1216 84.26 40.36 69.99
C ILE G 1216 83.83 40.34 68.52
N CYS G 1217 83.90 39.19 67.87
CA CYS G 1217 83.46 39.07 66.48
C CYS G 1217 82.79 37.71 66.29
N GLY G 1218 81.55 37.74 65.81
CA GLY G 1218 80.83 36.52 65.47
C GLY G 1218 79.49 36.41 66.16
N LEU G 1219 79.42 36.86 67.41
CA LEU G 1219 78.18 36.73 68.18
C LEU G 1219 77.11 37.68 67.67
N GLN G 1220 77.38 38.99 67.74
CA GLN G 1220 76.39 39.97 67.29
C GLN G 1220 76.15 39.84 65.80
N GLU G 1221 77.16 39.43 65.04
CA GLU G 1221 76.98 39.12 63.63
C GLU G 1221 76.11 37.90 63.41
N GLY G 1222 75.84 37.14 64.46
CA GLY G 1222 74.94 36.02 64.39
C GLY G 1222 75.60 34.67 64.21
N PHE G 1223 76.89 34.62 63.88
CA PHE G 1223 77.55 33.35 63.64
C PHE G 1223 77.45 32.46 64.88
N GLU G 1224 77.23 31.17 64.64
CA GLU G 1224 77.13 30.19 65.71
C GLU G 1224 78.37 29.29 65.71
N PRO G 1225 78.80 28.80 66.86
CA PRO G 1225 79.89 27.83 66.88
C PRO G 1225 79.53 26.55 66.12
N PHE G 1226 80.55 25.97 65.49
CA PHE G 1226 80.34 24.82 64.64
C PHE G 1226 79.76 23.64 65.41
N ALA G 1227 80.03 23.58 66.72
CA ALA G 1227 79.61 22.47 67.56
C ALA G 1227 78.85 22.96 68.80
N ILE G 1228 77.94 23.91 68.60
CA ILE G 1228 77.31 24.58 69.75
C ILE G 1228 76.55 23.60 70.61
N ASN G 1229 75.80 22.69 69.99
CA ASN G 1229 74.90 21.79 70.71
C ASN G 1229 75.20 20.34 70.31
N MET G 1230 76.48 19.99 70.33
CA MET G 1230 76.93 18.63 70.11
C MET G 1230 77.37 18.02 71.43
N GLN G 1231 76.81 16.86 71.76
CA GLN G 1231 77.12 16.21 73.04
CA GLN G 1231 77.12 16.24 73.04
C GLN G 1231 78.56 15.73 73.07
N ARG G 1232 79.04 15.17 71.98
CA ARG G 1232 80.37 14.60 71.91
C ARG G 1232 81.28 15.45 71.02
N PRO G 1233 82.58 15.46 71.29
CA PRO G 1233 83.50 16.23 70.45
C PRO G 1233 83.45 15.77 69.00
N VAL G 1234 83.61 16.73 68.09
CA VAL G 1234 83.56 16.42 66.67
C VAL G 1234 84.65 15.42 66.32
N THR G 1235 84.28 14.37 65.59
CA THR G 1235 85.25 13.40 65.15
C THR G 1235 86.11 13.97 64.04
N THR G 1236 87.41 13.68 64.10
CA THR G 1236 88.38 14.24 63.16
C THR G 1236 89.05 13.14 62.37
N TRP G 1237 89.50 13.50 61.18
CA TRP G 1237 90.31 12.63 60.35
C TRP G 1237 91.60 13.36 60.00
N PHE G 1238 92.67 12.60 59.85
CA PHE G 1238 93.98 13.17 59.57
C PHE G 1238 94.64 12.44 58.40
N SER G 1239 95.52 13.16 57.73
CA SER G 1239 96.27 12.58 56.62
C SER G 1239 97.41 11.72 57.15
N LYS G 1240 97.30 10.42 56.92
CA LYS G 1240 98.30 9.44 57.35
C LYS G 1240 99.21 9.17 56.16
N SER G 1241 100.51 9.38 56.36
CA SER G 1241 101.49 9.28 55.29
C SER G 1241 101.95 7.86 55.04
N LEU G 1242 101.37 6.88 55.73
CA LEU G 1242 101.70 5.49 55.45
C LEU G 1242 101.20 5.13 54.06
N PRO G 1243 102.08 4.74 53.12
CA PRO G 1243 101.61 4.37 51.79
C PRO G 1243 100.84 3.07 51.81
N GLN G 1244 99.72 3.05 51.09
CA GLN G 1244 98.90 1.87 50.94
C GLN G 1244 98.52 1.69 49.48
N PHE G 1245 98.26 0.44 49.10
CA PHE G 1245 97.92 0.10 47.73
C PHE G 1245 96.42 0.35 47.52
N GLU G 1246 96.10 1.06 46.45
CA GLU G 1246 94.74 1.40 46.11
C GLU G 1246 94.49 1.10 44.65
N PRO G 1247 93.25 0.77 44.27
CA PRO G 1247 92.96 0.49 42.86
C PRO G 1247 93.30 1.68 41.98
N VAL G 1248 93.82 1.40 40.79
CA VAL G 1248 94.13 2.47 39.86
C VAL G 1248 92.84 3.16 39.44
N PRO G 1249 92.69 4.46 39.64
CA PRO G 1249 91.43 5.12 39.26
C PRO G 1249 91.17 4.97 37.77
N PRO G 1250 89.92 4.69 37.38
CA PRO G 1250 89.62 4.61 35.94
C PRO G 1250 89.91 5.91 35.20
N GLU G 1251 89.75 7.05 35.88
CA GLU G 1251 89.92 8.36 35.27
C GLU G 1251 91.29 8.96 35.55
N HIS G 1252 92.25 8.15 35.96
CA HIS G 1252 93.59 8.68 36.26
C HIS G 1252 94.16 9.36 35.03
N PRO G 1253 94.61 10.61 35.14
CA PRO G 1253 95.06 11.33 33.93
C PRO G 1253 96.22 10.68 33.21
N HIS G 1254 97.14 10.05 33.95
CA HIS G 1254 98.40 9.59 33.36
C HIS G 1254 98.48 8.10 33.14
N TYR G 1255 97.81 7.29 33.96
CA TYR G 1255 97.97 5.85 33.92
C TYR G 1255 96.66 5.18 33.54
N GLU G 1256 96.74 4.24 32.61
CA GLU G 1256 95.58 3.48 32.14
C GLU G 1256 95.88 2.00 32.25
N VAL G 1257 94.91 1.24 32.74
CA VAL G 1257 95.03 -0.21 32.87
C VAL G 1257 93.97 -0.84 31.97
N ALA G 1258 94.39 -1.72 31.08
CA ALA G 1258 93.51 -2.39 30.13
C ALA G 1258 93.46 -3.87 30.45
N ARG G 1259 92.26 -4.41 30.63
CA ARG G 1259 92.05 -5.83 30.84
C ARG G 1259 91.89 -6.48 29.47
N MET G 1260 92.92 -7.23 29.06
CA MET G 1260 92.95 -7.86 27.74
C MET G 1260 92.47 -9.30 27.85
N ASP G 1261 91.43 -9.62 27.07
CA ASP G 1261 90.88 -10.96 27.07
C ASP G 1261 91.87 -11.95 26.46
N GLY G 1262 91.89 -13.16 27.01
CA GLY G 1262 92.83 -14.16 26.54
C GLY G 1262 92.38 -14.76 25.22
N THR G 1263 93.34 -14.95 24.32
CA THR G 1263 93.13 -15.61 23.05
C THR G 1263 93.65 -17.05 23.13
N VAL G 1264 93.59 -17.76 22.00
CA VAL G 1264 94.16 -19.11 21.96
C VAL G 1264 95.68 -19.05 22.04
N ASP G 1265 96.28 -18.04 21.40
CA ASP G 1265 97.73 -17.91 21.41
C ASP G 1265 98.23 -17.13 22.62
N THR G 1266 97.38 -16.26 23.18
CA THR G 1266 97.81 -15.38 24.27
C THR G 1266 96.94 -15.59 25.50
N PRO G 1267 97.50 -15.40 26.69
CA PRO G 1267 96.71 -15.55 27.92
C PRO G 1267 96.00 -14.26 28.28
N PRO G 1268 95.13 -14.29 29.28
CA PRO G 1268 94.57 -13.03 29.80
C PRO G 1268 95.67 -12.14 30.35
N CYS G 1269 95.46 -10.83 30.23
CA CYS G 1269 96.49 -9.87 30.56
C CYS G 1269 95.87 -8.59 31.10
N LEU G 1270 96.68 -7.89 31.91
CA LEU G 1270 96.38 -6.55 32.40
C LEU G 1270 97.54 -5.66 31.97
N ARG G 1271 97.27 -4.76 31.03
CA ARG G 1271 98.31 -3.97 30.40
C ARG G 1271 98.28 -2.54 30.92
N LEU G 1272 99.46 -1.99 31.21
CA LEU G 1272 99.56 -0.62 31.68
C LEU G 1272 100.06 0.27 30.54
N ALA G 1273 99.46 1.45 30.43
CA ALA G 1273 99.82 2.43 29.42
C ALA G 1273 99.94 3.80 30.06
N HIS G 1274 100.80 4.63 29.49
CA HIS G 1274 101.00 6.00 29.98
C HIS G 1274 100.16 6.94 29.13
N ARG G 1275 99.14 7.51 29.75
CA ARG G 1275 98.16 8.32 29.02
C ARG G 1275 98.80 9.60 28.47
N THR G 1276 99.67 10.23 29.25
CA THR G 1276 100.19 11.56 28.95
C THR G 1276 101.62 11.54 28.46
N TRP G 1277 102.10 10.42 27.93
CA TRP G 1277 103.50 10.32 27.53
C TRP G 1277 103.81 11.28 26.39
N GLY G 1278 105.05 11.76 26.35
CA GLY G 1278 105.51 12.63 25.29
C GLY G 1278 104.73 13.92 25.22
N SER G 1279 104.43 14.50 26.38
CA SER G 1279 103.66 15.73 26.46
C SER G 1279 104.06 16.49 27.71
N GLN G 1280 104.13 17.81 27.59
CA GLN G 1280 104.29 18.64 28.77
C GLN G 1280 103.07 18.51 29.65
N ASN G 1281 103.30 18.55 30.97
CA ASN G 1281 102.40 18.18 32.08
C ASN G 1281 102.46 16.69 32.39
N SER G 1282 103.22 15.90 31.63
CA SER G 1282 103.27 14.47 31.88
C SER G 1282 103.92 14.18 33.24
N LEU G 1283 103.49 13.08 33.85
CA LEU G 1283 104.01 12.64 35.13
C LEU G 1283 104.90 11.42 34.91
N VAL G 1284 106.19 11.57 35.21
CA VAL G 1284 107.16 10.48 35.10
C VAL G 1284 107.80 10.32 36.47
N GLU G 1285 107.41 9.26 37.18
CA GLU G 1285 107.95 8.96 38.50
C GLU G 1285 107.72 7.49 38.77
N MET G 1286 108.43 6.98 39.78
CA MET G 1286 108.35 5.56 40.08
C MET G 1286 106.92 5.15 40.38
N LEU G 1287 106.54 4.00 39.83
CA LEU G 1287 105.19 3.45 39.97
C LEU G 1287 105.30 2.09 40.61
N PHE G 1288 104.67 1.93 41.77
CA PHE G 1288 104.63 0.67 42.50
C PHE G 1288 103.25 0.06 42.32
N LEU G 1289 103.18 -1.12 41.71
CA LEU G 1289 101.93 -1.76 41.40
C LEU G 1289 101.94 -3.17 41.95
N ARG G 1290 100.75 -3.62 42.37
CA ARG G 1290 100.58 -5.03 42.71
C ARG G 1290 99.22 -5.48 42.19
N LEU G 1291 98.97 -6.77 42.29
CA LEU G 1291 97.66 -7.32 42.02
C LEU G 1291 96.85 -7.40 43.31
N SER G 1292 95.53 -7.28 43.17
CA SER G 1292 94.67 -7.13 44.33
C SER G 1292 94.62 -8.37 45.21
N LEU G 1293 94.93 -9.55 44.67
CA LEU G 1293 94.73 -10.76 45.43
C LEU G 1293 96.06 -11.49 45.65
N PRO G 1294 96.24 -12.12 46.81
CA PRO G 1294 97.49 -12.84 47.07
C PRO G 1294 97.43 -14.32 46.73
N VAL G 1295 98.60 -14.96 46.76
CA VAL G 1295 98.72 -16.40 46.84
C VAL G 1295 99.28 -16.73 48.21
N GLN G 1296 98.69 -17.73 48.88
CA GLN G 1296 99.05 -18.08 50.24
C GLN G 1296 99.72 -19.44 50.25
N PHE G 1297 100.87 -19.52 50.91
CA PHE G 1297 101.62 -20.77 50.98
C PHE G 1297 100.98 -21.72 51.98
N HIS G 1298 101.25 -23.01 51.80
CA HIS G 1298 100.64 -24.03 52.65
C HIS G 1298 101.10 -23.85 54.09
N GLN G 1299 100.23 -24.28 55.02
CA GLN G 1299 100.59 -24.24 56.43
C GLN G 1299 101.75 -25.17 56.73
N HIS G 1300 101.74 -26.36 56.15
CA HIS G 1300 102.77 -27.36 56.36
C HIS G 1300 103.48 -27.66 55.04
N PHE G 1301 104.79 -27.51 55.04
CA PHE G 1301 105.59 -27.75 53.84
C PHE G 1301 105.95 -29.22 53.76
N ARG G 1302 105.93 -29.74 52.53
CA ARG G 1302 106.17 -31.16 52.33
C ARG G 1302 107.57 -31.55 52.78
N CYS G 1303 107.65 -32.65 53.52
CA CYS G 1303 108.95 -33.16 53.94
C CYS G 1303 109.71 -33.70 52.73
N THR G 1304 111.00 -33.45 52.71
CA THR G 1304 111.80 -33.80 51.53
C THR G 1304 111.97 -35.31 51.44
N ASP G 1419 103.51 -30.49 20.54
CA ASP G 1419 103.83 -30.92 21.91
C ASP G 1419 103.36 -29.82 22.88
N ASN G 1420 103.93 -29.73 24.07
CA ASN G 1420 103.55 -28.69 25.04
C ASN G 1420 102.15 -28.93 25.59
N ARG G 1421 101.85 -30.20 25.89
CA ARG G 1421 100.59 -30.58 26.51
C ARG G 1421 100.85 -31.00 27.95
N ASP G 1422 100.08 -30.46 28.88
CA ASP G 1422 100.25 -30.81 30.28
C ASP G 1422 99.83 -32.24 30.53
N ASP G 1423 100.65 -32.97 31.27
CA ASP G 1423 100.24 -34.28 31.74
C ASP G 1423 99.15 -34.12 32.80
N PRO G 1424 98.00 -34.78 32.65
CA PRO G 1424 96.92 -34.54 33.61
C PRO G 1424 97.32 -34.80 35.05
N GLU G 1425 97.93 -35.94 35.33
CA GLU G 1425 98.25 -36.26 36.72
C GLU G 1425 99.21 -35.23 37.30
N ILE G 1426 100.25 -34.87 36.55
CA ILE G 1426 101.24 -33.92 37.04
C ILE G 1426 100.58 -32.57 37.30
N ILE G 1427 99.83 -32.06 36.32
CA ILE G 1427 99.27 -30.72 36.46
C ILE G 1427 98.18 -30.66 37.51
N LEU G 1428 97.49 -31.77 37.76
CA LEU G 1428 96.47 -31.80 38.81
C LEU G 1428 97.05 -32.02 40.20
N ASN G 1429 98.24 -32.61 40.32
CA ASN G 1429 98.86 -32.83 41.62
C ASN G 1429 99.99 -31.86 41.93
N THR G 1430 100.30 -30.94 41.02
CA THR G 1430 101.40 -30.01 41.25
C THR G 1430 100.98 -28.88 42.20
N THR G 1431 101.97 -28.33 42.90
CA THR G 1431 101.79 -27.19 43.77
C THR G 1431 102.52 -25.96 43.26
N THR G 1432 102.87 -25.93 41.98
CA THR G 1432 103.65 -24.86 41.38
C THR G 1432 102.76 -23.97 40.54
N TYR G 1433 102.94 -22.66 40.69
CA TYR G 1433 102.13 -21.65 40.03
C TYR G 1433 103.04 -20.62 39.39
N TYR G 1434 102.49 -19.95 38.37
CA TYR G 1434 103.28 -19.15 37.45
C TYR G 1434 102.50 -17.88 37.08
N TYR G 1435 103.24 -16.79 36.91
CA TYR G 1435 102.72 -15.66 36.14
C TYR G 1435 103.90 -15.04 35.41
N SER G 1436 103.63 -14.07 34.54
CA SER G 1436 104.71 -13.40 33.85
C SER G 1436 104.40 -11.92 33.68
N VAL G 1437 105.45 -11.15 33.41
CA VAL G 1437 105.36 -9.73 33.13
C VAL G 1437 106.09 -9.47 31.83
N ARG G 1438 105.38 -8.90 30.86
CA ARG G 1438 105.97 -8.53 29.59
C ARG G 1438 106.28 -7.04 29.60
N VAL G 1439 107.57 -6.70 29.53
CA VAL G 1439 108.05 -5.33 29.43
C VAL G 1439 108.14 -5.00 27.96
N PHE G 1440 107.36 -4.02 27.53
CA PHE G 1440 107.25 -3.73 26.10
C PHE G 1440 108.52 -3.07 25.58
N ALA G 1441 108.77 -3.25 24.28
CA ALA G 1441 109.89 -2.59 23.64
C ALA G 1441 109.76 -1.09 23.79
N GLY G 1442 110.88 -0.43 24.11
CA GLY G 1442 110.88 0.97 24.42
C GLY G 1442 110.83 1.29 25.90
N GLN G 1443 110.48 0.31 26.73
CA GLN G 1443 110.50 0.45 28.18
C GLN G 1443 111.79 -0.15 28.69
N GLU G 1444 112.61 0.65 29.36
CA GLU G 1444 113.92 0.19 29.79
C GLU G 1444 113.77 -0.86 30.89
N PRO G 1445 114.26 -2.07 30.70
CA PRO G 1445 114.21 -3.07 31.79
C PRO G 1445 114.96 -2.62 33.04
N SER G 1446 116.03 -1.85 32.87
CA SER G 1446 116.78 -1.35 34.02
C SER G 1446 115.88 -0.55 34.95
N CYS G 1447 114.81 0.03 34.41
CA CYS G 1447 113.84 0.78 35.20
C CYS G 1447 112.73 -0.10 35.74
N VAL G 1448 112.79 -1.41 35.55
CA VAL G 1448 111.71 -2.32 35.89
C VAL G 1448 112.21 -3.33 36.93
N TRP G 1449 111.37 -3.60 37.93
CA TRP G 1449 111.58 -4.67 38.88
C TRP G 1449 110.33 -5.53 38.91
N VAL G 1450 110.52 -6.86 38.98
CA VAL G 1450 109.43 -7.81 38.91
C VAL G 1450 109.57 -8.82 40.05
N GLY G 1451 108.45 -9.20 40.64
CA GLY G 1451 108.44 -10.17 41.71
C GLY G 1451 107.19 -10.14 42.54
N TRP G 1452 107.35 -10.19 43.87
CA TRP G 1452 106.24 -10.25 44.80
C TRP G 1452 106.47 -9.29 45.95
N VAL G 1453 105.38 -8.91 46.62
CA VAL G 1453 105.43 -8.10 47.83
C VAL G 1453 104.51 -8.74 48.86
N THR G 1454 104.95 -8.72 50.12
CA THR G 1454 104.10 -9.08 51.23
C THR G 1454 103.12 -7.94 51.54
N PRO G 1455 102.04 -8.23 52.26
CA PRO G 1455 101.05 -7.18 52.55
C PRO G 1455 101.54 -6.08 53.48
N ASP G 1456 102.82 -6.12 53.86
CA ASP G 1456 103.39 -5.12 54.74
C ASP G 1456 104.39 -4.22 54.01
N TYR G 1457 104.32 -4.19 52.69
CA TYR G 1457 105.17 -3.30 51.91
C TYR G 1457 104.53 -1.92 51.88
N HIS G 1458 105.21 -0.94 52.49
CA HIS G 1458 104.73 0.43 52.55
C HIS G 1458 105.81 1.43 52.15
N GLN G 1459 106.78 0.99 51.34
CA GLN G 1459 107.95 1.78 51.02
C GLN G 1459 107.74 2.46 49.66
N HIS G 1460 107.56 3.76 49.69
CA HIS G 1460 107.29 4.56 48.48
C HIS G 1460 108.54 5.38 48.20
N ASP G 1461 109.48 4.79 47.46
CA ASP G 1461 110.80 5.37 47.26
C ASP G 1461 110.96 5.76 45.79
N MET G 1462 111.07 7.06 45.53
CA MET G 1462 111.36 7.52 44.18
C MET G 1462 112.70 6.99 43.70
N ASN G 1463 113.70 6.98 44.57
CA ASN G 1463 115.04 6.51 44.22
C ASN G 1463 115.19 5.03 44.59
N PHE G 1464 114.34 4.22 43.97
CA PHE G 1464 114.21 2.82 44.35
C PHE G 1464 115.37 1.99 43.82
N ASP G 1465 115.81 1.03 44.64
CA ASP G 1465 116.78 0.02 44.24
C ASP G 1465 116.59 -1.17 45.16
N LEU G 1466 116.98 -2.35 44.66
CA LEU G 1466 116.83 -3.56 45.46
C LEU G 1466 117.62 -3.50 46.76
N SER G 1467 118.62 -2.63 46.85
CA SER G 1467 119.32 -2.42 48.11
C SER G 1467 118.42 -1.79 49.17
N LYS G 1468 117.34 -1.12 48.75
CA LYS G 1468 116.43 -0.46 49.68
C LYS G 1468 115.42 -1.43 50.29
N VAL G 1469 115.38 -2.68 49.81
CA VAL G 1469 114.43 -3.63 50.34
C VAL G 1469 114.74 -3.94 51.79
N ARG G 1470 113.72 -3.88 52.63
CA ARG G 1470 113.90 -4.26 54.03
C ARG G 1470 114.28 -5.73 54.11
N ALA G 1471 115.24 -6.03 54.97
CA ALA G 1471 115.69 -7.40 55.16
C ALA G 1471 116.15 -7.58 56.59
N VAL G 1472 115.99 -8.80 57.11
CA VAL G 1472 116.45 -9.12 58.45
C VAL G 1472 116.72 -10.62 58.50
N THR G 1473 117.61 -11.02 59.40
CA THR G 1473 117.91 -12.43 59.60
C THR G 1473 117.77 -12.75 61.09
N VAL G 1474 116.93 -13.74 61.38
CA VAL G 1474 116.73 -14.22 62.74
C VAL G 1474 117.52 -15.52 62.88
N THR G 1475 118.47 -15.55 63.80
CA THR G 1475 119.33 -16.70 64.00
C THR G 1475 119.14 -17.24 65.41
N MET G 1476 118.75 -18.50 65.51
CA MET G 1476 118.58 -19.19 66.78
C MET G 1476 119.60 -20.32 66.87
N GLY G 1477 120.28 -20.40 68.02
CA GLY G 1477 121.27 -21.43 68.25
C GLY G 1477 121.17 -21.96 69.65
N ASP G 1478 121.98 -22.98 69.93
CA ASP G 1478 122.06 -23.52 71.27
C ASP G 1478 122.62 -22.47 72.21
N GLU G 1479 122.74 -22.83 73.49
CA GLU G 1479 123.29 -21.91 74.47
C GLU G 1479 124.63 -21.35 74.00
N GLN G 1480 125.49 -22.21 73.46
CA GLN G 1480 126.74 -21.79 72.85
C GLN G 1480 126.67 -22.07 71.35
N GLY G 1481 126.83 -21.01 70.55
CA GLY G 1481 126.83 -21.13 69.10
C GLY G 1481 125.79 -22.10 68.60
N ASN G 1482 126.22 -23.13 67.87
CA ASN G 1482 125.30 -24.19 67.46
C ASN G 1482 124.04 -23.62 66.83
N VAL G 1483 124.18 -22.91 65.72
CA VAL G 1483 123.01 -22.30 65.10
C VAL G 1483 122.06 -23.39 64.64
N HIS G 1484 120.90 -23.47 65.29
CA HIS G 1484 119.85 -24.37 64.83
C HIS G 1484 119.19 -23.84 63.56
N SER G 1485 118.91 -22.54 63.52
CA SER G 1485 118.10 -21.98 62.45
C SER G 1485 118.59 -20.58 62.09
N SER G 1486 118.46 -20.23 60.82
CA SER G 1486 118.73 -18.90 60.32
C SER G 1486 117.71 -18.58 59.23
N LEU G 1487 116.82 -17.64 59.51
CA LEU G 1487 115.71 -17.31 58.64
C LEU G 1487 115.85 -15.89 58.13
N LYS G 1488 115.68 -15.71 56.83
CA LYS G 1488 115.70 -14.39 56.21
C LYS G 1488 114.29 -13.91 55.95
N CYS G 1489 113.98 -12.70 56.40
CA CYS G 1489 112.66 -12.11 56.27
C CYS G 1489 112.76 -10.81 55.48
N SER G 1490 111.85 -10.64 54.54
CA SER G 1490 111.82 -9.48 53.68
C SER G 1490 110.39 -9.30 53.16
N ASN G 1491 110.00 -8.03 53.00
CA ASN G 1491 108.65 -7.75 52.49
C ASN G 1491 108.62 -7.80 50.97
N CYS G 1492 109.78 -7.71 50.33
CA CYS G 1492 109.88 -7.59 48.88
C CYS G 1492 110.80 -8.67 48.34
N TYR G 1493 110.32 -9.39 47.32
CA TYR G 1493 111.09 -10.41 46.62
C TYR G 1493 110.98 -10.11 45.13
N MET G 1494 112.09 -9.73 44.52
CA MET G 1494 112.04 -9.24 43.14
C MET G 1494 113.35 -9.51 42.42
N VAL G 1495 113.30 -9.30 41.11
CA VAL G 1495 114.45 -9.41 40.23
C VAL G 1495 114.54 -8.14 39.39
N TRP G 1496 115.76 -7.74 39.06
CA TRP G 1496 115.98 -6.54 38.28
C TRP G 1496 116.15 -6.89 36.81
N GLY G 1497 115.46 -6.15 35.95
CA GLY G 1497 115.56 -6.41 34.51
C GLY G 1497 116.94 -6.10 33.96
N GLY G 1498 117.70 -5.29 34.67
CA GLY G 1498 119.09 -5.06 34.30
C GLY G 1498 119.94 -6.29 34.44
N ASP G 1499 119.52 -7.22 35.29
CA ASP G 1499 120.21 -8.50 35.44
C ASP G 1499 119.95 -9.44 34.26
N PHE G 1500 118.86 -9.22 33.53
CA PHE G 1500 118.50 -10.08 32.41
C PHE G 1500 118.79 -9.45 31.05
N VAL G 1501 118.95 -8.13 30.99
CA VAL G 1501 119.30 -7.50 29.72
C VAL G 1501 120.71 -7.99 29.33
N SER G 1502 120.84 -8.57 28.15
CA SER G 1502 122.15 -8.95 27.67
C SER G 1502 122.99 -7.68 27.48
N PRO G 1503 124.31 -7.75 27.57
CA PRO G 1503 125.10 -6.52 27.49
C PRO G 1503 125.01 -5.94 26.09
N GLY G 1504 124.18 -4.90 25.97
CA GLY G 1504 123.91 -4.26 24.70
C GLY G 1504 123.78 -2.76 24.86
N GLN G 1505 124.49 -2.19 25.84
CA GLN G 1505 124.42 -0.75 26.06
C GLN G 1505 124.50 0.02 24.74
N GLN G 1506 125.29 -0.48 23.80
CA GLN G 1506 125.29 0.06 22.46
C GLN G 1506 123.98 -0.30 21.77
N GLY G 1507 123.24 0.71 21.33
CA GLY G 1507 121.89 0.48 20.87
C GLY G 1507 121.03 -0.04 22.02
N ARG G 1508 121.14 0.61 23.18
CA ARG G 1508 120.48 0.11 24.38
C ARG G 1508 118.99 -0.14 24.13
N ILE G 1509 118.34 0.75 23.39
CA ILE G 1509 116.93 0.54 23.06
C ILE G 1509 116.78 -0.73 22.25
N SER G 1510 115.85 -1.58 22.66
CA SER G 1510 115.67 -2.90 22.06
C SER G 1510 114.27 -3.01 21.47
N HIS G 1511 114.20 -3.42 20.20
CA HIS G 1511 112.92 -3.67 19.56
C HIS G 1511 112.18 -4.83 20.21
N THR G 1512 112.90 -5.71 20.90
CA THR G 1512 112.29 -6.88 21.49
C THR G 1512 111.59 -6.55 22.80
N ASP G 1513 110.77 -7.48 23.27
CA ASP G 1513 110.03 -7.37 24.52
C ASP G 1513 110.60 -8.37 25.51
N LEU G 1514 110.66 -7.98 26.78
CA LEU G 1514 111.28 -8.83 27.80
C LEU G 1514 110.20 -9.48 28.66
N VAL G 1515 110.12 -10.80 28.65
CA VAL G 1515 109.09 -11.54 29.36
C VAL G 1515 109.72 -12.22 30.57
N ILE G 1516 109.54 -11.64 31.75
CA ILE G 1516 110.06 -12.19 32.99
C ILE G 1516 108.99 -13.07 33.62
N GLY G 1517 109.33 -14.31 33.91
CA GLY G 1517 108.39 -15.26 34.51
C GLY G 1517 108.71 -15.49 35.97
N CYS G 1518 107.66 -15.61 36.78
CA CYS G 1518 107.79 -15.81 38.21
C CYS G 1518 107.05 -17.09 38.59
N LEU G 1519 107.75 -17.99 39.28
CA LEU G 1519 107.23 -19.30 39.67
C LEU G 1519 107.31 -19.44 41.18
N VAL G 1520 106.30 -20.05 41.78
CA VAL G 1520 106.26 -20.30 43.21
C VAL G 1520 105.72 -21.71 43.47
N ASP G 1521 106.40 -22.45 44.34
CA ASP G 1521 105.90 -23.73 44.82
C ASP G 1521 105.28 -23.51 46.20
N LEU G 1522 103.96 -23.59 46.28
CA LEU G 1522 103.25 -23.26 47.51
C LEU G 1522 103.35 -24.34 48.57
N ALA G 1523 104.16 -25.38 48.35
CA ALA G 1523 104.37 -26.43 49.33
C ALA G 1523 105.80 -26.49 49.85
N THR G 1524 106.77 -25.93 49.14
CA THR G 1524 108.14 -25.86 49.61
C THR G 1524 108.56 -24.43 49.97
N GLY G 1525 107.73 -23.44 49.67
CA GLY G 1525 108.11 -22.06 49.89
C GLY G 1525 109.25 -21.60 49.02
N LEU G 1526 109.30 -22.07 47.77
CA LEU G 1526 110.40 -21.77 46.86
C LEU G 1526 109.90 -20.85 45.75
N MET G 1527 110.67 -19.81 45.46
CA MET G 1527 110.33 -18.83 44.45
C MET G 1527 111.49 -18.71 43.47
N THR G 1528 111.19 -18.82 42.18
CA THR G 1528 112.20 -18.78 41.13
C THR G 1528 111.73 -17.90 39.99
N PHE G 1529 112.68 -17.55 39.11
CA PHE G 1529 112.43 -16.60 38.04
C PHE G 1529 113.06 -17.08 36.74
N THR G 1530 112.44 -16.65 35.64
CA THR G 1530 112.91 -16.93 34.29
C THR G 1530 113.01 -15.62 33.51
N ALA G 1531 114.00 -15.53 32.63
CA ALA G 1531 114.24 -14.30 31.89
C ALA G 1531 113.50 -14.26 30.56
N ASN G 1532 113.79 -15.22 29.68
CA ASN G 1532 113.04 -15.40 28.43
C ASN G 1532 112.89 -16.90 28.18
N GLY G 1533 112.52 -17.64 29.21
CA GLY G 1533 112.61 -19.09 29.21
C GLY G 1533 113.91 -19.62 29.75
N LYS G 1534 114.83 -18.75 30.14
CA LYS G 1534 116.11 -19.11 30.73
C LYS G 1534 116.03 -18.88 32.23
N GLU G 1535 116.43 -19.88 33.00
CA GLU G 1535 116.30 -19.82 34.45
C GLU G 1535 117.28 -18.78 35.01
N SER G 1536 116.77 -17.91 35.86
CA SER G 1536 117.63 -16.96 36.55
C SER G 1536 118.23 -17.62 37.80
N ASN G 1537 119.35 -17.06 38.25
CA ASN G 1537 120.02 -17.59 39.44
C ASN G 1537 119.29 -17.19 40.71
N THR G 1538 118.58 -16.06 40.71
CA THR G 1538 117.91 -15.60 41.92
C THR G 1538 116.83 -16.58 42.33
N PHE G 1539 116.81 -16.90 43.62
CA PHE G 1539 115.79 -17.76 44.21
C PHE G 1539 115.51 -17.28 45.62
N PHE G 1540 114.29 -17.52 46.09
CA PHE G 1540 113.89 -17.12 47.43
C PHE G 1540 113.23 -18.28 48.15
N GLN G 1541 113.40 -18.28 49.47
CA GLN G 1541 112.77 -19.26 50.34
C GLN G 1541 111.94 -18.51 51.39
N VAL G 1542 110.66 -18.85 51.49
CA VAL G 1542 109.73 -18.16 52.39
C VAL G 1542 109.04 -19.19 53.26
N GLU G 1543 108.60 -18.75 54.43
CA GLU G 1543 107.98 -19.63 55.40
C GLU G 1543 106.53 -19.93 55.02
N PRO G 1544 105.96 -21.01 55.57
CA PRO G 1544 104.57 -21.36 55.25
C PRO G 1544 103.59 -20.32 55.77
N ASN G 1545 102.39 -20.33 55.19
CA ASN G 1545 101.28 -19.41 55.48
C ASN G 1545 101.60 -17.99 55.02
N THR G 1546 102.68 -17.79 54.28
CA THR G 1546 103.01 -16.47 53.77
C THR G 1546 102.07 -16.09 52.62
N LYS G 1547 101.67 -14.82 52.61
CA LYS G 1547 100.86 -14.27 51.52
C LYS G 1547 101.75 -13.41 50.64
N LEU G 1548 101.63 -13.57 49.33
CA LEU G 1548 102.41 -12.79 48.38
C LEU G 1548 101.53 -12.28 47.25
N PHE G 1549 101.68 -11.01 46.93
CA PHE G 1549 100.99 -10.39 45.82
C PHE G 1549 101.93 -10.25 44.64
N PRO G 1550 101.51 -10.58 43.42
CA PRO G 1550 102.31 -10.21 42.25
C PRO G 1550 102.53 -8.71 42.24
N ALA G 1551 103.75 -8.29 41.95
CA ALA G 1551 104.12 -6.89 42.06
C ALA G 1551 105.11 -6.51 40.97
N VAL G 1552 104.97 -5.27 40.49
CA VAL G 1552 105.89 -4.70 39.50
C VAL G 1552 106.18 -3.26 39.92
N PHE G 1553 107.46 -2.92 40.00
CA PHE G 1553 107.90 -1.56 40.24
C PHE G 1553 108.60 -1.07 38.97
N VAL G 1554 108.17 0.07 38.45
CA VAL G 1554 108.60 0.50 37.13
C VAL G 1554 108.70 2.02 37.07
N LEU G 1555 109.70 2.50 36.33
CA LEU G 1555 109.79 3.91 35.96
C LEU G 1555 109.51 4.03 34.47
N PRO G 1556 108.36 4.57 34.05
CA PRO G 1556 108.02 4.54 32.62
C PRO G 1556 109.01 5.33 31.78
N THR G 1557 109.39 4.74 30.65
CA THR G 1557 110.14 5.42 29.61
C THR G 1557 109.43 5.34 28.27
N HIS G 1558 108.18 4.87 28.26
CA HIS G 1558 107.45 4.58 27.04
C HIS G 1558 105.96 4.66 27.36
N GLN G 1559 105.15 4.85 26.31
CA GLN G 1559 103.72 4.91 26.51
C GLN G 1559 103.12 3.53 26.78
N ASN G 1560 103.83 2.47 26.41
CA ASN G 1560 103.43 1.10 26.69
C ASN G 1560 104.51 0.48 27.58
N VAL G 1561 104.17 0.23 28.84
CA VAL G 1561 105.20 -0.10 29.83
C VAL G 1561 105.27 -1.61 30.05
N ILE G 1562 104.22 -2.18 30.64
CA ILE G 1562 104.25 -3.56 31.11
C ILE G 1562 102.89 -4.21 30.88
N GLN G 1563 102.88 -5.53 31.01
CA GLN G 1563 101.69 -6.35 30.84
C GLN G 1563 101.78 -7.52 31.82
N PHE G 1564 100.93 -7.51 32.85
CA PHE G 1564 100.74 -8.69 33.67
C PHE G 1564 100.08 -9.76 32.81
N GLU G 1565 100.80 -10.86 32.58
CA GLU G 1565 100.28 -11.97 31.79
C GLU G 1565 99.97 -13.10 32.76
N LEU G 1566 98.68 -13.41 32.89
CA LEU G 1566 98.21 -14.41 33.84
C LEU G 1566 98.00 -15.73 33.10
N GLY G 1567 99.13 -16.34 32.75
CA GLY G 1567 99.11 -17.57 31.99
C GLY G 1567 99.80 -18.71 32.71
N LYS G 1568 100.19 -19.73 31.96
CA LYS G 1568 100.79 -20.92 32.52
C LYS G 1568 101.93 -21.41 31.63
N GLN G 1569 102.84 -22.15 32.23
CA GLN G 1569 103.81 -22.95 31.51
C GLN G 1569 103.38 -24.40 31.54
N LYS G 1570 104.14 -25.25 30.84
CA LYS G 1570 103.76 -26.65 30.74
C LYS G 1570 103.91 -27.33 32.10
N ASN G 1571 102.82 -27.92 32.58
CA ASN G 1571 102.73 -28.59 33.88
C ASN G 1571 102.83 -27.62 35.05
N ILE G 1572 102.48 -26.35 34.84
CA ILE G 1572 102.43 -25.36 35.92
C ILE G 1572 101.07 -24.68 35.87
N MET G 1573 100.45 -24.51 37.03
CA MET G 1573 99.14 -23.88 37.09
C MET G 1573 99.27 -22.36 37.07
N PRO G 1574 98.22 -21.66 36.66
CA PRO G 1574 98.22 -20.20 36.71
C PRO G 1574 97.83 -19.69 38.09
N LEU G 1575 97.92 -18.37 38.26
CA LEU G 1575 97.63 -17.76 39.55
C LEU G 1575 96.16 -17.88 39.93
N SER G 1576 95.27 -18.04 38.95
CA SER G 1576 93.85 -18.14 39.26
C SER G 1576 93.56 -19.34 40.13
N ALA G 1577 94.21 -20.48 39.84
CA ALA G 1577 93.98 -21.69 40.61
C ALA G 1577 94.36 -21.48 42.07
N ALA G 1578 95.49 -20.81 42.32
CA ALA G 1578 95.91 -20.56 43.69
C ALA G 1578 95.04 -19.52 44.37
N MET G 1579 94.65 -18.47 43.65
CA MET G 1579 93.86 -17.40 44.25
C MET G 1579 92.47 -17.86 44.63
N PHE G 1580 91.85 -18.69 43.78
CA PHE G 1580 90.43 -19.02 43.91
C PHE G 1580 90.28 -20.51 44.15
N LEU G 1581 89.53 -20.84 45.20
CA LEU G 1581 89.35 -22.23 45.58
C LEU G 1581 88.64 -23.02 44.49
N SER G 1582 87.60 -22.44 43.90
CA SER G 1582 86.84 -23.15 42.87
C SER G 1582 87.70 -23.52 41.68
N GLU G 1583 88.79 -22.78 41.45
CA GLU G 1583 89.67 -23.01 40.33
C GLU G 1583 90.95 -23.73 40.71
N ARG G 1584 91.00 -24.30 41.93
CA ARG G 1584 92.22 -24.97 42.39
C ARG G 1584 92.66 -26.04 41.42
N LYS G 1585 91.72 -26.66 40.71
CA LYS G 1585 92.01 -27.78 39.83
C LYS G 1585 91.72 -27.44 38.37
N ASN G 1586 91.65 -26.16 38.03
CA ASN G 1586 91.36 -25.73 36.67
C ASN G 1586 92.58 -25.06 36.06
N PRO G 1587 93.31 -25.72 35.17
CA PRO G 1587 94.50 -25.08 34.57
C PRO G 1587 94.18 -23.90 33.67
N ALA G 1588 92.93 -23.78 33.22
CA ALA G 1588 92.62 -22.73 32.26
C ALA G 1588 92.87 -21.36 32.88
N PRO G 1589 93.77 -20.55 32.32
CA PRO G 1589 93.99 -19.22 32.89
C PRO G 1589 92.78 -18.32 32.72
N GLN G 1590 92.55 -17.47 33.73
CA GLN G 1590 91.43 -16.54 33.69
C GLN G 1590 91.63 -15.48 34.76
N CYS G 1591 91.14 -14.26 34.47
CA CYS G 1591 91.31 -13.11 35.34
C CYS G 1591 89.94 -12.56 35.73
N PRO G 1592 89.39 -12.95 36.88
CA PRO G 1592 88.08 -12.45 37.28
C PRO G 1592 88.12 -10.99 37.67
N PRO G 1593 86.97 -10.34 37.82
CA PRO G 1593 86.96 -8.90 38.12
C PRO G 1593 87.68 -8.53 39.40
N ARG G 1594 87.64 -9.38 40.43
CA ARG G 1594 88.28 -9.01 41.69
C ARG G 1594 89.77 -8.78 41.50
N LEU G 1595 90.40 -9.57 40.63
CA LEU G 1595 91.80 -9.34 40.32
C LEU G 1595 91.95 -8.05 39.54
N GLU G 1596 92.69 -7.10 40.10
CA GLU G 1596 92.85 -5.80 39.48
C GLU G 1596 94.18 -5.20 39.92
N VAL G 1597 94.62 -4.19 39.19
CA VAL G 1597 95.89 -3.54 39.46
C VAL G 1597 95.70 -2.48 40.53
N GLN G 1598 96.56 -2.49 41.54
CA GLN G 1598 96.56 -1.53 42.62
C GLN G 1598 97.87 -0.77 42.62
N MET G 1599 97.79 0.53 42.87
CA MET G 1599 98.93 1.41 42.83
C MET G 1599 99.18 2.00 44.21
N LEU G 1600 100.46 2.14 44.55
CA LEU G 1600 100.81 2.67 45.87
C LEU G 1600 100.48 4.15 45.95
N MET G 1601 99.71 4.52 46.97
CA MET G 1601 99.36 5.91 47.23
C MET G 1601 99.96 6.33 48.57
N PRO G 1602 100.82 7.36 48.59
CA PRO G 1602 101.57 7.66 49.82
C PRO G 1602 100.69 7.99 51.01
N VAL G 1603 99.57 8.69 50.80
CA VAL G 1603 98.81 9.27 51.90
C VAL G 1603 97.35 8.81 51.80
N SER G 1604 96.70 8.73 52.96
CA SER G 1604 95.31 8.32 53.05
C SER G 1604 94.67 8.93 54.29
N TRP G 1605 93.36 9.14 54.23
CA TRP G 1605 92.65 9.64 55.41
C TRP G 1605 92.52 8.53 56.45
N SER G 1606 92.69 8.90 57.72
CA SER G 1606 92.54 7.97 58.83
C SER G 1606 91.82 8.66 59.97
N ARG G 1607 90.89 7.94 60.59
CA ARG G 1607 90.11 8.49 61.68
C ARG G 1607 90.95 8.62 62.95
N MET G 1608 90.86 9.78 63.59
CA MET G 1608 91.57 10.03 64.85
C MET G 1608 90.77 9.46 66.01
N PRO G 1609 91.37 8.63 66.87
CA PRO G 1609 90.61 8.08 67.99
C PRO G 1609 90.05 9.17 68.90
N ASN G 1610 88.87 8.90 69.46
CA ASN G 1610 88.24 9.85 70.35
C ASN G 1610 88.98 9.96 71.68
N HIS G 1611 89.57 8.87 72.15
CA HIS G 1611 90.34 8.86 73.39
C HIS G 1611 91.71 8.23 73.13
N PHE G 1612 92.67 8.63 73.94
CA PHE G 1612 94.05 8.23 73.76
C PHE G 1612 94.61 7.72 75.08
N LEU G 1613 95.50 6.74 74.97
CA LEU G 1613 96.11 6.15 76.17
C LEU G 1613 96.85 7.23 76.95
N GLN G 1614 96.64 7.22 78.27
CA GLN G 1614 97.29 8.17 79.17
C GLN G 1614 98.55 7.54 79.71
N VAL G 1615 99.70 8.13 79.37
CA VAL G 1615 101.01 7.57 79.69
C VAL G 1615 101.74 8.56 80.58
N GLU G 1616 102.30 8.07 81.69
CA GLU G 1616 103.06 8.88 82.62
C GLU G 1616 104.54 8.59 82.45
N THR G 1617 105.32 9.62 82.15
CA THR G 1617 106.76 9.53 82.02
C THR G 1617 107.40 10.42 83.07
N ARG G 1618 108.42 9.90 83.73
CA ARG G 1618 109.11 10.68 84.76
C ARG G 1618 110.52 10.16 84.91
N ARG G 1619 111.31 10.87 85.71
CA ARG G 1619 112.62 10.40 86.14
C ARG G 1619 112.50 10.00 87.61
N ALA G 1620 112.40 8.70 87.87
CA ALA G 1620 112.23 8.25 89.24
C ALA G 1620 113.43 8.65 90.09
N GLY G 1621 114.62 8.59 89.52
CA GLY G 1621 115.83 8.95 90.24
C GLY G 1621 117.04 8.58 89.42
N GLU G 1622 118.20 8.90 89.98
CA GLU G 1622 119.46 8.62 89.30
C GLU G 1622 119.69 7.12 89.18
N ARG G 1623 119.42 6.36 90.24
CA ARG G 1623 119.62 4.92 90.19
C ARG G 1623 118.42 4.23 89.57
N LEU G 1624 117.21 4.68 89.89
CA LEU G 1624 116.00 4.00 89.42
C LEU G 1624 115.80 4.21 87.92
N GLY G 1625 116.28 5.31 87.37
CA GLY G 1625 116.15 5.55 85.95
C GLY G 1625 114.87 6.28 85.60
N TRP G 1626 114.44 6.08 84.35
CA TRP G 1626 113.27 6.79 83.83
C TRP G 1626 112.06 5.85 83.81
N ALA G 1627 110.95 6.30 84.38
CA ALA G 1627 109.79 5.46 84.61
C ALA G 1627 108.68 5.79 83.63
N VAL G 1628 108.08 4.74 83.07
CA VAL G 1628 106.94 4.83 82.15
C VAL G 1628 105.81 3.99 82.74
N GLN G 1629 104.61 4.55 82.76
CA GLN G 1629 103.47 3.89 83.37
C GLN G 1629 102.23 4.09 82.51
N CYS G 1630 101.47 3.00 82.30
CA CYS G 1630 100.14 3.06 81.69
C CYS G 1630 99.26 2.10 82.47
N GLN G 1631 98.15 2.62 83.01
CA GLN G 1631 97.31 1.86 83.92
C GLN G 1631 95.86 1.76 83.47
N ASP G 1632 95.39 2.65 82.62
CA ASP G 1632 93.97 2.69 82.24
C ASP G 1632 93.79 2.02 80.89
N PRO G 1633 92.86 1.08 80.75
CA PRO G 1633 92.73 0.35 79.48
C PRO G 1633 91.90 1.12 78.46
N LEU G 1634 92.20 0.87 77.20
CA LEU G 1634 91.41 1.36 76.07
C LEU G 1634 91.27 0.25 75.05
N THR G 1635 90.10 0.18 74.43
CA THR G 1635 89.79 -0.88 73.48
C THR G 1635 89.18 -0.27 72.23
N MET G 1636 89.41 -0.94 71.10
CA MET G 1636 88.84 -0.54 69.83
C MET G 1636 88.24 -1.75 69.13
N MET G 1637 87.13 -1.52 68.43
CA MET G 1637 86.52 -2.52 67.57
C MET G 1637 87.22 -2.48 66.22
N ALA G 1638 87.86 -3.60 65.85
CA ALA G 1638 88.71 -3.65 64.68
C ALA G 1638 88.04 -4.42 63.55
N LEU G 1639 88.04 -3.83 62.37
CA LEU G 1639 87.57 -4.45 61.15
C LEU G 1639 88.77 -4.94 60.37
N HIS G 1640 88.85 -6.25 60.13
CA HIS G 1640 90.02 -6.89 59.58
C HIS G 1640 89.75 -7.34 58.15
N ILE G 1641 90.57 -6.87 57.22
CA ILE G 1641 90.51 -7.34 55.84
C ILE G 1641 91.45 -8.55 55.72
N PRO G 1642 90.92 -9.76 55.49
CA PRO G 1642 91.80 -10.94 55.52
C PRO G 1642 92.84 -10.95 54.42
N GLU G 1643 92.46 -10.68 53.17
CA GLU G 1643 93.39 -10.80 52.06
C GLU G 1643 94.56 -9.86 52.20
N GLU G 1644 94.34 -8.69 52.82
CA GLU G 1644 95.39 -7.71 53.03
C GLU G 1644 96.02 -7.80 54.42
N ASN G 1645 95.43 -8.58 55.32
CA ASN G 1645 95.97 -8.76 56.67
C ASN G 1645 96.22 -7.42 57.34
N ARG G 1646 95.22 -6.54 57.30
CA ARG G 1646 95.27 -5.27 58.01
C ARG G 1646 93.94 -5.01 58.68
N CYS G 1647 93.94 -4.03 59.58
CA CYS G 1647 92.77 -3.70 60.37
C CYS G 1647 92.53 -2.19 60.36
N MET G 1648 91.27 -1.83 60.59
CA MET G 1648 90.89 -0.43 60.79
C MET G 1648 90.00 -0.38 62.02
N ASP G 1649 89.70 0.84 62.44
CA ASP G 1649 88.58 1.04 63.35
C ASP G 1649 87.27 0.88 62.57
N ILE G 1650 86.35 0.10 63.13
CA ILE G 1650 85.06 -0.09 62.48
C ILE G 1650 84.35 1.24 62.28
N LEU G 1651 84.75 2.27 63.00
CA LEU G 1651 84.14 3.59 62.91
C LEU G 1651 84.49 4.32 61.62
N GLU G 1652 85.51 3.87 60.89
CA GLU G 1652 85.82 4.47 59.59
C GLU G 1652 84.75 4.15 58.55
N LEU G 1653 83.84 3.24 58.86
CA LEU G 1653 82.75 2.92 57.95
C LEU G 1653 81.72 4.03 57.88
N SER G 1654 81.88 5.05 58.73
CA SER G 1654 81.10 6.26 58.60
C SER G 1654 81.41 6.99 57.29
N GLU G 1655 82.64 6.88 56.81
CA GLU G 1655 83.05 7.46 55.54
C GLU G 1655 83.28 6.42 54.46
N ARG G 1656 83.63 5.19 54.84
CA ARG G 1656 83.79 4.09 53.89
C ARG G 1656 82.44 3.39 53.76
N LEU G 1657 81.67 3.82 52.77
CA LEU G 1657 80.26 3.48 52.71
C LEU G 1657 80.03 2.11 52.07
N ASP G 1658 80.80 1.77 51.04
CA ASP G 1658 80.66 0.44 50.45
C ASP G 1658 80.92 -0.65 51.48
N LEU G 1659 81.96 -0.47 52.29
CA LEU G 1659 82.24 -1.39 53.38
C LEU G 1659 81.09 -1.41 54.38
N GLN G 1660 80.52 -0.23 54.67
CA GLN G 1660 79.38 -0.17 55.58
C GLN G 1660 78.22 -1.02 55.07
N ARG G 1661 77.86 -0.85 53.79
CA ARG G 1661 76.76 -1.63 53.25
C ARG G 1661 77.09 -3.11 53.25
N PHE G 1662 78.31 -3.48 52.85
CA PHE G 1662 78.66 -4.88 52.81
C PHE G 1662 78.57 -5.52 54.21
N HIS G 1663 79.07 -4.81 55.22
CA HIS G 1663 79.05 -5.37 56.57
C HIS G 1663 77.65 -5.41 57.15
N SER G 1664 76.82 -4.40 56.85
CA SER G 1664 75.44 -4.42 57.30
C SER G 1664 74.68 -5.59 56.69
N HIS G 1665 74.87 -5.84 55.39
CA HIS G 1665 74.25 -6.98 54.75
C HIS G 1665 74.85 -8.30 55.25
N THR G 1666 76.12 -8.30 55.66
CA THR G 1666 76.69 -9.46 56.33
C THR G 1666 75.98 -9.74 57.64
N LEU G 1667 75.67 -8.70 58.40
CA LEU G 1667 74.88 -8.87 59.62
C LEU G 1667 73.49 -9.39 59.30
N ARG G 1668 72.89 -8.89 58.21
CA ARG G 1668 71.62 -9.44 57.75
C ARG G 1668 71.74 -10.94 57.50
N LEU G 1669 72.81 -11.36 56.84
CA LEU G 1669 73.02 -12.78 56.57
C LEU G 1669 73.19 -13.57 57.85
N TYR G 1670 73.92 -13.00 58.82
CA TYR G 1670 74.07 -13.66 60.11
C TYR G 1670 72.73 -13.88 60.77
N ARG G 1671 71.86 -12.86 60.72
CA ARG G 1671 70.53 -13.02 61.29
C ARG G 1671 69.72 -14.05 60.52
N ALA G 1672 69.85 -14.05 59.20
CA ALA G 1672 69.07 -14.98 58.37
C ALA G 1672 69.44 -16.43 58.65
N VAL G 1673 70.73 -16.72 58.76
CA VAL G 1673 71.16 -18.11 58.93
C VAL G 1673 70.69 -18.66 60.28
N CYS G 1674 70.61 -17.81 61.30
CA CYS G 1674 70.12 -18.21 62.61
C CYS G 1674 68.62 -17.97 62.77
N ALA G 1675 67.96 -17.49 61.73
CA ALA G 1675 66.55 -17.14 61.83
C ALA G 1675 65.70 -18.36 62.16
N LEU G 1676 64.72 -18.14 63.04
CA LEU G 1676 63.61 -19.07 63.23
C LEU G 1676 64.08 -20.42 63.76
N GLY G 1677 64.87 -20.39 64.84
CA GLY G 1677 65.13 -21.57 65.64
C GLY G 1677 66.44 -22.29 65.39
N ASN G 1678 67.31 -21.77 64.51
CA ASN G 1678 68.59 -22.43 64.26
C ASN G 1678 69.57 -22.03 65.37
N ASN G 1679 69.32 -22.60 66.55
CA ASN G 1679 70.13 -22.30 67.72
C ASN G 1679 71.55 -22.82 67.55
N ARG G 1680 71.72 -23.89 66.77
CA ARG G 1680 73.06 -24.37 66.44
C ARG G 1680 73.84 -23.32 65.66
N VAL G 1681 73.21 -22.71 64.66
CA VAL G 1681 73.86 -21.64 63.91
C VAL G 1681 74.10 -20.43 64.80
N ALA G 1682 73.20 -20.19 65.75
CA ALA G 1682 73.42 -19.12 66.71
C ALA G 1682 74.67 -19.37 67.53
N HIS G 1683 74.85 -20.61 68.01
CA HIS G 1683 76.07 -20.96 68.73
C HIS G 1683 77.29 -20.75 67.85
N ALA G 1684 77.21 -21.17 66.59
CA ALA G 1684 78.35 -20.99 65.69
C ALA G 1684 78.67 -19.50 65.50
N LEU G 1685 77.64 -18.67 65.33
CA LEU G 1685 77.86 -17.24 65.16
C LEU G 1685 78.52 -16.64 66.39
N CYS G 1686 78.14 -17.13 67.58
CA CYS G 1686 78.73 -16.60 68.81
C CYS G 1686 80.25 -16.63 68.75
N SER G 1687 80.82 -17.48 67.89
CA SER G 1687 82.27 -17.49 67.72
C SER G 1687 82.75 -16.28 66.92
N HIS G 1688 82.06 -15.96 65.83
CA HIS G 1688 82.49 -14.87 64.96
C HIS G 1688 82.17 -13.50 65.57
N VAL G 1689 81.01 -13.38 66.19
CA VAL G 1689 80.58 -12.14 66.84
C VAL G 1689 80.39 -12.49 68.31
N ASP G 1690 81.32 -12.04 69.16
CA ASP G 1690 81.30 -12.47 70.54
C ASP G 1690 80.46 -11.53 71.40
N GLN G 1691 80.21 -11.99 72.63
CA GLN G 1691 79.40 -11.24 73.58
C GLN G 1691 80.01 -9.88 73.86
N ALA G 1692 81.33 -9.82 73.99
CA ALA G 1692 82.00 -8.55 74.24
C ALA G 1692 81.79 -7.59 73.07
N GLN G 1693 81.94 -8.09 71.83
CA GLN G 1693 81.70 -7.25 70.66
C GLN G 1693 80.28 -6.70 70.69
N LEU G 1694 79.30 -7.57 70.92
CA LEU G 1694 77.91 -7.13 70.88
C LEU G 1694 77.63 -6.08 71.94
N LEU G 1695 78.07 -6.34 73.18
CA LEU G 1695 77.82 -5.43 74.28
C LEU G 1695 78.49 -4.09 74.05
N HIS G 1696 79.73 -4.11 73.53
CA HIS G 1696 80.43 -2.88 73.21
C HIS G 1696 79.70 -2.10 72.12
N ALA G 1697 79.21 -2.80 71.10
CA ALA G 1697 78.46 -2.14 70.04
C ALA G 1697 77.20 -1.49 70.58
N LEU G 1698 76.57 -2.13 71.56
CA LEU G 1698 75.35 -1.55 72.13
C LEU G 1698 75.61 -0.15 72.67
N GLU G 1699 76.75 0.05 73.32
CA GLU G 1699 77.08 1.32 73.96
C GLU G 1699 77.84 2.27 73.04
N ASP G 1700 78.36 1.79 71.92
CA ASP G 1700 79.19 2.64 71.06
C ASP G 1700 78.31 3.72 70.42
N ALA G 1701 78.56 4.97 70.80
CA ALA G 1701 77.78 6.09 70.27
C ALA G 1701 78.21 6.47 68.86
N HIS G 1702 79.44 6.14 68.47
CA HIS G 1702 80.01 6.65 67.22
C HIS G 1702 79.75 5.73 66.03
N LEU G 1703 79.07 4.60 66.23
CA LEU G 1703 78.80 3.72 65.11
C LEU G 1703 77.78 4.35 64.17
N PRO G 1704 77.79 3.98 62.89
CA PRO G 1704 76.65 4.30 62.03
C PRO G 1704 75.39 3.58 62.49
N GLY G 1705 74.26 4.20 62.20
CA GLY G 1705 72.97 3.65 62.57
C GLY G 1705 72.71 2.27 62.02
N PRO G 1706 73.06 2.04 60.75
CA PRO G 1706 72.88 0.69 60.20
C PRO G 1706 73.61 -0.37 61.00
N LEU G 1707 74.87 -0.13 61.36
CA LEU G 1707 75.63 -1.12 62.11
C LEU G 1707 75.10 -1.26 63.53
N ARG G 1708 74.73 -0.14 64.15
CA ARG G 1708 74.15 -0.19 65.48
C ARG G 1708 72.90 -1.06 65.50
N ALA G 1709 71.97 -0.81 64.57
CA ALA G 1709 70.75 -1.59 64.49
C ALA G 1709 71.04 -3.05 64.15
N GLY G 1710 71.99 -3.27 63.23
CA GLY G 1710 72.33 -4.64 62.87
C GLY G 1710 72.86 -5.43 64.05
N TYR G 1711 73.69 -4.80 64.88
CA TYR G 1711 74.26 -5.51 66.02
C TYR G 1711 73.21 -5.73 67.10
N TYR G 1712 72.34 -4.74 67.33
CA TYR G 1712 71.23 -4.96 68.25
C TYR G 1712 70.38 -6.14 67.81
N ASP G 1713 69.97 -6.14 66.54
CA ASP G 1713 69.12 -7.21 66.02
C ASP G 1713 69.85 -8.54 65.99
N LEU G 1714 71.17 -8.53 65.77
CA LEU G 1714 71.95 -9.76 65.83
C LEU G 1714 71.97 -10.34 67.23
N LEU G 1715 72.16 -9.49 68.23
CA LEU G 1715 72.07 -9.95 69.61
C LEU G 1715 70.70 -10.57 69.87
N ILE G 1716 69.65 -9.89 69.45
CA ILE G 1716 68.29 -10.40 69.68
C ILE G 1716 68.09 -11.73 68.99
N SER G 1717 68.56 -11.84 67.75
CA SER G 1717 68.38 -13.06 66.97
C SER G 1717 69.14 -14.22 67.60
N ILE G 1718 70.41 -14.00 67.94
CA ILE G 1718 71.24 -15.07 68.48
C ILE G 1718 70.71 -15.52 69.83
N HIS G 1719 70.27 -14.58 70.67
CA HIS G 1719 70.04 -14.88 72.08
C HIS G 1719 68.58 -14.86 72.49
N LEU G 1720 67.75 -14.04 71.87
CA LEU G 1720 66.44 -13.70 72.43
C LEU G 1720 65.26 -14.09 71.55
N GLU G 1721 65.45 -14.24 70.24
CA GLU G 1721 64.31 -14.36 69.33
C GLU G 1721 63.50 -15.62 69.60
N SER G 1722 64.17 -16.77 69.72
CA SER G 1722 63.44 -18.03 69.94
C SER G 1722 62.69 -18.00 71.25
N ALA G 1723 63.33 -17.53 72.32
CA ALA G 1723 62.68 -17.48 73.63
C ALA G 1723 61.48 -16.55 73.60
N CYS G 1724 61.65 -15.36 73.00
CA CYS G 1724 60.54 -14.41 72.94
C CYS G 1724 59.38 -14.96 72.13
N ARG G 1725 59.66 -15.62 71.01
CA ARG G 1725 58.59 -16.21 70.21
C ARG G 1725 57.86 -17.30 70.99
N SER G 1726 58.61 -18.18 71.66
CA SER G 1726 57.99 -19.26 72.43
C SER G 1726 57.12 -18.69 73.54
N ARG G 1727 57.59 -17.64 74.22
CA ARG G 1727 56.83 -17.05 75.30
C ARG G 1727 55.58 -16.33 74.77
N ARG G 1728 55.73 -15.63 73.64
CA ARG G 1728 54.60 -14.95 73.04
C ARG G 1728 53.51 -15.93 72.64
N SER G 1729 53.91 -17.11 72.18
CA SER G 1729 52.92 -18.13 71.86
C SER G 1729 52.05 -18.46 73.06
N MET G 1730 52.64 -18.56 74.24
CA MET G 1730 51.91 -18.88 75.45
C MET G 1730 51.12 -17.69 76.01
N LEU G 1731 51.60 -16.46 75.80
CA LEU G 1731 50.99 -15.32 76.46
C LEU G 1731 49.49 -15.23 76.16
N SER G 1732 49.06 -15.71 75.00
CA SER G 1732 47.64 -15.63 74.66
C SER G 1732 46.79 -16.48 75.59
N GLU G 1733 47.38 -17.50 76.20
CA GLU G 1733 46.63 -18.43 77.06
C GLU G 1733 46.80 -18.07 78.53
N TYR G 1734 45.81 -18.47 79.33
CA TYR G 1734 45.75 -18.16 80.76
C TYR G 1734 45.41 -19.44 81.52
N ILE G 1735 46.45 -20.22 81.85
CA ILE G 1735 46.28 -21.41 82.67
C ILE G 1735 46.59 -21.01 84.11
N VAL G 1736 45.57 -20.95 84.95
CA VAL G 1736 45.68 -20.42 86.31
C VAL G 1736 45.67 -21.60 87.27
N PRO G 1737 46.71 -21.81 88.07
CA PRO G 1737 46.62 -22.77 89.17
C PRO G 1737 45.85 -22.18 90.34
N LEU G 1738 45.13 -23.05 91.04
CA LEU G 1738 44.36 -22.64 92.22
C LEU G 1738 45.31 -22.66 93.42
N THR G 1739 45.86 -21.50 93.75
CA THR G 1739 46.90 -21.39 94.76
C THR G 1739 46.59 -20.22 95.69
N PRO G 1740 47.20 -20.20 96.88
CA PRO G 1740 47.06 -19.05 97.78
C PRO G 1740 47.44 -17.75 97.09
N GLU G 1741 48.48 -17.81 96.25
CA GLU G 1741 48.86 -16.63 95.48
C GLU G 1741 47.70 -16.14 94.63
N THR G 1742 47.05 -17.05 93.91
CA THR G 1742 45.89 -16.67 93.10
C THR G 1742 44.79 -16.08 93.98
N ARG G 1743 44.50 -16.74 95.10
CA ARG G 1743 43.48 -16.24 96.02
CA ARG G 1743 43.49 -16.24 96.02
C ARG G 1743 43.78 -14.79 96.39
N ALA G 1744 45.04 -14.50 96.70
CA ALA G 1744 45.39 -13.15 97.13
C ALA G 1744 45.15 -12.13 96.02
N ILE G 1745 45.18 -12.57 94.75
CA ILE G 1745 45.06 -11.64 93.65
C ILE G 1745 43.72 -10.92 93.73
N THR G 1746 43.77 -9.60 93.56
CA THR G 1746 42.57 -8.78 93.52
C THR G 1746 42.70 -7.80 92.36
N LEU G 1747 41.56 -7.43 91.78
CA LEU G 1747 41.57 -6.48 90.68
C LEU G 1747 42.23 -5.17 91.11
N PHE G 1748 41.89 -4.71 92.28
CA PHE G 1748 42.41 -3.48 92.82
C PHE G 1748 43.26 -3.78 94.05
N PRO G 1749 44.51 -3.35 94.08
CA PRO G 1749 45.32 -3.43 95.31
C PRO G 1749 44.54 -2.90 96.50
N PRO G 1750 44.99 -3.20 97.72
CA PRO G 1750 44.29 -2.67 98.90
C PRO G 1750 44.80 -1.28 99.28
N GLY G 1751 43.97 -0.55 100.04
CA GLY G 1751 44.28 0.82 100.41
C GLY G 1751 43.07 1.51 101.00
N ARG G 1752 43.15 2.85 101.03
CA ARG G 1752 42.08 3.63 101.66
C ARG G 1752 40.88 3.81 100.74
N LYS G 1753 41.11 4.08 99.45
CA LYS G 1753 40.01 4.27 98.52
C LYS G 1753 39.29 2.96 98.26
N GLY G 1754 37.98 3.06 98.00
CA GLY G 1754 37.22 1.89 97.63
C GLY G 1754 37.66 1.35 96.28
N GLY G 1755 37.76 0.02 96.19
CA GLY G 1755 38.32 -0.62 95.03
C GLY G 1755 37.64 -0.23 93.73
N ASN G 1756 36.32 -0.23 93.71
CA ASN G 1756 35.56 0.11 92.51
C ASN G 1756 35.88 1.53 92.05
N ALA G 1757 35.92 2.48 92.98
CA ALA G 1757 36.21 3.88 92.67
C ALA G 1757 37.70 4.16 92.63
N ARG G 1758 38.53 3.16 92.88
CA ARG G 1758 39.95 3.36 93.13
C ARG G 1758 40.72 3.58 91.84
N ARG G 1759 41.94 4.11 92.00
CA ARG G 1759 42.87 4.27 90.89
C ARG G 1759 43.56 2.94 90.61
N HIS G 1760 43.67 2.59 89.33
CA HIS G 1760 44.24 1.32 88.92
C HIS G 1760 45.66 1.15 89.46
N GLY G 1761 46.03 -0.09 89.73
CA GLY G 1761 47.41 -0.41 90.01
C GLY G 1761 48.26 -0.32 88.76
N LEU G 1762 49.57 -0.25 88.97
CA LEU G 1762 50.48 -0.04 87.87
C LEU G 1762 50.54 -1.29 86.98
N PRO G 1763 50.37 -1.14 85.66
CA PRO G 1763 50.42 -2.32 84.78
C PRO G 1763 51.78 -2.99 84.81
N GLY G 1764 51.78 -4.31 84.67
CA GLY G 1764 53.00 -5.08 84.67
C GLY G 1764 53.63 -5.27 86.03
N VAL G 1765 52.98 -4.78 87.09
CA VAL G 1765 53.51 -4.85 88.45
C VAL G 1765 52.52 -5.63 89.29
N GLY G 1766 53.01 -6.68 89.95
CA GLY G 1766 52.20 -7.45 90.85
C GLY G 1766 52.45 -8.93 90.68
N VAL G 1767 51.47 -9.73 91.10
CA VAL G 1767 51.59 -11.18 91.15
C VAL G 1767 50.88 -11.75 89.92
N THR G 1768 51.57 -12.64 89.20
CA THR G 1768 50.98 -13.38 88.10
C THR G 1768 51.19 -14.86 88.34
N THR G 1769 50.10 -15.62 88.34
CA THR G 1769 50.15 -17.06 88.57
C THR G 1769 49.96 -17.88 87.29
N SER G 1770 49.65 -17.23 86.17
CA SER G 1770 49.44 -17.96 84.93
C SER G 1770 50.70 -18.71 84.53
N LEU G 1771 50.52 -19.91 83.97
CA LEU G 1771 51.63 -20.79 83.69
C LEU G 1771 52.33 -20.37 82.39
N ARG G 1772 53.62 -20.07 82.48
CA ARG G 1772 54.46 -19.84 81.32
C ARG G 1772 55.73 -20.67 81.49
N PRO G 1773 56.06 -21.54 80.53
CA PRO G 1773 57.21 -22.41 80.70
C PRO G 1773 58.50 -21.62 80.76
N PRO G 1774 59.50 -22.10 81.50
CA PRO G 1774 60.74 -21.33 81.65
C PRO G 1774 61.55 -21.29 80.37
N HIS G 1775 62.44 -20.31 80.31
CA HIS G 1775 63.43 -20.26 79.24
C HIS G 1775 64.58 -21.23 79.54
N HIS G 1776 65.17 -21.76 78.48
CA HIS G 1776 66.28 -22.69 78.58
C HIS G 1776 67.39 -22.24 77.64
N PHE G 1777 68.61 -22.14 78.17
CA PHE G 1777 69.75 -21.66 77.42
C PHE G 1777 70.94 -22.60 77.63
N SER G 1778 71.83 -22.62 76.65
CA SER G 1778 73.04 -23.43 76.71
C SER G 1778 74.26 -22.53 76.58
N PRO G 1779 75.27 -22.67 77.42
CA PRO G 1779 76.47 -21.83 77.30
C PRO G 1779 77.17 -22.06 75.98
N PRO G 1780 77.79 -21.02 75.40
CA PRO G 1780 78.59 -21.23 74.19
C PRO G 1780 79.97 -21.78 74.54
N CYS G 1781 80.28 -22.96 74.00
CA CYS G 1781 81.58 -23.57 74.20
C CYS G 1781 81.98 -24.30 72.93
N PHE G 1782 83.25 -24.17 72.57
CA PHE G 1782 83.76 -24.75 71.33
C PHE G 1782 84.97 -25.66 71.56
N VAL G 1783 85.25 -26.01 72.81
CA VAL G 1783 86.21 -27.04 73.16
C VAL G 1783 85.55 -28.29 73.69
N ALA G 1784 84.22 -28.35 73.66
CA ALA G 1784 83.50 -29.49 74.22
C ALA G 1784 83.69 -30.72 73.35
N ALA G 1785 83.54 -31.89 73.98
CA ALA G 1785 83.66 -33.15 73.26
C ALA G 1785 82.54 -33.27 72.23
N LEU G 1786 82.90 -33.71 71.04
CA LEU G 1786 81.93 -33.80 69.96
C LEU G 1786 81.03 -35.02 70.18
N PRO G 1787 79.70 -34.85 70.20
CA PRO G 1787 78.82 -36.01 70.43
C PRO G 1787 79.04 -37.09 69.38
N ALA G 1788 79.04 -38.34 69.84
CA ALA G 1788 79.11 -39.47 68.91
C ALA G 1788 77.80 -39.62 68.15
N ALA G 1789 76.70 -39.07 68.69
CA ALA G 1789 75.39 -39.24 68.08
C ALA G 1789 75.35 -38.62 66.70
N GLY G 1790 74.55 -39.22 65.82
CA GLY G 1790 74.46 -38.76 64.46
C GLY G 1790 73.63 -37.49 64.31
N VAL G 1791 73.68 -36.92 63.12
CA VAL G 1791 72.96 -35.68 62.85
C VAL G 1791 71.48 -35.98 62.65
N ALA G 1792 70.65 -35.04 63.12
CA ALA G 1792 69.19 -35.15 63.05
C ALA G 1792 68.66 -36.10 64.12
N GLU G 1793 69.55 -36.78 64.84
CA GLU G 1793 69.12 -37.62 65.95
C GLU G 1793 69.51 -37.01 67.29
N ALA G 1794 70.54 -36.18 67.30
CA ALA G 1794 70.95 -35.52 68.52
C ALA G 1794 69.86 -34.55 68.99
N PRO G 1795 69.74 -34.30 70.29
CA PRO G 1795 68.70 -33.39 70.76
C PRO G 1795 68.90 -31.98 70.22
N ALA G 1796 67.78 -31.27 70.05
CA ALA G 1796 67.83 -29.89 69.60
C ALA G 1796 68.61 -29.05 70.60
N ARG G 1797 69.47 -28.17 70.07
CA ARG G 1797 70.26 -27.31 70.93
C ARG G 1797 69.46 -26.09 71.38
N LEU G 1798 69.79 -25.60 72.57
CA LEU G 1798 69.17 -24.43 73.15
C LEU G 1798 69.85 -23.17 72.63
N SER G 1799 69.16 -22.05 72.81
CA SER G 1799 69.73 -20.77 72.40
C SER G 1799 70.95 -20.43 73.26
N PRO G 1800 71.94 -19.76 72.69
CA PRO G 1800 73.12 -19.39 73.49
C PRO G 1800 72.75 -18.48 74.65
N ALA G 1801 73.48 -18.64 75.75
CA ALA G 1801 73.20 -17.91 76.98
C ALA G 1801 73.96 -16.59 77.01
N ILE G 1802 73.33 -15.58 77.58
CA ILE G 1802 73.96 -14.28 77.80
C ILE G 1802 73.45 -13.74 79.14
N PRO G 1803 74.23 -12.94 79.88
CA PRO G 1803 73.75 -12.47 81.19
C PRO G 1803 72.58 -11.51 81.08
N LEU G 1804 71.41 -12.04 81.45
CA LEU G 1804 70.15 -11.37 81.17
C LEU G 1804 69.93 -10.18 82.11
N GLU G 1805 70.30 -10.33 83.38
CA GLU G 1805 70.11 -9.22 84.32
C GLU G 1805 71.02 -8.05 83.97
N ALA G 1806 72.28 -8.33 83.60
CA ALA G 1806 73.18 -7.26 83.19
C ALA G 1806 72.69 -6.60 81.91
N LEU G 1807 72.24 -7.40 80.94
CA LEU G 1807 71.69 -6.84 79.71
C LEU G 1807 70.48 -5.96 80.02
N ARG G 1808 69.63 -6.42 80.94
CA ARG G 1808 68.44 -5.67 81.35
C ARG G 1808 68.81 -4.32 81.96
N ASP G 1809 69.78 -4.32 82.88
CA ASP G 1809 70.22 -3.07 83.49
C ASP G 1809 70.81 -2.12 82.45
N LYS G 1810 71.63 -2.66 81.54
CA LYS G 1810 72.22 -1.81 80.51
C LYS G 1810 71.15 -1.22 79.60
N ALA G 1811 70.14 -2.02 79.25
CA ALA G 1811 69.07 -1.51 78.40
C ALA G 1811 68.32 -0.38 79.09
N LEU G 1812 67.98 -0.55 80.37
CA LEU G 1812 67.33 0.52 81.10
C LEU G 1812 68.20 1.77 81.11
N ARG G 1813 69.49 1.60 81.38
CA ARG G 1813 70.39 2.74 81.50
C ARG G 1813 70.51 3.50 80.18
N MET G 1814 70.69 2.78 79.07
CA MET G 1814 70.78 3.42 77.78
C MET G 1814 69.47 4.11 77.40
N LEU G 1815 68.34 3.49 77.74
CA LEU G 1815 67.06 4.13 77.44
C LEU G 1815 66.90 5.44 78.20
N GLY G 1816 67.26 5.44 79.48
CA GLY G 1816 67.19 6.68 80.24
C GLY G 1816 68.12 7.75 79.70
N GLU G 1817 69.34 7.35 79.33
CA GLU G 1817 70.27 8.31 78.74
C GLU G 1817 69.71 8.90 77.45
N ALA G 1818 69.12 8.05 76.61
CA ALA G 1818 68.52 8.52 75.37
C ALA G 1818 67.39 9.51 75.66
N VAL G 1819 66.55 9.19 76.63
CA VAL G 1819 65.46 10.11 76.98
C VAL G 1819 66.03 11.47 77.38
N ARG G 1820 67.02 11.47 78.27
CA ARG G 1820 67.56 12.74 78.75
C ARG G 1820 68.18 13.54 77.61
N ASP G 1821 68.97 12.89 76.76
CA ASP G 1821 69.67 13.64 75.70
C ASP G 1821 68.68 14.14 74.65
N GLY G 1822 67.68 13.33 74.30
CA GLY G 1822 66.61 13.82 73.44
C GLY G 1822 65.89 14.99 74.08
N GLY G 1823 65.88 15.03 75.41
CA GLY G 1823 65.39 16.23 76.08
C GLY G 1823 66.20 17.46 75.75
N GLN G 1824 67.52 17.28 75.61
CA GLN G 1824 68.39 18.40 75.28
C GLN G 1824 68.46 18.70 73.79
N HIS G 1825 67.95 17.83 72.92
CA HIS G 1825 68.01 18.07 71.47
C HIS G 1825 69.43 18.32 70.98
N ALA G 1826 70.26 17.30 71.10
CA ALA G 1826 71.61 17.40 70.57
C ALA G 1826 71.58 17.33 69.04
N ARG G 1827 72.63 17.89 68.43
CA ARG G 1827 72.77 17.86 66.98
C ARG G 1827 73.52 16.63 66.48
N ASP G 1828 73.98 15.78 67.39
CA ASP G 1828 74.73 14.59 67.03
C ASP G 1828 74.12 13.35 67.68
N PRO G 1829 72.96 12.90 67.20
CA PRO G 1829 72.34 11.70 67.79
C PRO G 1829 73.16 10.46 67.51
N VAL G 1830 73.04 9.48 68.41
CA VAL G 1830 73.66 8.18 68.19
C VAL G 1830 73.07 7.56 66.94
N GLY G 1831 73.94 7.14 66.03
CA GLY G 1831 73.50 6.60 64.75
C GLY G 1831 73.13 7.66 63.73
N GLY G 1832 73.25 8.94 64.07
CA GLY G 1832 72.91 10.01 63.16
C GLY G 1832 71.44 10.35 63.10
N SER G 1833 70.61 9.74 63.94
CA SER G 1833 69.18 10.01 63.89
C SER G 1833 68.54 9.59 65.21
N VAL G 1834 67.43 10.26 65.53
CA VAL G 1834 66.61 9.84 66.66
C VAL G 1834 66.12 8.42 66.44
N GLU G 1835 65.77 8.08 65.20
CA GLU G 1835 65.35 6.72 64.88
C GLU G 1835 66.43 5.72 65.26
N PHE G 1836 67.65 5.92 64.78
CA PHE G 1836 68.72 4.95 65.04
C PHE G 1836 69.13 4.97 66.50
N GLN G 1837 68.87 6.07 67.18
CA GLN G 1837 69.15 6.16 68.61
C GLN G 1837 68.17 5.34 69.42
N PHE G 1838 66.88 5.42 69.09
CA PHE G 1838 65.84 4.91 69.98
C PHE G 1838 65.39 3.51 69.60
N VAL G 1839 65.16 3.26 68.30
CA VAL G 1839 64.49 2.02 67.89
C VAL G 1839 65.19 0.79 68.43
N PRO G 1840 66.51 0.63 68.29
CA PRO G 1840 67.15 -0.60 68.79
C PRO G 1840 66.92 -0.84 70.28
N VAL G 1841 67.11 0.20 71.09
CA VAL G 1841 66.94 0.05 72.54
C VAL G 1841 65.52 -0.36 72.86
N LEU G 1842 64.55 0.26 72.20
CA LEU G 1842 63.15 -0.05 72.46
C LEU G 1842 62.82 -1.48 72.06
N LYS G 1843 63.36 -1.95 70.92
CA LYS G 1843 63.15 -3.34 70.53
C LYS G 1843 63.72 -4.30 71.57
N LEU G 1844 64.94 -4.01 72.05
CA LEU G 1844 65.54 -4.85 73.08
C LEU G 1844 64.68 -4.87 74.33
N VAL G 1845 64.20 -3.70 74.75
CA VAL G 1845 63.40 -3.58 75.97
C VAL G 1845 62.09 -4.36 75.82
N SER G 1846 61.45 -4.24 74.66
CA SER G 1846 60.21 -4.96 74.43
C SER G 1846 60.43 -6.47 74.45
N THR G 1847 61.51 -6.91 73.81
CA THR G 1847 61.85 -8.34 73.85
C THR G 1847 62.02 -8.81 75.27
N LEU G 1848 62.75 -8.04 76.09
CA LEU G 1848 63.03 -8.45 77.46
C LEU G 1848 61.76 -8.43 78.31
N LEU G 1849 60.87 -7.46 78.10
CA LEU G 1849 59.59 -7.47 78.79
C LEU G 1849 58.80 -8.72 78.45
N VAL G 1850 58.63 -9.01 77.16
CA VAL G 1850 57.87 -10.18 76.76
C VAL G 1850 58.49 -11.43 77.35
N MET G 1851 59.83 -11.48 77.39
CA MET G 1851 60.51 -12.63 77.96
C MET G 1851 60.34 -12.70 79.47
N GLY G 1852 60.05 -11.57 80.11
CA GLY G 1852 59.81 -11.54 81.54
C GLY G 1852 61.02 -11.22 82.39
N ILE G 1853 62.10 -10.72 81.79
CA ILE G 1853 63.32 -10.47 82.55
C ILE G 1853 63.12 -9.31 83.52
N PHE G 1854 62.40 -8.28 83.10
CA PHE G 1854 62.23 -7.09 83.92
C PHE G 1854 61.48 -7.41 85.19
N GLY G 1855 61.93 -6.82 86.31
CA GLY G 1855 61.24 -6.90 87.57
C GLY G 1855 60.27 -5.74 87.75
N ASP G 1856 59.68 -5.70 88.95
CA ASP G 1856 58.66 -4.69 89.23
C ASP G 1856 59.26 -3.29 89.23
N GLU G 1857 60.40 -3.11 89.91
CA GLU G 1857 61.03 -1.80 89.96
C GLU G 1857 61.49 -1.35 88.58
N ASP G 1858 62.04 -2.27 87.80
CA ASP G 1858 62.47 -1.94 86.44
C ASP G 1858 61.28 -1.54 85.58
N VAL G 1859 60.16 -2.25 85.74
CA VAL G 1859 58.93 -1.87 85.03
C VAL G 1859 58.50 -0.47 85.44
N LYS G 1860 58.63 -0.15 86.73
CA LYS G 1860 58.30 1.19 87.20
C LYS G 1860 59.19 2.25 86.56
N GLN G 1861 60.48 1.99 86.45
CA GLN G 1861 61.38 2.94 85.79
C GLN G 1861 60.97 3.11 84.33
N ILE G 1862 60.66 2.02 83.65
CA ILE G 1862 60.22 2.09 82.26
C ILE G 1862 58.95 2.93 82.14
N LEU G 1863 58.02 2.72 83.07
CA LEU G 1863 56.77 3.47 83.06
C LEU G 1863 57.02 4.96 83.29
N LYS G 1864 57.94 5.29 84.19
CA LYS G 1864 58.29 6.69 84.41
C LYS G 1864 58.91 7.30 83.16
N MET G 1865 59.76 6.55 82.47
CA MET G 1865 60.28 7.03 81.19
C MET G 1865 59.14 7.30 80.21
N ILE G 1866 58.16 6.39 80.17
CA ILE G 1866 57.05 6.54 79.22
C ILE G 1866 56.25 7.80 79.54
N GLU G 1867 55.77 7.92 80.78
CA GLU G 1867 55.01 9.08 81.21
C GLU G 1867 55.05 9.14 82.74
N PRO G 1868 55.99 9.89 83.33
CA PRO G 1868 56.14 9.83 84.79
C PRO G 1868 54.91 10.30 85.55
N GLU G 1869 54.20 11.30 85.05
CA GLU G 1869 53.08 11.86 85.79
C GLU G 1869 51.98 10.82 86.01
N VAL G 1870 51.67 10.05 84.95
CA VAL G 1870 50.61 9.06 85.07
C VAL G 1870 51.03 7.92 85.99
N PHE G 1871 52.28 7.48 85.86
CA PHE G 1871 52.74 6.27 86.52
C PHE G 1871 53.57 6.55 87.76
N THR G 1872 53.56 7.78 88.26
CA THR G 1872 54.10 8.04 89.58
C THR G 1872 53.23 7.34 90.62
N GLU G 1873 53.89 6.72 91.60
CA GLU G 1873 53.21 5.93 92.62
C GLU G 1873 53.18 6.70 93.94
N GLU G 1874 52.00 6.79 94.53
CA GLU G 1874 51.86 7.40 95.85
C GLU G 1874 50.57 6.92 96.52
N LEU G 1922 61.59 19.77 84.55
CA LEU G 1922 61.21 18.48 85.12
C LEU G 1922 61.45 17.35 84.12
N GLU G 1923 61.19 16.12 84.56
CA GLU G 1923 61.36 14.97 83.67
C GLU G 1923 60.35 15.03 82.54
N GLU G 1924 60.81 14.71 81.33
CA GLU G 1924 59.97 14.69 80.13
C GLU G 1924 59.85 13.26 79.64
N GLY G 1925 58.67 12.90 79.15
CA GLY G 1925 58.42 11.54 78.72
C GLY G 1925 58.54 11.36 77.22
N LEU G 1926 58.83 10.10 76.84
CA LEU G 1926 58.94 9.76 75.42
C LEU G 1926 57.72 10.23 74.66
N LEU G 1927 56.54 10.11 75.26
CA LEU G 1927 55.32 10.50 74.57
C LEU G 1927 55.29 12.00 74.30
N GLN G 1928 55.97 12.77 75.14
CA GLN G 1928 56.10 14.21 74.94
C GLN G 1928 57.31 14.57 74.07
N MET G 1929 58.20 13.62 73.80
CA MET G 1929 59.44 13.97 73.10
C MET G 1929 59.23 14.23 71.62
N LYS G 1930 58.00 14.11 71.12
CA LYS G 1930 57.75 14.45 69.73
C LYS G 1930 58.63 13.60 68.83
N LEU G 1931 58.33 12.31 68.75
CA LEU G 1931 59.19 11.30 68.15
C LEU G 1931 58.67 10.92 66.77
N PRO G 1932 59.54 10.39 65.91
CA PRO G 1932 59.10 9.94 64.58
C PRO G 1932 58.29 8.65 64.67
N GLU G 1933 57.88 8.17 63.48
CA GLU G 1933 56.85 7.14 63.40
C GLU G 1933 57.34 5.77 63.87
N SER G 1934 58.55 5.37 63.47
CA SER G 1934 59.05 4.06 63.89
C SER G 1934 59.17 3.98 65.40
N VAL G 1935 59.71 5.02 66.02
CA VAL G 1935 59.78 5.07 67.47
C VAL G 1935 58.39 4.97 68.06
N LYS G 1936 57.42 5.63 67.43
CA LYS G 1936 56.03 5.51 67.84
C LYS G 1936 55.55 4.07 67.74
N LEU G 1937 55.99 3.34 66.71
CA LEU G 1937 55.62 1.94 66.58
C LEU G 1937 56.15 1.11 67.75
N GLN G 1938 57.42 1.34 68.13
CA GLN G 1938 57.96 0.63 69.28
C GLN G 1938 57.20 0.99 70.56
N MET G 1939 56.87 2.27 70.72
CA MET G 1939 56.09 2.70 71.87
C MET G 1939 54.74 1.98 71.90
N CYS G 1940 54.13 1.84 70.72
CA CYS G 1940 52.84 1.14 70.63
C CYS G 1940 52.99 -0.32 71.04
N ASN G 1941 54.08 -0.97 70.62
CA ASN G 1941 54.30 -2.35 71.04
C ASN G 1941 54.45 -2.47 72.56
N LEU G 1942 55.20 -1.54 73.15
CA LEU G 1942 55.34 -1.54 74.62
C LEU G 1942 53.98 -1.38 75.29
N LEU G 1943 53.18 -0.43 74.82
CA LEU G 1943 51.85 -0.22 75.36
C LEU G 1943 50.96 -1.43 75.17
N GLU G 1944 51.12 -2.14 74.06
CA GLU G 1944 50.40 -3.38 73.85
C GLU G 1944 50.77 -4.42 74.91
N TYR G 1945 52.07 -4.54 75.20
CA TYR G 1945 52.48 -5.43 76.28
C TYR G 1945 51.79 -5.08 77.59
N PHE G 1946 51.78 -3.79 77.94
CA PHE G 1946 51.20 -3.40 79.23
C PHE G 1946 49.69 -3.62 79.25
N CYS G 1947 49.01 -3.34 78.14
CA CYS G 1947 47.57 -3.61 78.07
C CYS G 1947 47.29 -5.10 78.18
N ASP G 1948 48.12 -5.93 77.57
CA ASP G 1948 47.99 -7.37 77.73
C ASP G 1948 48.16 -7.80 79.18
N GLN G 1949 49.11 -7.18 79.89
CA GLN G 1949 49.26 -7.47 81.31
C GLN G 1949 48.03 -7.07 82.12
N GLU G 1950 47.41 -5.93 81.80
CA GLU G 1950 46.17 -5.57 82.47
C GLU G 1950 45.08 -6.61 82.22
N LEU G 1951 44.94 -7.06 80.96
CA LEU G 1951 43.98 -8.10 80.65
C LEU G 1951 44.25 -9.37 81.45
N GLN G 1952 45.53 -9.77 81.51
CA GLN G 1952 45.91 -10.97 82.23
C GLN G 1952 45.57 -10.84 83.71
N HIS G 1953 45.80 -9.66 84.27
CA HIS G 1953 45.42 -9.41 85.67
C HIS G 1953 43.92 -9.56 85.87
N ARG G 1954 43.13 -9.04 84.94
CA ARG G 1954 41.68 -9.19 85.04
C ARG G 1954 41.31 -10.67 85.04
N VAL G 1955 41.89 -11.45 84.13
CA VAL G 1955 41.58 -12.87 84.04
C VAL G 1955 41.93 -13.57 85.34
N GLU G 1956 43.12 -13.31 85.87
CA GLU G 1956 43.55 -13.96 87.10
C GLU G 1956 42.69 -13.56 88.29
N SER G 1957 42.29 -12.30 88.37
CA SER G 1957 41.39 -11.87 89.45
C SER G 1957 40.05 -12.58 89.36
N LEU G 1958 39.51 -12.72 88.15
CA LEU G 1958 38.27 -13.46 87.98
C LEU G 1958 38.44 -14.91 88.44
N ALA G 1959 39.56 -15.54 88.10
CA ALA G 1959 39.79 -16.92 88.52
C ALA G 1959 39.86 -17.03 90.05
N ALA G 1960 40.56 -16.09 90.69
CA ALA G 1960 40.66 -16.11 92.14
C ALA G 1960 39.28 -15.94 92.78
N PHE G 1961 38.50 -15.00 92.26
CA PHE G 1961 37.15 -14.82 92.78
C PHE G 1961 36.33 -16.08 92.59
N ALA G 1962 36.52 -16.76 91.46
CA ALA G 1962 35.79 -18.01 91.23
C ALA G 1962 36.14 -19.04 92.29
N GLU G 1963 37.43 -19.19 92.59
CA GLU G 1963 37.84 -20.06 93.68
C GLU G 1963 37.07 -19.73 94.96
N ARG G 1964 37.21 -18.48 95.42
CA ARG G 1964 36.65 -18.09 96.72
C ARG G 1964 35.14 -18.27 96.72
N TYR G 1965 34.48 -17.95 95.61
CA TYR G 1965 33.03 -17.90 95.57
C TYR G 1965 32.45 -19.31 95.41
N VAL G 1966 33.14 -20.17 94.67
CA VAL G 1966 32.72 -21.56 94.55
C VAL G 1966 32.81 -22.26 95.90
N ASP G 1967 33.83 -21.92 96.70
CA ASP G 1967 33.88 -22.48 98.04
C ASP G 1967 32.56 -22.20 98.78
N LYS G 1968 32.15 -20.93 98.79
CA LYS G 1968 30.95 -20.53 99.52
C LYS G 1968 29.70 -21.19 98.94
N LEU G 1969 29.60 -21.22 97.60
CA LEU G 1969 28.42 -21.83 96.97
C LEU G 1969 28.35 -23.31 97.29
N GLN G 1970 29.48 -24.00 97.28
CA GLN G 1970 29.49 -25.43 97.59
C GLN G 1970 29.04 -25.66 99.02
N ALA G 1971 29.56 -24.86 99.96
CA ALA G 1971 29.12 -24.99 101.35
C ALA G 1971 27.62 -24.72 101.48
N ASN G 1972 27.13 -23.69 100.79
CA ASN G 1972 25.71 -23.36 100.86
C ASN G 1972 24.85 -24.49 100.30
N GLN G 1973 25.27 -25.06 99.17
CA GLN G 1973 24.54 -26.19 98.60
C GLN G 1973 24.53 -27.38 99.54
N ARG G 1974 25.67 -27.66 100.17
CA ARG G 1974 25.71 -28.76 101.12
C ARG G 1974 24.74 -28.52 102.27
N SER G 1975 24.78 -27.32 102.85
CA SER G 1975 23.89 -27.02 103.96
C SER G 1975 22.43 -27.08 103.52
N ARG G 1976 22.11 -26.59 102.34
CA ARG G 1976 20.72 -26.57 101.87
C ARG G 1976 20.22 -27.97 101.56
N TYR G 1977 21.01 -28.80 100.87
CA TYR G 1977 20.64 -30.21 100.72
C TYR G 1977 20.40 -30.83 102.06
N ALA G 1978 21.35 -30.62 102.96
CA ALA G 1978 21.21 -31.11 104.31
C ALA G 1978 19.85 -30.69 104.88
N LEU G 1979 19.55 -29.38 104.91
CA LEU G 1979 18.35 -28.92 105.58
C LEU G 1979 17.10 -29.43 104.91
N LEU G 1980 17.16 -29.65 103.60
CA LEU G 1980 16.06 -30.26 102.89
C LEU G 1980 15.81 -31.68 103.39
N MET G 1981 16.88 -32.43 103.62
CA MET G 1981 16.71 -33.78 104.18
C MET G 1981 16.02 -33.75 105.54
N ARG G 1982 16.40 -32.80 106.41
CA ARG G 1982 15.64 -32.64 107.66
C ARG G 1982 14.20 -32.25 107.45
N ALA G 1983 13.88 -31.65 106.30
CA ALA G 1983 12.59 -31.01 106.14
C ALA G 1983 11.74 -31.63 105.04
N PHE G 1984 12.06 -32.83 104.56
CA PHE G 1984 11.28 -33.43 103.49
C PHE G 1984 9.88 -33.78 103.96
N THR G 1985 9.69 -33.92 105.28
CA THR G 1985 8.44 -34.45 105.80
C THR G 1985 7.26 -33.54 105.47
N MET G 1986 7.44 -32.22 105.61
CA MET G 1986 6.30 -31.31 105.55
C MET G 1986 5.65 -31.30 104.17
N SER G 1987 6.44 -31.16 103.11
CA SER G 1987 5.92 -30.99 101.77
C SER G 1987 6.59 -31.97 100.81
N ALA G 1988 5.79 -32.55 99.91
CA ALA G 1988 6.32 -33.49 98.93
C ALA G 1988 6.58 -32.82 97.58
N ALA G 1989 5.56 -32.18 97.01
CA ALA G 1989 5.71 -31.54 95.70
C ALA G 1989 6.79 -30.47 95.71
N GLU G 1990 6.74 -29.56 96.69
CA GLU G 1990 7.70 -28.47 96.72
C GLU G 1990 9.09 -28.98 97.10
N THR G 1991 9.14 -30.04 97.91
CA THR G 1991 10.37 -30.81 98.06
C THR G 1991 10.90 -31.27 96.72
N ALA G 1992 10.02 -31.82 95.87
CA ALA G 1992 10.42 -32.24 94.54
C ALA G 1992 11.03 -31.06 93.80
N ARG G 1993 10.37 -29.91 93.88
CA ARG G 1993 10.86 -28.77 93.12
C ARG G 1993 12.24 -28.38 93.59
N ARG G 1994 12.55 -28.43 94.90
CA ARG G 1994 13.89 -27.94 95.20
C ARG G 1994 14.86 -29.00 94.71
N THR G 1995 14.51 -30.27 94.94
CA THR G 1995 15.38 -31.38 94.58
C THR G 1995 15.67 -31.37 93.09
N ARG G 1996 14.84 -30.66 92.31
CA ARG G 1996 15.17 -30.48 90.90
C ARG G 1996 16.57 -29.87 90.76
N GLU G 1997 16.96 -29.01 91.70
CA GLU G 1997 18.29 -28.41 91.66
C GLU G 1997 19.38 -29.47 91.75
N PHE G 1998 19.27 -30.36 92.73
CA PHE G 1998 20.26 -31.41 92.90
C PHE G 1998 20.16 -32.46 91.80
N ARG G 1999 18.98 -32.67 91.21
CA ARG G 1999 18.91 -33.48 90.00
C ARG G 1999 19.42 -32.72 88.79
N SER G 2000 19.71 -31.45 88.89
CA SER G 2000 20.24 -30.80 87.69
C SER G 2000 21.71 -31.11 87.54
N PRO G 2001 22.24 -31.10 86.31
CA PRO G 2001 23.68 -31.24 86.13
C PRO G 2001 24.41 -30.08 86.83
N PRO G 2002 25.70 -30.25 87.11
CA PRO G 2002 26.41 -29.18 87.84
C PRO G 2002 26.43 -27.85 87.12
N GLN G 2003 26.59 -27.85 85.81
CA GLN G 2003 26.64 -26.58 85.07
C GLN G 2003 25.31 -25.85 85.18
N GLU G 2004 24.20 -26.58 85.08
CA GLU G 2004 22.89 -25.98 85.24
C GLU G 2004 22.65 -25.53 86.66
N GLN G 2005 23.19 -26.26 87.64
CA GLN G 2005 23.15 -25.77 89.03
C GLN G 2005 23.85 -24.42 89.14
N ILE G 2006 25.02 -24.30 88.53
CA ILE G 2006 25.75 -23.04 88.52
C ILE G 2006 24.89 -21.94 87.90
N ASN G 2007 24.30 -22.24 86.73
CA ASN G 2007 23.50 -21.24 86.03
C ASN G 2007 22.33 -20.78 86.88
N MET G 2008 21.65 -21.73 87.52
CA MET G 2008 20.54 -21.40 88.40
C MET G 2008 20.99 -20.52 89.55
N LEU G 2009 22.10 -20.88 90.20
CA LEU G 2009 22.57 -20.10 91.34
C LEU G 2009 22.96 -18.69 90.93
N LEU G 2010 23.56 -18.53 89.75
CA LEU G 2010 24.03 -17.23 89.30
C LEU G 2010 22.95 -16.40 88.62
N HIS G 2011 21.80 -16.99 88.30
CA HIS G 2011 20.71 -16.25 87.68
C HIS G 2011 19.96 -15.42 88.73
N PHE G 2012 20.61 -14.32 89.14
CA PHE G 2012 19.96 -13.32 89.98
C PHE G 2012 20.34 -11.89 89.59
N LYS G 2013 20.84 -11.69 88.37
CA LYS G 2013 21.28 -10.35 87.98
C LYS G 2013 20.11 -9.37 87.88
N ASP G 2014 19.06 -9.76 87.16
CA ASP G 2014 17.96 -8.86 86.88
C ASP G 2014 17.19 -8.43 88.12
N GLU G 2015 17.30 -9.18 89.22
CA GLU G 2015 16.60 -8.90 90.47
C GLU G 2015 15.13 -9.26 90.34
N ALA G 2016 14.67 -9.59 89.12
CA ALA G 2016 13.34 -10.13 88.95
C ALA G 2016 13.32 -11.64 89.18
N ASP G 2017 14.46 -12.30 88.95
CA ASP G 2017 14.66 -13.70 89.27
C ASP G 2017 15.34 -13.90 90.62
N GLU G 2018 15.53 -12.80 91.37
CA GLU G 2018 16.11 -12.89 92.70
C GLU G 2018 15.37 -13.89 93.57
N GLU G 2019 14.03 -13.82 93.57
CA GLU G 2019 13.25 -14.67 94.46
C GLU G 2019 13.40 -16.14 94.10
N ASP G 2020 13.43 -16.47 92.80
CA ASP G 2020 13.59 -17.86 92.40
C ASP G 2020 15.01 -18.34 92.66
N CYS G 2021 15.97 -17.43 92.63
CA CYS G 2021 17.35 -17.82 92.94
C CYS G 2021 17.46 -18.21 94.41
N PRO G 2022 17.98 -19.40 94.71
CA PRO G 2022 18.02 -19.83 96.12
C PRO G 2022 19.03 -19.08 96.98
N LEU G 2023 20.09 -18.54 96.38
CA LEU G 2023 21.22 -18.06 97.16
C LEU G 2023 20.80 -16.90 98.08
N PRO G 2024 21.49 -16.72 99.20
CA PRO G 2024 21.19 -15.58 100.07
C PRO G 2024 21.84 -14.28 99.60
N GLU G 2025 21.39 -13.20 100.24
CA GLU G 2025 21.73 -11.86 99.78
C GLU G 2025 23.22 -11.56 99.94
N ASP G 2026 23.85 -12.10 100.99
CA ASP G 2026 25.27 -11.85 101.19
C ASP G 2026 26.10 -12.45 100.05
N ILE G 2027 25.82 -13.71 99.71
CA ILE G 2027 26.55 -14.37 98.63
C ILE G 2027 26.27 -13.67 97.31
N ARG G 2028 25.03 -13.23 97.10
CA ARG G 2028 24.71 -12.46 95.90
C ARG G 2028 25.51 -11.15 95.86
N GLN G 2029 25.62 -10.49 97.01
CA GLN G 2029 26.25 -9.17 97.07
C GLN G 2029 27.75 -9.28 96.81
N ASP G 2030 28.36 -10.37 97.25
CA ASP G 2030 29.77 -10.58 96.91
C ASP G 2030 29.99 -10.52 95.40
N LEU G 2031 29.17 -11.27 94.65
CA LEU G 2031 29.30 -11.27 93.20
C LEU G 2031 28.98 -9.91 92.61
N GLN G 2032 27.95 -9.24 93.13
CA GLN G 2032 27.61 -7.92 92.60
C GLN G 2032 28.75 -6.94 92.79
N ASP G 2033 29.37 -6.95 93.97
CA ASP G 2033 30.50 -6.08 94.25
C ASP G 2033 31.66 -6.38 93.31
N PHE G 2034 31.97 -7.66 93.11
CA PHE G 2034 33.06 -8.00 92.21
C PHE G 2034 32.75 -7.56 90.78
N HIS G 2035 31.49 -7.70 90.36
CA HIS G 2035 31.10 -7.30 89.01
C HIS G 2035 31.28 -5.79 88.83
N GLN G 2036 30.88 -5.01 89.83
CA GLN G 2036 31.10 -3.56 89.75
C GLN G 2036 32.59 -3.24 89.69
N ASP G 2037 33.38 -3.90 90.51
CA ASP G 2037 34.83 -3.66 90.48
C ASP G 2037 35.41 -4.00 89.12
N LEU G 2038 34.95 -5.09 88.52
CA LEU G 2038 35.42 -5.49 87.21
C LEU G 2038 35.06 -4.45 86.16
N LEU G 2039 33.82 -3.97 86.19
CA LEU G 2039 33.40 -2.95 85.23
C LEU G 2039 34.24 -1.68 85.40
N ALA G 2040 34.50 -1.27 86.63
CA ALA G 2040 35.34 -0.09 86.86
C ALA G 2040 36.75 -0.31 86.34
N HIS G 2041 37.34 -1.47 86.64
CA HIS G 2041 38.70 -1.74 86.20
C HIS G 2041 38.78 -1.76 84.68
N CYS G 2042 37.75 -2.28 84.01
CA CYS G 2042 37.68 -2.23 82.56
C CYS G 2042 37.31 -0.86 82.04
N GLY G 2043 36.91 0.07 82.92
CA GLY G 2043 36.65 1.43 82.55
C GLY G 2043 35.21 1.74 82.17
N ILE G 2044 34.32 0.74 82.23
CA ILE G 2044 32.92 1.00 81.93
C ILE G 2044 32.35 2.03 82.89
N GLN G 2045 32.67 1.90 84.18
CA GLN G 2045 32.19 2.89 85.13
C GLN G 2045 32.75 4.26 84.76
N LEU G 2046 31.88 5.25 84.80
CA LEU G 2046 32.13 6.57 84.27
C LEU G 2046 32.22 7.76 85.23
N GLU G 2088 38.99 15.44 83.92
CA GLU G 2088 40.24 16.20 84.04
C GLU G 2088 41.09 16.08 82.78
N LYS G 2089 41.97 17.06 82.58
CA LYS G 2089 42.86 17.03 81.43
C LYS G 2089 43.91 15.93 81.56
N LYS G 2090 44.44 15.74 82.75
CA LYS G 2090 45.47 14.74 82.97
C LYS G 2090 44.86 13.34 83.00
N PRO G 2091 45.39 12.40 82.20
CA PRO G 2091 44.69 11.11 82.06
C PRO G 2091 44.42 10.38 83.37
N GLN G 2092 45.47 10.13 84.16
CA GLN G 2092 45.37 9.38 85.42
C GLN G 2092 45.09 7.91 85.17
N SER G 2093 45.17 7.45 83.93
CA SER G 2093 45.02 6.03 83.66
C SER G 2093 45.63 5.68 82.30
N LEU G 2094 46.00 4.40 82.17
CA LEU G 2094 46.60 3.91 80.94
C LEU G 2094 45.63 4.04 79.76
N GLN G 2095 44.36 3.73 79.99
CA GLN G 2095 43.38 3.81 78.91
C GLN G 2095 43.27 5.22 78.36
N GLU G 2096 43.08 6.19 79.25
CA GLU G 2096 42.98 7.57 78.80
C GLU G 2096 44.27 8.03 78.15
N LEU G 2097 45.41 7.66 78.73
CA LEU G 2097 46.69 8.04 78.14
C LEU G 2097 46.80 7.53 76.71
N VAL G 2098 46.50 6.25 76.49
CA VAL G 2098 46.64 5.66 75.17
C VAL G 2098 45.67 6.29 74.18
N SER G 2099 44.41 6.44 74.58
CA SER G 2099 43.41 7.02 73.68
C SER G 2099 43.82 8.43 73.28
N HIS G 2100 44.17 9.27 74.26
CA HIS G 2100 44.53 10.64 73.97
CA HIS G 2100 44.52 10.64 73.96
C HIS G 2100 45.79 10.70 73.12
N MET G 2101 46.77 9.84 73.40
CA MET G 2101 47.99 9.85 72.61
C MET G 2101 47.71 9.51 71.15
N VAL G 2102 46.92 8.46 70.91
CA VAL G 2102 46.63 8.06 69.54
C VAL G 2102 45.89 9.16 68.81
N VAL G 2103 44.87 9.72 69.46
CA VAL G 2103 44.09 10.78 68.83
C VAL G 2103 44.96 12.00 68.56
N ARG G 2104 45.84 12.35 69.50
CA ARG G 2104 46.71 13.50 69.32
C ARG G 2104 47.68 13.28 68.18
N TRP G 2105 48.24 12.07 68.08
CA TRP G 2105 49.14 11.76 66.96
C TRP G 2105 48.41 11.94 65.63
N ALA G 2106 47.24 11.32 65.51
CA ALA G 2106 46.51 11.40 64.25
C ALA G 2106 46.11 12.84 63.93
N GLN G 2107 45.71 13.60 64.95
CA GLN G 2107 45.39 15.01 64.75
C GLN G 2107 46.61 15.80 64.30
N GLU G 2108 47.77 15.51 64.90
CA GLU G 2108 48.97 16.27 64.64
C GLU G 2108 49.47 16.03 63.21
N ASP G 2109 49.45 14.79 62.76
CA ASP G 2109 50.03 14.47 61.46
C ASP G 2109 49.22 13.39 60.77
N TYR G 2110 49.34 13.36 59.45
CA TYR G 2110 48.76 12.30 58.63
C TYR G 2110 49.77 11.16 58.57
N VAL G 2111 49.54 10.13 59.38
CA VAL G 2111 50.48 9.01 59.45
C VAL G 2111 50.64 8.36 58.10
N GLN G 2112 51.88 8.09 57.72
CA GLN G 2112 52.20 7.45 56.45
C GLN G 2112 52.53 5.98 56.58
N SER G 2113 52.45 5.43 57.80
CA SER G 2113 52.82 4.03 58.04
C SER G 2113 51.58 3.20 58.33
N PRO G 2114 51.17 2.33 57.40
CA PRO G 2114 49.97 1.51 57.67
C PRO G 2114 50.13 0.60 58.88
N GLU G 2115 51.35 0.10 59.12
CA GLU G 2115 51.57 -0.75 60.29
C GLU G 2115 51.32 0.03 61.58
N LEU G 2116 51.87 1.24 61.66
CA LEU G 2116 51.63 2.10 62.82
C LEU G 2116 50.15 2.42 62.96
N VAL G 2117 49.47 2.68 61.84
CA VAL G 2117 48.04 2.98 61.88
C VAL G 2117 47.28 1.80 62.47
N ARG G 2118 47.56 0.59 61.96
CA ARG G 2118 46.94 -0.61 62.49
C ARG G 2118 47.16 -0.73 63.99
N ALA G 2119 48.41 -0.57 64.42
CA ALA G 2119 48.73 -0.77 65.84
C ALA G 2119 48.01 0.25 66.73
N MET G 2120 48.07 1.53 66.35
CA MET G 2120 47.47 2.57 67.19
C MET G 2120 45.96 2.39 67.27
N PHE G 2121 45.32 2.03 66.15
CA PHE G 2121 43.87 1.88 66.19
C PHE G 2121 43.47 0.60 66.93
N SER G 2122 44.33 -0.42 66.89
CA SER G 2122 44.10 -1.60 67.74
C SER G 2122 44.15 -1.23 69.21
N LEU G 2123 45.13 -0.42 69.60
CA LEU G 2123 45.19 0.03 70.99
C LEU G 2123 43.95 0.83 71.36
N LEU G 2124 43.51 1.72 70.47
CA LEU G 2124 42.31 2.51 70.75
C LEU G 2124 41.10 1.61 70.94
N HIS G 2125 40.96 0.60 70.07
CA HIS G 2125 39.87 -0.35 70.21
C HIS G 2125 39.93 -1.05 71.56
N ARG G 2126 41.12 -1.49 71.97
CA ARG G 2126 41.23 -2.19 73.25
C ARG G 2126 40.85 -1.29 74.41
N GLN G 2127 41.31 -0.03 74.41
CA GLN G 2127 40.97 0.86 75.50
C GLN G 2127 39.47 1.14 75.55
N TYR G 2128 38.82 1.30 74.39
CA TYR G 2128 37.39 1.56 74.38
C TYR G 2128 36.56 0.34 74.72
N ASP G 2129 37.03 -0.87 74.40
CA ASP G 2129 36.30 -2.10 74.65
C ASP G 2129 37.23 -3.06 75.40
N GLY G 2130 37.24 -2.95 76.72
CA GLY G 2130 38.03 -3.84 77.55
C GLY G 2130 37.23 -5.06 77.93
N LEU G 2131 35.92 -4.90 78.12
CA LEU G 2131 35.07 -6.02 78.45
C LEU G 2131 35.04 -7.05 77.34
N GLY G 2132 34.95 -6.60 76.09
CA GLY G 2132 34.97 -7.55 74.97
C GLY G 2132 36.30 -8.26 74.87
N GLU G 2133 37.39 -7.57 75.16
CA GLU G 2133 38.71 -8.21 75.14
C GLU G 2133 38.77 -9.36 76.15
N LEU G 2134 38.30 -9.12 77.37
CA LEU G 2134 38.23 -10.18 78.37
C LEU G 2134 37.28 -11.28 77.93
N LEU G 2135 36.15 -10.90 77.34
CA LEU G 2135 35.15 -11.87 76.91
C LEU G 2135 35.71 -12.82 75.87
N ARG G 2136 36.58 -12.30 74.99
CA ARG G 2136 37.21 -13.15 73.98
C ARG G 2136 38.43 -13.88 74.53
N ALA G 2137 39.05 -13.36 75.59
CA ALA G 2137 40.23 -14.00 76.15
C ALA G 2137 39.87 -15.20 77.02
N LEU G 2138 38.78 -15.10 77.78
CA LEU G 2138 38.44 -16.16 78.73
C LEU G 2138 38.41 -17.55 78.12
N PRO G 2139 37.84 -17.76 76.92
CA PRO G 2139 37.88 -19.10 76.32
C PRO G 2139 39.25 -19.75 76.37
N ARG G 2140 40.30 -18.94 76.52
CA ARG G 2140 41.66 -19.43 76.67
C ARG G 2140 42.08 -19.50 78.13
N ALA G 2141 41.12 -19.45 79.06
CA ALA G 2141 41.39 -19.50 80.48
C ALA G 2141 40.95 -20.84 81.05
N TYR G 2142 41.81 -21.47 81.84
CA TYR G 2142 41.53 -22.76 82.43
C TYR G 2142 42.15 -22.83 83.82
N THR G 2143 41.35 -23.22 84.79
CA THR G 2143 41.80 -23.37 86.17
C THR G 2143 42.23 -24.82 86.40
N ILE G 2144 43.40 -25.00 87.01
CA ILE G 2144 43.91 -26.33 87.31
C ILE G 2144 44.35 -26.39 88.76
N SER G 2145 44.35 -27.60 89.29
CA SER G 2145 44.91 -27.82 90.61
C SER G 2145 46.42 -27.63 90.56
N PRO G 2146 47.05 -27.19 91.65
CA PRO G 2146 48.51 -27.02 91.64
C PRO G 2146 49.24 -28.33 91.39
N SER G 2147 48.57 -29.45 91.68
CA SER G 2147 49.20 -30.77 91.56
C SER G 2147 49.41 -31.19 90.11
N SER G 2148 48.74 -30.55 89.15
CA SER G 2148 48.93 -30.83 87.74
C SER G 2148 49.90 -29.87 87.08
N VAL G 2149 50.57 -29.03 87.86
CA VAL G 2149 51.36 -27.93 87.31
C VAL G 2149 52.55 -28.48 86.50
N GLU G 2150 53.27 -29.44 87.06
CA GLU G 2150 54.48 -29.93 86.39
C GLU G 2150 54.14 -30.64 85.08
N ASP G 2151 53.11 -31.48 85.09
CA ASP G 2151 52.68 -32.14 83.86
C ASP G 2151 52.20 -31.13 82.84
N THR G 2152 51.45 -30.12 83.29
CA THR G 2152 50.99 -29.08 82.38
C THR G 2152 52.16 -28.35 81.75
N MET G 2153 53.21 -28.08 82.54
CA MET G 2153 54.37 -27.37 82.01
C MET G 2153 55.13 -28.22 81.00
N SER G 2154 55.27 -29.51 81.28
CA SER G 2154 55.90 -30.40 80.29
C SER G 2154 55.11 -30.41 78.99
N LEU G 2155 53.78 -30.50 79.10
CA LEU G 2155 52.93 -30.48 77.93
C LEU G 2155 53.08 -29.15 77.18
N LEU G 2156 53.20 -28.06 77.92
CA LEU G 2156 53.36 -26.75 77.28
C LEU G 2156 54.68 -26.66 76.53
N GLU G 2157 55.76 -27.21 77.09
CA GLU G 2157 57.03 -27.22 76.38
C GLU G 2157 56.92 -28.03 75.09
N CYS G 2158 56.28 -29.20 75.15
CA CYS G 2158 56.10 -30.00 73.95
C CYS G 2158 55.30 -29.24 72.90
N LEU G 2159 54.22 -28.57 73.33
CA LEU G 2159 53.40 -27.80 72.41
C LEU G 2159 54.19 -26.63 71.82
N GLY G 2160 55.07 -26.02 72.61
CA GLY G 2160 55.91 -24.97 72.06
C GLY G 2160 56.85 -25.48 70.99
N GLN G 2161 57.45 -26.65 71.22
CA GLN G 2161 58.26 -27.27 70.18
C GLN G 2161 57.46 -27.46 68.90
N ILE G 2162 56.25 -28.03 69.05
CA ILE G 2162 55.43 -28.30 67.87
C ILE G 2162 55.07 -27.01 67.15
N ARG G 2163 54.69 -25.98 67.90
CA ARG G 2163 54.35 -24.70 67.30
C ARG G 2163 55.54 -24.12 66.55
N SER G 2164 56.73 -24.24 67.13
CA SER G 2164 57.94 -23.78 66.45
C SER G 2164 58.15 -24.52 65.15
N LEU G 2165 57.78 -25.80 65.10
CA LEU G 2165 57.99 -26.57 63.88
C LEU G 2165 57.13 -26.10 62.71
N LEU G 2166 56.11 -25.26 62.94
CA LEU G 2166 55.28 -24.78 61.85
C LEU G 2166 56.07 -23.93 60.87
N ILE G 2167 56.88 -23.00 61.39
CA ILE G 2167 57.51 -21.99 60.55
C ILE G 2167 58.57 -22.61 59.65
N VAL G 2168 59.38 -23.53 60.20
CA VAL G 2168 60.47 -24.09 59.43
C VAL G 2168 59.97 -25.23 58.55
N GLN G 2169 60.70 -25.51 57.47
CA GLN G 2169 60.40 -26.65 56.63
C GLN G 2169 60.75 -27.95 57.35
N MET G 2170 60.01 -29.00 57.03
CA MET G 2170 60.21 -30.28 57.69
C MET G 2170 61.53 -30.91 57.26
N GLY G 2171 62.18 -31.58 58.20
CA GLY G 2171 63.36 -32.37 57.94
C GLY G 2171 63.40 -33.55 58.89
N PRO G 2172 64.46 -34.36 58.80
CA PRO G 2172 64.55 -35.52 59.71
C PRO G 2172 64.58 -35.12 61.18
N GLN G 2173 65.41 -34.13 61.52
CA GLN G 2173 65.51 -33.69 62.91
C GLN G 2173 64.16 -33.17 63.42
N GLU G 2174 63.50 -32.35 62.60
CA GLU G 2174 62.21 -31.81 62.99
C GLU G 2174 61.17 -32.92 63.14
N GLU G 2175 61.22 -33.92 62.26
CA GLU G 2175 60.33 -35.06 62.38
C GLU G 2175 60.54 -35.80 63.69
N ASN G 2176 61.82 -36.02 64.05
CA ASN G 2176 62.10 -36.73 65.30
C ASN G 2176 61.59 -35.93 66.49
N LEU G 2177 61.83 -34.61 66.49
CA LEU G 2177 61.35 -33.78 67.58
C LEU G 2177 59.83 -33.84 67.68
N MET G 2178 59.16 -33.76 66.52
CA MET G 2178 57.70 -33.82 66.49
C MET G 2178 57.18 -35.14 67.08
N ILE G 2179 57.73 -36.25 66.61
CA ILE G 2179 57.29 -37.56 67.08
C ILE G 2179 57.51 -37.69 68.58
N GLN G 2180 58.67 -37.25 69.06
CA GLN G 2180 58.97 -37.39 70.48
C GLN G 2180 58.07 -36.50 71.33
N SER G 2181 57.80 -35.29 70.87
CA SER G 2181 56.89 -34.42 71.61
C SER G 2181 55.49 -35.01 71.66
N ILE G 2182 55.03 -35.58 70.54
CA ILE G 2182 53.72 -36.21 70.52
C ILE G 2182 53.68 -37.36 71.51
N GLY G 2183 54.74 -38.18 71.52
CA GLY G 2183 54.78 -39.30 72.44
C GLY G 2183 54.73 -38.86 73.88
N ASN G 2184 55.49 -37.82 74.23
CA ASN G 2184 55.47 -37.32 75.60
C ASN G 2184 54.10 -36.78 75.96
N ILE G 2185 53.46 -36.05 75.04
CA ILE G 2185 52.13 -35.52 75.29
C ILE G 2185 51.14 -36.65 75.55
N MET G 2186 51.21 -37.69 74.71
CA MET G 2186 50.30 -38.83 74.84
C MET G 2186 50.56 -39.63 76.11
N ASN G 2187 51.81 -39.67 76.57
CA ASN G 2187 52.10 -40.28 77.86
C ASN G 2187 51.57 -39.43 79.01
N ASN G 2188 51.52 -38.11 78.81
CA ASN G 2188 51.00 -37.23 79.85
C ASN G 2188 49.54 -37.57 80.17
N LYS G 2189 49.23 -37.56 81.46
CA LYS G 2189 47.86 -37.81 81.91
C LYS G 2189 46.97 -36.59 81.72
N VAL G 2190 47.54 -35.38 81.76
CA VAL G 2190 46.75 -34.17 81.61
C VAL G 2190 46.06 -34.16 80.26
N PHE G 2191 46.72 -34.70 79.23
CA PHE G 2191 46.15 -34.72 77.89
C PHE G 2191 44.79 -35.39 77.89
N TYR G 2192 44.64 -36.48 78.64
CA TYR G 2192 43.37 -37.19 78.69
C TYR G 2192 42.41 -36.55 79.69
N GLN G 2193 42.94 -36.00 80.78
CA GLN G 2193 42.07 -35.45 81.81
C GLN G 2193 41.45 -34.12 81.39
N HIS G 2194 42.17 -33.31 80.62
CA HIS G 2194 41.76 -31.94 80.32
C HIS G 2194 41.75 -31.74 78.80
N PRO G 2195 40.81 -32.41 78.11
CA PRO G 2195 40.71 -32.24 76.65
C PRO G 2195 40.22 -30.86 76.23
N ASN G 2196 39.36 -30.21 77.02
CA ASN G 2196 38.96 -28.85 76.70
C ASN G 2196 40.15 -27.91 76.72
N LEU G 2197 41.09 -28.14 77.64
CA LEU G 2197 42.31 -27.33 77.67
C LEU G 2197 43.09 -27.46 76.37
N MET G 2198 43.24 -28.70 75.88
CA MET G 2198 43.95 -28.91 74.63
C MET G 2198 43.23 -28.27 73.46
N ARG G 2199 41.90 -28.38 73.44
CA ARG G 2199 41.14 -27.76 72.36
C ARG G 2199 41.30 -26.24 72.38
N ALA G 2200 41.32 -25.64 73.57
CA ALA G 2200 41.59 -24.22 73.68
C ALA G 2200 42.99 -23.91 73.18
N LEU G 2201 43.97 -24.75 73.52
CA LEU G 2201 45.35 -24.56 73.10
C LEU G 2201 45.55 -24.73 71.60
N GLY G 2202 44.62 -25.39 70.91
CA GLY G 2202 44.77 -25.59 69.48
C GLY G 2202 45.82 -26.62 69.11
N MET G 2203 46.00 -27.64 69.94
CA MET G 2203 47.01 -28.66 69.69
C MET G 2203 46.72 -29.41 68.39
N HIS G 2204 45.49 -29.90 68.25
CA HIS G 2204 45.11 -30.67 67.07
C HIS G 2204 45.27 -29.85 65.81
N GLU G 2205 44.89 -28.57 65.86
CA GLU G 2205 45.00 -27.73 64.68
C GLU G 2205 46.46 -27.56 64.25
N THR G 2206 47.35 -27.35 65.21
CA THR G 2206 48.78 -27.23 64.88
C THR G 2206 49.30 -28.53 64.29
N VAL G 2207 48.90 -29.66 64.86
CA VAL G 2207 49.33 -30.95 64.31
C VAL G 2207 48.87 -31.09 62.88
N MET G 2208 47.60 -30.74 62.61
CA MET G 2208 47.07 -30.83 61.25
C MET G 2208 47.84 -29.92 60.30
N GLU G 2209 48.16 -28.71 60.77
CA GLU G 2209 48.91 -27.77 59.94
C GLU G 2209 50.28 -28.34 59.57
N VAL G 2210 50.96 -28.96 60.53
CA VAL G 2210 52.24 -29.59 60.22
C VAL G 2210 52.04 -30.72 59.23
N MET G 2211 51.05 -31.57 59.46
CA MET G 2211 50.85 -32.72 58.59
C MET G 2211 50.65 -32.24 57.16
N VAL G 2212 49.78 -31.25 56.99
CA VAL G 2212 49.41 -30.79 55.65
C VAL G 2212 50.56 -30.07 54.99
N ASN G 2213 51.31 -29.27 55.75
CA ASN G 2213 52.47 -28.61 55.17
C ASN G 2213 53.44 -29.64 54.61
N VAL G 2214 53.53 -30.79 55.26
CA VAL G 2214 54.34 -31.88 54.71
C VAL G 2214 53.66 -32.50 53.49
N LEU G 2215 52.35 -32.74 53.58
CA LEU G 2215 51.64 -33.43 52.51
C LEU G 2215 51.73 -32.66 51.19
N GLY G 2216 51.36 -31.39 51.21
CA GLY G 2216 51.25 -30.64 49.97
C GLY G 2216 52.56 -30.53 49.22
N GLY G 2217 53.66 -30.33 49.95
CA GLY G 2217 54.95 -30.12 49.31
C GLY G 2217 55.42 -31.35 48.57
N GLY G 2218 55.60 -31.20 47.25
CA GLY G 2218 56.05 -32.31 46.42
C GLY G 2218 55.13 -33.50 46.53
N GLU G 2219 53.84 -33.24 46.76
CA GLU G 2219 52.88 -34.32 46.95
C GLU G 2219 52.88 -35.27 45.74
N THR G 2220 52.74 -34.71 44.54
CA THR G 2220 52.57 -35.56 43.36
C THR G 2220 53.78 -36.47 43.15
N LYS G 2221 54.99 -35.94 43.37
CA LYS G 2221 56.19 -36.74 43.14
C LYS G 2221 56.28 -37.89 44.14
N GLU G 2222 56.14 -37.59 45.43
CA GLU G 2222 56.31 -38.59 46.48
C GLU G 2222 55.98 -37.92 47.81
N ILE G 2223 55.67 -38.74 48.81
CA ILE G 2223 55.32 -38.27 50.14
C ILE G 2223 56.46 -38.63 51.08
N ARG G 2224 57.07 -37.60 51.67
CA ARG G 2224 58.21 -37.78 52.58
C ARG G 2224 57.73 -37.80 54.02
N PHE G 2225 58.65 -38.15 54.93
CA PHE G 2225 58.40 -38.17 56.36
C PHE G 2225 57.07 -38.85 56.66
N PRO G 2226 56.86 -40.07 56.14
CA PRO G 2226 55.63 -40.78 56.46
C PRO G 2226 55.47 -41.13 57.94
N LYS G 2227 56.55 -41.37 58.66
CA LYS G 2227 56.41 -41.67 60.08
C LYS G 2227 55.71 -40.54 60.81
N MET G 2228 55.98 -39.30 60.40
CA MET G 2228 55.35 -38.15 61.05
C MET G 2228 53.84 -38.14 60.83
N VAL G 2229 53.39 -38.47 59.62
CA VAL G 2229 51.95 -38.52 59.34
C VAL G 2229 51.29 -39.67 60.11
N THR G 2230 51.99 -40.80 60.21
CA THR G 2230 51.47 -41.92 60.99
C THR G 2230 51.28 -41.49 62.44
N SER G 2231 52.27 -40.78 62.99
CA SER G 2231 52.08 -40.19 64.31
C SER G 2231 50.94 -39.19 64.29
N CYS G 2232 50.70 -38.55 63.14
CA CYS G 2232 49.72 -37.47 63.08
C CYS G 2232 48.31 -37.99 63.31
N CYS G 2233 47.92 -39.11 62.69
CA CYS G 2233 46.90 -39.86 63.46
C CYS G 2233 47.30 -40.18 64.86
N ARG G 2234 48.22 -41.11 65.09
CA ARG G 2234 48.17 -41.75 66.40
C ARG G 2234 47.72 -40.74 67.44
N PHE G 2235 48.30 -39.54 67.39
CA PHE G 2235 47.83 -38.43 68.21
C PHE G 2235 46.39 -38.02 67.88
N LEU G 2236 46.15 -37.43 66.69
CA LEU G 2236 44.87 -36.80 66.38
C LEU G 2236 43.72 -37.80 66.33
N CYS G 2237 44.06 -39.07 66.28
CA CYS G 2237 43.22 -40.10 65.72
C CYS G 2237 42.96 -41.11 66.84
N TYR G 2238 43.65 -40.90 67.99
CA TYR G 2238 43.14 -41.18 69.34
C TYR G 2238 42.41 -39.96 69.93
N PHE G 2239 42.81 -38.76 69.52
CA PHE G 2239 42.25 -37.52 70.05
C PHE G 2239 40.74 -37.49 69.91
N CYS G 2240 40.24 -37.90 68.74
CA CYS G 2240 38.80 -37.95 68.54
C CYS G 2240 38.12 -38.95 69.46
N ARG G 2241 38.84 -40.01 69.87
CA ARG G 2241 38.31 -40.99 70.79
C ARG G 2241 38.27 -40.48 72.23
N ILE G 2242 39.18 -39.59 72.60
CA ILE G 2242 39.20 -39.12 73.98
C ILE G 2242 37.85 -38.52 74.38
N SER G 2243 37.28 -37.68 73.52
CA SER G 2243 36.06 -36.96 73.86
C SER G 2243 35.28 -36.65 72.59
N ARG G 2244 33.94 -36.60 72.74
CA ARG G 2244 33.08 -36.23 71.63
C ARG G 2244 33.35 -34.82 71.12
N GLN G 2245 33.61 -33.88 72.03
CA GLN G 2245 33.87 -32.50 71.63
C GLN G 2245 35.11 -32.42 70.75
N ASN G 2246 36.16 -33.17 71.09
CA ASN G 2246 37.33 -33.27 70.22
C ASN G 2246 36.96 -33.85 68.86
N GLN G 2247 36.12 -34.89 68.88
CA GLN G 2247 35.68 -35.53 67.66
C GLN G 2247 34.91 -34.54 66.77
N ARG G 2248 34.06 -33.72 67.39
CA ARG G 2248 33.34 -32.70 66.66
C ARG G 2248 34.29 -31.65 66.09
N SER G 2249 35.28 -31.24 66.89
CA SER G 2249 36.25 -30.26 66.42
C SER G 2249 36.97 -30.76 65.17
N MET G 2250 37.30 -32.05 65.14
CA MET G 2250 37.97 -32.61 63.96
C MET G 2250 36.99 -32.79 62.81
N PHE G 2251 35.74 -33.16 63.12
CA PHE G 2251 34.71 -33.23 62.10
C PHE G 2251 34.58 -31.90 61.37
N ASP G 2252 34.71 -30.79 62.10
CA ASP G 2252 34.65 -29.48 61.47
C ASP G 2252 35.75 -29.30 60.43
N HIS G 2253 36.90 -29.94 60.63
CA HIS G 2253 38.01 -29.81 59.69
C HIS G 2253 37.98 -30.91 58.64
N LEU G 2254 37.03 -31.85 58.77
CA LEU G 2254 36.91 -32.99 57.86
C LEU G 2254 37.29 -32.72 56.41
N SER G 2255 36.65 -31.72 55.78
CA SER G 2255 36.85 -31.50 54.35
C SER G 2255 38.33 -31.30 54.04
N TYR G 2256 39.02 -30.53 54.88
CA TYR G 2256 40.45 -30.32 54.70
C TYR G 2256 41.20 -31.65 54.71
N LEU G 2257 40.86 -32.52 55.65
CA LEU G 2257 41.46 -33.85 55.69
C LEU G 2257 41.16 -34.62 54.42
N LEU G 2258 39.93 -34.53 53.92
CA LEU G 2258 39.57 -35.28 52.72
C LEU G 2258 40.32 -34.77 51.49
N GLU G 2259 40.46 -33.46 51.35
CA GLU G 2259 41.17 -32.93 50.18
C GLU G 2259 42.67 -33.20 50.28
N ASN G 2260 43.18 -33.40 51.50
CA ASN G 2260 44.56 -33.83 51.67
C ASN G 2260 44.72 -35.35 51.61
N SER G 2261 43.62 -36.10 51.62
CA SER G 2261 43.70 -37.55 51.66
C SER G 2261 44.30 -38.12 50.38
N GLY G 2262 44.07 -37.47 49.24
CA GLY G 2262 44.39 -38.08 47.97
C GLY G 2262 45.81 -38.60 47.89
N ILE G 2263 46.79 -37.79 48.31
CA ILE G 2263 48.17 -38.24 48.29
C ILE G 2263 48.42 -39.29 49.37
N GLY G 2264 47.83 -39.09 50.55
CA GLY G 2264 48.16 -39.94 51.68
C GLY G 2264 47.80 -41.40 51.43
N LEU G 2265 46.97 -41.64 50.42
CA LEU G 2265 46.49 -42.99 50.17
C LEU G 2265 47.64 -43.97 49.94
N GLY G 2266 48.62 -43.59 49.11
CA GLY G 2266 49.72 -44.49 48.81
C GLY G 2266 50.50 -44.88 50.05
N MET G 2267 50.70 -43.93 50.94
CA MET G 2267 51.31 -44.20 52.23
C MET G 2267 50.54 -45.27 53.00
N GLN G 2268 51.28 -46.15 53.66
CA GLN G 2268 50.67 -47.19 54.47
CA GLN G 2268 50.67 -47.19 54.47
C GLN G 2268 50.67 -46.79 55.94
N GLY G 2269 49.62 -47.21 56.66
CA GLY G 2269 49.51 -46.91 58.07
C GLY G 2269 48.32 -46.02 58.37
N SER G 2270 48.46 -45.20 59.41
CA SER G 2270 47.39 -44.31 59.82
C SER G 2270 47.41 -43.04 58.97
N THR G 2271 46.25 -42.64 58.47
CA THR G 2271 46.15 -41.63 57.43
C THR G 2271 45.08 -40.61 57.76
N PRO G 2272 45.07 -39.48 57.03
CA PRO G 2272 43.98 -38.50 57.22
C PRO G 2272 42.61 -39.08 56.99
N LEU G 2273 42.49 -40.05 56.08
CA LEU G 2273 41.22 -40.74 55.92
C LEU G 2273 40.82 -41.46 57.20
N ASP G 2274 41.79 -42.03 57.92
CA ASP G 2274 41.52 -42.61 59.23
C ASP G 2274 41.16 -41.53 60.26
N VAL G 2275 41.77 -40.35 60.16
CA VAL G 2275 41.35 -39.25 61.03
C VAL G 2275 39.89 -38.92 60.79
N ALA G 2276 39.49 -38.85 59.52
CA ALA G 2276 38.10 -38.60 59.17
C ALA G 2276 37.18 -39.68 59.73
N ALA G 2277 37.60 -40.94 59.57
CA ALA G 2277 36.81 -42.05 60.10
C ALA G 2277 36.65 -41.93 61.62
N ALA G 2278 37.71 -41.53 62.31
CA ALA G 2278 37.62 -41.31 63.75
C ALA G 2278 36.68 -40.16 64.08
N SER G 2279 36.69 -39.12 63.25
CA SER G 2279 35.78 -37.99 63.46
C SER G 2279 34.33 -38.43 63.34
N VAL G 2280 34.03 -39.32 62.40
CA VAL G 2280 32.64 -39.68 62.10
C VAL G 2280 32.18 -40.92 62.87
N ILE G 2281 33.10 -41.67 63.47
CA ILE G 2281 32.76 -43.02 63.92
C ILE G 2281 31.83 -42.93 65.13
N ASP G 2282 30.76 -43.74 65.10
CA ASP G 2282 29.89 -44.00 66.24
C ASP G 2282 29.23 -42.73 66.79
N ASN G 2283 29.08 -41.70 65.97
CA ASN G 2283 28.38 -40.49 66.36
C ASN G 2283 27.26 -40.20 65.35
N ASN G 2284 26.02 -40.44 65.76
CA ASN G 2284 24.89 -40.21 64.88
C ASN G 2284 24.75 -38.74 64.51
N GLU G 2285 24.97 -37.84 65.48
CA GLU G 2285 24.91 -36.41 65.18
C GLU G 2285 25.87 -36.05 64.06
N LEU G 2286 27.13 -36.43 64.20
CA LEU G 2286 28.14 -36.09 63.20
C LEU G 2286 27.83 -36.75 61.86
N ALA G 2287 27.40 -38.01 61.88
CA ALA G 2287 27.07 -38.69 60.64
C ALA G 2287 25.92 -37.99 59.92
N LEU G 2288 24.90 -37.59 60.66
CA LEU G 2288 23.77 -36.89 60.05
C LEU G 2288 24.14 -35.49 59.60
N ALA G 2289 25.12 -34.86 60.24
CA ALA G 2289 25.63 -33.57 59.80
C ALA G 2289 26.64 -33.70 58.66
N LEU G 2290 27.03 -34.92 58.33
CA LEU G 2290 27.99 -35.13 57.25
C LEU G 2290 27.42 -34.61 55.93
N GLN G 2291 28.31 -34.14 55.05
CA GLN G 2291 27.89 -33.45 53.85
C GLN G 2291 28.03 -34.30 52.58
N GLU G 2292 27.00 -34.18 51.74
CA GLU G 2292 27.01 -34.87 50.45
C GLU G 2292 28.17 -34.41 49.60
N GLN G 2293 28.68 -33.20 49.81
CA GLN G 2293 29.87 -32.76 49.07
C GLN G 2293 31.08 -33.61 49.43
N ASP G 2294 31.28 -33.86 50.72
CA ASP G 2294 32.37 -34.74 51.14
C ASP G 2294 32.16 -36.15 50.57
N LEU G 2295 30.92 -36.63 50.62
CA LEU G 2295 30.66 -37.96 50.05
C LEU G 2295 30.98 -38.00 48.56
N GLU G 2296 30.60 -36.96 47.81
CA GLU G 2296 30.91 -36.93 46.38
C GLU G 2296 32.41 -36.91 46.15
N LYS G 2297 33.14 -36.17 46.98
CA LYS G 2297 34.59 -36.13 46.82
C LYS G 2297 35.19 -37.53 47.02
N VAL G 2298 34.74 -38.23 48.07
CA VAL G 2298 35.22 -39.59 48.30
C VAL G 2298 34.89 -40.48 47.10
N VAL G 2299 33.67 -40.35 46.57
CA VAL G 2299 33.24 -41.21 45.47
C VAL G 2299 34.04 -40.90 44.22
N SER G 2300 34.37 -39.63 43.99
CA SER G 2300 35.21 -39.27 42.85
C SER G 2300 36.60 -39.87 42.98
N TYR G 2301 37.18 -39.78 44.18
CA TYR G 2301 38.47 -40.43 44.41
C TYR G 2301 38.39 -41.92 44.10
N LEU G 2302 37.32 -42.57 44.57
CA LEU G 2302 37.18 -44.01 44.36
C LEU G 2302 36.98 -44.35 42.89
N ALA G 2303 36.25 -43.50 42.16
CA ALA G 2303 36.11 -43.70 40.72
C ALA G 2303 37.45 -43.59 40.02
N GLY G 2304 38.25 -42.60 40.39
CA GLY G 2304 39.59 -42.51 39.85
C GLY G 2304 40.42 -43.75 40.15
N CYS G 2305 40.28 -44.29 41.37
CA CYS G 2305 40.95 -45.54 41.70
C CYS G 2305 40.47 -46.70 40.83
N GLY G 2306 39.18 -46.79 40.59
CA GLY G 2306 38.63 -47.88 39.80
C GLY G 2306 38.94 -47.74 38.32
N LEU G 2307 39.35 -46.55 37.91
CA LEU G 2307 39.70 -46.30 36.51
C LEU G 2307 41.18 -46.37 36.22
N GLN G 2308 42.04 -46.06 37.19
CA GLN G 2308 43.47 -45.99 36.95
C GLN G 2308 44.24 -46.74 38.04
N SER G 2309 45.38 -47.29 37.66
CA SER G 2309 46.20 -48.06 38.58
C SER G 2309 47.08 -47.15 39.43
N CYS G 2310 47.82 -47.78 40.34
CA CYS G 2310 48.66 -47.02 41.25
C CYS G 2310 50.05 -46.82 40.65
N PRO G 2311 50.46 -45.57 40.38
CA PRO G 2311 51.78 -45.37 39.78
C PRO G 2311 52.92 -45.87 40.65
N MET G 2312 52.76 -45.84 41.97
CA MET G 2312 53.81 -46.35 42.85
C MET G 2312 54.03 -47.84 42.63
N LEU G 2313 52.94 -48.60 42.56
CA LEU G 2313 53.05 -50.04 42.27
C LEU G 2313 53.65 -50.26 40.88
N LEU G 2314 53.21 -49.47 39.90
CA LEU G 2314 53.74 -49.61 38.55
C LEU G 2314 55.25 -49.39 38.54
N ALA G 2315 55.72 -48.36 39.27
CA ALA G 2315 57.15 -48.11 39.39
C ALA G 2315 57.85 -49.25 40.09
N LYS G 2316 57.23 -49.82 41.12
CA LYS G 2316 57.76 -50.99 41.78
C LYS G 2316 57.79 -52.20 40.87
N GLY G 2317 57.11 -52.14 39.72
CA GLY G 2317 57.18 -53.21 38.74
C GLY G 2317 56.02 -54.17 38.78
N TYR G 2318 54.96 -53.84 39.49
CA TYR G 2318 53.80 -54.71 39.58
C TYR G 2318 53.16 -54.85 38.19
N PRO G 2319 52.47 -55.97 37.93
CA PRO G 2319 51.70 -56.07 36.69
C PRO G 2319 50.67 -54.95 36.61
N ASP G 2320 50.52 -54.39 35.41
CA ASP G 2320 49.68 -53.22 35.21
C ASP G 2320 48.24 -53.66 34.94
N ILE G 2321 47.37 -53.42 35.91
CA ILE G 2321 45.94 -53.54 35.73
C ILE G 2321 45.37 -52.13 35.66
N GLY G 2322 44.08 -52.03 35.41
CA GLY G 2322 43.48 -50.74 35.14
C GLY G 2322 42.97 -49.98 36.36
N TRP G 2323 43.19 -50.44 37.58
CA TRP G 2323 42.51 -49.83 38.71
C TRP G 2323 43.25 -50.14 40.01
N ASN G 2324 42.92 -49.38 41.07
CA ASN G 2324 43.66 -49.40 42.32
C ASN G 2324 42.81 -49.99 43.44
N PRO G 2325 42.81 -51.32 43.62
CA PRO G 2325 42.00 -51.91 44.69
C PRO G 2325 42.39 -51.38 46.04
N CYS G 2326 43.68 -51.12 46.24
CA CYS G 2326 44.19 -50.74 47.54
C CYS G 2326 43.54 -49.46 48.04
N GLY G 2327 43.41 -48.45 47.17
CA GLY G 2327 42.75 -47.22 47.58
C GLY G 2327 41.25 -47.28 47.53
N GLY G 2328 40.71 -48.07 46.60
CA GLY G 2328 39.27 -48.25 46.62
C GLY G 2328 38.81 -48.79 47.95
N GLU G 2329 39.60 -49.71 48.54
CA GLU G 2329 39.24 -50.31 49.82
C GLU G 2329 39.19 -49.26 50.94
N ARG G 2330 40.19 -48.39 51.04
CA ARG G 2330 40.19 -47.36 52.07
C ARG G 2330 39.01 -46.44 51.93
N TYR G 2331 38.76 -45.95 50.72
CA TYR G 2331 37.61 -45.06 50.54
C TYR G 2331 36.32 -45.77 50.92
N LEU G 2332 36.22 -47.06 50.57
CA LEU G 2332 35.02 -47.83 50.88
C LEU G 2332 34.81 -47.98 52.38
N ASP G 2333 35.88 -48.26 53.15
CA ASP G 2333 35.67 -48.42 54.58
C ASP G 2333 35.38 -47.09 55.25
N PHE G 2334 35.95 -45.98 54.73
CA PHE G 2334 35.50 -44.68 55.21
C PHE G 2334 34.00 -44.52 55.03
N LEU G 2335 33.51 -44.82 53.82
CA LEU G 2335 32.07 -44.71 53.58
C LEU G 2335 31.28 -45.63 54.48
N ARG G 2336 31.82 -46.81 54.76
CA ARG G 2336 31.17 -47.74 55.68
C ARG G 2336 31.00 -47.12 57.07
N PHE G 2337 32.07 -46.52 57.59
CA PHE G 2337 31.97 -45.83 58.88
C PHE G 2337 30.99 -44.67 58.81
N ALA G 2338 30.89 -44.02 57.65
CA ALA G 2338 29.95 -42.91 57.51
C ALA G 2338 28.51 -43.39 57.59
N VAL G 2339 28.19 -44.50 56.91
CA VAL G 2339 26.80 -44.91 56.76
C VAL G 2339 26.31 -45.85 57.84
N PHE G 2340 27.20 -46.50 58.60
CA PHE G 2340 26.79 -47.50 59.57
C PHE G 2340 27.25 -47.08 60.94
N VAL G 2341 26.30 -46.85 61.85
CA VAL G 2341 26.58 -46.37 63.19
C VAL G 2341 25.84 -47.24 64.21
N ASN G 2342 26.58 -47.73 65.21
CA ASN G 2342 25.99 -48.40 66.36
C ASN G 2342 25.02 -49.50 65.94
N GLY G 2343 25.43 -50.28 64.95
CA GLY G 2343 24.66 -51.43 64.53
C GLY G 2343 23.49 -51.14 63.61
N GLU G 2344 23.28 -49.89 63.22
CA GLU G 2344 22.14 -49.51 62.40
C GLU G 2344 22.59 -48.59 61.28
N SER G 2345 21.89 -48.71 60.14
CA SER G 2345 22.20 -47.89 58.98
C SER G 2345 21.62 -46.50 59.13
N VAL G 2346 22.33 -45.52 58.57
CA VAL G 2346 21.85 -44.15 58.45
C VAL G 2346 21.36 -43.97 57.02
N GLU G 2347 20.04 -43.95 56.84
CA GLU G 2347 19.48 -43.96 55.50
C GLU G 2347 19.86 -42.69 54.73
N GLU G 2348 19.95 -41.55 55.42
CA GLU G 2348 20.25 -40.30 54.74
C GLU G 2348 21.57 -40.39 53.99
N ASN G 2349 22.59 -40.97 54.61
CA ASN G 2349 23.88 -41.13 53.96
C ASN G 2349 23.90 -42.35 53.05
N ALA G 2350 23.19 -43.42 53.42
CA ALA G 2350 23.21 -44.64 52.64
C ALA G 2350 22.64 -44.42 51.24
N ASN G 2351 21.49 -43.76 51.17
CA ASN G 2351 20.87 -43.51 49.87
C ASN G 2351 21.77 -42.64 49.00
N VAL G 2352 22.38 -41.62 49.59
CA VAL G 2352 23.29 -40.76 48.85
C VAL G 2352 24.46 -41.56 48.30
N VAL G 2353 25.03 -42.44 49.13
CA VAL G 2353 26.15 -43.25 48.68
C VAL G 2353 25.73 -44.12 47.52
N VAL G 2354 24.56 -44.77 47.64
CA VAL G 2354 24.09 -45.65 46.57
C VAL G 2354 23.95 -44.87 45.27
N ARG G 2355 23.31 -43.69 45.35
CA ARG G 2355 23.04 -42.92 44.15
C ARG G 2355 24.32 -42.45 43.50
N LEU G 2356 25.25 -41.92 44.30
CA LEU G 2356 26.53 -41.47 43.78
C LEU G 2356 27.28 -42.62 43.13
N LEU G 2357 27.23 -43.79 43.77
CA LEU G 2357 27.98 -44.93 43.28
C LEU G 2357 27.43 -45.46 41.97
N ILE G 2358 26.10 -45.48 41.83
CA ILE G 2358 25.52 -45.89 40.55
C ILE G 2358 25.80 -44.84 39.48
N ARG G 2359 25.79 -43.56 39.84
CA ARG G 2359 26.09 -42.52 38.86
C ARG G 2359 27.52 -42.64 38.35
N LYS G 2360 28.44 -43.00 39.25
CA LYS G 2360 29.80 -43.35 38.85
C LYS G 2360 29.99 -44.85 39.05
N PRO G 2361 29.54 -45.70 38.12
CA PRO G 2361 29.58 -47.14 38.34
C PRO G 2361 30.97 -47.75 38.20
N GLU G 2362 31.96 -47.01 37.67
CA GLU G 2362 33.32 -47.52 37.63
C GLU G 2362 33.87 -47.77 39.03
N CYS G 2363 33.27 -47.16 40.05
CA CYS G 2363 33.64 -47.46 41.43
C CYS G 2363 33.33 -48.91 41.79
N PHE G 2364 32.31 -49.51 41.17
CA PHE G 2364 31.96 -50.88 41.47
C PHE G 2364 33.09 -51.83 41.10
N GLY G 2365 33.89 -51.47 40.10
CA GLY G 2365 34.98 -52.29 39.64
C GLY G 2365 34.87 -52.59 38.16
N PRO G 2366 35.94 -53.13 37.57
CA PRO G 2366 35.82 -53.64 36.20
C PRO G 2366 34.78 -54.72 36.09
N ALA G 2367 34.59 -55.48 37.17
CA ALA G 2367 33.43 -56.36 37.30
C ALA G 2367 32.26 -55.51 37.78
N LEU G 2368 31.05 -56.08 37.77
CA LEU G 2368 29.86 -55.34 38.16
C LEU G 2368 29.67 -54.14 37.24
N ARG G 2369 30.37 -54.14 36.10
CA ARG G 2369 30.28 -53.01 35.19
CA ARG G 2369 30.29 -53.02 35.18
C ARG G 2369 28.97 -53.00 34.42
N GLY G 2370 28.49 -54.16 34.01
CA GLY G 2370 27.35 -54.23 33.13
C GLY G 2370 27.79 -54.78 31.78
N GLU G 2371 27.89 -53.90 30.78
CA GLU G 2371 28.39 -54.32 29.49
C GLU G 2371 29.82 -54.83 29.59
N GLY G 2372 30.06 -56.00 29.01
CA GLY G 2372 31.40 -56.55 28.97
C GLY G 2372 32.02 -56.70 30.35
N GLY G 2373 31.21 -57.08 31.34
CA GLY G 2373 31.68 -57.16 32.71
C GLY G 2373 31.48 -58.51 33.34
N SER G 2374 32.58 -59.14 33.75
CA SER G 2374 32.48 -60.41 34.46
C SER G 2374 31.84 -60.21 35.82
N GLY G 2375 31.24 -61.28 36.33
CA GLY G 2375 30.58 -61.23 37.61
C GLY G 2375 31.55 -61.23 38.76
N LEU G 2376 30.99 -60.97 39.95
CA LEU G 2376 31.79 -60.96 41.17
C LEU G 2376 32.45 -62.30 41.42
N LEU G 2377 31.71 -63.39 41.22
CA LEU G 2377 32.26 -64.72 41.47
C LEU G 2377 33.43 -65.02 40.54
N ALA G 2378 33.27 -64.69 39.25
CA ALA G 2378 34.37 -64.87 38.32
C ALA G 2378 35.56 -63.99 38.68
N ALA G 2379 35.30 -62.78 39.17
CA ALA G 2379 36.38 -61.91 39.61
C ALA G 2379 37.16 -62.55 40.75
N ILE G 2380 36.45 -63.12 41.72
CA ILE G 2380 37.11 -63.78 42.86
C ILE G 2380 37.93 -64.96 42.38
N GLU G 2381 37.36 -65.77 41.47
CA GLU G 2381 38.08 -66.93 40.96
C GLU G 2381 39.36 -66.52 40.24
N GLU G 2382 39.26 -65.48 39.39
CA GLU G 2382 40.43 -65.00 38.69
C GLU G 2382 41.46 -64.43 39.65
N ALA G 2383 40.99 -63.78 40.73
CA ALA G 2383 41.92 -63.29 41.74
C ALA G 2383 42.66 -64.43 42.42
N ILE G 2384 41.96 -65.53 42.68
CA ILE G 2384 42.62 -66.70 43.28
C ILE G 2384 43.68 -67.26 42.33
N ARG G 2385 43.33 -67.38 41.05
CA ARG G 2385 44.30 -67.84 40.08
C ARG G 2385 45.50 -66.90 40.02
N ILE G 2386 45.25 -65.59 40.11
CA ILE G 2386 46.35 -64.62 40.15
C ILE G 2386 47.24 -64.88 41.34
N SER G 2387 46.63 -65.03 42.52
CA SER G 2387 47.41 -65.28 43.73
C SER G 2387 48.29 -66.51 43.57
N GLU G 2388 47.75 -67.55 42.93
CA GLU G 2388 48.57 -68.73 42.66
C GLU G 2388 49.70 -68.41 41.70
N ASP G 2389 49.43 -67.62 40.66
CA ASP G 2389 50.40 -67.35 39.61
C ASP G 2389 51.17 -66.08 39.92
N PRO G 2390 52.47 -66.14 40.21
CA PRO G 2390 53.28 -64.93 40.23
C PRO G 2390 53.59 -64.45 38.82
N ALA G 2391 54.06 -63.21 38.74
CA ALA G 2391 54.23 -62.43 37.51
C ALA G 2391 52.87 -61.89 37.07
N ARG G 2392 51.78 -62.31 37.71
CA ARG G 2392 50.47 -61.70 37.56
C ARG G 2392 49.89 -61.24 38.89
N ASP G 2393 50.44 -61.70 40.01
CA ASP G 2393 50.09 -61.19 41.33
C ASP G 2393 51.09 -60.15 41.84
N GLY G 2394 52.31 -60.17 41.32
CA GLY G 2394 53.33 -59.26 41.77
C GLY G 2394 54.47 -59.12 40.77
N PRO G 2395 55.43 -58.25 41.07
CA PRO G 2395 56.53 -58.02 40.12
C PRO G 2395 57.29 -59.28 39.76
N GLY G 2396 57.54 -60.15 40.73
CA GLY G 2396 58.22 -61.41 40.45
C GLY G 2396 59.57 -61.23 39.79
N VAL G 2397 60.36 -60.27 40.26
CA VAL G 2397 61.71 -60.00 39.75
C VAL G 2397 62.35 -61.19 39.07
N PRO G 2410 60.27 -59.56 50.25
CA PRO G 2410 60.08 -58.16 50.62
C PRO G 2410 60.64 -57.82 52.00
N PRO G 2411 61.49 -56.79 52.09
CA PRO G 2411 61.96 -56.37 53.42
C PRO G 2411 60.84 -55.89 54.32
N GLU G 2412 59.96 -55.03 53.79
CA GLU G 2412 58.85 -54.51 54.58
C GLU G 2412 57.86 -55.60 54.96
N GLU G 2413 57.75 -56.67 54.16
CA GLU G 2413 56.81 -57.76 54.35
C GLU G 2413 55.36 -57.33 54.17
N ASN G 2414 55.11 -56.07 53.84
CA ASN G 2414 53.78 -55.58 53.48
C ASN G 2414 53.57 -55.59 51.98
N ARG G 2415 54.45 -56.25 51.23
CA ARG G 2415 54.38 -56.24 49.77
C ARG G 2415 52.98 -56.62 49.29
N VAL G 2416 52.44 -55.80 48.40
CA VAL G 2416 51.04 -55.93 48.00
C VAL G 2416 50.85 -57.17 47.15
N HIS G 2417 49.75 -57.88 47.40
CA HIS G 2417 49.35 -59.03 46.61
C HIS G 2417 48.04 -58.68 45.89
N LEU G 2418 48.09 -58.69 44.56
CA LEU G 2418 46.99 -58.15 43.78
C LEU G 2418 45.71 -58.95 43.96
N GLY G 2419 45.81 -60.28 44.06
CA GLY G 2419 44.63 -61.08 44.26
C GLY G 2419 43.93 -60.74 45.57
N HIS G 2420 44.70 -60.65 46.65
CA HIS G 2420 44.12 -60.26 47.94
C HIS G 2420 43.55 -58.86 47.87
N ALA G 2421 44.24 -57.95 47.17
CA ALA G 2421 43.74 -56.58 47.04
C ALA G 2421 42.38 -56.56 46.34
N ILE G 2422 42.23 -57.33 45.27
CA ILE G 2422 40.97 -57.36 44.54
C ILE G 2422 39.86 -57.97 45.40
N MET G 2423 40.16 -59.11 46.03
CA MET G 2423 39.16 -59.75 46.88
C MET G 2423 38.72 -58.82 48.01
N SER G 2424 39.65 -58.12 48.63
CA SER G 2424 39.34 -57.19 49.71
C SER G 2424 38.55 -55.98 49.22
N PHE G 2425 38.89 -55.45 48.05
CA PHE G 2425 38.09 -54.38 47.48
C PHE G 2425 36.64 -54.82 47.30
N TYR G 2426 36.43 -55.98 46.69
CA TYR G 2426 35.06 -56.44 46.46
C TYR G 2426 34.35 -56.75 47.76
N ALA G 2427 35.05 -57.35 48.73
CA ALA G 2427 34.44 -57.62 50.03
C ALA G 2427 34.02 -56.33 50.72
N ALA G 2428 34.88 -55.30 50.67
CA ALA G 2428 34.54 -54.02 51.26
C ALA G 2428 33.32 -53.41 50.57
N LEU G 2429 33.27 -53.50 49.24
CA LEU G 2429 32.13 -52.98 48.51
C LEU G 2429 30.84 -53.68 48.95
N ILE G 2430 30.88 -55.01 49.02
CA ILE G 2430 29.69 -55.77 49.41
C ILE G 2430 29.28 -55.43 50.84
N ASP G 2431 30.27 -55.31 51.75
CA ASP G 2431 29.96 -54.94 53.12
C ASP G 2431 29.30 -53.58 53.18
N LEU G 2432 29.83 -52.61 52.44
CA LEU G 2432 29.26 -51.27 52.45
C LEU G 2432 27.84 -51.27 51.91
N LEU G 2433 27.59 -52.02 50.84
CA LEU G 2433 26.25 -52.10 50.30
C LEU G 2433 25.28 -52.75 51.30
N GLY G 2434 25.71 -53.84 51.92
CA GLY G 2434 24.86 -54.46 52.94
C GLY G 2434 24.57 -53.51 54.08
N ARG G 2435 25.56 -52.72 54.48
CA ARG G 2435 25.36 -51.77 55.57
C ARG G 2435 24.41 -50.65 55.15
N CYS G 2436 24.51 -50.22 53.89
CA CYS G 2436 23.55 -49.25 53.36
C CYS G 2436 22.15 -49.84 53.27
N ALA G 2437 22.05 -51.16 53.26
CA ALA G 2437 20.76 -51.80 53.11
C ALA G 2437 19.79 -51.33 54.19
N PRO G 2438 18.50 -51.18 53.87
CA PRO G 2438 17.54 -50.72 54.88
C PRO G 2438 17.42 -51.69 56.05
N GLU G 2439 17.08 -51.15 57.21
CA GLU G 2439 16.65 -51.97 58.34
C GLU G 2439 15.25 -52.51 58.07
N MET G 2440 14.97 -53.69 58.64
CA MET G 2440 13.74 -54.39 58.29
C MET G 2440 12.49 -53.58 58.67
N HIS G 2441 12.49 -52.97 59.85
CA HIS G 2441 11.26 -52.34 60.34
C HIS G 2441 10.71 -51.35 59.31
N LEU G 2442 11.60 -50.67 58.58
CA LEU G 2442 11.15 -49.85 57.46
C LEU G 2442 10.48 -50.70 56.39
N ILE G 2443 11.04 -51.87 56.11
CA ILE G 2443 10.48 -52.73 55.06
C ILE G 2443 9.06 -53.16 55.44
N GLN G 2444 8.87 -53.58 56.69
CA GLN G 2444 7.53 -53.89 57.16
C GLN G 2444 6.63 -52.67 57.09
N ALA G 2445 7.16 -51.49 57.42
CA ALA G 2445 6.40 -50.26 57.26
C ALA G 2445 6.06 -49.99 55.80
N GLY G 2446 6.76 -50.63 54.87
CA GLY G 2446 6.49 -50.44 53.46
C GLY G 2446 6.96 -49.10 52.92
N LYS G 2447 8.13 -48.63 53.36
CA LYS G 2447 8.63 -47.36 52.89
C LYS G 2447 9.23 -47.50 51.49
N GLY G 2448 8.73 -46.68 50.56
CA GLY G 2448 9.10 -46.83 49.17
C GLY G 2448 10.58 -46.63 48.93
N GLU G 2449 11.19 -45.66 49.61
CA GLU G 2449 12.62 -45.43 49.44
C GLU G 2449 13.42 -46.66 49.87
N ALA G 2450 13.06 -47.25 51.01
CA ALA G 2450 13.75 -48.45 51.48
C ALA G 2450 13.61 -49.58 50.48
N LEU G 2451 12.39 -49.80 49.99
CA LEU G 2451 12.19 -50.89 49.02
C LEU G 2451 12.99 -50.65 47.75
N ARG G 2452 13.01 -49.40 47.28
CA ARG G 2452 13.77 -49.08 46.07
C ARG G 2452 15.25 -49.32 46.25
N ILE G 2453 15.80 -48.91 47.39
CA ILE G 2453 17.21 -49.13 47.67
C ILE G 2453 17.52 -50.62 47.70
N ARG G 2454 16.67 -51.39 48.38
CA ARG G 2454 16.92 -52.83 48.47
C ARG G 2454 16.87 -53.48 47.10
N ALA G 2455 15.90 -53.09 46.27
CA ALA G 2455 15.82 -53.64 44.93
C ALA G 2455 17.06 -53.31 44.11
N ILE G 2456 17.56 -52.08 44.25
CA ILE G 2456 18.78 -51.70 43.55
C ILE G 2456 19.95 -52.57 43.99
N LEU G 2457 20.07 -52.79 45.30
CA LEU G 2457 21.18 -53.60 45.81
C LEU G 2457 21.08 -55.04 45.30
N ARG G 2458 19.87 -55.60 45.30
CA ARG G 2458 19.68 -56.96 44.80
C ARG G 2458 20.04 -57.04 43.32
N SER G 2459 19.62 -56.04 42.54
CA SER G 2459 19.95 -56.03 41.13
C SER G 2459 21.47 -56.00 40.94
N LEU G 2460 22.16 -55.19 41.75
CA LEU G 2460 23.62 -55.12 41.64
C LEU G 2460 24.26 -56.46 41.95
N VAL G 2461 23.88 -57.09 43.05
CA VAL G 2461 24.55 -58.29 43.53
C VAL G 2461 23.56 -59.46 43.50
N PRO G 2462 23.71 -60.41 42.59
CA PRO G 2462 22.85 -61.59 42.62
C PRO G 2462 23.23 -62.56 43.72
N LEU G 2463 22.25 -63.36 44.14
CA LEU G 2463 22.42 -64.22 45.30
C LEU G 2463 23.32 -65.42 45.00
N ASP G 2464 23.18 -65.98 43.79
CA ASP G 2464 23.97 -67.13 43.38
C ASP G 2464 25.46 -66.85 43.53
N ASP G 2465 25.89 -65.64 43.18
CA ASP G 2465 27.31 -65.30 43.30
C ASP G 2465 27.74 -65.26 44.78
N LEU G 2466 26.89 -64.70 45.64
CA LEU G 2466 27.19 -64.71 47.07
C LEU G 2466 27.37 -66.14 47.57
N VAL G 2467 26.46 -67.03 47.17
CA VAL G 2467 26.53 -68.42 47.61
C VAL G 2467 27.78 -69.08 47.07
N GLY G 2468 28.13 -68.79 45.82
CA GLY G 2468 29.34 -69.36 45.26
C GLY G 2468 30.58 -68.94 46.00
N ILE G 2469 30.67 -67.65 46.35
CA ILE G 2469 31.82 -67.17 47.10
C ILE G 2469 31.87 -67.82 48.48
N ILE G 2470 30.71 -67.92 49.14
CA ILE G 2470 30.68 -68.56 50.45
C ILE G 2470 31.09 -70.02 50.33
N SER G 2471 30.76 -70.67 49.22
CA SER G 2471 31.12 -72.06 48.99
C SER G 2471 32.57 -72.22 48.54
N LEU G 2472 33.23 -71.14 48.14
CA LEU G 2472 34.59 -71.25 47.66
C LEU G 2472 35.47 -71.84 48.76
N PRO G 2473 36.30 -72.83 48.44
CA PRO G 2473 37.15 -73.44 49.47
C PRO G 2473 38.21 -72.48 49.96
N LEU G 2474 38.61 -72.67 51.21
CA LEU G 2474 39.68 -71.90 51.83
C LEU G 2474 40.79 -72.86 52.19
N GLN G 2475 42.02 -72.53 51.83
CA GLN G 2475 43.13 -73.44 52.10
C GLN G 2475 43.26 -73.63 53.61
N ILE G 2476 43.61 -74.84 54.01
CA ILE G 2476 43.62 -75.23 55.42
C ILE G 2476 45.05 -75.61 55.79
N PRO G 2477 45.57 -75.20 56.94
CA PRO G 2477 46.92 -75.62 57.33
C PRO G 2477 47.01 -77.14 57.37
N THR G 2478 48.13 -77.66 56.90
CA THR G 2478 48.39 -79.09 56.92
C THR G 2478 49.78 -79.33 57.49
N LEU G 2479 49.98 -80.54 58.01
CA LEU G 2479 51.27 -80.96 58.54
C LEU G 2479 51.84 -82.03 57.62
N GLY G 2480 52.99 -81.75 57.01
CA GLY G 2480 53.54 -82.63 56.00
C GLY G 2480 55.04 -82.58 55.94
N LYS G 2481 55.60 -83.61 55.29
CA LYS G 2481 57.01 -83.62 54.88
C LYS G 2481 57.96 -83.32 56.04
N ASP G 2482 58.06 -84.24 56.99
CA ASP G 2482 58.85 -84.21 58.22
C ASP G 2482 58.14 -83.53 59.37
N GLY G 2483 56.84 -83.25 59.25
CA GLY G 2483 56.15 -82.49 60.27
C GLY G 2483 56.34 -81.00 60.17
N ALA G 2484 56.56 -80.48 58.97
CA ALA G 2484 56.54 -79.04 58.78
C ALA G 2484 55.12 -78.59 58.48
N LEU G 2485 54.76 -77.42 59.02
CA LEU G 2485 53.45 -76.85 58.76
C LEU G 2485 53.44 -76.13 57.42
N VAL G 2486 52.62 -76.62 56.49
CA VAL G 2486 52.26 -75.88 55.30
C VAL G 2486 51.05 -75.02 55.67
N GLN G 2487 51.21 -73.72 55.58
CA GLN G 2487 50.27 -72.78 56.18
C GLN G 2487 49.98 -71.63 55.22
N PRO G 2488 48.72 -71.22 55.10
CA PRO G 2488 48.39 -70.16 54.14
C PRO G 2488 48.93 -68.82 54.57
N LYS G 2489 49.14 -67.96 53.58
CA LYS G 2489 49.58 -66.59 53.80
C LYS G 2489 48.38 -65.65 53.66
N MET G 2490 48.04 -64.95 54.74
CA MET G 2490 46.86 -64.10 54.73
C MET G 2490 46.96 -63.01 53.68
N SER G 2491 48.10 -62.34 53.60
CA SER G 2491 48.23 -61.16 52.75
C SER G 2491 48.09 -61.48 51.27
N ALA G 2492 48.16 -62.75 50.89
CA ALA G 2492 48.15 -63.15 49.49
C ALA G 2492 47.09 -64.19 49.16
N SER G 2493 46.14 -64.42 50.07
CA SER G 2493 45.22 -65.54 49.93
C SER G 2493 43.79 -65.12 50.26
N PHE G 2494 42.85 -65.94 49.78
CA PHE G 2494 41.44 -65.78 50.11
C PHE G 2494 41.22 -66.07 51.58
N VAL G 2495 40.40 -65.25 52.24
CA VAL G 2495 40.29 -65.30 53.69
C VAL G 2495 38.82 -65.26 54.07
N PRO G 2496 38.48 -65.69 55.30
CA PRO G 2496 37.08 -65.70 55.72
C PRO G 2496 36.41 -64.33 55.83
N ASP G 2497 37.17 -63.24 55.97
CA ASP G 2497 36.53 -61.93 56.02
C ASP G 2497 35.84 -61.60 54.71
N HIS G 2498 36.45 -62.01 53.59
CA HIS G 2498 35.81 -61.87 52.29
C HIS G 2498 34.44 -62.54 52.30
N LYS G 2499 34.34 -63.69 52.96
CA LYS G 2499 33.07 -64.40 53.08
C LYS G 2499 32.12 -63.68 54.03
N ALA G 2500 32.66 -63.11 55.10
CA ALA G 2500 31.84 -62.43 56.09
C ALA G 2500 31.11 -61.24 55.47
N SER G 2501 31.79 -60.51 54.60
CA SER G 2501 31.13 -59.40 53.92
C SER G 2501 29.93 -59.90 53.14
N MET G 2502 30.09 -61.00 52.41
CA MET G 2502 29.00 -61.55 51.62
C MET G 2502 27.86 -62.00 52.50
N VAL G 2503 28.19 -62.60 53.65
CA VAL G 2503 27.16 -63.04 54.58
C VAL G 2503 26.36 -61.85 55.09
N LEU G 2504 27.04 -60.76 55.43
CA LEU G 2504 26.34 -59.57 55.89
C LEU G 2504 25.42 -59.04 54.81
N PHE G 2505 25.91 -58.97 53.57
CA PHE G 2505 25.06 -58.54 52.47
C PHE G 2505 23.82 -59.41 52.35
N LEU G 2506 24.01 -60.73 52.36
CA LEU G 2506 22.90 -61.66 52.22
C LEU G 2506 21.88 -61.43 53.33
N ASP G 2507 22.34 -61.34 54.57
CA ASP G 2507 21.43 -61.20 55.71
C ASP G 2507 20.66 -59.90 55.61
N ARG G 2508 21.34 -58.79 55.29
CA ARG G 2508 20.69 -57.48 55.39
C ARG G 2508 19.80 -57.21 54.18
N VAL G 2509 20.16 -57.75 53.01
CA VAL G 2509 19.44 -57.43 51.78
C VAL G 2509 18.45 -58.53 51.41
N TYR G 2510 18.97 -59.72 51.12
CA TYR G 2510 18.10 -60.79 50.65
C TYR G 2510 17.35 -61.44 51.81
N GLY G 2511 18.06 -61.76 52.88
CA GLY G 2511 17.46 -62.45 54.00
C GLY G 2511 17.25 -63.93 53.73
N ILE G 2512 17.17 -64.69 54.81
CA ILE G 2512 16.91 -66.12 54.72
C ILE G 2512 15.54 -66.39 55.35
N GLU G 2513 14.54 -66.60 54.49
CA GLU G 2513 13.17 -66.81 54.92
C GLU G 2513 12.66 -68.21 54.62
N ASN G 2514 13.42 -69.03 53.89
CA ASN G 2514 12.95 -70.34 53.48
C ASN G 2514 13.92 -71.44 53.88
N GLN G 2515 13.34 -72.52 54.39
CA GLN G 2515 14.13 -73.63 54.91
C GLN G 2515 15.02 -74.24 53.83
N ASP G 2516 14.49 -74.36 52.61
CA ASP G 2516 15.27 -74.98 51.54
C ASP G 2516 16.54 -74.19 51.27
N PHE G 2517 16.44 -72.87 51.18
CA PHE G 2517 17.63 -72.05 50.96
C PHE G 2517 18.58 -72.13 52.15
N LEU G 2518 18.03 -72.10 53.37
CA LEU G 2518 18.89 -72.23 54.55
C LEU G 2518 19.71 -73.52 54.48
N LEU G 2519 19.04 -74.64 54.19
CA LEU G 2519 19.72 -75.92 54.13
C LEU G 2519 20.73 -75.94 52.97
N HIS G 2520 20.39 -75.30 51.86
CA HIS G 2520 21.31 -75.22 50.73
C HIS G 2520 22.60 -74.52 51.12
N VAL G 2521 22.48 -73.36 51.79
CA VAL G 2521 23.66 -72.64 52.24
C VAL G 2521 24.47 -73.50 53.21
N LEU G 2522 23.78 -74.18 54.14
CA LEU G 2522 24.48 -75.02 55.10
C LEU G 2522 25.28 -76.11 54.39
N ASP G 2523 24.67 -76.78 53.41
CA ASP G 2523 25.34 -77.92 52.78
C ASP G 2523 26.44 -77.46 51.84
N VAL G 2524 26.34 -76.24 51.30
CA VAL G 2524 27.36 -75.79 50.37
C VAL G 2524 28.52 -75.09 51.08
N GLY G 2525 28.27 -73.99 51.79
CA GLY G 2525 29.35 -73.15 52.26
C GLY G 2525 29.67 -73.16 53.74
N PHE G 2526 28.64 -73.12 54.59
CA PHE G 2526 28.85 -72.88 56.02
C PHE G 2526 29.40 -74.13 56.70
N LEU G 2527 28.66 -75.22 56.61
CA LEU G 2527 28.97 -76.44 57.36
C LEU G 2527 30.37 -76.92 57.03
N PRO G 2528 30.81 -76.90 55.76
CA PRO G 2528 32.19 -77.31 55.46
C PRO G 2528 33.22 -76.50 56.23
N ASP G 2529 33.00 -75.18 56.31
CA ASP G 2529 33.94 -74.32 57.03
C ASP G 2529 33.92 -74.60 58.52
N MET G 2530 32.74 -74.86 59.09
CA MET G 2530 32.67 -75.23 60.50
C MET G 2530 33.41 -76.54 60.75
N ARG G 2531 33.24 -77.51 59.85
CA ARG G 2531 33.97 -78.78 59.99
C ARG G 2531 35.47 -78.52 59.94
N ALA G 2532 35.92 -77.65 59.03
CA ALA G 2532 37.34 -77.36 58.92
C ALA G 2532 37.87 -76.68 60.18
N ALA G 2533 37.13 -75.73 60.74
CA ALA G 2533 37.56 -75.06 61.96
C ALA G 2533 37.70 -76.06 63.09
N ALA G 2534 36.70 -76.93 63.23
CA ALA G 2534 36.74 -77.91 64.29
C ALA G 2534 37.87 -78.91 64.09
N SER G 2535 38.15 -79.30 62.84
CA SER G 2535 39.31 -80.12 62.55
C SER G 2535 40.60 -79.43 62.93
N LEU G 2536 40.68 -78.12 62.71
CA LEU G 2536 41.85 -77.33 63.08
C LEU G 2536 41.92 -77.08 64.57
N ASP G 2537 40.86 -77.41 65.31
CA ASP G 2537 40.89 -77.28 66.76
C ASP G 2537 41.82 -78.33 67.38
N THR G 2538 43.10 -78.28 67.02
CA THR G 2538 44.12 -79.15 67.58
C THR G 2538 45.26 -78.30 68.11
N ALA G 2539 46.04 -78.87 69.01
CA ALA G 2539 47.13 -78.13 69.64
C ALA G 2539 48.01 -77.46 68.59
N THR G 2540 48.40 -78.22 67.56
CA THR G 2540 49.24 -77.67 66.51
C THR G 2540 48.53 -76.59 65.72
N PHE G 2541 47.26 -76.81 65.39
CA PHE G 2541 46.54 -75.98 64.44
C PHE G 2541 45.62 -74.95 65.11
N SER G 2542 45.43 -75.04 66.42
CA SER G 2542 44.42 -74.20 67.07
C SER G 2542 44.76 -72.71 66.93
N THR G 2543 46.04 -72.37 67.10
CA THR G 2543 46.48 -70.98 67.10
C THR G 2543 46.82 -70.47 65.71
N THR G 2544 46.68 -71.29 64.68
CA THR G 2544 46.99 -70.85 63.33
C THR G 2544 46.10 -69.69 62.94
N GLU G 2545 46.68 -68.75 62.18
CA GLU G 2545 45.93 -67.57 61.77
C GLU G 2545 44.67 -67.94 60.99
N MET G 2546 44.73 -69.01 60.19
CA MET G 2546 43.54 -69.44 59.48
C MET G 2546 42.47 -69.93 60.44
N ALA G 2547 42.85 -70.69 61.46
CA ALA G 2547 41.86 -71.16 62.43
C ALA G 2547 41.24 -69.99 63.18
N LEU G 2548 42.05 -69.01 63.56
CA LEU G 2548 41.53 -67.83 64.24
C LEU G 2548 40.57 -67.07 63.33
N ALA G 2549 40.94 -66.91 62.05
CA ALA G 2549 40.08 -66.21 61.11
C ALA G 2549 38.77 -66.95 60.91
N LEU G 2550 38.83 -68.27 60.83
CA LEU G 2550 37.61 -69.06 60.69
C LEU G 2550 36.71 -68.89 61.90
N ASN G 2551 37.29 -68.92 63.11
CA ASN G 2551 36.48 -68.75 64.30
C ASN G 2551 35.83 -67.38 64.32
N ARG G 2552 36.59 -66.34 63.97
CA ARG G 2552 36.01 -65.00 63.90
C ARG G 2552 34.88 -64.94 62.87
N TYR G 2553 35.14 -65.45 61.66
CA TYR G 2553 34.11 -65.46 60.62
C TYR G 2553 32.85 -66.14 61.10
N LEU G 2554 32.98 -67.34 61.66
CA LEU G 2554 31.83 -68.08 62.18
C LEU G 2554 31.09 -67.24 63.20
N CYS G 2555 31.74 -66.94 64.34
CA CYS G 2555 31.05 -66.27 65.43
C CYS G 2555 30.42 -64.95 65.00
N LEU G 2556 31.09 -64.20 64.13
CA LEU G 2556 30.62 -62.87 63.78
C LEU G 2556 29.45 -62.93 62.80
N ALA G 2557 29.51 -63.82 61.80
CA ALA G 2557 28.53 -63.81 60.72
C ALA G 2557 27.64 -65.04 60.73
N VAL G 2558 28.20 -66.24 60.76
CA VAL G 2558 27.43 -67.45 60.48
C VAL G 2558 26.54 -67.79 61.66
N LEU G 2559 27.15 -68.07 62.81
CA LEU G 2559 26.40 -68.61 63.94
C LEU G 2559 25.24 -67.71 64.35
N PRO G 2560 25.40 -66.39 64.44
CA PRO G 2560 24.22 -65.55 64.72
C PRO G 2560 23.12 -65.75 63.69
N LEU G 2561 23.48 -65.92 62.43
CA LEU G 2561 22.49 -66.12 61.38
C LEU G 2561 21.73 -67.42 61.57
N ILE G 2562 22.44 -68.50 61.92
CA ILE G 2562 21.78 -69.77 62.17
C ILE G 2562 20.88 -69.66 63.40
N THR G 2563 21.35 -68.96 64.43
CA THR G 2563 20.53 -68.74 65.61
C THR G 2563 19.23 -68.03 65.25
N LYS G 2564 19.33 -66.99 64.42
CA LYS G 2564 18.14 -66.24 64.03
C LYS G 2564 17.21 -67.07 63.17
N CYS G 2565 17.77 -67.90 62.28
CA CYS G 2565 16.98 -68.74 61.39
C CYS G 2565 16.67 -70.10 62.00
N ALA G 2566 16.89 -70.27 63.31
CA ALA G 2566 16.69 -71.57 63.95
C ALA G 2566 15.29 -72.12 63.77
N PRO G 2567 14.21 -71.33 63.91
CA PRO G 2567 12.86 -71.90 63.79
C PRO G 2567 12.65 -72.69 62.51
N LEU G 2568 13.34 -72.29 61.44
CA LEU G 2568 13.20 -72.96 60.16
C LEU G 2568 13.70 -74.39 60.20
N PHE G 2569 14.44 -74.77 61.25
CA PHE G 2569 14.95 -76.14 61.38
C PHE G 2569 13.91 -77.10 61.93
N ALA G 2570 12.69 -76.62 62.19
CA ALA G 2570 11.71 -77.43 62.90
C ALA G 2570 11.36 -78.70 62.14
N GLY G 2571 11.11 -78.58 60.84
CA GLY G 2571 10.62 -79.68 60.03
C GLY G 2571 11.66 -80.43 59.23
N THR G 2572 12.94 -80.33 59.59
CA THR G 2572 14.01 -80.95 58.82
C THR G 2572 14.21 -82.42 59.23
N GLU G 2573 13.12 -83.19 59.09
CA GLU G 2573 13.20 -84.63 59.27
C GLU G 2573 13.75 -85.35 58.05
N HIS G 2574 13.89 -84.63 56.93
CA HIS G 2574 14.38 -85.27 55.70
C HIS G 2574 15.87 -85.01 55.50
N ARG G 2575 16.42 -84.01 56.19
CA ARG G 2575 17.85 -83.75 56.19
C ARG G 2575 18.48 -83.99 57.56
N ALA G 2576 18.05 -85.05 58.24
CA ALA G 2576 18.52 -85.38 59.57
C ALA G 2576 20.03 -85.53 59.61
N ILE G 2577 20.60 -86.08 58.55
CA ILE G 2577 22.03 -86.30 58.51
C ILE G 2577 22.77 -84.97 58.62
N MET G 2578 22.34 -84.00 57.81
CA MET G 2578 22.98 -82.69 57.82
C MET G 2578 22.74 -81.98 59.15
N VAL G 2579 21.52 -82.08 59.68
CA VAL G 2579 21.23 -81.42 60.96
C VAL G 2579 22.10 -81.99 62.07
N ASP G 2580 22.22 -83.32 62.13
CA ASP G 2580 23.04 -83.96 63.15
C ASP G 2580 24.51 -83.58 62.98
N SER G 2581 24.99 -83.55 61.74
CA SER G 2581 26.37 -83.15 61.50
C SER G 2581 26.61 -81.73 61.98
N MET G 2582 25.68 -80.82 61.70
CA MET G 2582 25.83 -79.44 62.13
C MET G 2582 25.82 -79.34 63.66
N LEU G 2583 24.92 -80.07 64.30
CA LEU G 2583 24.87 -80.07 65.76
C LEU G 2583 26.19 -80.57 66.35
N HIS G 2584 26.72 -81.65 65.80
CA HIS G 2584 28.00 -82.17 66.26
CA HIS G 2584 28.00 -82.17 66.26
C HIS G 2584 29.12 -81.16 66.04
N THR G 2585 29.14 -80.51 64.87
CA THR G 2585 30.18 -79.52 64.59
C THR G 2585 30.13 -78.38 65.60
N VAL G 2586 28.93 -77.87 65.88
CA VAL G 2586 28.81 -76.75 66.81
C VAL G 2586 29.20 -77.17 68.21
N TYR G 2587 28.82 -78.38 68.66
CA TYR G 2587 29.23 -78.83 69.98
C TYR G 2587 30.75 -79.00 70.07
N ARG G 2588 31.35 -79.59 69.04
CA ARG G 2588 32.80 -79.80 69.05
C ARG G 2588 33.53 -78.47 69.04
N LEU G 2589 33.00 -77.49 68.31
CA LEU G 2589 33.59 -76.15 68.34
C LEU G 2589 33.44 -75.51 69.72
N SER G 2590 32.29 -75.74 70.37
CA SER G 2590 32.12 -75.26 71.74
C SER G 2590 33.21 -75.80 72.63
N ARG G 2591 33.53 -77.09 72.49
CA ARG G 2591 34.67 -77.68 73.18
C ARG G 2591 35.95 -77.40 72.38
N GLY G 2592 36.32 -76.12 72.35
CA GLY G 2592 37.46 -75.68 71.57
C GLY G 2592 38.46 -74.84 72.33
N ARG G 2593 39.73 -75.20 72.23
CA ARG G 2593 40.80 -74.39 72.78
C ARG G 2593 41.06 -73.18 71.88
N SER G 2594 41.82 -72.22 72.41
CA SER G 2594 42.10 -70.97 71.73
C SER G 2594 40.83 -70.18 71.44
N LEU G 2595 39.76 -70.47 72.17
CA LEU G 2595 38.44 -69.93 71.90
C LEU G 2595 38.06 -68.97 73.01
N THR G 2596 37.72 -67.74 72.65
CA THR G 2596 37.42 -66.72 73.65
C THR G 2596 36.04 -66.97 74.25
N LYS G 2597 35.78 -66.25 75.35
CA LYS G 2597 34.52 -66.40 76.05
C LYS G 2597 33.35 -65.96 75.19
N ALA G 2598 33.50 -64.84 74.48
CA ALA G 2598 32.41 -64.35 73.63
C ALA G 2598 32.10 -65.36 72.51
N GLN G 2599 33.14 -65.88 71.88
CA GLN G 2599 32.94 -66.89 70.83
C GLN G 2599 32.26 -68.13 71.40
N ARG G 2600 32.69 -68.57 72.57
CA ARG G 2600 32.07 -69.73 73.19
C ARG G 2600 30.60 -69.46 73.50
N ASP G 2601 30.29 -68.28 74.01
CA ASP G 2601 28.90 -67.94 74.32
C ASP G 2601 28.05 -67.93 73.05
N VAL G 2602 28.61 -67.41 71.95
CA VAL G 2602 27.88 -67.41 70.69
C VAL G 2602 27.57 -68.84 70.25
N ILE G 2603 28.58 -69.71 70.33
CA ILE G 2603 28.39 -71.11 69.93
C ILE G 2603 27.32 -71.75 70.81
N GLU G 2604 27.38 -71.50 72.12
CA GLU G 2604 26.43 -72.09 73.05
C GLU G 2604 25.01 -71.63 72.74
N ASP G 2605 24.85 -70.33 72.48
CA ASP G 2605 23.53 -69.82 72.14
C ASP G 2605 23.00 -70.45 70.85
N CYS G 2606 23.86 -70.60 69.84
CA CYS G 2606 23.42 -71.24 68.61
C CYS G 2606 22.96 -72.66 68.87
N LEU G 2607 23.74 -73.42 69.64
CA LEU G 2607 23.38 -74.81 69.92
C LEU G 2607 22.05 -74.89 70.67
N MET G 2608 21.88 -74.06 71.70
CA MET G 2608 20.61 -73.99 72.39
C MET G 2608 19.46 -73.72 71.43
N ALA G 2609 19.57 -72.66 70.64
CA ALA G 2609 18.47 -72.25 69.80
C ALA G 2609 18.11 -73.35 68.81
N LEU G 2610 19.11 -74.00 68.24
CA LEU G 2610 18.84 -75.11 67.33
C LEU G 2610 18.12 -76.23 68.07
N CYS G 2611 18.58 -76.57 69.28
CA CYS G 2611 17.98 -77.67 70.02
C CYS G 2611 16.50 -77.39 70.31
N ARG G 2612 16.17 -76.14 70.62
CA ARG G 2612 14.79 -75.78 70.91
CA ARG G 2612 14.78 -75.79 70.91
C ARG G 2612 13.85 -76.18 69.77
N TYR G 2613 14.18 -75.74 68.56
CA TYR G 2613 13.26 -75.90 67.44
C TYR G 2613 13.39 -77.28 66.81
N ILE G 2614 14.53 -77.95 67.00
CA ILE G 2614 14.70 -79.27 66.44
C ILE G 2614 13.84 -80.28 67.20
N ARG G 2615 13.34 -81.28 66.47
CA ARG G 2615 12.49 -82.30 67.07
C ARG G 2615 13.29 -83.16 68.04
N PRO G 2616 12.65 -83.71 69.07
CA PRO G 2616 13.39 -84.54 70.03
C PRO G 2616 14.04 -85.76 69.41
N SER G 2617 13.36 -86.41 68.46
CA SER G 2617 13.93 -87.60 67.82
C SER G 2617 15.26 -87.27 67.16
N MET G 2618 15.42 -86.01 66.75
CA MET G 2618 16.58 -85.62 65.96
C MET G 2618 17.83 -85.56 66.82
N LEU G 2619 17.67 -85.24 68.11
CA LEU G 2619 18.80 -84.95 68.97
C LEU G 2619 19.44 -86.20 69.55
N GLN G 2620 18.85 -87.36 69.30
CA GLN G 2620 19.29 -88.62 69.89
C GLN G 2620 20.81 -88.78 69.90
N HIS G 2621 21.45 -88.52 68.75
CA HIS G 2621 22.90 -88.70 68.66
C HIS G 2621 23.64 -87.73 69.57
N LEU G 2622 23.19 -86.47 69.59
CA LEU G 2622 23.80 -85.49 70.48
C LEU G 2622 23.64 -85.89 71.94
N LEU G 2623 22.47 -86.41 72.28
CA LEU G 2623 22.25 -86.91 73.64
C LEU G 2623 23.21 -88.05 73.94
N ARG G 2624 23.44 -88.93 72.98
CA ARG G 2624 24.41 -90.00 73.17
C ARG G 2624 25.79 -89.44 73.50
N ARG G 2625 26.23 -88.44 72.72
CA ARG G 2625 27.57 -87.88 72.94
C ARG G 2625 27.64 -87.20 74.31
N LEU G 2626 26.58 -86.47 74.68
CA LEU G 2626 26.55 -85.82 75.97
C LEU G 2626 26.58 -86.84 77.10
N VAL G 2627 25.98 -88.02 76.89
CA VAL G 2627 26.00 -89.05 77.92
C VAL G 2627 27.43 -89.45 78.26
N PHE G 2628 28.35 -89.33 77.32
CA PHE G 2628 29.77 -89.60 77.58
C PHE G 2628 30.53 -88.35 78.04
N ASP G 2629 30.08 -87.16 77.65
CA ASP G 2629 30.75 -85.92 78.07
C ASP G 2629 30.40 -85.48 79.48
N VAL G 2630 29.13 -85.18 79.73
CA VAL G 2630 28.69 -84.45 80.93
C VAL G 2630 29.14 -85.13 82.22
N PRO G 2631 29.05 -86.45 82.36
CA PRO G 2631 29.33 -87.07 83.67
C PRO G 2631 30.70 -86.75 84.21
N ILE G 2632 31.64 -86.33 83.37
CA ILE G 2632 32.96 -85.92 83.88
C ILE G 2632 32.82 -84.73 84.82
N LEU G 2633 31.80 -83.90 84.61
CA LEU G 2633 31.52 -82.74 85.48
C LEU G 2633 32.67 -81.74 85.47
N ASN G 2634 33.34 -81.59 84.34
CA ASN G 2634 34.36 -80.56 84.19
C ASN G 2634 33.72 -79.25 83.76
N GLU G 2635 34.57 -78.25 83.51
CA GLU G 2635 34.12 -76.91 83.15
C GLU G 2635 33.23 -76.92 81.92
N PHE G 2636 33.48 -77.85 81.00
CA PHE G 2636 32.66 -77.96 79.80
C PHE G 2636 31.26 -78.51 80.10
N ALA G 2637 31.01 -79.00 81.31
CA ALA G 2637 29.75 -79.64 81.61
C ALA G 2637 28.65 -78.63 81.96
N LYS G 2638 28.96 -77.34 82.02
CA LYS G 2638 27.95 -76.36 82.37
C LYS G 2638 26.90 -76.23 81.28
N MET G 2639 27.31 -75.75 80.10
CA MET G 2639 26.32 -75.52 79.05
C MET G 2639 25.53 -76.78 78.69
N PRO G 2640 26.14 -77.94 78.50
CA PRO G 2640 25.34 -79.13 78.18
C PRO G 2640 24.27 -79.43 79.22
N LEU G 2641 24.56 -79.16 80.48
CA LEU G 2641 23.57 -79.39 81.53
C LEU G 2641 22.35 -78.51 81.32
N LYS G 2642 22.55 -77.23 81.02
CA LYS G 2642 21.44 -76.33 80.75
C LYS G 2642 20.69 -76.73 79.49
N LEU G 2643 21.43 -77.14 78.45
CA LEU G 2643 20.81 -77.66 77.25
C LEU G 2643 19.85 -78.81 77.58
N LEU G 2644 20.35 -79.79 78.32
CA LEU G 2644 19.54 -80.95 78.67
C LEU G 2644 18.36 -80.55 79.54
N THR G 2645 18.59 -79.64 80.49
CA THR G 2645 17.51 -79.16 81.35
C THR G 2645 16.36 -78.62 80.51
N ASN G 2646 16.67 -77.69 79.61
CA ASN G 2646 15.61 -77.07 78.80
C ASN G 2646 14.98 -78.10 77.87
N HIS G 2647 15.79 -78.94 77.25
CA HIS G 2647 15.26 -79.93 76.31
C HIS G 2647 14.26 -80.84 77.00
N TYR G 2648 14.65 -81.40 78.14
CA TYR G 2648 13.75 -82.31 78.85
C TYR G 2648 12.55 -81.58 79.44
N GLU G 2649 12.73 -80.34 79.90
CA GLU G 2649 11.59 -79.58 80.40
C GLU G 2649 10.53 -79.42 79.34
N ARG G 2650 10.94 -79.10 78.11
CA ARG G 2650 9.95 -78.87 77.06
C ARG G 2650 9.44 -80.16 76.45
N CYS G 2651 10.27 -81.21 76.40
CA CYS G 2651 9.93 -82.45 75.74
C CYS G 2651 9.65 -83.58 76.72
N TRP G 2652 9.26 -83.26 77.96
CA TRP G 2652 9.02 -84.31 78.94
C TRP G 2652 7.85 -85.20 78.52
N LYS G 2653 6.88 -84.65 77.80
CA LYS G 2653 5.78 -85.46 77.32
C LYS G 2653 6.25 -86.51 76.32
N TYR G 2654 7.21 -86.15 75.48
CA TYR G 2654 7.80 -87.08 74.52
C TYR G 2654 8.29 -88.35 75.20
N TYR G 2655 8.97 -88.19 76.33
CA TYR G 2655 9.59 -89.33 77.00
C TYR G 2655 8.62 -89.98 77.98
N CYS G 2656 7.99 -89.18 78.84
CA CYS G 2656 7.20 -89.72 79.94
C CYS G 2656 5.93 -90.38 79.43
N LEU G 2657 5.07 -89.60 78.77
CA LEU G 2657 3.75 -90.10 78.43
C LEU G 2657 3.84 -91.22 77.40
N PRO G 2658 2.97 -92.23 77.47
CA PRO G 2658 3.05 -93.33 76.50
C PRO G 2658 2.59 -92.91 75.12
N THR G 2659 1.53 -92.09 75.08
CA THR G 2659 1.07 -91.53 73.82
C THR G 2659 2.08 -90.55 73.25
N GLY G 2660 2.79 -89.84 74.10
CA GLY G 2660 3.87 -88.95 73.71
C GLY G 2660 3.41 -87.52 73.59
N TRP G 2661 4.21 -86.74 72.88
CA TRP G 2661 3.93 -85.35 72.61
C TRP G 2661 3.28 -85.22 71.25
N ALA G 2662 2.25 -84.38 71.17
CA ALA G 2662 1.50 -84.24 69.93
C ALA G 2662 2.43 -83.87 68.78
N ASN G 2663 2.30 -84.62 67.68
CA ASN G 2663 3.00 -84.32 66.44
C ASN G 2663 4.48 -84.64 66.51
N PHE G 2664 4.95 -85.10 67.68
CA PHE G 2664 6.36 -85.43 67.83
C PHE G 2664 6.58 -86.92 68.10
N GLY G 2665 5.52 -87.67 68.32
CA GLY G 2665 5.66 -89.09 68.59
C GLY G 2665 6.10 -89.36 70.01
N VAL G 2666 6.68 -90.55 70.20
CA VAL G 2666 7.12 -91.03 71.51
C VAL G 2666 8.58 -91.44 71.43
N THR G 2667 9.14 -91.68 72.62
CA THR G 2667 10.54 -92.08 72.73
C THR G 2667 10.73 -93.51 72.21
N SER G 2668 11.94 -93.77 71.70
CA SER G 2668 12.22 -95.08 71.11
C SER G 2668 12.36 -96.16 72.17
N GLU G 2669 13.10 -95.87 73.25
CA GLU G 2669 13.54 -96.82 74.26
C GLU G 2669 15.05 -96.68 74.47
N GLU G 2670 15.80 -96.65 73.36
CA GLU G 2670 17.21 -96.33 73.45
C GLU G 2670 17.42 -94.93 73.99
N GLU G 2671 16.56 -93.99 73.60
CA GLU G 2671 16.62 -92.64 74.17
C GLU G 2671 16.41 -92.68 75.67
N LEU G 2672 15.46 -93.50 76.14
CA LEU G 2672 15.22 -93.62 77.56
C LEU G 2672 16.40 -94.25 78.28
N HIS G 2673 17.03 -95.23 77.63
CA HIS G 2673 18.25 -95.84 78.17
C HIS G 2673 19.35 -94.80 78.35
N LEU G 2674 19.54 -93.96 77.33
CA LEU G 2674 20.53 -92.88 77.42
C LEU G 2674 20.16 -91.91 78.54
N THR G 2675 18.87 -91.59 78.66
CA THR G 2675 18.43 -90.67 79.71
C THR G 2675 18.74 -91.23 81.09
N ARG G 2676 18.45 -92.51 81.30
CA ARG G 2676 18.76 -93.16 82.57
C ARG G 2676 20.26 -93.12 82.85
N LYS G 2677 21.07 -93.45 81.84
CA LYS G 2677 22.51 -93.43 82.03
C LYS G 2677 23.00 -92.05 82.41
N LEU G 2678 22.50 -91.02 81.73
CA LEU G 2678 22.91 -89.65 82.01
C LEU G 2678 22.51 -89.26 83.44
N PHE G 2679 21.27 -89.58 83.83
CA PHE G 2679 20.83 -89.32 85.19
C PHE G 2679 21.80 -89.91 86.19
N TRP G 2680 22.07 -91.21 86.06
CA TRP G 2680 22.82 -91.90 87.10
C TRP G 2680 24.30 -91.50 87.08
N GLY G 2681 24.85 -91.26 85.89
CA GLY G 2681 26.21 -90.78 85.82
C GLY G 2681 26.38 -89.44 86.51
N ILE G 2682 25.48 -88.50 86.23
CA ILE G 2682 25.56 -87.19 86.88
C ILE G 2682 25.37 -87.36 88.39
N PHE G 2683 24.42 -88.20 88.79
CA PHE G 2683 24.16 -88.39 90.22
C PHE G 2683 25.40 -88.90 90.94
N ASP G 2684 25.99 -89.99 90.42
CA ASP G 2684 27.17 -90.57 91.06
C ASP G 2684 28.35 -89.59 91.05
N SER G 2685 28.59 -88.95 89.90
CA SER G 2685 29.71 -88.02 89.81
C SER G 2685 29.56 -86.89 90.82
N LEU G 2686 28.36 -86.29 90.90
CA LEU G 2686 28.14 -85.20 91.83
C LEU G 2686 28.28 -85.67 93.27
N ALA G 2687 27.81 -86.88 93.57
CA ALA G 2687 27.96 -87.40 94.92
C ALA G 2687 29.43 -87.52 95.30
N HIS G 2688 30.26 -88.01 94.38
CA HIS G 2688 31.67 -88.19 94.71
C HIS G 2688 32.43 -86.86 94.72
N LYS G 2689 32.05 -85.92 93.86
CA LYS G 2689 32.78 -84.66 93.77
C LYS G 2689 32.54 -83.80 95.00
N LYS G 2690 33.48 -82.89 95.25
CA LYS G 2690 33.37 -81.96 96.34
C LYS G 2690 32.43 -80.82 95.97
N TYR G 2691 31.90 -80.15 97.00
CA TYR G 2691 30.94 -79.08 96.78
C TYR G 2691 31.54 -78.00 95.88
N ASP G 2692 30.78 -77.58 94.88
CA ASP G 2692 31.14 -76.47 94.01
C ASP G 2692 29.85 -75.71 93.71
N GLN G 2693 29.68 -74.57 94.37
CA GLN G 2693 28.40 -73.87 94.35
C GLN G 2693 27.94 -73.65 92.91
N GLU G 2694 28.88 -73.38 92.00
CA GLU G 2694 28.54 -73.24 90.59
C GLU G 2694 27.93 -74.53 90.02
N LEU G 2695 28.61 -75.66 90.21
CA LEU G 2695 28.13 -76.91 89.63
C LEU G 2695 26.82 -77.34 90.27
N TYR G 2696 26.71 -77.21 91.59
CA TYR G 2696 25.48 -77.55 92.27
C TYR G 2696 24.34 -76.64 91.84
N ARG G 2697 24.65 -75.38 91.50
CA ARG G 2697 23.59 -74.51 91.01
C ARG G 2697 23.20 -74.86 89.59
N MET G 2698 24.16 -75.31 88.78
CA MET G 2698 23.84 -75.69 87.41
C MET G 2698 23.02 -76.98 87.39
N ALA G 2699 23.23 -77.84 88.38
CA ALA G 2699 22.35 -78.97 88.62
C ALA G 2699 21.33 -78.68 89.71
N MET G 2700 21.04 -77.40 89.96
CA MET G 2700 19.86 -76.98 90.71
C MET G 2700 18.65 -77.02 89.78
N PRO G 2701 18.78 -76.61 88.52
CA PRO G 2701 17.83 -77.11 87.51
C PRO G 2701 17.89 -78.62 87.45
N CYS G 2702 19.01 -79.18 87.88
CA CYS G 2702 19.11 -80.52 88.44
C CYS G 2702 18.74 -81.62 87.46
N LEU G 2703 18.85 -82.86 87.95
CA LEU G 2703 18.39 -84.05 87.27
C LEU G 2703 16.88 -84.11 87.23
N CYS G 2704 16.22 -83.03 87.62
CA CYS G 2704 14.78 -83.05 87.85
C CYS G 2704 14.03 -83.16 86.52
N ALA G 2705 14.47 -82.41 85.51
CA ALA G 2705 13.89 -82.52 84.19
C ALA G 2705 14.08 -83.92 83.63
N ILE G 2706 15.27 -84.48 83.82
CA ILE G 2706 15.56 -85.82 83.34
C ILE G 2706 14.61 -86.81 83.99
N ALA G 2707 14.46 -86.71 85.31
CA ALA G 2707 13.60 -87.64 86.04
C ALA G 2707 12.13 -87.48 85.64
N GLY G 2708 11.66 -86.24 85.52
CA GLY G 2708 10.30 -86.01 85.09
C GLY G 2708 10.02 -86.58 83.71
N ALA G 2709 10.99 -86.42 82.80
CA ALA G 2709 10.83 -87.01 81.47
C ALA G 2709 10.81 -88.53 81.54
N LEU G 2710 11.69 -89.12 82.35
CA LEU G 2710 11.71 -90.56 82.48
C LEU G 2710 10.45 -91.05 83.19
N PRO G 2711 9.77 -92.07 82.64
CA PRO G 2711 8.67 -92.68 83.38
C PRO G 2711 9.18 -93.39 84.62
N PRO G 2712 8.44 -93.35 85.73
CA PRO G 2712 8.85 -94.13 86.91
C PRO G 2712 8.86 -95.62 86.66
N ASP G 2713 8.06 -96.10 85.71
CA ASP G 2713 7.94 -97.52 85.43
C ASP G 2713 8.88 -98.00 84.34
N TYR G 2714 9.70 -97.12 83.77
CA TYR G 2714 10.64 -97.51 82.73
C TYR G 2714 11.53 -98.66 83.22
N VAL G 2715 11.56 -99.73 82.45
CA VAL G 2715 12.41 -100.89 82.73
C VAL G 2715 13.36 -101.06 81.55
N ASP G 2716 14.66 -100.99 81.82
CA ASP G 2716 15.65 -101.04 80.76
C ASP G 2716 15.90 -102.49 80.35
N ALA G 2717 15.92 -102.73 79.03
CA ALA G 2717 16.12 -104.09 78.54
C ALA G 2717 17.42 -104.68 79.07
N SER G 2718 18.48 -103.87 79.13
CA SER G 2718 19.77 -104.31 79.64
C SER G 2718 20.01 -103.67 81.00
N TYR G 2719 20.29 -104.51 82.00
CA TYR G 2719 20.59 -104.08 83.36
C TYR G 2719 21.91 -104.72 83.79
N SER G 2720 22.99 -103.94 83.72
CA SER G 2720 24.29 -104.45 84.11
C SER G 2720 25.17 -103.35 84.66
N SER G 2721 26.46 -103.62 84.79
CA SER G 2721 27.43 -102.65 85.27
C SER G 2721 28.36 -102.25 84.13
N LYS G 2722 28.47 -100.95 83.90
CA LYS G 2722 29.22 -100.41 82.76
C LYS G 2722 30.67 -100.84 82.79
N ALA G 2723 31.32 -100.76 83.96
CA ALA G 2723 32.73 -101.07 84.18
C ALA G 2723 33.61 -100.41 83.13
N GLU G 2724 33.29 -99.17 82.79
CA GLU G 2724 33.89 -98.34 81.75
C GLU G 2724 34.36 -97.03 82.35
N LYS G 2725 35.37 -96.45 81.71
CA LYS G 2725 35.98 -95.21 82.16
C LYS G 2725 35.14 -94.00 81.79
N ASN G 2734 41.92 -90.57 75.61
CA ASN G 2734 40.62 -90.18 76.13
C ASN G 2734 39.70 -91.38 76.41
N PHE G 2735 39.15 -91.97 75.35
CA PHE G 2735 38.27 -93.13 75.45
C PHE G 2735 38.96 -94.31 74.79
N ASP G 2736 39.34 -95.30 75.59
CA ASP G 2736 40.08 -96.46 75.12
C ASP G 2736 39.25 -97.73 75.26
N PRO G 2737 38.83 -98.37 74.16
CA PRO G 2737 38.22 -99.69 74.27
C PRO G 2737 39.28 -100.77 74.35
N ARG G 2738 39.39 -101.44 75.51
CA ARG G 2738 40.46 -102.41 75.74
C ARG G 2738 39.83 -103.76 76.08
N PRO G 2739 40.05 -104.79 75.28
CA PRO G 2739 39.71 -106.15 75.70
C PRO G 2739 40.85 -106.76 76.52
N VAL G 2740 40.66 -108.01 76.91
CA VAL G 2740 41.70 -108.80 77.58
C VAL G 2740 42.01 -110.00 76.69
N GLU G 2741 43.30 -110.24 76.47
CA GLU G 2741 43.74 -111.19 75.46
C GLU G 2741 44.90 -112.03 76.01
N THR G 2742 44.79 -113.34 75.83
CA THR G 2742 45.80 -114.28 76.30
C THR G 2742 46.76 -114.71 75.20
N LEU G 2743 46.87 -113.93 74.12
CA LEU G 2743 47.73 -114.32 73.01
C LEU G 2743 49.17 -114.53 73.46
N ASN G 2744 49.65 -113.72 74.41
CA ASN G 2744 51.02 -113.91 74.90
C ASN G 2744 51.23 -115.32 75.43
N VAL G 2745 50.21 -115.88 76.07
CA VAL G 2745 50.27 -117.23 76.59
C VAL G 2745 50.01 -118.21 75.45
N ILE G 2746 50.39 -119.47 75.61
CA ILE G 2746 50.09 -120.50 74.62
C ILE G 2746 48.58 -120.60 74.49
N ILE G 2747 48.11 -121.12 73.36
CA ILE G 2747 46.69 -121.34 73.11
C ILE G 2747 46.45 -122.84 73.12
N PRO G 2748 45.37 -123.33 73.74
CA PRO G 2748 45.13 -124.78 73.76
C PRO G 2748 44.98 -125.34 72.35
N GLU G 2749 45.47 -126.57 72.17
CA GLU G 2749 45.29 -127.25 70.90
C GLU G 2749 43.84 -127.67 70.70
N LYS G 2750 43.15 -128.04 71.78
CA LYS G 2750 41.71 -128.26 71.68
C LYS G 2750 41.01 -127.00 71.21
N LEU G 2751 41.48 -125.85 71.69
CA LEU G 2751 40.91 -124.58 71.28
C LEU G 2751 41.21 -124.28 69.82
N ASP G 2752 42.41 -124.63 69.37
CA ASP G 2752 42.73 -124.49 67.95
C ASP G 2752 41.81 -125.35 67.10
N SER G 2753 41.53 -126.57 67.57
CA SER G 2753 40.56 -127.42 66.89
C SER G 2753 39.18 -126.75 66.86
N PHE G 2754 38.78 -126.14 67.97
CA PHE G 2754 37.52 -125.42 67.99
C PHE G 2754 37.50 -124.29 66.96
N ILE G 2755 38.58 -123.51 66.89
CA ILE G 2755 38.68 -122.41 65.92
C ILE G 2755 38.56 -122.95 64.51
N ASN G 2756 39.20 -124.08 64.24
CA ASN G 2756 39.12 -124.66 62.90
C ASN G 2756 37.71 -125.11 62.58
N LYS G 2757 37.04 -125.75 63.53
CA LYS G 2757 35.65 -126.16 63.31
C LYS G 2757 34.78 -124.95 63.04
N PHE G 2758 34.93 -123.89 63.85
CA PHE G 2758 34.17 -122.64 63.74
C PHE G 2758 34.42 -121.95 62.41
N ALA G 2759 35.67 -121.96 61.95
CA ALA G 2759 35.98 -121.35 60.65
C ALA G 2759 35.38 -122.16 59.51
N GLU G 2760 35.42 -123.50 59.62
CA GLU G 2760 34.81 -124.32 58.57
C GLU G 2760 33.30 -124.10 58.53
N TYR G 2761 32.66 -124.05 59.69
CA TYR G 2761 31.21 -123.81 59.78
C TYR G 2761 30.87 -122.37 59.39
N THR G 2762 31.83 -121.45 59.55
CA THR G 2762 31.62 -120.10 59.05
C THR G 2762 31.66 -120.09 57.52
N HIS G 2763 32.58 -120.85 56.93
CA HIS G 2763 32.56 -121.02 55.48
C HIS G 2763 31.27 -121.72 55.03
N GLU G 2764 30.71 -122.58 55.88
CA GLU G 2764 29.43 -123.22 55.62
C GLU G 2764 28.30 -122.19 55.58
N LYS G 2765 28.20 -121.34 56.60
CA LYS G 2765 27.28 -120.21 56.53
C LYS G 2765 27.60 -119.28 55.38
N TRP G 2766 28.86 -119.27 54.93
CA TRP G 2766 29.24 -118.41 53.80
C TRP G 2766 28.66 -118.93 52.50
N ALA G 2767 28.73 -120.25 52.28
CA ALA G 2767 28.06 -120.85 51.14
C ALA G 2767 26.55 -120.72 51.28
N PHE G 2768 26.02 -120.85 52.49
CA PHE G 2768 24.62 -120.57 52.74
C PHE G 2768 24.25 -119.16 52.31
N ASP G 2769 25.12 -118.20 52.63
CA ASP G 2769 24.88 -116.81 52.28
C ASP G 2769 24.91 -116.62 50.77
N LYS G 2770 25.81 -117.31 50.09
CA LYS G 2770 25.79 -117.27 48.63
C LYS G 2770 24.55 -117.91 48.05
N ILE G 2771 24.01 -118.93 48.72
CA ILE G 2771 22.77 -119.58 48.28
C ILE G 2771 21.59 -118.63 48.44
N GLN G 2772 21.60 -117.80 49.49
CA GLN G 2772 20.57 -116.76 49.67
C GLN G 2772 20.74 -115.63 48.67
N ASN G 2773 21.96 -115.13 48.47
CA ASN G 2773 22.23 -114.03 47.54
C ASN G 2773 22.09 -114.48 46.10
N ASN G 2774 22.11 -115.79 45.85
CA ASN G 2774 21.74 -116.41 44.58
C ASN G 2774 22.78 -116.16 43.50
N TRP G 2775 24.02 -115.90 43.89
CA TRP G 2775 25.16 -115.72 43.01
C TRP G 2775 26.17 -116.82 43.30
N SER G 2776 26.58 -117.52 42.24
CA SER G 2776 27.51 -118.63 42.39
C SER G 2776 28.95 -118.14 42.53
N TYR G 2777 29.79 -118.97 43.12
CA TYR G 2777 31.22 -118.72 43.10
C TYR G 2777 31.68 -118.47 41.67
N GLY G 2778 32.52 -117.45 41.50
CA GLY G 2778 33.02 -117.12 40.17
C GLY G 2778 34.52 -117.25 40.09
N GLU G 2779 35.00 -118.24 39.35
CA GLU G 2779 36.44 -118.41 39.17
C GLU G 2779 37.01 -117.32 38.26
N ASN G 2780 36.15 -116.70 37.44
CA ASN G 2780 36.56 -115.59 36.61
C ASN G 2780 36.25 -114.27 37.31
N VAL G 2781 37.13 -113.29 37.12
CA VAL G 2781 36.95 -111.97 37.70
C VAL G 2781 35.91 -111.19 36.92
N ASP G 2782 35.00 -110.54 37.64
CA ASP G 2782 33.94 -109.75 37.05
C ASP G 2782 33.58 -108.62 38.02
N GLU G 2783 33.49 -107.40 37.48
CA GLU G 2783 33.53 -106.17 38.26
C GLU G 2783 32.38 -106.08 39.26
N GLU G 2784 31.15 -106.39 38.83
CA GLU G 2784 30.02 -106.13 39.72
C GLU G 2784 29.92 -107.20 40.81
N LEU G 2785 30.24 -108.45 40.48
CA LEU G 2785 30.47 -109.44 41.53
C LEU G 2785 31.82 -109.26 42.19
N LYS G 2786 32.75 -108.59 41.49
CA LYS G 2786 34.07 -108.28 42.03
C LYS G 2786 34.73 -109.52 42.65
N THR G 2787 34.31 -110.70 42.20
CA THR G 2787 34.80 -111.97 42.72
C THR G 2787 36.22 -112.18 42.22
N HIS G 2788 37.18 -111.92 43.09
CA HIS G 2788 38.57 -112.20 42.76
C HIS G 2788 38.70 -113.68 42.39
N PRO G 2789 39.47 -114.02 41.35
CA PRO G 2789 39.52 -115.43 40.94
C PRO G 2789 39.87 -116.40 42.06
N MET G 2790 40.32 -115.87 43.20
CA MET G 2790 40.64 -116.72 44.34
C MET G 2790 39.44 -117.55 44.77
N LEU G 2791 38.24 -117.16 44.33
CA LEU G 2791 37.06 -117.95 44.66
C LEU G 2791 37.26 -119.37 44.16
N ARG G 2792 37.46 -120.28 45.10
CA ARG G 2792 37.80 -121.66 44.82
C ARG G 2792 37.36 -122.50 46.01
N PRO G 2793 36.60 -123.57 45.78
CA PRO G 2793 36.14 -124.40 46.90
C PRO G 2793 37.27 -124.71 47.87
N TYR G 2794 36.88 -124.99 49.12
CA TYR G 2794 37.86 -125.18 50.20
C TYR G 2794 38.98 -126.13 49.79
N LYS G 2795 38.74 -126.98 48.80
CA LYS G 2795 39.71 -127.95 48.30
C LYS G 2795 40.97 -127.30 47.79
N THR G 2796 40.95 -125.99 47.50
CA THR G 2796 42.10 -125.33 46.90
C THR G 2796 42.40 -123.93 47.43
N PHE G 2797 41.71 -123.44 48.46
CA PHE G 2797 41.97 -122.07 48.91
C PHE G 2797 43.42 -121.89 49.32
N SER G 2798 43.99 -120.74 48.99
CA SER G 2798 45.32 -120.40 49.45
C SER G 2798 45.30 -120.14 50.96
N GLU G 2799 46.42 -120.47 51.61
CA GLU G 2799 46.46 -120.36 53.06
C GLU G 2799 46.26 -118.92 53.53
N LYS G 2800 46.91 -117.95 52.88
CA LYS G 2800 46.89 -116.58 53.40
C LYS G 2800 45.49 -116.12 53.73
N ASP G 2801 44.54 -116.31 52.79
CA ASP G 2801 43.16 -115.89 53.06
C ASP G 2801 42.57 -116.65 54.24
N LYS G 2802 42.82 -117.97 54.31
CA LYS G 2802 42.29 -118.76 55.40
C LYS G 2802 42.76 -118.27 56.76
N GLU G 2803 44.08 -118.11 56.92
CA GLU G 2803 44.59 -117.69 58.22
C GLU G 2803 44.31 -116.22 58.53
N ILE G 2804 44.11 -115.36 57.52
CA ILE G 2804 43.73 -113.99 57.87
C ILE G 2804 42.26 -113.92 58.25
N TYR G 2805 41.43 -114.82 57.71
CA TYR G 2805 40.08 -114.98 58.26
C TYR G 2805 40.12 -115.58 59.65
N ARG G 2806 41.09 -116.47 59.89
CA ARG G 2806 41.18 -117.19 61.15
C ARG G 2806 41.64 -116.30 62.30
N TRP G 2807 42.64 -115.47 62.05
CA TRP G 2807 43.24 -114.70 63.14
C TRP G 2807 42.21 -113.91 63.94
N PRO G 2808 41.26 -113.21 63.33
CA PRO G 2808 40.19 -112.62 64.15
C PRO G 2808 39.43 -113.65 64.96
N ILE G 2809 39.23 -114.86 64.41
CA ILE G 2809 38.56 -115.91 65.18
C ILE G 2809 39.40 -116.32 66.38
N LYS G 2810 40.71 -116.51 66.18
CA LYS G 2810 41.60 -116.77 67.31
C LYS G 2810 41.46 -115.69 68.37
N GLU G 2811 41.60 -114.43 67.96
CA GLU G 2811 41.53 -113.32 68.91
C GLU G 2811 40.22 -113.36 69.68
N SER G 2812 39.11 -113.60 68.97
CA SER G 2812 37.80 -113.56 69.60
C SER G 2812 37.64 -114.68 70.63
N LEU G 2813 38.01 -115.91 70.26
CA LEU G 2813 37.88 -117.01 71.21
C LEU G 2813 38.83 -116.84 72.40
N LYS G 2814 40.05 -116.41 72.13
CA LYS G 2814 41.00 -116.18 73.22
C LYS G 2814 40.46 -115.14 74.21
N ALA G 2815 39.92 -114.03 73.69
CA ALA G 2815 39.32 -113.00 74.54
C ALA G 2815 38.12 -113.55 75.30
N MET G 2816 37.29 -114.33 74.62
CA MET G 2816 36.10 -114.89 75.27
C MET G 2816 36.50 -115.71 76.49
N ILE G 2817 37.51 -116.56 76.34
CA ILE G 2817 37.98 -117.36 77.48
C ILE G 2817 38.69 -116.48 78.49
N ALA G 2818 39.42 -115.46 78.01
CA ALA G 2818 40.17 -114.59 78.91
C ALA G 2818 39.25 -113.86 79.85
N TRP G 2819 38.03 -113.56 79.40
CA TRP G 2819 37.07 -112.85 80.25
C TRP G 2819 36.40 -113.82 81.21
N GLU G 2820 37.18 -114.63 81.92
CA GLU G 2820 36.80 -115.57 82.98
C GLU G 2820 35.53 -116.37 82.68
N TRP G 2821 35.29 -116.65 81.40
CA TRP G 2821 34.17 -117.48 80.98
C TRP G 2821 34.66 -118.90 80.73
N THR G 2822 34.20 -119.83 81.56
CA THR G 2822 34.65 -121.20 81.43
C THR G 2822 33.97 -121.92 80.27
N ILE G 2823 34.78 -122.53 79.42
CA ILE G 2823 34.30 -123.34 78.30
C ILE G 2823 34.57 -124.79 78.61
N GLU G 2824 33.52 -125.61 78.58
CA GLU G 2824 33.60 -127.02 78.96
C GLU G 2824 32.81 -127.83 77.94
N LYS G 2825 33.50 -128.66 77.17
CA LYS G 2825 32.87 -129.51 76.17
C LYS G 2825 32.31 -130.73 76.92
N ALA G 2826 30.99 -130.85 76.92
CA ALA G 2826 30.26 -131.74 77.83
C ALA G 2826 30.76 -133.17 77.73
N ARG G 2827 31.00 -133.67 76.52
CA ARG G 2827 31.39 -135.05 76.25
C ARG G 2827 32.54 -135.09 75.26
N GLU G 2828 33.40 -136.11 75.42
CA GLU G 2828 34.57 -136.29 74.58
C GLU G 2828 34.14 -136.90 73.23
N GLY G 2829 34.79 -136.44 72.18
CA GLY G 2829 34.41 -136.78 70.81
C GLY G 2829 35.44 -137.68 70.15
N GLU G 2830 34.96 -138.50 69.21
CA GLU G 2830 35.71 -139.52 68.48
C GLU G 2830 35.56 -139.39 66.96
N TYR G 2855 24.78 -130.65 52.58
CA TYR G 2855 25.53 -130.64 53.84
C TYR G 2855 25.35 -129.37 54.67
N ASN G 2856 24.26 -128.65 54.43
CA ASN G 2856 23.89 -127.34 54.96
C ASN G 2856 24.24 -127.20 56.43
N PRO G 2857 24.59 -126.01 56.92
CA PRO G 2857 25.04 -125.91 58.31
C PRO G 2857 23.99 -126.47 59.25
N GLN G 2858 24.36 -127.58 59.90
CA GLN G 2858 23.41 -128.34 60.71
C GLN G 2858 22.67 -127.46 61.71
N PRO G 2859 23.29 -126.48 62.35
CA PRO G 2859 22.55 -125.56 63.24
C PRO G 2859 22.08 -124.28 62.58
N PRO G 2860 21.00 -124.29 61.79
CA PRO G 2860 20.51 -123.00 61.27
C PRO G 2860 20.27 -122.01 62.40
N ASP G 2861 20.77 -120.80 62.22
CA ASP G 2861 20.55 -119.74 63.19
C ASP G 2861 19.08 -119.34 63.16
N LEU G 2862 18.35 -119.73 64.21
CA LEU G 2862 16.91 -119.59 64.26
C LEU G 2862 16.52 -118.58 65.33
N SER G 2863 16.14 -117.38 64.89
CA SER G 2863 15.70 -116.34 65.81
C SER G 2863 14.45 -116.74 66.57
N GLY G 2864 13.72 -117.74 66.05
CA GLY G 2864 12.55 -118.22 66.75
C GLY G 2864 12.87 -118.74 68.14
N VAL G 2865 14.06 -119.33 68.31
CA VAL G 2865 14.44 -119.87 69.61
C VAL G 2865 14.57 -118.74 70.62
N THR G 2866 13.66 -118.71 71.59
CA THR G 2866 13.83 -117.81 72.72
C THR G 2866 15.10 -118.18 73.49
N LEU G 2867 15.84 -117.17 73.93
CA LEU G 2867 17.05 -117.30 74.70
C LEU G 2867 16.83 -116.79 76.11
N SER G 2868 17.36 -117.53 77.09
CA SER G 2868 17.22 -117.12 78.47
C SER G 2868 17.84 -115.74 78.66
N ARG G 2869 17.35 -115.02 79.66
CA ARG G 2869 17.76 -113.63 79.86
C ARG G 2869 19.26 -113.52 80.17
N GLU G 2870 19.73 -114.47 81.03
CA GLU G 2870 21.15 -114.62 81.36
CA GLU G 2870 21.16 -114.61 81.35
C GLU G 2870 21.97 -114.74 80.08
N LEU G 2871 21.52 -115.62 79.20
CA LEU G 2871 22.21 -116.03 77.98
C LEU G 2871 22.22 -114.89 76.97
N GLN G 2872 21.12 -114.14 76.90
CA GLN G 2872 21.17 -112.91 76.14
C GLN G 2872 22.23 -111.98 76.72
N ALA G 2873 22.16 -111.71 78.04
CA ALA G 2873 23.11 -110.78 78.64
C ALA G 2873 24.55 -111.14 78.27
N MET G 2874 24.91 -112.42 78.35
CA MET G 2874 26.26 -112.80 77.89
C MET G 2874 26.41 -112.55 76.41
N ALA G 2875 25.35 -112.72 75.62
CA ALA G 2875 25.46 -112.51 74.18
C ALA G 2875 25.75 -111.05 73.86
N GLU G 2876 25.00 -110.12 74.48
CA GLU G 2876 25.30 -108.70 74.27
C GLU G 2876 26.64 -108.31 74.86
N GLN G 2877 27.08 -108.98 75.94
CA GLN G 2877 28.41 -108.65 76.47
C GLN G 2877 29.51 -109.13 75.54
N LEU G 2878 29.35 -110.32 74.96
CA LEU G 2878 30.35 -110.82 74.03
C LEU G 2878 30.31 -110.02 72.73
N ALA G 2879 29.14 -109.50 72.38
CA ALA G 2879 29.06 -108.58 71.25
C ALA G 2879 29.73 -107.26 71.58
N GLU G 2880 29.63 -106.83 72.85
CA GLU G 2880 30.38 -105.67 73.30
C GLU G 2880 31.87 -105.95 73.29
N ASN G 2881 32.26 -107.20 73.51
CA ASN G 2881 33.68 -107.56 73.43
C ASN G 2881 34.14 -107.58 71.98
N TYR G 2882 33.29 -108.05 71.07
CA TYR G 2882 33.60 -107.94 69.65
C TYR G 2882 33.73 -106.48 69.23
N HIS G 2883 32.88 -105.62 69.80
CA HIS G 2883 32.96 -104.20 69.46
C HIS G 2883 34.13 -103.53 70.16
N ASN G 2884 34.57 -104.08 71.30
CA ASN G 2884 35.80 -103.60 71.92
C ASN G 2884 37.02 -103.98 71.11
N THR G 2885 37.00 -105.17 70.49
CA THR G 2885 38.08 -105.52 69.57
C THR G 2885 38.01 -104.66 68.31
N TRP G 2886 36.79 -104.37 67.85
CA TRP G 2886 36.60 -103.47 66.73
C TRP G 2886 37.22 -102.11 67.03
N GLY G 2887 36.84 -101.52 68.16
CA GLY G 2887 37.42 -100.25 68.56
C GLY G 2887 38.89 -100.36 68.89
N ARG G 2888 39.33 -101.56 69.28
CA ARG G 2888 40.75 -101.77 69.58
C ARG G 2888 41.59 -101.66 68.32
N LYS G 2889 41.18 -102.33 67.25
CA LYS G 2889 41.93 -102.20 66.00
C LYS G 2889 41.74 -100.82 65.39
N LYS G 2890 40.54 -100.25 65.48
CA LYS G 2890 40.34 -98.89 65.00
C LYS G 2890 41.24 -97.91 65.75
N LYS G 2891 41.44 -98.14 67.05
CA LYS G 2891 42.29 -97.23 67.83
C LYS G 2891 43.76 -97.46 67.53
N GLN G 2892 44.18 -98.72 67.40
CA GLN G 2892 45.54 -99.00 66.96
C GLN G 2892 45.83 -98.29 65.64
N GLU G 2893 44.83 -98.20 64.76
CA GLU G 2893 45.00 -97.45 63.52
C GLU G 2893 45.02 -95.94 63.78
N LEU G 2894 44.08 -95.45 64.58
CA LEU G 2894 43.91 -94.01 64.77
C LEU G 2894 45.13 -93.39 65.44
N GLU G 2895 45.59 -94.00 66.53
CA GLU G 2895 46.74 -93.48 67.27
C GLU G 2895 47.88 -93.11 66.33
N ALA G 2896 48.00 -93.80 65.20
CA ALA G 2896 48.91 -93.34 64.16
C ALA G 2896 48.44 -92.03 63.55
N LYS G 2897 47.14 -91.92 63.28
CA LYS G 2897 46.60 -90.67 62.75
C LYS G 2897 46.60 -89.57 63.79
N GLY G 2898 46.11 -89.86 65.00
CA GLY G 2898 46.07 -88.89 66.06
C GLY G 2898 44.92 -87.91 66.02
N GLY G 2899 43.99 -88.07 65.08
CA GLY G 2899 42.86 -87.18 64.97
C GLY G 2899 41.77 -87.78 64.11
N GLY G 2900 40.62 -87.13 64.11
CA GLY G 2900 39.46 -87.67 63.42
C GLY G 2900 38.91 -88.93 64.03
N THR G 2901 38.74 -88.96 65.35
CA THR G 2901 38.20 -90.14 66.01
C THR G 2901 36.92 -90.58 65.33
N HIS G 2902 36.87 -91.84 64.94
CA HIS G 2902 35.75 -92.38 64.18
C HIS G 2902 34.48 -92.17 65.02
N PRO G 2903 33.48 -91.46 64.49
CA PRO G 2903 32.38 -91.01 65.36
C PRO G 2903 31.65 -92.12 66.09
N LEU G 2904 31.47 -93.28 65.45
CA LEU G 2904 30.69 -94.35 66.04
C LEU G 2904 31.39 -95.02 67.21
N LEU G 2905 32.66 -94.73 67.44
CA LEU G 2905 33.36 -95.37 68.55
C LEU G 2905 32.77 -94.88 69.86
N VAL G 2906 31.83 -95.65 70.40
CA VAL G 2906 31.08 -95.27 71.59
C VAL G 2906 30.65 -96.56 72.30
N PRO G 2907 30.05 -96.47 73.49
CA PRO G 2907 29.62 -97.70 74.16
C PRO G 2907 28.68 -98.54 73.30
N TYR G 2908 28.87 -99.85 73.37
CA TYR G 2908 28.05 -100.78 72.59
C TYR G 2908 26.58 -100.67 72.95
N ASP G 2909 26.29 -100.40 74.23
CA ASP G 2909 24.90 -100.23 74.64
C ASP G 2909 24.34 -98.90 74.14
N THR G 2910 25.14 -97.83 74.20
CA THR G 2910 24.64 -96.52 73.80
C THR G 2910 24.38 -96.47 72.30
N LEU G 2911 25.25 -97.07 71.49
CA LEU G 2911 25.14 -96.92 70.04
C LEU G 2911 23.85 -97.56 69.54
N THR G 2912 23.59 -97.35 68.25
CA THR G 2912 22.32 -97.74 67.64
C THR G 2912 22.18 -99.26 67.62
N ALA G 2913 20.92 -99.70 67.69
CA ALA G 2913 20.64 -101.14 67.70
C ALA G 2913 21.06 -101.80 66.39
N LYS G 2914 20.81 -101.14 65.26
CA LYS G 2914 21.08 -101.76 63.97
C LYS G 2914 22.57 -102.09 63.82
N GLU G 2915 23.44 -101.15 64.20
CA GLU G 2915 24.86 -101.45 64.25
C GLU G 2915 25.16 -102.49 65.33
N LYS G 2916 24.45 -102.39 66.46
CA LYS G 2916 24.54 -103.40 67.51
C LYS G 2916 24.05 -104.76 67.01
N ALA G 2917 23.20 -104.75 65.97
CA ALA G 2917 22.53 -105.96 65.54
C ALA G 2917 23.51 -107.01 65.02
N ARG G 2918 24.45 -106.60 64.17
CA ARG G 2918 25.39 -107.55 63.58
C ARG G 2918 26.20 -108.24 64.67
N ASP G 2919 26.75 -107.46 65.59
CA ASP G 2919 27.60 -108.04 66.62
C ASP G 2919 26.82 -108.94 67.56
N ARG G 2920 25.61 -108.52 67.96
CA ARG G 2920 24.83 -109.39 68.85
C ARG G 2920 24.36 -110.64 68.12
N GLU G 2921 24.08 -110.53 66.82
CA GLU G 2921 23.74 -111.71 66.02
C GLU G 2921 24.91 -112.69 66.01
N LYS G 2922 26.13 -112.20 65.76
CA LYS G 2922 27.30 -113.08 65.77
C LYS G 2922 27.48 -113.73 67.14
N ALA G 2923 27.33 -112.94 68.21
CA ALA G 2923 27.51 -113.48 69.55
C ALA G 2923 26.48 -114.56 69.86
N GLN G 2924 25.20 -114.29 69.57
CA GLN G 2924 24.17 -115.28 69.82
C GLN G 2924 24.41 -116.53 68.98
N GLU G 2925 24.80 -116.38 67.72
CA GLU G 2925 25.13 -117.53 66.89
C GLU G 2925 26.23 -118.38 67.52
N LEU G 2926 27.33 -117.74 67.91
CA LEU G 2926 28.45 -118.48 68.49
C LEU G 2926 28.01 -119.20 69.76
N LEU G 2927 27.28 -118.49 70.62
CA LEU G 2927 26.79 -119.14 71.83
C LEU G 2927 25.94 -120.36 71.48
N LYS G 2928 24.92 -120.18 70.65
CA LYS G 2928 24.03 -121.27 70.27
C LYS G 2928 24.81 -122.47 69.74
N PHE G 2929 25.82 -122.21 68.91
CA PHE G 2929 26.69 -123.28 68.45
C PHE G 2929 27.34 -124.00 69.62
N LEU G 2930 27.87 -123.23 70.58
CA LEU G 2930 28.50 -123.84 71.74
C LEU G 2930 27.52 -124.76 72.48
N GLN G 2931 26.31 -124.27 72.76
CA GLN G 2931 25.38 -125.09 73.54
C GLN G 2931 24.94 -126.32 72.77
N MET G 2932 24.61 -126.16 71.49
CA MET G 2932 24.22 -127.30 70.68
C MET G 2932 25.30 -128.37 70.70
N ASN G 2933 26.54 -127.99 70.41
CA ASN G 2933 27.64 -128.95 70.43
C ASN G 2933 27.89 -129.52 71.81
N GLY G 2934 27.55 -128.78 72.86
CA GLY G 2934 27.87 -129.19 74.21
C GLY G 2934 29.04 -128.44 74.81
N TYR G 2935 29.63 -127.49 74.07
CA TYR G 2935 30.75 -126.69 74.56
C TYR G 2935 30.18 -125.60 75.45
N ALA G 2936 29.60 -126.02 76.57
CA ALA G 2936 28.94 -125.07 77.45
C ALA G 2936 29.90 -123.97 77.89
N VAL G 2937 29.53 -122.73 77.62
CA VAL G 2937 30.27 -121.56 78.09
C VAL G 2937 29.45 -120.94 79.20
N THR G 2938 30.03 -120.87 80.39
CA THR G 2938 29.32 -120.41 81.57
C THR G 2938 30.14 -119.38 82.33
N ARG G 2939 29.45 -118.49 83.04
CA ARG G 2939 30.09 -117.45 83.82
C ARG G 2939 30.95 -116.60 82.91
N LEU G 2946 21.69 -108.93 88.67
CA LEU G 2946 21.51 -110.30 88.21
C LEU G 2946 20.12 -110.74 87.77
N ASP G 2947 19.31 -109.79 87.33
CA ASP G 2947 17.89 -109.86 86.92
C ASP G 2947 16.92 -109.95 88.08
N THR G 2948 17.17 -109.07 89.03
CA THR G 2948 16.14 -108.29 89.66
C THR G 2948 14.92 -108.21 88.75
N SER G 2949 13.75 -108.54 89.28
CA SER G 2949 12.53 -108.55 88.48
C SER G 2949 12.24 -107.15 87.94
N SER G 2950 11.18 -107.05 87.13
CA SER G 2950 10.84 -105.79 86.49
C SER G 2950 10.68 -104.67 87.53
N ILE G 2951 10.07 -104.98 88.67
CA ILE G 2951 9.86 -103.97 89.70
C ILE G 2951 11.19 -103.41 90.16
N GLU G 2952 12.15 -104.27 90.45
CA GLU G 2952 13.47 -103.81 90.84
C GLU G 2952 14.15 -103.07 89.69
N LYS G 2953 13.89 -103.49 88.46
CA LYS G 2953 14.52 -102.87 87.30
C LYS G 2953 13.98 -101.46 87.07
N ARG G 2954 12.79 -101.16 87.58
CA ARG G 2954 12.21 -99.84 87.38
C ARG G 2954 13.13 -98.74 87.86
N PHE G 2955 12.95 -97.54 87.30
CA PHE G 2955 13.77 -96.40 87.65
C PHE G 2955 13.46 -95.89 89.06
N ALA G 2956 12.17 -95.74 89.38
CA ALA G 2956 11.79 -95.25 90.69
C ALA G 2956 12.33 -96.15 91.79
N PHE G 2957 12.38 -97.46 91.53
CA PHE G 2957 12.90 -98.39 92.53
C PHE G 2957 14.34 -98.04 92.92
N GLY G 2958 15.22 -97.91 91.92
CA GLY G 2958 16.61 -97.59 92.23
C GLY G 2958 16.76 -96.19 92.82
N PHE G 2959 15.96 -95.24 92.31
CA PHE G 2959 16.01 -93.89 92.84
C PHE G 2959 15.68 -93.89 94.34
N LEU G 2960 14.60 -94.56 94.72
CA LEU G 2960 14.21 -94.63 96.12
C LEU G 2960 15.22 -95.43 96.94
N GLN G 2961 15.82 -96.47 96.35
CA GLN G 2961 16.86 -97.21 97.06
C GLN G 2961 18.02 -96.30 97.42
N GLN G 2962 18.50 -95.51 96.45
CA GLN G 2962 19.59 -94.59 96.72
C GLN G 2962 19.17 -93.53 97.74
N LEU G 2963 17.93 -93.05 97.65
CA LEU G 2963 17.47 -92.05 98.61
C LEU G 2963 17.46 -92.63 100.03
N LEU G 2964 17.02 -93.87 100.18
CA LEU G 2964 17.02 -94.50 101.51
C LEU G 2964 18.44 -94.71 102.02
N ARG G 2965 19.35 -95.12 101.14
CA ARG G 2965 20.75 -95.26 101.52
C ARG G 2965 21.30 -93.92 102.01
N TRP G 2966 20.96 -92.84 101.31
CA TRP G 2966 21.43 -91.52 101.72
C TRP G 2966 20.77 -91.06 103.02
N MET G 2967 19.53 -91.52 103.27
CA MET G 2967 18.92 -91.26 104.57
C MET G 2967 19.67 -91.96 105.69
N ASP G 2968 20.13 -93.20 105.45
CA ASP G 2968 20.97 -93.87 106.43
C ASP G 2968 22.25 -93.08 106.67
N ILE G 2969 22.89 -92.62 105.59
CA ILE G 2969 24.08 -91.79 105.74
C ILE G 2969 23.76 -90.54 106.54
N SER G 2970 22.58 -89.96 106.31
CA SER G 2970 22.16 -88.76 107.03
C SER G 2970 22.04 -89.02 108.52
N GLN G 2971 21.40 -90.14 108.88
CA GLN G 2971 21.38 -90.56 110.26
C GLN G 2971 22.80 -90.57 110.82
N GLU G 2972 23.71 -91.19 110.07
CA GLU G 2972 25.07 -91.37 110.59
C GLU G 2972 25.75 -90.03 110.85
N PHE G 2973 25.79 -89.14 109.86
CA PHE G 2973 26.62 -87.96 110.06
C PHE G 2973 25.91 -86.90 110.89
N ILE G 2974 24.57 -86.93 110.96
CA ILE G 2974 23.93 -86.07 111.95
C ILE G 2974 24.23 -86.55 113.37
N ALA G 2975 24.23 -87.87 113.59
CA ALA G 2975 24.61 -88.38 114.91
C ALA G 2975 26.03 -87.96 115.25
N HIS G 2976 26.94 -88.09 114.30
CA HIS G 2976 28.30 -87.59 114.51
C HIS G 2976 28.29 -86.10 114.81
N LEU G 2977 27.38 -85.36 114.18
CA LEU G 2977 27.31 -83.92 114.40
C LEU G 2977 26.87 -83.61 115.83
N GLU G 2978 25.87 -84.33 116.34
CA GLU G 2978 25.49 -84.13 117.74
C GLU G 2978 26.65 -84.49 118.66
N ALA G 2979 27.36 -85.58 118.35
CA ALA G 2979 28.49 -85.96 119.18
C ALA G 2979 29.56 -84.86 119.22
N VAL G 2980 29.88 -84.29 118.05
CA VAL G 2980 30.95 -83.30 117.99
C VAL G 2980 30.51 -81.98 118.62
N VAL G 2981 29.27 -81.54 118.34
CA VAL G 2981 28.79 -80.29 118.89
C VAL G 2981 28.65 -80.38 120.40
N SER G 2982 28.29 -81.56 120.92
CA SER G 2982 28.20 -81.72 122.37
C SER G 2982 29.55 -81.52 123.02
N SER G 2983 30.61 -82.05 122.43
CA SER G 2983 31.94 -81.94 123.01
C SER G 2983 32.98 -82.06 121.90
N GLY G 2984 34.12 -81.41 122.10
CA GLY G 2984 35.20 -81.45 121.14
C GLY G 2984 34.79 -80.97 119.76
N ARG G 2985 34.30 -79.73 119.68
CA ARG G 2985 33.83 -79.20 118.41
C ARG G 2985 34.97 -79.12 117.40
N VAL G 2986 34.70 -79.60 116.18
CA VAL G 2986 35.63 -79.54 115.07
C VAL G 2986 34.97 -78.79 113.94
N GLU G 2987 35.70 -77.83 113.34
CA GLU G 2987 35.16 -77.10 112.21
C GLU G 2987 35.35 -77.84 110.90
N LYS G 2988 36.08 -78.97 110.91
CA LYS G 2988 36.35 -79.68 109.65
C LYS G 2988 35.07 -80.21 109.03
N SER G 2989 34.21 -80.85 109.82
CA SER G 2989 32.99 -81.44 109.29
C SER G 2989 33.33 -82.35 108.11
N PRO G 2990 33.90 -83.53 108.35
CA PRO G 2990 34.32 -84.38 107.22
C PRO G 2990 33.18 -84.71 106.26
N HIS G 2991 31.96 -84.84 106.79
CA HIS G 2991 30.83 -85.20 105.94
C HIS G 2991 30.26 -83.99 105.23
N GLU G 2992 30.98 -82.86 105.27
CA GLU G 2992 30.56 -81.63 104.60
C GLU G 2992 30.00 -81.90 103.22
N GLN G 2993 30.72 -82.69 102.43
CA GLN G 2993 30.26 -83.01 101.08
C GLN G 2993 28.92 -83.71 101.11
N GLU G 2994 28.76 -84.67 102.04
CA GLU G 2994 27.51 -85.39 102.15
C GLU G 2994 26.36 -84.47 102.56
N ILE G 2995 26.62 -83.57 103.52
CA ILE G 2995 25.59 -82.64 103.96
C ILE G 2995 25.16 -81.76 102.79
N LYS G 2996 26.13 -81.22 102.06
CA LYS G 2996 25.82 -80.32 100.96
C LYS G 2996 25.06 -81.05 99.86
N PHE G 2997 25.52 -82.26 99.48
CA PHE G 2997 24.83 -83.02 98.46
C PHE G 2997 23.39 -83.27 98.89
N PHE G 2998 23.21 -83.86 100.08
CA PHE G 2998 21.88 -84.12 100.59
C PHE G 2998 21.00 -82.88 100.45
N ALA G 2999 21.34 -81.82 101.20
CA ALA G 2999 20.45 -80.67 101.29
C ALA G 2999 20.23 -80.01 99.93
N LYS G 3000 21.30 -79.79 99.17
CA LYS G 3000 21.19 -79.00 97.96
C LYS G 3000 20.54 -79.75 96.81
N ILE G 3001 20.89 -81.03 96.61
CA ILE G 3001 20.44 -81.79 95.45
C ILE G 3001 19.23 -82.65 95.80
N LEU G 3002 19.34 -83.49 96.84
CA LEU G 3002 18.35 -84.54 97.03
C LEU G 3002 17.00 -83.95 97.40
N LEU G 3003 16.98 -82.97 98.30
CA LEU G 3003 15.70 -82.42 98.75
C LEU G 3003 14.92 -81.76 97.62
N PRO G 3004 15.49 -80.84 96.84
CA PRO G 3004 14.72 -80.32 95.68
C PRO G 3004 14.34 -81.41 94.70
N LEU G 3005 15.24 -82.37 94.48
CA LEU G 3005 14.96 -83.45 93.55
C LEU G 3005 13.82 -84.32 94.07
N ILE G 3006 13.84 -84.64 95.37
CA ILE G 3006 12.73 -85.36 95.98
C ILE G 3006 11.43 -84.59 95.78
N ASN G 3007 11.45 -83.30 96.12
CA ASN G 3007 10.26 -82.47 96.00
C ASN G 3007 9.69 -82.53 94.59
N GLN G 3008 10.53 -82.24 93.60
CA GLN G 3008 10.05 -82.21 92.22
C GLN G 3008 9.57 -83.57 91.76
N TYR G 3009 10.32 -84.63 92.07
CA TYR G 3009 9.96 -85.96 91.58
C TYR G 3009 8.62 -86.40 92.15
N PHE G 3010 8.42 -86.22 93.45
CA PHE G 3010 7.18 -86.69 94.07
C PHE G 3010 6.07 -85.66 94.01
N THR G 3011 6.33 -84.48 93.46
CA THR G 3011 5.29 -83.56 93.04
C THR G 3011 4.81 -83.85 91.63
N ASN G 3012 5.70 -84.39 90.78
CA ASN G 3012 5.33 -84.71 89.41
C ASN G 3012 4.70 -86.10 89.30
N HIS G 3013 5.28 -87.09 89.97
CA HIS G 3013 4.89 -88.49 89.85
C HIS G 3013 4.08 -88.95 91.06
N CYS G 3014 3.34 -88.03 91.68
CA CYS G 3014 2.56 -88.38 92.86
C CYS G 3014 1.51 -89.45 92.53
N LEU G 3015 0.86 -89.31 91.37
CA LEU G 3015 -0.23 -90.22 91.02
C LEU G 3015 0.26 -91.65 90.84
N TYR G 3016 1.45 -91.81 90.27
CA TYR G 3016 1.97 -93.15 90.05
C TYR G 3016 2.08 -93.94 91.34
N PHE G 3017 2.23 -93.23 92.47
CA PHE G 3017 2.41 -93.91 93.75
C PHE G 3017 1.07 -94.12 94.44
N LEU G 3018 0.11 -93.21 94.21
CA LEU G 3018 -1.22 -93.35 94.79
C LEU G 3018 -2.11 -94.24 93.94
N SER G 3019 -1.80 -94.38 92.66
CA SER G 3019 -2.66 -95.15 91.76
C SER G 3019 -2.65 -96.62 92.13
N THR G 3020 -3.78 -97.28 91.90
CA THR G 3020 -3.93 -98.71 92.11
C THR G 3020 -4.55 -99.34 90.88
N PRO G 3021 -4.33 -100.64 90.66
CA PRO G 3021 -4.94 -101.28 89.49
C PRO G 3021 -6.44 -101.12 89.45
N ALA G 3022 -7.11 -101.18 90.61
CA ALA G 3022 -8.55 -100.96 90.64
C ALA G 3022 -8.90 -99.52 90.29
N LYS G 3023 -8.11 -98.56 90.77
CA LYS G 3023 -8.41 -97.14 90.66
C LYS G 3023 -7.15 -96.41 90.24
N VAL G 3024 -7.16 -95.82 89.04
CA VAL G 3024 -5.97 -95.22 88.46
C VAL G 3024 -6.16 -93.71 88.27
N LEU G 3025 -5.46 -92.92 89.08
CA LEU G 3025 -5.41 -91.47 88.84
C LEU G 3025 -4.56 -91.12 87.62
N GLY G 3026 -3.38 -91.71 87.52
CA GLY G 3026 -2.45 -91.29 86.49
C GLY G 3026 -2.87 -91.71 85.10
N SER G 3027 -2.34 -91.02 84.10
CA SER G 3027 -2.62 -91.39 82.71
C SER G 3027 -2.17 -92.82 82.44
N GLY G 3028 -1.02 -93.21 82.97
CA GLY G 3028 -0.54 -94.58 82.80
C GLY G 3028 0.39 -95.04 83.90
N GLY G 3029 0.08 -96.20 84.47
CA GLY G 3029 0.97 -96.84 85.41
C GLY G 3029 0.57 -96.59 86.86
N HIS G 3030 0.89 -97.56 87.71
CA HIS G 3030 0.68 -97.47 89.15
C HIS G 3030 1.86 -98.09 89.85
N ALA G 3031 2.23 -97.53 91.00
CA ALA G 3031 3.42 -97.99 91.70
C ALA G 3031 3.20 -99.37 92.30
N SER G 3032 4.29 -100.12 92.41
CA SER G 3032 4.26 -101.40 93.08
C SER G 3032 4.17 -101.21 94.59
N ASN G 3033 3.59 -102.21 95.26
CA ASN G 3033 3.46 -102.16 96.71
C ASN G 3033 4.81 -101.92 97.37
N LYS G 3034 5.87 -102.49 96.80
CA LYS G 3034 7.20 -102.32 97.38
C LYS G 3034 7.66 -100.88 97.26
N GLU G 3035 7.41 -100.23 96.11
CA GLU G 3035 7.76 -98.83 95.96
C GLU G 3035 6.97 -97.97 96.95
N LYS G 3036 5.70 -98.31 97.16
CA LYS G 3036 4.90 -97.59 98.17
C LYS G 3036 5.52 -97.76 99.56
N GLU G 3037 5.95 -98.97 99.88
CA GLU G 3037 6.63 -99.20 101.14
C GLU G 3037 7.88 -98.35 101.26
N MET G 3038 8.64 -98.25 100.17
CA MET G 3038 9.87 -97.48 100.19
C MET G 3038 9.59 -96.00 100.42
N ILE G 3039 8.57 -95.45 99.75
CA ILE G 3039 8.25 -94.04 99.94
C ILE G 3039 7.80 -93.79 101.38
N THR G 3040 6.99 -94.71 101.92
CA THR G 3040 6.55 -94.57 103.31
C THR G 3040 7.74 -94.59 104.26
N SER G 3041 8.66 -95.53 104.05
CA SER G 3041 9.84 -95.63 104.91
C SER G 3041 10.69 -94.38 104.81
N LEU G 3042 10.85 -93.85 103.60
CA LEU G 3042 11.62 -92.62 103.42
C LEU G 3042 10.98 -91.46 104.18
N PHE G 3043 9.65 -91.35 104.10
CA PHE G 3043 8.95 -90.29 104.82
C PHE G 3043 9.18 -90.41 106.32
N CYS G 3044 9.00 -91.61 106.87
CA CYS G 3044 9.19 -91.80 108.29
C CYS G 3044 10.63 -91.53 108.70
N LYS G 3045 11.60 -91.97 107.90
CA LYS G 3045 13.01 -91.75 108.19
C LYS G 3045 13.33 -90.27 108.20
N LEU G 3046 12.83 -89.52 107.22
CA LEU G 3046 13.09 -88.08 107.19
C LEU G 3046 12.47 -87.39 108.39
N ALA G 3047 11.25 -87.78 108.78
CA ALA G 3047 10.63 -87.19 109.95
C ALA G 3047 11.45 -87.47 111.21
N ALA G 3048 11.92 -88.71 111.36
CA ALA G 3048 12.76 -89.05 112.51
C ALA G 3048 14.06 -88.25 112.47
N LEU G 3049 14.64 -88.12 111.28
CA LEU G 3049 15.92 -87.42 111.14
C LEU G 3049 15.79 -85.98 111.57
N VAL G 3050 14.73 -85.31 111.12
CA VAL G 3050 14.50 -83.91 111.48
C VAL G 3050 13.93 -83.75 112.88
N ARG G 3051 13.46 -84.83 113.49
CA ARG G 3051 12.90 -84.73 114.83
C ARG G 3051 13.90 -84.09 115.77
N HIS G 3052 13.50 -82.97 116.34
CA HIS G 3052 14.25 -82.23 117.34
C HIS G 3052 15.63 -81.83 116.85
N ARG G 3053 15.80 -81.60 115.55
CA ARG G 3053 17.07 -81.20 114.95
C ARG G 3053 16.87 -80.12 113.89
N VAL G 3054 15.79 -79.36 113.97
CA VAL G 3054 15.46 -78.33 112.99
C VAL G 3054 16.58 -77.31 112.93
N SER G 3055 17.10 -76.91 114.10
CA SER G 3055 18.19 -75.94 114.13
C SER G 3055 19.44 -76.52 113.50
N LEU G 3056 19.76 -77.78 113.83
CA LEU G 3056 20.92 -78.41 113.20
C LEU G 3056 20.79 -78.38 111.70
N PHE G 3057 19.59 -78.59 111.17
CA PHE G 3057 19.53 -78.53 109.72
C PHE G 3057 19.56 -77.09 109.23
N GLY G 3058 19.15 -76.14 110.08
CA GLY G 3058 19.23 -74.75 109.71
C GLY G 3058 18.33 -74.39 108.54
N THR G 3059 18.93 -73.74 107.53
CA THR G 3059 18.14 -73.17 106.43
C THR G 3059 17.56 -74.26 105.54
N ASP G 3060 18.03 -75.50 105.68
CA ASP G 3060 17.48 -76.59 104.89
C ASP G 3060 16.19 -77.13 105.49
N ALA G 3061 15.84 -76.70 106.70
CA ALA G 3061 14.64 -77.21 107.37
C ALA G 3061 13.38 -76.94 106.57
N PRO G 3062 13.16 -75.75 106.00
CA PRO G 3062 11.98 -75.55 105.15
C PRO G 3062 11.91 -76.54 103.99
N ALA G 3063 13.06 -76.82 103.39
CA ALA G 3063 13.10 -77.82 102.32
C ALA G 3063 12.70 -79.18 102.84
N VAL G 3064 13.18 -79.54 104.03
CA VAL G 3064 12.82 -80.82 104.63
C VAL G 3064 11.31 -80.90 104.84
N VAL G 3065 10.73 -79.82 105.37
CA VAL G 3065 9.30 -79.82 105.67
C VAL G 3065 8.48 -79.93 104.38
N ASN G 3066 8.91 -79.20 103.34
CA ASN G 3066 8.19 -79.27 102.07
C ASN G 3066 8.28 -80.66 101.46
N CYS G 3067 9.47 -81.27 101.52
CA CYS G 3067 9.61 -82.64 101.04
C CYS G 3067 8.71 -83.59 101.82
N LEU G 3068 8.59 -83.37 103.12
CA LEU G 3068 7.70 -84.19 103.93
C LEU G 3068 6.24 -83.99 103.53
N HIS G 3069 5.83 -82.75 103.28
CA HIS G 3069 4.48 -82.51 102.77
C HIS G 3069 4.23 -83.32 101.51
N ILE G 3070 5.14 -83.22 100.55
CA ILE G 3070 4.95 -83.89 99.26
C ILE G 3070 4.90 -85.40 99.46
N LEU G 3071 5.81 -85.93 100.27
CA LEU G 3071 5.83 -87.36 100.53
C LEU G 3071 4.53 -87.82 101.17
N ALA G 3072 4.04 -87.06 102.14
CA ALA G 3072 2.76 -87.37 102.77
C ALA G 3072 1.65 -87.45 101.74
N ARG G 3073 1.60 -86.46 100.84
CA ARG G 3073 0.56 -86.47 99.81
C ARG G 3073 0.77 -87.64 98.85
N SER G 3074 1.99 -88.18 98.78
CA SER G 3074 2.25 -89.29 97.88
C SER G 3074 1.89 -90.64 98.49
N LEU G 3075 1.96 -90.76 99.81
CA LEU G 3075 1.86 -92.08 100.45
C LEU G 3075 0.51 -92.74 100.15
N ASP G 3076 0.55 -94.08 100.03
CA ASP G 3076 -0.66 -94.90 100.01
C ASP G 3076 -0.67 -95.73 101.29
N ALA G 3077 -1.15 -95.10 102.37
CA ALA G 3077 -1.12 -95.74 103.67
C ALA G 3077 -2.04 -96.95 103.71
N ARG G 3078 -3.17 -96.89 103.00
CA ARG G 3078 -4.09 -98.02 103.00
C ARG G 3078 -3.39 -99.29 102.53
N THR G 3079 -2.76 -99.24 101.35
CA THR G 3079 -2.05 -100.40 100.82
C THR G 3079 -0.90 -100.78 101.73
N VAL G 3080 -0.10 -99.79 102.16
CA VAL G 3080 1.09 -100.11 102.94
C VAL G 3080 0.70 -100.82 104.23
N MET G 3081 -0.37 -100.36 104.88
CA MET G 3081 -0.77 -100.93 106.16
C MET G 3081 -1.41 -102.30 105.99
N LYS G 3082 -2.28 -102.47 105.00
CA LYS G 3082 -2.88 -103.80 104.85
C LYS G 3082 -1.84 -104.83 104.46
N SER G 3083 -1.05 -104.56 103.42
CA SER G 3083 -0.06 -105.50 102.91
C SER G 3083 1.29 -104.78 102.85
N GLY G 3084 2.00 -104.81 103.98
CA GLY G 3084 3.29 -104.19 104.08
C GLY G 3084 4.09 -104.76 105.22
N PRO G 3085 5.42 -104.70 105.12
CA PRO G 3085 6.25 -105.25 106.19
C PRO G 3085 6.04 -104.55 107.53
N GLU G 3086 6.15 -105.35 108.59
CA GLU G 3086 5.98 -104.81 109.93
C GLU G 3086 6.94 -103.67 110.19
N ILE G 3087 8.08 -103.65 109.48
CA ILE G 3087 9.03 -102.57 109.66
C ILE G 3087 8.45 -101.25 109.21
N VAL G 3088 7.87 -101.22 108.01
CA VAL G 3088 7.26 -99.99 107.49
C VAL G 3088 6.08 -99.59 108.37
N LYS G 3089 5.23 -100.56 108.70
CA LYS G 3089 4.07 -100.24 109.52
C LYS G 3089 4.49 -99.70 110.88
N ALA G 3090 5.51 -100.30 111.50
CA ALA G 3090 6.01 -99.84 112.78
C ALA G 3090 6.63 -98.46 112.67
N GLY G 3091 7.31 -98.18 111.56
CA GLY G 3091 7.87 -96.85 111.37
C GLY G 3091 6.78 -95.79 111.34
N LEU G 3092 5.70 -96.06 110.61
CA LEU G 3092 4.61 -95.08 110.53
C LEU G 3092 3.93 -94.92 111.90
N ARG G 3093 3.69 -96.05 112.58
CA ARG G 3093 3.12 -95.96 113.92
C ARG G 3093 4.02 -95.17 114.87
N SER G 3094 5.33 -95.39 114.79
CA SER G 3094 6.25 -94.66 115.64
C SER G 3094 6.23 -93.17 115.31
N PHE G 3095 6.09 -92.83 114.03
CA PHE G 3095 5.90 -91.43 113.67
C PHE G 3095 4.71 -90.85 114.40
N PHE G 3096 3.59 -91.57 114.38
CA PHE G 3096 2.38 -91.06 115.04
C PHE G 3096 2.58 -90.93 116.54
N GLU G 3097 3.19 -91.95 117.17
CA GLU G 3097 3.42 -91.90 118.61
C GLU G 3097 4.33 -90.75 118.98
N SER G 3098 5.40 -90.53 118.22
CA SER G 3098 6.31 -89.44 118.50
C SER G 3098 5.63 -88.10 118.34
N ALA G 3099 4.81 -87.94 117.30
CA ALA G 3099 4.06 -86.71 117.13
C ALA G 3099 3.17 -86.47 118.34
N SER G 3100 2.44 -87.49 118.77
CA SER G 3100 1.64 -87.37 119.99
C SER G 3100 2.51 -86.89 121.14
N GLU G 3101 3.54 -87.66 121.49
CA GLU G 3101 4.36 -87.33 122.66
C GLU G 3101 4.86 -85.90 122.63
N ASP G 3102 5.35 -85.46 121.47
CA ASP G 3102 5.80 -84.07 121.34
C ASP G 3102 4.66 -83.12 121.61
N ILE G 3103 3.46 -83.44 121.13
CA ILE G 3103 2.31 -82.58 121.40
C ILE G 3103 2.02 -82.52 122.89
N GLU G 3104 1.99 -83.67 123.56
CA GLU G 3104 1.69 -83.64 125.00
C GLU G 3104 2.73 -82.83 125.76
N LYS G 3105 4.00 -82.94 125.37
CA LYS G 3105 5.03 -82.17 126.07
C LYS G 3105 4.86 -80.68 125.82
N MET G 3106 4.60 -80.29 124.57
CA MET G 3106 4.38 -78.88 124.27
C MET G 3106 3.19 -78.35 125.04
N VAL G 3107 2.11 -79.12 125.07
CA VAL G 3107 0.87 -78.67 125.68
C VAL G 3107 1.06 -78.50 127.19
N GLU G 3108 1.78 -79.42 127.85
CA GLU G 3108 2.02 -79.22 129.28
C GLU G 3108 2.98 -78.04 129.52
N ASN G 3109 3.97 -77.84 128.66
CA ASN G 3109 4.81 -76.66 128.82
C ASN G 3109 3.98 -75.38 128.77
N LEU G 3110 3.00 -75.32 127.86
CA LEU G 3110 2.13 -74.14 127.80
C LEU G 3110 1.26 -74.05 129.05
N ARG G 3111 0.87 -75.21 129.60
CA ARG G 3111 0.28 -75.31 130.94
C ARG G 3111 1.20 -74.76 132.00
N LEU G 3112 2.46 -74.52 131.63
CA LEU G 3112 3.32 -73.66 132.42
C LEU G 3112 3.81 -74.45 133.63
N GLY G 3113 3.61 -75.77 133.59
CA GLY G 3113 4.36 -76.64 134.46
C GLY G 3113 5.85 -76.49 134.25
N LYS G 3114 6.25 -76.01 133.09
CA LYS G 3114 7.60 -75.57 132.80
C LYS G 3114 7.61 -74.05 132.69
N VAL G 3115 8.82 -73.46 132.68
CA VAL G 3115 8.93 -72.01 132.72
C VAL G 3115 8.13 -71.36 131.60
N SER G 3116 8.32 -71.85 130.37
CA SER G 3116 7.71 -71.37 129.12
C SER G 3116 7.02 -70.01 129.25
N LYS G 3123 17.10 -74.47 125.05
CA LYS G 3123 16.39 -75.36 125.96
C LYS G 3123 15.64 -76.45 125.23
N GLY G 3124 15.41 -77.57 125.93
CA GLY G 3124 14.70 -78.68 125.31
C GLY G 3124 13.25 -78.35 125.00
N VAL G 3125 12.56 -77.67 125.93
CA VAL G 3125 11.17 -77.33 125.70
C VAL G 3125 11.04 -76.35 124.54
N GLY G 3126 11.89 -75.32 124.51
CA GLY G 3126 11.85 -74.39 123.41
C GLY G 3126 12.18 -75.04 122.08
N GLN G 3127 13.15 -75.96 122.09
CA GLN G 3127 13.54 -76.64 120.86
C GLN G 3127 12.40 -77.53 120.37
N ASN G 3128 11.73 -78.24 121.29
CA ASN G 3128 10.56 -79.03 120.91
C ASN G 3128 9.45 -78.13 120.38
N LEU G 3129 9.26 -76.97 121.01
CA LEU G 3129 8.22 -76.05 120.56
C LEU G 3129 8.46 -75.60 119.14
N THR G 3130 9.68 -75.19 118.83
CA THR G 3130 9.99 -74.75 117.47
C THR G 3130 9.87 -75.92 116.49
N TYR G 3131 10.34 -77.11 116.89
CA TYR G 3131 10.17 -78.29 116.05
C TYR G 3131 8.71 -78.50 115.70
N THR G 3132 7.86 -78.55 116.72
CA THR G 3132 6.43 -78.73 116.49
C THR G 3132 5.92 -77.67 115.53
N THR G 3133 5.98 -76.40 115.94
CA THR G 3133 5.36 -75.32 115.18
C THR G 3133 5.84 -75.30 113.74
N VAL G 3134 7.13 -75.59 113.50
CA VAL G 3134 7.68 -75.43 112.17
C VAL G 3134 7.38 -76.65 111.30
N ALA G 3135 7.66 -77.86 111.82
CA ALA G 3135 7.64 -79.07 111.00
C ALA G 3135 6.42 -79.94 111.26
N LEU G 3136 6.11 -80.18 112.54
CA LEU G 3136 5.24 -81.31 112.89
C LEU G 3136 3.78 -81.02 112.54
N LEU G 3137 3.20 -79.99 113.16
CA LEU G 3137 1.80 -79.69 112.92
C LEU G 3137 1.52 -79.51 111.43
N PRO G 3138 2.33 -78.81 110.65
CA PRO G 3138 2.07 -78.74 109.20
C PRO G 3138 2.07 -80.09 108.53
N VAL G 3139 3.11 -80.90 108.75
CA VAL G 3139 3.21 -82.19 108.08
C VAL G 3139 2.08 -83.11 108.50
N LEU G 3140 1.79 -83.14 109.80
CA LEU G 3140 0.74 -84.03 110.30
C LEU G 3140 -0.63 -83.59 109.81
N THR G 3141 -0.86 -82.28 109.77
CA THR G 3141 -2.10 -81.75 109.21
C THR G 3141 -2.24 -82.14 107.74
N THR G 3142 -1.15 -82.02 106.99
CA THR G 3142 -1.16 -82.40 105.58
C THR G 3142 -1.49 -83.88 105.43
N LEU G 3143 -0.89 -84.73 106.25
CA LEU G 3143 -1.14 -86.16 106.18
C LEU G 3143 -2.58 -86.48 106.52
N PHE G 3144 -3.13 -85.82 107.55
CA PHE G 3144 -4.54 -86.05 107.89
C PHE G 3144 -5.45 -85.62 106.75
N GLN G 3145 -5.16 -84.48 106.13
CA GLN G 3145 -5.96 -84.01 105.01
C GLN G 3145 -5.90 -84.99 103.85
N HIS G 3146 -4.71 -85.49 103.55
CA HIS G 3146 -4.55 -86.44 102.44
C HIS G 3146 -5.29 -87.74 102.73
N ILE G 3147 -5.20 -88.22 103.96
CA ILE G 3147 -5.90 -89.44 104.37
C ILE G 3147 -7.41 -89.24 104.23
N ALA G 3148 -7.93 -88.12 104.72
CA ALA G 3148 -9.37 -87.87 104.62
C ALA G 3148 -9.80 -87.75 103.17
N GLN G 3149 -8.99 -87.08 102.34
CA GLN G 3149 -9.34 -86.91 100.93
C GLN G 3149 -9.45 -88.25 100.23
N HIS G 3150 -8.48 -89.14 100.46
CA HIS G 3150 -8.50 -90.45 99.83
C HIS G 3150 -9.24 -91.50 100.66
N GLN G 3151 -9.95 -91.09 101.70
CA GLN G 3151 -10.82 -91.99 102.46
C GLN G 3151 -10.03 -93.17 103.03
N PHE G 3152 -8.81 -92.91 103.47
CA PHE G 3152 -7.93 -93.96 103.98
C PHE G 3152 -8.06 -94.16 105.49
N GLY G 3153 -8.78 -93.29 106.19
CA GLY G 3153 -8.78 -93.37 107.65
C GLY G 3153 -9.26 -94.71 108.17
N ASP G 3154 -10.34 -95.24 107.59
CA ASP G 3154 -10.94 -96.48 108.08
C ASP G 3154 -10.01 -97.66 107.91
N ASP G 3155 -8.94 -97.51 107.12
CA ASP G 3155 -7.98 -98.58 106.93
C ASP G 3155 -6.66 -98.30 107.65
N VAL G 3156 -6.33 -97.02 107.86
CA VAL G 3156 -5.07 -96.67 108.49
C VAL G 3156 -5.21 -96.63 110.00
N ILE G 3157 -6.10 -95.78 110.51
CA ILE G 3157 -6.12 -95.48 111.94
C ILE G 3157 -7.00 -96.50 112.66
N LEU G 3158 -6.43 -97.65 113.02
CA LEU G 3158 -7.22 -98.73 113.61
C LEU G 3158 -6.86 -99.06 115.05
N ASP G 3159 -5.60 -99.43 115.31
CA ASP G 3159 -5.28 -100.07 116.59
C ASP G 3159 -4.51 -99.17 117.56
N ASP G 3160 -3.33 -98.69 117.15
CA ASP G 3160 -2.54 -97.82 118.01
C ASP G 3160 -2.52 -96.40 117.48
N VAL G 3161 -2.74 -96.26 116.17
CA VAL G 3161 -2.87 -94.94 115.58
C VAL G 3161 -4.10 -94.24 116.15
N GLN G 3162 -5.16 -95.00 116.43
CA GLN G 3162 -6.31 -94.43 117.12
C GLN G 3162 -5.90 -93.89 118.48
N VAL G 3163 -5.08 -94.64 119.21
CA VAL G 3163 -4.64 -94.19 120.53
C VAL G 3163 -3.86 -92.88 120.41
N SER G 3164 -2.93 -92.83 119.47
CA SER G 3164 -2.12 -91.63 119.29
C SER G 3164 -2.98 -90.44 118.89
N CYS G 3165 -3.90 -90.64 117.94
CA CYS G 3165 -4.79 -89.58 117.51
C CYS G 3165 -5.72 -89.12 118.63
N TYR G 3166 -6.25 -90.06 119.43
CA TYR G 3166 -6.99 -89.67 120.62
C TYR G 3166 -6.15 -88.77 121.51
N ARG G 3167 -4.93 -89.18 121.81
CA ARG G 3167 -4.12 -88.40 122.74
C ARG G 3167 -3.88 -86.99 122.21
N THR G 3168 -3.54 -86.89 120.92
CA THR G 3168 -3.34 -85.58 120.30
C THR G 3168 -4.62 -84.73 120.38
N LEU G 3169 -5.73 -85.31 119.93
CA LEU G 3169 -7.02 -84.63 119.97
C LEU G 3169 -7.33 -84.09 121.37
N CYS G 3170 -7.19 -84.94 122.37
CA CYS G 3170 -7.67 -84.59 123.70
C CYS G 3170 -6.75 -83.57 124.36
N SER G 3171 -5.44 -83.66 124.11
CA SER G 3171 -4.54 -82.60 124.57
C SER G 3171 -4.87 -81.27 123.92
N ILE G 3172 -5.07 -81.29 122.59
CA ILE G 3172 -5.34 -80.03 121.89
C ILE G 3172 -6.63 -79.40 122.41
N TYR G 3173 -7.65 -80.23 122.65
CA TYR G 3173 -8.87 -79.68 123.26
C TYR G 3173 -8.60 -79.16 124.66
N SER G 3174 -7.76 -79.85 125.43
CA SER G 3174 -7.42 -79.37 126.76
C SER G 3174 -6.87 -77.95 126.70
N LEU G 3175 -6.21 -77.59 125.59
CA LEU G 3175 -5.61 -76.25 125.53
C LEU G 3175 -6.61 -75.15 125.86
N GLY G 3176 -7.88 -75.37 125.53
CA GLY G 3176 -8.90 -74.37 125.78
C GLY G 3176 -8.82 -73.71 127.15
N THR G 3177 -8.54 -74.50 128.19
CA THR G 3177 -8.48 -73.95 129.55
C THR G 3177 -7.31 -72.98 129.69
N THR G 3178 -6.16 -73.31 129.11
CA THR G 3178 -4.97 -72.48 129.29
C THR G 3178 -5.13 -71.14 128.57
N LYS G 3179 -4.86 -70.07 129.30
CA LYS G 3179 -4.86 -68.71 128.77
C LYS G 3179 -3.44 -68.17 128.85
N ASN G 3180 -2.83 -67.91 127.69
CA ASN G 3180 -1.47 -67.41 127.65
C ASN G 3180 -1.24 -66.71 126.32
N THR G 3181 -0.16 -65.91 126.28
CA THR G 3181 0.23 -65.26 125.03
C THR G 3181 0.67 -66.29 123.99
N TYR G 3182 1.41 -67.31 124.42
CA TYR G 3182 1.93 -68.30 123.47
C TYR G 3182 0.80 -69.09 122.81
N VAL G 3183 -0.25 -69.41 123.59
CA VAL G 3183 -1.33 -70.22 123.04
C VAL G 3183 -2.02 -69.47 121.90
N GLU G 3184 -2.25 -68.17 122.09
CA GLU G 3184 -3.03 -67.39 121.13
C GLU G 3184 -2.52 -67.59 119.71
N LYS G 3185 -1.20 -67.47 119.52
CA LYS G 3185 -0.63 -67.61 118.18
C LYS G 3185 -0.70 -69.05 117.68
N LEU G 3186 -0.80 -70.02 118.59
CA LEU G 3186 -0.75 -71.43 118.19
C LEU G 3186 -2.12 -72.02 117.91
N ARG G 3187 -3.18 -71.44 118.45
CA ARG G 3187 -4.51 -72.04 118.31
C ARG G 3187 -4.95 -72.22 116.87
N PRO G 3188 -4.67 -71.29 115.94
CA PRO G 3188 -5.03 -71.56 114.53
C PRO G 3188 -4.51 -72.88 114.00
N ALA G 3189 -3.20 -73.12 114.09
CA ALA G 3189 -2.63 -74.35 113.55
C ALA G 3189 -3.17 -75.57 114.29
N LEU G 3190 -3.32 -75.47 115.61
CA LEU G 3190 -3.89 -76.57 116.38
C LEU G 3190 -5.29 -76.92 115.90
N GLY G 3191 -6.12 -75.90 115.69
CA GLY G 3191 -7.48 -76.15 115.21
C GLY G 3191 -7.49 -76.74 113.82
N GLU G 3192 -6.57 -76.30 112.96
CA GLU G 3192 -6.51 -76.89 111.62
C GLU G 3192 -6.12 -78.36 111.66
N CYS G 3193 -5.08 -78.69 112.43
CA CYS G 3193 -4.69 -80.08 112.58
C CYS G 3193 -5.84 -80.90 113.17
N LEU G 3194 -6.53 -80.32 114.15
CA LEU G 3194 -7.66 -80.99 114.78
C LEU G 3194 -8.78 -81.24 113.77
N ALA G 3195 -9.05 -80.27 112.91
CA ALA G 3195 -10.06 -80.43 111.88
C ALA G 3195 -9.72 -81.59 110.95
N ARG G 3196 -8.46 -81.62 110.48
CA ARG G 3196 -8.07 -82.69 109.58
C ARG G 3196 -8.11 -84.04 110.28
N LEU G 3197 -7.79 -84.07 111.57
CA LEU G 3197 -7.90 -85.32 112.33
C LEU G 3197 -9.35 -85.77 112.43
N ALA G 3198 -10.26 -84.82 112.69
CA ALA G 3198 -11.67 -85.15 112.79
C ALA G 3198 -12.21 -85.69 111.48
N ALA G 3199 -11.81 -85.09 110.36
CA ALA G 3199 -12.26 -85.57 109.06
C ALA G 3199 -11.77 -86.99 108.80
N ALA G 3200 -10.55 -87.31 109.25
CA ALA G 3200 -9.95 -88.60 108.94
C ALA G 3200 -10.27 -89.65 109.99
N MET G 3201 -10.30 -89.27 111.25
CA MET G 3201 -10.38 -90.21 112.34
C MET G 3201 -11.66 -91.05 112.23
N PRO G 3202 -11.55 -92.39 112.18
CA PRO G 3202 -12.72 -93.20 111.81
C PRO G 3202 -13.74 -93.39 112.92
N VAL G 3203 -13.38 -93.18 114.18
CA VAL G 3203 -14.36 -93.34 115.25
C VAL G 3203 -15.12 -92.04 115.42
N ALA G 3204 -16.25 -92.11 116.11
CA ALA G 3204 -17.05 -90.94 116.45
C ALA G 3204 -16.83 -90.66 117.93
N PHE G 3205 -15.77 -89.92 118.24
CA PHE G 3205 -15.39 -89.71 119.63
C PHE G 3205 -16.38 -88.81 120.36
N LEU G 3206 -17.16 -88.02 119.61
CA LEU G 3206 -18.18 -87.18 120.24
C LEU G 3206 -19.45 -87.96 120.52
N GLU G 3207 -19.61 -89.13 119.91
CA GLU G 3207 -20.77 -89.98 120.14
C GLU G 3207 -20.29 -91.37 120.52
N PRO G 3208 -19.76 -91.54 121.74
CA PRO G 3208 -19.16 -92.83 122.10
C PRO G 3208 -20.18 -93.91 122.42
N GLN G 3209 -21.34 -93.52 122.96
CA GLN G 3209 -22.33 -94.51 123.39
C GLN G 3209 -22.67 -95.49 122.27
N LEU G 3210 -22.58 -95.05 121.02
CA LEU G 3210 -22.87 -95.87 119.86
C LEU G 3210 -21.62 -96.44 119.21
N ASN G 3211 -20.47 -96.38 119.91
CA ASN G 3211 -19.24 -96.94 119.34
C ASN G 3211 -19.34 -98.45 119.18
N GLU G 3212 -20.23 -99.09 119.92
CA GLU G 3212 -20.39 -100.54 119.80
C GLU G 3212 -20.73 -100.94 118.37
N TYR G 3213 -21.41 -100.06 117.62
CA TYR G 3213 -21.78 -100.37 116.25
C TYR G 3213 -20.66 -100.07 115.26
N ASN G 3214 -19.66 -99.30 115.66
CA ASN G 3214 -18.54 -99.01 114.77
C ASN G 3214 -17.54 -100.16 114.80
N ALA G 3215 -17.15 -100.62 113.61
CA ALA G 3215 -16.21 -101.71 113.47
C ALA G 3215 -14.76 -101.24 113.41
N CYS G 3216 -14.52 -100.03 112.91
CA CYS G 3216 -13.17 -99.47 112.86
C CYS G 3216 -12.82 -98.83 114.19
N SER G 3217 -12.97 -99.61 115.25
CA SER G 3217 -12.70 -99.18 116.61
C SER G 3217 -11.88 -100.24 117.32
N VAL G 3218 -10.90 -99.80 118.11
CA VAL G 3218 -10.06 -100.72 118.85
C VAL G 3218 -10.89 -101.54 119.82
N TYR G 3219 -11.92 -100.93 120.41
CA TYR G 3219 -12.71 -101.63 121.41
C TYR G 3219 -13.47 -102.81 120.81
N THR G 3220 -13.89 -102.68 119.56
CA THR G 3220 -14.55 -103.80 118.89
C THR G 3220 -13.55 -104.80 118.33
N THR G 3221 -12.48 -104.29 117.70
CA THR G 3221 -11.52 -105.17 117.05
C THR G 3221 -10.79 -106.05 118.06
N LYS G 3222 -10.45 -105.50 119.21
CA LYS G 3222 -9.55 -106.14 120.16
C LYS G 3222 -10.33 -106.78 121.31
N SER G 3223 -9.77 -107.88 121.81
CA SER G 3223 -10.35 -108.55 122.96
C SER G 3223 -10.14 -107.73 124.23
N PRO G 3224 -11.00 -107.89 125.23
CA PRO G 3224 -10.80 -107.15 126.49
C PRO G 3224 -9.50 -107.53 127.18
N ARG G 3225 -8.99 -108.72 126.89
CA ARG G 3225 -7.72 -109.16 127.44
C ARG G 3225 -6.57 -108.37 126.81
N GLU G 3226 -6.70 -108.01 125.54
CA GLU G 3226 -6.01 -106.86 124.99
C GLU G 3226 -6.70 -105.59 125.50
N ARG G 3227 -6.03 -104.44 125.32
CA ARG G 3227 -6.48 -103.17 125.89
C ARG G 3227 -6.21 -103.13 127.38
N ALA G 3228 -5.78 -104.26 127.95
CA ALA G 3228 -5.33 -104.29 129.33
C ALA G 3228 -3.81 -104.32 129.39
N ILE G 3229 -3.18 -105.01 128.42
CA ILE G 3229 -1.72 -105.02 128.34
C ILE G 3229 -1.21 -103.61 128.08
N LEU G 3230 -1.88 -102.88 127.18
CA LEU G 3230 -1.63 -101.47 126.95
C LEU G 3230 -2.72 -100.71 127.70
N GLY G 3231 -2.33 -100.05 128.79
CA GLY G 3231 -3.29 -99.48 129.71
C GLY G 3231 -4.35 -98.65 129.04
N LEU G 3232 -5.59 -99.14 129.07
CA LEU G 3232 -6.72 -98.42 128.52
C LEU G 3232 -7.85 -98.40 129.53
N PRO G 3233 -8.73 -97.39 129.47
CA PRO G 3233 -9.74 -97.23 130.54
C PRO G 3233 -10.69 -98.40 130.66
N ASN G 3234 -10.83 -99.22 129.62
CA ASN G 3234 -11.81 -100.28 129.48
C ASN G 3234 -13.14 -99.71 129.01
N SER G 3235 -13.24 -98.39 128.79
CA SER G 3235 -14.45 -97.77 128.27
C SER G 3235 -14.04 -96.69 127.28
N VAL G 3236 -14.77 -96.61 126.17
CA VAL G 3236 -14.49 -95.61 125.15
C VAL G 3236 -14.72 -94.20 125.71
N GLU G 3237 -15.69 -94.05 126.60
CA GLU G 3237 -15.99 -92.74 127.16
C GLU G 3237 -14.79 -92.17 127.91
N GLU G 3238 -14.07 -93.03 128.63
CA GLU G 3238 -12.97 -92.57 129.46
C GLU G 3238 -11.72 -92.28 128.65
N MET G 3239 -11.72 -92.59 127.35
CA MET G 3239 -10.52 -92.39 126.55
C MET G 3239 -10.01 -90.97 126.71
N CYS G 3240 -10.88 -89.97 126.58
CA CYS G 3240 -10.66 -88.64 127.16
C CYS G 3240 -12.03 -88.03 127.41
N PRO G 3241 -12.50 -88.04 128.66
CA PRO G 3241 -13.85 -87.53 128.92
C PRO G 3241 -13.97 -86.03 128.81
N ASP G 3242 -12.86 -85.31 128.91
CA ASP G 3242 -12.92 -83.84 128.95
C ASP G 3242 -13.65 -83.29 127.74
N ILE G 3243 -13.44 -83.89 126.57
CA ILE G 3243 -14.15 -83.42 125.38
C ILE G 3243 -15.64 -83.70 125.55
N PRO G 3244 -16.51 -82.70 125.44
CA PRO G 3244 -17.95 -82.94 125.61
C PRO G 3244 -18.56 -83.66 124.42
N VAL G 3245 -19.79 -84.12 124.62
CA VAL G 3245 -20.53 -84.74 123.53
C VAL G 3245 -21.05 -83.69 122.56
N LEU G 3246 -21.50 -84.15 121.40
CA LEU G 3246 -21.98 -83.25 120.36
C LEU G 3246 -23.15 -82.40 120.88
N ASP G 3247 -24.09 -83.02 121.59
CA ASP G 3247 -25.24 -82.29 122.10
C ASP G 3247 -24.80 -81.12 122.96
N ARG G 3248 -23.96 -81.41 123.95
CA ARG G 3248 -23.52 -80.36 124.88
C ARG G 3248 -22.75 -79.27 124.15
N LEU G 3249 -21.86 -79.68 123.25
CA LEU G 3249 -21.03 -78.72 122.54
C LEU G 3249 -21.89 -77.80 121.66
N MET G 3250 -22.85 -78.37 120.95
CA MET G 3250 -23.69 -77.60 120.06
C MET G 3250 -24.53 -76.64 120.89
N ALA G 3251 -25.01 -77.11 122.04
CA ALA G 3251 -25.79 -76.26 122.95
C ALA G 3251 -24.95 -75.09 123.45
N ASP G 3252 -23.69 -75.34 123.81
CA ASP G 3252 -22.83 -74.25 124.25
C ASP G 3252 -22.63 -73.23 123.15
N ILE G 3253 -22.42 -73.71 121.92
CA ILE G 3253 -22.24 -72.78 120.79
C ILE G 3253 -23.49 -71.93 120.62
N GLY G 3254 -24.66 -72.55 120.65
CA GLY G 3254 -25.90 -71.78 120.50
C GLY G 3254 -26.09 -70.78 121.63
N GLY G 3255 -25.76 -71.19 122.86
CA GLY G 3255 -25.88 -70.28 123.98
C GLY G 3255 -24.98 -69.07 123.84
N LEU G 3256 -23.72 -69.29 123.44
CA LEU G 3256 -22.82 -68.16 123.22
C LEU G 3256 -23.34 -67.25 122.12
N ALA G 3257 -23.82 -67.84 121.02
CA ALA G 3257 -24.30 -67.02 119.90
C ALA G 3257 -25.49 -66.16 120.33
N GLU G 3258 -26.46 -66.75 121.03
CA GLU G 3258 -27.62 -65.98 121.47
C GLU G 3258 -27.25 -64.97 122.54
N SER G 3259 -26.23 -65.28 123.35
CA SER G 3259 -25.77 -64.32 124.35
C SER G 3259 -25.11 -63.11 123.70
N GLY G 3260 -24.46 -63.32 122.55
CA GLY G 3260 -23.71 -62.26 121.92
C GLY G 3260 -22.25 -62.23 122.30
N ALA G 3261 -21.69 -63.35 122.73
CA ALA G 3261 -20.30 -63.39 123.18
C ALA G 3261 -19.37 -62.94 122.07
N ARG G 3262 -18.40 -62.11 122.43
CA ARG G 3262 -17.38 -61.69 121.48
C ARG G 3262 -16.31 -62.76 121.36
N TYR G 3263 -15.35 -62.53 120.46
CA TYR G 3263 -14.28 -63.50 120.24
C TYR G 3263 -13.49 -63.73 121.51
N THR G 3264 -13.35 -62.71 122.36
CA THR G 3264 -12.53 -62.83 123.56
C THR G 3264 -13.13 -63.79 124.57
N GLU G 3265 -14.47 -63.86 124.62
CA GLU G 3265 -15.12 -64.74 125.58
C GLU G 3265 -15.02 -66.20 125.15
N MET G 3266 -15.04 -66.45 123.85
CA MET G 3266 -15.09 -67.80 123.28
C MET G 3266 -14.06 -67.94 122.16
N PRO G 3267 -12.79 -67.63 122.46
CA PRO G 3267 -11.74 -67.79 121.44
C PRO G 3267 -11.36 -69.23 121.18
N HIS G 3268 -11.36 -70.06 122.22
CA HIS G 3268 -11.10 -71.49 122.05
C HIS G 3268 -12.04 -72.08 121.02
N VAL G 3269 -13.33 -71.77 121.14
CA VAL G 3269 -14.31 -72.29 120.19
C VAL G 3269 -13.93 -71.93 118.77
N ILE G 3270 -13.89 -70.62 118.46
CA ILE G 3270 -13.73 -70.17 117.09
C ILE G 3270 -12.51 -70.79 116.43
N GLU G 3271 -11.40 -70.86 117.17
CA GLU G 3271 -10.14 -71.26 116.57
C GLU G 3271 -9.90 -72.76 116.56
N ILE G 3272 -10.56 -73.51 117.45
CA ILE G 3272 -10.23 -74.92 117.62
C ILE G 3272 -11.47 -75.79 117.44
N THR G 3273 -12.55 -75.47 118.16
CA THR G 3273 -13.69 -76.36 118.22
C THR G 3273 -14.47 -76.38 116.91
N LEU G 3274 -14.93 -75.21 116.47
CA LEU G 3274 -15.81 -75.14 115.30
C LEU G 3274 -15.17 -75.76 114.07
N PRO G 3275 -13.90 -75.53 113.77
CA PRO G 3275 -13.26 -76.22 112.63
C PRO G 3275 -13.36 -77.73 112.76
N MET G 3276 -13.23 -78.23 113.99
CA MET G 3276 -13.32 -79.67 114.21
C MET G 3276 -14.71 -80.19 113.89
N LEU G 3277 -15.76 -79.47 114.31
CA LEU G 3277 -17.12 -79.86 113.97
C LEU G 3277 -17.36 -79.77 112.47
N CYS G 3278 -16.83 -78.74 111.81
CA CYS G 3278 -17.03 -78.57 110.38
C CYS G 3278 -16.48 -79.76 109.61
N SER G 3279 -15.52 -80.48 110.20
CA SER G 3279 -14.96 -81.67 109.59
C SER G 3279 -15.60 -82.94 110.10
N TYR G 3280 -16.17 -82.91 111.30
CA TYR G 3280 -16.80 -84.07 111.90
C TYR G 3280 -18.20 -84.31 111.32
N LEU G 3281 -19.04 -83.29 111.33
CA LEU G 3281 -20.46 -83.42 111.02
C LEU G 3281 -20.71 -83.97 109.62
N PRO G 3282 -19.99 -83.50 108.58
CA PRO G 3282 -20.24 -84.03 107.24
C PRO G 3282 -19.89 -85.50 107.10
N ARG G 3283 -18.69 -85.84 107.58
CA ARG G 3283 -18.21 -87.21 107.46
C ARG G 3283 -19.16 -88.19 108.11
N TRP G 3284 -19.79 -87.80 109.21
CA TRP G 3284 -20.71 -88.66 109.92
C TRP G 3284 -22.15 -88.51 109.46
N TRP G 3285 -22.48 -87.40 108.79
CA TRP G 3285 -23.75 -87.32 108.09
C TRP G 3285 -23.78 -88.32 106.94
N GLU G 3286 -22.63 -88.53 106.31
CA GLU G 3286 -22.54 -89.52 105.23
C GLU G 3286 -22.84 -90.92 105.74
N ARG G 3287 -22.38 -91.24 106.95
CA ARG G 3287 -22.53 -92.59 107.51
C ARG G 3287 -23.76 -92.75 108.38
N GLY G 3288 -24.45 -91.66 108.71
CA GLY G 3288 -25.61 -91.73 109.56
C GLY G 3288 -26.89 -91.71 108.76
N PRO G 3289 -28.02 -91.61 109.45
CA PRO G 3289 -29.30 -91.45 108.75
C PRO G 3289 -29.35 -90.12 108.00
N GLU G 3290 -30.21 -90.08 106.99
CA GLU G 3290 -30.25 -89.08 105.92
C GLU G 3290 -29.21 -89.39 104.87
N ALA G 3291 -28.38 -90.41 105.06
CA ALA G 3291 -27.41 -90.80 104.05
C ALA G 3291 -28.11 -91.57 102.94
N PRO G 3292 -27.55 -91.57 101.74
CA PRO G 3292 -28.11 -92.41 100.67
C PRO G 3292 -28.01 -93.87 101.06
N PRO G 3293 -29.14 -94.52 101.37
CA PRO G 3293 -29.08 -95.90 101.84
C PRO G 3293 -29.16 -96.88 100.68
N PRO G 3294 -28.13 -97.70 100.46
CA PRO G 3294 -28.34 -98.92 99.68
C PRO G 3294 -29.04 -99.96 100.55
N ALA G 3295 -29.77 -100.86 99.91
CA ALA G 3295 -30.68 -101.75 100.64
C ALA G 3295 -30.01 -102.45 101.82
N LEU G 3296 -29.05 -103.33 101.54
CA LEU G 3296 -28.40 -104.10 102.60
C LEU G 3296 -27.56 -103.24 103.53
N PRO G 3297 -26.70 -102.34 103.04
CA PRO G 3297 -25.93 -101.49 103.97
C PRO G 3297 -26.82 -100.73 104.93
N ALA G 3298 -27.97 -100.24 104.46
CA ALA G 3298 -28.89 -99.52 105.32
C ALA G 3298 -29.54 -100.47 106.32
N GLY G 3299 -30.00 -101.62 105.84
CA GLY G 3299 -30.54 -102.62 106.73
C GLY G 3299 -29.55 -103.71 107.06
N ALA G 3300 -28.88 -103.59 108.20
CA ALA G 3300 -27.97 -104.61 108.71
C ALA G 3300 -27.25 -104.06 109.95
N PRO G 3301 -26.27 -103.16 109.82
CA PRO G 3301 -25.67 -102.58 111.02
C PRO G 3301 -26.34 -101.26 111.38
N PRO G 3302 -26.60 -101.01 112.65
CA PRO G 3302 -27.11 -99.69 113.05
C PRO G 3302 -26.07 -98.61 112.80
N PRO G 3303 -26.49 -97.39 112.47
CA PRO G 3303 -25.52 -96.31 112.29
C PRO G 3303 -24.94 -95.86 113.63
N CYS G 3304 -23.61 -95.78 113.68
CA CYS G 3304 -22.94 -95.33 114.90
C CYS G 3304 -23.30 -93.89 115.21
N THR G 3305 -23.29 -93.02 114.20
CA THR G 3305 -23.57 -91.62 114.42
C THR G 3305 -25.07 -91.34 114.31
N ALA G 3306 -25.45 -90.14 114.76
CA ALA G 3306 -26.82 -89.66 114.68
C ALA G 3306 -26.92 -88.32 113.95
N VAL G 3307 -25.90 -87.97 113.17
CA VAL G 3307 -25.85 -86.64 112.56
C VAL G 3307 -26.89 -86.54 111.45
N THR G 3308 -27.59 -85.41 111.43
CA THR G 3308 -28.58 -85.08 110.41
C THR G 3308 -28.28 -83.68 109.88
N SER G 3309 -29.07 -83.27 108.88
CA SER G 3309 -28.88 -81.94 108.30
C SER G 3309 -29.24 -80.85 109.30
N ASP G 3310 -30.07 -81.18 110.30
CA ASP G 3310 -30.47 -80.18 111.28
C ASP G 3310 -29.26 -79.73 112.10
N HIS G 3311 -28.39 -80.67 112.48
CA HIS G 3311 -27.17 -80.30 113.18
C HIS G 3311 -26.37 -79.26 112.40
N LEU G 3312 -26.15 -79.54 111.12
CA LEU G 3312 -25.33 -78.66 110.29
C LEU G 3312 -26.00 -77.30 110.11
N ASN G 3313 -27.32 -77.29 109.91
CA ASN G 3313 -28.03 -76.03 109.75
C ASN G 3313 -27.95 -75.20 111.02
N SER G 3314 -28.11 -75.84 112.18
CA SER G 3314 -28.00 -75.13 113.45
C SER G 3314 -26.61 -74.56 113.64
N LEU G 3315 -25.59 -75.34 113.30
CA LEU G 3315 -24.22 -74.87 113.43
C LEU G 3315 -23.97 -73.67 112.53
N LEU G 3316 -24.46 -73.73 111.30
CA LEU G 3316 -24.29 -72.63 110.37
C LEU G 3316 -24.99 -71.37 110.87
N GLY G 3317 -26.21 -71.52 111.36
CA GLY G 3317 -26.91 -70.37 111.91
C GLY G 3317 -26.18 -69.75 113.09
N ASN G 3318 -25.67 -70.60 113.98
CA ASN G 3318 -24.92 -70.09 115.13
C ASN G 3318 -23.64 -69.39 114.69
N ILE G 3319 -22.97 -69.92 113.67
CA ILE G 3319 -21.76 -69.29 113.16
C ILE G 3319 -22.08 -67.91 112.59
N LEU G 3320 -23.17 -67.82 111.83
CA LEU G 3320 -23.57 -66.53 111.27
C LEU G 3320 -23.90 -65.55 112.39
N ARG G 3321 -24.58 -66.04 113.43
CA ARG G 3321 -24.90 -65.20 114.58
C ARG G 3321 -23.62 -64.69 115.25
N ILE G 3322 -22.61 -65.56 115.38
CA ILE G 3322 -21.33 -65.15 115.96
C ILE G 3322 -20.70 -64.05 115.12
N ILE G 3323 -20.71 -64.22 113.79
CA ILE G 3323 -20.08 -63.23 112.92
C ILE G 3323 -20.79 -61.89 113.06
N VAL G 3324 -22.13 -61.90 113.05
CA VAL G 3324 -22.85 -60.64 113.16
C VAL G 3324 -22.59 -59.99 114.51
N ASN G 3325 -22.48 -60.78 115.58
CA ASN G 3325 -22.15 -60.23 116.88
C ASN G 3325 -20.76 -59.60 116.89
N ASN G 3326 -19.81 -60.20 116.16
CA ASN G 3326 -18.46 -59.67 116.04
C ASN G 3326 -18.26 -58.96 114.71
N LEU G 3327 -19.30 -58.28 114.21
CA LEU G 3327 -19.27 -57.77 112.85
C LEU G 3327 -18.44 -56.50 112.74
N GLY G 3328 -18.64 -55.54 113.64
CA GLY G 3328 -18.03 -54.23 113.47
C GLY G 3328 -16.61 -54.14 113.98
N ILE G 3329 -16.20 -55.09 114.82
CA ILE G 3329 -14.91 -55.03 115.49
C ILE G 3329 -13.78 -54.80 114.49
N ASP G 3330 -12.75 -54.07 114.92
CA ASP G 3330 -11.63 -53.74 114.03
C ASP G 3330 -10.80 -54.96 113.69
N GLU G 3331 -10.57 -55.85 114.67
CA GLU G 3331 -9.68 -56.99 114.51
C GLU G 3331 -10.50 -58.28 114.59
N ALA G 3332 -10.70 -58.92 113.45
CA ALA G 3332 -11.44 -60.18 113.37
C ALA G 3332 -10.71 -61.14 112.44
N THR G 3333 -9.41 -61.29 112.64
CA THR G 3333 -8.59 -62.14 111.79
C THR G 3333 -9.13 -63.57 111.71
N TRP G 3334 -9.94 -63.99 112.66
CA TRP G 3334 -10.44 -65.37 112.70
C TRP G 3334 -11.49 -65.63 111.62
N MET G 3335 -12.09 -64.57 111.06
CA MET G 3335 -13.21 -64.74 110.15
C MET G 3335 -12.81 -65.51 108.89
N LYS G 3336 -11.64 -65.20 108.33
CA LYS G 3336 -11.23 -65.85 107.09
C LYS G 3336 -11.15 -67.36 107.28
N ARG G 3337 -10.64 -67.81 108.43
CA ARG G 3337 -10.52 -69.23 108.69
C ARG G 3337 -11.87 -69.84 109.00
N LEU G 3338 -12.71 -69.12 109.76
CA LEU G 3338 -14.02 -69.64 110.07
C LEU G 3338 -14.84 -69.87 108.81
N ALA G 3339 -14.69 -68.99 107.83
CA ALA G 3339 -15.43 -69.14 106.57
C ALA G 3339 -14.98 -70.40 105.83
N VAL G 3340 -13.66 -70.60 105.70
CA VAL G 3340 -13.16 -71.75 104.95
C VAL G 3340 -13.59 -73.04 105.64
N PHE G 3341 -13.64 -73.04 106.97
CA PHE G 3341 -14.06 -74.24 107.67
C PHE G 3341 -15.57 -74.45 107.54
N ALA G 3342 -16.34 -73.36 107.54
CA ALA G 3342 -17.80 -73.50 107.55
C ALA G 3342 -18.36 -73.77 106.16
N GLN G 3343 -17.59 -73.52 105.11
CA GLN G 3343 -18.12 -73.68 103.76
C GLN G 3343 -18.72 -75.07 103.52
N PRO G 3344 -18.03 -76.16 103.88
CA PRO G 3344 -18.55 -77.49 103.58
C PRO G 3344 -19.97 -77.76 104.05
N ILE G 3345 -20.32 -77.30 105.26
CA ILE G 3345 -21.60 -77.66 105.86
C ILE G 3345 -22.75 -76.84 105.32
N VAL G 3346 -22.50 -75.91 104.40
CA VAL G 3346 -23.56 -75.05 103.87
C VAL G 3346 -24.44 -75.79 102.88
N SER G 3347 -23.95 -76.89 102.30
CA SER G 3347 -24.74 -77.63 101.32
C SER G 3347 -26.02 -78.16 101.95
N ARG G 3348 -25.93 -78.66 103.18
CA ARG G 3348 -27.11 -79.20 103.85
C ARG G 3348 -28.05 -78.10 104.30
N ALA G 3349 -27.64 -76.84 104.18
CA ALA G 3349 -28.41 -75.71 104.68
C ALA G 3349 -29.84 -75.72 104.14
N ARG G 3350 -30.81 -75.43 105.02
CA ARG G 3350 -32.21 -75.46 104.64
C ARG G 3350 -32.63 -74.11 104.06
N PRO G 3351 -33.75 -74.09 103.31
CA PRO G 3351 -34.20 -72.81 102.73
C PRO G 3351 -34.49 -71.72 103.76
N GLU G 3352 -35.02 -72.10 104.93
CA GLU G 3352 -35.41 -71.11 105.93
C GLU G 3352 -34.24 -70.27 106.39
N LEU G 3353 -33.02 -70.79 106.25
CA LEU G 3353 -31.85 -70.06 106.69
C LEU G 3353 -31.76 -68.70 106.02
N LEU G 3354 -32.18 -68.62 104.75
CA LEU G 3354 -32.20 -67.33 104.06
C LEU G 3354 -32.88 -66.26 104.90
N HIS G 3355 -34.19 -66.43 105.13
CA HIS G 3355 -34.94 -65.43 105.87
C HIS G 3355 -34.43 -65.30 107.30
N SER G 3356 -34.09 -66.42 107.94
CA SER G 3356 -33.72 -66.36 109.35
C SER G 3356 -32.47 -65.53 109.57
N HIS G 3357 -31.44 -65.75 108.76
CA HIS G 3357 -30.11 -65.20 109.03
C HIS G 3357 -29.60 -64.30 107.91
N PHE G 3358 -29.70 -64.74 106.65
CA PHE G 3358 -28.91 -64.12 105.59
C PHE G 3358 -29.41 -62.71 105.29
N ILE G 3359 -30.74 -62.53 105.20
CA ILE G 3359 -31.28 -61.23 104.84
C ILE G 3359 -30.87 -60.16 105.85
N PRO G 3360 -31.06 -60.35 107.15
CA PRO G 3360 -30.63 -59.30 108.10
C PRO G 3360 -29.15 -58.99 108.03
N THR G 3361 -28.30 -60.00 107.86
CA THR G 3361 -26.86 -59.76 107.82
C THR G 3361 -26.49 -58.85 106.66
N ILE G 3362 -26.94 -59.21 105.46
CA ILE G 3362 -26.62 -58.43 104.28
C ILE G 3362 -27.28 -57.07 104.35
N GLY G 3363 -28.45 -56.98 104.98
CA GLY G 3363 -29.09 -55.68 105.14
C GLY G 3363 -28.28 -54.74 106.02
N ARG G 3364 -27.82 -55.23 107.18
CA ARG G 3364 -26.98 -54.42 108.05
C ARG G 3364 -25.70 -54.00 107.32
N LEU G 3365 -25.08 -54.94 106.62
CA LEU G 3365 -23.82 -54.66 105.96
C LEU G 3365 -24.00 -53.64 104.83
N ARG G 3366 -25.09 -53.80 104.07
CA ARG G 3366 -25.45 -52.83 103.03
C ARG G 3366 -25.69 -51.45 103.63
N LYS G 3367 -26.37 -51.37 104.77
CA LYS G 3367 -26.62 -50.09 105.41
C LYS G 3367 -25.32 -49.43 105.83
N ARG G 3368 -24.40 -50.23 106.39
CA ARG G 3368 -23.10 -49.68 106.77
C ARG G 3368 -22.35 -49.15 105.55
N ALA G 3369 -22.39 -49.90 104.44
CA ALA G 3369 -21.75 -49.43 103.23
C ALA G 3369 -22.36 -48.12 102.76
N GLY G 3370 -23.69 -48.00 102.83
CA GLY G 3370 -24.34 -46.77 102.43
C GLY G 3370 -23.89 -45.59 103.28
N LYS G 3371 -23.81 -45.78 104.60
CA LYS G 3371 -23.34 -44.71 105.48
C LYS G 3371 -21.91 -44.31 105.14
N VAL G 3372 -21.04 -45.30 104.90
CA VAL G 3372 -19.65 -44.97 104.65
C VAL G 3372 -19.50 -44.21 103.34
N VAL G 3373 -20.25 -44.63 102.31
CA VAL G 3373 -20.18 -43.91 101.04
C VAL G 3373 -20.77 -42.51 101.16
N ALA G 3374 -21.78 -42.35 102.03
CA ALA G 3374 -22.29 -41.00 102.28
C ALA G 3374 -21.21 -40.13 102.92
N GLU G 3375 -20.46 -40.67 103.87
CA GLU G 3375 -19.36 -39.93 104.46
C GLU G 3375 -18.31 -39.59 103.40
N GLU G 3376 -18.04 -40.53 102.49
CA GLU G 3376 -17.11 -40.27 101.40
C GLU G 3376 -17.59 -39.11 100.54
N GLU G 3377 -18.88 -39.11 100.20
CA GLU G 3377 -19.44 -38.04 99.39
C GLU G 3377 -19.32 -36.70 100.11
N GLN G 3378 -19.56 -36.69 101.42
CA GLN G 3378 -19.41 -35.45 102.19
C GLN G 3378 -17.96 -34.97 102.20
N LEU G 3379 -17.01 -35.90 102.38
CA LEU G 3379 -15.61 -35.53 102.40
C LEU G 3379 -15.14 -35.02 101.05
N ARG G 3380 -15.74 -35.49 99.95
CA ARG G 3380 -15.46 -34.93 98.64
C ARG G 3380 -16.17 -33.60 98.42
N LEU G 3381 -17.35 -33.43 98.98
CA LEU G 3381 -18.08 -32.17 98.94
C LEU G 3381 -17.22 -31.06 99.55
N GLU G 3382 -16.58 -31.37 100.67
CA GLU G 3382 -15.70 -30.41 101.34
C GLU G 3382 -14.25 -30.86 101.13
N ALA G 3383 -13.50 -30.10 100.33
CA ALA G 3383 -12.19 -30.50 99.87
C ALA G 3383 -11.13 -29.53 100.38
N LYS G 3384 -10.46 -29.94 101.47
CA LYS G 3384 -9.42 -29.14 102.10
C LYS G 3384 -8.23 -30.07 102.38
N ALA G 3385 -7.22 -29.53 103.06
CA ALA G 3385 -6.24 -30.40 103.69
C ALA G 3385 -6.90 -31.31 104.71
N GLU G 3386 -8.01 -30.86 105.29
CA GLU G 3386 -8.80 -31.71 106.16
C GLU G 3386 -9.31 -32.94 105.41
N ALA G 3387 -9.54 -32.80 104.10
CA ALA G 3387 -10.06 -33.91 103.31
C ALA G 3387 -9.11 -35.11 103.38
N GLU G 3388 -7.81 -34.86 103.52
CA GLU G 3388 -6.89 -35.95 103.80
C GLU G 3388 -7.28 -36.65 105.10
N GLU G 3389 -7.70 -35.88 106.10
CA GLU G 3389 -8.27 -36.43 107.30
C GLU G 3389 -9.70 -36.87 107.03
N GLY G 3390 -10.16 -37.87 107.78
CA GLY G 3390 -11.43 -38.51 107.52
C GLY G 3390 -11.38 -39.52 106.39
N GLU G 3391 -10.53 -39.29 105.40
CA GLU G 3391 -10.30 -40.29 104.36
C GLU G 3391 -9.66 -41.54 104.95
N LEU G 3392 -8.69 -41.36 105.85
CA LEU G 3392 -8.16 -42.51 106.59
C LEU G 3392 -9.27 -43.25 107.31
N LEU G 3393 -10.19 -42.50 107.93
CA LEU G 3393 -11.28 -43.11 108.67
C LEU G 3393 -12.18 -43.95 107.76
N VAL G 3394 -12.58 -43.37 106.62
CA VAL G 3394 -13.47 -44.09 105.72
C VAL G 3394 -12.77 -45.29 105.11
N ARG G 3395 -11.47 -45.19 104.85
CA ARG G 3395 -10.73 -46.36 104.38
C ARG G 3395 -10.68 -47.45 105.44
N ASP G 3396 -10.52 -47.07 106.71
CA ASP G 3396 -10.60 -48.08 107.77
C ASP G 3396 -11.96 -48.75 107.79
N GLU G 3397 -13.02 -47.96 107.65
CA GLU G 3397 -14.36 -48.53 107.61
C GLU G 3397 -14.51 -49.49 106.43
N PHE G 3398 -14.01 -49.09 105.26
CA PHE G 3398 -14.03 -49.99 104.10
C PHE G 3398 -13.25 -51.26 104.36
N SER G 3399 -12.10 -51.18 105.03
CA SER G 3399 -11.30 -52.37 105.27
C SER G 3399 -12.06 -53.35 106.17
N VAL G 3400 -12.59 -52.86 107.28
CA VAL G 3400 -13.34 -53.74 108.18
C VAL G 3400 -14.59 -54.28 107.49
N LEU G 3401 -15.26 -53.44 106.71
CA LEU G 3401 -16.46 -53.85 106.00
C LEU G 3401 -16.14 -54.96 105.01
N CYS G 3402 -15.09 -54.77 104.19
CA CYS G 3402 -14.68 -55.80 103.24
C CYS G 3402 -14.25 -57.08 103.94
N ARG G 3403 -13.65 -56.97 105.13
CA ARG G 3403 -13.35 -58.18 105.89
C ARG G 3403 -14.62 -58.94 106.22
N ASP G 3404 -15.64 -58.23 106.72
CA ASP G 3404 -16.92 -58.86 107.01
C ASP G 3404 -17.52 -59.48 105.75
N LEU G 3405 -17.44 -58.76 104.64
CA LEU G 3405 -18.00 -59.27 103.39
C LEU G 3405 -17.30 -60.55 102.94
N TYR G 3406 -15.97 -60.55 102.94
CA TYR G 3406 -15.24 -61.71 102.49
C TYR G 3406 -15.36 -62.86 103.48
N ALA G 3407 -15.82 -62.57 104.70
CA ALA G 3407 -16.20 -63.65 105.62
C ALA G 3407 -17.57 -64.23 105.26
N LEU G 3408 -18.56 -63.37 104.99
CA LEU G 3408 -19.93 -63.84 104.87
C LEU G 3408 -20.24 -64.37 103.47
N TYR G 3409 -19.86 -63.62 102.43
CA TYR G 3409 -20.22 -64.00 101.07
C TYR G 3409 -19.84 -65.43 100.71
N PRO G 3410 -18.61 -65.91 100.99
CA PRO G 3410 -18.24 -67.24 100.49
C PRO G 3410 -19.23 -68.32 100.89
N LEU G 3411 -19.89 -68.15 102.05
CA LEU G 3411 -20.94 -69.08 102.45
C LEU G 3411 -22.20 -68.87 101.63
N LEU G 3412 -22.56 -67.61 101.38
CA LEU G 3412 -23.76 -67.30 100.61
C LEU G 3412 -23.67 -67.86 99.19
N ILE G 3413 -22.50 -67.74 98.57
CA ILE G 3413 -22.31 -68.24 97.22
C ILE G 3413 -22.71 -69.71 97.14
N ARG G 3414 -22.27 -70.50 98.11
CA ARG G 3414 -22.62 -71.92 98.12
C ARG G 3414 -24.11 -72.13 98.33
N TYR G 3415 -24.72 -71.33 99.21
CA TYR G 3415 -26.15 -71.42 99.44
C TYR G 3415 -26.92 -71.09 98.18
N VAL G 3416 -26.47 -70.07 97.44
CA VAL G 3416 -27.14 -69.71 96.18
C VAL G 3416 -27.00 -70.84 95.17
N ASP G 3417 -25.78 -71.38 95.02
CA ASP G 3417 -25.55 -72.42 94.04
C ASP G 3417 -26.40 -73.66 94.31
N ASN G 3418 -26.87 -73.83 95.56
CA ASN G 3418 -27.67 -74.98 95.95
C ASN G 3418 -29.15 -74.66 96.05
N ASN G 3419 -29.55 -73.41 95.82
CA ASN G 3419 -30.94 -73.00 95.89
C ASN G 3419 -31.35 -72.12 94.72
N ARG G 3420 -30.43 -71.83 93.79
CA ARG G 3420 -30.77 -71.02 92.63
C ARG G 3420 -31.83 -71.70 91.78
N ALA G 3421 -31.72 -73.01 91.59
CA ALA G 3421 -32.68 -73.73 90.77
C ALA G 3421 -34.09 -73.56 91.30
N HIS G 3422 -34.27 -73.74 92.61
CA HIS G 3422 -35.60 -73.57 93.20
CA HIS G 3422 -35.61 -73.57 93.17
C HIS G 3422 -36.04 -72.12 93.17
N TRP G 3423 -35.13 -71.19 93.49
CA TRP G 3423 -35.49 -69.78 93.48
C TRP G 3423 -35.94 -69.34 92.09
N LEU G 3424 -35.44 -69.99 91.05
CA LEU G 3424 -35.81 -69.66 89.68
C LEU G 3424 -37.07 -70.40 89.23
N THR G 3425 -37.24 -71.65 89.65
CA THR G 3425 -38.45 -72.39 89.32
C THR G 3425 -39.66 -71.80 90.03
N GLU G 3426 -39.64 -71.80 91.36
CA GLU G 3426 -40.64 -71.11 92.14
C GLU G 3426 -40.07 -69.79 92.61
N PRO G 3427 -40.52 -68.64 92.08
CA PRO G 3427 -39.90 -67.37 92.45
C PRO G 3427 -39.98 -67.12 93.95
N ASN G 3428 -38.94 -66.50 94.49
CA ASN G 3428 -38.82 -66.24 95.91
C ASN G 3428 -38.58 -64.75 96.15
N ALA G 3429 -39.51 -64.12 96.88
CA ALA G 3429 -39.39 -62.70 97.17
C ALA G 3429 -38.16 -62.41 98.03
N ASN G 3430 -37.85 -63.31 98.95
CA ASN G 3430 -36.63 -63.14 99.75
C ASN G 3430 -35.40 -63.20 98.87
N ALA G 3431 -35.37 -64.11 97.89
CA ALA G 3431 -34.27 -64.15 96.95
C ALA G 3431 -34.17 -62.86 96.15
N GLU G 3432 -35.31 -62.31 95.73
CA GLU G 3432 -35.28 -61.03 95.02
C GLU G 3432 -34.73 -59.91 95.90
N GLU G 3433 -35.13 -59.88 97.16
CA GLU G 3433 -34.63 -58.86 98.08
C GLU G 3433 -33.12 -59.00 98.27
N LEU G 3434 -32.65 -60.24 98.41
CA LEU G 3434 -31.21 -60.47 98.51
C LEU G 3434 -30.50 -60.01 97.25
N PHE G 3435 -31.11 -60.22 96.08
CA PHE G 3435 -30.55 -59.69 94.85
C PHE G 3435 -30.43 -58.18 94.91
N ARG G 3436 -31.48 -57.52 95.41
CA ARG G 3436 -31.44 -56.06 95.54
C ARG G 3436 -30.29 -55.63 96.46
N MET G 3437 -30.11 -56.35 97.55
CA MET G 3437 -29.04 -56.04 98.50
C MET G 3437 -27.68 -56.14 97.84
N VAL G 3438 -27.41 -57.27 97.20
CA VAL G 3438 -26.12 -57.47 96.55
C VAL G 3438 -25.92 -56.46 95.43
N GLY G 3439 -27.00 -56.10 94.74
CA GLY G 3439 -26.90 -55.10 93.69
C GLY G 3439 -26.52 -53.74 94.22
N GLU G 3440 -27.14 -53.34 95.34
CA GLU G 3440 -26.78 -52.07 95.96
C GLU G 3440 -25.31 -52.07 96.39
N ILE G 3441 -24.87 -53.18 96.98
CA ILE G 3441 -23.48 -53.26 97.45
C ILE G 3441 -22.53 -53.19 96.27
N PHE G 3442 -22.84 -53.90 95.19
CA PHE G 3442 -21.99 -53.88 94.01
C PHE G 3442 -21.97 -52.49 93.37
N ILE G 3443 -23.11 -51.79 93.40
CA ILE G 3443 -23.16 -50.44 92.87
C ILE G 3443 -22.26 -49.51 93.67
N TYR G 3444 -22.33 -49.61 94.99
CA TYR G 3444 -21.42 -48.83 95.84
C TYR G 3444 -19.97 -49.18 95.52
N TRP G 3445 -19.69 -50.48 95.34
CA TRP G 3445 -18.34 -50.91 95.01
C TRP G 3445 -17.85 -50.29 93.71
N SER G 3446 -18.67 -50.31 92.67
CA SER G 3446 -18.28 -49.76 91.38
C SER G 3446 -18.09 -48.24 91.48
N LYS G 3447 -18.94 -47.59 92.27
CA LYS G 3447 -18.88 -46.13 92.36
C LYS G 3447 -17.69 -45.63 93.17
N SER G 3448 -17.33 -46.34 94.24
CA SER G 3448 -16.32 -45.87 95.19
C SER G 3448 -14.94 -46.35 94.78
N HIS G 3449 -13.99 -45.42 94.69
CA HIS G 3449 -12.61 -45.78 94.43
C HIS G 3449 -11.97 -46.42 95.66
N ASN G 3450 -12.23 -45.85 96.84
CA ASN G 3450 -11.59 -46.32 98.06
C ASN G 3450 -12.05 -47.73 98.41
N PHE G 3451 -13.34 -48.01 98.21
CA PHE G 3451 -13.90 -49.32 98.55
C PHE G 3451 -13.17 -50.43 97.79
N LYS G 3452 -13.00 -50.23 96.48
CA LYS G 3452 -12.33 -51.22 95.64
C LYS G 3452 -10.89 -51.45 96.08
N ARG G 3453 -10.14 -50.36 96.30
CA ARG G 3453 -8.74 -50.48 96.63
C ARG G 3453 -8.55 -51.15 97.98
N GLU G 3454 -9.41 -50.83 98.96
CA GLU G 3454 -9.32 -51.51 100.25
C GLU G 3454 -9.70 -52.98 100.13
N GLU G 3455 -10.65 -53.30 99.26
CA GLU G 3455 -10.94 -54.71 99.01
C GLU G 3455 -9.70 -55.43 98.50
N GLN G 3456 -9.05 -54.86 97.49
CA GLN G 3456 -7.82 -55.43 96.96
C GLN G 3456 -6.75 -55.58 98.03
N ASN G 3457 -6.58 -54.54 98.85
CA ASN G 3457 -5.56 -54.56 99.89
C ASN G 3457 -5.83 -55.67 100.90
N PHE G 3458 -7.07 -55.75 101.37
CA PHE G 3458 -7.47 -56.84 102.26
C PHE G 3458 -7.10 -58.17 101.64
N VAL G 3459 -7.50 -58.39 100.39
CA VAL G 3459 -7.30 -59.69 99.76
C VAL G 3459 -5.81 -60.02 99.68
N VAL G 3460 -5.00 -59.05 99.24
CA VAL G 3460 -3.59 -59.36 99.00
C VAL G 3460 -2.85 -59.57 100.31
N GLN G 3461 -3.10 -58.73 101.32
CA GLN G 3461 -2.42 -58.91 102.59
C GLN G 3461 -2.84 -60.20 103.28
N ASN G 3462 -4.13 -60.53 103.21
CA ASN G 3462 -4.64 -61.71 103.89
C ASN G 3462 -4.54 -62.99 103.07
N GLU G 3463 -4.00 -62.90 101.85
CA GLU G 3463 -3.74 -64.09 101.03
C GLU G 3463 -5.03 -64.88 100.79
N ILE G 3464 -6.13 -64.17 100.57
CA ILE G 3464 -7.39 -64.84 100.27
C ILE G 3464 -7.35 -65.36 98.84
N ASN G 3465 -7.74 -66.62 98.67
CA ASN G 3465 -7.63 -67.25 97.36
C ASN G 3465 -8.72 -66.74 96.42
N ASN G 3466 -9.97 -66.83 96.85
CA ASN G 3466 -11.19 -66.46 96.12
C ASN G 3466 -11.48 -67.43 94.99
N MET G 3467 -10.44 -68.04 94.43
CA MET G 3467 -10.64 -68.96 93.32
C MET G 3467 -10.95 -70.30 93.96
N SER G 3468 -10.44 -70.48 95.19
CA SER G 3468 -10.84 -71.64 95.99
C SER G 3468 -12.33 -71.57 96.34
N PHE G 3469 -12.77 -70.42 96.87
CA PHE G 3469 -14.19 -70.27 97.20
C PHE G 3469 -15.06 -70.53 95.98
N LEU G 3470 -14.66 -70.01 94.83
CA LEU G 3470 -15.52 -70.14 93.65
C LEU G 3470 -15.50 -71.54 93.07
N THR G 3471 -14.36 -72.24 93.10
CA THR G 3471 -14.21 -73.53 92.46
C THR G 3471 -14.19 -74.70 93.45
N ALA G 3472 -14.61 -74.47 94.69
CA ALA G 3472 -14.42 -75.48 95.73
C ALA G 3472 -15.23 -76.74 95.44
N ASP G 3473 -16.39 -76.60 94.82
CA ASP G 3473 -17.23 -77.78 94.59
C ASP G 3473 -16.47 -78.88 93.86
N SER G 3474 -15.87 -78.54 92.70
CA SER G 3474 -15.04 -79.51 92.01
C SER G 3474 -13.84 -79.92 92.85
N LYS G 3475 -13.21 -78.97 93.54
CA LYS G 3475 -12.07 -79.27 94.39
C LYS G 3475 -12.47 -80.13 95.57
N SER G 3476 -13.50 -79.71 96.31
CA SER G 3476 -14.00 -80.52 97.42
C SER G 3476 -14.32 -81.94 96.97
N LYS G 3477 -14.82 -82.07 95.74
CA LYS G 3477 -15.17 -83.40 95.25
C LYS G 3477 -13.94 -84.16 94.75
N MET G 3478 -12.83 -83.44 94.52
CA MET G 3478 -11.49 -84.01 94.32
C MET G 3478 -11.38 -84.89 93.08
N ALA G 3479 -12.48 -85.06 92.34
CA ALA G 3479 -12.55 -86.05 91.26
C ALA G 3479 -11.25 -86.53 90.60
N ARG G 3498 1.66 -62.96 90.18
CA ARG G 3498 1.36 -61.58 89.80
C ARG G 3498 0.22 -61.05 90.67
N ARG G 3499 0.23 -59.74 90.93
CA ARG G 3499 -0.87 -59.15 91.70
C ARG G 3499 -2.21 -59.41 91.02
N GLY G 3500 -2.22 -59.43 89.69
CA GLY G 3500 -3.46 -59.72 88.98
C GLY G 3500 -3.94 -61.15 89.21
N ASP G 3501 -3.01 -62.10 89.28
CA ASP G 3501 -3.40 -63.47 89.61
C ASP G 3501 -3.89 -63.57 91.05
N ARG G 3502 -3.22 -62.85 91.97
CA ARG G 3502 -3.63 -62.90 93.37
C ARG G 3502 -5.02 -62.32 93.56
N TYR G 3503 -5.26 -61.13 93.00
CA TYR G 3503 -6.56 -60.47 93.03
C TYR G 3503 -6.98 -60.22 91.61
N SER G 3504 -8.26 -60.41 91.31
CA SER G 3504 -8.82 -59.95 90.05
C SER G 3504 -10.26 -59.51 90.27
N VAL G 3505 -10.72 -58.58 89.44
CA VAL G 3505 -12.09 -58.07 89.59
C VAL G 3505 -13.09 -59.20 89.41
N GLN G 3506 -12.89 -60.03 88.39
CA GLN G 3506 -13.83 -61.13 88.16
C GLN G 3506 -13.80 -62.11 89.33
N THR G 3507 -12.63 -62.34 89.91
CA THR G 3507 -12.54 -63.23 91.07
C THR G 3507 -13.19 -62.61 92.30
N SER G 3508 -13.41 -61.30 92.29
CA SER G 3508 -13.93 -60.63 93.47
C SER G 3508 -15.29 -61.20 93.85
N LEU G 3509 -15.47 -61.45 95.15
CA LEU G 3509 -16.72 -62.01 95.64
C LEU G 3509 -17.88 -61.05 95.40
N ILE G 3510 -17.62 -59.75 95.49
CA ILE G 3510 -18.68 -58.77 95.32
C ILE G 3510 -19.32 -58.93 93.94
N VAL G 3511 -18.50 -59.05 92.90
CA VAL G 3511 -19.02 -59.24 91.56
C VAL G 3511 -19.59 -60.65 91.39
N ALA G 3512 -18.92 -61.64 91.96
CA ALA G 3512 -19.31 -63.03 91.71
C ALA G 3512 -20.69 -63.34 92.28
N THR G 3513 -20.95 -62.91 93.51
CA THR G 3513 -22.25 -63.15 94.12
C THR G 3513 -23.35 -62.49 93.29
N LEU G 3514 -23.11 -61.26 92.85
CA LEU G 3514 -24.10 -60.56 92.04
C LEU G 3514 -24.35 -61.27 90.72
N LYS G 3515 -23.28 -61.72 90.05
CA LYS G 3515 -23.47 -62.45 88.81
C LYS G 3515 -24.29 -63.71 89.05
N LYS G 3516 -24.02 -64.40 90.15
CA LYS G 3516 -24.72 -65.63 90.45
C LYS G 3516 -26.20 -65.38 90.71
N MET G 3517 -26.55 -64.29 91.37
CA MET G 3517 -27.95 -64.00 91.68
C MET G 3517 -28.63 -63.15 90.62
N LEU G 3518 -27.91 -62.72 89.59
CA LEU G 3518 -28.52 -61.93 88.51
C LEU G 3518 -29.67 -62.67 87.85
N PRO G 3519 -29.57 -63.98 87.56
CA PRO G 3519 -30.71 -64.70 87.00
C PRO G 3519 -32.01 -64.44 87.75
N ILE G 3520 -31.93 -64.28 89.07
CA ILE G 3520 -33.11 -63.98 89.86
C ILE G 3520 -33.72 -62.66 89.42
N GLY G 3521 -32.86 -61.64 89.25
CA GLY G 3521 -33.35 -60.34 88.87
C GLY G 3521 -33.88 -60.28 87.45
N LEU G 3522 -33.29 -61.08 86.56
CA LEU G 3522 -33.80 -61.15 85.20
C LEU G 3522 -35.12 -61.92 85.15
N ASN G 3523 -35.27 -62.93 86.01
CA ASN G 3523 -36.54 -63.62 86.13
C ASN G 3523 -37.62 -62.69 86.67
N MET G 3524 -37.24 -61.80 87.60
CA MET G 3524 -38.14 -60.73 87.99
C MET G 3524 -38.69 -60.00 86.76
N CYS G 3525 -37.78 -59.56 85.90
CA CYS G 3525 -38.18 -58.81 84.71
C CYS G 3525 -38.85 -59.72 83.70
N ALA G 3526 -40.01 -59.30 83.22
CA ALA G 3526 -40.64 -59.98 82.11
C ALA G 3526 -39.91 -59.65 80.81
N PRO G 3527 -40.01 -60.52 79.80
CA PRO G 3527 -39.29 -60.26 78.54
C PRO G 3527 -39.62 -58.91 77.90
N THR G 3528 -40.88 -58.47 78.01
CA THR G 3528 -41.28 -57.23 77.36
C THR G 3528 -40.49 -56.04 77.89
N ASP G 3529 -40.04 -56.13 79.15
CA ASP G 3529 -39.41 -55.00 79.82
C ASP G 3529 -37.98 -54.77 79.33
N GLN G 3530 -37.52 -55.57 78.37
CA GLN G 3530 -36.15 -55.45 77.89
C GLN G 3530 -35.87 -54.09 77.25
N ASP G 3531 -36.81 -53.57 76.45
CA ASP G 3531 -36.63 -52.26 75.86
C ASP G 3531 -36.49 -51.17 76.92
N LEU G 3532 -37.37 -51.20 77.93
CA LEU G 3532 -37.26 -50.27 79.04
C LEU G 3532 -35.93 -50.40 79.75
N ILE G 3533 -35.44 -51.64 79.88
CA ILE G 3533 -34.14 -51.88 80.51
C ILE G 3533 -33.04 -51.20 79.71
N MET G 3534 -33.09 -51.34 78.39
CA MET G 3534 -32.07 -50.73 77.55
C MET G 3534 -32.09 -49.21 77.69
N LEU G 3535 -33.29 -48.62 77.67
CA LEU G 3535 -33.40 -47.18 77.86
C LEU G 3535 -32.84 -46.75 79.21
N ALA G 3536 -33.17 -47.49 80.27
CA ALA G 3536 -32.66 -47.14 81.59
C ALA G 3536 -31.15 -47.27 81.66
N LYS G 3537 -30.57 -48.25 80.95
CA LYS G 3537 -29.12 -48.34 80.87
C LYS G 3537 -28.55 -47.10 80.20
N THR G 3538 -29.17 -46.64 79.12
CA THR G 3538 -28.70 -45.42 78.47
C THR G 3538 -28.77 -44.24 79.43
N ARG G 3539 -29.86 -44.14 80.19
CA ARG G 3539 -30.00 -43.02 81.12
C ARG G 3539 -28.94 -43.09 82.21
N TYR G 3540 -28.68 -44.29 82.75
CA TYR G 3540 -27.63 -44.43 83.75
C TYR G 3540 -26.27 -44.08 83.18
N ALA G 3541 -26.04 -44.37 81.90
CA ALA G 3541 -24.82 -43.92 81.25
C ALA G 3541 -24.81 -42.39 81.12
N LEU G 3542 -26.00 -41.78 81.05
CA LEU G 3542 -26.09 -40.33 81.14
C LEU G 3542 -25.95 -39.87 82.59
N LYS G 3543 -25.87 -40.81 83.53
CA LYS G 3543 -25.63 -40.53 84.94
C LYS G 3543 -26.85 -39.92 85.61
N ASP G 3544 -28.04 -40.30 85.14
CA ASP G 3544 -29.26 -39.91 85.81
C ASP G 3544 -29.43 -40.70 87.11
N THR G 3545 -30.25 -40.16 88.00
CA THR G 3545 -30.47 -40.77 89.30
C THR G 3545 -31.55 -41.85 89.22
N ASP G 3546 -31.70 -42.57 90.34
CA ASP G 3546 -32.72 -43.63 90.40
C ASP G 3546 -34.11 -43.05 90.19
N GLU G 3547 -34.47 -41.97 90.89
CA GLU G 3547 -35.78 -41.38 90.69
C GLU G 3547 -35.93 -40.82 89.27
N GLU G 3548 -34.84 -40.31 88.70
CA GLU G 3548 -34.89 -39.80 87.34
C GLU G 3548 -35.24 -40.91 86.36
N VAL G 3549 -34.56 -42.05 86.47
CA VAL G 3549 -34.86 -43.16 85.57
C VAL G 3549 -36.27 -43.69 85.84
N ARG G 3550 -36.70 -43.68 87.09
CA ARG G 3550 -38.05 -44.14 87.41
C ARG G 3550 -39.09 -43.28 86.72
N GLU G 3551 -38.97 -41.95 86.82
CA GLU G 3551 -39.96 -41.09 86.16
C GLU G 3551 -39.84 -41.17 84.65
N PHE G 3552 -38.61 -41.34 84.14
CA PHE G 3552 -38.42 -41.47 82.70
C PHE G 3552 -39.15 -42.71 82.18
N LEU G 3553 -38.98 -43.85 82.84
CA LEU G 3553 -39.71 -45.04 82.44
C LEU G 3553 -41.20 -44.94 82.72
N GLN G 3554 -41.60 -44.18 83.73
CA GLN G 3554 -43.02 -43.93 83.96
C GLN G 3554 -43.65 -43.21 82.79
N ASN G 3555 -42.96 -42.21 82.25
CA ASN G 3555 -43.46 -41.46 81.11
C ASN G 3555 -43.32 -42.22 79.78
N ASN G 3556 -42.34 -43.13 79.68
CA ASN G 3556 -42.16 -43.95 78.49
C ASN G 3556 -42.70 -45.37 78.68
N LEU G 3557 -43.62 -45.55 79.63
CA LEU G 3557 -44.12 -46.89 79.94
C LEU G 3557 -44.87 -47.51 78.76
N HIS G 3558 -45.63 -46.69 78.02
CA HIS G 3558 -46.36 -47.20 76.86
C HIS G 3558 -45.44 -47.98 75.93
N LEU G 3559 -44.16 -47.63 75.91
CA LEU G 3559 -43.20 -48.19 74.96
C LEU G 3559 -42.86 -49.64 75.26
N GLN G 3560 -43.48 -50.26 76.27
CA GLN G 3560 -43.19 -51.64 76.62
C GLN G 3560 -43.17 -52.51 75.36
N GLY G 3561 -42.30 -53.53 75.38
CA GLY G 3561 -42.18 -54.39 74.22
C GLY G 3561 -43.45 -55.16 73.95
N LYS G 3562 -43.67 -55.49 72.68
CA LYS G 3562 -44.87 -56.18 72.23
C LYS G 3562 -44.49 -57.52 71.62
N VAL G 3563 -45.19 -58.57 72.05
CA VAL G 3563 -44.92 -59.92 71.54
C VAL G 3563 -45.36 -60.04 70.09
N GLU G 3564 -46.43 -59.34 69.72
CA GLU G 3564 -47.03 -59.50 68.40
C GLU G 3564 -46.02 -59.26 67.30
N GLY G 3565 -44.99 -58.46 67.59
CA GLY G 3565 -43.98 -58.15 66.61
C GLY G 3565 -42.96 -59.26 66.39
N SER G 3566 -42.59 -59.97 67.46
CA SER G 3566 -41.56 -60.99 67.38
C SER G 3566 -42.05 -62.31 67.94
N PRO G 3567 -41.62 -63.44 67.39
CA PRO G 3567 -42.06 -64.73 67.94
C PRO G 3567 -41.32 -65.13 69.20
N SER G 3568 -40.05 -64.72 69.34
CA SER G 3568 -39.28 -65.08 70.53
C SER G 3568 -40.02 -64.68 71.80
N LEU G 3569 -40.51 -63.44 71.82
CA LEU G 3569 -41.27 -62.97 72.98
C LEU G 3569 -42.47 -63.86 73.25
N ARG G 3570 -43.03 -64.49 72.22
CA ARG G 3570 -44.21 -65.32 72.45
C ARG G 3570 -43.90 -66.47 73.39
N TRP G 3571 -42.85 -67.25 73.08
CA TRP G 3571 -42.51 -68.39 73.92
C TRP G 3571 -41.89 -67.93 75.25
N GLN G 3572 -41.13 -66.83 75.23
CA GLN G 3572 -40.62 -66.30 76.49
C GLN G 3572 -41.77 -65.94 77.43
N MET G 3573 -42.80 -65.29 76.90
CA MET G 3573 -43.92 -64.86 77.73
C MET G 3573 -44.76 -66.07 78.13
N ALA G 3574 -44.81 -67.09 77.28
CA ALA G 3574 -45.46 -68.34 77.65
C ALA G 3574 -44.78 -68.95 78.87
N LEU G 3575 -43.45 -68.94 78.89
CA LEU G 3575 -42.73 -69.42 80.06
C LEU G 3575 -43.03 -68.55 81.28
N TYR G 3576 -43.07 -67.23 81.08
CA TYR G 3576 -43.43 -66.33 82.17
C TYR G 3576 -44.77 -66.73 82.78
N ARG G 3577 -45.77 -67.04 81.93
CA ARG G 3577 -47.00 -67.63 82.44
C ARG G 3577 -46.72 -68.92 83.20
N GLY G 3578 -45.91 -69.80 82.62
CA GLY G 3578 -45.69 -71.10 83.21
C GLY G 3578 -45.17 -71.02 84.63
N LEU G 3579 -44.45 -69.93 84.94
CA LEU G 3579 -43.99 -69.73 86.31
C LEU G 3579 -45.20 -69.66 87.24
N PRO G 3580 -45.23 -70.46 88.32
CA PRO G 3580 -46.43 -70.44 89.18
C PRO G 3580 -46.68 -69.09 89.84
N GLY G 3581 -45.64 -68.48 90.40
CA GLY G 3581 -45.84 -67.24 91.14
C GLY G 3581 -46.37 -66.11 90.28
N ARG G 3582 -45.98 -66.08 89.01
CA ARG G 3582 -46.35 -64.96 88.15
C ARG G 3582 -47.84 -64.94 87.88
N GLU G 3583 -48.43 -63.75 87.97
CA GLU G 3583 -49.77 -63.47 87.47
C GLU G 3583 -49.75 -62.17 86.68
N GLU G 3584 -50.39 -62.18 85.51
CA GLU G 3584 -50.48 -60.96 84.72
C GLU G 3584 -51.11 -59.80 85.49
N ASP G 3585 -52.17 -60.06 86.27
CA ASP G 3585 -52.82 -58.98 87.00
C ASP G 3585 -51.93 -58.42 88.09
N ALA G 3586 -50.92 -59.17 88.54
CA ALA G 3586 -50.00 -58.66 89.55
C ALA G 3586 -49.13 -57.53 89.01
N ASP G 3587 -48.76 -57.57 87.73
CA ASP G 3587 -47.86 -56.56 87.18
C ASP G 3587 -48.49 -55.17 87.27
N ASP G 3588 -47.72 -54.21 87.75
CA ASP G 3588 -48.16 -52.83 87.89
C ASP G 3588 -47.05 -51.89 87.47
N PRO G 3589 -47.40 -50.67 87.04
CA PRO G 3589 -46.37 -49.76 86.51
C PRO G 3589 -45.25 -49.48 87.50
N GLU G 3590 -45.58 -49.28 88.77
CA GLU G 3590 -44.53 -49.00 89.75
C GLU G 3590 -43.60 -50.19 89.91
N LYS G 3591 -44.15 -51.40 89.92
CA LYS G 3591 -43.32 -52.59 89.99
C LYS G 3591 -42.39 -52.68 88.79
N ILE G 3592 -42.93 -52.41 87.60
CA ILE G 3592 -42.13 -52.53 86.39
C ILE G 3592 -41.00 -51.51 86.40
N VAL G 3593 -41.30 -50.26 86.77
CA VAL G 3593 -40.27 -49.23 86.75
C VAL G 3593 -39.20 -49.50 87.80
N ARG G 3594 -39.60 -49.90 89.01
CA ARG G 3594 -38.62 -50.25 90.04
C ARG G 3594 -37.73 -51.40 89.58
N ARG G 3595 -38.36 -52.44 89.04
CA ARG G 3595 -37.66 -53.65 88.62
C ARG G 3595 -36.65 -53.34 87.52
N VAL G 3596 -37.09 -52.57 86.52
CA VAL G 3596 -36.19 -52.17 85.44
C VAL G 3596 -35.07 -51.31 85.99
N GLN G 3597 -35.38 -50.39 86.91
CA GLN G 3597 -34.35 -49.56 87.52
C GLN G 3597 -33.26 -50.42 88.13
N GLU G 3598 -33.65 -51.36 88.99
CA GLU G 3598 -32.66 -52.18 89.68
C GLU G 3598 -31.82 -52.98 88.69
N VAL G 3599 -32.48 -53.71 87.79
CA VAL G 3599 -31.75 -54.60 86.89
C VAL G 3599 -30.86 -53.79 85.95
N SER G 3600 -31.35 -52.64 85.47
CA SER G 3600 -30.59 -51.82 84.55
C SER G 3600 -29.35 -51.26 85.22
N ALA G 3601 -29.50 -50.75 86.44
CA ALA G 3601 -28.33 -50.23 87.16
C ALA G 3601 -27.30 -51.32 87.34
N VAL G 3602 -27.73 -52.51 87.77
CA VAL G 3602 -26.79 -53.60 88.00
C VAL G 3602 -26.06 -53.95 86.70
N LEU G 3603 -26.82 -54.10 85.61
CA LEU G 3603 -26.21 -54.53 84.36
C LEU G 3603 -25.24 -53.48 83.81
N TYR G 3604 -25.60 -52.20 83.92
CA TYR G 3604 -24.73 -51.15 83.41
C TYR G 3604 -23.42 -51.09 84.19
N HIS G 3605 -23.51 -51.10 85.52
CA HIS G 3605 -22.29 -51.06 86.31
C HIS G 3605 -21.47 -52.33 86.08
N LEU G 3606 -22.14 -53.46 85.86
CA LEU G 3606 -21.42 -54.69 85.54
C LEU G 3606 -20.73 -54.61 84.19
N GLU G 3607 -21.35 -53.95 83.21
CA GLU G 3607 -20.68 -53.74 81.93
C GLU G 3607 -19.41 -52.93 82.13
N GLN G 3608 -19.51 -51.84 82.90
CA GLN G 3608 -18.32 -51.05 83.21
C GLN G 3608 -17.24 -51.93 83.83
N THR G 3609 -17.63 -52.76 84.80
CA THR G 3609 -16.65 -53.62 85.45
C THR G 3609 -16.04 -54.62 84.48
N GLU G 3610 -16.87 -55.19 83.58
CA GLU G 3610 -16.37 -56.19 82.66
C GLU G 3610 -15.34 -55.61 81.70
N HIS G 3611 -15.63 -54.45 81.13
CA HIS G 3611 -14.76 -53.83 80.13
C HIS G 3611 -14.47 -52.40 80.57
N PRO G 3612 -13.67 -52.24 81.62
CA PRO G 3612 -13.36 -50.89 82.12
C PRO G 3612 -12.47 -50.09 81.18
N TYR G 3613 -11.57 -50.77 80.46
CA TYR G 3613 -10.53 -50.10 79.70
C TYR G 3613 -9.56 -49.41 80.65
N LYS G 3614 -9.62 -49.76 81.94
CA LYS G 3614 -8.72 -49.19 82.92
C LYS G 3614 -7.26 -49.49 82.59
N SER G 3615 -7.00 -50.53 81.81
CA SER G 3615 -5.62 -50.87 81.47
C SER G 3615 -4.88 -49.67 80.92
N LYS G 3616 -3.55 -49.73 80.98
CA LYS G 3616 -2.60 -48.71 80.52
C LYS G 3616 -2.88 -47.35 81.15
N LYS G 3617 -3.75 -47.25 82.15
CA LYS G 3617 -3.98 -45.97 82.81
C LYS G 3617 -2.71 -45.46 83.47
N ALA G 3618 -1.89 -46.39 83.97
CA ALA G 3618 -0.55 -46.10 84.50
C ALA G 3618 0.37 -47.14 83.88
N VAL G 3619 0.89 -46.83 82.69
CA VAL G 3619 1.65 -47.81 81.92
C VAL G 3619 2.84 -48.28 82.73
N TRP G 3620 3.08 -49.59 82.72
CA TRP G 3620 4.17 -50.21 83.45
C TRP G 3620 5.02 -51.07 82.52
N HIS G 3621 4.72 -50.99 81.22
CA HIS G 3621 5.62 -51.56 80.22
C HIS G 3621 7.02 -50.96 80.38
N LYS G 3622 7.08 -49.66 80.67
CA LYS G 3622 8.32 -48.97 81.01
C LYS G 3622 9.34 -49.07 79.88
N LEU G 3623 8.84 -49.19 78.65
CA LEU G 3623 9.66 -49.26 77.44
C LEU G 3623 10.56 -48.03 77.31
N LEU G 3624 9.99 -46.85 77.56
CA LEU G 3624 10.80 -45.63 77.52
C LEU G 3624 11.94 -45.68 78.53
N SER G 3625 11.70 -46.24 79.72
CA SER G 3625 12.68 -46.36 80.78
C SER G 3625 13.70 -47.47 80.48
N LYS G 3626 13.30 -48.50 79.74
CA LYS G 3626 14.28 -49.47 79.27
C LYS G 3626 15.21 -48.84 78.24
N GLN G 3627 14.68 -47.94 77.42
CA GLN G 3627 15.47 -47.14 76.49
C GLN G 3627 16.45 -46.23 77.20
N ARG G 3628 15.95 -45.37 78.10
CA ARG G 3628 16.76 -44.42 78.84
C ARG G 3628 17.24 -44.97 80.19
N ARG G 3629 17.38 -46.29 80.30
CA ARG G 3629 17.73 -46.91 81.58
C ARG G 3629 18.98 -46.30 82.21
N ARG G 3630 19.99 -45.98 81.39
CA ARG G 3630 21.15 -45.31 81.93
C ARG G 3630 20.82 -43.89 82.38
N ALA G 3631 19.84 -43.25 81.74
CA ALA G 3631 19.56 -41.85 82.04
C ALA G 3631 18.71 -41.71 83.30
N VAL G 3632 17.79 -42.65 83.54
CA VAL G 3632 17.01 -42.57 84.77
C VAL G 3632 17.93 -42.67 85.98
N VAL G 3633 18.88 -43.60 85.94
CA VAL G 3633 19.87 -43.67 87.02
C VAL G 3633 20.75 -42.43 87.00
N ALA G 3634 21.21 -42.03 85.81
CA ALA G 3634 22.22 -40.98 85.71
C ALA G 3634 21.71 -39.66 86.25
N CYS G 3635 20.42 -39.36 86.06
CA CYS G 3635 19.92 -38.08 86.57
C CYS G 3635 20.02 -38.02 88.08
N PHE G 3636 19.72 -39.12 88.77
CA PHE G 3636 19.93 -39.18 90.21
C PHE G 3636 21.42 -39.15 90.56
N ARG G 3637 22.23 -39.84 89.77
CA ARG G 3637 23.66 -39.94 90.08
C ARG G 3637 24.38 -38.62 89.82
N MET G 3638 23.75 -37.70 89.10
CA MET G 3638 24.40 -36.45 88.76
C MET G 3638 24.98 -35.81 90.02
N THR G 3639 26.28 -35.67 90.03
CA THR G 3639 26.95 -35.28 91.25
C THR G 3639 26.55 -33.86 91.64
N PRO G 3640 26.30 -33.62 92.92
CA PRO G 3640 26.07 -32.24 93.37
C PRO G 3640 27.35 -31.42 93.28
N LEU G 3641 27.16 -30.10 93.27
CA LEU G 3641 28.28 -29.20 93.06
C LEU G 3641 29.36 -29.35 94.12
N TYR G 3642 28.96 -29.53 95.40
CA TYR G 3642 29.94 -29.53 96.47
C TYR G 3642 30.92 -30.69 96.35
N ASN G 3643 30.56 -31.73 95.59
CA ASN G 3643 31.42 -32.90 95.46
C ASN G 3643 32.46 -32.76 94.36
N LEU G 3644 32.36 -31.75 93.52
CA LEU G 3644 33.31 -31.58 92.43
C LEU G 3644 34.62 -31.00 92.95
N PRO G 3645 35.73 -31.24 92.25
CA PRO G 3645 36.95 -30.47 92.53
C PRO G 3645 36.75 -29.01 92.22
N THR G 3646 37.48 -28.16 92.96
CA THR G 3646 37.26 -26.72 92.86
C THR G 3646 37.51 -26.20 91.46
N HIS G 3647 38.47 -26.79 90.74
CA HIS G 3647 38.88 -26.22 89.45
C HIS G 3647 37.81 -26.43 88.38
N ARG G 3648 37.22 -27.63 88.31
CA ARG G 3648 36.13 -27.85 87.37
C ARG G 3648 34.97 -26.91 87.67
N ALA G 3649 34.58 -26.81 88.94
CA ALA G 3649 33.49 -25.94 89.32
C ALA G 3649 33.82 -24.49 88.97
N CYS G 3650 35.08 -24.09 89.12
CA CYS G 3650 35.47 -22.74 88.79
C CYS G 3650 35.34 -22.47 87.30
N ASN G 3651 35.73 -23.43 86.47
CA ASN G 3651 35.57 -23.25 85.02
C ASN G 3651 34.10 -23.17 84.65
N MET G 3652 33.27 -24.02 85.26
CA MET G 3652 31.82 -23.91 85.05
C MET G 3652 31.30 -22.53 85.44
N PHE G 3653 31.76 -22.03 86.59
CA PHE G 3653 31.38 -20.71 87.04
C PHE G 3653 31.81 -19.64 86.05
N LEU G 3654 33.02 -19.78 85.50
CA LEU G 3654 33.50 -18.81 84.52
C LEU G 3654 32.58 -18.76 83.31
N GLU G 3655 32.23 -19.93 82.78
CA GLU G 3655 31.35 -19.96 81.61
C GLU G 3655 29.98 -19.36 81.94
N SER G 3656 29.42 -19.74 83.08
CA SER G 3656 28.09 -19.25 83.45
C SER G 3656 28.11 -17.74 83.66
N TYR G 3657 29.15 -17.23 84.33
CA TYR G 3657 29.25 -15.80 84.60
C TYR G 3657 29.44 -15.03 83.30
N LYS G 3658 30.30 -15.55 82.42
CA LYS G 3658 30.41 -15.00 81.07
C LYS G 3658 29.04 -14.84 80.43
N ALA G 3659 28.27 -15.92 80.37
CA ALA G 3659 27.01 -15.89 79.65
C ALA G 3659 26.01 -14.94 80.31
N ALA G 3660 25.88 -15.02 81.64
CA ALA G 3660 24.78 -14.34 82.32
C ALA G 3660 25.08 -12.87 82.56
N TRP G 3661 26.34 -12.53 82.88
CA TRP G 3661 26.68 -11.19 83.36
C TRP G 3661 27.47 -10.39 82.34
N ILE G 3662 28.62 -10.91 81.90
CA ILE G 3662 29.49 -10.14 81.03
C ILE G 3662 28.83 -9.92 79.68
N LEU G 3663 28.32 -10.99 79.08
CA LEU G 3663 27.70 -10.87 77.76
C LEU G 3663 26.45 -10.00 77.81
N THR G 3664 25.61 -10.21 78.83
CA THR G 3664 24.36 -9.46 78.90
C THR G 3664 24.61 -7.97 79.11
N GLU G 3665 25.76 -7.60 79.63
CA GLU G 3665 26.02 -6.21 79.97
C GLU G 3665 26.06 -5.36 78.71
N ASP G 3666 25.38 -4.22 78.76
CA ASP G 3666 25.25 -3.32 77.62
C ASP G 3666 26.02 -2.04 77.93
N HIS G 3667 27.11 -1.83 77.19
CA HIS G 3667 27.88 -0.59 77.25
C HIS G 3667 28.06 -0.07 75.84
N SER G 3668 27.73 1.21 75.64
CA SER G 3668 27.78 1.83 74.32
C SER G 3668 28.95 2.80 74.28
N PHE G 3669 29.95 2.48 73.46
CA PHE G 3669 31.10 3.33 73.24
C PHE G 3669 31.23 3.76 71.78
N GLU G 3670 30.35 3.25 70.90
CA GLU G 3670 30.51 3.48 69.47
C GLU G 3670 30.42 4.95 69.12
N ASP G 3671 29.36 5.61 69.58
CA ASP G 3671 29.16 7.02 69.24
C ASP G 3671 30.26 7.90 69.83
N ARG G 3672 30.65 7.62 71.07
CA ARG G 3672 31.71 8.39 71.70
C ARG G 3672 33.01 8.23 70.93
N MET G 3673 33.35 6.99 70.56
CA MET G 3673 34.52 6.74 69.72
C MET G 3673 34.45 7.54 68.42
N ILE G 3674 33.30 7.47 67.75
CA ILE G 3674 33.17 8.10 66.44
C ILE G 3674 33.34 9.61 66.56
N ASP G 3675 32.74 10.21 67.59
CA ASP G 3675 32.89 11.64 67.80
C ASP G 3675 34.34 12.00 68.10
N ASP G 3676 34.97 11.28 69.04
CA ASP G 3676 36.35 11.59 69.41
C ASP G 3676 37.28 11.46 68.21
N LEU G 3677 36.97 10.55 67.28
CA LEU G 3677 37.81 10.39 66.11
C LEU G 3677 37.47 11.38 65.00
N SER G 3678 36.22 11.86 64.97
CA SER G 3678 35.83 12.86 63.99
C SER G 3678 36.45 14.21 64.32
N LYS G 3679 36.51 14.55 65.60
CA LYS G 3679 37.02 15.87 65.98
C LYS G 3679 38.48 16.03 65.57
N ALA G 3680 38.78 17.21 65.04
CA ALA G 3680 40.14 17.59 64.64
C ALA G 3680 40.59 18.75 65.51
N GLY G 3681 41.86 18.73 65.91
CA GLY G 3681 42.38 19.67 66.88
C GLY G 3681 43.50 20.51 66.34
N GLU G 3682 43.74 21.66 66.99
CA GLU G 3682 44.87 22.56 66.75
C GLU G 3682 44.91 23.07 65.31
N GLN G 3683 43.92 22.73 64.49
CA GLN G 3683 43.86 23.32 63.16
C GLN G 3683 43.49 24.79 63.24
N GLU G 3684 42.77 25.19 64.29
CA GLU G 3684 42.47 26.60 64.48
C GLU G 3684 43.74 27.40 64.72
N GLU G 3685 44.69 26.87 65.49
CA GLU G 3685 45.94 27.58 65.71
C GLU G 3685 46.85 27.47 64.49
N GLU G 3686 46.80 26.34 63.78
CA GLU G 3686 47.57 26.24 62.54
C GLU G 3686 47.13 27.28 61.53
N GLU G 3687 45.88 27.20 61.08
CA GLU G 3687 45.26 28.18 60.18
C GLU G 3687 45.76 28.02 58.75
N GLU G 3688 46.78 27.20 58.54
CA GLU G 3688 47.14 26.79 57.18
C GLU G 3688 46.80 25.32 56.95
N GLU G 3689 46.70 24.54 58.04
CA GLU G 3689 46.43 23.13 57.87
C GLU G 3689 45.03 22.92 57.33
N VAL G 3690 44.12 23.86 57.60
CA VAL G 3690 42.85 23.85 56.90
C VAL G 3690 43.08 23.79 55.40
N GLU G 3691 43.73 24.81 54.84
CA GLU G 3691 43.97 24.82 53.40
C GLU G 3691 44.74 23.58 52.97
N GLU G 3692 45.48 22.96 53.89
CA GLU G 3692 46.20 21.73 53.55
C GLU G 3692 45.26 20.54 53.44
N LYS G 3693 44.17 20.51 54.23
CA LYS G 3693 43.24 19.38 54.27
C LYS G 3693 43.93 18.09 54.73
N LYS G 3694 44.42 18.10 55.96
CA LYS G 3694 44.91 16.88 56.57
C LYS G 3694 43.74 15.98 56.97
N PRO G 3695 43.78 14.70 56.65
CA PRO G 3695 42.73 13.79 57.12
C PRO G 3695 42.68 13.71 58.63
N ASP G 3696 41.46 13.71 59.17
CA ASP G 3696 41.24 13.45 60.58
C ASP G 3696 41.34 11.95 60.84
N PRO G 3697 41.44 11.56 62.12
CA PRO G 3697 41.71 10.13 62.42
C PRO G 3697 40.73 9.16 61.78
N LEU G 3698 39.44 9.49 61.77
CA LEU G 3698 38.45 8.61 61.16
C LEU G 3698 38.69 8.47 59.66
N HIS G 3699 38.99 9.59 58.99
CA HIS G 3699 39.31 9.54 57.57
C HIS G 3699 40.55 8.69 57.34
N GLN G 3700 41.54 8.79 58.21
CA GLN G 3700 42.75 7.99 58.07
C GLN G 3700 42.45 6.51 58.22
N LEU G 3701 41.59 6.16 59.17
CA LEU G 3701 41.22 4.75 59.37
C LEU G 3701 40.50 4.21 58.13
N VAL G 3702 39.56 4.98 57.60
CA VAL G 3702 38.87 4.56 56.38
C VAL G 3702 39.86 4.40 55.24
N LEU G 3703 40.83 5.32 55.14
CA LEU G 3703 41.85 5.22 54.11
C LEU G 3703 42.70 3.97 54.28
N HIS G 3704 43.04 3.63 55.52
CA HIS G 3704 43.81 2.42 55.79
C HIS G 3704 43.08 1.19 55.30
N PHE G 3705 41.78 1.10 55.62
CA PHE G 3705 41.02 -0.08 55.21
C PHE G 3705 40.80 -0.11 53.70
N SER G 3706 40.64 1.07 53.09
CA SER G 3706 40.55 1.12 51.63
C SER G 3706 41.87 0.69 50.99
N ARG G 3707 42.99 1.08 51.59
CA ARG G 3707 44.30 0.58 51.15
C ARG G 3707 44.34 -0.93 51.19
N THR G 3708 43.92 -1.52 52.31
CA THR G 3708 43.91 -2.97 52.43
C THR G 3708 43.05 -3.59 51.35
N ALA G 3709 41.89 -3.00 51.08
CA ALA G 3709 41.01 -3.51 50.03
C ALA G 3709 41.68 -3.45 48.67
N LEU G 3710 42.27 -2.30 48.34
CA LEU G 3710 42.83 -2.08 47.01
C LEU G 3710 44.12 -2.85 46.79
N THR G 3711 44.77 -3.31 47.85
CA THR G 3711 45.97 -4.10 47.69
C THR G 3711 45.69 -5.32 46.82
N GLU G 3712 46.58 -5.56 45.85
CA GLU G 3712 46.41 -6.66 44.90
C GLU G 3712 46.86 -7.96 45.55
N LYS G 3713 45.92 -8.89 45.71
CA LYS G 3713 46.26 -10.22 46.19
C LYS G 3713 45.08 -11.16 45.91
N SER G 3714 45.35 -12.46 46.06
CA SER G 3714 44.39 -13.46 45.66
C SER G 3714 43.13 -13.45 46.52
N LYS G 3715 43.29 -13.27 47.83
CA LYS G 3715 42.19 -13.44 48.77
C LYS G 3715 42.12 -12.25 49.71
N LEU G 3716 40.91 -11.99 50.21
CA LEU G 3716 40.69 -11.00 51.25
C LEU G 3716 40.89 -11.66 52.61
N ASP G 3717 42.00 -11.31 53.28
CA ASP G 3717 42.29 -11.89 54.58
C ASP G 3717 41.31 -11.37 55.63
N GLU G 3718 40.95 -12.25 56.56
CA GLU G 3718 40.03 -11.88 57.62
C GLU G 3718 40.70 -10.90 58.58
N ASP G 3719 40.00 -9.81 58.91
CA ASP G 3719 40.54 -8.75 59.74
C ASP G 3719 39.53 -8.39 60.83
N TYR G 3720 39.78 -8.89 62.04
CA TYR G 3720 38.89 -8.60 63.17
C TYR G 3720 38.85 -7.12 63.47
N LEU G 3721 39.97 -6.41 63.29
CA LEU G 3721 39.98 -4.96 63.47
C LEU G 3721 39.01 -4.30 62.50
N TYR G 3722 39.09 -4.68 61.22
CA TYR G 3722 38.18 -4.11 60.23
C TYR G 3722 36.74 -4.37 60.60
N MET G 3723 36.41 -5.61 60.98
CA MET G 3723 35.02 -5.92 61.27
C MET G 3723 34.52 -5.21 62.52
N ALA G 3724 35.38 -5.10 63.55
CA ALA G 3724 35.00 -4.38 64.75
C ALA G 3724 34.71 -2.91 64.44
N TYR G 3725 35.60 -2.27 63.68
CA TYR G 3725 35.39 -0.86 63.36
C TYR G 3725 34.18 -0.66 62.45
N ALA G 3726 33.95 -1.59 61.52
CA ALA G 3726 32.75 -1.52 60.69
C ALA G 3726 31.50 -1.63 61.54
N ASP G 3727 31.49 -2.53 62.52
CA ASP G 3727 30.36 -2.62 63.42
C ASP G 3727 30.16 -1.33 64.20
N ILE G 3728 31.26 -0.73 64.65
CA ILE G 3728 31.16 0.53 65.39
C ILE G 3728 30.51 1.61 64.53
N MET G 3729 30.99 1.76 63.29
CA MET G 3729 30.42 2.77 62.40
C MET G 3729 28.96 2.47 62.10
N ALA G 3730 28.62 1.19 61.90
CA ALA G 3730 27.23 0.83 61.63
C ALA G 3730 26.33 1.20 62.80
N LYS G 3731 26.77 0.94 64.02
CA LYS G 3731 25.99 1.34 65.20
C LYS G 3731 25.84 2.86 65.24
N SER G 3732 26.91 3.58 64.92
CA SER G 3732 26.90 5.03 65.04
C SER G 3732 25.78 5.65 64.22
N CYS G 3733 25.39 5.03 63.11
CA CYS G 3733 24.45 5.67 62.20
C CYS G 3733 23.04 5.68 62.77
N HIS G 3734 22.49 4.51 63.07
CA HIS G 3734 21.12 4.49 63.60
C HIS G 3734 21.09 4.95 65.05
N LEU G 3735 22.04 4.50 65.87
CA LEU G 3735 22.13 4.94 67.26
C LEU G 3735 20.76 4.86 67.95
N GLU G 3736 20.07 3.74 67.78
CA GLU G 3736 18.75 3.57 68.35
C GLU G 3736 18.49 2.10 68.67
N VAL G 3749 1.43 5.05 70.67
CA VAL G 3749 2.77 4.93 70.12
C VAL G 3749 2.93 5.68 68.80
N GLU G 3750 2.47 6.93 68.78
CA GLU G 3750 2.52 7.78 67.60
C GLU G 3750 3.51 8.91 67.82
N VAL G 3751 4.25 9.24 66.76
CA VAL G 3751 5.35 10.19 66.85
C VAL G 3751 5.06 11.39 65.95
N SER G 3752 5.50 12.56 66.40
CA SER G 3752 5.20 13.80 65.70
C SER G 3752 6.01 13.92 64.40
N PHE G 3753 5.38 14.53 63.40
CA PHE G 3753 6.02 14.78 62.11
C PHE G 3753 7.39 15.46 62.29
N GLU G 3754 7.45 16.45 63.19
CA GLU G 3754 8.70 17.14 63.44
C GLU G 3754 9.75 16.21 64.04
N GLU G 3755 9.35 15.40 65.01
CA GLU G 3755 10.28 14.43 65.57
C GLU G 3755 10.80 13.51 64.47
N LYS G 3756 9.95 13.20 63.49
CA LYS G 3756 10.27 12.17 62.52
C LYS G 3756 11.29 12.74 61.53
N GLU G 3757 11.08 14.01 61.13
CA GLU G 3757 12.07 14.74 60.35
C GLU G 3757 13.37 14.92 61.11
N MET G 3758 13.27 15.20 62.41
CA MET G 3758 14.44 15.29 63.28
C MET G 3758 15.29 14.03 63.27
N GLU G 3759 14.63 12.88 63.41
CA GLU G 3759 15.33 11.61 63.34
C GLU G 3759 16.00 11.42 61.99
N LYS G 3760 15.31 11.80 60.91
CA LYS G 3760 15.92 11.72 59.60
C LYS G 3760 17.18 12.58 59.52
N GLN G 3761 17.10 13.80 60.05
CA GLN G 3761 18.25 14.71 59.98
C GLN G 3761 19.42 14.19 60.81
N ARG G 3762 19.14 13.67 62.01
CA ARG G 3762 20.21 13.09 62.81
C ARG G 3762 20.86 11.91 62.11
N LEU G 3763 20.05 11.05 61.50
CA LEU G 3763 20.59 9.91 60.78
C LEU G 3763 21.44 10.36 59.60
N LEU G 3764 20.99 11.40 58.89
CA LEU G 3764 21.79 11.91 57.78
C LEU G 3764 23.11 12.49 58.25
N TYR G 3765 23.11 13.19 59.40
CA TYR G 3765 24.36 13.67 59.96
C TYR G 3765 25.30 12.51 60.27
N GLN G 3766 24.77 11.48 60.93
CA GLN G 3766 25.61 10.36 61.35
C GLN G 3766 26.10 9.56 60.15
N GLN G 3767 25.36 9.61 59.04
CA GLN G 3767 25.81 8.99 57.80
C GLN G 3767 26.87 9.85 57.12
N SER G 3768 26.72 11.18 57.20
CA SER G 3768 27.71 12.09 56.62
C SER G 3768 29.05 11.93 57.28
N ARG G 3769 29.06 11.82 58.61
CA ARG G 3769 30.31 11.60 59.34
C ARG G 3769 31.15 10.52 58.67
N LEU G 3770 30.50 9.55 58.04
CA LEU G 3770 31.18 8.43 57.42
C LEU G 3770 31.44 8.64 55.94
N HIS G 3771 30.40 8.99 55.16
CA HIS G 3771 30.59 8.97 53.71
C HIS G 3771 31.36 10.21 53.24
N THR G 3772 31.49 11.22 54.09
CA THR G 3772 32.42 12.30 53.76
C THR G 3772 33.86 11.83 53.87
N ARG G 3773 34.10 10.75 54.63
CA ARG G 3773 35.46 10.33 54.91
C ARG G 3773 35.86 9.13 54.06
N GLY G 3774 34.90 8.50 53.39
CA GLY G 3774 35.22 7.49 52.38
C GLY G 3774 34.61 6.13 52.63
N ALA G 3775 33.62 6.07 53.52
CA ALA G 3775 33.04 4.79 53.89
C ALA G 3775 32.36 4.09 52.71
N ALA G 3776 31.69 4.83 51.84
CA ALA G 3776 31.02 4.21 50.70
C ALA G 3776 32.03 3.55 49.77
N GLU G 3777 33.11 4.27 49.45
CA GLU G 3777 34.13 3.71 48.59
C GLU G 3777 34.80 2.51 49.24
N MET G 3778 35.02 2.58 50.56
CA MET G 3778 35.59 1.43 51.26
C MET G 3778 34.66 0.22 51.17
N VAL G 3779 33.35 0.46 51.32
CA VAL G 3779 32.37 -0.62 51.23
C VAL G 3779 32.47 -1.28 49.86
N LEU G 3780 32.45 -0.48 48.80
CA LEU G 3780 32.53 -1.05 47.46
C LEU G 3780 33.83 -1.80 47.24
N GLN G 3781 34.94 -1.23 47.73
CA GLN G 3781 36.24 -1.86 47.54
C GLN G 3781 36.30 -3.21 48.23
N MET G 3782 35.79 -3.31 49.45
CA MET G 3782 35.82 -4.57 50.17
C MET G 3782 34.88 -5.59 49.53
N ILE G 3783 33.72 -5.15 49.03
CA ILE G 3783 32.84 -6.07 48.33
C ILE G 3783 33.51 -6.61 47.09
N SER G 3784 34.24 -5.77 46.36
CA SER G 3784 34.99 -6.26 45.20
C SER G 3784 36.11 -7.20 45.64
N ALA G 3785 36.76 -6.90 46.76
CA ALA G 3785 37.89 -7.71 47.20
C ALA G 3785 37.47 -9.09 47.65
N CYS G 3786 36.28 -9.20 48.26
CA CYS G 3786 35.85 -10.51 48.74
C CYS G 3786 35.78 -11.53 47.62
N LYS G 3787 35.65 -11.07 46.37
CA LYS G 3787 35.77 -11.93 45.20
C LYS G 3787 34.69 -13.02 45.18
N GLY G 3788 33.56 -12.73 45.82
CA GLY G 3788 32.44 -13.65 45.80
C GLY G 3788 32.51 -14.76 46.82
N GLU G 3789 33.33 -14.62 47.86
CA GLU G 3789 33.45 -15.62 48.91
C GLU G 3789 32.74 -15.11 50.15
N THR G 3790 31.76 -15.86 50.63
CA THR G 3790 30.98 -15.45 51.78
C THR G 3790 31.83 -15.48 53.05
N GLY G 3791 31.54 -14.54 53.96
CA GLY G 3791 32.28 -14.48 55.20
C GLY G 3791 31.87 -13.29 56.04
N ALA G 3792 32.46 -13.25 57.24
CA ALA G 3792 32.14 -12.19 58.19
C ALA G 3792 32.60 -10.83 57.69
N MET G 3793 33.69 -10.80 56.92
CA MET G 3793 34.16 -9.54 56.36
C MET G 3793 33.08 -8.92 55.47
N VAL G 3794 32.56 -9.70 54.52
CA VAL G 3794 31.55 -9.18 53.61
C VAL G 3794 30.26 -8.89 54.37
N SER G 3795 29.95 -9.70 55.39
CA SER G 3795 28.76 -9.42 56.18
C SER G 3795 28.85 -8.06 56.86
N SER G 3796 30.00 -7.77 57.48
CA SER G 3796 30.19 -6.48 58.13
C SER G 3796 30.16 -5.34 57.11
N THR G 3797 30.78 -5.56 55.94
CA THR G 3797 30.77 -4.53 54.92
C THR G 3797 29.35 -4.22 54.46
N LEU G 3798 28.54 -5.26 54.26
CA LEU G 3798 27.16 -5.07 53.85
C LEU G 3798 26.34 -4.36 54.93
N LYS G 3799 26.56 -4.72 56.19
CA LYS G 3799 25.86 -4.04 57.27
C LYS G 3799 26.22 -2.57 57.31
N LEU G 3800 27.51 -2.25 57.12
CA LEU G 3800 27.94 -0.86 57.06
C LEU G 3800 27.27 -0.13 55.91
N GLY G 3801 27.22 -0.77 54.73
CA GLY G 3801 26.57 -0.15 53.59
C GLY G 3801 25.10 0.13 53.86
N ILE G 3802 24.40 -0.83 54.45
CA ILE G 3802 23.00 -0.63 54.80
C ILE G 3802 22.86 0.53 55.78
N SER G 3803 23.77 0.60 56.77
CA SER G 3803 23.70 1.67 57.75
C SER G 3803 23.84 3.03 57.09
N ILE G 3804 24.78 3.17 56.17
CA ILE G 3804 25.00 4.47 55.55
C ILE G 3804 23.93 4.77 54.51
N LEU G 3805 23.27 3.75 53.98
CA LEU G 3805 22.28 3.93 52.92
C LEU G 3805 20.84 3.99 53.41
N ASN G 3806 20.58 3.72 54.69
CA ASN G 3806 19.20 3.70 55.17
C ASN G 3806 18.54 5.04 54.93
N GLY G 3807 17.24 5.00 54.60
CA GLY G 3807 16.51 6.17 54.20
C GLY G 3807 16.69 6.57 52.76
N GLY G 3808 17.42 5.80 51.97
CA GLY G 3808 17.67 6.14 50.59
C GLY G 3808 18.57 7.36 50.46
N ASN G 3809 19.74 7.30 51.08
CA ASN G 3809 20.66 8.43 51.08
C ASN G 3809 21.18 8.68 49.66
N ALA G 3810 20.65 9.73 49.03
CA ALA G 3810 21.02 10.04 47.66
C ALA G 3810 22.48 10.42 47.53
N GLU G 3811 23.07 11.04 48.55
CA GLU G 3811 24.47 11.41 48.47
C GLU G 3811 25.36 10.17 48.42
N VAL G 3812 25.12 9.21 49.32
CA VAL G 3812 25.88 7.97 49.29
C VAL G 3812 25.64 7.24 47.97
N GLN G 3813 24.39 7.21 47.52
CA GLN G 3813 24.08 6.64 46.22
C GLN G 3813 24.98 7.25 45.14
N GLN G 3814 24.93 8.56 44.99
CA GLN G 3814 25.68 9.24 43.94
C GLN G 3814 27.17 8.94 44.04
N LYS G 3815 27.71 8.97 45.26
CA LYS G 3815 29.14 8.70 45.44
C LYS G 3815 29.49 7.29 44.99
N MET G 3816 28.69 6.31 45.41
CA MET G 3816 28.94 4.92 45.01
C MET G 3816 28.97 4.81 43.50
N LEU G 3817 27.99 5.43 42.84
CA LEU G 3817 27.86 5.26 41.39
C LEU G 3817 29.01 5.95 40.66
N ASP G 3818 29.37 7.14 41.12
CA ASP G 3818 30.47 7.85 40.48
C ASP G 3818 31.75 7.05 40.63
N TYR G 3819 31.99 6.49 41.82
CA TYR G 3819 33.17 5.65 42.01
C TYR G 3819 33.16 4.47 41.06
N LEU G 3820 32.02 3.75 41.01
CA LEU G 3820 31.94 2.57 40.16
C LEU G 3820 32.15 2.92 38.69
N LYS G 3821 31.56 4.02 38.24
CA LYS G 3821 31.62 4.39 36.83
C LYS G 3821 32.99 4.92 36.44
N ASP G 3822 33.69 5.60 37.35
CA ASP G 3822 35.04 6.04 37.00
C ASP G 3822 36.03 4.89 37.04
N LYS G 3823 35.85 3.95 37.98
CA LYS G 3823 36.80 2.83 38.05
C LYS G 3823 36.54 1.79 36.98
N LYS G 3824 35.31 1.61 36.55
CA LYS G 3824 34.97 0.66 35.49
C LYS G 3824 35.54 -0.72 35.80
N GLU G 3825 35.18 -1.23 36.97
CA GLU G 3825 35.63 -2.53 37.45
C GLU G 3825 34.46 -3.50 37.49
N VAL G 3826 34.71 -4.74 37.03
CA VAL G 3826 33.70 -5.77 37.00
C VAL G 3826 33.68 -6.61 38.27
N GLY G 3827 34.71 -6.51 39.11
CA GLY G 3827 34.80 -7.37 40.27
C GLY G 3827 33.66 -7.17 41.25
N PHE G 3828 33.18 -5.93 41.37
CA PHE G 3828 32.09 -5.65 42.29
C PHE G 3828 30.86 -6.50 41.95
N PHE G 3829 30.38 -6.41 40.72
CA PHE G 3829 29.18 -7.12 40.34
C PHE G 3829 29.46 -8.62 40.23
N GLN G 3830 30.69 -8.99 39.89
CA GLN G 3830 31.06 -10.40 39.90
C GLN G 3830 30.89 -10.99 41.30
N SER G 3831 31.38 -10.27 42.32
CA SER G 3831 31.25 -10.72 43.70
C SER G 3831 29.78 -10.75 44.11
N ILE G 3832 29.01 -9.74 43.71
CA ILE G 3832 27.58 -9.74 44.03
C ILE G 3832 26.91 -10.99 43.46
N GLN G 3833 27.21 -11.29 42.18
CA GLN G 3833 26.60 -12.45 41.52
C GLN G 3833 26.99 -13.75 42.23
N ALA G 3834 28.27 -13.89 42.55
CA ALA G 3834 28.74 -15.11 43.20
C ALA G 3834 28.09 -15.27 44.57
N LEU G 3835 27.97 -14.18 45.32
CA LEU G 3835 27.32 -14.23 46.62
C LEU G 3835 25.85 -14.63 46.49
N MET G 3836 25.18 -14.08 45.48
CA MET G 3836 23.80 -14.50 45.22
C MET G 3836 23.73 -16.00 44.97
N GLN G 3837 24.64 -16.52 44.14
CA GLN G 3837 24.63 -17.95 43.85
C GLN G 3837 24.87 -18.76 45.12
N THR G 3838 25.76 -18.29 46.00
CA THR G 3838 26.02 -19.00 47.24
C THR G 3838 24.82 -18.96 48.18
N CYS G 3839 24.02 -17.90 48.11
CA CYS G 3839 22.90 -17.75 49.02
C CYS G 3839 22.02 -18.99 48.99
N SER G 3840 21.62 -19.46 50.16
CA SER G 3840 21.02 -20.77 50.32
C SER G 3840 19.50 -20.70 50.24
N VAL G 3841 18.90 -21.88 50.09
CA VAL G 3841 17.45 -22.06 50.12
C VAL G 3841 17.15 -23.25 51.02
N LEU G 3842 15.85 -23.48 51.25
CA LEU G 3842 15.43 -24.57 52.11
C LEU G 3842 15.93 -25.91 51.58
N ASP G 3843 16.42 -26.76 52.48
CA ASP G 3843 16.86 -28.10 52.15
C ASP G 3843 16.10 -29.11 53.02
N LEU G 3844 15.23 -29.89 52.38
CA LEU G 3844 14.43 -30.86 53.11
C LEU G 3844 15.29 -31.97 53.68
N ASN G 3845 16.37 -32.33 52.98
CA ASN G 3845 17.28 -33.34 53.52
C ASN G 3845 17.89 -32.86 54.83
N ALA G 3846 18.36 -31.60 54.86
CA ALA G 3846 18.89 -31.04 56.09
C ALA G 3846 17.83 -30.98 57.18
N PHE G 3847 16.59 -30.61 56.80
CA PHE G 3847 15.52 -30.54 57.78
C PHE G 3847 15.27 -31.91 58.41
N GLU G 3848 15.20 -32.95 57.57
CA GLU G 3848 14.98 -34.30 58.07
C GLU G 3848 16.12 -34.75 58.96
N ARG G 3849 17.36 -34.46 58.54
CA ARG G 3849 18.51 -34.83 59.36
C ARG G 3849 18.47 -34.15 60.72
N GLN G 3850 18.13 -32.87 60.75
CA GLN G 3850 18.00 -32.16 62.01
C GLN G 3850 16.90 -32.75 62.89
N ASN G 3851 15.76 -33.07 62.27
CA ASN G 3851 14.66 -33.66 63.02
C ASN G 3851 15.08 -34.98 63.65
N LYS G 3852 15.76 -35.83 62.88
CA LYS G 3852 16.20 -37.12 63.39
C LYS G 3852 17.24 -36.94 64.49
N ALA G 3853 18.16 -35.98 64.31
CA ALA G 3853 19.16 -35.70 65.33
C ALA G 3853 18.51 -35.32 66.65
N GLU G 3854 17.58 -34.36 66.60
CA GLU G 3854 16.92 -33.91 67.82
C GLU G 3854 16.04 -35.00 68.41
N GLY G 3855 15.47 -35.87 67.56
CA GLY G 3855 14.71 -36.99 68.08
C GLY G 3855 15.58 -37.98 68.82
N LEU G 3856 16.76 -38.28 68.28
CA LEU G 3856 17.71 -39.12 69.01
C LEU G 3856 18.08 -38.49 70.34
N GLY G 3857 18.46 -37.22 70.30
CA GLY G 3857 18.60 -36.46 71.54
C GLY G 3857 19.50 -37.10 72.58
N MET G 3858 20.67 -37.53 72.18
CA MET G 3858 21.65 -38.00 73.15
C MET G 3858 22.10 -36.90 74.08
N VAL G 3859 22.42 -37.29 75.30
CA VAL G 3859 22.94 -36.38 76.30
C VAL G 3859 24.42 -36.13 76.01
N ASN G 3860 24.81 -34.86 76.03
CA ASN G 3860 26.19 -34.53 75.77
C ASN G 3860 27.08 -35.07 76.89
N GLU G 3861 28.27 -35.55 76.53
CA GLU G 3861 29.14 -36.20 77.50
C GLU G 3861 29.45 -35.29 78.69
N ASP G 3862 29.62 -34.00 78.44
CA ASP G 3862 29.79 -33.04 79.52
C ASP G 3862 28.45 -32.75 80.18
N GLY G 3863 28.36 -33.02 81.48
CA GLY G 3863 27.08 -32.86 82.16
C GLY G 3863 26.00 -33.65 81.47
N THR G 3864 24.90 -32.98 81.14
CA THR G 3864 23.80 -33.59 80.40
C THR G 3864 23.09 -32.50 79.61
N VAL G 3865 23.26 -32.51 78.29
CA VAL G 3865 22.65 -31.51 77.43
C VAL G 3865 21.82 -32.20 76.35
N ILE G 3866 20.51 -32.30 76.59
CA ILE G 3866 19.64 -32.93 75.61
C ILE G 3866 19.37 -31.97 74.47
N ASN G 3867 19.24 -32.52 73.26
CA ASN G 3867 18.92 -31.73 72.08
C ASN G 3867 19.89 -30.55 71.91
N ARG G 3868 21.17 -30.81 72.18
CA ARG G 3868 22.19 -29.81 71.94
C ARG G 3868 22.09 -29.29 70.51
N GLN G 3869 21.99 -27.98 70.36
CA GLN G 3869 21.73 -27.36 69.08
C GLN G 3869 23.05 -26.91 68.43
N ASN G 3870 23.21 -27.25 67.16
CA ASN G 3870 24.30 -26.71 66.35
C ASN G 3870 23.78 -25.53 65.55
N GLY G 3871 24.64 -25.02 64.66
CA GLY G 3871 24.18 -24.00 63.73
C GLY G 3871 23.04 -24.54 62.87
N GLU G 3872 22.02 -23.71 62.68
CA GLU G 3872 20.84 -24.14 61.94
C GLU G 3872 21.23 -24.53 60.53
N LYS G 3873 21.11 -25.84 60.23
CA LYS G 3873 21.50 -26.33 58.91
C LYS G 3873 20.61 -25.72 57.82
N VAL G 3874 19.38 -25.35 58.15
CA VAL G 3874 18.46 -24.80 57.19
C VAL G 3874 18.57 -23.29 57.19
N MET G 3875 18.90 -22.72 56.03
CA MET G 3875 19.09 -21.28 55.87
C MET G 3875 19.92 -20.69 57.02
N ALA G 3876 21.17 -21.15 57.10
CA ALA G 3876 22.09 -20.56 58.06
C ALA G 3876 22.43 -19.12 57.69
N ASP G 3877 22.44 -18.82 56.39
CA ASP G 3877 22.82 -17.50 55.87
C ASP G 3877 21.62 -16.61 55.56
N ASP G 3878 20.51 -16.77 56.29
CA ASP G 3878 19.33 -15.95 56.01
C ASP G 3878 19.63 -14.48 56.26
N GLU G 3879 20.33 -14.16 57.35
CA GLU G 3879 20.67 -12.77 57.62
C GLU G 3879 21.55 -12.21 56.52
N PHE G 3880 22.51 -12.99 56.02
CA PHE G 3880 23.37 -12.53 54.94
C PHE G 3880 22.58 -12.28 53.67
N THR G 3881 21.67 -13.19 53.33
CA THR G 3881 20.85 -13.00 52.13
C THR G 3881 20.01 -11.74 52.23
N GLN G 3882 19.34 -11.56 53.38
CA GLN G 3882 18.53 -10.37 53.57
C GLN G 3882 19.37 -9.10 53.53
N ASP G 3883 20.56 -9.13 54.12
CA ASP G 3883 21.41 -7.94 54.09
C ASP G 3883 21.87 -7.62 52.68
N LEU G 3884 22.25 -8.64 51.91
CA LEU G 3884 22.66 -8.44 50.53
C LEU G 3884 21.54 -7.78 49.73
N PHE G 3885 20.33 -8.34 49.81
CA PHE G 3885 19.22 -7.80 49.03
C PHE G 3885 18.74 -6.46 49.56
N ARG G 3886 18.87 -6.21 50.87
CA ARG G 3886 18.56 -4.90 51.42
C ARG G 3886 19.54 -3.85 50.90
N PHE G 3887 20.82 -4.21 50.81
CA PHE G 3887 21.81 -3.32 50.24
C PHE G 3887 21.49 -2.99 48.78
N LEU G 3888 21.16 -4.02 48.00
CA LEU G 3888 20.81 -3.79 46.60
C LEU G 3888 19.56 -2.93 46.48
N GLN G 3889 18.58 -3.17 47.35
CA GLN G 3889 17.36 -2.35 47.37
C GLN G 3889 17.67 -0.90 47.72
N LEU G 3890 18.51 -0.69 48.74
CA LEU G 3890 18.82 0.66 49.18
C LEU G 3890 19.61 1.41 48.13
N LEU G 3891 20.36 0.70 47.30
CA LEU G 3891 20.98 1.39 46.18
C LEU G 3891 19.91 2.11 45.38
N CYS G 3892 18.83 1.44 45.02
CA CYS G 3892 17.80 1.99 44.16
C CYS G 3892 16.72 2.75 44.93
N GLU G 3893 16.80 2.78 46.26
CA GLU G 3893 15.76 3.44 47.04
C GLU G 3893 15.64 4.91 46.66
N GLY G 3894 14.40 5.40 46.64
CA GLY G 3894 14.11 6.74 46.16
C GLY G 3894 13.88 6.84 44.67
N HIS G 3895 13.77 5.70 43.97
CA HIS G 3895 13.57 5.69 42.52
C HIS G 3895 14.74 6.35 41.80
N ASN G 3896 15.92 5.81 42.07
CA ASN G 3896 17.16 6.31 41.45
C ASN G 3896 17.35 5.56 40.13
N ASN G 3897 16.92 6.19 39.03
CA ASN G 3897 16.96 5.53 37.73
C ASN G 3897 18.38 5.19 37.32
N ASP G 3898 19.36 5.98 37.77
CA ASP G 3898 20.73 5.72 37.39
C ASP G 3898 21.17 4.34 37.86
N PHE G 3899 20.98 4.04 39.15
CA PHE G 3899 21.21 2.68 39.65
C PHE G 3899 20.29 1.67 38.98
N GLN G 3900 19.01 2.01 38.87
CA GLN G 3900 18.08 1.04 38.34
C GLN G 3900 18.54 0.54 36.98
N ASN G 3901 19.25 1.39 36.24
CA ASN G 3901 19.73 0.99 34.92
C ASN G 3901 21.15 0.42 35.00
N TYR G 3902 21.98 0.95 35.91
CA TYR G 3902 23.34 0.44 36.03
C TYR G 3902 23.36 -1.00 36.48
N LEU G 3903 22.44 -1.36 37.38
CA LEU G 3903 22.33 -2.76 37.81
C LEU G 3903 22.00 -3.66 36.63
N ARG G 3904 21.14 -3.19 35.72
CA ARG G 3904 20.81 -3.97 34.54
C ARG G 3904 21.99 -4.06 33.59
N THR G 3905 22.67 -2.94 33.34
CA THR G 3905 23.75 -2.91 32.37
C THR G 3905 24.78 -1.87 32.80
N GLN G 3906 26.05 -2.19 32.61
CA GLN G 3906 27.16 -1.27 32.88
C GLN G 3906 27.82 -0.97 31.54
N THR G 3907 27.48 0.18 30.98
CA THR G 3907 27.87 0.49 29.60
C THR G 3907 29.38 0.59 29.45
N GLY G 3908 30.03 1.31 30.36
CA GLY G 3908 31.47 1.54 30.21
C GLY G 3908 32.28 0.26 30.32
N ASN G 3909 31.85 -0.66 31.18
CA ASN G 3909 32.63 -1.85 31.44
C ASN G 3909 32.65 -2.77 30.22
N THR G 3910 33.71 -3.58 30.14
CA THR G 3910 33.82 -4.55 29.07
C THR G 3910 32.69 -5.57 29.14
N THR G 3911 32.30 -5.97 30.35
CA THR G 3911 31.24 -6.94 30.56
C THR G 3911 30.26 -6.39 31.58
N THR G 3912 29.03 -6.90 31.50
CA THR G 3912 27.93 -6.45 32.34
C THR G 3912 27.18 -7.63 32.91
N ILE G 3913 26.61 -7.44 34.09
CA ILE G 3913 25.84 -8.48 34.79
C ILE G 3913 24.49 -7.89 35.16
N ASN G 3914 23.42 -8.66 34.93
CA ASN G 3914 22.07 -8.21 35.20
C ASN G 3914 21.65 -8.71 36.59
N ILE G 3915 21.87 -7.87 37.59
CA ILE G 3915 21.49 -8.21 38.96
C ILE G 3915 20.00 -8.45 39.05
N ILE G 3916 19.22 -7.80 38.19
CA ILE G 3916 17.79 -8.02 38.16
C ILE G 3916 17.48 -9.49 37.90
N ILE G 3917 18.11 -10.04 36.85
CA ILE G 3917 17.88 -11.44 36.49
C ILE G 3917 18.47 -12.37 37.54
N CYS G 3918 19.61 -12.02 38.13
CA CYS G 3918 20.15 -12.85 39.20
C CYS G 3918 19.18 -12.94 40.38
N THR G 3919 18.56 -11.80 40.72
CA THR G 3919 17.54 -11.79 41.77
C THR G 3919 16.36 -12.67 41.40
N VAL G 3920 15.91 -12.59 40.15
CA VAL G 3920 14.80 -13.44 39.72
C VAL G 3920 15.17 -14.92 39.85
N ASP G 3921 16.41 -15.26 39.49
CA ASP G 3921 16.85 -16.66 39.59
C ASP G 3921 16.83 -17.13 41.04
N TYR G 3922 17.33 -16.30 41.96
CA TYR G 3922 17.29 -16.69 43.36
C TYR G 3922 15.85 -16.86 43.84
N LEU G 3923 14.96 -15.97 43.41
CA LEU G 3923 13.55 -16.09 43.81
C LEU G 3923 12.96 -17.39 43.31
N LEU G 3924 13.30 -17.79 42.08
CA LEU G 3924 12.79 -19.04 41.53
C LEU G 3924 13.29 -20.23 42.34
N ARG G 3925 14.58 -20.24 42.67
CA ARG G 3925 15.10 -21.31 43.51
C ARG G 3925 14.37 -21.35 44.86
N LEU G 3926 14.13 -20.18 45.44
CA LEU G 3926 13.46 -20.10 46.73
C LEU G 3926 12.04 -20.64 46.66
N GLN G 3927 11.30 -20.32 45.60
CA GLN G 3927 9.92 -20.77 45.51
C GLN G 3927 9.87 -22.27 45.24
N GLU G 3928 10.85 -22.78 44.49
CA GLU G 3928 10.95 -24.24 44.33
C GLU G 3928 11.13 -24.90 45.69
N SER G 3929 12.04 -24.36 46.50
CA SER G 3929 12.28 -24.92 47.84
C SER G 3929 11.00 -24.87 48.67
N ILE G 3930 10.30 -23.74 48.62
CA ILE G 3930 9.09 -23.58 49.44
C ILE G 3930 8.01 -24.55 48.99
N SER G 3931 7.85 -24.75 47.69
CA SER G 3931 6.86 -25.70 47.19
C SER G 3931 7.20 -27.12 47.59
N ASP G 3932 8.49 -27.48 47.54
CA ASP G 3932 8.90 -28.81 47.98
C ASP G 3932 8.60 -29.01 49.46
N PHE G 3933 8.89 -28.01 50.27
CA PHE G 3933 8.67 -28.12 51.71
C PHE G 3933 7.17 -28.20 52.01
N TYR G 3934 6.37 -27.42 51.28
CA TYR G 3934 4.92 -27.61 51.26
C TYR G 3934 4.58 -29.08 51.03
N TRP G 3935 4.96 -29.63 49.88
CA TRP G 3935 4.59 -30.99 49.54
C TRP G 3935 5.01 -31.95 50.65
N TYR G 3936 6.13 -31.67 51.31
CA TYR G 3936 6.54 -32.47 52.45
C TYR G 3936 5.50 -32.42 53.56
N TYR G 3937 4.98 -31.23 53.85
CA TYR G 3937 4.03 -31.08 54.95
C TYR G 3937 2.56 -31.21 54.53
N SER G 3938 2.29 -31.51 53.26
CA SER G 3938 0.91 -31.45 52.77
C SER G 3938 0.03 -32.48 53.45
N GLY G 3939 0.51 -33.72 53.57
CA GLY G 3939 -0.30 -34.77 54.15
C GLY G 3939 -0.57 -34.55 55.63
N LYS G 3940 0.44 -34.08 56.35
CA LYS G 3940 0.33 -33.96 57.80
C LYS G 3940 -0.64 -32.85 58.18
N ASP G 3941 -1.53 -33.15 59.13
CA ASP G 3941 -2.60 -32.20 59.46
C ASP G 3941 -2.05 -30.90 60.02
N VAL G 3942 -1.05 -30.98 60.90
CA VAL G 3942 -0.52 -29.81 61.60
C VAL G 3942 0.98 -29.74 61.37
N ILE G 3943 1.46 -28.56 60.99
CA ILE G 3943 2.89 -28.31 60.87
C ILE G 3943 3.48 -28.12 62.26
N GLU G 3944 4.68 -28.67 62.47
CA GLU G 3944 5.33 -28.57 63.76
C GLU G 3944 6.17 -27.29 63.85
N GLU G 3945 6.77 -27.10 65.02
CA GLU G 3945 7.36 -25.80 65.36
C GLU G 3945 8.53 -25.45 64.45
N GLN G 3946 9.44 -26.40 64.22
CA GLN G 3946 10.60 -26.12 63.37
C GLN G 3946 10.16 -25.82 61.94
N GLY G 3947 9.13 -26.51 61.46
CA GLY G 3947 8.60 -26.20 60.14
C GLY G 3947 8.04 -24.79 60.08
N LYS G 3948 7.29 -24.39 61.10
CA LYS G 3948 6.83 -23.01 61.18
C LYS G 3948 8.00 -22.04 61.10
N ARG G 3949 9.06 -22.32 61.86
CA ARG G 3949 10.22 -21.44 61.90
C ARG G 3949 10.88 -21.30 60.53
N ASN G 3950 11.06 -22.42 59.84
CA ASN G 3950 11.76 -22.40 58.56
C ASN G 3950 10.91 -21.72 57.48
N PHE G 3951 9.61 -21.96 57.51
CA PHE G 3951 8.67 -21.18 56.71
C PHE G 3951 8.78 -19.70 56.97
N SER G 3952 8.88 -19.30 58.23
CA SER G 3952 9.02 -17.88 58.53
C SER G 3952 10.31 -17.32 57.96
N LYS G 3953 11.41 -18.06 58.10
CA LYS G 3953 12.69 -17.61 57.55
C LYS G 3953 12.60 -17.44 56.03
N ALA G 3954 12.06 -18.46 55.35
CA ALA G 3954 11.96 -18.41 53.90
C ALA G 3954 11.07 -17.26 53.46
N MET G 3955 9.97 -17.03 54.17
CA MET G 3955 9.05 -15.97 53.78
C MET G 3955 9.67 -14.59 54.03
N SER G 3956 10.47 -14.45 55.09
CA SER G 3956 11.18 -13.19 55.29
C SER G 3956 12.16 -12.92 54.16
N VAL G 3957 12.94 -13.94 53.77
CA VAL G 3957 13.85 -13.78 52.65
C VAL G 3957 13.09 -13.41 51.38
N ALA G 3958 11.98 -14.09 51.13
CA ALA G 3958 11.19 -13.82 49.94
C ALA G 3958 10.61 -12.42 49.96
N LYS G 3959 10.18 -11.95 51.14
CA LYS G 3959 9.67 -10.59 51.25
C LYS G 3959 10.75 -9.57 50.93
N GLN G 3960 11.96 -9.78 51.46
CA GLN G 3960 13.03 -8.84 51.15
C GLN G 3960 13.37 -8.85 49.66
N VAL G 3961 13.36 -10.05 49.06
CA VAL G 3961 13.63 -10.16 47.62
C VAL G 3961 12.55 -9.43 46.83
N PHE G 3962 11.29 -9.60 47.22
CA PHE G 3962 10.20 -8.93 46.53
C PHE G 3962 10.34 -7.43 46.63
N ASN G 3963 10.71 -6.93 47.80
CA ASN G 3963 10.90 -5.49 47.96
C ASN G 3963 12.06 -4.99 47.12
N SER G 3964 13.15 -5.77 47.03
CA SER G 3964 14.26 -5.39 46.16
C SER G 3964 13.82 -5.31 44.70
N LEU G 3965 13.07 -6.32 44.24
CA LEU G 3965 12.60 -6.31 42.86
C LEU G 3965 11.65 -5.14 42.61
N THR G 3966 10.77 -4.87 43.56
CA THR G 3966 9.88 -3.72 43.46
C THR G 3966 10.67 -2.42 43.35
N GLU G 3967 11.72 -2.29 44.17
CA GLU G 3967 12.51 -1.07 44.16
C GLU G 3967 13.29 -0.92 42.87
N TYR G 3968 13.71 -2.03 42.27
CA TYR G 3968 14.39 -1.96 40.98
C TYR G 3968 13.57 -1.27 39.90
N ILE G 3969 12.24 -1.37 39.95
CA ILE G 3969 11.41 -0.97 38.83
C ILE G 3969 10.60 0.27 39.16
N GLN G 3970 10.36 0.51 40.44
CA GLN G 3970 9.55 1.67 40.82
C GLN G 3970 10.19 2.96 40.32
N GLY G 3971 9.34 3.89 39.89
CA GLY G 3971 9.79 5.20 39.48
C GLY G 3971 9.13 5.74 38.22
N PRO G 3972 8.85 4.87 37.23
CA PRO G 3972 9.32 3.51 36.93
C PRO G 3972 10.63 3.46 36.16
N CYS G 3973 11.28 2.29 36.17
CA CYS G 3973 12.43 2.01 35.31
C CYS G 3973 11.95 1.06 34.21
N THR G 3974 11.72 1.61 33.02
CA THR G 3974 11.08 0.85 31.95
C THR G 3974 11.95 -0.31 31.49
N GLY G 3975 13.26 -0.11 31.40
CA GLY G 3975 14.14 -1.20 30.99
C GLY G 3975 14.06 -2.37 31.95
N ASN G 3976 14.07 -2.10 33.24
CA ASN G 3976 13.95 -3.16 34.24
C ASN G 3976 12.58 -3.83 34.17
N GLN G 3977 11.54 -3.02 33.95
CA GLN G 3977 10.21 -3.59 33.73
C GLN G 3977 10.22 -4.59 32.59
N GLN G 3978 10.78 -4.22 31.44
CA GLN G 3978 10.82 -5.10 30.29
C GLN G 3978 11.66 -6.35 30.56
N SER G 3979 12.80 -6.18 31.22
CA SER G 3979 13.64 -7.34 31.57
C SER G 3979 12.87 -8.33 32.42
N LEU G 3980 12.19 -7.86 33.47
CA LEU G 3980 11.40 -8.76 34.30
C LEU G 3980 10.26 -9.38 33.51
N ALA G 3981 9.59 -8.60 32.68
CA ALA G 3981 8.48 -9.13 31.90
C ALA G 3981 8.95 -10.27 31.00
N HIS G 3982 10.17 -10.17 30.48
CA HIS G 3982 10.74 -11.23 29.67
C HIS G 3982 11.55 -12.24 30.50
N SER G 3983 11.53 -12.13 31.83
CA SER G 3983 12.21 -13.07 32.70
C SER G 3983 11.24 -14.18 33.12
N ARG G 3984 11.64 -14.98 34.11
CA ARG G 3984 10.86 -16.11 34.62
C ARG G 3984 10.10 -15.76 35.89
N LEU G 3985 10.02 -14.47 36.20
CA LEU G 3985 9.27 -14.01 37.36
C LEU G 3985 7.84 -14.52 37.30
N TRP G 3986 7.30 -14.72 36.09
CA TRP G 3986 5.95 -15.24 35.95
C TRP G 3986 5.85 -16.66 36.50
N ASP G 3987 6.83 -17.51 36.17
CA ASP G 3987 6.85 -18.86 36.72
C ASP G 3987 6.96 -18.81 38.23
N ALA G 3988 7.83 -17.94 38.74
CA ALA G 3988 7.95 -17.80 40.19
C ALA G 3988 6.61 -17.42 40.82
N VAL G 3989 5.89 -16.50 40.19
CA VAL G 3989 4.61 -16.04 40.72
C VAL G 3989 3.59 -17.17 40.70
N VAL G 3990 3.58 -17.96 39.62
CA VAL G 3990 2.65 -19.09 39.56
C VAL G 3990 2.88 -20.05 40.71
N GLY G 3991 4.14 -20.42 40.92
CA GLY G 3991 4.44 -21.33 42.02
C GLY G 3991 4.06 -20.73 43.37
N PHE G 3992 4.38 -19.45 43.57
CA PHE G 3992 4.04 -18.80 44.83
C PHE G 3992 2.53 -18.76 45.04
N LEU G 3993 1.78 -18.56 43.97
CA LEU G 3993 0.32 -18.53 44.09
C LEU G 3993 -0.21 -19.90 44.50
N HIS G 3994 0.30 -20.96 43.89
CA HIS G 3994 -0.09 -22.31 44.30
C HIS G 3994 0.16 -22.51 45.79
N VAL G 3995 1.38 -22.20 46.24
CA VAL G 3995 1.72 -22.41 47.65
C VAL G 3995 0.84 -21.53 48.53
N PHE G 3996 0.65 -20.26 48.15
CA PHE G 3996 -0.17 -19.36 48.93
C PHE G 3996 -1.56 -19.93 49.15
N ALA G 3997 -2.22 -20.36 48.07
CA ALA G 3997 -3.57 -20.87 48.18
C ALA G 3997 -3.63 -22.09 49.10
N HIS G 3998 -2.75 -23.06 48.85
CA HIS G 3998 -2.87 -24.31 49.61
C HIS G 3998 -2.51 -24.12 51.08
N MET G 3999 -1.46 -23.36 51.37
CA MET G 3999 -1.16 -23.04 52.76
C MET G 3999 -2.25 -22.20 53.41
N MET G 4000 -2.84 -21.27 52.68
CA MET G 4000 -3.94 -20.52 53.23
C MET G 4000 -5.03 -21.46 53.74
N MET G 4001 -5.46 -22.38 52.86
CA MET G 4001 -6.51 -23.31 53.25
C MET G 4001 -6.06 -24.21 54.41
N LYS G 4002 -4.82 -24.70 54.36
CA LYS G 4002 -4.37 -25.65 55.37
C LYS G 4002 -4.21 -24.98 56.73
N LEU G 4003 -3.63 -23.78 56.75
CA LEU G 4003 -3.37 -23.09 58.00
C LEU G 4003 -4.63 -22.49 58.61
N ALA G 4004 -5.66 -22.23 57.80
CA ALA G 4004 -6.91 -21.73 58.38
C ALA G 4004 -7.50 -22.72 59.36
N GLN G 4005 -7.14 -24.00 59.24
CA GLN G 4005 -7.83 -25.04 60.00
C GLN G 4005 -7.45 -25.03 61.47
N ASP G 4006 -6.21 -24.67 61.79
CA ASP G 4006 -5.71 -24.69 63.15
C ASP G 4006 -5.28 -23.28 63.56
N SER G 4007 -5.68 -22.88 64.78
CA SER G 4007 -5.35 -21.54 65.25
C SER G 4007 -3.89 -21.42 65.67
N SER G 4008 -3.23 -22.55 65.96
CA SER G 4008 -1.82 -22.51 66.30
C SER G 4008 -0.96 -22.00 65.15
N GLN G 4009 -1.52 -21.95 63.95
CA GLN G 4009 -0.81 -21.59 62.73
C GLN G 4009 -1.15 -20.17 62.27
N ILE G 4010 -1.78 -19.38 63.15
CA ILE G 4010 -2.34 -18.10 62.74
C ILE G 4010 -1.26 -17.10 62.41
N GLU G 4011 -0.19 -17.06 63.21
CA GLU G 4011 0.89 -16.11 62.96
C GLU G 4011 1.56 -16.40 61.63
N LEU G 4012 1.81 -17.67 61.34
CA LEU G 4012 2.41 -18.05 60.06
C LEU G 4012 1.47 -17.69 58.91
N LEU G 4013 0.16 -17.87 59.10
CA LEU G 4013 -0.80 -17.46 58.08
C LEU G 4013 -0.72 -15.96 57.83
N LYS G 4014 -0.60 -15.17 58.91
CA LYS G 4014 -0.47 -13.73 58.78
C LYS G 4014 0.77 -13.34 57.98
N GLU G 4015 1.90 -13.98 58.32
CA GLU G 4015 3.13 -13.72 57.58
C GLU G 4015 2.98 -14.08 56.11
N LEU G 4016 2.34 -15.22 55.83
CA LEU G 4016 2.11 -15.63 54.45
C LEU G 4016 1.29 -14.59 53.70
N LEU G 4017 0.22 -14.10 54.33
CA LEU G 4017 -0.64 -13.10 53.68
C LEU G 4017 0.13 -11.82 53.40
N ASP G 4018 0.96 -11.38 54.35
CA ASP G 4018 1.78 -10.20 54.12
C ASP G 4018 2.72 -10.41 52.94
N LEU G 4019 3.27 -11.62 52.83
CA LEU G 4019 4.16 -11.91 51.71
C LEU G 4019 3.41 -11.86 50.38
N GLN G 4020 2.18 -12.39 50.36
CA GLN G 4020 1.37 -12.27 49.14
C GLN G 4020 1.12 -10.81 48.80
N LYS G 4021 0.89 -9.99 49.82
CA LYS G 4021 0.67 -8.57 49.59
C LYS G 4021 1.89 -7.92 48.95
N ASP G 4022 3.08 -8.31 49.43
CA ASP G 4022 4.32 -7.78 48.85
C ASP G 4022 4.47 -8.22 47.39
N MET G 4023 4.14 -9.47 47.09
CA MET G 4023 4.16 -9.93 45.70
C MET G 4023 3.20 -9.13 44.84
N VAL G 4024 1.99 -8.87 45.34
CA VAL G 4024 1.03 -8.07 44.59
C VAL G 4024 1.54 -6.66 44.38
N VAL G 4025 2.24 -6.10 45.37
CA VAL G 4025 2.83 -4.79 45.21
C VAL G 4025 3.88 -4.80 44.11
N MET G 4026 4.69 -5.86 44.05
CA MET G 4026 5.64 -5.98 42.95
C MET G 4026 4.94 -5.99 41.60
N LEU G 4027 3.84 -6.74 41.50
CA LEU G 4027 3.08 -6.76 40.25
C LEU G 4027 2.54 -5.37 39.90
N LEU G 4028 1.98 -4.68 40.88
CA LEU G 4028 1.47 -3.34 40.66
C LEU G 4028 2.56 -2.38 40.21
N SER G 4029 3.76 -2.51 40.77
CA SER G 4029 4.89 -1.73 40.29
C SER G 4029 5.25 -2.07 38.85
N LEU G 4030 5.20 -3.35 38.50
CA LEU G 4030 5.40 -3.73 37.10
C LEU G 4030 4.38 -3.03 36.20
N LEU G 4031 3.18 -2.78 36.72
CA LEU G 4031 2.16 -2.10 35.93
C LEU G 4031 2.25 -0.57 35.99
N GLU G 4032 3.34 -0.01 36.51
CA GLU G 4032 3.48 1.44 36.51
C GLU G 4032 3.75 1.93 35.10
N GLY G 4033 3.00 2.95 34.67
CA GLY G 4033 3.12 3.46 33.33
C GLY G 4033 2.44 2.62 32.27
N ASN G 4034 1.72 1.57 32.67
CA ASN G 4034 1.08 0.69 31.70
C ASN G 4034 0.00 1.44 30.93
N VAL G 4035 -0.05 1.18 29.63
CA VAL G 4035 -1.09 1.75 28.77
C VAL G 4035 -2.17 0.72 28.53
N VAL G 4036 -3.31 1.16 28.00
CA VAL G 4036 -4.40 0.25 27.69
C VAL G 4036 -3.89 -0.83 26.74
N ASN G 4037 -4.27 -2.08 27.02
CA ASN G 4037 -3.85 -3.23 26.23
C ASN G 4037 -2.33 -3.34 26.16
N GLY G 4038 -1.65 -2.97 27.24
CA GLY G 4038 -0.21 -3.09 27.28
C GLY G 4038 0.26 -4.52 27.38
N MET G 4039 1.48 -4.74 26.89
CA MET G 4039 2.02 -6.08 26.82
C MET G 4039 2.21 -6.68 28.21
N ILE G 4040 2.66 -5.85 29.17
CA ILE G 4040 2.88 -6.36 30.52
C ILE G 4040 1.56 -6.75 31.17
N ALA G 4041 0.52 -5.93 30.98
CA ALA G 4041 -0.80 -6.27 31.52
C ALA G 4041 -1.33 -7.56 30.89
N ARG G 4042 -1.16 -7.71 29.58
CA ARG G 4042 -1.63 -8.92 28.92
C ARG G 4042 -0.85 -10.14 29.42
N GLN G 4043 0.45 -9.97 29.66
CA GLN G 4043 1.25 -11.02 30.25
C GLN G 4043 0.75 -11.40 31.64
N MET G 4044 0.39 -10.40 32.44
CA MET G 4044 -0.19 -10.66 33.75
C MET G 4044 -1.47 -11.47 33.63
N VAL G 4045 -2.34 -11.08 32.70
CA VAL G 4045 -3.59 -11.80 32.52
C VAL G 4045 -3.33 -13.24 32.11
N ASP G 4046 -2.38 -13.45 31.21
CA ASP G 4046 -2.06 -14.82 30.79
C ASP G 4046 -1.51 -15.65 31.95
N MET G 4047 -0.65 -15.04 32.78
CA MET G 4047 -0.14 -15.75 33.95
C MET G 4047 -1.26 -16.11 34.91
N LEU G 4048 -2.18 -15.18 35.13
CA LEU G 4048 -3.32 -15.46 36.00
C LEU G 4048 -4.16 -16.59 35.44
N VAL G 4049 -4.34 -16.61 34.12
CA VAL G 4049 -5.08 -17.70 33.48
C VAL G 4049 -4.37 -19.02 33.72
N GLU G 4050 -3.04 -19.03 33.58
CA GLU G 4050 -2.28 -20.24 33.86
C GLU G 4050 -2.48 -20.68 35.30
N SER G 4051 -2.58 -19.73 36.23
CA SER G 4051 -2.73 -20.01 37.66
C SER G 4051 -4.18 -19.94 38.11
N SER G 4052 -5.14 -20.09 37.19
CA SER G 4052 -6.54 -19.84 37.48
C SER G 4052 -6.99 -20.51 38.78
N SER G 4053 -6.77 -21.83 38.88
CA SER G 4053 -7.35 -22.59 39.99
C SER G 4053 -6.97 -22.01 41.34
N ASN G 4054 -5.68 -21.69 41.52
CA ASN G 4054 -5.22 -21.16 42.81
C ASN G 4054 -5.78 -19.76 43.06
N VAL G 4055 -5.88 -18.96 41.99
CA VAL G 4055 -6.52 -17.64 42.11
C VAL G 4055 -7.95 -17.81 42.58
N GLU G 4056 -8.66 -18.77 41.99
CA GLU G 4056 -10.04 -19.05 42.41
C GLU G 4056 -10.09 -19.46 43.87
N MET G 4057 -9.14 -20.30 44.30
CA MET G 4057 -9.09 -20.72 45.69
C MET G 4057 -8.92 -19.51 46.61
N ILE G 4058 -8.02 -18.60 46.25
CA ILE G 4058 -7.76 -17.43 47.09
C ILE G 4058 -8.99 -16.55 47.18
N LEU G 4059 -9.61 -16.29 46.03
CA LEU G 4059 -10.80 -15.44 46.01
C LEU G 4059 -11.93 -16.08 46.82
N LYS G 4060 -12.08 -17.40 46.72
CA LYS G 4060 -13.10 -18.11 47.47
C LYS G 4060 -12.84 -18.03 48.97
N PHE G 4061 -11.58 -18.16 49.39
CA PHE G 4061 -11.25 -17.97 50.79
C PHE G 4061 -11.73 -16.61 51.28
N PHE G 4062 -11.33 -15.54 50.56
CA PHE G 4062 -11.71 -14.20 50.99
C PHE G 4062 -13.22 -14.04 51.03
N ASP G 4063 -13.92 -14.48 49.99
CA ASP G 4063 -15.35 -14.22 49.90
C ASP G 4063 -16.12 -15.06 50.93
N MET G 4064 -15.68 -16.30 51.17
CA MET G 4064 -16.31 -17.13 52.18
C MET G 4064 -16.22 -16.47 53.54
N PHE G 4065 -15.05 -15.99 53.93
CA PHE G 4065 -14.95 -15.38 55.25
C PHE G 4065 -15.69 -14.05 55.31
N LEU G 4066 -15.68 -13.28 54.21
CA LEU G 4066 -16.47 -12.06 54.17
C LEU G 4066 -17.95 -12.33 54.37
N LYS G 4067 -18.46 -13.40 53.75
CA LYS G 4067 -19.88 -13.73 53.89
C LYS G 4067 -20.17 -14.29 55.28
N LEU G 4068 -19.23 -15.05 55.86
CA LEU G 4068 -19.43 -15.55 57.21
C LEU G 4068 -19.58 -14.41 58.20
N LYS G 4069 -18.78 -13.34 58.02
CA LYS G 4069 -18.87 -12.21 58.93
C LYS G 4069 -20.28 -11.63 58.95
N ASP G 4070 -20.92 -11.51 57.79
CA ASP G 4070 -22.26 -10.94 57.74
C ASP G 4070 -23.31 -11.95 58.20
N ILE G 4071 -23.11 -13.23 57.89
CA ILE G 4071 -24.08 -14.24 58.29
C ILE G 4071 -24.18 -14.32 59.80
N VAL G 4072 -23.03 -14.35 60.49
CA VAL G 4072 -23.07 -14.46 61.95
C VAL G 4072 -23.78 -13.28 62.57
N GLY G 4073 -23.76 -12.12 61.93
CA GLY G 4073 -24.50 -10.97 62.41
C GLY G 4073 -25.96 -11.05 62.04
N SER G 4074 -26.26 -11.80 60.99
CA SER G 4074 -27.64 -12.01 60.60
C SER G 4074 -28.44 -12.61 61.74
N GLU G 4075 -29.62 -12.03 62.00
CA GLU G 4075 -30.45 -12.50 63.09
C GLU G 4075 -30.97 -13.90 62.83
N ALA G 4076 -31.24 -14.24 61.56
CA ALA G 4076 -31.65 -15.60 61.24
C ALA G 4076 -30.67 -16.62 61.79
N PHE G 4077 -29.37 -16.30 61.71
CA PHE G 4077 -28.37 -17.12 62.38
C PHE G 4077 -28.59 -17.13 63.88
N GLN G 4078 -28.93 -15.97 64.45
CA GLN G 4078 -29.16 -15.88 65.89
C GLN G 4078 -30.35 -16.71 66.33
N ASP G 4079 -31.30 -16.97 65.43
CA ASP G 4079 -32.41 -17.85 65.77
C ASP G 4079 -31.90 -19.24 66.12
N TYR G 4080 -30.93 -19.74 65.36
CA TYR G 4080 -30.37 -21.05 65.63
C TYR G 4080 -29.60 -21.07 66.94
N VAL G 4081 -29.15 -19.91 67.41
CA VAL G 4081 -28.40 -19.84 68.67
C VAL G 4081 -29.38 -20.04 69.81
N THR G 4082 -29.15 -21.07 70.62
CA THR G 4082 -30.03 -21.43 71.73
C THR G 4082 -29.27 -21.55 73.05
N ASP G 4083 -28.04 -21.06 73.10
CA ASP G 4083 -27.20 -21.19 74.29
C ASP G 4083 -26.96 -19.82 74.91
N PRO G 4084 -27.14 -19.67 76.22
CA PRO G 4084 -26.92 -18.34 76.82
C PRO G 4084 -25.50 -17.83 76.63
N ARG G 4085 -24.52 -18.73 76.62
CA ARG G 4085 -23.13 -18.33 76.47
C ARG G 4085 -22.80 -17.80 75.08
N GLY G 4086 -23.71 -17.92 74.13
CA GLY G 4086 -23.47 -17.44 72.79
C GLY G 4086 -22.76 -18.41 71.88
N LEU G 4087 -22.56 -19.64 72.31
CA LEU G 4087 -21.93 -20.63 71.46
C LEU G 4087 -22.97 -21.34 70.59
N ILE G 4088 -22.51 -21.87 69.46
CA ILE G 4088 -23.36 -22.60 68.53
C ILE G 4088 -22.68 -23.93 68.19
N SER G 4089 -23.45 -25.01 68.21
CA SER G 4089 -22.90 -26.33 67.98
C SER G 4089 -22.62 -26.53 66.51
N LYS G 4090 -21.84 -27.58 66.21
CA LYS G 4090 -21.45 -27.81 64.82
C LYS G 4090 -22.66 -28.18 63.96
N LYS G 4091 -23.55 -29.03 64.47
CA LYS G 4091 -24.73 -29.41 63.70
C LYS G 4091 -25.63 -28.21 63.45
N ASP G 4092 -25.87 -27.41 64.50
CA ASP G 4092 -26.73 -26.25 64.36
C ASP G 4092 -26.11 -25.22 63.42
N PHE G 4093 -24.78 -25.08 63.48
CA PHE G 4093 -24.05 -24.22 62.55
C PHE G 4093 -24.22 -24.70 61.12
N GLN G 4094 -24.11 -26.01 60.91
CA GLN G 4094 -24.30 -26.58 59.57
C GLN G 4094 -25.70 -26.30 59.06
N LYS G 4095 -26.70 -26.44 59.94
CA LYS G 4095 -28.07 -26.14 59.54
C LYS G 4095 -28.25 -24.67 59.21
N ALA G 4096 -27.62 -23.78 59.99
CA ALA G 4096 -27.68 -22.36 59.67
C ALA G 4096 -27.07 -22.09 58.31
N MET G 4097 -25.93 -22.70 58.01
CA MET G 4097 -25.30 -22.52 56.71
C MET G 4097 -26.23 -22.97 55.60
N ASP G 4098 -26.81 -24.18 55.72
CA ASP G 4098 -27.63 -24.69 54.63
C ASP G 4098 -28.91 -23.88 54.49
N SER G 4099 -29.36 -23.26 55.59
CA SER G 4099 -30.53 -22.38 55.52
C SER G 4099 -30.20 -21.11 54.74
N GLN G 4100 -29.05 -20.49 55.05
CA GLN G 4100 -28.66 -19.30 54.29
C GLN G 4100 -28.38 -19.63 52.83
N LYS G 4101 -27.95 -20.85 52.54
CA LYS G 4101 -27.81 -21.42 51.20
C LYS G 4101 -26.67 -20.81 50.41
N GLN G 4102 -25.94 -19.83 50.95
CA GLN G 4102 -24.83 -19.24 50.21
C GLN G 4102 -23.70 -20.24 50.01
N PHE G 4103 -23.47 -21.09 51.01
CA PHE G 4103 -22.31 -21.97 51.03
C PHE G 4103 -22.67 -23.36 50.55
N THR G 4104 -21.67 -24.06 50.01
CA THR G 4104 -21.80 -25.45 49.63
C THR G 4104 -21.45 -26.36 50.81
N GLY G 4105 -21.66 -27.66 50.63
CA GLY G 4105 -21.32 -28.62 51.64
C GLY G 4105 -19.84 -28.66 51.94
N PRO G 4106 -19.01 -28.72 50.90
CA PRO G 4106 -17.56 -28.65 51.13
C PRO G 4106 -17.13 -27.37 51.82
N GLU G 4107 -17.74 -26.25 51.44
CA GLU G 4107 -17.42 -24.98 52.10
C GLU G 4107 -17.79 -24.99 53.57
N ILE G 4108 -18.96 -25.57 53.88
CA ILE G 4108 -19.39 -25.66 55.26
C ILE G 4108 -18.46 -26.56 56.06
N GLN G 4109 -18.02 -27.66 55.46
CA GLN G 4109 -17.05 -28.53 56.13
C GLN G 4109 -15.74 -27.83 56.37
N PHE G 4110 -15.28 -27.03 55.40
CA PHE G 4110 -14.04 -26.28 55.60
C PHE G 4110 -14.19 -25.28 56.73
N LEU G 4111 -15.33 -24.58 56.79
CA LEU G 4111 -15.56 -23.64 57.87
C LEU G 4111 -15.62 -24.37 59.22
N LEU G 4112 -16.23 -25.56 59.23
CA LEU G 4112 -16.27 -26.35 60.46
C LEU G 4112 -14.86 -26.73 60.91
N SER G 4113 -14.01 -27.11 59.95
CA SER G 4113 -12.63 -27.44 60.27
C SER G 4113 -11.89 -26.24 60.85
N CYS G 4114 -12.06 -25.07 60.21
CA CYS G 4114 -11.41 -23.86 60.71
C CYS G 4114 -12.00 -23.41 62.04
N SER G 4115 -13.22 -23.83 62.35
CA SER G 4115 -13.80 -23.51 63.65
C SER G 4115 -13.05 -24.23 64.75
N GLU G 4116 -12.72 -23.50 65.81
CA GLU G 4116 -12.02 -24.06 66.96
C GLU G 4116 -13.08 -24.62 67.90
N ALA G 4117 -13.65 -25.77 67.51
CA ALA G 4117 -14.74 -26.39 68.24
C ALA G 4117 -14.20 -27.14 69.45
N ASP G 4118 -14.79 -26.89 70.61
CA ASP G 4118 -14.36 -27.52 71.84
C ASP G 4118 -14.78 -28.99 71.83
N GLU G 4119 -14.47 -29.69 72.93
CA GLU G 4119 -14.91 -31.08 73.05
C GLU G 4119 -16.43 -31.18 73.03
N ASN G 4120 -17.13 -30.16 73.50
CA ASN G 4120 -18.59 -30.13 73.45
C ASN G 4120 -19.12 -29.78 72.08
N GLU G 4121 -18.25 -29.55 71.09
CA GLU G 4121 -18.58 -29.20 69.72
C GLU G 4121 -19.17 -27.79 69.66
N MET G 4122 -18.89 -26.95 70.64
CA MET G 4122 -19.46 -25.61 70.72
C MET G 4122 -18.44 -24.62 70.16
N ILE G 4123 -18.93 -23.58 69.47
CA ILE G 4123 -18.08 -22.65 68.76
C ILE G 4123 -18.37 -21.22 69.20
N ASN G 4124 -17.34 -20.39 69.23
CA ASN G 4124 -17.49 -18.95 69.38
C ASN G 4124 -17.48 -18.33 67.99
N PHE G 4125 -18.68 -18.19 67.40
CA PHE G 4125 -18.75 -17.69 66.02
C PHE G 4125 -18.21 -16.27 65.92
N GLU G 4126 -18.32 -15.49 67.00
CA GLU G 4126 -17.80 -14.13 66.96
C GLU G 4126 -16.31 -14.11 66.65
N GLU G 4127 -15.51 -14.80 67.48
CA GLU G 4127 -14.07 -14.83 67.26
C GLU G 4127 -13.74 -15.58 65.98
N PHE G 4128 -14.52 -16.62 65.66
CA PHE G 4128 -14.29 -17.33 64.41
C PHE G 4128 -14.37 -16.38 63.21
N ALA G 4129 -15.41 -15.54 63.18
CA ALA G 4129 -15.55 -14.58 62.09
C ALA G 4129 -14.46 -13.52 62.13
N ASN G 4130 -14.14 -13.02 63.32
CA ASN G 4130 -13.17 -11.94 63.45
C ASN G 4130 -11.74 -12.39 63.22
N ARG G 4131 -11.48 -13.70 63.22
CA ARG G 4131 -10.10 -14.19 63.16
C ARG G 4131 -9.39 -13.74 61.90
N PHE G 4132 -10.00 -13.97 60.74
CA PHE G 4132 -9.31 -13.78 59.47
C PHE G 4132 -9.62 -12.45 58.80
N GLN G 4133 -10.38 -11.57 59.44
CA GLN G 4133 -10.74 -10.30 58.80
C GLN G 4133 -9.54 -9.38 58.69
N GLU G 4134 -8.97 -8.98 59.84
CA GLU G 4134 -7.85 -8.05 59.82
C GLU G 4134 -6.64 -8.61 59.08
N PRO G 4135 -6.21 -9.85 59.30
CA PRO G 4135 -5.02 -10.36 58.60
C PRO G 4135 -5.13 -10.27 57.09
N ALA G 4136 -6.31 -10.55 56.54
CA ALA G 4136 -6.49 -10.69 55.09
C ALA G 4136 -6.97 -9.41 54.43
N ARG G 4137 -7.13 -8.32 55.16
CA ARG G 4137 -7.72 -7.12 54.57
C ARG G 4137 -6.77 -6.47 53.57
N ASP G 4138 -5.51 -6.31 53.93
CA ASP G 4138 -4.57 -5.62 53.04
C ASP G 4138 -4.38 -6.39 51.74
N ILE G 4139 -4.20 -7.71 51.84
CA ILE G 4139 -4.08 -8.53 50.63
C ILE G 4139 -5.38 -8.48 49.83
N GLY G 4140 -6.53 -8.47 50.50
CA GLY G 4140 -7.78 -8.32 49.78
C GLY G 4140 -7.86 -7.01 49.02
N PHE G 4141 -7.48 -5.92 49.69
CA PHE G 4141 -7.48 -4.62 49.02
C PHE G 4141 -6.56 -4.61 47.82
N ASN G 4142 -5.36 -5.18 47.96
CA ASN G 4142 -4.40 -5.15 46.86
C ASN G 4142 -4.84 -6.06 45.72
N VAL G 4143 -5.48 -7.18 46.03
CA VAL G 4143 -6.05 -8.02 44.98
C VAL G 4143 -7.13 -7.26 44.23
N ALA G 4144 -7.99 -6.55 44.95
CA ALA G 4144 -9.03 -5.74 44.31
C ALA G 4144 -8.40 -4.67 43.43
N VAL G 4145 -7.34 -4.02 43.91
CA VAL G 4145 -6.67 -2.99 43.12
C VAL G 4145 -6.08 -3.60 41.87
N LEU G 4146 -5.43 -4.75 41.99
CA LEU G 4146 -4.84 -5.41 40.83
C LEU G 4146 -5.91 -5.73 39.80
N LEU G 4147 -7.03 -6.30 40.25
CA LEU G 4147 -8.09 -6.67 39.33
C LEU G 4147 -8.71 -5.44 38.67
N THR G 4148 -8.91 -4.37 39.44
CA THR G 4148 -9.47 -3.15 38.89
C THR G 4148 -8.55 -2.55 37.83
N ASN G 4149 -7.26 -2.44 38.15
CA ASN G 4149 -6.28 -1.93 37.19
C ASN G 4149 -6.28 -2.76 35.92
N LEU G 4150 -6.22 -4.08 36.08
CA LEU G 4150 -6.14 -4.96 34.91
C LEU G 4150 -7.40 -4.85 34.07
N SER G 4151 -8.58 -4.78 34.72
CA SER G 4151 -9.81 -4.66 33.97
C SER G 4151 -9.88 -3.34 33.22
N GLU G 4152 -9.44 -2.25 33.86
CA GLU G 4152 -9.52 -0.94 33.22
C GLU G 4152 -8.47 -0.73 32.14
N HIS G 4153 -7.39 -1.52 32.15
CA HIS G 4153 -6.36 -1.39 31.12
C HIS G 4153 -6.40 -2.50 30.09
N VAL G 4154 -7.16 -3.56 30.32
CA VAL G 4154 -7.45 -4.58 29.32
C VAL G 4154 -8.96 -4.74 29.33
N PRO G 4155 -9.71 -3.75 28.84
CA PRO G 4155 -11.16 -3.76 29.07
C PRO G 4155 -11.88 -4.92 28.41
N HIS G 4156 -11.32 -5.54 27.37
CA HIS G 4156 -11.99 -6.57 26.60
C HIS G 4156 -11.19 -7.87 26.68
N ASP G 4157 -11.48 -8.67 27.70
CA ASP G 4157 -10.85 -9.98 27.89
C ASP G 4157 -11.80 -10.87 28.68
N PRO G 4158 -12.43 -11.88 28.07
CA PRO G 4158 -13.35 -12.76 28.83
C PRO G 4158 -12.70 -13.51 29.96
N ARG G 4159 -11.39 -13.69 29.90
CA ARG G 4159 -10.71 -14.42 30.96
C ARG G 4159 -10.64 -13.61 32.25
N LEU G 4160 -10.77 -12.28 32.13
CA LEU G 4160 -10.71 -11.41 33.30
C LEU G 4160 -12.07 -11.26 33.98
N ARG G 4161 -13.17 -11.32 33.22
CA ARG G 4161 -14.48 -11.16 33.84
C ARG G 4161 -14.83 -12.34 34.74
N ASN G 4162 -14.31 -13.53 34.43
CA ASN G 4162 -14.52 -14.66 35.33
C ASN G 4162 -13.93 -14.35 36.71
N PHE G 4163 -12.66 -13.90 36.73
CA PHE G 4163 -12.03 -13.55 37.99
C PHE G 4163 -12.76 -12.40 38.67
N LEU G 4164 -13.21 -11.41 37.89
CA LEU G 4164 -13.92 -10.29 38.48
C LEU G 4164 -15.22 -10.73 39.14
N GLU G 4165 -15.99 -11.59 38.47
CA GLU G 4165 -17.21 -12.12 39.05
C GLU G 4165 -16.91 -12.87 40.33
N LEU G 4166 -15.85 -13.69 40.33
CA LEU G 4166 -15.47 -14.41 41.54
C LEU G 4166 -15.05 -13.45 42.64
N ALA G 4167 -14.48 -12.30 42.27
CA ALA G 4167 -14.00 -11.33 43.25
C ALA G 4167 -15.08 -10.34 43.65
N GLU G 4168 -16.29 -10.49 43.10
CA GLU G 4168 -17.39 -9.57 43.36
C GLU G 4168 -17.44 -9.10 44.82
N SER G 4169 -17.48 -10.04 45.77
CA SER G 4169 -17.64 -9.67 47.16
C SER G 4169 -16.49 -8.80 47.64
N ILE G 4170 -15.27 -9.15 47.25
CA ILE G 4170 -14.10 -8.35 47.64
C ILE G 4170 -14.25 -6.93 47.11
N LEU G 4171 -14.63 -6.80 45.84
CA LEU G 4171 -14.74 -5.48 45.22
C LEU G 4171 -15.84 -4.65 45.88
N GLU G 4172 -16.98 -5.27 46.15
CA GLU G 4172 -18.06 -4.56 46.83
C GLU G 4172 -17.63 -4.12 48.22
N TYR G 4173 -16.92 -5.00 48.93
CA TYR G 4173 -16.47 -4.66 50.28
C TYR G 4173 -15.50 -3.49 50.27
N PHE G 4174 -14.57 -3.48 49.32
CA PHE G 4174 -13.51 -2.47 49.30
C PHE G 4174 -13.84 -1.27 48.44
N ARG G 4175 -15.03 -1.23 47.85
CA ARG G 4175 -15.43 -0.12 46.99
C ARG G 4175 -15.34 1.23 47.68
N PRO G 4176 -15.92 1.42 48.87
CA PRO G 4176 -15.77 2.73 49.54
C PRO G 4176 -14.33 3.08 49.88
N TYR G 4177 -13.45 2.08 49.96
CA TYR G 4177 -12.07 2.29 50.36
C TYR G 4177 -11.09 2.33 49.19
N LEU G 4178 -11.54 2.05 47.97
CA LEU G 4178 -10.68 2.06 46.80
C LEU G 4178 -10.75 3.42 46.15
N GLY G 4179 -9.71 4.23 46.36
CA GLY G 4179 -9.65 5.58 45.80
C GLY G 4179 -8.99 5.56 44.44
N ARG G 4180 -9.51 6.41 43.55
CA ARG G 4180 -9.17 6.39 42.13
C ARG G 4180 -9.07 7.82 41.63
N ILE G 4181 -7.88 8.20 41.17
CA ILE G 4181 -7.70 9.53 40.59
C ILE G 4181 -6.93 9.42 39.27
N GLU G 4182 -6.79 10.55 38.61
CA GLU G 4182 -6.02 10.65 37.37
C GLU G 4182 -5.06 11.82 37.48
N ILE G 4183 -3.84 11.63 36.97
CA ILE G 4183 -2.82 12.68 36.98
C ILE G 4183 -2.16 12.75 35.62
N MET G 4184 -1.49 13.87 35.36
CA MET G 4184 -0.54 13.96 34.26
C MET G 4184 0.83 13.56 34.77
N GLY G 4185 1.33 12.41 34.32
CA GLY G 4185 2.57 11.86 34.81
C GLY G 4185 3.78 12.38 34.07
N ALA G 4186 4.95 11.88 34.47
CA ALA G 4186 6.19 12.27 33.82
C ALA G 4186 6.22 11.83 32.36
N SER G 4187 5.52 10.75 32.03
CA SER G 4187 5.45 10.25 30.66
C SER G 4187 4.65 11.16 29.73
N ARG G 4188 4.21 12.33 30.19
CA ARG G 4188 3.39 13.22 29.40
C ARG G 4188 2.07 12.55 28.99
N ARG G 4189 1.59 11.66 29.84
CA ARG G 4189 0.36 10.92 29.59
C ARG G 4189 -0.46 10.85 30.86
N ILE G 4190 -1.78 10.82 30.70
CA ILE G 4190 -2.68 10.66 31.84
C ILE G 4190 -2.54 9.26 32.39
N GLU G 4191 -2.45 9.17 33.72
CA GLU G 4191 -2.29 7.91 34.42
C GLU G 4191 -3.31 7.83 35.54
N ARG G 4192 -3.97 6.68 35.65
CA ARG G 4192 -4.88 6.43 36.76
C ARG G 4192 -4.12 5.87 37.95
N ILE G 4193 -4.48 6.35 39.13
CA ILE G 4193 -3.82 5.98 40.38
C ILE G 4193 -4.87 5.39 41.30
N TYR G 4194 -4.55 4.23 41.86
CA TYR G 4194 -5.39 3.53 42.83
C TYR G 4194 -4.71 3.56 44.18
N PHE G 4195 -5.47 3.88 45.23
CA PHE G 4195 -4.93 3.99 46.57
C PHE G 4195 -6.00 3.61 47.57
N GLU G 4196 -5.63 3.63 48.85
CA GLU G 4196 -6.52 3.23 49.93
C GLU G 4196 -7.07 4.44 50.66
N ILE G 4197 -8.34 4.36 51.06
CA ILE G 4197 -9.02 5.40 51.82
C ILE G 4197 -9.42 4.81 53.16
N SER G 4198 -9.13 5.54 54.23
CA SER G 4198 -9.46 5.06 55.57
C SER G 4198 -10.89 5.45 55.95
N GLU G 4199 -11.51 4.56 56.75
CA GLU G 4199 -12.86 4.80 57.23
C GLU G 4199 -12.96 6.12 57.98
N THR G 4200 -11.97 6.41 58.82
CA THR G 4200 -12.00 7.64 59.61
C THR G 4200 -11.96 8.86 58.70
N ASN G 4201 -11.12 8.84 57.67
CA ASN G 4201 -11.04 9.95 56.73
C ASN G 4201 -12.36 10.14 56.01
N ARG G 4202 -12.96 9.04 55.55
CA ARG G 4202 -14.23 9.14 54.85
C ARG G 4202 -15.32 9.70 55.76
N ALA G 4203 -15.38 9.23 57.01
CA ALA G 4203 -16.37 9.73 57.95
C ALA G 4203 -16.18 11.21 58.21
N GLN G 4204 -14.93 11.62 58.47
CA GLN G 4204 -14.64 13.02 58.72
C GLN G 4204 -15.04 13.89 57.54
N TRP G 4205 -14.79 13.41 56.31
CA TRP G 4205 -15.23 14.13 55.13
C TRP G 4205 -16.76 14.23 55.06
N GLU G 4206 -17.45 13.16 55.44
CA GLU G 4206 -18.91 13.16 55.37
C GLU G 4206 -19.54 13.93 56.53
N MET G 4207 -18.75 14.38 57.50
CA MET G 4207 -19.30 15.21 58.55
C MET G 4207 -19.93 16.47 57.94
N PRO G 4208 -21.04 16.96 58.47
CA PRO G 4208 -21.75 18.08 57.82
C PRO G 4208 -20.95 19.37 57.71
N GLN G 4209 -20.09 19.68 58.69
CA GLN G 4209 -19.36 20.94 58.64
C GLN G 4209 -18.41 20.96 57.44
N VAL G 4210 -17.74 19.85 57.18
CA VAL G 4210 -16.90 19.75 55.99
C VAL G 4210 -17.75 19.94 54.74
N LYS G 4211 -18.97 19.42 54.73
CA LYS G 4211 -19.85 19.58 53.57
C LYS G 4211 -20.19 21.06 53.34
N GLU G 4212 -20.51 21.78 54.42
CA GLU G 4212 -20.79 23.21 54.30
C GLU G 4212 -19.56 23.97 53.79
N SER G 4213 -18.39 23.64 54.34
CA SER G 4213 -17.16 24.28 53.89
C SER G 4213 -16.93 24.01 52.41
N LYS G 4214 -17.16 22.77 51.99
CA LYS G 4214 -17.02 22.42 50.58
C LYS G 4214 -17.96 23.23 49.71
N ARG G 4215 -19.22 23.33 50.10
CA ARG G 4215 -20.18 24.08 49.30
C ARG G 4215 -19.77 25.54 49.20
N GLN G 4216 -19.33 26.13 50.31
CA GLN G 4216 -18.90 27.52 50.29
C GLN G 4216 -17.69 27.71 49.39
N PHE G 4217 -16.72 26.81 49.49
CA PHE G 4217 -15.53 26.89 48.65
C PHE G 4217 -15.89 26.79 47.17
N ILE G 4218 -16.79 25.86 46.83
CA ILE G 4218 -17.20 25.69 45.45
C ILE G 4218 -17.87 26.97 44.95
N PHE G 4219 -18.79 27.52 45.74
CA PHE G 4219 -19.46 28.75 45.35
C PHE G 4219 -18.43 29.85 45.08
N ASP G 4220 -17.49 30.03 46.01
CA ASP G 4220 -16.52 31.11 45.88
C ASP G 4220 -15.66 30.93 44.64
N VAL G 4221 -15.10 29.74 44.45
CA VAL G 4221 -14.19 29.54 43.31
C VAL G 4221 -14.92 29.58 41.98
N VAL G 4222 -16.20 29.22 41.94
CA VAL G 4222 -16.91 29.19 40.67
C VAL G 4222 -17.42 30.57 40.31
N ASN G 4223 -17.67 31.42 41.31
CA ASN G 4223 -18.26 32.71 41.08
C ASN G 4223 -17.22 33.84 40.98
N GLU G 4224 -16.18 33.79 41.81
CA GLU G 4224 -15.15 34.83 41.83
C GLU G 4224 -13.76 34.18 41.93
N GLY G 4225 -13.56 33.11 41.19
CA GLY G 4225 -12.30 32.38 41.23
C GLY G 4225 -11.63 32.34 39.88
N GLY G 4226 -10.31 32.49 39.89
CA GLY G 4226 -9.54 32.42 38.67
C GLY G 4226 -9.15 31.00 38.31
N GLU G 4227 -9.17 30.73 37.00
CA GLU G 4227 -8.80 29.39 36.53
C GLU G 4227 -7.36 29.05 36.87
N ALA G 4228 -6.46 30.02 36.75
CA ALA G 4228 -5.05 29.76 37.01
C ALA G 4228 -4.82 29.35 38.46
N GLU G 4229 -5.50 30.03 39.39
CA GLU G 4229 -5.31 29.77 40.81
C GLU G 4229 -6.35 28.80 41.38
N LYS G 4230 -7.19 28.20 40.53
CA LYS G 4230 -8.18 27.26 41.03
C LYS G 4230 -7.55 26.11 41.81
N MET G 4231 -6.51 25.50 41.26
CA MET G 4231 -5.91 24.35 41.92
C MET G 4231 -5.22 24.75 43.21
N GLU G 4232 -4.57 25.91 43.25
CA GLU G 4232 -3.99 26.39 44.48
C GLU G 4232 -5.06 26.60 45.54
N LEU G 4233 -6.20 27.17 45.14
CA LEU G 4233 -7.32 27.33 46.06
C LEU G 4233 -7.83 25.99 46.56
N PHE G 4234 -7.92 25.01 45.67
CA PHE G 4234 -8.38 23.69 46.05
C PHE G 4234 -7.45 23.04 47.07
N VAL G 4235 -6.14 23.16 46.86
CA VAL G 4235 -5.18 22.60 47.78
C VAL G 4235 -5.23 23.31 49.12
N SER G 4236 -5.42 24.63 49.10
CA SER G 4236 -5.58 25.37 50.36
C SER G 4236 -6.82 24.90 51.10
N PHE G 4237 -7.92 24.68 50.38
CA PHE G 4237 -9.12 24.15 50.98
C PHE G 4237 -8.85 22.78 51.61
N CYS G 4238 -8.12 21.93 50.90
CA CYS G 4238 -7.82 20.60 51.43
C CYS G 4238 -7.00 20.70 52.72
N GLU G 4239 -6.00 21.58 52.73
CA GLU G 4239 -5.17 21.76 53.92
C GLU G 4239 -6.01 22.24 55.09
N ASP G 4240 -6.84 23.25 54.87
CA ASP G 4240 -7.67 23.79 55.95
C ASP G 4240 -8.64 22.73 56.46
N THR G 4241 -9.20 21.93 55.55
CA THR G 4241 -10.13 20.88 55.96
C THR G 4241 -9.42 19.80 56.77
N ILE G 4242 -8.19 19.46 56.40
CA ILE G 4242 -7.41 18.50 57.20
C ILE G 4242 -7.21 19.03 58.61
N PHE G 4243 -6.83 20.30 58.71
CA PHE G 4243 -6.65 20.90 60.03
C PHE G 4243 -7.94 20.88 60.83
N GLU G 4244 -9.07 21.17 60.17
CA GLU G 4244 -10.36 21.13 60.84
C GLU G 4244 -10.71 19.71 61.30
N MET G 4245 -10.36 18.71 60.49
CA MET G 4245 -10.56 17.33 60.91
C MET G 4245 -9.75 17.02 62.17
N GLN G 4246 -8.51 17.49 62.22
CA GLN G 4246 -7.71 17.29 63.42
C GLN G 4246 -8.38 17.92 64.63
N ILE G 4247 -8.87 19.15 64.48
CA ILE G 4247 -9.51 19.83 65.59
C ILE G 4247 -10.76 19.07 66.04
N ALA G 4248 -11.57 18.62 65.08
CA ALA G 4248 -12.79 17.89 65.42
C ALA G 4248 -12.46 16.59 66.15
N ALA G 4249 -11.45 15.87 65.68
CA ALA G 4249 -11.04 14.64 66.35
C ALA G 4249 -10.59 14.93 67.78
N GLN G 4250 -9.81 15.99 67.96
CA GLN G 4250 -9.34 16.33 69.29
C GLN G 4250 -10.50 16.65 70.23
N ILE G 4251 -11.46 17.43 69.78
CA ILE G 4251 -12.56 17.81 70.67
C ILE G 4251 -13.56 16.67 70.82
N SER G 4252 -13.51 15.67 69.94
CA SER G 4252 -14.44 14.55 70.04
C SER G 4252 -14.18 13.76 71.32
N GLU G 4253 -15.25 13.18 71.87
CA GLU G 4253 -15.15 12.37 73.07
C GLU G 4253 -15.32 10.90 72.71
N PRO G 4254 -14.66 9.97 73.44
CA PRO G 4254 -14.80 8.54 73.14
C PRO G 4254 -16.24 8.04 73.32
N PHE G 4540 -3.51 16.56 92.06
CA PHE G 4540 -4.86 16.86 91.58
C PHE G 4540 -4.83 17.89 90.46
N TRP G 4541 -3.67 18.52 90.25
CA TRP G 4541 -3.54 19.48 89.17
C TRP G 4541 -3.83 18.84 87.82
N GLY G 4542 -3.39 17.60 87.63
CA GLY G 4542 -3.71 16.90 86.40
C GLY G 4542 -5.19 16.64 86.25
N GLU G 4543 -5.87 16.34 87.36
CA GLU G 4543 -7.32 16.17 87.32
C GLU G 4543 -7.99 17.48 86.92
N LEU G 4544 -7.53 18.60 87.46
CA LEU G 4544 -8.04 19.89 87.06
C LEU G 4544 -7.82 20.13 85.57
N GLU G 4545 -6.63 19.78 85.08
CA GLU G 4545 -6.31 19.98 83.67
C GLU G 4545 -7.22 19.15 82.77
N VAL G 4546 -7.42 17.88 83.11
CA VAL G 4546 -8.25 17.01 82.27
C VAL G 4546 -9.70 17.48 82.31
N GLN G 4547 -10.17 17.93 83.47
CA GLN G 4547 -11.51 18.50 83.54
C GLN G 4547 -11.61 19.75 82.67
N ARG G 4548 -10.56 20.57 82.68
CA ARG G 4548 -10.56 21.78 81.86
C ARG G 4548 -10.68 21.44 80.39
N VAL G 4549 -9.89 20.48 79.92
CA VAL G 4549 -9.94 20.13 78.50
C VAL G 4549 -11.27 19.48 78.15
N LYS G 4550 -11.81 18.65 79.05
CA LYS G 4550 -13.14 18.09 78.82
C LYS G 4550 -14.18 19.19 78.67
N PHE G 4551 -14.16 20.17 79.57
CA PHE G 4551 -15.16 21.24 79.54
C PHE G 4551 -15.03 22.08 78.28
N LEU G 4552 -13.79 22.43 77.93
CA LEU G 4552 -13.56 23.23 76.73
C LEU G 4552 -13.99 22.47 75.48
N ASN G 4553 -13.72 21.17 75.42
CA ASN G 4553 -14.11 20.38 74.26
C ASN G 4553 -15.61 20.21 74.18
N TYR G 4554 -16.29 20.08 75.33
CA TYR G 4554 -17.75 20.06 75.33
C TYR G 4554 -18.30 21.37 74.78
N LEU G 4555 -17.71 22.49 75.19
CA LEU G 4555 -18.12 23.79 74.67
C LEU G 4555 -17.91 23.86 73.17
N SER G 4556 -16.75 23.40 72.69
CA SER G 4556 -16.45 23.45 71.27
C SER G 4556 -17.45 22.59 70.50
N ARG G 4557 -17.76 21.40 71.01
CA ARG G 4557 -18.70 20.52 70.33
C ARG G 4557 -20.09 21.12 70.28
N ASN G 4558 -20.51 21.78 71.36
CA ASN G 4558 -21.87 22.29 71.49
C ASN G 4558 -21.95 23.80 71.27
N PHE G 4559 -20.98 24.37 70.55
CA PHE G 4559 -20.93 25.80 70.34
C PHE G 4559 -22.25 26.34 69.77
N TYR G 4560 -22.73 25.72 68.68
CA TYR G 4560 -23.91 26.24 68.01
C TYR G 4560 -25.15 26.12 68.88
N THR G 4561 -25.27 25.02 69.62
CA THR G 4561 -26.39 24.85 70.54
C THR G 4561 -26.44 26.01 71.53
N LEU G 4562 -25.27 26.42 72.03
CA LEU G 4562 -25.21 27.55 72.96
C LEU G 4562 -25.70 28.83 72.30
N ARG G 4563 -25.36 29.04 71.03
CA ARG G 4563 -25.82 30.23 70.33
C ARG G 4563 -27.34 30.23 70.19
N PHE G 4564 -27.91 29.09 69.80
CA PHE G 4564 -29.37 28.98 69.72
C PHE G 4564 -30.00 29.23 71.09
N LEU G 4565 -29.41 28.67 72.14
CA LEU G 4565 -29.94 28.86 73.49
C LEU G 4565 -29.89 30.34 73.89
N ALA G 4566 -28.79 31.02 73.57
CA ALA G 4566 -28.69 32.45 73.89
C ALA G 4566 -29.77 33.23 73.16
N LEU G 4567 -30.02 32.91 71.89
CA LEU G 4567 -31.08 33.59 71.16
C LEU G 4567 -32.44 33.32 71.82
N PHE G 4568 -32.68 32.09 72.25
CA PHE G 4568 -33.93 31.76 72.93
C PHE G 4568 -34.09 32.57 74.21
N LEU G 4569 -33.02 32.67 75.01
CA LEU G 4569 -33.08 33.47 76.23
C LEU G 4569 -33.33 34.94 75.93
N ALA G 4570 -32.71 35.46 74.88
CA ALA G 4570 -32.96 36.85 74.50
C ALA G 4570 -34.43 37.05 74.16
N PHE G 4571 -35.01 36.12 73.41
CA PHE G 4571 -36.42 36.22 73.07
C PHE G 4571 -37.29 36.16 74.32
N ALA G 4572 -36.96 35.28 75.26
CA ALA G 4572 -37.74 35.20 76.50
C ALA G 4572 -37.66 36.50 77.29
N ILE G 4573 -36.44 37.05 77.41
CA ILE G 4573 -36.26 38.28 78.15
C ILE G 4573 -37.04 39.42 77.52
N ASN G 4574 -36.99 39.53 76.19
CA ASN G 4574 -37.69 40.61 75.51
C ASN G 4574 -39.19 40.41 75.50
N PHE G 4575 -39.66 39.16 75.58
CA PHE G 4575 -41.07 38.90 75.79
C PHE G 4575 -41.51 39.39 77.17
N ILE G 4576 -40.66 39.16 78.18
CA ILE G 4576 -40.97 39.64 79.53
C ILE G 4576 -40.96 41.16 79.58
N LEU G 4577 -40.00 41.79 78.90
CA LEU G 4577 -39.85 43.23 78.98
C LEU G 4577 -41.07 43.99 78.46
N LEU G 4578 -41.91 43.32 77.66
CA LEU G 4578 -43.12 43.96 77.17
C LEU G 4578 -44.06 44.34 78.32
N PHE G 4579 -43.86 43.72 79.49
CA PHE G 4579 -44.80 43.93 80.59
C PHE G 4579 -44.41 45.11 81.46
N TYR G 4580 -43.24 45.71 81.24
CA TYR G 4580 -42.87 46.89 82.01
C TYR G 4580 -43.88 48.01 81.80
N LYS G 4581 -44.03 48.84 82.83
CA LYS G 4581 -44.87 50.03 82.76
C LYS G 4581 -44.24 51.09 83.65
N VAL G 4582 -44.56 52.33 83.35
CA VAL G 4582 -43.97 53.49 84.02
C VAL G 4582 -45.06 54.23 84.78
N SER G 4583 -44.78 54.57 86.04
CA SER G 4583 -45.72 55.33 86.85
C SER G 4583 -44.98 56.41 87.62
N ASP G 4584 -45.68 57.51 87.90
CA ASP G 4584 -45.11 58.54 88.77
C ASP G 4584 -44.91 57.99 90.18
N SER G 4585 -45.87 57.23 90.69
CA SER G 4585 -45.77 56.70 92.03
C SER G 4585 -44.97 55.40 92.04
N PRO G 4586 -44.32 55.06 93.15
CA PRO G 4586 -43.76 53.72 93.30
C PRO G 4586 -44.86 52.68 93.31
N PRO G 4587 -44.58 51.44 92.89
CA PRO G 4587 -45.63 50.41 92.91
C PRO G 4587 -46.25 50.23 94.29
N ASN G 4626 -40.15 64.11 91.88
CA ASN G 4626 -40.67 63.95 90.53
C ASN G 4626 -39.81 62.96 89.76
N MET G 4627 -40.02 61.68 90.02
CA MET G 4627 -39.26 60.60 89.42
C MET G 4627 -40.20 59.52 88.94
N VAL G 4628 -39.96 59.03 87.73
CA VAL G 4628 -40.75 57.92 87.19
C VAL G 4628 -40.16 56.61 87.66
N TYR G 4629 -41.01 55.58 87.76
CA TYR G 4629 -40.62 54.25 88.17
C TYR G 4629 -41.05 53.26 87.10
N TYR G 4630 -40.11 52.43 86.65
CA TYR G 4630 -40.38 51.33 85.73
C TYR G 4630 -40.54 50.06 86.55
N PHE G 4631 -41.64 49.35 86.34
CA PHE G 4631 -41.90 48.12 87.08
C PHE G 4631 -42.69 47.16 86.21
N LEU G 4632 -42.54 45.88 86.52
CA LEU G 4632 -43.31 44.86 85.82
C LEU G 4632 -44.78 44.95 86.20
N GLU G 4633 -45.63 44.41 85.32
CA GLU G 4633 -47.07 44.36 85.54
C GLU G 4633 -47.55 42.93 85.27
N GLU G 4634 -47.48 42.09 86.30
CA GLU G 4634 -48.03 40.74 86.25
C GLU G 4634 -48.74 40.43 87.57
N SER G 4635 -49.66 39.47 87.50
CA SER G 4635 -50.39 39.05 88.69
C SER G 4635 -49.57 38.09 89.54
N THR G 4636 -48.83 37.18 88.91
CA THR G 4636 -48.17 36.10 89.64
C THR G 4636 -47.08 36.65 90.57
N GLY G 4637 -46.25 37.55 90.04
CA GLY G 4637 -45.07 38.01 90.75
C GLY G 4637 -43.84 37.16 90.54
N TYR G 4638 -43.95 36.06 89.79
CA TYR G 4638 -42.83 35.17 89.55
C TYR G 4638 -41.95 35.62 88.39
N MET G 4639 -42.37 36.64 87.63
CA MET G 4639 -41.68 36.97 86.39
C MET G 4639 -40.36 37.69 86.66
N GLU G 4640 -40.33 38.59 87.66
CA GLU G 4640 -39.10 39.34 87.93
C GLU G 4640 -37.94 38.41 88.28
N PRO G 4641 -38.08 37.46 89.22
CA PRO G 4641 -36.97 36.52 89.44
C PRO G 4641 -36.59 35.75 88.20
N ALA G 4642 -37.58 35.39 87.38
CA ALA G 4642 -37.30 34.70 86.13
C ALA G 4642 -36.46 35.59 85.21
N LEU G 4643 -36.78 36.88 85.15
CA LEU G 4643 -35.99 37.81 84.36
C LEU G 4643 -34.54 37.85 84.85
N TRP G 4644 -34.37 37.94 86.17
CA TRP G 4644 -33.03 37.96 86.75
C TRP G 4644 -32.24 36.71 86.37
N CYS G 4645 -32.86 35.54 86.57
CA CYS G 4645 -32.18 34.28 86.27
C CYS G 4645 -31.84 34.16 84.80
N LEU G 4646 -32.79 34.52 83.93
CA LEU G 4646 -32.55 34.44 82.49
C LEU G 4646 -31.42 35.39 82.08
N SER G 4647 -31.36 36.57 82.67
CA SER G 4647 -30.27 37.50 82.35
C SER G 4647 -28.92 36.92 82.74
N LEU G 4648 -28.82 36.40 83.96
CA LEU G 4648 -27.54 35.82 84.39
C LEU G 4648 -27.14 34.66 83.48
N LEU G 4649 -28.10 33.78 83.18
CA LEU G 4649 -27.79 32.62 82.36
C LEU G 4649 -27.41 33.03 80.94
N HIS G 4650 -28.06 34.07 80.41
CA HIS G 4650 -27.72 34.58 79.08
C HIS G 4650 -26.29 35.08 79.05
N THR G 4651 -25.88 35.83 80.07
CA THR G 4651 -24.50 36.31 80.13
C THR G 4651 -23.53 35.12 80.21
N LEU G 4652 -23.86 34.14 81.03
CA LEU G 4652 -23.03 32.94 81.13
C LEU G 4652 -22.88 32.27 79.77
N VAL G 4653 -23.98 32.13 79.04
CA VAL G 4653 -23.95 31.46 77.74
C VAL G 4653 -23.13 32.26 76.75
N ALA G 4654 -23.20 33.59 76.84
CA ALA G 4654 -22.36 34.41 75.98
C ALA G 4654 -20.88 34.13 76.24
N PHE G 4655 -20.50 34.02 77.53
CA PHE G 4655 -19.11 33.70 77.86
C PHE G 4655 -18.73 32.35 77.30
N LEU G 4656 -19.61 31.37 77.47
CA LEU G 4656 -19.32 30.03 76.98
C LEU G 4656 -19.18 30.03 75.46
N CYS G 4657 -19.96 30.88 74.77
CA CYS G 4657 -19.83 31.00 73.32
C CYS G 4657 -18.50 31.63 72.93
N ILE G 4658 -18.06 32.64 73.66
CA ILE G 4658 -16.73 33.19 73.40
C ILE G 4658 -15.67 32.09 73.51
N ILE G 4659 -15.73 31.31 74.60
CA ILE G 4659 -14.70 30.29 74.80
C ILE G 4659 -14.81 29.21 73.72
N GLY G 4660 -16.04 28.83 73.37
CA GLY G 4660 -16.22 27.82 72.33
C GLY G 4660 -15.66 28.27 71.00
N TYR G 4661 -15.90 29.54 70.64
CA TYR G 4661 -15.30 30.06 69.41
C TYR G 4661 -13.79 30.05 69.50
N ASN G 4662 -13.23 30.53 70.62
CA ASN G 4662 -11.78 30.57 70.74
C ASN G 4662 -11.17 29.19 70.64
N CYS G 4663 -11.89 28.16 71.07
CA CYS G 4663 -11.36 26.81 71.05
C CYS G 4663 -11.58 26.12 69.71
N LEU G 4664 -12.66 26.46 69.00
CA LEU G 4664 -13.04 25.72 67.81
C LEU G 4664 -12.54 26.40 66.53
N LYS G 4665 -12.78 27.70 66.40
CA LYS G 4665 -12.64 28.38 65.12
C LYS G 4665 -11.31 29.12 64.97
N VAL G 4666 -10.80 29.71 66.05
CA VAL G 4666 -9.57 30.50 66.03
C VAL G 4666 -8.40 29.72 65.45
N PRO G 4667 -8.24 28.44 65.81
CA PRO G 4667 -7.07 27.70 65.30
C PRO G 4667 -6.97 27.73 63.79
N LEU G 4668 -8.10 27.67 63.08
CA LEU G 4668 -8.07 27.77 61.63
C LEU G 4668 -7.57 29.13 61.18
N VAL G 4669 -8.02 30.20 61.85
CA VAL G 4669 -7.57 31.54 61.50
C VAL G 4669 -6.05 31.61 61.61
N ILE G 4670 -5.52 31.13 62.74
CA ILE G 4670 -4.08 31.21 62.96
C ILE G 4670 -3.34 30.33 61.96
N PHE G 4671 -3.88 29.14 61.69
CA PHE G 4671 -3.26 28.23 60.73
C PHE G 4671 -3.13 28.89 59.37
N LYS G 4672 -4.22 29.52 58.90
CA LYS G 4672 -4.21 30.15 57.58
C LYS G 4672 -3.27 31.34 57.54
N ARG G 4673 -3.30 32.17 58.58
CA ARG G 4673 -2.44 33.34 58.63
C ARG G 4673 -0.97 32.95 58.63
N GLU G 4674 -0.61 31.97 59.46
CA GLU G 4674 0.76 31.45 59.49
C GLU G 4674 1.16 30.86 58.15
N LYS G 4675 0.25 30.10 57.53
CA LYS G 4675 0.56 29.44 56.27
C LYS G 4675 0.83 30.46 55.16
N GLU G 4676 -0.05 31.45 55.01
CA GLU G 4676 0.16 32.46 53.97
C GLU G 4676 1.45 33.23 54.24
N LEU G 4677 1.73 33.56 55.51
CA LEU G 4677 2.97 34.23 55.81
C LEU G 4677 4.18 33.39 55.40
N ALA G 4678 4.17 32.10 55.74
CA ALA G 4678 5.29 31.23 55.43
C ALA G 4678 5.48 31.10 53.92
N ARG G 4679 4.39 30.93 53.18
CA ARG G 4679 4.51 30.78 51.73
C ARG G 4679 5.00 32.07 51.09
N LYS G 4680 4.56 33.22 51.59
CA LYS G 4680 5.09 34.49 51.10
C LYS G 4680 6.59 34.58 51.35
N LEU G 4681 7.02 34.23 52.57
CA LEU G 4681 8.44 34.29 52.88
C LEU G 4681 9.25 33.41 51.95
N GLU G 4682 8.83 32.15 51.81
CA GLU G 4682 9.64 31.18 51.07
C GLU G 4682 9.61 31.44 49.57
N PHE G 4683 8.43 31.70 49.01
CA PHE G 4683 8.26 31.77 47.57
C PHE G 4683 8.22 33.18 47.03
N ASP G 4684 7.93 34.18 47.87
CA ASP G 4684 7.88 35.56 47.43
C ASP G 4684 8.97 36.43 48.05
N GLY G 4685 9.53 36.04 49.18
CA GLY G 4685 10.54 36.86 49.83
C GLY G 4685 10.02 38.20 50.28
N LEU G 4686 8.84 38.22 50.91
CA LEU G 4686 8.15 39.46 51.24
C LEU G 4686 9.02 40.40 52.06
N TYR G 4687 9.39 39.98 53.27
CA TYR G 4687 10.19 40.80 54.15
C TYR G 4687 11.68 40.68 53.87
N ILE G 4688 12.06 39.89 52.87
CA ILE G 4688 13.45 39.78 52.44
C ILE G 4688 13.76 40.71 51.29
N THR G 4689 12.87 40.75 50.28
CA THR G 4689 13.13 41.52 49.06
C THR G 4689 12.08 42.61 48.85
N GLU G 4690 10.79 42.26 48.85
CA GLU G 4690 9.77 43.21 48.42
C GLU G 4690 9.47 44.24 49.51
N GLN G 4691 9.09 43.74 50.70
CA GLN G 4691 8.62 44.54 51.84
C GLN G 4691 7.17 44.92 51.60
N PRO G 4692 6.32 44.88 52.63
CA PRO G 4692 4.92 45.25 52.45
C PRO G 4692 4.79 46.71 52.03
N GLY G 4693 3.65 47.02 51.39
CA GLY G 4693 3.47 48.33 50.81
C GLY G 4693 3.35 49.44 51.84
N ASP G 4694 3.21 49.06 53.11
CA ASP G 4694 2.95 49.93 54.26
C ASP G 4694 1.48 50.35 54.32
N ASP G 4695 0.69 50.01 53.32
CA ASP G 4695 -0.77 50.10 53.41
C ASP G 4695 -1.39 48.79 53.84
N ASP G 4696 -0.57 47.76 54.09
CA ASP G 4696 -1.05 46.43 54.44
C ASP G 4696 -0.83 46.22 55.94
N VAL G 4697 -1.86 46.53 56.72
CA VAL G 4697 -1.74 46.41 58.17
C VAL G 4697 -1.41 45.00 58.57
N LYS G 4698 -1.94 44.01 57.85
CA LYS G 4698 -1.62 42.62 58.15
C LYS G 4698 -0.15 42.33 57.88
N GLY G 4699 0.39 42.90 56.79
CA GLY G 4699 1.80 42.77 56.51
C GLY G 4699 2.70 43.41 57.56
N GLN G 4700 2.28 44.53 58.12
CA GLN G 4700 3.05 45.12 59.21
C GLN G 4700 2.92 44.33 60.50
N TRP G 4701 1.71 43.84 60.79
CA TRP G 4701 1.47 43.09 62.01
C TRP G 4701 2.24 41.77 62.01
N ASP G 4702 2.35 41.14 60.84
CA ASP G 4702 3.03 39.87 60.73
C ASP G 4702 4.54 39.97 60.98
N ARG G 4703 5.09 41.18 61.02
CA ARG G 4703 6.51 41.33 61.34
C ARG G 4703 6.83 40.77 62.71
N LEU G 4704 5.91 40.96 63.65
CA LEU G 4704 6.20 40.65 65.06
C LEU G 4704 6.57 39.20 65.25
N VAL G 4705 5.84 38.31 64.60
CA VAL G 4705 5.91 36.90 64.94
C VAL G 4705 7.06 36.20 64.22
N LEU G 4706 7.71 36.87 63.26
CA LEU G 4706 8.80 36.25 62.51
C LEU G 4706 9.92 35.78 63.42
N ASN G 4707 10.37 36.65 64.33
CA ASN G 4707 11.47 36.31 65.21
C ASN G 4707 11.04 35.47 66.41
N THR G 4708 9.74 35.21 66.55
CA THR G 4708 9.24 34.47 67.69
C THR G 4708 9.51 32.98 67.53
N PRO G 4709 9.92 32.29 68.60
CA PRO G 4709 10.13 30.84 68.49
C PRO G 4709 8.88 30.07 68.10
N SER G 4710 7.71 30.55 68.53
CA SER G 4710 6.48 29.78 68.37
C SER G 4710 5.76 30.10 67.06
N PHE G 4711 6.40 30.82 66.14
CA PHE G 4711 5.76 31.23 64.89
C PHE G 4711 4.89 30.15 64.25
N PRO G 4712 5.43 28.98 63.85
CA PRO G 4712 4.51 27.99 63.28
C PRO G 4712 3.95 27.06 64.35
N SER G 4713 3.11 27.62 65.23
CA SER G 4713 2.52 26.82 66.30
C SER G 4713 1.41 25.92 65.76
N ASN G 4714 0.45 26.50 65.04
CA ASN G 4714 -0.66 25.76 64.47
C ASN G 4714 -0.37 25.25 63.07
N TYR G 4715 0.38 26.02 62.29
CA TYR G 4715 0.72 25.58 60.94
C TYR G 4715 1.83 24.54 61.00
N TRP G 4716 1.67 23.48 60.20
CA TRP G 4716 2.47 22.27 60.40
C TRP G 4716 3.96 22.52 60.17
N ASP G 4717 4.31 23.25 59.12
CA ASP G 4717 5.71 23.35 58.70
C ASP G 4717 6.51 24.09 59.75
N LYS G 4718 7.32 23.36 60.51
CA LYS G 4718 8.19 23.92 61.54
C LYS G 4718 9.55 24.33 61.00
N PHE G 4719 9.87 23.96 59.76
CA PHE G 4719 11.20 24.16 59.20
C PHE G 4719 11.23 25.29 58.17
N VAL G 4720 10.18 26.12 58.13
CA VAL G 4720 10.10 27.11 57.06
C VAL G 4720 11.21 28.13 57.24
N LYS G 4721 11.54 28.45 58.49
CA LYS G 4721 12.61 29.41 58.74
C LYS G 4721 13.91 28.92 58.12
N ARG G 4722 14.23 27.65 58.32
CA ARG G 4722 15.38 27.03 57.71
C ARG G 4722 15.30 27.04 56.19
N LYS G 4723 14.13 26.74 55.65
CA LYS G 4723 13.96 26.77 54.21
C LYS G 4723 14.23 28.16 53.67
N VAL G 4724 13.69 29.18 54.33
CA VAL G 4724 13.88 30.56 53.92
C VAL G 4724 15.36 30.92 53.99
N LEU G 4725 16.04 30.48 55.05
CA LEU G 4725 17.47 30.73 55.16
C LEU G 4725 18.20 30.10 53.99
N ASP G 4726 18.00 28.81 53.76
CA ASP G 4726 18.70 28.13 52.68
C ASP G 4726 18.43 28.80 51.34
N LYS G 4727 17.22 29.35 51.17
CA LYS G 4727 16.83 29.87 49.87
C LYS G 4727 17.37 31.28 49.64
N HIS G 4728 17.39 32.12 50.68
CA HIS G 4728 17.66 33.55 50.51
C HIS G 4728 18.93 34.03 51.19
N GLY G 4729 19.65 33.17 51.92
CA GLY G 4729 20.76 33.65 52.72
C GLY G 4729 21.94 34.10 51.89
N ASP G 4730 22.27 33.34 50.85
CA ASP G 4730 23.43 33.68 50.04
C ASP G 4730 23.32 35.10 49.49
N ILE G 4731 22.09 35.54 49.22
CA ILE G 4731 21.88 36.86 48.63
C ILE G 4731 21.69 37.91 49.71
N PHE G 4732 20.87 37.62 50.72
CA PHE G 4732 20.36 38.62 51.65
C PHE G 4732 21.17 38.71 52.94
N GLY G 4733 22.07 37.77 53.19
CA GLY G 4733 22.81 37.74 54.44
C GLY G 4733 22.24 36.74 55.43
N ARG G 4734 22.99 35.69 55.72
CA ARG G 4734 22.52 34.66 56.64
C ARG G 4734 22.26 35.23 58.03
N GLU G 4735 23.19 36.05 58.52
CA GLU G 4735 22.99 36.66 59.83
C GLU G 4735 21.76 37.55 59.83
N ARG G 4736 21.50 38.24 58.73
CA ARG G 4736 20.33 39.10 58.65
C ARG G 4736 19.05 38.26 58.74
N ILE G 4737 19.00 37.16 57.99
CA ILE G 4737 17.84 36.27 58.02
C ILE G 4737 17.64 35.72 59.43
N ALA G 4738 18.74 35.30 60.07
CA ALA G 4738 18.64 34.73 61.41
C ALA G 4738 18.15 35.76 62.41
N GLU G 4739 18.63 37.00 62.30
CA GLU G 4739 18.15 38.06 63.18
C GLU G 4739 16.67 38.30 62.96
N LEU G 4740 16.23 38.32 61.70
CA LEU G 4740 14.82 38.57 61.40
C LEU G 4740 13.94 37.45 61.94
N LEU G 4741 14.39 36.20 61.82
CA LEU G 4741 13.58 35.05 62.16
C LEU G 4741 13.93 34.45 63.52
N GLY G 4742 14.68 35.16 64.34
CA GLY G 4742 14.98 34.67 65.68
C GLY G 4742 15.71 33.34 65.68
N MET G 4743 16.71 33.21 64.81
CA MET G 4743 17.44 31.95 64.65
C MET G 4743 18.85 32.10 65.18
N ASP G 4744 19.34 31.05 65.84
CA ASP G 4744 20.71 30.98 66.30
C ASP G 4744 21.46 30.01 65.39
N LEU G 4745 22.33 30.56 64.54
CA LEU G 4745 23.02 29.74 63.55
C LEU G 4745 23.87 28.67 64.21
N ALA G 4746 24.56 29.02 65.29
CA ALA G 4746 25.37 28.03 66.00
C ALA G 4746 24.52 26.91 66.56
N SER G 4747 23.37 27.26 67.14
CA SER G 4747 22.47 26.23 67.66
C SER G 4747 21.93 25.34 66.56
N LEU G 4748 21.70 25.91 65.39
CA LEU G 4748 21.18 25.15 64.26
C LEU G 4748 22.02 23.91 63.98
N GLU G 4749 23.31 24.11 63.67
CA GLU G 4749 24.15 23.00 63.29
C GLU G 4749 24.31 21.98 64.42
N ILE G 4750 24.43 22.43 65.67
CA ILE G 4750 24.61 21.49 66.77
C ILE G 4750 23.36 20.63 66.96
N THR G 4751 22.18 21.21 66.77
CA THR G 4751 20.95 20.42 66.91
C THR G 4751 20.98 19.21 65.99
N ALA G 4752 21.42 19.40 64.74
CA ALA G 4752 21.57 18.27 63.83
C ALA G 4752 22.74 17.37 64.25
N HIS G 4753 23.83 17.96 64.73
CA HIS G 4753 24.99 17.15 65.12
C HIS G 4753 24.62 16.11 66.16
N ASN G 4754 23.88 16.52 67.19
CA ASN G 4754 23.54 15.60 68.27
C ASN G 4754 22.33 16.13 69.03
N GLU G 4755 21.55 15.19 69.56
CA GLU G 4755 20.30 15.54 70.24
C GLU G 4755 20.60 16.25 71.56
N ARG G 4756 19.84 17.31 71.83
CA ARG G 4756 19.80 17.96 73.13
C ARG G 4756 18.39 17.88 73.67
N LYS G 4757 18.25 17.35 74.89
CA LYS G 4757 16.94 17.24 75.54
C LYS G 4757 17.06 17.80 76.95
N PRO G 4758 16.99 19.12 77.12
CA PRO G 4758 17.09 19.69 78.46
C PRO G 4758 15.73 19.79 79.14
N ASP G 4759 15.21 18.65 79.59
CA ASP G 4759 13.87 18.62 80.15
C ASP G 4759 13.81 19.45 81.43
N PRO G 4760 12.98 20.48 81.50
CA PRO G 4760 12.83 21.20 82.76
C PRO G 4760 11.63 20.68 83.54
N PRO G 4761 11.71 20.65 84.87
CA PRO G 4761 10.54 20.22 85.66
C PRO G 4761 9.37 21.17 85.45
N PRO G 4762 8.14 20.66 85.44
CA PRO G 4762 6.98 21.53 85.21
C PRO G 4762 6.70 22.40 86.44
N GLY G 4763 6.59 23.69 86.21
CA GLY G 4763 6.21 24.62 87.25
C GLY G 4763 5.45 25.78 86.67
N LEU G 4764 4.66 26.43 87.52
CA LEU G 4764 3.89 27.59 87.08
C LEU G 4764 4.82 28.71 86.62
N LEU G 4765 5.88 28.96 87.40
CA LEU G 4765 6.85 29.97 87.00
C LEU G 4765 7.49 29.60 85.66
N THR G 4766 7.90 28.33 85.50
CA THR G 4766 8.53 27.91 84.27
C THR G 4766 7.60 28.09 83.08
N TRP G 4767 6.32 27.79 83.28
CA TRP G 4767 5.31 28.05 82.27
C TRP G 4767 5.25 29.52 81.90
N LEU G 4768 5.22 30.39 82.92
CA LEU G 4768 5.16 31.83 82.67
C LEU G 4768 6.37 32.30 81.87
N MET G 4769 7.56 31.84 82.24
CA MET G 4769 8.75 32.20 81.46
C MET G 4769 8.66 31.65 80.04
N SER G 4770 8.07 30.47 79.87
CA SER G 4770 7.92 29.89 78.54
C SER G 4770 6.94 30.68 77.67
N ILE G 4771 6.04 31.44 78.28
CA ILE G 4771 5.08 32.22 77.49
C ILE G 4771 5.84 33.10 76.50
N ASP G 4772 5.33 33.17 75.27
CA ASP G 4772 5.90 34.03 74.23
C ASP G 4772 4.98 35.23 74.05
N VAL G 4773 5.34 36.34 74.69
CA VAL G 4773 4.48 37.51 74.73
C VAL G 4773 4.24 38.07 73.34
N LYS G 4774 5.28 38.08 72.50
CA LYS G 4774 5.15 38.66 71.17
C LYS G 4774 4.18 37.87 70.32
N TYR G 4775 4.31 36.54 70.34
CA TYR G 4775 3.36 35.69 69.62
C TYR G 4775 1.95 35.89 70.16
N GLN G 4776 1.81 35.99 71.48
CA GLN G 4776 0.49 36.19 72.06
C GLN G 4776 -0.11 37.52 71.59
N ILE G 4777 0.71 38.58 71.52
CA ILE G 4777 0.22 39.88 71.10
C ILE G 4777 -0.23 39.84 69.65
N TRP G 4778 0.60 39.26 68.78
CA TRP G 4778 0.24 39.14 67.38
C TRP G 4778 -1.05 38.34 67.23
N LYS G 4779 -1.13 37.22 67.94
CA LYS G 4779 -2.32 36.40 67.89
C LYS G 4779 -3.52 37.18 68.37
N PHE G 4780 -3.36 38.03 69.38
CA PHE G 4780 -4.55 38.60 69.94
C PHE G 4780 -5.04 39.70 69.03
N GLY G 4781 -4.11 40.39 68.36
CA GLY G 4781 -4.49 41.30 67.29
C GLY G 4781 -5.28 40.60 66.20
N VAL G 4782 -4.80 39.44 65.75
CA VAL G 4782 -5.56 38.68 64.75
C VAL G 4782 -6.97 38.40 65.24
N ILE G 4783 -7.09 37.93 66.48
CA ILE G 4783 -8.39 37.54 67.00
C ILE G 4783 -9.32 38.75 67.07
N PHE G 4784 -8.83 39.86 67.63
CA PHE G 4784 -9.66 41.04 67.77
C PHE G 4784 -10.06 41.58 66.39
N THR G 4785 -9.22 41.37 65.38
CA THR G 4785 -9.59 41.76 64.03
C THR G 4785 -10.64 40.82 63.45
N ASP G 4786 -10.67 39.56 63.90
CA ASP G 4786 -11.66 38.62 63.38
C ASP G 4786 -13.06 39.13 63.68
N ASN G 4787 -13.92 39.10 62.67
CA ASN G 4787 -15.23 39.74 62.78
C ASN G 4787 -16.17 38.97 63.70
N SER G 4788 -16.19 37.64 63.58
CA SER G 4788 -17.11 36.86 64.41
C SER G 4788 -16.79 37.00 65.89
N PHE G 4789 -15.50 36.97 66.24
CA PHE G 4789 -15.10 37.17 67.62
C PHE G 4789 -15.57 38.54 68.12
N LEU G 4790 -15.45 39.55 67.27
CA LEU G 4790 -15.91 40.89 67.65
C LEU G 4790 -17.41 40.91 67.88
N TYR G 4791 -18.16 40.24 67.01
CA TYR G 4791 -19.61 40.18 67.16
C TYR G 4791 -19.97 39.53 68.50
N LEU G 4792 -19.31 38.44 68.82
CA LEU G 4792 -19.61 37.74 70.07
C LEU G 4792 -19.23 38.59 71.28
N GLY G 4793 -18.08 39.26 71.22
CA GLY G 4793 -17.69 40.14 72.31
C GLY G 4793 -18.67 41.28 72.51
N TRP G 4794 -19.17 41.85 71.41
CA TRP G 4794 -20.22 42.86 71.51
C TRP G 4794 -21.48 42.28 72.11
N TYR G 4795 -21.86 41.07 71.70
CA TYR G 4795 -23.01 40.38 72.28
C TYR G 4795 -22.88 40.31 73.79
N MET G 4796 -21.73 39.84 74.26
CA MET G 4796 -21.44 39.74 75.69
C MET G 4796 -21.46 41.09 76.39
N VAL G 4797 -20.86 42.10 75.78
CA VAL G 4797 -20.86 43.43 76.40
C VAL G 4797 -22.27 43.95 76.54
N MET G 4798 -23.11 43.71 75.52
CA MET G 4798 -24.50 44.15 75.60
C MET G 4798 -25.26 43.39 76.67
N SER G 4799 -24.94 42.12 76.88
CA SER G 4799 -25.56 41.38 77.99
C SER G 4799 -25.17 41.98 79.34
N LEU G 4800 -23.88 42.28 79.52
CA LEU G 4800 -23.46 42.91 80.77
C LEU G 4800 -24.15 44.25 80.96
N LEU G 4801 -24.28 45.03 79.89
CA LEU G 4801 -25.02 46.29 79.98
C LEU G 4801 -26.49 46.06 80.29
N GLY G 4802 -27.05 44.96 79.78
CA GLY G 4802 -28.41 44.61 80.12
C GLY G 4802 -28.59 44.41 81.61
N HIS G 4803 -27.57 43.83 82.26
CA HIS G 4803 -27.65 43.72 83.72
C HIS G 4803 -27.76 45.10 84.38
N TYR G 4804 -27.09 46.11 83.82
CA TYR G 4804 -27.22 47.47 84.34
C TYR G 4804 -28.60 48.05 84.03
N ASN G 4805 -29.05 47.91 82.78
CA ASN G 4805 -30.38 48.32 82.35
C ASN G 4805 -30.92 47.23 81.43
N ASN G 4806 -31.98 46.54 81.88
CA ASN G 4806 -32.41 45.32 81.21
C ASN G 4806 -32.83 45.54 79.76
N PHE G 4807 -33.10 46.77 79.35
CA PHE G 4807 -33.56 47.02 77.99
C PHE G 4807 -32.44 46.87 76.98
N PHE G 4808 -31.18 46.78 77.40
CA PHE G 4808 -30.09 46.51 76.49
C PHE G 4808 -30.10 45.08 75.99
N PHE G 4809 -30.93 44.21 76.56
CA PHE G 4809 -31.06 42.83 76.10
C PHE G 4809 -31.80 42.73 74.78
N ALA G 4810 -32.37 43.83 74.29
CA ALA G 4810 -33.07 43.81 73.02
C ALA G 4810 -32.12 43.71 71.83
N ALA G 4811 -30.91 44.25 71.96
CA ALA G 4811 -29.93 44.16 70.88
C ALA G 4811 -29.59 42.72 70.54
N HIS G 4812 -29.76 41.80 71.49
CA HIS G 4812 -29.42 40.40 71.23
C HIS G 4812 -30.42 39.75 70.30
N LEU G 4813 -31.54 40.41 70.03
CA LEU G 4813 -32.51 39.90 69.07
C LEU G 4813 -32.05 40.11 67.63
N LEU G 4814 -31.08 40.99 67.40
CA LEU G 4814 -30.52 41.17 66.07
C LEU G 4814 -29.75 39.94 65.61
N ASP G 4815 -29.44 39.02 66.52
CA ASP G 4815 -28.71 37.81 66.18
C ASP G 4815 -29.52 36.85 65.33
N ILE G 4816 -30.82 37.10 65.15
CA ILE G 4816 -31.62 36.24 64.29
C ILE G 4816 -31.07 36.26 62.87
N ALA G 4817 -30.46 37.37 62.46
CA ALA G 4817 -29.86 37.45 61.13
C ALA G 4817 -28.75 36.43 60.98
N MET G 4818 -27.81 36.41 61.94
CA MET G 4818 -26.72 35.44 61.88
C MET G 4818 -27.23 34.02 62.06
N GLY G 4819 -28.26 33.84 62.91
CA GLY G 4819 -28.77 32.50 63.16
C GLY G 4819 -29.47 31.90 61.96
N VAL G 4820 -30.28 32.69 61.27
CA VAL G 4820 -31.12 32.21 60.17
C VAL G 4820 -30.43 32.53 58.85
N LYS G 4821 -30.35 31.51 58.00
CA LYS G 4821 -29.79 31.70 56.66
C LYS G 4821 -30.68 32.60 55.80
N THR G 4822 -32.00 32.44 55.91
CA THR G 4822 -32.91 33.19 55.05
C THR G 4822 -32.79 34.69 55.27
N LEU G 4823 -32.82 35.10 56.55
CA LEU G 4823 -32.66 36.52 56.86
C LEU G 4823 -31.29 37.01 56.44
N ARG G 4824 -30.27 36.15 56.56
CA ARG G 4824 -28.94 36.56 56.14
C ARG G 4824 -28.90 36.83 54.65
N THR G 4825 -29.57 35.99 53.85
CA THR G 4825 -29.64 36.23 52.41
C THR G 4825 -30.42 37.51 52.10
N ILE G 4826 -31.54 37.70 52.78
CA ILE G 4826 -32.34 38.90 52.55
C ILE G 4826 -31.54 40.15 52.85
N LEU G 4827 -30.79 40.13 53.95
CA LEU G 4827 -29.96 41.27 54.31
C LEU G 4827 -28.80 41.43 53.34
N SER G 4828 -28.26 40.32 52.84
CA SER G 4828 -27.18 40.39 51.87
C SER G 4828 -27.65 41.03 50.57
N SER G 4829 -28.92 40.84 50.22
CA SER G 4829 -29.46 41.53 49.06
C SER G 4829 -29.34 43.05 49.23
N VAL G 4830 -29.65 43.54 50.44
CA VAL G 4830 -29.52 44.97 50.71
C VAL G 4830 -28.05 45.38 50.70
N THR G 4831 -27.19 44.60 51.36
CA THR G 4831 -25.79 44.98 51.51
C THR G 4831 -25.08 45.00 50.17
N HIS G 4832 -25.50 44.14 49.24
CA HIS G 4832 -24.88 44.03 47.93
C HIS G 4832 -24.68 45.38 47.25
N ASN G 4833 -25.72 46.20 47.23
CA ASN G 4833 -25.65 47.54 46.64
C ASN G 4833 -25.72 48.63 47.72
N GLY G 4834 -25.14 48.36 48.89
CA GLY G 4834 -25.24 49.30 49.99
C GLY G 4834 -24.54 50.62 49.72
N LYS G 4835 -23.35 50.56 49.10
CA LYS G 4835 -22.64 51.79 48.77
C LYS G 4835 -23.45 52.63 47.80
N GLN G 4836 -24.05 51.96 46.79
CA GLN G 4836 -24.90 52.67 45.84
C GLN G 4836 -26.08 53.33 46.55
N LEU G 4837 -26.70 52.61 47.49
CA LEU G 4837 -27.82 53.18 48.24
C LEU G 4837 -27.38 54.39 49.06
N VAL G 4838 -26.22 54.29 49.70
CA VAL G 4838 -25.72 55.42 50.49
C VAL G 4838 -25.51 56.63 49.60
N MET G 4839 -24.99 56.42 48.42
CA MET G 4839 -24.73 57.58 47.55
C MET G 4839 -26.02 58.11 46.97
N THR G 4840 -27.00 57.25 46.76
CA THR G 4840 -28.33 57.72 46.39
C THR G 4840 -28.90 58.63 47.46
N VAL G 4841 -28.69 58.27 48.73
CA VAL G 4841 -29.15 59.10 49.83
C VAL G 4841 -28.43 60.45 49.81
N GLY G 4842 -27.12 60.43 49.58
CA GLY G 4842 -26.38 61.69 49.50
C GLY G 4842 -26.88 62.58 48.37
N LEU G 4843 -27.16 61.98 47.21
CA LEU G 4843 -27.71 62.75 46.09
C LEU G 4843 -29.07 63.32 46.45
N LEU G 4844 -29.90 62.54 47.14
CA LEU G 4844 -31.19 63.03 47.62
C LEU G 4844 -30.99 64.25 48.51
N ALA G 4845 -30.03 64.18 49.42
CA ALA G 4845 -29.74 65.31 50.29
C ALA G 4845 -29.33 66.53 49.49
N VAL G 4846 -28.51 66.35 48.45
CA VAL G 4846 -28.09 67.47 47.63
C VAL G 4846 -29.28 68.11 46.93
N VAL G 4847 -30.15 67.28 46.35
CA VAL G 4847 -31.33 67.81 45.66
C VAL G 4847 -32.21 68.58 46.62
N VAL G 4848 -32.42 68.04 47.82
CA VAL G 4848 -33.24 68.74 48.80
C VAL G 4848 -32.57 70.03 49.23
N TYR G 4849 -31.24 70.05 49.29
CA TYR G 4849 -30.54 71.28 49.62
C TYR G 4849 -30.77 72.35 48.56
N LEU G 4850 -30.74 71.96 47.29
CA LEU G 4850 -31.01 72.92 46.22
C LEU G 4850 -32.44 73.46 46.32
N TYR G 4851 -33.40 72.56 46.56
CA TYR G 4851 -34.79 73.00 46.74
C TYR G 4851 -34.91 73.93 47.94
N THR G 4852 -34.18 73.65 49.02
CA THR G 4852 -34.18 74.51 50.19
C THR G 4852 -33.61 75.88 49.86
N VAL G 4853 -32.55 75.93 49.07
CA VAL G 4853 -31.98 77.21 48.67
C VAL G 4853 -33.01 78.01 47.89
N VAL G 4854 -33.70 77.36 46.95
CA VAL G 4854 -34.72 78.05 46.17
C VAL G 4854 -35.81 78.58 47.07
N ALA G 4855 -36.27 77.77 48.01
CA ALA G 4855 -37.35 78.20 48.90
C ALA G 4855 -36.91 79.36 49.78
N PHE G 4856 -35.69 79.29 50.31
CA PHE G 4856 -35.16 80.36 51.14
C PHE G 4856 -35.05 81.67 50.36
N ASN G 4857 -34.66 81.61 49.10
CA ASN G 4857 -34.64 82.80 48.25
C ASN G 4857 -36.04 83.34 47.94
N PHE G 4858 -36.96 82.48 47.49
CA PHE G 4858 -38.17 82.97 46.83
C PHE G 4858 -39.48 82.59 47.53
N PHE G 4859 -39.48 81.58 48.41
CA PHE G 4859 -40.75 81.02 48.86
C PHE G 4859 -40.83 80.94 50.38
N ARG G 4860 -40.25 81.90 51.09
CA ARG G 4860 -40.28 81.86 52.56
C ARG G 4860 -41.71 82.07 53.08
N LYS G 4861 -42.47 82.94 52.42
CA LYS G 4861 -43.81 83.28 52.90
C LYS G 4861 -44.68 82.05 53.11
N PHE G 4862 -44.47 81.01 52.31
CA PHE G 4862 -45.33 79.83 52.31
C PHE G 4862 -44.98 78.84 53.41
N TYR G 4863 -43.93 79.10 54.19
CA TYR G 4863 -43.43 78.10 55.12
C TYR G 4863 -43.78 78.43 56.56
N ASN G 4864 -44.97 78.97 56.78
CA ASN G 4864 -45.49 79.19 58.13
C ASN G 4864 -46.36 78.00 58.52
N LYS G 4865 -46.02 77.37 59.65
CA LYS G 4865 -46.78 76.24 60.16
C LYS G 4865 -47.51 76.56 61.45
N SER G 4866 -47.85 77.83 61.66
CA SER G 4866 -48.59 78.28 62.82
C SER G 4866 -49.96 78.76 62.40
N GLU G 4867 -51.01 78.20 63.01
CA GLU G 4867 -52.36 78.65 62.73
C GLU G 4867 -52.62 80.02 63.37
N ASP G 4868 -51.99 80.28 64.51
CA ASP G 4868 -52.17 81.54 65.22
C ASP G 4868 -51.38 82.65 64.54
N GLU G 4869 -52.09 83.67 64.05
CA GLU G 4869 -51.41 84.78 63.38
C GLU G 4869 -50.46 85.50 64.33
N ASP G 4870 -50.76 85.48 65.63
CA ASP G 4870 -49.97 86.23 66.59
C ASP G 4870 -48.58 85.64 66.76
N GLU G 4871 -48.46 84.32 66.76
CA GLU G 4871 -47.18 83.62 66.89
C GLU G 4871 -46.93 82.79 65.63
N PRO G 4872 -46.24 83.35 64.64
CA PRO G 4872 -45.89 82.56 63.46
C PRO G 4872 -44.74 81.59 63.74
N ASP G 4873 -44.78 80.45 63.08
CA ASP G 4873 -43.71 79.46 63.12
C ASP G 4873 -43.22 79.25 61.69
N MET G 4874 -42.17 79.97 61.33
CA MET G 4874 -41.68 80.01 59.95
C MET G 4874 -40.50 79.05 59.85
N LYS G 4875 -40.61 78.09 58.93
CA LYS G 4875 -39.64 77.01 58.82
C LYS G 4875 -38.59 77.25 57.75
N CYS G 4876 -38.58 78.43 57.13
CA CYS G 4876 -37.57 78.70 56.10
C CYS G 4876 -36.99 80.10 56.23
N ASP G 4877 -37.11 80.75 57.39
CA ASP G 4877 -36.41 82.01 57.62
C ASP G 4877 -34.92 81.76 57.87
N ASP G 4878 -34.56 80.54 58.26
CA ASP G 4878 -33.18 80.11 58.37
C ASP G 4878 -32.94 78.92 57.46
N MET G 4879 -31.79 78.92 56.79
CA MET G 4879 -31.51 77.87 55.81
C MET G 4879 -31.44 76.49 56.46
N MET G 4880 -30.84 76.41 57.65
CA MET G 4880 -30.73 75.13 58.33
C MET G 4880 -32.11 74.58 58.69
N THR G 4881 -32.98 75.45 59.23
CA THR G 4881 -34.33 75.04 59.56
C THR G 4881 -35.09 74.62 58.31
N CYS G 4882 -34.90 75.36 57.21
CA CYS G 4882 -35.58 75.02 55.96
C CYS G 4882 -35.13 73.66 55.45
N TYR G 4883 -33.82 73.39 55.53
CA TYR G 4883 -33.28 72.10 55.09
C TYR G 4883 -33.81 70.96 55.95
N LEU G 4884 -33.81 71.15 57.27
CA LEU G 4884 -34.36 70.14 58.17
C LEU G 4884 -35.82 69.90 57.87
N PHE G 4885 -36.59 70.98 57.69
CA PHE G 4885 -38.00 70.86 57.35
C PHE G 4885 -38.19 70.04 56.09
N HIS G 4886 -37.48 70.39 55.03
CA HIS G 4886 -37.61 69.63 53.79
C HIS G 4886 -37.29 68.16 54.02
N MET G 4887 -36.05 67.87 54.43
CA MET G 4887 -35.61 66.48 54.54
C MET G 4887 -36.50 65.67 55.48
N TYR G 4888 -37.13 66.33 56.45
CA TYR G 4888 -37.92 65.63 57.44
C TYR G 4888 -39.35 65.39 56.98
N VAL G 4889 -40.04 66.43 56.52
CA VAL G 4889 -41.47 66.30 56.24
C VAL G 4889 -41.71 66.01 54.75
N GLY G 4890 -41.01 66.72 53.86
CA GLY G 4890 -41.32 66.60 52.45
C GLY G 4890 -41.01 65.22 51.90
N VAL G 4891 -39.85 64.68 52.26
CA VAL G 4891 -39.47 63.34 51.83
C VAL G 4891 -40.48 62.33 52.36
N ARG G 4892 -40.92 62.50 53.60
CA ARG G 4892 -41.84 61.55 54.20
C ARG G 4892 -43.24 61.68 53.61
N ALA G 4893 -43.55 62.84 53.05
CA ALA G 4893 -44.88 63.08 52.50
C ALA G 4893 -45.03 62.39 51.14
N GLY G 4894 -46.26 61.99 50.83
CA GLY G 4894 -46.51 61.34 49.56
C GLY G 4894 -46.43 62.29 48.38
N GLY G 4895 -47.08 63.45 48.50
CA GLY G 4895 -47.04 64.47 47.47
C GLY G 4895 -45.89 65.44 47.61
N GLY G 4896 -45.00 65.22 48.56
CA GLY G 4896 -43.87 66.10 48.74
C GLY G 4896 -44.18 67.27 49.67
N ILE G 4897 -43.31 68.29 49.57
CA ILE G 4897 -43.38 69.43 50.47
C ILE G 4897 -44.66 70.23 50.23
N GLY G 4898 -45.11 70.26 48.98
CA GLY G 4898 -46.35 70.97 48.66
C GLY G 4898 -47.53 70.49 49.50
N ASP G 4899 -47.50 69.23 49.91
CA ASP G 4899 -48.53 68.73 50.81
C ASP G 4899 -48.49 69.44 52.15
N GLU G 4900 -47.31 69.87 52.59
CA GLU G 4900 -47.12 70.39 53.94
C GLU G 4900 -46.98 71.90 53.99
N ILE G 4901 -46.92 72.59 52.85
CA ILE G 4901 -46.78 74.05 52.84
C ILE G 4901 -48.02 74.69 52.22
N GLU G 4902 -48.14 76.01 52.43
CA GLU G 4902 -49.38 76.74 52.21
C GLU G 4902 -49.68 76.91 50.73
N ASP G 4903 -50.96 76.76 50.38
CA ASP G 4903 -51.36 76.75 48.98
C ASP G 4903 -50.97 78.05 48.30
N PRO G 4904 -50.52 78.01 47.04
CA PRO G 4904 -50.14 79.25 46.34
C PRO G 4904 -51.23 79.87 45.48
N ALA G 4905 -52.46 79.37 45.52
CA ALA G 4905 -53.50 79.87 44.64
C ALA G 4905 -53.68 81.37 44.82
N GLY G 4906 -53.84 82.08 43.70
CA GLY G 4906 -53.96 83.52 43.74
C GLY G 4906 -52.70 84.22 44.21
N ASP G 4907 -51.54 83.73 43.79
CA ASP G 4907 -50.26 84.33 44.14
C ASP G 4907 -49.45 84.52 42.87
N GLU G 4908 -48.61 85.57 42.88
CA GLU G 4908 -47.82 85.90 41.71
C GLU G 4908 -46.80 84.82 41.35
N TYR G 4909 -46.45 83.96 42.30
CA TYR G 4909 -45.49 82.89 42.07
C TYR G 4909 -46.15 81.51 42.02
N GLU G 4910 -47.45 81.46 41.71
CA GLU G 4910 -48.19 80.21 41.77
C GLU G 4910 -47.58 79.17 40.84
N LEU G 4911 -47.27 79.56 39.60
CA LEU G 4911 -46.77 78.60 38.63
C LEU G 4911 -45.34 78.17 38.98
N TYR G 4912 -44.53 79.12 39.44
CA TYR G 4912 -43.20 78.76 39.91
C TYR G 4912 -43.28 77.71 41.00
N ARG G 4913 -44.22 77.87 41.93
CA ARG G 4913 -44.32 76.92 43.02
C ARG G 4913 -44.91 75.59 42.59
N VAL G 4914 -45.85 75.60 41.64
CA VAL G 4914 -46.37 74.31 41.19
C VAL G 4914 -45.27 73.51 40.50
N VAL G 4915 -44.44 74.19 39.69
CA VAL G 4915 -43.28 73.52 39.12
C VAL G 4915 -42.37 73.01 40.23
N PHE G 4916 -42.11 73.85 41.23
CA PHE G 4916 -41.27 73.47 42.37
C PHE G 4916 -41.77 72.19 43.02
N ASP G 4917 -43.06 72.16 43.37
CA ASP G 4917 -43.64 71.02 44.08
C ASP G 4917 -43.65 69.78 43.21
N ILE G 4918 -44.07 69.90 41.95
CA ILE G 4918 -44.18 68.73 41.10
C ILE G 4918 -42.82 68.13 40.81
N THR G 4919 -41.81 68.99 40.60
CA THR G 4919 -40.46 68.49 40.35
C THR G 4919 -39.90 67.82 41.60
N PHE G 4920 -40.12 68.43 42.77
CA PHE G 4920 -39.72 67.77 44.00
C PHE G 4920 -40.37 66.40 44.09
N PHE G 4921 -41.67 66.33 43.82
CA PHE G 4921 -42.41 65.07 43.91
C PHE G 4921 -41.83 64.01 42.97
N PHE G 4922 -41.65 64.36 41.69
CA PHE G 4922 -41.17 63.34 40.75
C PHE G 4922 -39.74 62.94 41.08
N PHE G 4923 -38.82 63.90 41.10
CA PHE G 4923 -37.42 63.55 41.31
C PHE G 4923 -37.23 62.82 42.63
N VAL G 4924 -37.57 63.47 43.73
CA VAL G 4924 -37.28 62.93 45.06
C VAL G 4924 -38.15 61.72 45.35
N ILE G 4925 -39.47 61.91 45.36
CA ILE G 4925 -40.36 60.88 45.88
C ILE G 4925 -40.40 59.68 44.94
N VAL G 4926 -40.52 59.92 43.64
CA VAL G 4926 -40.73 58.84 42.69
C VAL G 4926 -39.40 58.18 42.31
N ILE G 4927 -38.47 58.96 41.77
CA ILE G 4927 -37.34 58.38 41.07
C ILE G 4927 -36.33 57.78 42.03
N LEU G 4928 -35.83 58.58 42.97
CA LEU G 4928 -34.77 58.09 43.86
C LEU G 4928 -35.24 56.90 44.68
N LEU G 4929 -36.43 57.00 45.26
CA LEU G 4929 -36.99 55.85 45.95
C LEU G 4929 -37.11 54.67 45.00
N ALA G 4930 -37.65 54.90 43.80
CA ALA G 4930 -37.69 53.85 42.79
C ALA G 4930 -36.31 53.26 42.58
N ILE G 4931 -35.27 54.10 42.60
CA ILE G 4931 -33.91 53.59 42.45
C ILE G 4931 -33.56 52.64 43.59
N ILE G 4932 -34.03 52.93 44.80
CA ILE G 4932 -33.73 52.06 45.94
C ILE G 4932 -34.37 50.69 45.76
N GLN G 4933 -35.67 50.66 45.47
CA GLN G 4933 -36.34 49.40 45.16
C GLN G 4933 -35.66 48.66 44.02
N GLY G 4934 -35.25 49.38 42.97
CA GLY G 4934 -34.61 48.72 41.86
C GLY G 4934 -33.28 48.12 42.25
N LEU G 4935 -32.54 48.80 43.12
CA LEU G 4935 -31.29 48.26 43.62
C LEU G 4935 -31.54 46.96 44.38
N ILE G 4936 -32.55 46.95 45.25
CA ILE G 4936 -32.85 45.73 46.02
C ILE G 4936 -33.25 44.59 45.08
N ILE G 4937 -34.09 44.90 44.10
CA ILE G 4937 -34.57 43.88 43.17
C ILE G 4937 -33.41 43.32 42.36
N ASP G 4938 -32.52 44.20 41.89
CA ASP G 4938 -31.35 43.77 41.14
C ASP G 4938 -30.44 42.91 42.01
N ALA G 4939 -30.35 43.24 43.29
CA ALA G 4939 -29.56 42.40 44.20
C ALA G 4939 -30.16 41.00 44.31
N PHE G 4940 -31.47 40.91 44.45
CA PHE G 4940 -32.10 39.59 44.45
C PHE G 4940 -31.75 38.81 43.19
N GLY G 4941 -31.94 39.44 42.02
CA GLY G 4941 -31.64 38.76 40.77
C GLY G 4941 -30.19 38.34 40.67
N GLU G 4942 -29.28 39.19 41.15
CA GLU G 4942 -27.86 38.91 41.06
C GLU G 4942 -27.49 37.72 41.94
N LEU G 4943 -28.01 37.67 43.16
CA LEU G 4943 -27.73 36.51 43.99
C LEU G 4943 -28.31 35.24 43.36
N ARG G 4944 -29.52 35.33 42.83
CA ARG G 4944 -30.16 34.16 42.23
C ARG G 4944 -29.35 33.64 41.04
N ASP G 4945 -28.90 34.54 40.15
CA ASP G 4945 -28.20 34.05 38.98
C ASP G 4945 -26.80 33.58 39.35
N GLN G 4946 -26.23 34.10 40.44
CA GLN G 4946 -25.00 33.51 40.95
C GLN G 4946 -25.20 32.05 41.35
N GLN G 4947 -26.22 31.79 42.17
CA GLN G 4947 -26.45 30.40 42.59
C GLN G 4947 -26.74 29.52 41.38
N GLU G 4948 -27.57 30.01 40.46
CA GLU G 4948 -27.88 29.24 39.26
C GLU G 4948 -26.62 28.94 38.47
N GLN G 4949 -25.74 29.92 38.32
CA GLN G 4949 -24.53 29.72 37.54
C GLN G 4949 -23.62 28.69 38.19
N VAL G 4950 -23.49 28.74 39.51
CA VAL G 4950 -22.66 27.73 40.20
C VAL G 4950 -23.23 26.34 39.97
N LYS G 4951 -24.54 26.18 40.21
CA LYS G 4951 -25.18 24.89 39.97
C LYS G 4951 -24.90 24.40 38.56
N GLU G 4952 -25.06 25.30 37.58
CA GLU G 4952 -25.08 24.90 36.19
C GLU G 4952 -23.67 24.60 35.69
N ASP G 4953 -22.67 25.34 36.19
CA ASP G 4953 -21.29 24.97 35.92
C ASP G 4953 -20.96 23.61 36.51
N MET G 4954 -21.34 23.36 37.75
CA MET G 4954 -20.99 22.09 38.37
C MET G 4954 -21.68 20.93 37.66
N GLU G 4955 -22.88 21.16 37.16
CA GLU G 4955 -23.59 20.10 36.44
C GLU G 4955 -23.10 19.92 35.00
N THR G 4956 -22.41 20.92 34.44
CA THR G 4956 -22.00 20.84 33.05
C THR G 4956 -20.50 20.60 32.85
N LYS G 4957 -19.67 20.79 33.86
CA LYS G 4957 -18.23 20.70 33.72
C LYS G 4957 -17.65 19.90 34.88
N CYS G 4958 -16.50 19.28 34.63
CA CYS G 4958 -15.74 18.67 35.71
C CYS G 4958 -14.93 19.75 36.41
N PHE G 4959 -15.07 19.81 37.73
CA PHE G 4959 -14.37 20.81 38.51
C PHE G 4959 -12.86 20.69 38.34
N ILE G 4960 -12.37 19.52 37.94
CA ILE G 4960 -10.95 19.28 37.81
C ILE G 4960 -10.45 19.55 36.40
N CYS G 4961 -10.94 18.79 35.41
CA CYS G 4961 -10.39 18.92 34.07
C CYS G 4961 -11.04 20.05 33.29
N GLY G 4962 -12.27 20.41 33.63
CA GLY G 4962 -12.99 21.44 32.91
C GLY G 4962 -13.69 20.97 31.66
N ILE G 4963 -13.57 19.68 31.32
CA ILE G 4963 -14.26 19.15 30.15
C ILE G 4963 -15.76 19.13 30.41
N GLY G 4964 -16.54 19.31 29.34
CA GLY G 4964 -17.97 19.42 29.46
C GLY G 4964 -18.66 18.08 29.60
N SER G 4965 -19.91 18.15 30.05
CA SER G 4965 -20.70 16.94 30.27
C SER G 4965 -21.02 16.23 28.95
N ASP G 4966 -20.99 16.96 27.83
CA ASP G 4966 -21.41 16.36 26.56
C ASP G 4966 -20.43 15.26 26.13
N TYR G 4967 -19.12 15.53 26.20
CA TYR G 4967 -18.14 14.52 25.83
C TYR G 4967 -18.35 13.25 26.63
N PHE G 4968 -18.51 13.38 27.94
CA PHE G 4968 -18.66 12.21 28.80
C PHE G 4968 -19.98 11.50 28.52
N ASP G 4969 -21.06 12.26 28.34
CA ASP G 4969 -22.36 11.67 28.08
C ASP G 4969 -22.45 11.03 26.71
N THR G 4970 -21.47 11.28 25.83
CA THR G 4970 -21.32 10.43 24.66
C THR G 4970 -21.41 8.96 25.06
N THR G 4971 -20.73 8.58 26.14
CA THR G 4971 -20.97 7.33 26.82
C THR G 4971 -22.06 7.53 27.87
N PRO G 4972 -22.99 6.58 28.01
CA PRO G 4972 -24.06 6.75 28.99
C PRO G 4972 -23.52 6.95 30.40
N HIS G 4973 -24.13 7.87 31.14
CA HIS G 4973 -23.80 8.11 32.53
C HIS G 4973 -22.34 8.54 32.69
N GLY G 4974 -21.75 9.00 31.59
CA GLY G 4974 -20.32 9.26 31.57
C GLY G 4974 -19.91 10.35 32.54
N PHE G 4975 -20.66 11.45 32.59
CA PHE G 4975 -20.25 12.57 33.42
C PHE G 4975 -20.26 12.21 34.90
N GLU G 4976 -21.29 11.52 35.36
CA GLU G 4976 -21.34 11.18 36.79
C GLU G 4976 -20.35 10.06 37.11
N THR G 4977 -20.13 9.13 36.19
CA THR G 4977 -19.05 8.18 36.39
C THR G 4977 -17.71 8.90 36.52
N HIS G 4978 -17.50 9.91 35.68
CA HIS G 4978 -16.29 10.71 35.72
C HIS G 4978 -16.12 11.42 37.05
N THR G 4979 -17.19 12.02 37.55
CA THR G 4979 -17.13 12.84 38.76
C THR G 4979 -17.16 12.01 40.03
N LEU G 4980 -17.57 10.74 39.96
CA LEU G 4980 -17.57 9.87 41.13
C LEU G 4980 -16.36 8.94 41.20
N GLU G 4981 -15.79 8.59 40.04
CA GLU G 4981 -14.70 7.62 39.97
C GLU G 4981 -13.41 8.24 39.45
N GLU G 4982 -13.46 8.90 38.29
CA GLU G 4982 -12.24 9.34 37.63
C GLU G 4982 -11.69 10.60 38.28
N HIS G 4983 -12.51 11.64 38.41
CA HIS G 4983 -12.06 12.95 38.85
C HIS G 4983 -12.89 13.46 40.03
N ASN G 4984 -13.07 12.60 41.03
CA ASN G 4984 -13.70 13.07 42.27
C ASN G 4984 -12.68 13.84 43.10
N LEU G 4985 -13.04 15.08 43.45
CA LEU G 4985 -12.16 15.94 44.22
C LEU G 4985 -11.98 15.43 45.65
N ALA G 4986 -13.01 14.78 46.20
CA ALA G 4986 -12.86 14.14 47.50
C ALA G 4986 -11.76 13.09 47.46
N ASN G 4987 -11.65 12.37 46.34
CA ASN G 4987 -10.58 11.39 46.18
C ASN G 4987 -9.23 12.07 46.07
N TYR G 4988 -9.17 13.25 45.46
CA TYR G 4988 -7.91 13.98 45.39
C TYR G 4988 -7.45 14.39 46.79
N MET G 4989 -8.39 14.82 47.63
CA MET G 4989 -8.02 15.12 49.01
C MET G 4989 -7.62 13.86 49.77
N PHE G 4990 -8.38 12.77 49.58
CA PHE G 4990 -8.03 11.51 50.21
C PHE G 4990 -6.61 11.09 49.84
N PHE G 4991 -6.23 11.34 48.59
CA PHE G 4991 -4.89 10.97 48.14
C PHE G 4991 -3.83 11.77 48.88
N LEU G 4992 -4.08 13.07 49.11
CA LEU G 4992 -3.11 13.87 49.84
C LEU G 4992 -2.98 13.39 51.28
N MET G 4993 -4.11 13.07 51.92
CA MET G 4993 -4.03 12.53 53.28
C MET G 4993 -3.25 11.22 53.30
N TYR G 4994 -3.52 10.35 52.34
CA TYR G 4994 -2.82 9.07 52.26
C TYR G 4994 -1.32 9.27 52.04
N LEU G 4995 -0.96 10.23 51.19
CA LEU G 4995 0.43 10.55 50.95
C LEU G 4995 1.11 11.02 52.24
N ILE G 4996 0.43 11.91 52.97
CA ILE G 4996 1.02 12.46 54.19
C ILE G 4996 1.22 11.35 55.22
N ASN G 4997 0.23 10.49 55.39
CA ASN G 4997 0.31 9.45 56.42
C ASN G 4997 1.26 8.32 56.01
N LYS G 4998 1.53 8.17 54.72
CA LYS G 4998 2.41 7.13 54.24
C LYS G 4998 3.87 7.55 54.36
N ASP G 4999 4.73 6.58 54.66
CA ASP G 4999 6.17 6.83 54.72
C ASP G 4999 6.72 7.06 53.33
N GLU G 5000 7.77 7.88 53.25
CA GLU G 5000 8.31 8.25 51.94
C GLU G 5000 9.03 7.09 51.27
N THR G 5001 9.64 6.19 52.06
CA THR G 5001 10.32 5.04 51.46
C THR G 5001 9.34 4.12 50.75
N GLU G 5002 8.06 4.14 51.16
CA GLU G 5002 7.09 3.21 50.61
C GLU G 5002 6.32 3.82 49.43
N HIS G 5003 6.45 5.13 49.20
CA HIS G 5003 5.84 5.78 48.05
C HIS G 5003 6.26 5.12 46.74
N THR G 5004 5.28 4.96 45.83
CA THR G 5004 5.56 4.49 44.50
C THR G 5004 6.14 5.64 43.69
N GLY G 5005 6.45 5.36 42.41
CA GLY G 5005 6.92 6.43 41.55
C GLY G 5005 5.88 7.52 41.39
N GLN G 5006 4.62 7.13 41.20
CA GLN G 5006 3.54 8.09 41.05
C GLN G 5006 3.36 8.92 42.31
N GLU G 5007 3.31 8.26 43.46
CA GLU G 5007 3.13 8.95 44.73
C GLU G 5007 4.30 9.89 45.00
N SER G 5008 5.52 9.46 44.70
CA SER G 5008 6.68 10.32 44.87
C SER G 5008 6.62 11.53 43.95
N TYR G 5009 6.22 11.31 42.70
CA TYR G 5009 6.04 12.41 41.75
C TYR G 5009 5.09 13.45 42.30
N VAL G 5010 3.91 13.02 42.74
CA VAL G 5010 2.91 13.96 43.23
C VAL G 5010 3.35 14.59 44.53
N TRP G 5011 4.03 13.84 45.40
CA TRP G 5011 4.51 14.39 46.66
C TRP G 5011 5.55 15.48 46.44
N LYS G 5012 6.49 15.23 45.53
CA LYS G 5012 7.48 16.24 45.19
C LYS G 5012 6.82 17.47 44.58
N MET G 5013 5.82 17.28 43.72
CA MET G 5013 5.14 18.43 43.14
C MET G 5013 4.32 19.19 44.18
N TYR G 5014 3.78 18.50 45.18
CA TYR G 5014 3.14 19.18 46.30
C TYR G 5014 4.15 20.01 47.07
N GLN G 5015 5.32 19.44 47.35
CA GLN G 5015 6.35 20.18 48.07
C GLN G 5015 6.79 21.42 47.29
N GLU G 5016 6.93 21.28 45.97
CA GLU G 5016 7.33 22.41 45.14
C GLU G 5016 6.16 23.34 44.84
N ARG G 5017 4.95 22.93 45.22
CA ARG G 5017 3.74 23.71 44.98
C ARG G 5017 3.51 23.87 43.47
N CYS G 5018 3.72 22.79 42.73
CA CYS G 5018 3.40 22.72 41.31
C CYS G 5018 2.14 21.88 41.14
N TRP G 5019 1.18 22.42 40.39
CA TRP G 5019 -0.14 21.79 40.22
C TRP G 5019 -0.31 21.19 38.84
N ASP G 5020 0.80 20.88 38.17
CA ASP G 5020 0.72 20.36 36.81
C ASP G 5020 0.18 18.94 36.77
N PHE G 5021 0.26 18.22 37.90
CA PHE G 5021 -0.20 16.83 37.89
C PHE G 5021 -1.72 16.76 37.80
N PHE G 5022 -2.40 17.81 38.24
CA PHE G 5022 -3.85 17.87 38.07
C PHE G 5022 -4.19 17.86 36.58
N PRO G 5023 -5.01 16.94 36.11
CA PRO G 5023 -5.32 16.91 34.67
C PRO G 5023 -6.16 18.12 34.27
N ALA G 5024 -5.78 18.74 33.16
CA ALA G 5024 -6.47 19.91 32.64
C ALA G 5024 -6.67 19.73 31.13
N GLY G 5025 -7.93 19.76 30.70
CA GLY G 5025 -8.25 19.57 29.30
C GLY G 5025 -7.98 18.18 28.78
N ASP G 5026 -7.69 17.22 29.65
CA ASP G 5026 -7.36 15.86 29.24
C ASP G 5026 -7.95 14.89 30.24
N CYS G 5027 -8.15 13.65 29.80
CA CYS G 5027 -8.66 12.61 30.66
C CYS G 5027 -8.16 11.27 30.15
N PHE G 5028 -8.25 10.26 31.02
CA PHE G 5028 -7.87 8.90 30.64
C PHE G 5028 -8.67 8.43 29.44
N ARG G 5029 -9.98 8.69 29.45
CA ARG G 5029 -10.84 8.29 28.35
C ARG G 5029 -10.42 8.94 27.05
N LYS G 5030 -10.22 10.27 27.07
CA LYS G 5030 -9.87 10.99 25.86
C LYS G 5030 -8.50 10.55 25.35
N GLN G 5031 -7.56 10.32 26.26
CA GLN G 5031 -6.24 9.88 25.86
C GLN G 5031 -6.26 8.52 25.19
N TYR G 5032 -7.05 7.58 25.74
CA TYR G 5032 -7.16 6.24 25.20
C TYR G 5032 -8.48 6.04 24.45
N GLU G 5033 -8.96 7.08 23.79
CA GLU G 5033 -10.29 7.03 23.18
C GLU G 5033 -10.40 5.92 22.14
N ASP G 5034 -9.46 5.86 21.20
CA ASP G 5034 -9.55 4.86 20.14
C ASP G 5034 -9.43 3.46 20.68
N GLN G 5035 -8.48 3.22 21.60
CA GLN G 5035 -8.32 1.89 22.17
C GLN G 5035 -9.54 1.49 23.00
N LEU G 5036 -10.08 2.42 23.78
CA LEU G 5036 -11.25 2.11 24.61
C LEU G 5036 -12.46 1.79 23.75
N SER G 5037 -12.56 2.40 22.57
CA SER G 5037 -13.71 2.21 21.69
C SER G 5037 -13.39 1.27 20.54
N GLU H 10 -4.80 11.01 -24.45
CA GLU H 10 -4.51 12.19 -25.25
C GLU H 10 -3.74 11.80 -26.51
N VAL H 11 -3.87 12.61 -27.56
CA VAL H 11 -3.14 12.41 -28.81
C VAL H 11 -2.38 13.69 -29.13
N GLN H 12 -1.09 13.55 -29.42
CA GLN H 12 -0.25 14.71 -29.69
C GLN H 12 -0.72 15.43 -30.95
N PHE H 13 -0.78 16.76 -30.86
CA PHE H 13 -1.12 17.62 -31.98
C PHE H 13 0.07 18.51 -32.31
N LEU H 14 0.42 18.56 -33.60
CA LEU H 14 1.47 19.47 -34.03
C LEU H 14 0.98 20.90 -33.90
N ARG H 15 1.85 21.75 -33.34
CA ARG H 15 1.52 23.15 -33.12
C ARG H 15 2.73 24.02 -33.45
N THR H 16 2.48 25.31 -33.61
CA THR H 16 3.50 26.23 -34.09
C THR H 16 4.64 26.32 -33.09
N ASP H 17 5.83 26.65 -33.60
CA ASP H 17 7.08 26.77 -32.88
C ASP H 17 7.66 25.40 -32.56
N ASP H 18 6.98 24.31 -32.92
CA ASP H 18 7.54 22.98 -32.81
C ASP H 18 8.47 22.70 -33.98
N GLU H 19 9.50 21.93 -33.72
CA GLU H 19 10.49 21.57 -34.72
C GLU H 19 10.17 20.18 -35.26
N VAL H 20 10.25 20.02 -36.58
CA VAL H 20 9.83 18.79 -37.23
C VAL H 20 10.82 18.42 -38.33
N VAL H 21 10.73 17.16 -38.74
CA VAL H 21 11.41 16.66 -39.93
C VAL H 21 10.36 16.09 -40.86
N LEU H 22 10.51 16.36 -42.16
CA LEU H 22 9.62 15.83 -43.17
C LEU H 22 10.22 14.53 -43.71
N GLN H 23 9.45 13.45 -43.60
CA GLN H 23 9.94 12.10 -43.87
C GLN H 23 9.10 11.46 -44.95
N CYS H 24 9.78 10.79 -45.89
CA CYS H 24 9.13 10.08 -46.97
C CYS H 24 9.65 8.64 -47.02
N SER H 25 8.87 7.78 -47.66
CA SER H 25 9.17 6.35 -47.74
C SER H 25 9.33 5.94 -49.19
N ALA H 26 10.41 5.22 -49.47
CA ALA H 26 10.68 4.71 -50.82
C ALA H 26 11.03 3.24 -50.74
N THR H 27 10.49 2.45 -51.67
CA THR H 27 10.78 1.03 -51.74
C THR H 27 11.89 0.80 -52.75
N VAL H 28 13.04 0.32 -52.28
CA VAL H 28 14.21 0.09 -53.11
C VAL H 28 14.70 -1.32 -52.87
N LEU H 29 14.81 -2.11 -53.95
CA LEU H 29 15.24 -3.50 -53.85
C LEU H 29 14.37 -4.28 -52.87
N LYS H 30 13.11 -3.87 -52.77
CA LYS H 30 12.12 -4.52 -51.90
C LYS H 30 12.48 -4.41 -50.43
N GLU H 31 13.22 -3.35 -50.08
CA GLU H 31 13.42 -2.97 -48.68
C GLU H 31 12.97 -1.52 -48.52
N GLN H 32 12.10 -1.26 -47.57
CA GLN H 32 11.62 0.09 -47.33
C GLN H 32 12.75 0.96 -46.79
N LEU H 33 12.80 2.20 -47.25
CA LEU H 33 13.83 3.15 -46.87
C LEU H 33 13.15 4.47 -46.52
N LYS H 34 13.43 4.97 -45.33
CA LYS H 34 12.85 6.23 -44.87
C LYS H 34 13.87 7.34 -45.00
N LEU H 35 13.43 8.48 -45.53
CA LEU H 35 14.29 9.58 -45.89
C LEU H 35 13.75 10.85 -45.26
N CYS H 36 14.65 11.78 -44.95
CA CYS H 36 14.28 13.07 -44.40
C CYS H 36 14.74 14.18 -45.32
N LEU H 37 13.88 15.18 -45.48
CA LEU H 37 14.24 16.35 -46.28
C LEU H 37 15.37 17.11 -45.60
N ALA H 38 16.33 17.57 -46.38
CA ALA H 38 17.54 18.18 -45.83
C ALA H 38 18.02 19.30 -46.74
N ALA H 39 18.58 20.34 -46.14
CA ALA H 39 19.18 21.43 -46.90
C ALA H 39 20.28 22.06 -46.07
N GLU H 40 21.42 22.34 -46.71
CA GLU H 40 22.49 23.05 -46.02
C GLU H 40 22.20 24.54 -45.94
N GLY H 41 21.63 25.11 -47.00
CA GLY H 41 21.34 26.52 -47.04
C GLY H 41 22.51 27.32 -47.58
N PHE H 42 23.58 27.41 -46.80
CA PHE H 42 24.77 28.10 -47.25
C PHE H 42 25.51 27.23 -48.26
N GLY H 43 25.82 27.82 -49.42
CA GLY H 43 26.52 27.09 -50.46
C GLY H 43 25.58 26.42 -51.43
N ASN H 44 24.63 25.63 -50.89
CA ASN H 44 23.61 24.99 -51.69
C ASN H 44 22.25 25.25 -51.04
N ARG H 45 21.32 25.80 -51.82
CA ARG H 45 19.98 26.05 -51.33
C ARG H 45 19.04 24.88 -51.54
N LEU H 46 19.39 23.98 -52.45
CA LEU H 46 18.46 22.93 -52.84
C LEU H 46 18.31 21.88 -51.77
N CYS H 47 17.13 21.29 -51.72
CA CYS H 47 16.84 20.22 -50.78
C CYS H 47 17.20 18.86 -51.38
N PHE H 48 17.64 17.95 -50.52
CA PHE H 48 17.96 16.59 -50.87
C PHE H 48 17.40 15.69 -49.78
N LEU H 49 17.75 14.41 -49.84
CA LEU H 49 17.14 13.40 -48.98
C LEU H 49 18.23 12.65 -48.23
N GLU H 50 18.10 12.61 -46.90
CA GLU H 50 19.05 11.91 -46.05
C GLU H 50 18.39 10.67 -45.49
N PRO H 51 18.90 9.46 -45.77
CA PRO H 51 18.26 8.25 -45.24
C PRO H 51 18.47 8.11 -43.74
N THR H 52 17.43 7.64 -43.05
CA THR H 52 17.45 7.48 -41.60
C THR H 52 17.33 6.04 -41.16
N SER H 53 17.28 5.09 -42.09
CA SER H 53 17.02 3.70 -41.74
C SER H 53 18.27 3.01 -41.19
N ASN H 54 19.41 3.21 -41.85
CA ASN H 54 20.64 2.55 -41.43
C ASN H 54 21.21 3.17 -40.16
N ALA H 55 20.48 4.10 -39.55
CA ALA H 55 20.95 4.87 -38.40
C ALA H 55 21.75 4.03 -37.41
N GLN H 56 21.26 2.83 -37.09
CA GLN H 56 21.97 1.97 -36.13
C GLN H 56 23.41 1.73 -36.57
N ASN H 57 23.66 1.72 -37.88
CA ASN H 57 24.99 1.47 -38.40
C ASN H 57 25.68 2.73 -38.92
N VAL H 58 24.91 3.77 -39.24
CA VAL H 58 25.47 5.02 -39.73
C VAL H 58 24.62 6.18 -39.25
N PRO H 59 25.12 7.05 -38.37
CA PRO H 59 24.30 8.16 -37.89
C PRO H 59 23.91 9.09 -39.02
N PRO H 60 22.67 9.58 -39.03
CA PRO H 60 22.27 10.56 -40.05
C PRO H 60 22.50 11.98 -39.59
N ASP H 61 22.43 12.90 -40.56
CA ASP H 61 22.64 14.34 -40.31
C ASP H 61 21.28 15.01 -40.16
N LEU H 62 20.80 15.06 -38.91
CA LEU H 62 19.46 15.55 -38.65
C LEU H 62 19.42 17.07 -38.54
N ALA H 63 20.53 17.68 -38.13
CA ALA H 63 20.53 19.12 -37.85
C ALA H 63 20.04 19.91 -39.06
N ILE H 64 20.53 19.56 -40.25
CA ILE H 64 20.07 20.22 -41.48
C ILE H 64 18.77 19.63 -42.01
N CYS H 65 18.24 18.59 -41.37
CA CYS H 65 16.96 18.02 -41.74
C CYS H 65 15.82 18.57 -40.88
N CYS H 66 16.14 19.31 -39.83
CA CYS H 66 15.14 19.82 -38.89
C CYS H 66 14.59 21.15 -39.38
N PHE H 67 13.26 21.30 -39.29
CA PHE H 67 12.58 22.54 -39.63
C PHE H 67 11.67 22.95 -38.48
N THR H 68 11.51 24.26 -38.31
CA THR H 68 10.62 24.82 -37.30
C THR H 68 9.43 25.49 -37.99
N LEU H 69 8.24 25.25 -37.45
CA LEU H 69 7.03 25.89 -37.94
C LEU H 69 6.87 27.25 -37.26
N GLU H 70 6.79 28.32 -38.07
CA GLU H 70 6.46 29.64 -37.53
C GLU H 70 4.95 29.86 -37.47
N GLN H 71 4.29 29.84 -38.62
CA GLN H 71 2.90 30.24 -38.73
C GLN H 71 2.12 29.16 -39.46
N SER H 72 0.86 29.01 -39.08
CA SER H 72 -0.08 28.15 -39.80
C SER H 72 -1.38 28.93 -39.94
N LEU H 73 -1.64 29.44 -41.14
CA LEU H 73 -2.74 30.35 -41.38
C LEU H 73 -3.66 29.80 -42.45
N SER H 74 -4.88 30.34 -42.47
CA SER H 74 -5.80 30.05 -43.55
C SER H 74 -5.39 30.81 -44.80
N VAL H 75 -5.93 30.36 -45.94
CA VAL H 75 -5.59 30.98 -47.22
C VAL H 75 -5.97 32.45 -47.21
N ARG H 76 -7.12 32.78 -46.64
CA ARG H 76 -7.58 34.16 -46.63
C ARG H 76 -6.67 35.04 -45.78
N ALA H 77 -6.28 34.54 -44.61
CA ALA H 77 -5.36 35.29 -43.76
C ALA H 77 -4.02 35.49 -44.47
N LEU H 78 -3.55 34.46 -45.17
CA LEU H 78 -2.31 34.58 -45.93
C LEU H 78 -2.46 35.64 -47.02
N GLN H 79 -3.60 35.67 -47.71
CA GLN H 79 -3.82 36.65 -48.76
C GLN H 79 -3.78 38.06 -48.19
N GLU H 80 -4.46 38.29 -47.07
CA GLU H 80 -4.44 39.60 -46.45
C GLU H 80 -3.03 39.97 -46.00
N MET H 81 -2.30 39.01 -45.44
CA MET H 81 -0.93 39.26 -45.01
C MET H 81 -0.07 39.72 -46.18
N LEU H 82 -0.13 38.99 -47.29
CA LEU H 82 0.65 39.37 -48.47
C LEU H 82 0.22 40.72 -49.00
N ALA H 83 -1.08 41.00 -49.00
CA ALA H 83 -1.57 42.29 -49.45
C ALA H 83 -1.01 43.42 -48.58
N ASN H 84 -0.87 43.17 -47.28
CA ASN H 84 -0.32 44.16 -46.36
C ASN H 84 1.18 43.97 -46.19
N HIS H 98 0.99 29.82 -29.07
CA HIS H 98 1.10 28.64 -29.92
C HIS H 98 -0.23 28.30 -30.56
N ARG H 99 -0.21 27.93 -31.84
CA ARG H 99 -1.41 27.69 -32.62
C ARG H 99 -1.35 26.28 -33.19
N THR H 100 -2.42 25.52 -32.99
CA THR H 100 -2.46 24.14 -33.43
C THR H 100 -2.64 24.09 -34.94
N LEU H 101 -2.05 23.06 -35.56
CA LEU H 101 -2.14 22.93 -37.01
C LEU H 101 -3.48 22.29 -37.40
N LEU H 102 -4.01 22.75 -38.54
CA LEU H 102 -5.26 22.26 -39.09
C LEU H 102 -5.10 22.01 -40.58
N TYR H 103 -5.73 20.94 -41.06
CA TYR H 103 -5.69 20.63 -42.48
C TYR H 103 -6.34 21.74 -43.28
N GLY H 104 -5.70 22.09 -44.40
CA GLY H 104 -6.13 23.17 -45.24
C GLY H 104 -5.43 24.49 -44.99
N HIS H 105 -4.70 24.61 -43.87
CA HIS H 105 -3.99 25.85 -43.60
C HIS H 105 -2.64 25.89 -44.32
N ALA H 106 -2.06 27.07 -44.32
CA ALA H 106 -0.78 27.33 -44.97
C ALA H 106 0.28 27.56 -43.90
N ILE H 107 1.40 26.85 -44.01
CA ILE H 107 2.43 26.84 -42.97
C ILE H 107 3.73 27.42 -43.51
N LEU H 108 4.52 27.98 -42.61
CA LEU H 108 5.82 28.53 -42.93
C LEU H 108 6.89 27.76 -42.17
N LEU H 109 7.91 27.30 -42.89
CA LEU H 109 8.90 26.36 -42.37
C LEU H 109 10.29 26.95 -42.50
N ARG H 110 10.99 27.04 -41.37
CA ARG H 110 12.34 27.58 -41.29
C ARG H 110 13.33 26.43 -41.15
N HIS H 111 14.41 26.49 -41.91
CA HIS H 111 15.58 25.67 -41.62
C HIS H 111 16.24 26.18 -40.35
N ALA H 112 16.35 25.30 -39.35
CA ALA H 112 16.83 25.74 -38.05
C ALA H 112 18.27 26.23 -38.13
N HIS H 113 19.13 25.54 -38.89
CA HIS H 113 20.53 25.90 -38.93
C HIS H 113 20.75 27.20 -39.72
N SER H 114 20.18 27.30 -40.91
CA SER H 114 20.43 28.42 -41.80
C SER H 114 19.42 29.55 -41.63
N ARG H 115 18.31 29.30 -40.94
CA ARG H 115 17.29 30.31 -40.75
C ARG H 115 16.80 30.87 -42.09
N MET H 116 16.69 29.99 -43.07
CA MET H 116 16.07 30.28 -44.35
C MET H 116 14.70 29.61 -44.38
N TYR H 117 13.92 29.89 -45.41
CA TYR H 117 12.56 29.36 -45.50
C TYR H 117 12.44 28.36 -46.65
N LEU H 118 11.78 27.25 -46.37
CA LEU H 118 11.53 26.28 -47.42
C LEU H 118 10.61 26.88 -48.48
N SER H 119 10.94 26.66 -49.75
CA SER H 119 10.27 27.36 -50.83
C SER H 119 10.25 26.50 -52.08
N CYS H 120 9.31 26.81 -52.97
CA CYS H 120 9.26 26.24 -54.31
C CYS H 120 9.92 27.23 -55.26
N LEU H 121 11.01 26.82 -55.89
CA LEU H 121 11.80 27.71 -56.72
C LEU H 121 11.32 27.69 -58.17
N THR H 122 11.60 28.76 -58.88
CA THR H 122 11.26 28.86 -60.29
C THR H 122 12.18 28.03 -61.17
N THR H 123 13.34 27.62 -60.66
CA THR H 123 14.29 26.86 -61.44
C THR H 123 13.87 25.39 -61.54
N SER H 124 14.26 24.76 -62.65
CA SER H 124 14.07 23.34 -62.84
C SER H 124 15.33 22.74 -63.46
N ARG H 125 15.80 21.64 -62.87
CA ARG H 125 16.89 20.88 -63.45
C ARG H 125 16.42 19.54 -63.97
N SER H 126 15.29 19.04 -63.50
CA SER H 126 14.91 17.67 -63.74
C SER H 126 14.82 17.40 -65.23
N MET H 127 15.75 16.60 -65.73
CA MET H 127 15.71 16.19 -67.13
C MET H 127 14.45 15.37 -67.40
N THR H 128 14.02 14.58 -66.41
CA THR H 128 12.86 13.71 -66.56
C THR H 128 11.56 14.50 -66.65
N ASP H 129 11.25 15.29 -65.63
CA ASP H 129 10.01 16.03 -65.57
C ASP H 129 10.22 17.46 -66.06
N LYS H 130 9.49 17.83 -67.11
CA LYS H 130 9.59 19.19 -67.65
C LYS H 130 8.90 20.19 -66.74
N LEU H 131 7.71 19.84 -66.24
CA LEU H 131 6.88 20.77 -65.50
C LEU H 131 7.32 20.96 -64.06
N ALA H 132 8.23 20.14 -63.57
CA ALA H 132 8.60 20.19 -62.16
C ALA H 132 9.46 21.41 -61.87
N PHE H 133 9.48 21.78 -60.60
CA PHE H 133 10.30 22.86 -60.08
C PHE H 133 11.25 22.32 -59.02
N ASP H 134 12.31 23.06 -58.77
CA ASP H 134 13.24 22.72 -57.71
C ASP H 134 12.71 23.20 -56.37
N VAL H 135 12.93 22.38 -55.34
CA VAL H 135 12.56 22.72 -53.97
C VAL H 135 13.84 23.05 -53.21
N GLY H 136 13.83 24.16 -52.51
CA GLY H 136 15.02 24.62 -51.83
C GLY H 136 14.68 25.66 -50.79
N LEU H 137 15.72 26.36 -50.34
CA LEU H 137 15.58 27.32 -49.26
C LEU H 137 15.57 28.75 -49.79
N GLN H 138 14.90 29.63 -49.05
CA GLN H 138 14.75 31.03 -49.42
C GLN H 138 15.17 31.90 -48.24
N GLU H 139 15.89 32.97 -48.53
CA GLU H 139 16.43 33.81 -47.47
C GLU H 139 15.33 34.44 -46.62
N ASP H 140 14.30 34.97 -47.26
CA ASP H 140 13.23 35.69 -46.59
C ASP H 140 11.92 34.93 -46.73
N ALA H 141 10.98 35.27 -45.85
CA ALA H 141 9.64 34.69 -45.86
C ALA H 141 8.69 35.48 -46.75
N THR H 142 9.18 36.48 -47.45
CA THR H 142 8.32 37.29 -48.29
C THR H 142 7.86 36.50 -49.51
N GLY H 143 6.58 36.62 -49.83
CA GLY H 143 6.02 35.99 -51.01
C GLY H 143 5.30 34.68 -50.71
N GLU H 144 4.76 34.10 -51.78
CA GLU H 144 3.94 32.91 -51.67
C GLU H 144 4.76 31.62 -51.72
N ALA H 145 5.94 31.67 -52.33
CA ALA H 145 6.72 30.45 -52.54
C ALA H 145 7.00 29.72 -51.23
N CYS H 146 7.25 30.47 -50.16
CA CYS H 146 7.67 29.85 -48.91
C CYS H 146 6.50 29.13 -48.23
N TRP H 147 5.28 29.49 -48.58
CA TRP H 147 4.11 28.94 -47.90
C TRP H 147 3.65 27.64 -48.55
N TRP H 148 3.18 26.72 -47.71
CA TRP H 148 2.71 25.41 -48.14
C TRP H 148 1.41 25.08 -47.44
N THR H 149 0.54 24.36 -48.14
CA THR H 149 -0.75 23.94 -47.62
C THR H 149 -0.74 22.44 -47.38
N MET H 150 -1.27 22.03 -46.23
CA MET H 150 -1.35 20.62 -45.86
C MET H 150 -2.73 20.09 -46.24
N HIS H 151 -2.78 18.88 -46.74
CA HIS H 151 -4.02 18.20 -47.05
C HIS H 151 -3.95 16.75 -46.59
N PRO H 152 -5.08 16.19 -46.16
CA PRO H 152 -5.05 14.80 -45.68
C PRO H 152 -4.72 13.83 -46.81
N ALA H 153 -4.00 12.76 -46.45
CA ALA H 153 -3.64 11.75 -47.43
C ALA H 153 -4.78 10.77 -47.67
N SER H 154 -5.56 10.48 -46.64
CA SER H 154 -6.58 9.43 -46.67
C SER H 154 -7.97 10.05 -46.52
N LYS H 155 -8.97 9.18 -46.47
CA LYS H 155 -10.35 9.62 -46.38
C LYS H 155 -10.78 9.94 -44.95
N GLN H 156 -10.22 9.27 -43.93
CA GLN H 156 -10.76 9.47 -42.59
C GLN H 156 -10.42 10.85 -42.07
N ARG H 157 -9.28 11.39 -42.50
CA ARG H 157 -8.95 12.79 -42.25
C ARG H 157 -9.71 13.67 -43.23
N SER H 158 -10.10 14.85 -42.76
CA SER H 158 -10.82 15.81 -43.57
C SER H 158 -10.34 17.21 -43.22
N GLU H 159 -10.62 18.16 -44.12
CA GLU H 159 -10.14 19.52 -43.93
C GLU H 159 -10.75 20.14 -42.69
N GLY H 160 -9.99 21.02 -42.05
CA GLY H 160 -10.38 21.63 -40.81
C GLY H 160 -10.02 20.83 -39.57
N GLU H 161 -9.58 19.58 -39.73
CA GLU H 161 -9.24 18.73 -38.61
C GLU H 161 -7.79 18.97 -38.19
N LYS H 162 -7.53 18.75 -36.90
CA LYS H 162 -6.21 18.99 -36.35
C LYS H 162 -5.23 17.94 -36.85
N VAL H 163 -4.05 18.39 -37.28
CA VAL H 163 -3.02 17.47 -37.73
C VAL H 163 -2.43 16.75 -36.53
N ARG H 164 -2.30 15.43 -36.64
CA ARG H 164 -1.85 14.60 -35.54
C ARG H 164 -0.52 13.94 -35.90
N VAL H 165 0.34 13.84 -34.88
CA VAL H 165 1.65 13.22 -35.09
C VAL H 165 1.47 11.84 -35.71
N GLY H 166 2.30 11.53 -36.69
CA GLY H 166 2.21 10.29 -37.43
C GLY H 166 1.32 10.34 -38.63
N ASP H 167 0.65 11.47 -38.89
CA ASP H 167 -0.31 11.58 -39.98
C ASP H 167 0.43 11.75 -41.31
N ASP H 168 -0.04 11.05 -42.34
CA ASP H 168 0.50 11.23 -43.69
C ASP H 168 -0.16 12.43 -44.33
N LEU H 169 0.68 13.30 -44.90
CA LEU H 169 0.22 14.61 -45.35
C LEU H 169 0.59 14.82 -46.81
N ILE H 170 -0.10 15.75 -47.45
CA ILE H 170 0.18 16.18 -48.80
C ILE H 170 0.44 17.68 -48.77
N LEU H 171 1.57 18.10 -49.31
CA LEU H 171 2.01 19.48 -49.23
C LEU H 171 1.95 20.11 -50.61
N VAL H 172 1.27 21.25 -50.72
CA VAL H 172 1.06 21.93 -51.99
C VAL H 172 1.60 23.35 -51.88
N SER H 173 2.34 23.77 -52.91
CA SER H 173 2.88 25.12 -52.95
C SER H 173 1.82 26.10 -53.42
N VAL H 174 1.72 27.24 -52.74
CA VAL H 174 0.74 28.26 -53.12
C VAL H 174 1.08 28.85 -54.49
N SER H 175 2.35 29.20 -54.69
CA SER H 175 2.75 29.88 -55.91
C SER H 175 2.57 29.01 -57.14
N SER H 176 2.93 27.73 -57.04
CA SER H 176 3.01 26.85 -58.20
C SER H 176 1.92 25.80 -58.25
N GLU H 177 1.24 25.54 -57.14
CA GLU H 177 0.20 24.50 -57.08
C GLU H 177 0.75 23.14 -57.50
N ARG H 178 1.99 22.87 -57.13
CA ARG H 178 2.60 21.55 -57.26
C ARG H 178 2.52 20.82 -55.93
N TYR H 179 2.95 19.56 -55.94
CA TYR H 179 3.06 18.75 -54.74
C TYR H 179 4.52 18.56 -54.39
N LEU H 180 4.83 18.58 -53.10
CA LEU H 180 6.13 18.09 -52.66
C LEU H 180 6.25 16.62 -52.99
N HIS H 181 7.18 16.29 -53.88
CA HIS H 181 7.16 15.00 -54.56
C HIS H 181 8.54 14.35 -54.48
N LEU H 182 8.53 13.03 -54.39
CA LEU H 182 9.73 12.21 -54.42
C LEU H 182 9.91 11.67 -55.83
N SER H 183 11.02 12.03 -56.47
CA SER H 183 11.29 11.63 -57.84
C SER H 183 12.24 10.44 -57.85
N THR H 184 11.73 9.28 -58.25
CA THR H 184 12.55 8.11 -58.52
C THR H 184 12.80 7.93 -60.00
N ALA H 185 12.44 8.91 -60.82
CA ALA H 185 12.57 8.76 -62.27
C ALA H 185 14.00 8.40 -62.66
N SER H 186 14.96 9.19 -62.21
CA SER H 186 16.35 8.78 -62.30
C SER H 186 16.63 7.72 -61.24
N GLY H 187 17.65 6.90 -61.49
CA GLY H 187 18.01 5.87 -60.54
C GLY H 187 18.30 6.42 -59.16
N GLU H 188 18.73 7.68 -59.10
CA GLU H 188 18.99 8.35 -57.83
C GLU H 188 17.78 9.15 -57.39
N LEU H 189 17.48 9.09 -56.09
CA LEU H 189 16.32 9.78 -55.56
C LEU H 189 16.52 11.28 -55.57
N GLN H 190 15.41 12.01 -55.73
CA GLN H 190 15.44 13.46 -55.75
C GLN H 190 14.13 13.99 -55.18
N VAL H 191 14.13 15.28 -54.87
CA VAL H 191 12.98 15.98 -54.33
C VAL H 191 12.61 17.09 -55.32
N ASP H 192 11.31 17.22 -55.60
CA ASP H 192 10.85 18.15 -56.62
C ASP H 192 9.43 18.60 -56.30
N ALA H 193 9.02 19.67 -56.96
CA ALA H 193 7.63 20.13 -56.94
C ALA H 193 6.97 19.66 -58.22
N SER H 194 6.00 18.74 -58.08
CA SER H 194 5.40 18.08 -59.22
C SER H 194 3.90 17.96 -59.01
N PHE H 195 3.18 17.80 -60.12
CA PHE H 195 1.74 17.61 -60.04
C PHE H 195 1.41 16.22 -59.50
N MET H 196 2.36 15.31 -59.56
CA MET H 196 2.24 14.04 -58.86
C MET H 196 2.54 14.24 -57.37
N GLN H 197 1.78 13.55 -56.54
CA GLN H 197 1.82 13.78 -55.10
C GLN H 197 2.62 12.68 -54.40
N THR H 198 3.28 13.05 -53.32
CA THR H 198 4.00 12.12 -52.47
C THR H 198 3.56 12.33 -51.03
N LEU H 199 3.38 11.24 -50.30
CA LEU H 199 2.95 11.31 -48.91
C LEU H 199 4.14 11.61 -48.01
N TRP H 200 3.94 12.54 -47.08
CA TRP H 200 4.98 12.97 -46.16
C TRP H 200 4.49 12.84 -44.72
N ASN H 201 5.44 12.60 -43.82
CA ASN H 201 5.18 12.52 -42.40
C ASN H 201 5.92 13.65 -41.70
N MET H 202 5.21 14.38 -40.85
CA MET H 202 5.79 15.48 -40.08
C MET H 202 6.15 14.95 -38.70
N ASN H 203 7.39 14.46 -38.56
CA ASN H 203 7.78 13.82 -37.31
C ASN H 203 8.41 14.83 -36.37
N PRO H 204 7.89 14.97 -35.14
CA PRO H 204 8.38 16.02 -34.25
C PRO H 204 9.77 15.71 -33.70
N ILE H 205 10.45 16.78 -33.30
CA ILE H 205 11.73 16.71 -32.59
C ILE H 205 11.61 17.35 -31.21
N CYS H 206 11.06 18.56 -31.15
CA CYS H 206 10.89 19.28 -29.91
C CYS H 206 9.60 20.09 -29.97
N SER H 207 8.97 20.27 -28.81
CA SER H 207 7.78 21.09 -28.71
C SER H 207 8.03 22.31 -27.83
N CYS H 208 8.44 22.08 -26.59
CA CYS H 208 8.68 23.13 -25.62
C CYS H 208 9.68 22.64 -24.58
N CYS H 209 10.72 23.43 -24.34
CA CYS H 209 11.79 23.08 -23.43
C CYS H 209 11.81 24.03 -22.24
N GLU H 210 11.94 23.48 -21.05
CA GLU H 210 12.04 24.29 -19.85
C GLU H 210 13.43 24.92 -19.75
N GLU H 211 13.55 25.94 -18.91
CA GLU H 211 14.82 26.63 -18.75
C GLU H 211 15.88 25.66 -18.25
N GLY H 212 17.10 25.85 -18.75
CA GLY H 212 18.12 24.83 -18.54
C GLY H 212 17.65 23.53 -19.14
N TYR H 213 17.75 22.45 -18.35
CA TYR H 213 17.09 21.20 -18.74
C TYR H 213 17.49 20.75 -20.14
N VAL H 214 18.77 20.37 -20.26
CA VAL H 214 19.35 20.01 -21.56
C VAL H 214 18.40 19.16 -22.37
N THR H 215 18.33 19.46 -23.67
CA THR H 215 17.59 18.67 -24.64
C THR H 215 18.54 18.15 -25.70
N GLY H 216 18.17 17.03 -26.32
CA GLY H 216 19.00 16.46 -27.35
C GLY H 216 19.01 17.29 -28.61
N GLY H 217 20.04 17.08 -29.42
CA GLY H 217 20.18 17.81 -30.67
C GLY H 217 20.79 19.18 -30.54
N HIS H 218 21.52 19.47 -29.45
CA HIS H 218 22.05 20.79 -29.18
C HIS H 218 23.56 20.76 -29.13
N VAL H 219 24.18 21.78 -29.73
CA VAL H 219 25.62 21.96 -29.62
C VAL H 219 25.95 22.53 -28.25
N LEU H 220 26.94 21.94 -27.59
CA LEU H 220 27.31 22.37 -26.25
C LEU H 220 28.78 22.04 -26.01
N ARG H 221 29.26 22.42 -24.84
CA ARG H 221 30.63 22.12 -24.42
C ARG H 221 30.60 21.36 -23.11
N LEU H 222 31.62 20.53 -22.90
CA LEU H 222 31.75 19.70 -21.70
C LEU H 222 32.94 20.20 -20.90
N PHE H 223 32.68 20.68 -19.69
CA PHE H 223 33.72 21.23 -18.82
C PHE H 223 33.93 20.28 -17.65
N HIS H 224 35.20 20.08 -17.28
CA HIS H 224 35.53 19.08 -16.29
C HIS H 224 35.02 19.45 -14.91
N GLY H 225 35.36 20.66 -14.44
CA GLY H 225 34.98 21.11 -13.12
C GLY H 225 34.46 22.52 -13.15
N HIS H 226 35.11 23.43 -12.41
CA HIS H 226 34.73 24.83 -12.37
C HIS H 226 35.21 25.54 -13.65
N MET H 227 34.81 24.97 -14.78
CA MET H 227 34.82 25.66 -16.06
C MET H 227 36.22 26.10 -16.50
N ASP H 228 37.27 25.47 -15.96
CA ASP H 228 38.61 25.88 -16.33
C ASP H 228 39.04 25.25 -17.65
N GLU H 229 38.75 23.97 -17.85
CA GLU H 229 39.14 23.27 -19.07
C GLU H 229 37.97 22.45 -19.57
N CYS H 230 37.97 22.18 -20.88
CA CYS H 230 36.86 21.54 -21.57
C CYS H 230 37.36 20.41 -22.43
N LEU H 231 36.45 19.49 -22.75
CA LEU H 231 36.77 18.40 -23.67
C LEU H 231 36.86 18.94 -25.09
N THR H 232 37.87 18.48 -25.82
CA THR H 232 38.10 18.96 -27.17
C THR H 232 38.96 17.94 -27.92
N ILE H 233 39.21 18.26 -29.18
CA ILE H 233 40.16 17.52 -30.01
C ILE H 233 41.27 18.46 -30.43
N SER H 234 42.25 17.92 -31.13
CA SER H 234 43.41 18.71 -31.51
C SER H 234 43.02 19.80 -32.51
N ALA H 235 43.83 20.84 -32.55
CA ALA H 235 43.64 21.90 -33.52
C ALA H 235 43.88 21.37 -34.94
N ALA H 236 43.69 22.25 -35.92
CA ALA H 236 43.90 21.88 -37.30
C ALA H 236 45.35 21.43 -37.52
N ASP H 237 45.61 20.89 -38.71
CA ASP H 237 46.94 20.49 -39.18
C ASP H 237 47.77 19.90 -38.05
N SER H 238 47.15 19.12 -37.18
CA SER H 238 47.85 18.44 -36.11
C SER H 238 48.23 17.03 -36.53
N ASP H 239 49.23 16.46 -35.84
CA ASP H 239 49.73 15.15 -36.19
C ASP H 239 48.70 14.06 -35.88
N ASP H 240 47.94 14.22 -34.80
CA ASP H 240 46.96 13.21 -34.42
C ASP H 240 45.86 13.04 -35.44
N GLN H 241 45.83 13.86 -36.50
CA GLN H 241 44.79 13.84 -37.52
C GLN H 241 43.44 14.23 -36.94
N ARG H 242 43.44 14.92 -35.79
CA ARG H 242 42.21 15.34 -35.13
C ARG H 242 41.33 14.14 -34.81
N ARG H 243 41.99 13.01 -34.53
CA ARG H 243 41.32 11.76 -34.20
C ARG H 243 41.45 11.40 -32.72
N LEU H 244 42.02 12.28 -31.91
CA LEU H 244 42.20 12.04 -30.50
C LEU H 244 41.44 13.10 -29.70
N VAL H 245 41.13 12.75 -28.46
CA VAL H 245 40.28 13.57 -27.59
C VAL H 245 41.10 14.00 -26.38
N TYR H 246 41.00 15.28 -26.03
CA TYR H 246 41.76 15.83 -24.92
C TYR H 246 40.87 16.72 -24.06
N TYR H 247 41.22 16.75 -22.78
CA TYR H 247 40.74 17.76 -21.84
C TYR H 247 41.74 18.91 -21.87
N GLU H 248 41.28 20.07 -22.34
CA GLU H 248 42.16 21.21 -22.54
C GLU H 248 41.48 22.48 -22.08
N GLY H 249 42.28 23.41 -21.57
CA GLY H 249 41.76 24.67 -21.07
C GLY H 249 42.45 25.84 -21.73
N GLY H 250 41.77 26.99 -21.68
CA GLY H 250 42.28 28.19 -22.30
C GLY H 250 41.33 28.75 -23.35
N ALA H 251 41.88 29.21 -24.47
CA ALA H 251 41.05 29.74 -25.54
C ALA H 251 40.33 28.64 -26.28
N VAL H 252 40.74 27.38 -26.09
CA VAL H 252 40.07 26.26 -26.74
C VAL H 252 38.61 26.26 -26.29
N CYS H 253 38.37 26.75 -25.07
CA CYS H 253 37.01 26.86 -24.58
C CYS H 253 36.15 27.69 -25.53
N THR H 254 36.60 28.91 -25.83
CA THR H 254 35.89 29.79 -26.74
C THR H 254 35.99 29.33 -28.19
N HIS H 255 36.90 28.42 -28.50
CA HIS H 255 37.09 27.94 -29.87
C HIS H 255 36.00 26.94 -30.25
N ALA H 256 35.92 26.68 -31.56
CA ALA H 256 34.86 25.83 -32.08
C ALA H 256 35.14 24.35 -31.85
N ARG H 257 36.42 23.96 -31.86
CA ARG H 257 36.75 22.54 -31.76
C ARG H 257 36.21 21.92 -30.49
N SER H 258 35.93 22.74 -29.48
CA SER H 258 35.37 22.28 -28.22
C SER H 258 33.87 22.07 -28.27
N LEU H 259 33.25 22.14 -29.45
CA LEU H 259 31.80 22.11 -29.56
C LEU H 259 31.34 20.72 -29.96
N TRP H 260 30.36 20.20 -29.23
CA TRP H 260 29.84 18.86 -29.45
C TRP H 260 28.32 18.91 -29.52
N ARG H 261 27.76 18.00 -30.31
CA ARG H 261 26.32 17.87 -30.49
C ARG H 261 25.87 16.52 -29.97
N LEU H 262 24.80 16.51 -29.19
CA LEU H 262 24.24 15.30 -28.64
C LEU H 262 23.15 14.78 -29.57
N GLU H 263 23.28 13.52 -29.99
CA GLU H 263 22.37 12.91 -30.96
C GLU H 263 21.74 11.66 -30.35
N PRO H 264 20.53 11.74 -29.81
CA PRO H 264 19.87 10.51 -29.34
C PRO H 264 19.64 9.53 -30.48
N LEU H 265 19.66 8.24 -30.13
CA LEU H 265 19.54 7.19 -31.13
C LEU H 265 18.19 7.17 -31.81
N ARG H 266 17.19 7.85 -31.25
CA ARG H 266 15.88 7.98 -31.86
C ARG H 266 15.82 9.24 -32.72
N ILE H 267 15.19 9.13 -33.88
CA ILE H 267 14.97 10.30 -34.73
C ILE H 267 13.80 11.12 -34.21
N SER H 268 12.68 10.45 -33.93
CA SER H 268 11.52 11.15 -33.40
C SER H 268 11.76 11.55 -31.95
N TRP H 269 11.40 12.78 -31.62
CA TRP H 269 11.56 13.30 -30.26
C TRP H 269 13.02 13.25 -29.82
N SER H 270 13.93 13.51 -30.76
CA SER H 270 15.33 13.63 -30.41
C SER H 270 15.64 14.92 -29.67
N GLY H 271 14.74 15.91 -29.76
CA GLY H 271 14.85 17.15 -29.02
C GLY H 271 14.27 17.08 -27.63
N SER H 272 13.88 15.90 -27.18
CA SER H 272 13.34 15.75 -25.83
C SER H 272 14.41 16.04 -24.79
N HIS H 273 13.96 16.28 -23.56
CA HIS H 273 14.88 16.46 -22.45
C HIS H 273 15.74 15.22 -22.28
N LEU H 274 17.04 15.44 -22.09
CA LEU H 274 17.95 14.33 -21.88
C LEU H 274 17.68 13.66 -20.53
N ARG H 275 17.88 12.35 -20.48
CA ARG H 275 17.55 11.54 -19.32
C ARG H 275 18.74 10.68 -18.94
N TRP H 276 18.89 10.45 -17.64
CA TRP H 276 19.99 9.62 -17.15
C TRP H 276 19.90 8.23 -17.75
N GLY H 277 21.03 7.73 -18.23
CA GLY H 277 21.08 6.44 -18.87
C GLY H 277 20.61 6.43 -20.31
N GLN H 278 20.22 7.58 -20.84
CA GLN H 278 19.71 7.62 -22.20
C GLN H 278 20.86 7.45 -23.19
N PRO H 279 20.85 6.39 -24.01
CA PRO H 279 21.95 6.21 -24.97
C PRO H 279 21.93 7.31 -26.01
N LEU H 280 23.12 7.67 -26.47
CA LEU H 280 23.24 8.74 -27.45
C LEU H 280 24.63 8.75 -28.04
N ARG H 281 24.77 9.50 -29.13
CA ARG H 281 26.03 9.70 -29.83
C ARG H 281 26.49 11.12 -29.59
N ILE H 282 27.80 11.34 -29.65
CA ILE H 282 28.38 12.66 -29.47
C ILE H 282 29.16 12.99 -30.73
N ARG H 283 28.74 14.06 -31.42
CA ARG H 283 29.28 14.43 -32.70
C ARG H 283 30.13 15.69 -32.58
N HIS H 284 31.24 15.70 -33.30
CA HIS H 284 32.10 16.88 -33.37
C HIS H 284 31.69 17.72 -34.56
N VAL H 285 31.28 18.96 -34.30
CA VAL H 285 30.60 19.75 -35.33
C VAL H 285 31.56 20.10 -36.47
N THR H 286 32.74 20.60 -36.15
CA THR H 286 33.65 21.08 -37.18
C THR H 286 34.24 19.96 -38.02
N THR H 287 34.14 18.71 -37.56
CA THR H 287 34.69 17.58 -38.27
C THR H 287 33.65 16.56 -38.70
N GLY H 288 32.47 16.57 -38.10
CA GLY H 288 31.46 15.57 -38.40
C GLY H 288 31.76 14.20 -37.87
N ARG H 289 32.75 14.07 -37.00
CA ARG H 289 33.18 12.78 -36.46
C ARG H 289 32.50 12.53 -35.11
N TYR H 290 32.41 11.25 -34.77
CA TYR H 290 31.64 10.79 -33.63
C TYR H 290 32.55 10.15 -32.61
N LEU H 291 32.33 10.50 -31.34
CA LEU H 291 33.09 9.87 -30.26
C LEU H 291 32.84 8.37 -30.28
N ALA H 292 33.92 7.59 -30.19
CA ALA H 292 33.83 6.16 -30.34
C ALA H 292 34.92 5.49 -29.51
N LEU H 293 34.65 4.25 -29.14
CA LEU H 293 35.63 3.37 -28.50
C LEU H 293 36.07 2.36 -29.55
N THR H 294 37.39 2.25 -29.75
CA THR H 294 37.96 1.34 -30.73
C THR H 294 38.88 0.36 -30.01
N GLU H 295 38.72 -0.93 -30.32
CA GLU H 295 39.55 -1.95 -29.68
C GLU H 295 41.03 -1.64 -29.85
N ASP H 296 41.41 -1.06 -31.00
CA ASP H 296 42.83 -0.87 -31.28
C ASP H 296 43.34 0.44 -30.68
N GLN H 297 42.72 1.57 -31.02
CA GLN H 297 43.14 2.88 -30.55
C GLN H 297 42.28 3.41 -29.41
N GLY H 298 41.37 2.61 -28.86
CA GLY H 298 40.59 3.09 -27.72
C GLY H 298 39.72 4.28 -28.10
N LEU H 299 39.66 5.26 -27.19
CA LEU H 299 38.80 6.41 -27.40
C LEU H 299 39.33 7.31 -28.51
N VAL H 300 38.51 7.47 -29.56
CA VAL H 300 38.85 8.34 -30.68
C VAL H 300 37.58 8.96 -31.23
N VAL H 301 37.70 9.75 -32.29
CA VAL H 301 36.56 10.19 -33.08
C VAL H 301 36.66 9.54 -34.45
N VAL H 302 35.59 8.85 -34.85
CA VAL H 302 35.57 8.08 -36.09
C VAL H 302 34.49 8.64 -37.01
N ASP H 303 34.56 8.23 -38.26
CA ASP H 303 33.58 8.69 -39.25
C ASP H 303 32.25 7.97 -39.05
N ALA H 304 31.19 8.56 -39.61
CA ALA H 304 29.86 7.98 -39.48
C ALA H 304 29.82 6.58 -40.07
N CYS H 305 30.52 6.36 -41.18
CA CYS H 305 30.55 5.05 -41.80
C CYS H 305 31.03 3.98 -40.82
N LYS H 306 31.97 4.34 -39.94
CA LYS H 306 32.49 3.42 -38.94
C LYS H 306 31.75 3.50 -37.61
N ALA H 307 30.86 4.46 -37.46
CA ALA H 307 30.05 4.59 -36.24
C ALA H 307 28.87 3.62 -36.34
N HIS H 308 28.92 2.54 -35.57
CA HIS H 308 27.96 1.45 -35.67
C HIS H 308 27.23 1.20 -34.35
N THR H 309 27.13 2.23 -33.52
CA THR H 309 26.23 2.23 -32.36
C THR H 309 26.72 1.36 -31.22
N LYS H 310 27.77 0.57 -31.45
CA LYS H 310 28.41 -0.14 -30.34
C LYS H 310 29.60 0.64 -29.83
N ALA H 311 30.33 1.30 -30.74
CA ALA H 311 31.47 2.13 -30.35
C ALA H 311 31.02 3.52 -29.94
N THR H 312 29.91 4.00 -30.50
CA THR H 312 29.55 5.41 -30.44
C THR H 312 28.39 5.69 -29.49
N SER H 313 27.95 4.69 -28.73
CA SER H 313 26.81 4.83 -27.83
C SER H 313 27.30 5.16 -26.43
N PHE H 314 26.86 6.30 -25.91
CA PHE H 314 27.25 6.77 -24.58
C PHE H 314 26.01 7.15 -23.80
N CYS H 315 26.15 7.18 -22.48
CA CYS H 315 25.09 7.61 -21.58
C CYS H 315 25.67 8.49 -20.48
N PHE H 316 24.83 9.38 -19.97
CA PHE H 316 25.16 10.21 -18.82
C PHE H 316 24.59 9.59 -17.56
N ARG H 317 25.44 9.43 -16.54
CA ARG H 317 25.04 8.88 -15.26
C ARG H 317 25.32 9.91 -14.17
N VAL H 318 24.40 10.03 -13.22
CA VAL H 318 24.61 10.97 -12.13
C VAL H 318 25.63 10.43 -11.14
N SER H 319 25.74 9.11 -11.01
CA SER H 319 26.69 8.48 -10.11
C SER H 319 27.28 7.26 -10.79
N LYS H 320 28.45 6.84 -10.32
CA LYS H 320 29.21 5.78 -10.96
C LYS H 320 28.74 4.38 -10.57
N GLU H 321 27.78 4.26 -9.65
CA GLU H 321 27.34 2.94 -9.20
C GLU H 321 26.70 2.17 -10.33
N LYS H 322 26.96 0.87 -10.37
CA LYS H 322 26.43 -0.02 -11.41
C LYS H 322 25.04 -0.51 -11.01
N LEU H 323 24.08 0.40 -11.11
CA LEU H 323 22.69 0.07 -10.82
C LEU H 323 22.09 -0.70 -11.99
N ASP H 324 22.02 -0.05 -13.15
CA ASP H 324 21.47 -0.62 -14.39
C ASP H 324 20.34 -1.59 -14.08
N THR H 325 19.42 -1.14 -13.22
CA THR H 325 18.37 -2.01 -12.73
C THR H 325 17.35 -2.33 -13.81
N ALA H 326 16.99 -1.34 -14.62
CA ALA H 326 15.96 -1.53 -15.64
C ALA H 326 16.19 -0.60 -16.82
N PRO H 327 16.14 -1.10 -18.06
CA PRO H 327 16.21 -0.18 -19.20
C PRO H 327 14.93 0.62 -19.33
N LYS H 328 15.10 1.94 -19.44
CA LYS H 328 13.95 2.84 -19.49
C LYS H 328 13.17 2.64 -20.78
N ARG H 329 11.86 2.83 -20.70
CA ARG H 329 11.01 2.76 -21.88
C ARG H 329 11.08 4.05 -22.67
N ASP H 330 11.10 3.92 -24.00
CA ASP H 330 11.07 5.08 -24.86
C ASP H 330 9.80 5.89 -24.60
N VAL H 331 9.94 7.22 -24.59
CA VAL H 331 8.87 8.11 -24.17
C VAL H 331 8.53 9.02 -25.33
N GLU H 332 7.26 9.09 -25.68
CA GLU H 332 6.82 10.08 -26.66
C GLU H 332 6.56 11.41 -25.97
N GLY H 333 7.13 12.47 -26.53
CA GLY H 333 7.07 13.79 -25.93
C GLY H 333 8.42 14.19 -25.37
N MET H 334 8.44 15.41 -24.80
CA MET H 334 9.68 15.95 -24.27
C MET H 334 10.14 15.21 -23.03
N GLY H 335 9.21 14.80 -22.17
CA GLY H 335 9.54 13.96 -21.05
C GLY H 335 10.07 14.72 -19.84
N PRO H 336 10.52 13.97 -18.83
CA PRO H 336 10.95 14.61 -17.59
C PRO H 336 12.20 15.44 -17.78
N PRO H 337 12.26 16.65 -17.19
CA PRO H 337 13.49 17.50 -17.21
C PRO H 337 14.52 17.16 -16.14
N GLU H 338 15.41 16.21 -16.46
CA GLU H 338 16.34 15.68 -15.46
C GLU H 338 17.65 16.46 -15.37
N ILE H 339 18.28 16.76 -16.51
CA ILE H 339 19.65 17.26 -16.53
C ILE H 339 19.65 18.76 -16.82
N LYS H 340 20.35 19.52 -15.99
CA LYS H 340 20.43 20.98 -16.10
C LYS H 340 21.69 21.41 -16.83
N TYR H 341 21.68 22.64 -17.33
CA TYR H 341 22.87 23.26 -17.90
C TYR H 341 23.70 23.91 -16.81
N GLY H 342 24.91 23.40 -16.60
CA GLY H 342 25.85 24.03 -15.70
C GLY H 342 25.69 23.69 -14.23
N GLU H 343 24.72 22.86 -13.87
CA GLU H 343 24.54 22.46 -12.47
C GLU H 343 24.72 20.96 -12.32
N SER H 344 24.10 20.18 -13.19
CA SER H 344 24.18 18.73 -13.10
C SER H 344 25.61 18.26 -13.38
N LEU H 345 26.08 17.32 -12.57
CA LEU H 345 27.37 16.70 -12.76
C LEU H 345 27.16 15.32 -13.37
N CYS H 346 27.77 15.08 -14.53
CA CYS H 346 27.49 13.92 -15.35
C CYS H 346 28.76 13.12 -15.56
N PHE H 347 28.63 11.80 -15.49
CA PHE H 347 29.70 10.87 -15.84
C PHE H 347 29.33 10.18 -17.14
N VAL H 348 30.21 10.23 -18.11
CA VAL H 348 29.96 9.62 -19.41
C VAL H 348 30.41 8.17 -19.36
N GLN H 349 29.53 7.28 -19.83
CA GLN H 349 29.79 5.85 -19.82
C GLN H 349 29.53 5.29 -21.21
N HIS H 350 30.46 4.48 -21.69
CA HIS H 350 30.24 3.70 -22.90
C HIS H 350 29.35 2.52 -22.57
N VAL H 351 28.18 2.45 -23.22
CA VAL H 351 27.14 1.54 -22.78
C VAL H 351 27.61 0.09 -22.88
N ALA H 352 28.17 -0.29 -24.03
CA ALA H 352 28.54 -1.68 -24.24
C ALA H 352 29.62 -2.13 -23.25
N SER H 353 30.72 -1.38 -23.16
CA SER H 353 31.79 -1.75 -22.25
C SER H 353 31.47 -1.40 -20.81
N GLY H 354 30.74 -0.30 -20.59
CA GLY H 354 30.54 0.23 -19.27
C GLY H 354 31.67 1.09 -18.76
N LEU H 355 32.68 1.37 -19.58
CA LEU H 355 33.83 2.15 -19.16
C LEU H 355 33.44 3.60 -18.94
N TRP H 356 34.23 4.27 -18.12
CA TRP H 356 33.99 5.66 -17.76
C TRP H 356 35.00 6.58 -18.44
N LEU H 357 34.52 7.74 -18.85
CA LEU H 357 35.38 8.74 -19.48
C LEU H 357 36.24 9.40 -18.41
N THR H 358 37.56 9.39 -18.63
CA THR H 358 38.49 9.91 -17.65
C THR H 358 39.76 10.34 -18.35
N TYR H 359 40.65 10.96 -17.58
CA TYR H 359 41.93 11.42 -18.11
C TYR H 359 42.99 10.35 -17.91
N ALA H 360 44.15 10.55 -18.55
CA ALA H 360 45.17 9.52 -18.56
C ALA H 360 46.17 9.70 -17.42
N ALA H 361 45.96 10.72 -16.57
CA ALA H 361 46.90 10.98 -15.49
C ALA H 361 48.27 11.23 -16.10
N PRO H 362 48.48 12.36 -16.75
CA PRO H 362 49.70 12.57 -17.55
C PRO H 362 50.94 12.02 -16.86
N ASP H 363 51.72 11.26 -17.64
CA ASP H 363 52.95 10.68 -17.12
C ASP H 363 53.92 11.79 -16.74
N PRO H 364 54.82 11.53 -15.80
CA PRO H 364 55.77 12.57 -15.39
C PRO H 364 56.56 13.09 -16.59
N LYS H 365 57.18 14.24 -16.41
CA LYS H 365 57.87 15.02 -17.44
C LYS H 365 56.89 15.77 -18.33
N ALA H 366 55.59 15.48 -18.23
CA ALA H 366 54.60 16.32 -18.92
C ALA H 366 54.58 17.72 -18.32
N LEU H 367 54.69 17.81 -16.99
CA LEU H 367 54.85 19.12 -16.36
C LEU H 367 56.11 19.82 -16.86
N ARG H 368 57.18 19.06 -17.08
CA ARG H 368 58.39 19.63 -17.65
C ARG H 368 58.14 20.19 -19.05
N LEU H 369 57.37 19.45 -19.87
CA LEU H 369 56.94 19.98 -21.15
C LEU H 369 56.02 21.19 -21.00
N GLY H 370 55.37 21.35 -19.85
CA GLY H 370 54.43 22.42 -19.67
C GLY H 370 53.17 22.20 -20.48
N VAL H 371 52.95 20.94 -20.90
CA VAL H 371 51.76 20.60 -21.67
C VAL H 371 50.59 20.51 -20.70
N LEU H 372 49.56 21.32 -20.94
CA LEU H 372 48.42 21.42 -20.05
C LEU H 372 47.26 20.53 -20.45
N LYS H 373 47.35 19.83 -21.58
CA LYS H 373 46.25 19.07 -22.13
C LYS H 373 46.38 17.61 -21.72
N LYS H 374 45.26 17.04 -21.29
CA LYS H 374 45.21 15.69 -20.73
C LYS H 374 44.44 14.77 -21.67
N LYS H 375 45.10 13.74 -22.18
CA LYS H 375 44.41 12.84 -23.08
C LYS H 375 43.23 12.18 -22.39
N ALA H 376 42.13 12.00 -23.13
CA ALA H 376 40.92 11.41 -22.59
C ALA H 376 40.89 9.92 -22.92
N ILE H 377 40.57 9.10 -21.93
CA ILE H 377 40.58 7.66 -22.06
C ILE H 377 39.29 7.11 -21.47
N LEU H 378 39.05 5.82 -21.73
CA LEU H 378 37.97 5.07 -21.11
C LEU H 378 38.56 4.02 -20.19
N HIS H 379 38.17 4.07 -18.92
CA HIS H 379 38.75 3.24 -17.89
C HIS H 379 37.65 2.66 -17.01
N GLN H 380 37.93 1.50 -16.41
CA GLN H 380 36.89 0.78 -15.69
C GLN H 380 36.44 1.56 -14.45
N GLU H 381 37.38 2.15 -13.73
CA GLU H 381 37.09 2.87 -12.49
C GLU H 381 37.09 4.38 -12.69
N GLY H 382 38.13 4.91 -13.33
CA GLY H 382 38.23 6.34 -13.54
C GLY H 382 38.63 7.08 -12.28
N HIS H 383 38.25 8.35 -12.23
CA HIS H 383 38.57 9.22 -11.12
C HIS H 383 37.29 9.90 -10.63
N MET H 384 37.37 10.42 -9.41
CA MET H 384 36.22 11.07 -8.79
C MET H 384 35.81 12.31 -9.57
N ASP H 385 36.79 13.08 -10.02
CA ASP H 385 36.56 14.36 -10.68
C ASP H 385 36.10 14.20 -12.12
N ASP H 386 35.83 12.97 -12.55
CA ASP H 386 35.48 12.70 -13.93
C ASP H 386 34.18 13.34 -14.35
N ALA H 387 33.39 13.86 -13.40
CA ALA H 387 32.11 14.46 -13.72
C ALA H 387 32.29 15.66 -14.64
N LEU H 388 31.25 15.97 -15.40
CA LEU H 388 31.30 17.03 -16.40
C LEU H 388 30.07 17.91 -16.30
N PHE H 389 30.30 19.21 -16.24
CA PHE H 389 29.24 20.19 -16.49
C PHE H 389 29.02 20.33 -17.98
N LEU H 390 27.77 20.57 -18.35
CA LEU H 390 27.39 20.82 -19.74
C LEU H 390 27.02 22.29 -19.88
N THR H 391 27.71 22.99 -20.78
CA THR H 391 27.54 24.42 -20.97
C THR H 391 26.96 24.71 -22.34
N ARG H 392 26.00 25.62 -22.37
CA ARG H 392 25.31 25.99 -23.60
C ARG H 392 26.20 26.85 -24.49
N CYS H 393 25.97 26.75 -25.79
CA CYS H 393 26.69 27.55 -26.78
C CYS H 393 25.74 28.51 -27.47
N GLN H 394 26.29 29.58 -28.00
CA GLN H 394 25.49 30.54 -28.75
C GLN H 394 25.09 29.97 -30.11
N GLN H 395 23.89 30.36 -30.55
CA GLN H 395 23.45 30.01 -31.90
C GLN H 395 24.49 30.45 -32.93
N GLU H 396 25.12 31.60 -32.71
CA GLU H 396 26.18 32.06 -33.57
C GLU H 396 27.29 31.01 -33.69
N GLU H 397 27.77 30.53 -32.54
CA GLU H 397 28.88 29.57 -32.55
C GLU H 397 28.47 28.25 -33.22
N SER H 398 27.28 27.76 -32.90
CA SER H 398 26.84 26.50 -33.50
C SER H 398 26.74 26.63 -35.01
N GLN H 399 26.07 27.68 -35.48
CA GLN H 399 25.97 27.94 -36.91
C GLN H 399 27.35 28.03 -37.54
N ALA H 400 28.26 28.78 -36.92
CA ALA H 400 29.58 28.98 -37.50
C ALA H 400 30.33 27.66 -37.61
N ALA H 401 30.24 26.81 -36.59
CA ALA H 401 30.93 25.53 -36.64
C ALA H 401 30.39 24.67 -37.79
N ARG H 402 29.06 24.60 -37.92
CA ARG H 402 28.49 23.82 -39.03
C ARG H 402 28.93 24.36 -40.38
N MET H 403 28.91 25.69 -40.53
CA MET H 403 29.30 26.31 -41.78
C MET H 403 30.76 26.08 -42.08
N ILE H 404 31.62 26.11 -41.06
CA ILE H 404 33.03 25.79 -41.26
C ILE H 404 33.17 24.36 -41.75
N HIS H 405 32.45 23.41 -41.15
CA HIS H 405 32.53 22.03 -41.59
C HIS H 405 32.19 21.90 -43.07
N SER H 406 31.04 22.44 -43.47
CA SER H 406 30.61 22.30 -44.86
C SER H 406 31.56 23.03 -45.81
N THR H 407 32.00 24.23 -45.43
CA THR H 407 32.90 25.00 -46.28
C THR H 407 34.22 24.27 -46.48
N ALA H 408 34.76 23.68 -45.40
CA ALA H 408 35.99 22.92 -45.51
C ALA H 408 35.81 21.76 -46.48
N GLY H 409 34.72 21.01 -46.34
CA GLY H 409 34.50 19.91 -47.27
C GLY H 409 34.46 20.37 -48.72
N LEU H 410 33.67 21.42 -48.98
CA LEU H 410 33.52 21.91 -50.35
C LEU H 410 34.84 22.37 -50.94
N TYR H 411 35.57 23.22 -50.20
CA TYR H 411 36.80 23.79 -50.73
C TYR H 411 37.88 22.73 -50.87
N ASN H 412 37.93 21.75 -49.98
CA ASN H 412 38.88 20.65 -50.13
C ASN H 412 38.57 19.84 -51.37
N GLN H 413 37.29 19.58 -51.66
CA GLN H 413 36.95 18.90 -52.91
C GLN H 413 37.39 19.71 -54.13
N PHE H 414 37.15 21.02 -54.09
CA PHE H 414 37.59 21.90 -55.18
C PHE H 414 39.10 21.80 -55.38
N ILE H 415 39.85 21.88 -54.29
CA ILE H 415 41.31 21.83 -54.36
C ILE H 415 41.75 20.47 -54.90
N LYS H 416 41.09 19.40 -54.47
CA LYS H 416 41.46 18.07 -54.94
C LYS H 416 41.27 17.95 -56.44
N GLY H 417 40.17 18.50 -56.96
CA GLY H 417 39.99 18.53 -58.41
C GLY H 417 41.10 19.30 -59.11
N LEU H 418 41.40 20.50 -58.59
CA LEU H 418 42.46 21.30 -59.20
C LEU H 418 43.78 20.54 -59.22
N ASP H 419 44.12 19.87 -58.13
CA ASP H 419 45.33 19.08 -58.10
C ASP H 419 45.25 17.89 -59.07
N SER H 420 44.04 17.34 -59.27
CA SER H 420 43.88 16.22 -60.19
C SER H 420 44.23 16.61 -61.62
N PHE H 421 43.68 17.72 -62.11
CA PHE H 421 44.17 18.30 -63.37
C PHE H 421 45.14 19.45 -63.19
N SER H 422 46.11 19.35 -62.28
CA SER H 422 47.17 20.35 -62.25
C SER H 422 48.04 20.28 -63.51
N GLY H 423 48.79 19.19 -63.68
CA GLY H 423 49.78 19.08 -64.73
C GLY H 423 49.38 18.24 -65.92
N LYS H 424 48.09 18.02 -66.13
CA LYS H 424 47.60 17.15 -67.20
C LYS H 424 46.78 17.96 -68.18
N PRO H 425 47.37 18.49 -69.25
CA PRO H 425 46.58 19.24 -70.24
C PRO H 425 45.52 18.34 -70.88
N ARG H 426 44.36 18.93 -71.12
CA ARG H 426 43.26 18.22 -71.75
C ARG H 426 43.40 18.12 -73.26
N GLY H 427 44.36 18.84 -73.85
CA GLY H 427 44.50 18.82 -75.29
C GLY H 427 43.22 19.25 -75.97
N SER H 428 42.91 18.61 -77.08
CA SER H 428 41.63 18.82 -77.77
C SER H 428 40.65 17.73 -77.31
N GLY H 429 40.46 17.68 -75.99
CA GLY H 429 39.60 16.71 -75.38
C GLY H 429 39.02 17.22 -74.08
N PRO H 430 38.44 16.32 -73.28
CA PRO H 430 37.89 16.73 -71.99
C PRO H 430 38.96 16.78 -70.92
N PRO H 431 38.72 17.50 -69.83
CA PRO H 431 39.70 17.56 -68.74
C PRO H 431 39.94 16.21 -68.08
N ALA H 432 39.05 15.25 -68.34
CA ALA H 432 39.23 13.89 -67.86
C ALA H 432 39.26 13.84 -66.34
N GLY H 433 38.17 14.24 -65.70
CA GLY H 433 38.05 14.21 -64.27
C GLY H 433 36.67 14.60 -63.80
N PRO H 434 36.41 14.42 -62.51
CA PRO H 434 35.09 14.78 -61.96
C PRO H 434 34.82 16.27 -62.09
N ALA H 435 33.55 16.60 -62.33
CA ALA H 435 33.15 17.99 -62.48
C ALA H 435 33.46 18.77 -61.20
N LEU H 436 34.04 19.96 -61.37
CA LEU H 436 34.38 20.78 -60.23
C LEU H 436 33.12 21.51 -59.72
N PRO H 437 33.02 21.77 -58.41
CA PRO H 437 31.83 22.44 -57.88
C PRO H 437 31.89 23.96 -57.98
N ILE H 438 31.91 24.49 -59.20
CA ILE H 438 32.05 25.93 -59.41
C ILE H 438 30.88 26.68 -58.80
N GLU H 439 29.66 26.24 -59.11
CA GLU H 439 28.48 26.98 -58.65
C GLU H 439 28.38 26.97 -57.13
N ALA H 440 28.63 25.82 -56.51
CA ALA H 440 28.59 25.73 -55.06
C ALA H 440 29.68 26.59 -54.43
N VAL H 441 30.88 26.59 -55.02
CA VAL H 441 31.96 27.39 -54.49
C VAL H 441 31.60 28.87 -54.55
N ILE H 442 31.05 29.30 -55.70
CA ILE H 442 30.67 30.69 -55.87
C ILE H 442 29.62 31.09 -54.85
N LEU H 443 28.59 30.26 -54.69
CA LEU H 443 27.52 30.60 -53.76
C LEU H 443 28.02 30.61 -52.32
N SER H 444 28.89 29.67 -51.97
CA SER H 444 29.47 29.66 -50.63
C SER H 444 30.28 30.93 -50.39
N LEU H 445 31.07 31.34 -51.38
CA LEU H 445 31.89 32.53 -51.24
C LEU H 445 31.02 33.76 -51.05
N GLN H 446 29.97 33.89 -51.86
CA GLN H 446 29.06 35.02 -51.74
C GLN H 446 28.39 35.03 -50.38
N ASP H 447 27.90 33.87 -49.95
CA ASP H 447 27.22 33.78 -48.66
C ASP H 447 28.14 34.14 -47.52
N LEU H 448 29.40 33.71 -47.60
CA LEU H 448 30.34 34.00 -46.52
C LEU H 448 30.75 35.47 -46.53
N ILE H 449 30.86 36.08 -47.71
CA ILE H 449 31.11 37.52 -47.77
C ILE H 449 29.96 38.28 -47.10
N GLY H 450 28.73 37.89 -47.41
CA GLY H 450 27.59 38.51 -46.74
C GLY H 450 27.58 38.23 -45.25
N TYR H 451 28.04 37.05 -44.86
CA TYR H 451 28.10 36.67 -43.45
C TYR H 451 29.11 37.54 -42.71
N PHE H 452 30.21 37.89 -43.36
CA PHE H 452 31.28 38.68 -42.77
C PHE H 452 31.17 40.16 -43.11
N GLU H 453 30.06 40.57 -43.74
CA GLU H 453 29.90 41.98 -44.09
C GLU H 453 29.98 42.85 -42.83
N PRO H 454 30.71 43.96 -42.88
CA PRO H 454 30.78 44.83 -41.71
C PRO H 454 29.53 45.69 -41.58
N PRO H 455 29.19 46.12 -40.36
CA PRO H 455 27.95 46.88 -40.17
C PRO H 455 28.00 48.24 -40.83
N SER H 456 26.82 48.74 -41.19
CA SER H 456 26.72 50.07 -41.79
C SER H 456 26.95 51.15 -40.73
N GLU H 457 27.51 52.27 -41.17
CA GLU H 457 27.83 53.36 -40.24
C GLU H 457 26.56 54.01 -39.72
N GLU H 458 25.48 53.98 -40.49
CA GLU H 458 24.23 54.60 -40.05
C GLU H 458 23.75 53.99 -38.73
N LEU H 459 24.12 52.75 -38.45
CA LEU H 459 23.67 52.07 -37.25
C LEU H 459 24.03 52.86 -36.00
N GLN H 460 23.28 52.61 -34.94
CA GLN H 460 23.60 53.18 -33.64
C GLN H 460 24.86 52.55 -33.07
N HIS H 461 25.49 53.28 -32.15
CA HIS H 461 26.80 52.88 -31.64
C HIS H 461 26.73 51.53 -30.93
N GLU H 462 25.71 51.32 -30.11
CA GLU H 462 25.63 50.09 -29.32
C GLU H 462 25.47 48.87 -30.22
N GLU H 463 24.49 48.90 -31.12
CA GLU H 463 24.27 47.79 -32.03
C GLU H 463 25.46 47.57 -32.94
N LYS H 464 26.10 48.65 -33.40
CA LYS H 464 27.28 48.50 -34.24
C LYS H 464 28.41 47.81 -33.48
N GLN H 465 28.61 48.18 -32.21
CA GLN H 465 29.63 47.52 -31.40
C GLN H 465 29.31 46.04 -31.20
N SER H 466 28.04 45.72 -30.98
CA SER H 466 27.65 44.32 -30.83
C SER H 466 27.94 43.54 -32.11
N LYS H 467 27.60 44.11 -33.26
CA LYS H 467 27.90 43.46 -34.54
C LYS H 467 29.39 43.27 -34.72
N LEU H 468 30.19 44.27 -34.31
CA LEU H 468 31.63 44.16 -34.44
C LEU H 468 32.17 43.04 -33.56
N ARG H 469 31.65 42.92 -32.33
CA ARG H 469 32.03 41.78 -31.49
C ARG H 469 31.71 40.47 -32.19
N SER H 470 30.48 40.33 -32.69
CA SER H 470 30.09 39.11 -33.37
C SER H 470 31.04 38.80 -34.52
N LEU H 471 31.34 39.82 -35.33
CA LEU H 471 32.18 39.61 -36.51
C LEU H 471 33.59 39.21 -36.12
N ARG H 472 34.18 39.88 -35.13
CA ARG H 472 35.53 39.53 -34.71
C ARG H 472 35.57 38.10 -34.18
N ASN H 473 34.58 37.72 -33.38
CA ASN H 473 34.51 36.35 -32.89
C ASN H 473 34.45 35.36 -34.05
N ARG H 474 33.56 35.60 -35.00
CA ARG H 474 33.39 34.67 -36.11
C ARG H 474 34.67 34.57 -36.95
N GLN H 475 35.33 35.71 -37.19
CA GLN H 475 36.61 35.71 -37.88
C GLN H 475 37.62 34.84 -37.14
N SER H 476 37.72 35.02 -35.82
CA SER H 476 38.70 34.27 -35.04
C SER H 476 38.41 32.78 -35.09
N LEU H 477 37.13 32.40 -34.99
CA LEU H 477 36.77 30.98 -35.06
C LEU H 477 37.15 30.38 -36.40
N PHE H 478 36.82 31.06 -37.49
CA PHE H 478 37.18 30.55 -38.81
C PHE H 478 38.68 30.42 -38.95
N GLN H 479 39.43 31.43 -38.48
CA GLN H 479 40.88 31.37 -38.53
C GLN H 479 41.42 30.17 -37.75
N GLU H 480 40.94 29.98 -36.52
CA GLU H 480 41.42 28.89 -35.69
C GLU H 480 41.05 27.52 -36.25
N GLU H 481 39.99 27.43 -37.05
CA GLU H 481 39.67 26.18 -37.74
C GLU H 481 40.30 26.10 -39.12
N GLY H 482 41.04 27.12 -39.55
CA GLY H 482 41.91 26.98 -40.70
C GLY H 482 41.30 27.36 -42.03
N MET H 483 40.19 28.09 -42.04
CA MET H 483 39.59 28.51 -43.30
C MET H 483 40.49 29.46 -44.06
N LEU H 484 41.24 30.31 -43.34
CA LEU H 484 42.13 31.26 -43.99
C LEU H 484 43.19 30.54 -44.82
N SER H 485 43.83 29.52 -44.25
CA SER H 485 44.83 28.76 -44.98
C SER H 485 44.20 28.06 -46.18
N LEU H 486 42.96 27.57 -46.02
CA LEU H 486 42.28 26.92 -47.14
C LEU H 486 42.06 27.89 -48.29
N VAL H 487 41.63 29.11 -47.97
CA VAL H 487 41.46 30.14 -49.00
C VAL H 487 42.80 30.43 -49.67
N LEU H 488 43.86 30.54 -48.88
CA LEU H 488 45.18 30.78 -49.45
C LEU H 488 45.59 29.66 -50.39
N ASN H 489 45.33 28.41 -50.01
CA ASN H 489 45.66 27.28 -50.88
C ASN H 489 44.87 27.32 -52.18
N CYS H 490 43.57 27.61 -52.09
CA CYS H 490 42.76 27.71 -53.30
C CYS H 490 43.29 28.79 -54.23
N ILE H 491 43.62 29.95 -53.67
CA ILE H 491 44.15 31.05 -54.47
C ILE H 491 45.47 30.67 -55.10
N ASP H 492 46.33 29.99 -54.33
CA ASP H 492 47.62 29.57 -54.84
C ASP H 492 47.47 28.66 -56.04
N ARG H 493 46.56 27.70 -55.94
CA ARG H 493 46.37 26.75 -57.05
C ARG H 493 45.71 27.42 -58.25
N LEU H 494 44.84 28.40 -58.02
CA LEU H 494 44.24 29.12 -59.14
C LEU H 494 45.18 30.13 -59.78
N ASN H 495 46.23 30.55 -59.07
CA ASN H 495 47.13 31.58 -59.57
C ASN H 495 48.11 31.06 -60.61
N VAL H 496 48.53 29.80 -60.52
CA VAL H 496 49.48 29.26 -61.50
C VAL H 496 48.99 29.51 -62.91
N TYR H 497 47.67 29.55 -63.11
CA TYR H 497 47.10 29.82 -64.42
C TYR H 497 46.93 31.32 -64.58
N THR H 498 47.64 31.89 -65.56
CA THR H 498 47.64 33.35 -65.72
C THR H 498 46.27 33.85 -66.13
N THR H 499 45.54 33.07 -66.95
CA THR H 499 44.32 33.55 -67.56
C THR H 499 43.32 32.41 -67.67
N ALA H 500 42.09 32.76 -68.05
CA ALA H 500 41.03 31.77 -68.17
C ALA H 500 41.33 30.77 -69.27
N ALA H 501 42.00 31.20 -70.34
CA ALA H 501 42.37 30.27 -71.40
C ALA H 501 43.40 29.27 -70.91
N HIS H 502 44.40 29.75 -70.17
CA HIS H 502 45.39 28.87 -69.57
C HIS H 502 44.73 27.88 -68.63
N PHE H 503 43.72 28.34 -67.88
CA PHE H 503 42.95 27.45 -67.02
C PHE H 503 42.19 26.42 -67.85
N ALA H 504 41.60 26.86 -68.96
CA ALA H 504 40.78 25.97 -69.79
C ALA H 504 41.64 24.85 -70.37
N GLU H 505 42.87 25.17 -70.78
CA GLU H 505 43.76 24.15 -71.33
C GLU H 505 43.84 22.92 -70.43
N TYR H 506 43.53 23.09 -69.14
CA TYR H 506 43.62 22.00 -68.17
C TYR H 506 42.26 21.59 -67.62
N ALA H 507 41.28 22.50 -67.66
CA ALA H 507 40.00 22.32 -66.99
C ALA H 507 38.82 22.40 -67.93
N GLY H 508 38.91 23.17 -69.01
CA GLY H 508 37.79 23.39 -69.89
C GLY H 508 37.22 24.80 -69.79
N GLU H 509 36.56 25.21 -70.87
CA GLU H 509 36.00 26.55 -70.94
C GLU H 509 34.93 26.76 -69.89
N GLU H 510 34.16 25.71 -69.59
CA GLU H 510 33.04 25.83 -68.67
C GLU H 510 33.49 26.31 -67.29
N ALA H 511 34.71 25.93 -66.88
CA ALA H 511 35.25 26.44 -65.63
C ALA H 511 36.12 27.69 -65.87
N ALA H 512 36.65 27.82 -67.08
CA ALA H 512 37.44 29.00 -67.40
C ALA H 512 36.61 30.28 -67.28
N GLU H 513 35.31 30.21 -67.58
CA GLU H 513 34.49 31.41 -67.43
C GLU H 513 34.45 31.87 -65.98
N SER H 514 34.32 30.94 -65.04
CA SER H 514 34.16 31.28 -63.63
C SER H 514 35.49 31.46 -62.90
N TRP H 515 36.61 31.14 -63.55
CA TRP H 515 37.93 31.37 -62.96
C TRP H 515 38.04 32.75 -62.31
N LYS H 516 37.82 33.80 -63.11
CA LYS H 516 38.06 35.17 -62.65
C LYS H 516 37.10 35.54 -61.52
N GLU H 517 35.82 35.21 -61.67
CA GLU H 517 34.86 35.48 -60.62
C GLU H 517 35.29 34.82 -59.32
N ILE H 518 35.78 33.58 -59.41
CA ILE H 518 36.17 32.83 -58.22
C ILE H 518 37.36 33.49 -57.54
N VAL H 519 38.36 33.91 -58.32
CA VAL H 519 39.54 34.52 -57.70
C VAL H 519 39.17 35.83 -57.02
N ASN H 520 38.35 36.65 -57.69
CA ASN H 520 37.90 37.89 -57.05
C ASN H 520 37.13 37.62 -55.78
N LEU H 521 36.24 36.62 -55.80
CA LEU H 521 35.47 36.27 -54.61
C LEU H 521 36.38 35.81 -53.48
N LEU H 522 37.40 35.01 -53.80
CA LEU H 522 38.32 34.54 -52.78
C LEU H 522 39.07 35.69 -52.14
N TYR H 523 39.55 36.64 -52.95
CA TYR H 523 40.24 37.79 -52.37
C TYR H 523 39.31 38.63 -51.51
N GLU H 524 38.07 38.82 -51.97
CA GLU H 524 37.10 39.57 -51.16
C GLU H 524 36.82 38.88 -49.84
N LEU H 525 36.70 37.55 -49.86
CA LEU H 525 36.48 36.80 -48.63
C LEU H 525 37.67 36.91 -47.69
N LEU H 526 38.88 36.87 -48.24
CA LEU H 526 40.08 37.04 -47.44
C LEU H 526 40.07 38.40 -46.74
N ALA H 527 39.74 39.45 -47.51
CA ALA H 527 39.65 40.78 -46.93
C ALA H 527 38.59 40.83 -45.85
N SER H 528 37.44 40.19 -46.06
CA SER H 528 36.39 40.18 -45.05
C SER H 528 36.85 39.48 -43.78
N LEU H 529 37.55 38.36 -43.92
CA LEU H 529 38.02 37.63 -42.75
C LEU H 529 39.03 38.43 -41.95
N ILE H 530 39.96 39.13 -42.61
CA ILE H 530 41.02 39.81 -41.87
C ILE H 530 40.70 41.25 -41.52
N ARG H 531 39.64 41.82 -42.07
CA ARG H 531 39.36 43.23 -41.85
C ARG H 531 39.02 43.48 -40.39
N GLY H 532 39.76 44.38 -39.76
CA GLY H 532 39.55 44.73 -38.37
C GLY H 532 40.11 43.75 -37.37
N ASN H 533 40.77 42.68 -37.82
CA ASN H 533 41.30 41.65 -36.93
C ASN H 533 42.82 41.71 -36.95
N ARG H 534 43.39 42.24 -35.86
CA ARG H 534 44.82 42.46 -35.79
C ARG H 534 45.59 41.15 -35.88
N ALA H 535 45.12 40.11 -35.18
CA ALA H 535 45.83 38.84 -35.18
C ALA H 535 45.84 38.23 -36.58
N ASN H 536 44.68 38.20 -37.23
CA ASN H 536 44.59 37.62 -38.56
C ASN H 536 45.43 38.40 -39.57
N CYS H 537 45.47 39.73 -39.43
CA CYS H 537 46.33 40.53 -40.30
C CYS H 537 47.80 40.32 -39.98
N ALA H 538 48.13 40.05 -38.71
CA ALA H 538 49.52 39.82 -38.32
C ALA H 538 50.04 38.51 -38.86
N LEU H 539 49.15 37.52 -39.03
CA LEU H 539 49.59 36.24 -39.58
C LEU H 539 50.38 36.40 -40.88
N PHE H 540 50.20 37.51 -41.60
CA PHE H 540 50.85 37.73 -42.89
C PHE H 540 52.28 38.27 -42.74
N SER H 541 52.74 38.51 -41.52
CA SER H 541 54.12 38.97 -41.35
C SER H 541 55.11 37.94 -41.88
N THR H 542 54.86 36.66 -41.61
CA THR H 542 55.73 35.62 -42.13
C THR H 542 55.69 35.57 -43.64
N ASN H 543 54.50 35.74 -44.23
CA ASN H 543 54.32 35.67 -45.68
C ASN H 543 53.57 36.92 -46.14
N LEU H 544 54.33 38.01 -46.31
CA LEU H 544 53.80 39.20 -46.98
C LEU H 544 54.09 39.18 -48.47
N ASP H 545 55.19 38.55 -48.88
CA ASP H 545 55.51 38.47 -50.31
C ASP H 545 54.40 37.76 -51.06
N TRP H 546 53.61 36.95 -50.36
CA TRP H 546 52.47 36.26 -50.95
C TRP H 546 51.50 37.24 -51.57
N VAL H 547 51.48 38.47 -51.06
CA VAL H 547 50.57 39.51 -51.55
C VAL H 547 51.26 40.43 -52.54
N VAL H 548 52.49 40.84 -52.23
CA VAL H 548 53.21 41.75 -53.11
C VAL H 548 53.48 41.09 -54.45
N SER H 549 53.80 39.80 -54.45
CA SER H 549 54.03 39.07 -55.68
C SER H 549 52.79 39.04 -56.57
N LYS H 550 51.60 39.10 -55.97
CA LYS H 550 50.35 39.02 -56.71
C LYS H 550 49.79 40.39 -57.05
N LEU H 551 50.30 41.46 -56.43
CA LEU H 551 49.76 42.79 -56.70
C LEU H 551 49.66 43.08 -58.19
N ASP H 552 50.63 42.62 -58.97
CA ASP H 552 50.67 42.97 -60.40
C ASP H 552 49.56 42.30 -61.19
N ARG H 553 49.07 41.15 -60.74
CA ARG H 553 48.08 40.40 -61.52
C ARG H 553 46.84 41.25 -61.77
N LEU H 554 46.32 41.16 -63.00
CA LEU H 554 45.27 42.06 -63.45
C LEU H 554 43.87 41.60 -63.05
N GLU H 555 43.68 40.31 -62.82
CA GLU H 555 42.32 39.79 -62.63
C GLU H 555 41.72 40.24 -61.31
N ALA H 556 42.54 40.38 -60.26
CA ALA H 556 42.04 40.68 -58.92
C ALA H 556 42.91 41.76 -58.27
N SER H 557 43.30 42.75 -59.06
CA SER H 557 44.20 43.80 -58.56
C SER H 557 43.58 44.52 -57.37
N SER H 558 42.32 44.95 -57.50
CA SER H 558 41.67 45.70 -56.43
C SER H 558 41.51 44.85 -55.18
N GLY H 559 41.16 43.57 -55.34
CA GLY H 559 41.03 42.71 -54.18
C GLY H 559 42.34 42.51 -53.45
N ILE H 560 43.42 42.27 -54.18
CA ILE H 560 44.72 42.11 -53.53
C ILE H 560 45.11 43.40 -52.83
N LEU H 561 44.87 44.55 -53.47
CA LEU H 561 45.20 45.83 -52.87
C LEU H 561 44.41 46.05 -51.58
N GLU H 562 43.12 45.69 -51.58
CA GLU H 562 42.33 45.83 -50.37
C GLU H 562 42.84 44.93 -49.26
N VAL H 563 43.23 43.69 -49.62
CA VAL H 563 43.83 42.80 -48.65
C VAL H 563 45.04 43.46 -48.00
N LEU H 564 45.93 44.01 -48.83
CA LEU H 564 47.13 44.66 -48.32
C LEU H 564 46.78 45.85 -47.44
N TYR H 565 45.80 46.64 -47.86
CA TYR H 565 45.39 47.81 -47.08
C TYR H 565 44.92 47.39 -45.69
N CYS H 566 44.07 46.37 -45.62
CA CYS H 566 43.59 45.90 -44.33
C CYS H 566 44.75 45.43 -43.46
N VAL H 567 45.63 44.60 -44.04
CA VAL H 567 46.76 44.09 -43.28
C VAL H 567 47.58 45.22 -42.70
N LEU H 568 47.89 46.23 -43.51
CA LEU H 568 48.78 47.30 -43.08
C LEU H 568 48.12 48.20 -42.05
N ILE H 569 46.82 48.49 -42.21
CA ILE H 569 46.14 49.29 -41.21
C ILE H 569 46.14 48.57 -39.86
N GLU H 570 46.00 47.24 -39.88
CA GLU H 570 45.82 46.55 -38.61
C GLU H 570 47.14 46.23 -37.92
N SER H 571 48.14 45.77 -38.67
CA SER H 571 49.30 45.13 -38.06
C SER H 571 50.55 45.99 -38.19
N PRO H 572 51.20 46.37 -37.09
CA PRO H 572 52.53 47.01 -37.18
C PRO H 572 53.66 46.04 -37.48
N GLU H 573 53.51 44.76 -37.12
CA GLU H 573 54.57 43.78 -37.38
C GLU H 573 54.93 43.76 -38.86
N VAL H 574 53.90 43.75 -39.72
CA VAL H 574 54.14 43.79 -41.15
C VAL H 574 54.95 45.02 -41.50
N LEU H 575 54.63 46.16 -40.90
CA LEU H 575 55.34 47.40 -41.19
C LEU H 575 56.81 47.32 -40.79
N ASN H 576 57.11 46.72 -39.64
CA ASN H 576 58.49 46.57 -39.23
C ASN H 576 59.24 45.57 -40.08
N ILE H 577 58.54 44.65 -40.75
CA ILE H 577 59.22 43.74 -41.68
C ILE H 577 59.23 44.21 -43.12
N ILE H 578 58.58 45.34 -43.43
CA ILE H 578 58.56 45.83 -44.80
C ILE H 578 59.98 46.00 -45.34
N GLN H 579 60.10 45.95 -46.66
CA GLN H 579 61.39 46.08 -47.32
C GLN H 579 61.29 46.94 -48.57
N GLU H 580 62.48 47.34 -49.05
CA GLU H 580 62.57 48.16 -50.25
C GLU H 580 61.92 47.48 -51.44
N ASN H 581 62.07 46.16 -51.54
CA ASN H 581 61.44 45.44 -52.64
C ASN H 581 59.93 45.62 -52.60
N HIS H 582 59.34 45.52 -51.40
CA HIS H 582 57.90 45.70 -51.27
C HIS H 582 57.48 47.11 -51.68
N ILE H 583 58.20 48.11 -51.18
CA ILE H 583 57.84 49.49 -51.47
C ILE H 583 57.96 49.76 -52.97
N LYS H 584 59.03 49.26 -53.59
CA LYS H 584 59.22 49.44 -55.01
C LYS H 584 58.15 48.73 -55.82
N SER H 585 57.71 47.55 -55.38
CA SER H 585 56.61 46.87 -56.05
C SER H 585 55.33 47.70 -55.99
N ILE H 586 55.04 48.27 -54.81
CA ILE H 586 53.84 49.07 -54.68
C ILE H 586 53.93 50.32 -55.56
N ILE H 587 55.12 50.90 -55.67
CA ILE H 587 55.29 52.08 -56.53
C ILE H 587 55.16 51.71 -57.99
N SER H 588 55.71 50.55 -58.37
CA SER H 588 55.51 50.05 -59.72
C SER H 588 54.04 49.82 -60.00
N LEU H 589 53.26 49.50 -58.96
CA LEU H 589 51.81 49.39 -59.15
C LEU H 589 51.22 50.72 -59.57
N LEU H 590 51.65 51.82 -58.94
CA LEU H 590 51.25 53.14 -59.41
C LEU H 590 51.66 53.37 -60.85
N ASP H 591 52.90 53.03 -61.18
CA ASP H 591 53.44 53.27 -62.51
C ASP H 591 52.66 52.53 -63.59
N LYS H 592 52.27 51.28 -63.30
CA LYS H 592 51.72 50.41 -64.32
C LYS H 592 50.20 50.50 -64.38
N HIS H 593 49.54 50.60 -63.24
CA HIS H 593 48.09 50.55 -63.18
C HIS H 593 47.43 51.92 -63.20
N GLY H 594 48.15 52.99 -62.89
CA GLY H 594 47.63 54.32 -62.96
C GLY H 594 47.62 55.01 -61.61
N ARG H 595 47.12 56.25 -61.63
CA ARG H 595 47.09 57.11 -60.46
C ARG H 595 45.85 56.78 -59.63
N ASN H 596 46.01 55.86 -58.68
CA ASN H 596 44.95 55.47 -57.77
C ASN H 596 45.33 55.90 -56.36
N HIS H 597 44.41 56.62 -55.70
CA HIS H 597 44.70 57.15 -54.37
C HIS H 597 44.77 56.03 -53.33
N LYS H 598 44.28 54.83 -53.66
CA LYS H 598 44.37 53.73 -52.72
C LYS H 598 45.82 53.33 -52.47
N VAL H 599 46.66 53.35 -53.51
CA VAL H 599 48.07 53.05 -53.32
C VAL H 599 48.71 54.09 -52.42
N LEU H 600 48.32 55.36 -52.58
CA LEU H 600 48.82 56.41 -51.70
C LEU H 600 48.40 56.16 -50.27
N ASP H 601 47.16 55.70 -50.08
CA ASP H 601 46.70 55.37 -48.73
C ASP H 601 47.51 54.22 -48.14
N VAL H 602 47.82 53.23 -48.96
CA VAL H 602 48.67 52.11 -48.51
C VAL H 602 50.03 52.62 -48.08
N LEU H 603 50.63 53.48 -48.91
CA LEU H 603 51.95 54.02 -48.58
C LEU H 603 51.90 54.87 -47.31
N CYS H 604 50.83 55.64 -47.13
CA CYS H 604 50.64 56.41 -45.91
C CYS H 604 50.56 55.48 -44.70
N SER H 605 49.81 54.39 -44.82
CA SER H 605 49.72 53.43 -43.73
C SER H 605 51.06 52.79 -43.43
N LEU H 606 51.92 52.64 -44.45
CA LEU H 606 53.25 52.09 -44.21
C LEU H 606 54.05 52.96 -43.26
N CYS H 607 53.78 54.27 -43.24
CA CYS H 607 54.61 55.18 -42.47
C CYS H 607 54.28 55.13 -40.99
N VAL H 608 53.00 55.24 -40.64
CA VAL H 608 52.56 55.38 -39.25
C VAL H 608 51.51 54.33 -38.96
N CYS H 609 51.63 53.68 -37.80
CA CYS H 609 50.60 52.79 -37.28
C CYS H 609 50.41 53.07 -35.80
N ASN H 610 49.17 53.33 -35.39
CA ASN H 610 48.81 53.49 -33.98
C ASN H 610 49.70 54.53 -33.31
N GLY H 611 49.97 55.63 -34.02
CA GLY H 611 50.76 56.71 -33.46
C GLY H 611 52.25 56.49 -33.46
N VAL H 612 52.74 55.47 -34.17
CA VAL H 612 54.16 55.16 -34.24
C VAL H 612 54.61 55.21 -35.69
N ALA H 613 55.72 55.90 -35.93
CA ALA H 613 56.25 56.09 -37.26
C ALA H 613 57.39 55.11 -37.53
N VAL H 614 57.57 54.74 -38.78
CA VAL H 614 58.65 53.86 -39.22
C VAL H 614 59.56 54.66 -40.14
N ARG H 615 60.72 55.06 -39.62
CA ARG H 615 61.62 55.93 -40.37
C ARG H 615 62.14 55.24 -41.62
N SER H 616 62.43 53.95 -41.53
CA SER H 616 62.94 53.23 -42.69
C SER H 616 61.95 53.28 -43.84
N ASN H 617 60.68 52.98 -43.54
CA ASN H 617 59.65 53.02 -44.58
C ASN H 617 59.48 54.44 -45.11
N GLN H 618 59.46 55.42 -44.21
CA GLN H 618 59.34 56.81 -44.65
C GLN H 618 60.44 57.17 -45.64
N ASP H 619 61.69 56.88 -45.28
CA ASP H 619 62.82 57.27 -46.11
C ASP H 619 62.85 56.50 -47.42
N LEU H 620 62.52 55.20 -47.38
CA LEU H 620 62.49 54.42 -48.60
C LEU H 620 61.44 54.96 -49.57
N ILE H 621 60.23 55.24 -49.06
CA ILE H 621 59.19 55.82 -49.90
C ILE H 621 59.69 57.12 -50.50
N THR H 622 60.25 58.01 -49.68
CA THR H 622 60.74 59.28 -50.19
C THR H 622 61.76 59.07 -51.29
N GLU H 623 62.80 58.29 -51.00
CA GLU H 623 63.93 58.13 -51.91
C GLU H 623 63.50 57.52 -53.24
N ASN H 624 62.56 56.57 -53.22
CA ASN H 624 62.21 55.86 -54.44
C ASN H 624 61.12 56.58 -55.23
N LEU H 625 60.24 57.32 -54.54
CA LEU H 625 59.12 57.96 -55.24
C LEU H 625 59.46 59.39 -55.64
N LEU H 626 59.81 60.23 -54.67
CA LEU H 626 59.82 61.67 -54.93
C LEU H 626 60.84 62.12 -55.97
N PRO H 627 62.13 61.75 -55.88
CA PRO H 627 63.13 62.44 -56.71
C PRO H 627 62.88 62.36 -58.20
N GLY H 628 62.37 61.23 -58.70
CA GLY H 628 62.14 61.11 -60.12
C GLY H 628 61.19 62.16 -60.66
N ARG H 629 60.11 62.42 -59.92
CA ARG H 629 59.14 63.48 -60.18
C ARG H 629 58.29 63.19 -61.41
N GLU H 630 58.17 61.94 -61.84
CA GLU H 630 57.34 61.62 -63.00
C GLU H 630 55.93 61.22 -62.58
N LEU H 631 55.80 60.51 -61.46
CA LEU H 631 54.52 59.89 -61.11
C LEU H 631 53.57 60.90 -60.47
N LEU H 632 53.95 61.45 -59.32
CA LEU H 632 53.10 62.40 -58.64
C LEU H 632 53.05 63.72 -59.40
N LEU H 633 51.92 64.41 -59.28
CA LEU H 633 51.76 65.70 -59.91
C LEU H 633 52.65 66.73 -59.23
N GLN H 634 53.20 67.64 -60.03
CA GLN H 634 54.16 68.63 -59.55
C GLN H 634 53.55 70.02 -59.56
N THR H 635 53.97 70.83 -58.59
CA THR H 635 53.44 72.17 -58.43
C THR H 635 54.59 73.18 -58.33
N ASN H 636 54.39 74.33 -58.96
CA ASN H 636 55.32 75.45 -58.87
C ASN H 636 54.57 76.70 -59.29
N LEU H 637 55.12 77.85 -58.89
CA LEU H 637 54.51 79.13 -59.21
C LEU H 637 55.14 79.70 -60.46
N ILE H 638 54.30 80.16 -61.39
CA ILE H 638 54.74 80.64 -62.69
C ILE H 638 54.05 81.97 -62.98
N ASN H 639 54.77 82.84 -63.68
CA ASN H 639 54.19 84.11 -64.10
C ASN H 639 53.28 83.90 -65.31
N TYR H 640 52.31 84.80 -65.44
CA TYR H 640 51.53 84.88 -66.66
C TYR H 640 52.33 85.57 -67.75
N VAL H 641 52.14 85.12 -68.98
CA VAL H 641 52.86 85.64 -70.14
C VAL H 641 51.85 85.96 -71.23
N THR H 642 52.01 87.14 -71.85
CA THR H 642 51.11 87.59 -72.90
C THR H 642 51.91 87.96 -74.14
N SER H 643 51.25 87.88 -75.28
CA SER H 643 51.87 88.12 -76.57
C SER H 643 51.17 89.28 -77.24
N ILE H 644 51.96 90.16 -77.85
CA ILE H 644 51.44 91.34 -78.54
C ILE H 644 52.04 91.37 -79.94
N ARG H 645 51.19 91.67 -80.92
CA ARG H 645 51.59 91.72 -82.32
C ARG H 645 51.09 93.00 -82.96
N PRO H 646 51.79 93.50 -83.97
CA PRO H 646 51.18 94.44 -84.90
C PRO H 646 50.21 93.72 -85.83
N ASN H 647 49.32 94.50 -86.44
CA ASN H 647 48.40 93.95 -87.45
C ASN H 647 49.06 93.98 -88.83
N ILE H 648 50.22 93.34 -88.89
CA ILE H 648 50.92 93.06 -90.15
C ILE H 648 50.91 91.54 -90.36
N PHE H 649 50.45 91.12 -91.53
CA PHE H 649 50.32 89.71 -91.86
C PHE H 649 50.93 89.47 -93.22
N VAL H 650 52.00 88.68 -93.26
CA VAL H 650 52.73 88.41 -94.49
C VAL H 650 52.79 86.91 -94.73
N GLY H 651 52.84 86.54 -96.00
CA GLY H 651 52.83 85.14 -96.37
C GLY H 651 53.30 84.96 -97.80
N ARG H 652 53.33 83.71 -98.23
CA ARG H 652 53.75 83.36 -99.58
C ARG H 652 52.76 82.36 -100.15
N ALA H 653 52.26 82.64 -101.35
CA ALA H 653 51.40 81.71 -102.08
C ALA H 653 51.59 81.94 -103.57
N GLU H 654 51.30 80.91 -104.35
CA GLU H 654 51.39 81.02 -105.80
C GLU H 654 50.39 82.03 -106.31
N GLY H 655 50.88 83.02 -107.06
CA GLY H 655 50.04 84.08 -107.57
C GLY H 655 49.74 85.19 -106.58
N SER H 656 50.32 85.14 -105.38
CA SER H 656 50.05 86.14 -104.38
C SER H 656 50.62 87.49 -104.81
N THR H 657 49.96 88.55 -104.36
CA THR H 657 50.33 89.93 -104.68
C THR H 657 51.24 90.52 -103.60
N GLN H 658 51.97 89.68 -102.88
CA GLN H 658 52.50 90.04 -101.58
C GLN H 658 54.00 89.75 -101.52
N TYR H 659 54.73 90.69 -100.92
CA TYR H 659 56.19 90.66 -100.98
C TYR H 659 56.75 89.71 -99.93
N GLY H 660 57.86 89.05 -100.28
CA GLY H 660 58.36 87.97 -99.44
C GLY H 660 59.20 88.46 -98.27
N LYS H 661 60.09 89.41 -98.52
CA LYS H 661 61.11 89.79 -97.55
C LYS H 661 60.61 90.95 -96.70
N TRP H 662 60.81 90.83 -95.39
CA TRP H 662 60.29 91.81 -94.44
C TRP H 662 61.25 92.00 -93.29
N TYR H 663 61.19 93.19 -92.69
CA TYR H 663 62.12 93.64 -91.67
C TYR H 663 61.38 94.42 -90.60
N PHE H 664 61.72 94.17 -89.34
CA PHE H 664 61.21 95.02 -88.26
C PHE H 664 62.20 95.01 -87.11
N GLU H 665 62.00 95.93 -86.17
CA GLU H 665 62.90 96.09 -85.04
C GLU H 665 62.11 96.21 -83.75
N VAL H 666 62.76 95.83 -82.65
CA VAL H 666 62.21 95.96 -81.31
C VAL H 666 63.28 96.54 -80.41
N MET H 667 62.95 97.66 -79.76
CA MET H 667 63.88 98.35 -78.87
C MET H 667 63.41 98.21 -77.42
N VAL H 668 64.32 97.78 -76.56
CA VAL H 668 64.00 97.55 -75.15
C VAL H 668 64.30 98.80 -74.36
N ASP H 669 63.32 99.27 -73.57
CA ASP H 669 63.48 100.48 -72.77
C ASP H 669 63.67 100.20 -71.29
N GLU H 670 63.02 99.17 -70.75
CA GLU H 670 63.08 98.91 -69.32
C GLU H 670 62.72 97.44 -69.09
N VAL H 671 63.57 96.74 -68.34
CA VAL H 671 63.38 95.31 -68.09
C VAL H 671 63.77 95.03 -66.64
N VAL H 672 62.85 94.42 -65.89
CA VAL H 672 63.12 93.98 -64.53
C VAL H 672 63.43 92.49 -64.59
N PRO H 673 64.68 92.07 -64.34
CA PRO H 673 65.00 90.64 -64.46
C PRO H 673 64.16 89.75 -63.56
N PHE H 674 64.06 90.09 -62.27
CA PHE H 674 63.32 89.30 -61.31
C PHE H 674 62.37 90.23 -60.54
N LEU H 675 61.21 90.48 -61.12
CA LEU H 675 60.12 91.09 -60.37
C LEU H 675 59.48 90.08 -59.44
N THR H 676 59.52 88.82 -59.81
CA THR H 676 59.11 87.69 -58.98
C THR H 676 60.29 86.72 -58.87
N ALA H 677 60.05 85.58 -58.24
CA ALA H 677 61.09 84.56 -58.17
C ALA H 677 61.44 84.03 -59.55
N GLN H 678 60.42 83.81 -60.39
CA GLN H 678 60.64 83.39 -61.76
C GLN H 678 61.15 84.55 -62.59
N ALA H 679 62.11 84.26 -63.46
CA ALA H 679 62.76 85.30 -64.25
C ALA H 679 61.78 85.94 -65.22
N THR H 680 61.99 87.22 -65.51
CA THR H 680 61.16 87.93 -66.46
C THR H 680 61.31 87.31 -67.85
N HIS H 681 60.20 87.29 -68.58
CA HIS H 681 60.12 86.66 -69.88
C HIS H 681 60.05 87.75 -70.95
N LEU H 682 60.94 87.67 -71.93
CA LEU H 682 60.94 88.59 -73.07
C LEU H 682 61.47 87.85 -74.29
N ARG H 683 60.66 87.83 -75.35
CA ARG H 683 61.04 87.16 -76.59
C ARG H 683 60.47 87.92 -77.76
N VAL H 684 61.22 87.96 -78.86
CA VAL H 684 60.86 88.68 -80.07
C VAL H 684 60.93 87.72 -81.24
N GLY H 685 60.01 87.85 -82.19
CA GLY H 685 60.14 87.05 -83.39
C GLY H 685 58.88 87.06 -84.24
N TRP H 686 58.66 85.95 -84.93
CA TRP H 686 57.54 85.80 -85.85
C TRP H 686 56.66 84.65 -85.37
N ALA H 687 55.40 84.68 -85.80
CA ALA H 687 54.44 83.65 -85.44
C ALA H 687 53.47 83.45 -86.60
N LEU H 688 52.81 82.31 -86.60
CA LEU H 688 51.89 81.92 -87.66
C LEU H 688 50.46 82.01 -87.16
N THR H 689 49.59 82.56 -88.00
CA THR H 689 48.20 82.79 -87.58
C THR H 689 47.49 81.49 -87.23
N GLU H 690 47.71 80.44 -88.01
CA GLU H 690 46.96 79.19 -87.86
C GLU H 690 47.76 78.25 -86.95
N GLY H 691 47.67 78.49 -85.65
CA GLY H 691 48.24 77.60 -84.67
C GLY H 691 48.90 78.28 -83.49
N TYR H 692 49.23 79.56 -83.63
CA TYR H 692 49.81 80.32 -82.52
C TYR H 692 48.67 80.87 -81.69
N SER H 693 48.27 80.12 -80.67
CA SER H 693 47.15 80.47 -79.81
C SER H 693 47.59 80.34 -78.36
N PRO H 694 48.51 81.18 -77.91
CA PRO H 694 48.97 81.10 -76.52
C PRO H 694 47.90 81.59 -75.58
N TYR H 695 47.28 80.66 -74.90
CA TYR H 695 46.21 81.03 -73.99
C TYR H 695 46.78 81.30 -72.60
N PRO H 696 46.21 82.26 -71.87
CA PRO H 696 46.80 82.64 -70.58
C PRO H 696 46.86 81.46 -69.61
N GLY H 697 47.93 81.44 -68.83
CA GLY H 697 48.07 80.45 -67.77
C GLY H 697 48.64 79.13 -68.23
N GLY H 698 47.84 78.07 -68.12
CA GLY H 698 48.33 76.74 -68.40
C GLY H 698 48.61 76.52 -69.87
N GLY H 699 49.47 75.55 -70.14
CA GLY H 699 49.83 75.20 -71.50
C GLY H 699 50.84 74.08 -71.56
N GLU H 700 51.79 74.18 -72.50
CA GLU H 700 52.80 73.15 -72.65
C GLU H 700 53.91 73.34 -71.62
N GLY H 701 54.50 72.21 -71.21
CA GLY H 701 55.56 72.28 -70.22
C GLY H 701 55.04 72.84 -68.92
N TRP H 702 55.71 73.88 -68.42
CA TRP H 702 55.35 74.52 -67.16
C TRP H 702 54.62 75.84 -67.39
N GLY H 703 54.07 76.04 -68.57
CA GLY H 703 53.35 77.26 -68.87
C GLY H 703 54.28 78.37 -69.33
N GLY H 704 53.79 79.60 -69.19
CA GLY H 704 54.52 80.74 -69.72
C GLY H 704 54.68 80.67 -71.23
N ASN H 705 53.65 80.19 -71.92
CA ASN H 705 53.76 79.99 -73.36
C ASN H 705 53.95 81.32 -74.07
N GLY H 706 54.92 81.36 -74.98
CA GLY H 706 55.20 82.54 -75.74
C GLY H 706 55.82 82.17 -77.07
N VAL H 707 56.58 83.11 -77.62
CA VAL H 707 57.26 82.90 -78.89
C VAL H 707 58.24 81.75 -78.72
N GLY H 708 58.12 80.74 -79.58
CA GLY H 708 59.03 79.61 -79.57
C GLY H 708 58.61 78.45 -78.67
N ASP H 709 57.46 78.55 -78.00
CA ASP H 709 56.94 77.46 -77.19
C ASP H 709 56.01 76.56 -77.97
N ASP H 710 55.88 76.79 -79.28
CA ASP H 710 55.13 75.93 -80.18
C ASP H 710 55.86 75.85 -81.50
N LEU H 711 55.40 74.96 -82.38
CA LEU H 711 56.02 74.81 -83.68
C LEU H 711 55.41 75.79 -84.67
N TYR H 712 54.74 76.83 -84.16
CA TYR H 712 54.18 77.88 -84.99
C TYR H 712 54.89 79.22 -84.75
N SER H 713 55.85 79.27 -83.85
CA SER H 713 56.49 80.52 -83.46
C SER H 713 58.00 80.33 -83.44
N TYR H 714 58.71 81.44 -83.64
CA TYR H 714 60.16 81.45 -83.76
C TYR H 714 60.67 82.71 -83.08
N GLY H 715 61.48 82.54 -82.02
CA GLY H 715 61.80 83.64 -81.14
C GLY H 715 63.27 83.71 -80.82
N PHE H 716 63.63 84.81 -80.15
CA PHE H 716 65.00 85.10 -79.75
C PHE H 716 64.97 85.88 -78.45
N ASP H 717 65.65 85.36 -77.43
CA ASP H 717 65.69 85.99 -76.12
C ASP H 717 67.03 86.65 -75.81
N GLY H 718 67.98 86.62 -76.74
CA GLY H 718 69.28 87.21 -76.51
C GLY H 718 70.39 86.18 -76.49
N LEU H 719 70.11 85.02 -75.89
CA LEU H 719 71.06 83.92 -75.82
C LEU H 719 70.60 82.68 -76.55
N HIS H 720 69.30 82.54 -76.81
CA HIS H 720 68.76 81.32 -77.37
C HIS H 720 67.82 81.64 -78.53
N LEU H 721 67.63 80.65 -79.38
CA LEU H 721 66.57 80.64 -80.38
C LEU H 721 65.53 79.61 -79.95
N TRP H 722 64.27 80.05 -79.87
CA TRP H 722 63.21 79.24 -79.28
C TRP H 722 62.30 78.69 -80.36
N THR H 723 62.07 77.39 -80.33
CA THR H 723 61.11 76.74 -81.21
C THR H 723 60.77 75.38 -80.62
N GLY H 724 59.49 75.03 -80.68
CA GLY H 724 59.04 73.78 -80.09
C GLY H 724 59.27 73.70 -78.60
N HIS H 725 59.22 74.83 -77.90
CA HIS H 725 59.44 74.87 -76.45
C HIS H 725 60.85 74.37 -76.11
N VAL H 726 61.79 74.60 -77.02
CA VAL H 726 63.19 74.22 -76.83
C VAL H 726 64.05 75.46 -77.05
N ALA H 727 64.96 75.71 -76.11
CA ALA H 727 65.90 76.81 -76.23
C ALA H 727 67.23 76.28 -76.74
N ARG H 728 67.70 76.84 -77.85
CA ARG H 728 68.97 76.43 -78.44
C ARG H 728 69.96 77.59 -78.37
N PRO H 729 71.07 77.47 -77.65
CA PRO H 729 71.98 78.61 -77.55
C PRO H 729 72.49 79.05 -78.91
N VAL H 730 72.60 80.38 -79.06
CA VAL H 730 73.09 80.99 -80.28
C VAL H 730 74.15 82.01 -79.92
N THR H 731 75.19 82.10 -80.75
CA THR H 731 76.35 82.92 -80.45
C THR H 731 76.20 84.29 -81.11
N SER H 732 76.37 85.34 -80.31
CA SER H 732 76.42 86.71 -80.78
C SER H 732 77.53 87.43 -80.03
N PRO H 733 78.05 88.53 -80.57
CA PRO H 733 79.01 89.33 -79.79
C PRO H 733 78.33 89.95 -78.59
N GLY H 734 79.00 89.84 -77.43
CA GLY H 734 78.45 90.39 -76.20
C GLY H 734 77.15 89.72 -75.80
N GLN H 735 77.14 88.39 -75.84
CA GLN H 735 75.99 87.61 -75.44
C GLN H 735 75.42 88.11 -74.12
N HIS H 736 74.11 88.34 -74.09
CA HIS H 736 73.44 88.65 -72.83
C HIS H 736 71.94 88.60 -73.07
N LEU H 737 71.21 88.25 -72.02
CA LEU H 737 69.76 88.25 -72.07
C LEU H 737 69.27 89.67 -72.31
N LEU H 738 68.17 89.79 -73.05
CA LEU H 738 67.71 91.10 -73.52
C LEU H 738 67.68 92.09 -72.37
N ALA H 739 68.35 93.22 -72.57
CA ALA H 739 68.48 94.26 -71.56
C ALA H 739 67.99 95.60 -72.13
N PRO H 740 67.90 96.64 -71.31
CA PRO H 740 67.55 97.95 -71.85
C PRO H 740 68.62 98.47 -72.81
N GLU H 741 68.20 99.36 -73.70
CA GLU H 741 69.05 99.91 -74.75
C GLU H 741 69.56 98.82 -75.69
N ASP H 742 68.74 97.79 -75.92
CA ASP H 742 69.05 96.73 -76.86
C ASP H 742 68.04 96.76 -78.00
N VAL H 743 68.54 96.63 -79.22
CA VAL H 743 67.72 96.64 -80.43
C VAL H 743 67.85 95.28 -81.10
N VAL H 744 66.71 94.65 -81.34
CA VAL H 744 66.63 93.36 -82.03
C VAL H 744 66.05 93.60 -83.41
N SER H 745 66.80 93.26 -84.44
CA SER H 745 66.36 93.39 -85.82
C SER H 745 65.98 92.00 -86.33
N CYS H 746 64.74 91.84 -86.75
CA CYS H 746 64.21 90.57 -87.21
C CYS H 746 63.94 90.67 -88.70
N CYS H 747 64.47 89.72 -89.46
CA CYS H 747 64.33 89.65 -90.90
C CYS H 747 63.67 88.34 -91.27
N LEU H 748 62.69 88.38 -92.17
CA LEU H 748 62.01 87.19 -92.65
C LEU H 748 62.07 87.16 -94.16
N ASP H 749 62.64 86.08 -94.71
CA ASP H 749 62.66 85.83 -96.15
C ASP H 749 61.80 84.60 -96.42
N LEU H 750 60.67 84.79 -97.07
CA LEU H 750 59.73 83.70 -97.28
C LEU H 750 60.10 82.79 -98.43
N SER H 751 61.08 83.16 -99.24
CA SER H 751 61.46 82.33 -100.38
C SER H 751 62.23 81.10 -99.94
N VAL H 752 63.14 81.25 -98.99
CA VAL H 752 64.04 80.16 -98.59
C VAL H 752 63.24 78.99 -98.04
N PRO H 753 62.39 79.17 -97.00
CA PRO H 753 62.20 80.28 -96.08
C PRO H 753 63.23 80.34 -94.95
N SER H 754 63.42 81.52 -94.38
CA SER H 754 64.42 81.73 -93.33
C SER H 754 64.02 82.92 -92.47
N ILE H 755 64.40 82.84 -91.20
CA ILE H 755 64.23 83.94 -90.25
C ILE H 755 65.58 84.20 -89.61
N SER H 756 66.00 85.46 -89.61
CA SER H 756 67.32 85.84 -89.12
C SER H 756 67.21 87.01 -88.16
N PHE H 757 68.23 87.17 -87.34
CA PHE H 757 68.25 88.16 -86.28
C PHE H 757 69.57 88.91 -86.29
N ARG H 758 69.52 90.14 -85.80
CA ARG H 758 70.72 90.91 -85.46
C ARG H 758 70.49 91.62 -84.14
N ILE H 759 71.49 91.57 -83.27
CA ILE H 759 71.42 92.20 -81.95
C ILE H 759 72.33 93.43 -81.97
N ASN H 760 71.72 94.60 -81.76
CA ASN H 760 72.45 95.86 -81.72
C ASN H 760 73.36 96.01 -82.95
N GLY H 761 72.87 95.58 -84.11
CA GLY H 761 73.63 95.67 -85.33
C GLY H 761 74.61 94.54 -85.55
N CYS H 762 74.68 93.57 -84.63
CA CYS H 762 75.62 92.47 -84.75
C CYS H 762 74.88 91.19 -85.15
N PRO H 763 75.46 90.38 -86.04
CA PRO H 763 74.73 89.18 -86.51
C PRO H 763 74.49 88.19 -85.37
N VAL H 764 73.38 87.47 -85.48
CA VAL H 764 73.07 86.36 -84.59
C VAL H 764 73.38 85.07 -85.35
N GLN H 765 74.32 84.29 -84.81
CA GLN H 765 74.86 83.14 -85.52
C GLN H 765 73.92 81.93 -85.42
N GLY H 766 72.71 82.14 -85.90
CA GLY H 766 71.71 81.10 -85.96
C GLY H 766 70.51 81.54 -86.76
N VAL H 767 69.87 80.57 -87.41
CA VAL H 767 68.73 80.87 -88.28
C VAL H 767 67.71 79.76 -88.19
N PHE H 768 66.44 80.15 -88.24
CA PHE H 768 65.34 79.24 -88.52
C PHE H 768 65.16 79.14 -90.02
N GLU H 769 64.86 77.95 -90.52
CA GLU H 769 64.66 77.74 -91.94
C GLU H 769 63.77 76.52 -92.15
N ALA H 770 63.35 76.33 -93.40
CA ALA H 770 62.62 75.14 -93.81
C ALA H 770 61.40 74.91 -92.92
N PHE H 771 60.68 76.00 -92.60
CA PHE H 771 59.49 75.87 -91.80
C PHE H 771 58.24 75.93 -92.68
N ASN H 772 57.11 75.59 -92.09
CA ASN H 772 55.86 75.50 -92.82
C ASN H 772 55.36 76.89 -93.23
N LEU H 773 54.66 76.93 -94.36
CA LEU H 773 54.13 78.17 -94.93
C LEU H 773 52.62 78.11 -95.09
N ASP H 774 51.92 77.42 -94.19
CA ASP H 774 50.49 77.19 -94.37
C ASP H 774 49.65 78.41 -94.01
N GLY H 775 50.26 79.49 -93.56
CA GLY H 775 49.49 80.65 -93.15
C GLY H 775 50.23 81.97 -93.26
N LEU H 776 49.75 82.97 -92.54
CA LEU H 776 50.34 84.30 -92.54
C LEU H 776 51.24 84.49 -91.33
N PHE H 777 52.31 85.27 -91.54
CA PHE H 777 53.28 85.57 -90.50
C PHE H 777 53.08 86.99 -90.00
N PHE H 778 53.16 87.17 -88.69
CA PHE H 778 53.09 88.48 -88.08
C PHE H 778 54.18 88.66 -87.06
N PRO H 779 54.73 89.86 -86.92
CA PRO H 779 55.67 90.12 -85.82
C PRO H 779 54.98 89.95 -84.47
N VAL H 780 55.73 89.49 -83.49
CA VAL H 780 55.19 89.22 -82.16
C VAL H 780 56.28 89.37 -81.12
N VAL H 781 55.88 89.88 -79.95
CA VAL H 781 56.71 89.87 -78.76
C VAL H 781 55.92 89.23 -77.64
N SER H 782 56.52 88.24 -76.98
CA SER H 782 55.94 87.62 -75.80
C SER H 782 56.67 88.13 -74.58
N PHE H 783 55.92 88.45 -73.53
CA PHE H 783 56.51 89.09 -72.37
C PHE H 783 55.72 88.74 -71.13
N SER H 784 56.43 88.74 -70.00
CA SER H 784 55.82 88.74 -68.69
C SER H 784 55.78 90.17 -68.17
N ALA H 785 55.40 90.34 -66.90
CA ALA H 785 55.41 91.66 -66.30
C ALA H 785 56.84 92.11 -66.03
N GLY H 786 57.05 93.41 -66.14
CA GLY H 786 58.36 94.00 -65.96
C GLY H 786 59.05 94.43 -67.24
N VAL H 787 58.29 94.82 -68.27
CA VAL H 787 58.85 95.07 -69.60
C VAL H 787 58.27 96.37 -70.16
N LYS H 788 59.13 97.14 -70.81
CA LYS H 788 58.73 98.20 -71.73
C LYS H 788 59.51 98.05 -73.02
N VAL H 789 58.80 97.95 -74.14
CA VAL H 789 59.41 97.72 -75.44
C VAL H 789 58.75 98.62 -76.47
N ARG H 790 59.43 98.77 -77.60
CA ARG H 790 58.92 99.59 -78.70
C ARG H 790 59.15 98.89 -80.02
N PHE H 791 58.04 98.61 -80.71
CA PHE H 791 58.05 98.14 -82.09
C PHE H 791 58.46 99.30 -82.99
N LEU H 792 59.44 99.06 -83.85
CA LEU H 792 59.82 99.97 -84.91
C LEU H 792 59.60 99.27 -86.24
N LEU H 793 58.68 99.82 -87.04
CA LEU H 793 58.24 99.18 -88.27
C LEU H 793 58.63 99.95 -89.52
N GLY H 794 59.24 101.11 -89.38
CA GLY H 794 59.75 101.87 -90.51
C GLY H 794 58.86 103.06 -90.84
N GLY H 795 59.43 103.98 -91.60
CA GLY H 795 58.68 105.17 -91.97
C GLY H 795 58.21 105.92 -90.74
N ARG H 796 56.90 106.20 -90.69
CA ARG H 796 56.32 106.85 -89.54
C ARG H 796 56.25 105.92 -88.34
N HIS H 797 55.81 104.69 -88.57
CA HIS H 797 55.52 103.76 -87.48
C HIS H 797 56.83 103.15 -87.00
N GLY H 798 57.63 104.00 -86.38
CA GLY H 798 58.96 103.63 -85.93
C GLY H 798 60.03 104.04 -86.92
N GLU H 799 61.23 104.29 -86.39
CA GLU H 799 62.38 104.68 -87.18
C GLU H 799 63.50 103.68 -86.91
N PHE H 800 64.00 103.05 -87.98
CA PHE H 800 65.00 102.01 -87.82
C PHE H 800 66.31 102.60 -87.32
N LYS H 801 66.92 101.91 -86.36
CA LYS H 801 68.24 102.29 -85.87
C LYS H 801 69.36 101.71 -86.71
N PHE H 802 69.11 100.57 -87.35
CA PHE H 802 70.04 99.95 -88.28
C PHE H 802 69.35 99.76 -89.62
N LEU H 803 70.10 100.02 -90.68
CA LEU H 803 69.54 100.01 -92.01
C LEU H 803 68.99 98.62 -92.35
N PRO H 804 67.78 98.52 -92.90
CA PRO H 804 67.30 97.22 -93.33
C PRO H 804 68.23 96.62 -94.37
N PRO H 805 68.43 95.31 -94.34
CA PRO H 805 69.30 94.69 -95.34
C PRO H 805 68.68 94.77 -96.71
N PRO H 806 69.48 94.61 -97.77
CA PRO H 806 68.95 94.81 -99.13
C PRO H 806 67.75 93.90 -99.42
N GLY H 807 66.75 94.47 -100.06
CA GLY H 807 65.59 93.73 -100.50
C GLY H 807 64.57 93.42 -99.42
N TYR H 808 64.81 93.87 -98.18
CA TYR H 808 63.92 93.59 -97.05
C TYR H 808 63.06 94.82 -96.81
N ALA H 809 61.76 94.65 -96.95
CA ALA H 809 60.86 95.79 -96.83
C ALA H 809 60.51 96.05 -95.37
N PRO H 810 60.34 97.31 -94.98
CA PRO H 810 59.78 97.60 -93.65
C PRO H 810 58.38 97.03 -93.52
N CYS H 811 58.08 96.51 -92.33
CA CYS H 811 56.78 95.88 -92.12
C CYS H 811 55.63 96.87 -92.13
N HIS H 812 55.91 98.17 -92.07
CA HIS H 812 54.83 99.15 -92.09
C HIS H 812 54.19 99.24 -93.47
N GLU H 813 54.86 98.74 -94.51
CA GLU H 813 54.33 98.76 -95.86
C GLU H 813 53.26 97.71 -96.09
N ALA H 814 53.03 96.82 -95.13
CA ALA H 814 52.10 95.72 -95.28
C ALA H 814 50.72 96.00 -94.73
N VAL H 815 50.53 97.16 -94.06
CA VAL H 815 49.20 97.49 -93.55
C VAL H 815 48.24 97.61 -94.71
N LEU H 816 47.09 96.93 -94.59
CA LEU H 816 46.16 96.84 -95.70
C LEU H 816 45.36 98.13 -95.85
N PRO H 817 44.81 98.35 -97.05
CA PRO H 817 44.11 99.62 -97.30
C PRO H 817 42.94 99.87 -96.35
N ARG H 818 42.21 98.83 -95.98
CA ARG H 818 41.00 98.98 -95.18
C ARG H 818 41.28 99.13 -93.69
N GLU H 819 42.51 98.86 -93.26
CA GLU H 819 42.86 98.85 -91.84
C GLU H 819 43.90 99.92 -91.55
N ARG H 820 44.07 100.19 -90.26
CA ARG H 820 45.11 101.07 -89.77
C ARG H 820 46.03 100.28 -88.86
N LEU H 821 47.26 100.77 -88.71
CA LEU H 821 48.22 100.05 -87.91
C LEU H 821 47.87 100.15 -86.43
N ARG H 822 47.97 99.02 -85.72
CA ARG H 822 47.65 98.98 -84.31
C ARG H 822 48.35 97.79 -83.68
N LEU H 823 48.37 97.78 -82.35
CA LEU H 823 48.90 96.68 -81.56
C LEU H 823 47.75 95.97 -80.88
N GLU H 824 47.70 94.66 -80.99
CA GLU H 824 46.55 93.88 -80.56
C GLU H 824 47.03 92.61 -79.88
N PRO H 825 46.24 92.06 -78.97
CA PRO H 825 46.49 90.70 -78.48
C PRO H 825 46.18 89.68 -79.56
N ILE H 826 46.45 88.42 -79.26
CA ILE H 826 46.29 87.32 -80.19
C ILE H 826 45.25 86.36 -79.63
N LYS H 827 44.15 86.20 -80.36
CA LYS H 827 43.11 85.26 -80.00
C LYS H 827 42.64 85.47 -78.56
N GLU H 828 42.10 86.64 -78.28
CA GLU H 828 41.61 86.97 -76.95
C GLU H 828 40.15 86.57 -76.80
N TYR H 829 39.84 85.90 -75.70
CA TYR H 829 38.47 85.58 -75.34
C TYR H 829 37.91 86.53 -74.29
N ARG H 830 38.59 87.64 -74.04
CA ARG H 830 38.25 88.52 -72.94
C ARG H 830 38.95 89.86 -73.14
N ARG H 831 38.21 90.94 -72.94
CA ARG H 831 38.81 92.27 -72.85
C ARG H 831 38.07 93.08 -71.80
N GLU H 832 38.60 94.25 -71.49
CA GLU H 832 37.93 95.18 -70.59
C GLU H 832 37.06 96.13 -71.40
N GLY H 833 36.01 96.65 -70.76
CA GLY H 833 35.20 97.69 -71.36
C GLY H 833 34.70 98.65 -70.32
N PRO H 834 33.77 99.52 -70.70
CA PRO H 834 33.32 100.55 -69.75
C PRO H 834 32.64 99.99 -68.51
N ARG H 835 31.60 99.17 -68.69
CA ARG H 835 30.86 98.64 -67.55
C ARG H 835 31.55 97.45 -66.91
N GLY H 836 32.22 96.61 -67.70
CA GLY H 836 32.87 95.43 -67.19
C GLY H 836 33.66 94.70 -68.25
N PRO H 837 34.06 93.47 -67.95
CA PRO H 837 34.73 92.66 -68.97
C PRO H 837 33.76 92.25 -70.09
N HIS H 838 34.24 92.32 -71.31
CA HIS H 838 33.52 91.81 -72.48
C HIS H 838 34.09 90.46 -72.89
N LEU H 839 33.21 89.49 -73.04
CA LEU H 839 33.56 88.21 -73.62
C LEU H 839 33.61 88.33 -75.13
N VAL H 840 34.65 87.75 -75.73
CA VAL H 840 34.98 87.94 -77.13
C VAL H 840 34.96 86.58 -77.81
N GLY H 841 34.34 86.52 -78.99
CA GLY H 841 34.31 85.30 -79.75
C GLY H 841 35.53 85.14 -80.61
N PRO H 842 35.58 84.02 -81.34
CA PRO H 842 36.72 83.79 -82.24
C PRO H 842 36.85 84.89 -83.28
N SER H 843 38.10 85.19 -83.64
CA SER H 843 38.34 86.19 -84.67
C SER H 843 38.31 85.53 -86.05
N ARG H 844 37.89 86.33 -87.04
CA ARG H 844 37.93 85.93 -88.43
C ARG H 844 39.23 86.45 -89.03
N CYS H 845 40.07 85.53 -89.50
CA CYS H 845 41.42 85.85 -89.91
C CYS H 845 41.62 85.53 -91.39
N LEU H 846 42.60 86.21 -91.98
CA LEU H 846 42.90 86.06 -93.39
C LEU H 846 43.73 84.80 -93.63
N SER H 847 43.86 84.46 -94.91
CA SER H 847 44.69 83.35 -95.34
C SER H 847 45.63 83.82 -96.45
N HIS H 848 46.78 83.15 -96.54
CA HIS H 848 47.74 83.47 -97.59
C HIS H 848 47.12 83.32 -98.98
N THR H 849 46.07 82.50 -99.10
CA THR H 849 45.40 82.35 -100.39
C THR H 849 44.49 83.52 -100.72
N ASP H 850 44.03 84.26 -99.70
CA ASP H 850 43.12 85.37 -99.96
C ASP H 850 43.76 86.41 -100.86
N PHE H 851 45.07 86.59 -100.74
CA PHE H 851 45.76 87.60 -101.53
C PHE H 851 45.89 87.17 -102.99
N VAL H 852 45.82 85.87 -103.25
CA VAL H 852 45.87 85.37 -104.62
C VAL H 852 44.59 85.79 -105.33
N PRO H 853 44.67 86.54 -106.43
CA PRO H 853 43.46 86.83 -107.20
C PRO H 853 43.02 85.62 -107.99
N CYS H 854 41.71 85.38 -108.01
CA CYS H 854 41.12 84.20 -108.65
C CYS H 854 40.01 84.64 -109.58
N PRO H 855 40.35 85.26 -110.70
CA PRO H 855 39.32 85.59 -111.70
C PRO H 855 38.78 84.34 -112.38
N VAL H 856 37.54 84.44 -112.87
CA VAL H 856 36.91 83.29 -113.51
C VAL H 856 37.59 83.02 -114.84
N ASP H 857 37.70 81.75 -115.19
CA ASP H 857 38.36 81.37 -116.42
C ASP H 857 37.54 81.81 -117.63
N THR H 858 38.23 82.36 -118.63
CA THR H 858 37.59 82.75 -119.88
C THR H 858 38.40 82.31 -121.09
N VAL H 859 39.40 81.45 -120.89
CA VAL H 859 40.32 81.11 -121.99
C VAL H 859 39.60 80.28 -123.05
N GLN H 860 38.87 79.25 -122.64
CA GLN H 860 38.23 78.32 -123.57
C GLN H 860 36.80 78.76 -123.82
N ILE H 861 36.63 79.73 -124.71
CA ILE H 861 35.33 80.22 -125.13
C ILE H 861 35.42 80.61 -126.60
N VAL H 862 34.31 81.12 -127.14
CA VAL H 862 34.25 81.65 -128.49
C VAL H 862 33.40 82.92 -128.45
N LEU H 863 33.82 83.95 -129.18
CA LEU H 863 33.16 85.23 -129.16
C LEU H 863 32.42 85.47 -130.47
N PRO H 864 31.16 85.90 -130.44
CA PRO H 864 30.44 86.19 -131.68
C PRO H 864 31.06 87.35 -132.43
N PRO H 865 30.90 87.40 -133.76
CA PRO H 865 31.53 88.48 -134.54
C PRO H 865 31.14 89.86 -134.07
N HIS H 866 29.89 90.05 -133.62
CA HIS H 866 29.51 91.36 -133.12
C HIS H 866 30.29 91.72 -131.87
N LEU H 867 30.56 90.76 -130.99
CA LEU H 867 31.39 91.04 -129.82
C LEU H 867 32.83 91.33 -130.23
N GLU H 868 33.39 90.58 -131.18
CA GLU H 868 34.76 90.90 -131.61
C GLU H 868 34.83 92.31 -132.19
N ARG H 869 33.85 92.70 -133.01
CA ARG H 869 33.91 94.03 -133.61
C ARG H 869 33.72 95.12 -132.56
N ILE H 870 32.84 94.89 -131.57
CA ILE H 870 32.58 95.92 -130.58
C ILE H 870 33.75 96.03 -129.60
N ARG H 871 34.59 94.99 -129.56
CA ARG H 871 35.78 95.01 -128.71
C ARG H 871 36.58 96.30 -128.83
N GLU H 872 36.99 96.65 -130.06
CA GLU H 872 37.89 97.78 -130.23
C GLU H 872 37.19 99.11 -129.94
N LYS H 873 35.93 99.25 -130.37
CA LYS H 873 35.21 100.48 -130.08
C LYS H 873 35.03 100.66 -128.59
N LEU H 874 34.68 99.60 -127.88
CA LEU H 874 34.58 99.67 -126.42
C LEU H 874 35.93 100.02 -125.80
N ALA H 875 37.01 99.44 -126.32
CA ALA H 875 38.34 99.79 -125.82
C ALA H 875 38.60 101.29 -125.94
N GLU H 876 38.58 101.82 -127.16
CA GLU H 876 38.85 103.25 -127.34
C GLU H 876 37.88 104.10 -126.53
N ASN H 877 36.65 103.62 -126.34
CA ASN H 877 35.68 104.37 -125.56
C ASN H 877 36.10 104.44 -124.10
N ILE H 878 36.57 103.32 -123.54
CA ILE H 878 37.01 103.35 -122.16
C ILE H 878 38.29 104.17 -122.03
N HIS H 879 39.13 104.20 -123.08
CA HIS H 879 40.23 105.15 -123.10
C HIS H 879 39.73 106.57 -122.93
N GLU H 880 38.73 106.96 -123.73
CA GLU H 880 38.28 108.35 -123.67
C GLU H 880 37.57 108.64 -122.35
N LEU H 881 36.88 107.64 -121.78
CA LEU H 881 36.29 107.84 -120.45
C LEU H 881 37.36 108.02 -119.38
N TRP H 882 38.44 107.22 -119.46
CA TRP H 882 39.59 107.44 -118.59
C TRP H 882 40.11 108.85 -118.74
N ALA H 883 40.23 109.32 -119.98
CA ALA H 883 40.70 110.67 -120.24
C ALA H 883 39.75 111.71 -119.63
N LEU H 884 38.45 111.50 -119.76
CA LEU H 884 37.47 112.44 -119.21
C LEU H 884 37.58 112.51 -117.68
N THR H 885 37.52 111.35 -117.02
CA THR H 885 37.69 111.33 -115.57
C THR H 885 38.99 111.99 -115.16
N ARG H 886 40.07 111.70 -115.87
CA ARG H 886 41.37 112.26 -115.54
C ARG H 886 41.34 113.77 -115.66
N ILE H 887 40.59 114.27 -116.65
CA ILE H 887 40.33 115.70 -116.76
C ILE H 887 39.68 116.21 -115.49
N GLU H 888 38.53 115.65 -115.15
CA GLU H 888 37.76 116.18 -114.03
C GLU H 888 38.62 116.20 -112.76
N GLN H 889 39.56 115.25 -112.65
CA GLN H 889 40.60 115.40 -111.63
C GLN H 889 41.50 116.61 -111.93
N GLY H 890 41.85 116.82 -113.19
CA GLY H 890 42.52 118.05 -113.58
C GLY H 890 43.74 117.93 -114.48
N TRP H 891 44.04 116.74 -115.00
CA TRP H 891 45.17 116.60 -115.90
C TRP H 891 44.85 117.23 -117.24
N THR H 892 45.83 117.93 -117.79
CA THR H 892 45.74 118.51 -119.13
C THR H 892 46.68 117.75 -120.06
N TYR H 893 46.70 118.15 -121.33
CA TYR H 893 47.57 117.51 -122.31
C TYR H 893 49.02 117.62 -121.87
N GLY H 894 49.71 116.49 -121.86
CA GLY H 894 51.11 116.43 -121.54
C GLY H 894 51.85 115.52 -122.48
N PRO H 895 53.12 115.82 -122.74
CA PRO H 895 53.94 114.85 -123.49
C PRO H 895 54.39 113.67 -122.65
N VAL H 896 54.33 113.78 -121.33
CA VAL H 896 54.80 112.74 -120.42
C VAL H 896 53.68 112.43 -119.43
N ARG H 897 53.53 111.16 -119.08
CA ARG H 897 52.56 110.74 -118.08
C ARG H 897 53.24 110.57 -116.73
N ASP H 898 52.80 111.37 -115.76
CA ASP H 898 53.19 111.19 -114.36
C ASP H 898 52.08 111.76 -113.49
N ASP H 899 52.01 111.31 -112.25
CA ASP H 899 50.99 111.76 -111.30
C ASP H 899 51.30 113.15 -110.76
N ASN H 900 52.57 113.44 -110.51
CA ASN H 900 52.96 114.79 -110.10
C ASN H 900 52.94 115.74 -111.27
N LYS H 901 53.21 115.24 -112.47
CA LYS H 901 53.34 116.12 -113.63
C LYS H 901 52.05 116.86 -113.95
N ARG H 902 50.91 116.35 -113.49
CA ARG H 902 49.62 117.03 -113.64
C ARG H 902 49.20 117.06 -115.12
N LEU H 903 49.43 115.96 -115.82
CA LEU H 903 49.32 115.91 -117.27
C LEU H 903 48.87 114.55 -117.77
N HIS H 904 48.14 114.53 -118.88
CA HIS H 904 47.64 113.29 -119.46
C HIS H 904 47.84 113.30 -120.98
N PRO H 905 48.85 112.60 -121.51
CA PRO H 905 49.08 112.65 -122.97
C PRO H 905 47.93 112.15 -123.83
N CYS H 906 47.42 110.95 -123.56
CA CYS H 906 46.45 110.24 -124.38
C CYS H 906 45.28 111.11 -124.81
N LEU H 907 45.05 112.20 -124.12
CA LEU H 907 43.85 113.01 -124.29
C LEU H 907 44.13 114.10 -125.31
N VAL H 908 44.07 113.73 -126.58
CA VAL H 908 44.12 114.64 -127.70
C VAL H 908 42.93 114.32 -128.60
N ASN H 909 42.76 113.03 -128.87
CA ASN H 909 41.67 112.46 -129.65
C ASN H 909 41.62 110.97 -129.32
N PHE H 910 40.40 110.41 -129.34
CA PHE H 910 40.17 109.03 -128.95
C PHE H 910 40.76 108.06 -129.97
N HIS H 911 41.22 108.58 -131.12
CA HIS H 911 42.00 107.76 -132.04
C HIS H 911 43.50 107.95 -131.82
N SER H 912 43.90 109.14 -131.38
CA SER H 912 45.31 109.48 -131.31
C SER H 912 45.99 108.80 -130.13
N LEU H 913 45.22 108.10 -129.31
CA LEU H 913 45.80 107.42 -128.15
C LEU H 913 46.94 106.52 -128.58
N PRO H 914 48.06 106.51 -127.86
CA PRO H 914 49.19 105.67 -128.27
C PRO H 914 48.81 104.20 -128.25
N GLU H 915 49.40 103.44 -129.17
CA GLU H 915 49.11 102.02 -129.25
C GLU H 915 49.39 101.25 -127.97
N PRO H 916 50.52 101.48 -127.27
CA PRO H 916 50.79 100.67 -126.07
C PRO H 916 49.65 100.68 -125.06
N GLU H 917 49.01 101.82 -124.85
CA GLU H 917 47.80 101.83 -124.02
C GLU H 917 46.74 100.92 -124.62
N ARG H 918 46.58 100.98 -125.94
CA ARG H 918 45.69 100.02 -126.60
C ARG H 918 46.20 98.60 -126.43
N ASN H 919 47.52 98.40 -126.50
CA ASN H 919 48.07 97.06 -126.33
C ASN H 919 47.71 96.49 -124.96
N TYR H 920 47.62 97.34 -123.94
CA TYR H 920 47.18 96.88 -122.64
C TYR H 920 45.68 96.66 -122.59
N ASN H 921 44.90 97.60 -123.12
CA ASN H 921 43.48 97.66 -122.77
C ASN H 921 42.56 97.00 -123.80
N LEU H 922 43.07 96.58 -124.95
CA LEU H 922 42.24 95.82 -125.88
C LEU H 922 41.91 94.46 -125.29
N GLN H 923 42.88 93.83 -124.63
CA GLN H 923 42.62 92.55 -123.97
C GLN H 923 41.67 92.75 -122.80
N MET H 924 41.79 93.89 -122.13
CA MET H 924 40.90 94.23 -121.02
C MET H 924 39.46 94.33 -121.52
N SER H 925 39.28 95.05 -122.63
CA SER H 925 37.97 95.20 -123.26
C SER H 925 37.41 93.85 -123.69
N GLY H 926 38.22 93.05 -124.38
CA GLY H 926 37.77 91.72 -124.77
C GLY H 926 37.40 90.87 -123.57
N GLU H 927 38.17 90.98 -122.49
CA GLU H 927 37.93 90.21 -121.28
C GLU H 927 36.57 90.57 -120.69
N THR H 928 36.19 91.83 -120.77
CA THR H 928 34.83 92.19 -120.36
C THR H 928 33.82 91.26 -120.99
N LEU H 929 33.81 91.19 -122.32
CA LEU H 929 32.82 90.39 -123.04
C LEU H 929 32.99 88.90 -122.75
N LYS H 930 34.24 88.44 -122.69
CA LYS H 930 34.50 87.04 -122.40
C LYS H 930 33.93 86.64 -121.05
N THR H 931 34.07 87.50 -120.05
CA THR H 931 33.48 87.24 -118.75
C THR H 931 31.96 87.31 -118.80
N LEU H 932 31.41 88.29 -119.54
CA LEU H 932 29.96 88.31 -119.71
C LEU H 932 29.46 86.97 -120.22
N LEU H 933 30.23 86.34 -121.11
CA LEU H 933 29.88 85.01 -121.59
C LEU H 933 30.06 83.95 -120.50
N ALA H 934 31.20 84.01 -119.80
CA ALA H 934 31.55 82.95 -118.84
C ALA H 934 30.53 82.89 -117.71
N LEU H 935 30.12 84.05 -117.21
CA LEU H 935 29.21 84.14 -116.08
C LEU H 935 27.81 83.64 -116.42
N GLY H 936 27.51 83.40 -117.69
CA GLY H 936 26.21 82.92 -118.09
C GLY H 936 25.23 83.97 -118.52
N CYS H 937 25.64 85.23 -118.58
CA CYS H 937 24.77 86.29 -119.07
C CYS H 937 24.45 86.04 -120.54
N HIS H 938 23.20 86.27 -120.91
CA HIS H 938 22.73 86.04 -122.27
C HIS H 938 22.86 87.33 -123.07
N VAL H 939 23.62 87.29 -124.15
CA VAL H 939 23.97 88.48 -124.91
C VAL H 939 23.42 88.34 -126.33
N GLY H 940 22.67 89.34 -126.77
CA GLY H 940 22.23 89.42 -128.15
C GLY H 940 22.25 90.83 -128.68
N MET H 941 21.73 90.99 -129.88
CA MET H 941 21.48 92.31 -130.49
C MET H 941 20.02 92.67 -130.25
N ALA H 942 19.78 93.86 -129.71
CA ALA H 942 18.43 94.37 -129.55
C ALA H 942 18.04 95.32 -130.66
N ASP H 943 18.92 96.25 -131.01
CA ASP H 943 18.63 97.25 -132.05
C ASP H 943 19.89 97.58 -132.83
N GLU H 944 20.01 96.98 -134.01
CA GLU H 944 21.13 97.26 -134.90
C GLU H 944 21.18 98.73 -135.27
N LYS H 945 20.03 99.39 -135.30
CA LYS H 945 20.00 100.81 -135.61
C LYS H 945 20.76 101.63 -134.56
N ALA H 946 20.60 101.28 -133.27
CA ALA H 946 21.34 101.98 -132.23
C ALA H 946 22.80 101.52 -132.20
N GLU H 947 23.04 100.25 -132.49
CA GLU H 947 24.42 99.79 -132.59
C GLU H 947 25.19 100.58 -133.64
N ASP H 948 24.53 100.91 -134.75
CA ASP H 948 25.16 101.72 -135.79
C ASP H 948 25.23 103.19 -135.39
N ASN H 949 24.08 103.82 -135.15
CA ASN H 949 23.97 105.23 -134.79
C ASN H 949 23.79 105.39 -133.29
N LEU H 950 24.50 106.33 -132.69
CA LEU H 950 24.42 106.55 -131.25
C LEU H 950 24.36 108.04 -130.94
N LYS H 951 23.57 108.40 -129.93
CA LYS H 951 23.59 109.77 -129.44
C LYS H 951 24.87 110.02 -128.65
N LYS H 952 25.54 111.11 -128.96
CA LYS H 952 26.85 111.42 -128.41
C LYS H 952 26.77 112.65 -127.53
N THR H 953 27.04 112.47 -126.24
CA THR H 953 27.14 113.60 -125.33
C THR H 953 28.47 114.29 -125.50
N LYS H 954 28.43 115.58 -125.80
CA LYS H 954 29.62 116.40 -125.98
C LYS H 954 29.86 117.16 -124.68
N LEU H 955 31.10 117.17 -124.22
CA LEU H 955 31.42 117.92 -123.02
C LEU H 955 31.12 119.40 -123.26
N PRO H 956 30.78 120.16 -122.22
CA PRO H 956 30.55 121.58 -122.41
C PRO H 956 31.73 122.32 -123.04
N LYS H 957 31.44 123.11 -124.07
CA LYS H 957 32.44 124.00 -124.67
C LYS H 957 32.94 125.00 -123.64
N THR H 958 32.14 125.28 -122.61
CA THR H 958 32.63 126.07 -121.49
C THR H 958 33.90 125.45 -120.92
N TYR H 959 33.87 124.14 -120.63
CA TYR H 959 35.11 123.50 -120.24
C TYR H 959 36.10 123.55 -121.39
N MET H 960 37.36 123.80 -121.04
CA MET H 960 38.41 124.05 -122.01
C MET H 960 39.46 122.96 -121.99
N MET H 961 40.09 122.74 -123.14
CA MET H 961 41.19 121.81 -123.26
C MET H 961 42.33 122.43 -124.06
N SER H 962 43.56 122.06 -123.70
CA SER H 962 44.73 122.53 -124.43
C SER H 962 44.59 122.22 -125.90
N ASN H 963 44.19 121.00 -126.23
CA ASN H 963 44.02 120.58 -127.61
C ASN H 963 42.93 121.36 -128.33
N GLY H 964 41.88 121.75 -127.61
CA GLY H 964 40.70 122.33 -128.21
C GLY H 964 39.67 121.35 -128.69
N TYR H 965 40.00 120.05 -128.69
CA TYR H 965 39.04 118.98 -128.93
C TYR H 965 38.97 118.10 -127.69
N LYS H 966 37.77 117.82 -127.23
CA LYS H 966 37.41 116.98 -126.09
C LYS H 966 36.62 115.77 -126.56
N PRO H 967 37.12 114.55 -126.30
CA PRO H 967 36.39 113.36 -126.75
C PRO H 967 34.99 113.33 -126.17
N ALA H 968 34.01 113.12 -127.04
CA ALA H 968 32.60 113.12 -126.66
C ALA H 968 32.09 111.69 -126.51
N PRO H 969 31.76 111.24 -125.31
CA PRO H 969 31.26 109.88 -125.13
C PRO H 969 29.76 109.78 -125.40
N LEU H 970 29.26 108.54 -125.34
CA LEU H 970 27.84 108.30 -125.55
C LEU H 970 27.02 108.88 -124.42
N ASP H 971 25.78 109.26 -124.75
CA ASP H 971 24.86 109.77 -123.75
C ASP H 971 24.46 108.67 -122.77
N LEU H 972 24.57 108.97 -121.48
CA LEU H 972 24.18 108.00 -120.46
C LEU H 972 22.69 108.10 -120.15
N SER H 973 22.08 109.25 -120.45
CA SER H 973 20.71 109.50 -120.02
C SER H 973 19.73 108.53 -120.67
N HIS H 974 19.93 108.21 -121.93
CA HIS H 974 18.99 107.34 -122.64
C HIS H 974 19.15 105.88 -122.25
N VAL H 975 19.95 105.59 -121.23
CA VAL H 975 20.25 104.22 -120.79
C VAL H 975 19.85 104.10 -119.33
N ARG H 976 19.07 103.06 -119.02
CA ARG H 976 18.69 102.74 -117.66
C ARG H 976 19.06 101.29 -117.36
N LEU H 977 19.61 101.08 -116.16
CA LEU H 977 20.11 99.76 -115.75
C LEU H 977 19.27 99.24 -114.59
N THR H 978 18.93 97.96 -114.65
CA THR H 978 18.20 97.33 -113.56
C THR H 978 19.13 97.06 -112.39
N PRO H 979 18.58 96.80 -111.20
CA PRO H 979 19.45 96.46 -110.05
C PRO H 979 20.33 95.24 -110.32
N ALA H 980 19.82 94.27 -111.09
CA ALA H 980 20.65 93.12 -111.45
C ALA H 980 21.89 93.57 -112.21
N GLN H 981 21.75 94.61 -113.02
CA GLN H 981 22.90 95.17 -113.70
C GLN H 981 23.95 95.63 -112.70
N THR H 982 23.51 96.17 -111.55
CA THR H 982 24.46 96.64 -110.55
C THR H 982 25.23 95.48 -109.94
N THR H 983 24.57 94.36 -109.67
CA THR H 983 25.27 93.18 -109.18
C THR H 983 26.27 92.68 -110.22
N LEU H 984 25.85 92.65 -111.49
CA LEU H 984 26.78 92.33 -112.56
C LEU H 984 27.98 93.29 -112.57
N VAL H 985 27.74 94.56 -112.29
CA VAL H 985 28.84 95.53 -112.26
C VAL H 985 29.81 95.21 -111.15
N ASP H 986 29.28 94.96 -109.95
CA ASP H 986 30.13 94.56 -108.83
C ASP H 986 30.99 93.36 -109.21
N ARG H 987 30.35 92.35 -109.79
CA ARG H 987 31.02 91.11 -110.14
C ARG H 987 32.11 91.33 -111.20
N LEU H 988 31.80 92.03 -112.28
CA LEU H 988 32.78 92.28 -113.31
C LEU H 988 33.91 93.18 -112.81
N ALA H 989 33.63 94.05 -111.84
CA ALA H 989 34.69 94.86 -111.24
C ALA H 989 35.63 93.98 -110.42
N GLU H 990 35.06 93.10 -109.59
CA GLU H 990 35.86 92.06 -108.95
C GLU H 990 36.83 91.46 -109.96
N ASN H 991 36.29 90.94 -111.06
CA ASN H 991 37.10 90.17 -111.99
C ASN H 991 38.14 91.04 -112.69
N GLY H 992 37.77 92.25 -113.09
CA GLY H 992 38.69 93.12 -113.79
C GLY H 992 39.87 93.48 -112.91
N HIS H 993 39.58 93.86 -111.66
CA HIS H 993 40.65 94.18 -110.73
C HIS H 993 41.55 92.98 -110.51
N ASN H 994 40.95 91.78 -110.36
CA ASN H 994 41.77 90.59 -110.13
C ASN H 994 42.64 90.28 -111.33
N VAL H 995 42.11 90.40 -112.55
CA VAL H 995 42.90 90.15 -113.74
C VAL H 995 44.08 91.12 -113.82
N TRP H 996 43.80 92.42 -113.60
CA TRP H 996 44.88 93.41 -113.57
C TRP H 996 45.91 93.09 -112.52
N ALA H 997 45.45 92.72 -111.33
CA ALA H 997 46.38 92.41 -110.25
C ALA H 997 47.27 91.28 -110.69
N ARG H 998 46.64 90.29 -111.32
CA ARG H 998 47.26 88.98 -111.36
C ARG H 998 48.37 89.17 -112.40
N ASP H 999 48.01 89.94 -113.46
CA ASP H 999 48.91 90.31 -114.59
C ASP H 999 50.11 91.07 -114.10
N ARG H 1000 49.88 92.09 -113.27
CA ARG H 1000 51.02 92.82 -112.69
C ARG H 1000 51.90 91.89 -111.87
N VAL H 1001 51.29 90.89 -111.21
CA VAL H 1001 52.04 89.93 -110.43
C VAL H 1001 52.95 89.13 -111.35
N ALA H 1002 52.42 88.64 -112.46
CA ALA H 1002 53.26 87.94 -113.44
C ALA H 1002 54.38 88.84 -113.93
N GLN H 1003 54.09 90.12 -114.14
CA GLN H 1003 55.13 91.08 -114.45
C GLN H 1003 56.12 91.27 -113.30
N GLY H 1004 55.73 90.88 -112.08
CA GLY H 1004 56.59 90.98 -110.92
C GLY H 1004 56.15 91.99 -109.88
N TRP H 1005 54.96 92.57 -110.03
CA TRP H 1005 54.50 93.59 -109.09
C TRP H 1005 54.05 92.97 -107.77
N SER H 1006 54.06 93.79 -106.73
CA SER H 1006 53.65 93.36 -105.39
C SER H 1006 52.90 94.50 -104.71
N TYR H 1007 52.28 94.17 -103.58
CA TYR H 1007 51.54 95.14 -102.81
C TYR H 1007 52.46 95.92 -101.87
N SER H 1008 52.09 97.17 -101.60
CA SER H 1008 52.83 98.02 -100.67
C SER H 1008 51.98 99.23 -100.37
N ALA H 1009 51.81 99.54 -99.08
CA ALA H 1009 51.05 100.73 -98.70
C ALA H 1009 51.66 101.98 -99.31
N VAL H 1010 52.95 101.94 -99.62
CA VAL H 1010 53.66 103.06 -100.23
C VAL H 1010 53.97 102.70 -101.67
N GLN H 1011 53.66 103.60 -102.59
CA GLN H 1011 53.81 103.36 -104.02
C GLN H 1011 55.25 103.61 -104.44
N ASP H 1012 55.88 102.60 -105.03
CA ASP H 1012 57.15 102.75 -105.72
C ASP H 1012 57.09 101.95 -107.02
N ILE H 1013 57.10 102.66 -108.14
CA ILE H 1013 56.95 102.04 -109.46
C ILE H 1013 58.25 101.37 -109.85
N PRO H 1014 59.42 101.99 -109.63
CA PRO H 1014 60.67 101.30 -109.97
C PRO H 1014 60.82 99.96 -109.26
N ALA H 1015 60.34 99.87 -108.02
CA ALA H 1015 60.35 98.63 -107.27
C ALA H 1015 59.14 97.75 -107.58
N ARG H 1016 58.24 98.20 -108.46
CA ARG H 1016 57.03 97.47 -108.79
C ARG H 1016 56.22 97.16 -107.53
N ARG H 1017 55.99 98.19 -106.73
CA ARG H 1017 55.16 98.11 -105.55
C ARG H 1017 53.98 99.05 -105.73
N ASN H 1018 52.77 98.57 -105.48
CA ASN H 1018 51.57 99.36 -105.70
C ASN H 1018 50.69 99.31 -104.46
N PRO H 1019 50.02 100.40 -104.10
CA PRO H 1019 49.08 100.36 -102.97
C PRO H 1019 47.72 99.79 -103.31
N ARG H 1020 47.52 99.32 -104.54
CA ARG H 1020 46.26 98.77 -104.99
C ARG H 1020 46.37 97.33 -105.44
N LEU H 1021 47.58 96.77 -105.50
CA LEU H 1021 47.78 95.44 -106.03
C LEU H 1021 47.33 94.40 -105.01
N VAL H 1022 46.05 94.44 -104.66
CA VAL H 1022 45.43 93.47 -103.77
C VAL H 1022 44.08 93.08 -104.37
N PRO H 1023 43.69 91.81 -104.23
CA PRO H 1023 42.40 91.40 -104.80
C PRO H 1023 41.26 92.27 -104.30
N TYR H 1024 40.26 92.41 -105.17
CA TYR H 1024 39.25 93.45 -105.01
C TYR H 1024 38.64 93.44 -103.61
N ARG H 1025 38.39 92.25 -103.06
CA ARG H 1025 37.68 92.18 -101.78
C ARG H 1025 38.42 92.94 -100.69
N LEU H 1026 39.75 92.79 -100.62
CA LEU H 1026 40.52 93.52 -99.63
C LEU H 1026 40.70 94.99 -100.00
N LEU H 1027 40.29 95.38 -101.20
CA LEU H 1027 40.53 96.74 -101.66
C LEU H 1027 39.77 97.75 -100.80
N ASP H 1028 40.16 99.01 -100.93
CA ASP H 1028 39.48 100.08 -100.21
C ASP H 1028 38.21 100.50 -100.93
N GLU H 1029 37.27 101.05 -100.16
CA GLU H 1029 35.97 101.40 -100.73
C GLU H 1029 36.10 102.46 -101.79
N ALA H 1030 37.07 103.38 -101.66
CA ALA H 1030 37.24 104.44 -102.64
C ALA H 1030 37.65 103.90 -104.01
N THR H 1031 38.75 103.14 -104.05
CA THR H 1031 39.16 102.55 -105.32
C THR H 1031 38.04 101.69 -105.83
N LYS H 1032 37.56 100.81 -104.96
CA LYS H 1032 36.45 99.98 -105.36
C LYS H 1032 35.39 100.83 -106.10
N ARG H 1033 34.95 101.95 -105.49
CA ARG H 1033 33.83 102.74 -106.04
C ARG H 1033 34.19 103.31 -107.40
N SER H 1034 35.41 103.81 -107.53
CA SER H 1034 35.86 104.28 -108.83
C SER H 1034 35.71 103.18 -109.88
N ASN H 1035 36.07 101.95 -109.50
CA ASN H 1035 36.03 100.85 -110.43
C ASN H 1035 34.59 100.46 -110.81
N ARG H 1036 33.67 100.41 -109.82
CA ARG H 1036 32.26 100.24 -110.20
C ARG H 1036 31.78 101.32 -111.15
N ASP H 1037 32.07 102.57 -110.84
CA ASP H 1037 31.51 103.63 -111.67
C ASP H 1037 32.04 103.52 -113.10
N SER H 1038 33.34 103.29 -113.26
CA SER H 1038 33.89 103.14 -114.60
C SER H 1038 33.21 101.98 -115.33
N LEU H 1039 33.06 100.86 -114.63
CA LEU H 1039 32.49 99.67 -115.28
C LEU H 1039 31.02 99.87 -115.62
N CYS H 1040 30.28 100.56 -114.75
CA CYS H 1040 28.85 100.76 -115.00
C CYS H 1040 28.65 101.71 -116.17
N GLN H 1041 29.50 102.74 -116.27
CA GLN H 1041 29.45 103.58 -117.47
C GLN H 1041 29.80 102.77 -118.72
N ALA H 1042 30.76 101.86 -118.62
CA ALA H 1042 31.08 101.00 -119.76
C ALA H 1042 29.89 100.12 -120.15
N VAL H 1043 29.21 99.57 -119.15
CA VAL H 1043 28.06 98.70 -119.42
C VAL H 1043 26.92 99.50 -120.04
N ARG H 1044 26.69 100.73 -119.54
CA ARG H 1044 25.67 101.58 -120.13
C ARG H 1044 26.06 101.97 -121.55
N THR H 1045 27.36 102.10 -121.82
CA THR H 1045 27.82 102.34 -123.17
C THR H 1045 27.50 101.16 -124.08
N LEU H 1046 27.72 99.94 -123.58
CA LEU H 1046 27.36 98.76 -124.36
C LEU H 1046 25.85 98.72 -124.61
N LEU H 1047 25.05 99.02 -123.58
CA LEU H 1047 23.61 99.03 -123.75
C LEU H 1047 23.16 100.12 -124.72
N GLY H 1048 23.88 101.25 -124.76
CA GLY H 1048 23.62 102.25 -125.78
C GLY H 1048 23.94 101.74 -127.18
N TYR H 1049 25.07 101.03 -127.31
CA TYR H 1049 25.29 100.24 -128.52
C TYR H 1049 24.14 99.28 -128.77
N GLY H 1050 23.38 98.95 -127.74
CA GLY H 1050 22.17 98.17 -127.94
C GLY H 1050 22.36 96.68 -127.83
N TYR H 1051 23.57 96.22 -127.52
CA TYR H 1051 23.77 94.81 -127.29
C TYR H 1051 23.09 94.41 -125.98
N ASN H 1052 21.93 93.76 -126.10
CA ASN H 1052 21.15 93.41 -124.93
C ASN H 1052 21.86 92.34 -124.12
N ILE H 1053 21.84 92.50 -122.80
CA ILE H 1053 22.47 91.59 -121.86
C ILE H 1053 21.46 91.25 -120.77
N GLU H 1054 21.22 89.96 -120.59
CA GLU H 1054 20.30 89.44 -119.59
C GLU H 1054 21.08 88.72 -118.50
N PRO H 1055 21.03 89.17 -117.25
CA PRO H 1055 21.82 88.55 -116.20
C PRO H 1055 21.24 87.21 -115.79
N PRO H 1056 22.09 86.24 -115.44
CA PRO H 1056 21.57 84.94 -114.98
C PRO H 1056 21.12 85.02 -113.53
N ASP H 1057 20.49 83.94 -113.08
CA ASP H 1057 20.00 83.88 -111.72
C ASP H 1057 21.16 83.77 -110.74
N GLN H 1058 20.98 84.38 -109.56
CA GLN H 1058 22.02 84.36 -108.54
C GLN H 1058 22.14 82.96 -107.95
N GLU H 1059 23.35 82.64 -107.50
CA GLU H 1059 23.66 81.32 -106.97
C GLU H 1059 24.24 81.44 -105.57
N PRO H 1060 23.90 80.55 -104.64
CA PRO H 1060 24.43 80.66 -103.28
C PRO H 1060 25.78 79.98 -103.14
N SER H 1061 26.54 80.41 -102.13
CA SER H 1061 27.86 79.87 -101.87
C SER H 1061 28.14 79.93 -100.37
N GLN H 1062 29.06 79.08 -99.92
CA GLN H 1062 29.44 79.01 -98.51
C GLN H 1062 30.92 79.35 -98.38
N VAL H 1063 31.24 80.18 -97.39
CA VAL H 1063 32.61 80.68 -97.25
C VAL H 1063 33.53 79.61 -96.69
N GLU H 1064 33.11 78.93 -95.63
CA GLU H 1064 33.96 77.95 -94.93
C GLU H 1064 35.26 78.62 -94.48
N ASN H 1065 35.14 79.77 -93.81
CA ASN H 1065 36.33 80.51 -93.40
C ASN H 1065 37.07 79.80 -92.26
N GLN H 1066 36.34 79.36 -91.24
CA GLN H 1066 36.91 78.72 -90.06
C GLN H 1066 36.50 77.25 -90.00
N SER H 1067 37.12 76.53 -89.07
CA SER H 1067 36.68 75.19 -88.73
C SER H 1067 35.55 75.24 -87.71
N ARG H 1068 34.62 74.29 -87.85
CA ARG H 1068 33.39 74.31 -87.05
C ARG H 1068 33.71 74.37 -85.56
N TRP H 1069 34.79 73.70 -85.15
CA TRP H 1069 35.15 73.72 -83.75
C TRP H 1069 35.67 75.09 -83.35
N ASP H 1070 36.46 75.73 -84.22
CA ASP H 1070 37.04 77.04 -83.98
C ASP H 1070 36.03 78.18 -84.15
N ARG H 1071 34.85 77.93 -84.72
CA ARG H 1071 33.89 78.99 -84.97
C ARG H 1071 33.22 79.52 -83.71
N VAL H 1072 32.85 78.66 -82.77
CA VAL H 1072 32.01 79.04 -81.63
C VAL H 1072 32.77 78.83 -80.33
N ARG H 1073 32.68 79.80 -79.43
CA ARG H 1073 33.20 79.69 -78.08
C ARG H 1073 32.06 79.76 -77.09
N ILE H 1074 32.08 78.88 -76.09
CA ILE H 1074 31.06 78.81 -75.06
C ILE H 1074 31.67 79.19 -73.72
N PHE H 1075 31.01 80.09 -73.01
CA PHE H 1075 31.38 80.47 -71.65
C PHE H 1075 30.26 80.03 -70.71
N ARG H 1076 30.64 79.43 -69.58
CA ARG H 1076 29.67 79.01 -68.59
C ARG H 1076 30.19 79.32 -67.20
N ALA H 1077 29.28 79.35 -66.24
CA ALA H 1077 29.71 79.42 -64.84
C ALA H 1077 30.27 78.09 -64.38
N GLU H 1078 31.10 78.14 -63.34
CA GLU H 1078 31.67 76.91 -62.77
C GLU H 1078 30.57 76.07 -62.14
N LYS H 1079 30.81 74.75 -62.12
CA LYS H 1079 29.80 73.82 -61.65
C LYS H 1079 29.47 74.04 -60.17
N SER H 1080 30.43 74.57 -59.41
CA SER H 1080 30.21 74.82 -57.99
C SER H 1080 28.99 75.71 -57.79
N TYR H 1081 28.71 76.58 -58.76
CA TYR H 1081 27.62 77.54 -58.68
C TYR H 1081 26.30 76.97 -59.17
N THR H 1082 26.23 75.66 -59.39
CA THR H 1082 25.01 75.05 -59.90
C THR H 1082 23.89 75.20 -58.88
N VAL H 1083 22.71 75.58 -59.38
CA VAL H 1083 21.54 75.82 -58.54
C VAL H 1083 20.47 74.80 -58.89
N GLN H 1084 19.88 74.20 -57.87
CA GLN H 1084 18.76 73.26 -58.04
C GLN H 1084 17.47 73.80 -57.44
N SER H 1085 17.42 75.07 -57.05
CA SER H 1085 16.22 75.63 -56.47
C SER H 1085 16.30 77.14 -56.52
N GLY H 1086 15.16 77.78 -56.55
CA GLY H 1086 15.05 79.22 -56.40
C GLY H 1086 14.65 79.91 -57.69
N ARG H 1087 14.68 81.24 -57.62
CA ARG H 1087 14.29 82.11 -58.72
C ARG H 1087 15.44 83.06 -59.00
N TRP H 1088 16.11 82.86 -60.13
CA TRP H 1088 17.40 83.47 -60.41
C TRP H 1088 17.33 84.33 -61.67
N TYR H 1089 18.12 85.40 -61.68
CA TYR H 1089 18.15 86.39 -62.74
C TYR H 1089 19.59 86.68 -63.13
N PHE H 1090 19.82 86.89 -64.43
CA PHE H 1090 21.10 87.42 -64.88
C PHE H 1090 20.91 88.08 -66.24
N GLU H 1091 21.89 88.89 -66.63
CA GLU H 1091 21.76 89.76 -67.80
C GLU H 1091 22.90 89.52 -68.77
N PHE H 1092 22.62 89.74 -70.05
CA PHE H 1092 23.59 89.59 -71.12
C PHE H 1092 23.38 90.69 -72.15
N GLU H 1093 24.31 91.64 -72.20
CA GLU H 1093 24.28 92.72 -73.16
C GLU H 1093 25.02 92.28 -74.43
N ALA H 1094 24.41 92.55 -75.58
CA ALA H 1094 24.97 92.17 -76.86
C ALA H 1094 25.60 93.40 -77.52
N VAL H 1095 26.93 93.47 -77.50
CA VAL H 1095 27.60 94.61 -78.14
C VAL H 1095 27.51 94.48 -79.66
N THR H 1096 27.45 93.26 -80.17
CA THR H 1096 27.23 92.98 -81.58
C THR H 1096 25.81 92.45 -81.78
N THR H 1097 25.39 92.39 -83.03
CA THR H 1097 24.06 91.91 -83.38
C THR H 1097 24.10 90.54 -84.06
N GLY H 1098 25.22 89.83 -83.97
CA GLY H 1098 25.40 88.58 -84.68
C GLY H 1098 25.03 87.37 -83.84
N GLU H 1099 25.58 86.23 -84.26
CA GLU H 1099 25.26 84.95 -83.64
C GLU H 1099 25.78 84.88 -82.21
N MET H 1100 24.87 84.97 -81.26
CA MET H 1100 25.18 84.68 -79.86
C MET H 1100 23.94 84.06 -79.24
N ARG H 1101 24.16 83.19 -78.27
CA ARG H 1101 23.09 82.49 -77.59
C ARG H 1101 23.30 82.65 -76.09
N VAL H 1102 22.22 82.86 -75.36
CA VAL H 1102 22.33 83.06 -73.92
C VAL H 1102 21.25 82.25 -73.22
N GLY H 1103 21.62 81.64 -72.10
CA GLY H 1103 20.62 80.90 -71.34
C GLY H 1103 21.19 80.04 -70.24
N TRP H 1104 20.58 78.87 -70.04
CA TRP H 1104 20.88 78.00 -68.92
C TRP H 1104 21.36 76.66 -69.45
N ALA H 1105 22.36 76.10 -68.79
CA ALA H 1105 22.99 74.86 -69.24
C ALA H 1105 23.15 73.91 -68.07
N ARG H 1106 23.16 72.64 -68.38
CA ARG H 1106 23.40 71.62 -67.38
C ARG H 1106 24.91 71.46 -67.15
N PRO H 1107 25.31 71.05 -65.95
CA PRO H 1107 26.75 71.00 -65.63
C PRO H 1107 27.55 70.12 -66.56
N GLU H 1108 26.95 69.08 -67.16
CA GLU H 1108 27.66 68.18 -68.05
C GLU H 1108 27.55 68.61 -69.51
N LEU H 1109 27.30 69.90 -69.76
CA LEU H 1109 27.24 70.42 -71.11
C LEU H 1109 28.55 70.15 -71.84
N ARG H 1110 28.45 69.65 -73.06
CA ARG H 1110 29.64 69.40 -73.85
C ARG H 1110 30.05 70.66 -74.60
N PRO H 1111 31.32 71.06 -74.52
CA PRO H 1111 31.74 72.26 -75.26
C PRO H 1111 31.62 72.09 -76.75
N ASP H 1112 31.78 70.85 -77.21
CA ASP H 1112 31.78 70.51 -78.63
C ASP H 1112 30.45 70.84 -79.31
N VAL H 1113 29.33 70.47 -78.69
CA VAL H 1113 28.03 70.65 -79.32
C VAL H 1113 27.63 72.12 -79.28
N GLU H 1114 26.91 72.55 -80.32
CA GLU H 1114 26.34 73.89 -80.34
C GLU H 1114 25.27 74.02 -79.27
N LEU H 1115 25.19 75.20 -78.65
CA LEU H 1115 24.28 75.41 -77.54
C LEU H 1115 22.84 75.22 -77.99
N GLY H 1116 22.12 74.34 -77.30
CA GLY H 1116 20.71 74.12 -77.53
C GLY H 1116 20.39 72.99 -78.47
N ALA H 1117 21.37 72.55 -79.27
CA ALA H 1117 21.14 71.42 -80.15
C ALA H 1117 20.80 70.17 -79.35
N ASP H 1118 21.41 70.02 -78.19
CA ASP H 1118 21.17 68.87 -77.34
C ASP H 1118 20.20 69.22 -76.22
N GLU H 1119 19.93 68.25 -75.36
CA GLU H 1119 19.03 68.42 -74.23
C GLU H 1119 19.68 69.13 -73.05
N LEU H 1120 20.95 69.50 -73.16
CA LEU H 1120 21.71 70.05 -72.04
C LEU H 1120 21.67 71.57 -71.95
N ALA H 1121 20.91 72.25 -72.80
CA ALA H 1121 20.89 73.70 -72.78
C ALA H 1121 19.53 74.23 -73.23
N TYR H 1122 19.07 75.27 -72.55
CA TYR H 1122 17.90 76.04 -72.92
C TYR H 1122 18.37 77.47 -73.15
N VAL H 1123 18.37 77.91 -74.41
CA VAL H 1123 18.98 79.18 -74.75
C VAL H 1123 18.09 79.97 -75.70
N PHE H 1124 18.40 81.26 -75.80
CA PHE H 1124 17.77 82.18 -76.74
C PHE H 1124 18.83 82.72 -77.67
N ASN H 1125 18.53 82.73 -78.96
CA ASN H 1125 19.38 83.32 -79.99
C ASN H 1125 18.66 84.50 -80.61
N GLY H 1126 19.15 85.70 -80.35
CA GLY H 1126 18.57 86.92 -80.86
C GLY H 1126 19.10 87.37 -82.20
N HIS H 1127 19.92 86.56 -82.86
CA HIS H 1127 20.30 86.86 -84.23
C HIS H 1127 19.15 86.59 -85.19
N ARG H 1128 18.33 85.58 -84.87
CA ARG H 1128 17.20 85.17 -85.66
C ARG H 1128 15.88 85.21 -84.89
N GLY H 1129 15.93 85.35 -83.56
CA GLY H 1129 14.73 85.20 -82.75
C GLY H 1129 14.32 83.75 -82.58
N GLN H 1130 15.16 82.97 -81.90
CA GLN H 1130 14.94 81.54 -81.75
C GLN H 1130 15.12 81.14 -80.30
N ARG H 1131 14.44 80.08 -79.91
CA ARG H 1131 14.69 79.39 -78.65
C ARG H 1131 15.20 77.99 -78.97
N TRP H 1132 16.29 77.59 -78.33
CA TRP H 1132 16.95 76.33 -78.61
C TRP H 1132 16.89 75.42 -77.40
N HIS H 1133 16.30 74.24 -77.61
CA HIS H 1133 16.44 73.10 -76.72
C HIS H 1133 16.06 71.87 -77.53
N LEU H 1134 17.02 70.99 -77.81
CA LEU H 1134 16.78 69.83 -78.67
C LEU H 1134 16.27 70.27 -80.04
N GLY H 1135 16.76 71.40 -80.51
CA GLY H 1135 16.34 71.99 -81.76
C GLY H 1135 15.90 73.43 -81.57
N SER H 1136 15.57 74.06 -82.70
CA SER H 1136 15.24 75.47 -82.75
C SER H 1136 13.75 75.67 -82.95
N GLU H 1137 13.19 76.68 -82.28
CA GLU H 1137 11.83 77.11 -82.48
C GLU H 1137 11.82 78.64 -82.48
N PRO H 1138 11.02 79.28 -83.32
CA PRO H 1138 10.96 80.74 -83.29
C PRO H 1138 10.51 81.24 -81.93
N PHE H 1139 11.09 82.37 -81.51
CA PHE H 1139 10.78 82.92 -80.21
C PHE H 1139 11.30 84.35 -80.13
N GLY H 1140 10.44 85.26 -79.68
CA GLY H 1140 10.88 86.61 -79.44
C GLY H 1140 11.31 87.30 -80.71
N ARG H 1141 12.12 88.34 -80.52
CA ARG H 1141 12.62 89.13 -81.63
C ARG H 1141 14.13 89.32 -81.55
N PRO H 1142 14.78 89.54 -82.70
CA PRO H 1142 16.23 89.77 -82.67
C PRO H 1142 16.60 91.00 -81.87
N TRP H 1143 17.75 90.95 -81.22
CA TRP H 1143 18.29 92.14 -80.58
C TRP H 1143 18.90 93.10 -81.59
N GLN H 1144 19.12 94.32 -81.13
CA GLN H 1144 19.96 95.32 -81.78
C GLN H 1144 21.21 95.50 -80.94
N SER H 1145 22.13 96.32 -81.45
CA SER H 1145 23.35 96.62 -80.68
C SER H 1145 23.00 97.30 -79.37
N GLY H 1146 23.61 96.81 -78.29
CA GLY H 1146 23.38 97.36 -76.96
C GLY H 1146 22.20 96.76 -76.23
N ASP H 1147 21.43 95.89 -76.87
CA ASP H 1147 20.27 95.31 -76.21
C ASP H 1147 20.70 94.34 -75.12
N VAL H 1148 19.92 94.31 -74.04
CA VAL H 1148 20.19 93.48 -72.87
C VAL H 1148 19.13 92.40 -72.78
N VAL H 1149 19.58 91.15 -72.71
CA VAL H 1149 18.71 89.99 -72.55
C VAL H 1149 18.75 89.58 -71.09
N GLY H 1150 17.59 89.58 -70.44
CA GLY H 1150 17.47 89.11 -69.07
C GLY H 1150 16.96 87.69 -69.06
N CYS H 1151 17.80 86.80 -68.53
CA CYS H 1151 17.48 85.38 -68.42
C CYS H 1151 17.07 85.09 -66.99
N MET H 1152 15.89 84.50 -66.82
CA MET H 1152 15.31 84.22 -65.52
C MET H 1152 14.93 82.75 -65.47
N ILE H 1153 15.19 82.11 -64.34
CA ILE H 1153 14.86 80.71 -64.15
C ILE H 1153 14.11 80.55 -62.83
N ASP H 1154 12.95 79.93 -62.89
CA ASP H 1154 12.13 79.63 -61.71
C ASP H 1154 12.09 78.12 -61.53
N LEU H 1155 12.71 77.63 -60.46
CA LEU H 1155 12.73 76.20 -60.19
C LEU H 1155 11.63 75.77 -59.23
N THR H 1156 10.76 76.68 -58.84
CA THR H 1156 9.52 76.33 -58.14
C THR H 1156 8.37 76.10 -59.09
N GLU H 1157 8.26 76.92 -60.14
CA GLU H 1157 7.31 76.69 -61.23
C GLU H 1157 7.95 75.97 -62.41
N ASN H 1158 9.25 75.70 -62.36
CA ASN H 1158 9.94 74.96 -63.42
C ASN H 1158 9.75 75.63 -64.77
N THR H 1159 10.23 76.86 -64.88
CA THR H 1159 10.08 77.68 -66.07
C THR H 1159 11.34 78.48 -66.35
N ILE H 1160 11.52 78.82 -67.63
CA ILE H 1160 12.59 79.69 -68.09
C ILE H 1160 11.95 80.86 -68.82
N ILE H 1161 12.40 82.07 -68.51
CA ILE H 1161 11.84 83.30 -69.06
C ILE H 1161 12.97 84.13 -69.64
N PHE H 1162 12.71 84.75 -70.78
CA PHE H 1162 13.65 85.69 -71.39
C PHE H 1162 12.95 87.03 -71.60
N THR H 1163 13.68 88.11 -71.29
CA THR H 1163 13.22 89.46 -71.51
C THR H 1163 14.25 90.18 -72.37
N LEU H 1164 13.79 91.14 -73.16
CA LEU H 1164 14.67 91.98 -73.95
C LEU H 1164 14.41 93.43 -73.57
N ASN H 1165 15.33 94.03 -72.83
CA ASN H 1165 15.20 95.41 -72.38
C ASN H 1165 13.91 95.61 -71.60
N GLY H 1166 13.63 94.69 -70.67
CA GLY H 1166 12.50 94.81 -69.78
C GLY H 1166 11.19 94.28 -70.31
N GLU H 1167 11.17 93.69 -71.51
CA GLU H 1167 9.96 93.18 -72.12
C GLU H 1167 10.06 91.67 -72.25
N VAL H 1168 9.09 90.96 -71.69
CA VAL H 1168 9.11 89.50 -71.72
C VAL H 1168 8.88 89.02 -73.15
N LEU H 1169 9.85 88.30 -73.69
CA LEU H 1169 9.72 87.74 -75.02
C LEU H 1169 8.67 86.64 -75.04
N MET H 1170 7.91 86.59 -76.14
CA MET H 1170 6.84 85.62 -76.30
C MET H 1170 7.04 84.84 -77.58
N SER H 1171 6.58 83.59 -77.55
CA SER H 1171 6.61 82.75 -78.73
C SER H 1171 5.59 83.25 -79.75
N ASP H 1172 5.39 82.47 -80.82
CA ASP H 1172 4.34 82.77 -81.79
C ASP H 1172 2.99 82.35 -81.21
N SER H 1173 2.73 82.85 -80.00
CA SER H 1173 1.55 82.50 -79.22
C SER H 1173 1.50 83.44 -78.02
N GLY H 1174 0.62 83.14 -77.07
CA GLY H 1174 0.52 83.96 -75.86
C GLY H 1174 1.51 83.56 -74.79
N SER H 1175 2.42 82.65 -75.12
CA SER H 1175 3.33 82.10 -74.12
C SER H 1175 4.30 83.17 -73.62
N GLU H 1176 4.31 83.37 -72.31
CA GLU H 1176 5.31 84.21 -71.65
C GLU H 1176 6.55 83.43 -71.25
N THR H 1177 6.55 82.11 -71.43
CA THR H 1177 7.65 81.24 -71.04
C THR H 1177 8.28 80.65 -72.29
N ALA H 1178 9.60 80.78 -72.40
CA ALA H 1178 10.32 80.09 -73.47
C ALA H 1178 10.24 78.58 -73.29
N PHE H 1179 10.37 78.12 -72.06
CA PHE H 1179 10.42 76.69 -71.76
C PHE H 1179 9.61 76.39 -70.50
N ARG H 1180 9.02 75.20 -70.46
CA ARG H 1180 8.17 74.79 -69.36
C ARG H 1180 8.50 73.36 -68.98
N GLU H 1181 7.98 72.94 -67.81
CA GLU H 1181 8.07 71.56 -67.37
C GLU H 1181 9.51 71.08 -67.30
N ILE H 1182 10.42 71.98 -66.94
CA ILE H 1182 11.83 71.64 -66.83
C ILE H 1182 12.04 70.69 -65.66
N GLU H 1183 12.94 69.73 -65.84
CA GLU H 1183 13.35 68.85 -64.76
C GLU H 1183 14.63 69.39 -64.15
N ILE H 1184 14.62 69.56 -62.82
CA ILE H 1184 15.76 70.16 -62.14
C ILE H 1184 17.02 69.32 -62.35
N GLY H 1185 16.92 68.02 -62.09
CA GLY H 1185 18.08 67.16 -62.29
C GLY H 1185 19.27 67.64 -61.49
N ASP H 1186 20.44 67.64 -62.14
CA ASP H 1186 21.65 68.08 -61.48
C ASP H 1186 21.58 69.57 -61.13
N GLY H 1187 21.03 70.37 -62.04
CA GLY H 1187 20.87 71.79 -61.81
C GLY H 1187 21.12 72.56 -63.09
N PHE H 1188 21.34 73.86 -62.93
CA PHE H 1188 21.52 74.75 -64.07
C PHE H 1188 22.60 75.78 -63.77
N LEU H 1189 23.19 76.32 -64.84
CA LEU H 1189 24.27 77.27 -64.78
C LEU H 1189 24.06 78.31 -65.86
N PRO H 1190 24.40 79.57 -65.62
CA PRO H 1190 24.40 80.54 -66.71
C PRO H 1190 25.44 80.20 -67.77
N VAL H 1191 25.05 80.35 -69.03
CA VAL H 1191 25.87 79.99 -70.17
C VAL H 1191 25.60 80.95 -71.31
N CYS H 1192 26.62 81.17 -72.13
CA CYS H 1192 26.52 81.99 -73.32
C CYS H 1192 27.44 81.41 -74.37
N SER H 1193 27.13 81.68 -75.63
CA SER H 1193 27.94 81.27 -76.77
C SER H 1193 28.08 82.44 -77.71
N LEU H 1194 29.32 82.73 -78.12
CA LEU H 1194 29.63 83.82 -79.02
C LEU H 1194 30.19 83.25 -80.31
N GLY H 1195 29.63 83.64 -81.45
CA GLY H 1195 30.20 83.27 -82.72
C GLY H 1195 31.34 84.19 -83.08
N PRO H 1196 31.91 83.97 -84.26
CA PRO H 1196 33.03 84.81 -84.70
C PRO H 1196 32.63 86.28 -84.79
N GLY H 1197 33.55 87.15 -84.38
CA GLY H 1197 33.31 88.57 -84.44
C GLY H 1197 32.24 89.08 -83.49
N GLN H 1198 32.02 88.39 -82.38
CA GLN H 1198 30.94 88.71 -81.46
C GLN H 1198 31.49 89.16 -80.12
N VAL H 1199 30.77 90.07 -79.47
CA VAL H 1199 31.16 90.62 -78.17
C VAL H 1199 29.92 90.68 -77.28
N GLY H 1200 30.05 90.12 -76.08
CA GLY H 1200 28.96 90.15 -75.11
C GLY H 1200 29.46 90.62 -73.77
N HIS H 1201 28.50 90.98 -72.92
CA HIS H 1201 28.77 91.39 -71.54
C HIS H 1201 27.81 90.66 -70.62
N LEU H 1202 28.34 89.74 -69.82
CA LEU H 1202 27.54 88.89 -68.94
C LEU H 1202 27.60 89.44 -67.53
N ASN H 1203 26.45 89.90 -67.02
CA ASN H 1203 26.34 90.41 -65.66
C ASN H 1203 25.54 89.39 -64.84
N LEU H 1204 26.20 88.75 -63.90
CA LEU H 1204 25.58 87.77 -63.03
C LEU H 1204 24.99 88.41 -61.77
N GLY H 1205 25.06 89.73 -61.65
CA GLY H 1205 24.41 90.42 -60.55
C GLY H 1205 25.19 90.46 -59.27
N GLN H 1206 26.53 90.39 -59.34
CA GLN H 1206 27.32 90.59 -58.13
C GLN H 1206 27.10 91.98 -57.57
N ASP H 1207 27.01 92.98 -58.43
CA ASP H 1207 26.61 94.33 -58.07
C ASP H 1207 25.24 94.59 -58.68
N VAL H 1208 24.21 94.64 -57.83
CA VAL H 1208 22.85 94.75 -58.32
C VAL H 1208 22.62 96.07 -59.02
N SER H 1209 23.32 97.13 -58.61
CA SER H 1209 23.11 98.44 -59.22
C SER H 1209 23.46 98.41 -60.70
N SER H 1210 24.35 97.50 -61.11
CA SER H 1210 24.77 97.39 -62.50
C SER H 1210 23.70 96.74 -63.38
N LEU H 1211 22.66 96.19 -62.80
CA LEU H 1211 21.60 95.53 -63.57
C LEU H 1211 20.61 96.60 -64.02
N ARG H 1212 20.38 96.68 -65.34
CA ARG H 1212 19.67 97.82 -65.90
C ARG H 1212 18.17 97.59 -65.94
N PHE H 1213 17.73 96.33 -66.10
CA PHE H 1213 16.33 96.02 -66.28
C PHE H 1213 15.79 95.09 -65.21
N PHE H 1214 16.57 94.80 -64.17
CA PHE H 1214 16.13 93.90 -63.11
C PHE H 1214 14.92 94.47 -62.39
N ALA H 1215 14.93 95.77 -62.09
CA ALA H 1215 13.78 96.38 -61.43
C ALA H 1215 12.54 96.34 -62.31
N ILE H 1216 12.70 96.61 -63.61
CA ILE H 1216 11.55 96.59 -64.50
C ILE H 1216 10.96 95.19 -64.56
N CYS H 1217 11.81 94.16 -64.61
CA CYS H 1217 11.32 92.79 -64.61
C CYS H 1217 12.27 91.92 -63.79
N GLY H 1218 11.73 91.24 -62.78
CA GLY H 1218 12.49 90.30 -61.99
C GLY H 1218 12.43 90.58 -60.50
N LEU H 1219 12.43 91.87 -60.13
CA LEU H 1219 12.43 92.23 -58.72
C LEU H 1219 11.09 91.93 -58.06
N GLN H 1220 10.02 92.56 -58.55
CA GLN H 1220 8.71 92.34 -57.94
C GLN H 1220 8.25 90.90 -58.15
N GLU H 1221 8.67 90.29 -59.26
CA GLU H 1221 8.42 88.86 -59.47
C GLU H 1221 9.19 88.00 -58.49
N GLY H 1222 10.15 88.57 -57.77
CA GLY H 1222 10.88 87.86 -56.73
C GLY H 1222 12.22 87.32 -57.15
N PHE H 1223 12.52 87.28 -58.44
CA PHE H 1223 13.78 86.71 -58.89
C PHE H 1223 14.96 87.43 -58.25
N GLU H 1224 15.97 86.66 -57.87
CA GLU H 1224 17.18 87.21 -57.27
C GLU H 1224 18.34 87.10 -58.25
N PRO H 1225 19.30 88.03 -58.19
CA PRO H 1225 20.49 87.89 -59.02
C PRO H 1225 21.27 86.63 -58.68
N PHE H 1226 21.88 86.06 -59.72
CA PHE H 1226 22.58 84.78 -59.57
C PHE H 1226 23.73 84.89 -58.56
N ALA H 1227 24.30 86.08 -58.39
CA ALA H 1227 25.45 86.31 -57.53
C ALA H 1227 25.18 87.44 -56.54
N ILE H 1228 24.00 87.45 -55.93
CA ILE H 1228 23.59 88.60 -55.13
C ILE H 1228 24.54 88.81 -53.95
N ASN H 1229 24.93 87.74 -53.27
CA ASN H 1229 25.72 87.83 -52.04
C ASN H 1229 26.98 86.97 -52.16
N MET H 1230 27.66 87.11 -53.29
CA MET H 1230 28.95 86.47 -53.52
C MET H 1230 30.06 87.51 -53.39
N GLN H 1231 31.05 87.22 -52.55
CA GLN H 1231 32.14 88.16 -52.33
CA GLN H 1231 32.11 88.18 -52.34
C GLN H 1231 33.00 88.31 -53.57
N ARG H 1232 33.28 87.22 -54.24
CA ARG H 1232 34.16 87.21 -55.40
C ARG H 1232 33.37 86.95 -56.68
N PRO H 1233 33.83 87.48 -57.82
CA PRO H 1233 33.12 87.24 -59.08
C PRO H 1233 33.05 85.75 -59.39
N VAL H 1234 31.94 85.35 -60.01
CA VAL H 1234 31.73 83.95 -60.34
C VAL H 1234 32.82 83.48 -61.27
N THR H 1235 33.42 82.33 -60.96
CA THR H 1235 34.44 81.75 -61.81
C THR H 1235 33.80 81.18 -63.07
N THR H 1236 34.46 81.39 -64.21
CA THR H 1236 33.94 80.99 -65.50
C THR H 1236 34.86 79.99 -66.16
N TRP H 1237 34.27 79.17 -67.02
CA TRP H 1237 35.02 78.26 -67.87
C TRP H 1237 34.62 78.51 -69.32
N PHE H 1238 35.57 78.30 -70.23
CA PHE H 1238 35.35 78.56 -71.63
C PHE H 1238 35.82 77.38 -72.46
N SER H 1239 35.20 77.25 -73.63
CA SER H 1239 35.57 76.19 -74.56
C SER H 1239 36.86 76.57 -75.29
N LYS H 1240 37.92 75.83 -75.02
CA LYS H 1240 39.22 76.03 -75.64
C LYS H 1240 39.34 75.06 -76.80
N SER H 1241 39.60 75.60 -77.98
CA SER H 1241 39.63 74.82 -79.21
C SER H 1241 40.96 74.12 -79.45
N LEU H 1242 41.89 74.22 -78.51
CA LEU H 1242 43.14 73.49 -78.64
C LEU H 1242 42.86 71.99 -78.54
N PRO H 1243 43.16 71.21 -79.57
CA PRO H 1243 42.90 69.76 -79.48
C PRO H 1243 43.86 69.09 -78.51
N GLN H 1244 43.31 68.21 -77.68
CA GLN H 1244 44.09 67.42 -76.73
C GLN H 1244 43.66 65.96 -76.81
N PHE H 1245 44.57 65.08 -76.44
CA PHE H 1245 44.33 63.65 -76.48
C PHE H 1245 43.59 63.24 -75.20
N GLU H 1246 42.51 62.50 -75.37
CA GLU H 1246 41.69 62.04 -74.27
C GLU H 1246 41.41 60.56 -74.42
N PRO H 1247 41.22 59.82 -73.33
CA PRO H 1247 40.92 58.39 -73.45
C PRO H 1247 39.65 58.16 -74.25
N VAL H 1248 39.67 57.10 -75.05
CA VAL H 1248 38.48 56.76 -75.84
C VAL H 1248 37.36 56.38 -74.90
N PRO H 1249 36.20 57.04 -74.94
CA PRO H 1249 35.13 56.70 -74.01
C PRO H 1249 34.69 55.26 -74.19
N PRO H 1250 34.44 54.53 -73.10
CA PRO H 1250 33.96 53.15 -73.25
C PRO H 1250 32.64 53.07 -73.99
N GLU H 1251 31.79 54.09 -73.85
CA GLU H 1251 30.47 54.11 -74.45
C GLU H 1251 30.41 54.89 -75.75
N HIS H 1252 31.56 55.14 -76.38
CA HIS H 1252 31.57 55.91 -77.61
C HIS H 1252 30.71 55.21 -78.66
N PRO H 1253 29.76 55.89 -79.29
CA PRO H 1253 28.85 55.20 -80.22
C PRO H 1253 29.54 54.56 -81.40
N HIS H 1254 30.62 55.16 -81.92
CA HIS H 1254 31.19 54.72 -83.18
C HIS H 1254 32.49 53.94 -83.03
N TYR H 1255 33.29 54.22 -82.00
CA TYR H 1255 34.63 53.64 -81.89
C TYR H 1255 34.70 52.75 -80.66
N GLU H 1256 35.27 51.56 -80.84
CA GLU H 1256 35.45 50.59 -79.77
C GLU H 1256 36.91 50.16 -79.73
N VAL H 1257 37.47 50.09 -78.53
CA VAL H 1257 38.85 49.64 -78.34
C VAL H 1257 38.80 48.37 -77.49
N ALA H 1258 39.43 47.32 -78.00
CA ALA H 1258 39.45 46.02 -77.34
C ALA H 1258 40.88 45.70 -76.91
N ARG H 1259 41.06 45.39 -75.64
CA ARG H 1259 42.35 44.96 -75.12
C ARG H 1259 42.44 43.44 -75.27
N MET H 1260 43.27 43.01 -76.20
CA MET H 1260 43.40 41.58 -76.52
C MET H 1260 44.59 41.00 -75.77
N ASP H 1261 44.33 39.96 -74.99
CA ASP H 1261 45.37 39.31 -74.21
C ASP H 1261 46.34 38.58 -75.14
N GLY H 1262 47.61 38.60 -74.76
CA GLY H 1262 48.63 37.98 -75.59
C GLY H 1262 48.60 36.47 -75.46
N THR H 1263 48.76 35.80 -76.60
CA THR H 1263 48.87 34.35 -76.67
C THR H 1263 50.35 33.96 -76.86
N VAL H 1264 50.60 32.66 -77.01
CA VAL H 1264 51.95 32.21 -77.30
C VAL H 1264 52.36 32.63 -78.71
N ASP H 1265 51.42 32.59 -79.66
CA ASP H 1265 51.74 32.97 -81.03
C ASP H 1265 51.58 34.47 -81.26
N THR H 1266 50.75 35.13 -80.47
CA THR H 1266 50.44 36.54 -80.70
C THR H 1266 50.77 37.38 -79.47
N PRO H 1267 51.16 38.63 -79.66
CA PRO H 1267 51.47 39.49 -78.52
C PRO H 1267 50.22 40.17 -77.99
N PRO H 1268 50.33 40.87 -76.86
CA PRO H 1268 49.21 41.71 -76.41
C PRO H 1268 48.91 42.80 -77.44
N CYS H 1269 47.63 43.16 -77.53
CA CYS H 1269 47.18 44.06 -78.57
C CYS H 1269 46.03 44.93 -78.07
N LEU H 1270 45.91 46.09 -78.70
CA LEU H 1270 44.78 47.00 -78.52
C LEU H 1270 44.18 47.22 -79.90
N ARG H 1271 42.98 46.69 -80.12
CA ARG H 1271 42.36 46.66 -81.44
C ARG H 1271 41.24 47.68 -81.52
N LEU H 1272 41.20 48.41 -82.63
CA LEU H 1272 40.15 49.39 -82.85
C LEU H 1272 39.12 48.85 -83.83
N ALA H 1273 37.84 49.09 -83.52
CA ALA H 1273 36.74 48.65 -84.37
C ALA H 1273 35.76 49.80 -84.53
N HIS H 1274 35.07 49.81 -85.67
CA HIS H 1274 34.07 50.83 -85.96
C HIS H 1274 32.70 50.27 -85.62
N ARG H 1275 32.09 50.83 -84.58
CA ARG H 1275 30.83 50.29 -84.06
C ARG H 1275 29.70 50.44 -85.06
N THR H 1276 29.64 51.58 -85.76
CA THR H 1276 28.50 51.95 -86.58
C THR H 1276 28.78 51.81 -88.08
N TRP H 1277 29.74 51.00 -88.46
CA TRP H 1277 30.10 50.91 -89.87
C TRP H 1277 28.96 50.33 -90.70
N GLY H 1278 28.88 50.76 -91.95
CA GLY H 1278 27.88 50.26 -92.88
C GLY H 1278 26.47 50.54 -92.42
N SER H 1279 26.26 51.74 -91.88
CA SER H 1279 24.95 52.14 -91.37
C SER H 1279 24.80 53.64 -91.50
N GLN H 1280 23.60 54.07 -91.86
CA GLN H 1280 23.29 55.50 -91.81
C GLN H 1280 23.34 55.97 -90.36
N ASN H 1281 23.82 57.20 -90.18
CA ASN H 1281 24.24 57.86 -88.94
C ASN H 1281 25.69 57.55 -88.61
N SER H 1282 26.38 56.73 -89.41
CA SER H 1282 27.76 56.40 -89.10
C SER H 1282 28.66 57.62 -89.23
N LEU H 1283 29.72 57.64 -88.44
CA LEU H 1283 30.69 58.73 -88.44
C LEU H 1283 31.97 58.23 -89.10
N VAL H 1284 32.31 58.82 -90.24
CA VAL H 1284 33.55 58.51 -90.96
C VAL H 1284 34.33 59.80 -91.11
N GLU H 1285 35.40 59.92 -90.32
CA GLU H 1285 36.25 61.10 -90.37
C GLU H 1285 37.61 60.71 -89.79
N MET H 1286 38.59 61.56 -90.04
CA MET H 1286 39.95 61.25 -89.60
C MET H 1286 40.01 61.04 -88.10
N LEU H 1287 40.73 60.01 -87.69
CA LEU H 1287 40.87 59.63 -86.30
C LEU H 1287 42.35 59.67 -85.94
N PHE H 1288 42.69 60.51 -84.97
CA PHE H 1288 44.05 60.65 -84.46
C PHE H 1288 44.12 59.96 -83.11
N LEU H 1289 44.97 58.94 -83.02
CA LEU H 1289 45.07 58.13 -81.82
C LEU H 1289 46.53 58.06 -81.39
N ARG H 1290 46.72 58.00 -80.07
CA ARG H 1290 48.04 57.70 -79.53
C ARG H 1290 47.87 56.77 -78.35
N LEU H 1291 49.00 56.29 -77.84
CA LEU H 1291 49.01 55.55 -76.60
C LEU H 1291 49.28 56.49 -75.43
N SER H 1292 48.74 56.13 -74.27
CA SER H 1292 48.74 57.04 -73.13
C SER H 1292 50.13 57.33 -72.58
N LEU H 1293 51.10 56.44 -72.81
CA LEU H 1293 52.38 56.58 -72.17
C LEU H 1293 53.49 56.78 -73.19
N PRO H 1294 54.50 57.61 -72.88
CA PRO H 1294 55.59 57.82 -73.84
C PRO H 1294 56.79 56.91 -73.60
N VAL H 1295 57.72 56.93 -74.56
CA VAL H 1295 59.08 56.46 -74.36
C VAL H 1295 59.99 57.67 -74.40
N GLN H 1296 60.92 57.74 -73.47
CA GLN H 1296 61.80 58.89 -73.31
C GLN H 1296 63.23 58.50 -73.66
N PHE H 1297 63.85 59.30 -74.52
CA PHE H 1297 65.21 59.03 -74.96
C PHE H 1297 66.21 59.41 -73.87
N HIS H 1298 67.38 58.79 -73.94
CA HIS H 1298 68.39 59.02 -72.92
C HIS H 1298 68.85 60.47 -72.92
N GLN H 1299 69.28 60.94 -71.76
CA GLN H 1299 69.82 62.29 -71.65
C GLN H 1299 71.09 62.44 -72.47
N HIS H 1300 71.97 61.44 -72.42
CA HIS H 1300 73.24 61.46 -73.12
C HIS H 1300 73.28 60.32 -74.12
N PHE H 1301 73.52 60.65 -75.39
CA PHE H 1301 73.58 59.66 -76.45
C PHE H 1301 74.98 59.07 -76.54
N ARG H 1302 75.03 57.77 -76.79
CA ARG H 1302 76.31 57.07 -76.81
C ARG H 1302 77.22 57.63 -77.90
N CYS H 1303 78.48 57.86 -77.54
CA CYS H 1303 79.46 58.32 -78.52
C CYS H 1303 79.76 57.19 -79.50
N THR H 1304 79.90 57.54 -80.77
CA THR H 1304 80.06 56.52 -81.80
C THR H 1304 81.43 55.88 -81.71
N ASP H 1419 64.44 28.43 -84.29
CA ASP H 1419 65.36 29.55 -84.09
C ASP H 1419 64.55 30.74 -83.55
N ASN H 1420 65.04 31.97 -83.74
CA ASN H 1420 64.33 33.16 -83.28
C ASN H 1420 64.30 33.25 -81.76
N ARG H 1421 65.45 32.95 -81.15
CA ARG H 1421 65.63 33.09 -79.70
C ARG H 1421 66.56 34.25 -79.44
N ASP H 1422 66.16 35.13 -78.53
CA ASP H 1422 66.98 36.28 -78.19
C ASP H 1422 68.23 35.84 -77.44
N ASP H 1423 69.37 36.39 -77.84
CA ASP H 1423 70.58 36.20 -77.06
C ASP H 1423 70.45 36.97 -75.75
N PRO H 1424 70.67 36.33 -74.61
CA PRO H 1424 70.45 37.04 -73.33
C PRO H 1424 71.28 38.31 -73.22
N GLU H 1425 72.58 38.25 -73.48
CA GLU H 1425 73.42 39.43 -73.29
C GLU H 1425 72.96 40.56 -74.20
N ILE H 1426 72.70 40.26 -75.47
CA ILE H 1426 72.30 41.29 -76.42
C ILE H 1426 70.97 41.91 -75.99
N ILE H 1427 69.97 41.07 -75.68
CA ILE H 1427 68.65 41.62 -75.38
C ILE H 1427 68.64 42.34 -74.05
N LEU H 1428 69.51 41.98 -73.11
CA LEU H 1428 69.58 42.68 -71.83
C LEU H 1428 70.41 43.96 -71.90
N ASN H 1429 71.32 44.08 -72.87
CA ASN H 1429 72.14 45.28 -72.99
C ASN H 1429 71.70 46.20 -74.13
N THR H 1430 70.66 45.82 -74.88
CA THR H 1430 70.22 46.63 -76.01
C THR H 1430 69.40 47.83 -75.54
N THR H 1431 69.43 48.88 -76.36
CA THR H 1431 68.64 50.09 -76.13
C THR H 1431 67.58 50.27 -77.21
N THR H 1432 67.23 49.21 -77.92
CA THR H 1432 66.31 49.28 -79.04
C THR H 1432 64.96 48.70 -78.65
N TYR H 1433 63.89 49.39 -79.02
CA TYR H 1433 62.54 49.02 -78.66
C TYR H 1433 61.65 49.06 -79.90
N TYR H 1434 60.56 48.30 -79.83
CA TYR H 1434 59.77 47.97 -81.00
C TYR H 1434 58.28 47.97 -80.64
N TYR H 1435 57.46 48.42 -81.57
CA TYR H 1435 56.05 48.07 -81.55
C TYR H 1435 55.59 47.91 -83.00
N SER H 1436 54.35 47.48 -83.19
CA SER H 1436 53.83 47.35 -84.54
C SER H 1436 52.37 47.73 -84.59
N VAL H 1437 51.90 48.01 -85.79
CA VAL H 1437 50.50 48.31 -86.06
C VAL H 1437 50.05 47.42 -87.20
N ARG H 1438 49.01 46.62 -86.95
CA ARG H 1438 48.43 45.77 -87.97
C ARG H 1438 47.19 46.44 -88.53
N VAL H 1439 47.23 46.78 -89.81
CA VAL H 1439 46.12 47.35 -90.54
C VAL H 1439 45.36 46.19 -91.15
N PHE H 1440 44.10 46.02 -90.75
CA PHE H 1440 43.34 44.84 -91.14
C PHE H 1440 42.95 44.91 -92.61
N ALA H 1441 42.76 43.74 -93.20
CA ALA H 1441 42.29 43.67 -94.58
C ALA H 1441 40.95 44.37 -94.70
N GLY H 1442 40.79 45.16 -95.76
CA GLY H 1442 39.63 46.00 -95.93
C GLY H 1442 39.83 47.42 -95.49
N GLN H 1443 40.87 47.71 -94.72
CA GLN H 1443 41.22 49.06 -94.32
C GLN H 1443 42.32 49.55 -95.25
N GLU H 1444 42.06 50.64 -95.96
CA GLU H 1444 42.99 51.13 -96.96
C GLU H 1444 44.25 51.66 -96.28
N PRO H 1445 45.43 51.11 -96.56
CA PRO H 1445 46.66 51.68 -95.99
C PRO H 1445 46.90 53.13 -96.39
N SER H 1446 46.46 53.51 -97.59
CA SER H 1446 46.61 54.90 -98.02
C SER H 1446 45.93 55.85 -97.05
N CYS H 1447 44.93 55.37 -96.33
CA CYS H 1447 44.25 56.17 -95.33
C CYS H 1447 44.88 56.07 -93.95
N VAL H 1448 46.00 55.38 -93.82
CA VAL H 1448 46.63 55.09 -92.53
C VAL H 1448 48.02 55.72 -92.49
N TRP H 1449 48.34 56.33 -91.35
CA TRP H 1449 49.69 56.80 -91.04
C TRP H 1449 50.11 56.20 -89.71
N VAL H 1450 51.36 55.79 -89.61
CA VAL H 1450 51.88 55.11 -88.43
C VAL H 1450 53.19 55.76 -88.03
N GLY H 1451 53.40 55.89 -86.72
CA GLY H 1451 54.63 56.46 -86.20
C GLY H 1451 54.52 56.94 -84.78
N TRP H 1452 55.04 58.14 -84.51
CA TRP H 1452 55.07 58.70 -83.18
C TRP H 1452 54.66 60.16 -83.22
N VAL H 1453 54.23 60.68 -82.07
CA VAL H 1453 53.92 62.09 -81.89
C VAL H 1453 54.56 62.56 -80.59
N THR H 1454 55.08 63.78 -80.62
CA THR H 1454 55.52 64.44 -79.42
C THR H 1454 54.33 64.95 -78.63
N PRO H 1455 54.50 65.26 -77.34
CA PRO H 1455 53.37 65.72 -76.53
C PRO H 1455 52.83 67.09 -76.90
N ASP H 1456 53.37 67.70 -77.96
CA ASP H 1456 52.92 69.00 -78.42
C ASP H 1456 52.17 68.92 -79.74
N TYR H 1457 51.68 67.74 -80.10
CA TYR H 1457 50.87 67.58 -81.30
C TYR H 1457 49.44 67.97 -80.98
N HIS H 1458 48.96 69.04 -81.61
CA HIS H 1458 47.61 69.54 -81.39
C HIS H 1458 46.90 69.82 -82.72
N GLN H 1459 47.31 69.13 -83.78
CA GLN H 1459 46.83 69.42 -85.13
C GLN H 1459 45.73 68.42 -85.49
N HIS H 1460 44.49 68.92 -85.55
CA HIS H 1460 43.31 68.11 -85.82
C HIS H 1460 42.84 68.45 -87.24
N ASP H 1461 43.40 67.76 -88.23
CA ASP H 1461 43.20 68.10 -89.63
C ASP H 1461 42.42 66.97 -90.30
N MET H 1462 41.20 67.29 -90.73
CA MET H 1462 40.42 66.33 -91.51
C MET H 1462 41.14 65.97 -92.81
N ASN H 1463 41.72 66.96 -93.47
CA ASN H 1463 42.42 66.75 -94.74
C ASN H 1463 43.92 66.52 -94.48
N PHE H 1464 44.19 65.47 -93.72
CA PHE H 1464 45.54 65.22 -93.23
C PHE H 1464 46.44 64.67 -94.32
N ASP H 1465 47.70 65.11 -94.29
CA ASP H 1465 48.76 64.56 -95.12
C ASP H 1465 50.08 64.86 -94.43
N LEU H 1466 51.08 64.04 -94.73
CA LEU H 1466 52.39 64.23 -94.11
C LEU H 1466 53.00 65.58 -94.45
N SER H 1467 52.53 66.23 -95.52
CA SER H 1467 52.97 67.58 -95.82
C SER H 1467 52.49 68.58 -94.78
N LYS H 1468 51.43 68.25 -94.03
CA LYS H 1468 50.89 69.14 -93.02
C LYS H 1468 51.66 69.08 -91.71
N VAL H 1469 52.62 68.16 -91.59
CA VAL H 1469 53.37 68.03 -90.35
C VAL H 1469 54.21 69.28 -90.14
N ARG H 1470 54.15 69.83 -88.94
CA ARG H 1470 54.99 70.96 -88.59
C ARG H 1470 56.45 70.53 -88.65
N ALA H 1471 57.29 71.40 -89.22
CA ALA H 1471 58.71 71.11 -89.32
C ALA H 1471 59.47 72.41 -89.26
N VAL H 1472 60.69 72.35 -88.73
CA VAL H 1472 61.56 73.52 -88.69
C VAL H 1472 62.99 73.03 -88.64
N THR H 1473 63.92 73.86 -89.10
CA THR H 1473 65.34 73.55 -89.05
C THR H 1473 66.07 74.71 -88.40
N VAL H 1474 66.82 74.40 -87.34
CA VAL H 1474 67.64 75.38 -86.64
C VAL H 1474 69.08 75.15 -87.09
N THR H 1475 69.68 76.16 -87.69
CA THR H 1475 71.04 76.07 -88.20
C THR H 1475 71.93 77.08 -87.49
N MET H 1476 72.98 76.58 -86.86
CA MET H 1476 73.97 77.39 -86.19
C MET H 1476 75.31 77.25 -86.88
N GLY H 1477 75.96 78.38 -87.14
CA GLY H 1477 77.24 78.39 -87.81
C GLY H 1477 78.17 79.41 -87.17
N ASP H 1478 79.40 79.43 -87.65
CA ASP H 1478 80.36 80.43 -87.21
C ASP H 1478 79.88 81.81 -87.65
N GLU H 1479 80.67 82.83 -87.28
CA GLU H 1479 80.32 84.19 -87.67
C GLU H 1479 80.07 84.27 -89.17
N GLN H 1480 80.91 83.64 -89.98
CA GLN H 1480 80.69 83.52 -91.41
C GLN H 1480 80.42 82.07 -91.76
N GLY H 1481 79.25 81.81 -92.35
CA GLY H 1481 78.88 80.47 -92.78
C GLY H 1481 79.29 79.42 -91.78
N ASN H 1482 80.11 78.45 -92.21
CA ASN H 1482 80.64 77.46 -91.29
C ASN H 1482 79.56 76.85 -90.41
N VAL H 1483 78.60 76.18 -91.01
CA VAL H 1483 77.49 75.61 -90.24
C VAL H 1483 78.05 74.57 -89.28
N HIS H 1484 78.00 74.87 -87.98
CA HIS H 1484 78.35 73.87 -86.98
C HIS H 1484 77.26 72.81 -86.86
N SER H 1485 75.99 73.23 -86.85
CA SER H 1485 74.90 72.32 -86.54
C SER H 1485 73.67 72.67 -87.37
N SER H 1486 72.90 71.64 -87.71
CA SER H 1486 71.61 71.79 -88.38
C SER H 1486 70.68 70.72 -87.82
N LEU H 1487 69.66 71.16 -87.08
CA LEU H 1487 68.76 70.27 -86.37
C LEU H 1487 67.35 70.41 -86.94
N LYS H 1488 66.70 69.28 -87.22
CA LYS H 1488 65.32 69.27 -87.69
C LYS H 1488 64.41 68.92 -86.53
N CYS H 1489 63.38 69.74 -86.33
CA CYS H 1489 62.42 69.57 -85.26
C CYS H 1489 61.02 69.41 -85.84
N SER H 1490 60.29 68.44 -85.31
CA SER H 1490 58.94 68.13 -85.77
C SER H 1490 58.19 67.43 -84.64
N ASN H 1491 56.89 67.71 -84.56
CA ASN H 1491 56.07 67.07 -83.52
C ASN H 1491 55.62 65.69 -83.95
N CYS H 1492 55.66 65.41 -85.25
CA CYS H 1492 55.11 64.19 -85.81
C CYS H 1492 56.17 63.47 -86.62
N TYR H 1493 56.34 62.17 -86.36
CA TYR H 1493 57.24 61.31 -87.11
C TYR H 1493 56.46 60.07 -87.51
N MET H 1494 56.23 59.91 -88.82
CA MET H 1494 55.33 58.88 -89.28
C MET H 1494 55.71 58.41 -90.67
N VAL H 1495 55.07 57.31 -91.08
CA VAL H 1495 55.21 56.73 -92.41
C VAL H 1495 53.83 56.51 -92.98
N TRP H 1496 53.71 56.64 -94.30
CA TRP H 1496 52.43 56.46 -94.97
C TRP H 1496 52.32 55.04 -95.53
N GLY H 1497 51.17 54.42 -95.29
CA GLY H 1497 50.96 53.06 -95.77
C GLY H 1497 50.90 52.99 -97.29
N GLY H 1498 50.63 54.11 -97.94
CA GLY H 1498 50.70 54.17 -99.38
C GLY H 1498 52.11 53.99 -99.90
N ASP H 1499 53.11 54.29 -99.06
CA ASP H 1499 54.50 54.05 -99.43
C ASP H 1499 54.88 52.58 -99.36
N PHE H 1500 54.12 51.78 -98.61
CA PHE H 1500 54.41 50.36 -98.47
C PHE H 1500 53.49 49.46 -99.28
N VAL H 1501 52.33 49.96 -99.71
CA VAL H 1501 51.46 49.16 -100.55
C VAL H 1501 52.17 48.92 -101.87
N SER H 1502 52.35 47.66 -102.25
CA SER H 1502 52.91 47.36 -103.56
C SER H 1502 51.96 47.88 -104.63
N PRO H 1503 52.44 48.22 -105.82
CA PRO H 1503 51.53 48.81 -106.81
C PRO H 1503 50.51 47.77 -107.27
N GLY H 1504 49.31 47.90 -106.73
CA GLY H 1504 48.23 46.97 -107.00
C GLY H 1504 46.89 47.67 -107.12
N GLN H 1505 46.91 48.93 -107.58
CA GLN H 1505 45.67 49.68 -107.72
C GLN H 1505 44.58 48.83 -108.35
N GLN H 1506 44.95 47.97 -109.29
CA GLN H 1506 44.01 46.98 -109.80
C GLN H 1506 43.74 45.95 -108.72
N GLY H 1507 42.46 45.79 -108.36
CA GLY H 1507 42.13 45.00 -107.19
C GLY H 1507 42.72 45.63 -105.95
N ARG H 1508 42.54 46.95 -105.81
CA ARG H 1508 43.20 47.68 -104.72
C ARG H 1508 42.91 47.05 -103.38
N ILE H 1509 41.67 46.59 -103.16
CA ILE H 1509 41.34 45.92 -101.91
C ILE H 1509 42.17 44.65 -101.79
N SER H 1510 42.80 44.48 -100.62
CA SER H 1510 43.73 43.38 -100.39
C SER H 1510 43.22 42.51 -99.26
N HIS H 1511 43.15 41.20 -99.51
CA HIS H 1511 42.79 40.25 -98.46
C HIS H 1511 43.83 40.22 -97.36
N THR H 1512 45.06 40.63 -97.64
CA THR H 1512 46.14 40.56 -96.66
C THR H 1512 46.05 41.71 -95.67
N ASP H 1513 46.81 41.58 -94.58
CA ASP H 1513 46.91 42.58 -93.54
C ASP H 1513 48.30 43.19 -93.56
N LEU H 1514 48.39 44.49 -93.30
CA LEU H 1514 49.67 45.19 -93.39
C LEU H 1514 50.22 45.47 -92.00
N VAL H 1515 51.39 44.92 -91.69
CA VAL H 1515 51.97 45.04 -90.36
C VAL H 1515 53.17 45.97 -90.45
N ILE H 1516 52.98 47.22 -90.02
CA ILE H 1516 54.04 48.22 -90.02
C ILE H 1516 54.72 48.21 -88.66
N GLY H 1517 56.04 48.04 -88.65
CA GLY H 1517 56.80 47.99 -87.42
C GLY H 1517 57.58 49.27 -87.22
N CYS H 1518 57.65 49.73 -85.97
CA CYS H 1518 58.35 50.95 -85.60
C CYS H 1518 59.41 50.62 -84.55
N LEU H 1519 60.65 51.02 -84.81
CA LEU H 1519 61.79 50.73 -83.97
C LEU H 1519 62.45 52.04 -83.55
N VAL H 1520 62.90 52.12 -82.30
CA VAL H 1520 63.58 53.29 -81.77
C VAL H 1520 64.76 52.84 -80.93
N ASP H 1521 65.92 53.47 -81.15
CA ASP H 1521 67.09 53.28 -80.29
C ASP H 1521 67.15 54.47 -79.34
N LEU H 1522 66.88 54.22 -78.05
CA LEU H 1522 66.77 55.30 -77.08
C LEU H 1522 68.12 55.84 -76.64
N ALA H 1523 69.22 55.39 -77.26
CA ALA H 1523 70.55 55.90 -76.96
C ALA H 1523 71.20 56.65 -78.11
N THR H 1524 70.74 56.43 -79.35
CA THR H 1524 71.22 57.19 -80.50
C THR H 1524 70.19 58.16 -81.06
N GLY H 1525 68.96 58.11 -80.55
CA GLY H 1525 67.91 58.94 -81.10
C GLY H 1525 67.53 58.59 -82.52
N LEU H 1526 67.56 57.30 -82.87
CA LEU H 1526 67.31 56.85 -84.22
C LEU H 1526 65.98 56.12 -84.28
N MET H 1527 65.18 56.44 -85.28
CA MET H 1527 63.86 55.85 -85.47
C MET H 1527 63.76 55.28 -86.87
N THR H 1528 63.35 54.02 -86.97
CA THR H 1528 63.27 53.31 -88.24
C THR H 1528 61.96 52.54 -88.33
N PHE H 1529 61.63 52.11 -89.55
CA PHE H 1529 60.36 51.48 -89.82
C PHE H 1529 60.53 50.26 -90.73
N THR H 1530 59.61 49.32 -90.57
CA THR H 1530 59.56 48.10 -91.37
C THR H 1530 58.16 47.95 -91.95
N ALA H 1531 58.07 47.41 -93.17
CA ALA H 1531 56.79 47.30 -93.86
C ALA H 1531 56.10 45.97 -93.58
N ASN H 1532 56.75 44.86 -93.95
CA ASN H 1532 56.28 43.52 -93.60
C ASN H 1532 57.51 42.66 -93.25
N GLY H 1533 58.40 43.21 -92.44
CA GLY H 1533 59.72 42.65 -92.26
C GLY H 1533 60.76 43.20 -93.21
N LYS H 1534 60.37 44.09 -94.11
CA LYS H 1534 61.26 44.75 -95.04
C LYS H 1534 61.53 46.17 -94.56
N GLU H 1535 62.81 46.54 -94.49
CA GLU H 1535 63.19 47.83 -93.94
C GLU H 1535 62.74 48.94 -94.87
N SER H 1536 62.07 49.95 -94.31
CA SER H 1536 61.71 51.13 -95.06
C SER H 1536 62.89 52.10 -95.12
N ASN H 1537 62.86 52.97 -96.12
CA ASN H 1537 63.92 53.97 -96.28
C ASN H 1537 63.78 55.11 -95.28
N THR H 1538 62.56 55.39 -94.84
CA THR H 1538 62.34 56.51 -93.93
C THR H 1538 63.04 56.26 -92.60
N PHE H 1539 63.75 57.28 -92.13
CA PHE H 1539 64.41 57.24 -90.84
C PHE H 1539 64.36 58.63 -90.23
N PHE H 1540 64.39 58.69 -88.90
CA PHE H 1540 64.34 59.96 -88.19
C PHE H 1540 65.43 60.00 -87.12
N GLN H 1541 65.92 61.21 -86.87
CA GLN H 1541 66.91 61.46 -85.83
C GLN H 1541 66.34 62.53 -84.89
N VAL H 1542 66.29 62.21 -83.60
CA VAL H 1542 65.70 63.07 -82.58
C VAL H 1542 66.72 63.30 -81.47
N GLU H 1543 66.58 64.41 -80.78
CA GLU H 1543 67.50 64.80 -79.73
C GLU H 1543 67.22 64.02 -78.44
N PRO H 1544 68.21 63.96 -77.54
CA PRO H 1544 68.01 63.25 -76.28
C PRO H 1544 66.96 63.90 -75.40
N ASN H 1545 66.43 63.13 -74.47
CA ASN H 1545 65.38 63.52 -73.51
C ASN H 1545 64.05 63.74 -74.22
N THR H 1546 63.93 63.39 -75.49
CA THR H 1546 62.68 63.53 -76.21
C THR H 1546 61.68 62.46 -75.76
N LYS H 1547 60.42 62.86 -75.64
CA LYS H 1547 59.33 61.94 -75.32
C LYS H 1547 58.54 61.69 -76.59
N LEU H 1548 58.21 60.43 -76.84
CA LEU H 1548 57.42 60.06 -78.01
C LEU H 1548 56.34 59.07 -77.64
N PHE H 1549 55.12 59.32 -78.13
CA PHE H 1549 54.00 58.43 -77.94
C PHE H 1549 53.76 57.63 -79.22
N PRO H 1550 53.54 56.33 -79.13
CA PRO H 1550 53.05 55.60 -80.31
C PRO H 1550 51.76 56.24 -80.80
N ALA H 1551 51.65 56.41 -82.11
CA ALA H 1551 50.53 57.15 -82.69
C ALA H 1551 50.12 56.53 -84.02
N VAL H 1552 48.82 56.56 -84.27
CA VAL H 1552 48.24 56.12 -85.54
C VAL H 1552 47.17 57.12 -85.95
N PHE H 1553 47.27 57.61 -87.19
CA PHE H 1553 46.25 58.45 -87.79
C PHE H 1553 45.60 57.68 -88.93
N VAL H 1554 44.28 57.56 -88.90
CA VAL H 1554 43.58 56.65 -89.79
C VAL H 1554 42.23 57.23 -90.20
N LEU H 1555 41.85 56.97 -91.44
CA LEU H 1555 40.49 57.22 -91.90
C LEU H 1555 39.81 55.89 -92.13
N PRO H 1556 38.85 55.49 -91.29
CA PRO H 1556 38.30 54.12 -91.41
C PRO H 1556 37.61 53.90 -92.75
N THR H 1557 37.88 52.74 -93.33
CA THR H 1557 37.14 52.24 -94.49
C THR H 1557 36.56 50.85 -94.22
N HIS H 1558 36.62 50.39 -92.97
CA HIS H 1558 36.25 49.03 -92.61
C HIS H 1558 35.85 49.03 -91.15
N GLN H 1559 35.12 47.99 -90.75
CA GLN H 1559 34.70 47.89 -89.36
C GLN H 1559 35.84 47.45 -88.46
N ASN H 1560 36.88 46.85 -89.03
CA ASN H 1560 38.10 46.47 -88.31
C ASN H 1560 39.25 47.25 -88.93
N VAL H 1561 39.80 48.20 -88.19
CA VAL H 1561 40.72 49.17 -88.77
C VAL H 1561 42.17 48.78 -88.48
N ILE H 1562 42.56 48.85 -87.21
CA ILE H 1562 43.97 48.73 -86.83
C ILE H 1562 44.08 47.97 -85.51
N GLN H 1563 45.31 47.56 -85.21
CA GLN H 1563 45.64 46.84 -83.99
C GLN H 1563 47.03 47.26 -83.55
N PHE H 1564 47.11 48.01 -82.45
CA PHE H 1564 48.39 48.22 -81.78
C PHE H 1564 48.89 46.88 -81.24
N GLU H 1565 49.99 46.39 -81.77
CA GLU H 1565 50.58 45.14 -81.32
C GLU H 1565 51.83 45.47 -80.52
N LEU H 1566 51.77 45.20 -79.22
CA LEU H 1566 52.84 45.55 -78.30
C LEU H 1566 53.72 44.32 -78.08
N GLY H 1567 54.49 44.00 -79.12
CA GLY H 1567 55.34 42.84 -79.11
C GLY H 1567 56.80 43.17 -79.30
N LYS H 1568 57.58 42.18 -79.71
CA LYS H 1568 59.01 42.33 -79.87
C LYS H 1568 59.48 41.59 -81.12
N GLN H 1569 60.62 42.04 -81.64
CA GLN H 1569 61.37 41.28 -82.62
C GLN H 1569 62.56 40.63 -81.93
N LYS H 1570 63.32 39.83 -82.69
CA LYS H 1570 64.43 39.10 -82.11
C LYS H 1570 65.53 40.07 -81.70
N ASN H 1571 65.89 40.04 -80.42
CA ASN H 1571 66.90 40.91 -79.81
C ASN H 1571 66.45 42.36 -79.72
N ILE H 1572 65.14 42.61 -79.69
CA ILE H 1572 64.59 43.95 -79.50
C ILE H 1572 63.57 43.88 -78.39
N MET H 1573 63.62 44.85 -77.48
CA MET H 1573 62.70 44.88 -76.36
C MET H 1573 61.36 45.49 -76.77
N PRO H 1574 60.29 45.17 -76.05
CA PRO H 1574 58.99 45.80 -76.32
C PRO H 1574 58.88 47.16 -75.62
N LEU H 1575 57.76 47.85 -75.91
CA LEU H 1575 57.56 49.18 -75.35
C LEU H 1575 57.37 49.15 -73.84
N SER H 1576 56.93 48.02 -73.28
CA SER H 1576 56.70 47.96 -71.85
C SER H 1576 57.99 48.19 -71.08
N ALA H 1577 59.09 47.61 -71.56
CA ALA H 1577 60.37 47.78 -70.88
C ALA H 1577 60.77 49.24 -70.82
N ALA H 1578 60.59 49.97 -71.92
CA ALA H 1578 60.94 51.39 -71.94
C ALA H 1578 59.98 52.22 -71.11
N MET H 1579 58.69 51.91 -71.17
CA MET H 1579 57.70 52.71 -70.47
C MET H 1579 57.82 52.56 -68.95
N PHE H 1580 58.11 51.35 -68.48
CA PHE H 1580 58.03 51.02 -67.06
C PHE H 1580 59.40 50.61 -66.55
N LEU H 1581 59.83 51.25 -65.46
CA LEU H 1581 61.15 51.00 -64.91
C LEU H 1581 61.29 49.56 -64.44
N SER H 1582 60.27 49.03 -63.76
CA SER H 1582 60.35 47.68 -63.24
C SER H 1582 60.53 46.66 -64.35
N GLU H 1583 60.12 46.98 -65.57
CA GLU H 1583 60.20 46.07 -66.70
C GLU H 1583 61.36 46.41 -67.63
N ARG H 1584 62.28 47.27 -67.20
CA ARG H 1584 63.39 47.68 -68.05
C ARG H 1584 64.17 46.48 -68.57
N LYS H 1585 64.20 45.40 -67.80
CA LYS H 1585 65.00 44.22 -68.12
C LYS H 1585 64.13 43.00 -68.37
N ASN H 1586 62.85 43.20 -68.66
CA ASN H 1586 61.93 42.09 -68.89
C ASN H 1586 61.48 42.07 -70.34
N PRO H 1587 62.00 41.18 -71.18
CA PRO H 1587 61.58 41.15 -72.59
C PRO H 1587 60.12 40.75 -72.79
N ALA H 1588 59.50 40.13 -71.80
CA ALA H 1588 58.15 39.62 -71.99
C ALA H 1588 57.20 40.78 -72.30
N PRO H 1589 56.55 40.80 -73.45
CA PRO H 1589 55.61 41.88 -73.75
C PRO H 1589 54.40 41.82 -72.83
N GLN H 1590 53.90 43.01 -72.47
CA GLN H 1590 52.72 43.11 -71.62
C GLN H 1590 52.18 44.53 -71.68
N CYS H 1591 50.85 44.65 -71.54
CA CYS H 1591 50.15 45.92 -71.65
C CYS H 1591 49.39 46.19 -70.36
N PRO H 1592 49.96 46.94 -69.42
CA PRO H 1592 49.27 47.22 -68.16
C PRO H 1592 48.09 48.17 -68.37
N PRO H 1593 47.22 48.30 -67.36
CA PRO H 1593 46.03 49.14 -67.53
C PRO H 1593 46.32 50.58 -67.88
N ARG H 1594 47.41 51.15 -67.36
CA ARG H 1594 47.69 52.57 -67.63
C ARG H 1594 47.86 52.81 -69.12
N LEU H 1595 48.45 51.86 -69.84
CA LEU H 1595 48.56 51.97 -71.28
C LEU H 1595 47.18 51.82 -71.91
N GLU H 1596 46.74 52.87 -72.61
CA GLU H 1596 45.42 52.86 -73.19
C GLU H 1596 45.41 53.77 -74.40
N VAL H 1597 44.38 53.61 -75.24
CA VAL H 1597 44.27 54.39 -76.46
C VAL H 1597 43.61 55.72 -76.15
N GLN H 1598 44.21 56.80 -76.64
CA GLN H 1598 43.70 58.15 -76.48
C GLN H 1598 43.40 58.74 -77.84
N MET H 1599 42.30 59.46 -77.94
CA MET H 1599 41.83 60.02 -79.19
C MET H 1599 41.83 61.54 -79.10
N LEU H 1600 42.18 62.17 -80.22
CA LEU H 1600 42.25 63.63 -80.24
C LEU H 1600 40.86 64.23 -80.19
N MET H 1601 40.64 65.12 -79.22
CA MET H 1601 39.37 65.83 -79.08
C MET H 1601 39.60 67.32 -79.31
N PRO H 1602 38.94 67.92 -80.30
CA PRO H 1602 39.29 69.31 -80.67
C PRO H 1602 39.13 70.32 -79.55
N VAL H 1603 38.11 70.16 -78.70
CA VAL H 1603 37.74 71.21 -77.76
C VAL H 1603 37.68 70.63 -76.35
N SER H 1604 37.95 71.50 -75.37
CA SER H 1604 37.93 71.10 -73.96
C SER H 1604 37.60 72.31 -73.10
N TRP H 1605 37.02 72.07 -71.93
CA TRP H 1605 36.76 73.16 -71.00
C TRP H 1605 38.05 73.62 -70.36
N SER H 1606 38.19 74.94 -70.19
CA SER H 1606 39.34 75.52 -69.54
C SER H 1606 38.90 76.67 -68.64
N ARG H 1607 39.48 76.73 -67.45
CA ARG H 1607 39.12 77.75 -66.47
C ARG H 1607 39.67 79.12 -66.90
N MET H 1608 38.81 80.13 -66.83
CA MET H 1608 39.20 81.50 -67.16
C MET H 1608 39.87 82.14 -65.94
N PRO H 1609 41.07 82.71 -66.08
CA PRO H 1609 41.72 83.33 -64.91
C PRO H 1609 40.87 84.45 -64.33
N ASN H 1610 40.96 84.58 -63.00
CA ASN H 1610 40.22 85.62 -62.31
C ASN H 1610 40.77 87.01 -62.61
N HIS H 1611 42.07 87.12 -62.82
CA HIS H 1611 42.71 88.39 -63.15
C HIS H 1611 43.59 88.20 -64.38
N PHE H 1612 43.78 89.29 -65.11
CA PHE H 1612 44.49 89.27 -66.36
C PHE H 1612 45.55 90.36 -66.38
N LEU H 1613 46.66 90.08 -67.06
CA LEU H 1613 47.75 91.03 -67.15
C LEU H 1613 47.27 92.32 -67.79
N GLN H 1614 47.64 93.44 -67.20
CA GLN H 1614 47.28 94.76 -67.70
C GLN H 1614 48.39 95.27 -68.59
N VAL H 1615 48.09 95.44 -69.87
CA VAL H 1615 49.08 95.79 -70.90
C VAL H 1615 48.70 97.14 -71.48
N GLU H 1616 49.67 98.05 -71.56
CA GLU H 1616 49.47 99.37 -72.14
C GLU H 1616 50.12 99.41 -73.52
N THR H 1617 49.31 99.73 -74.54
CA THR H 1617 49.77 99.88 -75.90
C THR H 1617 49.50 101.31 -76.35
N ARG H 1618 50.49 101.91 -76.98
CA ARG H 1618 50.33 103.29 -77.46
C ARG H 1618 51.26 103.52 -78.63
N ARG H 1619 51.12 104.68 -79.25
CA ARG H 1619 52.07 105.16 -80.25
C ARG H 1619 52.88 106.29 -79.61
N ALA H 1620 54.10 105.98 -79.19
CA ALA H 1620 54.91 106.99 -78.52
C ALA H 1620 55.18 108.17 -79.45
N GLY H 1621 55.39 107.89 -80.72
CA GLY H 1621 55.66 108.93 -81.69
C GLY H 1621 56.08 108.32 -83.01
N GLU H 1622 56.31 109.20 -83.97
CA GLU H 1622 56.71 108.74 -85.30
C GLU H 1622 58.08 108.08 -85.27
N ARG H 1623 59.03 108.68 -84.55
CA ARG H 1623 60.37 108.09 -84.48
C ARG H 1623 60.44 107.00 -83.42
N LEU H 1624 59.78 107.22 -82.28
CA LEU H 1624 59.88 106.26 -81.19
C LEU H 1624 59.14 104.97 -81.48
N GLY H 1625 58.10 105.02 -82.31
CA GLY H 1625 57.38 103.82 -82.68
C GLY H 1625 56.24 103.53 -81.73
N TRP H 1626 55.87 102.24 -81.68
CA TRP H 1626 54.74 101.81 -80.88
C TRP H 1626 55.21 101.16 -79.59
N ALA H 1627 54.67 101.60 -78.46
CA ALA H 1627 55.16 101.22 -77.15
C ALA H 1627 54.21 100.24 -76.48
N VAL H 1628 54.80 99.19 -75.89
CA VAL H 1628 54.09 98.17 -75.13
C VAL H 1628 54.71 98.12 -73.74
N GLN H 1629 53.86 98.09 -72.72
CA GLN H 1629 54.32 98.13 -71.34
C GLN H 1629 53.49 97.18 -70.49
N CYS H 1630 54.17 96.40 -69.65
CA CYS H 1630 53.54 95.59 -68.61
C CYS H 1630 54.39 95.71 -67.35
N GLN H 1631 53.78 96.17 -66.26
CA GLN H 1631 54.52 96.49 -65.04
C GLN H 1631 54.04 95.74 -63.82
N ASP H 1632 52.80 95.23 -63.81
CA ASP H 1632 52.24 94.60 -62.62
C ASP H 1632 52.33 93.09 -62.74
N PRO H 1633 52.87 92.40 -61.73
CA PRO H 1633 53.07 90.95 -61.86
C PRO H 1633 51.79 90.17 -61.56
N LEU H 1634 51.69 89.00 -62.18
CA LEU H 1634 50.64 88.03 -61.89
C LEU H 1634 51.27 86.64 -61.86
N THR H 1635 50.78 85.81 -60.94
CA THR H 1635 51.33 84.47 -60.76
C THR H 1635 50.19 83.47 -60.68
N MET H 1636 50.48 82.25 -61.12
CA MET H 1636 49.53 81.15 -61.06
C MET H 1636 50.21 79.91 -60.49
N MET H 1637 49.45 79.15 -59.72
CA MET H 1637 49.89 77.85 -59.22
C MET H 1637 49.62 76.81 -60.30
N ALA H 1638 50.68 76.18 -60.80
CA ALA H 1638 50.60 75.29 -61.94
C ALA H 1638 50.72 73.84 -61.52
N LEU H 1639 49.79 73.02 -62.00
CA LEU H 1639 49.82 71.58 -61.82
C LEU H 1639 50.34 70.95 -63.09
N HIS H 1640 51.47 70.23 -62.98
CA HIS H 1640 52.21 69.74 -64.13
C HIS H 1640 52.06 68.23 -64.23
N ILE H 1641 51.57 67.75 -65.37
CA ILE H 1641 51.51 66.33 -65.66
C ILE H 1641 52.83 65.94 -66.33
N PRO H 1642 53.68 65.14 -65.69
CA PRO H 1642 55.01 64.89 -66.28
C PRO H 1642 54.96 64.12 -67.59
N GLU H 1643 54.20 63.04 -67.66
CA GLU H 1643 54.22 62.20 -68.85
C GLU H 1643 53.75 62.95 -70.08
N GLU H 1644 52.84 63.92 -69.90
CA GLU H 1644 52.34 64.72 -71.00
C GLU H 1644 53.06 66.05 -71.14
N ASN H 1645 53.90 66.42 -70.17
CA ASN H 1645 54.66 67.67 -70.21
C ASN H 1645 53.75 68.86 -70.49
N ARG H 1646 52.65 68.96 -69.75
CA ARG H 1646 51.76 70.11 -69.82
C ARG H 1646 51.36 70.52 -68.41
N CYS H 1647 50.77 71.72 -68.32
CA CYS H 1647 50.40 72.30 -67.05
C CYS H 1647 48.97 72.84 -67.12
N MET H 1648 48.35 72.92 -65.95
CA MET H 1648 47.07 73.57 -65.79
C MET H 1648 47.15 74.50 -64.59
N ASP H 1649 46.11 75.30 -64.41
CA ASP H 1649 45.91 75.94 -63.12
C ASP H 1649 45.42 74.90 -62.12
N ILE H 1650 46.02 74.89 -60.94
CA ILE H 1650 45.60 73.97 -59.90
C ILE H 1650 44.13 74.16 -59.56
N LEU H 1651 43.56 75.31 -59.90
CA LEU H 1651 42.17 75.61 -59.60
C LEU H 1651 41.19 74.83 -60.47
N GLU H 1652 41.65 74.22 -61.57
CA GLU H 1652 40.78 73.36 -62.37
C GLU H 1652 40.41 72.08 -61.63
N LEU H 1653 41.06 71.80 -60.51
CA LEU H 1653 40.73 70.63 -59.72
C LEU H 1653 39.41 70.79 -59.00
N SER H 1654 38.82 71.98 -59.07
CA SER H 1654 37.46 72.18 -58.62
C SER H 1654 36.47 71.37 -59.44
N GLU H 1655 36.77 71.16 -60.73
CA GLU H 1655 35.95 70.35 -61.61
C GLU H 1655 36.59 69.02 -61.96
N ARG H 1656 37.92 68.95 -61.93
CA ARG H 1656 38.65 67.69 -62.17
C ARG H 1656 38.84 67.02 -60.82
N LEU H 1657 37.90 66.13 -60.50
CA LEU H 1657 37.77 65.64 -59.13
C LEU H 1657 38.72 64.48 -58.85
N ASP H 1658 38.92 63.58 -59.82
CA ASP H 1658 39.86 62.50 -59.63
C ASP H 1658 41.26 63.04 -59.35
N LEU H 1659 41.66 64.06 -60.10
CA LEU H 1659 42.94 64.72 -59.84
C LEU H 1659 42.95 65.37 -58.46
N GLN H 1660 41.83 65.97 -58.06
CA GLN H 1660 41.74 66.56 -56.72
C GLN H 1660 41.98 65.52 -55.65
N ARG H 1661 41.32 64.37 -55.73
CA ARG H 1661 41.50 63.33 -54.73
C ARG H 1661 42.94 62.82 -54.75
N PHE H 1662 43.48 62.58 -55.95
CA PHE H 1662 44.84 62.06 -56.01
C PHE H 1662 45.84 63.03 -55.39
N HIS H 1663 45.69 64.33 -55.66
CA HIS H 1663 46.64 65.30 -55.12
C HIS H 1663 46.44 65.49 -53.63
N SER H 1664 45.20 65.45 -53.15
CA SER H 1664 44.97 65.55 -51.71
C SER H 1664 45.60 64.38 -50.97
N HIS H 1665 45.44 63.16 -51.51
CA HIS H 1665 46.08 62.01 -50.91
C HIS H 1665 47.59 62.05 -51.07
N THR H 1666 48.10 62.69 -52.12
CA THR H 1666 49.53 62.95 -52.23
C THR H 1666 50.01 63.85 -51.10
N LEU H 1667 49.24 64.88 -50.77
CA LEU H 1667 49.56 65.73 -49.64
C LEU H 1667 49.52 64.94 -48.33
N ARG H 1668 48.54 64.04 -48.21
CA ARG H 1668 48.51 63.14 -47.06
C ARG H 1668 49.79 62.33 -46.96
N LEU H 1669 50.27 61.82 -48.09
CA LEU H 1669 51.51 61.05 -48.10
C LEU H 1669 52.70 61.92 -47.71
N TYR H 1670 52.72 63.16 -48.20
CA TYR H 1670 53.78 64.09 -47.82
C TYR H 1670 53.80 64.30 -46.32
N ARG H 1671 52.63 64.47 -45.71
CA ARG H 1671 52.56 64.64 -44.28
C ARG H 1671 53.00 63.36 -43.55
N ALA H 1672 52.60 62.20 -44.08
CA ALA H 1672 52.93 60.94 -43.44
C ALA H 1672 54.43 60.69 -43.42
N VAL H 1673 55.12 60.94 -44.54
CA VAL H 1673 56.54 60.62 -44.61
C VAL H 1673 57.34 61.52 -43.67
N CYS H 1674 56.89 62.74 -43.44
CA CYS H 1674 57.53 63.66 -42.50
C CYS H 1674 56.93 63.57 -41.10
N ALA H 1675 55.96 62.68 -40.89
CA ALA H 1675 55.27 62.61 -39.61
C ALA H 1675 56.23 62.23 -38.49
N LEU H 1676 56.04 62.90 -37.35
CA LEU H 1676 56.61 62.46 -36.08
C LEU H 1676 58.14 62.51 -36.09
N GLY H 1677 58.70 63.64 -36.50
CA GLY H 1677 60.10 63.94 -36.27
C GLY H 1677 61.03 63.71 -37.43
N ASN H 1678 60.54 63.33 -38.62
CA ASN H 1678 61.42 63.12 -39.77
C ASN H 1678 61.72 64.48 -40.41
N ASN H 1679 62.54 65.24 -39.70
CA ASN H 1679 62.90 66.58 -40.15
C ASN H 1679 63.73 66.53 -41.42
N ARG H 1680 64.48 65.44 -41.62
CA ARG H 1680 65.19 65.24 -42.87
C ARG H 1680 64.22 65.14 -44.04
N VAL H 1681 63.16 64.35 -43.88
CA VAL H 1681 62.14 64.25 -44.94
C VAL H 1681 61.42 65.57 -45.10
N ALA H 1682 61.25 66.33 -44.02
CA ALA H 1682 60.67 67.66 -44.13
C ALA H 1682 61.53 68.56 -45.00
N HIS H 1683 62.85 68.53 -44.78
CA HIS H 1683 63.76 69.29 -45.62
C HIS H 1683 63.65 68.86 -47.08
N ALA H 1684 63.58 67.55 -47.32
CA ALA H 1684 63.45 67.06 -48.69
C ALA H 1684 62.16 67.56 -49.32
N LEU H 1685 61.05 67.50 -48.58
CA LEU H 1685 59.78 67.98 -49.11
C LEU H 1685 59.84 69.46 -49.44
N CYS H 1686 60.56 70.25 -48.64
CA CYS H 1686 60.67 71.67 -48.91
C CYS H 1686 61.11 71.94 -50.34
N SER H 1687 61.76 70.96 -50.97
CA SER H 1687 62.13 71.11 -52.38
C SER H 1687 60.93 70.98 -53.30
N HIS H 1688 60.07 69.98 -53.06
CA HIS H 1688 58.93 69.74 -53.93
C HIS H 1688 57.82 70.76 -53.70
N VAL H 1689 57.57 71.11 -52.46
CA VAL H 1689 56.55 72.09 -52.09
C VAL H 1689 57.28 73.23 -51.39
N ASP H 1690 57.43 74.35 -52.07
CA ASP H 1690 58.27 75.41 -51.56
C ASP H 1690 57.47 76.37 -50.68
N GLN H 1691 58.21 77.23 -49.98
CA GLN H 1691 57.62 78.20 -49.07
C GLN H 1691 56.67 79.12 -49.82
N ALA H 1692 57.04 79.56 -51.02
CA ALA H 1692 56.18 80.42 -51.80
C ALA H 1692 54.88 79.71 -52.15
N GLN H 1693 54.96 78.45 -52.58
CA GLN H 1693 53.75 77.69 -52.87
C GLN H 1693 52.85 77.63 -51.65
N LEU H 1694 53.42 77.28 -50.51
CA LEU H 1694 52.60 77.11 -49.31
C LEU H 1694 51.93 78.42 -48.91
N LEU H 1695 52.70 79.50 -48.89
CA LEU H 1695 52.17 80.80 -48.49
C LEU H 1695 51.09 81.27 -49.45
N HIS H 1696 51.31 81.07 -50.75
CA HIS H 1696 50.29 81.43 -51.74
C HIS H 1696 49.02 80.61 -51.55
N ALA H 1697 49.18 79.32 -51.26
CA ALA H 1697 48.00 78.47 -51.03
C ALA H 1697 47.23 78.93 -49.80
N LEU H 1698 47.95 79.43 -48.79
CA LEU H 1698 47.26 79.90 -47.59
C LEU H 1698 46.25 80.98 -47.93
N GLU H 1699 46.62 81.89 -48.83
CA GLU H 1699 45.79 83.04 -49.18
C GLU H 1699 44.85 82.76 -50.35
N ASP H 1700 45.07 81.69 -51.10
CA ASP H 1700 44.27 81.44 -52.30
C ASP H 1700 42.83 81.11 -51.88
N ALA H 1701 41.90 82.01 -52.23
CA ALA H 1701 40.50 81.80 -51.89
C ALA H 1701 39.82 80.79 -52.79
N HIS H 1702 40.34 80.57 -53.99
CA HIS H 1702 39.65 79.79 -55.00
C HIS H 1702 40.00 78.31 -54.96
N LEU H 1703 40.88 77.88 -54.05
CA LEU H 1703 41.22 76.47 -53.97
C LEU H 1703 40.05 75.67 -53.43
N PRO H 1704 39.95 74.38 -53.77
CA PRO H 1704 39.05 73.50 -53.04
C PRO H 1704 39.48 73.35 -51.59
N GLY H 1705 38.51 73.10 -50.73
CA GLY H 1705 38.74 72.94 -49.32
C GLY H 1705 39.72 71.84 -48.99
N PRO H 1706 39.61 70.69 -49.66
CA PRO H 1706 40.58 69.62 -49.41
C PRO H 1706 42.02 70.07 -49.63
N LEU H 1707 42.29 70.75 -50.74
CA LEU H 1707 43.64 71.19 -51.04
C LEU H 1707 44.09 72.29 -50.07
N ARG H 1708 43.17 73.21 -49.75
CA ARG H 1708 43.49 74.26 -48.78
C ARG H 1708 43.91 73.65 -47.45
N ALA H 1709 43.11 72.73 -46.92
CA ALA H 1709 43.43 72.08 -45.66
C ALA H 1709 44.71 71.26 -45.76
N GLY H 1710 44.89 70.55 -46.88
CA GLY H 1710 46.09 69.76 -47.05
C GLY H 1710 47.34 70.62 -47.04
N TYR H 1711 47.30 71.78 -47.68
CA TYR H 1711 48.47 72.64 -47.72
C TYR H 1711 48.73 73.29 -46.35
N TYR H 1712 47.66 73.70 -45.66
CA TYR H 1712 47.83 74.20 -44.30
C TYR H 1712 48.50 73.15 -43.42
N ASP H 1713 47.97 71.93 -43.43
CA ASP H 1713 48.50 70.86 -42.61
C ASP H 1713 49.90 70.45 -43.04
N LEU H 1714 50.20 70.56 -44.33
CA LEU H 1714 51.54 70.27 -44.81
C LEU H 1714 52.54 71.30 -44.29
N LEU H 1715 52.16 72.57 -44.32
CA LEU H 1715 53.01 73.60 -43.71
C LEU H 1715 53.26 73.30 -42.24
N ILE H 1716 52.19 72.96 -41.52
CA ILE H 1716 52.32 72.68 -40.10
C ILE H 1716 53.23 71.48 -39.86
N SER H 1717 53.05 70.43 -40.67
CA SER H 1717 53.85 69.21 -40.51
C SER H 1717 55.32 69.48 -40.80
N ILE H 1718 55.60 70.14 -41.92
CA ILE H 1718 56.98 70.38 -42.33
C ILE H 1718 57.68 71.29 -41.33
N HIS H 1719 56.98 72.32 -40.83
CA HIS H 1719 57.65 73.41 -40.13
C HIS H 1719 57.34 73.47 -38.65
N LEU H 1720 56.16 73.06 -38.22
CA LEU H 1720 55.65 73.41 -36.89
C LEU H 1720 55.37 72.22 -35.99
N GLU H 1721 55.13 71.03 -36.54
CA GLU H 1721 54.60 69.93 -35.73
C GLU H 1721 55.59 69.50 -34.66
N SER H 1722 56.85 69.29 -35.03
CA SER H 1722 57.84 68.83 -34.05
C SER H 1722 58.03 69.85 -32.93
N ALA H 1723 58.15 71.13 -33.29
CA ALA H 1723 58.35 72.17 -32.29
C ALA H 1723 57.15 72.26 -31.37
N CYS H 1724 55.94 72.22 -31.93
CA CYS H 1724 54.73 72.32 -31.10
C CYS H 1724 54.63 71.13 -30.16
N ARG H 1725 54.94 69.93 -30.64
CA ARG H 1725 54.88 68.75 -29.79
C ARG H 1725 55.91 68.85 -28.65
N SER H 1726 57.14 69.26 -28.98
CA SER H 1726 58.17 69.39 -27.96
C SER H 1726 57.77 70.42 -26.91
N ARG H 1727 57.19 71.54 -27.34
CA ARG H 1727 56.80 72.57 -26.40
C ARG H 1727 55.61 72.12 -25.55
N ARG H 1728 54.65 71.42 -26.17
CA ARG H 1728 53.50 70.92 -25.43
C ARG H 1728 53.94 69.94 -24.35
N SER H 1729 54.97 69.14 -24.64
CA SER H 1729 55.49 68.23 -23.63
C SER H 1729 55.93 68.98 -22.38
N MET H 1730 56.57 70.12 -22.55
CA MET H 1730 57.05 70.92 -21.43
C MET H 1730 55.93 71.71 -20.75
N LEU H 1731 54.90 72.12 -21.49
CA LEU H 1731 53.92 73.04 -20.93
C LEU H 1731 53.31 72.49 -19.65
N SER H 1732 53.22 71.17 -19.52
CA SER H 1732 52.63 70.59 -18.32
C SER H 1732 53.45 70.90 -17.08
N GLU H 1733 54.74 71.16 -17.23
CA GLU H 1733 55.63 71.40 -16.10
C GLU H 1733 55.85 72.89 -15.87
N TYR H 1734 56.18 73.22 -14.62
CA TYR H 1734 56.36 74.61 -14.19
C TYR H 1734 57.66 74.72 -13.39
N ILE H 1735 58.77 74.91 -14.10
CA ILE H 1735 60.05 75.15 -13.46
C ILE H 1735 60.27 76.65 -13.39
N VAL H 1736 60.19 77.20 -12.19
CA VAL H 1736 60.19 78.65 -11.98
C VAL H 1736 61.57 79.04 -11.44
N PRO H 1737 62.33 79.89 -12.13
CA PRO H 1737 63.52 80.46 -11.52
C PRO H 1737 63.16 81.58 -10.55
N LEU H 1738 63.96 81.72 -9.50
CA LEU H 1738 63.76 82.76 -8.50
C LEU H 1738 64.44 84.02 -9.01
N THR H 1739 63.67 84.89 -9.64
CA THR H 1739 64.20 86.07 -10.31
C THR H 1739 63.38 87.29 -9.97
N PRO H 1740 63.94 88.50 -10.16
CA PRO H 1740 63.15 89.72 -9.97
C PRO H 1740 61.87 89.70 -10.79
N GLU H 1741 61.95 89.15 -12.00
CA GLU H 1741 60.75 89.02 -12.82
C GLU H 1741 59.69 88.21 -12.09
N THR H 1742 60.09 87.06 -11.53
CA THR H 1742 59.14 86.25 -10.78
C THR H 1742 58.57 87.03 -9.59
N ARG H 1743 59.45 87.69 -8.85
CA ARG H 1743 59.00 88.50 -7.72
CA ARG H 1743 59.02 88.51 -7.72
C ARG H 1743 57.92 89.47 -8.15
N ALA H 1744 58.13 90.14 -9.28
CA ALA H 1744 57.16 91.13 -9.74
C ALA H 1744 55.81 90.50 -10.05
N ILE H 1745 55.80 89.20 -10.39
CA ILE H 1745 54.55 88.56 -10.79
C ILE H 1745 53.55 88.63 -9.66
N THR H 1746 52.33 89.02 -10.00
CA THR H 1746 51.22 89.05 -9.06
C THR H 1746 50.00 88.44 -9.73
N LEU H 1747 49.14 87.82 -8.91
CA LEU H 1747 47.92 87.22 -9.45
C LEU H 1747 47.09 88.26 -10.17
N PHE H 1748 46.96 89.42 -9.58
CA PHE H 1748 46.19 90.50 -10.13
C PHE H 1748 47.12 91.67 -10.48
N PRO H 1749 47.10 92.13 -11.72
CA PRO H 1749 47.81 93.36 -12.08
C PRO H 1749 47.51 94.48 -11.09
N PRO H 1750 48.31 95.54 -11.07
CA PRO H 1750 48.01 96.65 -10.15
C PRO H 1750 47.05 97.65 -10.78
N GLY H 1751 46.41 98.44 -9.90
CA GLY H 1751 45.38 99.38 -10.34
C GLY H 1751 44.60 99.93 -9.17
N ARG H 1752 43.44 100.50 -9.48
CA ARG H 1752 42.63 101.15 -8.44
C ARG H 1752 41.82 100.14 -7.64
N LYS H 1753 41.22 99.15 -8.31
CA LYS H 1753 40.41 98.16 -7.60
C LYS H 1753 41.29 97.24 -6.77
N GLY H 1754 40.74 96.77 -5.65
CA GLY H 1754 41.45 95.81 -4.82
C GLY H 1754 41.62 94.49 -5.54
N GLY H 1755 42.80 93.91 -5.42
CA GLY H 1755 43.15 92.72 -6.18
C GLY H 1755 42.18 91.58 -6.03
N ASN H 1756 41.79 91.28 -4.79
CA ASN H 1756 40.85 90.18 -4.53
C ASN H 1756 39.53 90.40 -5.24
N ALA H 1757 38.99 91.62 -5.16
CA ALA H 1757 37.72 91.96 -5.80
C ALA H 1757 37.89 92.36 -7.26
N ARG H 1758 39.12 92.36 -7.75
CA ARG H 1758 39.43 92.98 -9.03
C ARG H 1758 39.03 92.07 -10.21
N ARG H 1759 38.97 92.70 -11.39
CA ARG H 1759 38.73 91.96 -12.62
C ARG H 1759 40.03 91.33 -13.10
N HIS H 1760 39.95 90.08 -13.53
CA HIS H 1760 41.14 89.33 -13.95
C HIS H 1760 41.88 90.05 -15.07
N GLY H 1761 43.18 89.87 -15.10
CA GLY H 1761 43.97 90.29 -16.24
C GLY H 1761 43.72 89.39 -17.44
N LEU H 1762 44.11 89.90 -18.61
CA LEU H 1762 43.82 89.18 -19.83
C LEU H 1762 44.67 87.92 -19.93
N PRO H 1763 44.06 86.76 -20.20
CA PRO H 1763 44.84 85.51 -20.29
C PRO H 1763 45.84 85.57 -21.43
N GLY H 1764 46.98 84.91 -21.22
CA GLY H 1764 48.03 84.87 -22.22
C GLY H 1764 48.83 86.14 -22.34
N VAL H 1765 48.56 87.14 -21.51
CA VAL H 1765 49.22 88.44 -21.57
C VAL H 1765 49.92 88.67 -20.23
N GLY H 1766 51.21 88.94 -20.28
CA GLY H 1766 51.97 89.26 -19.09
C GLY H 1766 53.31 88.58 -19.12
N VAL H 1767 53.88 88.43 -17.92
CA VAL H 1767 55.23 87.91 -17.73
C VAL H 1767 55.13 86.44 -17.35
N THR H 1768 55.89 85.60 -18.04
CA THR H 1768 56.02 84.19 -17.70
C THR H 1768 57.49 83.86 -17.53
N THR H 1769 57.85 83.32 -16.38
CA THR H 1769 59.24 82.96 -16.07
C THR H 1769 59.49 81.46 -16.14
N SER H 1770 58.45 80.65 -16.33
CA SER H 1770 58.63 79.21 -16.37
C SER H 1770 59.54 78.83 -17.52
N LEU H 1771 60.38 77.82 -17.29
CA LEU H 1771 61.40 77.45 -18.27
C LEU H 1771 60.80 76.61 -19.39
N ARG H 1772 60.94 77.09 -20.63
CA ARG H 1772 60.59 76.33 -21.81
C ARG H 1772 61.76 76.42 -22.78
N PRO H 1773 62.33 75.28 -23.21
CA PRO H 1773 63.51 75.34 -24.07
C PRO H 1773 63.19 75.99 -25.41
N PRO H 1774 64.17 76.67 -26.02
CA PRO H 1774 63.89 77.37 -27.27
C PRO H 1774 63.65 76.43 -28.44
N HIS H 1775 63.02 76.95 -29.48
CA HIS H 1775 62.91 76.23 -30.74
C HIS H 1775 64.21 76.36 -31.52
N HIS H 1776 64.51 75.32 -32.30
CA HIS H 1776 65.71 75.29 -33.13
C HIS H 1776 65.32 74.86 -34.54
N PHE H 1777 65.76 75.64 -35.53
CA PHE H 1777 65.41 75.41 -36.92
C PHE H 1777 66.67 75.47 -37.78
N SER H 1778 66.63 74.79 -38.91
CA SER H 1778 67.73 74.78 -39.87
C SER H 1778 67.23 75.27 -41.21
N PRO H 1779 67.95 76.19 -41.87
CA PRO H 1779 67.49 76.67 -43.18
C PRO H 1779 67.47 75.56 -44.21
N PRO H 1780 66.53 75.59 -45.15
CA PRO H 1780 66.55 74.59 -46.23
C PRO H 1780 67.56 74.98 -47.30
N CYS H 1781 68.53 74.10 -47.54
CA CYS H 1781 69.53 74.32 -48.58
C CYS H 1781 69.89 72.98 -49.19
N PHE H 1782 70.02 72.98 -50.53
CA PHE H 1782 70.27 71.75 -51.28
C PHE H 1782 71.52 71.86 -52.14
N VAL H 1783 72.33 72.90 -51.96
CA VAL H 1783 73.65 73.00 -52.56
C VAL H 1783 74.76 72.83 -51.53
N ALA H 1784 74.42 72.51 -50.29
CA ALA H 1784 75.41 72.39 -49.24
C ALA H 1784 76.29 71.16 -49.43
N ALA H 1785 77.50 71.23 -48.88
CA ALA H 1785 78.42 70.11 -48.99
C ALA H 1785 77.87 68.91 -48.23
N LEU H 1786 77.97 67.74 -48.86
CA LEU H 1786 77.42 66.54 -48.27
C LEU H 1786 78.31 66.05 -47.13
N PRO H 1787 77.78 65.86 -45.92
CA PRO H 1787 78.63 65.41 -44.81
C PRO H 1787 79.32 64.08 -45.13
N ALA H 1788 80.60 64.00 -44.75
CA ALA H 1788 81.32 62.73 -44.88
C ALA H 1788 80.82 61.71 -43.87
N ALA H 1789 80.19 62.18 -42.79
CA ALA H 1789 79.76 61.29 -41.73
C ALA H 1789 78.73 60.29 -42.24
N GLY H 1790 78.75 59.10 -41.64
CA GLY H 1790 77.85 58.04 -42.07
C GLY H 1790 76.43 58.25 -41.58
N VAL H 1791 75.53 57.42 -42.10
CA VAL H 1791 74.13 57.52 -41.75
C VAL H 1791 73.89 56.90 -40.37
N ALA H 1792 72.97 57.52 -39.63
CA ALA H 1792 72.62 57.10 -38.28
C ALA H 1792 73.66 57.55 -37.27
N GLU H 1793 74.77 58.12 -37.75
CA GLU H 1793 75.77 58.68 -36.83
C GLU H 1793 75.77 60.21 -36.91
N ALA H 1794 75.34 60.77 -38.03
CA ALA H 1794 75.27 62.21 -38.16
C ALA H 1794 74.23 62.78 -37.19
N PRO H 1795 74.40 64.01 -36.72
CA PRO H 1795 73.44 64.57 -35.77
C PRO H 1795 72.05 64.70 -36.38
N ALA H 1796 71.03 64.59 -35.54
CA ALA H 1796 69.66 64.75 -35.99
C ALA H 1796 69.45 66.14 -36.57
N ARG H 1797 68.75 66.21 -37.69
CA ARG H 1797 68.49 67.48 -38.33
C ARG H 1797 67.32 68.19 -37.67
N LEU H 1798 67.37 69.52 -37.70
CA LEU H 1798 66.31 70.36 -37.17
C LEU H 1798 65.22 70.56 -38.20
N SER H 1799 64.07 71.02 -37.72
CA SER H 1799 62.95 71.28 -38.62
C SER H 1799 63.29 72.44 -39.55
N PRO H 1800 62.79 72.42 -40.79
CA PRO H 1800 63.06 73.53 -41.71
C PRO H 1800 62.53 74.85 -41.17
N ALA H 1801 63.25 75.92 -41.47
CA ALA H 1801 62.91 77.24 -40.98
C ALA H 1801 61.96 77.96 -41.93
N ILE H 1802 61.06 78.74 -41.35
CA ILE H 1802 60.16 79.59 -42.12
C ILE H 1802 59.96 80.89 -41.33
N PRO H 1803 59.71 82.04 -41.99
CA PRO H 1803 59.59 83.29 -41.22
C PRO H 1803 58.35 83.32 -40.34
N LEU H 1804 58.61 83.18 -39.04
CA LEU H 1804 57.53 82.93 -38.09
C LEU H 1804 56.71 84.20 -37.82
N GLU H 1805 57.38 85.35 -37.73
CA GLU H 1805 56.64 86.59 -37.48
C GLU H 1805 55.74 86.94 -38.66
N ALA H 1806 56.23 86.76 -39.88
CA ALA H 1806 55.40 87.02 -41.06
C ALA H 1806 54.24 86.04 -41.13
N LEU H 1807 54.51 84.76 -40.85
CA LEU H 1807 53.43 83.77 -40.83
C LEU H 1807 52.39 84.14 -39.77
N ARG H 1808 52.86 84.59 -38.61
CA ARG H 1808 51.97 84.99 -37.53
C ARG H 1808 51.07 86.16 -37.94
N ASP H 1809 51.66 87.19 -38.55
CA ASP H 1809 50.87 88.32 -39.01
C ASP H 1809 49.86 87.90 -40.05
N LYS H 1810 50.27 87.05 -41.00
CA LYS H 1810 49.35 86.59 -42.03
C LYS H 1810 48.20 85.79 -41.43
N ALA H 1811 48.51 84.94 -40.44
CA ALA H 1811 47.46 84.16 -39.80
C ALA H 1811 46.44 85.06 -39.11
N LEU H 1812 46.94 86.06 -38.36
CA LEU H 1812 46.02 87.00 -37.73
C LEU H 1812 45.15 87.70 -38.78
N ARG H 1813 45.77 88.14 -39.87
CA ARG H 1813 45.05 88.90 -40.89
C ARG H 1813 43.97 88.05 -41.55
N MET H 1814 44.31 86.81 -41.92
CA MET H 1814 43.33 85.93 -42.53
C MET H 1814 42.20 85.59 -41.56
N LEU H 1815 42.53 85.40 -40.28
CA LEU H 1815 41.49 85.10 -39.30
C LEU H 1815 40.52 86.28 -39.17
N GLY H 1816 41.04 87.50 -39.11
CA GLY H 1816 40.17 88.65 -39.04
C GLY H 1816 39.30 88.80 -40.27
N GLU H 1817 39.88 88.57 -41.45
CA GLU H 1817 39.11 88.63 -42.69
C GLU H 1817 37.99 87.60 -42.67
N ALA H 1818 38.29 86.38 -42.22
CA ALA H 1818 37.29 85.33 -42.14
C ALA H 1818 36.17 85.73 -41.18
N VAL H 1819 36.53 86.30 -40.03
CA VAL H 1819 35.51 86.75 -39.09
C VAL H 1819 34.59 87.76 -39.75
N ARG H 1820 35.17 88.76 -40.39
CA ARG H 1820 34.35 89.82 -40.99
C ARG H 1820 33.43 89.26 -42.07
N ASP H 1821 33.96 88.41 -42.96
CA ASP H 1821 33.15 87.91 -44.07
C ASP H 1821 32.06 86.97 -43.57
N GLY H 1822 32.39 86.10 -42.60
CA GLY H 1822 31.34 85.31 -41.96
C GLY H 1822 30.29 86.19 -41.32
N GLY H 1823 30.69 87.39 -40.90
CA GLY H 1823 29.70 88.36 -40.46
C GLY H 1823 28.73 88.72 -41.56
N GLN H 1824 29.22 88.82 -42.80
CA GLN H 1824 28.36 89.16 -43.92
C GLN H 1824 27.61 87.95 -44.50
N HIS H 1825 27.96 86.73 -44.14
CA HIS H 1825 27.28 85.55 -44.68
C HIS H 1825 27.31 85.52 -46.20
N ALA H 1826 28.51 85.39 -46.75
CA ALA H 1826 28.64 85.25 -48.19
C ALA H 1826 28.20 83.85 -48.61
N ARG H 1827 27.80 83.76 -49.88
CA ARG H 1827 27.38 82.48 -50.46
C ARG H 1827 28.54 81.71 -51.08
N ASP H 1828 29.74 82.28 -51.07
CA ASP H 1828 30.91 81.65 -51.65
C ASP H 1828 32.05 81.60 -50.65
N PRO H 1829 31.96 80.75 -49.63
CA PRO H 1829 33.05 80.66 -48.65
C PRO H 1829 34.32 80.10 -49.27
N VAL H 1830 35.46 80.48 -48.68
CA VAL H 1830 36.72 79.90 -49.08
C VAL H 1830 36.70 78.40 -48.80
N GLY H 1831 37.04 77.61 -49.81
CA GLY H 1831 36.96 76.17 -49.70
C GLY H 1831 35.57 75.60 -49.86
N GLY H 1832 34.57 76.44 -50.12
CA GLY H 1832 33.21 75.97 -50.29
C GLY H 1832 32.45 75.75 -49.00
N SER H 1833 33.03 76.08 -47.85
CA SER H 1833 32.37 75.83 -46.58
C SER H 1833 32.98 76.70 -45.50
N VAL H 1834 32.16 77.02 -44.50
CA VAL H 1834 32.67 77.68 -43.30
C VAL H 1834 33.73 76.81 -42.63
N GLU H 1835 33.52 75.50 -42.64
CA GLU H 1835 34.51 74.58 -42.09
C GLU H 1835 35.86 74.76 -42.78
N PHE H 1836 35.88 74.67 -44.11
CA PHE H 1836 37.14 74.73 -44.84
C PHE H 1836 37.73 76.13 -44.77
N GLN H 1837 36.89 77.13 -44.53
CA GLN H 1837 37.36 78.50 -44.37
C GLN H 1837 38.09 78.69 -43.04
N PHE H 1838 37.52 78.15 -41.96
CA PHE H 1838 37.97 78.51 -40.62
C PHE H 1838 38.97 77.51 -40.06
N VAL H 1839 38.70 76.21 -40.19
CA VAL H 1839 39.48 75.21 -39.45
C VAL H 1839 40.98 75.34 -39.71
N PRO H 1840 41.45 75.45 -40.95
CA PRO H 1840 42.90 75.53 -41.16
C PRO H 1840 43.55 76.72 -40.45
N VAL H 1841 42.94 77.90 -40.56
CA VAL H 1841 43.49 79.09 -39.94
C VAL H 1841 43.55 78.91 -38.43
N LEU H 1842 42.49 78.35 -37.84
CA LEU H 1842 42.46 78.17 -36.40
C LEU H 1842 43.51 77.16 -35.95
N LYS H 1843 43.72 76.09 -36.71
CA LYS H 1843 44.76 75.14 -36.38
C LYS H 1843 46.13 75.81 -36.41
N LEU H 1844 46.39 76.60 -37.44
CA LEU H 1844 47.66 77.32 -37.52
C LEU H 1844 47.84 78.24 -36.33
N VAL H 1845 46.79 78.98 -35.98
CA VAL H 1845 46.86 79.95 -34.88
C VAL H 1845 47.12 79.22 -33.57
N SER H 1846 46.45 78.10 -33.35
CA SER H 1846 46.65 77.33 -32.12
C SER H 1846 48.07 76.80 -32.04
N THR H 1847 48.58 76.29 -33.15
CA THR H 1847 49.97 75.83 -33.19
C THR H 1847 50.92 76.95 -32.82
N LEU H 1848 50.70 78.14 -33.39
CA LEU H 1848 51.60 79.25 -33.14
C LEU H 1848 51.51 79.75 -31.70
N LEU H 1849 50.30 79.76 -31.13
CA LEU H 1849 50.16 80.09 -29.71
C LEU H 1849 50.95 79.12 -28.84
N VAL H 1850 50.72 77.82 -29.04
CA VAL H 1850 51.42 76.83 -28.23
C VAL H 1850 52.93 77.00 -28.39
N MET H 1851 53.37 77.30 -29.61
CA MET H 1851 54.79 77.50 -29.86
C MET H 1851 55.30 78.78 -29.22
N GLY H 1852 54.41 79.73 -28.96
CA GLY H 1852 54.79 80.97 -28.30
C GLY H 1852 55.13 82.11 -29.23
N ILE H 1853 54.80 82.01 -30.51
CA ILE H 1853 55.18 83.05 -31.46
C ILE H 1853 54.41 84.34 -31.19
N PHE H 1854 53.13 84.21 -30.85
CA PHE H 1854 52.28 85.39 -30.67
C PHE H 1854 52.77 86.24 -29.51
N GLY H 1855 52.75 87.56 -29.70
CA GLY H 1855 53.03 88.50 -28.64
C GLY H 1855 51.77 88.92 -27.91
N ASP H 1856 51.95 89.87 -26.98
CA ASP H 1856 50.84 90.31 -26.15
C ASP H 1856 49.76 91.00 -26.98
N GLU H 1857 50.15 91.91 -27.86
CA GLU H 1857 49.18 92.62 -28.68
C GLU H 1857 48.46 91.67 -29.62
N ASP H 1858 49.18 90.72 -30.19
CA ASP H 1858 48.57 89.74 -31.08
C ASP H 1858 47.58 88.87 -30.32
N VAL H 1859 47.93 88.49 -29.09
CA VAL H 1859 47.00 87.75 -28.24
C VAL H 1859 45.77 88.58 -27.97
N LYS H 1860 45.93 89.88 -27.77
CA LYS H 1860 44.79 90.77 -27.56
C LYS H 1860 43.88 90.80 -28.79
N GLN H 1861 44.47 90.89 -29.97
CA GLN H 1861 43.66 90.86 -31.19
C GLN H 1861 42.89 89.55 -31.31
N ILE H 1862 43.57 88.44 -31.01
CA ILE H 1862 42.91 87.13 -31.05
C ILE H 1862 41.75 87.09 -30.06
N LEU H 1863 41.97 87.63 -28.86
CA LEU H 1863 40.93 87.65 -27.85
C LEU H 1863 39.74 88.50 -28.30
N LYS H 1864 40.01 89.63 -28.94
CA LYS H 1864 38.93 90.46 -29.46
C LYS H 1864 38.14 89.72 -30.53
N MET H 1865 38.84 88.99 -31.40
CA MET H 1865 38.15 88.15 -32.37
C MET H 1865 37.25 87.15 -31.66
N ILE H 1866 37.75 86.53 -30.59
CA ILE H 1866 36.99 85.51 -29.89
C ILE H 1866 35.73 86.13 -29.27
N GLU H 1867 35.89 87.17 -28.47
CA GLU H 1867 34.77 87.86 -27.84
C GLU H 1867 35.23 89.25 -27.42
N PRO H 1868 35.04 90.28 -28.26
CA PRO H 1868 35.60 91.59 -27.94
C PRO H 1868 35.08 92.19 -26.64
N GLU H 1869 33.80 91.99 -26.32
CA GLU H 1869 33.22 92.63 -25.16
C GLU H 1869 33.90 92.18 -23.87
N VAL H 1870 34.16 90.87 -23.75
CA VAL H 1870 34.77 90.34 -22.54
C VAL H 1870 36.22 90.80 -22.44
N PHE H 1871 36.94 90.78 -23.55
CA PHE H 1871 38.38 90.99 -23.56
C PHE H 1871 38.78 92.38 -24.00
N THR H 1872 37.84 93.32 -24.07
CA THR H 1872 38.20 94.72 -24.21
C THR H 1872 38.92 95.18 -22.95
N GLU H 1873 40.00 95.94 -23.13
CA GLU H 1873 40.83 96.39 -22.03
C GLU H 1873 40.57 97.87 -21.75
N GLU H 1874 40.34 98.18 -20.49
CA GLU H 1874 40.19 99.57 -20.06
C GLU H 1874 40.46 99.70 -18.57
N LEU H 1922 28.20 96.51 -34.98
CA LEU H 1922 29.43 96.42 -34.20
C LEU H 1922 30.19 95.13 -34.52
N GLU H 1923 31.36 94.97 -33.91
CA GLU H 1923 32.14 93.76 -34.12
C GLU H 1923 31.43 92.55 -33.53
N GLU H 1924 31.45 91.46 -34.29
CA GLU H 1924 30.83 90.20 -33.87
C GLU H 1924 31.92 89.17 -33.64
N GLY H 1925 31.73 88.33 -32.62
CA GLY H 1925 32.73 87.35 -32.26
C GLY H 1925 32.44 85.96 -32.81
N LEU H 1926 33.52 85.19 -32.96
CA LEU H 1926 33.40 83.81 -33.42
C LEU H 1926 32.36 83.05 -32.61
N LEU H 1927 32.32 83.29 -31.31
CA LEU H 1927 31.39 82.56 -30.45
C LEU H 1927 29.95 82.91 -30.80
N GLN H 1928 29.73 84.12 -31.32
CA GLN H 1928 28.41 84.54 -31.78
C GLN H 1928 28.16 84.18 -33.23
N MET H 1929 29.18 83.74 -33.98
CA MET H 1929 29.00 83.53 -35.42
C MET H 1929 28.21 82.26 -35.72
N LYS H 1930 27.80 81.51 -34.71
CA LYS H 1930 26.95 80.35 -34.97
C LYS H 1930 27.68 79.39 -35.91
N LEU H 1931 28.72 78.75 -35.41
CA LEU H 1931 29.68 77.99 -36.21
C LEU H 1931 29.42 76.50 -36.08
N PRO H 1932 29.86 75.71 -37.05
CA PRO H 1932 29.70 74.25 -36.96
C PRO H 1932 30.65 73.64 -35.94
N GLU H 1933 30.57 72.31 -35.84
CA GLU H 1933 31.17 71.60 -34.70
C GLU H 1933 32.69 71.57 -34.76
N SER H 1934 33.28 71.32 -35.93
CA SER H 1934 34.73 71.27 -36.01
C SER H 1934 35.35 72.62 -35.64
N VAL H 1935 34.77 73.71 -36.16
CA VAL H 1935 35.23 75.03 -35.78
C VAL H 1935 35.10 75.22 -34.28
N LYS H 1936 34.01 74.71 -33.70
CA LYS H 1936 33.86 74.73 -32.25
C LYS H 1936 34.97 73.97 -31.57
N LEU H 1937 35.41 72.85 -32.16
CA LEU H 1937 36.53 72.10 -31.59
C LEU H 1937 37.81 72.92 -31.56
N GLN H 1938 38.10 73.62 -32.67
CA GLN H 1938 39.28 74.49 -32.68
C GLN H 1938 39.16 75.61 -31.65
N MET H 1939 37.96 76.19 -31.53
CA MET H 1939 37.73 77.22 -30.53
C MET H 1939 37.98 76.67 -29.13
N CYS H 1940 37.55 75.43 -28.88
CA CYS H 1940 37.76 74.79 -27.60
C CYS H 1940 39.25 74.61 -27.32
N ASN H 1941 40.02 74.22 -28.35
CA ASN H 1941 41.46 74.08 -28.15
C ASN H 1941 42.10 75.42 -27.80
N LEU H 1942 41.69 76.48 -28.50
CA LEU H 1942 42.21 77.81 -28.17
C LEU H 1942 41.91 78.19 -26.72
N LEU H 1943 40.65 77.98 -26.32
CA LEU H 1943 40.26 78.26 -24.95
C LEU H 1943 41.03 77.42 -23.95
N GLU H 1944 41.34 76.18 -24.31
CA GLU H 1944 42.18 75.34 -23.45
C GLU H 1944 43.56 75.94 -23.28
N TYR H 1945 44.15 76.45 -24.38
CA TYR H 1945 45.43 77.14 -24.26
C TYR H 1945 45.34 78.30 -23.27
N PHE H 1946 44.30 79.12 -23.40
CA PHE H 1946 44.19 80.30 -22.54
C PHE H 1946 43.96 79.91 -21.08
N CYS H 1947 43.15 78.89 -20.84
CA CYS H 1947 42.95 78.40 -19.48
C CYS H 1947 44.24 77.85 -18.89
N ASP H 1948 45.03 77.15 -19.70
CA ASP H 1948 46.34 76.69 -19.26
C ASP H 1948 47.24 77.86 -18.89
N GLN H 1949 47.20 78.94 -19.67
CA GLN H 1949 47.97 80.12 -19.32
C GLN H 1949 47.52 80.73 -17.99
N GLU H 1950 46.21 80.77 -17.73
CA GLU H 1950 45.74 81.24 -16.43
C GLU H 1950 46.27 80.37 -15.30
N LEU H 1951 46.22 79.05 -15.48
CA LEU H 1951 46.77 78.14 -14.47
C LEU H 1951 48.26 78.41 -14.25
N GLN H 1952 49.00 78.58 -15.34
CA GLN H 1952 50.44 78.83 -15.25
C GLN H 1952 50.71 80.13 -14.50
N HIS H 1953 49.90 81.15 -14.76
CA HIS H 1953 50.03 82.41 -14.02
C HIS H 1953 49.79 82.21 -12.54
N ARG H 1954 48.78 81.41 -12.18
CA ARG H 1954 48.53 81.12 -10.77
C ARG H 1954 49.76 80.46 -10.14
N VAL H 1955 50.32 79.47 -10.82
CA VAL H 1955 51.47 78.75 -10.29
C VAL H 1955 52.64 79.71 -10.07
N GLU H 1956 52.92 80.54 -11.07
CA GLU H 1956 54.03 81.47 -10.97
C GLU H 1956 53.82 82.51 -9.88
N SER H 1957 52.60 83.00 -9.72
CA SER H 1957 52.31 83.93 -8.63
C SER H 1957 52.52 83.28 -7.27
N LEU H 1958 52.09 82.03 -7.12
CA LEU H 1958 52.34 81.32 -5.87
C LEU H 1958 53.84 81.19 -5.61
N ALA H 1959 54.62 80.88 -6.64
CA ALA H 1959 56.06 80.76 -6.47
C ALA H 1959 56.68 82.08 -6.04
N ALA H 1960 56.26 83.18 -6.67
CA ALA H 1960 56.78 84.50 -6.31
C ALA H 1960 56.44 84.84 -4.86
N PHE H 1961 55.20 84.58 -4.47
CA PHE H 1961 54.82 84.82 -3.08
C PHE H 1961 55.64 83.97 -2.14
N ALA H 1962 55.93 82.73 -2.54
CA ALA H 1962 56.76 81.88 -1.70
C ALA H 1962 58.14 82.48 -1.49
N GLU H 1963 58.76 82.97 -2.58
CA GLU H 1963 60.02 83.68 -2.45
C GLU H 1963 59.91 84.79 -1.40
N ARG H 1964 58.99 85.73 -1.64
CA ARG H 1964 58.90 86.91 -0.78
C ARG H 1964 58.62 86.54 0.66
N TYR H 1965 57.78 85.53 0.87
CA TYR H 1965 57.29 85.19 2.20
C TYR H 1965 58.33 84.37 2.96
N VAL H 1966 59.07 83.52 2.25
CA VAL H 1966 60.15 82.76 2.86
C VAL H 1966 61.25 83.70 3.33
N ASP H 1967 61.51 84.77 2.57
CA ASP H 1967 62.46 85.76 3.05
C ASP H 1967 62.07 86.25 4.44
N LYS H 1968 60.82 86.67 4.60
CA LYS H 1968 60.35 87.22 5.87
C LYS H 1968 60.38 86.17 6.97
N LEU H 1969 59.93 84.94 6.66
CA LEU H 1969 59.93 83.90 7.67
C LEU H 1969 61.34 83.56 8.13
N GLN H 1970 62.30 83.52 7.19
CA GLN H 1970 63.68 83.24 7.55
C GLN H 1970 64.22 84.33 8.46
N ALA H 1971 63.96 85.59 8.12
CA ALA H 1971 64.42 86.68 8.98
C ALA H 1971 63.79 86.59 10.36
N ASN H 1972 62.49 86.27 10.41
CA ASN H 1972 61.80 86.16 11.70
C ASN H 1972 62.37 85.03 12.53
N GLN H 1973 62.64 83.88 11.90
CA GLN H 1973 63.24 82.76 12.62
C GLN H 1973 64.62 83.14 13.15
N ARG H 1974 65.42 83.83 12.34
CA ARG H 1974 66.73 84.25 12.80
C ARG H 1974 66.61 85.16 14.01
N SER H 1975 65.74 86.17 13.93
CA SER H 1975 65.57 87.08 15.05
C SER H 1975 65.07 86.36 16.29
N ARG H 1976 64.13 85.42 16.12
CA ARG H 1976 63.56 84.71 17.26
C ARG H 1976 64.56 83.77 17.91
N TYR H 1977 65.31 83.00 17.11
CA TYR H 1977 66.41 82.23 17.68
C TYR H 1977 67.34 83.13 18.44
N ALA H 1978 67.73 84.21 17.79
CA ALA H 1978 68.58 85.18 18.43
C ALA H 1978 67.99 85.57 19.80
N LEU H 1979 66.74 86.05 19.82
CA LEU H 1979 66.19 86.59 21.07
C LEU H 1979 66.06 85.50 22.13
N LEU H 1980 65.85 84.27 21.70
CA LEU H 1980 65.84 83.15 22.62
C LEU H 1980 67.20 82.98 23.28
N MET H 1981 68.28 83.12 22.51
CA MET H 1981 69.61 83.04 23.09
C MET H 1981 69.83 84.12 24.14
N ARG H 1982 69.37 85.35 23.88
CA ARG H 1982 69.43 86.37 24.94
C ARG H 1982 68.58 86.02 26.15
N ALA H 1983 67.58 85.17 25.97
CA ALA H 1983 66.57 85.01 27.01
C ALA H 1983 66.51 83.59 27.58
N PHE H 1984 67.53 82.76 27.35
CA PHE H 1984 67.48 81.40 27.86
C PHE H 1984 67.53 81.38 29.39
N THR H 1985 68.04 82.45 30.00
CA THR H 1985 68.33 82.43 31.42
C THR H 1985 67.05 82.26 32.25
N MET H 1986 65.97 82.94 31.87
CA MET H 1986 64.81 83.01 32.74
C MET H 1986 64.15 81.65 32.92
N SER H 1987 63.91 80.93 31.82
CA SER H 1987 63.16 79.67 31.87
C SER H 1987 63.92 78.58 31.13
N ALA H 1988 63.90 77.38 31.71
CA ALA H 1988 64.58 76.24 31.08
C ALA H 1988 63.61 75.36 30.30
N ALA H 1989 62.54 74.90 30.95
CA ALA H 1989 61.59 74.01 30.28
C ALA H 1989 60.95 74.68 29.08
N GLU H 1990 60.44 75.89 29.26
CA GLU H 1990 59.75 76.57 28.16
C GLU H 1990 60.74 77.00 27.08
N THR H 1991 61.97 77.30 27.49
CA THR H 1991 63.07 77.41 26.53
C THR H 1991 63.20 76.13 25.71
N ALA H 1992 63.15 74.98 26.38
CA ALA H 1992 63.20 73.70 25.67
C ALA H 1992 62.08 73.63 24.66
N ARG H 1993 60.89 74.04 25.07
CA ARG H 1993 59.76 73.91 24.16
C ARG H 1993 59.96 74.79 22.94
N ARG H 1994 60.53 75.99 23.08
CA ARG H 1994 60.58 76.75 21.82
C ARG H 1994 61.65 76.11 20.97
N THR H 1995 62.77 75.72 21.61
CA THR H 1995 63.90 75.14 20.90
C THR H 1995 63.48 73.88 20.17
N ARG H 1996 62.35 73.30 20.56
CA ARG H 1996 61.81 72.18 19.79
C ARG H 1996 61.62 72.59 18.33
N GLU H 1997 61.28 73.86 18.08
CA GLU H 1997 61.12 74.36 16.71
C GLU H 1997 62.42 74.24 15.94
N PHE H 1998 63.51 74.73 16.51
CA PHE H 1998 64.80 74.69 15.83
C PHE H 1998 65.35 73.27 15.79
N ARG H 1999 64.99 72.41 16.74
CA ARG H 1999 65.31 70.98 16.60
C ARG H 1999 64.37 70.32 15.59
N SER H 2000 63.35 70.98 15.12
CA SER H 2000 62.52 70.28 14.13
C SER H 2000 63.19 70.34 12.76
N PRO H 2001 62.93 69.36 11.90
CA PRO H 2001 63.40 69.46 10.53
C PRO H 2001 62.81 70.69 9.84
N PRO H 2002 63.44 71.15 8.76
CA PRO H 2002 62.93 72.39 8.12
C PRO H 2002 61.50 72.28 7.63
N GLN H 2003 61.11 71.14 7.07
CA GLN H 2003 59.75 70.99 6.56
C GLN H 2003 58.74 71.10 7.68
N GLU H 2004 59.04 70.48 8.82
CA GLU H 2004 58.17 70.58 9.99
C GLU H 2004 58.16 71.99 10.56
N GLN H 2005 59.29 72.69 10.50
CA GLN H 2005 59.30 74.10 10.88
C GLN H 2005 58.34 74.89 10.02
N ILE H 2006 58.37 74.64 8.71
CA ILE H 2006 57.44 75.29 7.78
C ILE H 2006 56.00 74.99 8.18
N ASN H 2007 55.71 73.71 8.42
CA ASN H 2007 54.35 73.31 8.76
C ASN H 2007 53.88 74.00 10.03
N MET H 2008 54.75 74.04 11.04
CA MET H 2008 54.41 74.72 12.28
C MET H 2008 54.13 76.20 12.05
N LEU H 2009 55.00 76.87 11.29
CA LEU H 2009 54.81 78.29 11.06
C LEU H 2009 53.53 78.58 10.30
N LEU H 2010 53.17 77.71 9.35
CA LEU H 2010 51.99 77.93 8.52
C LEU H 2010 50.70 77.43 9.16
N HIS H 2011 50.79 76.66 10.24
CA HIS H 2011 49.60 76.16 10.93
C HIS H 2011 48.98 77.27 11.78
N PHE H 2012 48.33 78.22 11.10
CA PHE H 2012 47.51 79.23 11.78
C PHE H 2012 46.21 79.52 11.04
N LYS H 2013 45.77 78.63 10.15
CA LYS H 2013 44.58 78.91 9.37
C LYS H 2013 43.32 78.96 10.23
N ASP H 2014 43.12 77.93 11.07
CA ASP H 2014 41.89 77.80 11.84
C ASP H 2014 41.70 78.91 12.86
N GLU H 2015 42.77 79.62 13.23
CA GLU H 2015 42.73 80.70 14.22
C GLU H 2015 42.57 80.12 15.63
N ALA H 2016 42.33 78.81 15.73
CA ALA H 2016 42.37 78.16 17.03
C ALA H 2016 43.80 77.76 17.40
N ASP H 2017 44.65 77.53 16.39
CA ASP H 2017 46.07 77.30 16.58
C ASP H 2017 46.89 78.57 16.39
N GLU H 2018 46.21 79.71 16.25
CA GLU H 2018 46.90 81.00 16.12
C GLU H 2018 47.87 81.20 17.28
N GLU H 2019 47.42 80.95 18.51
CA GLU H 2019 48.24 81.24 19.67
C GLU H 2019 49.49 80.36 19.70
N ASP H 2020 49.36 79.08 19.34
CA ASP H 2020 50.53 78.21 19.33
C ASP H 2020 51.46 78.55 18.17
N CYS H 2021 50.91 79.10 17.09
CA CYS H 2021 51.76 79.50 15.98
C CYS H 2021 52.64 80.69 16.40
N PRO H 2022 53.96 80.60 16.24
CA PRO H 2022 54.82 81.70 16.72
C PRO H 2022 54.73 82.97 15.90
N LEU H 2023 54.35 82.89 14.63
CA LEU H 2023 54.50 84.02 13.73
C LEU H 2023 53.64 85.20 14.19
N PRO H 2024 54.05 86.42 13.85
CA PRO H 2024 53.23 87.58 14.19
C PRO H 2024 52.10 87.82 13.19
N GLU H 2025 51.21 88.73 13.60
CA GLU H 2025 49.95 88.92 12.89
C GLU H 2025 50.18 89.50 11.50
N ASP H 2026 51.19 90.36 11.33
CA ASP H 2026 51.45 90.95 10.01
C ASP H 2026 51.86 89.87 9.00
N ILE H 2027 52.79 89.01 9.40
CA ILE H 2027 53.24 87.94 8.51
C ILE H 2027 52.09 86.98 8.23
N ARG H 2028 51.27 86.70 9.24
CA ARG H 2028 50.09 85.87 9.02
C ARG H 2028 49.14 86.53 8.02
N GLN H 2029 48.95 87.84 8.14
CA GLN H 2029 47.97 88.54 7.32
C GLN H 2029 48.42 88.60 5.87
N ASP H 2030 49.72 88.69 5.63
CA ASP H 2030 50.21 88.61 4.26
C ASP H 2030 49.72 87.33 3.58
N LEU H 2031 49.91 86.19 4.25
CA LEU H 2031 49.47 84.92 3.69
C LEU H 2031 47.96 84.87 3.54
N GLN H 2032 47.22 85.37 4.54
CA GLN H 2032 45.77 85.35 4.44
C GLN H 2032 45.28 86.17 3.24
N ASP H 2033 45.88 87.35 3.04
CA ASP H 2033 45.51 88.18 1.90
C ASP H 2033 45.81 87.46 0.59
N PHE H 2034 46.98 86.85 0.49
CA PHE H 2034 47.31 86.14 -0.75
C PHE H 2034 46.35 84.98 -0.98
N HIS H 2035 45.97 84.28 0.08
CA HIS H 2035 45.05 83.15 -0.05
C HIS H 2035 43.69 83.62 -0.55
N GLN H 2036 43.19 84.75 -0.02
CA GLN H 2036 41.94 85.30 -0.52
C GLN H 2036 42.06 85.68 -1.99
N ASP H 2037 43.16 86.33 -2.36
CA ASP H 2037 43.36 86.72 -3.75
C ASP H 2037 43.39 85.49 -4.65
N LEU H 2038 44.03 84.43 -4.20
CA LEU H 2038 44.09 83.19 -4.98
C LEU H 2038 42.70 82.59 -5.16
N LEU H 2039 41.92 82.54 -4.08
CA LEU H 2039 40.57 82.01 -4.19
C LEU H 2039 39.73 82.83 -5.16
N ALA H 2040 39.85 84.16 -5.09
CA ALA H 2040 39.11 85.01 -6.02
C ALA H 2040 39.55 84.77 -7.46
N HIS H 2041 40.86 84.70 -7.70
CA HIS H 2041 41.35 84.48 -9.05
C HIS H 2041 40.89 83.14 -9.60
N CYS H 2042 40.84 82.12 -8.73
CA CYS H 2042 40.30 80.83 -9.13
C CYS H 2042 38.78 80.84 -9.21
N GLY H 2043 38.13 81.90 -8.73
CA GLY H 2043 36.71 82.06 -8.87
C GLY H 2043 35.89 81.53 -7.71
N ILE H 2044 36.54 81.00 -6.67
CA ILE H 2044 35.79 80.53 -5.51
C ILE H 2044 35.02 81.68 -4.87
N GLN H 2045 35.66 82.85 -4.74
CA GLN H 2045 34.94 83.98 -4.20
C GLN H 2045 33.76 84.33 -5.09
N LEU H 2046 32.62 84.55 -4.45
CA LEU H 2046 31.33 84.67 -5.10
C LEU H 2046 30.62 86.02 -5.12
N GLU H 2088 25.26 89.37 -13.29
CA GLU H 2088 25.00 90.04 -14.56
C GLU H 2088 24.93 89.05 -15.72
N LYS H 2089 24.25 89.45 -16.79
CA LYS H 2089 24.15 88.59 -17.96
C LYS H 2089 25.49 88.50 -18.69
N LYS H 2090 26.21 89.61 -18.79
CA LYS H 2090 27.48 89.63 -19.49
C LYS H 2090 28.56 88.97 -18.64
N PRO H 2091 29.30 87.99 -19.21
CA PRO H 2091 30.21 87.21 -18.35
C PRO H 2091 31.22 88.01 -17.56
N GLN H 2092 32.01 88.86 -18.24
CA GLN H 2092 33.06 89.65 -17.62
C GLN H 2092 34.23 88.79 -17.15
N SER H 2093 34.25 87.52 -17.53
CA SER H 2093 35.39 86.67 -17.20
C SER H 2093 35.44 85.46 -18.12
N LEU H 2094 36.65 84.92 -18.27
CA LEU H 2094 36.86 83.75 -19.11
C LEU H 2094 36.07 82.54 -18.60
N GLN H 2095 36.05 82.35 -17.29
CA GLN H 2095 35.35 81.21 -16.71
C GLN H 2095 33.86 81.25 -17.06
N GLU H 2096 33.22 82.39 -16.79
CA GLU H 2096 31.81 82.52 -17.09
C GLU H 2096 31.55 82.40 -18.58
N LEU H 2097 32.41 83.01 -19.40
CA LEU H 2097 32.26 82.92 -20.84
C LEU H 2097 32.27 81.47 -21.29
N VAL H 2098 33.26 80.69 -20.84
CA VAL H 2098 33.40 79.31 -21.27
C VAL H 2098 32.21 78.48 -20.79
N SER H 2099 31.85 78.61 -19.52
CA SER H 2099 30.74 77.83 -18.98
C SER H 2099 29.45 78.12 -19.75
N HIS H 2100 29.14 79.41 -19.92
CA HIS H 2100 27.91 79.77 -20.62
CA HIS H 2100 27.91 79.76 -20.61
C HIS H 2100 27.94 79.31 -22.06
N MET H 2101 29.10 79.41 -22.73
CA MET H 2101 29.18 78.98 -24.11
C MET H 2101 28.93 77.49 -24.23
N VAL H 2102 29.56 76.69 -23.38
CA VAL H 2102 29.38 75.24 -23.46
C VAL H 2102 27.93 74.86 -23.19
N VAL H 2103 27.34 75.46 -22.16
CA VAL H 2103 25.95 75.15 -21.83
C VAL H 2103 25.03 75.57 -22.95
N ARG H 2104 25.29 76.75 -23.55
CA ARG H 2104 24.45 77.23 -24.63
C ARG H 2104 24.56 76.34 -25.85
N TRP H 2105 25.77 75.88 -26.17
CA TRP H 2105 25.93 74.96 -27.29
C TRP H 2105 25.13 73.69 -27.06
N ALA H 2106 25.29 73.08 -25.89
CA ALA H 2106 24.60 71.82 -25.61
C ALA H 2106 23.09 72.04 -25.61
N GLN H 2107 22.62 73.15 -25.07
CA GLN H 2107 21.20 73.48 -25.09
C GLN H 2107 20.70 73.65 -26.53
N GLU H 2108 21.50 74.32 -27.36
CA GLU H 2108 21.08 74.64 -28.72
C GLU H 2108 20.96 73.39 -29.57
N ASP H 2109 21.93 72.48 -29.46
CA ASP H 2109 21.95 71.33 -30.34
C ASP H 2109 22.45 70.11 -29.60
N TYR H 2110 22.08 68.94 -30.11
CA TYR H 2110 22.59 67.66 -29.62
C TYR H 2110 23.89 67.37 -30.36
N VAL H 2111 25.02 67.62 -29.69
CA VAL H 2111 26.32 67.46 -30.35
C VAL H 2111 26.50 66.02 -30.79
N GLN H 2112 26.99 65.84 -32.02
CA GLN H 2112 27.23 64.53 -32.58
C GLN H 2112 28.69 64.13 -32.57
N SER H 2113 29.57 64.98 -32.01
CA SER H 2113 31.00 64.72 -32.02
C SER H 2113 31.49 64.37 -30.62
N PRO H 2114 31.84 63.11 -30.35
CA PRO H 2114 32.32 62.77 -29.00
C PRO H 2114 33.57 63.52 -28.60
N GLU H 2115 34.47 63.80 -29.56
CA GLU H 2115 35.68 64.55 -29.24
C GLU H 2115 35.33 65.95 -28.76
N LEU H 2116 34.43 66.62 -29.48
CA LEU H 2116 33.97 67.94 -29.06
C LEU H 2116 33.29 67.88 -27.70
N VAL H 2117 32.49 66.85 -27.47
CA VAL H 2117 31.82 66.69 -26.17
C VAL H 2117 32.86 66.58 -25.05
N ARG H 2118 33.85 65.71 -25.25
CA ARG H 2118 34.92 65.57 -24.28
C ARG H 2118 35.59 66.91 -24.00
N ALA H 2119 35.95 67.63 -25.06
CA ALA H 2119 36.69 68.87 -24.88
C ALA H 2119 35.86 69.92 -24.13
N MET H 2120 34.61 70.11 -24.54
CA MET H 2120 33.78 71.14 -23.93
C MET H 2120 33.52 70.81 -22.46
N PHE H 2121 33.28 69.54 -22.14
CA PHE H 2121 33.02 69.19 -20.75
C PHE H 2121 34.29 69.27 -19.91
N SER H 2122 35.44 69.01 -20.52
CA SER H 2122 36.71 69.25 -19.83
C SER H 2122 36.87 70.71 -19.48
N LEU H 2123 36.56 71.60 -20.43
CA LEU H 2123 36.64 73.03 -20.15
C LEU H 2123 35.68 73.41 -19.02
N LEU H 2124 34.46 72.88 -19.06
CA LEU H 2124 33.50 73.19 -18.01
C LEU H 2124 34.01 72.74 -16.65
N HIS H 2125 34.59 71.53 -16.59
CA HIS H 2125 35.17 71.04 -15.36
C HIS H 2125 36.26 71.98 -14.85
N ARG H 2126 37.14 72.43 -15.75
CA ARG H 2126 38.22 73.31 -15.33
C ARG H 2126 37.69 74.63 -14.79
N GLN H 2127 36.68 75.21 -15.45
CA GLN H 2127 36.15 76.48 -14.97
C GLN H 2127 35.48 76.30 -13.60
N TYR H 2128 34.77 75.19 -13.40
CA TYR H 2128 34.11 74.99 -12.12
C TYR H 2128 35.07 74.62 -10.99
N ASP H 2129 36.18 73.95 -11.31
CA ASP H 2129 37.17 73.53 -10.31
C ASP H 2129 38.55 74.02 -10.77
N GLY H 2130 38.88 75.25 -10.39
CA GLY H 2130 40.18 75.80 -10.70
C GLY H 2130 41.18 75.48 -9.61
N LEU H 2131 40.71 75.43 -8.36
CA LEU H 2131 41.57 75.10 -7.25
C LEU H 2131 42.13 73.68 -7.37
N GLY H 2132 41.28 72.74 -7.76
CA GLY H 2132 41.77 71.37 -7.95
C GLY H 2132 42.77 71.27 -9.07
N GLU H 2133 42.56 72.05 -10.14
CA GLU H 2133 43.51 72.05 -11.25
C GLU H 2133 44.89 72.50 -10.77
N LEU H 2134 44.94 73.59 -10.01
CA LEU H 2134 46.20 74.04 -9.43
C LEU H 2134 46.77 73.01 -8.47
N LEU H 2135 45.91 72.39 -7.68
CA LEU H 2135 46.34 71.41 -6.69
C LEU H 2135 47.01 70.22 -7.36
N ARG H 2136 46.51 69.84 -8.54
CA ARG H 2136 47.12 68.73 -9.28
C ARG H 2136 48.32 69.20 -10.10
N ALA H 2137 48.38 70.48 -10.46
CA ALA H 2137 49.49 70.98 -11.26
C ALA H 2137 50.75 71.20 -10.43
N LEU H 2138 50.58 71.68 -9.19
CA LEU H 2138 51.75 72.04 -8.39
C LEU H 2138 52.78 70.92 -8.28
N PRO H 2139 52.41 69.66 -8.08
CA PRO H 2139 53.43 68.59 -8.04
C PRO H 2139 54.43 68.66 -9.18
N ARG H 2140 54.06 69.35 -10.27
CA ARG H 2140 54.95 69.59 -11.40
C ARG H 2140 55.62 70.96 -11.33
N ALA H 2141 55.60 71.59 -10.16
CA ALA H 2141 56.19 72.90 -9.96
C ALA H 2141 57.45 72.77 -9.11
N TYR H 2142 58.53 73.42 -9.55
CA TYR H 2142 59.80 73.37 -8.87
C TYR H 2142 60.51 74.71 -9.00
N THR H 2143 60.94 75.25 -7.88
CA THR H 2143 61.67 76.52 -7.84
C THR H 2143 63.16 76.24 -7.90
N ILE H 2144 63.87 76.95 -8.76
CA ILE H 2144 65.31 76.80 -8.90
C ILE H 2144 65.97 78.17 -8.83
N SER H 2145 67.24 78.17 -8.45
CA SER H 2145 68.04 79.38 -8.52
C SER H 2145 68.30 79.73 -9.98
N PRO H 2146 68.43 81.01 -10.31
CA PRO H 2146 68.71 81.38 -11.71
C PRO H 2146 70.02 80.80 -12.22
N SER H 2147 70.92 80.48 -11.30
CA SER H 2147 72.24 79.96 -11.66
C SER H 2147 72.21 78.55 -12.23
N SER H 2148 71.13 77.81 -12.02
CA SER H 2148 70.96 76.47 -12.58
C SER H 2148 70.17 76.48 -13.88
N VAL H 2149 69.86 77.66 -14.42
CA VAL H 2149 68.93 77.77 -15.54
C VAL H 2149 69.49 77.09 -16.78
N GLU H 2150 70.76 77.37 -17.11
CA GLU H 2150 71.33 76.83 -18.34
C GLU H 2150 71.44 75.30 -18.30
N ASP H 2151 71.90 74.76 -17.17
CA ASP H 2151 71.96 73.31 -17.02
C ASP H 2151 70.57 72.70 -17.09
N THR H 2152 69.60 73.34 -16.44
CA THR H 2152 68.23 72.84 -16.50
C THR H 2152 67.70 72.83 -17.92
N MET H 2153 68.03 73.86 -18.70
CA MET H 2153 67.56 73.93 -20.08
C MET H 2153 68.20 72.84 -20.94
N SER H 2154 69.50 72.61 -20.75
CA SER H 2154 70.15 71.52 -21.46
C SER H 2154 69.49 70.18 -21.13
N LEU H 2155 69.24 69.95 -19.83
CA LEU H 2155 68.57 68.72 -19.41
C LEU H 2155 67.19 68.62 -20.03
N LEU H 2156 66.48 69.74 -20.13
CA LEU H 2156 65.14 69.73 -20.73
C LEU H 2156 65.20 69.39 -22.21
N GLU H 2157 66.20 69.90 -22.93
CA GLU H 2157 66.34 69.53 -24.33
C GLU H 2157 66.61 68.04 -24.48
N CYS H 2158 67.49 67.49 -23.64
CA CYS H 2158 67.76 66.06 -23.69
C CYS H 2158 66.49 65.26 -23.41
N LEU H 2159 65.73 65.67 -22.39
CA LEU H 2159 64.48 64.98 -22.07
C LEU H 2159 63.48 65.08 -23.20
N GLY H 2160 63.45 66.22 -23.90
CA GLY H 2160 62.57 66.33 -25.05
C GLY H 2160 62.94 65.38 -26.16
N GLN H 2161 64.25 65.25 -26.43
CA GLN H 2161 64.70 64.24 -27.39
C GLN H 2161 64.21 62.85 -26.99
N ILE H 2162 64.42 62.49 -25.72
CA ILE H 2162 64.03 61.17 -25.26
C ILE H 2162 62.53 60.96 -25.40
N ARG H 2163 61.75 61.96 -25.01
CA ARG H 2163 60.29 61.85 -25.12
C ARG H 2163 59.87 61.68 -26.57
N SER H 2164 60.52 62.41 -27.48
CA SER H 2164 60.24 62.24 -28.90
C SER H 2164 60.54 60.83 -29.36
N LEU H 2165 61.56 60.20 -28.79
CA LEU H 2165 61.91 58.85 -29.22
C LEU H 2165 60.85 57.81 -28.87
N LEU H 2166 59.88 58.13 -28.00
CA LEU H 2166 58.84 57.16 -27.66
C LEU H 2166 57.98 56.81 -28.87
N ILE H 2167 57.56 57.81 -29.62
CA ILE H 2167 56.56 57.60 -30.66
C ILE H 2167 57.14 56.78 -31.81
N VAL H 2168 58.37 57.07 -32.22
CA VAL H 2168 58.95 56.40 -33.37
C VAL H 2168 59.52 55.05 -32.96
N GLN H 2169 59.63 54.14 -33.93
CA GLN H 2169 60.29 52.87 -33.69
C GLN H 2169 61.80 53.07 -33.55
N MET H 2170 62.41 52.21 -32.75
CA MET H 2170 63.84 52.33 -32.50
C MET H 2170 64.66 51.97 -33.74
N GLY H 2171 65.76 52.68 -33.92
CA GLY H 2171 66.73 52.40 -34.96
C GLY H 2171 68.11 52.78 -34.48
N PRO H 2172 69.12 52.61 -35.34
CA PRO H 2172 70.48 52.97 -34.92
C PRO H 2172 70.62 54.45 -34.58
N GLN H 2173 70.09 55.33 -35.42
CA GLN H 2173 70.18 56.76 -35.17
C GLN H 2173 69.48 57.14 -33.86
N GLU H 2174 68.29 56.59 -33.65
CA GLU H 2174 67.55 56.88 -32.43
C GLU H 2174 68.30 56.35 -31.21
N GLU H 2175 68.92 55.17 -31.33
CA GLU H 2175 69.72 54.63 -30.24
C GLU H 2175 70.87 55.56 -29.91
N ASN H 2176 71.57 56.05 -30.92
CA ASN H 2176 72.69 56.95 -30.67
C ASN H 2176 72.22 58.23 -29.99
N LEU H 2177 71.11 58.80 -30.46
CA LEU H 2177 70.58 60.01 -29.83
C LEU H 2177 70.22 59.73 -28.38
N MET H 2178 69.59 58.60 -28.12
CA MET H 2178 69.20 58.22 -26.76
C MET H 2178 70.42 58.12 -25.85
N ILE H 2179 71.42 57.37 -26.29
CA ILE H 2179 72.63 57.17 -25.48
C ILE H 2179 73.29 58.51 -25.20
N GLN H 2180 73.41 59.36 -26.22
CA GLN H 2180 74.08 60.64 -26.04
C GLN H 2180 73.31 61.55 -25.09
N SER H 2181 71.98 61.58 -25.22
CA SER H 2181 71.18 62.38 -24.31
C SER H 2181 71.32 61.89 -22.88
N ILE H 2182 71.32 60.57 -22.69
CA ILE H 2182 71.50 60.01 -21.35
C ILE H 2182 72.86 60.43 -20.79
N GLY H 2183 73.90 60.34 -21.62
CA GLY H 2183 75.23 60.72 -21.15
C GLY H 2183 75.30 62.18 -20.75
N ASN H 2184 74.69 63.07 -21.55
CA ASN H 2184 74.69 64.48 -21.20
C ASN H 2184 73.92 64.71 -19.91
N ILE H 2185 72.79 64.05 -19.74
CA ILE H 2185 72.00 64.21 -18.52
C ILE H 2185 72.81 63.76 -17.30
N MET H 2186 73.49 62.62 -17.43
CA MET H 2186 74.28 62.09 -16.34
C MET H 2186 75.49 62.96 -16.04
N ASN H 2187 76.05 63.63 -17.04
CA ASN H 2187 77.11 64.59 -16.80
C ASN H 2187 76.57 65.84 -16.11
N ASN H 2188 75.31 66.18 -16.38
CA ASN H 2188 74.70 67.34 -15.73
C ASN H 2188 74.69 67.18 -14.22
N LYS H 2189 75.02 68.27 -13.53
CA LYS H 2189 74.99 68.27 -12.06
C LYS H 2189 73.57 68.39 -11.52
N VAL H 2190 72.67 69.03 -12.27
CA VAL H 2190 71.30 69.21 -11.81
C VAL H 2190 70.64 67.87 -11.59
N PHE H 2191 70.98 66.88 -12.43
CA PHE H 2191 70.39 65.55 -12.30
C PHE H 2191 70.58 65.00 -10.90
N TYR H 2192 71.77 65.19 -10.33
CA TYR H 2192 72.06 64.68 -9.00
C TYR H 2192 71.52 65.62 -7.91
N GLN H 2193 71.55 66.93 -8.17
CA GLN H 2193 71.14 67.88 -7.14
C GLN H 2193 69.63 67.90 -6.96
N HIS H 2194 68.85 67.68 -8.02
CA HIS H 2194 67.41 67.88 -7.99
C HIS H 2194 66.73 66.60 -8.47
N PRO H 2195 66.82 65.52 -7.69
CA PRO H 2195 66.16 64.26 -8.08
C PRO H 2195 64.65 64.34 -8.02
N ASN H 2196 64.07 65.10 -7.10
CA ASN H 2196 62.62 65.28 -7.09
C ASN H 2196 62.13 65.93 -8.37
N LEU H 2197 62.91 66.86 -8.92
CA LEU H 2197 62.56 67.47 -10.19
C LEU H 2197 62.48 66.43 -11.30
N MET H 2198 63.46 65.52 -11.35
CA MET H 2198 63.45 64.48 -12.37
C MET H 2198 62.28 63.54 -12.18
N ARG H 2199 61.98 63.18 -10.92
CA ARG H 2199 60.84 62.31 -10.66
C ARG H 2199 59.53 62.96 -11.09
N ALA H 2200 59.40 64.27 -10.85
CA ALA H 2200 58.24 65.00 -11.35
C ALA H 2200 58.20 64.98 -12.88
N LEU H 2201 59.35 65.15 -13.51
CA LEU H 2201 59.45 65.15 -14.97
C LEU H 2201 59.18 63.79 -15.58
N GLY H 2202 59.26 62.71 -14.81
CA GLY H 2202 59.01 61.39 -15.35
C GLY H 2202 60.12 60.88 -16.25
N MET H 2203 61.37 61.25 -15.96
CA MET H 2203 62.49 60.84 -16.79
C MET H 2203 62.65 59.32 -16.78
N HIS H 2204 62.69 58.73 -15.58
CA HIS H 2204 62.88 57.29 -15.45
C HIS H 2204 61.76 56.52 -16.15
N GLU H 2205 60.53 57.00 -16.02
CA GLU H 2205 59.41 56.31 -16.64
C GLU H 2205 59.54 56.31 -18.17
N THR H 2206 59.93 57.44 -18.75
CA THR H 2206 60.14 57.50 -20.20
C THR H 2206 61.26 56.57 -20.62
N VAL H 2207 62.35 56.54 -19.85
CA VAL H 2207 63.45 55.63 -20.18
C VAL H 2207 62.97 54.18 -20.16
N MET H 2208 62.19 53.83 -19.14
CA MET H 2208 61.68 52.46 -19.04
C MET H 2208 60.77 52.15 -20.22
N GLU H 2209 59.93 53.11 -20.62
CA GLU H 2209 59.03 52.90 -21.74
C GLU H 2209 59.82 52.65 -23.03
N VAL H 2210 60.89 53.40 -23.25
CA VAL H 2210 61.74 53.15 -24.42
C VAL H 2210 62.35 51.77 -24.33
N MET H 2211 62.92 51.43 -23.16
CA MET H 2211 63.59 50.15 -23.03
C MET H 2211 62.63 49.02 -23.38
N VAL H 2212 61.44 49.07 -22.80
CA VAL H 2212 60.47 47.98 -22.96
C VAL H 2212 59.94 47.93 -24.39
N ASN H 2213 59.69 49.09 -25.00
CA ASN H 2213 59.25 49.08 -26.38
C ASN H 2213 60.27 48.38 -27.26
N VAL H 2214 61.55 48.52 -26.93
CA VAL H 2214 62.58 47.77 -27.64
C VAL H 2214 62.53 46.29 -27.27
N LEU H 2215 62.39 45.99 -25.97
CA LEU H 2215 62.46 44.61 -25.51
C LEU H 2215 61.36 43.76 -26.15
N GLY H 2216 60.11 44.21 -26.04
CA GLY H 2216 59.00 43.37 -26.46
C GLY H 2216 59.04 43.03 -27.94
N GLY H 2217 59.42 44.00 -28.77
CA GLY H 2217 59.39 43.79 -30.22
C GLY H 2217 60.39 42.74 -30.65
N GLY H 2218 59.88 41.67 -31.25
CA GLY H 2218 60.73 40.58 -31.72
C GLY H 2218 61.57 40.00 -30.60
N GLU H 2219 61.03 40.03 -29.38
CA GLU H 2219 61.79 39.56 -28.22
C GLU H 2219 62.23 38.11 -28.41
N THR H 2220 61.30 37.23 -28.77
CA THR H 2220 61.62 35.80 -28.82
C THR H 2220 62.72 35.52 -29.83
N LYS H 2221 62.66 36.18 -30.99
CA LYS H 2221 63.66 35.92 -32.02
C LYS H 2221 65.05 36.37 -31.58
N GLU H 2222 65.17 37.61 -31.11
CA GLU H 2222 66.46 38.19 -30.75
C GLU H 2222 66.21 39.57 -30.17
N ILE H 2223 67.18 40.06 -29.41
CA ILE H 2223 67.09 41.36 -28.76
C ILE H 2223 68.05 42.31 -29.47
N ARG H 2224 67.50 43.38 -30.04
CA ARG H 2224 68.30 44.34 -30.78
C ARG H 2224 68.66 45.53 -29.89
N PHE H 2225 69.54 46.39 -30.41
CA PHE H 2225 69.96 47.61 -29.73
C PHE H 2225 70.29 47.33 -28.26
N PRO H 2226 71.14 46.33 -28.00
CA PRO H 2226 71.52 46.06 -26.61
C PRO H 2226 72.27 47.21 -25.94
N LYS H 2227 73.06 47.99 -26.68
CA LYS H 2227 73.75 49.11 -26.05
C LYS H 2227 72.76 50.05 -25.39
N MET H 2228 71.60 50.24 -26.00
CA MET H 2228 70.60 51.14 -25.44
C MET H 2228 70.07 50.63 -24.10
N VAL H 2229 69.83 49.32 -23.98
CA VAL H 2229 69.37 48.74 -22.73
C VAL H 2229 70.46 48.83 -21.65
N THR H 2230 71.71 48.61 -22.06
CA THR H 2230 72.82 48.76 -21.12
C THR H 2230 72.86 50.18 -20.58
N SER H 2231 72.69 51.16 -21.46
CA SER H 2231 72.54 52.53 -20.99
C SER H 2231 71.30 52.67 -20.12
N CYS H 2232 70.28 51.85 -20.38
CA CYS H 2232 69.01 52.02 -19.69
C CYS H 2232 69.14 51.72 -18.20
N CYS H 2233 69.84 50.63 -17.81
CA CYS H 2233 70.45 50.79 -16.49
C CYS H 2233 71.32 52.01 -16.37
N ARG H 2234 72.50 52.03 -16.98
CA ARG H 2234 73.50 52.94 -16.40
C ARG H 2234 72.81 54.17 -15.85
N PHE H 2235 71.88 54.73 -16.64
CA PHE H 2235 71.01 55.80 -16.16
C PHE H 2235 70.11 55.36 -15.00
N LEU H 2236 69.12 54.48 -15.25
CA LEU H 2236 68.08 54.18 -14.26
C LEU H 2236 68.62 53.48 -13.03
N CYS H 2237 69.85 53.02 -13.12
CA CYS H 2237 70.34 51.92 -12.32
C CYS H 2237 71.54 52.47 -11.53
N TYR H 2238 71.93 53.72 -11.86
CA TYR H 2238 72.47 54.70 -10.91
C TYR H 2238 71.37 55.56 -10.28
N PHE H 2239 70.27 55.76 -11.02
CA PHE H 2239 69.17 56.61 -10.57
C PHE H 2239 68.66 56.17 -9.20
N CYS H 2240 68.48 54.86 -9.02
CA CYS H 2240 68.04 54.34 -7.73
C CYS H 2240 69.06 54.62 -6.63
N ARG H 2241 70.34 54.72 -6.97
CA ARG H 2241 71.38 55.04 -5.99
C ARG H 2241 71.38 56.51 -5.62
N ILE H 2242 70.97 57.40 -6.52
CA ILE H 2242 71.01 58.82 -6.20
C ILE H 2242 70.21 59.13 -4.94
N SER H 2243 69.01 58.57 -4.83
CA SER H 2243 68.12 58.89 -3.72
C SER H 2243 67.18 57.72 -3.44
N ARG H 2244 66.80 57.59 -2.17
CA ARG H 2244 65.84 56.55 -1.77
C ARG H 2244 64.50 56.73 -2.45
N GLN H 2245 64.03 57.97 -2.59
CA GLN H 2245 62.74 58.21 -3.22
C GLN H 2245 62.73 57.72 -4.66
N ASN H 2246 63.82 57.95 -5.39
CA ASN H 2246 63.97 57.39 -6.73
C ASN H 2246 63.93 55.86 -6.69
N GLN H 2247 64.63 55.29 -5.71
CA GLN H 2247 64.67 53.84 -5.55
C GLN H 2247 63.28 53.29 -5.30
N ARG H 2248 62.50 53.99 -4.47
CA ARG H 2248 61.12 53.59 -4.23
C ARG H 2248 60.27 53.71 -5.49
N SER H 2249 60.45 54.80 -6.24
CA SER H 2249 59.70 54.97 -7.47
C SER H 2249 59.95 53.80 -8.42
N MET H 2250 61.19 53.34 -8.51
CA MET H 2250 61.50 52.21 -9.39
C MET H 2250 61.00 50.89 -8.80
N PHE H 2251 61.06 50.77 -7.47
CA PHE H 2251 60.48 49.61 -6.81
C PHE H 2251 59.01 49.45 -7.17
N ASP H 2252 58.31 50.58 -7.27
CA ASP H 2252 56.90 50.53 -7.66
C ASP H 2252 56.71 49.91 -9.04
N HIS H 2253 57.69 50.08 -9.93
CA HIS H 2253 57.59 49.52 -11.27
C HIS H 2253 58.22 48.14 -11.36
N LEU H 2254 58.82 47.68 -10.26
CA LEU H 2254 59.52 46.40 -10.22
C LEU H 2254 58.90 45.29 -11.07
N SER H 2255 57.62 44.98 -10.86
CA SER H 2255 57.01 43.85 -11.53
C SER H 2255 57.16 43.96 -13.04
N TYR H 2256 56.95 45.17 -13.57
CA TYR H 2256 57.11 45.40 -15.00
C TYR H 2256 58.53 45.04 -15.45
N LEU H 2257 59.53 45.46 -14.67
CA LEU H 2257 60.91 45.10 -14.97
C LEU H 2257 61.08 43.59 -14.93
N LEU H 2258 60.48 42.91 -13.96
CA LEU H 2258 60.65 41.47 -13.85
C LEU H 2258 60.02 40.74 -15.02
N GLU H 2259 58.83 41.16 -15.46
CA GLU H 2259 58.18 40.48 -16.57
C GLU H 2259 58.89 40.79 -17.89
N ASN H 2260 59.62 41.91 -17.94
CA ASN H 2260 60.47 42.18 -19.10
C ASN H 2260 61.86 41.56 -18.98
N SER H 2261 62.21 41.03 -17.81
CA SER H 2261 63.55 40.50 -17.60
C SER H 2261 63.82 39.26 -18.44
N GLY H 2262 62.78 38.47 -18.71
CA GLY H 2262 63.01 37.15 -19.28
C GLY H 2262 63.87 37.19 -20.53
N ILE H 2263 63.56 38.09 -21.47
CA ILE H 2263 64.37 38.19 -22.67
C ILE H 2263 65.73 38.79 -22.37
N GLY H 2264 65.77 39.78 -21.49
CA GLY H 2264 67.00 40.53 -21.29
C GLY H 2264 68.12 39.65 -20.76
N LEU H 2265 67.76 38.48 -20.26
CA LEU H 2265 68.76 37.61 -19.63
C LEU H 2265 69.90 37.26 -20.58
N GLY H 2266 69.57 36.88 -21.82
CA GLY H 2266 70.60 36.49 -22.76
C GLY H 2266 71.59 37.61 -23.03
N MET H 2267 71.08 38.83 -23.14
CA MET H 2267 71.93 40.00 -23.24
C MET H 2267 72.92 40.10 -22.09
N GLN H 2268 74.14 40.50 -22.41
CA GLN H 2268 75.17 40.67 -21.39
CA GLN H 2268 75.17 40.68 -21.39
C GLN H 2268 75.29 42.15 -21.01
N GLY H 2269 75.60 42.39 -19.74
CA GLY H 2269 75.76 43.74 -19.25
C GLY H 2269 74.72 44.11 -18.22
N SER H 2270 74.36 45.39 -18.18
CA SER H 2270 73.39 45.89 -17.22
C SER H 2270 71.97 45.64 -17.75
N THR H 2271 71.11 45.11 -16.90
CA THR H 2271 69.83 44.55 -17.32
C THR H 2271 68.71 45.03 -16.41
N PRO H 2272 67.46 44.83 -16.83
CA PRO H 2272 66.33 45.15 -15.96
C PRO H 2272 66.36 44.41 -14.64
N LEU H 2273 66.90 43.19 -14.62
CA LEU H 2273 67.09 42.50 -13.36
C LEU H 2273 68.04 43.28 -12.46
N ASP H 2274 69.08 43.89 -13.03
CA ASP H 2274 69.94 44.77 -12.26
C ASP H 2274 69.22 46.03 -11.81
N VAL H 2275 68.30 46.55 -12.63
CA VAL H 2275 67.48 47.69 -12.19
C VAL H 2275 66.68 47.29 -10.96
N ALA H 2276 66.08 46.09 -10.99
CA ALA H 2276 65.33 45.59 -9.85
C ALA H 2276 66.22 45.45 -8.63
N ALA H 2277 67.43 44.90 -8.82
CA ALA H 2277 68.36 44.77 -7.71
C ALA H 2277 68.70 46.13 -7.12
N ALA H 2278 68.89 47.13 -7.97
CA ALA H 2278 69.14 48.48 -7.48
C ALA H 2278 67.94 49.04 -6.72
N SER H 2279 66.73 48.71 -7.18
CA SER H 2279 65.53 49.16 -6.48
C SER H 2279 65.45 48.56 -5.09
N VAL H 2280 65.85 47.29 -4.92
CA VAL H 2280 65.67 46.59 -3.66
C VAL H 2280 66.90 46.68 -2.76
N ILE H 2281 68.04 47.11 -3.28
CA ILE H 2281 69.30 46.91 -2.57
C ILE H 2281 69.36 47.82 -1.34
N ASP H 2282 69.75 47.25 -0.21
CA ASP H 2282 70.11 47.97 1.00
C ASP H 2282 68.96 48.82 1.55
N ASN H 2283 67.72 48.46 1.25
CA ASN H 2283 66.55 49.16 1.79
C ASN H 2283 65.64 48.13 2.45
N ASN H 2284 65.63 48.13 3.79
CA ASN H 2284 64.80 47.19 4.53
C ASN H 2284 63.32 47.42 4.27
N GLU H 2285 62.90 48.69 4.18
CA GLU H 2285 61.49 48.97 3.88
C GLU H 2285 61.08 48.33 2.57
N LEU H 2286 61.84 48.58 1.51
CA LEU H 2286 61.50 48.03 0.20
C LEU H 2286 61.56 46.51 0.19
N ALA H 2287 62.57 45.94 0.84
CA ALA H 2287 62.67 44.49 0.89
C ALA H 2287 61.47 43.87 1.60
N LEU H 2288 61.05 44.47 2.72
CA LEU H 2288 59.90 43.97 3.45
C LEU H 2288 58.60 44.21 2.70
N ALA H 2289 58.54 45.24 1.86
CA ALA H 2289 57.38 45.46 1.01
C ALA H 2289 57.42 44.62 -0.26
N LEU H 2290 58.52 43.92 -0.51
CA LEU H 2290 58.63 43.07 -1.69
C LEU H 2290 57.56 41.98 -1.67
N GLN H 2291 57.11 41.57 -2.85
CA GLN H 2291 55.96 40.69 -2.97
C GLN H 2291 56.35 39.25 -3.33
N GLU H 2292 55.67 38.32 -2.65
CA GLU H 2292 55.86 36.91 -2.92
C GLU H 2292 55.51 36.58 -4.36
N GLN H 2293 54.65 37.36 -5.00
CA GLN H 2293 54.36 37.13 -6.41
C GLN H 2293 55.59 37.37 -7.28
N ASP H 2294 56.30 38.47 -7.02
CA ASP H 2294 57.54 38.72 -7.73
C ASP H 2294 58.56 37.62 -7.45
N LEU H 2295 58.64 37.19 -6.19
CA LEU H 2295 59.57 36.10 -5.86
C LEU H 2295 59.21 34.82 -6.62
N GLU H 2296 57.91 34.49 -6.69
CA GLU H 2296 57.51 33.30 -7.43
C GLU H 2296 57.85 33.42 -8.90
N LYS H 2297 57.67 34.62 -9.47
CA LYS H 2297 58.02 34.80 -10.87
C LYS H 2297 59.51 34.55 -11.11
N VAL H 2298 60.35 35.10 -10.23
CA VAL H 2298 61.79 34.87 -10.34
C VAL H 2298 62.09 33.38 -10.25
N VAL H 2299 61.45 32.70 -9.30
CA VAL H 2299 61.73 31.29 -9.07
C VAL H 2299 61.27 30.46 -10.26
N SER H 2300 60.15 30.84 -10.88
CA SER H 2300 59.70 30.14 -12.09
C SER H 2300 60.68 30.32 -13.22
N TYR H 2301 61.17 31.55 -13.41
CA TYR H 2301 62.21 31.77 -14.41
C TYR H 2301 63.42 30.88 -14.15
N LEU H 2302 63.84 30.81 -12.89
CA LEU H 2302 65.03 30.02 -12.56
C LEU H 2302 64.79 28.53 -12.75
N ALA H 2303 63.57 28.06 -12.46
CA ALA H 2303 63.24 26.66 -12.73
C ALA H 2303 63.30 26.38 -14.23
N GLY H 2304 62.76 27.27 -15.05
CA GLY H 2304 62.90 27.12 -16.48
C GLY H 2304 64.35 27.06 -16.93
N CYS H 2305 65.19 27.90 -16.32
CA CYS H 2305 66.62 27.86 -16.60
C CYS H 2305 67.24 26.52 -16.21
N GLY H 2306 66.86 25.98 -15.05
CA GLY H 2306 67.42 24.72 -14.58
C GLY H 2306 66.89 23.54 -15.36
N LEU H 2307 65.81 23.73 -16.09
CA LEU H 2307 65.24 22.66 -16.89
C LEU H 2307 65.63 22.69 -18.35
N GLN H 2308 65.92 23.86 -18.91
CA GLN H 2308 66.20 23.98 -20.33
C GLN H 2308 67.45 24.81 -20.56
N SER H 2309 68.15 24.51 -21.65
CA SER H 2309 69.39 25.19 -21.97
C SER H 2309 69.12 26.50 -22.71
N CYS H 2310 70.20 27.23 -23.00
CA CYS H 2310 70.07 28.52 -23.64
C CYS H 2310 70.09 28.36 -25.16
N PRO H 2311 69.00 28.71 -25.86
CA PRO H 2311 69.01 28.54 -27.32
C PRO H 2311 70.08 29.36 -28.01
N MET H 2312 70.44 30.51 -27.46
CA MET H 2312 71.49 31.32 -28.08
C MET H 2312 72.83 30.58 -28.06
N LEU H 2313 73.16 29.98 -26.92
CA LEU H 2313 74.39 29.17 -26.85
C LEU H 2313 74.30 27.98 -27.79
N LEU H 2314 73.14 27.32 -27.83
CA LEU H 2314 72.98 26.18 -28.72
C LEU H 2314 73.22 26.58 -30.18
N ALA H 2315 72.67 27.73 -30.57
CA ALA H 2315 72.90 28.25 -31.92
C ALA H 2315 74.37 28.57 -32.14
N LYS H 2316 75.03 29.13 -31.13
CA LYS H 2316 76.46 29.37 -31.21
C LYS H 2316 77.26 28.07 -31.28
N GLY H 2317 76.63 26.94 -31.02
CA GLY H 2317 77.27 25.65 -31.18
C GLY H 2317 77.81 25.05 -29.91
N TYR H 2318 77.44 25.59 -28.75
CA TYR H 2318 77.91 25.06 -27.49
C TYR H 2318 77.39 23.64 -27.29
N PRO H 2319 78.11 22.81 -26.52
CA PRO H 2319 77.56 21.50 -26.17
C PRO H 2319 76.23 21.66 -25.45
N ASP H 2320 75.29 20.78 -25.78
CA ASP H 2320 73.92 20.88 -25.28
C ASP H 2320 73.81 20.16 -23.94
N ILE H 2321 73.67 20.93 -22.88
CA ILE H 2321 73.29 20.41 -21.58
C ILE H 2321 71.84 20.80 -21.34
N GLY H 2322 71.29 20.33 -20.22
CA GLY H 2322 69.87 20.48 -20.00
C GLY H 2322 69.43 21.75 -19.29
N TRP H 2323 70.32 22.71 -19.04
CA TRP H 2323 69.95 23.82 -18.17
C TRP H 2323 70.87 25.01 -18.40
N ASN H 2324 70.43 26.18 -17.90
CA ASN H 2324 71.09 27.45 -18.20
C ASN H 2324 71.74 28.03 -16.95
N PRO H 2325 72.99 27.66 -16.64
CA PRO H 2325 73.64 28.21 -15.44
C PRO H 2325 73.73 29.71 -15.48
N CYS H 2326 73.93 30.25 -16.68
CA CYS H 2326 74.17 31.69 -16.82
C CYS H 2326 73.00 32.50 -16.30
N GLY H 2327 71.77 32.10 -16.64
CA GLY H 2327 70.60 32.81 -16.14
C GLY H 2327 70.20 32.42 -14.75
N GLY H 2328 70.44 31.16 -14.38
CA GLY H 2328 70.19 30.80 -13.00
C GLY H 2328 70.99 31.68 -12.05
N GLU H 2329 72.23 32.00 -12.43
CA GLU H 2329 73.09 32.83 -11.59
C GLU H 2329 72.50 34.23 -11.39
N ARG H 2330 72.04 34.87 -12.46
CA ARG H 2330 71.47 36.21 -12.33
C ARG H 2330 70.25 36.20 -11.44
N TYR H 2331 69.33 35.26 -11.69
CA TYR H 2331 68.14 35.21 -10.85
C TYR H 2331 68.53 34.99 -9.39
N LEU H 2332 69.53 34.14 -9.16
CA LEU H 2332 69.97 33.86 -7.80
C LEU H 2332 70.55 35.09 -7.12
N ASP H 2333 71.36 35.88 -7.81
CA ASP H 2333 71.92 37.06 -7.15
C ASP H 2333 70.86 38.12 -6.92
N PHE H 2334 69.86 38.21 -7.82
CA PHE H 2334 68.73 39.07 -7.50
C PHE H 2334 68.08 38.65 -6.19
N LEU H 2335 67.81 37.35 -6.05
CA LEU H 2335 67.20 36.87 -4.81
C LEU H 2335 68.09 37.13 -3.61
N ARG H 2336 69.41 37.03 -3.81
CA ARG H 2336 70.35 37.35 -2.74
C ARG H 2336 70.20 38.79 -2.27
N PHE H 2337 70.16 39.73 -3.22
CA PHE H 2337 69.93 41.12 -2.86
C PHE H 2337 68.58 41.31 -2.19
N ALA H 2338 67.59 40.52 -2.58
CA ALA H 2338 66.27 40.64 -1.96
C ALA H 2338 66.30 40.20 -0.50
N VAL H 2339 66.99 39.09 -0.20
CA VAL H 2339 66.89 38.48 1.13
C VAL H 2339 67.95 38.98 2.10
N PHE H 2340 69.04 39.58 1.63
CA PHE H 2340 70.14 39.96 2.50
C PHE H 2340 70.35 41.46 2.41
N VAL H 2341 70.17 42.15 3.54
CA VAL H 2341 70.26 43.60 3.60
C VAL H 2341 71.16 43.99 4.77
N ASN H 2342 72.15 44.85 4.48
CA ASN H 2342 72.96 45.48 5.51
C ASN H 2342 73.53 44.47 6.49
N GLY H 2343 74.01 43.35 5.96
CA GLY H 2343 74.69 42.36 6.77
C GLY H 2343 73.78 41.40 7.51
N GLU H 2344 72.46 41.52 7.35
CA GLU H 2344 71.52 40.70 8.09
C GLU H 2344 70.46 40.14 7.15
N SER H 2345 69.98 38.94 7.46
CA SER H 2345 68.96 38.30 6.66
C SER H 2345 67.59 38.86 6.98
N VAL H 2346 66.73 38.90 5.96
CA VAL H 2346 65.32 39.24 6.11
C VAL H 2346 64.55 37.93 6.09
N GLU H 2347 64.07 37.50 7.27
CA GLU H 2347 63.48 36.17 7.37
C GLU H 2347 62.20 36.07 6.55
N GLU H 2348 61.44 37.16 6.46
CA GLU H 2348 60.18 37.12 5.73
C GLU H 2348 60.39 36.69 4.29
N ASN H 2349 61.41 37.24 3.63
CA ASN H 2349 61.72 36.87 2.26
C ASN H 2349 62.53 35.58 2.19
N ALA H 2350 63.39 35.32 3.18
CA ALA H 2350 64.24 34.14 3.15
C ALA H 2350 63.42 32.87 3.20
N ASN H 2351 62.46 32.82 4.13
CA ASN H 2351 61.63 31.63 4.25
C ASN H 2351 60.82 31.39 2.99
N VAL H 2352 60.29 32.46 2.40
CA VAL H 2352 59.53 32.33 1.16
C VAL H 2352 60.40 31.77 0.06
N VAL H 2353 61.63 32.29 -0.05
CA VAL H 2353 62.55 31.81 -1.09
C VAL H 2353 62.82 30.33 -0.89
N VAL H 2354 63.10 29.93 0.36
CA VAL H 2354 63.40 28.53 0.64
C VAL H 2354 62.23 27.64 0.23
N ARG H 2355 61.01 28.05 0.62
CA ARG H 2355 59.84 27.23 0.35
C ARG H 2355 59.58 27.12 -1.14
N LEU H 2356 59.64 28.24 -1.86
CA LEU H 2356 59.44 28.23 -3.30
C LEU H 2356 60.48 27.36 -3.98
N LEU H 2357 61.73 27.45 -3.51
CA LEU H 2357 62.81 26.71 -4.14
C LEU H 2357 62.67 25.22 -3.92
N ILE H 2358 62.27 24.80 -2.73
CA ILE H 2358 62.04 23.37 -2.52
C ILE H 2358 60.83 22.89 -3.30
N ARG H 2359 59.80 23.73 -3.43
CA ARG H 2359 58.63 23.32 -4.20
C ARG H 2359 58.99 23.14 -5.67
N LYS H 2360 59.87 23.98 -6.18
CA LYS H 2360 60.46 23.79 -7.51
C LYS H 2360 61.92 23.41 -7.34
N PRO H 2361 62.24 22.14 -7.04
CA PRO H 2361 63.63 21.77 -6.75
C PRO H 2361 64.54 21.70 -7.96
N GLU H 2362 63.99 21.73 -9.18
CA GLU H 2362 64.83 21.79 -10.37
C GLU H 2362 65.68 23.06 -10.41
N CYS H 2363 65.29 24.09 -9.65
CA CYS H 2363 66.12 25.27 -9.50
C CYS H 2363 67.45 24.95 -8.83
N PHE H 2364 67.48 23.94 -7.96
CA PHE H 2364 68.72 23.59 -7.28
C PHE H 2364 69.77 23.11 -8.26
N GLY H 2365 69.36 22.54 -9.39
CA GLY H 2365 70.26 22.05 -10.39
C GLY H 2365 70.01 20.59 -10.69
N PRO H 2366 70.61 20.07 -11.77
CA PRO H 2366 70.57 18.62 -11.99
C PRO H 2366 71.21 17.86 -10.84
N ALA H 2367 72.19 18.48 -10.19
CA ALA H 2367 72.68 18.01 -8.90
C ALA H 2367 71.74 18.52 -7.82
N LEU H 2368 71.90 18.03 -6.59
CA LEU H 2368 71.00 18.40 -5.49
C LEU H 2368 69.57 18.02 -5.83
N ARG H 2369 69.40 17.16 -6.84
CA ARG H 2369 68.06 16.78 -7.26
CA ARG H 2369 68.07 16.77 -7.27
C ARG H 2369 67.41 15.82 -6.27
N GLY H 2370 68.19 14.89 -5.73
CA GLY H 2370 67.61 13.82 -4.92
C GLY H 2370 67.79 12.49 -5.64
N GLU H 2371 66.70 11.99 -6.22
CA GLU H 2371 66.79 10.76 -7.00
C GLU H 2371 67.71 10.96 -8.21
N GLY H 2372 68.64 10.02 -8.38
CA GLY H 2372 69.52 10.06 -9.55
C GLY H 2372 70.28 11.36 -9.67
N GLY H 2373 70.71 11.92 -8.54
CA GLY H 2373 71.37 13.21 -8.54
C GLY H 2373 72.74 13.20 -7.90
N SER H 2374 73.76 13.55 -8.67
CA SER H 2374 75.10 13.66 -8.13
C SER H 2374 75.18 14.81 -7.15
N GLY H 2375 76.14 14.72 -6.23
CA GLY H 2375 76.32 15.73 -5.23
C GLY H 2375 76.99 16.97 -5.77
N LEU H 2376 76.98 18.01 -4.94
CA LEU H 2376 77.60 19.27 -5.30
C LEU H 2376 79.09 19.10 -5.58
N LEU H 2377 79.78 18.32 -4.75
CA LEU H 2377 81.22 18.14 -4.93
C LEU H 2377 81.52 17.45 -6.25
N ALA H 2378 80.76 16.39 -6.57
CA ALA H 2378 80.93 15.72 -7.84
C ALA H 2378 80.61 16.65 -9.01
N ALA H 2379 79.60 17.52 -8.85
CA ALA H 2379 79.29 18.49 -9.88
C ALA H 2379 80.47 19.41 -10.13
N ILE H 2380 81.09 19.90 -9.05
CA ILE H 2380 82.25 20.79 -9.20
C ILE H 2380 83.40 20.07 -9.89
N GLU H 2381 83.65 18.83 -9.48
CA GLU H 2381 84.74 18.06 -10.09
C GLU H 2381 84.50 17.86 -11.59
N GLU H 2382 83.27 17.50 -11.95
CA GLU H 2382 82.94 17.30 -13.35
C GLU H 2382 83.05 18.62 -14.12
N ALA H 2383 82.69 19.73 -13.48
CA ALA H 2383 82.85 21.03 -14.12
C ALA H 2383 84.32 21.34 -14.39
N ILE H 2384 85.19 20.99 -13.45
CA ILE H 2384 86.63 21.19 -13.65
C ILE H 2384 87.13 20.35 -14.81
N ARG H 2385 86.70 19.08 -14.86
CA ARG H 2385 87.08 18.24 -15.99
C ARG H 2385 86.57 18.83 -17.31
N ILE H 2386 85.36 19.38 -17.29
CA ILE H 2386 84.81 20.02 -18.49
C ILE H 2386 85.71 21.18 -18.90
N SER H 2387 86.05 22.05 -17.94
CA SER H 2387 86.90 23.20 -18.24
C SER H 2387 88.20 22.74 -18.87
N GLU H 2388 88.77 21.65 -18.37
CA GLU H 2388 89.98 21.11 -19.00
C GLU H 2388 89.71 20.63 -20.42
N ASP H 2389 88.58 19.95 -20.62
CA ASP H 2389 88.27 19.33 -21.91
C ASP H 2389 87.46 20.29 -22.78
N PRO H 2390 87.99 20.80 -23.88
CA PRO H 2390 87.14 21.47 -24.86
C PRO H 2390 86.35 20.47 -25.67
N ALA H 2391 85.34 20.99 -26.38
CA ALA H 2391 84.28 20.25 -27.05
C ALA H 2391 83.26 19.77 -26.03
N ARG H 2392 83.53 19.95 -24.74
CA ARG H 2392 82.55 19.78 -23.68
C ARG H 2392 82.40 21.02 -22.82
N ASP H 2393 83.35 21.95 -22.89
CA ASP H 2393 83.23 23.26 -22.26
C ASP H 2393 82.75 24.33 -23.23
N GLY H 2394 82.96 24.13 -24.52
CA GLY H 2394 82.58 25.12 -25.51
C GLY H 2394 82.47 24.52 -26.90
N PRO H 2395 82.06 25.35 -27.87
CA PRO H 2395 81.86 24.83 -29.24
C PRO H 2395 83.10 24.16 -29.81
N GLY H 2396 84.28 24.74 -29.58
CA GLY H 2396 85.51 24.14 -30.07
C GLY H 2396 85.53 23.90 -31.56
N VAL H 2397 85.05 24.87 -32.34
CA VAL H 2397 85.03 24.82 -33.80
C VAL H 2397 86.07 23.87 -34.38
N PRO H 2410 87.69 34.05 -29.29
CA PRO H 2410 86.49 34.89 -29.27
C PRO H 2410 86.80 36.39 -29.44
N PRO H 2411 86.16 37.06 -30.39
CA PRO H 2411 86.36 38.51 -30.50
C PRO H 2411 85.89 39.26 -29.27
N GLU H 2412 84.70 38.94 -28.77
CA GLU H 2412 84.16 39.61 -27.59
C GLU H 2412 84.98 39.31 -26.34
N GLU H 2413 85.64 38.16 -26.28
CA GLU H 2413 86.42 37.68 -25.14
C GLU H 2413 85.55 37.38 -23.93
N ASN H 2414 84.23 37.53 -24.04
CA ASN H 2414 83.29 37.12 -23.00
C ASN H 2414 82.73 35.72 -23.26
N ARG H 2415 83.33 34.98 -24.19
CA ARG H 2415 82.82 33.67 -24.59
C ARG H 2415 82.60 32.80 -23.36
N VAL H 2416 81.41 32.20 -23.28
CA VAL H 2416 80.98 31.51 -22.08
C VAL H 2416 81.76 30.21 -21.92
N HIS H 2417 82.15 29.91 -20.69
CA HIS H 2417 82.81 28.66 -20.35
C HIS H 2417 81.89 27.89 -19.41
N LEU H 2418 81.46 26.70 -19.87
CA LEU H 2418 80.39 25.98 -19.18
C LEU H 2418 80.80 25.55 -17.78
N GLY H 2419 82.05 25.14 -17.60
CA GLY H 2419 82.50 24.74 -16.28
C GLY H 2419 82.41 25.89 -15.29
N HIS H 2420 82.92 27.05 -15.69
CA HIS H 2420 82.82 28.24 -14.84
C HIS H 2420 81.37 28.61 -14.58
N ALA H 2421 80.54 28.50 -15.61
CA ALA H 2421 79.12 28.81 -15.44
C ALA H 2421 78.48 27.91 -14.40
N ILE H 2422 78.76 26.62 -14.45
CA ILE H 2422 78.18 25.67 -13.50
C ILE H 2422 78.68 25.97 -12.08
N MET H 2423 80.00 26.14 -11.95
CA MET H 2423 80.56 26.43 -10.64
C MET H 2423 79.98 27.71 -10.05
N SER H 2424 79.82 28.75 -10.86
CA SER H 2424 79.26 30.01 -10.41
C SER H 2424 77.78 29.89 -10.05
N PHE H 2425 77.01 29.13 -10.84
CA PHE H 2425 75.62 28.86 -10.46
C PHE H 2425 75.54 28.23 -9.09
N TYR H 2426 76.32 27.17 -8.86
CA TYR H 2426 76.26 26.49 -7.57
C TYR H 2426 76.77 27.37 -6.44
N ALA H 2427 77.81 28.15 -6.68
CA ALA H 2427 78.31 29.07 -5.66
C ALA H 2427 77.26 30.11 -5.31
N ALA H 2428 76.57 30.66 -6.31
CA ALA H 2428 75.52 31.62 -6.06
C ALA H 2428 74.39 30.99 -5.26
N LEU H 2429 74.02 29.76 -5.60
CA LEU H 2429 72.97 29.06 -4.85
C LEU H 2429 73.37 28.91 -3.39
N ILE H 2430 74.60 28.44 -3.15
CA ILE H 2430 75.06 28.24 -1.77
C ILE H 2430 75.11 29.56 -1.03
N ASP H 2431 75.58 30.62 -1.68
CA ASP H 2431 75.62 31.93 -1.04
C ASP H 2431 74.22 32.38 -0.66
N LEU H 2432 73.26 32.22 -1.58
CA LEU H 2432 71.90 32.64 -1.30
C LEU H 2432 71.31 31.86 -0.13
N LEU H 2433 71.55 30.55 -0.09
CA LEU H 2433 71.04 29.74 1.02
C LEU H 2433 71.67 30.18 2.34
N GLY H 2434 73.00 30.38 2.35
CA GLY H 2434 73.63 30.86 3.56
C GLY H 2434 73.08 32.20 4.02
N ARG H 2435 72.78 33.08 3.06
CA ARG H 2435 72.23 34.38 3.40
C ARG H 2435 70.81 34.26 3.94
N CYS H 2436 70.03 33.32 3.39
CA CYS H 2436 68.72 33.03 3.93
C CYS H 2436 68.80 32.42 5.32
N ALA H 2437 69.96 31.86 5.66
CA ALA H 2437 70.11 31.18 6.94
C ALA H 2437 69.75 32.14 8.08
N PRO H 2438 69.14 31.64 9.15
CA PRO H 2438 68.78 32.52 10.27
C PRO H 2438 70.00 33.14 10.93
N GLU H 2439 69.80 34.33 11.51
CA GLU H 2439 70.79 34.91 12.40
C GLU H 2439 70.77 34.16 13.74
N MET H 2440 71.92 34.13 14.41
CA MET H 2440 72.08 33.28 15.58
C MET H 2440 71.12 33.66 16.69
N HIS H 2441 70.96 34.96 16.95
CA HIS H 2441 70.20 35.39 18.12
C HIS H 2441 68.81 34.75 18.13
N LEU H 2442 68.22 34.55 16.94
CA LEU H 2442 66.98 33.79 16.86
C LEU H 2442 67.19 32.35 17.31
N ILE H 2443 68.32 31.75 16.93
CA ILE H 2443 68.58 30.36 17.29
C ILE H 2443 68.68 30.21 18.81
N GLN H 2444 69.41 31.13 19.45
CA GLN H 2444 69.45 31.12 20.91
C GLN H 2444 68.06 31.35 21.50
N ALA H 2445 67.28 32.24 20.88
CA ALA H 2445 65.89 32.42 21.31
C ALA H 2445 65.07 31.15 21.12
N GLY H 2446 65.55 30.23 20.30
CA GLY H 2446 64.82 28.98 20.07
C GLY H 2446 63.59 29.13 19.22
N LYS H 2447 63.64 29.97 18.18
CA LYS H 2447 62.49 30.16 17.31
C LYS H 2447 62.34 28.98 16.36
N GLY H 2448 61.16 28.38 16.38
CA GLY H 2448 60.94 27.15 15.63
C GLY H 2448 61.11 27.34 14.14
N GLU H 2449 60.64 28.46 13.59
CA GLU H 2449 60.80 28.71 12.17
C GLU H 2449 62.27 28.78 11.79
N ALA H 2450 63.07 29.47 12.60
CA ALA H 2450 64.51 29.57 12.32
C ALA H 2450 65.16 28.19 12.35
N LEU H 2451 64.83 27.40 13.39
CA LEU H 2451 65.43 26.07 13.48
C LEU H 2451 65.03 25.20 12.29
N ARG H 2452 63.76 25.28 11.89
CA ARG H 2452 63.29 24.48 10.76
C ARG H 2452 64.01 24.88 9.47
N ILE H 2453 64.17 26.18 9.24
CA ILE H 2453 64.88 26.65 8.05
C ILE H 2453 66.32 26.15 8.05
N ARG H 2454 66.98 26.26 9.20
CA ARG H 2454 68.37 25.82 9.27
C ARG H 2454 68.49 24.33 9.02
N ALA H 2455 67.58 23.53 9.59
CA ALA H 2455 67.61 22.09 9.36
C ALA H 2455 67.41 21.78 7.88
N ILE H 2456 66.49 22.49 7.23
CA ILE H 2456 66.28 22.28 5.80
C ILE H 2456 67.55 22.57 5.02
N LEU H 2457 68.22 23.69 5.34
CA LEU H 2457 69.43 24.05 4.63
C LEU H 2457 70.52 23.00 4.83
N ARG H 2458 70.68 22.53 6.06
CA ARG H 2458 71.67 21.50 6.34
C ARG H 2458 71.36 20.22 5.58
N SER H 2459 70.09 19.82 5.53
CA SER H 2459 69.71 18.65 4.78
C SER H 2459 70.06 18.82 3.30
N LEU H 2460 69.81 20.02 2.76
CA LEU H 2460 70.13 20.26 1.35
C LEU H 2460 71.63 20.13 1.11
N VAL H 2461 72.45 20.79 1.92
CA VAL H 2461 73.88 20.88 1.67
C VAL H 2461 74.62 20.18 2.80
N PRO H 2462 75.23 19.02 2.56
CA PRO H 2462 76.03 18.38 3.60
C PRO H 2462 77.38 19.07 3.77
N LEU H 2463 77.95 18.91 4.96
CA LEU H 2463 79.16 19.64 5.32
C LEU H 2463 80.39 19.08 4.62
N ASP H 2464 80.46 17.75 4.49
CA ASP H 2464 81.60 17.11 3.84
C ASP H 2464 81.83 17.67 2.44
N ASP H 2465 80.75 17.94 1.71
CA ASP H 2465 80.89 18.49 0.37
C ASP H 2465 81.47 19.90 0.41
N LEU H 2466 81.01 20.72 1.36
CA LEU H 2466 81.58 22.05 1.53
C LEU H 2466 83.08 21.97 1.78
N VAL H 2467 83.47 21.06 2.68
CA VAL H 2467 84.89 20.92 3.01
C VAL H 2467 85.68 20.43 1.81
N GLY H 2468 85.10 19.51 1.03
CA GLY H 2468 85.78 19.04 -0.16
C GLY H 2468 86.01 20.14 -1.17
N ILE H 2469 85.00 20.99 -1.38
CA ILE H 2469 85.15 22.10 -2.32
C ILE H 2469 86.20 23.07 -1.81
N ILE H 2470 86.17 23.37 -0.51
CA ILE H 2470 87.17 24.27 0.05
C ILE H 2470 88.57 23.68 -0.09
N SER H 2471 88.68 22.35 -0.01
CA SER H 2471 89.96 21.68 -0.16
C SER H 2471 90.38 21.53 -1.61
N LEU H 2472 89.46 21.73 -2.55
CA LEU H 2472 89.80 21.56 -3.95
C LEU H 2472 90.96 22.50 -4.32
N PRO H 2473 91.99 21.99 -4.99
CA PRO H 2473 93.12 22.85 -5.35
C PRO H 2473 92.73 23.90 -6.38
N LEU H 2474 93.43 25.02 -6.33
CA LEU H 2474 93.25 26.12 -7.28
C LEU H 2474 94.57 26.30 -8.02
N GLN H 2475 94.50 26.36 -9.34
CA GLN H 2475 95.73 26.48 -10.11
C GLN H 2475 96.43 27.78 -9.72
N ILE H 2476 97.76 27.75 -9.70
CA ILE H 2476 98.58 28.84 -9.20
C ILE H 2476 99.46 29.32 -10.35
N PRO H 2477 99.62 30.62 -10.56
CA PRO H 2477 100.52 31.09 -11.61
C PRO H 2477 101.93 30.55 -11.40
N THR H 2478 102.57 30.16 -12.49
CA THR H 2478 103.94 29.66 -12.45
C THR H 2478 104.75 30.37 -13.52
N LEU H 2479 106.07 30.40 -13.32
CA LEU H 2479 107.00 30.98 -14.27
C LEU H 2479 107.81 29.86 -14.89
N GLY H 2480 107.70 29.68 -16.21
CA GLY H 2480 108.32 28.55 -16.86
C GLY H 2480 108.69 28.83 -18.30
N LYS H 2481 109.56 27.96 -18.82
CA LYS H 2481 109.85 27.90 -20.24
C LYS H 2481 110.24 29.24 -20.84
N ASP H 2482 111.41 29.75 -20.46
CA ASP H 2482 112.03 31.04 -20.83
C ASP H 2482 111.57 32.19 -19.93
N GLY H 2483 110.92 31.91 -18.81
CA GLY H 2483 110.37 32.97 -18.00
C GLY H 2483 109.06 33.51 -18.49
N ALA H 2484 108.24 32.69 -19.16
CA ALA H 2484 106.89 33.09 -19.47
C ALA H 2484 105.96 32.70 -18.33
N LEU H 2485 105.00 33.58 -18.05
CA LEU H 2485 104.01 33.28 -17.03
C LEU H 2485 102.92 32.37 -17.57
N VAL H 2486 102.81 31.17 -17.00
CA VAL H 2486 101.65 30.33 -17.17
C VAL H 2486 100.66 30.74 -16.09
N GLN H 2487 99.49 31.22 -16.52
CA GLN H 2487 98.59 31.92 -15.63
C GLN H 2487 97.15 31.45 -15.87
N PRO H 2488 96.36 31.24 -14.81
CA PRO H 2488 95.00 30.74 -15.00
C PRO H 2488 94.10 31.78 -15.64
N LYS H 2489 93.06 31.28 -16.30
CA LYS H 2489 92.04 32.12 -16.90
C LYS H 2489 90.80 32.10 -16.00
N MET H 2490 90.42 33.28 -15.49
CA MET H 2490 89.32 33.36 -14.55
C MET H 2490 88.01 32.87 -15.18
N SER H 2491 87.72 33.31 -16.39
CA SER H 2491 86.42 33.05 -17.00
C SER H 2491 86.18 31.58 -17.27
N ALA H 2492 87.21 30.74 -17.20
CA ALA H 2492 87.11 29.33 -17.55
C ALA H 2492 87.62 28.41 -16.46
N SER H 2493 87.85 28.91 -15.26
CA SER H 2493 88.54 28.14 -14.23
C SER H 2493 87.85 28.29 -12.87
N PHE H 2494 88.16 27.35 -11.99
CA PHE H 2494 87.70 27.39 -10.61
C PHE H 2494 88.40 28.54 -9.89
N VAL H 2495 87.63 29.28 -9.08
CA VAL H 2495 88.12 30.54 -8.52
C VAL H 2495 87.78 30.58 -7.03
N PRO H 2496 88.47 31.43 -6.27
CA PRO H 2496 88.22 31.50 -4.82
C PRO H 2496 86.83 31.99 -4.43
N ASP H 2497 86.11 32.71 -5.30
CA ASP H 2497 84.77 33.15 -4.95
C ASP H 2497 83.84 31.96 -4.76
N HIS H 2498 84.02 30.93 -5.60
CA HIS H 2498 83.28 29.69 -5.43
C HIS H 2498 83.48 29.14 -4.03
N LYS H 2499 84.70 29.24 -3.50
CA LYS H 2499 85.01 28.80 -2.15
C LYS H 2499 84.39 29.72 -1.12
N ALA H 2500 84.39 31.03 -1.39
CA ALA H 2500 83.87 32.00 -0.45
C ALA H 2500 82.39 31.77 -0.19
N SER H 2501 81.64 31.43 -1.24
CA SER H 2501 80.23 31.12 -1.04
C SER H 2501 80.06 29.96 -0.06
N MET H 2502 80.86 28.91 -0.23
CA MET H 2502 80.77 27.75 0.64
C MET H 2502 81.13 28.13 2.07
N VAL H 2503 82.15 28.97 2.23
CA VAL H 2503 82.55 29.41 3.56
C VAL H 2503 81.42 30.16 4.24
N LEU H 2504 80.75 31.05 3.49
CA LEU H 2504 79.63 31.78 4.07
C LEU H 2504 78.52 30.82 4.49
N PHE H 2505 78.20 29.86 3.64
CA PHE H 2505 77.20 28.87 4.01
C PHE H 2505 77.58 28.15 5.29
N LEU H 2506 78.82 27.66 5.37
CA LEU H 2506 79.28 26.94 6.54
C LEU H 2506 79.14 27.79 7.80
N ASP H 2507 79.61 29.04 7.72
CA ASP H 2507 79.59 29.90 8.90
C ASP H 2507 78.16 30.18 9.35
N ARG H 2508 77.28 30.49 8.41
CA ARG H 2508 75.94 30.94 8.78
C ARG H 2508 75.04 29.79 9.19
N VAL H 2509 75.23 28.60 8.60
CA VAL H 2509 74.33 27.48 8.81
C VAL H 2509 74.91 26.51 9.83
N TYR H 2510 76.04 25.89 9.50
CA TYR H 2510 76.58 24.85 10.36
C TYR H 2510 77.33 25.46 11.54
N GLY H 2511 78.18 26.45 11.27
CA GLY H 2511 78.99 27.04 12.30
C GLY H 2511 80.17 26.17 12.69
N ILE H 2512 81.19 26.81 13.25
CA ILE H 2512 82.36 26.11 13.74
C ILE H 2512 82.41 26.25 15.26
N GLU H 2513 82.03 25.19 15.96
CA GLU H 2513 81.96 25.20 17.41
C GLU H 2513 82.96 24.26 18.06
N ASN H 2514 83.68 23.45 17.29
CA ASN H 2514 84.58 22.45 17.85
C ASN H 2514 85.98 22.60 17.27
N GLN H 2515 86.95 22.49 18.17
CA GLN H 2515 88.35 22.67 17.82
C GLN H 2515 88.80 21.66 16.77
N ASP H 2516 88.35 20.42 16.90
CA ASP H 2516 88.79 19.38 15.97
C ASP H 2516 88.36 19.73 14.55
N PHE H 2517 87.11 20.15 14.36
CA PHE H 2517 86.66 20.55 13.03
C PHE H 2517 87.39 21.78 12.53
N LEU H 2518 87.61 22.75 13.41
CA LEU H 2518 88.37 23.93 13.00
C LEU H 2518 89.74 23.54 12.46
N LEU H 2519 90.45 22.70 13.20
CA LEU H 2519 91.78 22.27 12.79
C LEU H 2519 91.71 21.46 11.50
N HIS H 2520 90.67 20.64 11.35
CA HIS H 2520 90.50 19.87 10.13
C HIS H 2520 90.37 20.77 8.92
N VAL H 2521 89.53 21.80 9.02
CA VAL H 2521 89.37 22.75 7.92
C VAL H 2521 90.70 23.44 7.63
N LEU H 2522 91.41 23.84 8.69
CA LEU H 2522 92.69 24.51 8.49
C LEU H 2522 93.67 23.63 7.73
N ASP H 2523 93.77 22.36 8.12
CA ASP H 2523 94.77 21.50 7.52
C ASP H 2523 94.38 21.07 6.12
N VAL H 2524 93.08 21.06 5.82
CA VAL H 2524 92.66 20.62 4.48
C VAL H 2524 92.60 21.79 3.50
N GLY H 2525 91.78 22.79 3.75
CA GLY H 2525 91.50 23.79 2.71
C GLY H 2525 92.09 25.17 2.88
N PHE H 2526 92.02 25.72 4.10
CA PHE H 2526 92.35 27.13 4.30
C PHE H 2526 93.86 27.37 4.23
N LEU H 2527 94.59 26.70 5.10
CA LEU H 2527 96.02 26.93 5.28
C LEU H 2527 96.76 26.75 3.96
N PRO H 2528 96.45 25.72 3.16
CA PRO H 2528 97.12 25.59 1.85
C PRO H 2528 96.94 26.83 0.98
N ASP H 2529 95.72 27.37 0.95
CA ASP H 2529 95.47 28.55 0.14
C ASP H 2529 96.20 29.77 0.68
N MET H 2530 96.28 29.92 2.00
CA MET H 2530 97.05 31.02 2.57
C MET H 2530 98.53 30.88 2.21
N ARG H 2531 99.07 29.65 2.28
CA ARG H 2531 100.44 29.43 1.88
C ARG H 2531 100.65 29.80 0.42
N ALA H 2532 99.70 29.44 -0.44
CA ALA H 2532 99.81 29.76 -1.87
C ALA H 2532 99.78 31.27 -2.10
N ALA H 2533 98.89 31.99 -1.40
CA ALA H 2533 98.82 33.44 -1.57
C ALA H 2533 100.13 34.07 -1.16
N ALA H 2534 100.66 33.64 -0.03
CA ALA H 2534 101.91 34.21 0.47
C ALA H 2534 103.07 33.88 -0.47
N SER H 2535 103.08 32.66 -1.03
CA SER H 2535 104.06 32.31 -2.05
C SER H 2535 103.95 33.22 -3.27
N LEU H 2536 102.73 33.56 -3.66
CA LEU H 2536 102.48 34.45 -4.79
C LEU H 2536 102.77 35.91 -4.44
N ASP H 2537 103.00 36.20 -3.16
CA ASP H 2537 103.37 37.55 -2.77
C ASP H 2537 104.78 37.88 -3.23
N THR H 2538 105.00 37.85 -4.54
CA THR H 2538 106.26 38.22 -5.16
C THR H 2538 106.01 39.28 -6.22
N ALA H 2539 107.05 40.03 -6.57
CA ALA H 2539 106.91 41.12 -7.53
C ALA H 2539 106.22 40.64 -8.80
N THR H 2540 106.67 39.49 -9.33
CA THR H 2540 106.08 38.97 -10.54
C THR H 2540 104.63 38.54 -10.33
N PHE H 2541 104.35 37.88 -9.21
CA PHE H 2541 103.08 37.21 -8.99
C PHE H 2541 102.12 38.01 -8.12
N SER H 2542 102.57 39.11 -7.52
CA SER H 2542 101.73 39.81 -6.54
C SER H 2542 100.47 40.35 -7.19
N THR H 2543 100.58 40.91 -8.39
CA THR H 2543 99.46 41.56 -9.06
C THR H 2543 98.65 40.60 -9.91
N THR H 2544 99.00 39.32 -9.93
CA THR H 2544 98.25 38.35 -10.72
C THR H 2544 96.81 38.28 -10.24
N GLU H 2545 95.89 38.09 -11.19
CA GLU H 2545 94.48 38.05 -10.85
C GLU H 2545 94.19 36.94 -9.85
N MET H 2546 94.90 35.81 -9.95
CA MET H 2546 94.70 34.75 -8.97
C MET H 2546 95.13 35.18 -7.58
N ALA H 2547 96.28 35.87 -7.48
CA ALA H 2547 96.73 36.34 -6.17
C ALA H 2547 95.74 37.32 -5.58
N LEU H 2548 95.23 38.24 -6.41
CA LEU H 2548 94.24 39.19 -5.93
C LEU H 2548 92.97 38.48 -5.46
N ALA H 2549 92.52 37.49 -6.24
CA ALA H 2549 91.32 36.75 -5.86
C ALA H 2549 91.54 35.98 -4.56
N LEU H 2550 92.72 35.40 -4.38
CA LEU H 2550 93.03 34.70 -3.13
C LEU H 2550 93.02 35.67 -1.96
N ASN H 2551 93.61 36.84 -2.13
CA ASN H 2551 93.61 37.81 -1.03
C ASN H 2551 92.20 38.23 -0.68
N ARG H 2552 91.37 38.49 -1.70
CA ARG H 2552 89.97 38.83 -1.43
C ARG H 2552 89.26 37.70 -0.71
N TYR H 2553 89.39 36.47 -1.22
CA TYR H 2553 88.75 35.33 -0.60
C TYR H 2553 89.15 35.22 0.87
N LEU H 2554 90.46 35.26 1.14
CA LEU H 2554 90.94 35.18 2.51
C LEU H 2554 90.32 36.27 3.36
N CYS H 2555 90.61 37.53 3.05
CA CYS H 2555 90.17 38.63 3.91
C CYS H 2555 88.66 38.63 4.11
N LEU H 2556 87.90 38.31 3.06
CA LEU H 2556 86.44 38.42 3.15
C LEU H 2556 85.83 37.27 3.95
N ALA H 2557 86.32 36.04 3.75
CA ALA H 2557 85.67 34.86 4.33
C ALA H 2557 86.51 34.19 5.40
N VAL H 2558 87.77 33.87 5.10
CA VAL H 2558 88.53 32.97 5.97
C VAL H 2558 88.97 33.69 7.23
N LEU H 2559 89.78 34.74 7.07
CA LEU H 2559 90.41 35.36 8.23
C LEU H 2559 89.41 35.85 9.26
N PRO H 2560 88.30 36.48 8.89
CA PRO H 2560 87.29 36.81 9.91
C PRO H 2560 86.81 35.58 10.66
N LEU H 2561 86.65 34.46 9.96
CA LEU H 2561 86.19 33.23 10.60
C LEU H 2561 87.21 32.73 11.62
N ILE H 2562 88.49 32.76 11.27
CA ILE H 2562 89.52 32.34 12.19
C ILE H 2562 89.57 33.29 13.39
N THR H 2563 89.42 34.58 13.14
CA THR H 2563 89.37 35.54 14.24
C THR H 2563 88.23 35.23 15.19
N LYS H 2564 87.06 34.93 14.65
CA LYS H 2564 85.90 34.62 15.49
C LYS H 2564 86.10 33.32 16.26
N CYS H 2565 86.70 32.32 15.62
CA CYS H 2565 86.94 31.02 16.23
C CYS H 2565 88.28 30.96 16.97
N ALA H 2566 88.91 32.11 17.20
CA ALA H 2566 90.23 32.12 17.83
C ALA H 2566 90.25 31.43 19.19
N PRO H 2567 89.29 31.64 20.09
CA PRO H 2567 89.36 31.01 21.42
C PRO H 2567 89.59 29.52 21.36
N LEU H 2568 89.07 28.88 20.32
CA LEU H 2568 89.21 27.43 20.17
C LEU H 2568 90.65 27.00 20.00
N PHE H 2569 91.56 27.94 19.70
CA PHE H 2569 92.98 27.63 19.53
C PHE H 2569 93.71 27.51 20.85
N ALA H 2570 93.02 27.68 21.98
CA ALA H 2570 93.69 27.77 23.26
C ALA H 2570 94.48 26.51 23.59
N GLY H 2571 93.87 25.34 23.41
CA GLY H 2571 94.45 24.08 23.82
C GLY H 2571 95.16 23.30 22.74
N THR H 2572 95.56 23.93 21.64
CA THR H 2572 96.18 23.22 20.52
C THR H 2572 97.68 23.05 20.75
N GLU H 2573 98.02 22.38 21.86
CA GLU H 2573 99.40 21.99 22.12
C GLU H 2573 99.79 20.73 21.37
N HIS H 2574 98.83 20.05 20.74
CA HIS H 2574 99.13 18.81 20.03
C HIS H 2574 99.27 19.05 18.53
N ARG H 2575 98.75 20.18 18.05
CA ARG H 2575 98.95 20.60 16.66
C ARG H 2575 99.79 21.86 16.56
N ALA H 2576 100.85 21.94 17.36
CA ALA H 2576 101.72 23.11 17.39
C ALA H 2576 102.31 23.40 16.03
N ILE H 2577 102.62 22.35 15.28
CA ILE H 2577 103.22 22.55 13.96
C ILE H 2577 102.28 23.32 13.07
N MET H 2578 101.01 22.90 13.03
CA MET H 2578 100.03 23.58 12.19
C MET H 2578 99.77 24.99 12.69
N VAL H 2579 99.67 25.16 14.01
CA VAL H 2579 99.41 26.49 14.54
C VAL H 2579 100.55 27.45 14.19
N ASP H 2580 101.80 27.00 14.35
CA ASP H 2580 102.95 27.84 14.03
C ASP H 2580 102.99 28.15 12.53
N SER H 2581 102.68 27.15 11.69
CA SER H 2581 102.65 27.39 10.25
C SER H 2581 101.61 28.45 9.91
N MET H 2582 100.43 28.35 10.52
CA MET H 2582 99.37 29.32 10.25
C MET H 2582 99.78 30.72 10.72
N LEU H 2583 100.40 30.81 11.90
CA LEU H 2583 100.86 32.11 12.39
C LEU H 2583 101.88 32.72 11.43
N HIS H 2584 102.82 31.90 10.97
CA HIS H 2584 103.82 32.39 10.02
CA HIS H 2584 103.82 32.39 10.02
C HIS H 2584 103.17 32.83 8.72
N THR H 2585 102.20 32.05 8.22
CA THR H 2585 101.53 32.42 6.97
C THR H 2585 100.82 33.76 7.12
N VAL H 2586 100.10 33.95 8.23
CA VAL H 2586 99.38 35.20 8.41
C VAL H 2586 100.33 36.38 8.55
N TYR H 2587 101.44 36.21 9.28
CA TYR H 2587 102.41 37.30 9.39
C TYR H 2587 103.04 37.63 8.04
N ARG H 2588 103.40 36.61 7.27
CA ARG H 2588 104.02 36.84 5.97
C ARG H 2588 103.03 37.53 5.03
N LEU H 2589 101.76 37.16 5.10
CA LEU H 2589 100.74 37.84 4.31
C LEU H 2589 100.57 39.29 4.77
N SER H 2590 100.66 39.53 6.07
CA SER H 2590 100.63 40.90 6.57
C SER H 2590 101.74 41.72 5.93
N ARG H 2591 102.94 41.15 5.84
CA ARG H 2591 104.03 41.78 5.09
C ARG H 2591 103.89 41.45 3.61
N GLY H 2592 102.83 42.02 3.01
CA GLY H 2592 102.52 41.73 1.63
C GLY H 2592 102.30 42.96 0.76
N ARG H 2593 102.97 43.00 -0.38
CA ARG H 2593 102.73 44.04 -1.37
C ARG H 2593 101.43 43.79 -2.12
N SER H 2594 100.97 44.80 -2.85
CA SER H 2594 99.70 44.75 -3.56
C SER H 2594 98.53 44.53 -2.61
N LEU H 2595 98.71 44.85 -1.33
CA LEU H 2595 97.76 44.53 -0.29
C LEU H 2595 97.15 45.83 0.24
N THR H 2596 95.82 45.92 0.20
CA THR H 2596 95.15 47.14 0.60
C THR H 2596 95.16 47.30 2.12
N LYS H 2597 94.81 48.50 2.56
CA LYS H 2597 94.81 48.81 3.99
C LYS H 2597 93.78 47.95 4.74
N ALA H 2598 92.59 47.79 4.16
CA ALA H 2598 91.56 47.00 4.80
C ALA H 2598 91.99 45.55 4.95
N GLN H 2599 92.56 44.98 3.88
CA GLN H 2599 93.07 43.61 3.93
C GLN H 2599 94.15 43.47 4.98
N ARG H 2600 95.08 44.43 5.02
CA ARG H 2600 96.14 44.40 6.01
C ARG H 2600 95.57 44.45 7.43
N ASP H 2601 94.58 45.32 7.65
CA ASP H 2601 93.98 45.43 8.97
C ASP H 2601 93.30 44.12 9.37
N VAL H 2602 92.64 43.47 8.42
CA VAL H 2602 92.00 42.19 8.70
C VAL H 2602 93.05 41.16 9.12
N ILE H 2603 94.15 41.10 8.37
CA ILE H 2603 95.21 40.16 8.70
C ILE H 2603 95.77 40.44 10.08
N GLU H 2604 96.00 41.73 10.38
CA GLU H 2604 96.56 42.11 11.67
C GLU H 2604 95.62 41.72 12.81
N ASP H 2605 94.32 41.96 12.64
CA ASP H 2605 93.36 41.58 13.67
C ASP H 2605 93.36 40.07 13.87
N CYS H 2606 93.41 39.30 12.79
CA CYS H 2606 93.45 37.85 12.93
C CYS H 2606 94.68 37.41 13.72
N LEU H 2607 95.84 37.97 13.37
CA LEU H 2607 97.07 37.58 14.07
C LEU H 2607 97.00 37.93 15.55
N MET H 2608 96.55 39.15 15.86
CA MET H 2608 96.34 39.52 17.26
C MET H 2608 95.45 38.52 17.97
N ALA H 2609 94.27 38.26 17.43
CA ALA H 2609 93.29 37.43 18.12
C ALA H 2609 93.85 36.05 18.36
N LEU H 2610 94.54 35.49 17.37
CA LEU H 2610 95.16 34.18 17.55
C LEU H 2610 96.20 34.23 18.66
N CYS H 2611 97.03 35.28 18.67
CA CYS H 2611 98.09 35.37 19.68
C CYS H 2611 97.50 35.42 21.08
N ARG H 2612 96.39 36.13 21.25
CA ARG H 2612 95.75 36.23 22.56
CA ARG H 2612 95.77 36.23 22.57
C ARG H 2612 95.45 34.86 23.16
N TYR H 2613 94.76 34.02 22.39
CA TYR H 2613 94.27 32.76 22.93
C TYR H 2613 95.33 31.68 22.88
N ILE H 2614 96.33 31.84 22.01
CA ILE H 2614 97.39 30.84 21.93
C ILE H 2614 98.29 30.93 23.15
N ARG H 2615 98.81 29.77 23.58
CA ARG H 2615 99.66 29.71 24.74
C ARG H 2615 101.00 30.41 24.46
N PRO H 2616 101.65 30.98 25.48
CA PRO H 2616 102.92 31.67 25.25
C PRO H 2616 104.00 30.76 24.69
N SER H 2617 104.07 29.51 25.15
CA SER H 2617 105.09 28.59 24.64
C SER H 2617 104.96 28.41 23.14
N MET H 2618 103.75 28.59 22.62
CA MET H 2618 103.47 28.29 21.22
C MET H 2618 104.07 29.35 20.31
N LEU H 2619 104.16 30.59 20.81
CA LEU H 2619 104.51 31.72 19.96
C LEU H 2619 106.02 31.86 19.78
N GLN H 2620 106.81 31.05 20.48
CA GLN H 2620 108.27 31.17 20.49
C GLN H 2620 108.85 31.45 19.10
N HIS H 2621 108.43 30.67 18.10
CA HIS H 2621 108.98 30.82 16.76
C HIS H 2621 108.62 32.18 16.16
N LEU H 2622 107.37 32.61 16.34
CA LEU H 2622 106.96 33.92 15.87
C LEU H 2622 107.76 35.02 16.55
N LEU H 2623 108.00 34.87 17.84
CA LEU H 2623 108.83 35.84 18.56
C LEU H 2623 110.24 35.87 17.98
N ARG H 2624 110.77 34.70 17.63
CA ARG H 2624 112.08 34.66 16.99
C ARG H 2624 112.08 35.46 15.70
N ARG H 2625 111.07 35.26 14.86
CA ARG H 2625 111.02 35.98 13.58
C ARG H 2625 110.89 37.48 13.80
N LEU H 2626 110.05 37.87 14.76
CA LEU H 2626 109.89 39.28 15.08
C LEU H 2626 111.18 39.90 15.59
N VAL H 2627 111.99 39.10 16.29
CA VAL H 2627 113.26 39.61 16.80
C VAL H 2627 114.15 40.07 15.65
N PHE H 2628 114.00 39.48 14.47
CA PHE H 2628 114.74 39.90 13.30
C PHE H 2628 114.00 40.97 12.49
N ASP H 2629 112.67 41.00 12.56
CA ASP H 2629 111.89 42.01 11.83
C ASP H 2629 111.85 43.37 12.51
N VAL H 2630 111.30 43.44 13.71
CA VAL H 2630 110.92 44.71 14.34
C VAL H 2630 112.08 45.68 14.46
N PRO H 2631 113.28 45.26 14.85
CA PRO H 2631 114.35 46.25 15.10
C PRO H 2631 114.65 47.15 13.92
N ILE H 2632 114.27 46.77 12.70
CA ILE H 2632 114.45 47.66 11.56
C ILE H 2632 113.66 48.95 11.76
N LEU H 2633 112.55 48.88 12.49
CA LEU H 2633 111.71 50.05 12.79
C LEU H 2633 111.15 50.69 11.52
N ASN H 2634 110.83 49.88 10.53
CA ASN H 2634 110.16 50.38 9.35
C ASN H 2634 108.65 50.38 9.55
N GLU H 2635 107.92 50.74 8.49
CA GLU H 2635 106.47 50.87 8.55
C GLU H 2635 105.82 49.56 9.00
N PHE H 2636 106.41 48.43 8.66
CA PHE H 2636 105.88 47.13 9.08
C PHE H 2636 106.06 46.88 10.57
N ALA H 2637 106.82 47.72 11.26
CA ALA H 2637 107.12 47.46 12.67
C ALA H 2637 106.03 47.93 13.61
N LYS H 2638 104.97 48.57 13.08
CA LYS H 2638 103.92 49.06 13.96
C LYS H 2638 103.13 47.90 14.56
N MET H 2639 102.42 47.14 13.74
CA MET H 2639 101.59 46.07 14.28
C MET H 2639 102.36 45.09 15.14
N PRO H 2640 103.53 44.58 14.74
CA PRO H 2640 104.25 43.64 15.61
C PRO H 2640 104.55 44.23 16.98
N LEU H 2641 104.82 45.53 17.06
CA LEU H 2641 105.07 46.16 18.36
C LEU H 2641 103.85 46.06 19.26
N LYS H 2642 102.67 46.34 18.73
CA LYS H 2642 101.44 46.23 19.51
C LYS H 2642 101.17 44.77 19.90
N LEU H 2643 101.41 43.85 18.96
CA LEU H 2643 101.30 42.43 19.26
C LEU H 2643 102.15 42.06 20.48
N LEU H 2644 103.44 42.43 20.43
CA LEU H 2644 104.35 42.12 21.52
C LEU H 2644 103.92 42.80 22.81
N THR H 2645 103.49 44.05 22.72
CA THR H 2645 103.04 44.78 23.89
C THR H 2645 101.94 44.01 24.59
N ASN H 2646 100.89 43.64 23.86
CA ASN H 2646 99.77 42.94 24.47
C ASN H 2646 100.18 41.57 24.98
N HIS H 2647 100.98 40.84 24.18
CA HIS H 2647 101.41 39.51 24.57
C HIS H 2647 102.15 39.53 25.89
N TYR H 2648 103.15 40.41 26.00
CA TYR H 2648 103.93 40.49 27.22
C TYR H 2648 103.13 41.06 28.39
N GLU H 2649 102.22 42.00 28.13
CA GLU H 2649 101.37 42.51 29.20
C GLU H 2649 100.56 41.39 29.83
N ARG H 2650 99.99 40.50 29.00
CA ARG H 2650 99.14 39.46 29.55
C ARG H 2650 99.95 38.29 30.08
N CYS H 2651 101.12 38.00 29.49
CA CYS H 2651 101.92 36.83 29.84
C CYS H 2651 103.17 37.20 30.63
N TRP H 2652 103.18 38.35 31.31
CA TRP H 2652 104.38 38.75 32.03
C TRP H 2652 104.70 37.78 33.16
N LYS H 2653 103.67 37.15 33.75
CA LYS H 2653 103.92 36.15 34.78
C LYS H 2653 104.68 34.96 34.23
N TYR H 2654 104.35 34.55 33.00
CA TYR H 2654 105.04 33.45 32.33
C TYR H 2654 106.55 33.66 32.32
N TYR H 2655 106.99 34.88 32.00
CA TYR H 2655 108.41 35.15 31.86
C TYR H 2655 109.03 35.56 33.19
N CYS H 2656 108.41 36.52 33.89
CA CYS H 2656 109.03 37.10 35.07
C CYS H 2656 109.08 36.11 36.22
N LEU H 2657 107.92 35.64 36.66
CA LEU H 2657 107.86 34.86 37.89
C LEU H 2657 108.55 33.52 37.70
N PRO H 2658 109.23 32.99 38.73
CA PRO H 2658 109.91 31.70 38.57
C PRO H 2658 108.94 30.55 38.48
N THR H 2659 107.89 30.61 39.30
CA THR H 2659 106.83 29.60 39.23
C THR H 2659 106.06 29.71 37.93
N GLY H 2660 105.92 30.91 37.39
CA GLY H 2660 105.31 31.13 36.10
C GLY H 2660 103.85 31.50 36.22
N TRP H 2661 103.15 31.35 35.10
CA TRP H 2661 101.73 31.62 35.02
C TRP H 2661 100.97 30.31 35.18
N ALA H 2662 99.89 30.36 35.96
CA ALA H 2662 99.13 29.14 36.25
C ALA H 2662 98.70 28.45 34.95
N ASN H 2663 98.96 27.16 34.87
CA ASN H 2663 98.49 26.31 33.78
C ASN H 2663 99.24 26.57 32.48
N PHE H 2664 100.18 27.53 32.49
CA PHE H 2664 100.94 27.83 31.28
C PHE H 2664 102.43 27.54 31.45
N GLY H 2665 102.86 27.20 32.65
CA GLY H 2665 104.26 26.90 32.87
C GLY H 2665 105.11 28.17 32.95
N VAL H 2666 106.41 27.98 32.69
CA VAL H 2666 107.39 29.05 32.79
C VAL H 2666 108.16 29.14 31.48
N THR H 2667 108.94 30.22 31.36
CA THR H 2667 109.74 30.45 30.17
C THR H 2667 110.91 29.46 30.11
N SER H 2668 111.33 29.16 28.88
CA SER H 2668 112.39 28.18 28.67
C SER H 2668 113.75 28.72 29.08
N GLU H 2669 114.06 29.95 28.67
CA GLU H 2669 115.38 30.59 28.75
C GLU H 2669 115.76 31.14 27.38
N GLU H 2670 115.58 30.33 26.34
CA GLU H 2670 115.75 30.83 24.98
C GLU H 2670 114.73 31.92 24.69
N GLU H 2671 113.50 31.76 25.20
CA GLU H 2671 112.50 32.81 25.06
C GLU H 2671 112.96 34.10 25.73
N LEU H 2672 113.59 33.99 26.90
CA LEU H 2672 114.08 35.16 27.61
C LEU H 2672 115.24 35.79 26.84
N HIS H 2673 116.09 34.97 26.23
CA HIS H 2673 117.18 35.47 25.39
C HIS H 2673 116.61 36.28 24.23
N LEU H 2674 115.58 35.75 23.57
CA LEU H 2674 114.92 36.47 22.48
C LEU H 2674 114.32 37.77 22.97
N THR H 2675 113.70 37.74 24.15
CA THR H 2675 113.09 38.94 24.71
C THR H 2675 114.14 40.01 24.96
N ARG H 2676 115.28 39.62 25.54
CA ARG H 2676 116.37 40.56 25.76
C ARG H 2676 116.86 41.15 24.45
N LYS H 2677 117.06 40.30 23.45
CA LYS H 2677 117.54 40.79 22.15
C LYS H 2677 116.55 41.77 21.55
N LEU H 2678 115.26 41.47 21.61
CA LEU H 2678 114.25 42.36 21.07
C LEU H 2678 114.25 43.69 21.79
N PHE H 2679 114.30 43.65 23.13
CA PHE H 2679 114.39 44.87 23.92
C PHE H 2679 115.54 45.74 23.44
N TRP H 2680 116.74 45.16 23.39
CA TRP H 2680 117.92 45.99 23.14
C TRP H 2680 117.99 46.43 21.68
N GLY H 2681 117.54 45.59 20.75
CA GLY H 2681 117.48 46.01 19.37
C GLY H 2681 116.56 47.20 19.17
N ILE H 2682 115.35 47.13 19.75
CA ILE H 2682 114.43 48.25 19.64
C ILE H 2682 115.02 49.49 20.30
N PHE H 2683 115.62 49.31 21.48
CA PHE H 2683 116.19 50.45 22.20
C PHE H 2683 117.25 51.15 21.35
N ASP H 2684 118.23 50.39 20.85
CA ASP H 2684 119.30 50.97 20.06
C ASP H 2684 118.76 51.61 18.78
N SER H 2685 117.87 50.90 18.08
CA SER H 2685 117.35 51.42 16.83
C SER H 2685 116.62 52.74 17.07
N LEU H 2686 115.76 52.78 18.09
CA LEU H 2686 115.03 54.02 18.37
C LEU H 2686 115.96 55.14 18.79
N ALA H 2687 117.02 54.82 19.55
CA ALA H 2687 117.97 55.85 19.92
C ALA H 2687 118.63 56.45 18.69
N HIS H 2688 119.00 55.62 17.72
CA HIS H 2688 119.69 56.14 16.54
C HIS H 2688 118.73 56.85 15.60
N LYS H 2689 117.49 56.37 15.50
CA LYS H 2689 116.54 56.95 14.55
C LYS H 2689 116.10 58.34 15.00
N LYS H 2690 115.65 59.12 14.03
CA LYS H 2690 115.13 60.46 14.29
C LYS H 2690 113.71 60.37 14.84
N TYR H 2691 113.30 61.44 15.51
CA TYR H 2691 111.98 61.46 16.13
C TYR H 2691 110.89 61.23 15.09
N ASP H 2692 109.96 60.33 15.42
CA ASP H 2692 108.79 60.08 14.59
C ASP H 2692 107.64 59.84 15.56
N GLN H 2693 106.77 60.83 15.71
CA GLN H 2693 105.76 60.82 16.76
C GLN H 2693 104.96 59.52 16.71
N GLU H 2694 104.69 59.02 15.49
CA GLU H 2694 104.00 57.74 15.35
C GLU H 2694 104.78 56.61 15.99
N LEU H 2695 106.06 56.47 15.63
CA LEU H 2695 106.85 55.35 16.13
C LEU H 2695 107.06 55.46 17.63
N TYR H 2696 107.36 56.67 18.12
CA TYR H 2696 107.54 56.87 19.55
C TYR H 2696 106.24 56.61 20.29
N ARG H 2697 105.09 56.87 19.67
CA ARG H 2697 103.83 56.56 20.33
C ARG H 2697 103.56 55.06 20.32
N MET H 2698 103.98 54.37 19.27
CA MET H 2698 103.77 52.92 19.22
C MET H 2698 104.67 52.23 20.22
N ALA H 2699 105.84 52.80 20.49
CA ALA H 2699 106.69 52.38 21.61
C ALA H 2699 106.48 53.26 22.83
N MET H 2700 105.33 53.92 22.93
CA MET H 2700 104.86 54.50 24.18
C MET H 2700 104.23 53.41 25.03
N PRO H 2701 103.47 52.47 24.45
CA PRO H 2701 103.32 51.17 25.11
C PRO H 2701 104.67 50.51 25.33
N CYS H 2702 105.65 50.92 24.52
CA CYS H 2702 107.07 50.90 24.86
C CYS H 2702 107.63 49.52 25.10
N LEU H 2703 108.92 49.49 25.39
CA LEU H 2703 109.63 48.31 25.82
C LEU H 2703 109.23 47.92 27.24
N CYS H 2704 108.19 48.55 27.77
CA CYS H 2704 107.87 48.44 29.19
C CYS H 2704 107.31 47.07 29.50
N ALA H 2705 106.44 46.55 28.62
CA ALA H 2705 105.92 45.20 28.79
C ALA H 2705 107.05 44.19 28.70
N ILE H 2706 107.97 44.39 27.75
CA ILE H 2706 109.10 43.48 27.59
C ILE H 2706 109.93 43.46 28.87
N ALA H 2707 110.22 44.65 29.40
CA ALA H 2707 111.05 44.74 30.60
C ALA H 2707 110.35 44.14 31.80
N GLY H 2708 109.06 44.42 31.97
CA GLY H 2708 108.31 43.84 33.07
C GLY H 2708 108.29 42.33 33.00
N ALA H 2709 108.12 41.78 31.80
CA ALA H 2709 108.16 40.33 31.64
C ALA H 2709 109.54 39.78 31.97
N LEU H 2710 110.59 40.46 31.52
CA LEU H 2710 111.95 40.00 31.81
C LEU H 2710 112.25 40.17 33.31
N PRO H 2711 112.78 39.13 33.95
CA PRO H 2711 113.26 39.31 35.32
C PRO H 2711 114.45 40.25 35.36
N PRO H 2712 114.56 41.09 36.39
CA PRO H 2712 115.77 41.91 36.52
C PRO H 2712 117.03 41.10 36.72
N ASP H 2713 116.91 39.89 37.27
CA ASP H 2713 118.06 39.05 37.56
C ASP H 2713 118.41 38.09 36.43
N TYR H 2714 117.66 38.11 35.33
CA TYR H 2714 117.95 37.23 34.21
C TYR H 2714 119.39 37.40 33.75
N VAL H 2715 120.12 36.29 33.68
CA VAL H 2715 121.50 36.27 33.20
C VAL H 2715 121.54 35.35 31.98
N ASP H 2716 121.94 35.90 30.84
CA ASP H 2716 121.93 35.14 29.60
C ASP H 2716 123.16 34.25 29.52
N ALA H 2717 122.96 32.99 29.13
CA ALA H 2717 124.07 32.05 29.05
C ALA H 2717 125.15 32.57 28.12
N SER H 2718 124.77 33.17 27.00
CA SER H 2718 125.70 33.73 26.03
C SER H 2718 125.65 35.25 26.12
N TYR H 2719 126.82 35.87 26.32
CA TYR H 2719 126.95 37.32 26.37
C TYR H 2719 128.06 37.73 25.41
N SER H 2720 127.65 38.21 24.23
CA SER H 2720 128.63 38.63 23.24
C SER H 2720 128.07 39.75 22.37
N SER H 2721 128.75 40.04 21.26
CA SER H 2721 128.31 41.06 20.32
C SER H 2721 127.85 40.41 19.04
N LYS H 2722 126.63 40.73 18.60
CA LYS H 2722 125.99 40.09 17.45
C LYS H 2722 126.82 40.27 16.18
N ALA H 2723 127.32 41.48 15.94
CA ALA H 2723 128.08 41.85 14.75
C ALA H 2723 127.40 41.36 13.47
N GLU H 2724 126.08 41.49 13.43
CA GLU H 2724 125.18 41.02 12.40
C GLU H 2724 124.33 42.18 11.89
N LYS H 2725 123.89 42.06 10.65
CA LYS H 2725 123.11 43.09 9.98
C LYS H 2725 121.65 43.05 10.42
N ASN H 2734 118.51 40.36 1.54
CA ASN H 2734 117.97 40.71 2.85
C ASN H 2734 118.86 40.28 4.01
N PHE H 2735 118.87 38.98 4.30
CA PHE H 2735 119.69 38.43 5.37
C PHE H 2735 120.74 37.51 4.75
N ASP H 2736 122.01 37.92 4.84
CA ASP H 2736 123.10 37.19 4.22
C ASP H 2736 124.05 36.63 5.27
N PRO H 2737 124.13 35.30 5.45
CA PRO H 2737 125.18 34.75 6.31
C PRO H 2737 126.49 34.61 5.56
N ARG H 2738 127.50 35.40 5.93
CA ARG H 2738 128.75 35.46 5.20
C ARG H 2738 129.89 35.08 6.14
N PRO H 2739 130.63 34.01 5.88
CA PRO H 2739 131.89 33.76 6.59
C PRO H 2739 133.03 34.51 5.89
N VAL H 2740 134.24 34.31 6.43
CA VAL H 2740 135.46 34.81 5.82
C VAL H 2740 136.33 33.61 5.48
N GLU H 2741 136.86 33.60 4.26
CA GLU H 2741 137.51 32.42 3.70
C GLU H 2741 138.77 32.82 2.97
N THR H 2742 139.86 32.12 3.26
CA THR H 2742 141.15 32.38 2.64
C THR H 2742 141.46 31.44 1.48
N LEU H 2743 140.44 30.79 0.90
CA LEU H 2743 140.68 29.84 -0.17
C LEU H 2743 141.44 30.47 -1.33
N ASN H 2744 141.17 31.74 -1.63
CA ASN H 2744 141.88 32.40 -2.72
C ASN H 2744 143.38 32.36 -2.49
N VAL H 2745 143.81 32.48 -1.23
CA VAL H 2745 145.22 32.42 -0.87
C VAL H 2745 145.64 30.95 -0.80
N ILE H 2746 146.94 30.69 -0.86
CA ILE H 2746 147.44 29.33 -0.70
C ILE H 2746 147.04 28.85 0.69
N ILE H 2747 147.01 27.53 0.87
CA ILE H 2747 146.70 26.92 2.15
C ILE H 2747 147.98 26.28 2.68
N PRO H 2748 148.30 26.40 3.97
CA PRO H 2748 149.54 25.79 4.48
C PRO H 2748 149.54 24.28 4.28
N GLU H 2749 150.73 23.73 4.00
CA GLU H 2749 150.87 22.28 3.91
C GLU H 2749 150.74 21.63 5.28
N LYS H 2750 151.23 22.31 6.32
CA LYS H 2750 150.99 21.81 7.67
C LYS H 2750 149.50 21.76 7.95
N LEU H 2751 148.76 22.74 7.43
CA LEU H 2751 147.31 22.75 7.61
C LEU H 2751 146.65 21.63 6.81
N ASP H 2752 147.16 21.34 5.61
CA ASP H 2752 146.66 20.20 4.85
C ASP H 2752 146.89 18.90 5.61
N SER H 2753 148.06 18.78 6.25
CA SER H 2753 148.31 17.63 7.11
C SER H 2753 147.30 17.57 8.25
N PHE H 2754 147.00 18.73 8.86
CA PHE H 2754 145.98 18.75 9.90
C PHE H 2754 144.63 18.27 9.39
N ILE H 2755 144.21 18.76 8.21
CA ILE H 2755 142.94 18.36 7.61
C ILE H 2755 142.93 16.86 7.38
N ASN H 2756 144.04 16.30 6.92
CA ASN H 2756 144.10 14.85 6.69
C ASN H 2756 143.98 14.09 8.00
N LYS H 2757 144.68 14.55 9.04
CA LYS H 2757 144.56 13.88 10.33
C LYS H 2757 143.13 13.95 10.84
N PHE H 2758 142.49 15.11 10.73
CA PHE H 2758 141.12 15.35 11.18
C PHE H 2758 140.13 14.50 10.40
N ALA H 2759 140.35 14.34 9.09
CA ALA H 2759 139.47 13.49 8.30
C ALA H 2759 139.64 12.02 8.66
N GLU H 2760 140.88 11.59 8.90
CA GLU H 2760 141.10 10.22 9.30
C GLU H 2760 140.45 9.93 10.65
N TYR H 2761 140.60 10.85 11.60
CA TYR H 2761 139.99 10.72 12.92
C TYR H 2761 138.48 10.88 12.86
N THR H 2762 137.97 11.59 11.84
CA THR H 2762 136.54 11.62 11.62
C THR H 2762 136.03 10.29 11.11
N HIS H 2763 136.79 9.64 10.22
CA HIS H 2763 136.46 8.28 9.82
C HIS H 2763 136.56 7.32 11.01
N GLU H 2764 137.45 7.62 11.96
CA GLU H 2764 137.57 6.85 13.19
C GLU H 2764 136.30 6.98 14.04
N LYS H 2765 135.85 8.22 14.28
CA LYS H 2765 134.54 8.41 14.92
C LYS H 2765 133.42 7.82 14.07
N TRP H 2766 133.62 7.69 12.76
CA TRP H 2766 132.59 7.12 11.89
C TRP H 2766 132.46 5.61 12.13
N ALA H 2767 133.59 4.92 12.24
CA ALA H 2767 133.56 3.52 12.63
C ALA H 2767 133.04 3.36 14.05
N PHE H 2768 133.41 4.28 14.94
CA PHE H 2768 132.84 4.31 16.28
C PHE H 2768 131.32 4.42 16.22
N ASP H 2769 130.81 5.26 15.33
CA ASP H 2769 129.37 5.46 15.18
C ASP H 2769 128.71 4.19 14.65
N LYS H 2770 129.38 3.49 13.73
CA LYS H 2770 128.86 2.21 13.28
C LYS H 2770 128.88 1.17 14.39
N ILE H 2771 129.85 1.24 15.29
CA ILE H 2771 129.92 0.33 16.43
C ILE H 2771 128.78 0.60 17.41
N GLN H 2772 128.39 1.86 17.57
CA GLN H 2772 127.22 2.22 18.38
C GLN H 2772 125.91 1.81 17.70
N ASN H 2773 125.76 2.10 16.40
CA ASN H 2773 124.55 1.76 15.66
C ASN H 2773 124.42 0.27 15.43
N ASN H 2774 125.53 -0.47 15.58
CA ASN H 2774 125.55 -1.93 15.64
C ASN H 2774 125.28 -2.58 14.30
N TRP H 2775 125.54 -1.86 13.21
CA TRP H 2775 125.43 -2.31 11.84
C TRP H 2775 126.80 -2.28 11.20
N SER H 2776 127.20 -3.41 10.64
CA SER H 2776 128.51 -3.52 10.02
C SER H 2776 128.54 -2.90 8.63
N TYR H 2777 129.74 -2.53 8.19
CA TYR H 2777 129.91 -2.13 6.79
C TYR H 2777 129.36 -3.21 5.88
N GLY H 2778 128.62 -2.78 4.85
CA GLY H 2778 128.04 -3.72 3.91
C GLY H 2778 128.57 -3.51 2.50
N GLU H 2779 129.35 -4.48 2.02
CA GLU H 2779 129.86 -4.38 0.65
C GLU H 2779 128.76 -4.65 -0.36
N ASN H 2780 127.68 -5.31 0.06
CA ASN H 2780 126.53 -5.52 -0.79
C ASN H 2780 125.48 -4.44 -0.53
N VAL H 2781 124.80 -4.04 -1.59
CA VAL H 2781 123.75 -3.02 -1.50
C VAL H 2781 122.48 -3.64 -0.91
N ASP H 2782 121.87 -2.93 0.02
CA ASP H 2782 120.65 -3.37 0.70
C ASP H 2782 119.86 -2.14 1.10
N GLU H 2783 118.56 -2.15 0.79
CA GLU H 2783 117.74 -0.95 0.77
C GLU H 2783 117.64 -0.28 2.12
N GLU H 2784 117.42 -1.05 3.19
CA GLU H 2784 117.15 -0.40 4.48
C GLU H 2784 118.44 0.13 5.11
N LEU H 2785 119.55 -0.59 4.95
CA LEU H 2785 120.85 0.01 5.24
C LEU H 2785 121.30 0.95 4.16
N LYS H 2786 120.74 0.80 2.95
CA LYS H 2786 121.03 1.69 1.83
C LYS H 2786 122.53 1.89 1.64
N THR H 2787 123.32 0.92 2.11
CA THR H 2787 124.78 0.98 2.06
C THR H 2787 125.23 0.76 0.63
N HIS H 2788 125.56 1.85 -0.05
CA HIS H 2788 126.10 1.74 -1.39
C HIS H 2788 127.35 0.85 -1.35
N PRO H 2789 127.53 -0.06 -2.32
CA PRO H 2789 128.69 -0.97 -2.23
C PRO H 2789 130.02 -0.27 -2.03
N MET H 2790 130.06 1.05 -2.19
CA MET H 2790 131.29 1.79 -1.98
C MET H 2790 131.82 1.58 -0.57
N LEU H 2791 130.98 1.10 0.34
CA LEU H 2791 131.45 0.82 1.68
C LEU H 2791 132.62 -0.15 1.62
N ARG H 2792 133.81 0.37 1.89
CA ARG H 2792 135.05 -0.36 1.76
C ARG H 2792 136.06 0.27 2.69
N PRO H 2793 136.72 -0.52 3.53
CA PRO H 2793 137.70 0.05 4.46
C PRO H 2793 138.63 1.04 3.77
N TYR H 2794 139.19 1.95 4.57
CA TYR H 2794 140.00 3.05 4.03
C TYR H 2794 141.04 2.56 3.04
N LYS H 2795 141.41 1.28 3.13
CA LYS H 2795 142.40 0.66 2.26
C LYS H 2795 142.01 0.73 0.79
N THR H 2796 140.74 0.99 0.47
CA THR H 2796 140.28 0.96 -0.91
C THR H 2796 139.29 2.06 -1.29
N PHE H 2797 138.99 3.02 -0.43
CA PHE H 2797 137.99 4.03 -0.78
C PHE H 2797 138.38 4.77 -2.04
N SER H 2798 137.40 5.06 -2.90
CA SER H 2798 137.64 5.90 -4.07
C SER H 2798 137.90 7.34 -3.63
N GLU H 2799 138.74 8.03 -4.40
CA GLU H 2799 139.14 9.38 -4.01
C GLU H 2799 137.93 10.33 -3.95
N LYS H 2800 137.04 10.27 -4.94
CA LYS H 2800 135.98 11.27 -5.03
C LYS H 2800 135.26 11.45 -3.70
N ASP H 2801 134.85 10.35 -3.06
CA ASP H 2801 134.16 10.44 -1.78
C ASP H 2801 135.06 11.06 -0.73
N LYS H 2802 136.33 10.66 -0.69
CA LYS H 2802 137.25 11.20 0.31
C LYS H 2802 137.40 12.71 0.18
N GLU H 2803 137.69 13.21 -1.02
CA GLU H 2803 137.90 14.64 -1.18
C GLU H 2803 136.60 15.44 -1.11
N ILE H 2804 135.44 14.84 -1.38
CA ILE H 2804 134.21 15.61 -1.20
C ILE H 2804 133.83 15.66 0.29
N TYR H 2805 134.23 14.65 1.07
CA TYR H 2805 134.15 14.78 2.52
C TYR H 2805 135.17 15.79 3.02
N ARG H 2806 136.34 15.86 2.37
CA ARG H 2806 137.42 16.71 2.82
C ARG H 2806 137.13 18.18 2.57
N TRP H 2807 136.60 18.53 1.40
CA TRP H 2807 136.44 19.93 1.03
C TRP H 2807 135.70 20.73 2.09
N PRO H 2808 134.59 20.26 2.66
CA PRO H 2808 134.02 21.00 3.79
C PRO H 2808 134.98 21.14 4.95
N ILE H 2809 135.84 20.14 5.19
CA ILE H 2809 136.84 20.26 6.25
C ILE H 2809 137.84 21.36 5.92
N LYS H 2810 138.32 21.37 4.67
CA LYS H 2810 139.20 22.47 4.25
C LYS H 2810 138.53 23.81 4.49
N GLU H 2811 137.31 23.98 4.01
CA GLU H 2811 136.62 25.26 4.15
C GLU H 2811 136.50 25.64 5.62
N SER H 2812 136.17 24.68 6.47
CA SER H 2812 135.96 24.97 7.89
C SER H 2812 137.26 25.41 8.56
N LEU H 2813 138.35 24.67 8.34
CA LEU H 2813 139.62 25.04 8.97
C LEU H 2813 140.12 26.38 8.42
N LYS H 2814 140.02 26.58 7.11
CA LYS H 2814 140.44 27.84 6.52
C LYS H 2814 139.68 29.01 7.13
N ALA H 2815 138.35 28.88 7.27
CA ALA H 2815 137.54 29.93 7.88
C ALA H 2815 137.92 30.13 9.35
N MET H 2816 138.16 29.04 10.07
CA MET H 2816 138.53 29.13 11.47
C MET H 2816 139.78 29.98 11.64
N ILE H 2817 140.80 29.72 10.81
CA ILE H 2817 142.02 30.52 10.88
C ILE H 2817 141.78 31.93 10.35
N ALA H 2818 140.92 32.06 9.34
CA ALA H 2818 140.66 33.37 8.75
C ALA H 2818 140.03 34.32 9.76
N TRP H 2819 139.26 33.76 10.70
CA TRP H 2819 138.63 34.59 11.72
C TRP H 2819 139.62 34.92 12.84
N GLU H 2820 140.81 35.40 12.47
CA GLU H 2820 141.90 35.89 13.35
C GLU H 2820 142.13 35.02 14.58
N TRP H 2821 141.89 33.72 14.46
CA TRP H 2821 142.17 32.78 15.54
C TRP H 2821 143.51 32.11 15.27
N THR H 2822 144.48 32.36 16.13
CA THR H 2822 145.81 31.80 15.93
C THR H 2822 145.85 30.33 16.35
N ILE H 2823 146.38 29.50 15.45
CA ILE H 2823 146.57 28.08 15.70
C ILE H 2823 148.08 27.84 15.82
N GLU H 2824 148.49 27.25 16.94
CA GLU H 2824 149.90 27.05 17.24
C GLU H 2824 150.05 25.65 17.83
N LYS H 2825 150.75 24.78 17.10
CA LYS H 2825 151.01 23.41 17.55
C LYS H 2825 152.17 23.48 18.52
N ALA H 2826 151.90 23.15 19.78
CA ALA H 2826 152.78 23.44 20.90
C ALA H 2826 154.19 22.90 20.67
N ARG H 2827 154.30 21.67 20.18
CA ARG H 2827 155.56 20.96 19.99
C ARG H 2827 155.62 20.31 18.62
N GLU H 2828 156.83 20.24 18.08
CA GLU H 2828 157.07 19.66 16.76
C GLU H 2828 157.03 18.13 16.85
N GLY H 2829 156.46 17.51 15.83
CA GLY H 2829 156.21 16.07 15.83
C GLY H 2829 157.10 15.34 14.83
N GLU H 2830 157.38 14.08 15.14
CA GLU H 2830 158.27 13.18 14.41
C GLU H 2830 157.61 11.85 14.06
N TYR H 2855 141.87 0.18 18.00
CA TYR H 2855 142.48 1.48 17.69
C TYR H 2855 141.58 2.68 17.87
N ASN H 2856 140.54 2.52 18.67
CA ASN H 2856 139.43 3.43 18.93
C ASN H 2856 139.88 4.88 19.04
N PRO H 2857 139.08 5.86 18.63
CA PRO H 2857 139.58 7.24 18.62
C PRO H 2857 140.09 7.63 20.00
N GLN H 2858 141.41 7.84 20.07
CA GLN H 2858 142.08 8.07 21.34
C GLN H 2858 141.42 9.15 22.18
N PRO H 2859 140.91 10.24 21.62
CA PRO H 2859 140.18 11.24 22.41
C PRO H 2859 138.67 11.06 22.40
N PRO H 2860 138.09 10.12 23.15
CA PRO H 2860 136.62 10.07 23.21
C PRO H 2860 136.04 11.42 23.59
N ASP H 2861 135.04 11.85 22.83
CA ASP H 2861 134.34 13.08 23.14
C ASP H 2861 133.55 12.90 24.43
N LEU H 2862 134.02 13.52 25.51
CA LEU H 2862 133.49 13.32 26.85
C LEU H 2862 132.83 14.59 27.35
N SER H 2863 131.49 14.58 27.34
CA SER H 2863 130.75 15.73 27.82
C SER H 2863 130.98 15.97 29.31
N GLY H 2864 131.50 14.96 30.02
CA GLY H 2864 131.82 15.14 31.42
C GLY H 2864 132.83 16.25 31.64
N VAL H 2865 133.77 16.42 30.70
CA VAL H 2865 134.79 17.44 30.85
C VAL H 2865 134.14 18.82 30.83
N THR H 2866 134.18 19.50 31.97
CA THR H 2866 133.80 20.91 31.99
C THR H 2866 134.75 21.71 31.11
N LEU H 2867 134.20 22.67 30.38
CA LEU H 2867 134.94 23.57 29.50
C LEU H 2867 134.88 24.98 30.05
N SER H 2868 136.02 25.67 30.00
CA SER H 2868 136.07 27.03 30.48
C SER H 2868 135.07 27.88 29.69
N ARG H 2869 134.61 28.96 30.33
CA ARG H 2869 133.56 29.79 29.75
C ARG H 2869 133.99 30.43 28.43
N GLU H 2870 135.26 30.92 28.43
CA GLU H 2870 135.92 31.45 27.23
CA GLU H 2870 135.92 31.45 27.23
C GLU H 2870 135.85 30.45 26.10
N LEU H 2871 136.21 29.21 26.41
CA LEU H 2871 136.38 28.11 25.48
C LEU H 2871 135.03 27.67 24.94
N GLN H 2872 134.02 27.66 25.79
CA GLN H 2872 132.67 27.50 25.28
C GLN H 2872 132.34 28.61 24.31
N ALA H 2873 132.52 29.86 24.71
CA ALA H 2873 132.16 30.98 23.84
C ALA H 2873 132.77 30.81 22.45
N MET H 2874 134.07 30.46 22.38
CA MET H 2874 134.64 30.18 21.06
C MET H 2874 133.97 28.99 20.41
N ALA H 2875 133.55 27.99 21.19
CA ALA H 2875 132.92 26.82 20.60
C ALA H 2875 131.58 27.17 19.95
N GLU H 2876 130.74 27.93 20.66
CA GLU H 2876 129.48 28.38 20.06
C GLU H 2876 129.72 29.36 18.91
N GLN H 2877 130.80 30.14 18.96
CA GLN H 2877 131.07 31.04 17.84
C GLN H 2877 131.52 30.25 16.61
N LEU H 2878 132.36 29.22 16.80
CA LEU H 2878 132.78 28.40 15.67
C LEU H 2878 131.63 27.55 15.16
N ALA H 2879 130.70 27.20 16.04
CA ALA H 2879 129.48 26.54 15.60
C ALA H 2879 128.60 27.52 14.81
N GLU H 2880 128.60 28.79 15.22
CA GLU H 2880 127.92 29.82 14.45
C GLU H 2880 128.61 30.02 13.10
N ASN H 2881 129.93 29.80 13.05
CA ASN H 2881 130.64 29.88 11.78
C ASN H 2881 130.31 28.69 10.88
N TYR H 2882 130.18 27.50 11.49
CA TYR H 2882 129.70 26.34 10.74
C TYR H 2882 128.30 26.59 10.22
N HIS H 2883 127.46 27.25 11.02
CA HIS H 2883 126.10 27.53 10.59
C HIS H 2883 126.08 28.67 9.57
N ASN H 2884 127.07 29.56 9.62
CA ASN H 2884 127.20 30.57 8.58
C ASN H 2884 127.64 29.95 7.27
N THR H 2885 128.49 28.93 7.31
CA THR H 2885 128.82 28.20 6.09
C THR H 2885 127.62 27.41 5.61
N TRP H 2886 126.85 26.85 6.55
CA TRP H 2886 125.60 26.18 6.19
C TRP H 2886 124.66 27.11 5.46
N GLY H 2887 124.41 28.28 6.04
CA GLY H 2887 123.56 29.27 5.39
C GLY H 2887 124.20 29.83 4.14
N ARG H 2888 125.54 29.79 4.07
CA ARG H 2888 126.24 30.28 2.89
C ARG H 2888 125.96 29.38 1.70
N LYS H 2889 126.09 28.07 1.88
CA LYS H 2889 125.78 27.17 0.77
C LYS H 2889 124.29 27.13 0.49
N LYS H 2890 123.46 27.18 1.54
CA LYS H 2890 122.02 27.25 1.31
C LYS H 2890 121.65 28.50 0.52
N LYS H 2891 122.34 29.62 0.77
CA LYS H 2891 122.04 30.86 0.05
C LYS H 2891 122.58 30.82 -1.37
N GLN H 2892 123.79 30.29 -1.55
CA GLN H 2892 124.28 30.07 -2.91
C GLN H 2892 123.29 29.25 -3.72
N GLU H 2893 122.64 28.28 -3.08
CA GLU H 2893 121.60 27.51 -3.76
C GLU H 2893 120.34 28.35 -4.00
N LEU H 2894 119.88 29.06 -2.96
CA LEU H 2894 118.61 29.76 -3.03
C LEU H 2894 118.63 30.87 -4.07
N GLU H 2895 119.67 31.70 -4.04
CA GLU H 2895 119.78 32.81 -4.98
C GLU H 2895 119.48 32.37 -6.41
N ALA H 2896 119.75 31.10 -6.73
CA ALA H 2896 119.28 30.56 -7.99
C ALA H 2896 117.76 30.43 -7.99
N LYS H 2897 117.18 29.95 -6.88
CA LYS H 2897 115.73 29.86 -6.78
C LYS H 2897 115.09 31.24 -6.67
N GLY H 2898 115.61 32.09 -5.78
CA GLY H 2898 115.07 33.43 -5.60
C GLY H 2898 113.84 33.52 -4.73
N GLY H 2899 113.41 32.42 -4.12
CA GLY H 2899 112.23 32.44 -3.27
C GLY H 2899 112.18 31.19 -2.42
N GLY H 2900 111.25 31.21 -1.45
CA GLY H 2900 111.17 30.13 -0.50
C GLY H 2900 112.34 30.05 0.44
N THR H 2901 112.76 31.18 1.02
CA THR H 2901 113.87 31.19 1.95
C THR H 2901 113.66 30.12 3.02
N HIS H 2902 114.66 29.26 3.18
CA HIS H 2902 114.56 28.13 4.11
C HIS H 2902 114.28 28.69 5.49
N PRO H 2903 113.18 28.28 6.14
CA PRO H 2903 112.73 29.00 7.34
C PRO H 2903 113.77 29.06 8.46
N LEU H 2904 114.54 27.99 8.64
CA LEU H 2904 115.46 27.91 9.76
C LEU H 2904 116.66 28.84 9.59
N LEU H 2905 116.84 29.44 8.42
CA LEU H 2905 117.99 30.32 8.25
C LEU H 2905 117.81 31.56 9.10
N VAL H 2906 118.41 31.54 10.29
CA VAL H 2906 118.24 32.58 11.29
C VAL H 2906 119.51 32.61 12.15
N PRO H 2907 119.64 33.57 13.06
CA PRO H 2907 120.84 33.59 13.91
C PRO H 2907 121.03 32.29 14.68
N TYR H 2908 122.30 31.88 14.77
CA TYR H 2908 122.63 30.63 15.47
C TYR H 2908 122.21 30.69 16.92
N ASP H 2909 122.31 31.86 17.54
CA ASP H 2909 121.88 32.00 18.93
C ASP H 2909 120.36 31.96 19.05
N THR H 2910 119.66 32.62 18.12
CA THR H 2910 118.20 32.66 18.20
C THR H 2910 117.59 31.29 17.98
N LEU H 2911 118.13 30.53 17.03
CA LEU H 2911 117.47 29.28 16.66
C LEU H 2911 117.50 28.28 17.82
N THR H 2912 116.80 27.17 17.63
CA THR H 2912 116.59 26.20 18.69
C THR H 2912 117.91 25.54 19.12
N ALA H 2913 117.95 25.15 20.39
CA ALA H 2913 119.16 24.54 20.94
C ALA H 2913 119.45 23.19 20.26
N LYS H 2914 118.40 22.40 20.02
CA LYS H 2914 118.63 21.05 19.48
C LYS H 2914 119.30 21.11 18.11
N GLU H 2915 118.84 22.00 17.24
CA GLU H 2915 119.54 22.24 15.98
C GLU H 2915 120.91 22.86 16.25
N LYS H 2916 120.98 23.75 17.24
CA LYS H 2916 122.27 24.30 17.67
C LYS H 2916 123.18 23.21 18.22
N ALA H 2917 122.59 22.10 18.68
CA ALA H 2917 123.34 21.09 19.42
C ALA H 2917 124.38 20.42 18.54
N ARG H 2918 124.01 20.03 17.32
CA ARG H 2918 124.95 19.33 16.45
C ARG H 2918 126.16 20.19 16.15
N ASP H 2919 125.94 21.45 15.77
CA ASP H 2919 127.04 22.32 15.41
C ASP H 2919 127.92 22.63 16.61
N ARG H 2920 127.33 22.89 17.79
CA ARG H 2920 128.17 23.17 18.95
C ARG H 2920 128.92 21.92 19.39
N GLU H 2921 128.31 20.74 19.23
CA GLU H 2921 129.01 19.50 19.52
C GLU H 2921 130.22 19.34 18.62
N LYS H 2922 130.05 19.58 17.32
CA LYS H 2922 131.18 19.49 16.40
C LYS H 2922 132.27 20.49 16.77
N ALA H 2923 131.88 21.72 17.09
CA ALA H 2923 132.87 22.74 17.43
C ALA H 2923 133.63 22.37 18.70
N GLN H 2924 132.92 21.94 19.74
CA GLN H 2924 133.59 21.54 20.98
C GLN H 2924 134.51 20.35 20.74
N GLU H 2925 134.07 19.38 19.94
CA GLU H 2925 134.93 18.25 19.61
C GLU H 2925 136.21 18.71 18.94
N LEU H 2926 136.08 19.56 17.90
CA LEU H 2926 137.27 20.00 17.19
C LEU H 2926 138.21 20.76 18.12
N LEU H 2927 137.66 21.66 18.94
CA LEU H 2927 138.49 22.36 19.90
C LEU H 2927 139.21 21.38 20.80
N LYS H 2928 138.47 20.50 21.47
CA LYS H 2928 139.08 19.54 22.38
C LYS H 2928 140.20 18.75 21.72
N PHE H 2929 139.99 18.34 20.48
CA PHE H 2929 141.06 17.68 19.73
C PHE H 2929 142.27 18.58 19.62
N LEU H 2930 142.05 19.85 19.28
CA LEU H 2930 143.17 20.79 19.17
C LEU H 2930 143.95 20.87 20.48
N GLN H 2931 143.26 21.05 21.61
CA GLN H 2931 143.99 21.23 22.87
C GLN H 2931 144.70 19.95 23.27
N MET H 2932 144.03 18.80 23.16
CA MET H 2932 144.67 17.54 23.48
C MET H 2932 145.97 17.36 22.69
N ASN H 2933 145.88 17.52 21.37
CA ASN H 2933 147.07 17.39 20.52
C ASN H 2933 148.12 18.45 20.83
N GLY H 2934 147.70 19.61 21.34
CA GLY H 2934 148.60 20.72 21.53
C GLY H 2934 148.47 21.81 20.48
N TYR H 2935 147.56 21.65 19.53
CA TYR H 2935 147.32 22.64 18.48
C TYR H 2935 146.47 23.75 19.08
N ALA H 2936 147.05 24.47 20.04
CA ALA H 2936 146.29 25.48 20.76
C ALA H 2936 145.74 26.52 19.79
N VAL H 2937 144.42 26.68 19.81
CA VAL H 2937 143.74 27.73 19.05
C VAL H 2937 143.32 28.80 20.04
N THR H 2938 143.80 30.02 19.85
CA THR H 2938 143.58 31.10 20.79
C THR H 2938 143.14 32.35 20.06
N ARG H 2939 142.39 33.20 20.77
CA ARG H 2939 141.90 34.44 20.20
C ARG H 2939 141.07 34.15 18.96
N LEU H 2946 133.39 40.37 27.91
CA LEU H 2946 134.42 39.36 28.19
C LEU H 2946 134.26 38.49 29.44
N ASP H 2947 133.02 38.30 29.89
CA ASP H 2947 132.53 37.61 31.09
C ASP H 2947 132.71 38.39 32.37
N THR H 2948 132.32 39.65 32.25
CA THR H 2948 131.52 40.30 33.28
C THR H 2948 130.79 39.25 34.11
N SER H 2949 130.92 39.35 35.43
CA SER H 2949 130.31 38.38 36.32
C SER H 2949 128.79 38.38 36.15
N SER H 2950 128.12 37.47 36.88
CA SER H 2950 126.68 37.33 36.76
C SER H 2950 125.97 38.66 37.01
N ILE H 2951 126.45 39.42 37.99
CA ILE H 2951 125.82 40.70 38.32
C ILE H 2951 125.85 41.63 37.12
N GLU H 2952 127.01 41.74 36.47
CA GLU H 2952 127.11 42.56 35.27
C GLU H 2952 126.26 41.99 34.15
N LYS H 2953 126.16 40.65 34.09
CA LYS H 2953 125.39 40.01 33.03
C LYS H 2953 123.90 40.25 33.19
N ARG H 2954 123.46 40.57 34.40
CA ARG H 2954 122.03 40.78 34.63
C ARG H 2954 121.47 41.86 33.70
N PHE H 2955 120.16 41.79 33.49
CA PHE H 2955 119.49 42.74 32.61
C PHE H 2955 119.41 44.12 33.23
N ALA H 2956 119.01 44.19 34.50
CA ALA H 2956 118.88 45.47 35.17
C ALA H 2956 120.21 46.21 35.18
N PHE H 2957 121.32 45.48 35.29
CA PHE H 2957 122.63 46.10 35.30
C PHE H 2957 122.87 46.90 34.01
N GLY H 2958 122.69 46.26 32.86
CA GLY H 2958 122.89 46.95 31.60
C GLY H 2958 121.88 48.06 31.38
N PHE H 2959 120.64 47.82 31.79
CA PHE H 2959 119.61 48.85 31.65
C PHE H 2959 120.01 50.11 32.41
N LEU H 2960 120.41 49.95 33.67
CA LEU H 2960 120.83 51.09 34.47
C LEU H 2960 122.11 51.71 33.94
N GLN H 2961 123.02 50.90 33.40
CA GLN H 2961 124.23 51.46 32.79
C GLN H 2961 123.87 52.40 31.64
N GLN H 2962 122.98 51.95 30.75
CA GLN H 2962 122.56 52.80 29.64
C GLN H 2962 121.83 54.04 30.14
N LEU H 2963 121.01 53.89 31.18
CA LEU H 2963 120.30 55.03 31.73
C LEU H 2963 121.27 56.07 32.27
N LEU H 2964 122.31 55.62 32.96
CA LEU H 2964 123.31 56.54 33.50
C LEU H 2964 124.09 57.22 32.38
N ARG H 2965 124.43 56.47 31.33
CA ARG H 2965 125.08 57.06 30.17
C ARG H 2965 124.21 58.14 29.55
N TRP H 2966 122.91 57.88 29.45
CA TRP H 2966 122.00 58.86 28.89
C TRP H 2966 121.82 60.06 29.82
N MET H 2967 121.96 59.84 31.14
CA MET H 2967 121.97 60.97 32.06
C MET H 2967 123.20 61.86 31.84
N ASP H 2968 124.35 61.25 31.58
CA ASP H 2968 125.52 62.03 31.22
C ASP H 2968 125.27 62.84 29.95
N ILE H 2969 124.70 62.19 28.94
CA ILE H 2969 124.34 62.91 27.71
C ILE H 2969 123.39 64.05 28.02
N SER H 2970 122.45 63.83 28.94
CA SER H 2970 121.49 64.86 29.32
C SER H 2970 122.18 66.05 29.95
N GLN H 2971 123.11 65.79 30.87
CA GLN H 2971 123.95 66.85 31.40
C GLN H 2971 124.55 67.66 30.25
N GLU H 2972 125.13 66.94 29.28
CA GLU H 2972 125.86 67.62 28.21
C GLU H 2972 124.95 68.53 27.41
N PHE H 2973 123.83 68.01 26.89
CA PHE H 2973 123.07 68.84 25.95
C PHE H 2973 122.19 69.85 26.68
N ILE H 2974 121.86 69.61 27.95
CA ILE H 2974 121.22 70.71 28.70
C ILE H 2974 122.21 71.83 28.94
N ALA H 2975 123.46 71.50 29.26
CA ALA H 2975 124.46 72.56 29.41
C ALA H 2975 124.62 73.34 28.12
N HIS H 2976 124.69 72.63 26.99
CA HIS H 2976 124.71 73.31 25.70
C HIS H 2976 123.47 74.18 25.51
N LEU H 2977 122.32 73.71 26.03
CA LEU H 2977 121.08 74.47 25.90
C LEU H 2977 121.15 75.77 26.69
N GLU H 2978 121.68 75.73 27.90
CA GLU H 2978 121.85 76.97 28.66
C GLU H 2978 122.82 77.90 27.94
N ALA H 2979 123.89 77.34 27.38
CA ALA H 2979 124.84 78.18 26.66
C ALA H 2979 124.18 78.87 25.47
N VAL H 2980 123.39 78.13 24.70
CA VAL H 2980 122.78 78.69 23.49
C VAL H 2980 121.67 79.68 23.85
N VAL H 2981 120.84 79.35 24.84
CA VAL H 2981 119.75 80.24 25.21
C VAL H 2981 120.28 81.51 25.83
N SER H 2982 121.40 81.43 26.55
CA SER H 2982 122.00 82.64 27.11
C SER H 2982 122.43 83.60 26.02
N SER H 2983 123.03 83.08 24.94
CA SER H 2983 123.51 83.93 23.85
C SER H 2983 123.55 83.12 22.57
N GLY H 2984 123.36 83.80 21.45
CA GLY H 2984 123.40 83.16 20.15
C GLY H 2984 122.40 82.04 20.01
N ARG H 2985 121.11 82.34 20.21
CA ARG H 2985 120.08 81.33 20.16
C ARG H 2985 120.02 80.69 18.77
N VAL H 2986 119.95 79.37 18.74
CA VAL H 2986 119.81 78.60 17.51
C VAL H 2986 118.56 77.74 17.63
N GLU H 2987 117.73 77.75 16.60
CA GLU H 2987 116.53 76.92 16.60
C GLU H 2987 116.83 75.49 16.17
N LYS H 2988 118.05 75.21 15.70
CA LYS H 2988 118.36 73.87 15.19
C LYS H 2988 118.25 72.82 16.29
N SER H 2989 118.83 73.09 17.46
CA SER H 2989 118.84 72.11 18.55
C SER H 2989 119.36 70.77 18.04
N PRO H 2990 120.67 70.64 17.81
CA PRO H 2990 121.18 69.39 17.23
C PRO H 2990 120.83 68.16 18.05
N HIS H 2991 120.76 68.31 19.38
CA HIS H 2991 120.48 67.16 20.24
C HIS H 2991 118.98 66.90 20.33
N GLU H 2992 118.19 67.53 19.45
CA GLU H 2992 116.75 67.35 19.41
C GLU H 2992 116.37 65.88 19.54
N GLN H 2993 117.03 65.01 18.77
CA GLN H 2993 116.73 63.58 18.84
C GLN H 2993 116.98 63.05 20.25
N GLU H 2994 118.10 63.46 20.85
CA GLU H 2994 118.41 63.00 22.20
C GLU H 2994 117.39 63.49 23.21
N ILE H 2995 116.99 64.76 23.10
CA ILE H 2995 115.99 65.29 24.02
C ILE H 2995 114.69 64.51 23.90
N LYS H 2996 114.24 64.28 22.66
CA LYS H 2996 112.98 63.59 22.44
C LYS H 2996 113.06 62.16 22.95
N PHE H 2997 114.14 61.45 22.62
CA PHE H 2997 114.28 60.08 23.10
C PHE H 2997 114.24 60.05 24.62
N PHE H 2998 115.10 60.84 25.27
CA PHE H 2998 115.11 60.91 26.72
C PHE H 2998 113.70 61.10 27.26
N ALA H 2999 113.10 62.24 26.97
CA ALA H 2999 111.83 62.59 27.61
C ALA H 2999 110.73 61.60 27.27
N LYS H 3000 110.59 61.23 26.00
CA LYS H 3000 109.45 60.45 25.56
C LYS H 3000 109.56 58.99 25.96
N ILE H 3001 110.73 58.38 25.83
CA ILE H 3001 110.91 56.95 26.02
C ILE H 3001 111.44 56.65 27.43
N LEU H 3002 112.57 57.26 27.80
CA LEU H 3002 113.28 56.80 28.99
C LEU H 3002 112.48 57.08 30.25
N LEU H 3003 111.90 58.26 30.35
CA LEU H 3003 111.18 58.62 31.58
C LEU H 3003 109.99 57.70 31.83
N PRO H 3004 109.05 57.49 30.89
CA PRO H 3004 108.00 56.50 31.15
C PRO H 3004 108.54 55.11 31.40
N LEU H 3005 109.58 54.73 30.68
CA LEU H 3005 110.17 53.41 30.86
C LEU H 3005 110.78 53.28 32.25
N ILE H 3006 111.50 54.31 32.69
CA ILE H 3006 112.03 54.33 34.05
C ILE H 3006 110.90 54.18 35.06
N ASN H 3007 109.86 55.00 34.90
CA ASN H 3007 108.72 54.97 35.82
C ASN H 3007 108.13 53.58 35.92
N GLN H 3008 107.81 52.97 34.77
CA GLN H 3008 107.18 51.67 34.78
C GLN H 3008 108.10 50.60 35.35
N TYR H 3009 109.38 50.61 34.95
CA TYR H 3009 110.30 49.58 35.38
C TYR H 3009 110.49 49.62 36.89
N PHE H 3010 110.71 50.80 37.45
CA PHE H 3010 110.97 50.91 38.88
C PHE H 3010 109.70 51.02 39.71
N THR H 3011 108.53 51.06 39.07
CA THR H 3011 107.27 50.83 39.74
C THR H 3011 106.92 49.35 39.80
N ASN H 3012 107.38 48.57 38.81
CA ASN H 3012 107.11 47.14 38.79
C ASN H 3012 108.14 46.36 39.61
N HIS H 3013 109.42 46.69 39.46
CA HIS H 3013 110.52 45.94 40.05
C HIS H 3013 111.10 46.66 41.27
N CYS H 3014 110.26 47.41 41.98
CA CYS H 3014 110.74 48.16 43.14
C CYS H 3014 111.27 47.21 44.21
N LEU H 3015 110.58 46.10 44.44
CA LEU H 3015 110.95 45.20 45.52
C LEU H 3015 112.32 44.57 45.28
N TYR H 3016 112.63 44.25 44.02
CA TYR H 3016 113.92 43.62 43.72
C TYR H 3016 115.08 44.50 44.17
N PHE H 3017 114.86 45.81 44.24
CA PHE H 3017 115.95 46.73 44.61
C PHE H 3017 115.96 46.97 46.11
N LEU H 3018 114.80 46.92 46.75
CA LEU H 3018 114.73 47.09 48.19
C LEU H 3018 114.98 45.79 48.93
N SER H 3019 114.78 44.66 48.28
CA SER H 3019 114.92 43.37 48.94
C SER H 3019 116.37 43.11 49.32
N THR H 3020 116.55 42.41 50.43
CA THR H 3020 117.85 41.99 50.92
C THR H 3020 117.83 40.51 51.23
N PRO H 3021 119.00 39.85 51.20
CA PRO H 3021 119.02 38.41 51.54
C PRO H 3021 118.40 38.11 52.89
N ALA H 3022 118.65 38.97 53.88
CA ALA H 3022 118.04 38.79 55.19
C ALA H 3022 116.53 38.97 55.13
N LYS H 3023 116.06 39.95 54.36
CA LYS H 3023 114.67 40.35 54.34
C LYS H 3023 114.24 40.55 52.89
N VAL H 3024 113.31 39.70 52.43
CA VAL H 3024 112.92 39.68 51.03
C VAL H 3024 111.45 40.07 50.86
N LEU H 3025 111.21 41.26 50.31
CA LEU H 3025 109.85 41.63 49.91
C LEU H 3025 109.39 40.87 48.68
N GLY H 3026 110.22 40.79 47.65
CA GLY H 3026 109.77 40.25 46.39
C GLY H 3026 109.57 38.75 46.44
N SER H 3027 108.78 38.24 45.49
CA SER H 3027 108.57 36.80 45.39
C SER H 3027 109.89 36.08 45.16
N GLY H 3028 110.77 36.65 44.33
CA GLY H 3028 112.06 36.06 44.09
C GLY H 3028 113.12 37.06 43.66
N GLY H 3029 114.26 37.04 44.33
CA GLY H 3029 115.40 37.81 43.92
C GLY H 3029 115.54 39.11 44.69
N HIS H 3030 116.78 39.55 44.84
CA HIS H 3030 117.11 40.83 45.47
C HIS H 3030 118.25 41.46 44.70
N ALA H 3031 118.23 42.79 44.60
CA ALA H 3031 119.22 43.49 43.80
C ALA H 3031 120.60 43.42 44.45
N SER H 3032 121.63 43.46 43.61
CA SER H 3032 122.99 43.54 44.09
C SER H 3032 123.28 44.95 44.61
N ASN H 3033 124.24 45.01 45.54
CA ASN H 3033 124.63 46.30 46.10
C ASN H 3033 125.03 47.27 45.00
N LYS H 3034 125.67 46.77 43.95
CA LYS H 3034 126.10 47.64 42.86
C LYS H 3034 124.90 48.20 42.11
N GLU H 3035 123.87 47.38 41.88
CA GLU H 3035 122.65 47.89 41.24
C GLU H 3035 121.98 48.94 42.11
N LYS H 3036 121.99 48.72 43.43
CA LYS H 3036 121.44 49.73 44.34
C LYS H 3036 122.23 51.04 44.23
N GLU H 3037 123.55 50.93 44.16
CA GLU H 3037 124.38 52.13 43.97
C GLU H 3037 124.01 52.83 42.67
N MET H 3038 123.79 52.06 41.60
CA MET H 3038 123.46 52.66 40.32
C MET H 3038 122.13 53.37 40.36
N ILE H 3039 121.11 52.78 41.01
CA ILE H 3039 119.82 53.45 41.09
C ILE H 3039 119.94 54.73 41.92
N THR H 3040 120.70 54.67 43.01
CA THR H 3040 120.91 55.87 43.82
C THR H 3040 121.59 56.97 43.01
N SER H 3041 122.63 56.60 42.26
CA SER H 3041 123.35 57.58 41.46
C SER H 3041 122.45 58.17 40.39
N LEU H 3042 121.61 57.34 39.77
CA LEU H 3042 120.68 57.85 38.77
C LEU H 3042 119.71 58.84 39.38
N PHE H 3043 119.18 58.53 40.57
CA PHE H 3043 118.27 59.44 41.24
C PHE H 3043 118.94 60.78 41.52
N CYS H 3044 120.14 60.75 42.09
CA CYS H 3044 120.85 61.99 42.38
C CYS H 3044 121.16 62.78 41.11
N LYS H 3045 121.57 62.08 40.05
CA LYS H 3045 121.88 62.74 38.79
C LYS H 3045 120.64 63.41 38.20
N LEU H 3046 119.50 62.72 38.23
CA LEU H 3046 118.28 63.33 37.71
C LEU H 3046 117.87 64.55 38.51
N ALA H 3047 118.00 64.46 39.85
CA ALA H 3047 117.67 65.61 40.68
C ALA H 3047 118.59 66.79 40.36
N ALA H 3048 119.89 66.54 40.21
CA ALA H 3048 120.81 67.61 39.84
C ALA H 3048 120.46 68.17 38.46
N LEU H 3049 120.11 67.29 37.53
CA LEU H 3049 119.82 67.72 36.17
C LEU H 3049 118.62 68.65 36.15
N VAL H 3050 117.57 68.29 36.88
CA VAL H 3050 116.36 69.11 36.92
C VAL H 3050 116.52 70.30 37.85
N ARG H 3051 117.55 70.33 38.69
CA ARG H 3051 117.73 71.43 39.61
C ARG H 3051 117.77 72.74 38.85
N HIS H 3052 116.83 73.62 39.18
CA HIS H 3052 116.72 74.95 38.65
C HIS H 3052 116.61 74.98 37.13
N ARG H 3053 116.02 73.94 36.54
CA ARG H 3053 115.83 73.84 35.10
C ARG H 3053 114.45 73.28 34.73
N VAL H 3054 113.48 73.42 35.63
CA VAL H 3054 112.14 72.88 35.43
C VAL H 3054 111.53 73.48 34.18
N SER H 3055 111.71 74.79 33.98
CA SER H 3055 111.17 75.44 32.80
C SER H 3055 111.85 74.91 31.54
N LEU H 3056 113.18 74.78 31.58
CA LEU H 3056 113.87 74.22 30.43
C LEU H 3056 113.31 72.86 30.07
N PHE H 3057 112.98 72.05 31.07
CA PHE H 3057 112.42 70.76 30.67
C PHE H 3057 110.98 70.92 30.21
N GLY H 3058 110.29 71.96 30.68
CA GLY H 3058 108.95 72.20 30.23
C GLY H 3058 107.97 71.10 30.64
N THR H 3059 107.23 70.59 29.65
CA THR H 3059 106.13 69.67 29.93
C THR H 3059 106.64 68.32 30.40
N ASP H 3060 107.94 68.04 30.24
CA ASP H 3060 108.50 66.79 30.72
C ASP H 3060 108.79 66.84 32.21
N ALA H 3061 108.72 68.02 32.83
CA ALA H 3061 109.03 68.15 34.24
C ALA H 3061 108.16 67.26 35.12
N PRO H 3062 106.84 67.18 34.92
CA PRO H 3062 106.03 66.25 35.72
C PRO H 3062 106.52 64.83 35.62
N ALA H 3063 106.91 64.40 34.42
CA ALA H 3063 107.46 63.07 34.24
C ALA H 3063 108.74 62.90 35.02
N VAL H 3064 109.60 63.93 35.02
CA VAL H 3064 110.84 63.87 35.78
C VAL H 3064 110.54 63.71 37.26
N VAL H 3065 109.58 64.49 37.76
CA VAL H 3065 109.26 64.44 39.19
C VAL H 3065 108.69 63.08 39.57
N ASN H 3066 107.82 62.52 38.73
CA ASN H 3066 107.24 61.22 39.02
C ASN H 3066 108.32 60.13 39.00
N CYS H 3067 109.24 60.20 38.03
CA CYS H 3067 110.35 59.26 38.00
C CYS H 3067 111.18 59.38 39.27
N LEU H 3068 111.40 60.61 39.74
CA LEU H 3068 112.13 60.81 40.98
C LEU H 3068 111.41 60.21 42.18
N HIS H 3069 110.08 60.39 42.24
CA HIS H 3069 109.30 59.75 43.30
C HIS H 3069 109.53 58.25 43.30
N ILE H 3070 109.39 57.63 42.13
CA ILE H 3070 109.52 56.18 42.03
C ILE H 3070 110.92 55.74 42.43
N LEU H 3071 111.94 56.46 41.94
CA LEU H 3071 113.31 56.11 42.27
C LEU H 3071 113.56 56.22 43.76
N ALA H 3072 113.05 57.28 44.38
CA ALA H 3072 113.17 57.44 45.83
C ALA H 3072 112.57 56.26 46.55
N ARG H 3073 111.36 55.84 46.14
CA ARG H 3073 110.74 54.69 46.78
C ARG H 3073 111.53 53.42 46.52
N SER H 3074 112.35 53.41 45.47
CA SER H 3074 113.12 52.20 45.15
C SER H 3074 114.43 52.14 45.93
N LEU H 3075 114.99 53.28 46.29
CA LEU H 3075 116.35 53.31 46.84
C LEU H 3075 116.46 52.49 48.12
N ASP H 3076 117.62 51.85 48.31
CA ASP H 3076 118.00 51.25 49.59
C ASP H 3076 119.17 52.07 50.15
N ALA H 3077 118.82 53.17 50.81
CA ALA H 3077 119.83 54.09 51.31
C ALA H 3077 120.66 53.44 52.41
N ARG H 3078 120.04 52.59 53.23
CA ARG H 3078 120.79 51.93 54.30
C ARG H 3078 121.98 51.16 53.74
N THR H 3079 121.73 50.26 52.78
CA THR H 3079 122.80 49.49 52.19
C THR H 3079 123.79 50.40 51.45
N VAL H 3080 123.28 51.34 50.66
CA VAL H 3080 124.17 52.16 49.86
C VAL H 3080 125.11 52.94 50.75
N MET H 3081 124.60 53.48 51.86
CA MET H 3081 125.42 54.31 52.74
C MET H 3081 126.40 53.49 53.55
N LYS H 3082 125.98 52.33 54.08
CA LYS H 3082 126.94 51.55 54.85
C LYS H 3082 128.05 51.01 53.95
N SER H 3083 127.68 50.36 52.84
CA SER H 3083 128.65 49.75 51.94
C SER H 3083 128.38 50.27 50.52
N GLY H 3084 128.98 51.42 50.22
CA GLY H 3084 128.84 52.03 48.92
C GLY H 3084 129.97 52.99 48.64
N PRO H 3085 130.26 53.21 47.36
CA PRO H 3085 131.36 54.13 47.03
C PRO H 3085 131.11 55.55 47.50
N GLU H 3086 132.20 56.21 47.88
CA GLU H 3086 132.12 57.58 48.35
C GLU H 3086 131.47 58.47 47.32
N ILE H 3087 131.54 58.08 46.03
CA ILE H 3087 130.91 58.88 44.99
C ILE H 3087 129.40 58.88 45.15
N VAL H 3088 128.82 57.69 45.31
CA VAL H 3088 127.36 57.59 45.49
C VAL H 3088 126.94 58.28 46.78
N LYS H 3089 127.68 58.02 47.86
CA LYS H 3089 127.33 58.62 49.14
C LYS H 3089 127.41 60.14 49.06
N ALA H 3090 128.45 60.67 48.42
CA ALA H 3090 128.61 62.11 48.26
C ALA H 3090 127.51 62.68 47.39
N GLY H 3091 127.09 61.95 46.36
CA GLY H 3091 126.00 62.44 45.53
C GLY H 3091 124.72 62.60 46.32
N LEU H 3092 124.41 61.61 47.15
CA LEU H 3092 123.19 61.70 47.96
C LEU H 3092 123.29 62.82 48.99
N ARG H 3093 124.45 62.95 49.64
CA ARG H 3093 124.66 64.05 50.57
C ARG H 3093 124.52 65.40 49.88
N SER H 3094 125.08 65.52 48.67
CA SER H 3094 124.98 66.77 47.93
C SER H 3094 123.53 67.06 47.57
N PHE H 3095 122.75 66.03 47.24
CA PHE H 3095 121.32 66.22 47.04
C PHE H 3095 120.69 66.85 48.27
N PHE H 3096 121.00 66.30 49.45
CA PHE H 3096 120.41 66.83 50.67
C PHE H 3096 120.85 68.26 50.93
N GLU H 3097 122.15 68.55 50.75
CA GLU H 3097 122.66 69.90 50.97
C GLU H 3097 122.00 70.89 50.02
N SER H 3098 121.87 70.53 48.74
CA SER H 3098 121.26 71.41 47.77
C SER H 3098 119.79 71.67 48.10
N ALA H 3099 119.07 70.61 48.51
CA ALA H 3099 117.69 70.78 48.93
C ALA H 3099 117.62 71.78 50.08
N SER H 3100 118.46 71.59 51.10
CA SER H 3100 118.52 72.55 52.19
C SER H 3100 118.72 73.96 51.65
N GLU H 3101 119.82 74.20 50.94
CA GLU H 3101 120.17 75.54 50.48
C GLU H 3101 119.01 76.19 49.73
N ASP H 3102 118.37 75.43 48.83
CA ASP H 3102 117.22 75.97 48.11
C ASP H 3102 116.12 76.36 49.09
N ILE H 3103 115.90 75.53 50.11
CA ILE H 3103 114.88 75.87 51.10
C ILE H 3103 115.23 77.16 51.82
N GLU H 3104 116.48 77.30 52.27
CA GLU H 3104 116.84 78.52 52.99
C GLU H 3104 116.67 79.75 52.10
N LYS H 3105 117.01 79.63 50.82
CA LYS H 3105 116.86 80.78 49.94
C LYS H 3105 115.38 81.12 49.72
N MET H 3106 114.55 80.10 49.51
CA MET H 3106 113.11 80.34 49.35
C MET H 3106 112.55 80.99 50.60
N VAL H 3107 112.93 80.47 51.76
CA VAL H 3107 112.37 80.94 53.02
C VAL H 3107 112.77 82.39 53.27
N GLU H 3108 114.01 82.77 52.99
CA GLU H 3108 114.38 84.18 53.16
C GLU H 3108 113.68 85.07 52.13
N ASN H 3109 113.52 84.59 50.90
CA ASN H 3109 112.75 85.38 49.93
C ASN H 3109 111.35 85.67 50.46
N LEU H 3110 110.71 84.68 51.07
CA LEU H 3110 109.38 84.90 51.65
C LEU H 3110 109.44 85.86 52.82
N ARG H 3111 110.55 85.81 53.58
CA ARG H 3111 110.91 86.84 54.56
C ARG H 3111 111.04 88.19 53.93
N LEU H 3112 111.07 88.23 52.60
CA LEU H 3112 110.81 89.47 51.87
C LEU H 3112 112.06 90.34 51.94
N GLY H 3113 113.17 89.74 52.37
CA GLY H 3113 114.46 90.32 52.10
C GLY H 3113 114.71 90.52 50.62
N LYS H 3114 114.00 89.77 49.79
CA LYS H 3114 113.91 89.97 48.36
C LYS H 3114 112.51 90.47 48.03
N VAL H 3115 112.33 90.95 46.80
CA VAL H 3115 111.07 91.61 46.43
C VAL H 3115 109.89 90.68 46.70
N SER H 3116 109.96 89.43 46.24
CA SER H 3116 108.94 88.37 46.33
C SER H 3116 107.57 88.89 46.74
N LYS H 3123 113.13 85.53 36.91
CA LYS H 3123 114.03 85.85 38.01
C LYS H 3123 114.54 84.59 38.71
N GLY H 3124 115.71 84.71 39.34
CA GLY H 3124 116.30 83.58 40.02
C GLY H 3124 115.47 83.12 41.21
N VAL H 3125 114.97 84.06 42.01
CA VAL H 3125 114.18 83.70 43.18
C VAL H 3125 112.89 83.03 42.76
N GLY H 3126 112.20 83.59 41.76
CA GLY H 3126 110.98 82.97 41.28
C GLY H 3126 111.23 81.59 40.68
N GLN H 3127 112.34 81.45 39.96
CA GLN H 3127 112.66 80.18 39.35
C GLN H 3127 112.97 79.12 40.42
N ASN H 3128 113.70 79.52 41.46
CA ASN H 3128 113.94 78.62 42.59
C ASN H 3128 112.64 78.26 43.29
N LEU H 3129 111.75 79.24 43.43
CA LEU H 3129 110.47 79.00 44.10
C LEU H 3129 109.67 77.95 43.34
N THR H 3130 109.56 78.11 42.02
CA THR H 3130 108.80 77.13 41.24
C THR H 3130 109.49 75.77 41.27
N TYR H 3131 110.84 75.75 41.18
CA TYR H 3131 111.56 74.49 41.30
C TYR H 3131 111.21 73.79 42.59
N THR H 3132 111.34 74.50 43.72
CA THR H 3132 111.01 73.91 45.01
C THR H 3132 109.59 73.36 44.99
N THR H 3133 108.61 74.25 44.82
CA THR H 3133 107.21 73.86 44.95
C THR H 3133 106.85 72.69 44.05
N VAL H 3134 107.41 72.65 42.85
CA VAL H 3134 106.99 71.63 41.88
C VAL H 3134 107.72 70.32 42.12
N ALA H 3135 109.04 70.35 42.25
CA ALA H 3135 109.85 69.14 42.25
C ALA H 3135 110.38 68.77 43.62
N LEU H 3136 110.91 69.74 44.37
CA LEU H 3136 111.79 69.41 45.49
C LEU H 3136 110.99 68.90 46.69
N LEU H 3137 110.11 69.75 47.22
CA LEU H 3137 109.34 69.34 48.39
C LEU H 3137 108.61 68.03 48.17
N PRO H 3138 107.95 67.79 47.04
CA PRO H 3138 107.34 66.47 46.81
C PRO H 3138 108.33 65.32 46.87
N VAL H 3139 109.43 65.43 46.11
CA VAL H 3139 110.39 64.33 46.06
C VAL H 3139 111.03 64.11 47.42
N LEU H 3140 111.41 65.19 48.11
CA LEU H 3140 112.06 65.05 49.40
C LEU H 3140 111.09 64.51 50.45
N THR H 3141 109.84 64.94 50.40
CA THR H 3141 108.81 64.38 51.28
C THR H 3141 108.64 62.89 51.03
N THR H 3142 108.60 62.49 49.75
CA THR H 3142 108.49 61.08 49.41
C THR H 3142 109.66 60.29 49.94
N LEU H 3143 110.87 60.83 49.80
CA LEU H 3143 112.06 60.13 50.29
C LEU H 3143 112.03 60.00 51.80
N PHE H 3144 111.63 61.05 52.50
CA PHE H 3144 111.53 60.98 53.96
C PHE H 3144 110.50 59.92 54.37
N GLN H 3145 109.36 59.90 53.69
CA GLN H 3145 108.33 58.91 54.00
C GLN H 3145 108.85 57.50 53.77
N HIS H 3146 109.54 57.27 52.67
CA HIS H 3146 110.08 55.95 52.35
C HIS H 3146 111.12 55.53 53.38
N ILE H 3147 111.99 56.46 53.77
CA ILE H 3147 113.00 56.19 54.79
C ILE H 3147 112.35 55.81 56.11
N ALA H 3148 111.35 56.59 56.53
CA ALA H 3148 110.67 56.29 57.79
C ALA H 3148 109.96 54.95 57.72
N GLN H 3149 109.32 54.66 56.59
CA GLN H 3149 108.60 53.39 56.44
C GLN H 3149 109.55 52.21 56.58
N HIS H 3150 110.70 52.27 55.93
CA HIS H 3150 111.66 51.17 55.99
C HIS H 3150 112.66 51.33 57.13
N GLN H 3151 112.43 52.28 58.04
CA GLN H 3151 113.23 52.42 59.26
C GLN H 3151 114.71 52.61 58.92
N PHE H 3152 114.98 53.37 57.87
CA PHE H 3152 116.34 53.61 57.41
C PHE H 3152 116.99 54.83 58.04
N GLY H 3153 116.23 55.66 58.76
CA GLY H 3153 116.78 56.92 59.22
C GLY H 3153 118.01 56.76 60.09
N ASP H 3154 117.98 55.79 61.01
CA ASP H 3154 119.08 55.60 61.96
C ASP H 3154 120.36 55.18 61.26
N ASP H 3155 120.27 54.78 60.00
CA ASP H 3155 121.45 54.39 59.24
C ASP H 3155 121.83 55.42 58.18
N VAL H 3156 120.84 56.18 57.70
CA VAL H 3156 121.11 57.16 56.65
C VAL H 3156 121.52 58.50 57.25
N ILE H 3157 120.67 59.10 58.07
CA ILE H 3157 120.87 60.48 58.47
C ILE H 3157 121.76 60.54 59.71
N LEU H 3158 123.08 60.51 59.52
CA LEU H 3158 124.02 60.44 60.63
C LEU H 3158 124.89 61.68 60.80
N ASP H 3159 125.68 62.03 59.78
CA ASP H 3159 126.77 62.98 60.00
C ASP H 3159 126.51 64.37 59.41
N ASP H 3160 126.28 64.45 58.09
CA ASP H 3160 126.03 65.74 57.46
C ASP H 3160 124.58 65.82 57.01
N VAL H 3161 123.95 64.68 56.78
CA VAL H 3161 122.53 64.66 56.47
C VAL H 3161 121.74 65.16 57.66
N GLN H 3162 122.20 64.88 58.88
CA GLN H 3162 121.58 65.48 60.05
C GLN H 3162 121.67 67.00 60.00
N VAL H 3163 122.82 67.52 59.59
CA VAL H 3163 122.97 68.98 59.51
C VAL H 3163 121.99 69.55 58.50
N SER H 3164 121.91 68.94 57.32
CA SER H 3164 121.02 69.44 56.28
C SER H 3164 119.56 69.37 56.74
N CYS H 3165 119.17 68.24 57.35
CA CYS H 3165 117.80 68.09 57.83
C CYS H 3165 117.49 69.07 58.96
N TYR H 3166 118.44 69.30 59.88
CA TYR H 3166 118.27 70.35 60.87
C TYR H 3166 117.99 71.68 60.20
N ARG H 3167 118.83 72.06 59.22
CA ARG H 3167 118.67 73.36 58.61
C ARG H 3167 117.30 73.50 57.95
N THR H 3168 116.88 72.47 57.22
CA THR H 3168 115.56 72.48 56.60
C THR H 3168 114.45 72.62 57.64
N LEU H 3169 114.49 71.75 58.66
CA LEU H 3169 113.51 71.78 59.75
C LEU H 3169 113.41 73.16 60.36
N CYS H 3170 114.54 73.76 60.69
CA CYS H 3170 114.52 74.99 61.49
C CYS H 3170 114.10 76.17 60.64
N SER H 3171 114.48 76.19 59.36
CA SER H 3171 113.95 77.21 58.46
C SER H 3171 112.44 77.09 58.32
N ILE H 3172 111.95 75.87 58.10
CA ILE H 3172 110.52 75.67 57.90
C ILE H 3172 109.75 76.11 59.14
N TYR H 3173 110.26 75.79 60.33
CA TYR H 3173 109.63 76.28 61.54
C TYR H 3173 109.69 77.80 61.62
N SER H 3174 110.82 78.39 61.21
CA SER H 3174 110.91 79.84 61.22
C SER H 3174 109.79 80.46 60.41
N LEU H 3175 109.29 79.76 59.38
CA LEU H 3175 108.25 80.36 58.55
C LEU H 3175 107.08 80.89 59.37
N GLY H 3176 106.79 80.23 60.50
CA GLY H 3176 105.68 80.64 61.35
C GLY H 3176 105.57 82.13 61.56
N THR H 3177 106.70 82.81 61.78
CA THR H 3177 106.67 84.25 62.03
C THR H 3177 106.19 85.02 60.81
N THR H 3178 106.62 84.61 59.61
CA THR H 3178 106.30 85.36 58.41
C THR H 3178 104.81 85.21 58.09
N LYS H 3179 104.16 86.36 57.85
CA LYS H 3179 102.76 86.42 57.43
C LYS H 3179 102.73 87.01 56.03
N ASN H 3180 102.29 86.21 55.05
CA ASN H 3180 102.22 86.66 53.67
C ASN H 3180 101.22 85.81 52.91
N THR H 3181 100.81 86.32 51.75
CA THR H 3181 99.93 85.56 50.87
C THR H 3181 100.64 84.31 50.34
N TYR H 3182 101.92 84.44 49.97
CA TYR H 3182 102.63 83.32 49.39
C TYR H 3182 102.79 82.18 50.39
N VAL H 3183 103.04 82.51 51.65
CA VAL H 3183 103.26 81.47 52.66
C VAL H 3183 102.02 80.60 52.80
N GLU H 3184 100.85 81.23 52.83
CA GLU H 3184 99.60 80.52 53.10
C GLU H 3184 99.46 79.29 52.22
N LYS H 3185 99.67 79.45 50.92
CA LYS H 3185 99.53 78.34 50.00
C LYS H 3185 100.63 77.30 50.18
N LEU H 3186 101.77 77.69 50.74
CA LEU H 3186 102.92 76.79 50.84
C LEU H 3186 102.95 76.01 52.14
N ARG H 3187 102.30 76.50 53.19
CA ARG H 3187 102.41 75.84 54.50
C ARG H 3187 101.97 74.40 54.48
N PRO H 3188 100.91 74.00 53.76
CA PRO H 3188 100.58 72.56 53.71
C PRO H 3188 101.74 71.66 53.32
N ALA H 3189 102.37 71.92 52.17
CA ALA H 3189 103.46 71.09 51.70
C ALA H 3189 104.64 71.14 52.67
N LEU H 3190 104.94 72.32 53.20
CA LEU H 3190 106.02 72.45 54.18
C LEU H 3190 105.76 71.59 55.40
N GLY H 3191 104.53 71.62 55.92
CA GLY H 3191 104.20 70.81 57.08
C GLY H 3191 104.27 69.32 56.78
N GLU H 3192 103.86 68.93 55.57
CA GLU H 3192 103.96 67.52 55.21
C GLU H 3192 105.41 67.05 55.14
N CYS H 3193 106.27 67.84 54.47
CA CYS H 3193 107.69 67.50 54.42
C CYS H 3193 108.27 67.45 55.82
N LEU H 3194 107.88 68.40 56.66
CA LEU H 3194 108.35 68.45 58.03
C LEU H 3194 107.92 67.22 58.81
N ALA H 3195 106.68 66.77 58.62
CA ALA H 3195 106.18 65.57 59.28
C ALA H 3195 107.03 64.37 58.88
N ARG H 3196 107.26 64.20 57.58
CA ARG H 3196 108.05 63.06 57.13
C ARG H 3196 109.47 63.13 57.64
N LEU H 3197 110.03 64.34 57.75
CA LEU H 3197 111.36 64.50 58.32
C LEU H 3197 111.37 64.10 59.79
N ALA H 3198 110.34 64.51 60.54
CA ALA H 3198 110.26 64.17 61.96
C ALA H 3198 110.15 62.66 62.15
N ALA H 3199 109.36 61.99 61.31
CA ALA H 3199 109.23 60.54 61.43
C ALA H 3199 110.56 59.85 61.15
N ALA H 3200 111.35 60.39 60.22
CA ALA H 3200 112.58 59.72 59.80
C ALA H 3200 113.78 60.17 60.63
N MET H 3201 113.84 61.45 60.99
CA MET H 3201 115.03 62.02 61.57
C MET H 3201 115.37 61.32 62.89
N PRO H 3202 116.58 60.76 63.02
CA PRO H 3202 116.84 59.86 64.15
C PRO H 3202 117.09 60.55 65.48
N VAL H 3203 117.42 61.83 65.50
CA VAL H 3203 117.64 62.52 66.76
C VAL H 3203 116.30 63.02 67.28
N ALA H 3204 116.26 63.36 68.56
CA ALA H 3204 115.09 63.97 69.18
C ALA H 3204 115.39 65.45 69.39
N PHE H 3205 115.14 66.25 68.36
CA PHE H 3205 115.53 67.65 68.40
C PHE H 3205 114.66 68.44 69.37
N LEU H 3206 113.48 67.93 69.71
CA LEU H 3206 112.64 68.60 70.69
C LEU H 3206 113.06 68.28 72.12
N GLU H 3207 113.86 67.22 72.30
CA GLU H 3207 114.35 66.84 73.62
C GLU H 3207 115.87 66.73 73.55
N PRO H 3208 116.58 67.85 73.47
CA PRO H 3208 118.03 67.79 73.26
C PRO H 3208 118.81 67.43 74.52
N GLN H 3209 118.30 67.81 75.69
CA GLN H 3209 119.04 67.59 76.93
C GLN H 3209 119.45 66.14 77.09
N LEU H 3210 118.67 65.22 76.53
CA LEU H 3210 118.93 63.79 76.61
C LEU H 3210 119.60 63.25 75.35
N ASN H 3211 120.11 64.14 74.49
CA ASN H 3211 120.78 63.69 73.27
C ASN H 3211 122.05 62.91 73.59
N GLU H 3212 122.62 63.12 74.78
CA GLU H 3212 123.83 62.41 75.17
C GLU H 3212 123.62 60.90 75.12
N TYR H 3213 122.39 60.44 75.34
CA TYR H 3213 122.10 59.02 75.33
C TYR H 3213 121.84 58.49 73.92
N ASN H 3214 121.56 59.37 72.97
CA ASN H 3214 121.34 58.94 71.59
C ASN H 3214 122.67 58.72 70.88
N ALA H 3215 122.80 57.56 70.25
CA ALA H 3215 124.01 57.19 69.53
C ALA H 3215 124.00 57.65 68.08
N CYS H 3216 122.82 57.73 67.47
CA CYS H 3216 122.69 58.20 66.09
C CYS H 3216 122.65 59.72 66.05
N SER H 3217 123.66 60.33 66.67
CA SER H 3217 123.81 61.76 66.75
C SER H 3217 125.24 62.15 66.41
N VAL H 3218 125.38 63.24 65.66
CA VAL H 3218 126.70 63.72 65.28
C VAL H 3218 127.51 64.07 66.51
N TYR H 3219 126.86 64.62 67.53
CA TYR H 3219 127.59 65.07 68.73
C TYR H 3219 128.22 63.89 69.45
N THR H 3220 127.58 62.73 69.44
CA THR H 3220 128.16 61.56 70.07
C THR H 3220 129.17 60.87 69.14
N THR H 3221 128.81 60.75 67.86
CA THR H 3221 129.67 60.02 66.93
C THR H 3221 131.01 60.73 66.73
N LYS H 3222 130.99 62.06 66.66
CA LYS H 3222 132.14 62.83 66.23
C LYS H 3222 132.87 63.43 67.44
N SER H 3223 134.18 63.57 67.29
CA SER H 3223 135.00 64.20 68.31
C SER H 3223 134.74 65.70 68.35
N PRO H 3224 134.96 66.35 69.50
CA PRO H 3224 134.78 67.81 69.55
C PRO H 3224 135.72 68.55 68.64
N ARG H 3225 136.84 67.93 68.29
CA ARG H 3225 137.79 68.51 67.35
C ARG H 3225 137.21 68.52 65.95
N GLU H 3226 136.44 67.50 65.61
CA GLU H 3226 135.42 67.62 64.58
C GLU H 3226 134.24 68.43 65.13
N ARG H 3227 133.36 68.87 64.24
CA ARG H 3227 132.27 69.78 64.58
C ARG H 3227 132.81 71.19 64.79
N ALA H 3228 134.14 71.34 64.78
CA ALA H 3228 134.76 72.65 64.79
C ALA H 3228 135.24 73.02 63.39
N ILE H 3229 135.72 72.02 62.65
CA ILE H 3229 136.13 72.25 61.26
C ILE H 3229 134.93 72.69 60.44
N LEU H 3230 133.78 72.03 60.65
CA LEU H 3230 132.52 72.45 60.07
C LEU H 3230 131.76 73.19 61.18
N GLY H 3231 131.64 74.50 61.02
CA GLY H 3231 131.15 75.35 62.10
C GLY H 3231 129.88 74.85 62.73
N LEU H 3232 129.97 74.42 63.97
CA LEU H 3232 128.81 73.97 64.72
C LEU H 3232 128.79 74.64 66.08
N PRO H 3233 127.62 74.79 66.69
CA PRO H 3233 127.53 75.59 67.93
C PRO H 3233 128.33 75.03 69.08
N ASN H 3234 128.69 73.74 69.04
CA ASN H 3234 129.31 72.99 70.12
C ASN H 3234 128.25 72.52 71.11
N SER H 3235 126.98 72.82 70.87
CA SER H 3235 125.88 72.34 71.72
C SER H 3235 124.70 71.97 70.83
N VAL H 3236 124.05 70.86 71.15
CA VAL H 3236 122.90 70.42 70.39
C VAL H 3236 121.75 71.42 70.50
N GLU H 3237 121.63 72.07 71.65
CA GLU H 3237 120.54 73.03 71.86
C GLU H 3237 120.64 74.18 70.87
N GLU H 3238 121.86 74.63 70.58
CA GLU H 3238 122.04 75.79 69.73
C GLU H 3238 121.88 75.46 68.25
N MET H 3239 121.73 74.17 67.92
CA MET H 3239 121.63 73.79 66.52
C MET H 3239 120.56 74.61 65.81
N CYS H 3240 119.37 74.71 66.39
CA CYS H 3240 118.44 75.80 66.12
C CYS H 3240 117.56 75.97 67.35
N PRO H 3241 117.84 76.99 68.18
CA PRO H 3241 117.09 77.13 69.43
C PRO H 3241 115.66 77.61 69.21
N ASP H 3242 115.37 78.23 68.07
CA ASP H 3242 114.05 78.82 67.86
C ASP H 3242 112.94 77.81 68.07
N ILE H 3243 113.15 76.58 67.62
CA ILE H 3243 112.13 75.54 67.83
C ILE H 3243 112.00 75.27 69.33
N PRO H 3244 110.81 75.37 69.91
CA PRO H 3244 110.67 75.12 71.35
C PRO H 3244 110.74 73.64 71.68
N VAL H 3245 110.86 73.37 72.98
CA VAL H 3245 110.85 72.00 73.45
C VAL H 3245 109.43 71.44 73.43
N LEU H 3246 109.33 70.13 73.58
CA LEU H 3246 108.03 69.46 73.54
C LEU H 3246 107.11 70.00 74.62
N ASP H 3247 107.62 70.18 75.84
CA ASP H 3247 106.79 70.68 76.92
C ASP H 3247 106.15 72.02 76.57
N ARG H 3248 106.98 72.98 76.14
CA ARG H 3248 106.48 74.30 75.82
C ARG H 3248 105.49 74.25 74.67
N LEU H 3249 105.82 73.47 73.64
CA LEU H 3249 104.96 73.40 72.45
C LEU H 3249 103.60 72.81 72.81
N MET H 3250 103.60 71.73 73.60
CA MET H 3250 102.36 71.07 73.97
C MET H 3250 101.53 72.01 74.82
N ALA H 3251 102.20 72.75 75.71
CA ALA H 3251 101.51 73.72 76.56
C ALA H 3251 100.86 74.82 75.71
N ASP H 3252 101.57 75.32 74.70
CA ASP H 3252 100.99 76.32 73.82
C ASP H 3252 99.77 75.79 73.10
N ILE H 3253 99.86 74.55 72.61
CA ILE H 3253 98.71 73.96 71.93
C ILE H 3253 97.52 73.88 72.88
N GLY H 3254 97.74 73.40 74.10
CA GLY H 3254 96.65 73.31 75.05
C GLY H 3254 96.07 74.67 75.39
N GLY H 3255 96.93 75.67 75.54
CA GLY H 3255 96.44 77.01 75.83
C GLY H 3255 95.58 77.57 74.71
N LEU H 3256 96.01 77.38 73.46
CA LEU H 3256 95.19 77.83 72.34
C LEU H 3256 93.86 77.10 72.31
N ALA H 3257 93.88 75.78 72.52
CA ALA H 3257 92.64 75.02 72.48
C ALA H 3257 91.67 75.48 73.55
N GLU H 3258 92.15 75.66 74.78
CA GLU H 3258 91.25 76.10 75.86
C GLU H 3258 90.81 77.54 75.65
N SER H 3259 91.65 78.36 75.01
CA SER H 3259 91.25 79.73 74.71
C SER H 3259 90.15 79.77 73.66
N GLY H 3260 90.15 78.81 72.74
CA GLY H 3260 89.21 78.82 71.65
C GLY H 3260 89.73 79.50 70.40
N ALA H 3261 91.04 79.56 70.23
CA ALA H 3261 91.63 80.24 69.08
C ALA H 3261 91.13 79.63 67.78
N ARG H 3262 90.79 80.48 66.83
CA ARG H 3262 90.40 80.02 65.51
C ARG H 3262 91.64 79.72 64.67
N TYR H 3263 91.40 79.22 63.46
CA TYR H 3263 92.52 78.87 62.57
C TYR H 3263 93.39 80.08 62.27
N THR H 3264 92.78 81.27 62.21
CA THR H 3264 93.53 82.47 61.84
C THR H 3264 94.55 82.85 62.90
N GLU H 3265 94.24 82.59 64.17
CA GLU H 3265 95.15 82.95 65.25
C GLU H 3265 96.35 82.01 65.29
N MET H 3266 96.14 80.74 64.96
CA MET H 3266 97.15 79.69 65.08
C MET H 3266 97.21 78.86 63.81
N PRO H 3267 97.40 79.52 62.66
CA PRO H 3267 97.51 78.77 61.40
C PRO H 3267 98.82 78.06 61.24
N HIS H 3268 99.92 78.65 61.72
CA HIS H 3268 101.22 77.98 61.68
C HIS H 3268 101.13 76.62 62.35
N VAL H 3269 100.52 76.57 63.53
CA VAL H 3269 100.38 75.32 64.26
C VAL H 3269 99.70 74.27 63.39
N ILE H 3270 98.45 74.53 63.01
CA ILE H 3270 97.62 73.51 62.36
C ILE H 3270 98.32 72.95 61.14
N GLU H 3271 98.96 73.82 60.35
CA GLU H 3271 99.49 73.39 59.05
C GLU H 3271 100.90 72.84 59.12
N ILE H 3272 101.67 73.19 60.15
CA ILE H 3272 103.09 72.84 60.16
C ILE H 3272 103.45 72.08 61.43
N THR H 3273 103.09 72.62 62.59
CA THR H 3273 103.57 72.08 63.85
C THR H 3273 102.93 70.73 64.16
N LEU H 3274 101.59 70.71 64.24
CA LEU H 3274 100.89 69.50 64.67
C LEU H 3274 101.22 68.28 63.82
N PRO H 3275 101.29 68.39 62.50
CA PRO H 3275 101.72 67.24 61.70
C PRO H 3275 103.10 66.72 62.11
N MET H 3276 103.99 67.65 62.46
CA MET H 3276 105.33 67.25 62.89
C MET H 3276 105.28 66.46 64.18
N LEU H 3277 104.46 66.90 65.15
CA LEU H 3277 104.30 66.15 66.38
C LEU H 3277 103.66 64.79 66.13
N CYS H 3278 102.67 64.74 65.24
CA CYS H 3278 101.99 63.48 64.95
C CYS H 3278 102.96 62.43 64.42
N SER H 3279 104.08 62.88 63.84
CA SER H 3279 105.12 61.99 63.35
C SER H 3279 106.24 61.79 64.36
N TYR H 3280 106.44 62.76 65.25
CA TYR H 3280 107.49 62.70 66.26
C TYR H 3280 107.11 61.78 67.41
N LEU H 3281 105.95 62.02 68.01
CA LEU H 3281 105.54 61.38 69.26
C LEU H 3281 105.50 59.86 69.16
N PRO H 3282 104.95 59.28 68.09
CA PRO H 3282 104.91 57.81 68.00
C PRO H 3282 106.29 57.18 67.92
N ARG H 3283 107.10 57.72 67.01
CA ARG H 3283 108.43 57.18 66.78
C ARG H 3283 109.25 57.17 68.06
N TRP H 3284 109.07 58.17 68.91
CA TRP H 3284 109.81 58.27 70.16
C TRP H 3284 109.11 57.60 71.32
N TRP H 3285 107.79 57.37 71.21
CA TRP H 3285 107.12 56.51 72.17
C TRP H 3285 107.62 55.08 72.03
N GLU H 3286 107.93 54.67 70.79
CA GLU H 3286 108.50 53.34 70.57
C GLU H 3286 109.84 53.18 71.28
N ARG H 3287 110.67 54.23 71.27
CA ARG H 3287 112.01 54.15 71.84
C ARG H 3287 112.09 54.60 73.29
N GLY H 3288 111.02 55.18 73.83
CA GLY H 3288 111.02 55.66 75.19
C GLY H 3288 110.36 54.68 76.13
N PRO H 3289 110.16 55.09 77.38
CA PRO H 3289 109.42 54.25 78.32
C PRO H 3289 107.96 54.12 77.89
N GLU H 3290 107.34 53.04 78.36
CA GLU H 3290 106.08 52.48 77.89
C GLU H 3290 106.32 51.64 76.64
N ALA H 3291 107.54 51.58 76.13
CA ALA H 3291 107.83 50.74 74.99
C ALA H 3291 107.95 49.29 75.44
N PRO H 3292 107.72 48.33 74.55
CA PRO H 3292 107.96 46.93 74.89
C PRO H 3292 109.43 46.71 75.20
N PRO H 3293 109.79 46.49 76.47
CA PRO H 3293 111.19 46.37 76.82
C PRO H 3293 111.67 44.94 76.73
N PRO H 3294 112.63 44.63 75.86
CA PRO H 3294 113.42 43.40 76.04
C PRO H 3294 114.42 43.62 77.17
N ALA H 3295 114.80 42.53 77.82
CA ALA H 3295 115.58 42.63 79.05
C ALA H 3295 116.79 43.54 78.93
N LEU H 3296 117.77 43.15 78.11
CA LEU H 3296 119.01 43.93 77.98
C LEU H 3296 118.78 45.28 77.32
N PRO H 3297 118.07 45.39 76.20
CA PRO H 3297 117.83 46.72 75.61
C PRO H 3297 117.21 47.70 76.60
N ALA H 3298 116.28 47.22 77.42
CA ALA H 3298 115.64 48.08 78.41
C ALA H 3298 116.63 48.45 79.51
N GLY H 3299 117.38 47.47 80.00
CA GLY H 3299 118.41 47.75 80.98
C GLY H 3299 119.79 47.82 80.35
N ALA H 3300 120.25 49.04 80.07
CA ALA H 3300 121.60 49.28 79.57
C ALA H 3300 121.74 50.75 79.17
N PRO H 3301 121.17 51.20 78.05
CA PRO H 3301 121.22 52.64 77.75
C PRO H 3301 119.96 53.33 78.23
N PRO H 3302 120.07 54.52 78.83
CA PRO H 3302 118.88 55.28 79.18
C PRO H 3302 118.13 55.71 77.93
N PRO H 3303 116.80 55.82 77.99
CA PRO H 3303 116.06 56.30 76.81
C PRO H 3303 116.27 57.79 76.60
N CYS H 3304 116.60 58.15 75.37
CA CYS H 3304 116.79 59.56 75.03
C CYS H 3304 115.49 60.35 75.19
N THR H 3305 114.38 59.79 74.71
CA THR H 3305 113.11 60.49 74.77
C THR H 3305 112.39 60.17 76.08
N ALA H 3306 111.35 60.97 76.35
CA ALA H 3306 110.49 60.80 77.51
C ALA H 3306 109.02 60.66 77.12
N VAL H 3307 108.75 60.32 75.86
CA VAL H 3307 107.38 60.32 75.37
C VAL H 3307 106.61 59.15 75.99
N THR H 3308 105.38 59.43 76.42
CA THR H 3308 104.46 58.43 76.95
C THR H 3308 103.12 58.58 76.25
N SER H 3309 102.19 57.68 76.59
CA SER H 3309 100.86 57.73 75.98
C SER H 3309 100.11 58.98 76.42
N ASP H 3310 100.48 59.56 77.56
CA ASP H 3310 99.80 60.75 78.05
C ASP H 3310 100.02 61.92 77.10
N HIS H 3311 101.23 62.07 76.58
CA HIS H 3311 101.51 63.12 75.59
C HIS H 3311 100.54 63.00 74.41
N LEU H 3312 100.43 61.79 73.86
CA LEU H 3312 99.61 61.59 72.67
C LEU H 3312 98.14 61.82 72.98
N ASN H 3313 97.68 61.36 74.14
CA ASN H 3313 96.28 61.57 74.53
C ASN H 3313 95.98 63.05 74.68
N SER H 3314 96.89 63.79 75.31
CA SER H 3314 96.70 65.23 75.47
C SER H 3314 96.65 65.93 74.12
N LEU H 3315 97.56 65.54 73.21
CA LEU H 3315 97.57 66.14 71.89
C LEU H 3315 96.27 65.86 71.15
N LEU H 3316 95.77 64.63 71.24
CA LEU H 3316 94.53 64.27 70.58
C LEU H 3316 93.36 65.07 71.15
N GLY H 3317 93.29 65.20 72.47
CA GLY H 3317 92.23 65.99 73.07
C GLY H 3317 92.29 67.44 72.64
N ASN H 3318 93.50 68.01 72.58
CA ASN H 3318 93.64 69.40 72.16
C ASN H 3318 93.24 69.56 70.70
N ILE H 3319 93.57 68.58 69.86
CA ILE H 3319 93.19 68.64 68.44
C ILE H 3319 91.67 68.61 68.31
N LEU H 3320 91.02 67.73 69.07
CA LEU H 3320 89.56 67.66 69.04
C LEU H 3320 88.95 68.98 69.51
N ARG H 3321 89.54 69.57 70.55
CA ARG H 3321 89.08 70.87 71.03
C ARG H 3321 89.21 71.94 69.95
N ILE H 3322 90.32 71.92 69.22
CA ILE H 3322 90.53 72.87 68.14
C ILE H 3322 89.45 72.70 67.07
N ILE H 3323 89.17 71.45 66.70
CA ILE H 3323 88.17 71.21 65.66
C ILE H 3323 86.81 71.70 66.12
N VAL H 3324 86.42 71.41 67.36
CA VAL H 3324 85.11 71.85 67.82
C VAL H 3324 85.05 73.37 67.88
N ASN H 3325 86.15 74.02 68.26
CA ASN H 3325 86.18 75.48 68.25
C ASN H 3325 86.02 76.03 66.84
N ASN H 3326 86.59 75.36 65.84
CA ASN H 3326 86.47 75.75 64.45
C ASN H 3326 85.45 74.89 63.71
N LEU H 3327 84.38 74.48 64.40
CA LEU H 3327 83.48 73.48 63.85
C LEU H 3327 82.54 74.07 62.80
N GLY H 3328 81.92 75.21 63.08
CA GLY H 3328 80.87 75.71 62.22
C GLY H 3328 81.37 76.51 61.03
N ILE H 3329 82.62 76.97 61.09
CA ILE H 3329 83.17 77.87 60.08
C ILE H 3329 82.96 77.31 58.68
N ASP H 3330 82.75 78.20 57.71
CA ASP H 3330 82.48 77.79 56.34
C ASP H 3330 83.72 77.18 55.68
N GLU H 3331 84.90 77.75 55.94
CA GLU H 3331 86.13 77.33 55.28
C GLU H 3331 87.08 76.72 56.32
N ALA H 3332 87.21 75.41 56.27
CA ALA H 3332 88.11 74.68 57.17
C ALA H 3332 88.87 73.61 56.39
N THR H 3333 89.46 74.03 55.27
CA THR H 3333 90.17 73.09 54.40
C THR H 3333 91.27 72.33 55.15
N TRP H 3334 91.73 72.85 56.28
CA TRP H 3334 92.84 72.22 57.01
C TRP H 3334 92.40 70.93 57.71
N MET H 3335 91.10 70.73 57.89
CA MET H 3335 90.62 69.60 58.69
C MET H 3335 91.01 68.27 58.08
N LYS H 3336 90.89 68.15 56.75
CA LYS H 3336 91.19 66.86 56.11
C LYS H 3336 92.62 66.45 56.38
N ARG H 3337 93.55 67.40 56.35
CA ARG H 3337 94.95 67.10 56.58
C ARG H 3337 95.20 66.84 58.06
N LEU H 3338 94.56 67.61 58.93
CA LEU H 3338 94.75 67.42 60.36
C LEU H 3338 94.31 66.01 60.77
N ALA H 3339 93.23 65.52 60.16
CA ALA H 3339 92.74 64.18 60.48
C ALA H 3339 93.75 63.11 60.07
N VAL H 3340 94.27 63.21 58.85
CA VAL H 3340 95.21 62.18 58.37
C VAL H 3340 96.47 62.20 59.21
N PHE H 3341 96.89 63.38 59.68
CA PHE H 3341 98.08 63.43 60.52
C PHE H 3341 97.77 62.91 61.93
N ALA H 3342 96.58 63.16 62.44
CA ALA H 3342 96.26 62.81 63.82
C ALA H 3342 95.90 61.34 63.97
N GLN H 3343 95.55 60.67 62.88
CA GLN H 3343 95.10 59.29 62.99
C GLN H 3343 96.08 58.40 63.74
N PRO H 3344 97.38 58.43 63.41
CA PRO H 3344 98.33 57.51 64.06
C PRO H 3344 98.31 57.53 65.58
N ILE H 3345 98.20 58.71 66.18
CA ILE H 3345 98.34 58.83 67.63
C ILE H 3345 97.09 58.42 68.39
N VAL H 3346 96.03 58.03 67.69
CA VAL H 3346 94.77 57.67 68.35
C VAL H 3346 94.85 56.31 69.00
N SER H 3347 95.79 55.46 68.57
CA SER H 3347 95.89 54.12 69.15
C SER H 3347 96.21 54.19 70.64
N ARG H 3348 97.08 55.11 71.04
CA ARG H 3348 97.45 55.23 72.44
C ARG H 3348 96.33 55.88 73.26
N ALA H 3349 95.28 56.36 72.59
CA ALA H 3349 94.20 57.09 73.25
C ALA H 3349 93.62 56.31 74.42
N ARG H 3350 93.37 56.99 75.53
CA ARG H 3350 92.85 56.34 76.73
C ARG H 3350 91.33 56.27 76.68
N PRO H 3351 90.74 55.38 77.49
CA PRO H 3351 89.27 55.26 77.49
C PRO H 3351 88.55 56.55 77.87
N GLU H 3352 89.12 57.33 78.79
CA GLU H 3352 88.45 58.53 79.28
C GLU H 3352 88.19 59.53 78.18
N LEU H 3353 88.96 59.45 77.09
CA LEU H 3353 88.79 60.39 75.99
C LEU H 3353 87.38 60.35 75.45
N LEU H 3354 86.76 59.17 75.44
CA LEU H 3354 85.37 59.06 74.99
C LEU H 3354 84.50 60.08 75.69
N HIS H 3355 84.34 59.94 77.01
CA HIS H 3355 83.47 60.84 77.75
C HIS H 3355 83.97 62.27 77.69
N SER H 3356 85.29 62.48 77.78
CA SER H 3356 85.80 63.83 77.86
C SER H 3356 85.49 64.63 76.60
N HIS H 3357 85.73 64.05 75.43
CA HIS H 3357 85.71 64.79 74.18
C HIS H 3357 84.69 64.26 73.19
N PHE H 3358 84.64 62.95 72.97
CA PHE H 3358 83.96 62.41 71.79
C PHE H 3358 82.45 62.59 71.90
N ILE H 3359 81.88 62.30 73.07
CA ILE H 3359 80.42 62.38 73.21
C ILE H 3359 79.92 63.79 72.95
N PRO H 3360 80.46 64.85 73.57
CA PRO H 3360 79.95 66.19 73.25
C PRO H 3360 80.08 66.58 71.79
N THR H 3361 81.19 66.20 71.14
CA THR H 3361 81.39 66.57 69.75
C THR H 3361 80.29 65.98 68.87
N ILE H 3362 80.09 64.67 68.98
CA ILE H 3362 79.09 64.00 68.17
C ILE H 3362 77.71 64.47 68.55
N GLY H 3363 77.49 64.81 69.82
CA GLY H 3363 76.19 65.34 70.21
C GLY H 3363 75.87 66.66 69.56
N ARG H 3364 76.83 67.59 69.58
CA ARG H 3364 76.64 68.88 68.90
C ARG H 3364 76.39 68.68 67.42
N LEU H 3365 77.19 67.80 66.80
CA LEU H 3365 77.08 67.60 65.36
C LEU H 3365 75.75 66.95 64.99
N ARG H 3366 75.31 65.99 65.81
CA ARG H 3366 74.00 65.37 65.63
C ARG H 3366 72.89 66.40 65.77
N LYS H 3367 73.00 67.29 66.75
CA LYS H 3367 71.98 68.32 66.93
C LYS H 3367 71.91 69.24 65.73
N ARG H 3368 73.08 69.64 65.20
CA ARG H 3368 73.09 70.46 64.00
C ARG H 3368 72.43 69.75 62.83
N ALA H 3369 72.73 68.45 62.66
CA ALA H 3369 72.09 67.69 61.60
C ALA H 3369 70.58 67.67 61.77
N GLY H 3370 70.12 67.49 63.01
CA GLY H 3370 68.69 67.49 63.26
C GLY H 3370 68.04 68.80 62.88
N LYS H 3371 68.67 69.92 63.25
CA LYS H 3371 68.13 71.23 62.88
C LYS H 3371 68.08 71.40 61.38
N VAL H 3372 69.14 70.98 60.68
CA VAL H 3372 69.18 71.19 59.24
C VAL H 3372 68.11 70.35 58.55
N VAL H 3373 67.91 69.11 59.01
CA VAL H 3373 66.88 68.28 58.41
C VAL H 3373 65.49 68.83 58.74
N ALA H 3374 65.32 69.44 59.91
CA ALA H 3374 64.06 70.09 60.21
C ALA H 3374 63.80 71.23 59.24
N GLU H 3375 64.82 72.02 58.94
CA GLU H 3375 64.67 73.09 57.94
C GLU H 3375 64.33 72.51 56.58
N GLU H 3376 64.95 71.39 56.23
CA GLU H 3376 64.63 70.71 54.97
C GLU H 3376 63.16 70.30 54.93
N GLU H 3377 62.67 69.72 56.03
CA GLU H 3377 61.27 69.30 56.09
C GLU H 3377 60.35 70.50 55.95
N GLN H 3378 60.71 71.63 56.57
CA GLN H 3378 59.88 72.83 56.44
C GLN H 3378 59.89 73.34 55.00
N LEU H 3379 61.05 73.35 54.36
CA LEU H 3379 61.14 73.80 52.98
C LEU H 3379 60.37 72.90 52.03
N ARG H 3380 60.26 71.61 52.34
CA ARG H 3380 59.40 70.72 51.57
C ARG H 3380 57.93 70.91 51.89
N LEU H 3381 57.61 71.22 53.16
CA LEU H 3381 56.26 71.53 53.58
C LEU H 3381 55.72 72.70 52.76
N GLU H 3382 56.55 73.72 52.56
CA GLU H 3382 56.17 74.88 51.76
C GLU H 3382 56.93 74.82 50.44
N ALA H 3383 56.20 74.58 49.35
CA ALA H 3383 56.79 74.29 48.06
C ALA H 3383 56.41 75.37 47.04
N LYS H 3384 57.31 76.32 46.83
CA LYS H 3384 57.12 77.42 45.90
C LYS H 3384 58.39 77.55 45.07
N ALA H 3385 58.43 78.59 44.23
CA ALA H 3385 59.71 79.02 43.67
C ALA H 3385 60.66 79.42 44.78
N GLU H 3386 60.13 79.89 45.90
CA GLU H 3386 60.95 80.14 47.08
C GLU H 3386 61.65 78.87 47.55
N ALA H 3387 61.02 77.71 47.33
CA ALA H 3387 61.62 76.47 47.78
C ALA H 3387 62.99 76.24 47.15
N GLU H 3388 63.19 76.75 45.93
CA GLU H 3388 64.53 76.77 45.37
C GLU H 3388 65.48 77.56 46.26
N GLU H 3389 64.99 78.67 46.81
CA GLU H 3389 65.71 79.41 47.83
C GLU H 3389 65.60 78.67 49.17
N GLY H 3390 66.61 78.84 50.02
CA GLY H 3390 66.73 78.08 51.24
C GLY H 3390 67.28 76.69 51.04
N GLU H 3391 66.99 76.08 49.89
CA GLU H 3391 67.61 74.81 49.56
C GLU H 3391 69.12 74.96 49.37
N LEU H 3392 69.54 76.05 48.71
CA LEU H 3392 70.96 76.37 48.66
C LEU H 3392 71.54 76.48 50.07
N LEU H 3393 70.81 77.12 50.97
CA LEU H 3393 71.28 77.31 52.33
C LEU H 3393 71.46 75.97 53.04
N VAL H 3394 70.46 75.10 52.95
CA VAL H 3394 70.54 73.82 53.64
C VAL H 3394 71.63 72.94 53.02
N ARG H 3395 71.83 73.04 51.71
CA ARG H 3395 72.94 72.31 51.10
C ARG H 3395 74.29 72.83 51.58
N ASP H 3396 74.41 74.15 51.77
CA ASP H 3396 75.64 74.68 52.35
C ASP H 3396 75.85 74.15 53.76
N GLU H 3397 74.79 74.10 54.56
CA GLU H 3397 74.89 73.54 55.90
C GLU H 3397 75.32 72.08 55.86
N PHE H 3398 74.72 71.30 54.95
CA PHE H 3398 75.15 69.92 54.78
C PHE H 3398 76.60 69.80 54.38
N SER H 3399 77.08 70.67 53.50
CA SER H 3399 78.46 70.58 53.05
C SER H 3399 79.42 70.83 54.22
N VAL H 3400 79.19 71.90 54.97
CA VAL H 3400 80.06 72.20 56.11
C VAL H 3400 79.95 71.10 57.17
N LEU H 3401 78.73 70.59 57.38
CA LEU H 3401 78.52 69.54 58.36
C LEU H 3401 79.29 68.28 57.98
N CYS H 3402 79.15 67.85 56.71
CA CYS H 3402 79.88 66.70 56.23
C CYS H 3402 81.38 66.89 56.29
N ARG H 3403 81.86 68.12 56.08
CA ARG H 3403 83.28 68.38 56.26
C ARG H 3403 83.70 68.10 57.69
N ASP H 3404 82.93 68.62 58.65
CA ASP H 3404 83.23 68.35 60.05
C ASP H 3404 83.18 66.86 60.36
N LEU H 3405 82.19 66.16 59.80
CA LEU H 3405 82.07 64.72 60.02
C LEU H 3405 83.28 63.97 59.46
N TYR H 3406 83.67 64.26 58.24
CA TYR H 3406 84.78 63.54 57.64
C TYR H 3406 86.10 63.94 58.28
N ALA H 3407 86.11 65.04 59.03
CA ALA H 3407 87.26 65.36 59.88
C ALA H 3407 87.27 64.50 61.14
N LEU H 3408 86.12 64.40 61.81
CA LEU H 3408 86.10 63.81 63.15
C LEU H 3408 86.02 62.29 63.11
N TYR H 3409 85.12 61.74 62.29
CA TYR H 3409 84.90 60.29 62.27
C TYR H 3409 86.17 59.48 62.07
N PRO H 3410 87.06 59.80 61.11
CA PRO H 3410 88.20 58.91 60.86
C PRO H 3410 89.01 58.64 62.12
N LEU H 3411 89.05 59.58 63.06
CA LEU H 3411 89.71 59.34 64.33
C LEU H 3411 88.88 58.42 65.21
N LEU H 3412 87.56 58.62 65.24
CA LEU H 3412 86.68 57.81 66.06
C LEU H 3412 86.74 56.34 65.64
N ILE H 3413 86.77 56.09 64.33
CA ILE H 3413 86.83 54.72 63.83
C ILE H 3413 88.00 53.98 64.46
N ARG H 3414 89.16 54.62 64.51
CA ARG H 3414 90.34 53.99 65.10
C ARG H 3414 90.16 53.77 66.59
N TYR H 3415 89.56 54.75 67.27
CA TYR H 3415 89.29 54.62 68.70
C TYR H 3415 88.35 53.45 68.98
N VAL H 3416 87.32 53.29 68.13
CA VAL H 3416 86.39 52.17 68.29
C VAL H 3416 87.11 50.85 68.06
N ASP H 3417 87.89 50.77 66.99
CA ASP H 3417 88.58 49.53 66.67
C ASP H 3417 89.53 49.10 67.78
N ASN H 3418 89.96 50.03 68.63
CA ASN H 3418 90.89 49.75 69.71
C ASN H 3418 90.20 49.65 71.07
N ASN H 3419 88.89 49.87 71.12
CA ASN H 3419 88.13 49.79 72.37
C ASN H 3419 86.84 49.00 72.22
N ARG H 3420 86.54 48.49 71.02
CA ARG H 3420 85.33 47.70 70.83
C ARG H 3420 85.35 46.45 71.68
N ALA H 3421 86.50 45.79 71.76
CA ALA H 3421 86.59 44.55 72.54
C ALA H 3421 86.20 44.79 73.99
N HIS H 3422 86.73 45.85 74.60
CA HIS H 3422 86.40 46.16 75.98
CA HIS H 3422 86.38 46.13 75.99
C HIS H 3422 84.95 46.62 76.11
N TRP H 3423 84.50 47.47 75.18
CA TRP H 3423 83.12 47.94 75.25
C TRP H 3423 82.13 46.79 75.17
N LEU H 3424 82.51 45.70 74.49
CA LEU H 3424 81.66 44.53 74.36
C LEU H 3424 81.81 43.57 75.52
N THR H 3425 83.02 43.41 76.05
CA THR H 3425 83.22 42.56 77.21
C THR H 3425 82.57 43.16 78.45
N GLU H 3426 83.01 44.35 78.84
CA GLU H 3426 82.36 45.12 79.90
C GLU H 3426 81.49 46.18 79.25
N PRO H 3427 80.17 46.06 79.29
CA PRO H 3427 79.33 47.03 78.58
C PRO H 3427 79.57 48.45 79.08
N ASN H 3428 79.49 49.40 78.15
CA ASN H 3428 79.76 50.81 78.44
C ASN H 3428 78.59 51.66 78.00
N ALA H 3429 77.98 52.36 78.98
CA ALA H 3429 76.84 53.21 78.68
C ALA H 3429 77.22 54.35 77.74
N ASN H 3430 78.43 54.89 77.91
CA ASN H 3430 78.90 55.93 76.99
C ASN H 3430 79.03 55.40 75.58
N ALA H 3431 79.51 54.16 75.43
CA ALA H 3431 79.56 53.54 74.11
C ALA H 3431 78.17 53.37 73.52
N GLU H 3432 77.21 52.97 74.35
CA GLU H 3432 75.84 52.85 73.86
C GLU H 3432 75.28 54.19 73.42
N GLU H 3433 75.56 55.26 74.18
CA GLU H 3433 75.08 56.58 73.80
C GLU H 3433 75.72 57.02 72.48
N LEU H 3434 77.02 56.75 72.32
CA LEU H 3434 77.68 57.05 71.06
C LEU H 3434 77.06 56.26 69.91
N PHE H 3435 76.68 55.01 70.16
CA PHE H 3435 75.96 54.24 69.16
C PHE H 3435 74.65 54.93 68.78
N ARG H 3436 73.91 55.42 69.78
CA ARG H 3436 72.67 56.12 69.49
C ARG H 3436 72.93 57.35 68.64
N MET H 3437 73.99 58.08 68.95
CA MET H 3437 74.33 59.28 68.19
C MET H 3437 74.59 58.94 66.73
N VAL H 3438 75.48 57.97 66.50
CA VAL H 3438 75.82 57.60 65.12
C VAL H 3438 74.61 57.05 64.41
N GLY H 3439 73.74 56.34 65.13
CA GLY H 3439 72.52 55.82 64.51
C GLY H 3439 71.59 56.93 64.07
N GLU H 3440 71.41 57.94 64.91
CA GLU H 3440 70.59 59.09 64.54
C GLU H 3440 71.16 59.78 63.30
N ILE H 3441 72.48 59.96 63.29
CA ILE H 3441 73.12 60.64 62.15
C ILE H 3441 72.94 59.83 60.88
N PHE H 3442 73.13 58.51 60.97
CA PHE H 3442 72.96 57.64 59.81
C PHE H 3442 71.52 57.64 59.34
N ILE H 3443 70.57 57.69 60.27
CA ILE H 3443 69.16 57.75 59.90
C ILE H 3443 68.86 59.02 59.13
N TYR H 3444 69.37 60.15 59.62
CA TYR H 3444 69.21 61.41 58.90
C TYR H 3444 69.85 61.30 57.51
N TRP H 3445 71.02 60.69 57.44
CA TRP H 3445 71.71 60.50 56.16
C TRP H 3445 70.86 59.70 55.18
N SER H 3446 70.30 58.59 55.64
CA SER H 3446 69.50 57.75 54.76
C SER H 3446 68.22 58.47 54.33
N LYS H 3447 67.64 59.25 55.23
CA LYS H 3447 66.38 59.93 54.93
C LYS H 3447 66.55 61.11 53.98
N SER H 3448 67.65 61.86 54.11
CA SER H 3448 67.83 63.10 53.38
C SER H 3448 68.53 62.84 52.06
N HIS H 3449 67.94 63.34 50.97
CA HIS H 3449 68.59 63.26 49.67
C HIS H 3449 69.75 64.24 49.58
N ASN H 3450 69.56 65.46 50.08
CA ASN H 3450 70.57 66.50 49.95
C ASN H 3450 71.82 66.16 50.75
N PHE H 3451 71.62 65.60 51.95
CA PHE H 3451 72.74 65.26 52.81
C PHE H 3451 73.70 64.29 52.11
N LYS H 3452 73.14 63.23 51.51
CA LYS H 3452 73.95 62.24 50.82
C LYS H 3452 74.72 62.85 49.66
N ARG H 3453 74.03 63.65 48.83
CA ARG H 3453 74.66 64.20 47.63
C ARG H 3453 75.77 65.17 48.00
N GLU H 3454 75.55 65.99 49.04
CA GLU H 3454 76.60 66.88 49.49
C GLU H 3454 77.78 66.12 50.08
N GLU H 3455 77.51 65.00 50.77
CA GLU H 3455 78.60 64.15 51.23
C GLU H 3455 79.45 63.68 50.05
N GLN H 3456 78.78 63.15 49.03
CA GLN H 3456 79.48 62.71 47.82
C GLN H 3456 80.28 63.83 47.18
N ASN H 3457 79.67 65.01 47.08
CA ASN H 3457 80.33 66.15 46.46
C ASN H 3457 81.58 66.55 47.23
N PHE H 3458 81.45 66.68 48.55
CA PHE H 3458 82.60 66.94 49.40
C PHE H 3458 83.70 65.95 49.11
N VAL H 3459 83.37 64.66 49.14
CA VAL H 3459 84.39 63.62 49.00
C VAL H 3459 85.09 63.74 47.65
N VAL H 3460 84.31 63.90 46.58
CA VAL H 3460 84.92 63.87 45.25
C VAL H 3460 85.76 65.11 45.01
N GLN H 3461 85.26 66.30 45.40
CA GLN H 3461 86.04 67.51 45.19
C GLN H 3461 87.30 67.52 46.05
N ASN H 3462 87.21 67.04 47.29
CA ASN H 3462 88.33 67.08 48.20
C ASN H 3462 89.24 65.85 48.08
N GLU H 3463 88.92 64.91 47.19
CA GLU H 3463 89.78 63.77 46.93
C GLU H 3463 90.05 62.96 48.19
N ILE H 3464 89.01 62.81 49.02
CA ILE H 3464 89.14 62.01 50.24
C ILE H 3464 89.15 60.53 49.85
N ASN H 3465 90.12 59.79 50.40
CA ASN H 3465 90.28 58.39 50.02
C ASN H 3465 89.19 57.53 50.64
N ASN H 3466 89.05 57.61 51.96
CA ASN H 3466 88.12 56.84 52.79
C ASN H 3466 88.53 55.38 52.90
N MET H 3467 89.20 54.86 51.88
CA MET H 3467 89.60 53.47 51.89
C MET H 3467 90.92 53.44 52.64
N SER H 3468 91.64 54.56 52.58
CA SER H 3468 92.82 54.74 53.41
C SER H 3468 92.45 54.77 54.89
N PHE H 3469 91.46 55.60 55.25
CA PHE H 3469 91.02 55.64 56.65
C PHE H 3469 90.59 54.28 57.13
N LEU H 3470 89.86 53.53 56.30
CA LEU H 3470 89.33 52.25 56.77
C LEU H 3470 90.41 51.17 56.83
N THR H 3471 91.37 51.17 55.92
CA THR H 3471 92.37 50.11 55.82
C THR H 3471 93.74 50.53 56.32
N ALA H 3472 93.83 51.63 57.06
CA ALA H 3472 95.14 52.20 57.40
C ALA H 3472 95.94 51.29 58.30
N ASP H 3473 95.27 50.52 59.16
CA ASP H 3473 96.00 49.67 60.10
C ASP H 3473 96.97 48.74 59.37
N SER H 3474 96.47 47.98 58.39
CA SER H 3474 97.35 47.15 57.58
C SER H 3474 98.35 48.00 56.80
N LYS H 3475 97.89 49.13 56.26
CA LYS H 3475 98.79 50.01 55.51
C LYS H 3475 99.84 50.64 56.41
N SER H 3476 99.40 51.23 57.52
CA SER H 3476 100.34 51.79 58.49
C SER H 3476 101.36 50.76 58.91
N LYS H 3477 100.95 49.50 59.02
CA LYS H 3477 101.87 48.47 59.45
C LYS H 3477 102.75 47.98 58.29
N MET H 3478 102.35 48.30 57.06
CA MET H 3478 103.18 48.18 55.85
C MET H 3478 103.60 46.74 55.53
N ALA H 3479 103.19 45.79 56.35
CA ALA H 3479 103.70 44.41 56.28
C ALA H 3479 104.29 43.91 54.95
N ARG H 3498 86.78 55.71 38.32
CA ARG H 3498 85.32 55.86 38.21
C ARG H 3498 84.80 56.58 39.45
N ARG H 3499 83.72 57.34 39.28
CA ARG H 3499 83.12 58.02 40.42
C ARG H 3499 82.73 57.04 41.50
N GLY H 3500 82.30 55.84 41.12
CA GLY H 3500 81.98 54.82 42.10
C GLY H 3500 83.19 54.35 42.89
N ASP H 3501 84.34 54.23 42.23
CA ASP H 3501 85.56 53.90 42.96
C ASP H 3501 85.98 55.04 43.88
N ARG H 3502 85.84 56.29 43.40
CA ARG H 3502 86.23 57.43 44.22
C ARG H 3502 85.36 57.53 45.46
N TYR H 3503 84.04 57.47 45.29
CA TYR H 3503 83.08 57.47 46.39
C TYR H 3503 82.26 56.20 46.29
N SER H 3504 81.96 55.59 47.43
CA SER H 3504 80.96 54.53 47.47
C SER H 3504 80.23 54.59 48.80
N VAL H 3505 78.98 54.12 48.80
CA VAL H 3505 78.17 54.17 50.01
C VAL H 3505 78.83 53.34 51.11
N GLN H 3506 79.30 52.15 50.78
CA GLN H 3506 79.94 51.30 51.78
C GLN H 3506 81.21 51.95 52.30
N THR H 3507 81.95 52.64 51.43
CA THR H 3507 83.16 53.34 51.87
C THR H 3507 82.82 54.54 52.75
N SER H 3508 81.58 55.01 52.69
CA SER H 3508 81.21 56.21 53.42
C SER H 3508 81.45 56.03 54.92
N LEU H 3509 82.05 57.06 55.53
CA LEU H 3509 82.35 57.00 56.96
C LEU H 3509 81.08 56.92 57.77
N ILE H 3510 80.01 57.57 57.31
CA ILE H 3510 78.76 57.58 58.06
C ILE H 3510 78.26 56.16 58.27
N VAL H 3511 78.28 55.36 57.20
CA VAL H 3511 77.83 53.97 57.32
C VAL H 3511 78.88 53.13 58.05
N ALA H 3512 80.17 53.40 57.79
CA ALA H 3512 81.21 52.53 58.33
C ALA H 3512 81.27 52.62 59.86
N THR H 3513 81.22 53.83 60.40
CA THR H 3513 81.25 53.99 61.85
C THR H 3513 80.06 53.29 62.51
N LEU H 3514 78.88 53.43 61.90
CA LEU H 3514 77.69 52.78 62.44
C LEU H 3514 77.83 51.26 62.40
N LYS H 3515 78.32 50.72 61.28
CA LYS H 3515 78.51 49.28 61.22
C LYS H 3515 79.49 48.82 62.29
N LYS H 3516 80.55 49.59 62.50
CA LYS H 3516 81.54 49.20 63.49
C LYS H 3516 80.97 49.21 64.91
N MET H 3517 80.11 50.18 65.22
CA MET H 3517 79.54 50.27 66.56
C MET H 3517 78.22 49.51 66.72
N LEU H 3518 77.71 48.91 65.64
CA LEU H 3518 76.47 48.15 65.73
C LEU H 3518 76.58 47.01 66.73
N PRO H 3519 77.68 46.26 66.81
CA PRO H 3519 77.81 45.21 67.83
C PRO H 3519 77.45 45.71 69.21
N ILE H 3520 77.77 46.96 69.52
CA ILE H 3520 77.42 47.53 70.82
C ILE H 3520 75.90 47.55 70.98
N GLY H 3521 75.19 47.98 69.95
CA GLY H 3521 73.74 48.06 70.04
C GLY H 3521 73.08 46.70 70.08
N LEU H 3522 73.67 45.71 69.41
CA LEU H 3522 73.13 44.36 69.48
C LEU H 3522 73.42 43.73 70.84
N ASN H 3523 74.58 44.06 71.43
CA ASN H 3523 74.86 43.61 72.79
C ASN H 3523 73.88 44.24 73.77
N MET H 3524 73.50 45.50 73.54
CA MET H 3524 72.41 46.07 74.31
C MET H 3524 71.19 45.16 74.29
N CYS H 3525 70.77 44.76 73.11
CA CYS H 3525 69.59 43.92 72.96
C CYS H 3525 69.87 42.50 73.45
N ALA H 3526 68.99 41.99 74.30
CA ALA H 3526 69.07 40.59 74.67
C ALA H 3526 68.56 39.73 73.52
N PRO H 3527 68.96 38.46 73.47
CA PRO H 3527 68.52 37.60 72.37
C PRO H 3527 67.01 37.50 72.22
N THR H 3528 66.28 37.49 73.34
CA THR H 3528 64.83 37.32 73.27
C THR H 3528 64.18 38.44 72.48
N ASP H 3529 64.80 39.62 72.47
CA ASP H 3529 64.20 40.80 71.87
C ASP H 3529 64.24 40.77 70.35
N GLN H 3530 64.78 39.68 69.77
CA GLN H 3530 64.91 39.60 68.32
C GLN H 3530 63.57 39.63 67.61
N ASP H 3531 62.57 38.93 68.13
CA ASP H 3531 61.23 38.97 67.53
C ASP H 3531 60.66 40.37 67.53
N LEU H 3532 60.77 41.08 68.66
CA LEU H 3532 60.31 42.45 68.72
C LEU H 3532 61.07 43.33 67.73
N ILE H 3533 62.36 43.05 67.56
CA ILE H 3533 63.16 43.79 66.58
C ILE H 3533 62.60 43.59 65.18
N MET H 3534 62.29 42.34 64.85
CA MET H 3534 61.75 42.05 63.51
C MET H 3534 60.44 42.78 63.30
N LEU H 3535 59.55 42.76 64.30
CA LEU H 3535 58.29 43.47 64.17
C LEU H 3535 58.51 44.96 64.00
N ALA H 3536 59.43 45.53 64.76
CA ALA H 3536 59.71 46.96 64.64
C ALA H 3536 60.28 47.29 63.27
N LYS H 3537 61.10 46.40 62.71
CA LYS H 3537 61.57 46.60 61.34
C LYS H 3537 60.41 46.63 60.36
N THR H 3538 59.46 45.71 60.53
CA THR H 3538 58.29 45.72 59.65
C THR H 3538 57.53 47.03 59.79
N ARG H 3539 57.37 47.51 61.02
CA ARG H 3539 56.63 48.76 61.23
C ARG H 3539 57.36 49.93 60.58
N TYR H 3540 58.69 49.99 60.75
CA TYR H 3540 59.45 51.05 60.11
C TYR H 3540 59.35 50.97 58.59
N ALA H 3541 59.26 49.76 58.04
CA ALA H 3541 58.98 49.62 56.61
C ALA H 3541 57.58 50.12 56.27
N LEU H 3542 56.66 50.04 57.25
CA LEU H 3542 55.36 50.69 57.08
C LEU H 3542 55.46 52.19 57.31
N LYS H 3543 56.65 52.67 57.71
CA LYS H 3543 56.94 54.10 57.86
C LYS H 3543 56.25 54.66 59.10
N ASP H 3544 56.09 53.84 60.13
CA ASP H 3544 55.60 54.34 61.41
C ASP H 3544 56.69 55.14 62.11
N THR H 3545 56.26 55.97 63.05
CA THR H 3545 57.17 56.84 63.78
C THR H 3545 57.80 56.12 64.95
N ASP H 3546 58.77 56.78 65.58
CA ASP H 3546 59.43 56.21 66.75
C ASP H 3546 58.45 55.94 67.88
N GLU H 3547 57.61 56.92 68.21
CA GLU H 3547 56.62 56.71 69.26
C GLU H 3547 55.62 55.63 68.86
N GLU H 3548 55.28 55.56 67.57
CA GLU H 3548 54.36 54.53 67.10
C GLU H 3548 54.93 53.14 67.34
N VAL H 3549 56.20 52.93 66.94
CA VAL H 3549 56.80 51.62 67.16
C VAL H 3549 56.95 51.35 68.65
N ARG H 3550 57.24 52.39 69.44
CA ARG H 3550 57.35 52.20 70.88
C ARG H 3550 56.05 51.69 71.49
N GLU H 3551 54.92 52.33 71.15
CA GLU H 3551 53.65 51.89 71.70
C GLU H 3551 53.25 50.53 71.13
N PHE H 3552 53.59 50.27 69.86
CA PHE H 3552 53.30 48.98 69.27
C PHE H 3552 54.01 47.85 70.02
N LEU H 3553 55.31 48.02 70.28
CA LEU H 3553 56.04 47.04 71.07
C LEU H 3553 55.59 47.01 72.52
N GLN H 3554 55.13 48.13 73.06
CA GLN H 3554 54.58 48.13 74.41
C GLN H 3554 53.35 47.24 74.51
N ASN H 3555 52.47 47.29 73.50
CA ASN H 3555 51.28 46.47 73.47
C ASN H 3555 51.56 45.02 73.07
N ASN H 3556 52.63 44.78 72.32
CA ASN H 3556 53.03 43.43 71.93
C ASN H 3556 54.22 42.92 72.75
N LEU H 3557 54.43 43.49 73.94
CA LEU H 3557 55.58 43.13 74.76
C LEU H 3557 55.52 41.67 75.20
N HIS H 3558 54.32 41.17 75.52
CA HIS H 3558 54.20 39.78 75.94
C HIS H 3558 54.85 38.83 74.95
N LEU H 3559 54.90 39.22 73.68
CA LEU H 3559 55.37 38.37 72.61
C LEU H 3559 56.87 38.13 72.66
N GLN H 3560 57.57 38.66 73.65
CA GLN H 3560 59.02 38.47 73.76
C GLN H 3560 59.40 37.01 73.52
N GLY H 3561 60.56 36.81 72.90
CA GLY H 3561 60.99 35.46 72.60
C GLY H 3561 61.21 34.64 73.86
N LYS H 3562 61.03 33.33 73.72
CA LYS H 3562 61.15 32.39 74.84
C LYS H 3562 62.27 31.40 74.55
N VAL H 3563 63.15 31.21 75.53
CA VAL H 3563 64.26 30.27 75.38
C VAL H 3563 63.76 28.84 75.37
N GLU H 3564 62.69 28.56 76.11
CA GLU H 3564 62.23 27.19 76.30
C GLU H 3564 61.94 26.52 74.97
N GLY H 3565 61.64 27.32 73.95
CA GLY H 3565 61.32 26.78 72.64
C GLY H 3565 62.54 26.37 71.84
N SER H 3566 63.64 27.11 71.95
CA SER H 3566 64.82 26.86 71.16
C SER H 3566 66.06 26.73 72.04
N PRO H 3567 67.01 25.87 71.68
CA PRO H 3567 68.23 25.76 72.51
C PRO H 3567 69.22 26.88 72.28
N SER H 3568 69.27 27.44 71.07
CA SER H 3568 70.22 28.53 70.80
C SER H 3568 70.06 29.66 71.80
N LEU H 3569 68.80 30.08 72.03
CA LEU H 3569 68.54 31.13 72.99
C LEU H 3569 69.07 30.77 74.37
N ARG H 3570 69.14 29.47 74.69
CA ARG H 3570 69.61 29.09 76.02
C ARG H 3570 71.06 29.54 76.24
N TRP H 3571 71.95 29.18 75.32
CA TRP H 3571 73.36 29.55 75.48
C TRP H 3571 73.56 31.04 75.23
N GLN H 3572 72.79 31.63 74.31
CA GLN H 3572 72.88 33.08 74.12
C GLN H 3572 72.53 33.81 75.41
N MET H 3573 71.47 33.37 76.08
CA MET H 3573 71.04 34.04 77.30
C MET H 3573 72.01 33.74 78.43
N ALA H 3574 72.63 32.56 78.42
CA ALA H 3574 73.68 32.26 79.37
C ALA H 3574 74.83 33.24 79.23
N LEU H 3575 75.22 33.55 77.99
CA LEU H 3575 76.25 34.56 77.78
C LEU H 3575 75.78 35.93 78.27
N TYR H 3576 74.52 36.27 77.99
CA TYR H 3576 73.97 37.52 78.50
C TYR H 3576 74.13 37.61 80.00
N ARG H 3577 73.85 36.53 80.73
CA ARG H 3577 74.18 36.48 82.15
C ARG H 3577 75.67 36.71 82.37
N GLY H 3578 76.49 36.00 81.60
CA GLY H 3578 77.93 36.06 81.83
C GLY H 3578 78.46 37.48 81.76
N LEU H 3579 77.82 38.34 80.99
CA LEU H 3579 78.21 39.74 80.95
C LEU H 3579 78.10 40.34 82.34
N PRO H 3580 79.17 40.97 82.86
CA PRO H 3580 79.10 41.50 84.23
C PRO H 3580 78.03 42.57 84.42
N GLY H 3581 77.96 43.54 83.50
CA GLY H 3581 77.04 44.64 83.69
C GLY H 3581 75.59 44.22 83.70
N ARG H 3582 75.25 43.17 82.93
CA ARG H 3582 73.86 42.77 82.81
C ARG H 3582 73.32 42.22 84.11
N GLU H 3583 72.10 42.64 84.46
CA GLU H 3583 71.29 42.03 85.50
C GLU H 3583 69.87 41.84 84.99
N GLU H 3584 69.30 40.65 85.22
CA GLU H 3584 67.92 40.41 84.83
C GLU H 3584 66.95 41.44 85.43
N ASP H 3585 67.13 41.79 86.71
CA ASP H 3585 66.21 42.73 87.34
C ASP H 3585 66.32 44.13 86.74
N ALA H 3586 67.44 44.45 86.09
CA ALA H 3586 67.59 45.74 85.45
C ALA H 3586 66.65 45.91 84.25
N ASP H 3587 66.38 44.83 83.52
CA ASP H 3587 65.56 44.94 82.31
C ASP H 3587 64.16 45.43 82.66
N ASP H 3588 63.67 46.40 81.91
CA ASP H 3588 62.36 46.98 82.11
C ASP H 3588 61.70 47.22 80.77
N PRO H 3589 60.36 47.25 80.73
CA PRO H 3589 59.67 47.36 79.43
C PRO H 3589 60.07 48.59 78.63
N GLU H 3590 60.21 49.75 79.30
CA GLU H 3590 60.59 50.94 78.58
C GLU H 3590 61.98 50.81 77.98
N LYS H 3591 62.91 50.22 78.73
CA LYS H 3591 64.26 49.99 78.20
C LYS H 3591 64.19 49.09 76.99
N ILE H 3592 63.42 48.01 77.06
CA ILE H 3592 63.35 47.07 75.96
C ILE H 3592 62.76 47.72 74.72
N VAL H 3593 61.69 48.49 74.88
CA VAL H 3593 61.05 49.10 73.73
C VAL H 3593 61.96 50.15 73.10
N ARG H 3594 62.60 50.99 73.92
CA ARG H 3594 63.53 51.98 73.39
C ARG H 3594 64.68 51.30 72.64
N ARG H 3595 65.25 50.27 73.25
CA ARG H 3595 66.40 49.56 72.70
C ARG H 3595 66.06 48.93 71.37
N VAL H 3596 64.91 48.25 71.32
CA VAL H 3596 64.45 47.64 70.08
C VAL H 3596 64.18 48.72 69.03
N GLN H 3597 63.57 49.83 69.44
CA GLN H 3597 63.34 50.92 68.51
C GLN H 3597 64.63 51.37 67.84
N GLU H 3598 65.65 51.67 68.65
CA GLU H 3598 66.90 52.17 68.10
C GLU H 3598 67.53 51.15 67.16
N VAL H 3599 67.70 49.91 67.64
CA VAL H 3599 68.40 48.92 66.84
C VAL H 3599 67.63 48.59 65.57
N SER H 3600 66.30 48.51 65.66
CA SER H 3600 65.49 48.18 64.51
C SER H 3600 65.56 49.27 63.46
N ALA H 3601 65.46 50.53 63.88
CA ALA H 3601 65.58 51.63 62.92
C ALA H 3601 66.91 51.57 62.21
N VAL H 3602 68.00 51.40 62.97
CA VAL H 3602 69.32 51.37 62.37
C VAL H 3602 69.43 50.23 61.37
N LEU H 3603 68.98 49.03 61.76
CA LEU H 3603 69.13 47.87 60.88
C LEU H 3603 68.29 48.01 59.62
N TYR H 3604 67.08 48.55 59.74
CA TYR H 3604 66.22 48.70 58.57
C TYR H 3604 66.81 49.70 57.58
N HIS H 3605 67.23 50.87 58.08
CA HIS H 3605 67.82 51.84 57.17
C HIS H 3605 69.12 51.31 56.58
N LEU H 3606 69.85 50.51 57.35
CA LEU H 3606 71.06 49.90 56.83
C LEU H 3606 70.75 48.88 55.74
N GLU H 3607 69.65 48.13 55.88
CA GLU H 3607 69.25 47.22 54.83
C GLU H 3607 68.95 47.99 53.56
N GLN H 3608 68.20 49.09 53.68
CA GLN H 3608 67.93 49.92 52.52
C GLN H 3608 69.25 50.37 51.87
N THR H 3609 70.21 50.82 52.68
CA THR H 3609 71.48 51.27 52.14
C THR H 3609 72.23 50.13 51.47
N GLU H 3610 72.21 48.93 52.06
CA GLU H 3610 72.95 47.82 51.50
C GLU H 3610 72.41 47.41 50.14
N HIS H 3611 71.09 47.29 50.02
CA HIS H 3611 70.46 46.84 48.78
C HIS H 3611 69.41 47.87 48.37
N PRO H 3612 69.85 49.05 47.92
CA PRO H 3612 68.89 50.09 47.53
C PRO H 3612 68.12 49.76 46.26
N TYR H 3613 68.75 49.04 45.33
CA TYR H 3613 68.21 48.85 43.99
C TYR H 3613 68.19 50.18 43.25
N LYS H 3614 68.91 51.17 43.78
CA LYS H 3614 68.98 52.48 43.13
C LYS H 3614 69.57 52.39 41.73
N SER H 3615 70.32 51.33 41.43
CA SER H 3615 70.92 51.18 40.11
C SER H 3615 69.88 51.33 39.02
N LYS H 3616 70.34 51.65 37.82
CA LYS H 3616 69.55 51.84 36.59
C LYS H 3616 68.45 52.89 36.79
N LYS H 3617 68.45 53.63 37.90
CA LYS H 3617 67.45 54.68 38.07
C LYS H 3617 67.58 55.74 36.99
N ALA H 3618 68.81 56.01 36.56
CA ALA H 3618 69.11 56.87 35.42
C ALA H 3618 70.12 56.10 34.56
N VAL H 3619 69.60 55.27 33.65
CA VAL H 3619 70.45 54.37 32.89
C VAL H 3619 71.49 55.16 32.12
N TRP H 3620 72.73 54.68 32.15
CA TRP H 3620 73.85 55.31 31.48
C TRP H 3620 74.56 54.32 30.56
N HIS H 3621 73.97 53.13 30.43
CA HIS H 3621 74.42 52.22 29.38
C HIS H 3621 74.33 52.88 28.02
N LYS H 3622 73.28 53.68 27.80
CA LYS H 3622 73.14 54.52 26.62
C LYS H 3622 73.16 53.70 25.34
N LEU H 3623 72.71 52.44 25.45
CA LEU H 3623 72.61 51.52 24.31
C LEU H 3623 71.73 52.09 23.21
N LEU H 3624 70.59 52.66 23.59
CA LEU H 3624 69.72 53.28 22.59
C LEU H 3624 70.43 54.40 21.85
N SER H 3625 71.24 55.19 22.56
CA SER H 3625 72.00 56.30 21.98
C SER H 3625 73.18 55.81 21.16
N LYS H 3626 73.75 54.65 21.50
CA LYS H 3626 74.75 54.05 20.63
C LYS H 3626 74.12 53.60 19.32
N GLN H 3627 72.88 53.10 19.39
CA GLN H 3627 72.09 52.76 18.21
C GLN H 3627 71.80 53.97 17.34
N ARG H 3628 71.18 55.01 17.92
CA ARG H 3628 70.81 56.22 17.21
C ARG H 3628 71.89 57.31 17.29
N ARG H 3629 73.16 56.91 17.45
CA ARG H 3629 74.23 57.87 17.64
C ARG H 3629 74.25 58.94 16.55
N ARG H 3630 73.99 58.56 15.30
CA ARG H 3630 73.91 59.57 14.25
C ARG H 3630 72.69 60.46 14.42
N ALA H 3631 71.61 59.93 15.02
CA ALA H 3631 70.37 60.69 15.11
C ALA H 3631 70.42 61.70 16.26
N VAL H 3632 71.07 61.34 17.38
CA VAL H 3632 71.18 62.30 18.47
C VAL H 3632 71.94 63.53 18.00
N VAL H 3633 73.05 63.33 17.29
CA VAL H 3633 73.75 64.48 16.70
C VAL H 3633 72.88 65.14 15.65
N ALA H 3634 72.26 64.34 14.78
CA ALA H 3634 71.59 64.88 13.61
C ALA H 3634 70.44 65.78 14.00
N CYS H 3635 69.73 65.47 15.09
CA CYS H 3635 68.60 66.31 15.46
C CYS H 3635 69.07 67.72 15.82
N PHE H 3636 70.20 67.82 16.52
CA PHE H 3636 70.79 69.13 16.79
C PHE H 3636 71.31 69.77 15.50
N ARG H 3637 71.91 68.96 14.63
CA ARG H 3637 72.51 69.50 13.41
C ARG H 3637 71.46 69.96 12.41
N MET H 3638 70.21 69.54 12.60
CA MET H 3638 69.16 69.89 11.65
C MET H 3638 69.17 71.38 11.39
N THR H 3639 69.43 71.73 10.14
CA THR H 3639 69.69 73.11 9.83
C THR H 3639 68.42 73.94 10.05
N PRO H 3640 68.56 75.13 10.63
CA PRO H 3640 67.41 76.03 10.73
C PRO H 3640 67.00 76.54 9.35
N LEU H 3641 65.77 77.03 9.27
CA LEU H 3641 65.21 77.44 7.99
C LEU H 3641 66.03 78.56 7.35
N TYR H 3642 66.48 79.53 8.15
CA TYR H 3642 67.12 80.71 7.56
C TYR H 3642 68.42 80.35 6.84
N ASN H 3643 69.00 79.18 7.13
CA ASN H 3643 70.25 78.78 6.51
C ASN H 3643 70.07 78.07 5.18
N LEU H 3644 68.84 77.70 4.82
CA LEU H 3644 68.61 77.02 3.57
C LEU H 3644 68.65 77.99 2.39
N PRO H 3645 68.96 77.50 1.19
CA PRO H 3645 68.72 78.32 0.00
C PRO H 3645 67.24 78.59 -0.20
N THR H 3646 66.94 79.74 -0.81
CA THR H 3646 65.56 80.18 -0.90
C THR H 3646 64.69 79.19 -1.67
N HIS H 3647 65.26 78.51 -2.67
CA HIS H 3647 64.45 77.68 -3.56
C HIS H 3647 63.97 76.41 -2.86
N ARG H 3648 64.86 75.75 -2.10
CA ARG H 3648 64.42 74.59 -1.34
C ARG H 3648 63.34 74.97 -0.34
N ALA H 3649 63.56 76.07 0.39
CA ALA H 3649 62.58 76.52 1.36
C ALA H 3649 61.26 76.85 0.68
N CYS H 3650 61.33 77.41 -0.52
CA CYS H 3650 60.11 77.75 -1.26
C CYS H 3650 59.34 76.50 -1.64
N ASN H 3651 60.04 75.46 -2.09
CA ASN H 3651 59.36 74.21 -2.41
C ASN H 3651 58.72 73.58 -1.17
N MET H 3652 59.44 73.62 -0.04
CA MET H 3652 58.86 73.16 1.21
C MET H 3652 57.60 73.95 1.55
N PHE H 3653 57.66 75.27 1.39
CA PHE H 3653 56.51 76.12 1.64
C PHE H 3653 55.36 75.75 0.72
N LEU H 3654 55.66 75.46 -0.54
CA LEU H 3654 54.60 75.08 -1.48
C LEU H 3654 53.90 73.82 -1.01
N GLU H 3655 54.66 72.80 -0.62
CA GLU H 3655 54.03 71.56 -0.16
C GLU H 3655 53.21 71.81 1.09
N SER H 3656 53.76 72.55 2.05
CA SER H 3656 53.06 72.79 3.30
C SER H 3656 51.78 73.58 3.06
N TYR H 3657 51.85 74.60 2.21
CA TYR H 3657 50.68 75.43 1.93
C TYR H 3657 49.62 74.62 1.21
N LYS H 3658 50.03 73.81 0.23
CA LYS H 3658 49.13 72.86 -0.40
C LYS H 3658 48.38 72.05 0.65
N ALA H 3659 49.11 71.41 1.55
CA ALA H 3659 48.47 70.50 2.50
C ALA H 3659 47.55 71.26 3.46
N ALA H 3660 48.01 72.38 4.00
CA ALA H 3660 47.31 73.02 5.11
C ALA H 3660 46.15 73.89 4.62
N TRP H 3661 46.32 74.58 3.50
CA TRP H 3661 45.38 75.61 3.07
C TRP H 3661 44.56 75.19 1.86
N ILE H 3662 45.22 74.84 0.76
CA ILE H 3662 44.49 74.56 -0.48
C ILE H 3662 43.65 73.29 -0.32
N LEU H 3663 44.26 72.22 0.18
CA LEU H 3663 43.54 70.97 0.32
C LEU H 3663 42.41 71.09 1.33
N THR H 3664 42.68 71.72 2.48
CA THR H 3664 41.67 71.83 3.52
C THR H 3664 40.47 72.65 3.07
N GLU H 3665 40.67 73.53 2.09
CA GLU H 3665 39.60 74.43 1.68
C GLU H 3665 38.43 73.65 1.10
N ASP H 3666 37.22 74.01 1.53
CA ASP H 3666 36.00 73.33 1.12
C ASP H 3666 35.18 74.27 0.26
N HIS H 3667 35.07 73.93 -1.03
CA HIS H 3667 34.20 74.64 -1.96
C HIS H 3667 33.32 73.62 -2.66
N SER H 3668 32.01 73.88 -2.65
CA SER H 3668 31.03 72.98 -3.23
C SER H 3668 30.50 73.58 -4.51
N PHE H 3669 30.80 72.92 -5.63
CA PHE H 3669 30.30 73.32 -6.95
C PHE H 3669 29.47 72.21 -7.59
N GLU H 3670 29.38 71.05 -6.96
CA GLU H 3670 28.75 69.90 -7.59
C GLU H 3670 27.29 70.15 -7.90
N ASP H 3671 26.53 70.59 -6.89
CA ASP H 3671 25.10 70.79 -7.07
C ASP H 3671 24.84 71.92 -8.07
N ARG H 3672 25.61 73.00 -8.00
CA ARG H 3672 25.43 74.09 -8.95
C ARG H 3672 25.70 73.63 -10.37
N MET H 3673 26.78 72.87 -10.56
CA MET H 3673 27.07 72.27 -11.87
C MET H 3673 25.91 71.42 -12.35
N ILE H 3674 25.41 70.54 -11.48
CA ILE H 3674 24.38 69.60 -11.89
C ILE H 3674 23.11 70.34 -12.29
N ASP H 3675 22.74 71.38 -11.52
CA ASP H 3675 21.57 72.16 -11.87
C ASP H 3675 21.77 72.89 -13.20
N ASP H 3676 22.91 73.57 -13.36
CA ASP H 3676 23.15 74.32 -14.59
C ASP H 3676 23.15 73.40 -15.80
N LEU H 3677 23.57 72.14 -15.63
CA LEU H 3677 23.58 71.21 -16.74
C LEU H 3677 22.22 70.54 -16.94
N SER H 3678 21.41 70.44 -15.89
CA SER H 3678 20.07 69.89 -16.02
C SER H 3678 19.15 70.85 -16.75
N LYS H 3679 19.29 72.14 -16.48
CA LYS H 3679 18.38 73.12 -17.08
C LYS H 3679 18.52 73.12 -18.60
N ALA H 3680 17.38 73.19 -19.27
CA ALA H 3680 17.31 73.27 -20.73
C ALA H 3680 16.69 74.61 -21.11
N GLY H 3681 17.21 75.23 -22.16
CA GLY H 3681 16.85 76.59 -22.51
C GLY H 3681 16.23 76.67 -23.89
N GLU H 3682 15.49 77.75 -24.13
CA GLU H 3682 14.94 78.15 -25.42
C GLU H 3682 14.01 77.08 -26.01
N GLN H 3683 13.76 76.00 -25.28
CA GLN H 3683 12.77 75.04 -25.74
C GLN H 3683 11.37 75.61 -25.65
N GLU H 3684 11.14 76.55 -24.73
CA GLU H 3684 9.85 77.22 -24.66
C GLU H 3684 9.58 78.02 -25.92
N GLU H 3685 10.59 78.71 -26.47
CA GLU H 3685 10.39 79.45 -27.71
C GLU H 3685 10.36 78.52 -28.91
N GLU H 3686 11.12 77.42 -28.87
CA GLU H 3686 11.03 76.44 -29.95
C GLU H 3686 9.63 75.85 -30.05
N GLU H 3687 9.19 75.16 -29.00
CA GLU H 3687 7.83 74.61 -28.89
C GLU H 3687 7.64 73.38 -29.77
N GLU H 3688 8.62 73.08 -30.63
CA GLU H 3688 8.64 71.79 -31.31
C GLU H 3688 9.78 70.93 -30.79
N GLU H 3689 10.80 71.56 -30.21
CA GLU H 3689 11.94 70.79 -29.74
C GLU H 3689 11.54 69.93 -28.56
N VAL H 3690 10.52 70.34 -27.82
CA VAL H 3690 9.93 69.44 -26.84
C VAL H 3690 9.55 68.13 -27.51
N GLU H 3691 8.64 68.18 -28.48
CA GLU H 3691 8.23 66.96 -29.15
C GLU H 3691 9.42 66.24 -29.77
N GLU H 3692 10.50 66.97 -30.05
CA GLU H 3692 11.70 66.34 -30.60
C GLU H 3692 12.47 65.56 -29.52
N LYS H 3693 12.43 66.02 -28.26
CA LYS H 3693 13.19 65.40 -27.18
C LYS H 3693 14.70 65.45 -27.43
N LYS H 3694 15.23 66.66 -27.51
CA LYS H 3694 16.68 66.81 -27.55
C LYS H 3694 17.27 66.56 -26.16
N PRO H 3695 18.33 65.77 -26.05
CA PRO H 3695 18.99 65.61 -24.75
C PRO H 3695 19.55 66.92 -24.22
N ASP H 3696 19.37 67.14 -22.92
CA ASP H 3696 20.00 68.25 -22.23
C ASP H 3696 21.47 67.90 -21.96
N PRO H 3697 22.27 68.90 -21.58
CA PRO H 3697 23.73 68.66 -21.47
C PRO H 3697 24.10 67.49 -20.57
N LEU H 3698 23.42 67.34 -19.44
CA LEU H 3698 23.72 66.23 -18.53
C LEU H 3698 23.42 64.89 -19.20
N HIS H 3699 22.29 64.80 -19.89
CA HIS H 3699 21.95 63.59 -20.61
C HIS H 3699 23.01 63.30 -21.68
N GLN H 3700 23.49 64.34 -22.36
CA GLN H 3700 24.52 64.15 -23.38
C GLN H 3700 25.81 63.63 -22.77
N LEU H 3701 26.19 64.16 -21.60
CA LEU H 3701 27.41 63.69 -20.94
C LEU H 3701 27.28 62.22 -20.54
N VAL H 3702 26.13 61.84 -19.97
CA VAL H 3702 25.90 60.45 -19.63
C VAL H 3702 25.96 59.58 -20.88
N LEU H 3703 25.39 60.07 -21.99
CA LEU H 3703 25.43 59.32 -23.24
C LEU H 3703 26.86 59.16 -23.73
N HIS H 3704 27.67 60.21 -23.61
CA HIS H 3704 29.07 60.13 -24.02
C HIS H 3704 29.80 59.04 -23.23
N PHE H 3705 29.60 59.01 -21.92
CA PHE H 3705 30.31 58.02 -21.12
C PHE H 3705 29.77 56.61 -21.37
N SER H 3706 28.47 56.50 -21.63
CA SER H 3706 27.91 55.20 -22.01
C SER H 3706 28.47 54.74 -23.36
N ARG H 3707 28.65 55.68 -24.29
CA ARG H 3707 29.33 55.37 -25.55
C ARG H 3707 30.72 54.81 -25.30
N THR H 3708 31.49 55.48 -24.45
CA THR H 3708 32.83 55.01 -24.12
C THR H 3708 32.78 53.61 -23.53
N ALA H 3709 31.83 53.36 -22.64
CA ALA H 3709 31.68 52.03 -22.06
C ALA H 3709 31.36 50.99 -23.12
N LEU H 3710 30.40 51.27 -23.99
CA LEU H 3710 29.93 50.30 -24.95
C LEU H 3710 30.92 50.07 -26.08
N THR H 3711 31.88 50.97 -26.27
CA THR H 3711 32.88 50.78 -27.30
C THR H 3711 33.60 49.45 -27.07
N GLU H 3712 33.76 48.68 -28.15
CA GLU H 3712 34.39 47.36 -28.08
C GLU H 3712 35.90 47.52 -28.05
N LYS H 3713 36.52 47.09 -26.95
CA LYS H 3713 37.96 47.06 -26.86
C LYS H 3713 38.37 46.19 -25.67
N SER H 3714 39.66 45.86 -25.63
CA SER H 3714 40.15 44.88 -24.66
C SER H 3714 40.05 45.40 -23.23
N LYS H 3715 40.38 46.67 -23.01
CA LYS H 3715 40.52 47.21 -21.67
C LYS H 3715 39.74 48.51 -21.53
N LEU H 3716 39.32 48.79 -20.30
CA LEU H 3716 38.71 50.06 -19.96
C LEU H 3716 39.81 51.06 -19.61
N ASP H 3717 40.03 52.02 -20.49
CA ASP H 3717 41.07 53.02 -20.25
C ASP H 3717 40.66 53.95 -19.11
N GLU H 3718 41.66 54.36 -18.32
CA GLU H 3718 41.41 55.26 -17.20
C GLU H 3718 41.04 56.65 -17.72
N ASP H 3719 39.96 57.21 -17.16
CA ASP H 3719 39.44 58.51 -17.62
C ASP H 3719 39.19 59.40 -16.41
N TYR H 3720 40.11 60.34 -16.18
CA TYR H 3720 39.96 61.26 -15.05
C TYR H 3720 38.72 62.12 -15.20
N LEU H 3721 38.35 62.48 -16.43
CA LEU H 3721 37.11 63.21 -16.66
C LEU H 3721 35.91 62.40 -16.18
N TYR H 3722 35.85 61.13 -16.58
CA TYR H 3722 34.75 60.28 -16.15
C TYR H 3722 34.69 60.19 -14.63
N MET H 3723 35.83 59.97 -13.99
CA MET H 3723 35.80 59.80 -12.54
C MET H 3723 35.43 61.10 -11.83
N ALA H 3724 35.92 62.24 -12.33
CA ALA H 3724 35.55 63.52 -11.74
C ALA H 3724 34.05 63.76 -11.84
N TYR H 3725 33.48 63.52 -13.02
CA TYR H 3725 32.05 63.77 -13.20
C TYR H 3725 31.22 62.77 -12.39
N ALA H 3726 31.69 61.53 -12.29
CA ALA H 3726 30.99 60.56 -11.45
C ALA H 3726 31.00 61.00 -9.99
N ASP H 3727 32.13 61.51 -9.52
CA ASP H 3727 32.19 62.04 -8.16
C ASP H 3727 31.22 63.19 -7.98
N ILE H 3728 31.15 64.07 -8.97
CA ILE H 3728 30.23 65.22 -8.89
C ILE H 3728 28.80 64.74 -8.76
N MET H 3729 28.39 63.80 -9.62
CA MET H 3729 27.03 63.29 -9.56
C MET H 3729 26.77 62.58 -8.23
N ALA H 3730 27.75 61.82 -7.73
CA ALA H 3730 27.58 61.14 -6.45
C ALA H 3730 27.37 62.14 -5.32
N LYS H 3731 28.14 63.22 -5.30
CA LYS H 3731 27.93 64.25 -4.29
C LYS H 3731 26.55 64.87 -4.43
N SER H 3732 26.11 65.10 -5.66
CA SER H 3732 24.84 65.79 -5.89
C SER H 3732 23.68 65.06 -5.22
N CYS H 3733 23.76 63.74 -5.08
CA CYS H 3733 22.61 62.97 -4.61
C CYS H 3733 22.38 63.18 -3.12
N HIS H 3734 23.36 62.86 -2.28
CA HIS H 3734 23.16 63.04 -0.85
C HIS H 3734 23.22 64.51 -0.46
N LEU H 3735 24.17 65.26 -1.00
CA LEU H 3735 24.26 66.70 -0.74
C LEU H 3735 24.15 66.99 0.76
N GLU H 3736 24.90 66.24 1.56
CA GLU H 3736 24.86 66.41 3.01
C GLU H 3736 26.21 66.05 3.63
N VAL H 3749 19.23 65.34 19.59
CA VAL H 3749 19.55 65.08 18.19
C VAL H 3749 18.48 64.23 17.49
N GLU H 3750 17.22 64.63 17.67
CA GLU H 3750 16.08 63.91 17.11
C GLU H 3750 15.43 64.77 16.04
N VAL H 3751 15.00 64.12 14.95
CA VAL H 3751 14.51 64.82 13.77
C VAL H 3751 13.05 64.43 13.54
N SER H 3752 12.27 65.38 13.05
CA SER H 3752 10.83 65.19 12.87
C SER H 3752 10.54 64.26 11.69
N PHE H 3753 9.48 63.48 11.85
CA PHE H 3753 9.02 62.57 10.81
C PHE H 3753 8.87 63.29 9.46
N GLU H 3754 8.29 64.49 9.50
CA GLU H 3754 8.12 65.27 8.27
C GLU H 3754 9.46 65.65 7.66
N GLU H 3755 10.40 66.11 8.48
CA GLU H 3755 11.72 66.42 7.98
C GLU H 3755 12.33 65.20 7.32
N LYS H 3756 12.04 64.01 7.88
CA LYS H 3756 12.74 62.80 7.47
C LYS H 3756 12.19 62.37 6.10
N GLU H 3757 10.87 62.47 5.94
CA GLU H 3757 10.23 62.27 4.63
C GLU H 3757 10.71 63.31 3.62
N MET H 3758 10.86 64.56 4.07
CA MET H 3758 11.40 65.61 3.23
C MET H 3758 12.79 65.29 2.68
N GLU H 3759 13.67 64.82 3.55
CA GLU H 3759 14.99 64.39 3.13
C GLU H 3759 14.91 63.27 2.11
N LYS H 3760 14.01 62.31 2.35
CA LYS H 3760 13.83 61.23 1.39
C LYS H 3760 13.40 61.78 0.03
N GLN H 3761 12.45 62.73 0.03
CA GLN H 3761 11.95 63.27 -1.23
C GLN H 3761 13.04 64.05 -1.96
N ARG H 3762 13.82 64.85 -1.24
CA ARG H 3762 14.91 65.57 -1.88
C ARG H 3762 15.92 64.61 -2.48
N LEU H 3763 16.27 63.55 -1.74
CA LEU H 3763 17.21 62.57 -2.25
C LEU H 3763 16.66 61.89 -3.50
N LEU H 3764 15.37 61.57 -3.49
CA LEU H 3764 14.76 60.94 -4.67
C LEU H 3764 14.80 61.89 -5.87
N TYR H 3765 14.54 63.18 -5.64
CA TYR H 3765 14.67 64.15 -6.73
C TYR H 3765 16.09 64.17 -7.29
N GLN H 3766 17.07 64.23 -6.40
CA GLN H 3766 18.46 64.34 -6.84
C GLN H 3766 18.92 63.06 -7.52
N GLN H 3767 18.30 61.93 -7.18
CA GLN H 3767 18.58 60.67 -7.87
C GLN H 3767 17.89 60.64 -9.23
N SER H 3768 16.68 61.20 -9.32
CA SER H 3768 15.96 61.26 -10.59
C SER H 3768 16.72 62.08 -11.60
N ARG H 3769 17.26 63.22 -11.18
CA ARG H 3769 18.06 64.05 -12.08
C ARG H 3769 19.05 63.20 -12.86
N LEU H 3770 19.52 62.10 -12.26
CA LEU H 3770 20.53 61.26 -12.88
C LEU H 3770 19.92 60.07 -13.61
N HIS H 3771 19.04 59.30 -12.96
CA HIS H 3771 18.64 58.05 -13.58
C HIS H 3771 17.60 58.28 -14.68
N THR H 3772 17.01 59.46 -14.73
CA THR H 3772 16.20 59.81 -15.90
C THR H 3772 17.08 60.03 -17.12
N ARG H 3773 18.37 60.33 -16.90
CA ARG H 3773 19.24 60.70 -18.01
C ARG H 3773 20.16 59.55 -18.41
N GLY H 3774 20.21 58.49 -17.61
CA GLY H 3774 20.89 57.26 -18.02
C GLY H 3774 22.01 56.81 -17.12
N ALA H 3775 22.07 57.36 -15.91
CA ALA H 3775 23.17 57.06 -15.01
C ALA H 3775 23.21 55.59 -14.62
N ALA H 3776 22.07 54.96 -14.39
CA ALA H 3776 22.04 53.55 -14.01
C ALA H 3776 22.62 52.68 -15.11
N GLU H 3777 22.19 52.91 -16.35
CA GLU H 3777 22.71 52.13 -17.47
C GLU H 3777 24.19 52.39 -17.66
N MET H 3778 24.64 53.64 -17.47
CA MET H 3778 26.06 53.93 -17.57
C MET H 3778 26.85 53.17 -16.50
N VAL H 3779 26.30 53.11 -15.28
CA VAL H 3779 26.95 52.39 -14.19
C VAL H 3779 27.12 50.93 -14.57
N LEU H 3780 26.04 50.30 -15.03
CA LEU H 3780 26.13 48.89 -15.42
C LEU H 3780 27.12 48.68 -16.56
N GLN H 3781 27.09 49.58 -17.54
CA GLN H 3781 27.98 49.43 -18.69
C GLN H 3781 29.43 49.53 -18.28
N MET H 3782 29.77 50.47 -17.41
CA MET H 3782 31.15 50.61 -16.98
C MET H 3782 31.58 49.44 -16.10
N ILE H 3783 30.68 48.92 -15.27
CA ILE H 3783 31.02 47.74 -14.48
C ILE H 3783 31.30 46.55 -15.40
N SER H 3784 30.51 46.40 -16.46
CA SER H 3784 30.78 45.34 -17.42
C SER H 3784 32.09 45.58 -18.14
N ALA H 3785 32.39 46.85 -18.46
CA ALA H 3785 33.59 47.16 -19.24
C ALA H 3785 34.86 46.92 -18.43
N CYS H 3786 34.81 47.17 -17.12
CA CYS H 3786 36.02 46.99 -16.32
C CYS H 3786 36.54 45.56 -16.41
N LYS H 3787 35.69 44.60 -16.77
CA LYS H 3787 36.10 43.24 -17.07
C LYS H 3787 36.76 42.56 -15.87
N GLY H 3788 36.38 43.00 -14.67
CA GLY H 3788 36.87 42.38 -13.46
C GLY H 3788 38.23 42.86 -12.99
N GLU H 3789 38.68 44.01 -13.46
CA GLU H 3789 39.96 44.58 -13.06
C GLU H 3789 39.70 45.75 -12.12
N THR H 3790 40.26 45.66 -10.91
CA THR H 3790 40.04 46.68 -9.91
C THR H 3790 40.73 47.99 -10.30
N GLY H 3791 40.10 49.10 -9.93
CA GLY H 3791 40.68 50.40 -10.24
C GLY H 3791 39.77 51.53 -9.83
N ALA H 3792 40.29 52.74 -10.00
CA ALA H 3792 39.57 53.95 -9.62
C ALA H 3792 38.31 54.13 -10.45
N MET H 3793 38.35 53.70 -11.72
CA MET H 3793 37.17 53.80 -12.57
C MET H 3793 36.00 53.02 -11.96
N VAL H 3794 36.24 51.75 -11.63
CA VAL H 3794 35.18 50.93 -11.06
C VAL H 3794 34.79 51.44 -9.67
N SER H 3795 35.77 51.96 -8.92
CA SER H 3795 35.43 52.53 -7.61
C SER H 3795 34.46 53.69 -7.75
N SER H 3796 34.74 54.61 -8.69
CA SER H 3796 33.85 55.74 -8.91
C SER H 3796 32.48 55.29 -9.41
N THR H 3797 32.47 54.29 -10.31
CA THR H 3797 31.21 53.78 -10.81
C THR H 3797 30.36 53.19 -9.69
N LEU H 3798 31.00 52.43 -8.80
CA LEU H 3798 30.28 51.84 -7.68
C LEU H 3798 29.77 52.91 -6.71
N LYS H 3799 30.57 53.94 -6.45
CA LYS H 3799 30.11 55.02 -5.60
C LYS H 3799 28.91 55.72 -6.21
N LEU H 3800 28.94 55.95 -7.52
CA LEU H 3800 27.79 56.55 -8.21
C LEU H 3800 26.56 55.67 -8.08
N GLY H 3801 26.74 54.35 -8.27
CA GLY H 3801 25.61 53.44 -8.14
C GLY H 3801 25.01 53.47 -6.74
N ILE H 3802 25.87 53.47 -5.72
CA ILE H 3802 25.40 53.57 -4.35
C ILE H 3802 24.64 54.87 -4.14
N SER H 3803 25.17 55.96 -4.69
CA SER H 3803 24.51 57.25 -4.52
C SER H 3803 23.11 57.24 -5.11
N ILE H 3804 22.96 56.67 -6.31
CA ILE H 3804 21.65 56.69 -6.95
C ILE H 3804 20.72 55.65 -6.32
N LEU H 3805 21.27 54.62 -5.68
CA LEU H 3805 20.48 53.54 -5.12
C LEU H 3805 20.16 53.70 -3.65
N ASN H 3806 20.75 54.67 -2.95
CA ASN H 3806 20.52 54.80 -1.52
C ASN H 3806 19.05 54.97 -1.23
N GLY H 3807 18.60 54.38 -0.12
CA GLY H 3807 17.20 54.34 0.22
C GLY H 3807 16.42 53.25 -0.47
N GLY H 3808 17.06 52.40 -1.24
CA GLY H 3808 16.37 51.35 -1.97
C GLY H 3808 15.50 51.92 -3.08
N ASN H 3809 16.10 52.69 -3.97
CA ASN H 3809 15.35 53.33 -5.03
C ASN H 3809 14.81 52.29 -6.01
N ALA H 3810 13.51 52.03 -5.92
CA ALA H 3810 12.88 51.01 -6.74
C ALA H 3810 12.92 51.36 -8.21
N GLU H 3811 12.88 52.65 -8.56
CA GLU H 3811 12.93 53.03 -9.96
C GLU H 3811 14.29 52.68 -10.57
N VAL H 3812 15.38 53.04 -9.89
CA VAL H 3812 16.70 52.68 -10.37
C VAL H 3812 16.86 51.17 -10.41
N GLN H 3813 16.36 50.49 -9.38
CA GLN H 3813 16.35 49.04 -9.39
C GLN H 3813 15.72 48.50 -10.68
N GLN H 3814 14.47 48.88 -10.92
CA GLN H 3814 13.74 48.39 -12.08
C GLN H 3814 14.48 48.67 -13.38
N LYS H 3815 15.01 49.89 -13.51
CA LYS H 3815 15.73 50.24 -14.73
C LYS H 3815 16.95 49.36 -14.93
N MET H 3816 17.73 49.17 -13.87
CA MET H 3816 18.92 48.32 -13.96
C MET H 3816 18.53 46.93 -14.44
N LEU H 3817 17.47 46.38 -13.85
CA LEU H 3817 17.10 44.99 -14.15
C LEU H 3817 16.58 44.86 -15.57
N ASP H 3818 15.77 45.82 -15.99
CA ASP H 3818 15.24 45.78 -17.35
C ASP H 3818 16.38 45.86 -18.35
N TYR H 3819 17.35 46.75 -18.09
CA TYR H 3819 18.51 46.84 -18.97
C TYR H 3819 19.26 45.52 -19.03
N LEU H 3820 19.55 44.94 -17.86
CA LEU H 3820 20.31 43.70 -17.81
C LEU H 3820 19.57 42.58 -18.53
N LYS H 3821 18.26 42.48 -18.34
CA LYS H 3821 17.48 41.39 -18.89
C LYS H 3821 17.27 41.53 -20.39
N ASP H 3822 17.17 42.77 -20.89
CA ASP H 3822 17.06 42.93 -22.34
C ASP H 3822 18.39 42.72 -23.03
N LYS H 3823 19.49 43.14 -22.40
CA LYS H 3823 20.79 42.97 -23.04
C LYS H 3823 21.31 41.54 -22.94
N LYS H 3824 20.96 40.82 -21.89
CA LYS H 3824 21.37 39.43 -21.72
C LYS H 3824 22.88 39.28 -21.90
N GLU H 3825 23.61 40.03 -21.09
CA GLU H 3825 25.07 40.04 -21.13
C GLU H 3825 25.61 39.44 -19.84
N VAL H 3826 26.64 38.60 -19.98
CA VAL H 3826 27.27 37.94 -18.84
C VAL H 3826 28.43 38.73 -18.27
N GLY H 3827 28.92 39.75 -19.00
CA GLY H 3827 30.10 40.45 -18.56
C GLY H 3827 29.91 41.16 -17.23
N PHE H 3828 28.69 41.66 -16.98
CA PHE H 3828 28.43 42.36 -15.73
C PHE H 3828 28.72 41.46 -14.53
N PHE H 3829 28.09 40.29 -14.49
CA PHE H 3829 28.26 39.41 -13.34
C PHE H 3829 29.64 38.76 -13.35
N GLN H 3830 30.22 38.59 -14.55
CA GLN H 3830 31.60 38.12 -14.61
C GLN H 3830 32.54 39.09 -13.91
N SER H 3831 32.38 40.39 -14.19
CA SER H 3831 33.20 41.42 -13.55
C SER H 3831 32.93 41.46 -12.06
N ILE H 3832 31.67 41.33 -11.65
CA ILE H 3832 31.36 41.31 -10.22
C ILE H 3832 32.09 40.16 -9.53
N GLN H 3833 32.03 38.97 -10.15
CA GLN H 3833 32.67 37.79 -9.57
C GLN H 3833 34.18 37.98 -9.47
N ALA H 3834 34.79 38.49 -10.53
CA ALA H 3834 36.24 38.69 -10.53
C ALA H 3834 36.65 39.70 -9.47
N LEU H 3835 35.88 40.78 -9.34
CA LEU H 3835 36.17 41.78 -8.32
C LEU H 3835 36.05 41.19 -6.92
N MET H 3836 35.03 40.36 -6.71
CA MET H 3836 34.91 39.67 -5.42
C MET H 3836 36.15 38.82 -5.15
N GLN H 3837 36.62 38.08 -6.16
CA GLN H 3837 37.80 37.25 -5.97
C GLN H 3837 39.02 38.11 -5.64
N THR H 3838 39.14 39.26 -6.28
CA THR H 3838 40.27 40.14 -6.01
C THR H 3838 40.19 40.75 -4.61
N CYS H 3839 38.98 40.93 -4.09
CA CYS H 3839 38.82 41.57 -2.79
C CYS H 3839 39.67 40.85 -1.74
N SER H 3840 40.37 41.63 -0.93
CA SER H 3840 41.42 41.12 -0.06
C SER H 3840 40.88 40.75 1.31
N VAL H 3841 41.70 40.01 2.06
CA VAL H 3841 41.47 39.66 3.44
C VAL H 3841 42.74 39.93 4.23
N LEU H 3842 42.64 39.76 5.55
CA LEU H 3842 43.78 40.00 6.42
C LEU H 3842 44.95 39.11 6.04
N ASP H 3843 46.16 39.68 6.02
CA ASP H 3843 47.38 38.93 5.77
C ASP H 3843 48.35 39.15 6.93
N LEU H 3844 48.58 38.08 7.70
CA LEU H 3844 49.46 38.18 8.86
C LEU H 3844 50.90 38.43 8.44
N ASN H 3845 51.30 37.88 7.29
CA ASN H 3845 52.65 38.16 6.79
C ASN H 3845 52.83 39.65 6.54
N ALA H 3846 51.85 40.28 5.87
CA ALA H 3846 51.91 41.71 5.66
C ALA H 3846 51.90 42.48 6.98
N PHE H 3847 51.09 42.03 7.93
CA PHE H 3847 51.04 42.70 9.22
C PHE H 3847 52.39 42.65 9.91
N GLU H 3848 53.04 41.48 9.91
CA GLU H 3848 54.35 41.34 10.54
C GLU H 3848 55.38 42.20 9.83
N ARG H 3849 55.34 42.22 8.49
CA ARG H 3849 56.28 43.03 7.74
C ARG H 3849 56.11 44.52 8.07
N GLN H 3850 54.87 44.97 8.16
CA GLN H 3850 54.61 46.37 8.52
C GLN H 3850 55.11 46.67 9.94
N ASN H 3851 54.86 45.75 10.87
CA ASN H 3851 55.31 45.94 12.24
C ASN H 3851 56.83 46.07 12.29
N LYS H 3852 57.53 45.19 11.59
CA LYS H 3852 58.99 45.23 11.58
C LYS H 3852 59.49 46.50 10.91
N ALA H 3853 58.84 46.91 9.82
CA ALA H 3853 59.23 48.16 9.15
C ALA H 3853 59.13 49.34 10.10
N GLU H 3854 57.98 49.48 10.76
CA GLU H 3854 57.78 50.61 11.66
C GLU H 3854 58.70 50.52 12.88
N GLY H 3855 59.03 49.30 13.31
CA GLY H 3855 59.99 49.14 14.39
C GLY H 3855 61.38 49.61 14.00
N LEU H 3856 61.81 49.25 12.78
CA LEU H 3856 63.08 49.76 12.28
C LEU H 3856 63.06 51.27 12.23
N GLY H 3857 62.03 51.84 11.63
CA GLY H 3857 61.79 53.27 11.73
C GLY H 3857 62.97 54.13 11.34
N MET H 3858 63.57 53.87 10.20
CA MET H 3858 64.60 54.76 9.68
C MET H 3858 64.05 56.12 9.35
N VAL H 3859 64.90 57.12 9.49
CA VAL H 3859 64.56 58.49 9.15
C VAL H 3859 64.68 58.64 7.63
N ASN H 3860 63.66 59.25 7.03
CA ASN H 3860 63.68 59.44 5.60
C ASN H 3860 64.79 60.42 5.23
N GLU H 3861 65.45 60.16 4.09
CA GLU H 3861 66.62 60.96 3.72
C GLU H 3861 66.27 62.44 3.62
N ASP H 3862 65.08 62.77 3.13
CA ASP H 3862 64.64 64.16 3.12
C ASP H 3862 64.20 64.57 4.53
N GLY H 3863 64.84 65.60 5.07
CA GLY H 3863 64.54 66.01 6.43
C GLY H 3863 64.72 64.83 7.38
N THR H 3864 63.69 64.57 8.18
CA THR H 3864 63.66 63.43 9.09
C THR H 3864 62.22 63.02 9.29
N VAL H 3865 61.84 61.87 8.73
CA VAL H 3865 60.48 61.37 8.84
C VAL H 3865 60.50 59.95 9.41
N ILE H 3866 60.28 59.84 10.73
CA ILE H 3866 60.27 58.53 11.36
C ILE H 3866 58.95 57.83 11.08
N ASN H 3867 59.01 56.51 10.93
CA ASN H 3867 57.82 55.70 10.71
C ASN H 3867 56.99 56.24 9.53
N ARG H 3868 57.69 56.64 8.47
CA ARG H 3868 57.00 57.05 7.25
C ARG H 3868 56.04 55.96 6.80
N GLN H 3869 54.78 56.33 6.59
CA GLN H 3869 53.73 55.38 6.32
C GLN H 3869 53.50 55.26 4.82
N ASN H 3870 53.43 54.03 4.33
CA ASN H 3870 53.00 53.76 2.97
C ASN H 3870 51.52 53.40 2.97
N GLY H 3871 51.02 52.99 1.81
CA GLY H 3871 49.67 52.46 1.76
C GLY H 3871 49.53 51.24 2.66
N GLU H 3872 48.42 51.18 3.39
CA GLU H 3872 48.23 50.10 4.33
C GLU H 3872 48.22 48.76 3.62
N LYS H 3873 49.26 47.95 3.88
CA LYS H 3873 49.38 46.66 3.21
C LYS H 3873 48.21 45.75 3.57
N VAL H 3874 47.64 45.93 4.75
CA VAL H 3874 46.54 45.09 5.22
C VAL H 3874 45.22 45.71 4.82
N MET H 3875 44.43 44.98 4.04
CA MET H 3875 43.14 45.45 3.55
C MET H 3875 43.23 46.88 3.02
N ALA H 3876 44.03 47.04 1.97
CA ALA H 3876 44.10 48.34 1.29
C ALA H 3876 42.77 48.65 0.59
N ASP H 3877 42.07 47.61 0.12
CA ASP H 3877 40.84 47.76 -0.64
C ASP H 3877 39.59 47.57 0.21
N ASP H 3878 39.65 47.92 1.50
CA ASP H 3878 38.48 47.75 2.35
C ASP H 3878 37.32 48.62 1.88
N GLU H 3879 37.60 49.87 1.49
CA GLU H 3879 36.55 50.74 0.99
C GLU H 3879 35.93 50.17 -0.27
N PHE H 3880 36.75 49.62 -1.16
CA PHE H 3880 36.23 49.03 -2.39
C PHE H 3880 35.35 47.82 -2.09
N THR H 3881 35.79 46.96 -1.18
CA THR H 3881 34.99 45.79 -0.82
C THR H 3881 33.64 46.21 -0.25
N GLN H 3882 33.67 47.15 0.70
CA GLN H 3882 32.42 47.63 1.29
C GLN H 3882 31.52 48.27 0.25
N ASP H 3883 32.08 49.05 -0.67
CA ASP H 3883 31.26 49.67 -1.70
C ASP H 3883 30.64 48.64 -2.63
N LEU H 3884 31.42 47.63 -3.03
CA LEU H 3884 30.89 46.56 -3.87
C LEU H 3884 29.71 45.88 -3.20
N PHE H 3885 29.89 45.46 -1.94
CA PHE H 3885 28.82 44.75 -1.25
C PHE H 3885 27.65 45.65 -0.89
N ARG H 3886 27.90 46.94 -0.66
CA ARG H 3886 26.82 47.89 -0.45
C ARG H 3886 25.99 48.06 -1.72
N PHE H 3887 26.66 48.10 -2.87
CA PHE H 3887 25.95 48.16 -4.14
C PHE H 3887 25.09 46.93 -4.35
N LEU H 3888 25.66 45.75 -4.10
CA LEU H 3888 24.88 44.52 -4.24
C LEU H 3888 23.71 44.48 -3.27
N GLN H 3889 23.92 44.95 -2.04
CA GLN H 3889 22.84 45.04 -1.07
C GLN H 3889 21.74 45.99 -1.52
N LEU H 3890 22.13 47.16 -2.03
CA LEU H 3890 21.16 48.16 -2.43
C LEU H 3890 20.37 47.69 -3.64
N LEU H 3891 20.96 46.83 -4.46
CA LEU H 3891 20.15 46.24 -5.51
C LEU H 3891 18.92 45.58 -4.91
N CYS H 3892 19.09 44.76 -3.88
CA CYS H 3892 18.01 44.00 -3.29
C CYS H 3892 17.26 44.75 -2.20
N GLU H 3893 17.69 45.97 -1.86
CA GLU H 3893 17.06 46.71 -0.78
C GLU H 3893 15.58 46.93 -1.06
N GLY H 3894 14.78 46.83 -0.01
CA GLY H 3894 13.34 46.87 -0.14
C GLY H 3894 12.69 45.53 -0.41
N HIS H 3895 13.43 44.43 -0.30
CA HIS H 3895 12.91 43.09 -0.55
C HIS H 3895 12.42 42.97 -2.00
N ASN H 3896 13.34 43.25 -2.92
CA ASN H 3896 13.05 43.15 -4.34
C ASN H 3896 13.34 41.73 -4.80
N ASN H 3897 12.29 40.91 -4.86
CA ASN H 3897 12.46 39.49 -5.17
C ASN H 3897 13.05 39.30 -6.56
N ASP H 3898 12.78 40.22 -7.47
CA ASP H 3898 13.28 40.08 -8.83
C ASP H 3898 14.81 40.04 -8.83
N PHE H 3899 15.45 41.03 -8.19
CA PHE H 3899 16.90 40.98 -7.99
C PHE H 3899 17.31 39.79 -7.16
N GLN H 3900 16.60 39.55 -6.06
CA GLN H 3900 17.03 38.49 -5.17
C GLN H 3900 17.15 37.17 -5.92
N ASN H 3901 16.35 36.99 -6.97
CA ASN H 3901 16.42 35.77 -7.76
C ASN H 3901 17.37 35.92 -8.95
N TYR H 3902 17.44 37.12 -9.54
CA TYR H 3902 18.33 37.32 -10.68
C TYR H 3902 19.79 37.16 -10.28
N LEU H 3903 20.14 37.62 -9.08
CA LEU H 3903 21.50 37.42 -8.58
C LEU H 3903 21.82 35.93 -8.46
N ARG H 3904 20.85 35.13 -8.03
CA ARG H 3904 21.06 33.69 -7.94
C ARG H 3904 21.18 33.06 -9.32
N THR H 3905 20.29 33.43 -10.24
CA THR H 3905 20.26 32.82 -11.55
C THR H 3905 19.76 33.83 -12.58
N GLN H 3906 20.36 33.80 -13.76
CA GLN H 3906 19.96 34.65 -14.89
C GLN H 3906 19.43 33.72 -15.97
N THR H 3907 18.11 33.60 -16.04
CA THR H 3907 17.49 32.58 -16.89
C THR H 3907 17.79 32.81 -18.37
N GLY H 3908 17.65 34.05 -18.84
CA GLY H 3908 17.81 34.31 -20.26
C GLY H 3908 19.23 34.09 -20.74
N ASN H 3909 20.21 34.39 -19.89
CA ASN H 3909 21.60 34.31 -20.31
C ASN H 3909 22.03 32.87 -20.54
N THR H 3910 23.03 32.70 -21.40
CA THR H 3910 23.58 31.38 -21.65
C THR H 3910 24.19 30.79 -20.38
N THR H 3911 24.83 31.63 -19.57
CA THR H 3911 25.46 31.21 -18.33
C THR H 3911 25.02 32.11 -17.20
N THR H 3912 25.09 31.57 -15.98
CA THR H 3912 24.65 32.28 -14.79
C THR H 3912 25.68 32.14 -13.69
N ILE H 3913 25.72 33.14 -12.82
CA ILE H 3913 26.66 33.20 -11.70
C ILE H 3913 25.86 33.47 -10.43
N ASN H 3914 26.16 32.73 -9.37
CA ASN H 3914 25.46 32.86 -8.10
C ASN H 3914 26.24 33.80 -7.20
N ILE H 3915 25.88 35.08 -7.24
CA ILE H 3915 26.53 36.09 -6.40
C ILE H 3915 26.33 35.75 -4.94
N ILE H 3916 25.24 35.07 -4.61
CA ILE H 3916 25.01 34.65 -3.24
C ILE H 3916 26.16 33.77 -2.75
N ILE H 3917 26.49 32.75 -3.55
CA ILE H 3917 27.55 31.82 -3.20
C ILE H 3917 28.91 32.51 -3.23
N CYS H 3918 29.13 33.43 -4.18
CA CYS H 3918 30.38 34.17 -4.20
C CYS H 3918 30.56 34.97 -2.91
N THR H 3919 29.48 35.60 -2.44
CA THR H 3919 29.52 36.32 -1.17
C THR H 3919 29.84 35.39 -0.02
N VAL H 3920 29.22 34.21 0.00
CA VAL H 3920 29.52 33.25 1.06
C VAL H 3920 31.00 32.86 1.03
N ASP H 3921 31.55 32.66 -0.17
CA ASP H 3921 32.96 32.29 -0.28
C ASP H 3921 33.86 33.39 0.28
N TYR H 3922 33.56 34.65 -0.07
CA TYR H 3922 34.36 35.74 0.48
C TYR H 3922 34.25 35.79 2.00
N LEU H 3923 33.05 35.57 2.54
CA LEU H 3923 32.88 35.58 3.99
C LEU H 3923 33.71 34.48 4.64
N LEU H 3924 33.76 33.29 4.02
CA LEU H 3924 34.56 32.20 4.55
C LEU H 3924 36.03 32.55 4.56
N ARG H 3925 36.53 33.12 3.47
CA ARG H 3925 37.91 33.56 3.45
C ARG H 3925 38.18 34.58 4.55
N LEU H 3926 37.25 35.53 4.73
CA LEU H 3926 37.42 36.55 5.74
C LEU H 3926 37.46 35.97 7.15
N GLN H 3927 36.60 35.00 7.45
CA GLN H 3927 36.58 34.45 8.80
C GLN H 3927 37.82 33.60 9.04
N GLU H 3928 38.32 32.93 8.00
CA GLU H 3928 39.60 32.23 8.13
C GLU H 3928 40.70 33.22 8.50
N SER H 3929 40.74 34.36 7.80
CA SER H 3929 41.75 35.37 8.11
C SER H 3929 41.62 35.86 9.54
N ILE H 3930 40.39 36.12 9.97
CA ILE H 3930 40.15 36.65 11.31
C ILE H 3930 40.57 35.63 12.37
N SER H 3931 40.25 34.36 12.14
CA SER H 3931 40.65 33.32 13.10
C SER H 3931 42.17 33.19 13.17
N ASP H 3932 42.85 33.28 12.03
CA ASP H 3932 44.31 33.21 12.04
C ASP H 3932 44.89 34.40 12.81
N PHE H 3933 44.34 35.59 12.60
CA PHE H 3933 44.86 36.78 13.26
C PHE H 3933 44.59 36.69 14.77
N TYR H 3934 43.41 36.18 15.15
CA TYR H 3934 43.16 35.77 16.53
C TYR H 3934 44.30 34.91 17.05
N TRP H 3935 44.52 33.75 16.44
CA TRP H 3935 45.53 32.82 16.94
C TRP H 3935 46.88 33.52 17.07
N TYR H 3936 47.16 34.46 16.18
CA TYR H 3936 48.38 35.24 16.31
C TYR H 3936 48.40 36.03 17.61
N TYR H 3937 47.28 36.66 17.96
CA TYR H 3937 47.22 37.50 19.16
C TYR H 3937 46.77 36.75 20.41
N SER H 3938 46.54 35.43 20.34
CA SER H 3938 45.92 34.73 21.46
C SER H 3938 46.81 34.74 22.69
N GLY H 3939 48.10 34.45 22.51
CA GLY H 3939 48.99 34.38 23.66
C GLY H 3939 49.22 35.72 24.32
N LYS H 3940 49.33 36.78 23.51
CA LYS H 3940 49.66 38.08 24.04
C LYS H 3940 48.51 38.65 24.85
N ASP H 3941 48.82 39.19 26.02
CA ASP H 3941 47.79 39.64 26.94
C ASP H 3941 46.96 40.78 26.35
N VAL H 3942 47.62 41.75 25.71
CA VAL H 3942 46.95 42.95 25.22
C VAL H 3942 47.25 43.09 23.73
N ILE H 3943 46.21 43.33 22.94
CA ILE H 3943 46.36 43.62 21.52
C ILE H 3943 46.82 45.07 21.37
N GLU H 3944 47.73 45.29 20.42
CA GLU H 3944 48.26 46.63 20.19
C GLU H 3944 47.39 47.39 19.20
N GLU H 3945 47.78 48.65 18.96
CA GLU H 3945 46.90 49.59 18.28
C GLU H 3945 46.63 49.17 16.83
N GLN H 3946 47.67 48.77 16.10
CA GLN H 3946 47.47 48.38 14.71
C GLN H 3946 46.61 47.14 14.61
N GLY H 3947 46.76 46.20 15.55
CA GLY H 3947 45.89 45.05 15.58
C GLY H 3947 44.45 45.43 15.81
N LYS H 3948 44.21 46.34 16.75
CA LYS H 3948 42.85 46.86 16.93
C LYS H 3948 42.31 47.43 15.64
N ARG H 3949 43.11 48.22 14.94
CA ARG H 3949 42.68 48.86 13.71
C ARG H 3949 42.29 47.82 12.65
N ASN H 3950 43.12 46.80 12.48
CA ASN H 3950 42.89 45.82 11.42
C ASN H 3950 41.67 44.95 11.75
N PHE H 3951 41.51 44.60 13.02
CA PHE H 3951 40.28 43.99 13.50
C PHE H 3951 39.06 44.83 13.20
N SER H 3952 39.16 46.15 13.41
CA SER H 3952 38.03 47.01 13.11
C SER H 3952 37.71 47.00 11.63
N LYS H 3953 38.74 47.07 10.78
CA LYS H 3953 38.52 47.02 9.34
C LYS H 3953 37.85 45.73 8.92
N ALA H 3954 38.38 44.60 9.40
CA ALA H 3954 37.82 43.30 9.04
C ALA H 3954 36.39 43.18 9.51
N MET H 3955 36.10 43.66 10.72
CA MET H 3955 34.74 43.55 11.25
C MET H 3955 33.78 44.45 10.48
N SER H 3956 34.23 45.62 10.04
CA SER H 3956 33.38 46.46 9.20
C SER H 3956 33.05 45.77 7.89
N VAL H 3957 34.06 45.17 7.24
CA VAL H 3957 33.82 44.44 6.01
C VAL H 3957 32.85 43.30 6.25
N ALA H 3958 33.05 42.56 7.34
CA ALA H 3958 32.17 41.43 7.66
C ALA H 3958 30.76 41.89 7.94
N LYS H 3959 30.59 43.03 8.61
CA LYS H 3959 29.26 43.57 8.86
C LYS H 3959 28.56 43.92 7.57
N GLN H 3960 29.27 44.56 6.65
CA GLN H 3960 28.64 44.90 5.37
C GLN H 3960 28.26 43.63 4.60
N VAL H 3961 29.13 42.61 4.64
CA VAL H 3961 28.84 41.35 3.97
C VAL H 3961 27.61 40.70 4.59
N PHE H 3962 27.52 40.71 5.92
CA PHE H 3962 26.37 40.12 6.60
C PHE H 3962 25.10 40.84 6.21
N ASN H 3963 25.14 42.17 6.13
CA ASN H 3963 23.97 42.93 5.73
C ASN H 3963 23.58 42.61 4.29
N SER H 3964 24.56 42.46 3.40
CA SER H 3964 24.25 42.08 2.02
C SER H 3964 23.58 40.72 1.97
N LEU H 3965 24.11 39.74 2.72
CA LEU H 3965 23.51 38.42 2.73
C LEU H 3965 22.10 38.45 3.32
N THR H 3966 21.91 39.22 4.37
CA THR H 3966 20.58 39.40 4.96
C THR H 3966 19.62 39.98 3.94
N GLU H 3967 20.07 40.99 3.19
CA GLU H 3967 19.21 41.64 2.22
C GLU H 3967 18.88 40.72 1.06
N TYR H 3968 19.80 39.83 0.70
CA TYR H 3968 19.51 38.86 -0.35
C TYR H 3968 18.30 37.99 -0.05
N ILE H 3969 18.01 37.71 1.22
CA ILE H 3969 17.05 36.69 1.57
C ILE H 3969 15.79 37.30 2.19
N GLN H 3970 15.93 38.49 2.77
CA GLN H 3970 14.79 39.11 3.42
C GLN H 3970 13.65 39.32 2.43
N GLY H 3971 12.42 39.13 2.91
CA GLY H 3971 11.24 39.38 2.11
C GLY H 3971 10.15 38.33 2.24
N PRO H 3972 10.52 37.03 2.36
CA PRO H 3972 11.78 36.33 2.09
C PRO H 3972 11.95 35.90 0.64
N CYS H 3973 13.20 35.59 0.25
CA CYS H 3973 13.50 34.96 -1.03
C CYS H 3973 13.85 33.50 -0.74
N THR H 3974 12.89 32.60 -1.00
CA THR H 3974 13.04 31.21 -0.59
C THR H 3974 14.18 30.52 -1.32
N GLY H 3975 14.36 30.81 -2.61
CA GLY H 3975 15.46 30.20 -3.34
C GLY H 3975 16.80 30.56 -2.76
N ASN H 3976 16.99 31.83 -2.42
CA ASN H 3976 18.23 32.27 -1.80
C ASN H 3976 18.40 31.64 -0.42
N GLN H 3977 17.31 31.55 0.34
CA GLN H 3977 17.35 30.84 1.62
C GLN H 3977 17.88 29.42 1.45
N GLN H 3978 17.33 28.67 0.49
CA GLN H 3978 17.76 27.30 0.27
C GLN H 3978 19.21 27.23 -0.19
N SER H 3979 19.61 28.13 -1.08
CA SER H 3979 21.00 28.16 -1.54
C SER H 3979 21.95 28.35 -0.36
N LEU H 3980 21.68 29.34 0.50
CA LEU H 3980 22.53 29.55 1.66
C LEU H 3980 22.50 28.35 2.59
N ALA H 3981 21.32 27.78 2.82
CA ALA H 3981 21.21 26.63 3.70
C ALA H 3981 22.08 25.48 3.22
N HIS H 3982 22.18 25.31 1.90
CA HIS H 3982 23.03 24.29 1.31
C HIS H 3982 24.44 24.80 1.01
N SER H 3983 24.76 26.02 1.42
CA SER H 3983 26.10 26.58 1.23
C SER H 3983 26.96 26.30 2.47
N ARG H 3984 28.12 26.95 2.56
CA ARG H 3984 29.07 26.78 3.67
C ARG H 3984 28.96 27.90 4.69
N LEU H 3985 27.88 28.67 4.62
CA LEU H 3985 27.63 29.72 5.59
C LEU H 3985 27.65 29.16 7.01
N TRP H 3986 27.27 27.89 7.16
CA TRP H 3986 27.30 27.26 8.48
C TRP H 3986 28.72 27.17 9.02
N ASP H 3987 29.66 26.74 8.16
CA ASP H 3987 31.06 26.70 8.56
C ASP H 3987 31.55 28.09 8.92
N ALA H 3988 31.19 29.08 8.11
CA ALA H 3988 31.58 30.46 8.42
C ALA H 3988 31.05 30.88 9.79
N VAL H 3989 29.80 30.53 10.08
CA VAL H 3989 29.20 30.92 11.36
C VAL H 3989 29.90 30.23 12.52
N VAL H 3990 30.26 28.95 12.34
CA VAL H 3990 30.97 28.23 13.40
C VAL H 3990 32.29 28.94 13.72
N GLY H 3991 33.06 29.25 12.69
CA GLY H 3991 34.32 29.93 12.92
C GLY H 3991 34.12 31.29 13.58
N PHE H 3992 33.13 32.05 13.11
CA PHE H 3992 32.87 33.36 13.68
C PHE H 3992 32.45 33.24 15.14
N LEU H 3993 31.70 32.19 15.49
CA LEU H 3993 31.29 32.00 16.87
C LEU H 3993 32.49 31.71 17.76
N HIS H 3994 33.40 30.85 17.29
CA HIS H 3994 34.62 30.60 18.03
C HIS H 3994 35.38 31.91 18.31
N VAL H 3995 35.61 32.69 17.25
CA VAL H 3995 36.35 33.94 17.42
C VAL H 3995 35.60 34.88 18.33
N PHE H 3996 34.28 35.01 18.15
CA PHE H 3996 33.49 35.88 18.99
C PHE H 3996 33.66 35.55 20.46
N ALA H 3997 33.50 34.28 20.80
CA ALA H 3997 33.60 33.89 22.21
C ALA H 3997 34.98 34.20 22.78
N HIS H 3998 36.03 33.79 22.07
CA HIS H 3998 37.37 33.94 22.65
C HIS H 3998 37.79 35.40 22.73
N MET H 3999 37.50 36.20 21.69
CA MET H 3999 37.77 37.63 21.78
C MET H 3999 36.91 38.31 22.84
N MET H 4000 35.66 37.90 22.99
CA MET H 4000 34.85 38.45 24.05
C MET H 4000 35.54 38.29 25.39
N MET H 4001 35.95 37.06 25.70
CA MET H 4001 36.61 36.80 26.97
C MET H 4001 37.92 37.57 27.08
N LYS H 4002 38.71 37.59 26.01
CA LYS H 4002 40.02 38.22 26.08
C LYS H 4002 39.92 39.73 26.23
N LEU H 4003 39.03 40.35 25.47
CA LEU H 4003 38.90 41.81 25.47
C LEU H 4003 38.19 42.32 26.73
N ALA H 4004 37.39 41.47 27.39
CA ALA H 4004 36.76 41.92 28.63
C ALA H 4004 37.81 42.27 29.68
N GLN H 4005 39.02 41.73 29.55
CA GLN H 4005 40.00 41.84 30.63
C GLN H 4005 40.58 43.24 30.73
N ASP H 4006 40.73 43.93 29.60
CA ASP H 4006 41.34 45.25 29.56
C ASP H 4006 40.34 46.27 29.02
N SER H 4007 40.27 47.43 29.68
CA SER H 4007 39.32 48.46 29.27
C SER H 4007 39.78 49.20 28.01
N SER H 4008 41.08 49.15 27.71
CA SER H 4008 41.57 49.77 26.49
C SER H 4008 40.99 49.13 25.24
N GLN H 4009 40.38 47.96 25.39
CA GLN H 4009 39.86 47.16 24.27
C GLN H 4009 38.34 47.25 24.17
N ILE H 4010 37.74 48.21 24.89
CA ILE H 4010 36.28 48.23 25.05
C ILE H 4010 35.59 48.58 23.73
N GLU H 4011 36.13 49.54 22.99
CA GLU H 4011 35.51 49.92 21.71
C GLU H 4011 35.53 48.76 20.73
N LEU H 4012 36.65 48.05 20.66
CA LEU H 4012 36.74 46.88 19.78
C LEU H 4012 35.77 45.79 20.23
N LEU H 4013 35.61 45.62 21.54
CA LEU H 4013 34.62 44.68 22.05
C LEU H 4013 33.22 45.06 21.60
N LYS H 4014 32.90 46.36 21.67
CA LYS H 4014 31.60 46.84 21.25
C LYS H 4014 31.36 46.56 19.76
N GLU H 4015 32.37 46.84 18.94
CA GLU H 4015 32.25 46.55 17.51
C GLU H 4015 32.04 45.07 17.27
N LEU H 4016 32.78 44.22 17.99
CA LEU H 4016 32.63 42.78 17.87
C LEU H 4016 31.21 42.35 18.19
N LEU H 4017 30.66 42.88 19.29
CA LEU H 4017 29.31 42.52 19.70
C LEU H 4017 28.29 42.94 18.66
N ASP H 4018 28.45 44.14 18.10
CA ASP H 4018 27.55 44.57 17.04
C ASP H 4018 27.63 43.64 15.83
N LEU H 4019 28.84 43.19 15.51
CA LEU H 4019 28.99 42.26 14.39
C LEU H 4019 28.28 40.93 14.67
N GLN H 4020 28.39 40.44 15.91
CA GLN H 4020 27.64 39.22 16.26
C GLN H 4020 26.15 39.45 16.11
N LYS H 4021 25.69 40.64 16.49
CA LYS H 4021 24.27 40.95 16.36
C LYS H 4021 23.84 40.91 14.89
N ASP H 4022 24.69 41.43 14.01
CA ASP H 4022 24.39 41.38 12.58
C ASP H 4022 24.34 39.95 12.06
N MET H 4023 25.27 39.11 12.52
CA MET H 4023 25.23 37.69 12.16
C MET H 4023 23.94 37.02 12.64
N VAL H 4024 23.52 37.33 13.86
CA VAL H 4024 22.28 36.76 14.38
C VAL H 4024 21.09 37.25 13.56
N VAL H 4025 21.12 38.50 13.13
CA VAL H 4025 20.06 39.02 12.26
C VAL H 4025 20.01 38.25 10.95
N MET H 4026 21.18 37.94 10.39
CA MET H 4026 21.21 37.13 9.18
C MET H 4026 20.57 35.77 9.41
N LEU H 4027 20.89 35.14 10.55
CA LEU H 4027 20.26 33.85 10.88
C LEU H 4027 18.75 33.98 11.00
N LEU H 4028 18.28 35.01 11.70
CA LEU H 4028 16.86 35.25 11.85
C LEU H 4028 16.17 35.46 10.52
N SER H 4029 16.82 36.15 9.60
CA SER H 4029 16.29 36.29 8.24
C SER H 4029 16.23 34.94 7.53
N LEU H 4030 17.26 34.10 7.71
CA LEU H 4030 17.18 32.75 7.18
C LEU H 4030 15.96 32.02 7.70
N LEU H 4031 15.55 32.32 8.92
CA LEU H 4031 14.39 31.67 9.52
C LEU H 4031 13.06 32.35 9.16
N GLU H 4032 13.05 33.27 8.20
CA GLU H 4032 11.79 33.88 7.79
C GLU H 4032 10.96 32.88 7.01
N GLY H 4033 9.69 32.74 7.38
CA GLY H 4033 8.81 31.76 6.76
C GLY H 4033 9.02 30.35 7.22
N ASN H 4034 9.89 30.13 8.22
CA ASN H 4034 10.17 28.78 8.68
C ASN H 4034 8.93 28.16 9.31
N VAL H 4035 8.72 26.88 9.00
CA VAL H 4035 7.61 26.12 9.59
C VAL H 4035 8.15 25.26 10.73
N VAL H 4036 7.25 24.71 11.54
CA VAL H 4036 7.65 23.84 12.62
C VAL H 4036 8.44 22.67 12.07
N ASN H 4037 9.55 22.35 12.74
CA ASN H 4037 10.44 21.28 12.33
C ASN H 4037 10.96 21.49 10.91
N GLY H 4038 11.19 22.75 10.54
CA GLY H 4038 11.72 23.04 9.23
C GLY H 4038 13.18 22.67 9.10
N MET H 4039 13.56 22.40 7.84
CA MET H 4039 14.92 21.93 7.58
C MET H 4039 15.96 22.97 7.95
N ILE H 4040 15.67 24.24 7.68
CA ILE H 4040 16.63 25.30 7.98
C ILE H 4040 16.82 25.44 9.49
N ALA H 4041 15.71 25.36 10.24
CA ALA H 4041 15.81 25.44 11.70
C ALA H 4041 16.60 24.25 12.24
N ARG H 4042 16.35 23.05 11.70
CA ARG H 4042 17.09 21.88 12.17
C ARG H 4042 18.57 22.01 11.83
N GLN H 4043 18.88 22.58 10.66
CA GLN H 4043 20.26 22.85 10.30
C GLN H 4043 20.90 23.83 11.27
N MET H 4044 20.17 24.87 11.66
CA MET H 4044 20.67 25.81 12.65
C MET H 4044 20.98 25.11 13.96
N VAL H 4045 20.07 24.24 14.41
CA VAL H 4045 20.29 23.53 15.66
C VAL H 4045 21.52 22.64 15.56
N ASP H 4046 21.69 21.96 14.44
CA ASP H 4046 22.87 21.11 14.26
C ASP H 4046 24.15 21.93 14.27
N MET H 4047 24.14 23.10 13.62
CA MET H 4047 25.32 23.97 13.63
C MET H 4047 25.62 24.44 15.05
N LEU H 4048 24.59 24.82 15.79
CA LEU H 4048 24.80 25.23 17.17
C LEU H 4048 25.38 24.09 18.01
N VAL H 4049 24.91 22.87 17.77
CA VAL H 4049 25.46 21.72 18.46
C VAL H 4049 26.94 21.55 18.13
N GLU H 4050 27.28 21.70 16.85
CA GLU H 4050 28.68 21.64 16.44
C GLU H 4050 29.50 22.71 17.16
N SER H 4051 28.92 23.89 17.37
CA SER H 4051 29.60 25.02 18.01
C SER H 4051 29.27 25.14 19.48
N SER H 4052 28.82 24.06 20.11
CA SER H 4052 28.28 24.12 21.47
C SER H 4052 29.18 24.91 22.41
N SER H 4053 30.46 24.52 22.49
CA SER H 4053 31.34 25.08 23.53
C SER H 4053 31.37 26.60 23.47
N ASN H 4054 31.52 27.17 22.27
CA ASN H 4054 31.60 28.62 22.14
C ASN H 4054 30.27 29.28 22.47
N VAL H 4055 29.16 28.63 22.07
CA VAL H 4055 27.84 29.12 22.46
C VAL H 4055 27.72 29.16 23.98
N GLU H 4056 28.19 28.10 24.64
CA GLU H 4056 28.17 28.07 26.10
C GLU H 4056 29.01 29.20 26.68
N MET H 4057 30.17 29.45 26.08
CA MET H 4057 31.03 30.54 26.56
C MET H 4057 30.30 31.87 26.45
N ILE H 4058 29.63 32.11 25.32
CA ILE H 4058 28.94 33.38 25.12
C ILE H 4058 27.81 33.54 26.13
N LEU H 4059 27.01 32.50 26.30
CA LEU H 4059 25.90 32.55 27.24
C LEU H 4059 26.40 32.78 28.66
N LYS H 4060 27.51 32.13 29.01
CA LYS H 4060 28.10 32.31 30.34
C LYS H 4060 28.60 33.72 30.55
N PHE H 4061 29.22 34.31 29.54
CA PHE H 4061 29.61 35.71 29.61
C PHE H 4061 28.40 36.58 29.95
N PHE H 4062 27.34 36.46 29.17
CA PHE H 4062 26.17 37.30 29.40
C PHE H 4062 25.60 37.07 30.79
N ASP H 4063 25.43 35.81 31.20
CA ASP H 4063 24.76 35.54 32.45
C ASP H 4063 25.62 35.95 33.64
N MET H 4064 26.94 35.77 33.54
CA MET H 4064 27.83 36.20 34.60
C MET H 4064 27.72 37.70 34.83
N PHE H 4065 27.76 38.49 33.75
CA PHE H 4065 27.68 39.93 33.96
C PHE H 4065 26.29 40.35 34.41
N LEU H 4066 25.24 39.68 33.92
CA LEU H 4066 23.89 39.96 34.39
C LEU H 4066 23.77 39.71 35.89
N LYS H 4067 24.38 38.62 36.39
CA LYS H 4067 24.31 38.32 37.81
C LYS H 4067 25.19 39.27 38.62
N LEU H 4068 26.32 39.68 38.07
CA LEU H 4068 27.17 40.65 38.76
C LEU H 4068 26.42 41.94 38.99
N LYS H 4069 25.65 42.39 37.99
CA LYS H 4069 24.90 43.63 38.14
C LYS H 4069 23.98 43.57 39.36
N ASP H 4070 23.30 42.45 39.57
CA ASP H 4070 22.38 42.35 40.69
C ASP H 4070 23.13 42.12 42.00
N ILE H 4071 24.23 41.38 41.96
CA ILE H 4071 24.99 41.12 43.18
C ILE H 4071 25.53 42.43 43.75
N VAL H 4072 26.12 43.27 42.91
CA VAL H 4072 26.69 44.52 43.41
C VAL H 4072 25.63 45.40 44.05
N GLY H 4073 24.38 45.29 43.60
CA GLY H 4073 23.29 46.02 44.23
C GLY H 4073 22.82 45.34 45.50
N SER H 4074 23.06 44.04 45.59
CA SER H 4074 22.70 43.30 46.79
C SER H 4074 23.39 43.92 48.01
N GLU H 4075 22.60 44.12 49.07
CA GLU H 4075 23.15 44.73 50.28
C GLU H 4075 24.17 43.83 50.95
N ALA H 4076 23.99 42.51 50.87
CA ALA H 4076 24.97 41.59 51.42
C ALA H 4076 26.35 41.88 50.86
N PHE H 4077 26.43 42.23 49.57
CA PHE H 4077 27.68 42.71 49.00
C PHE H 4077 28.12 44.00 49.67
N GLN H 4078 27.16 44.90 49.94
CA GLN H 4078 27.49 46.17 50.58
C GLN H 4078 28.03 45.97 51.99
N ASP H 4079 27.69 44.86 52.65
CA ASP H 4079 28.27 44.57 53.95
C ASP H 4079 29.78 44.44 53.85
N TYR H 4080 30.26 43.77 52.80
CA TYR H 4080 31.69 43.61 52.61
C TYR H 4080 32.37 44.93 52.31
N VAL H 4081 31.62 45.92 51.81
CA VAL H 4081 32.18 47.22 51.49
C VAL H 4081 32.45 47.95 52.80
N THR H 4082 33.72 48.32 53.02
CA THR H 4082 34.14 48.97 54.25
C THR H 4082 34.91 50.26 53.98
N ASP H 4083 34.85 50.77 52.76
CA ASP H 4083 35.59 51.95 52.36
C ASP H 4083 34.64 53.10 52.07
N PRO H 4084 34.88 54.30 52.62
CA PRO H 4084 33.96 55.42 52.34
C PRO H 4084 33.86 55.75 50.87
N ARG H 4085 34.94 55.59 50.12
CA ARG H 4085 34.94 55.92 48.69
C ARG H 4085 34.11 54.96 47.86
N GLY H 4086 33.64 53.87 48.44
CA GLY H 4086 32.82 52.92 47.71
C GLY H 4086 33.60 51.88 46.94
N LEU H 4087 34.92 51.80 47.14
CA LEU H 4087 35.71 50.79 46.47
C LEU H 4087 35.76 49.51 47.30
N ILE H 4088 35.99 48.39 46.63
CA ILE H 4088 36.09 47.09 47.27
C ILE H 4088 37.37 46.40 46.79
N SER H 4089 38.11 45.82 47.72
CA SER H 4089 39.39 45.22 47.38
C SER H 4089 39.17 43.88 46.70
N LYS H 4090 40.22 43.36 46.08
CA LYS H 4090 40.09 42.11 45.34
C LYS H 4090 39.79 40.94 46.27
N LYS H 4091 40.46 40.87 47.41
CA LYS H 4091 40.20 39.77 48.34
C LYS H 4091 38.78 39.84 48.88
N ASP H 4092 38.33 41.03 49.27
CA ASP H 4092 36.99 41.19 49.81
C ASP H 4092 35.95 40.90 48.75
N PHE H 4093 36.22 41.29 47.50
CA PHE H 4093 35.36 40.97 46.38
C PHE H 4093 35.27 39.46 46.17
N GLN H 4094 36.41 38.77 46.26
CA GLN H 4094 36.43 37.32 46.13
C GLN H 4094 35.59 36.66 47.23
N LYS H 4095 35.72 37.18 48.45
CA LYS H 4095 34.91 36.65 49.55
C LYS H 4095 33.43 36.91 49.34
N ALA H 4096 33.08 38.09 48.82
CA ALA H 4096 31.68 38.36 48.51
C ALA H 4096 31.16 37.38 47.48
N MET H 4097 31.96 37.12 46.43
CA MET H 4097 31.54 36.16 45.41
C MET H 4097 31.31 34.79 46.02
N ASP H 4098 32.26 34.30 46.81
CA ASP H 4098 32.13 32.95 47.34
C ASP H 4098 30.97 32.87 48.35
N SER H 4099 30.65 33.99 48.99
CA SER H 4099 29.50 34.03 49.88
C SER H 4099 28.20 33.92 49.09
N GLN H 4100 28.07 34.67 48.00
CA GLN H 4100 26.87 34.57 47.18
C GLN H 4100 26.76 33.20 46.52
N LYS H 4101 27.90 32.55 46.26
CA LYS H 4101 28.01 31.15 45.83
C LYS H 4101 27.53 30.93 44.40
N GLN H 4102 27.04 31.96 43.71
CA GLN H 4102 26.59 31.77 42.33
C GLN H 4102 27.76 31.44 41.41
N PHE H 4103 28.92 32.05 41.66
CA PHE H 4103 30.06 31.96 40.76
C PHE H 4103 31.04 30.90 41.21
N THR H 4104 31.78 30.36 40.24
CA THR H 4104 32.86 29.43 40.51
C THR H 4104 34.17 30.20 40.71
N GLY H 4105 35.21 29.48 41.11
CA GLY H 4105 36.51 30.07 41.29
C GLY H 4105 37.07 30.65 40.01
N PRO H 4106 37.04 29.86 38.92
CA PRO H 4106 37.46 30.40 37.63
C PRO H 4106 36.67 31.63 37.20
N GLU H 4107 35.36 31.61 37.44
CA GLU H 4107 34.52 32.76 37.10
C GLU H 4107 34.92 33.98 37.91
N ILE H 4108 35.21 33.78 39.20
CA ILE H 4108 35.61 34.90 40.05
C ILE H 4108 36.95 35.44 39.60
N GLN H 4109 37.87 34.56 39.20
CA GLN H 4109 39.16 35.02 38.68
C GLN H 4109 39.00 35.81 37.40
N PHE H 4110 38.10 35.35 36.51
CA PHE H 4110 37.83 36.09 35.28
C PHE H 4110 37.28 37.47 35.58
N LEU H 4111 36.33 37.55 36.52
CA LEU H 4111 35.79 38.84 36.90
C LEU H 4111 36.86 39.73 37.52
N LEU H 4112 37.76 39.16 38.31
CA LEU H 4112 38.85 39.93 38.87
C LEU H 4112 39.76 40.47 37.78
N SER H 4113 40.04 39.65 36.76
CA SER H 4113 40.85 40.11 35.64
C SER H 4113 40.16 41.25 34.90
N CYS H 4114 38.87 41.11 34.63
CA CYS H 4114 38.13 42.18 33.96
C CYS H 4114 37.99 43.42 34.83
N SER H 4115 38.11 43.27 36.14
CA SER H 4115 38.08 44.42 37.03
C SER H 4115 39.32 45.29 36.81
N GLU H 4116 39.11 46.59 36.69
CA GLU H 4116 40.19 47.54 36.50
C GLU H 4116 40.70 47.93 37.89
N ALA H 4117 41.43 47.01 38.50
CA ALA H 4117 41.90 47.18 39.87
C ALA H 4117 43.14 48.07 39.88
N ASP H 4118 43.13 49.08 40.74
CA ASP H 4118 44.23 50.02 40.84
C ASP H 4118 45.42 49.34 41.51
N GLU H 4119 46.51 50.10 41.70
CA GLU H 4119 47.66 49.56 42.40
C GLU H 4119 47.30 49.17 43.83
N ASN H 4120 46.33 49.85 44.44
CA ASN H 4120 45.87 49.51 45.77
C ASN H 4120 44.94 48.30 45.79
N GLU H 4121 44.67 47.71 44.62
CA GLU H 4121 43.79 46.55 44.45
C GLU H 4121 42.34 46.93 44.69
N MET H 4122 42.00 48.20 44.59
CA MET H 4122 40.65 48.69 44.89
C MET H 4122 39.88 48.79 43.58
N ILE H 4123 38.57 48.48 43.62
CA ILE H 4123 37.75 48.41 42.42
C ILE H 4123 36.53 49.30 42.57
N ASN H 4124 36.10 49.89 41.45
CA ASN H 4124 34.81 50.57 41.37
C ASN H 4124 33.80 49.57 40.82
N PHE H 4125 33.11 48.84 41.72
CA PHE H 4125 32.20 47.79 41.27
C PHE H 4125 31.05 48.38 40.47
N GLU H 4126 30.67 49.64 40.74
CA GLU H 4126 29.58 50.25 39.99
C GLU H 4126 29.91 50.31 38.50
N GLU H 4127 31.03 50.95 38.15
CA GLU H 4127 31.41 51.05 36.75
C GLU H 4127 31.76 49.68 36.18
N PHE H 4128 32.35 48.80 37.01
CA PHE H 4128 32.65 47.45 36.55
C PHE H 4128 31.38 46.75 36.07
N ALA H 4129 30.31 46.84 36.86
CA ALA H 4129 29.05 46.22 36.48
C ALA H 4129 28.43 46.91 35.27
N ASN H 4130 28.46 48.24 35.25
CA ASN H 4130 27.82 49.00 34.18
C ASN H 4130 28.57 48.92 32.86
N ARG H 4131 29.82 48.45 32.86
CA ARG H 4131 30.64 48.51 31.66
C ARG H 4131 30.03 47.71 30.51
N PHE H 4132 29.68 46.45 30.77
CA PHE H 4132 29.28 45.53 29.70
C PHE H 4132 27.78 45.41 29.52
N GLN H 4133 26.98 46.17 30.26
CA GLN H 4133 25.53 46.02 30.17
C GLN H 4133 25.01 46.55 28.83
N GLU H 4134 25.20 47.85 28.59
CA GLU H 4134 24.68 48.44 27.36
C GLU H 4134 25.31 47.83 26.11
N PRO H 4135 26.62 47.62 26.02
CA PRO H 4135 27.18 47.05 24.79
C PRO H 4135 26.58 45.71 24.40
N ALA H 4136 26.30 44.85 25.38
CA ALA H 4136 25.90 43.47 25.13
C ALA H 4136 24.39 43.28 25.14
N ARG H 4137 23.60 44.34 25.29
CA ARG H 4137 22.16 44.17 25.44
C ARG H 4137 21.51 43.73 24.12
N ASP H 4138 21.86 44.40 23.02
CA ASP H 4138 21.23 44.08 21.74
C ASP H 4138 21.55 42.65 21.31
N ILE H 4139 22.82 42.24 21.43
CA ILE H 4139 23.19 40.87 21.11
C ILE H 4139 22.49 39.90 22.04
N GLY H 4140 22.37 40.25 23.32
CA GLY H 4140 21.64 39.41 24.24
C GLY H 4140 20.19 39.23 23.84
N PHE H 4141 19.54 40.34 23.47
CA PHE H 4141 18.16 40.26 23.03
C PHE H 4141 18.02 39.40 21.79
N ASN H 4142 18.92 39.56 20.82
CA ASN H 4142 18.82 38.79 19.58
C ASN H 4142 19.13 37.32 19.81
N VAL H 4143 20.05 37.01 20.72
CA VAL H 4143 20.29 35.62 21.09
C VAL H 4143 19.04 35.02 21.71
N ALA H 4144 18.39 35.76 22.61
CA ALA H 4144 17.16 35.29 23.22
C ALA H 4144 16.08 35.06 22.17
N VAL H 4145 15.97 35.97 21.21
CA VAL H 4145 14.98 35.82 20.14
C VAL H 4145 15.27 34.59 19.31
N LEU H 4146 16.55 34.39 18.96
CA LEU H 4146 16.93 33.21 18.18
C LEU H 4146 16.57 31.94 18.92
N LEU H 4147 16.90 31.88 20.21
CA LEU H 4147 16.61 30.67 20.99
C LEU H 4147 15.11 30.45 21.11
N THR H 4148 14.35 31.51 21.34
CA THR H 4148 12.90 31.39 21.46
C THR H 4148 12.29 30.88 20.17
N ASN H 4149 12.68 31.49 19.04
CA ASN H 4149 12.19 31.05 17.73
C ASN H 4149 12.51 29.58 17.50
N LEU H 4150 13.77 29.21 17.74
CA LEU H 4150 14.19 27.84 17.48
C LEU H 4150 13.45 26.86 18.37
N SER H 4151 13.26 27.21 19.64
CA SER H 4151 12.53 26.32 20.55
C SER H 4151 11.08 26.17 20.12
N GLU H 4152 10.44 27.26 19.70
CA GLU H 4152 9.03 27.20 19.34
C GLU H 4152 8.80 26.55 17.99
N HIS H 4153 9.82 26.47 17.14
CA HIS H 4153 9.67 25.83 15.83
C HIS H 4153 10.31 24.46 15.75
N VAL H 4154 11.12 24.08 16.73
CA VAL H 4154 11.62 22.71 16.90
C VAL H 4154 11.33 22.33 18.34
N PRO H 4155 10.06 22.14 18.70
CA PRO H 4155 9.71 22.02 20.12
C PRO H 4155 10.32 20.81 20.81
N HIS H 4156 10.70 19.77 20.07
CA HIS H 4156 11.17 18.52 20.66
C HIS H 4156 12.60 18.25 20.18
N ASP H 4157 13.57 18.78 20.92
CA ASP H 4157 14.99 18.56 20.64
C ASP H 4157 15.78 18.71 21.94
N PRO H 4158 16.30 17.63 22.53
CA PRO H 4158 17.06 17.75 23.78
C PRO H 4158 18.31 18.60 23.67
N ARG H 4159 18.84 18.77 22.47
CA ARG H 4159 20.04 19.56 22.31
C ARG H 4159 19.75 21.04 22.49
N LEU H 4160 18.48 21.44 22.32
CA LEU H 4160 18.11 22.85 22.46
C LEU H 4160 17.80 23.22 23.90
N ARG H 4161 17.28 22.28 24.70
CA ARG H 4161 16.96 22.61 26.10
C ARG H 4161 18.21 22.87 26.92
N ASN H 4162 19.34 22.24 26.57
CA ASN H 4162 20.58 22.55 27.25
C ASN H 4162 20.94 24.03 27.07
N PHE H 4163 20.90 24.48 25.82
CA PHE H 4163 21.19 25.90 25.54
C PHE H 4163 20.17 26.81 26.21
N LEU H 4164 18.90 26.40 26.21
CA LEU H 4164 17.88 27.22 26.83
C LEU H 4164 18.11 27.36 28.34
N GLU H 4165 18.44 26.25 29.01
CA GLU H 4165 18.75 26.30 30.43
C GLU H 4165 19.94 27.21 30.69
N LEU H 4166 20.97 27.10 29.85
CA LEU H 4166 22.13 27.98 30.02
C LEU H 4166 21.75 29.44 29.78
N ALA H 4167 20.77 29.68 28.92
CA ALA H 4167 20.37 31.04 28.59
C ALA H 4167 19.29 31.56 29.53
N GLU H 4168 18.88 30.76 30.50
CA GLU H 4168 17.83 31.12 31.45
C GLU H 4168 17.87 32.58 31.86
N SER H 4169 19.01 33.05 32.37
CA SER H 4169 19.10 34.42 32.88
C SER H 4169 18.81 35.43 31.79
N ILE H 4170 19.35 35.20 30.59
CA ILE H 4170 19.10 36.12 29.48
C ILE H 4170 17.62 36.19 29.17
N LEU H 4171 16.97 35.02 29.11
CA LEU H 4171 15.55 34.97 28.78
C LEU H 4171 14.70 35.65 29.84
N GLU H 4172 15.01 35.40 31.11
CA GLU H 4172 14.27 36.06 32.18
C GLU H 4172 14.46 37.57 32.13
N TYR H 4173 15.70 38.01 31.86
CA TYR H 4173 15.98 39.44 31.80
C TYR H 4173 15.20 40.10 30.68
N PHE H 4174 15.16 39.46 29.50
CA PHE H 4174 14.56 40.07 28.32
C PHE H 4174 13.09 39.70 28.14
N ARG H 4175 12.52 38.94 29.06
CA ARG H 4175 11.12 38.54 28.95
C ARG H 4175 10.16 39.71 28.83
N PRO H 4176 10.21 40.72 29.69
CA PRO H 4176 9.30 41.87 29.51
C PRO H 4176 9.53 42.62 28.21
N TYR H 4177 10.70 42.49 27.60
CA TYR H 4177 11.05 43.23 26.40
C TYR H 4177 10.91 42.40 25.12
N LEU H 4178 10.63 41.10 25.22
CA LEU H 4178 10.49 40.25 24.05
C LEU H 4178 9.03 40.21 23.66
N GLY H 4179 8.68 40.93 22.60
CA GLY H 4179 7.31 40.99 22.12
C GLY H 4179 7.06 39.90 21.08
N ARG H 4180 5.86 39.34 21.12
CA ARG H 4180 5.50 38.14 20.38
C ARG H 4180 4.09 38.28 19.85
N ILE H 4181 3.94 38.28 18.53
CA ILE H 4181 2.61 38.33 17.92
C ILE H 4181 2.50 37.28 16.83
N GLU H 4182 1.30 37.17 16.28
CA GLU H 4182 1.02 36.27 15.15
C GLU H 4182 0.29 37.05 14.07
N ILE H 4183 0.64 36.77 12.82
CA ILE H 4183 0.01 37.41 11.68
C ILE H 4183 -0.31 36.37 10.62
N MET H 4184 -1.20 36.73 9.71
CA MET H 4184 -1.37 35.99 8.46
C MET H 4184 -0.44 36.58 7.41
N GLY H 4185 0.59 35.83 7.04
CA GLY H 4185 1.61 36.31 6.14
C GLY H 4185 1.25 36.12 4.68
N ALA H 4186 2.18 36.54 3.81
CA ALA H 4186 1.98 36.38 2.37
C ALA H 4186 1.89 34.91 1.98
N SER H 4187 2.55 34.03 2.74
CA SER H 4187 2.52 32.59 2.46
C SER H 4187 1.17 31.95 2.75
N ARG H 4188 0.15 32.74 3.09
CA ARG H 4188 -1.16 32.21 3.44
C ARG H 4188 -1.08 31.30 4.66
N ARG H 4189 -0.14 31.59 5.55
CA ARG H 4189 0.09 30.82 6.75
C ARG H 4189 0.33 31.74 7.93
N ILE H 4190 -0.09 31.29 9.12
CA ILE H 4190 0.17 32.05 10.33
C ILE H 4190 1.66 32.03 10.64
N GLU H 4191 2.20 33.19 10.99
CA GLU H 4191 3.60 33.35 11.29
C GLU H 4191 3.75 34.10 12.61
N ARG H 4192 4.61 33.60 13.47
CA ARG H 4192 4.95 34.29 14.71
C ARG H 4192 6.06 35.29 14.47
N ILE H 4193 5.92 36.46 15.08
CA ILE H 4193 6.86 37.56 14.92
C ILE H 4193 7.39 37.93 16.30
N TYR H 4194 8.71 38.04 16.40
CA TYR H 4194 9.40 38.43 17.61
C TYR H 4194 10.03 39.80 17.39
N PHE H 4195 9.86 40.70 18.36
CA PHE H 4195 10.36 42.05 18.25
C PHE H 4195 10.73 42.57 19.64
N GLU H 4196 11.24 43.80 19.68
CA GLU H 4196 11.69 44.40 20.93
C GLU H 4196 10.68 45.43 21.43
N ILE H 4197 10.51 45.46 22.75
CA ILE H 4197 9.64 46.42 23.42
C ILE H 4197 10.49 47.29 24.32
N SER H 4198 10.28 48.60 24.24
CA SER H 4198 11.04 49.52 25.05
C SER H 4198 10.41 49.72 26.43
N GLU H 4199 11.29 49.95 27.42
CA GLU H 4199 10.83 50.18 28.78
C GLU H 4199 9.88 51.35 28.86
N THR H 4200 10.18 52.43 28.14
CA THR H 4200 9.32 53.61 28.18
C THR H 4200 7.94 53.29 27.63
N ASN H 4201 7.87 52.55 26.53
CA ASN H 4201 6.58 52.18 25.96
C ASN H 4201 5.79 51.32 26.93
N ARG H 4202 6.45 50.34 27.55
CA ARG H 4202 5.75 49.49 28.51
C ARG H 4202 5.23 50.30 29.69
N ALA H 4203 6.05 51.20 30.23
CA ALA H 4203 5.62 52.02 31.35
C ALA H 4203 4.43 52.90 30.96
N GLN H 4204 4.52 53.55 29.81
CA GLN H 4204 3.43 54.40 29.35
C GLN H 4204 2.13 53.61 29.18
N TRP H 4205 2.24 52.38 28.67
CA TRP H 4205 1.07 51.50 28.58
C TRP H 4205 0.53 51.16 29.96
N GLU H 4206 1.40 50.91 30.93
CA GLU H 4206 0.96 50.55 32.26
C GLU H 4206 0.46 51.75 33.07
N MET H 4207 0.61 52.97 32.54
CA MET H 4207 0.04 54.11 33.22
C MET H 4207 -1.47 53.94 33.37
N PRO H 4208 -2.06 54.37 34.49
CA PRO H 4208 -3.49 54.08 34.73
C PRO H 4208 -4.45 54.68 33.71
N GLN H 4209 -4.14 55.85 33.15
CA GLN H 4209 -5.08 56.47 32.21
C GLN H 4209 -5.23 55.61 30.95
N VAL H 4210 -4.11 55.07 30.47
CA VAL H 4210 -4.18 54.16 29.33
C VAL H 4210 -5.00 52.93 29.68
N LYS H 4211 -4.90 52.46 30.93
CA LYS H 4211 -5.69 51.30 31.35
C LYS H 4211 -7.18 51.61 31.33
N GLU H 4212 -7.57 52.79 31.82
CA GLU H 4212 -8.98 53.18 31.77
C GLU H 4212 -9.46 53.31 30.33
N SER H 4213 -8.64 53.92 29.46
CA SER H 4213 -9.01 54.04 28.06
C SER H 4213 -9.18 52.66 27.44
N LYS H 4214 -8.28 51.73 27.77
CA LYS H 4214 -8.38 50.36 27.26
C LYS H 4214 -9.68 49.71 27.71
N ARG H 4215 -10.00 49.84 29.00
CA ARG H 4215 -11.23 49.22 29.50
C ARG H 4215 -12.46 49.79 28.80
N GLN H 4216 -12.48 51.11 28.62
CA GLN H 4216 -13.61 51.74 27.96
C GLN H 4216 -13.73 51.28 26.51
N PHE H 4217 -12.60 51.21 25.81
CA PHE H 4217 -12.60 50.75 24.43
C PHE H 4217 -13.10 49.31 24.32
N ILE H 4218 -12.65 48.45 25.23
CA ILE H 4218 -13.07 47.06 25.22
C ILE H 4218 -14.58 46.98 25.45
N PHE H 4219 -15.08 47.71 26.44
CA PHE H 4219 -16.52 47.70 26.70
C PHE H 4219 -17.29 48.12 25.46
N ASP H 4220 -16.86 49.23 24.85
CA ASP H 4220 -17.59 49.75 23.69
C ASP H 4220 -17.59 48.76 22.54
N VAL H 4221 -16.42 48.23 22.17
CA VAL H 4221 -16.35 47.33 21.03
C VAL H 4221 -17.04 46.01 21.28
N VAL H 4222 -17.09 45.55 22.53
CA VAL H 4222 -17.70 44.26 22.81
C VAL H 4222 -19.21 44.37 22.91
N ASN H 4223 -19.71 45.54 23.28
CA ASN H 4223 -21.13 45.73 23.52
C ASN H 4223 -21.87 46.32 22.32
N GLU H 4224 -21.25 47.26 21.60
CA GLU H 4224 -21.87 47.91 20.46
C GLU H 4224 -20.85 48.04 19.32
N GLY H 4225 -20.08 47.00 19.09
CA GLY H 4225 -19.03 47.01 18.08
C GLY H 4225 -19.24 45.94 17.04
N GLY H 4226 -19.00 46.29 15.79
CA GLY H 4226 -19.12 45.34 14.71
C GLY H 4226 -17.84 44.54 14.50
N GLU H 4227 -18.03 43.26 14.16
CA GLU H 4227 -16.88 42.37 13.93
C GLU H 4227 -16.04 42.87 12.76
N ALA H 4228 -16.70 43.33 11.69
CA ALA H 4228 -15.95 43.76 10.51
C ALA H 4228 -15.05 44.94 10.82
N GLU H 4229 -15.53 45.89 11.61
CA GLU H 4229 -14.78 47.11 11.93
C GLU H 4229 -14.04 47.00 13.26
N LYS H 4230 -14.02 45.83 13.89
CA LYS H 4230 -13.30 45.68 15.15
C LYS H 4230 -11.84 46.05 15.02
N MET H 4231 -11.15 45.54 14.00
CA MET H 4231 -9.72 45.81 13.86
C MET H 4231 -9.46 47.27 13.54
N GLU H 4232 -10.31 47.90 12.72
CA GLU H 4232 -10.16 49.32 12.48
C GLU H 4232 -10.31 50.11 13.77
N LEU H 4233 -11.29 49.74 14.59
CA LEU H 4233 -11.46 50.38 15.89
C LEU H 4233 -10.24 50.18 16.77
N PHE H 4234 -9.67 48.98 16.77
CA PHE H 4234 -8.50 48.69 17.58
C PHE H 4234 -7.31 49.54 17.13
N VAL H 4235 -7.11 49.68 15.83
CA VAL H 4235 -6.00 50.49 15.33
C VAL H 4235 -6.22 51.96 15.66
N SER H 4236 -7.47 52.43 15.57
CA SER H 4236 -7.76 53.81 15.97
C SER H 4236 -7.46 54.02 17.45
N PHE H 4237 -7.82 53.04 18.28
CA PHE H 4237 -7.49 53.12 19.70
C PHE H 4237 -5.98 53.19 19.90
N CYS H 4238 -5.23 52.37 19.16
CA CYS H 4238 -3.79 52.39 19.29
C CYS H 4238 -3.20 53.75 18.91
N GLU H 4239 -3.70 54.31 17.80
CA GLU H 4239 -3.23 55.63 17.37
C GLU H 4239 -3.51 56.69 18.43
N ASP H 4240 -4.75 56.72 18.94
CA ASP H 4240 -5.10 57.71 19.95
C ASP H 4240 -4.27 57.53 21.21
N THR H 4241 -4.02 56.29 21.61
CA THR H 4241 -3.21 56.04 22.80
C THR H 4241 -1.78 56.48 22.60
N ILE H 4242 -1.23 56.28 21.39
CA ILE H 4242 0.12 56.77 21.11
C ILE H 4242 0.17 58.29 21.24
N PHE H 4243 -0.83 58.97 20.68
CA PHE H 4243 -0.87 60.43 20.81
C PHE H 4243 -0.96 60.85 22.27
N GLU H 4244 -1.77 60.13 23.06
CA GLU H 4244 -1.89 60.43 24.48
C GLU H 4244 -0.57 60.21 25.20
N MET H 4245 0.17 59.17 24.83
CA MET H 4245 1.49 58.95 25.41
C MET H 4245 2.41 60.12 25.11
N GLN H 4246 2.37 60.61 23.87
CA GLN H 4246 3.18 61.78 23.53
C GLN H 4246 2.82 62.97 24.41
N ILE H 4247 1.52 63.21 24.59
CA ILE H 4247 1.09 64.35 25.40
C ILE H 4247 1.55 64.17 26.85
N ALA H 4248 1.41 62.96 27.40
CA ALA H 4248 1.82 62.71 28.78
C ALA H 4248 3.32 62.92 28.94
N ALA H 4249 4.11 62.43 27.98
CA ALA H 4249 5.55 62.63 28.04
C ALA H 4249 5.89 64.11 28.01
N GLN H 4250 5.23 64.86 27.14
CA GLN H 4250 5.50 66.29 27.05
C GLN H 4250 5.19 67.00 28.36
N ILE H 4251 4.05 66.69 28.96
CA ILE H 4251 3.69 67.41 30.19
C ILE H 4251 4.47 66.88 31.39
N SER H 4252 5.09 65.71 31.26
CA SER H 4252 5.86 65.15 32.37
C SER H 4252 7.07 66.02 32.67
N GLU H 4253 7.45 66.05 33.96
CA GLU H 4253 8.60 66.83 34.39
C GLU H 4253 9.76 65.89 34.71
N PRO H 4254 11.02 66.30 34.50
CA PRO H 4254 12.16 65.43 34.81
C PRO H 4254 12.26 65.09 36.30
N PHE H 4540 14.50 87.94 28.62
CA PHE H 4540 13.69 87.33 29.67
C PHE H 4540 12.41 86.74 29.11
N TRP H 4541 12.12 87.06 27.84
CA TRP H 4541 10.94 86.51 27.20
C TRP H 4541 10.98 84.99 27.17
N GLY H 4542 12.16 84.42 26.94
CA GLY H 4542 12.29 82.98 26.99
C GLY H 4542 12.04 82.42 28.37
N GLU H 4543 12.48 83.15 29.40
CA GLU H 4543 12.19 82.73 30.78
C GLU H 4543 10.68 82.74 31.04
N LEU H 4544 10.00 83.78 30.56
CA LEU H 4544 8.55 83.83 30.66
C LEU H 4544 7.91 82.63 29.96
N GLU H 4545 8.41 82.31 28.76
CA GLU H 4545 7.86 81.21 27.98
C GLU H 4545 8.03 79.88 28.70
N VAL H 4546 9.23 79.64 29.24
CA VAL H 4546 9.50 78.37 29.92
C VAL H 4546 8.67 78.27 31.19
N GLN H 4547 8.50 79.39 31.91
CA GLN H 4547 7.63 79.39 33.07
C GLN H 4547 6.19 79.09 32.66
N ARG H 4548 5.75 79.64 31.52
CA ARG H 4548 4.40 79.40 31.04
C ARG H 4548 4.19 77.92 30.77
N VAL H 4549 5.13 77.29 30.07
CA VAL H 4549 4.96 75.88 29.73
C VAL H 4549 5.03 75.02 30.99
N LYS H 4550 5.92 75.38 31.93
CA LYS H 4550 5.96 74.67 33.20
C LYS H 4550 4.62 74.75 33.92
N PHE H 4551 4.04 75.95 34.00
CA PHE H 4551 2.78 76.13 34.72
C PHE H 4551 1.65 75.36 34.04
N LEU H 4552 1.58 75.46 32.71
CA LEU H 4552 0.54 74.76 31.97
C LEU H 4552 0.68 73.25 32.13
N ASN H 4553 1.91 72.74 32.11
CA ASN H 4553 2.12 71.30 32.27
C ASN H 4553 1.81 70.84 33.67
N TYR H 4554 2.09 71.67 34.68
CA TYR H 4554 1.68 71.34 36.04
C TYR H 4554 0.16 71.26 36.13
N LEU H 4555 -0.53 72.20 35.51
CA LEU H 4555 -1.99 72.17 35.48
C LEU H 4555 -2.48 70.90 34.80
N SER H 4556 -1.88 70.54 33.66
CA SER H 4556 -2.31 69.35 32.94
C SER H 4556 -2.10 68.09 33.79
N ARG H 4557 -0.95 68.02 34.46
CA ARG H 4557 -0.65 66.87 35.29
C ARG H 4557 -1.62 66.76 36.47
N ASN H 4558 -1.97 67.89 37.07
CA ASN H 4558 -2.79 67.91 38.28
C ASN H 4558 -4.23 68.31 37.99
N PHE H 4559 -4.71 68.10 36.76
CA PHE H 4559 -6.05 68.49 36.37
C PHE H 4559 -7.10 67.92 37.32
N TYR H 4560 -7.04 66.60 37.56
CA TYR H 4560 -8.08 65.95 38.35
C TYR H 4560 -8.05 66.41 39.79
N THR H 4561 -6.84 66.62 40.34
CA THR H 4561 -6.73 67.12 41.70
C THR H 4561 -7.44 68.46 41.84
N LEU H 4562 -7.31 69.32 40.83
CA LEU H 4562 -7.99 70.61 40.84
C LEU H 4562 -9.51 70.43 40.85
N ARG H 4563 -10.01 69.46 40.10
CA ARG H 4563 -11.45 69.19 40.08
C ARG H 4563 -11.94 68.76 41.46
N PHE H 4564 -11.21 67.83 42.09
CA PHE H 4564 -11.57 67.40 43.44
C PHE H 4564 -11.52 68.57 44.41
N LEU H 4565 -10.50 69.43 44.29
CA LEU H 4565 -10.39 70.59 45.15
C LEU H 4565 -11.56 71.55 44.96
N ALA H 4566 -11.95 71.77 43.71
CA ALA H 4566 -13.10 72.63 43.45
C ALA H 4566 -14.37 72.07 44.07
N LEU H 4567 -14.57 70.76 43.98
CA LEU H 4567 -15.72 70.15 44.62
C LEU H 4567 -15.67 70.34 46.13
N PHE H 4568 -14.49 70.18 46.72
CA PHE H 4568 -14.34 70.38 48.17
C PHE H 4568 -14.69 71.82 48.55
N LEU H 4569 -14.21 72.80 47.78
CA LEU H 4569 -14.53 74.19 48.06
C LEU H 4569 -16.02 74.45 47.93
N ALA H 4570 -16.66 73.85 46.91
CA ALA H 4570 -18.10 74.02 46.77
C ALA H 4570 -18.82 73.48 48.00
N PHE H 4571 -18.40 72.32 48.49
CA PHE H 4571 -19.02 71.75 49.68
C PHE H 4571 -18.81 72.66 50.89
N ALA H 4572 -17.61 73.22 51.04
CA ALA H 4572 -17.36 74.12 52.16
C ALA H 4572 -18.24 75.36 52.08
N ILE H 4573 -18.34 75.94 50.89
CA ILE H 4573 -19.15 77.14 50.70
C ILE H 4573 -20.61 76.86 51.03
N ASN H 4574 -21.13 75.73 50.54
CA ASN H 4574 -22.52 75.40 50.78
C ASN H 4574 -22.79 74.99 52.22
N PHE H 4575 -21.78 74.46 52.91
CA PHE H 4575 -21.89 74.25 54.35
C PHE H 4575 -22.01 75.58 55.07
N ILE H 4576 -21.21 76.57 54.65
CA ILE H 4576 -21.29 77.90 55.26
C ILE H 4576 -22.64 78.54 54.98
N LEU H 4577 -23.14 78.40 53.76
CA LEU H 4577 -24.37 79.08 53.37
C LEU H 4577 -25.56 78.64 54.20
N LEU H 4578 -25.48 77.49 54.87
CA LEU H 4578 -26.57 77.05 55.72
C LEU H 4578 -26.80 78.03 56.88
N PHE H 4579 -25.82 78.86 57.17
CA PHE H 4579 -25.91 79.73 58.35
C PHE H 4579 -26.57 81.06 58.02
N TYR H 4580 -26.84 81.35 56.76
CA TYR H 4580 -27.53 82.58 56.42
C TYR H 4580 -28.90 82.64 57.09
N LYS H 4581 -29.35 83.84 57.40
CA LYS H 4581 -30.68 84.07 57.93
C LYS H 4581 -31.16 85.42 57.42
N VAL H 4582 -32.48 85.58 57.38
CA VAL H 4582 -33.11 86.77 56.83
C VAL H 4582 -33.84 87.50 57.94
N SER H 4583 -33.65 88.83 58.00
CA SER H 4583 -34.34 89.65 58.98
C SER H 4583 -34.85 90.92 58.32
N ASP H 4584 -35.94 91.46 58.85
CA ASP H 4584 -36.41 92.76 58.40
C ASP H 4584 -35.40 93.85 58.74
N SER H 4585 -34.83 93.80 59.94
CA SER H 4585 -33.87 94.80 60.37
C SER H 4585 -32.47 94.46 59.86
N PRO H 4586 -31.61 95.46 59.67
CA PRO H 4586 -30.19 95.18 59.45
C PRO H 4586 -29.58 94.54 60.68
N PRO H 4587 -28.53 93.73 60.52
CA PRO H 4587 -27.90 93.12 61.69
C PRO H 4587 -27.46 94.14 62.75
N ASN H 4626 -38.93 98.83 53.68
CA ASN H 4626 -39.39 97.45 53.77
C ASN H 4626 -38.51 96.55 52.92
N MET H 4627 -37.32 96.24 53.44
CA MET H 4627 -36.34 95.43 52.74
C MET H 4627 -35.80 94.37 53.68
N VAL H 4628 -35.68 93.15 53.19
CA VAL H 4628 -35.10 92.06 53.96
C VAL H 4628 -33.59 92.08 53.81
N TYR H 4629 -32.89 91.57 54.82
CA TYR H 4629 -31.45 91.49 54.83
C TYR H 4629 -31.04 90.05 55.10
N TYR H 4630 -30.17 89.52 54.24
CA TYR H 4630 -29.57 88.21 54.41
C TYR H 4630 -28.20 88.40 55.06
N PHE H 4631 -27.95 87.69 56.16
CA PHE H 4631 -26.68 87.81 56.85
C PHE H 4631 -26.33 86.48 57.50
N LEU H 4632 -25.04 86.28 57.71
CA LEU H 4632 -24.58 85.09 58.40
C LEU H 4632 -24.96 85.14 59.87
N GLU H 4633 -25.02 83.95 60.49
CA GLU H 4633 -25.33 83.81 61.92
C GLU H 4633 -24.27 82.91 62.55
N GLU H 4634 -23.16 83.51 62.96
CA GLU H 4634 -22.12 82.81 63.72
C GLU H 4634 -21.62 83.71 64.84
N SER H 4635 -21.05 83.07 65.86
CA SER H 4635 -20.49 83.81 66.99
C SER H 4635 -19.11 84.36 66.67
N THR H 4636 -18.28 83.58 65.96
CA THR H 4636 -16.88 83.96 65.78
C THR H 4636 -16.75 85.23 64.95
N GLY H 4637 -17.48 85.30 63.83
CA GLY H 4637 -17.32 86.37 62.86
C GLY H 4637 -16.26 86.11 61.82
N TYR H 4638 -15.57 84.97 61.89
CA TYR H 4638 -14.52 84.65 60.94
C TYR H 4638 -15.05 83.98 59.68
N MET H 4639 -16.32 83.62 59.65
CA MET H 4639 -16.84 82.80 58.55
C MET H 4639 -17.01 83.62 57.27
N GLU H 4640 -17.48 84.86 57.38
CA GLU H 4640 -17.69 85.67 56.18
C GLU H 4640 -16.42 85.87 55.38
N PRO H 4641 -15.29 86.29 55.98
CA PRO H 4641 -14.05 86.36 55.19
C PRO H 4641 -13.65 85.02 54.61
N ALA H 4642 -13.90 83.93 55.34
CA ALA H 4642 -13.61 82.61 54.82
C ALA H 4642 -14.45 82.32 53.59
N LEU H 4643 -15.73 82.71 53.63
CA LEU H 4643 -16.59 82.55 52.47
C LEU H 4643 -16.04 83.31 51.26
N TRP H 4644 -15.64 84.56 51.49
CA TRP H 4644 -15.08 85.37 50.41
C TRP H 4644 -13.84 84.70 49.80
N CYS H 4645 -12.92 84.28 50.66
CA CYS H 4645 -11.68 83.67 50.18
C CYS H 4645 -11.97 82.37 49.43
N LEU H 4646 -12.86 81.53 49.97
CA LEU H 4646 -13.19 80.28 49.31
C LEU H 4646 -13.83 80.52 47.96
N SER H 4647 -14.69 81.54 47.86
CA SER H 4647 -15.31 81.85 46.58
C SER H 4647 -14.26 82.26 45.55
N LEU H 4648 -13.36 83.17 45.93
CA LEU H 4648 -12.33 83.60 44.97
C LEU H 4648 -11.47 82.41 44.55
N LEU H 4649 -11.07 81.58 45.50
CA LEU H 4649 -10.20 80.46 45.19
C LEU H 4649 -10.92 79.43 44.33
N HIS H 4650 -12.22 79.24 44.56
CA HIS H 4650 -13.01 78.33 43.74
C HIS H 4650 -13.06 78.81 42.30
N THR H 4651 -13.28 80.11 42.10
CA THR H 4651 -13.28 80.64 40.73
C THR H 4651 -11.91 80.44 40.08
N LEU H 4652 -10.85 80.72 40.83
CA LEU H 4652 -9.50 80.51 40.31
C LEU H 4652 -9.30 79.07 39.88
N VAL H 4653 -9.74 78.12 40.71
CA VAL H 4653 -9.55 76.70 40.41
C VAL H 4653 -10.37 76.31 39.18
N ALA H 4654 -11.56 76.91 39.02
CA ALA H 4654 -12.32 76.65 37.81
C ALA H 4654 -11.55 77.09 36.57
N PHE H 4655 -10.92 78.27 36.64
CA PHE H 4655 -10.12 78.73 35.51
C PHE H 4655 -8.98 77.78 35.24
N LEU H 4656 -8.30 77.36 36.28
CA LEU H 4656 -7.18 76.44 36.13
C LEU H 4656 -7.64 75.12 35.53
N CYS H 4657 -8.85 74.68 35.88
CA CYS H 4657 -9.40 73.46 35.29
C CYS H 4657 -9.70 73.65 33.81
N ILE H 4658 -10.24 74.81 33.43
CA ILE H 4658 -10.43 75.08 32.00
C ILE H 4658 -9.11 74.96 31.27
N ILE H 4659 -8.07 75.61 31.79
CA ILE H 4659 -6.78 75.59 31.11
C ILE H 4659 -6.20 74.18 31.07
N GLY H 4660 -6.33 73.46 32.18
CA GLY H 4660 -5.82 72.09 32.22
C GLY H 4660 -6.50 71.20 31.20
N TYR H 4661 -7.82 71.33 31.07
CA TYR H 4661 -8.53 70.57 30.04
C TYR H 4661 -8.04 70.97 28.65
N ASN H 4662 -7.94 72.27 28.40
CA ASN H 4662 -7.52 72.72 27.06
C ASN H 4662 -6.13 72.21 26.73
N CYS H 4663 -5.28 72.03 27.74
CA CYS H 4663 -3.91 71.59 27.48
C CYS H 4663 -3.80 70.07 27.41
N LEU H 4664 -4.66 69.35 28.13
CA LEU H 4664 -4.50 67.90 28.25
C LEU H 4664 -5.38 67.15 27.27
N LYS H 4665 -6.66 67.48 27.20
CA LYS H 4665 -7.66 66.65 26.54
C LYS H 4665 -7.98 67.10 25.11
N VAL H 4666 -8.01 68.41 24.86
CA VAL H 4666 -8.37 68.96 23.56
C VAL H 4666 -7.51 68.39 22.44
N PRO H 4667 -6.19 68.23 22.63
CA PRO H 4667 -5.36 67.75 21.54
C PRO H 4667 -5.85 66.42 20.98
N LEU H 4668 -6.36 65.53 21.82
CA LEU H 4668 -6.92 64.28 21.32
C LEU H 4668 -8.15 64.53 20.46
N VAL H 4669 -9.02 65.44 20.89
CA VAL H 4669 -10.20 65.78 20.10
C VAL H 4669 -9.78 66.23 18.70
N ILE H 4670 -8.84 67.15 18.65
CA ILE H 4670 -8.40 67.69 17.36
C ILE H 4670 -7.73 66.61 16.54
N PHE H 4671 -6.90 65.78 17.18
CA PHE H 4671 -6.23 64.70 16.47
C PHE H 4671 -7.24 63.77 15.81
N LYS H 4672 -8.26 63.37 16.56
CA LYS H 4672 -9.26 62.44 16.02
C LYS H 4672 -10.07 63.08 14.91
N ARG H 4673 -10.48 64.34 15.10
CA ARG H 4673 -11.27 65.03 14.09
C ARG H 4673 -10.48 65.20 12.80
N GLU H 4674 -9.22 65.61 12.90
CA GLU H 4674 -8.34 65.74 11.74
C GLU H 4674 -8.15 64.39 11.06
N LYS H 4675 -7.93 63.34 11.86
CA LYS H 4675 -7.67 62.02 11.31
C LYS H 4675 -8.87 61.50 10.52
N GLU H 4676 -10.07 61.57 11.11
CA GLU H 4676 -11.25 61.09 10.39
C GLU H 4676 -11.48 61.91 9.13
N LEU H 4677 -11.28 63.22 9.20
CA LEU H 4677 -11.42 64.04 8.00
C LEU H 4677 -10.45 63.59 6.91
N ALA H 4678 -9.18 63.37 7.29
CA ALA H 4678 -8.17 63.00 6.30
C ALA H 4678 -8.49 61.65 5.68
N ARG H 4679 -8.91 60.68 6.50
CA ARG H 4679 -9.22 59.35 5.96
C ARG H 4679 -10.44 59.40 5.06
N LYS H 4680 -11.44 60.21 5.42
CA LYS H 4680 -12.58 60.40 4.53
C LYS H 4680 -12.14 60.97 3.19
N LEU H 4681 -11.30 62.02 3.23
CA LEU H 4681 -10.83 62.62 1.99
C LEU H 4681 -10.11 61.62 1.12
N GLU H 4682 -9.16 60.89 1.70
CA GLU H 4682 -8.28 60.03 0.90
C GLU H 4682 -9.03 58.79 0.42
N PHE H 4683 -9.79 58.14 1.30
CA PHE H 4683 -10.37 56.84 1.00
C PHE H 4683 -11.84 56.92 0.60
N ASP H 4684 -12.54 58.00 0.95
CA ASP H 4684 -13.94 58.15 0.60
C ASP H 4684 -14.20 59.27 -0.39
N GLY H 4685 -13.31 60.25 -0.49
CA GLY H 4685 -13.53 61.38 -1.39
C GLY H 4685 -14.76 62.19 -1.02
N LEU H 4686 -14.89 62.51 0.27
CA LEU H 4686 -16.10 63.16 0.78
C LEU H 4686 -16.41 64.45 0.04
N TYR H 4687 -15.54 65.44 0.15
CA TYR H 4687 -15.74 66.73 -0.48
C TYR H 4687 -15.29 66.75 -1.93
N ILE H 4688 -14.81 65.62 -2.45
CA ILE H 4688 -14.44 65.49 -3.85
C ILE H 4688 -15.57 64.90 -4.67
N THR H 4689 -16.19 63.83 -4.17
CA THR H 4689 -17.21 63.10 -4.93
C THR H 4689 -18.56 63.13 -4.22
N GLU H 4690 -18.63 62.71 -2.96
CA GLU H 4690 -19.92 62.48 -2.31
C GLU H 4690 -20.57 63.80 -1.89
N GLN H 4691 -19.85 64.58 -1.09
CA GLN H 4691 -20.33 65.81 -0.45
C GLN H 4691 -21.17 65.43 0.77
N PRO H 4692 -21.04 66.16 1.89
CA PRO H 4692 -21.85 65.85 3.06
C PRO H 4692 -23.33 66.02 2.79
N GLY H 4693 -24.15 65.33 3.58
CA GLY H 4693 -25.57 65.30 3.32
C GLY H 4693 -26.26 66.63 3.54
N ASP H 4694 -25.54 67.59 4.14
CA ASP H 4694 -26.03 68.90 4.57
C ASP H 4694 -26.81 68.81 5.88
N ASP H 4695 -27.07 67.61 6.37
CA ASP H 4695 -27.54 67.41 7.74
C ASP H 4695 -26.40 67.14 8.71
N ASP H 4696 -25.16 67.12 8.22
CA ASP H 4696 -23.99 66.81 9.02
C ASP H 4696 -23.23 68.10 9.31
N VAL H 4697 -23.56 68.71 10.46
CA VAL H 4697 -22.95 69.98 10.82
C VAL H 4697 -21.44 69.84 10.90
N LYS H 4698 -20.95 68.69 11.36
CA LYS H 4698 -19.51 68.48 11.42
C LYS H 4698 -18.92 68.43 10.01
N GLY H 4699 -19.62 67.81 9.07
CA GLY H 4699 -19.19 67.82 7.69
C GLY H 4699 -19.15 69.19 7.06
N GLN H 4700 -20.10 70.05 7.41
CA GLN H 4700 -20.04 71.42 6.92
C GLN H 4700 -18.94 72.23 7.59
N TRP H 4701 -18.76 72.04 8.90
CA TRP H 4701 -17.75 72.77 9.64
C TRP H 4701 -16.35 72.40 9.18
N ASP H 4702 -16.13 71.14 8.83
CA ASP H 4702 -14.83 70.68 8.40
C ASP H 4702 -14.40 71.27 7.06
N ARG H 4703 -15.31 71.91 6.33
CA ARG H 4703 -14.93 72.55 5.08
C ARG H 4703 -13.88 73.63 5.30
N LEU H 4704 -14.00 74.35 6.42
CA LEU H 4704 -13.19 75.53 6.63
C LEU H 4704 -11.70 75.21 6.63
N VAL H 4705 -11.34 74.11 7.28
CA VAL H 4705 -9.93 73.87 7.59
C VAL H 4705 -9.20 73.20 6.43
N LEU H 4706 -9.94 72.75 5.40
CA LEU H 4706 -9.31 72.07 4.27
C LEU H 4706 -8.26 72.93 3.59
N ASN H 4707 -8.60 74.18 3.29
CA ASN H 4707 -7.68 75.07 2.60
C ASN H 4707 -6.67 75.71 3.54
N THR H 4708 -6.77 75.46 4.84
CA THR H 4708 -5.87 76.07 5.80
C THR H 4708 -4.50 75.39 5.78
N PRO H 4709 -3.41 76.16 5.86
CA PRO H 4709 -2.09 75.53 5.90
C PRO H 4709 -1.89 74.61 7.10
N SER H 4710 -2.52 74.93 8.23
CA SER H 4710 -2.25 74.22 9.47
C SER H 4710 -3.18 73.03 9.68
N PHE H 4711 -3.94 72.62 8.66
CA PHE H 4711 -4.90 71.54 8.79
C PHE H 4711 -4.40 70.35 9.61
N PRO H 4712 -3.33 69.65 9.20
CA PRO H 4712 -2.89 68.54 10.07
C PRO H 4712 -1.87 68.99 11.10
N SER H 4713 -2.33 69.83 12.05
CA SER H 4713 -1.43 70.33 13.08
C SER H 4713 -1.13 69.26 14.11
N ASN H 4714 -2.16 68.65 14.68
CA ASN H 4714 -2.02 67.61 15.68
C ASN H 4714 -1.94 66.22 15.07
N TYR H 4715 -2.65 65.98 13.98
CA TYR H 4715 -2.61 64.68 13.34
C TYR H 4715 -1.34 64.56 12.52
N TRP H 4716 -0.70 63.39 12.61
CA TRP H 4716 0.69 63.26 12.17
C TRP H 4716 0.83 63.48 10.66
N ASP H 4717 -0.07 62.91 9.87
CA ASP H 4717 0.12 62.86 8.41
C ASP H 4717 0.02 64.28 7.85
N LYS H 4718 1.17 64.83 7.47
CA LYS H 4718 1.25 66.15 6.88
C LYS H 4718 1.11 66.13 5.36
N PHE H 4719 1.13 64.95 4.75
CA PHE H 4719 1.15 64.82 3.30
C PHE H 4719 -0.20 64.36 2.74
N VAL H 4720 -1.25 64.42 3.55
CA VAL H 4720 -2.52 63.84 3.10
C VAL H 4720 -3.05 64.65 1.93
N LYS H 4721 -2.84 65.97 1.95
CA LYS H 4721 -3.29 66.80 0.85
C LYS H 4721 -2.69 66.33 -0.48
N ARG H 4722 -1.39 66.08 -0.45
CA ARG H 4722 -0.70 65.53 -1.60
C ARG H 4722 -1.24 64.16 -2.00
N LYS H 4723 -1.48 63.31 -1.01
CA LYS H 4723 -2.03 62.00 -1.31
C LYS H 4723 -3.38 62.13 -1.99
N VAL H 4724 -4.23 63.01 -1.48
CA VAL H 4724 -5.56 63.23 -2.05
C VAL H 4724 -5.42 63.76 -3.47
N LEU H 4725 -4.48 64.68 -3.69
CA LEU H 4725 -4.25 65.18 -5.04
C LEU H 4725 -3.85 64.04 -5.96
N ASP H 4726 -2.83 63.28 -5.60
CA ASP H 4726 -2.37 62.19 -6.46
C ASP H 4726 -3.49 61.21 -6.74
N LYS H 4727 -4.40 61.01 -5.77
CA LYS H 4727 -5.41 59.98 -5.92
C LYS H 4727 -6.59 60.45 -6.76
N HIS H 4728 -7.00 61.72 -6.61
CA HIS H 4728 -8.25 62.20 -7.18
C HIS H 4728 -8.08 63.27 -8.25
N GLY H 4729 -6.86 63.73 -8.53
CA GLY H 4729 -6.71 64.88 -9.41
C GLY H 4729 -7.04 64.56 -10.85
N ASP H 4730 -6.61 63.41 -11.34
CA ASP H 4730 -6.84 63.07 -12.74
C ASP H 4730 -8.33 63.12 -13.07
N ILE H 4731 -9.17 62.79 -12.09
CA ILE H 4731 -10.61 62.74 -12.33
C ILE H 4731 -11.25 64.09 -12.01
N PHE H 4732 -10.90 64.69 -10.88
CA PHE H 4732 -11.64 65.81 -10.32
C PHE H 4732 -11.05 67.17 -10.68
N GLY H 4733 -9.87 67.22 -11.27
CA GLY H 4733 -9.21 68.47 -11.57
C GLY H 4733 -8.15 68.84 -10.54
N ARG H 4734 -6.89 68.84 -10.95
CA ARG H 4734 -5.80 69.15 -10.03
C ARG H 4734 -5.93 70.56 -9.47
N GLU H 4735 -6.24 71.52 -10.34
CA GLU H 4735 -6.41 72.89 -9.87
C GLU H 4735 -7.56 72.99 -8.89
N ARG H 4736 -8.64 72.22 -9.12
CA ARG H 4736 -9.77 72.23 -8.20
C ARG H 4736 -9.36 71.71 -6.83
N ILE H 4737 -8.63 70.59 -6.81
CA ILE H 4737 -8.17 70.02 -5.55
C ILE H 4737 -7.26 71.01 -4.82
N ALA H 4738 -6.36 71.65 -5.57
CA ALA H 4738 -5.43 72.59 -4.96
C ALA H 4738 -6.17 73.79 -4.38
N GLU H 4739 -7.18 74.29 -5.10
CA GLU H 4739 -7.98 75.40 -4.58
C GLU H 4739 -8.70 74.98 -3.31
N LEU H 4740 -9.26 73.76 -3.30
CA LEU H 4740 -9.99 73.29 -2.13
C LEU H 4740 -9.07 73.14 -0.93
N LEU H 4741 -7.86 72.64 -1.15
CA LEU H 4741 -6.95 72.30 -0.06
C LEU H 4741 -5.86 73.34 0.15
N GLY H 4742 -6.00 74.52 -0.44
CA GLY H 4742 -5.03 75.59 -0.21
C GLY H 4742 -3.63 75.22 -0.64
N MET H 4743 -3.50 74.60 -1.82
CA MET H 4743 -2.22 74.11 -2.30
C MET H 4743 -1.76 74.96 -3.48
N ASP H 4744 -0.46 75.23 -3.53
CA ASP H 4744 0.16 75.90 -4.67
C ASP H 4744 0.95 74.87 -5.46
N LEU H 4745 0.42 74.52 -6.64
CA LEU H 4745 1.03 73.45 -7.42
C LEU H 4745 2.46 73.80 -7.81
N ALA H 4746 2.71 75.06 -8.19
CA ALA H 4746 4.06 75.47 -8.54
C ALA H 4746 5.01 75.34 -7.36
N SER H 4747 4.55 75.75 -6.17
CA SER H 4747 5.38 75.61 -4.97
C SER H 4747 5.66 74.16 -4.64
N LEU H 4748 4.69 73.29 -4.89
CA LEU H 4748 4.86 71.87 -4.62
C LEU H 4748 6.12 71.30 -5.26
N GLU H 4749 6.22 71.39 -6.58
CA GLU H 4749 7.33 70.79 -7.28
C GLU H 4749 8.66 71.42 -6.88
N ILE H 4750 8.71 72.74 -6.70
CA ILE H 4750 9.97 73.38 -6.34
C ILE H 4750 10.44 72.94 -4.96
N THR H 4751 9.51 72.74 -4.02
CA THR H 4751 9.91 72.30 -2.69
C THR H 4751 10.70 71.00 -2.77
N ALA H 4752 10.25 70.06 -3.61
CA ALA H 4752 11.00 68.83 -3.81
C ALA H 4752 12.29 69.10 -4.60
N HIS H 4753 12.24 69.99 -5.58
CA HIS H 4753 13.43 70.27 -6.38
C HIS H 4753 14.59 70.70 -5.51
N ASN H 4754 14.35 71.63 -4.59
CA ASN H 4754 15.44 72.15 -3.77
C ASN H 4754 14.86 72.78 -2.50
N GLU H 4755 15.65 72.71 -1.43
CA GLU H 4755 15.20 73.19 -0.13
C GLU H 4755 15.08 74.71 -0.13
N ARG H 4756 13.99 75.21 0.46
CA ARG H 4756 13.83 76.62 0.78
C ARG H 4756 13.67 76.77 2.27
N LYS H 4757 14.50 77.61 2.88
CA LYS H 4757 14.43 77.87 4.33
C LYS H 4757 14.43 79.36 4.54
N PRO H 4758 13.28 80.04 4.41
CA PRO H 4758 13.24 81.48 4.62
C PRO H 4758 12.99 81.83 6.08
N ASP H 4759 14.00 81.67 6.92
CA ASP H 4759 13.82 81.86 8.35
C ASP H 4759 13.49 83.33 8.64
N PRO H 4760 12.34 83.62 9.25
CA PRO H 4760 12.06 84.99 9.64
C PRO H 4760 12.44 85.23 11.09
N PRO H 4761 12.93 86.42 11.45
CA PRO H 4761 13.23 86.70 12.85
C PRO H 4761 11.97 86.64 13.69
N PRO H 4762 12.07 86.16 14.93
CA PRO H 4762 10.87 86.06 15.78
C PRO H 4762 10.42 87.43 16.25
N GLY H 4763 9.14 87.72 16.04
CA GLY H 4763 8.54 88.95 16.53
C GLY H 4763 7.09 88.72 16.85
N LEU H 4764 6.55 89.57 17.73
CA LEU H 4764 5.13 89.46 18.08
C LEU H 4764 4.26 89.71 16.86
N LEU H 4765 4.59 90.73 16.07
CA LEU H 4765 3.84 90.98 14.86
C LEU H 4765 3.93 89.78 13.90
N THR H 4766 5.13 89.23 13.72
CA THR H 4766 5.29 88.09 12.83
C THR H 4766 4.46 86.90 13.30
N TRP H 4767 4.42 86.69 14.61
CA TRP H 4767 3.56 85.66 15.19
C TRP H 4767 2.10 85.92 14.85
N LEU H 4768 1.64 87.17 15.03
CA LEU H 4768 0.26 87.51 14.73
C LEU H 4768 -0.08 87.22 13.27
N MET H 4769 0.80 87.64 12.36
CA MET H 4769 0.57 87.34 10.95
C MET H 4769 0.57 85.84 10.70
N SER H 4770 1.40 85.09 11.42
CA SER H 4770 1.44 83.65 11.25
C SER H 4770 0.16 82.97 11.74
N ILE H 4771 -0.59 83.63 12.63
CA ILE H 4771 -1.83 83.03 13.13
C ILE H 4771 -2.73 82.66 11.96
N ASP H 4772 -3.35 81.48 12.03
CA ASP H 4772 -4.29 81.01 11.02
C ASP H 4772 -5.70 81.13 11.59
N VAL H 4773 -6.38 82.22 11.24
CA VAL H 4773 -7.67 82.54 11.84
C VAL H 4773 -8.70 81.47 11.52
N LYS H 4774 -8.68 80.95 10.29
CA LYS H 4774 -9.68 79.97 9.89
C LYS H 4774 -9.53 78.67 10.68
N TYR H 4775 -8.29 78.20 10.82
CA TYR H 4775 -8.04 77.02 11.64
C TYR H 4775 -8.46 77.28 13.08
N GLN H 4776 -8.15 78.46 13.60
CA GLN H 4776 -8.54 78.77 14.97
C GLN H 4776 -10.06 78.76 15.13
N ILE H 4777 -10.79 79.28 14.15
CA ILE H 4777 -12.24 79.33 14.23
C ILE H 4777 -12.82 77.92 14.21
N TRP H 4778 -12.35 77.10 13.27
CA TRP H 4778 -12.80 75.71 13.21
C TRP H 4778 -12.52 74.99 14.51
N LYS H 4779 -11.30 75.15 15.02
CA LYS H 4779 -10.92 74.53 16.27
C LYS H 4779 -11.81 75.01 17.39
N PHE H 4780 -12.19 76.29 17.39
CA PHE H 4780 -12.87 76.76 18.56
C PHE H 4780 -14.31 76.28 18.52
N GLY H 4781 -14.86 76.15 17.31
CA GLY H 4781 -16.15 75.48 17.17
C GLY H 4781 -16.11 74.07 17.70
N VAL H 4782 -15.08 73.30 17.34
CA VAL H 4782 -14.96 71.94 17.87
C VAL H 4782 -14.95 71.97 19.39
N ILE H 4783 -14.16 72.86 19.97
CA ILE H 4783 -14.01 72.89 21.43
C ILE H 4783 -15.35 73.23 22.08
N PHE H 4784 -16.01 74.29 21.59
CA PHE H 4784 -17.27 74.70 22.19
C PHE H 4784 -18.33 73.60 22.03
N THR H 4785 -18.22 72.79 20.98
CA THR H 4785 -19.13 71.67 20.83
C THR H 4785 -18.78 70.54 21.80
N ASP H 4786 -17.51 70.43 22.20
CA ASP H 4786 -17.14 69.39 23.16
C ASP H 4786 -17.91 69.56 24.45
N ASN H 4787 -18.46 68.45 24.95
CA ASN H 4787 -19.38 68.53 26.08
C ASN H 4787 -18.66 68.85 27.38
N SER H 4788 -17.51 68.21 27.63
CA SER H 4788 -16.80 68.43 28.88
C SER H 4788 -16.35 69.88 29.01
N PHE H 4789 -15.83 70.46 27.93
CA PHE H 4789 -15.44 71.85 27.95
C PHE H 4789 -16.63 72.74 28.28
N LEU H 4790 -17.80 72.42 27.71
CA LEU H 4790 -19.01 73.19 28.00
C LEU H 4790 -19.38 73.08 29.46
N TYR H 4791 -19.29 71.87 30.02
CA TYR H 4791 -19.61 71.67 31.43
C TYR H 4791 -18.70 72.52 32.31
N LEU H 4792 -17.41 72.52 32.00
CA LEU H 4792 -16.46 73.30 32.79
C LEU H 4792 -16.71 74.79 32.64
N GLY H 4793 -17.00 75.26 31.43
CA GLY H 4793 -17.32 76.66 31.24
C GLY H 4793 -18.55 77.08 32.01
N TRP H 4794 -19.57 76.22 32.02
CA TRP H 4794 -20.76 76.49 32.83
C TRP H 4794 -20.40 76.52 34.31
N TYR H 4795 -19.56 75.59 34.77
CA TYR H 4795 -19.09 75.59 36.15
C TYR H 4795 -18.49 76.94 36.51
N MET H 4796 -17.58 77.41 35.66
CA MET H 4796 -16.94 78.71 35.87
C MET H 4796 -17.91 79.87 35.84
N VAL H 4797 -18.85 79.86 34.90
CA VAL H 4797 -19.83 80.93 34.83
C VAL H 4797 -20.67 80.96 36.10
N MET H 4798 -21.04 79.78 36.61
CA MET H 4798 -21.81 79.73 37.84
C MET H 4798 -21.00 80.21 39.03
N SER H 4799 -19.69 79.96 39.03
CA SER H 4799 -18.86 80.53 40.10
C SER H 4799 -18.83 82.06 40.04
N LEU H 4800 -18.66 82.61 38.84
CA LEU H 4800 -18.70 84.06 38.70
C LEU H 4800 -20.03 84.62 39.17
N LEU H 4801 -21.13 83.95 38.81
CA LEU H 4801 -22.44 84.37 39.28
C LEU H 4801 -22.56 84.24 40.79
N GLY H 4802 -21.91 83.23 41.37
CA GLY H 4802 -21.88 83.10 42.80
C GLY H 4802 -21.26 84.31 43.46
N HIS H 4803 -20.24 84.88 42.82
CA HIS H 4803 -19.68 86.12 43.37
C HIS H 4803 -20.72 87.24 43.42
N TYR H 4804 -21.63 87.27 42.43
CA TYR H 4804 -22.71 88.26 42.46
C TYR H 4804 -23.73 87.91 43.54
N ASN H 4805 -24.15 86.65 43.59
CA ASN H 4805 -25.05 86.14 44.63
C ASN H 4805 -24.53 84.78 45.05
N ASN H 4806 -24.09 84.67 46.30
CA ASN H 4806 -23.32 83.50 46.73
C ASN H 4806 -24.12 82.21 46.63
N PHE H 4807 -25.45 82.27 46.53
CA PHE H 4807 -26.25 81.06 46.48
C PHE H 4807 -26.12 80.32 45.15
N PHE H 4808 -25.53 80.95 44.13
CA PHE H 4808 -25.28 80.26 42.88
C PHE H 4808 -24.16 79.23 43.01
N PHE H 4809 -23.44 79.22 44.12
CA PHE H 4809 -22.38 78.24 44.37
C PHE H 4809 -22.95 76.87 44.66
N ALA H 4810 -24.27 76.74 44.83
CA ALA H 4810 -24.88 75.44 45.10
C ALA H 4810 -24.89 74.56 43.87
N ALA H 4811 -24.99 75.15 42.67
CA ALA H 4811 -24.98 74.35 41.44
C ALA H 4811 -23.70 73.55 41.29
N HIS H 4812 -22.60 74.00 41.92
CA HIS H 4812 -21.34 73.29 41.78
C HIS H 4812 -21.35 71.98 42.56
N LEU H 4813 -22.37 71.76 43.38
CA LEU H 4813 -22.51 70.49 44.09
C LEU H 4813 -23.03 69.38 43.18
N LEU H 4814 -23.61 69.75 42.04
CA LEU H 4814 -24.05 68.74 41.08
C LEU H 4814 -22.87 68.02 40.45
N ASP H 4815 -21.65 68.53 40.62
CA ASP H 4815 -20.47 67.90 40.05
C ASP H 4815 -20.13 66.58 40.73
N ILE H 4816 -20.80 66.24 41.83
CA ILE H 4816 -20.54 64.96 42.48
C ILE H 4816 -20.86 63.82 41.53
N ALA H 4817 -21.81 64.03 40.62
CA ALA H 4817 -22.15 63.01 39.64
C ALA H 4817 -20.96 62.70 38.74
N MET H 4818 -20.35 63.74 38.18
CA MET H 4818 -19.18 63.55 37.33
C MET H 4818 -17.99 63.03 38.14
N GLY H 4819 -17.85 63.48 39.38
CA GLY H 4819 -16.72 63.08 40.18
C GLY H 4819 -16.78 61.61 40.58
N VAL H 4820 -17.96 61.14 40.98
CA VAL H 4820 -18.13 59.79 41.51
C VAL H 4820 -18.65 58.89 40.40
N LYS H 4821 -18.00 57.74 40.24
CA LYS H 4821 -18.45 56.74 39.27
C LYS H 4821 -19.80 56.14 39.66
N THR H 4822 -20.00 55.90 40.97
CA THR H 4822 -21.22 55.23 41.40
C THR H 4822 -22.46 56.05 41.08
N LEU H 4823 -22.43 57.35 41.42
CA LEU H 4823 -23.55 58.22 41.09
C LEU H 4823 -23.73 58.34 39.59
N ARG H 4824 -22.61 58.33 38.85
CA ARG H 4824 -22.72 58.40 37.40
C ARG H 4824 -23.45 57.19 36.85
N THR H 4825 -23.16 55.99 37.39
CA THR H 4825 -23.87 54.79 36.97
C THR H 4825 -25.35 54.85 37.35
N ILE H 4826 -25.63 55.30 38.57
CA ILE H 4826 -27.01 55.39 39.03
C ILE H 4826 -27.80 56.33 38.13
N LEU H 4827 -27.20 57.47 37.77
CA LEU H 4827 -27.87 58.43 36.89
C LEU H 4827 -27.99 57.87 35.48
N SER H 4828 -26.99 57.10 35.04
CA SER H 4828 -27.06 56.49 33.70
C SER H 4828 -28.21 55.49 33.63
N SER H 4829 -28.52 54.83 34.74
CA SER H 4829 -29.68 53.95 34.76
C SER H 4829 -30.95 54.74 34.41
N VAL H 4830 -31.08 55.93 34.97
CA VAL H 4830 -32.24 56.78 34.66
C VAL H 4830 -32.18 57.25 33.21
N THR H 4831 -31.01 57.72 32.77
CA THR H 4831 -30.89 58.30 31.44
C THR H 4831 -31.16 57.26 30.35
N HIS H 4832 -30.80 56.01 30.63
CA HIS H 4832 -30.96 54.92 29.66
C HIS H 4832 -32.33 54.90 29.01
N ASN H 4833 -33.39 54.98 29.81
CA ASN H 4833 -34.76 55.01 29.31
C ASN H 4833 -35.40 56.38 29.50
N GLY H 4834 -34.61 57.44 29.38
CA GLY H 4834 -35.12 58.78 29.63
C GLY H 4834 -36.18 59.21 28.63
N LYS H 4835 -35.98 58.90 27.36
CA LYS H 4835 -36.99 59.24 26.36
C LYS H 4835 -38.30 58.54 26.65
N GLN H 4836 -38.22 57.25 27.03
CA GLN H 4836 -39.41 56.50 27.40
C GLN H 4836 -40.11 57.13 28.59
N LEU H 4837 -39.33 57.56 29.60
CA LEU H 4837 -39.93 58.22 30.76
C LEU H 4837 -40.61 59.52 30.37
N VAL H 4838 -39.97 60.30 29.51
CA VAL H 4838 -40.58 61.56 29.07
C VAL H 4838 -41.90 61.30 28.38
N MET H 4839 -41.95 60.27 27.55
CA MET H 4839 -43.19 60.02 26.83
C MET H 4839 -44.25 59.42 27.75
N THR H 4840 -43.83 58.69 28.77
CA THR H 4840 -44.76 58.26 29.80
C THR H 4840 -45.38 59.45 30.48
N VAL H 4841 -44.58 60.49 30.76
CA VAL H 4841 -45.11 61.70 31.36
C VAL H 4841 -46.11 62.38 30.43
N GLY H 4842 -45.79 62.45 29.14
CA GLY H 4842 -46.72 63.03 28.20
C GLY H 4842 -48.04 62.27 28.14
N LEU H 4843 -47.98 60.94 28.15
CA LEU H 4843 -49.18 60.13 28.18
C LEU H 4843 -49.99 60.38 29.45
N LEU H 4844 -49.30 60.51 30.58
CA LEU H 4844 -49.96 60.86 31.83
C LEU H 4844 -50.70 62.18 31.70
N ALA H 4845 -50.05 63.17 31.10
CA ALA H 4845 -50.69 64.46 30.88
C ALA H 4845 -51.94 64.31 30.01
N VAL H 4846 -51.87 63.50 28.97
CA VAL H 4846 -53.04 63.30 28.10
C VAL H 4846 -54.18 62.66 28.87
N VAL H 4847 -53.89 61.64 29.67
CA VAL H 4847 -54.92 60.97 30.45
C VAL H 4847 -55.57 61.96 31.42
N VAL H 4848 -54.74 62.76 32.10
CA VAL H 4848 -55.28 63.74 33.03
C VAL H 4848 -56.12 64.78 32.29
N TYR H 4849 -55.72 65.13 31.07
CA TYR H 4849 -56.51 66.07 30.28
C TYR H 4849 -57.89 65.50 29.97
N LEU H 4850 -57.94 64.21 29.62
CA LEU H 4850 -59.24 63.59 29.37
C LEU H 4850 -60.10 63.58 30.62
N TYR H 4851 -59.50 63.23 31.76
CA TYR H 4851 -60.25 63.27 33.02
C TYR H 4851 -60.73 64.69 33.33
N THR H 4852 -59.89 65.69 33.05
CA THR H 4852 -60.29 67.08 33.24
C THR H 4852 -61.46 67.46 32.35
N VAL H 4853 -61.45 66.99 31.10
CA VAL H 4853 -62.57 67.27 30.21
C VAL H 4853 -63.85 66.67 30.77
N VAL H 4854 -63.77 65.43 31.25
CA VAL H 4854 -64.95 64.78 31.81
C VAL H 4854 -65.46 65.56 33.02
N ALA H 4855 -64.54 65.98 33.90
CA ALA H 4855 -64.95 66.72 35.10
C ALA H 4855 -65.57 68.06 34.74
N PHE H 4856 -64.98 68.75 33.76
CA PHE H 4856 -65.51 70.04 33.33
C PHE H 4856 -66.91 69.89 32.74
N ASN H 4857 -67.15 68.82 31.99
CA ASN H 4857 -68.50 68.55 31.49
C ASN H 4857 -69.49 68.18 32.60
N PHE H 4858 -69.14 67.25 33.49
CA PHE H 4858 -70.15 66.60 34.31
C PHE H 4858 -69.97 66.79 35.81
N PHE H 4859 -68.77 67.17 36.28
CA PHE H 4859 -68.49 67.07 37.71
C PHE H 4859 -67.94 68.38 38.27
N ARG H 4860 -68.40 69.52 37.77
CA ARG H 4860 -67.89 70.80 38.26
C ARG H 4860 -68.32 71.04 39.71
N LYS H 4861 -69.54 70.64 40.06
CA LYS H 4861 -70.08 70.92 41.38
C LYS H 4861 -69.16 70.43 42.49
N PHE H 4862 -68.43 69.34 42.25
CA PHE H 4862 -67.63 68.69 43.27
C PHE H 4862 -66.27 69.35 43.48
N TYR H 4863 -65.94 70.37 42.70
CA TYR H 4863 -64.59 70.91 42.70
C TYR H 4863 -64.50 72.26 43.41
N ASN H 4864 -65.26 72.41 44.49
CA ASN H 4864 -65.17 73.59 45.35
C ASN H 4864 -64.24 73.28 46.50
N LYS H 4865 -63.19 74.10 46.66
CA LYS H 4865 -62.22 73.94 47.73
C LYS H 4865 -62.31 75.07 48.75
N SER H 4866 -63.49 75.69 48.89
CA SER H 4866 -63.72 76.75 49.85
C SER H 4866 -64.69 76.26 50.91
N GLU H 4867 -64.28 76.35 52.18
CA GLU H 4867 -65.18 76.00 53.27
C GLU H 4867 -66.27 77.06 53.46
N ASP H 4868 -65.94 78.32 53.17
CA ASP H 4868 -66.90 79.41 53.32
C ASP H 4868 -67.88 79.42 52.17
N GLU H 4869 -69.17 79.24 52.47
CA GLU H 4869 -70.19 79.23 51.42
C GLU H 4869 -70.24 80.57 50.70
N ASP H 4870 -69.88 81.65 51.39
CA ASP H 4870 -70.01 82.98 50.80
C ASP H 4870 -69.02 83.18 49.66
N GLU H 4871 -67.79 82.69 49.81
CA GLU H 4871 -66.75 82.80 48.79
C GLU H 4871 -66.35 81.40 48.32
N PRO H 4872 -66.98 80.89 47.27
CA PRO H 4872 -66.55 79.59 46.73
C PRO H 4872 -65.26 79.71 45.93
N ASP H 4873 -64.46 78.65 45.97
CA ASP H 4873 -63.24 78.53 45.18
C ASP H 4873 -63.39 77.27 44.32
N MET H 4874 -63.85 77.46 43.09
CA MET H 4874 -64.19 76.37 42.20
C MET H 4874 -63.01 76.14 41.26
N LYS H 4875 -62.48 74.91 41.25
CA LYS H 4875 -61.27 74.59 40.53
C LYS H 4875 -61.54 73.96 39.17
N CYS H 4876 -62.79 73.87 38.73
CA CYS H 4876 -63.08 73.29 37.43
C CYS H 4876 -64.13 74.09 36.66
N ASP H 4877 -64.36 75.35 37.02
CA ASP H 4877 -65.20 76.21 36.18
C ASP H 4877 -64.47 76.65 34.93
N ASP H 4878 -63.14 76.58 34.94
CA ASP H 4878 -62.31 76.82 33.77
C ASP H 4878 -61.48 75.58 33.50
N MET H 4879 -61.36 75.23 32.22
CA MET H 4879 -60.66 74.00 31.85
C MET H 4879 -59.20 74.05 32.24
N MET H 4880 -58.55 75.20 32.07
CA MET H 4880 -57.14 75.32 32.43
C MET H 4880 -56.94 75.13 33.93
N THR H 4881 -57.80 75.77 34.73
CA THR H 4881 -57.71 75.61 36.18
C THR H 4881 -57.97 74.16 36.58
N CYS H 4882 -58.94 73.52 35.92
CA CYS H 4882 -59.24 72.12 36.23
C CYS H 4882 -58.06 71.22 35.90
N TYR H 4883 -57.40 71.47 34.77
CA TYR H 4883 -56.24 70.68 34.37
C TYR H 4883 -55.09 70.88 35.34
N LEU H 4884 -54.83 72.13 35.72
CA LEU H 4884 -53.79 72.41 36.70
C LEU H 4884 -54.09 71.73 38.02
N PHE H 4885 -55.34 71.84 38.47
CA PHE H 4885 -55.77 71.19 39.71
C PHE H 4885 -55.49 69.70 39.65
N HIS H 4886 -55.97 69.03 38.60
CA HIS H 4886 -55.72 67.60 38.47
C HIS H 4886 -54.23 67.30 38.52
N MET H 4887 -53.47 67.81 37.56
CA MET H 4887 -52.06 67.45 37.45
C MET H 4887 -51.29 67.77 38.71
N TYR H 4888 -51.75 68.76 39.48
CA TYR H 4888 -51.01 69.21 40.66
C TYR H 4888 -51.36 68.39 41.89
N VAL H 4889 -52.66 68.25 42.20
CA VAL H 4889 -53.05 67.63 43.46
C VAL H 4889 -53.35 66.14 43.28
N GLY H 4890 -54.08 65.78 42.21
CA GLY H 4890 -54.53 64.41 42.09
C GLY H 4890 -53.39 63.44 41.89
N VAL H 4891 -52.44 63.79 41.02
CA VAL H 4891 -51.28 62.95 40.80
C VAL H 4891 -50.48 62.81 42.10
N ARG H 4892 -50.35 63.88 42.85
CA ARG H 4892 -49.57 63.85 44.08
C ARG H 4892 -50.30 63.07 45.17
N ALA H 4893 -51.61 62.97 45.08
CA ALA H 4893 -52.40 62.29 46.09
C ALA H 4893 -52.27 60.76 45.94
N GLY H 4894 -52.37 60.06 47.07
CA GLY H 4894 -52.28 58.62 47.04
C GLY H 4894 -53.49 57.96 46.42
N GLY H 4895 -54.69 58.40 46.83
CA GLY H 4895 -55.93 57.89 46.29
C GLY H 4895 -56.43 58.64 45.08
N GLY H 4896 -55.66 59.60 44.58
CA GLY H 4896 -56.06 60.35 43.42
C GLY H 4896 -56.88 61.58 43.76
N ILE H 4897 -57.57 62.08 42.73
CA ILE H 4897 -58.33 63.33 42.86
C ILE H 4897 -59.49 63.15 43.83
N GLY H 4898 -60.07 61.95 43.86
CA GLY H 4898 -61.17 61.69 44.78
C GLY H 4898 -60.82 61.99 46.22
N ASP H 4899 -59.54 61.86 46.57
CA ASP H 4899 -59.09 62.24 47.90
C ASP H 4899 -59.26 63.73 48.15
N GLU H 4900 -59.16 64.55 47.10
CA GLU H 4900 -59.13 65.99 47.23
C GLU H 4900 -60.44 66.68 46.83
N ILE H 4901 -61.42 65.94 46.30
CA ILE H 4901 -62.68 66.55 45.89
C ILE H 4901 -63.83 65.98 46.73
N GLU H 4902 -64.97 66.67 46.65
CA GLU H 4902 -66.06 66.50 47.60
C GLU H 4902 -66.80 65.18 47.39
N ASP H 4903 -67.15 64.54 48.50
CA ASP H 4903 -67.71 63.20 48.44
C ASP H 4903 -69.00 63.19 47.62
N PRO H 4904 -69.25 62.15 46.82
CA PRO H 4904 -70.48 62.10 46.02
C PRO H 4904 -71.64 61.34 46.65
N ALA H 4905 -71.53 60.92 47.91
CA ALA H 4905 -72.58 60.10 48.50
C ALA H 4905 -73.92 60.83 48.45
N GLY H 4906 -74.97 60.07 48.10
CA GLY H 4906 -76.29 60.66 47.97
C GLY H 4906 -76.39 61.63 46.80
N ASP H 4907 -75.75 61.31 45.69
CA ASP H 4907 -75.79 62.13 44.49
C ASP H 4907 -76.16 61.26 43.30
N GLU H 4908 -76.84 61.86 42.33
CA GLU H 4908 -77.30 61.12 41.16
C GLU H 4908 -76.15 60.59 40.31
N TYR H 4909 -74.95 61.17 40.44
CA TYR H 4909 -73.79 60.75 39.67
C TYR H 4909 -72.76 60.01 40.54
N GLU H 4910 -73.21 59.43 41.65
CA GLU H 4910 -72.28 58.83 42.60
C GLU H 4910 -71.47 57.71 41.95
N LEU H 4911 -72.15 56.83 41.20
CA LEU H 4911 -71.45 55.69 40.61
C LEU H 4911 -70.54 56.13 39.47
N TYR H 4912 -71.00 57.10 38.67
CA TYR H 4912 -70.13 57.67 37.65
C TYR H 4912 -68.85 58.20 38.27
N ARG H 4913 -68.96 58.89 39.41
CA ARG H 4913 -67.77 59.48 40.01
C ARG H 4913 -66.90 58.43 40.68
N VAL H 4914 -67.50 57.37 41.26
CA VAL H 4914 -66.65 56.34 41.85
C VAL H 4914 -65.84 55.65 40.76
N VAL H 4915 -66.47 55.38 39.61
CA VAL H 4915 -65.72 54.86 38.48
C VAL H 4915 -64.62 55.84 38.08
N PHE H 4916 -64.98 57.12 37.98
CA PHE H 4916 -64.02 58.16 37.62
C PHE H 4916 -62.79 58.13 38.54
N ASP H 4917 -63.03 58.15 39.85
CA ASP H 4917 -61.94 58.21 40.82
C ASP H 4917 -61.11 56.93 40.81
N ILE H 4918 -61.76 55.77 40.78
CA ILE H 4918 -61.02 54.52 40.85
C ILE H 4918 -60.19 54.31 39.59
N THR H 4919 -60.74 54.68 38.43
CA THR H 4919 -59.97 54.56 37.19
C THR H 4919 -58.80 55.52 37.18
N PHE H 4920 -59.02 56.76 37.63
CA PHE H 4920 -57.90 57.69 37.77
C PHE H 4920 -56.83 57.08 38.66
N PHE H 4921 -57.24 56.53 39.80
CA PHE H 4921 -56.30 55.95 40.75
C PHE H 4921 -55.49 54.81 40.12
N PHE H 4922 -56.17 53.85 39.49
CA PHE H 4922 -55.43 52.72 38.95
C PHE H 4922 -54.53 53.15 37.80
N PHE H 4923 -55.12 53.75 36.76
CA PHE H 4923 -54.33 54.09 35.58
C PHE H 4923 -53.19 55.02 35.96
N VAL H 4924 -53.50 56.20 36.50
CA VAL H 4924 -52.50 57.23 36.73
C VAL H 4924 -51.57 56.81 37.86
N ILE H 4925 -52.12 56.61 39.06
CA ILE H 4925 -51.28 56.47 40.25
C ILE H 4925 -50.53 55.15 40.23
N VAL H 4926 -51.20 54.07 39.89
CA VAL H 4926 -50.62 52.74 39.99
C VAL H 4926 -49.76 52.42 38.77
N ILE H 4927 -50.37 52.45 37.59
CA ILE H 4927 -49.75 51.83 36.41
C ILE H 4927 -48.59 52.68 35.90
N LEU H 4928 -48.86 53.95 35.56
CA LEU H 4928 -47.82 54.77 34.94
C LEU H 4928 -46.61 54.93 35.86
N LEU H 4929 -46.85 55.22 37.13
CA LEU H 4929 -45.76 55.26 38.10
C LEU H 4929 -45.05 53.92 38.13
N ALA H 4930 -45.81 52.83 38.22
CA ALA H 4930 -45.22 51.50 38.14
C ALA H 4930 -44.35 51.36 36.90
N ILE H 4931 -44.79 51.95 35.78
CA ILE H 4931 -43.99 51.90 34.57
C ILE H 4931 -42.65 52.61 34.77
N ILE H 4932 -42.66 53.71 35.53
CA ILE H 4932 -41.42 54.45 35.76
C ILE H 4932 -40.42 53.60 36.57
N GLN H 4933 -40.87 53.05 37.69
CA GLN H 4933 -40.04 52.13 38.47
C GLN H 4933 -39.55 50.96 37.62
N GLY H 4934 -40.43 50.40 36.78
CA GLY H 4934 -40.01 49.29 35.96
C GLY H 4934 -38.95 49.68 34.95
N LEU H 4935 -39.06 50.88 34.40
CA LEU H 4935 -38.05 51.39 33.50
C LEU H 4935 -36.70 51.50 34.21
N ILE H 4936 -36.70 52.05 35.43
CA ILE H 4936 -35.45 52.19 36.17
C ILE H 4936 -34.85 50.81 36.47
N ILE H 4937 -35.70 49.87 36.89
CA ILE H 4937 -35.23 48.53 37.25
C ILE H 4937 -34.65 47.84 36.02
N ASP H 4938 -35.34 47.96 34.88
CA ASP H 4938 -34.86 47.36 33.65
C ASP H 4938 -33.54 48.00 33.22
N ALA H 4939 -33.37 49.30 33.47
CA ALA H 4939 -32.10 49.94 33.17
C ALA H 4939 -30.98 49.35 34.02
N PHE H 4940 -31.24 49.16 35.32
CA PHE H 4940 -30.24 48.49 36.16
C PHE H 4940 -29.86 47.14 35.58
N GLY H 4941 -30.86 46.31 35.28
CA GLY H 4941 -30.57 44.98 34.75
C GLY H 4941 -29.80 45.04 33.43
N GLU H 4942 -30.15 46.01 32.58
CA GLU H 4942 -29.50 46.12 31.28
C GLU H 4942 -28.04 46.51 31.43
N LEU H 4943 -27.74 47.47 32.31
CA LEU H 4943 -26.34 47.81 32.53
C LEU H 4943 -25.58 46.62 33.11
N ARG H 4944 -26.20 45.91 34.06
CA ARG H 4944 -25.53 44.78 34.69
C ARG H 4944 -25.22 43.68 33.66
N ASP H 4945 -26.18 43.34 32.81
CA ASP H 4945 -25.93 42.24 31.88
C ASP H 4945 -24.98 42.69 30.77
N GLN H 4946 -24.91 44.00 30.49
CA GLN H 4946 -23.86 44.49 29.61
C GLN H 4946 -22.48 44.22 30.20
N GLN H 4947 -22.26 44.63 31.46
CA GLN H 4947 -20.95 44.39 32.06
C GLN H 4947 -20.64 42.91 32.13
N GLU H 4948 -21.63 42.10 32.51
CA GLU H 4948 -21.42 40.66 32.58
C GLU H 4948 -21.04 40.10 31.22
N GLN H 4949 -21.72 40.55 30.17
CA GLN H 4949 -21.45 40.04 28.83
C GLN H 4949 -20.03 40.40 28.39
N VAL H 4950 -19.60 41.63 28.66
CA VAL H 4950 -18.24 42.02 28.29
C VAL H 4950 -17.23 41.13 29.02
N LYS H 4951 -17.38 41.01 30.35
CA LYS H 4951 -16.49 40.14 31.12
C LYS H 4951 -16.45 38.75 30.51
N GLU H 4952 -17.62 38.20 30.19
CA GLU H 4952 -17.73 36.79 29.84
C GLU H 4952 -17.20 36.53 28.44
N ASP H 4953 -17.41 37.48 27.52
CA ASP H 4953 -16.76 37.40 26.22
C ASP H 4953 -15.26 37.44 26.35
N MET H 4954 -14.73 38.38 27.14
CA MET H 4954 -13.28 38.49 27.24
C MET H 4954 -12.68 37.25 27.89
N GLU H 4955 -13.40 36.63 28.81
CA GLU H 4955 -12.90 35.42 29.45
C GLU H 4955 -13.07 34.18 28.59
N THR H 4956 -13.95 34.21 27.58
CA THR H 4956 -14.22 33.03 26.77
C THR H 4956 -13.63 33.08 25.37
N LYS H 4957 -13.22 34.25 24.87
CA LYS H 4957 -12.76 34.39 23.50
C LYS H 4957 -11.50 35.23 23.47
N CYS H 4958 -10.69 35.01 22.44
CA CYS H 4958 -9.56 35.89 22.18
C CYS H 4958 -10.05 37.12 21.44
N PHE H 4959 -9.71 38.29 21.97
CA PHE H 4959 -10.16 39.54 21.36
C PHE H 4959 -9.67 39.66 19.92
N ILE H 4960 -8.60 38.95 19.57
CA ILE H 4960 -8.01 39.04 18.25
C ILE H 4960 -8.58 37.99 17.30
N CYS H 4961 -8.36 36.71 17.60
CA CYS H 4961 -8.76 35.67 16.64
C CYS H 4961 -10.22 35.30 16.79
N GLY H 4962 -10.79 35.48 17.97
CA GLY H 4962 -12.17 35.09 18.22
C GLY H 4962 -12.35 33.63 18.58
N ILE H 4963 -11.28 32.84 18.61
CA ILE H 4963 -11.39 31.44 18.99
C ILE H 4963 -11.73 31.34 20.47
N GLY H 4964 -12.47 30.29 20.82
CA GLY H 4964 -12.94 30.14 22.18
C GLY H 4964 -11.90 29.59 23.13
N SER H 4965 -12.18 29.74 24.42
CA SER H 4965 -11.25 29.28 25.45
C SER H 4965 -11.14 27.76 25.48
N ASP H 4966 -12.16 27.05 24.97
CA ASP H 4966 -12.16 25.60 25.07
C ASP H 4966 -11.04 24.98 24.24
N TYR H 4967 -10.87 25.43 22.99
CA TYR H 4967 -9.81 24.92 22.14
C TYR H 4967 -8.46 25.07 22.83
N PHE H 4968 -8.19 26.27 23.36
CA PHE H 4968 -6.91 26.53 23.99
C PHE H 4968 -6.74 25.71 25.27
N ASP H 4969 -7.80 25.62 26.08
CA ASP H 4969 -7.74 24.87 27.32
C ASP H 4969 -7.65 23.37 27.09
N THR H 4970 -7.87 22.91 25.86
CA THR H 4970 -7.45 21.56 25.52
C THR H 4970 -6.03 21.31 26.01
N THR H 4971 -5.13 22.27 25.78
CA THR H 4971 -3.85 22.33 26.46
C THR H 4971 -4.00 23.10 27.76
N PRO H 4972 -3.37 22.66 28.85
CA PRO H 4972 -3.51 23.37 30.12
C PRO H 4972 -3.07 24.82 30.01
N HIS H 4973 -3.84 25.70 30.63
CA HIS H 4973 -3.50 27.12 30.71
C HIS H 4973 -3.40 27.75 29.32
N GLY H 4974 -4.00 27.08 28.34
CA GLY H 4974 -3.82 27.47 26.96
C GLY H 4974 -4.36 28.86 26.66
N PHE H 4975 -5.55 29.17 27.18
CA PHE H 4975 -6.16 30.45 26.83
C PHE H 4975 -5.35 31.63 27.37
N GLU H 4976 -4.88 31.54 28.61
CA GLU H 4976 -4.12 32.67 29.15
C GLU H 4976 -2.71 32.73 28.55
N THR H 4977 -2.13 31.57 28.23
CA THR H 4977 -0.88 31.62 27.46
C THR H 4977 -1.11 32.29 26.12
N HIS H 4978 -2.23 32.00 25.47
CA HIS H 4978 -2.58 32.62 24.20
C HIS H 4978 -2.72 34.12 24.33
N THR H 4979 -3.41 34.57 25.37
CA THR H 4979 -3.73 35.99 25.53
C THR H 4979 -2.57 36.79 26.10
N LEU H 4980 -1.58 36.14 26.70
CA LEU H 4980 -0.40 36.83 27.24
C LEU H 4980 0.79 36.77 26.30
N GLU H 4981 0.91 35.73 25.48
CA GLU H 4981 2.07 35.52 24.63
C GLU H 4981 1.72 35.58 23.14
N GLU H 4982 0.73 34.80 22.71
CA GLU H 4982 0.47 34.64 21.29
C GLU H 4982 -0.28 35.85 20.73
N HIS H 4983 -1.42 36.20 21.34
CA HIS H 4983 -2.32 37.21 20.80
C HIS H 4983 -2.61 38.28 21.84
N ASN H 4984 -1.58 38.80 22.49
CA ASN H 4984 -1.77 39.95 23.37
C ASN H 4984 -1.89 41.21 22.53
N LEU H 4985 -2.99 41.94 22.74
CA LEU H 4985 -3.26 43.17 21.99
C LEU H 4985 -2.27 44.27 22.37
N ALA H 4986 -1.81 44.28 23.61
CA ALA H 4986 -0.76 45.22 24.00
C ALA H 4986 0.48 45.00 23.16
N ASN H 4987 0.80 43.73 22.86
CA ASN H 4987 1.94 43.44 21.99
C ASN H 4987 1.69 43.91 20.57
N TYR H 4988 0.44 43.84 20.10
CA TYR H 4988 0.14 44.34 18.77
C TYR H 4988 0.36 45.85 18.69
N MET H 4989 -0.01 46.57 19.75
CA MET H 4989 0.28 48.00 19.78
C MET H 4989 1.78 48.26 19.88
N PHE H 4990 2.46 47.49 20.72
CA PHE H 4990 3.91 47.63 20.85
C PHE H 4990 4.58 47.43 19.49
N PHE H 4991 4.05 46.51 18.69
CA PHE H 4991 4.62 46.24 17.37
C PHE H 4991 4.47 47.45 16.47
N LEU H 4992 3.31 48.11 16.52
CA LEU H 4992 3.11 49.30 15.69
C LEU H 4992 4.05 50.42 16.11
N MET H 4993 4.23 50.62 17.42
CA MET H 4993 5.18 51.64 17.87
C MET H 4993 6.59 51.30 17.40
N TYR H 4994 6.97 50.04 17.51
CA TYR H 4994 8.30 49.61 17.09
C TYR H 4994 8.49 49.81 15.58
N LEU H 4995 7.45 49.50 14.80
CA LEU H 4995 7.49 49.73 13.37
C LEU H 4995 7.69 51.21 13.05
N ILE H 4996 6.94 52.07 13.73
CA ILE H 4996 7.02 53.51 13.46
C ILE H 4996 8.40 54.02 13.79
N ASN H 4997 8.95 53.61 14.94
CA ASN H 4997 10.24 54.14 15.37
C ASN H 4997 11.40 53.52 14.59
N LYS H 4998 11.18 52.37 13.96
CA LYS H 4998 12.23 51.73 13.19
C LYS H 4998 12.32 52.31 11.79
N ASP H 4999 13.54 52.38 11.26
CA ASP H 4999 13.75 52.84 9.90
C ASP H 4999 13.24 51.81 8.91
N GLU H 5000 12.79 52.29 7.75
CA GLU H 5000 12.19 51.38 6.77
C GLU H 5000 13.22 50.48 6.11
N THR H 5001 14.46 50.95 5.95
CA THR H 5001 15.50 50.12 5.36
C THR H 5001 15.80 48.90 6.22
N GLU H 5002 15.54 49.00 7.54
CA GLU H 5002 15.91 47.94 8.45
C GLU H 5002 14.76 46.96 8.69
N HIS H 5003 13.54 47.30 8.25
CA HIS H 5003 12.39 46.40 8.34
C HIS H 5003 12.67 45.06 7.67
N THR H 5004 12.24 43.98 8.33
CA THR H 5004 12.30 42.67 7.75
C THR H 5004 11.17 42.52 6.73
N GLY H 5005 11.09 41.34 6.10
CA GLY H 5005 9.98 41.10 5.19
C GLY H 5005 8.65 41.17 5.91
N GLN H 5006 8.57 40.57 7.10
CA GLN H 5006 7.33 40.58 7.88
C GLN H 5006 6.95 42.00 8.28
N GLU H 5007 7.92 42.76 8.81
CA GLU H 5007 7.66 44.12 9.23
C GLU H 5007 7.25 44.99 8.05
N SER H 5008 7.89 44.80 6.89
CA SER H 5008 7.52 45.56 5.71
C SER H 5008 6.11 45.21 5.25
N TYR H 5009 5.78 43.92 5.28
CA TYR H 5009 4.43 43.47 4.94
C TYR H 5009 3.39 44.17 5.80
N VAL H 5010 3.58 44.13 7.12
CA VAL H 5010 2.61 44.73 8.02
C VAL H 5010 2.60 46.24 7.89
N TRP H 5011 3.76 46.86 7.67
CA TRP H 5011 3.82 48.31 7.51
C TRP H 5011 3.08 48.77 6.27
N LYS H 5012 3.27 48.06 5.15
CA LYS H 5012 2.54 48.36 3.94
C LYS H 5012 1.04 48.18 4.13
N MET H 5013 0.64 47.12 4.83
CA MET H 5013 -0.78 46.92 5.07
C MET H 5013 -1.36 47.97 6.01
N TYR H 5014 -0.57 48.46 6.95
CA TYR H 5014 -0.99 49.60 7.77
C TYR H 5014 -1.20 50.84 6.90
N GLN H 5015 -0.25 51.11 6.01
CA GLN H 5015 -0.37 52.27 5.13
C GLN H 5015 -1.61 52.15 4.25
N GLU H 5016 -1.88 50.95 3.73
CA GLU H 5016 -3.05 50.75 2.89
C GLU H 5016 -4.33 50.60 3.71
N ARG H 5017 -4.19 50.52 5.04
CA ARG H 5017 -5.33 50.35 5.93
C ARG H 5017 -6.03 49.02 5.66
N CYS H 5018 -5.24 47.98 5.44
CA CYS H 5018 -5.74 46.62 5.31
C CYS H 5018 -5.42 45.86 6.59
N TRP H 5019 -6.43 45.20 7.15
CA TRP H 5019 -6.30 44.51 8.45
C TRP H 5019 -6.29 43.00 8.29
N ASP H 5020 -5.89 42.51 7.11
CA ASP H 5020 -5.90 41.08 6.86
C ASP H 5020 -4.79 40.37 7.62
N PHE H 5021 -3.75 41.10 8.04
CA PHE H 5021 -2.64 40.45 8.73
C PHE H 5021 -3.05 40.01 10.13
N PHE H 5022 -4.05 40.66 10.71
CA PHE H 5022 -4.58 40.24 11.98
C PHE H 5022 -5.17 38.83 11.84
N PRO H 5023 -4.74 37.86 12.64
CA PRO H 5023 -5.28 36.50 12.49
C PRO H 5023 -6.74 36.44 12.91
N ALA H 5024 -7.56 35.79 12.09
CA ALA H 5024 -8.98 35.63 12.34
C ALA H 5024 -9.37 34.18 12.11
N GLY H 5025 -9.91 33.54 13.14
CA GLY H 5025 -10.29 32.15 13.05
C GLY H 5025 -9.14 31.19 12.89
N ASP H 5026 -7.91 31.64 13.08
CA ASP H 5026 -6.73 30.80 12.90
C ASP H 5026 -5.69 31.19 13.95
N CYS H 5027 -4.79 30.26 14.22
CA CYS H 5027 -3.72 30.50 15.18
C CYS H 5027 -2.53 29.61 14.80
N PHE H 5028 -1.37 29.97 15.34
CA PHE H 5028 -0.17 29.17 15.13
C PHE H 5028 -0.39 27.74 15.59
N ARG H 5029 -0.98 27.57 16.77
CA ARG H 5029 -1.24 26.25 17.31
C ARG H 5029 -2.14 25.44 16.39
N LYS H 5030 -3.25 26.03 15.96
CA LYS H 5030 -4.20 25.31 15.12
C LYS H 5030 -3.58 24.97 13.77
N GLN H 5031 -2.79 25.90 13.22
CA GLN H 5031 -2.15 25.66 11.94
C GLN H 5031 -1.15 24.51 12.03
N TYR H 5032 -0.36 24.46 13.10
CA TYR H 5032 0.63 23.41 13.30
C TYR H 5032 0.19 22.38 14.33
N GLU H 5033 -1.12 22.10 14.37
CA GLU H 5033 -1.65 21.26 15.44
C GLU H 5033 -1.03 19.86 15.43
N ASP H 5034 -1.01 19.21 14.27
CA ASP H 5034 -0.51 17.84 14.21
C ASP H 5034 0.98 17.79 14.54
N GLN H 5035 1.77 18.72 13.99
CA GLN H 5035 3.20 18.73 14.26
C GLN H 5035 3.47 19.04 15.73
N LEU H 5036 2.73 19.99 16.30
CA LEU H 5036 2.94 20.36 17.70
C LEU H 5036 2.60 19.21 18.62
N SER H 5037 1.62 18.38 18.24
CA SER H 5037 1.18 17.27 19.08
C SER H 5037 1.73 15.94 18.60
#